data_9HQC
#
_entry.id   9HQC
#
_cell.length_a   1.00
_cell.length_b   1.00
_cell.length_c   1.00
_cell.angle_alpha   90.00
_cell.angle_beta   90.00
_cell.angle_gamma   90.00
#
_symmetry.space_group_name_H-M   'P 1'
#
_entity_poly.entity_id   1
_entity_poly.type   'polypeptide(L)'
_entity_poly.pdbx_seq_one_letter_code
;MNNLYRDLAPVTEAAWAEIELEAARTFKRHIAGRRVVDVSDPGGPVTAAVSTGRLIDVKAPTNGVIAHLRASKPLVRLRV
PFTLSRNEIDDVERGSKDSDWEPVKEAAKKLAFVEDRTIFEGYSAASIEGIRSASSNPALTLPEDPREIPDVISQALSEL
RLAGVDGPYSVLLSADVYTKVSETSDHGYPIREHLNRLVDGDIIWAPAIDGAFVLTTRGGDFDLQLGTDVAIGYASHDTD
TVRLYLQETLTFLCYTAEASVALSH
;
_entity_poly.pdbx_strand_id   A,C,D,E,F,G,H,I,K,L,M,N,O,P,Q,R,S,T,U,V,W,X,Z,BA,CA,DA,EA,FA,GA,HA,IA,JA,KA,LA,MA,NA,OA,PA,QA,RA,SA,TA,UA,VA,WA,XA,YA,ZA,AB,BB,DB,FB,GB,HB
#
# COMPACT_ATOMS: atom_id res chain seq x y z
N MET A 1 -80.47 28.63 37.37
CA MET A 1 -80.75 28.75 38.80
C MET A 1 -81.49 27.55 39.36
N ASN A 2 -81.72 27.55 40.67
CA ASN A 2 -82.41 26.43 41.32
C ASN A 2 -83.70 26.88 42.04
N ASN A 3 -84.19 26.05 42.96
CA ASN A 3 -85.41 26.41 43.68
C ASN A 3 -85.20 27.52 44.72
N LEU A 4 -83.99 27.71 45.22
CA LEU A 4 -83.71 28.85 46.10
C LEU A 4 -83.91 30.21 45.43
N TYR A 5 -83.78 30.28 44.10
CA TYR A 5 -83.93 31.55 43.37
C TYR A 5 -83.10 32.65 44.03
N ARG A 6 -81.86 32.31 44.36
CA ARG A 6 -81.02 33.14 45.20
C ARG A 6 -80.59 34.42 44.50
N ASP A 7 -80.33 34.33 43.19
CA ASP A 7 -79.91 35.50 42.43
C ASP A 7 -81.02 36.51 42.23
N LEU A 8 -82.28 36.13 42.45
CA LEU A 8 -83.37 37.08 42.35
C LEU A 8 -83.52 37.94 43.60
N ALA A 9 -82.90 37.54 44.70
CA ALA A 9 -83.04 38.29 45.94
C ALA A 9 -82.21 39.58 45.88
N PRO A 10 -82.75 40.70 46.34
CA PRO A 10 -81.95 41.94 46.40
C PRO A 10 -81.04 41.96 47.63
N VAL A 11 -80.07 41.06 47.62
CA VAL A 11 -79.13 40.87 48.72
C VAL A 11 -77.75 40.90 48.10
N THR A 12 -76.86 41.71 48.65
CA THR A 12 -75.51 41.80 48.13
C THR A 12 -74.70 40.59 48.55
N GLU A 13 -73.52 40.45 47.94
CA GLU A 13 -72.65 39.31 48.20
C GLU A 13 -72.13 39.31 49.63
N ALA A 14 -71.73 40.49 50.13
CA ALA A 14 -71.24 40.60 51.49
C ALA A 14 -72.35 40.34 52.51
N ALA A 15 -73.54 40.87 52.23
CA ALA A 15 -74.70 40.59 53.07
C ALA A 15 -75.05 39.11 53.05
N TRP A 16 -74.93 38.46 51.88
CA TRP A 16 -75.17 37.03 51.79
C TRP A 16 -74.19 36.24 52.65
N ALA A 17 -72.90 36.62 52.62
CA ALA A 17 -71.91 35.94 53.43
C ALA A 17 -72.18 36.11 54.92
N GLU A 18 -72.60 37.30 55.34
CA GLU A 18 -72.96 37.51 56.74
C GLU A 18 -74.18 36.71 57.15
N ILE A 19 -75.19 36.62 56.28
CA ILE A 19 -76.40 35.85 56.58
C ILE A 19 -76.09 34.35 56.68
N GLU A 20 -75.26 33.84 55.75
CA GLU A 20 -74.88 32.43 55.77
C GLU A 20 -74.09 32.10 57.04
N LEU A 21 -73.17 32.99 57.42
CA LEU A 21 -72.38 32.78 58.63
C LEU A 21 -73.25 32.78 59.88
N GLU A 22 -74.17 33.74 59.98
CA GLU A 22 -75.05 33.84 61.14
C GLU A 22 -75.96 32.62 61.26
N ALA A 23 -76.54 32.18 60.14
CA ALA A 23 -77.45 31.04 60.15
C ALA A 23 -76.72 29.75 60.49
N ALA A 24 -75.54 29.53 59.89
CA ALA A 24 -74.77 28.33 60.16
C ALA A 24 -74.31 28.27 61.61
N ARG A 25 -73.85 29.40 62.13
CA ARG A 25 -73.39 29.46 63.51
C ARG A 25 -74.51 29.18 64.49
N THR A 26 -75.65 29.86 64.35
CA THR A 26 -76.74 29.71 65.30
C THR A 26 -77.32 28.30 65.23
N PHE A 27 -77.38 27.70 64.04
CA PHE A 27 -77.86 26.34 63.88
C PHE A 27 -76.99 25.29 64.58
N LYS A 28 -75.69 25.30 64.34
CA LYS A 28 -74.79 24.35 64.99
C LYS A 28 -74.89 24.41 66.51
N ARG A 29 -74.90 25.63 67.07
CA ARG A 29 -74.99 25.79 68.50
C ARG A 29 -76.22 25.15 69.07
N HIS A 30 -77.31 25.19 68.32
CA HIS A 30 -78.58 24.66 68.86
C HIS A 30 -78.84 23.23 68.41
N ILE A 31 -77.93 22.64 67.62
CA ILE A 31 -78.17 21.23 67.32
C ILE A 31 -77.47 20.32 68.31
N ALA A 32 -78.24 19.42 68.92
CA ALA A 32 -77.69 18.36 69.73
C ALA A 32 -77.79 17.00 69.03
N GLY A 33 -78.78 16.87 68.15
CA GLY A 33 -79.10 15.57 67.57
C GLY A 33 -78.03 15.03 66.63
N ARG A 34 -77.42 15.91 65.84
CA ARG A 34 -76.42 15.47 64.87
C ARG A 34 -75.12 15.05 65.53
N ARG A 35 -74.89 15.45 66.78
CA ARG A 35 -73.69 15.04 67.49
C ARG A 35 -73.74 13.59 67.92
N VAL A 36 -74.92 12.98 68.01
CA VAL A 36 -75.05 11.63 68.52
C VAL A 36 -75.55 10.63 67.48
N VAL A 37 -76.26 11.06 66.44
CA VAL A 37 -76.83 10.13 65.49
C VAL A 37 -75.94 10.07 64.26
N ASP A 38 -76.09 9.01 63.48
CA ASP A 38 -75.42 8.93 62.20
C ASP A 38 -76.15 9.82 61.21
N VAL A 39 -75.40 10.66 60.51
CA VAL A 39 -75.94 11.61 59.56
C VAL A 39 -75.45 11.21 58.18
N SER A 40 -76.40 10.95 57.29
CA SER A 40 -76.07 10.50 55.95
C SER A 40 -75.58 11.66 55.10
N ASP A 41 -75.00 11.33 53.96
CA ASP A 41 -74.77 12.34 52.95
C ASP A 41 -76.10 12.81 52.37
N PRO A 42 -76.19 14.05 51.89
CA PRO A 42 -77.41 14.50 51.20
C PRO A 42 -77.71 13.69 49.96
N GLY A 43 -78.91 13.12 49.90
CA GLY A 43 -79.34 12.36 48.75
C GLY A 43 -79.50 13.21 47.52
N GLY A 44 -80.00 14.42 47.70
CA GLY A 44 -80.24 15.29 46.56
C GLY A 44 -81.71 15.67 46.51
N PRO A 45 -82.05 16.59 45.61
CA PRO A 45 -83.44 17.06 45.54
C PRO A 45 -84.43 16.00 45.09
N VAL A 46 -84.00 15.01 44.31
CA VAL A 46 -84.94 14.05 43.76
C VAL A 46 -85.30 12.98 44.77
N THR A 47 -84.51 12.87 45.84
CA THR A 47 -84.71 11.82 46.84
C THR A 47 -85.99 12.09 47.63
N ALA A 48 -86.86 11.08 47.70
CA ALA A 48 -88.17 11.30 48.26
C ALA A 48 -88.50 10.35 49.40
N ALA A 49 -87.87 9.18 49.43
CA ALA A 49 -88.19 8.18 50.42
C ALA A 49 -86.97 7.33 50.69
N VAL A 50 -86.97 6.72 51.86
CA VAL A 50 -85.92 5.79 52.27
C VAL A 50 -86.54 4.40 52.39
N SER A 51 -85.93 3.44 51.71
CA SER A 51 -86.38 2.06 51.80
C SER A 51 -86.08 1.48 53.18
N THR A 52 -87.08 0.84 53.76
CA THR A 52 -86.88 0.11 55.02
C THR A 52 -86.56 -1.35 54.80
N GLY A 53 -86.82 -1.86 53.59
CA GLY A 53 -86.51 -3.26 53.27
C GLY A 53 -87.60 -4.20 53.73
N ARG A 54 -88.71 -3.69 54.26
CA ARG A 54 -89.83 -4.56 54.68
C ARG A 54 -90.86 -4.74 53.56
N LEU A 55 -91.86 -5.59 53.74
CA LEU A 55 -92.87 -5.89 52.69
C LEU A 55 -94.28 -5.81 53.28
N ILE A 56 -95.25 -5.32 52.50
CA ILE A 56 -96.62 -5.19 52.97
C ILE A 56 -97.57 -6.02 52.13
N ASP A 57 -98.27 -6.95 52.77
CA ASP A 57 -99.22 -7.81 52.05
C ASP A 57 -100.36 -7.04 51.42
N VAL A 58 -100.54 -7.20 50.10
CA VAL A 58 -101.68 -6.56 49.43
C VAL A 58 -102.60 -7.58 48.77
N LYS A 59 -103.86 -7.19 48.56
CA LYS A 59 -104.84 -8.10 47.97
C LYS A 59 -104.36 -8.63 46.63
N ALA A 60 -104.17 -9.94 46.54
CA ALA A 60 -103.69 -10.58 45.30
C ALA A 60 -104.32 -10.03 44.02
N PRO A 61 -103.48 -9.61 43.06
CA PRO A 61 -104.01 -9.08 41.78
C PRO A 61 -104.86 -10.13 41.12
N THR A 62 -104.30 -11.32 40.91
CA THR A 62 -105.06 -12.42 40.31
C THR A 62 -104.79 -13.72 41.04
N ASN A 63 -105.37 -14.81 40.55
CA ASN A 63 -105.17 -16.12 41.16
C ASN A 63 -103.74 -16.59 40.98
N GLY A 64 -103.13 -17.09 42.05
CA GLY A 64 -101.77 -17.58 41.97
C GLY A 64 -100.70 -16.51 41.95
N VAL A 65 -101.10 -15.26 42.15
CA VAL A 65 -100.13 -14.17 42.20
C VAL A 65 -100.01 -13.70 43.62
N ILE A 66 -98.80 -13.54 44.09
CA ILE A 66 -98.58 -13.07 45.44
C ILE A 66 -97.92 -11.73 45.32
N ALA A 67 -98.57 -10.72 45.87
CA ALA A 67 -98.06 -9.36 45.75
C ALA A 67 -97.69 -8.74 47.05
N HIS A 68 -96.62 -7.97 47.03
CA HIS A 68 -96.23 -7.26 48.23
C HIS A 68 -95.74 -5.88 47.90
N LEU A 69 -96.18 -4.90 48.67
CA LEU A 69 -95.71 -3.54 48.50
C LEU A 69 -94.41 -3.35 49.28
N ARG A 70 -93.46 -2.65 48.65
CA ARG A 70 -92.25 -2.27 49.37
C ARG A 70 -92.56 -1.14 50.35
N ALA A 71 -92.13 -1.29 51.60
CA ALA A 71 -92.31 -0.27 52.60
C ALA A 71 -91.21 0.78 52.50
N SER A 72 -91.55 2.02 52.84
CA SER A 72 -90.59 3.11 52.81
C SER A 72 -91.02 4.19 53.78
N LYS A 73 -90.11 5.12 54.02
CA LYS A 73 -90.34 6.28 54.87
C LYS A 73 -90.24 7.54 54.05
N PRO A 74 -91.25 8.40 54.04
CA PRO A 74 -91.15 9.65 53.26
C PRO A 74 -90.29 10.69 53.96
N LEU A 75 -89.56 11.46 53.16
CA LEU A 75 -88.90 12.65 53.65
C LEU A 75 -89.94 13.75 53.91
N VAL A 76 -89.62 14.63 54.84
CA VAL A 76 -90.41 15.83 55.08
C VAL A 76 -89.52 17.03 54.81
N ARG A 77 -90.05 18.01 54.10
CA ARG A 77 -89.36 19.27 53.89
C ARG A 77 -89.87 20.28 54.90
N LEU A 78 -88.94 20.87 55.65
CA LEU A 78 -89.23 21.78 56.73
C LEU A 78 -88.72 23.15 56.32
N ARG A 79 -89.61 24.14 56.34
CA ARG A 79 -89.31 25.49 55.88
C ARG A 79 -89.69 26.47 56.95
N VAL A 80 -88.75 27.35 57.30
CA VAL A 80 -88.97 28.42 58.26
C VAL A 80 -88.74 29.75 57.55
N PRO A 81 -89.81 30.46 57.21
CA PRO A 81 -89.64 31.78 56.61
C PRO A 81 -89.19 32.82 57.64
N PHE A 82 -88.49 33.83 57.15
CA PHE A 82 -88.08 34.95 57.99
C PHE A 82 -87.95 36.18 57.12
N THR A 83 -87.92 37.35 57.77
CA THR A 83 -88.03 38.63 57.08
C THR A 83 -86.88 39.54 57.50
N LEU A 84 -86.16 40.07 56.52
CA LEU A 84 -85.03 40.94 56.77
C LEU A 84 -85.31 42.36 56.31
N SER A 85 -84.87 43.32 57.12
CA SER A 85 -84.89 44.72 56.71
C SER A 85 -83.87 44.96 55.59
N ARG A 86 -84.30 45.67 54.55
CA ARG A 86 -83.40 45.97 53.44
C ARG A 86 -82.37 47.04 53.81
N ASN A 87 -82.69 47.89 54.78
CA ASN A 87 -81.72 48.86 55.29
C ASN A 87 -80.54 48.16 55.96
N GLU A 88 -80.82 47.12 56.75
CA GLU A 88 -79.75 46.34 57.37
C GLU A 88 -78.90 45.63 56.32
N ILE A 89 -79.53 45.17 55.24
CA ILE A 89 -78.78 44.54 54.15
C ILE A 89 -77.88 45.56 53.46
N ASP A 90 -78.41 46.76 53.20
CA ASP A 90 -77.65 47.82 52.56
C ASP A 90 -76.52 48.34 53.44
N ASP A 91 -76.65 48.23 54.76
CA ASP A 91 -75.61 48.68 55.69
C ASP A 91 -74.32 47.88 55.55
N VAL A 92 -74.40 46.64 55.07
CA VAL A 92 -73.24 45.74 55.10
C VAL A 92 -72.17 46.19 54.12
N GLU A 93 -72.58 46.65 52.93
CA GLU A 93 -71.56 47.10 51.95
C GLU A 93 -70.89 48.39 52.42
N ARG A 94 -71.65 49.24 53.12
CA ARG A 94 -71.05 50.46 53.66
C ARG A 94 -70.09 50.18 54.81
N GLY A 95 -70.02 48.95 55.32
CA GLY A 95 -69.07 48.60 56.35
C GLY A 95 -69.64 48.42 57.73
N SER A 96 -70.96 48.38 57.88
CA SER A 96 -71.56 48.09 59.17
C SER A 96 -71.26 46.65 59.59
N LYS A 97 -71.05 46.45 60.89
CA LYS A 97 -70.79 45.12 61.44
C LYS A 97 -71.77 44.77 62.54
N ASP A 98 -72.85 45.55 62.67
CA ASP A 98 -73.87 45.26 63.66
C ASP A 98 -75.26 45.18 63.02
N SER A 99 -75.33 44.75 61.77
CA SER A 99 -76.59 44.62 61.07
C SER A 99 -77.48 43.61 61.76
N ASP A 100 -78.77 43.93 61.84
CA ASP A 100 -79.72 43.16 62.62
C ASP A 100 -80.04 41.82 61.97
N TRP A 101 -79.36 40.78 62.42
CA TRP A 101 -79.62 39.45 61.87
C TRP A 101 -80.41 38.61 62.86
N GLU A 102 -81.17 39.28 63.71
CA GLU A 102 -82.04 38.57 64.66
C GLU A 102 -83.06 37.63 64.00
N PRO A 103 -83.69 38.05 62.87
CA PRO A 103 -84.64 37.10 62.27
C PRO A 103 -83.91 35.86 61.76
N VAL A 104 -82.71 36.02 61.18
CA VAL A 104 -81.93 34.86 60.76
C VAL A 104 -81.64 33.96 61.95
N LYS A 105 -81.28 34.54 63.09
CA LYS A 105 -80.99 33.75 64.29
C LYS A 105 -82.24 33.05 64.81
N GLU A 106 -83.38 33.73 64.79
CA GLU A 106 -84.62 33.12 65.23
C GLU A 106 -85.07 32.01 64.30
N ALA A 107 -84.87 32.18 62.98
CA ALA A 107 -85.20 31.12 62.04
C ALA A 107 -84.30 29.92 62.20
N ALA A 108 -82.99 30.14 62.42
CA ALA A 108 -82.07 29.04 62.63
C ALA A 108 -82.35 28.31 63.94
N LYS A 109 -82.69 29.05 64.98
CA LYS A 109 -83.05 28.43 66.25
C LYS A 109 -84.34 27.62 66.13
N LYS A 110 -85.31 28.13 65.36
CA LYS A 110 -86.57 27.41 65.21
C LYS A 110 -86.40 26.15 64.36
N LEU A 111 -85.59 26.26 63.29
CA LEU A 111 -85.32 25.08 62.43
C LEU A 111 -84.58 24.03 63.26
N ALA A 112 -83.56 24.43 64.02
CA ALA A 112 -82.82 23.50 64.86
C ALA A 112 -83.72 22.84 65.89
N PHE A 113 -84.65 23.62 66.48
CA PHE A 113 -85.58 23.07 67.45
C PHE A 113 -86.52 22.05 66.82
N VAL A 114 -87.00 22.33 65.61
CA VAL A 114 -87.86 21.38 64.93
C VAL A 114 -87.08 20.09 64.66
N GLU A 115 -85.88 20.21 64.09
CA GLU A 115 -85.11 19.01 63.76
C GLU A 115 -84.82 18.16 64.99
N ASP A 116 -84.42 18.79 66.10
CA ASP A 116 -84.13 18.04 67.31
C ASP A 116 -85.38 17.43 67.93
N ARG A 117 -86.49 18.16 67.92
CA ARG A 117 -87.73 17.61 68.46
C ARG A 117 -88.29 16.51 67.57
N THR A 118 -87.99 16.57 66.28
CA THR A 118 -88.39 15.49 65.38
C THR A 118 -87.56 14.23 65.64
N ILE A 119 -86.26 14.39 65.83
CA ILE A 119 -85.40 13.24 66.12
C ILE A 119 -85.77 12.61 67.47
N PHE A 120 -85.98 13.40 68.50
CA PHE A 120 -86.14 12.83 69.84
C PHE A 120 -87.57 12.60 70.27
N GLU A 121 -88.54 13.36 69.76
CA GLU A 121 -89.92 13.21 70.16
C GLU A 121 -90.82 12.76 69.01
N GLY A 122 -90.28 12.65 67.82
CA GLY A 122 -91.07 12.25 66.69
C GLY A 122 -92.00 13.24 66.05
N TYR A 123 -92.46 12.92 64.86
CA TYR A 123 -93.38 13.78 64.15
C TYR A 123 -94.29 12.76 63.50
N SER A 124 -95.39 12.47 64.15
CA SER A 124 -96.31 11.45 63.66
C SER A 124 -96.86 11.67 62.25
N ALA A 125 -97.17 12.91 61.91
CA ALA A 125 -97.69 13.23 60.58
C ALA A 125 -96.69 12.89 59.49
N ALA A 126 -95.40 12.95 59.79
CA ALA A 126 -94.36 12.54 58.87
C ALA A 126 -93.93 11.09 59.04
N SER A 127 -94.70 10.33 59.84
CA SER A 127 -94.44 8.91 60.14
C SER A 127 -93.06 8.69 60.76
N ILE A 128 -92.64 9.61 61.62
CA ILE A 128 -91.36 9.52 62.30
C ILE A 128 -91.63 9.24 63.76
N GLU A 129 -91.13 8.11 64.25
CA GLU A 129 -91.19 7.79 65.66
C GLU A 129 -89.97 8.35 66.35
N GLY A 130 -90.17 9.03 67.47
CA GLY A 130 -89.05 9.58 68.20
C GLY A 130 -88.23 8.51 68.90
N ILE A 131 -87.07 8.93 69.37
CA ILE A 131 -86.22 8.06 70.19
C ILE A 131 -86.91 7.70 71.49
N ARG A 132 -87.65 8.66 72.06
CA ARG A 132 -88.41 8.41 73.30
C ARG A 132 -89.49 7.35 73.09
N SER A 133 -90.21 7.42 71.97
CA SER A 133 -91.26 6.45 71.71
C SER A 133 -90.71 5.10 71.25
N ALA A 134 -89.59 5.10 70.52
CA ALA A 134 -89.02 3.86 70.01
C ALA A 134 -88.11 3.15 71.01
N SER A 135 -87.87 3.74 72.17
CA SER A 135 -87.02 3.09 73.16
C SER A 135 -87.77 1.95 73.83
N SER A 136 -87.12 0.79 73.94
CA SER A 136 -87.68 -0.34 74.66
C SER A 136 -87.27 -0.39 76.12
N ASN A 137 -86.25 0.37 76.51
CA ASN A 137 -85.84 0.44 77.90
C ASN A 137 -86.86 1.24 78.70
N PRO A 138 -87.02 0.96 80.00
CA PRO A 138 -88.02 1.67 80.80
C PRO A 138 -87.69 3.15 80.94
N ALA A 139 -88.75 3.94 81.04
CA ALA A 139 -88.61 5.38 81.23
C ALA A 139 -88.42 5.70 82.70
N LEU A 140 -87.64 6.74 82.97
CA LEU A 140 -87.32 7.14 84.33
C LEU A 140 -87.86 8.53 84.60
N THR A 141 -88.07 8.82 85.87
CA THR A 141 -88.55 10.13 86.30
C THR A 141 -87.39 10.93 86.87
N LEU A 142 -87.19 12.15 86.37
CA LEU A 142 -86.16 13.01 86.91
C LEU A 142 -86.66 13.64 88.20
N PRO A 143 -85.80 13.63 89.24
CA PRO A 143 -86.22 14.16 90.54
C PRO A 143 -86.24 15.68 90.58
N GLU A 144 -86.90 16.24 91.58
CA GLU A 144 -86.95 17.69 91.70
C GLU A 144 -85.62 18.29 92.12
N ASP A 145 -84.94 17.65 93.07
CA ASP A 145 -83.66 18.13 93.56
C ASP A 145 -82.59 17.84 92.52
N PRO A 146 -81.85 18.83 92.04
CA PRO A 146 -80.75 18.57 91.10
C PRO A 146 -79.63 17.72 91.67
N ARG A 147 -79.42 17.72 92.99
CA ARG A 147 -78.40 16.88 93.60
C ARG A 147 -78.75 15.40 93.49
N GLU A 148 -80.01 15.07 93.26
CA GLU A 148 -80.44 13.71 93.00
C GLU A 148 -80.49 13.37 91.51
N ILE A 149 -80.09 14.30 90.64
CA ILE A 149 -80.05 13.96 89.20
C ILE A 149 -79.02 12.85 88.88
N PRO A 150 -77.75 13.00 89.32
CA PRO A 150 -76.78 11.96 88.94
C PRO A 150 -77.17 10.55 89.36
N ASP A 151 -77.94 10.39 90.44
CA ASP A 151 -78.36 9.07 90.86
C ASP A 151 -79.25 8.44 89.79
N VAL A 152 -80.33 9.11 89.41
CA VAL A 152 -81.25 8.59 88.40
C VAL A 152 -80.55 8.35 87.07
N ILE A 153 -79.70 9.29 86.65
CA ILE A 153 -78.92 9.10 85.43
C ILE A 153 -78.13 7.80 85.49
N SER A 154 -77.53 7.50 86.65
CA SER A 154 -76.77 6.24 86.84
C SER A 154 -77.69 5.02 86.69
N GLN A 155 -78.95 5.12 87.12
CA GLN A 155 -79.91 4.05 86.92
C GLN A 155 -80.18 3.83 85.44
N ALA A 156 -80.23 4.91 84.67
CA ALA A 156 -80.33 4.81 83.21
C ALA A 156 -79.10 4.10 82.64
N LEU A 157 -77.91 4.39 83.19
CA LEU A 157 -76.71 3.69 82.77
C LEU A 157 -76.76 2.22 83.17
N SER A 158 -77.54 1.87 84.19
CA SER A 158 -77.75 0.46 84.49
C SER A 158 -78.54 -0.21 83.38
N GLU A 159 -79.56 0.48 82.84
CA GLU A 159 -80.49 -0.15 81.92
C GLU A 159 -79.84 -0.49 80.59
N LEU A 160 -79.04 0.45 80.03
CA LEU A 160 -78.22 0.13 78.86
C LEU A 160 -77.22 -0.96 79.14
N ARG A 161 -76.79 -1.11 80.40
CA ARG A 161 -75.92 -2.23 80.72
C ARG A 161 -76.72 -3.52 80.79
N LEU A 162 -77.97 -3.44 81.26
CA LEU A 162 -78.83 -4.62 81.27
C LEU A 162 -79.36 -4.95 79.89
N ALA A 163 -79.32 -4.01 78.96
CA ALA A 163 -79.72 -4.24 77.60
C ALA A 163 -78.61 -4.87 76.76
N GLY A 164 -77.42 -5.05 77.32
CA GLY A 164 -76.29 -5.58 76.57
C GLY A 164 -75.86 -4.62 75.48
N VAL A 165 -75.33 -3.45 75.87
CA VAL A 165 -74.92 -2.45 74.89
C VAL A 165 -73.57 -1.86 75.25
N ASP A 166 -72.69 -1.72 74.26
CA ASP A 166 -71.38 -1.12 74.49
C ASP A 166 -71.32 0.30 73.93
N GLY A 167 -70.11 0.86 73.84
CA GLY A 167 -69.96 2.18 73.26
C GLY A 167 -69.94 3.36 74.23
N PRO A 168 -69.45 4.52 73.76
CA PRO A 168 -69.41 5.70 74.61
C PRO A 168 -70.85 6.14 74.85
N TYR A 169 -71.29 6.23 76.09
CA TYR A 169 -72.64 6.72 76.35
C TYR A 169 -72.71 8.24 76.42
N SER A 170 -73.78 8.85 75.92
CA SER A 170 -73.81 10.31 76.02
C SER A 170 -75.12 10.78 76.65
N VAL A 171 -75.07 11.83 77.46
CA VAL A 171 -76.26 12.32 78.14
C VAL A 171 -76.65 13.64 77.52
N LEU A 172 -77.92 13.74 77.11
CA LEU A 172 -78.45 14.96 76.54
C LEU A 172 -79.48 15.48 77.52
N LEU A 173 -79.42 16.75 77.84
CA LEU A 173 -80.30 17.33 78.84
C LEU A 173 -81.14 18.43 78.20
N SER A 174 -82.37 18.58 78.70
CA SER A 174 -83.15 19.74 78.34
C SER A 174 -82.54 20.99 78.98
N ALA A 175 -82.95 22.15 78.45
CA ALA A 175 -82.40 23.42 78.89
C ALA A 175 -82.71 23.69 80.37
N ASP A 176 -83.88 23.30 80.82
CA ASP A 176 -84.23 23.40 82.24
C ASP A 176 -83.32 22.52 83.10
N VAL A 177 -83.12 21.27 82.66
CA VAL A 177 -82.29 20.34 83.41
C VAL A 177 -80.82 20.73 83.35
N TYR A 178 -80.37 21.19 82.18
CA TYR A 178 -79.00 21.66 82.03
C TYR A 178 -78.72 22.87 82.90
N THR A 179 -79.66 23.81 82.97
CA THR A 179 -79.53 24.96 83.86
C THR A 179 -79.52 24.54 85.32
N LYS A 180 -80.39 23.59 85.70
CA LYS A 180 -80.45 23.13 87.08
C LYS A 180 -79.17 22.44 87.51
N VAL A 181 -78.60 21.59 86.66
CA VAL A 181 -77.36 20.92 87.04
C VAL A 181 -76.14 21.80 86.81
N SER A 182 -76.28 22.91 86.10
CA SER A 182 -75.20 23.86 85.94
C SER A 182 -75.09 24.82 87.11
N GLU A 183 -76.23 25.27 87.65
CA GLU A 183 -76.22 26.33 88.64
C GLU A 183 -76.14 25.80 90.07
N THR A 184 -76.44 24.53 90.28
CA THR A 184 -76.30 23.92 91.59
C THR A 184 -74.90 23.33 91.69
N SER A 185 -74.22 23.56 92.80
CA SER A 185 -72.86 23.11 92.97
C SER A 185 -72.71 22.28 94.22
N ASP A 186 -71.77 21.34 94.18
CA ASP A 186 -71.43 20.50 95.32
C ASP A 186 -69.94 20.28 95.33
N HIS A 187 -69.29 20.70 96.42
CA HIS A 187 -67.85 20.52 96.67
C HIS A 187 -66.99 21.12 95.56
N GLY A 188 -67.31 22.35 95.16
CA GLY A 188 -66.51 23.08 94.22
C GLY A 188 -66.74 22.73 92.76
N TYR A 189 -67.70 21.88 92.46
CA TYR A 189 -68.05 21.58 91.08
C TYR A 189 -69.56 21.64 90.94
N PRO A 190 -70.06 22.08 89.79
CA PRO A 190 -71.49 21.94 89.50
C PRO A 190 -71.82 20.48 89.24
N ILE A 191 -73.13 20.19 89.31
CA ILE A 191 -73.61 18.82 89.14
C ILE A 191 -73.37 18.32 87.72
N ARG A 192 -73.22 19.24 86.76
CA ARG A 192 -72.85 18.88 85.39
C ARG A 192 -71.52 18.15 85.34
N GLU A 193 -70.56 18.55 86.17
CA GLU A 193 -69.29 17.84 86.26
C GLU A 193 -69.49 16.44 86.85
N HIS A 194 -70.38 16.31 87.84
CA HIS A 194 -70.71 14.99 88.40
C HIS A 194 -71.32 14.08 87.34
N LEU A 195 -72.14 14.64 86.45
CA LEU A 195 -72.64 13.87 85.32
C LEU A 195 -71.51 13.51 84.36
N ASN A 196 -70.56 14.41 84.17
CA ASN A 196 -69.44 14.16 83.28
C ASN A 196 -68.56 13.03 83.78
N ARG A 197 -68.48 12.83 85.09
CA ARG A 197 -67.68 11.73 85.63
C ARG A 197 -68.32 10.36 85.36
N LEU A 198 -69.64 10.29 85.24
CA LEU A 198 -70.35 9.00 85.04
C LEU A 198 -70.17 8.42 83.63
N VAL A 199 -69.95 9.26 82.62
CA VAL A 199 -69.91 8.74 81.23
C VAL A 199 -68.60 9.03 80.51
N ASP A 200 -68.32 8.29 79.44
CA ASP A 200 -67.08 8.51 78.65
C ASP A 200 -67.47 9.27 77.40
N GLY A 201 -68.74 9.71 77.34
CA GLY A 201 -69.22 10.49 76.19
C GLY A 201 -69.23 11.96 76.54
N ASP A 202 -70.37 12.63 76.38
CA ASP A 202 -70.38 14.09 76.61
C ASP A 202 -71.70 14.55 77.24
N ILE A 203 -71.65 15.52 78.14
CA ILE A 203 -72.91 16.12 78.61
C ILE A 203 -73.26 17.12 77.52
N ILE A 204 -74.40 16.98 76.88
CA ILE A 204 -74.75 17.75 75.71
C ILE A 204 -75.97 18.60 76.03
N TRP A 205 -75.85 19.91 75.81
CA TRP A 205 -76.97 20.82 75.96
C TRP A 205 -77.94 20.61 74.81
N ALA A 206 -79.19 20.30 75.13
CA ALA A 206 -80.22 20.01 74.14
C ALA A 206 -81.46 20.84 74.46
N PRO A 207 -81.48 22.12 74.06
CA PRO A 207 -82.57 23.01 74.48
C PRO A 207 -83.93 22.71 73.87
N ALA A 208 -84.01 21.89 72.82
CA ALA A 208 -85.31 21.62 72.21
C ALA A 208 -86.07 20.49 72.91
N ILE A 209 -85.35 19.51 73.46
CA ILE A 209 -85.98 18.31 74.01
C ILE A 209 -86.65 18.59 75.34
N ASP A 210 -87.47 17.66 75.79
CA ASP A 210 -87.96 17.60 77.16
C ASP A 210 -87.21 16.49 77.90
N GLY A 211 -87.11 16.68 79.22
CA GLY A 211 -86.45 15.68 80.05
C GLY A 211 -85.00 15.44 79.74
N ALA A 212 -84.62 14.18 79.61
CA ALA A 212 -83.24 13.85 79.36
C ALA A 212 -83.16 12.57 78.55
N PHE A 213 -82.02 12.35 77.93
CA PHE A 213 -81.83 11.13 77.13
C PHE A 213 -80.42 10.61 77.39
N VAL A 214 -80.29 9.33 77.68
CA VAL A 214 -78.93 8.74 77.81
C VAL A 214 -78.85 7.71 76.69
N LEU A 215 -77.76 7.70 75.96
CA LEU A 215 -77.72 6.79 74.81
C LEU A 215 -76.30 6.50 74.37
N THR A 216 -76.10 5.42 73.64
CA THR A 216 -74.81 5.02 73.12
C THR A 216 -74.52 5.69 71.78
N THR A 217 -73.25 6.02 71.55
CA THR A 217 -72.86 6.62 70.29
C THR A 217 -71.90 5.70 69.57
N ARG A 218 -72.11 4.39 69.72
CA ARG A 218 -71.24 3.41 69.07
C ARG A 218 -71.40 3.41 67.55
N GLY A 219 -72.54 3.89 67.05
CA GLY A 219 -72.76 3.92 65.63
C GLY A 219 -73.80 2.90 65.19
N GLY A 220 -74.45 3.20 64.08
CA GLY A 220 -75.37 2.26 63.47
C GLY A 220 -76.70 2.07 64.17
N ASP A 221 -77.02 2.88 65.17
CA ASP A 221 -78.27 2.68 65.90
C ASP A 221 -79.31 3.73 65.52
N PHE A 222 -78.86 4.95 65.23
CA PHE A 222 -79.75 6.08 64.98
C PHE A 222 -79.29 6.72 63.69
N ASP A 223 -80.20 6.95 62.75
CA ASP A 223 -79.81 7.37 61.42
C ASP A 223 -80.69 8.53 60.98
N LEU A 224 -80.07 9.67 60.73
CA LEU A 224 -80.77 10.83 60.17
C LEU A 224 -80.49 10.85 58.67
N GLN A 225 -81.53 10.76 57.87
CA GLN A 225 -81.39 10.79 56.42
C GLN A 225 -81.74 12.16 55.88
N LEU A 226 -80.79 12.73 55.18
CA LEU A 226 -81.00 14.03 54.58
C LEU A 226 -81.13 13.96 53.10
N GLY A 227 -82.17 14.57 52.54
CA GLY A 227 -82.21 14.66 51.09
C GLY A 227 -81.35 15.85 50.77
N THR A 228 -81.69 17.00 51.38
CA THR A 228 -80.87 18.22 51.22
C THR A 228 -80.63 18.83 52.60
N ASP A 229 -79.41 19.29 52.85
CA ASP A 229 -79.07 19.93 54.15
C ASP A 229 -79.68 21.33 54.20
N VAL A 230 -79.43 22.06 55.28
CA VAL A 230 -80.01 23.42 55.48
C VAL A 230 -79.56 24.38 54.38
N ALA A 231 -80.53 25.06 53.75
CA ALA A 231 -80.25 26.01 52.68
C ALA A 231 -81.11 27.25 52.89
N ILE A 232 -80.65 28.38 52.37
CA ILE A 232 -81.39 29.62 52.46
C ILE A 232 -81.96 29.96 51.09
N GLY A 233 -83.26 30.19 51.03
CA GLY A 233 -83.93 30.47 49.78
C GLY A 233 -84.70 31.77 49.82
N TYR A 234 -85.01 32.30 48.64
CA TYR A 234 -85.65 33.59 48.48
C TYR A 234 -87.12 33.43 48.10
N ALA A 235 -88.00 34.10 48.83
CA ALA A 235 -89.45 33.98 48.55
C ALA A 235 -89.93 35.20 47.75
N SER A 236 -89.91 36.38 48.38
CA SER A 236 -90.38 37.61 47.73
C SER A 236 -89.79 38.81 48.43
N HIS A 237 -89.97 40.01 47.85
CA HIS A 237 -89.39 41.25 48.42
C HIS A 237 -90.26 42.48 48.14
N ASP A 238 -90.13 43.52 48.96
CA ASP A 238 -90.84 44.80 48.71
C ASP A 238 -89.79 45.89 48.86
N THR A 239 -90.21 47.15 49.00
CA THR A 239 -89.24 48.28 49.12
C THR A 239 -88.52 48.19 50.46
N ASP A 240 -89.16 47.65 51.48
CA ASP A 240 -88.54 47.69 52.79
C ASP A 240 -87.91 46.37 53.24
N THR A 241 -88.43 45.23 52.80
CA THR A 241 -88.05 43.96 53.41
C THR A 241 -87.82 42.91 52.33
N VAL A 242 -87.05 41.89 52.70
CA VAL A 242 -86.86 40.69 51.89
C VAL A 242 -87.34 39.51 52.70
N ARG A 243 -88.29 38.74 52.14
CA ARG A 243 -88.72 37.49 52.74
C ARG A 243 -87.85 36.35 52.20
N LEU A 244 -87.23 35.64 53.12
CA LEU A 244 -86.42 34.48 52.76
C LEU A 244 -86.90 33.30 53.61
N TYR A 245 -86.23 32.16 53.49
CA TYR A 245 -86.57 31.00 54.31
C TYR A 245 -85.33 30.14 54.52
N LEU A 246 -85.37 29.38 55.59
CA LEU A 246 -84.44 28.28 55.84
C LEU A 246 -85.17 26.99 55.51
N GLN A 247 -84.47 26.05 54.89
CA GLN A 247 -85.17 24.88 54.41
C GLN A 247 -84.27 23.66 54.49
N GLU A 248 -84.83 22.55 54.94
CA GLU A 248 -84.11 21.29 54.96
C GLU A 248 -85.11 20.15 54.83
N THR A 249 -84.70 19.07 54.18
CA THR A 249 -85.58 17.91 54.01
C THR A 249 -84.90 16.66 54.55
N LEU A 250 -85.65 15.90 55.36
CA LEU A 250 -85.06 14.82 56.14
C LEU A 250 -86.11 13.82 56.56
N THR A 251 -85.61 12.66 57.02
CA THR A 251 -86.38 11.73 57.85
C THR A 251 -85.42 11.18 58.89
N PHE A 252 -85.99 10.55 59.92
CA PHE A 252 -85.18 9.94 60.96
C PHE A 252 -85.61 8.50 61.20
N LEU A 253 -84.63 7.62 61.34
CA LEU A 253 -84.84 6.20 61.57
C LEU A 253 -84.13 5.78 62.84
N CYS A 254 -84.79 5.00 63.66
CA CYS A 254 -84.15 4.36 64.81
C CYS A 254 -84.14 2.86 64.56
N TYR A 255 -82.95 2.29 64.37
CA TYR A 255 -82.82 0.87 64.10
C TYR A 255 -82.77 0.02 65.35
N THR A 256 -82.30 0.57 66.46
CA THR A 256 -81.99 -0.20 67.65
C THR A 256 -82.83 0.34 68.80
N ALA A 257 -83.82 -0.44 69.24
CA ALA A 257 -84.77 0.03 70.22
C ALA A 257 -84.18 0.14 71.62
N GLU A 258 -83.17 -0.66 71.93
CA GLU A 258 -82.68 -0.74 73.30
C GLU A 258 -81.44 0.12 73.54
N ALA A 259 -81.11 1.00 72.60
CA ALA A 259 -79.90 1.80 72.69
C ALA A 259 -80.10 3.14 73.41
N SER A 260 -81.23 3.34 74.09
CA SER A 260 -81.48 4.65 74.69
C SER A 260 -82.43 4.53 75.88
N VAL A 261 -82.32 5.48 76.80
CA VAL A 261 -83.23 5.67 77.91
C VAL A 261 -83.72 7.11 77.90
N ALA A 262 -85.05 7.28 77.96
CA ALA A 262 -85.69 8.59 78.03
C ALA A 262 -86.08 8.89 79.48
N LEU A 263 -85.95 10.16 79.83
CA LEU A 263 -86.30 10.58 81.17
C LEU A 263 -87.27 11.75 81.06
N SER A 264 -88.20 11.85 82.00
CA SER A 264 -89.21 12.90 81.98
C SER A 264 -89.35 13.48 83.38
N HIS A 265 -90.11 14.57 83.47
CA HIS A 265 -90.35 15.21 84.75
C HIS A 265 -91.62 14.70 85.42
N MET B 1 14.80 84.15 26.91
CA MET B 1 15.42 85.05 25.95
C MET B 1 16.89 85.28 26.25
N ASN B 2 17.57 86.04 25.38
CA ASN B 2 18.99 86.33 25.56
C ASN B 2 19.28 87.83 25.68
N ASN B 3 20.54 88.22 25.45
CA ASN B 3 20.89 89.63 25.55
C ASN B 3 20.38 90.47 24.37
N LEU B 4 20.13 89.86 23.21
CA LEU B 4 19.50 90.58 22.10
C LEU B 4 18.10 91.09 22.41
N TYR B 5 17.39 90.44 23.34
CA TYR B 5 16.01 90.82 23.68
C TYR B 5 15.17 91.01 22.42
N ARG B 6 15.29 90.05 21.51
CA ARG B 6 14.76 90.19 20.17
C ARG B 6 13.23 90.15 20.15
N ASP B 7 12.63 89.35 21.01
CA ASP B 7 11.18 89.24 21.06
C ASP B 7 10.52 90.48 21.65
N LEU B 8 11.28 91.35 22.31
CA LEU B 8 10.71 92.59 22.82
C LEU B 8 10.60 93.66 21.74
N ALA B 9 11.29 93.49 20.63
CA ALA B 9 11.26 94.50 19.58
C ALA B 9 9.94 94.46 18.83
N PRO B 10 9.34 95.61 18.54
CA PRO B 10 8.11 95.63 17.71
C PRO B 10 8.42 95.49 16.22
N VAL B 11 8.94 94.32 15.87
CA VAL B 11 9.36 94.00 14.51
C VAL B 11 8.69 92.69 14.15
N THR B 12 8.03 92.65 13.00
CA THR B 12 7.36 91.43 12.58
C THR B 12 8.36 90.43 12.05
N GLU B 13 7.89 89.19 11.86
CA GLU B 13 8.75 88.11 11.41
C GLU B 13 9.28 88.35 10.00
N ALA B 14 8.42 88.83 9.10
CA ALA B 14 8.82 89.12 7.73
C ALA B 14 9.80 90.28 7.68
N ALA B 15 9.54 91.32 8.48
CA ALA B 15 10.46 92.43 8.60
C ALA B 15 11.80 91.98 9.17
N TRP B 16 11.78 91.06 10.15
CA TRP B 16 13.02 90.52 10.70
C TRP B 16 13.82 89.78 9.64
N ALA B 17 13.14 88.98 8.81
CA ALA B 17 13.84 88.26 7.75
C ALA B 17 14.47 89.20 6.74
N GLU B 18 13.75 90.28 6.38
CA GLU B 18 14.32 91.26 5.46
C GLU B 18 15.51 92.00 6.08
N ILE B 19 15.45 92.33 7.37
CA ILE B 19 16.55 93.02 8.04
C ILE B 19 17.78 92.11 8.14
N GLU B 20 17.57 90.83 8.48
CA GLU B 20 18.67 89.88 8.56
C GLU B 20 19.34 89.69 7.20
N LEU B 21 18.53 89.56 6.15
CA LEU B 21 19.05 89.40 4.80
C LEU B 21 19.86 90.62 4.36
N GLU B 22 19.34 91.83 4.61
CA GLU B 22 20.02 93.05 4.23
C GLU B 22 21.35 93.22 4.96
N ALA B 23 21.34 92.96 6.27
CA ALA B 23 22.56 93.10 7.07
C ALA B 23 23.61 92.08 6.68
N ALA B 24 23.21 90.81 6.50
CA ALA B 24 24.16 89.77 6.11
C ALA B 24 24.76 90.04 4.74
N ARG B 25 23.92 90.46 3.80
CA ARG B 25 24.40 90.76 2.45
C ARG B 25 25.39 91.92 2.44
N THR B 26 25.03 93.03 3.05
CA THR B 26 25.89 94.21 3.02
C THR B 26 27.21 93.95 3.76
N PHE B 27 27.17 93.18 4.84
CA PHE B 27 28.37 92.83 5.58
C PHE B 27 29.36 91.98 4.77
N LYS B 28 28.91 90.89 4.18
CA LYS B 28 29.78 90.04 3.36
C LYS B 28 30.45 90.82 2.25
N ARG B 29 29.69 91.66 1.54
CA ARG B 29 30.23 92.44 0.45
C ARG B 29 31.36 93.32 0.91
N HIS B 30 31.26 93.83 2.12
CA HIS B 30 32.29 94.79 2.58
C HIS B 30 33.36 94.08 3.43
N ILE B 31 33.26 92.78 3.63
CA ILE B 31 34.37 92.15 4.35
C ILE B 31 35.42 91.64 3.37
N ALA B 32 36.67 92.05 3.59
CA ALA B 32 37.81 91.48 2.88
C ALA B 32 38.65 90.61 3.79
N GLY B 33 38.61 90.90 5.10
CA GLY B 33 39.53 90.26 6.04
C GLY B 33 39.28 88.79 6.25
N ARG B 34 38.00 88.38 6.29
CA ARG B 34 37.66 86.99 6.53
C ARG B 34 37.99 86.08 5.35
N ARG B 35 38.16 86.67 4.17
CA ARG B 35 38.53 85.87 3.00
C ARG B 35 39.97 85.41 3.04
N VAL B 36 40.83 86.05 3.83
CA VAL B 36 42.24 85.73 3.83
C VAL B 36 42.73 85.18 5.16
N VAL B 37 42.08 85.45 6.29
CA VAL B 37 42.58 85.02 7.58
C VAL B 37 41.82 83.78 7.99
N ASP B 38 42.39 83.04 8.94
CA ASP B 38 41.69 81.93 9.55
C ASP B 38 40.66 82.47 10.52
N VAL B 39 39.44 81.99 10.41
CA VAL B 39 38.32 82.43 11.23
C VAL B 39 37.90 81.26 12.10
N SER B 40 37.95 81.45 13.41
CA SER B 40 37.63 80.40 14.34
C SER B 40 36.12 80.21 14.43
N ASP B 41 35.72 79.11 15.04
CA ASP B 41 34.33 78.96 15.43
C ASP B 41 34.02 79.94 16.56
N PRO B 42 32.76 80.37 16.69
CA PRO B 42 32.39 81.22 17.83
C PRO B 42 32.57 80.51 19.16
N GLY B 43 33.34 81.13 20.05
CA GLY B 43 33.56 80.58 21.38
C GLY B 43 32.30 80.55 22.22
N GLY B 44 31.50 81.59 22.09
CA GLY B 44 30.30 81.69 22.89
C GLY B 44 30.33 82.96 23.71
N PRO B 45 29.22 83.26 24.39
CA PRO B 45 29.16 84.50 25.17
C PRO B 45 30.09 84.56 26.35
N VAL B 46 30.47 83.41 26.93
CA VAL B 46 31.26 83.42 28.15
C VAL B 46 32.73 83.63 27.83
N THR B 47 33.12 83.46 26.57
CA THR B 47 34.52 83.55 26.17
C THR B 47 34.99 84.99 26.26
N ALA B 48 36.10 85.21 26.97
CA ALA B 48 36.52 86.57 27.27
C ALA B 48 37.94 86.86 26.83
N ALA B 49 38.78 85.84 26.71
CA ALA B 49 40.17 86.04 26.37
C ALA B 49 40.70 84.83 25.64
N VAL B 50 41.77 85.06 24.88
CA VAL B 50 42.47 84.00 24.16
C VAL B 50 43.85 83.85 24.76
N SER B 51 44.20 82.63 25.15
CA SER B 51 45.53 82.36 25.69
C SER B 51 46.58 82.47 24.59
N THR B 52 47.66 83.18 24.89
CA THR B 52 48.79 83.23 23.98
C THR B 52 49.85 82.19 24.29
N GLY B 53 49.79 81.62 25.50
CA GLY B 53 50.74 80.57 25.90
C GLY B 53 52.04 81.16 26.41
N ARG B 54 52.14 82.48 26.55
CA ARG B 54 53.37 83.10 27.11
C ARG B 54 53.26 83.29 28.63
N LEU B 55 54.33 83.72 29.28
CA LEU B 55 54.35 83.88 30.76
C LEU B 55 54.93 85.26 31.13
N ILE B 56 54.41 85.88 32.19
CA ILE B 56 54.86 87.20 32.61
C ILE B 56 55.43 87.14 34.02
N ASP B 57 56.69 87.52 34.18
CA ASP B 57 57.34 87.51 35.50
C ASP B 57 56.68 88.46 36.48
N VAL B 58 56.26 87.94 37.63
CA VAL B 58 55.70 88.81 38.68
C VAL B 58 56.49 88.73 39.97
N LYS B 59 56.39 89.79 40.79
CA LYS B 59 57.14 89.82 42.04
C LYS B 59 56.84 88.62 42.92
N ALA B 60 57.86 87.80 43.18
CA ALA B 60 57.71 86.59 43.99
C ALA B 60 56.81 86.77 45.22
N PRO B 61 55.79 85.90 45.36
CA PRO B 61 54.89 85.98 46.53
C PRO B 61 55.69 85.83 47.80
N THR B 62 56.45 84.75 47.91
CA THR B 62 57.30 84.53 49.08
C THR B 62 58.67 84.03 48.67
N ASN B 63 59.52 83.75 49.65
CA ASN B 63 60.86 83.24 49.38
C ASN B 63 60.80 81.85 48.77
N GLY B 64 61.55 81.63 47.70
CA GLY B 64 61.59 80.32 47.07
C GLY B 64 60.39 80.02 46.19
N VAL B 65 59.53 81.00 45.97
CA VAL B 65 58.38 80.80 45.10
C VAL B 65 58.61 81.57 43.83
N ILE B 66 58.37 80.93 42.70
CA ILE B 66 58.55 81.57 41.43
C ILE B 66 57.19 81.68 40.82
N ALA B 67 56.76 82.89 40.54
CA ALA B 67 55.42 83.10 40.00
C ALA B 67 55.40 83.69 38.63
N HIS B 68 54.45 83.24 37.83
CA HIS B 68 54.31 83.81 36.52
C HIS B 68 52.85 83.95 36.15
N LEU B 69 52.51 85.09 35.59
CA LEU B 69 51.16 85.31 35.10
C LEU B 69 51.02 84.76 33.68
N ARG B 70 49.90 84.09 33.44
CA ARG B 70 49.59 83.68 32.07
C ARG B 70 49.17 84.89 31.24
N ALA B 71 49.77 85.03 30.07
CA ALA B 71 49.41 86.10 29.16
C ALA B 71 48.18 85.72 28.34
N SER B 72 47.39 86.72 27.98
CA SER B 72 46.20 86.49 27.17
C SER B 72 45.86 87.77 26.43
N LYS B 73 44.93 87.64 25.48
CA LYS B 73 44.41 88.74 24.69
C LYS B 73 42.93 88.90 24.97
N PRO B 74 42.46 90.07 25.37
CA PRO B 74 41.02 90.25 25.61
C PRO B 74 40.24 90.39 24.31
N LEU B 75 39.03 89.85 24.31
CA LEU B 75 38.08 90.15 23.26
C LEU B 75 37.53 91.56 23.42
N VAL B 76 37.14 92.16 22.31
CA VAL B 76 36.44 93.44 22.31
C VAL B 76 35.07 93.22 21.69
N ARG B 77 34.05 93.77 22.32
CA ARG B 77 32.70 93.76 21.77
C ARG B 77 32.44 95.08 21.06
N LEU B 78 32.06 94.98 19.80
CA LEU B 78 31.87 96.11 18.91
C LEU B 78 30.39 96.19 18.61
N ARG B 79 29.80 97.35 18.89
CA ARG B 79 28.36 97.56 18.75
C ARG B 79 28.11 98.80 17.91
N VAL B 80 27.30 98.66 16.88
CA VAL B 80 26.90 99.75 16.02
C VAL B 80 25.38 99.90 16.12
N PRO B 81 24.89 100.90 16.84
CA PRO B 81 23.45 101.14 16.88
C PRO B 81 22.94 101.75 15.59
N PHE B 82 21.67 101.49 15.30
CA PHE B 82 21.01 102.07 14.15
C PHE B 82 19.52 102.18 14.44
N THR B 83 18.84 103.00 13.66
CA THR B 83 17.46 103.39 13.94
C THR B 83 16.59 103.15 12.71
N LEU B 84 15.50 102.42 12.92
CA LEU B 84 14.58 102.08 11.83
C LEU B 84 13.24 102.77 12.02
N SER B 85 12.68 103.24 10.91
CA SER B 85 11.31 103.74 10.90
C SER B 85 10.32 102.59 11.10
N ARG B 86 9.35 102.79 11.99
CA ARG B 86 8.35 101.76 12.21
C ARG B 86 7.35 101.66 11.08
N ASN B 87 7.16 102.74 10.31
CA ASN B 87 6.33 102.69 9.12
C ASN B 87 6.92 101.75 8.07
N GLU B 88 8.25 101.82 7.87
CA GLU B 88 8.91 100.92 6.94
C GLU B 88 8.80 99.47 7.40
N ILE B 89 8.86 99.24 8.72
CA ILE B 89 8.69 97.90 9.27
C ILE B 89 7.27 97.40 9.02
N ASP B 90 6.28 98.25 9.25
CA ASP B 90 4.88 97.89 9.02
C ASP B 90 4.55 97.67 7.56
N ASP B 91 5.29 98.31 6.65
CA ASP B 91 5.08 98.14 5.21
C ASP B 91 5.35 96.72 4.74
N VAL B 92 6.20 95.97 5.44
CA VAL B 92 6.68 94.68 4.95
C VAL B 92 5.56 93.64 4.96
N GLU B 93 4.72 93.65 5.99
CA GLU B 93 3.62 92.65 6.04
C GLU B 93 2.57 92.98 4.97
N ARG B 94 2.37 94.26 4.68
CA ARG B 94 1.44 94.63 3.62
C ARG B 94 1.96 94.28 2.23
N GLY B 95 3.21 93.86 2.10
CA GLY B 95 3.74 93.43 0.82
C GLY B 95 4.69 94.39 0.15
N SER B 96 5.14 95.44 0.82
CA SER B 96 6.14 96.33 0.27
C SER B 96 7.47 95.60 0.11
N LYS B 97 8.19 95.92 -0.96
CA LYS B 97 9.50 95.34 -1.22
C LYS B 97 10.56 96.41 -1.40
N ASP B 98 10.24 97.65 -1.05
CA ASP B 98 11.22 98.73 -1.13
C ASP B 98 11.36 99.46 0.21
N SER B 99 11.14 98.74 1.31
CA SER B 99 11.27 99.34 2.63
C SER B 99 12.68 99.84 2.88
N ASP B 100 12.78 101.00 3.51
CA ASP B 100 14.03 101.70 3.66
C ASP B 100 14.94 101.01 4.67
N TRP B 101 15.88 100.20 4.17
CA TRP B 101 16.81 99.51 5.05
C TRP B 101 18.17 100.16 4.97
N GLU B 102 18.21 101.44 4.62
CA GLU B 102 19.47 102.17 4.56
C GLU B 102 20.23 102.20 5.91
N PRO B 103 19.50 102.39 7.05
CA PRO B 103 20.28 102.37 8.30
C PRO B 103 20.91 101.02 8.55
N VAL B 104 20.19 99.93 8.24
CA VAL B 104 20.77 98.60 8.37
C VAL B 104 22.02 98.47 7.51
N LYS B 105 21.96 98.98 6.28
CA LYS B 105 23.10 98.91 5.37
C LYS B 105 24.26 99.76 5.87
N GLU B 106 23.97 100.95 6.42
CA GLU B 106 25.02 101.79 6.96
C GLU B 106 25.65 101.18 8.22
N ALA B 107 24.84 100.54 9.06
CA ALA B 107 25.38 99.87 10.24
C ALA B 107 26.24 98.67 9.85
N ALA B 108 25.81 97.89 8.84
CA ALA B 108 26.60 96.75 8.40
C ALA B 108 27.90 97.19 7.75
N LYS B 109 27.85 98.27 6.97
CA LYS B 109 29.06 98.81 6.36
C LYS B 109 30.01 99.34 7.43
N LYS B 110 29.49 100.00 8.46
CA LYS B 110 30.35 100.54 9.50
C LYS B 110 30.97 99.43 10.35
N LEU B 111 30.18 98.40 10.66
CA LEU B 111 30.71 97.25 11.43
C LEU B 111 31.80 96.54 10.61
N ALA B 112 31.54 96.30 9.33
CA ALA B 112 32.52 95.67 8.46
C ALA B 112 33.79 96.50 8.36
N PHE B 113 33.65 97.83 8.28
CA PHE B 113 34.81 98.71 8.22
C PHE B 113 35.62 98.65 9.51
N VAL B 114 34.94 98.62 10.65
CA VAL B 114 35.66 98.51 11.91
C VAL B 114 36.42 97.19 11.96
N GLU B 115 35.74 96.08 11.66
CA GLU B 115 36.40 94.78 11.74
C GLU B 115 37.62 94.71 10.83
N ASP B 116 37.50 95.19 9.59
CA ASP B 116 38.62 95.14 8.65
C ASP B 116 39.75 96.07 9.08
N ARG B 117 39.42 97.27 9.58
CA ARG B 117 40.45 98.18 10.02
C ARG B 117 41.12 97.69 11.30
N THR B 118 40.40 96.92 12.11
CA THR B 118 41.00 96.31 13.28
C THR B 118 41.96 95.20 12.90
N ILE B 119 41.59 94.37 11.92
CA ILE B 119 42.47 93.30 11.46
C ILE B 119 43.73 93.86 10.81
N PHE B 120 43.58 94.88 9.95
CA PHE B 120 44.72 95.30 9.16
C PHE B 120 45.49 96.48 9.73
N GLU B 121 44.87 97.35 10.52
CA GLU B 121 45.54 98.50 11.08
C GLU B 121 45.62 98.47 12.60
N GLY B 122 45.02 97.47 13.22
CA GLY B 122 45.04 97.38 14.64
C GLY B 122 44.14 98.27 15.45
N TYR B 123 43.99 97.94 16.73
CA TYR B 123 43.17 98.73 17.62
C TYR B 123 43.95 98.66 18.89
N SER B 124 44.79 99.65 19.13
CA SER B 124 45.67 99.64 20.29
C SER B 124 44.97 99.54 21.64
N ALA B 125 43.85 100.21 21.80
CA ALA B 125 43.10 100.17 23.05
C ALA B 125 42.62 98.76 23.38
N ALA B 126 42.38 97.94 22.36
CA ALA B 126 42.01 96.55 22.54
C ALA B 126 43.22 95.61 22.49
N SER B 127 44.44 96.17 22.52
CA SER B 127 45.71 95.44 22.47
C SER B 127 45.81 94.56 21.23
N ILE B 128 45.33 95.07 20.10
CA ILE B 128 45.39 94.36 18.84
C ILE B 128 46.37 95.08 17.94
N GLU B 129 47.42 94.37 17.54
CA GLU B 129 48.37 94.90 16.58
C GLU B 129 47.89 94.53 15.18
N GLY B 130 47.89 95.51 14.29
CA GLY B 130 47.47 95.24 12.92
C GLY B 130 48.49 94.43 12.14
N ILE B 131 48.05 93.94 10.98
CA ILE B 131 48.95 93.25 10.08
C ILE B 131 50.04 94.19 9.57
N ARG B 132 49.69 95.46 9.35
CA ARG B 132 50.68 96.45 8.91
C ARG B 132 51.75 96.68 9.97
N SER B 133 51.36 96.77 11.24
CA SER B 133 52.33 96.98 12.29
C SER B 133 53.12 95.72 12.63
N ALA B 134 52.49 94.54 12.53
CA ALA B 134 53.15 93.29 12.87
C ALA B 134 53.97 92.71 11.74
N SER B 135 53.96 93.32 10.55
CA SER B 135 54.74 92.81 9.44
C SER B 135 56.22 93.13 9.64
N SER B 136 57.08 92.13 9.45
CA SER B 136 58.51 92.34 9.51
C SER B 136 59.13 92.65 8.15
N ASN B 137 58.41 92.41 7.06
CA ASN B 137 58.89 92.75 5.74
C ASN B 137 58.86 94.26 5.55
N PRO B 138 59.73 94.82 4.71
CA PRO B 138 59.76 96.27 4.52
C PRO B 138 58.49 96.80 3.86
N ALA B 139 58.14 98.02 4.24
CA ALA B 139 56.97 98.68 3.67
C ALA B 139 57.33 99.35 2.35
N LEU B 140 56.38 99.37 1.44
CA LEU B 140 56.59 99.91 0.11
C LEU B 140 55.67 101.11 -0.11
N THR B 141 56.07 101.97 -1.03
CA THR B 141 55.29 103.14 -1.38
C THR B 141 54.58 102.90 -2.71
N LEU B 142 53.27 103.11 -2.72
CA LEU B 142 52.52 102.98 -3.97
C LEU B 142 52.71 104.22 -4.81
N PRO B 143 52.98 104.04 -6.10
CA PRO B 143 53.25 105.18 -6.98
C PRO B 143 51.97 105.94 -7.36
N GLU B 144 52.14 107.15 -7.87
CA GLU B 144 50.98 107.95 -8.28
C GLU B 144 50.34 107.39 -9.54
N ASP B 145 51.14 106.99 -10.51
CA ASP B 145 50.62 106.47 -11.76
C ASP B 145 50.12 105.05 -11.54
N PRO B 146 48.85 104.76 -11.85
CA PRO B 146 48.35 103.38 -11.72
C PRO B 146 49.05 102.38 -12.62
N ARG B 147 49.59 102.80 -13.77
CA ARG B 147 50.34 101.90 -14.64
C ARG B 147 51.63 101.40 -13.99
N GLU B 148 52.12 102.11 -12.98
CA GLU B 148 53.27 101.67 -12.20
C GLU B 148 52.87 100.89 -10.96
N ILE B 149 51.59 100.64 -10.74
CA ILE B 149 51.19 99.81 -9.60
C ILE B 149 51.72 98.36 -9.70
N PRO B 150 51.45 97.66 -10.83
CA PRO B 150 51.90 96.26 -10.86
C PRO B 150 53.41 96.06 -10.61
N ASP B 151 54.23 97.05 -10.95
CA ASP B 151 55.66 96.94 -10.71
C ASP B 151 55.92 96.83 -9.20
N VAL B 152 55.45 97.81 -8.43
CA VAL B 152 55.68 97.80 -6.98
C VAL B 152 55.08 96.57 -6.33
N ILE B 153 53.87 96.19 -6.73
CA ILE B 153 53.26 94.95 -6.22
C ILE B 153 54.18 93.77 -6.43
N SER B 154 54.81 93.69 -7.60
CA SER B 154 55.78 92.59 -7.90
C SER B 154 56.98 92.65 -6.94
N GLN B 155 57.41 93.84 -6.54
CA GLN B 155 58.48 93.96 -5.57
C GLN B 155 58.05 93.41 -4.22
N ALA B 156 56.78 93.62 -3.86
CA ALA B 156 56.22 92.99 -2.66
C ALA B 156 56.24 91.48 -2.79
N LEU B 157 55.94 90.96 -3.98
CA LEU B 157 56.02 89.53 -4.21
C LEU B 157 57.46 89.04 -4.14
N SER B 158 58.43 89.92 -4.37
CA SER B 158 59.82 89.53 -4.15
C SER B 158 60.08 89.33 -2.66
N GLU B 159 59.51 90.18 -1.81
CA GLU B 159 59.86 90.19 -0.40
C GLU B 159 59.36 88.94 0.31
N LEU B 160 58.10 88.54 0.05
CA LEU B 160 57.61 87.25 0.52
C LEU B 160 58.41 86.08 -0.03
N ARG B 161 58.99 86.24 -1.21
CA ARG B 161 59.87 85.19 -1.71
C ARG B 161 61.20 85.21 -0.98
N LEU B 162 61.68 86.41 -0.61
CA LEU B 162 62.90 86.51 0.17
C LEU B 162 62.69 86.13 1.63
N ALA B 163 61.43 86.15 2.09
CA ALA B 163 61.11 85.74 3.44
C ALA B 163 60.97 84.22 3.56
N GLY B 164 61.07 83.48 2.46
CA GLY B 164 60.87 82.04 2.50
C GLY B 164 59.44 81.69 2.83
N VAL B 165 58.50 82.01 1.95
CA VAL B 165 57.09 81.75 2.21
C VAL B 165 56.41 81.16 0.99
N ASP B 166 55.59 80.12 1.20
CA ASP B 166 54.85 79.51 0.09
C ASP B 166 53.39 79.89 0.15
N GLY B 167 52.55 79.21 -0.64
CA GLY B 167 51.12 79.46 -0.60
C GLY B 167 50.57 80.44 -1.62
N PRO B 168 49.24 80.43 -1.84
CA PRO B 168 48.63 81.33 -2.79
C PRO B 168 48.74 82.73 -2.23
N TYR B 169 49.36 83.66 -2.94
CA TYR B 169 49.41 85.03 -2.44
C TYR B 169 48.18 85.85 -2.82
N SER B 170 47.71 86.72 -1.94
CA SER B 170 46.53 87.48 -2.35
C SER B 170 46.76 88.98 -2.15
N VAL B 171 46.23 89.80 -3.05
CA VAL B 171 46.45 91.24 -2.98
C VAL B 171 45.14 91.90 -2.58
N LEU B 172 45.21 92.73 -1.54
CA LEU B 172 44.05 93.46 -1.08
C LEU B 172 44.33 94.91 -1.33
N LEU B 173 43.38 95.63 -1.91
CA LEU B 173 43.58 97.02 -2.29
C LEU B 173 42.58 97.90 -1.57
N SER B 174 43.00 99.11 -1.25
CA SER B 174 42.05 100.10 -0.78
C SER B 174 41.14 100.52 -1.93
N ALA B 175 40.01 101.15 -1.56
CA ALA B 175 39.00 101.54 -2.53
C ALA B 175 39.54 102.54 -3.54
N ASP B 176 40.40 103.47 -3.09
CA ASP B 176 41.05 104.39 -4.00
C ASP B 176 41.95 103.67 -4.98
N VAL B 177 42.76 102.73 -4.49
CA VAL B 177 43.69 101.99 -5.33
C VAL B 177 42.94 101.03 -6.25
N TYR B 178 41.89 100.39 -5.73
CA TYR B 178 41.06 99.50 -6.55
C TYR B 178 40.37 100.25 -7.67
N THR B 179 39.85 101.45 -7.38
CA THR B 179 39.26 102.29 -8.41
C THR B 179 40.29 102.73 -9.44
N LYS B 180 41.49 103.11 -8.98
CA LYS B 180 42.55 103.55 -9.90
C LYS B 180 43.01 102.44 -10.83
N VAL B 181 43.17 101.22 -10.31
CA VAL B 181 43.59 100.13 -11.20
C VAL B 181 42.43 99.52 -11.95
N SER B 182 41.19 99.85 -11.58
CA SER B 182 40.03 99.41 -12.33
C SER B 182 39.73 100.30 -13.53
N GLU B 183 39.90 101.61 -13.36
CA GLU B 183 39.47 102.56 -14.38
C GLU B 183 40.55 102.88 -15.40
N THR B 184 41.80 102.59 -15.08
CA THR B 184 42.89 102.77 -16.03
C THR B 184 43.07 101.48 -16.79
N SER B 185 43.23 101.56 -18.10
CA SER B 185 43.32 100.37 -18.94
C SER B 185 44.58 100.42 -19.79
N ASP B 186 45.09 99.24 -20.10
CA ASP B 186 46.25 99.10 -20.98
C ASP B 186 46.06 97.86 -21.82
N HIS B 187 46.04 98.05 -23.14
CA HIS B 187 45.93 96.99 -24.15
C HIS B 187 44.68 96.13 -23.95
N GLY B 188 43.54 96.79 -23.75
CA GLY B 188 42.27 96.10 -23.67
C GLY B 188 41.95 95.46 -22.35
N TYR B 189 42.79 95.65 -21.33
CA TYR B 189 42.50 95.16 -20.00
C TYR B 189 42.77 96.28 -19.00
N PRO B 190 41.98 96.36 -17.93
CA PRO B 190 42.34 97.25 -16.83
C PRO B 190 43.55 96.69 -16.08
N ILE B 191 44.17 97.57 -15.29
CA ILE B 191 45.37 97.21 -14.54
C ILE B 191 45.07 96.16 -13.47
N ARG B 192 43.81 96.06 -13.04
CA ARG B 192 43.38 95.01 -12.13
C ARG B 192 43.63 93.62 -12.72
N GLU B 193 43.43 93.45 -14.02
CA GLU B 193 43.74 92.19 -14.67
C GLU B 193 45.24 91.94 -14.68
N HIS B 194 46.05 92.99 -14.88
CA HIS B 194 47.51 92.86 -14.78
C HIS B 194 47.95 92.42 -13.40
N LEU B 195 47.27 92.91 -12.36
CA LEU B 195 47.53 92.42 -11.02
C LEU B 195 47.10 90.97 -10.85
N ASN B 196 45.99 90.60 -11.50
CA ASN B 196 45.49 89.22 -11.43
C ASN B 196 46.46 88.24 -12.07
N ARG B 197 47.23 88.67 -13.08
CA ARG B 197 48.20 87.77 -13.70
C ARG B 197 49.39 87.48 -12.80
N LEU B 198 49.75 88.40 -11.89
CA LEU B 198 50.93 88.24 -11.01
C LEU B 198 50.71 87.20 -9.91
N VAL B 199 49.48 86.98 -9.45
CA VAL B 199 49.27 86.09 -8.28
C VAL B 199 48.34 84.91 -8.59
N ASP B 200 48.40 83.88 -7.77
CA ASP B 200 47.52 82.69 -7.94
C ASP B 200 46.40 82.81 -6.93
N GLY B 201 46.33 83.94 -6.24
CA GLY B 201 45.25 84.17 -5.25
C GLY B 201 44.19 85.04 -5.86
N ASP B 202 43.84 86.16 -5.23
CA ASP B 202 42.71 86.96 -5.73
C ASP B 202 42.96 88.45 -5.54
N ILE B 203 42.53 89.28 -6.50
CA ILE B 203 42.58 90.73 -6.24
C ILE B 203 41.31 90.98 -5.44
N ILE B 204 41.44 91.50 -4.22
CA ILE B 204 40.32 91.62 -3.31
C ILE B 204 40.07 93.09 -3.02
N TRP B 205 38.84 93.53 -3.24
CA TRP B 205 38.43 94.88 -2.90
C TRP B 205 38.32 95.00 -1.39
N ALA B 206 39.06 95.95 -0.82
CA ALA B 206 39.11 96.15 0.62
C ALA B 206 38.88 97.62 0.92
N PRO B 207 37.62 98.07 0.93
CA PRO B 207 37.34 99.51 1.05
C PRO B 207 37.67 100.12 2.41
N ALA B 208 37.90 99.33 3.45
CA ALA B 208 38.18 99.92 4.75
C ALA B 208 39.66 100.27 4.94
N ILE B 209 40.56 99.50 4.33
CA ILE B 209 41.99 99.65 4.56
C ILE B 209 42.55 100.89 3.87
N ASP B 210 43.76 101.26 4.24
CA ASP B 210 44.58 102.21 3.49
C ASP B 210 45.65 101.45 2.74
N GLY B 211 46.08 102.03 1.63
CA GLY B 211 47.14 101.43 0.84
C GLY B 211 46.82 100.08 0.27
N ALA B 212 47.74 99.13 0.44
CA ALA B 212 47.54 97.81 -0.11
C ALA B 212 48.23 96.79 0.77
N PHE B 213 47.83 95.54 0.61
CA PHE B 213 48.44 94.46 1.39
C PHE B 213 48.63 93.26 0.48
N VAL B 214 49.82 92.68 0.48
CA VAL B 214 50.03 91.43 -0.28
C VAL B 214 50.35 90.37 0.77
N LEU B 215 49.73 89.20 0.68
CA LEU B 215 49.97 88.24 1.76
C LEU B 215 49.63 86.83 1.32
N THR B 216 50.16 85.84 2.01
CA THR B 216 49.92 84.44 1.73
C THR B 216 48.65 83.95 2.43
N THR B 217 47.94 83.05 1.77
CA THR B 217 46.74 82.46 2.37
C THR B 217 46.94 80.97 2.55
N ARG B 218 48.17 80.58 2.88
CA ARG B 218 48.46 79.17 3.09
C ARG B 218 47.81 78.62 4.35
N GLY B 219 47.47 79.49 5.29
CA GLY B 219 46.83 79.04 6.52
C GLY B 219 47.77 79.14 7.70
N GLY B 220 47.17 79.29 8.89
CA GLY B 220 47.91 79.28 10.12
C GLY B 220 48.74 80.50 10.42
N ASP B 221 48.61 81.58 9.65
CA ASP B 221 49.44 82.75 9.89
C ASP B 221 48.65 83.87 10.55
N PHE B 222 47.37 83.99 10.22
CA PHE B 222 46.53 85.08 10.67
C PHE B 222 45.26 84.47 11.23
N ASP B 223 44.87 84.86 12.44
CA ASP B 223 43.79 84.17 13.13
C ASP B 223 42.84 85.19 13.71
N LEU B 224 41.59 85.16 13.27
CA LEU B 224 40.53 85.99 13.84
C LEU B 224 39.75 85.12 14.81
N GLN B 225 39.72 85.52 16.08
CA GLN B 225 38.99 84.78 17.09
C GLN B 225 37.67 85.46 17.39
N LEU B 226 36.60 84.71 17.24
CA LEU B 226 35.29 85.21 17.50
C LEU B 226 34.68 84.63 18.73
N GLY B 227 34.18 85.45 19.64
CA GLY B 227 33.44 84.89 20.75
C GLY B 227 32.06 84.66 20.18
N THR B 228 31.47 85.73 19.67
CA THR B 228 30.14 85.63 19.00
C THR B 228 30.21 86.35 17.66
N ASP B 229 29.62 85.75 16.62
CA ASP B 229 29.59 86.38 15.27
C ASP B 229 28.59 87.54 15.27
N VAL B 230 28.40 88.17 14.11
CA VAL B 230 27.48 89.34 13.99
C VAL B 230 26.05 88.98 14.35
N ALA B 231 25.44 89.75 15.24
CA ALA B 231 24.07 89.52 15.66
C ALA B 231 23.34 90.85 15.72
N ILE B 232 22.03 90.81 15.58
CA ILE B 232 21.21 92.02 15.65
C ILE B 232 20.43 91.99 16.96
N GLY B 233 20.55 93.08 17.74
CA GLY B 233 19.90 93.15 19.03
C GLY B 233 19.02 94.38 19.14
N TYR B 234 18.11 94.34 20.12
CA TYR B 234 17.10 95.37 20.31
C TYR B 234 17.45 96.23 21.52
N ALA B 235 17.45 97.55 21.32
CA ALA B 235 17.79 98.47 22.43
C ALA B 235 16.52 99.06 23.03
N SER B 236 15.80 99.88 22.27
CA SER B 236 14.60 100.54 22.76
C SER B 236 13.74 100.98 21.58
N HIS B 237 12.51 101.44 21.85
CA HIS B 237 11.57 101.83 20.76
C HIS B 237 10.63 102.96 21.20
N ASP B 238 10.10 103.71 20.25
CA ASP B 238 9.09 104.76 20.57
C ASP B 238 7.95 104.55 19.56
N THR B 239 7.07 105.52 19.41
CA THR B 239 5.91 105.39 18.48
C THR B 239 6.41 105.38 17.04
N ASP B 240 7.52 106.06 16.77
CA ASP B 240 7.94 106.21 15.38
C ASP B 240 9.09 105.29 14.97
N THR B 241 9.99 104.95 15.89
CA THR B 241 11.24 104.32 15.51
C THR B 241 11.58 103.17 16.44
N VAL B 242 12.40 102.26 15.94
CA VAL B 242 13.00 101.19 16.73
C VAL B 242 14.51 101.35 16.68
N ARG B 243 15.13 101.45 17.85
CA ARG B 243 16.59 101.44 17.95
C ARG B 243 17.08 100.01 18.12
N LEU B 244 17.95 99.60 17.19
CA LEU B 244 18.55 98.28 17.28
C LEU B 244 20.06 98.45 17.19
N TYR B 245 20.80 97.35 17.15
CA TYR B 245 22.25 97.42 17.00
C TYR B 245 22.74 96.16 16.30
N LEU B 246 23.91 96.30 15.68
CA LEU B 246 24.71 95.19 15.21
C LEU B 246 25.84 94.98 16.20
N GLN B 247 26.16 93.72 16.48
CA GLN B 247 27.11 93.48 17.54
C GLN B 247 27.94 92.25 17.23
N GLU B 248 29.24 92.35 17.49
CA GLU B 248 30.12 91.20 17.34
C GLU B 248 31.29 91.36 18.30
N THR B 249 31.80 90.24 18.82
CA THR B 249 32.92 90.29 19.74
C THR B 249 34.06 89.42 19.24
N LEU B 250 35.27 89.98 19.23
CA LEU B 250 36.39 89.37 18.53
C LEU B 250 37.72 89.86 19.08
N THR B 251 38.78 89.14 18.71
CA THR B 251 40.15 89.65 18.75
C THR B 251 40.86 89.13 17.51
N PHE B 252 42.01 89.71 17.20
CA PHE B 252 42.80 89.27 16.07
C PHE B 252 44.24 89.02 16.49
N LEU B 253 44.80 87.91 16.00
CA LEU B 253 46.16 87.50 16.30
C LEU B 253 46.92 87.32 14.99
N CYS B 254 48.14 87.81 14.95
CA CYS B 254 49.05 87.53 13.84
C CYS B 254 50.20 86.70 14.38
N TYR B 255 50.28 85.44 13.95
CA TYR B 255 51.32 84.54 14.42
C TYR B 255 52.61 84.65 13.62
N THR B 256 52.54 85.05 12.36
CA THR B 256 53.67 84.98 11.45
C THR B 256 53.96 86.38 10.94
N ALA B 257 55.08 86.94 11.38
CA ALA B 257 55.38 88.35 11.08
C ALA B 257 55.79 88.57 9.64
N GLU B 258 56.34 87.55 8.98
CA GLU B 258 56.92 87.74 7.66
C GLU B 258 55.98 87.31 6.53
N ALA B 259 54.71 87.08 6.84
CA ALA B 259 53.76 86.58 5.86
C ALA B 259 53.01 87.69 5.12
N SER B 260 53.45 88.94 5.23
CA SER B 260 52.70 90.02 4.60
C SER B 260 53.60 91.21 4.29
N VAL B 261 53.18 91.99 3.28
CA VAL B 261 53.78 93.27 2.93
C VAL B 261 52.69 94.32 2.90
N ALA B 262 52.90 95.43 3.59
CA ALA B 262 52.01 96.58 3.61
C ALA B 262 52.53 97.66 2.68
N LEU B 263 51.59 98.32 2.02
CA LEU B 263 51.94 99.39 1.10
C LEU B 263 51.16 100.63 1.49
N SER B 264 51.75 101.79 1.30
CA SER B 264 51.11 103.06 1.67
C SER B 264 51.32 104.05 0.54
N HIS B 265 50.64 105.19 0.66
CA HIS B 265 50.75 106.26 -0.33
C HIS B 265 51.82 107.26 0.04
N MET C 1 -9.48 75.62 -37.87
CA MET C 1 -10.26 75.63 -39.10
C MET C 1 -9.41 75.58 -40.35
N ASN C 2 -10.05 75.51 -41.51
CA ASN C 2 -9.32 75.45 -42.79
C ASN C 2 -9.67 76.62 -43.72
N ASN C 3 -9.39 76.47 -45.01
CA ASN C 3 -9.69 77.55 -45.95
C ASN C 3 -11.19 77.68 -46.27
N LEU C 4 -11.98 76.63 -46.09
CA LEU C 4 -13.43 76.73 -46.23
C LEU C 4 -14.07 77.69 -45.22
N TYR C 5 -13.43 77.88 -44.06
CA TYR C 5 -14.00 78.74 -43.00
C TYR C 5 -15.47 78.42 -42.75
N ARG C 6 -15.74 77.12 -42.63
CA ARG C 6 -17.12 76.62 -42.64
C ARG C 6 -17.85 76.99 -41.37
N ASP C 7 -17.16 77.00 -40.23
CA ASP C 7 -17.79 77.34 -38.96
C ASP C 7 -18.13 78.82 -38.84
N LEU C 8 -17.57 79.66 -39.70
CA LEU C 8 -17.94 81.06 -39.69
C LEU C 8 -19.25 81.35 -40.42
N ALA C 9 -19.73 80.40 -41.22
CA ALA C 9 -20.95 80.62 -41.98
C ALA C 9 -22.16 80.53 -41.07
N PRO C 10 -23.13 81.44 -41.20
CA PRO C 10 -24.39 81.32 -40.42
C PRO C 10 -25.34 80.30 -41.04
N VAL C 11 -24.92 79.04 -41.00
CA VAL C 11 -25.64 77.92 -41.57
C VAL C 11 -25.75 76.86 -40.48
N THR C 12 -26.95 76.37 -40.24
CA THR C 12 -27.13 75.36 -39.21
C THR C 12 -26.66 74.01 -39.71
N GLU C 13 -26.58 73.06 -38.78
CA GLU C 13 -26.08 71.72 -39.09
C GLU C 13 -27.02 70.98 -40.05
N ALA C 14 -28.33 71.09 -39.81
CA ALA C 14 -29.32 70.45 -40.67
C ALA C 14 -29.33 71.07 -42.06
N ALA C 15 -29.23 72.40 -42.11
CA ALA C 15 -29.12 73.10 -43.39
C ALA C 15 -27.85 72.71 -44.12
N TRP C 16 -26.73 72.53 -43.39
CA TRP C 16 -25.49 72.08 -44.00
C TRP C 16 -25.64 70.70 -44.61
N ALA C 17 -26.31 69.78 -43.89
CA ALA C 17 -26.53 68.44 -44.42
C ALA C 17 -27.38 68.45 -45.68
N GLU C 18 -28.42 69.28 -45.71
CA GLU C 18 -29.23 69.40 -46.91
C GLU C 18 -28.46 70.00 -48.08
N ILE C 19 -27.61 71.00 -47.83
CA ILE C 19 -26.81 71.62 -48.88
C ILE C 19 -25.78 70.62 -49.44
N GLU C 20 -25.12 69.87 -48.56
CA GLU C 20 -24.16 68.87 -48.99
C GLU C 20 -24.81 67.79 -49.83
N LEU C 21 -25.99 67.32 -49.39
CA LEU C 21 -26.73 66.30 -50.13
C LEU C 21 -27.15 66.80 -51.51
N GLU C 22 -27.67 68.02 -51.58
CA GLU C 22 -28.12 68.58 -52.86
C GLU C 22 -26.96 68.77 -53.83
N ALA C 23 -25.83 69.30 -53.34
CA ALA C 23 -24.67 69.53 -54.18
C ALA C 23 -24.06 68.24 -54.68
N ALA C 24 -23.92 67.24 -53.79
CA ALA C 24 -23.35 65.96 -54.18
C ALA C 24 -24.24 65.24 -55.18
N ARG C 25 -25.55 65.27 -54.97
CA ARG C 25 -26.48 64.63 -55.88
C ARG C 25 -26.45 65.27 -57.26
N THR C 26 -26.58 66.58 -57.33
CA THR C 26 -26.64 67.26 -58.62
C THR C 26 -25.33 67.11 -59.39
N PHE C 27 -24.20 67.12 -58.67
CA PHE C 27 -22.90 66.93 -59.29
C PHE C 27 -22.72 65.55 -59.95
N LYS C 28 -22.98 64.48 -59.19
CA LYS C 28 -22.86 63.13 -59.74
C LYS C 28 -23.71 62.94 -60.98
N ARG C 29 -24.96 63.40 -60.95
CA ARG C 29 -25.84 63.26 -62.08
C ARG C 29 -25.28 63.91 -63.32
N HIS C 30 -24.59 65.01 -63.15
CA HIS C 30 -24.09 65.74 -64.34
C HIS C 30 -22.64 65.38 -64.65
N ILE C 31 -22.01 64.49 -63.88
CA ILE C 31 -20.67 64.10 -64.30
C ILE C 31 -20.72 62.87 -65.20
N ALA C 32 -20.10 62.98 -66.38
CA ALA C 32 -19.88 61.83 -67.24
C ALA C 32 -18.41 61.44 -67.26
N GLY C 33 -17.52 62.39 -67.01
CA GLY C 33 -16.10 62.18 -67.21
C GLY C 33 -15.48 61.20 -66.22
N ARG C 34 -15.92 61.25 -64.96
CA ARG C 34 -15.35 60.38 -63.93
C ARG C 34 -15.77 58.93 -64.10
N ARG C 35 -16.84 58.68 -64.86
CA ARG C 35 -17.26 57.31 -65.10
C ARG C 35 -16.34 56.57 -66.07
N VAL C 36 -15.57 57.29 -66.88
CA VAL C 36 -14.74 56.66 -67.90
C VAL C 36 -13.25 56.84 -67.67
N VAL C 37 -12.80 57.86 -66.94
CA VAL C 37 -11.38 58.10 -66.79
C VAL C 37 -10.94 57.56 -65.44
N ASP C 38 -9.64 57.34 -65.30
CA ASP C 38 -9.07 56.99 -64.01
C ASP C 38 -9.02 58.24 -63.14
N VAL C 39 -9.51 58.12 -61.92
CA VAL C 39 -9.59 59.24 -60.99
C VAL C 39 -8.66 58.91 -59.82
N SER C 40 -7.69 59.78 -59.60
CA SER C 40 -6.71 59.55 -58.55
C SER C 40 -7.31 59.86 -57.19
N ASP C 41 -6.59 59.43 -56.15
CA ASP C 41 -6.91 59.92 -54.82
C ASP C 41 -6.56 61.39 -54.71
N PRO C 42 -7.24 62.14 -53.84
CA PRO C 42 -6.86 63.54 -53.62
C PRO C 42 -5.45 63.69 -53.05
N GLY C 43 -4.61 64.46 -53.74
CA GLY C 43 -3.26 64.71 -53.30
C GLY C 43 -3.21 65.49 -52.00
N GLY C 44 -4.11 66.45 -51.87
CA GLY C 44 -4.10 67.29 -50.69
C GLY C 44 -3.93 68.74 -51.10
N PRO C 45 -4.06 69.65 -50.14
CA PRO C 45 -3.97 71.08 -50.46
C PRO C 45 -2.60 71.52 -50.94
N VAL C 46 -1.53 70.85 -50.53
CA VAL C 46 -0.19 71.32 -50.85
C VAL C 46 0.20 70.92 -52.27
N THR C 47 -0.52 69.97 -52.85
CA THR C 47 -0.19 69.44 -54.17
C THR C 47 -0.44 70.50 -55.24
N ALA C 48 0.56 70.77 -56.06
CA ALA C 48 0.49 71.90 -56.98
C ALA C 48 0.70 71.50 -58.43
N ALA C 49 1.42 70.41 -58.66
CA ALA C 49 1.75 70.00 -60.01
C ALA C 49 1.91 68.50 -60.07
N VAL C 50 1.75 67.96 -61.29
CA VAL C 50 1.93 66.56 -61.56
C VAL C 50 3.14 66.41 -62.47
N SER C 51 4.09 65.57 -62.06
CA SER C 51 5.26 65.29 -62.88
C SER C 51 4.87 64.49 -64.11
N THR C 52 5.36 64.92 -65.27
CA THR C 52 5.17 64.15 -66.50
C THR C 52 6.35 63.23 -66.78
N GLY C 53 7.48 63.47 -66.12
CA GLY C 53 8.66 62.60 -66.29
C GLY C 53 9.47 63.01 -67.51
N ARG C 54 9.11 64.09 -68.20
CA ARG C 54 9.92 64.56 -69.35
C ARG C 54 10.97 65.59 -68.93
N LEU C 55 11.84 66.01 -69.85
CA LEU C 55 12.94 66.95 -69.53
C LEU C 55 12.98 68.08 -70.56
N ILE C 56 13.31 69.30 -70.13
CA ILE C 56 13.36 70.45 -71.03
C ILE C 56 14.76 71.04 -71.08
N ASP C 57 15.36 71.08 -72.27
CA ASP C 57 16.70 71.64 -72.42
C ASP C 57 16.78 73.10 -72.06
N VAL C 58 17.68 73.46 -71.14
CA VAL C 58 17.89 74.87 -70.80
C VAL C 58 19.31 75.32 -71.06
N LYS C 59 19.50 76.62 -71.26
CA LYS C 59 20.83 77.15 -71.54
C LYS C 59 21.83 76.77 -70.47
N ALA C 60 22.86 76.00 -70.85
CA ALA C 60 23.89 75.54 -69.91
C ALA C 60 24.34 76.60 -68.91
N PRO C 61 24.29 76.28 -67.61
CA PRO C 61 24.72 77.23 -66.57
C PRO C 61 26.16 77.61 -66.81
N THR C 62 27.04 76.61 -66.90
CA THR C 62 28.46 76.87 -67.17
C THR C 62 29.00 75.88 -68.18
N ASN C 63 30.30 75.97 -68.46
CA ASN C 63 30.93 75.06 -69.42
C ASN C 63 30.97 73.64 -68.86
N GLY C 64 30.58 72.67 -69.69
CA GLY C 64 30.61 71.28 -69.26
C GLY C 64 29.45 70.87 -68.36
N VAL C 65 28.48 71.76 -68.18
CA VAL C 65 27.32 71.43 -67.38
C VAL C 65 26.14 71.27 -68.29
N ILE C 66 25.40 70.19 -68.10
CA ILE C 66 24.23 69.95 -68.92
C ILE C 66 23.05 70.05 -68.00
N ALA C 67 22.15 70.97 -68.31
CA ALA C 67 21.00 71.19 -67.45
C ALA C 67 19.69 70.89 -68.11
N HIS C 68 18.78 70.35 -67.33
CA HIS C 68 17.46 70.10 -67.85
C HIS C 68 16.40 70.40 -66.82
N LEU C 69 15.36 71.08 -67.23
CA LEU C 69 14.23 71.33 -66.35
C LEU C 69 13.27 70.16 -66.36
N ARG C 70 12.78 69.80 -65.17
CA ARG C 70 11.73 68.79 -65.10
C ARG C 70 10.40 69.40 -65.57
N ALA C 71 9.72 68.69 -66.46
CA ALA C 71 8.42 69.12 -66.94
C ALA C 71 7.32 68.70 -65.96
N SER C 72 6.27 69.50 -65.89
CA SER C 72 5.14 69.20 -65.02
C SER C 72 3.90 69.87 -65.55
N LYS C 73 2.76 69.48 -64.99
CA LYS C 73 1.46 70.06 -65.31
C LYS C 73 0.89 70.72 -64.07
N PRO C 74 0.52 72.00 -64.14
CA PRO C 74 -0.06 72.66 -62.96
C PRO C 74 -1.51 72.26 -62.74
N LEU C 75 -1.88 72.16 -61.47
CA LEU C 75 -3.29 72.06 -61.12
C LEU C 75 -3.98 73.41 -61.31
N VAL C 76 -5.27 73.36 -61.58
CA VAL C 76 -6.11 74.56 -61.62
C VAL C 76 -7.17 74.41 -60.54
N ARG C 77 -7.40 75.47 -59.78
CA ARG C 77 -8.48 75.51 -58.81
C ARG C 77 -9.67 76.22 -59.43
N LEU C 78 -10.80 75.55 -59.42
CA LEU C 78 -12.03 76.00 -60.05
C LEU C 78 -13.02 76.29 -58.95
N ARG C 79 -13.55 77.51 -58.92
CA ARG C 79 -14.43 77.98 -57.88
C ARG C 79 -15.69 78.56 -58.52
N VAL C 80 -16.84 78.10 -58.05
CA VAL C 80 -18.14 78.58 -58.48
C VAL C 80 -18.86 79.16 -57.27
N PRO C 81 -18.91 80.48 -57.15
CA PRO C 81 -19.68 81.08 -56.05
C PRO C 81 -21.17 80.97 -56.28
N PHE C 82 -21.92 80.94 -55.18
CA PHE C 82 -23.38 80.94 -55.23
C PHE C 82 -23.90 81.59 -53.96
N THR C 83 -25.17 81.99 -54.01
CA THR C 83 -25.78 82.82 -52.99
C THR C 83 -27.06 82.17 -52.48
N LEU C 84 -27.16 82.01 -51.17
CA LEU C 84 -28.32 81.38 -50.55
C LEU C 84 -29.10 82.39 -49.71
N SER C 85 -30.42 82.29 -49.78
CA SER C 85 -31.29 83.05 -48.89
C SER C 85 -31.18 82.52 -47.47
N ARG C 86 -31.03 83.43 -46.50
CA ARG C 86 -30.94 83.01 -45.12
C ARG C 86 -32.28 82.58 -44.55
N ASN C 87 -33.39 83.05 -45.13
CA ASN C 87 -34.70 82.56 -44.75
C ASN C 87 -34.88 81.09 -45.08
N GLU C 88 -34.41 80.67 -46.26
CA GLU C 88 -34.46 79.26 -46.64
C GLU C 88 -33.59 78.41 -45.73
N ILE C 89 -32.45 78.95 -45.30
CA ILE C 89 -31.58 78.24 -44.36
C ILE C 89 -32.28 78.09 -43.00
N ASP C 90 -32.92 79.16 -42.52
CA ASP C 90 -33.63 79.13 -41.25
C ASP C 90 -34.84 78.22 -41.29
N ASP C 91 -35.45 78.02 -42.46
CA ASP C 91 -36.61 77.15 -42.61
C ASP C 91 -36.30 75.70 -42.28
N VAL C 92 -35.05 75.27 -42.44
CA VAL C 92 -34.70 73.85 -42.35
C VAL C 92 -34.83 73.34 -40.91
N GLU C 93 -34.44 74.14 -39.93
CA GLU C 93 -34.54 73.69 -38.52
C GLU C 93 -36.01 73.62 -38.11
N ARG C 94 -36.85 74.52 -38.63
CA ARG C 94 -38.27 74.47 -38.34
C ARG C 94 -38.97 73.28 -39.00
N GLY C 95 -38.30 72.54 -39.87
CA GLY C 95 -38.87 71.36 -40.47
C GLY C 95 -39.31 71.48 -41.90
N SER C 96 -38.96 72.57 -42.59
CA SER C 96 -39.26 72.67 -44.00
C SER C 96 -38.45 71.67 -44.80
N LYS C 97 -39.06 71.12 -45.85
CA LYS C 97 -38.40 70.18 -46.73
C LYS C 97 -38.43 70.63 -48.17
N ASP C 98 -38.80 71.89 -48.42
CA ASP C 98 -38.80 72.43 -49.77
C ASP C 98 -37.97 73.71 -49.86
N SER C 99 -36.93 73.82 -49.03
CA SER C 99 -36.07 75.00 -49.04
C SER C 99 -35.39 75.14 -50.39
N ASP C 100 -35.29 76.39 -50.85
CA ASP C 100 -34.83 76.68 -52.19
C ASP C 100 -33.33 76.45 -52.34
N TRP C 101 -32.96 75.29 -52.86
CA TRP C 101 -31.54 74.99 -53.06
C TRP C 101 -31.20 75.09 -54.53
N GLU C 102 -31.95 75.89 -55.27
CA GLU C 102 -31.65 76.09 -56.69
C GLU C 102 -30.25 76.67 -56.95
N PRO C 103 -29.77 77.64 -56.13
CA PRO C 103 -28.41 78.12 -56.42
C PRO C 103 -27.39 77.02 -56.21
N VAL C 104 -27.56 76.19 -55.18
CA VAL C 104 -26.65 75.06 -54.98
C VAL C 104 -26.68 74.14 -56.20
N LYS C 105 -27.87 73.88 -56.74
CA LYS C 105 -27.98 73.01 -57.90
C LYS C 105 -27.36 73.65 -59.14
N GLU C 106 -27.53 74.96 -59.31
CA GLU C 106 -26.91 75.64 -60.45
C GLU C 106 -25.40 75.70 -60.32
N ALA C 107 -24.88 75.88 -59.10
CA ALA C 107 -23.44 75.86 -58.90
C ALA C 107 -22.86 74.47 -59.14
N ALA C 108 -23.55 73.42 -58.69
CA ALA C 108 -23.08 72.07 -58.93
C ALA C 108 -23.12 71.70 -60.40
N LYS C 109 -24.18 72.12 -61.10
CA LYS C 109 -24.27 71.89 -62.53
C LYS C 109 -23.18 72.63 -63.28
N LYS C 110 -22.88 73.87 -62.87
CA LYS C 110 -21.85 74.64 -63.56
C LYS C 110 -20.46 74.08 -63.30
N LEU C 111 -20.20 73.65 -62.06
CA LEU C 111 -18.88 73.04 -61.73
C LEU C 111 -18.73 71.74 -62.53
N ALA C 112 -19.77 70.89 -62.55
CA ALA C 112 -19.73 69.65 -63.31
C ALA C 112 -19.49 69.91 -64.80
N PHE C 113 -20.15 70.95 -65.33
CA PHE C 113 -19.95 71.30 -66.74
C PHE C 113 -18.54 71.75 -67.02
N VAL C 114 -17.97 72.54 -66.12
CA VAL C 114 -16.59 72.96 -66.31
C VAL C 114 -15.67 71.75 -66.29
N GLU C 115 -15.80 70.90 -65.28
CA GLU C 115 -14.92 69.74 -65.19
C GLU C 115 -15.01 68.85 -66.42
N ASP C 116 -16.22 68.57 -66.90
CA ASP C 116 -16.39 67.72 -68.07
C ASP C 116 -15.87 68.38 -69.33
N ARG C 117 -16.10 69.69 -69.49
CA ARG C 117 -15.60 70.37 -70.68
C ARG C 117 -14.08 70.52 -70.63
N THR C 118 -13.51 70.56 -69.43
CA THR C 118 -12.06 70.57 -69.30
C THR C 118 -11.46 69.22 -69.68
N ILE C 119 -12.08 68.13 -69.24
CA ILE C 119 -11.59 66.79 -69.59
C ILE C 119 -11.72 66.54 -71.09
N PHE C 120 -12.85 66.90 -71.69
CA PHE C 120 -13.08 66.48 -73.07
C PHE C 120 -12.70 67.52 -74.12
N GLU C 121 -12.74 68.81 -73.79
CA GLU C 121 -12.41 69.85 -74.75
C GLU C 121 -11.17 70.65 -74.38
N GLY C 122 -10.60 70.37 -73.23
CA GLY C 122 -9.43 71.08 -72.80
C GLY C 122 -9.59 72.47 -72.25
N TYR C 123 -8.54 72.97 -71.62
CA TYR C 123 -8.54 74.30 -71.06
C TYR C 123 -7.14 74.74 -71.33
N SER C 124 -6.92 75.43 -72.43
CA SER C 124 -5.58 75.83 -72.83
C SER C 124 -4.83 76.70 -71.81
N ALA C 125 -5.51 77.61 -71.16
CA ALA C 125 -4.88 78.48 -70.17
C ALA C 125 -4.32 77.68 -69.01
N ALA C 126 -4.92 76.54 -68.69
CA ALA C 126 -4.41 75.64 -67.67
C ALA C 126 -3.51 74.56 -68.24
N SER C 127 -3.11 74.68 -69.51
CA SER C 127 -2.24 73.74 -70.23
C SER C 127 -2.82 72.33 -70.23
N ILE C 128 -4.12 72.22 -70.39
CA ILE C 128 -4.81 70.94 -70.46
C ILE C 128 -5.31 70.76 -71.88
N GLU C 129 -4.85 69.69 -72.52
CA GLU C 129 -5.34 69.31 -73.82
C GLU C 129 -6.52 68.38 -73.64
N GLY C 130 -7.60 68.64 -74.36
CA GLY C 130 -8.77 67.80 -74.27
C GLY C 130 -8.56 66.45 -74.94
N ILE C 131 -9.50 65.54 -74.67
CA ILE C 131 -9.50 64.24 -75.33
C ILE C 131 -9.73 64.40 -76.84
N ARG C 132 -10.57 65.37 -77.22
CA ARG C 132 -10.81 65.66 -78.63
C ARG C 132 -9.55 66.13 -79.34
N SER C 133 -8.78 67.01 -78.70
CA SER C 133 -7.56 67.51 -79.32
C SER C 133 -6.43 66.49 -79.27
N ALA C 134 -6.36 65.69 -78.22
CA ALA C 134 -5.27 64.71 -78.06
C ALA C 134 -5.54 63.41 -78.79
N SER C 135 -6.70 63.23 -79.40
CA SER C 135 -7.00 61.99 -80.11
C SER C 135 -6.23 61.97 -81.44
N SER C 136 -5.59 60.84 -81.72
CA SER C 136 -4.92 60.65 -83.01
C SER C 136 -5.81 59.97 -84.04
N ASN C 137 -6.91 59.37 -83.63
CA ASN C 137 -7.84 58.77 -84.57
C ASN C 137 -8.60 59.87 -85.32
N PRO C 138 -9.04 59.61 -86.55
CA PRO C 138 -9.74 60.63 -87.32
C PRO C 138 -11.08 61.02 -86.70
N ALA C 139 -11.44 62.28 -86.90
CA ALA C 139 -12.70 62.80 -86.41
C ALA C 139 -13.81 62.49 -87.40
N LEU C 140 -15.00 62.26 -86.87
CA LEU C 140 -16.15 61.89 -87.68
C LEU C 140 -17.23 62.94 -87.56
N THR C 141 -18.09 63.01 -88.56
CA THR C 141 -19.20 63.95 -88.58
C THR C 141 -20.49 63.22 -88.24
N LEU C 142 -21.23 63.72 -87.26
CA LEU C 142 -22.51 63.13 -86.91
C LEU C 142 -23.55 63.58 -87.91
N PRO C 143 -24.36 62.64 -88.42
CA PRO C 143 -25.37 62.97 -89.42
C PRO C 143 -26.57 63.71 -88.84
N GLU C 144 -27.36 64.33 -89.70
CA GLU C 144 -28.55 65.04 -89.24
C GLU C 144 -29.65 64.07 -88.78
N ASP C 145 -29.87 63.01 -89.54
CA ASP C 145 -30.88 62.03 -89.20
C ASP C 145 -30.41 61.18 -88.04
N PRO C 146 -31.16 61.11 -86.93
CA PRO C 146 -30.77 60.24 -85.82
C PRO C 146 -30.74 58.76 -86.16
N ARG C 147 -31.53 58.32 -87.15
CA ARG C 147 -31.50 56.92 -87.57
C ARG C 147 -30.18 56.54 -88.22
N GLU C 148 -29.42 57.53 -88.69
CA GLU C 148 -28.08 57.31 -89.21
C GLU C 148 -26.99 57.50 -88.16
N ILE C 149 -27.36 57.76 -86.91
CA ILE C 149 -26.34 57.86 -85.85
C ILE C 149 -25.59 56.51 -85.63
N PRO C 150 -26.33 55.40 -85.39
CA PRO C 150 -25.60 54.16 -85.09
C PRO C 150 -24.60 53.75 -86.18
N ASP C 151 -24.85 54.11 -87.44
CA ASP C 151 -23.91 53.78 -88.50
C ASP C 151 -22.57 54.46 -88.24
N VAL C 152 -22.58 55.78 -88.11
CA VAL C 152 -21.33 56.53 -87.89
C VAL C 152 -20.63 56.09 -86.61
N ILE C 153 -21.37 55.88 -85.54
CA ILE C 153 -20.80 55.36 -84.30
C ILE C 153 -20.05 54.06 -84.55
N SER C 154 -20.64 53.17 -85.37
CA SER C 154 -19.98 51.89 -85.72
C SER C 154 -18.66 52.15 -86.48
N GLN C 155 -18.61 53.18 -87.31
CA GLN C 155 -17.36 53.55 -87.98
C GLN C 155 -16.30 53.97 -86.98
N ALA C 156 -16.72 54.68 -85.92
CA ALA C 156 -15.81 55.00 -84.82
C ALA C 156 -15.31 53.75 -84.14
N LEU C 157 -16.20 52.76 -83.97
CA LEU C 157 -15.78 51.48 -83.42
C LEU C 157 -14.83 50.74 -84.35
N SER C 158 -14.88 51.05 -85.66
CA SER C 158 -13.88 50.50 -86.56
C SER C 158 -12.50 51.09 -86.27
N GLU C 159 -12.46 52.39 -85.96
CA GLU C 159 -11.18 53.08 -85.86
C GLU C 159 -10.39 52.63 -84.64
N LEU C 160 -11.05 52.51 -83.47
CA LEU C 160 -10.42 51.89 -82.31
C LEU C 160 -10.01 50.45 -82.57
N ARG C 161 -10.71 49.76 -83.46
CA ARG C 161 -10.27 48.43 -83.82
C ARG C 161 -9.06 48.49 -84.74
N LEU C 162 -8.99 49.50 -85.61
CA LEU C 162 -7.82 49.69 -86.45
C LEU C 162 -6.65 50.27 -85.68
N ALA C 163 -6.90 50.87 -84.52
CA ALA C 163 -5.85 51.38 -83.68
C ALA C 163 -5.23 50.30 -82.80
N GLY C 164 -5.75 49.08 -82.83
CA GLY C 164 -5.27 48.01 -81.96
C GLY C 164 -5.57 48.31 -80.51
N VAL C 165 -6.84 48.32 -80.14
CA VAL C 165 -7.22 48.65 -78.76
C VAL C 165 -8.28 47.69 -78.25
N ASP C 166 -8.11 47.20 -77.02
CA ASP C 166 -9.10 46.31 -76.42
C ASP C 166 -9.93 47.03 -75.37
N GLY C 167 -10.68 46.28 -74.57
CA GLY C 167 -11.45 46.88 -73.49
C GLY C 167 -12.89 47.23 -73.79
N PRO C 168 -13.70 47.45 -72.74
CA PRO C 168 -15.10 47.80 -72.93
C PRO C 168 -15.15 49.19 -73.54
N TYR C 169 -15.76 49.36 -74.70
CA TYR C 169 -15.87 50.70 -75.27
C TYR C 169 -17.09 51.46 -74.74
N SER C 170 -16.98 52.76 -74.53
CA SER C 170 -18.16 53.45 -74.03
C SER C 170 -18.48 54.67 -74.89
N VAL C 171 -19.76 54.96 -75.09
CA VAL C 171 -20.15 56.07 -75.95
C VAL C 171 -20.74 57.16 -75.07
N LEU C 172 -20.20 58.37 -75.22
CA LEU C 172 -20.70 59.51 -74.48
C LEU C 172 -21.33 60.45 -75.50
N LEU C 173 -22.52 60.94 -75.21
CA LEU C 173 -23.25 61.76 -76.15
C LEU C 173 -23.52 63.12 -75.54
N SER C 174 -23.53 64.15 -76.39
CA SER C 174 -24.02 65.44 -75.95
C SER C 174 -25.52 65.38 -75.70
N ALA C 175 -26.02 66.37 -74.97
CA ALA C 175 -27.42 66.41 -74.59
C ALA C 175 -28.35 66.50 -75.80
N ASP C 176 -27.93 67.24 -76.83
CA ASP C 176 -28.68 67.30 -78.08
C ASP C 176 -28.73 65.93 -78.76
N VAL C 177 -27.58 65.25 -78.83
CA VAL C 177 -27.51 63.95 -79.49
C VAL C 177 -28.22 62.89 -78.66
N TYR C 178 -28.08 62.95 -77.33
CA TYR C 178 -28.77 62.02 -76.44
C TYR C 178 -30.29 62.17 -76.54
N THR C 179 -30.77 63.41 -76.61
CA THR C 179 -32.19 63.66 -76.81
C THR C 179 -32.66 63.16 -78.17
N LYS C 180 -31.87 63.40 -79.22
CA LYS C 180 -32.24 62.94 -80.57
C LYS C 180 -32.32 61.43 -80.67
N VAL C 181 -31.36 60.71 -80.08
CA VAL C 181 -31.42 59.25 -80.15
C VAL C 181 -32.34 58.66 -79.09
N SER C 182 -32.79 59.46 -78.13
CA SER C 182 -33.77 59.00 -77.16
C SER C 182 -35.19 59.12 -77.68
N GLU C 183 -35.49 60.20 -78.40
CA GLU C 183 -36.86 60.49 -78.78
C GLU C 183 -37.25 59.89 -80.12
N THR C 184 -36.28 59.51 -80.94
CA THR C 184 -36.56 58.83 -82.19
C THR C 184 -36.57 57.33 -81.92
N SER C 185 -37.56 56.63 -82.47
CA SER C 185 -37.71 55.21 -82.21
C SER C 185 -37.78 54.44 -83.52
N ASP C 186 -37.30 53.20 -83.46
CA ASP C 186 -37.36 52.28 -84.60
C ASP C 186 -37.65 50.90 -84.08
N HIS C 187 -38.77 50.31 -84.52
CA HIS C 187 -39.20 48.95 -84.21
C HIS C 187 -39.32 48.71 -82.70
N GLY C 188 -39.96 49.65 -82.01
CA GLY C 188 -40.26 49.49 -80.61
C GLY C 188 -39.13 49.82 -79.66
N TYR C 189 -38.01 50.30 -80.17
CA TYR C 189 -36.92 50.75 -79.31
C TYR C 189 -36.43 52.10 -79.80
N PRO C 190 -36.01 52.97 -78.88
CA PRO C 190 -35.31 54.18 -79.30
C PRO C 190 -33.92 53.85 -79.82
N ILE C 191 -33.35 54.81 -80.54
CA ILE C 191 -32.04 54.62 -81.16
C ILE C 191 -30.94 54.47 -80.11
N ARG C 192 -31.18 54.97 -78.88
CA ARG C 192 -30.27 54.76 -77.77
C ARG C 192 -30.06 53.28 -77.47
N GLU C 193 -31.12 52.47 -77.58
CA GLU C 193 -30.98 51.03 -77.43
C GLU C 193 -30.16 50.43 -78.56
N HIS C 194 -30.32 50.93 -79.78
CA HIS C 194 -29.50 50.49 -80.91
C HIS C 194 -28.03 50.79 -80.67
N LEU C 195 -27.73 51.94 -80.06
CA LEU C 195 -26.37 52.23 -79.66
C LEU C 195 -25.90 51.30 -78.56
N ASN C 196 -26.79 50.94 -77.64
CA ASN C 196 -26.45 50.04 -76.55
C ASN C 196 -26.09 48.64 -77.05
N ARG C 197 -26.68 48.22 -78.18
CA ARG C 197 -26.34 46.91 -78.72
C ARG C 197 -24.93 46.86 -79.33
N LEU C 198 -24.42 47.99 -79.81
CA LEU C 198 -23.09 48.04 -80.47
C LEU C 198 -21.92 47.90 -79.48
N VAL C 199 -22.09 48.30 -78.22
CA VAL C 199 -20.93 48.31 -77.28
C VAL C 199 -21.17 47.47 -76.04
N ASP C 200 -20.09 47.09 -75.36
CA ASP C 200 -20.20 46.30 -74.11
C ASP C 200 -20.00 47.25 -72.95
N GLY C 201 -19.92 48.55 -73.24
CA GLY C 201 -19.77 49.56 -72.19
C GLY C 201 -21.10 50.19 -71.88
N ASP C 202 -21.21 51.52 -71.95
CA ASP C 202 -22.48 52.17 -71.55
C ASP C 202 -22.78 53.39 -72.41
N ILE C 203 -24.06 53.61 -72.73
CA ILE C 203 -24.39 54.89 -73.40
C ILE C 203 -24.48 55.87 -72.24
N ILE C 204 -23.67 56.92 -72.26
CA ILE C 204 -23.54 57.83 -71.13
C ILE C 204 -24.02 59.21 -71.56
N TRP C 205 -24.96 59.76 -70.79
CA TRP C 205 -25.42 61.12 -71.01
C TRP C 205 -24.34 62.09 -70.56
N ALA C 206 -23.89 62.95 -71.47
CA ALA C 206 -22.82 63.91 -71.20
C ALA C 206 -23.27 65.29 -71.64
N PRO C 207 -24.05 65.99 -70.81
CA PRO C 207 -24.65 67.25 -71.23
C PRO C 207 -23.66 68.40 -71.42
N ALA C 208 -22.43 68.31 -70.93
CA ALA C 208 -21.50 69.42 -71.09
C ALA C 208 -20.77 69.40 -72.42
N ILE C 209 -20.52 68.22 -72.99
CA ILE C 209 -19.69 68.08 -74.18
C ILE C 209 -20.44 68.51 -75.43
N ASP C 210 -19.70 68.69 -76.51
CA ASP C 210 -20.25 68.80 -77.85
C ASP C 210 -20.02 67.50 -78.59
N GLY C 211 -20.90 67.22 -79.55
CA GLY C 211 -20.78 66.03 -80.36
C GLY C 211 -20.86 64.73 -79.60
N ALA C 212 -19.92 63.84 -79.87
CA ALA C 212 -19.93 62.54 -79.21
C ALA C 212 -18.51 62.04 -79.04
N PHE C 213 -18.34 61.07 -78.15
CA PHE C 213 -17.01 60.50 -77.93
C PHE C 213 -17.16 59.00 -77.75
N VAL C 214 -16.36 58.22 -78.47
CA VAL C 214 -16.37 56.76 -78.25
C VAL C 214 -14.99 56.44 -77.72
N LEU C 215 -14.91 55.62 -76.67
CA LEU C 215 -13.56 55.40 -76.11
C LEU C 215 -13.54 54.13 -75.26
N THR C 216 -12.35 53.61 -75.03
CA THR C 216 -12.15 52.42 -74.23
C THR C 216 -12.03 52.76 -72.74
N THR C 217 -12.54 51.87 -71.90
CA THR C 217 -12.44 52.06 -70.46
C THR C 217 -11.61 50.94 -69.86
N ARG C 218 -10.61 50.49 -70.60
CA ARG C 218 -9.75 49.42 -70.11
C ARG C 218 -8.87 49.87 -68.95
N GLY C 219 -8.63 51.17 -68.82
CA GLY C 219 -7.81 51.65 -67.73
C GLY C 219 -6.47 52.16 -68.22
N GLY C 220 -5.89 53.09 -67.48
CA GLY C 220 -4.56 53.57 -67.73
C GLY C 220 -4.39 54.46 -68.93
N ASP C 221 -5.48 54.93 -69.55
CA ASP C 221 -5.35 55.76 -70.75
C ASP C 221 -5.64 57.21 -70.44
N PHE C 222 -6.57 57.47 -69.52
CA PHE C 222 -7.06 58.81 -69.22
C PHE C 222 -7.00 58.98 -67.72
N ASP C 223 -6.39 60.06 -67.24
CA ASP C 223 -6.10 60.19 -65.82
C ASP C 223 -6.51 61.58 -65.36
N LEU C 224 -7.47 61.64 -64.44
CA LEU C 224 -7.85 62.88 -63.80
C LEU C 224 -7.14 62.96 -62.45
N GLN C 225 -6.32 63.98 -62.28
CA GLN C 225 -5.60 64.16 -61.02
C GLN C 225 -6.26 65.22 -60.17
N LEU C 226 -6.62 64.82 -58.97
CA LEU C 226 -7.25 65.73 -58.04
C LEU C 226 -6.36 66.11 -56.92
N GLY C 227 -6.20 67.40 -56.65
CA GLY C 227 -5.49 67.78 -55.44
C GLY C 227 -6.50 67.65 -54.34
N THR C 228 -7.62 68.36 -54.51
CA THR C 228 -8.74 68.26 -53.54
C THR C 228 -10.04 68.07 -54.32
N ASP C 229 -10.91 67.17 -53.83
CA ASP C 229 -12.22 66.93 -54.49
C ASP C 229 -13.16 68.10 -54.22
N VAL C 230 -14.40 68.01 -54.69
CA VAL C 230 -15.40 69.11 -54.53
C VAL C 230 -15.68 69.40 -53.06
N ALA C 231 -15.57 70.67 -52.68
CA ALA C 231 -15.83 71.09 -51.31
C ALA C 231 -16.65 72.37 -51.33
N ILE C 232 -17.38 72.61 -50.25
CA ILE C 232 -18.20 73.81 -50.14
C ILE C 232 -17.54 74.73 -49.11
N GLY C 233 -17.29 75.99 -49.51
CA GLY C 233 -16.63 76.94 -48.66
C GLY C 233 -17.46 78.22 -48.48
N TYR C 234 -17.12 78.96 -47.44
CA TYR C 234 -17.86 80.14 -47.04
C TYR C 234 -17.08 81.41 -47.40
N ALA C 235 -17.74 82.33 -48.10
CA ALA C 235 -17.07 83.58 -48.52
C ALA C 235 -17.44 84.72 -47.58
N SER C 236 -18.71 85.14 -47.58
CA SER C 236 -19.18 86.25 -46.77
C SER C 236 -20.69 86.17 -46.59
N HIS C 237 -21.25 87.01 -45.71
CA HIS C 237 -22.71 86.97 -45.43
C HIS C 237 -23.26 88.34 -45.06
N ASP C 238 -24.56 88.56 -45.25
CA ASP C 238 -25.21 89.82 -44.82
C ASP C 238 -26.47 89.41 -44.06
N THR C 239 -27.40 90.32 -43.84
CA THR C 239 -28.63 90.00 -43.08
C THR C 239 -29.51 89.07 -43.90
N ASP C 240 -29.45 89.16 -45.22
CA ASP C 240 -30.38 88.39 -46.02
C ASP C 240 -29.78 87.13 -46.65
N THR C 241 -28.49 87.13 -46.98
CA THR C 241 -27.94 86.08 -47.82
C THR C 241 -26.60 85.60 -47.29
N VAL C 242 -26.24 84.39 -47.68
CA VAL C 242 -24.92 83.83 -47.43
C VAL C 242 -24.28 83.52 -48.78
N ARG C 243 -23.10 84.09 -49.01
CA ARG C 243 -22.30 83.75 -50.19
C ARG C 243 -21.39 82.58 -49.87
N LEU C 244 -21.52 81.51 -50.65
CA LEU C 244 -20.65 80.36 -50.49
C LEU C 244 -20.06 80.04 -51.85
N TYR C 245 -19.29 78.95 -51.95
CA TYR C 245 -18.73 78.54 -53.22
C TYR C 245 -18.55 77.02 -53.23
N LEU C 246 -18.51 76.49 -54.44
CA LEU C 246 -18.07 75.12 -54.69
C LEU C 246 -16.66 75.21 -55.25
N GLN C 247 -15.80 74.29 -54.85
CA GLN C 247 -14.40 74.44 -55.22
C GLN C 247 -13.77 73.07 -55.40
N GLU C 248 -12.97 72.95 -56.46
CA GLU C 248 -12.21 71.73 -56.68
C GLU C 248 -10.95 72.08 -57.46
N THR C 249 -9.87 71.35 -57.19
CA THR C 249 -8.62 71.60 -57.90
C THR C 249 -8.12 70.32 -58.57
N LEU C 250 -7.75 70.44 -59.83
CA LEU C 250 -7.51 69.27 -60.67
C LEU C 250 -6.63 69.61 -61.87
N THR C 251 -6.12 68.55 -62.50
CA THR C 251 -5.62 68.61 -63.86
C THR C 251 -6.04 67.31 -64.55
N PHE C 252 -5.94 67.30 -65.87
CA PHE C 252 -6.27 66.10 -66.63
C PHE C 252 -5.14 65.75 -67.59
N LEU C 253 -4.82 64.46 -67.67
CA LEU C 253 -3.77 63.94 -68.51
C LEU C 253 -4.35 62.86 -69.42
N CYS C 254 -3.99 62.90 -70.68
CA CYS C 254 -4.30 61.81 -71.61
C CYS C 254 -2.98 61.15 -72.02
N TYR C 255 -2.79 59.90 -71.60
CA TYR C 255 -1.57 59.18 -71.90
C TYR C 255 -1.61 58.47 -73.24
N THR C 256 -2.78 58.10 -73.72
CA THR C 256 -2.92 57.24 -74.89
C THR C 256 -3.72 57.99 -75.95
N ALA C 257 -3.05 58.37 -77.03
CA ALA C 257 -3.67 59.22 -78.04
C ALA C 257 -4.69 58.49 -78.88
N GLU C 258 -4.55 57.18 -79.05
CA GLU C 258 -5.37 56.43 -79.99
C GLU C 258 -6.53 55.72 -79.31
N ALA C 259 -6.83 56.05 -78.06
CA ALA C 259 -7.86 55.37 -77.31
C ALA C 259 -9.24 56.03 -77.42
N SER C 260 -9.43 56.95 -78.36
CA SER C 260 -10.70 57.66 -78.43
C SER C 260 -10.97 58.17 -79.84
N VAL C 261 -12.26 58.34 -80.15
CA VAL C 261 -12.74 58.98 -81.36
C VAL C 261 -13.71 60.10 -80.96
N ALA C 262 -13.48 61.29 -81.49
CA ALA C 262 -14.35 62.44 -81.29
C ALA C 262 -15.26 62.64 -82.50
N LEU C 263 -16.47 63.05 -82.23
CA LEU C 263 -17.44 63.27 -83.28
C LEU C 263 -17.99 64.68 -83.12
N SER C 264 -18.31 65.33 -84.23
CA SER C 264 -18.82 66.69 -84.21
C SER C 264 -19.99 66.80 -85.17
N HIS C 265 -20.67 67.95 -85.12
CA HIS C 265 -21.80 68.20 -86.00
C HIS C 265 -21.38 68.91 -87.27
N MET D 1 -68.93 39.13 -32.20
CA MET D 1 -70.27 38.68 -31.88
C MET D 1 -70.83 37.74 -32.94
N ASN D 2 -72.04 37.22 -32.69
CA ASN D 2 -72.68 36.29 -33.64
C ASN D 2 -74.02 36.81 -34.15
N ASN D 3 -74.86 35.92 -34.69
CA ASN D 3 -76.15 36.34 -35.21
C ASN D 3 -77.16 36.68 -34.10
N LEU D 4 -77.00 36.14 -32.90
CA LEU D 4 -77.85 36.54 -31.77
C LEU D 4 -77.72 38.01 -31.40
N TYR D 5 -76.56 38.63 -31.69
CA TYR D 5 -76.34 40.04 -31.33
C TYR D 5 -76.71 40.31 -29.88
N ARG D 6 -76.26 39.41 -29.01
CA ARG D 6 -76.74 39.37 -27.63
C ARG D 6 -76.22 40.55 -26.82
N ASP D 7 -74.99 40.99 -27.09
CA ASP D 7 -74.41 42.12 -26.36
C ASP D 7 -75.05 43.45 -26.73
N LEU D 8 -75.79 43.51 -27.83
CA LEU D 8 -76.47 44.73 -28.19
C LEU D 8 -77.78 44.91 -27.43
N ALA D 9 -78.29 43.85 -26.82
CA ALA D 9 -79.56 43.93 -26.11
C ALA D 9 -79.39 44.68 -24.79
N PRO D 10 -80.30 45.58 -24.44
CA PRO D 10 -80.24 46.25 -23.12
C PRO D 10 -80.80 45.35 -22.01
N VAL D 11 -80.09 44.25 -21.77
CA VAL D 11 -80.47 43.25 -20.79
C VAL D 11 -79.25 43.01 -19.91
N THR D 12 -79.46 43.08 -18.60
CA THR D 12 -78.35 42.88 -17.69
C THR D 12 -78.00 41.40 -17.58
N GLU D 13 -76.86 41.13 -16.95
CA GLU D 13 -76.38 39.75 -16.81
C GLU D 13 -77.30 38.90 -15.95
N ALA D 14 -77.78 39.47 -14.84
CA ALA D 14 -78.70 38.74 -13.96
C ALA D 14 -80.04 38.50 -14.64
N ALA D 15 -80.53 39.50 -15.36
CA ALA D 15 -81.75 39.33 -16.13
C ALA D 15 -81.57 38.29 -17.23
N TRP D 16 -80.40 38.25 -17.86
CA TRP D 16 -80.11 37.23 -18.87
C TRP D 16 -80.14 35.84 -18.26
N ALA D 17 -79.54 35.66 -17.08
CA ALA D 17 -79.56 34.37 -16.42
C ALA D 17 -80.97 33.92 -16.06
N GLU D 18 -81.81 34.86 -15.59
CA GLU D 18 -83.19 34.50 -15.30
C GLU D 18 -83.98 34.14 -16.56
N ILE D 19 -83.75 34.85 -17.66
CA ILE D 19 -84.44 34.56 -18.92
C ILE D 19 -84.01 33.20 -19.47
N GLU D 20 -82.70 32.89 -19.42
CA GLU D 20 -82.20 31.61 -19.89
C GLU D 20 -82.77 30.46 -19.06
N LEU D 21 -82.82 30.64 -17.74
CA LEU D 21 -83.37 29.62 -16.85
C LEU D 21 -84.85 29.39 -17.12
N GLU D 22 -85.62 30.46 -17.28
CA GLU D 22 -87.05 30.34 -17.53
C GLU D 22 -87.34 29.66 -18.86
N ALA D 23 -86.61 30.04 -19.91
CA ALA D 23 -86.81 29.46 -21.23
C ALA D 23 -86.42 28.00 -21.27
N ALA D 24 -85.28 27.64 -20.67
CA ALA D 24 -84.83 26.26 -20.66
C ALA D 24 -85.78 25.37 -19.86
N ARG D 25 -86.23 25.87 -18.72
CA ARG D 25 -87.17 25.11 -17.89
C ARG D 25 -88.49 24.86 -18.60
N THR D 26 -89.09 25.91 -19.14
CA THR D 26 -90.41 25.77 -19.77
C THR D 26 -90.33 24.88 -21.02
N PHE D 27 -89.23 24.98 -21.76
CA PHE D 27 -89.03 24.14 -22.94
C PHE D 27 -88.94 22.65 -22.62
N LYS D 28 -88.06 22.27 -21.69
CA LYS D 28 -87.92 20.86 -21.30
C LYS D 28 -89.25 20.26 -20.86
N ARG D 29 -89.99 20.97 -20.03
CA ARG D 29 -91.26 20.49 -19.54
C ARG D 29 -92.22 20.19 -20.66
N HIS D 30 -92.16 20.97 -21.72
CA HIS D 30 -93.13 20.78 -22.81
C HIS D 30 -92.55 19.94 -23.95
N ILE D 31 -91.31 19.48 -23.83
CA ILE D 31 -90.84 18.58 -24.89
C ILE D 31 -91.11 17.13 -24.52
N ALA D 32 -91.79 16.42 -25.41
CA ALA D 32 -91.94 14.98 -25.32
C ALA D 32 -91.10 14.25 -26.36
N GLY D 33 -90.85 14.93 -27.49
CA GLY D 33 -90.23 14.27 -28.63
C GLY D 33 -88.78 13.86 -28.40
N ARG D 34 -88.01 14.70 -27.71
CA ARG D 34 -86.59 14.41 -27.49
C ARG D 34 -86.39 13.28 -26.50
N ARG D 35 -87.40 12.95 -25.70
CA ARG D 35 -87.28 11.83 -24.77
C ARG D 35 -87.32 10.47 -25.47
N VAL D 36 -87.86 10.40 -26.68
CA VAL D 36 -88.03 9.13 -27.37
C VAL D 36 -87.20 9.00 -28.63
N VAL D 37 -86.79 10.09 -29.27
CA VAL D 37 -86.09 10.00 -30.54
C VAL D 37 -84.60 10.17 -30.27
N ASP D 38 -83.79 9.74 -31.23
CA ASP D 38 -82.37 10.01 -31.17
C ASP D 38 -82.13 11.46 -31.56
N VAL D 39 -81.35 12.16 -30.74
CA VAL D 39 -81.06 13.57 -30.94
C VAL D 39 -79.59 13.70 -31.23
N SER D 40 -79.26 14.25 -32.39
CA SER D 40 -77.88 14.37 -32.81
C SER D 40 -77.20 15.51 -32.06
N ASP D 41 -75.88 15.56 -32.17
CA ASP D 41 -75.16 16.74 -31.75
C ASP D 41 -75.47 17.89 -32.71
N PRO D 42 -75.39 19.14 -32.26
CA PRO D 42 -75.55 20.28 -33.17
C PRO D 42 -74.49 20.32 -34.24
N GLY D 43 -74.93 20.34 -35.50
CA GLY D 43 -74.01 20.42 -36.62
C GLY D 43 -73.27 21.74 -36.67
N GLY D 44 -73.95 22.81 -36.33
CA GLY D 44 -73.34 24.11 -36.41
C GLY D 44 -74.12 25.01 -37.34
N PRO D 45 -73.78 26.29 -37.39
CA PRO D 45 -74.53 27.24 -38.22
C PRO D 45 -74.42 26.97 -39.72
N VAL D 46 -73.32 26.36 -40.18
CA VAL D 46 -73.12 26.21 -41.61
C VAL D 46 -73.90 25.02 -42.14
N THR D 47 -74.35 24.14 -41.26
CA THR D 47 -75.04 22.92 -41.67
C THR D 47 -76.41 23.25 -42.25
N ALA D 48 -76.67 22.75 -43.45
CA ALA D 48 -77.86 23.17 -44.17
C ALA D 48 -78.75 22.01 -44.58
N ALA D 49 -78.18 20.82 -44.74
CA ALA D 49 -78.94 19.68 -45.21
C ALA D 49 -78.34 18.40 -44.65
N VAL D 50 -79.17 17.37 -44.61
CA VAL D 50 -78.76 16.04 -44.18
C VAL D 50 -78.85 15.12 -45.37
N SER D 51 -77.76 14.41 -45.66
CA SER D 51 -77.74 13.44 -46.73
C SER D 51 -78.60 12.24 -46.38
N THR D 52 -79.45 11.83 -47.32
CA THR D 52 -80.22 10.59 -47.16
C THR D 52 -79.53 9.39 -47.78
N GLY D 53 -78.55 9.64 -48.65
CA GLY D 53 -77.80 8.55 -49.28
C GLY D 53 -78.52 7.99 -50.49
N ARG D 54 -79.64 8.59 -50.90
CA ARG D 54 -80.35 8.11 -52.12
C ARG D 54 -79.91 8.89 -53.36
N LEU D 55 -80.37 8.50 -54.54
CA LEU D 55 -79.94 9.13 -55.82
C LEU D 55 -81.18 9.46 -56.67
N ILE D 56 -81.14 10.57 -57.40
CA ILE D 56 -82.27 11.00 -58.23
C ILE D 56 -81.85 11.07 -59.70
N ASP D 57 -82.52 10.30 -60.55
CA ASP D 57 -82.22 10.30 -61.99
C ASP D 57 -82.44 11.65 -62.64
N VAL D 58 -81.41 12.19 -63.29
CA VAL D 58 -81.58 13.45 -64.02
C VAL D 58 -81.28 13.28 -65.51
N LYS D 59 -81.84 14.17 -66.33
CA LYS D 59 -81.62 14.09 -67.78
C LYS D 59 -80.14 14.09 -68.13
N ALA D 60 -79.67 13.01 -68.74
CA ALA D 60 -78.26 12.88 -69.12
C ALA D 60 -77.65 14.15 -69.71
N PRO D 61 -76.52 14.60 -69.15
CA PRO D 61 -75.85 15.81 -69.67
C PRO D 61 -75.48 15.60 -71.12
N THR D 62 -74.76 14.53 -71.41
CA THR D 62 -74.39 14.21 -72.79
C THR D 62 -74.56 12.72 -73.06
N ASN D 63 -74.20 12.31 -74.27
CA ASN D 63 -74.31 10.89 -74.64
C ASN D 63 -73.31 10.06 -73.86
N GLY D 64 -73.78 8.94 -73.31
CA GLY D 64 -72.90 8.05 -72.56
C GLY D 64 -72.59 8.51 -71.15
N VAL D 65 -73.25 9.58 -70.69
CA VAL D 65 -73.04 10.06 -69.35
C VAL D 65 -74.27 9.74 -68.54
N ILE D 66 -74.07 9.19 -67.36
CA ILE D 66 -75.19 8.86 -66.50
C ILE D 66 -75.07 9.75 -65.30
N ALA D 67 -76.09 10.55 -65.07
CA ALA D 67 -76.04 11.51 -63.96
C ALA D 67 -77.08 11.26 -62.91
N HIS D 68 -76.70 11.49 -61.68
CA HIS D 68 -77.64 11.35 -60.60
C HIS D 68 -77.45 12.43 -59.57
N LEU D 69 -78.53 13.03 -59.13
CA LEU D 69 -78.48 14.01 -58.06
C LEU D 69 -78.50 13.32 -56.71
N ARG D 70 -77.66 13.80 -55.79
CA ARG D 70 -77.73 13.31 -54.42
C ARG D 70 -78.95 13.90 -53.72
N ALA D 71 -79.72 13.03 -53.08
CA ALA D 71 -80.89 13.46 -52.32
C ALA D 71 -80.48 13.94 -50.93
N SER D 72 -81.24 14.90 -50.40
CA SER D 72 -80.96 15.43 -49.09
C SER D 72 -82.24 16.01 -48.51
N LYS D 73 -82.20 16.31 -47.21
CA LYS D 73 -83.29 16.93 -46.49
C LYS D 73 -82.84 18.28 -45.97
N PRO D 74 -83.55 19.36 -46.28
CA PRO D 74 -83.15 20.68 -45.77
C PRO D 74 -83.51 20.87 -44.31
N LEU D 75 -82.65 21.57 -43.58
CA LEU D 75 -83.02 22.06 -42.26
C LEU D 75 -84.01 23.21 -42.37
N VAL D 76 -84.82 23.38 -41.34
CA VAL D 76 -85.70 24.53 -41.22
C VAL D 76 -85.30 25.27 -39.95
N ARG D 77 -85.21 26.59 -40.05
CA ARG D 77 -84.97 27.43 -38.90
C ARG D 77 -86.31 27.98 -38.41
N LEU D 78 -86.59 27.75 -37.13
CA LEU D 78 -87.85 28.09 -36.50
C LEU D 78 -87.56 29.19 -35.49
N ARG D 79 -88.25 30.31 -35.63
CA ARG D 79 -88.03 31.49 -34.81
C ARG D 79 -89.35 31.94 -34.21
N VAL D 80 -89.36 32.13 -32.90
CA VAL D 80 -90.51 32.62 -32.16
C VAL D 80 -90.11 33.93 -31.49
N PRO D 81 -90.54 35.06 -32.03
CA PRO D 81 -90.26 36.34 -31.35
C PRO D 81 -91.13 36.52 -30.13
N PHE D 82 -90.60 37.29 -29.17
CA PHE D 82 -91.34 37.65 -27.97
C PHE D 82 -90.84 38.99 -27.47
N THR D 83 -91.63 39.62 -26.61
CA THR D 83 -91.43 41.00 -26.20
C THR D 83 -91.39 41.11 -24.68
N LEU D 84 -90.34 41.71 -24.16
CA LEU D 84 -90.18 41.85 -22.72
C LEU D 84 -90.26 43.31 -22.30
N SER D 85 -90.91 43.55 -21.17
CA SER D 85 -90.91 44.86 -20.55
C SER D 85 -89.53 45.18 -19.99
N ARG D 86 -89.04 46.39 -20.27
CA ARG D 86 -87.74 46.80 -19.76
C ARG D 86 -87.77 47.10 -18.26
N ASN D 87 -88.94 47.46 -17.73
CA ASN D 87 -89.09 47.63 -16.29
C ASN D 87 -88.88 46.31 -15.55
N GLU D 88 -89.43 45.21 -16.08
CA GLU D 88 -89.22 43.90 -15.49
C GLU D 88 -87.76 43.49 -15.55
N ILE D 89 -87.07 43.84 -16.63
CA ILE D 89 -85.65 43.57 -16.77
C ILE D 89 -84.85 44.36 -15.73
N ASP D 90 -85.18 45.64 -15.56
CA ASP D 90 -84.51 46.49 -14.59
C ASP D 90 -84.78 46.08 -13.15
N ASP D 91 -85.92 45.44 -12.89
CA ASP D 91 -86.26 44.97 -11.56
C ASP D 91 -85.30 43.91 -11.04
N VAL D 92 -84.66 43.15 -11.93
CA VAL D 92 -83.89 41.98 -11.52
C VAL D 92 -82.63 42.38 -10.76
N GLU D 93 -81.96 43.44 -11.21
CA GLU D 93 -80.72 43.87 -10.50
C GLU D 93 -81.08 44.44 -9.12
N ARG D 94 -82.23 45.09 -9.00
CA ARG D 94 -82.67 45.58 -7.70
C ARG D 94 -83.07 44.48 -6.74
N GLY D 95 -83.17 43.23 -7.20
CA GLY D 95 -83.45 42.11 -6.34
C GLY D 95 -84.85 41.55 -6.43
N SER D 96 -85.63 41.95 -7.42
CA SER D 96 -86.94 41.35 -7.63
C SER D 96 -86.80 39.90 -8.06
N LYS D 97 -87.72 39.06 -7.59
CA LYS D 97 -87.74 37.65 -7.94
C LYS D 97 -89.07 37.24 -8.54
N ASP D 98 -89.90 38.20 -8.89
CA ASP D 98 -91.20 37.91 -9.53
C ASP D 98 -91.35 38.66 -10.85
N SER D 99 -90.24 38.92 -11.53
CA SER D 99 -90.27 39.62 -12.80
C SER D 99 -91.08 38.82 -13.83
N ASP D 100 -91.87 39.54 -14.61
CA ASP D 100 -92.82 38.93 -15.52
C ASP D 100 -92.13 38.27 -16.71
N TRP D 101 -91.92 36.97 -16.63
CA TRP D 101 -91.29 36.25 -17.73
C TRP D 101 -92.32 35.44 -18.48
N GLU D 102 -93.57 35.87 -18.43
CA GLU D 102 -94.63 35.19 -19.18
C GLU D 102 -94.38 35.13 -20.70
N PRO D 103 -93.88 36.23 -21.32
CA PRO D 103 -93.63 36.10 -22.77
C PRO D 103 -92.55 35.06 -23.04
N VAL D 104 -91.50 35.00 -22.22
CA VAL D 104 -90.50 33.97 -22.39
C VAL D 104 -91.12 32.58 -22.28
N LYS D 105 -92.01 32.39 -21.32
CA LYS D 105 -92.67 31.10 -21.14
C LYS D 105 -93.59 30.77 -22.32
N GLU D 106 -94.31 31.77 -22.84
CA GLU D 106 -95.17 31.54 -23.99
C GLU D 106 -94.36 31.25 -25.24
N ALA D 107 -93.22 31.92 -25.42
CA ALA D 107 -92.35 31.63 -26.56
C ALA D 107 -91.74 30.23 -26.46
N ALA D 108 -91.32 29.82 -25.27
CA ALA D 108 -90.76 28.49 -25.09
C ALA D 108 -91.81 27.41 -25.30
N LYS D 109 -93.03 27.65 -24.82
CA LYS D 109 -94.12 26.71 -25.03
C LYS D 109 -94.48 26.61 -26.50
N LYS D 110 -94.47 27.74 -27.22
CA LYS D 110 -94.82 27.71 -28.64
C LYS D 110 -93.74 27.04 -29.47
N LEU D 111 -92.46 27.29 -29.13
CA LEU D 111 -91.33 26.64 -29.85
C LEU D 111 -91.40 25.12 -29.60
N ALA D 112 -91.60 24.72 -28.33
CA ALA D 112 -91.71 23.31 -28.01
C ALA D 112 -92.88 22.64 -28.74
N PHE D 113 -94.01 23.35 -28.84
CA PHE D 113 -95.17 22.82 -29.54
C PHE D 113 -94.88 22.66 -31.03
N VAL D 114 -94.19 23.62 -31.63
CA VAL D 114 -93.84 23.49 -33.03
C VAL D 114 -92.93 22.29 -33.23
N GLU D 115 -91.87 22.19 -32.43
CA GLU D 115 -90.92 21.09 -32.60
C GLU D 115 -91.61 19.72 -32.45
N ASP D 116 -92.46 19.56 -31.44
CA ASP D 116 -93.14 18.30 -31.23
C ASP D 116 -94.15 18.00 -32.33
N ARG D 117 -94.89 19.02 -32.79
CA ARG D 117 -95.84 18.80 -33.87
C ARG D 117 -95.13 18.53 -35.20
N THR D 118 -93.91 19.06 -35.36
CA THR D 118 -93.13 18.76 -36.53
C THR D 118 -92.63 17.32 -36.51
N ILE D 119 -92.17 16.85 -35.36
CA ILE D 119 -91.70 15.47 -35.24
C ILE D 119 -92.85 14.48 -35.43
N PHE D 120 -94.01 14.74 -34.83
CA PHE D 120 -95.06 13.72 -34.83
C PHE D 120 -96.10 13.89 -35.93
N GLU D 121 -96.34 15.10 -36.42
CA GLU D 121 -97.34 15.33 -37.45
C GLU D 121 -96.75 15.84 -38.75
N GLY D 122 -95.46 16.08 -38.77
CA GLY D 122 -94.83 16.58 -39.97
C GLY D 122 -95.00 18.02 -40.34
N TYR D 123 -94.18 18.48 -41.26
CA TYR D 123 -94.25 19.85 -41.73
C TYR D 123 -93.94 19.68 -43.18
N SER D 124 -94.98 19.58 -44.00
CA SER D 124 -94.81 19.33 -45.42
C SER D 124 -93.97 20.37 -46.18
N ALA D 125 -94.13 21.63 -45.85
CA ALA D 125 -93.36 22.70 -46.50
C ALA D 125 -91.87 22.54 -46.27
N ALA D 126 -91.48 21.96 -45.14
CA ALA D 126 -90.09 21.66 -44.86
C ALA D 126 -89.69 20.25 -45.27
N SER D 127 -90.56 19.55 -46.02
CA SER D 127 -90.35 18.18 -46.51
C SER D 127 -90.11 17.20 -45.36
N ILE D 128 -90.81 17.39 -44.27
CA ILE D 128 -90.71 16.51 -43.10
C ILE D 128 -92.00 15.72 -43.00
N GLU D 129 -91.88 14.41 -43.07
CA GLU D 129 -93.01 13.52 -42.85
C GLU D 129 -93.08 13.19 -41.37
N GLY D 130 -94.27 13.29 -40.79
CA GLY D 130 -94.43 12.98 -39.39
C GLY D 130 -94.36 11.49 -39.13
N ILE D 131 -94.24 11.16 -37.84
CA ILE D 131 -94.29 9.76 -37.41
C ILE D 131 -95.64 9.15 -37.73
N ARG D 132 -96.72 9.93 -37.59
CA ARG D 132 -98.05 9.45 -37.91
C ARG D 132 -98.18 9.11 -39.39
N SER D 133 -97.65 9.95 -40.26
CA SER D 133 -97.74 9.69 -41.69
C SER D 133 -96.78 8.61 -42.15
N ALA D 134 -95.60 8.52 -41.52
CA ALA D 134 -94.59 7.55 -41.94
C ALA D 134 -94.80 6.18 -41.31
N SER D 135 -95.77 6.01 -40.43
CA SER D 135 -96.01 4.72 -39.80
C SER D 135 -96.69 3.78 -40.79
N SER D 136 -96.18 2.55 -40.89
CA SER D 136 -96.79 1.53 -41.72
C SER D 136 -97.78 0.66 -40.96
N ASN D 137 -97.76 0.69 -39.63
CA ASN D 137 -98.73 -0.04 -38.83
C ASN D 137 -100.10 0.63 -38.93
N PRO D 138 -101.18 -0.14 -38.78
CA PRO D 138 -102.52 0.45 -38.90
C PRO D 138 -102.82 1.45 -37.79
N ALA D 139 -103.62 2.44 -38.14
CA ALA D 139 -104.03 3.46 -37.19
C ALA D 139 -105.24 2.97 -36.39
N LEU D 140 -105.30 3.38 -35.13
CA LEU D 140 -106.35 2.96 -34.23
C LEU D 140 -107.17 4.16 -33.79
N THR D 141 -108.40 3.89 -33.38
CA THR D 141 -109.31 4.93 -32.90
C THR D 141 -109.38 4.86 -31.38
N LEU D 142 -109.15 5.99 -30.72
CA LEU D 142 -109.26 6.05 -29.27
C LEU D 142 -110.73 6.14 -28.89
N PRO D 143 -111.15 5.33 -27.92
CA PRO D 143 -112.57 5.32 -27.52
C PRO D 143 -112.96 6.54 -26.69
N GLU D 144 -114.25 6.78 -26.56
CA GLU D 144 -114.72 7.92 -25.77
C GLU D 144 -114.52 7.67 -24.28
N ASP D 145 -114.82 6.48 -23.81
CA ASP D 145 -114.68 6.15 -22.40
C ASP D 145 -113.20 5.98 -22.07
N PRO D 146 -112.67 6.72 -21.10
CA PRO D 146 -111.26 6.52 -20.71
C PRO D 146 -110.97 5.15 -20.12
N ARG D 147 -111.95 4.47 -19.53
CA ARG D 147 -111.75 3.12 -19.02
C ARG D 147 -111.48 2.12 -20.14
N GLU D 148 -111.86 2.44 -21.37
CA GLU D 148 -111.55 1.64 -22.53
C GLU D 148 -110.26 2.07 -23.23
N ILE D 149 -109.55 3.05 -22.70
CA ILE D 149 -108.27 3.42 -23.30
C ILE D 149 -107.22 2.29 -23.22
N PRO D 150 -106.97 1.72 -22.02
CA PRO D 150 -105.92 0.70 -21.96
C PRO D 150 -106.14 -0.48 -22.92
N ASP D 151 -107.39 -0.81 -23.24
CA ASP D 151 -107.65 -1.90 -24.17
C ASP D 151 -107.06 -1.58 -25.53
N VAL D 152 -107.46 -0.45 -26.11
CA VAL D 152 -106.97 -0.07 -27.45
C VAL D 152 -105.46 0.09 -27.45
N ILE D 153 -104.88 0.71 -26.43
CA ILE D 153 -103.44 0.82 -26.31
C ILE D 153 -102.79 -0.55 -26.40
N SER D 154 -103.37 -1.55 -25.73
CA SER D 154 -102.85 -2.95 -25.78
C SER D 154 -102.92 -3.50 -27.21
N GLN D 155 -103.94 -3.13 -27.99
CA GLN D 155 -104.02 -3.53 -29.38
C GLN D 155 -102.87 -2.93 -30.18
N ALA D 156 -102.51 -1.68 -29.88
CA ALA D 156 -101.32 -1.08 -30.48
C ALA D 156 -100.06 -1.84 -30.10
N LEU D 157 -99.98 -2.30 -28.85
CA LEU D 157 -98.86 -3.14 -28.44
C LEU D 157 -98.87 -4.49 -29.16
N SER D 158 -100.04 -4.93 -29.63
CA SER D 158 -100.06 -6.12 -30.46
C SER D 158 -99.40 -5.85 -31.81
N GLU D 159 -99.62 -4.66 -32.38
CA GLU D 159 -99.19 -4.39 -33.75
C GLU D 159 -97.68 -4.30 -33.85
N LEU D 160 -97.03 -3.60 -32.90
CA LEU D 160 -95.57 -3.63 -32.81
C LEU D 160 -95.03 -5.02 -32.55
N ARG D 161 -95.82 -5.87 -31.90
CA ARG D 161 -95.38 -7.25 -31.74
C ARG D 161 -95.55 -8.01 -33.04
N LEU D 162 -96.59 -7.69 -33.82
CA LEU D 162 -96.77 -8.31 -35.12
C LEU D 162 -95.82 -7.74 -36.16
N ALA D 163 -95.26 -6.57 -35.90
CA ALA D 163 -94.26 -5.98 -36.80
C ALA D 163 -92.87 -6.53 -36.55
N GLY D 164 -92.69 -7.38 -35.55
CA GLY D 164 -91.36 -7.90 -35.20
C GLY D 164 -90.47 -6.79 -34.68
N VAL D 165 -90.78 -6.25 -33.52
CA VAL D 165 -90.00 -5.14 -32.97
C VAL D 165 -89.73 -5.35 -31.48
N ASP D 166 -88.51 -5.11 -31.05
CA ASP D 166 -88.16 -5.24 -29.64
C ASP D 166 -88.00 -3.87 -28.98
N GLY D 167 -87.44 -3.84 -27.77
CA GLY D 167 -87.19 -2.57 -27.11
C GLY D 167 -88.25 -2.08 -26.15
N PRO D 168 -87.89 -1.12 -25.28
CA PRO D 168 -88.84 -0.57 -24.32
C PRO D 168 -89.88 0.22 -25.11
N TYR D 169 -91.15 -0.11 -25.01
CA TYR D 169 -92.15 0.69 -25.70
C TYR D 169 -92.61 1.89 -24.88
N SER D 170 -92.88 3.02 -25.55
CA SER D 170 -93.32 4.16 -24.72
C SER D 170 -94.62 4.74 -25.27
N VAL D 171 -95.49 5.21 -24.40
CA VAL D 171 -96.78 5.73 -24.84
C VAL D 171 -96.78 7.24 -24.61
N LEU D 172 -97.11 7.98 -25.67
CA LEU D 172 -97.19 9.42 -25.58
C LEU D 172 -98.64 9.78 -25.78
N LEU D 173 -99.18 10.64 -24.93
CA LEU D 173 -100.58 10.98 -24.98
C LEU D 173 -100.74 12.48 -25.21
N SER D 174 -101.81 12.83 -25.92
CA SER D 174 -102.18 14.24 -26.01
C SER D 174 -102.68 14.71 -24.65
N ALA D 175 -102.72 16.04 -24.49
CA ALA D 175 -103.11 16.65 -23.22
C ALA D 175 -104.54 16.30 -22.84
N ASP D 176 -105.44 16.23 -23.82
CA ASP D 176 -106.81 15.78 -23.58
C ASP D 176 -106.85 14.35 -23.08
N VAL D 177 -106.11 13.46 -23.74
CA VAL D 177 -106.09 12.06 -23.38
C VAL D 177 -105.38 11.84 -22.06
N TYR D 178 -104.28 12.57 -21.83
CA TYR D 178 -103.56 12.49 -20.56
C TYR D 178 -104.42 12.96 -19.40
N THR D 179 -105.18 14.04 -19.59
CA THR D 179 -106.11 14.52 -18.58
C THR D 179 -107.23 13.50 -18.33
N LYS D 180 -107.76 12.90 -19.39
CA LYS D 180 -108.83 11.91 -19.26
C LYS D 180 -108.38 10.67 -18.51
N VAL D 181 -107.18 10.17 -18.81
CA VAL D 181 -106.71 8.98 -18.09
C VAL D 181 -106.10 9.32 -16.75
N SER D 182 -105.85 10.60 -16.48
CA SER D 182 -105.38 11.02 -15.17
C SER D 182 -106.51 11.21 -14.18
N GLU D 183 -107.64 11.76 -14.63
CA GLU D 183 -108.71 12.15 -13.73
C GLU D 183 -109.73 11.04 -13.50
N THR D 184 -109.77 10.04 -14.36
CA THR D 184 -110.64 8.89 -14.17
C THR D 184 -109.87 7.84 -13.37
N SER D 185 -110.51 7.25 -12.39
CA SER D 185 -109.83 6.30 -11.52
C SER D 185 -110.61 4.99 -11.46
N ASP D 186 -109.87 3.91 -11.26
CA ASP D 186 -110.46 2.59 -11.10
C ASP D 186 -109.65 1.83 -10.06
N HIS D 187 -110.32 1.42 -8.98
CA HIS D 187 -109.75 0.62 -7.89
C HIS D 187 -108.53 1.28 -7.26
N GLY D 188 -108.65 2.57 -6.96
CA GLY D 188 -107.62 3.28 -6.24
C GLY D 188 -106.46 3.76 -7.07
N TYR D 189 -106.50 3.58 -8.38
CA TYR D 189 -105.47 4.09 -9.26
C TYR D 189 -106.13 4.79 -10.44
N PRO D 190 -105.53 5.87 -10.94
CA PRO D 190 -106.00 6.42 -12.21
C PRO D 190 -105.61 5.50 -13.37
N ILE D 191 -106.27 5.73 -14.51
CA ILE D 191 -106.06 4.90 -15.69
C ILE D 191 -104.64 5.06 -16.23
N ARG D 192 -103.98 6.18 -15.92
CA ARG D 192 -102.58 6.38 -16.28
C ARG D 192 -101.68 5.30 -15.67
N GLU D 193 -101.98 4.87 -14.44
CA GLU D 193 -101.23 3.78 -13.83
C GLU D 193 -101.51 2.47 -14.55
N HIS D 194 -102.75 2.25 -15.00
CA HIS D 194 -103.08 1.07 -15.79
C HIS D 194 -102.30 1.04 -17.11
N LEU D 195 -102.12 2.22 -17.72
CA LEU D 195 -101.25 2.31 -18.88
C LEU D 195 -99.79 2.03 -18.53
N ASN D 196 -99.36 2.48 -17.36
CA ASN D 196 -97.99 2.26 -16.90
C ASN D 196 -97.70 0.79 -16.70
N ARG D 197 -98.70 -0.01 -16.32
CA ARG D 197 -98.48 -1.45 -16.15
C ARG D 197 -98.26 -2.18 -17.47
N LEU D 198 -98.82 -1.67 -18.57
CA LEU D 198 -98.73 -2.35 -19.90
C LEU D 198 -97.33 -2.23 -20.51
N VAL D 199 -96.57 -1.18 -20.21
CA VAL D 199 -95.27 -0.98 -20.93
C VAL D 199 -94.09 -0.91 -19.97
N ASP D 200 -92.89 -1.13 -20.50
CA ASP D 200 -91.65 -1.06 -19.69
C ASP D 200 -90.99 0.29 -19.97
N GLY D 201 -91.68 1.14 -20.73
CA GLY D 201 -91.15 2.48 -21.04
C GLY D 201 -91.80 3.49 -20.13
N ASP D 202 -92.41 4.55 -20.69
CA ASP D 202 -92.94 5.63 -19.82
C ASP D 202 -94.23 6.20 -20.38
N ILE D 203 -95.17 6.55 -19.51
CA ILE D 203 -96.35 7.29 -20.01
C ILE D 203 -95.85 8.73 -20.07
N ILE D 204 -95.88 9.35 -21.24
CA ILE D 204 -95.26 10.64 -21.47
C ILE D 204 -96.35 11.64 -21.84
N TRP D 205 -96.41 12.74 -21.09
CA TRP D 205 -97.31 13.83 -21.41
C TRP D 205 -96.80 14.56 -22.64
N ALA D 206 -97.63 14.64 -23.67
CA ALA D 206 -97.27 15.26 -24.95
C ALA D 206 -98.36 16.24 -25.34
N PRO D 207 -98.34 17.46 -24.78
CA PRO D 207 -99.44 18.41 -25.00
C PRO D 207 -99.55 18.96 -26.41
N ALA D 208 -98.54 18.81 -27.26
CA ALA D 208 -98.64 19.37 -28.60
C ALA D 208 -99.34 18.43 -29.58
N ILE D 209 -99.20 17.13 -29.40
CA ILE D 209 -99.70 16.15 -30.37
C ILE D 209 -101.22 16.01 -30.30
N ASP D 210 -101.79 15.37 -31.30
CA ASP D 210 -103.15 14.88 -31.27
C ASP D 210 -103.14 13.37 -31.06
N GLY D 211 -104.22 12.87 -30.46
CA GLY D 211 -104.34 11.46 -30.24
C GLY D 211 -103.29 10.85 -29.34
N ALA D 212 -102.71 9.74 -29.79
CA ALA D 212 -101.71 9.07 -28.98
C ALA D 212 -100.71 8.38 -29.89
N PHE D 213 -99.55 8.05 -29.32
CA PHE D 213 -98.52 7.36 -30.11
C PHE D 213 -97.89 6.30 -29.22
N VAL D 214 -97.77 5.09 -29.73
CA VAL D 214 -97.05 4.03 -28.98
C VAL D 214 -95.84 3.70 -29.83
N LEU D 215 -94.67 3.60 -29.23
CA LEU D 215 -93.48 3.38 -30.08
C LEU D 215 -92.34 2.81 -29.27
N THR D 216 -91.38 2.20 -29.95
CA THR D 216 -90.20 1.63 -29.34
C THR D 216 -89.09 2.67 -29.18
N THR D 217 -88.34 2.56 -28.10
CA THR D 217 -87.22 3.46 -27.87
C THR D 217 -85.93 2.69 -27.86
N ARG D 218 -85.85 1.65 -28.69
CA ARG D 218 -84.66 0.83 -28.77
C ARG D 218 -83.48 1.59 -29.39
N GLY D 219 -83.76 2.64 -30.16
CA GLY D 219 -82.69 3.39 -30.77
C GLY D 219 -82.62 3.17 -32.26
N GLY D 220 -82.11 4.17 -32.97
CA GLY D 220 -81.84 4.06 -34.39
C GLY D 220 -83.06 4.09 -35.29
N ASP D 221 -84.24 4.40 -34.77
CA ASP D 221 -85.44 4.38 -35.60
C ASP D 221 -85.89 5.80 -35.96
N PHE D 222 -85.72 6.73 -35.04
CA PHE D 222 -86.22 8.09 -35.19
C PHE D 222 -85.06 9.02 -34.88
N ASP D 223 -84.81 9.99 -35.76
CA ASP D 223 -83.58 10.78 -35.67
C ASP D 223 -83.94 12.25 -35.84
N LEU D 224 -83.69 13.05 -34.82
CA LEU D 224 -83.85 14.50 -34.89
C LEU D 224 -82.47 15.10 -35.15
N GLN D 225 -82.32 15.80 -36.27
CA GLN D 225 -81.05 16.42 -36.60
C GLN D 225 -81.10 17.91 -36.30
N LEU D 226 -80.16 18.33 -35.47
CA LEU D 226 -80.08 19.72 -35.11
C LEU D 226 -78.90 20.40 -35.72
N GLY D 227 -79.10 21.54 -36.38
CA GLY D 227 -77.95 22.30 -36.82
C GLY D 227 -77.52 23.06 -35.59
N THR D 228 -78.45 23.84 -35.04
CA THR D 228 -78.19 24.58 -33.78
C THR D 228 -79.36 24.35 -32.83
N ASP D 229 -79.05 24.12 -31.54
CA ASP D 229 -80.09 23.92 -30.51
C ASP D 229 -80.78 25.26 -30.20
N VAL D 230 -81.72 25.25 -29.25
CA VAL D 230 -82.49 26.48 -28.88
C VAL D 230 -81.57 27.58 -28.38
N ALA D 231 -81.69 28.77 -28.95
CA ALA D 231 -80.89 29.92 -28.55
C ALA D 231 -81.79 31.15 -28.47
N ILE D 232 -81.38 32.12 -27.67
CA ILE D 232 -82.13 33.35 -27.52
C ILE D 232 -81.35 34.47 -28.21
N GLY D 233 -82.03 35.19 -29.11
CA GLY D 233 -81.39 36.24 -29.88
C GLY D 233 -82.12 37.56 -29.73
N TYR D 234 -81.41 38.64 -30.07
CA TYR D 234 -81.91 39.99 -29.90
C TYR D 234 -82.31 40.60 -31.23
N ALA D 235 -83.52 41.14 -31.31
CA ALA D 235 -83.99 41.72 -32.60
C ALA D 235 -83.87 43.25 -32.55
N SER D 236 -84.64 43.91 -31.68
CA SER D 236 -84.63 45.36 -31.58
C SER D 236 -85.19 45.79 -30.23
N HIS D 237 -85.08 47.09 -29.91
CA HIS D 237 -85.54 47.59 -28.58
C HIS D 237 -86.03 49.04 -28.68
N ASP D 238 -86.90 49.44 -27.74
CA ASP D 238 -87.35 50.86 -27.66
C ASP D 238 -87.18 51.27 -26.20
N THR D 239 -87.80 52.37 -25.78
CA THR D 239 -87.67 52.85 -24.39
C THR D 239 -88.38 51.90 -23.44
N ASP D 240 -89.44 51.24 -23.92
CA ASP D 240 -90.23 50.43 -23.00
C ASP D 240 -89.97 48.94 -23.09
N THR D 241 -89.61 48.41 -24.26
CA THR D 241 -89.61 46.98 -24.47
C THR D 241 -88.37 46.53 -25.22
N VAL D 242 -88.04 45.26 -25.07
CA VAL D 242 -87.00 44.59 -25.84
C VAL D 242 -87.64 43.45 -26.61
N ARG D 243 -87.47 43.46 -27.93
CA ARG D 243 -87.91 42.34 -28.76
C ARG D 243 -86.76 41.34 -28.89
N LEU D 244 -87.04 40.10 -28.50
CA LEU D 244 -86.07 39.03 -28.64
C LEU D 244 -86.73 37.88 -29.37
N TYR D 245 -86.04 36.76 -29.52
CA TYR D 245 -86.61 35.59 -30.16
C TYR D 245 -85.96 34.33 -29.61
N LEU D 246 -86.69 33.24 -29.72
CA LEU D 246 -86.17 31.90 -29.52
C LEU D 246 -85.97 31.29 -30.90
N GLN D 247 -84.88 30.55 -31.08
CA GLN D 247 -84.57 30.09 -32.42
C GLN D 247 -83.89 28.74 -32.36
N GLU D 248 -84.30 27.86 -33.26
CA GLU D 248 -83.65 26.56 -33.39
C GLU D 248 -83.79 26.08 -34.83
N THR D 249 -82.79 25.36 -35.31
CA THR D 249 -82.84 24.84 -36.69
C THR D 249 -82.64 23.34 -36.69
N LEU D 250 -83.52 22.64 -37.41
CA LEU D 250 -83.61 21.19 -37.30
C LEU D 250 -84.27 20.59 -38.53
N THR D 251 -84.13 19.26 -38.64
CA THR D 251 -84.99 18.44 -39.47
C THR D 251 -85.25 17.14 -38.71
N PHE D 252 -86.24 16.38 -39.15
CA PHE D 252 -86.56 15.10 -38.53
C PHE D 252 -86.63 14.01 -39.58
N LEU D 253 -86.05 12.86 -39.26
CA LEU D 253 -86.01 11.70 -40.13
C LEU D 253 -86.60 10.51 -39.40
N CYS D 254 -87.45 9.75 -40.08
CA CYS D 254 -87.92 8.47 -39.58
C CYS D 254 -87.36 7.38 -40.48
N TYR D 255 -86.47 6.55 -39.93
CA TYR D 255 -85.84 5.49 -40.70
C TYR D 255 -86.66 4.21 -40.72
N THR D 256 -87.47 3.96 -39.70
CA THR D 256 -88.12 2.68 -39.50
C THR D 256 -89.63 2.91 -39.48
N ALA D 257 -90.30 2.45 -40.54
CA ALA D 257 -91.72 2.76 -40.70
C ALA D 257 -92.61 1.98 -39.74
N GLU D 258 -92.16 0.80 -39.29
CA GLU D 258 -93.03 -0.07 -38.51
C GLU D 258 -92.79 0.03 -37.01
N ALA D 259 -92.05 1.05 -36.57
CA ALA D 259 -91.69 1.19 -35.17
C ALA D 259 -92.69 2.01 -34.36
N SER D 260 -93.89 2.29 -34.90
CA SER D 260 -94.82 3.15 -34.20
C SER D 260 -96.26 2.87 -34.61
N VAL D 261 -97.18 3.17 -33.70
CA VAL D 261 -98.62 3.17 -33.94
C VAL D 261 -99.19 4.52 -33.53
N ALA D 262 -99.95 5.13 -34.43
CA ALA D 262 -100.64 6.38 -34.19
C ALA D 262 -102.11 6.12 -33.87
N LEU D 263 -102.63 6.92 -32.96
CA LEU D 263 -104.01 6.79 -32.57
C LEU D 263 -104.69 8.14 -32.71
N SER D 264 -105.96 8.15 -33.06
CA SER D 264 -106.70 9.38 -33.26
C SER D 264 -108.06 9.25 -32.61
N HIS D 265 -108.79 10.37 -32.57
CA HIS D 265 -110.11 10.40 -31.98
C HIS D 265 -111.19 10.17 -33.04
N MET E 1 -25.97 70.82 63.91
CA MET E 1 -26.93 71.82 63.47
C MET E 1 -26.26 73.10 63.01
N ASN E 2 -27.08 74.05 62.53
CA ASN E 2 -26.55 75.33 62.04
C ASN E 2 -27.12 76.52 62.80
N ASN E 3 -27.03 77.72 62.22
CA ASN E 3 -27.55 78.92 62.89
C ASN E 3 -29.08 78.99 62.87
N LEU E 4 -29.76 78.33 61.94
CA LEU E 4 -31.21 78.25 61.97
C LEU E 4 -31.76 77.53 63.20
N TYR E 5 -30.98 76.63 63.79
CA TYR E 5 -31.44 75.86 64.95
C TYR E 5 -32.82 75.26 64.71
N ARG E 6 -32.98 74.67 63.54
CA ARG E 6 -34.29 74.28 63.04
C ARG E 6 -34.86 73.10 63.82
N ASP E 7 -33.99 72.16 64.23
CA ASP E 7 -34.45 71.00 64.98
C ASP E 7 -34.88 71.34 66.40
N LEU E 8 -34.53 72.52 66.90
CA LEU E 8 -34.99 72.91 68.22
C LEU E 8 -36.41 73.47 68.21
N ALA E 9 -36.93 73.81 67.03
CA ALA E 9 -38.27 74.38 66.95
C ALA E 9 -39.32 73.29 67.16
N PRO E 10 -40.37 73.56 67.93
CA PRO E 10 -41.48 72.59 68.07
C PRO E 10 -42.43 72.65 66.88
N VAL E 11 -41.92 72.25 65.72
CA VAL E 11 -42.63 72.28 64.47
C VAL E 11 -42.49 70.90 63.85
N THR E 12 -43.61 70.31 63.45
CA THR E 12 -43.55 68.98 62.86
C THR E 12 -43.06 69.07 61.43
N GLU E 13 -42.75 67.89 60.86
CA GLU E 13 -42.21 67.81 59.51
C GLU E 13 -43.23 68.28 58.46
N ALA E 14 -44.49 67.88 58.62
CA ALA E 14 -45.54 68.30 57.71
C ALA E 14 -45.81 69.79 57.81
N ALA E 15 -45.84 70.31 59.04
CA ALA E 15 -45.96 71.74 59.25
C ALA E 15 -44.80 72.50 58.65
N TRP E 16 -43.57 71.95 58.76
CA TRP E 16 -42.41 72.58 58.15
C TRP E 16 -42.54 72.64 56.64
N ALA E 17 -43.02 71.55 56.01
CA ALA E 17 -43.20 71.55 54.57
C ALA E 17 -44.24 72.57 54.13
N GLU E 18 -45.33 72.71 54.88
CA GLU E 18 -46.33 73.72 54.55
C GLU E 18 -45.78 75.14 54.72
N ILE E 19 -44.99 75.38 55.77
CA ILE E 19 -44.41 76.71 55.98
C ILE E 19 -43.41 77.06 54.89
N GLU E 20 -42.57 76.10 54.50
CA GLU E 20 -41.60 76.32 53.43
C GLU E 20 -42.29 76.62 52.11
N LEU E 21 -43.36 75.86 51.80
CA LEU E 21 -44.11 76.07 50.58
C LEU E 21 -44.77 77.44 50.55
N GLU E 22 -45.39 77.84 51.67
CA GLU E 22 -46.07 79.13 51.75
C GLU E 22 -45.09 80.29 51.60
N ALA E 23 -43.94 80.20 52.29
CA ALA E 23 -42.95 81.27 52.23
C ALA E 23 -42.33 81.38 50.85
N ALA E 24 -41.97 80.25 50.23
CA ALA E 24 -41.38 80.27 48.91
C ALA E 24 -42.35 80.81 47.87
N ARG E 25 -43.60 80.39 47.95
CA ARG E 25 -44.61 80.86 47.01
C ARG E 25 -44.84 82.36 47.12
N THR E 26 -45.07 82.84 48.34
CA THR E 26 -45.39 84.27 48.52
C THR E 26 -44.19 85.14 48.15
N PHE E 27 -42.98 84.68 48.42
CA PHE E 27 -41.78 85.41 48.05
C PHE E 27 -41.59 85.57 46.54
N LYS E 28 -41.66 84.48 45.79
CA LYS E 28 -41.52 84.54 44.33
C LYS E 28 -42.53 85.49 43.71
N ARG E 29 -43.79 85.40 44.13
CA ARG E 29 -44.82 86.26 43.59
C ARG E 29 -44.51 87.71 43.77
N HIS E 30 -43.88 88.04 44.88
CA HIS E 30 -43.62 89.47 45.16
C HIS E 30 -42.21 89.88 44.74
N ILE E 31 -41.42 88.98 44.19
CA ILE E 31 -40.12 89.47 43.70
C ILE E 31 -40.21 89.86 42.24
N ALA E 32 -39.80 91.09 41.93
CA ALA E 32 -39.62 91.54 40.57
C ALA E 32 -38.15 91.67 40.22
N GLY E 33 -37.30 91.92 41.23
CA GLY E 33 -35.91 92.26 40.97
C GLY E 33 -35.08 91.12 40.42
N ARG E 34 -35.32 89.90 40.90
CA ARG E 34 -34.53 88.75 40.44
C ARG E 34 -34.87 88.35 39.01
N ARG E 35 -36.02 88.78 38.50
CA ARG E 35 -36.37 88.47 37.12
C ARG E 35 -35.56 89.26 36.10
N VAL E 36 -34.97 90.39 36.51
CA VAL E 36 -34.26 91.25 35.58
C VAL E 36 -32.77 91.35 35.86
N VAL E 37 -32.29 91.10 37.08
CA VAL E 37 -30.89 91.29 37.39
C VAL E 37 -30.21 89.93 37.36
N ASP E 38 -28.88 89.95 37.23
CA ASP E 38 -28.11 88.73 37.36
C ASP E 38 -28.02 88.36 38.83
N VAL E 39 -28.31 87.11 39.13
CA VAL E 39 -28.33 86.60 40.51
C VAL E 39 -27.22 85.58 40.63
N SER E 40 -26.29 85.83 41.54
CA SER E 40 -25.16 84.95 41.70
C SER E 40 -25.54 83.68 42.45
N ASP E 41 -24.66 82.71 42.44
CA ASP E 41 -24.81 81.59 43.34
C ASP E 41 -24.55 82.05 44.77
N PRO E 42 -25.14 81.39 45.76
CA PRO E 42 -24.85 81.71 47.16
C PRO E 42 -23.40 81.48 47.51
N GLY E 43 -22.73 82.52 48.02
CA GLY E 43 -21.34 82.42 48.43
C GLY E 43 -21.16 81.50 49.61
N GLY E 44 -22.10 81.55 50.54
CA GLY E 44 -21.97 80.75 51.74
C GLY E 44 -21.98 81.65 52.96
N PRO E 45 -22.03 81.04 54.15
CA PRO E 45 -22.10 81.85 55.38
C PRO E 45 -20.86 82.67 55.66
N VAL E 46 -19.69 82.24 55.18
CA VAL E 46 -18.45 82.93 55.53
C VAL E 46 -18.26 84.17 54.67
N THR E 47 -18.99 84.26 53.57
CA THR E 47 -18.82 85.36 52.63
C THR E 47 -19.31 86.67 53.24
N ALA E 48 -18.46 87.69 53.22
CA ALA E 48 -18.76 88.91 53.96
C ALA E 48 -18.74 90.15 53.08
N ALA E 49 -17.99 90.11 51.99
CA ALA E 49 -17.83 91.29 51.15
C ALA E 49 -17.57 90.86 49.73
N VAL E 50 -17.87 91.77 48.80
CA VAL E 50 -17.62 91.56 47.39
C VAL E 50 -16.56 92.57 46.95
N SER E 51 -15.50 92.07 46.33
CA SER E 51 -14.45 92.93 45.81
C SER E 51 -14.95 93.73 44.62
N THR E 52 -14.69 95.02 44.63
CA THR E 52 -14.99 95.88 43.48
C THR E 52 -13.82 96.02 42.53
N GLY E 53 -12.61 95.68 43.01
CA GLY E 53 -11.41 95.75 42.16
C GLY E 53 -10.82 97.14 42.14
N ARG E 54 -11.36 98.09 42.91
CA ARG E 54 -10.79 99.46 42.96
C ARG E 54 -9.76 99.59 44.09
N LEU E 55 -9.08 100.72 44.18
CA LEU E 55 -8.01 100.94 45.19
C LEU E 55 -8.22 102.29 45.90
N ILE E 56 -7.92 102.36 47.19
CA ILE E 56 -8.09 103.59 47.96
C ILE E 56 -6.77 104.08 48.52
N ASP E 57 -6.37 105.29 48.16
CA ASP E 57 -5.11 105.85 48.65
C ASP E 57 -5.08 106.03 50.16
N VAL E 58 -4.09 105.44 50.82
CA VAL E 58 -3.94 105.64 52.27
C VAL E 58 -2.61 106.28 52.62
N LYS E 59 -2.56 106.94 53.79
CA LYS E 59 -1.33 107.61 54.22
C LYS E 59 -0.15 106.66 54.24
N ALA E 60 0.87 106.92 53.42
CA ALA E 60 2.06 106.07 53.33
C ALA E 60 2.58 105.58 54.68
N PRO E 61 2.74 104.25 54.82
CA PRO E 61 3.26 103.69 56.08
C PRO E 61 4.62 104.28 56.38
N THR E 62 5.54 104.17 55.44
CA THR E 62 6.87 104.75 55.62
C THR E 62 7.33 105.44 54.34
N ASN E 63 8.55 105.96 54.35
CA ASN E 63 9.10 106.63 53.18
C ASN E 63 9.32 105.65 52.05
N GLY E 64 8.91 106.01 50.85
CA GLY E 64 9.11 105.15 49.69
C GLY E 64 8.14 103.99 49.60
N VAL E 65 7.14 103.95 50.48
CA VAL E 65 6.14 102.91 50.41
C VAL E 65 4.85 103.49 49.93
N ILE E 66 4.22 102.83 48.97
CA ILE E 66 2.97 103.30 48.43
C ILE E 66 1.93 102.29 48.82
N ALA E 67 0.94 102.73 49.56
CA ALA E 67 -0.08 101.82 50.05
C ALA E 67 -1.46 102.10 49.53
N HIS E 68 -2.19 101.05 49.26
CA HIS E 68 -3.55 101.21 48.82
C HIS E 68 -4.46 100.19 49.44
N LEU E 69 -5.60 100.62 49.91
CA LEU E 69 -6.60 99.71 50.44
C LEU E 69 -7.46 99.15 49.32
N ARG E 70 -7.74 97.86 49.38
CA ARG E 70 -8.68 97.27 48.44
C ARG E 70 -10.10 97.68 48.82
N ALA E 71 -10.86 98.15 47.84
CA ALA E 71 -12.24 98.52 48.05
C ALA E 71 -13.14 97.29 47.96
N SER E 72 -14.23 97.31 48.72
CA SER E 72 -15.18 96.21 48.72
C SER E 72 -16.55 96.73 49.15
N LYS E 73 -17.55 95.88 48.96
CA LYS E 73 -18.92 96.15 49.36
C LYS E 73 -19.35 95.14 50.41
N PRO E 74 -19.83 95.57 51.56
CA PRO E 74 -20.27 94.61 52.58
C PRO E 74 -21.63 94.03 52.26
N LEU E 75 -21.80 92.75 52.60
CA LEU E 75 -23.13 92.16 52.60
C LEU E 75 -23.94 92.68 53.79
N VAL E 76 -25.25 92.68 53.63
CA VAL E 76 -26.17 92.99 54.71
C VAL E 76 -27.05 91.76 54.92
N ARG E 77 -27.23 91.39 56.19
CA ARG E 77 -28.15 90.32 56.55
C ARG E 77 -29.47 90.94 56.97
N LEU E 78 -30.54 90.49 56.31
CA LEU E 78 -31.87 91.03 56.50
C LEU E 78 -32.72 89.94 57.13
N ARG E 79 -33.31 90.25 58.28
CA ARG E 79 -34.07 89.29 59.06
C ARG E 79 -35.44 89.86 59.36
N VAL E 80 -36.47 89.08 59.07
CA VAL E 80 -37.85 89.43 59.35
C VAL E 80 -38.42 88.37 60.29
N PRO E 81 -38.56 88.69 61.57
CA PRO E 81 -39.19 87.75 62.50
C PRO E 81 -40.70 87.68 62.30
N PHE E 82 -41.25 86.53 62.63
CA PHE E 82 -42.70 86.33 62.59
C PHE E 82 -43.08 85.30 63.62
N THR E 83 -44.37 85.26 63.95
CA THR E 83 -44.87 84.49 65.08
C THR E 83 -46.02 83.58 64.63
N LEU E 84 -45.90 82.30 64.93
CA LEU E 84 -46.90 81.31 64.54
C LEU E 84 -47.61 80.75 65.76
N SER E 85 -48.92 80.56 65.61
CA SER E 85 -49.70 79.85 66.62
C SER E 85 -49.32 78.37 66.62
N ARG E 86 -49.11 77.81 67.81
CA ARG E 86 -48.78 76.40 67.91
C ARG E 86 -49.98 75.50 67.66
N ASN E 87 -51.19 76.01 67.88
CA ASN E 87 -52.40 75.27 67.53
C ASN E 87 -52.51 75.05 66.03
N GLU E 88 -52.20 76.08 65.24
CA GLU E 88 -52.19 75.95 63.79
C GLU E 88 -51.14 74.95 63.33
N ILE E 89 -49.98 74.93 64.00
CA ILE E 89 -48.93 73.97 63.69
C ILE E 89 -49.40 72.55 64.00
N ASP E 90 -50.03 72.36 65.16
CA ASP E 90 -50.54 71.05 65.55
C ASP E 90 -51.69 70.57 64.67
N ASP E 91 -52.44 71.49 64.06
CA ASP E 91 -53.54 71.13 63.17
C ASP E 91 -53.08 70.39 61.93
N VAL E 92 -51.82 70.59 61.50
CA VAL E 92 -51.36 70.09 60.22
C VAL E 92 -51.24 68.57 60.22
N GLU E 93 -50.76 67.99 61.32
CA GLU E 93 -50.62 66.52 61.38
C GLU E 93 -52.00 65.87 61.44
N ARG E 94 -52.96 66.52 62.09
CA ARG E 94 -54.32 65.99 62.11
C ARG E 94 -55.02 66.07 60.76
N GLY E 95 -54.44 66.75 59.78
CA GLY E 95 -55.00 66.79 58.45
C GLY E 95 -55.66 68.10 58.06
N SER E 96 -55.50 69.15 58.84
CA SER E 96 -56.02 70.46 58.44
C SER E 96 -55.26 70.98 57.24
N LYS E 97 -55.98 71.67 56.35
CA LYS E 97 -55.40 72.27 55.16
C LYS E 97 -55.67 73.76 55.08
N ASP E 98 -56.17 74.34 56.18
CA ASP E 98 -56.43 75.78 56.22
C ASP E 98 -55.72 76.44 57.41
N SER E 99 -54.57 75.89 57.81
CA SER E 99 -53.82 76.45 58.92
C SER E 99 -53.36 77.86 58.60
N ASP E 100 -53.44 78.73 59.61
CA ASP E 100 -53.20 80.15 59.43
C ASP E 100 -51.73 80.44 59.20
N TRP E 101 -51.35 80.60 57.93
CA TRP E 101 -49.96 80.92 57.61
C TRP E 101 -49.85 82.37 57.20
N GLU E 102 -50.78 83.20 57.67
CA GLU E 102 -50.71 84.64 57.38
C GLU E 102 -49.41 85.31 57.86
N PRO E 103 -48.90 84.96 59.06
CA PRO E 103 -47.63 85.62 59.44
C PRO E 103 -46.50 85.22 58.50
N VAL E 104 -46.45 83.96 58.07
CA VAL E 104 -45.44 83.55 57.10
C VAL E 104 -45.58 84.35 55.82
N LYS E 105 -46.81 84.57 55.36
CA LYS E 105 -47.04 85.33 54.14
C LYS E 105 -46.66 86.80 54.32
N GLU E 106 -46.96 87.37 55.48
CA GLU E 106 -46.58 88.76 55.74
C GLU E 106 -45.07 88.91 55.87
N ALA E 107 -44.39 87.94 56.47
CA ALA E 107 -42.94 87.99 56.55
C ALA E 107 -42.29 87.84 55.17
N ALA E 108 -42.83 86.95 54.33
CA ALA E 108 -42.29 86.78 52.99
C ALA E 108 -42.53 88.01 52.13
N LYS E 109 -43.70 88.63 52.27
CA LYS E 109 -44.00 89.85 51.54
C LYS E 109 -43.10 90.99 52.00
N LYS E 110 -42.83 91.08 53.31
CA LYS E 110 -41.98 92.14 53.82
C LYS E 110 -40.52 91.96 53.41
N LEU E 111 -40.05 90.71 53.44
CA LEU E 111 -38.66 90.42 53.00
C LEU E 111 -38.53 90.74 51.51
N ALA E 112 -39.49 90.30 50.69
CA ALA E 112 -39.46 90.59 49.26
C ALA E 112 -39.48 92.08 49.00
N PHE E 113 -40.29 92.83 49.77
CA PHE E 113 -40.35 94.27 49.61
C PHE E 113 -39.03 94.93 49.97
N VAL E 114 -38.38 94.48 51.03
CA VAL E 114 -37.08 95.02 51.39
C VAL E 114 -36.08 94.75 50.28
N GLU E 115 -36.00 93.50 49.82
CA GLU E 115 -35.02 93.16 48.79
C GLU E 115 -35.23 93.98 47.52
N ASP E 116 -36.48 94.14 47.07
CA ASP E 116 -36.75 94.89 45.86
C ASP E 116 -36.48 96.38 46.06
N ARG E 117 -36.84 96.93 47.21
CA ARG E 117 -36.58 98.34 47.46
C ARG E 117 -35.09 98.61 47.65
N THR E 118 -34.34 97.60 48.10
CA THR E 118 -32.90 97.74 48.19
C THR E 118 -32.26 97.73 46.81
N ILE E 119 -32.72 96.84 45.92
CA ILE E 119 -32.19 96.80 44.56
C ILE E 119 -32.52 98.08 43.79
N PHE E 120 -33.75 98.57 43.89
CA PHE E 120 -34.15 99.66 43.02
C PHE E 120 -34.03 101.05 43.64
N GLU E 121 -34.10 101.18 44.97
CA GLU E 121 -34.01 102.48 45.61
C GLU E 121 -32.79 102.61 46.52
N GLY E 122 -32.04 101.55 46.66
CA GLY E 122 -30.88 101.59 47.51
C GLY E 122 -31.05 101.54 49.00
N TYR E 123 -29.96 101.29 49.70
CA TYR E 123 -29.98 101.23 51.14
C TYR E 123 -28.67 101.86 51.49
N SER E 124 -28.68 103.14 51.75
CA SER E 124 -27.45 103.88 52.02
C SER E 124 -26.61 103.37 53.19
N ALA E 125 -27.26 102.96 54.27
CA ALA E 125 -26.56 102.44 55.44
C ALA E 125 -25.76 101.19 55.10
N ALA E 126 -26.22 100.41 54.13
CA ALA E 126 -25.50 99.25 53.65
C ALA E 126 -24.60 99.56 52.46
N SER E 127 -24.42 100.84 52.15
CA SER E 127 -23.60 101.33 51.03
C SER E 127 -24.06 100.77 49.69
N ILE E 128 -25.37 100.66 49.51
CA ILE E 128 -25.96 100.16 48.27
C ILE E 128 -26.64 101.32 47.60
N GLU E 129 -26.21 101.63 46.39
CA GLU E 129 -26.86 102.64 45.56
C GLU E 129 -27.93 101.94 44.73
N GLY E 130 -29.12 102.52 44.70
CA GLY E 130 -30.19 101.95 43.92
C GLY E 130 -29.98 102.14 42.43
N ILE E 131 -30.80 101.43 41.65
CA ILE E 131 -30.81 101.60 40.20
C ILE E 131 -31.27 103.00 39.84
N ARG E 132 -32.23 103.55 40.60
CA ARG E 132 -32.70 104.91 40.36
C ARG E 132 -31.61 105.94 40.59
N SER E 133 -30.82 105.78 41.64
CA SER E 133 -29.74 106.72 41.92
C SER E 133 -28.54 106.52 41.00
N ALA E 134 -28.26 105.29 40.61
CA ALA E 134 -27.10 105.00 39.78
C ALA E 134 -27.36 105.17 38.29
N SER E 135 -28.58 105.49 37.90
CA SER E 135 -28.89 105.68 36.49
C SER E 135 -28.34 107.02 36.01
N SER E 136 -27.66 107.02 34.87
CA SER E 136 -27.18 108.24 34.26
C SER E 136 -28.16 108.82 33.25
N ASN E 137 -29.14 108.05 32.81
CA ASN E 137 -30.15 108.56 31.90
C ASN E 137 -31.10 109.50 32.66
N PRO E 138 -31.70 110.48 31.96
CA PRO E 138 -32.58 111.42 32.65
C PRO E 138 -33.84 110.75 33.20
N ALA E 139 -34.32 111.31 34.31
CA ALA E 139 -35.52 110.81 34.94
C ALA E 139 -36.75 111.44 34.29
N LEU E 140 -37.82 110.67 34.23
CA LEU E 140 -39.05 111.10 33.58
C LEU E 140 -40.17 111.16 34.59
N THR E 141 -41.18 111.97 34.29
CA THR E 141 -42.35 112.11 35.14
C THR E 141 -43.52 111.33 34.55
N LEU E 142 -44.13 110.47 35.35
CA LEU E 142 -45.29 109.73 34.89
C LEU E 142 -46.51 110.64 34.95
N PRO E 143 -47.32 110.64 33.88
CA PRO E 143 -48.48 111.52 33.82
C PRO E 143 -49.63 111.02 34.68
N GLU E 144 -50.59 111.90 34.95
CA GLU E 144 -51.75 111.51 35.75
C GLU E 144 -52.68 110.58 34.98
N ASP E 145 -52.93 110.88 33.72
CA ASP E 145 -53.82 110.07 32.90
C ASP E 145 -53.10 108.78 32.52
N PRO E 146 -53.67 107.60 32.83
CA PRO E 146 -53.04 106.35 32.40
C PRO E 146 -52.97 106.16 30.90
N ARG E 147 -53.86 106.79 30.12
CA ARG E 147 -53.79 106.71 28.66
C ARG E 147 -52.54 107.41 28.11
N GLU E 148 -51.94 108.31 28.89
CA GLU E 148 -50.69 108.94 28.52
C GLU E 148 -49.47 108.21 29.09
N ILE E 149 -49.66 107.09 29.77
CA ILE E 149 -48.50 106.32 30.23
C ILE E 149 -47.63 105.78 29.08
N PRO E 150 -48.25 105.05 28.10
CA PRO E 150 -47.39 104.49 27.05
C PRO E 150 -46.52 105.51 26.31
N ASP E 151 -46.99 106.76 26.20
CA ASP E 151 -46.20 107.79 25.54
C ASP E 151 -44.89 108.01 26.30
N VAL E 152 -44.97 108.34 27.58
CA VAL E 152 -43.77 108.60 28.39
C VAL E 152 -42.86 107.38 28.42
N ILE E 153 -43.42 106.18 28.60
CA ILE E 153 -42.62 104.97 28.54
C ILE E 153 -41.83 104.88 27.26
N SER E 154 -42.45 105.24 26.13
CA SER E 154 -41.75 105.23 24.82
C SER E 154 -40.60 106.25 24.81
N GLN E 155 -40.74 107.38 25.51
CA GLN E 155 -39.65 108.34 25.63
C GLN E 155 -38.49 107.72 26.40
N ALA E 156 -38.79 106.92 27.43
CA ALA E 156 -37.76 106.17 28.13
C ALA E 156 -37.07 105.19 27.19
N LEU E 157 -37.84 104.55 26.30
CA LEU E 157 -37.24 103.68 25.31
C LEU E 157 -36.40 104.46 24.31
N SER E 158 -36.66 105.76 24.14
CA SER E 158 -35.77 106.56 23.34
C SER E 158 -34.42 106.74 24.01
N GLU E 159 -34.42 106.90 25.35
CA GLU E 159 -33.21 107.26 26.06
C GLU E 159 -32.20 106.11 26.08
N LEU E 160 -32.67 104.89 26.34
CA LEU E 160 -31.82 103.69 26.19
C LEU E 160 -31.35 103.53 24.76
N ARG E 161 -32.11 104.00 23.79
CA ARG E 161 -31.64 103.95 22.42
C ARG E 161 -30.59 105.02 22.18
N LEU E 162 -30.73 106.18 22.82
CA LEU E 162 -29.73 107.22 22.73
C LEU E 162 -28.49 106.91 23.56
N ALA E 163 -28.61 106.00 24.53
CA ALA E 163 -27.48 105.56 25.32
C ALA E 163 -26.66 104.48 24.63
N GLY E 164 -27.10 104.02 23.46
CA GLY E 164 -26.40 102.93 22.77
C GLY E 164 -26.50 101.64 23.55
N VAL E 165 -27.69 101.08 23.66
CA VAL E 165 -27.88 99.86 24.44
C VAL E 165 -28.78 98.88 23.69
N ASP E 166 -28.39 97.61 23.67
CA ASP E 166 -29.20 96.58 23.02
C ASP E 166 -29.91 95.71 24.05
N GLY E 167 -30.47 94.59 23.62
CA GLY E 167 -31.12 93.66 24.55
C GLY E 167 -32.61 93.81 24.73
N PRO E 168 -33.27 92.78 25.29
CA PRO E 168 -34.70 92.83 25.52
C PRO E 168 -34.95 93.87 26.61
N TYR E 169 -35.74 94.89 26.36
CA TYR E 169 -36.03 95.85 27.41
C TYR E 169 -37.22 95.42 28.28
N SER E 170 -37.17 95.69 29.58
CA SER E 170 -38.32 95.26 30.38
C SER E 170 -38.86 96.42 31.21
N VAL E 171 -40.17 96.49 31.39
CA VAL E 171 -40.77 97.59 32.13
C VAL E 171 -41.30 97.05 33.45
N LEU E 172 -40.89 97.69 34.54
CA LEU E 172 -41.34 97.31 35.86
C LEU E 172 -42.19 98.46 36.37
N LEU E 173 -43.36 98.16 36.91
CA LEU E 173 -44.29 99.19 37.34
C LEU E 173 -44.57 99.04 38.82
N SER E 174 -44.78 100.17 39.49
CA SER E 174 -45.29 100.12 40.85
C SER E 174 -46.73 99.62 40.84
N ALA E 175 -47.20 99.20 42.02
CA ALA E 175 -48.53 98.62 42.15
C ALA E 175 -49.61 99.61 41.80
N ASP E 176 -49.43 100.89 42.15
CA ASP E 176 -50.35 101.94 41.74
C ASP E 176 -50.40 102.09 40.23
N VAL E 177 -49.23 102.13 39.59
CA VAL E 177 -49.15 102.30 38.15
C VAL E 177 -49.65 101.05 37.42
N TYR E 178 -49.32 99.87 37.95
CA TYR E 178 -49.79 98.61 37.37
C TYR E 178 -51.31 98.50 37.45
N THR E 179 -51.90 98.91 38.57
CA THR E 179 -53.35 98.93 38.72
C THR E 179 -53.98 99.94 37.76
N LYS E 180 -53.38 101.13 37.63
CA LYS E 180 -53.90 102.16 36.73
C LYS E 180 -53.88 101.73 35.28
N VAL E 181 -52.79 101.09 34.83
CA VAL E 181 -52.75 100.64 33.44
C VAL E 181 -53.46 99.33 33.23
N SER E 182 -53.81 98.62 34.30
CA SER E 182 -54.59 97.41 34.20
C SER E 182 -56.08 97.69 34.10
N GLU E 183 -56.58 98.67 34.85
CA GLU E 183 -58.00 98.89 34.96
C GLU E 183 -58.54 99.86 33.92
N THR E 184 -57.69 100.65 33.30
CA THR E 184 -58.10 101.53 32.22
C THR E 184 -57.95 100.77 30.92
N SER E 185 -58.95 100.87 30.05
CA SER E 185 -58.95 100.13 28.81
C SER E 185 -59.16 101.05 27.63
N ASP E 186 -58.59 100.67 26.49
CA ASP E 186 -58.76 101.40 25.25
C ASP E 186 -58.85 100.39 24.11
N HIS E 187 -59.97 100.42 23.39
CA HIS E 187 -60.24 99.58 22.21
C HIS E 187 -60.11 98.09 22.51
N GLY E 188 -60.73 97.67 23.62
CA GLY E 188 -60.79 96.27 23.96
C GLY E 188 -59.56 95.69 24.61
N TYR E 189 -58.56 96.51 24.92
CA TYR E 189 -57.39 96.06 25.65
C TYR E 189 -57.09 97.05 26.76
N PRO E 190 -56.61 96.57 27.90
CA PRO E 190 -56.07 97.49 28.90
C PRO E 190 -54.77 98.09 28.43
N ILE E 191 -54.37 99.18 29.10
CA ILE E 191 -53.16 99.92 28.73
C ILE E 191 -51.91 99.06 28.98
N ARG E 192 -52.00 98.07 29.86
CA ARG E 192 -50.91 97.12 30.07
C ARG E 192 -50.55 96.37 28.80
N GLU E 193 -51.55 96.04 27.97
CA GLU E 193 -51.28 95.41 26.69
C GLU E 193 -50.60 96.39 25.74
N HIS E 194 -50.98 97.67 25.78
CA HIS E 194 -50.31 98.70 24.99
C HIS E 194 -48.85 98.84 25.39
N LEU E 195 -48.54 98.71 26.68
CA LEU E 195 -47.16 98.66 27.12
C LEU E 195 -46.46 97.41 26.64
N ASN E 196 -47.17 96.29 26.60
CA ASN E 196 -46.60 95.03 26.14
C ASN E 196 -46.23 95.09 24.67
N ARG E 197 -46.93 95.88 23.87
CA ARG E 197 -46.58 96.00 22.46
C ARG E 197 -45.29 96.78 22.23
N LEU E 198 -44.93 97.70 23.13
CA LEU E 198 -43.73 98.54 22.97
C LEU E 198 -42.42 97.79 23.20
N VAL E 199 -42.43 96.73 24.02
CA VAL E 199 -41.14 96.06 24.37
C VAL E 199 -41.12 94.58 24.01
N ASP E 200 -39.94 94.00 23.91
CA ASP E 200 -39.79 92.56 23.61
C ASP E 200 -39.49 91.84 24.91
N GLY E 201 -39.56 92.57 26.03
CA GLY E 201 -39.33 91.96 27.35
C GLY E 201 -40.65 91.67 28.01
N ASP E 202 -40.85 92.17 29.24
CA ASP E 202 -42.09 91.80 29.96
C ASP E 202 -42.62 92.96 30.79
N ILE E 203 -43.94 93.11 30.87
CA ILE E 203 -44.47 94.11 31.83
C ILE E 203 -44.46 93.36 33.16
N ILE E 204 -43.75 93.87 34.14
CA ILE E 204 -43.51 93.16 35.39
C ILE E 204 -44.16 93.94 36.52
N TRP E 205 -45.01 93.27 37.29
CA TRP E 205 -45.59 93.85 38.48
C TRP E 205 -44.53 93.95 39.56
N ALA E 206 -44.30 95.15 40.07
CA ALA E 206 -43.28 95.41 41.08
C ALA E 206 -43.90 96.21 42.21
N PRO E 207 -44.58 95.54 43.14
CA PRO E 207 -45.34 96.27 44.17
C PRO E 207 -44.49 97.00 45.21
N ALA E 208 -43.18 96.73 45.29
CA ALA E 208 -42.38 97.41 46.30
C ALA E 208 -41.87 98.76 45.84
N ILE E 209 -41.61 98.92 44.54
CA ILE E 209 -40.96 100.11 44.01
C ILE E 209 -41.92 101.29 43.97
N ASP E 210 -41.38 102.48 43.77
CA ASP E 210 -42.13 103.66 43.40
C ASP E 210 -41.91 103.95 41.92
N GLY E 211 -42.91 104.58 41.31
CA GLY E 211 -42.81 104.95 39.92
C GLY E 211 -42.68 103.79 38.96
N ALA E 212 -41.72 103.89 38.05
CA ALA E 212 -41.54 102.84 37.06
C ALA E 212 -40.07 102.76 36.68
N PHE E 213 -39.71 101.63 36.10
CA PHE E 213 -38.31 101.46 35.65
C PHE E 213 -38.32 100.76 34.30
N VAL E 214 -37.57 101.30 33.35
CA VAL E 214 -37.44 100.59 32.05
C VAL E 214 -35.97 100.22 31.95
N LEU E 215 -35.68 99.00 31.57
CA LEU E 215 -34.25 98.61 31.58
C LEU E 215 -34.00 97.42 30.68
N THR E 216 -32.75 97.23 30.30
CA THR E 216 -32.34 96.11 29.46
C THR E 216 -32.01 94.88 30.30
N THR E 217 -32.33 93.71 29.74
CA THR E 217 -32.03 92.46 30.43
C THR E 217 -31.03 91.65 29.61
N ARG E 218 -30.12 92.36 28.94
CA ARG E 218 -29.12 91.68 28.13
C ARG E 218 -28.11 90.91 28.96
N GLY E 219 -27.96 91.27 30.24
CA GLY E 219 -27.02 90.58 31.09
C GLY E 219 -25.81 91.42 31.40
N GLY E 220 -25.21 91.15 32.56
CA GLY E 220 -23.96 91.77 32.94
C GLY E 220 -24.05 93.21 33.37
N ASP E 221 -25.24 93.76 33.56
CA ASP E 221 -25.36 95.17 33.93
C ASP E 221 -25.72 95.34 35.40
N PHE E 222 -26.52 94.42 35.94
CA PHE E 222 -27.05 94.52 37.28
C PHE E 222 -26.79 93.19 37.96
N ASP E 223 -26.19 93.22 39.16
CA ASP E 223 -25.70 91.99 39.78
C ASP E 223 -26.14 91.97 41.24
N LEU E 224 -26.94 90.98 41.60
CA LEU E 224 -27.33 90.75 42.98
C LEU E 224 -26.43 89.65 43.53
N GLN E 225 -25.67 89.96 44.57
CA GLN E 225 -24.78 89.00 45.19
C GLN E 225 -25.39 88.45 46.46
N LEU E 226 -25.53 87.14 46.50
CA LEU E 226 -26.07 86.49 47.66
C LEU E 226 -25.04 85.73 48.43
N GLY E 227 -24.96 85.94 49.73
CA GLY E 227 -24.10 85.08 50.51
C GLY E 227 -24.92 83.85 50.76
N THR E 228 -26.11 84.05 51.36
CA THR E 228 -27.05 82.93 51.57
C THR E 228 -28.44 83.36 51.10
N ASP E 229 -29.15 82.47 50.41
CA ASP E 229 -30.52 82.77 49.92
C ASP E 229 -31.49 82.76 51.10
N VAL E 230 -32.79 82.96 50.82
CA VAL E 230 -33.82 83.01 51.89
C VAL E 230 -33.91 81.70 52.68
N ALA E 231 -33.84 81.80 54.00
CA ALA E 231 -33.92 80.64 54.86
C ALA E 231 -34.83 80.95 56.04
N ILE E 232 -35.42 79.91 56.62
CA ILE E 232 -36.28 80.08 57.78
C ILE E 232 -35.54 79.56 59.01
N GLY E 233 -35.46 80.38 60.04
CA GLY E 233 -34.75 80.03 61.25
C GLY E 233 -35.64 80.16 62.49
N TYR E 234 -35.20 79.50 63.56
CA TYR E 234 -35.96 79.41 64.79
C TYR E 234 -35.35 80.31 65.87
N ALA E 235 -36.18 81.15 66.49
CA ALA E 235 -35.67 82.09 67.52
C ALA E 235 -35.98 81.53 68.91
N SER E 236 -37.27 81.48 69.27
CA SER E 236 -37.68 81.02 70.59
C SER E 236 -39.14 80.57 70.54
N HIS E 237 -39.62 79.95 71.63
CA HIS E 237 -41.02 79.42 71.66
C HIS E 237 -41.60 79.47 73.06
N ASP E 238 -42.94 79.49 73.18
CA ASP E 238 -43.61 79.41 74.50
C ASP E 238 -44.70 78.36 74.35
N THR E 239 -45.66 78.30 75.27
CA THR E 239 -46.73 77.28 75.21
C THR E 239 -47.65 77.58 74.03
N ASP E 240 -47.80 78.84 73.66
CA ASP E 240 -48.78 79.16 72.63
C ASP E 240 -48.19 79.41 71.26
N THR E 241 -46.97 79.94 71.16
CA THR E 241 -46.47 80.45 69.90
C THR E 241 -45.03 80.03 69.66
N VAL E 242 -44.64 80.03 68.40
CA VAL E 242 -43.25 79.84 67.98
C VAL E 242 -42.81 81.09 67.24
N ARG E 243 -41.72 81.70 67.71
CA ARG E 243 -41.09 82.81 66.99
C ARG E 243 -40.05 82.27 66.03
N LEU E 244 -40.22 82.60 64.76
CA LEU E 244 -39.26 82.21 63.75
C LEU E 244 -38.85 83.45 62.98
N TYR E 245 -38.03 83.31 61.95
CA TYR E 245 -37.64 84.44 61.12
C TYR E 245 -37.33 83.96 59.71
N LEU E 246 -37.45 84.91 58.78
CA LEU E 246 -36.94 84.75 57.43
C LEU E 246 -35.65 85.54 57.34
N GLN E 247 -34.67 85.00 56.64
CA GLN E 247 -33.36 85.63 56.67
C GLN E 247 -32.66 85.45 55.34
N GLU E 248 -32.03 86.50 54.87
CA GLU E 248 -31.22 86.44 53.66
C GLU E 248 -30.11 87.48 53.75
N THR E 249 -28.95 87.17 53.17
CA THR E 249 -27.85 88.12 53.18
C THR E 249 -27.36 88.39 51.77
N LEU E 250 -27.19 89.67 51.44
CA LEU E 250 -27.00 90.08 50.06
C LEU E 250 -26.34 91.45 49.98
N THR E 251 -25.85 91.76 48.77
CA THR E 251 -25.57 93.12 48.37
C THR E 251 -25.98 93.26 46.91
N PHE E 252 -26.09 94.49 46.43
CA PHE E 252 -26.45 94.73 45.04
C PHE E 252 -25.44 95.68 44.40
N LEU E 253 -25.05 95.37 43.17
CA LEU E 253 -24.09 96.15 42.41
C LEU E 253 -24.72 96.53 41.07
N CYS E 254 -24.56 97.78 40.67
CA CYS E 254 -24.92 98.21 39.33
C CYS E 254 -23.65 98.59 38.59
N TYR E 255 -23.31 97.80 37.57
CA TYR E 255 -22.09 98.04 36.81
C TYR E 255 -22.26 99.04 35.69
N THR E 256 -23.47 99.16 35.15
CA THR E 256 -23.72 99.92 33.93
C THR E 256 -24.72 101.02 34.24
N ALA E 257 -24.25 102.26 34.24
CA ALA E 257 -25.09 103.38 34.68
C ALA E 257 -26.17 103.74 33.67
N GLU E 258 -25.94 103.46 32.39
CA GLU E 258 -26.84 103.94 31.35
C GLU E 258 -27.84 102.89 30.89
N ALA E 259 -27.95 101.79 31.64
CA ALA E 259 -28.81 100.68 31.24
C ALA E 259 -30.23 100.78 31.78
N SER E 260 -30.64 101.93 32.32
CA SER E 260 -31.95 102.03 32.94
C SER E 260 -32.47 103.46 32.92
N VAL E 261 -33.80 103.58 32.95
CA VAL E 261 -34.50 104.84 33.12
C VAL E 261 -35.49 104.69 34.28
N ALA E 262 -35.43 105.62 35.22
CA ALA E 262 -36.35 105.68 36.35
C ALA E 262 -37.44 106.71 36.10
N LEU E 263 -38.63 106.39 36.55
CA LEU E 263 -39.76 107.28 36.39
C LEU E 263 -40.40 107.52 37.74
N SER E 264 -40.92 108.71 37.97
CA SER E 264 -41.53 109.06 39.24
C SER E 264 -42.83 109.80 38.99
N HIS E 265 -43.58 110.02 40.06
CA HIS E 265 -44.85 110.73 39.97
C HIS E 265 -44.68 112.22 40.20
N MET F 1 -78.35 41.82 27.76
CA MET F 1 -79.57 41.11 27.43
C MET F 1 -80.26 41.66 26.20
N ASN F 2 -81.35 41.03 25.79
CA ASN F 2 -82.09 41.47 24.60
C ASN F 2 -83.56 41.83 24.92
N ASN F 3 -84.41 41.88 23.90
CA ASN F 3 -85.81 42.22 24.13
C ASN F 3 -86.61 41.09 24.79
N LEU F 4 -86.18 39.84 24.69
CA LEU F 4 -86.81 38.75 25.42
C LEU F 4 -86.72 38.90 26.94
N TYR F 5 -85.70 39.60 27.43
CA TYR F 5 -85.48 39.76 28.88
C TYR F 5 -85.59 38.43 29.60
N ARG F 6 -84.92 37.42 29.04
CA ARG F 6 -85.11 36.04 29.44
C ARG F 6 -84.53 35.77 30.83
N ASP F 7 -83.41 36.41 31.16
CA ASP F 7 -82.79 36.22 32.46
C ASP F 7 -83.57 36.85 33.59
N LEU F 8 -84.51 37.74 33.29
CA LEU F 8 -85.33 38.31 34.34
C LEU F 8 -86.49 37.39 34.74
N ALA F 9 -86.79 36.38 33.94
CA ALA F 9 -87.89 35.49 34.25
C ALA F 9 -87.52 34.55 35.38
N PRO F 10 -88.41 34.32 36.35
CA PRO F 10 -88.14 33.31 37.39
C PRO F 10 -88.40 31.89 36.91
N VAL F 11 -87.59 31.46 35.95
CA VAL F 11 -87.70 30.16 35.32
C VAL F 11 -86.32 29.52 35.39
N THR F 12 -86.26 28.29 35.88
CA THR F 12 -84.99 27.61 35.98
C THR F 12 -84.53 27.12 34.62
N GLU F 13 -83.27 26.68 34.56
CA GLU F 13 -82.67 26.23 33.31
C GLU F 13 -83.34 24.97 32.78
N ALA F 14 -83.64 24.03 33.68
CA ALA F 14 -84.31 22.79 33.27
C ALA F 14 -85.73 23.06 32.82
N ALA F 15 -86.43 23.94 33.53
CA ALA F 15 -87.76 24.34 33.12
C ALA F 15 -87.72 25.06 31.77
N TRP F 16 -86.70 25.88 31.53
CA TRP F 16 -86.55 26.55 30.25
C TRP F 16 -86.36 25.55 29.12
N ALA F 17 -85.53 24.52 29.35
CA ALA F 17 -85.32 23.49 28.34
C ALA F 17 -86.60 22.73 28.03
N GLU F 18 -87.40 22.42 29.05
CA GLU F 18 -88.67 21.75 28.82
C GLU F 18 -89.66 22.63 28.06
N ILE F 19 -89.70 23.94 28.38
CA ILE F 19 -90.60 24.86 27.70
C ILE F 19 -90.19 25.03 26.23
N GLU F 20 -88.89 25.16 25.96
CA GLU F 20 -88.40 25.29 24.59
C GLU F 20 -88.71 24.05 23.78
N LEU F 21 -88.52 22.86 24.38
CA LEU F 21 -88.81 21.60 23.70
C LEU F 21 -90.29 21.47 23.38
N GLU F 22 -91.15 21.80 24.35
CA GLU F 22 -92.59 21.69 24.15
C GLU F 22 -93.09 22.65 23.06
N ALA F 23 -92.60 23.90 23.10
CA ALA F 23 -93.01 24.89 22.12
C ALA F 23 -92.54 24.55 20.71
N ALA F 24 -91.28 24.13 20.58
CA ALA F 24 -90.74 23.75 19.28
C ALA F 24 -91.45 22.54 18.70
N ARG F 25 -91.71 21.54 19.54
CA ARG F 25 -92.41 20.35 19.08
C ARG F 25 -93.82 20.66 18.61
N THR F 26 -94.60 21.36 19.43
CA THR F 26 -95.99 21.62 19.08
C THR F 26 -96.09 22.51 17.85
N PHE F 27 -95.18 23.46 17.69
CA PHE F 27 -95.15 24.33 16.53
C PHE F 27 -94.89 23.58 15.21
N LYS F 28 -93.83 22.78 15.16
CA LYS F 28 -93.52 22.00 13.95
C LYS F 28 -94.68 21.13 13.52
N ARG F 29 -95.30 20.43 14.46
CA ARG F 29 -96.41 19.56 14.17
C ARG F 29 -97.55 20.30 13.51
N HIS F 30 -97.75 21.54 13.91
CA HIS F 30 -98.91 22.29 13.38
C HIS F 30 -98.50 23.19 12.21
N ILE F 31 -97.22 23.20 11.82
CA ILE F 31 -96.92 24.00 10.63
C ILE F 31 -97.01 23.14 9.37
N ALA F 32 -97.80 23.60 8.41
CA ALA F 32 -97.83 23.02 7.07
C ALA F 32 -97.16 23.94 6.06
N GLY F 33 -97.17 25.24 6.33
CA GLY F 33 -96.75 26.22 5.34
C GLY F 33 -95.26 26.18 5.03
N ARG F 34 -94.43 25.96 6.05
CA ARG F 34 -92.98 25.97 5.85
C ARG F 34 -92.50 24.73 5.09
N ARG F 35 -93.32 23.68 5.04
CA ARG F 35 -92.94 22.48 4.28
C ARG F 35 -93.02 22.70 2.78
N VAL F 36 -93.78 23.69 2.32
CA VAL F 36 -93.99 23.88 0.89
C VAL F 36 -93.42 25.19 0.36
N VAL F 37 -93.22 26.21 1.18
CA VAL F 37 -92.77 27.50 0.68
C VAL F 37 -91.28 27.62 0.95
N ASP F 38 -90.64 28.54 0.22
CA ASP F 38 -89.26 28.86 0.50
C ASP F 38 -89.20 29.73 1.75
N VAL F 39 -88.33 29.35 2.68
CA VAL F 39 -88.19 30.04 3.95
C VAL F 39 -86.80 30.66 3.98
N SER F 40 -86.76 31.97 4.14
CA SER F 40 -85.50 32.68 4.12
C SER F 40 -84.77 32.51 5.44
N ASP F 41 -83.50 32.89 5.44
CA ASP F 41 -82.79 33.03 6.70
C ASP F 41 -83.36 34.22 7.48
N PRO F 42 -83.28 34.20 8.80
CA PRO F 42 -83.70 35.37 9.59
C PRO F 42 -82.87 36.61 9.28
N GLY F 43 -83.55 37.68 8.90
CA GLY F 43 -82.89 38.94 8.62
C GLY F 43 -82.25 39.56 9.84
N GLY F 44 -82.94 39.44 10.97
CA GLY F 44 -82.43 40.05 12.18
C GLY F 44 -83.46 41.03 12.71
N PRO F 45 -83.20 41.55 13.91
CA PRO F 45 -84.18 42.48 14.53
C PRO F 45 -84.34 43.79 13.80
N VAL F 46 -83.32 44.25 13.08
CA VAL F 46 -83.39 45.57 12.47
C VAL F 46 -84.17 45.53 11.18
N THR F 47 -84.38 44.34 10.63
CA THR F 47 -85.05 44.19 9.34
C THR F 47 -86.52 44.55 9.46
N ALA F 48 -86.98 45.44 8.59
CA ALA F 48 -88.32 46.00 8.76
C ALA F 48 -89.19 45.82 7.52
N ALA F 49 -88.57 45.71 6.35
CA ALA F 49 -89.33 45.62 5.11
C ALA F 49 -88.55 44.82 4.09
N VAL F 50 -89.28 44.30 3.12
CA VAL F 50 -88.70 43.56 2.01
C VAL F 50 -88.96 44.35 0.74
N SER F 51 -87.90 44.61 -0.01
CA SER F 51 -88.02 45.32 -1.28
C SER F 51 -88.70 44.43 -2.31
N THR F 52 -89.69 44.99 -3.01
CA THR F 52 -90.32 44.29 -4.12
C THR F 52 -89.70 44.63 -5.45
N GLY F 53 -88.92 45.71 -5.49
CA GLY F 53 -88.23 46.11 -6.74
C GLY F 53 -89.14 46.91 -7.65
N ARG F 54 -90.35 47.24 -7.23
CA ARG F 54 -91.26 48.07 -8.07
C ARG F 54 -91.11 49.55 -7.73
N LEU F 55 -91.78 50.43 -8.50
CA LEU F 55 -91.65 51.91 -8.31
C LEU F 55 -93.05 52.55 -8.27
N ILE F 56 -93.23 53.58 -7.46
CA ILE F 56 -94.53 54.25 -7.33
C ILE F 56 -94.42 55.71 -7.73
N ASP F 57 -95.18 56.11 -8.74
CA ASP F 57 -95.16 57.50 -9.21
C ASP F 57 -95.61 58.49 -8.14
N VAL F 58 -94.77 59.48 -7.84
CA VAL F 58 -95.16 60.53 -6.89
C VAL F 58 -95.15 61.91 -7.52
N LYS F 59 -95.91 62.84 -6.95
CA LYS F 59 -95.99 64.19 -7.50
C LYS F 59 -94.61 64.82 -7.61
N ALA F 60 -94.19 65.15 -8.82
CA ALA F 60 -92.86 65.74 -9.07
C ALA F 60 -92.47 66.83 -8.06
N PRO F 61 -91.29 66.68 -7.43
CA PRO F 61 -90.83 67.68 -6.46
C PRO F 61 -90.74 69.03 -7.13
N THR F 62 -90.01 69.12 -8.23
CA THR F 62 -89.90 70.37 -8.98
C THR F 62 -90.01 70.13 -10.48
N ASN F 63 -89.87 71.17 -11.26
CA ASN F 63 -89.95 71.05 -12.72
C ASN F 63 -88.76 70.26 -13.24
N GLY F 64 -89.03 69.31 -14.14
CA GLY F 64 -87.96 68.51 -14.73
C GLY F 64 -87.42 67.42 -13.83
N VAL F 65 -88.05 67.20 -12.68
CA VAL F 65 -87.62 66.14 -11.79
C VAL F 65 -88.64 65.05 -11.83
N ILE F 66 -88.18 63.82 -11.97
CA ILE F 66 -89.08 62.69 -12.01
C ILE F 66 -88.78 61.88 -10.77
N ALA F 67 -89.80 61.71 -9.95
CA ALA F 67 -89.60 61.00 -8.69
C ALA F 67 -90.39 59.74 -8.58
N HIS F 68 -89.78 58.75 -7.96
CA HIS F 68 -90.49 57.51 -7.75
C HIS F 68 -90.18 56.94 -6.39
N LEU F 69 -91.20 56.49 -5.68
CA LEU F 69 -91.00 55.82 -4.41
C LEU F 69 -90.71 54.35 -4.62
N ARG F 70 -89.75 53.82 -3.88
CA ARG F 70 -89.51 52.39 -3.89
C ARG F 70 -90.62 51.68 -3.12
N ALA F 71 -91.18 50.64 -3.73
CA ALA F 71 -92.20 49.84 -3.07
C ALA F 71 -91.56 48.79 -2.17
N SER F 72 -92.26 48.45 -1.10
CA SER F 72 -91.77 47.44 -0.17
C SER F 72 -92.95 46.83 0.56
N LYS F 73 -92.66 45.74 1.26
CA LYS F 73 -93.64 45.04 2.09
C LYS F 73 -93.20 45.09 3.54
N PRO F 74 -94.03 45.55 4.46
CA PRO F 74 -93.63 45.59 5.87
C PRO F 74 -93.71 44.21 6.52
N LEU F 75 -92.78 43.95 7.42
CA LEU F 75 -92.91 42.80 8.31
C LEU F 75 -93.98 43.07 9.36
N VAL F 76 -94.59 42.00 9.85
CA VAL F 76 -95.50 42.06 10.97
C VAL F 76 -94.92 41.21 12.09
N ARG F 77 -94.94 41.74 13.30
CA ARG F 77 -94.55 40.98 14.49
C ARG F 77 -95.79 40.42 15.15
N LEU F 78 -95.79 39.11 15.35
CA LEU F 78 -96.93 38.38 15.88
C LEU F 78 -96.52 37.85 17.24
N ARG F 79 -97.31 38.19 18.25
CA ARG F 79 -97.01 37.85 19.63
C ARG F 79 -98.21 37.16 20.25
N VAL F 80 -97.98 36.00 20.85
CA VAL F 80 -99.01 35.24 21.55
C VAL F 80 -98.57 35.12 23.01
N PRO F 81 -99.17 35.88 23.90
CA PRO F 81 -98.86 35.72 25.33
C PRO F 81 -99.48 34.46 25.90
N PHE F 82 -98.83 33.93 26.93
CA PHE F 82 -99.35 32.78 27.67
C PHE F 82 -98.84 32.84 29.10
N THR F 83 -99.50 32.08 29.97
CA THR F 83 -99.31 32.19 31.40
C THR F 83 -98.99 30.81 31.99
N LEU F 84 -97.90 30.73 32.74
CA LEU F 84 -97.46 29.49 33.34
C LEU F 84 -97.57 29.55 34.86
N SER F 85 -98.01 28.43 35.45
CA SER F 85 -97.97 28.28 36.89
C SER F 85 -96.54 28.15 37.37
N ARG F 86 -96.20 28.89 38.44
CA ARG F 86 -94.85 28.82 38.99
C ARG F 86 -94.62 27.53 39.76
N ASN F 87 -95.68 26.90 40.26
CA ASN F 87 -95.55 25.60 40.89
C ASN F 87 -95.11 24.53 39.89
N GLU F 88 -95.68 24.56 38.68
CA GLU F 88 -95.27 23.64 37.63
C GLU F 88 -93.82 23.87 37.22
N ILE F 89 -93.39 25.13 37.21
CA ILE F 89 -91.99 25.46 36.91
C ILE F 89 -91.06 24.93 37.99
N ASP F 90 -91.45 25.10 39.26
CA ASP F 90 -90.65 24.62 40.38
C ASP F 90 -90.61 23.09 40.45
N ASP F 91 -91.63 22.42 39.93
CA ASP F 91 -91.67 20.96 39.92
C ASP F 91 -90.55 20.34 39.09
N VAL F 92 -90.05 21.06 38.09
CA VAL F 92 -89.14 20.48 37.11
C VAL F 92 -87.79 20.17 37.74
N GLU F 93 -87.29 21.04 38.61
CA GLU F 93 -85.97 20.78 39.24
C GLU F 93 -86.09 19.61 40.22
N ARG F 94 -87.24 19.47 40.88
CA ARG F 94 -87.44 18.33 41.76
C ARG F 94 -87.56 17.01 41.02
N GLY F 95 -87.67 17.02 39.69
CA GLY F 95 -87.71 15.81 38.91
C GLY F 95 -89.04 15.42 38.35
N SER F 96 -90.04 16.31 38.41
CA SER F 96 -91.32 16.04 37.76
C SER F 96 -91.16 16.00 36.26
N LYS F 97 -91.91 15.11 35.61
CA LYS F 97 -91.90 14.99 34.16
C LYS F 97 -93.29 15.13 33.57
N ASP F 98 -94.25 15.59 34.38
CA ASP F 98 -95.61 15.82 33.88
C ASP F 98 -96.07 17.25 34.17
N SER F 99 -95.14 18.20 34.19
CA SER F 99 -95.47 19.59 34.45
C SER F 99 -96.39 20.12 33.36
N ASP F 100 -97.37 20.91 33.78
CA ASP F 100 -98.44 21.36 32.90
C ASP F 100 -97.95 22.39 31.90
N TRP F 101 -97.64 21.95 30.69
CA TRP F 101 -97.19 22.86 29.66
C TRP F 101 -98.29 23.10 28.64
N GLU F 102 -99.53 22.93 29.06
CA GLU F 102 -100.67 23.18 28.18
C GLU F 102 -100.72 24.62 27.63
N PRO F 103 -100.42 25.65 28.47
CA PRO F 103 -100.46 26.99 27.88
C PRO F 103 -99.39 27.14 26.81
N VAL F 104 -98.19 26.58 27.02
CA VAL F 104 -97.16 26.62 25.99
C VAL F 104 -97.65 25.96 24.71
N LYS F 105 -98.33 24.82 24.85
CA LYS F 105 -98.84 24.11 23.67
C LYS F 105 -99.95 24.90 22.98
N GLU F 106 -100.82 25.55 23.76
CA GLU F 106 -101.87 26.36 23.16
C GLU F 106 -101.31 27.60 22.49
N ALA F 107 -100.27 28.21 23.07
CA ALA F 107 -99.63 29.36 22.42
C ALA F 107 -98.92 28.96 21.14
N ALA F 108 -98.24 27.80 21.14
CA ALA F 108 -97.57 27.33 19.93
C ALA F 108 -98.56 26.96 18.84
N LYS F 109 -99.67 26.34 19.22
CA LYS F 109 -100.71 26.02 18.26
C LYS F 109 -101.35 27.28 17.69
N LYS F 110 -101.56 28.30 18.52
CA LYS F 110 -102.17 29.52 18.04
C LYS F 110 -101.23 30.31 17.14
N LEU F 111 -99.94 30.34 17.49
CA LEU F 111 -98.94 31.03 16.63
C LEU F 111 -98.85 30.30 15.29
N ALA F 112 -98.76 28.96 15.31
CA ALA F 112 -98.70 28.20 14.08
C ALA F 112 -99.94 28.41 13.22
N PHE F 113 -101.11 28.50 13.85
CA PHE F 113 -102.35 28.75 13.12
C PHE F 113 -102.36 30.12 12.48
N VAL F 114 -101.87 31.13 13.19
CA VAL F 114 -101.79 32.47 12.62
C VAL F 114 -100.85 32.45 11.42
N GLU F 115 -99.65 31.90 11.59
CA GLU F 115 -98.67 31.90 10.49
C GLU F 115 -99.22 31.20 9.25
N ASP F 116 -99.86 30.03 9.44
CA ASP F 116 -100.39 29.29 8.30
C ASP F 116 -101.58 30.01 7.66
N ARG F 117 -102.45 30.61 8.47
CA ARG F 117 -103.58 31.35 7.91
C ARG F 117 -103.13 32.63 7.24
N THR F 118 -102.01 33.20 7.69
CA THR F 118 -101.45 34.36 7.01
C THR F 118 -100.86 33.99 5.66
N ILE F 119 -100.14 32.86 5.59
CA ILE F 119 -99.57 32.41 4.33
C ILE F 119 -100.66 32.04 3.33
N PHE F 120 -101.70 31.33 3.76
CA PHE F 120 -102.64 30.79 2.79
C PHE F 120 -103.89 31.64 2.60
N GLU F 121 -104.31 32.42 3.58
CA GLU F 121 -105.50 33.24 3.46
C GLU F 121 -105.22 34.73 3.52
N GLY F 122 -103.98 35.10 3.75
CA GLY F 122 -103.63 36.49 3.84
C GLY F 122 -103.97 37.26 5.08
N TYR F 123 -103.38 38.43 5.22
CA TYR F 123 -103.64 39.27 6.36
C TYR F 123 -103.61 40.63 5.73
N SER F 124 -104.78 41.13 5.36
CA SER F 124 -104.87 42.42 4.67
C SER F 124 -104.27 43.61 5.41
N ALA F 125 -104.45 43.68 6.72
CA ALA F 125 -103.91 44.78 7.51
C ALA F 125 -102.39 44.82 7.44
N ALA F 126 -101.74 43.68 7.25
CA ALA F 126 -100.30 43.61 7.07
C ALA F 126 -99.90 43.62 5.60
N SER F 127 -100.84 43.93 4.70
CA SER F 127 -100.64 43.98 3.25
C SER F 127 -100.10 42.67 2.69
N ILE F 128 -100.60 41.56 3.22
CA ILE F 128 -100.20 40.23 2.77
C ILE F 128 -101.40 39.62 2.04
N GLU F 129 -101.20 39.29 0.78
CA GLU F 129 -102.21 38.57 0.01
C GLU F 129 -101.95 37.08 0.18
N GLY F 130 -103.01 36.33 0.47
CA GLY F 130 -102.88 34.90 0.61
C GLY F 130 -102.64 34.20 -0.71
N ILE F 131 -102.26 32.93 -0.60
CA ILE F 131 -102.12 32.08 -1.78
C ILE F 131 -103.47 31.89 -2.47
N ARG F 132 -104.54 31.79 -1.68
CA ARG F 132 -105.88 31.66 -2.25
C ARG F 132 -106.28 32.90 -3.05
N SER F 133 -105.98 34.09 -2.54
CA SER F 133 -106.33 35.30 -3.25
C SER F 133 -105.40 35.58 -4.41
N ALA F 134 -104.13 35.23 -4.31
CA ALA F 134 -103.15 35.50 -5.35
C ALA F 134 -103.12 34.44 -6.44
N SER F 135 -103.90 33.37 -6.32
CA SER F 135 -103.92 32.34 -7.33
C SER F 135 -104.72 32.82 -8.55
N SER F 136 -104.14 32.62 -9.74
CA SER F 136 -104.85 32.95 -10.97
C SER F 136 -105.61 31.75 -11.55
N ASN F 137 -105.32 30.54 -11.08
CA ASN F 137 -106.05 29.37 -11.53
C ASN F 137 -107.46 29.39 -10.94
N PRO F 138 -108.44 28.78 -11.61
CA PRO F 138 -109.81 28.80 -11.10
C PRO F 138 -109.96 28.03 -9.80
N ALA F 139 -110.89 28.49 -8.97
CA ALA F 139 -111.17 27.85 -7.70
C ALA F 139 -112.16 26.71 -7.91
N LEU F 140 -112.00 25.67 -7.11
CA LEU F 140 -112.82 24.47 -7.23
C LEU F 140 -113.62 24.28 -5.96
N THR F 141 -114.73 23.56 -6.07
CA THR F 141 -115.59 23.25 -4.94
C THR F 141 -115.36 21.81 -4.51
N LEU F 142 -115.08 21.61 -3.22
CA LEU F 142 -114.92 20.26 -2.70
C LEU F 142 -116.28 19.64 -2.50
N PRO F 143 -116.45 18.39 -2.95
CA PRO F 143 -117.76 17.72 -2.83
C PRO F 143 -118.06 17.25 -1.41
N GLU F 144 -119.31 16.94 -1.14
CA GLU F 144 -119.70 16.47 0.18
C GLU F 144 -119.20 15.06 0.44
N ASP F 145 -119.31 14.18 -0.54
CA ASP F 145 -118.87 12.80 -0.40
C ASP F 145 -117.36 12.74 -0.45
N PRO F 146 -116.68 12.20 0.57
CA PRO F 146 -115.22 12.06 0.52
C PRO F 146 -114.73 11.15 -0.59
N ARG F 147 -115.52 10.19 -1.05
CA ARG F 147 -115.13 9.32 -2.16
C ARG F 147 -115.03 10.10 -3.48
N GLU F 148 -115.66 11.26 -3.56
CA GLU F 148 -115.52 12.14 -4.71
C GLU F 148 -114.44 13.19 -4.52
N ILE F 149 -113.70 13.16 -3.41
CA ILE F 149 -112.58 14.11 -3.25
C ILE F 149 -111.47 13.89 -4.30
N PRO F 150 -110.95 12.65 -4.44
CA PRO F 150 -109.84 12.50 -5.39
C PRO F 150 -110.16 12.96 -6.82
N ASP F 151 -111.42 12.89 -7.23
CA ASP F 151 -111.79 13.35 -8.56
C ASP F 151 -111.49 14.84 -8.70
N VAL F 152 -112.08 15.65 -7.82
CA VAL F 152 -111.89 17.11 -7.88
C VAL F 152 -110.42 17.49 -7.74
N ILE F 153 -109.71 16.85 -6.82
CA ILE F 153 -108.27 17.08 -6.68
C ILE F 153 -107.56 16.86 -8.00
N SER F 154 -107.93 15.80 -8.73
CA SER F 154 -107.33 15.52 -10.06
C SER F 154 -107.64 16.65 -11.05
N GLN F 155 -108.81 17.27 -10.95
CA GLN F 155 -109.14 18.42 -11.79
C GLN F 155 -108.21 19.59 -11.48
N ALA F 156 -107.88 19.77 -10.19
CA ALA F 156 -106.89 20.76 -9.81
C ALA F 156 -105.53 20.44 -10.41
N LEU F 157 -105.17 19.15 -10.44
CA LEU F 157 -103.94 18.74 -11.10
C LEU F 157 -103.99 18.98 -12.60
N SER F 158 -105.19 19.03 -13.18
CA SER F 158 -105.30 19.42 -14.58
C SER F 158 -104.93 20.89 -14.76
N GLU F 159 -105.34 21.74 -13.81
CA GLU F 159 -105.21 23.18 -14.00
C GLU F 159 -103.76 23.63 -13.94
N LEU F 160 -102.99 23.11 -12.98
CA LEU F 160 -101.54 23.32 -12.96
C LEU F 160 -100.87 22.75 -14.20
N ARG F 161 -101.44 21.72 -14.80
CA ARG F 161 -100.89 21.22 -16.04
C ARG F 161 -101.26 22.15 -17.20
N LEU F 162 -102.45 22.76 -17.14
CA LEU F 162 -102.84 23.72 -18.16
C LEU F 162 -102.14 25.06 -17.95
N ALA F 163 -101.62 25.32 -16.76
CA ALA F 163 -100.87 26.53 -16.48
C ALA F 163 -99.42 26.42 -16.91
N GLY F 164 -98.99 25.26 -17.40
CA GLY F 164 -97.59 25.06 -17.77
C GLY F 164 -96.68 25.11 -16.55
N VAL F 165 -96.81 24.15 -15.65
CA VAL F 165 -96.02 24.15 -14.43
C VAL F 165 -95.45 22.77 -14.15
N ASP F 166 -94.17 22.69 -13.78
CA ASP F 166 -93.56 21.41 -13.44
C ASP F 166 -93.36 21.28 -11.94
N GLY F 167 -92.59 20.29 -11.51
CA GLY F 167 -92.29 20.13 -10.09
C GLY F 167 -93.18 19.17 -9.32
N PRO F 168 -92.72 18.75 -8.12
CA PRO F 168 -93.50 17.83 -7.31
C PRO F 168 -94.73 18.59 -6.81
N TYR F 169 -95.94 18.12 -7.10
CA TYR F 169 -97.11 18.81 -6.58
C TYR F 169 -97.48 18.35 -5.16
N SER F 170 -97.95 19.25 -4.31
CA SER F 170 -98.30 18.76 -2.97
C SER F 170 -99.71 19.20 -2.60
N VAL F 171 -100.44 18.34 -1.88
CA VAL F 171 -101.82 18.65 -1.53
C VAL F 171 -101.87 18.91 -0.03
N LEU F 172 -102.45 20.06 0.32
CA LEU F 172 -102.62 20.43 1.72
C LEU F 172 -104.10 20.42 1.98
N LEU F 173 -104.52 19.79 3.08
CA LEU F 173 -105.93 19.64 3.38
C LEU F 173 -106.24 20.31 4.71
N SER F 174 -107.44 20.86 4.82
CA SER F 174 -107.92 21.30 6.12
C SER F 174 -108.18 20.09 7.01
N ALA F 175 -108.29 20.35 8.32
CA ALA F 175 -108.45 19.28 9.30
C ALA F 175 -109.76 18.53 9.10
N ASP F 176 -110.82 19.23 8.70
CA ASP F 176 -112.09 18.58 8.36
C ASP F 176 -111.93 17.66 7.17
N VAL F 177 -111.26 18.14 6.11
CA VAL F 177 -111.08 17.37 4.89
C VAL F 177 -110.10 16.22 5.12
N TYR F 178 -109.04 16.47 5.90
CA TYR F 178 -108.08 15.42 6.23
C TYR F 178 -108.73 14.31 7.05
N THR F 179 -109.58 14.67 8.01
CA THR F 179 -110.33 13.69 8.78
C THR F 179 -111.31 12.91 7.89
N LYS F 180 -111.99 13.60 6.98
CA LYS F 180 -112.94 12.94 6.08
C LYS F 180 -112.27 11.94 5.16
N VAL F 181 -111.11 12.30 4.58
CA VAL F 181 -110.43 11.36 3.70
C VAL F 181 -109.60 10.36 4.46
N SER F 182 -109.39 10.56 5.76
CA SER F 182 -108.71 9.58 6.58
C SER F 182 -109.64 8.49 7.08
N GLU F 183 -110.86 8.85 7.44
CA GLU F 183 -111.76 7.92 8.10
C GLU F 183 -112.64 7.15 7.13
N THR F 184 -112.78 7.61 5.90
CA THR F 184 -113.50 6.89 4.88
C THR F 184 -112.52 5.99 4.14
N SER F 185 -112.91 4.74 3.90
CA SER F 185 -112.02 3.79 3.29
C SER F 185 -112.67 3.16 2.07
N ASP F 186 -111.83 2.78 1.10
CA ASP F 186 -112.28 2.09 -0.10
C ASP F 186 -111.23 1.07 -0.47
N HIS F 187 -111.65 -0.21 -0.51
CA HIS F 187 -110.83 -1.36 -0.92
C HIS F 187 -109.55 -1.47 -0.08
N GLY F 188 -109.71 -1.37 1.23
CA GLY F 188 -108.60 -1.60 2.15
C GLY F 188 -107.66 -0.43 2.33
N TYR F 189 -107.94 0.71 1.74
CA TYR F 189 -107.15 1.90 1.95
C TYR F 189 -108.08 3.08 2.22
N PRO F 190 -107.67 4.01 3.07
CA PRO F 190 -108.40 5.27 3.19
C PRO F 190 -108.19 6.11 1.95
N ILE F 191 -109.07 7.11 1.79
CA ILE F 191 -109.04 7.99 0.62
C ILE F 191 -107.77 8.84 0.59
N ARG F 192 -107.14 9.04 1.76
CA ARG F 192 -105.86 9.72 1.84
C ARG F 192 -104.78 9.00 1.02
N GLU F 193 -104.81 7.67 1.01
CA GLU F 193 -103.88 6.91 0.19
C GLU F 193 -104.20 7.11 -1.30
N HIS F 194 -105.49 7.19 -1.66
CA HIS F 194 -105.88 7.49 -3.04
C HIS F 194 -105.37 8.86 -3.48
N LEU F 195 -105.39 9.83 -2.57
CA LEU F 195 -104.78 11.13 -2.86
C LEU F 195 -103.27 11.01 -3.00
N ASN F 196 -102.64 10.16 -2.19
CA ASN F 196 -101.21 9.96 -2.25
C ASN F 196 -100.77 9.35 -3.58
N ARG F 197 -101.62 8.55 -4.21
CA ARG F 197 -101.27 7.99 -5.51
C ARG F 197 -101.27 9.01 -6.63
N LEU F 198 -102.07 10.08 -6.51
CA LEU F 198 -102.19 11.11 -7.58
C LEU F 198 -100.95 12.02 -7.66
N VAL F 199 -100.23 12.22 -6.57
CA VAL F 199 -99.11 13.21 -6.61
C VAL F 199 -97.77 12.60 -6.23
N ASP F 200 -96.68 13.27 -6.61
CA ASP F 200 -95.32 12.80 -6.27
C ASP F 200 -94.83 13.63 -5.09
N GLY F 201 -95.70 14.46 -4.53
CA GLY F 201 -95.35 15.27 -3.37
C GLY F 201 -95.87 14.62 -2.11
N ASP F 202 -96.65 15.35 -1.29
CA ASP F 202 -97.07 14.76 0.00
C ASP F 202 -98.48 15.21 0.37
N ILE F 203 -99.26 14.31 0.97
CA ILE F 203 -100.56 14.78 1.52
C ILE F 203 -100.17 15.38 2.85
N ILE F 204 -100.48 16.66 3.05
CA ILE F 204 -100.02 17.40 4.21
C ILE F 204 -101.22 17.83 5.03
N TRP F 205 -101.20 17.48 6.31
CA TRP F 205 -102.23 17.93 7.23
C TRP F 205 -102.02 19.41 7.54
N ALA F 206 -103.05 20.21 7.27
CA ALA F 206 -102.98 21.67 7.45
C ALA F 206 -104.19 22.11 8.24
N PRO F 207 -104.15 21.99 9.58
CA PRO F 207 -105.33 22.26 10.40
C PRO F 207 -105.76 23.71 10.47
N ALA F 208 -104.93 24.67 10.05
CA ALA F 208 -105.32 26.06 10.14
C ALA F 208 -106.14 26.53 8.94
N ILE F 209 -105.88 25.97 7.76
CA ILE F 209 -106.48 26.45 6.52
C ILE F 209 -107.94 26.03 6.41
N ASP F 210 -108.65 26.64 5.48
CA ASP F 210 -109.95 26.18 5.03
C ASP F 210 -109.79 25.50 3.66
N GLY F 211 -110.69 24.56 3.39
CA GLY F 211 -110.67 23.88 2.11
C GLY F 211 -109.42 23.08 1.83
N ALA F 212 -108.86 23.27 0.65
CA ALA F 212 -107.67 22.51 0.27
C ALA F 212 -106.83 23.35 -0.68
N PHE F 213 -105.57 22.96 -0.79
CA PHE F 213 -104.66 23.68 -1.71
C PHE F 213 -103.79 22.66 -2.42
N VAL F 214 -103.69 22.77 -3.74
CA VAL F 214 -102.77 21.89 -4.48
C VAL F 214 -101.73 22.82 -5.08
N LEU F 215 -100.46 22.47 -4.96
CA LEU F 215 -99.46 23.44 -5.45
C LEU F 215 -98.13 22.75 -5.72
N THR F 216 -97.28 23.39 -6.51
CA THR F 216 -95.97 22.88 -6.85
C THR F 216 -94.94 23.30 -5.81
N THR F 217 -93.97 22.42 -5.57
CA THR F 217 -92.91 22.72 -4.63
C THR F 217 -91.57 22.73 -5.36
N ARG F 218 -91.60 23.20 -6.61
CA ARG F 218 -90.38 23.26 -7.41
C ARG F 218 -89.40 24.31 -6.89
N GLY F 219 -89.90 25.30 -6.15
CA GLY F 219 -89.03 26.33 -5.63
C GLY F 219 -89.24 27.66 -6.32
N GLY F 220 -88.95 28.73 -5.60
CA GLY F 220 -88.96 30.07 -6.17
C GLY F 220 -90.33 30.65 -6.44
N ASP F 221 -91.41 30.03 -5.98
CA ASP F 221 -92.74 30.55 -6.27
C ASP F 221 -93.35 31.23 -5.04
N PHE F 222 -93.06 30.71 -3.86
CA PHE F 222 -93.68 31.17 -2.63
C PHE F 222 -92.55 31.42 -1.63
N ASP F 223 -92.53 32.60 -1.01
CA ASP F 223 -91.39 33.01 -0.22
C ASP F 223 -91.87 33.56 1.11
N LEU F 224 -91.48 32.92 2.19
CA LEU F 224 -91.75 33.41 3.54
C LEU F 224 -90.49 34.12 4.02
N GLN F 225 -90.61 35.41 4.32
CA GLN F 225 -89.48 36.19 4.81
C GLN F 225 -89.57 36.37 6.32
N LEU F 226 -88.53 35.94 6.99
CA LEU F 226 -88.47 36.06 8.42
C LEU F 226 -87.48 37.08 8.87
N GLY F 227 -87.88 37.99 9.73
CA GLY F 227 -86.89 38.90 10.31
C GLY F 227 -86.30 38.09 11.44
N THR F 228 -87.15 37.63 12.35
CA THR F 228 -86.71 36.76 13.46
C THR F 228 -87.64 35.56 13.54
N ASP F 229 -87.07 34.36 13.75
CA ASP F 229 -87.89 33.12 13.88
C ASP F 229 -88.58 33.12 15.24
N VAL F 230 -89.31 32.04 15.55
CA VAL F 230 -90.08 31.93 16.82
C VAL F 230 -89.16 32.00 18.04
N ALA F 231 -89.47 32.88 18.98
CA ALA F 231 -88.70 33.04 20.20
C ALA F 231 -89.63 33.16 21.38
N ILE F 232 -89.15 32.81 22.56
CA ILE F 232 -89.94 32.91 23.78
C ILE F 232 -89.40 34.06 24.61
N GLY F 233 -90.28 34.99 24.99
CA GLY F 233 -89.89 36.17 25.74
C GLY F 233 -90.66 36.29 27.04
N TYR F 234 -90.11 37.10 27.95
CA TYR F 234 -90.66 37.26 29.29
C TYR F 234 -91.35 38.61 29.42
N ALA F 235 -92.59 38.60 29.90
CA ALA F 235 -93.35 39.87 30.04
C ALA F 235 -93.32 40.33 31.50
N SER F 236 -93.95 39.58 32.40
CA SER F 236 -94.03 39.96 33.81
C SER F 236 -94.33 38.72 34.65
N HIS F 237 -94.25 38.86 35.98
CA HIS F 237 -94.48 37.70 36.89
C HIS F 237 -95.09 38.13 38.22
N ASP F 238 -95.77 37.22 38.91
CA ASP F 238 -96.29 37.50 40.27
C ASP F 238 -95.88 36.31 41.14
N THR F 239 -96.49 36.15 42.31
CA THR F 239 -96.12 35.04 43.22
C THR F 239 -96.56 33.71 42.62
N ASP F 240 -97.64 33.72 41.84
CA ASP F 240 -98.17 32.45 41.37
C ASP F 240 -97.83 32.12 39.93
N THR F 241 -97.67 33.11 39.06
CA THR F 241 -97.62 32.85 37.63
C THR F 241 -96.52 33.66 36.97
N VAL F 242 -96.08 33.18 35.81
CA VAL F 242 -95.16 33.90 34.94
C VAL F 242 -95.86 34.11 33.61
N ARG F 243 -95.96 35.37 33.19
CA ARG F 243 -96.46 35.71 31.86
C ARG F 243 -95.30 35.75 30.87
N LEU F 244 -95.41 34.93 29.82
CA LEU F 244 -94.40 34.93 28.77
C LEU F 244 -95.12 35.11 27.45
N TYR F 245 -94.39 35.03 26.34
CA TYR F 245 -95.01 35.13 25.02
C TYR F 245 -94.17 34.37 24.01
N LEU F 246 -94.83 33.96 22.95
CA LEU F 246 -94.18 33.47 21.74
C LEU F 246 -94.22 34.59 20.72
N GLN F 247 -93.14 34.74 19.96
CA GLN F 247 -93.07 35.91 19.10
C GLN F 247 -92.29 35.57 17.84
N GLU F 248 -92.81 36.04 16.70
CA GLU F 248 -92.11 35.89 15.44
C GLU F 248 -92.49 37.04 14.53
N THR F 249 -91.56 37.47 13.68
CA THR F 249 -91.84 38.56 12.75
C THR F 249 -91.54 38.13 11.32
N LEU F 250 -92.49 38.40 10.42
CA LEU F 250 -92.47 37.81 9.09
C LEU F 250 -93.30 38.63 8.11
N THR F 251 -93.09 38.33 6.83
CA THR F 251 -94.04 38.66 5.78
C THR F 251 -94.05 37.50 4.80
N PHE F 252 -95.06 37.46 3.94
CA PHE F 252 -95.14 36.42 2.93
C PHE F 252 -95.35 37.03 1.55
N LEU F 253 -94.65 36.49 0.57
CA LEU F 253 -94.70 36.94 -0.81
C LEU F 253 -95.05 35.76 -1.70
N CYS F 254 -95.95 35.98 -2.64
CA CYS F 254 -96.23 35.00 -3.69
C CYS F 254 -95.78 35.60 -5.02
N TYR F 255 -94.74 35.02 -5.61
CA TYR F 255 -94.21 35.53 -6.87
C TYR F 255 -94.92 34.98 -8.09
N THR F 256 -95.49 33.78 -7.99
CA THR F 256 -96.00 33.06 -9.14
C THR F 256 -97.49 32.80 -8.93
N ALA F 257 -98.33 33.49 -9.70
CA ALA F 257 -99.77 33.44 -9.47
C ALA F 257 -100.39 32.11 -9.90
N GLU F 258 -99.79 31.43 -10.86
CA GLU F 258 -100.42 30.25 -11.45
C GLU F 258 -99.90 28.95 -10.86
N ALA F 259 -99.17 29.01 -9.75
CA ALA F 259 -98.55 27.84 -9.16
C ALA F 259 -99.42 27.14 -8.13
N SER F 260 -100.71 27.48 -8.04
CA SER F 260 -101.55 26.90 -6.99
C SER F 260 -103.01 26.89 -7.40
N VAL F 261 -103.76 25.95 -6.82
CA VAL F 261 -105.22 25.88 -6.91
C VAL F 261 -105.78 25.81 -5.51
N ALA F 262 -106.74 26.68 -5.22
CA ALA F 262 -107.46 26.71 -3.96
C ALA F 262 -108.82 26.03 -4.10
N LEU F 263 -109.21 25.33 -3.05
CA LEU F 263 -110.48 24.63 -3.05
C LEU F 263 -111.25 25.05 -1.83
N SER F 264 -112.57 25.12 -1.94
CA SER F 264 -113.43 25.54 -0.83
C SER F 264 -114.62 24.62 -0.75
N HIS F 265 -115.40 24.78 0.31
CA HIS F 265 -116.59 23.97 0.53
C HIS F 265 -117.83 24.64 -0.03
N MET G 1 -73.45 -28.93 38.79
CA MET G 1 -73.51 -30.24 39.43
C MET G 1 -74.15 -31.29 38.55
N ASN G 2 -74.18 -32.54 39.03
CA ASN G 2 -74.76 -33.64 38.26
C ASN G 2 -75.92 -34.32 39.00
N ASN G 3 -76.27 -35.54 38.60
CA ASN G 3 -77.37 -36.24 39.25
C ASN G 3 -77.01 -36.77 40.65
N LEU G 4 -75.73 -36.98 40.96
CA LEU G 4 -75.32 -37.34 42.31
C LEU G 4 -75.64 -36.26 43.34
N TYR G 5 -75.71 -34.99 42.92
CA TYR G 5 -75.97 -33.88 43.85
C TYR G 5 -75.05 -33.97 45.07
N ARG G 6 -73.77 -34.21 44.81
CA ARG G 6 -72.82 -34.57 45.84
C ARG G 6 -72.50 -33.39 46.75
N ASP G 7 -72.44 -32.19 46.19
CA ASP G 7 -72.14 -31.00 46.99
C ASP G 7 -73.29 -30.60 47.91
N LEU G 8 -74.48 -31.13 47.69
CA LEU G 8 -75.58 -30.84 48.60
C LEU G 8 -75.55 -31.70 49.86
N ALA G 9 -74.76 -32.77 49.86
CA ALA G 9 -74.72 -33.65 51.01
C ALA G 9 -73.92 -33.01 52.14
N PRO G 10 -74.38 -33.09 53.38
CA PRO G 10 -73.59 -32.60 54.52
C PRO G 10 -72.50 -33.59 54.93
N VAL G 11 -71.54 -33.77 54.04
CA VAL G 11 -70.44 -34.71 54.21
C VAL G 11 -69.16 -33.94 53.94
N THR G 12 -68.21 -34.03 54.86
CA THR G 12 -66.96 -33.32 54.67
C THR G 12 -66.08 -34.04 53.66
N GLU G 13 -65.01 -33.36 53.24
CA GLU G 13 -64.11 -33.89 52.22
C GLU G 13 -63.38 -35.13 52.73
N ALA G 14 -62.92 -35.10 53.97
CA ALA G 14 -62.23 -36.26 54.55
C ALA G 14 -63.16 -37.43 54.73
N ALA G 15 -64.39 -37.16 55.18
CA ALA G 15 -65.41 -38.19 55.28
C ALA G 15 -65.75 -38.76 53.92
N TRP G 16 -65.80 -37.91 52.88
CA TRP G 16 -66.05 -38.39 51.53
C TRP G 16 -64.95 -39.32 51.06
N ALA G 17 -63.68 -38.97 51.33
CA ALA G 17 -62.57 -39.82 50.95
C ALA G 17 -62.62 -41.17 51.64
N GLU G 18 -62.96 -41.18 52.94
CA GLU G 18 -63.11 -42.44 53.65
C GLU G 18 -64.26 -43.30 53.12
N ILE G 19 -65.39 -42.67 52.77
CA ILE G 19 -66.53 -43.40 52.23
C ILE G 19 -66.21 -43.99 50.85
N GLU G 20 -65.54 -43.20 50.00
CA GLU G 20 -65.14 -43.69 48.68
C GLU G 20 -64.17 -44.86 48.78
N LEU G 21 -63.20 -44.76 49.69
CA LEU G 21 -62.24 -45.83 49.90
C LEU G 21 -62.91 -47.10 50.39
N GLU G 22 -63.82 -46.97 51.37
CA GLU G 22 -64.51 -48.13 51.92
C GLU G 22 -65.38 -48.81 50.89
N ALA G 23 -66.13 -48.03 50.10
CA ALA G 23 -67.01 -48.59 49.09
C ALA G 23 -66.24 -49.27 47.97
N ALA G 24 -65.17 -48.62 47.49
CA ALA G 24 -64.36 -49.20 46.42
C ALA G 24 -63.68 -50.48 46.88
N ARG G 25 -63.15 -50.49 48.09
CA ARG G 25 -62.49 -51.68 48.62
C ARG G 25 -63.46 -52.85 48.77
N THR G 26 -64.60 -52.61 49.42
CA THR G 26 -65.53 -53.71 49.67
C THR G 26 -66.12 -54.24 48.37
N PHE G 27 -66.35 -53.38 47.38
CA PHE G 27 -66.85 -53.78 46.09
C PHE G 27 -65.89 -54.69 45.32
N LYS G 28 -64.63 -54.28 45.17
CA LYS G 28 -63.64 -55.10 44.47
C LYS G 28 -63.51 -56.49 45.08
N ARG G 29 -63.44 -56.57 46.41
CA ARG G 29 -63.30 -57.83 47.09
C ARG G 29 -64.44 -58.75 46.77
N HIS G 30 -65.63 -58.21 46.59
CA HIS G 30 -66.80 -59.09 46.36
C HIS G 30 -67.11 -59.23 44.88
N ILE G 31 -66.34 -58.58 43.99
CA ILE G 31 -66.62 -58.86 42.58
C ILE G 31 -65.78 -60.01 42.07
N ALA G 32 -66.44 -61.01 41.48
CA ALA G 32 -65.77 -62.07 40.75
C ALA G 32 -65.97 -61.92 39.25
N GLY G 33 -67.08 -61.30 38.85
CA GLY G 33 -67.47 -61.29 37.45
C GLY G 33 -66.56 -60.47 36.55
N ARG G 34 -66.09 -59.33 37.06
CA ARG G 34 -65.24 -58.47 36.24
C ARG G 34 -63.85 -59.04 36.02
N ARG G 35 -63.44 -60.01 36.84
CA ARG G 35 -62.14 -60.64 36.65
C ARG G 35 -62.12 -61.57 35.45
N VAL G 36 -63.27 -62.04 34.99
CA VAL G 36 -63.32 -63.02 33.91
C VAL G 36 -63.97 -62.50 32.65
N VAL G 37 -64.82 -61.48 32.69
CA VAL G 37 -65.53 -61.04 31.52
C VAL G 37 -64.84 -59.80 30.98
N ASP G 38 -65.11 -59.49 29.71
CA ASP G 38 -64.64 -58.24 29.14
C ASP G 38 -65.51 -57.11 29.65
N VAL G 39 -64.87 -56.06 30.14
CA VAL G 39 -65.56 -54.91 30.72
C VAL G 39 -65.28 -53.72 29.82
N SER G 40 -66.35 -53.13 29.30
CA SER G 40 -66.23 -52.02 28.38
C SER G 40 -65.88 -50.74 29.14
N ASP G 41 -65.49 -49.72 28.38
CA ASP G 41 -65.40 -48.39 28.94
C ASP G 41 -66.81 -47.88 29.24
N PRO G 42 -66.97 -46.99 30.22
CA PRO G 42 -68.28 -46.38 30.46
C PRO G 42 -68.77 -45.57 29.28
N GLY G 43 -69.96 -45.89 28.79
CA GLY G 43 -70.56 -45.17 27.68
C GLY G 43 -70.91 -43.75 28.04
N GLY G 44 -71.38 -43.54 29.26
CA GLY G 44 -71.79 -42.22 29.66
C GLY G 44 -73.24 -42.24 30.08
N PRO G 45 -73.73 -41.12 30.63
CA PRO G 45 -75.10 -41.09 31.12
C PRO G 45 -76.16 -41.20 30.03
N VAL G 46 -75.83 -40.79 28.80
CA VAL G 46 -76.86 -40.75 27.75
C VAL G 46 -77.05 -42.13 27.14
N THR G 47 -76.11 -43.04 27.37
CA THR G 47 -76.15 -44.36 26.78
C THR G 47 -77.30 -45.17 27.37
N ALA G 48 -78.14 -45.74 26.51
CA ALA G 48 -79.36 -46.36 26.99
C ALA G 48 -79.51 -47.80 26.54
N ALA G 49 -78.89 -48.16 25.42
CA ALA G 49 -79.04 -49.49 24.86
C ALA G 49 -77.79 -49.88 24.10
N VAL G 50 -77.61 -51.19 23.95
CA VAL G 50 -76.51 -51.74 23.19
C VAL G 50 -77.09 -52.45 21.97
N SER G 51 -76.60 -52.09 20.79
CA SER G 51 -77.03 -52.73 19.56
C SER G 51 -76.52 -54.17 19.51
N THR G 52 -77.41 -55.09 19.16
CA THR G 52 -77.02 -56.48 18.94
C THR G 52 -76.72 -56.77 17.48
N GLY G 53 -77.17 -55.88 16.59
CA GLY G 53 -76.92 -56.04 15.15
C GLY G 53 -77.92 -56.97 14.49
N ARG G 54 -78.94 -57.43 15.22
CA ARG G 54 -79.97 -58.30 14.61
C ARG G 54 -81.16 -57.46 14.10
N LEU G 55 -82.12 -58.09 13.42
CA LEU G 55 -83.27 -57.38 12.82
C LEU G 55 -84.58 -58.09 13.19
N ILE G 56 -85.66 -57.33 13.41
CA ILE G 56 -86.95 -57.91 13.78
C ILE G 56 -88.01 -57.58 12.75
N ASP G 57 -88.61 -58.60 12.14
CA ASP G 57 -89.65 -58.39 11.13
C ASP G 57 -90.87 -57.68 11.68
N VAL G 58 -91.25 -56.56 11.07
CA VAL G 58 -92.48 -55.86 11.48
C VAL G 58 -93.49 -55.77 10.35
N LYS G 59 -94.76 -55.61 10.71
CA LYS G 59 -95.81 -55.53 9.69
C LYS G 59 -95.55 -54.43 8.69
N ALA G 60 -95.36 -54.78 7.42
CA ALA G 60 -95.07 -53.82 6.35
C ALA G 60 -95.90 -52.54 6.43
N PRO G 61 -95.22 -51.38 6.44
CA PRO G 61 -95.92 -50.09 6.50
C PRO G 61 -96.87 -49.97 5.32
N THR G 62 -96.35 -50.13 4.11
CA THR G 62 -97.18 -50.09 2.91
C THR G 62 -96.80 -51.20 1.94
N ASN G 63 -97.45 -51.24 0.79
CA ASN G 63 -97.16 -52.25 -0.22
C ASN G 63 -95.77 -52.04 -0.80
N GLY G 64 -95.01 -53.13 -0.90
CA GLY G 64 -93.67 -53.04 -1.47
C GLY G 64 -92.62 -52.48 -0.53
N VAL G 65 -92.98 -52.26 0.74
CA VAL G 65 -92.02 -51.77 1.70
C VAL G 65 -91.69 -52.89 2.66
N ILE G 66 -90.41 -53.09 2.90
CA ILE G 66 -89.99 -54.13 3.81
C ILE G 66 -89.37 -53.44 4.99
N ALA G 67 -89.93 -53.67 6.16
CA ALA G 67 -89.46 -52.99 7.36
C ALA G 67 -88.88 -53.91 8.39
N HIS G 68 -87.84 -53.46 9.04
CA HIS G 68 -87.27 -54.24 10.11
C HIS G 68 -86.84 -53.37 11.25
N LEU G 69 -87.17 -53.78 12.46
CA LEU G 69 -86.72 -53.07 13.64
C LEU G 69 -85.33 -53.53 14.04
N ARG G 70 -84.48 -52.57 14.42
CA ARG G 70 -83.18 -52.92 14.97
C ARG G 70 -83.35 -53.44 16.38
N ALA G 71 -82.72 -54.58 16.66
CA ALA G 71 -82.75 -55.16 17.99
C ALA G 71 -81.69 -54.52 18.87
N SER G 72 -81.97 -54.45 20.17
CA SER G 72 -81.04 -53.87 21.12
C SER G 72 -81.31 -54.44 22.51
N LYS G 73 -80.38 -54.19 23.42
CA LYS G 73 -80.48 -54.59 24.81
C LYS G 73 -80.52 -53.35 25.68
N PRO G 74 -81.51 -53.17 26.53
CA PRO G 74 -81.55 -51.99 27.41
C PRO G 74 -80.58 -52.12 28.57
N LEU G 75 -79.98 -51.00 28.97
CA LEU G 75 -79.27 -50.94 30.22
C LEU G 75 -80.25 -50.92 31.39
N VAL G 76 -79.80 -51.40 32.54
CA VAL G 76 -80.56 -51.30 33.78
C VAL G 76 -79.71 -50.50 34.76
N ARG G 77 -80.35 -49.56 35.44
CA ARG G 77 -79.71 -48.80 36.51
C ARG G 77 -80.06 -49.44 37.84
N LEU G 78 -79.03 -49.78 38.59
CA LEU G 78 -79.15 -50.48 39.86
C LEU G 78 -78.71 -49.54 40.95
N ARG G 79 -79.59 -49.31 41.92
CA ARG G 79 -79.38 -48.36 42.99
C ARG G 79 -79.59 -49.05 44.33
N VAL G 80 -78.61 -48.91 45.21
CA VAL G 80 -78.68 -49.44 46.57
C VAL G 80 -78.57 -48.26 47.54
N PRO G 81 -79.68 -47.84 48.13
CA PRO G 81 -79.61 -46.79 49.15
C PRO G 81 -79.02 -47.29 50.45
N PHE G 82 -78.39 -46.38 51.19
CA PHE G 82 -77.86 -46.68 52.51
C PHE G 82 -77.87 -45.41 53.34
N THR G 83 -77.75 -45.57 54.65
CA THR G 83 -77.96 -44.50 55.61
C THR G 83 -76.77 -44.39 56.54
N LEU G 84 -76.21 -43.19 56.64
CA LEU G 84 -75.05 -42.94 57.49
C LEU G 84 -75.41 -42.04 58.66
N SER G 85 -74.84 -42.37 59.82
CA SER G 85 -74.93 -41.48 60.97
C SER G 85 -74.10 -40.22 60.75
N ARG G 86 -74.68 -39.06 61.05
CA ARG G 86 -73.96 -37.82 60.89
C ARG G 86 -72.90 -37.62 61.97
N ASN G 87 -73.07 -38.24 63.12
CA ASN G 87 -72.03 -38.22 64.15
C ASN G 87 -70.76 -38.92 63.69
N GLU G 88 -70.91 -40.07 63.01
CA GLU G 88 -69.76 -40.77 62.46
C GLU G 88 -69.07 -39.95 61.38
N ILE G 89 -69.85 -39.21 60.59
CA ILE G 89 -69.29 -38.32 59.57
C ILE G 89 -68.51 -37.19 60.22
N ASP G 90 -69.07 -36.59 61.27
CA ASP G 90 -68.41 -35.50 61.99
C ASP G 90 -67.16 -35.97 62.73
N ASP G 91 -67.10 -37.24 63.12
CA ASP G 91 -65.94 -37.78 63.81
C ASP G 91 -64.68 -37.76 62.96
N VAL G 92 -64.82 -37.79 61.62
CA VAL G 92 -63.68 -37.98 60.74
C VAL G 92 -62.77 -36.76 60.75
N GLU G 93 -63.34 -35.56 60.77
CA GLU G 93 -62.49 -34.34 60.77
C GLU G 93 -61.76 -34.21 62.12
N ARG G 94 -62.40 -34.64 63.20
CA ARG G 94 -61.73 -34.62 64.49
C ARG G 94 -60.61 -35.64 64.60
N GLY G 95 -60.47 -36.54 63.64
CA GLY G 95 -59.36 -37.49 63.63
C GLY G 95 -59.72 -38.91 63.99
N SER G 96 -61.01 -39.25 64.07
CA SER G 96 -61.40 -40.63 64.31
C SER G 96 -61.03 -41.49 63.10
N LYS G 97 -60.63 -42.73 63.37
CA LYS G 97 -60.29 -43.68 62.32
C LYS G 97 -61.10 -44.96 62.44
N ASP G 98 -62.13 -44.95 63.28
CA ASP G 98 -63.00 -46.13 63.42
C ASP G 98 -64.47 -45.76 63.18
N SER G 99 -64.71 -44.77 62.33
CA SER G 99 -66.07 -44.36 62.02
C SER G 99 -66.85 -45.49 61.38
N ASP G 100 -68.11 -45.62 61.78
CA ASP G 100 -68.93 -46.76 61.39
C ASP G 100 -69.33 -46.69 59.93
N TRP G 101 -68.60 -47.40 59.07
CA TRP G 101 -68.93 -47.41 57.65
C TRP G 101 -69.56 -48.74 57.28
N GLU G 102 -70.19 -49.40 58.25
CA GLU G 102 -70.89 -50.64 57.96
C GLU G 102 -72.00 -50.51 56.91
N PRO G 103 -72.80 -49.42 56.93
CA PRO G 103 -73.81 -49.34 55.87
C PRO G 103 -73.17 -49.22 54.50
N VAL G 104 -72.08 -48.47 54.38
CA VAL G 104 -71.37 -48.39 53.11
C VAL G 104 -70.90 -49.77 52.67
N LYS G 105 -70.38 -50.56 53.61
CA LYS G 105 -69.91 -51.90 53.30
C LYS G 105 -71.06 -52.82 52.91
N GLU G 106 -72.19 -52.71 53.59
CA GLU G 106 -73.35 -53.52 53.24
C GLU G 106 -73.92 -53.13 51.89
N ALA G 107 -73.93 -51.83 51.57
CA ALA G 107 -74.40 -51.39 50.26
C ALA G 107 -73.47 -51.86 49.15
N ALA G 108 -72.15 -51.79 49.38
CA ALA G 108 -71.20 -52.25 48.37
C ALA G 108 -71.29 -53.75 48.17
N LYS G 109 -71.46 -54.50 49.26
CA LYS G 109 -71.62 -55.95 49.15
C LYS G 109 -72.92 -56.30 48.42
N LYS G 110 -73.99 -55.56 48.68
CA LYS G 110 -75.26 -55.86 48.02
C LYS G 110 -75.22 -55.51 46.54
N LEU G 111 -74.58 -54.38 46.20
CA LEU G 111 -74.44 -53.98 44.77
C LEU G 111 -73.58 -55.02 44.05
N ALA G 112 -72.45 -55.42 44.65
CA ALA G 112 -71.59 -56.43 44.05
C ALA G 112 -72.33 -57.75 43.86
N PHE G 113 -73.15 -58.13 44.84
CA PHE G 113 -73.93 -59.36 44.73
C PHE G 113 -74.94 -59.28 43.60
N VAL G 114 -75.60 -58.14 43.46
CA VAL G 114 -76.55 -57.98 42.37
C VAL G 114 -75.82 -58.09 41.03
N GLU G 115 -74.73 -57.35 40.87
CA GLU G 115 -74.01 -57.37 39.59
C GLU G 115 -73.54 -58.78 39.23
N ASP G 116 -72.98 -59.51 40.20
CA ASP G 116 -72.50 -60.86 39.92
C ASP G 116 -73.63 -61.83 39.64
N ARG G 117 -74.74 -61.72 40.38
CA ARG G 117 -75.88 -62.59 40.13
C ARG G 117 -76.56 -62.25 38.82
N THR G 118 -76.47 -60.99 38.38
CA THR G 118 -77.00 -60.62 37.07
C THR G 118 -76.13 -61.20 35.95
N ILE G 119 -74.82 -61.14 36.10
CA ILE G 119 -73.92 -61.70 35.09
C ILE G 119 -74.08 -63.22 35.01
N PHE G 120 -74.14 -63.91 36.14
CA PHE G 120 -74.08 -65.37 36.09
C PHE G 120 -75.43 -66.06 36.11
N GLU G 121 -76.47 -65.44 36.68
CA GLU G 121 -77.78 -66.06 36.75
C GLU G 121 -78.84 -65.30 35.98
N GLY G 122 -78.49 -64.17 35.41
CA GLY G 122 -79.43 -63.39 34.67
C GLY G 122 -80.45 -62.56 35.42
N TYR G 123 -81.10 -61.66 34.70
CA TYR G 123 -82.10 -60.82 35.30
C TYR G 123 -83.09 -60.72 34.17
N SER G 124 -84.09 -61.58 34.19
CA SER G 124 -85.07 -61.64 33.11
C SER G 124 -85.83 -60.33 32.84
N ALA G 125 -86.20 -59.61 33.88
CA ALA G 125 -86.91 -58.35 33.72
C ALA G 125 -86.09 -57.33 32.95
N ALA G 126 -84.76 -57.40 33.06
CA ALA G 126 -83.87 -56.55 32.29
C ALA G 126 -83.42 -57.18 30.98
N SER G 127 -84.05 -58.31 30.60
CA SER G 127 -83.75 -59.06 29.37
C SER G 127 -82.29 -59.51 29.32
N ILE G 128 -81.75 -59.90 30.46
CA ILE G 128 -80.38 -60.38 30.56
C ILE G 128 -80.43 -61.87 30.84
N GLU G 129 -79.85 -62.66 29.95
CA GLU G 129 -79.71 -64.08 30.15
C GLU G 129 -78.38 -64.34 30.87
N GLY G 130 -78.41 -65.15 31.91
CA GLY G 130 -77.20 -65.47 32.62
C GLY G 130 -76.29 -66.38 31.85
N ILE G 131 -75.06 -66.50 32.35
CA ILE G 131 -74.10 -67.44 31.77
C ILE G 131 -74.58 -68.87 31.95
N ARG G 132 -75.23 -69.16 33.09
CA ARG G 132 -75.79 -70.49 33.33
C ARG G 132 -76.89 -70.84 32.33
N SER G 133 -77.77 -69.89 32.03
CA SER G 133 -78.84 -70.14 31.09
C SER G 133 -78.36 -70.14 29.65
N ALA G 134 -77.37 -69.31 29.31
CA ALA G 134 -76.88 -69.22 27.95
C ALA G 134 -75.84 -70.26 27.60
N SER G 135 -75.41 -71.08 28.55
CA SER G 135 -74.43 -72.11 28.27
C SER G 135 -75.06 -73.25 27.49
N SER G 136 -74.39 -73.68 26.42
CA SER G 136 -74.84 -74.83 25.65
C SER G 136 -74.20 -76.13 26.11
N ASN G 137 -73.14 -76.07 26.90
CA ASN G 137 -72.53 -77.27 27.45
C ASN G 137 -73.43 -77.87 28.53
N PRO G 138 -73.38 -79.19 28.74
CA PRO G 138 -74.25 -79.79 29.75
C PRO G 138 -73.91 -79.35 31.17
N ALA G 139 -74.94 -79.30 32.00
CA ALA G 139 -74.79 -78.92 33.39
C ALA G 139 -74.38 -80.14 34.22
N LEU G 140 -73.57 -79.89 35.23
CA LEU G 140 -73.05 -80.95 36.07
C LEU G 140 -73.54 -80.77 37.50
N THR G 141 -73.55 -81.86 38.25
CA THR G 141 -73.97 -81.85 39.64
C THR G 141 -72.74 -81.92 40.53
N LEU G 142 -72.63 -80.99 41.48
CA LEU G 142 -71.53 -81.02 42.42
C LEU G 142 -71.82 -82.05 43.49
N PRO G 143 -70.83 -82.89 43.81
CA PRO G 143 -71.03 -83.96 44.80
C PRO G 143 -71.06 -83.43 46.23
N GLU G 144 -71.55 -84.24 47.16
CA GLU G 144 -71.60 -83.84 48.56
C GLU G 144 -70.21 -83.82 49.19
N ASP G 145 -69.40 -84.83 48.90
CA ASP G 145 -68.06 -84.92 49.45
C ASP G 145 -67.16 -83.91 48.75
N PRO G 146 -66.50 -83.01 49.47
CA PRO G 146 -65.56 -82.08 48.83
C PRO G 146 -64.36 -82.76 48.18
N ARG G 147 -63.96 -83.94 48.66
CA ARG G 147 -62.85 -84.68 48.03
C ARG G 147 -63.20 -85.16 46.62
N GLU G 148 -64.49 -85.24 46.31
CA GLU G 148 -64.95 -85.56 44.96
C GLU G 148 -65.23 -84.32 44.12
N ILE G 149 -64.97 -83.12 44.64
CA ILE G 149 -65.14 -81.92 43.81
C ILE G 149 -64.17 -81.88 42.61
N PRO G 150 -62.84 -82.05 42.84
CA PRO G 150 -61.94 -81.93 41.68
C PRO G 150 -62.27 -82.90 40.53
N ASP G 151 -62.85 -84.06 40.82
CA ASP G 151 -63.22 -84.99 39.77
C ASP G 151 -64.24 -84.35 38.84
N VAL G 152 -65.37 -83.91 39.39
CA VAL G 152 -66.44 -83.31 38.58
C VAL G 152 -65.94 -82.07 37.85
N ILE G 153 -65.17 -81.22 38.51
CA ILE G 153 -64.57 -80.06 37.85
C ILE G 153 -63.78 -80.49 36.63
N SER G 154 -63.02 -81.57 36.74
CA SER G 154 -62.24 -82.09 35.59
C SER G 154 -63.16 -82.54 34.45
N GLN G 155 -64.34 -83.06 34.78
CA GLN G 155 -65.32 -83.41 33.75
C GLN G 155 -65.81 -82.18 33.02
N ALA G 156 -65.98 -81.07 33.76
CA ALA G 156 -66.29 -79.78 33.14
C ALA G 156 -65.16 -79.34 32.22
N LEU G 157 -63.92 -79.57 32.62
CA LEU G 157 -62.79 -79.27 31.75
C LEU G 157 -62.76 -80.18 30.53
N SER G 158 -63.38 -81.36 30.61
CA SER G 158 -63.53 -82.17 29.42
C SER G 158 -64.50 -81.51 28.43
N GLU G 159 -65.57 -80.91 28.94
CA GLU G 159 -66.64 -80.43 28.07
C GLU G 159 -66.19 -79.23 27.24
N LEU G 160 -65.49 -78.27 27.87
CA LEU G 160 -64.85 -77.18 27.11
C LEU G 160 -63.82 -77.70 26.14
N ARG G 161 -63.21 -78.84 26.43
CA ARG G 161 -62.29 -79.42 25.45
C ARG G 161 -63.07 -80.08 24.33
N LEU G 162 -64.23 -80.65 24.63
CA LEU G 162 -65.07 -81.22 23.58
C LEU G 162 -65.81 -80.14 22.80
N ALA G 163 -65.91 -78.94 23.35
CA ALA G 163 -66.52 -77.82 22.65
C ALA G 163 -65.54 -77.13 21.70
N GLY G 164 -64.28 -77.55 21.69
CA GLY G 164 -63.27 -76.88 20.86
C GLY G 164 -63.01 -75.47 21.34
N VAL G 165 -62.44 -75.33 22.53
CA VAL G 165 -62.19 -74.01 23.09
C VAL G 165 -60.80 -73.92 23.70
N ASP G 166 -60.08 -72.83 23.44
CA ASP G 166 -58.75 -72.64 24.00
C ASP G 166 -58.77 -71.60 25.12
N GLY G 167 -57.60 -71.14 25.54
CA GLY G 167 -57.54 -70.11 26.56
C GLY G 167 -57.38 -70.57 27.99
N PRO G 168 -56.97 -69.64 28.89
CA PRO G 168 -56.81 -69.98 30.30
C PRO G 168 -58.19 -70.26 30.87
N TYR G 169 -58.44 -71.44 31.42
CA TYR G 169 -59.74 -71.67 32.03
C TYR G 169 -59.79 -71.20 33.49
N SER G 170 -60.94 -70.67 33.92
CA SER G 170 -60.95 -70.23 35.33
C SER G 170 -62.15 -70.82 36.06
N VAL G 171 -61.99 -71.17 37.33
CA VAL G 171 -63.07 -71.80 38.09
C VAL G 171 -63.55 -70.79 39.12
N LEU G 172 -64.86 -70.56 39.13
CA LEU G 172 -65.47 -69.67 40.08
C LEU G 172 -66.35 -70.53 40.97
N LEU G 173 -66.25 -70.35 42.28
CA LEU G 173 -66.97 -71.18 43.23
C LEU G 173 -67.89 -70.32 44.06
N SER G 174 -69.04 -70.90 44.44
CA SER G 174 -69.87 -70.25 45.43
C SER G 174 -69.17 -70.29 46.79
N ALA G 175 -69.66 -69.44 47.71
CA ALA G 175 -69.05 -69.32 49.02
C ALA G 175 -69.12 -70.61 49.82
N ASP G 176 -70.24 -71.34 49.68
CA ASP G 176 -70.35 -72.67 50.30
C ASP G 176 -69.32 -73.64 49.75
N VAL G 177 -69.18 -73.67 48.42
CA VAL G 177 -68.25 -74.59 47.78
C VAL G 177 -66.81 -74.17 48.05
N TYR G 178 -66.54 -72.86 48.03
CA TYR G 178 -65.21 -72.36 48.33
C TYR G 178 -64.80 -72.68 49.76
N THR G 179 -65.73 -72.53 50.71
CA THR G 179 -65.47 -72.91 52.09
C THR G 179 -65.23 -74.41 52.23
N LYS G 180 -66.04 -75.23 51.54
CA LYS G 180 -65.89 -76.68 51.61
C LYS G 180 -64.55 -77.15 51.05
N VAL G 181 -64.11 -76.59 49.92
CA VAL G 181 -62.83 -77.00 49.37
C VAL G 181 -61.66 -76.30 50.04
N SER G 182 -61.92 -75.27 50.84
CA SER G 182 -60.88 -74.62 51.60
C SER G 182 -60.59 -75.32 52.91
N GLU G 183 -61.62 -75.81 53.58
CA GLU G 183 -61.48 -76.35 54.92
C GLU G 183 -61.18 -77.84 54.94
N THR G 184 -61.45 -78.54 53.85
CA THR G 184 -61.10 -79.95 53.75
C THR G 184 -59.70 -80.06 53.17
N SER G 185 -58.86 -80.91 53.74
CA SER G 185 -57.48 -81.02 53.31
C SER G 185 -57.15 -82.46 52.98
N ASP G 186 -56.22 -82.62 52.04
CA ASP G 186 -55.72 -83.94 51.65
C ASP G 186 -54.24 -83.82 51.38
N HIS G 187 -53.43 -84.57 52.13
CA HIS G 187 -51.97 -84.66 51.98
C HIS G 187 -51.29 -83.30 52.08
N GLY G 188 -51.67 -82.54 53.11
CA GLY G 188 -51.03 -81.28 53.40
C GLY G 188 -51.46 -80.11 52.56
N TYR G 189 -52.46 -80.27 51.71
CA TYR G 189 -53.02 -79.17 50.95
C TYR G 189 -54.54 -79.23 51.03
N PRO G 190 -55.19 -78.08 51.07
CA PRO G 190 -56.65 -78.07 50.90
C PRO G 190 -57.03 -78.40 49.47
N ILE G 191 -58.29 -78.77 49.29
CA ILE G 191 -58.80 -79.17 47.97
C ILE G 191 -58.78 -78.01 46.98
N ARG G 192 -58.78 -76.78 47.49
CA ARG G 192 -58.62 -75.59 46.64
C ARG G 192 -57.31 -75.62 45.86
N GLU G 193 -56.23 -76.11 46.49
CA GLU G 193 -54.97 -76.27 45.79
C GLU G 193 -55.07 -77.35 44.72
N HIS G 194 -55.80 -78.44 45.00
CA HIS G 194 -56.04 -79.47 43.99
C HIS G 194 -56.79 -78.92 42.79
N LEU G 195 -57.75 -78.01 43.03
CA LEU G 195 -58.40 -77.32 41.94
C LEU G 195 -57.44 -76.42 41.19
N ASN G 196 -56.53 -75.77 41.92
CA ASN G 196 -55.55 -74.89 41.31
C ASN G 196 -54.60 -75.63 40.38
N ARG G 197 -54.32 -76.90 40.67
CA ARG G 197 -53.46 -77.68 39.78
C ARG G 197 -54.11 -78.03 38.46
N LEU G 198 -55.44 -78.14 38.41
CA LEU G 198 -56.17 -78.52 37.18
C LEU G 198 -56.20 -77.41 36.12
N VAL G 199 -56.14 -76.14 36.53
CA VAL G 199 -56.32 -75.04 35.53
C VAL G 199 -55.12 -74.09 35.48
N ASP G 200 -55.00 -73.34 34.40
CA ASP G 200 -53.90 -72.36 34.24
C ASP G 200 -54.49 -70.98 34.52
N GLY G 201 -55.75 -70.94 34.97
CA GLY G 201 -56.39 -69.67 35.31
C GLY G 201 -56.36 -69.46 36.80
N ASP G 202 -57.51 -69.23 37.44
CA ASP G 202 -57.49 -68.91 38.88
C ASP G 202 -58.70 -69.50 39.61
N ILE G 203 -58.51 -69.97 40.83
CA ILE G 203 -59.70 -70.37 41.62
C ILE G 203 -60.20 -69.04 42.18
N ILE G 204 -61.43 -68.68 41.88
CA ILE G 204 -61.96 -67.37 42.20
C ILE G 204 -63.12 -67.52 43.17
N TRP G 205 -63.03 -66.82 44.30
CA TRP G 205 -64.12 -66.80 45.26
C TRP G 205 -65.25 -65.95 44.70
N ALA G 206 -66.44 -66.53 44.58
CA ALA G 206 -67.61 -65.86 44.02
C ALA G 206 -68.78 -66.05 44.97
N PRO G 207 -68.87 -65.22 46.01
CA PRO G 207 -69.89 -65.42 47.05
C PRO G 207 -71.32 -65.15 46.62
N ALA G 208 -71.56 -64.51 45.48
CA ALA G 208 -72.93 -64.24 45.09
C ALA G 208 -73.57 -65.39 44.33
N ILE G 209 -72.79 -66.16 43.57
CA ILE G 209 -73.31 -67.19 42.69
C ILE G 209 -73.78 -68.41 43.46
N ASP G 210 -74.52 -69.28 42.80
CA ASP G 210 -74.79 -70.63 43.26
C ASP G 210 -73.93 -71.60 42.47
N GLY G 211 -73.64 -72.75 43.10
CA GLY G 211 -72.86 -73.78 42.45
C GLY G 211 -71.47 -73.37 42.03
N ALA G 212 -71.12 -73.66 40.80
CA ALA G 212 -69.78 -73.35 40.33
C ALA G 212 -69.83 -73.06 38.83
N PHE G 213 -68.78 -72.41 38.35
CA PHE G 213 -68.71 -72.10 36.91
C PHE G 213 -67.28 -72.31 36.45
N VAL G 214 -67.11 -73.05 35.36
CA VAL G 214 -65.75 -73.18 34.77
C VAL G 214 -65.83 -72.51 33.41
N LEU G 215 -64.86 -71.68 33.08
CA LEU G 215 -65.00 -70.96 31.81
C LEU G 215 -63.65 -70.46 31.32
N THR G 216 -63.57 -70.15 30.03
CA THR G 216 -62.36 -69.63 29.42
C THR G 216 -62.29 -68.11 29.54
N THR G 217 -61.07 -67.60 29.69
CA THR G 217 -60.87 -66.17 29.77
C THR G 217 -60.02 -65.71 28.60
N ARG G 218 -60.21 -66.35 27.46
CA ARG G 218 -59.45 -65.99 26.26
C ARG G 218 -59.84 -64.61 25.72
N GLY G 219 -61.04 -64.14 26.05
CA GLY G 219 -61.48 -62.85 25.57
C GLY G 219 -62.56 -62.97 24.52
N GLY G 220 -63.38 -61.93 24.43
CA GLY G 220 -64.38 -61.83 23.39
C GLY G 220 -65.58 -62.74 23.53
N ASP G 221 -65.74 -63.42 24.66
CA ASP G 221 -66.87 -64.33 24.81
C ASP G 221 -67.97 -63.75 25.70
N PHE G 222 -67.57 -62.98 26.71
CA PHE G 222 -68.49 -62.46 27.71
C PHE G 222 -68.22 -60.97 27.83
N ASP G 223 -69.27 -60.15 27.75
CA ASP G 223 -69.09 -58.72 27.63
C ASP G 223 -70.03 -58.02 28.60
N LEU G 224 -69.46 -57.28 29.54
CA LEU G 224 -70.23 -56.45 30.45
C LEU G 224 -70.19 -55.02 29.92
N GLN G 225 -71.35 -54.45 29.60
CA GLN G 225 -71.41 -53.10 29.09
C GLN G 225 -71.86 -52.14 30.19
N LEU G 226 -71.02 -51.16 30.43
CA LEU G 226 -71.32 -50.17 31.43
C LEU G 226 -71.68 -48.85 30.84
N GLY G 227 -72.78 -48.25 31.25
CA GLY G 227 -73.05 -46.89 30.82
C GLY G 227 -72.24 -46.04 31.78
N THR G 228 -72.49 -46.23 33.07
CA THR G 228 -71.71 -45.52 34.11
C THR G 228 -71.27 -46.54 35.17
N ASP G 229 -70.02 -46.43 35.62
CA ASP G 229 -69.50 -47.34 36.67
C ASP G 229 -70.10 -46.97 38.03
N VAL G 230 -69.68 -47.66 39.09
CA VAL G 230 -70.23 -47.42 40.45
C VAL G 230 -69.97 -46.00 40.92
N ALA G 231 -71.02 -45.31 41.37
CA ALA G 231 -70.90 -43.95 41.86
C ALA G 231 -71.72 -43.80 43.13
N ILE G 232 -71.35 -42.84 43.97
CA ILE G 232 -72.08 -42.59 45.21
C ILE G 232 -72.84 -41.28 45.05
N GLY G 233 -74.14 -41.32 45.31
CA GLY G 233 -75.00 -40.16 45.16
C GLY G 233 -75.76 -39.84 46.44
N TYR G 234 -76.24 -38.61 46.50
CA TYR G 234 -76.89 -38.08 47.68
C TYR G 234 -78.40 -38.00 47.48
N ALA G 235 -79.17 -38.55 48.41
CA ALA G 235 -80.65 -38.54 48.27
C ALA G 235 -81.24 -37.43 49.15
N SER G 236 -81.13 -37.57 50.47
CA SER G 236 -81.70 -36.60 51.40
C SER G 236 -81.01 -36.72 52.75
N HIS G 237 -81.29 -35.77 53.66
CA HIS G 237 -80.63 -35.76 54.99
C HIS G 237 -81.53 -35.18 56.08
N ASP G 238 -81.29 -35.54 57.33
CA ASP G 238 -82.03 -34.95 58.48
C ASP G 238 -80.97 -34.53 59.50
N THR G 239 -81.36 -34.27 60.74
CA THR G 239 -80.40 -33.82 61.78
C THR G 239 -79.48 -34.98 62.14
N ASP G 240 -79.96 -36.21 62.04
CA ASP G 240 -79.16 -37.32 62.52
C ASP G 240 -78.45 -38.11 61.43
N THR G 241 -79.03 -38.21 60.23
CA THR G 241 -78.56 -39.17 59.25
C THR G 241 -78.49 -38.53 57.86
N VAL G 242 -77.67 -39.14 57.01
CA VAL G 242 -77.59 -38.80 55.59
C VAL G 242 -77.96 -40.05 54.80
N ARG G 243 -78.96 -39.93 53.94
CA ARG G 243 -79.30 -41.01 53.01
C ARG G 243 -78.52 -40.81 51.71
N LEU G 244 -77.76 -41.84 51.35
CA LEU G 244 -77.02 -41.81 50.10
C LEU G 244 -77.35 -43.08 49.34
N TYR G 245 -76.71 -43.30 48.19
CA TYR G 245 -76.91 -44.52 47.43
C TYR G 245 -75.66 -44.85 46.64
N LEU G 246 -75.53 -46.12 46.31
CA LEU G 246 -74.58 -46.62 45.34
C LEU G 246 -75.34 -46.89 44.06
N GLN G 247 -74.74 -46.56 42.92
CA GLN G 247 -75.51 -46.65 41.68
C GLN G 247 -74.59 -47.03 40.54
N GLU G 248 -75.07 -47.94 39.70
CA GLU G 248 -74.36 -48.32 38.49
C GLU G 248 -75.36 -48.75 37.44
N THR G 249 -75.05 -48.48 36.17
CA THR G 249 -75.94 -48.87 35.08
C THR G 249 -75.19 -49.73 34.06
N LEU G 250 -75.80 -50.86 33.69
CA LEU G 250 -75.09 -51.88 32.94
C LEU G 250 -76.07 -52.80 32.21
N THR G 251 -75.51 -53.56 31.28
CA THR G 251 -76.13 -54.77 30.75
C THR G 251 -75.04 -55.80 30.56
N PHE G 252 -75.43 -57.06 30.38
CA PHE G 252 -74.47 -58.13 30.15
C PHE G 252 -74.85 -58.93 28.91
N LEU G 253 -73.86 -59.25 28.10
CA LEU G 253 -74.04 -60.00 26.86
C LEU G 253 -73.14 -61.21 26.89
N CYS G 254 -73.67 -62.36 26.49
CA CYS G 254 -72.86 -63.56 26.28
C CYS G 254 -72.88 -63.87 24.79
N TYR G 255 -71.73 -63.73 24.14
CA TYR G 255 -71.64 -63.98 22.70
C TYR G 255 -71.39 -65.44 22.36
N THR G 256 -70.76 -66.19 23.25
CA THR G 256 -70.28 -67.53 22.96
C THR G 256 -70.93 -68.51 23.91
N ALA G 257 -71.84 -69.33 23.39
CA ALA G 257 -72.65 -70.20 24.24
C ALA G 257 -71.84 -71.36 24.82
N GLU G 258 -70.80 -71.80 24.14
CA GLU G 258 -70.10 -73.01 24.52
C GLU G 258 -68.84 -72.75 25.34
N ALA G 259 -68.67 -71.52 25.81
CA ALA G 259 -67.46 -71.14 26.53
C ALA G 259 -67.55 -71.33 28.03
N SER G 260 -68.57 -72.04 28.53
CA SER G 260 -68.73 -72.16 29.98
C SER G 260 -69.49 -73.43 30.34
N VAL G 261 -69.23 -73.91 31.56
CA VAL G 261 -69.97 -75.01 32.18
C VAL G 261 -70.46 -74.53 33.55
N ALA G 262 -71.76 -74.71 33.79
CA ALA G 262 -72.39 -74.40 35.07
C ALA G 262 -72.56 -75.66 35.89
N LEU G 263 -72.38 -75.52 37.20
CA LEU G 263 -72.52 -76.64 38.10
C LEU G 263 -73.50 -76.26 39.19
N SER G 264 -74.28 -77.21 39.67
CA SER G 264 -75.28 -76.95 40.70
C SER G 264 -75.21 -78.05 41.74
N HIS G 265 -75.95 -77.86 42.83
CA HIS G 265 -76.00 -78.83 43.91
C HIS G 265 -77.14 -79.81 43.73
N MET H 1 -16.54 -45.24 79.46
CA MET H 1 -15.64 -45.34 80.59
C MET H 1 -15.00 -46.71 80.72
N ASN H 2 -14.11 -46.85 81.70
CA ASN H 2 -13.41 -48.14 81.91
C ASN H 2 -13.66 -48.71 83.31
N ASN H 3 -12.81 -49.64 83.75
CA ASN H 3 -12.99 -50.24 85.06
C ASN H 3 -12.62 -49.30 86.22
N LEU H 4 -11.78 -48.29 86.00
CA LEU H 4 -11.51 -47.29 87.01
C LEU H 4 -12.73 -46.48 87.41
N TYR H 5 -13.72 -46.35 86.50
CA TYR H 5 -14.92 -45.55 86.79
C TYR H 5 -14.56 -44.19 87.35
N ARG H 6 -13.58 -43.54 86.70
CA ARG H 6 -12.94 -42.36 87.25
C ARG H 6 -13.87 -41.16 87.23
N ASP H 7 -14.71 -41.04 86.19
CA ASP H 7 -15.63 -39.92 86.09
C ASP H 7 -16.76 -39.99 87.10
N LEU H 8 -16.98 -41.14 87.71
CA LEU H 8 -18.01 -41.24 88.75
C LEU H 8 -17.53 -40.73 90.09
N ALA H 9 -16.22 -40.56 90.27
CA ALA H 9 -15.69 -40.11 91.56
C ALA H 9 -15.96 -38.63 91.74
N PRO H 10 -16.39 -38.20 92.94
CA PRO H 10 -16.53 -36.76 93.21
C PRO H 10 -15.20 -36.09 93.53
N VAL H 11 -14.34 -36.05 92.52
CA VAL H 11 -13.00 -35.51 92.61
C VAL H 11 -12.84 -34.52 91.47
N THR H 12 -12.39 -33.32 91.79
CA THR H 12 -12.21 -32.31 90.76
C THR H 12 -10.95 -32.59 89.95
N GLU H 13 -10.82 -31.87 88.84
CA GLU H 13 -9.69 -32.06 87.94
C GLU H 13 -8.36 -31.67 88.59
N ALA H 14 -8.35 -30.56 89.33
CA ALA H 14 -7.14 -30.12 90.01
C ALA H 14 -6.77 -31.08 91.13
N ALA H 15 -7.77 -31.55 91.88
CA ALA H 15 -7.53 -32.55 92.90
C ALA H 15 -7.02 -33.86 92.29
N TRP H 16 -7.54 -34.24 91.13
CA TRP H 16 -7.06 -35.43 90.44
C TRP H 16 -5.60 -35.28 90.05
N ALA H 17 -5.20 -34.11 89.53
CA ALA H 17 -3.82 -33.88 89.16
C ALA H 17 -2.90 -33.95 90.37
N GLU H 18 -3.32 -33.39 91.50
CA GLU H 18 -2.52 -33.48 92.72
C GLU H 18 -2.39 -34.92 93.22
N ILE H 19 -3.48 -35.70 93.15
CA ILE H 19 -3.45 -37.09 93.59
C ILE H 19 -2.54 -37.93 92.70
N GLU H 20 -2.63 -37.73 91.38
CA GLU H 20 -1.78 -38.45 90.44
C GLU H 20 -0.30 -38.13 90.66
N LEU H 21 0.00 -36.84 90.87
CA LEU H 21 1.37 -36.41 91.13
C LEU H 21 1.93 -37.02 92.41
N GLU H 22 1.12 -36.99 93.49
CA GLU H 22 1.56 -37.54 94.77
C GLU H 22 1.79 -39.05 94.70
N ALA H 23 0.88 -39.77 94.05
CA ALA H 23 1.01 -41.22 93.94
C ALA H 23 2.20 -41.62 93.08
N ALA H 24 2.38 -40.95 91.94
CA ALA H 24 3.51 -41.26 91.06
C ALA H 24 4.84 -40.95 91.72
N ARG H 25 4.92 -39.82 92.41
CA ARG H 25 6.15 -39.46 93.10
C ARG H 25 6.50 -40.44 94.20
N THR H 26 5.55 -40.75 95.08
CA THR H 26 5.85 -41.62 96.21
C THR H 26 6.18 -43.04 95.74
N PHE H 27 5.54 -43.51 94.68
CA PHE H 27 5.82 -44.81 94.11
C PHE H 27 7.23 -44.94 93.55
N LYS H 28 7.64 -44.02 92.68
CA LYS H 28 8.99 -44.06 92.12
C LYS H 28 10.07 -44.07 93.19
N ARG H 29 9.93 -43.21 94.20
CA ARG H 29 10.89 -43.14 95.27
C ARG H 29 11.05 -44.47 95.97
N HIS H 30 9.98 -45.20 96.10
CA HIS H 30 10.05 -46.47 96.86
C HIS H 30 10.25 -47.67 95.94
N ILE H 31 10.34 -47.47 94.62
CA ILE H 31 10.64 -48.63 93.81
C ILE H 31 12.15 -48.77 93.61
N ALA H 32 12.67 -49.96 93.93
CA ALA H 32 14.04 -50.32 93.61
C ALA H 32 14.09 -51.35 92.48
N GLY H 33 13.02 -52.15 92.37
CA GLY H 33 13.05 -53.30 91.47
C GLY H 33 13.08 -52.95 90.01
N ARG H 34 12.34 -51.90 89.61
CA ARG H 34 12.27 -51.52 88.21
C ARG H 34 13.57 -50.89 87.71
N ARG H 35 14.42 -50.43 88.62
CA ARG H 35 15.71 -49.87 88.22
C ARG H 35 16.69 -50.93 87.75
N VAL H 36 16.49 -52.18 88.13
CA VAL H 36 17.44 -53.24 87.81
C VAL H 36 16.89 -54.31 86.88
N VAL H 37 15.58 -54.52 86.81
CA VAL H 37 15.03 -55.59 86.01
C VAL H 37 14.53 -55.01 84.69
N ASP H 38 14.37 -55.87 83.70
CA ASP H 38 13.73 -55.47 82.46
C ASP H 38 12.24 -55.36 82.68
N VAL H 39 11.67 -54.24 82.27
CA VAL H 39 10.26 -53.95 82.44
C VAL H 39 9.62 -53.91 81.07
N SER H 40 8.63 -54.76 80.86
CA SER H 40 7.98 -54.86 79.57
C SER H 40 7.02 -53.70 79.37
N ASP H 41 6.56 -53.54 78.14
CA ASP H 41 5.44 -52.66 77.89
C ASP H 41 4.18 -53.27 78.47
N PRO H 42 3.19 -52.46 78.86
CA PRO H 42 1.91 -53.00 79.32
C PRO H 42 1.20 -53.80 78.25
N GLY H 43 0.87 -55.05 78.56
CA GLY H 43 0.16 -55.91 77.63
C GLY H 43 -1.25 -55.42 77.37
N GLY H 44 -1.91 -54.92 78.40
CA GLY H 44 -3.27 -54.48 78.24
C GLY H 44 -4.16 -55.24 79.20
N PRO H 45 -5.43 -54.83 79.29
CA PRO H 45 -6.34 -55.47 80.25
C PRO H 45 -6.64 -56.93 79.94
N VAL H 46 -6.57 -57.34 78.67
CA VAL H 46 -6.99 -58.69 78.31
C VAL H 46 -5.88 -59.69 78.60
N THR H 47 -4.66 -59.21 78.81
CA THR H 47 -3.51 -60.08 79.01
C THR H 47 -3.62 -60.78 80.35
N ALA H 48 -3.50 -62.11 80.35
CA ALA H 48 -3.79 -62.89 81.54
C ALA H 48 -2.63 -63.77 81.96
N ALA H 49 -1.79 -64.16 81.01
CA ALA H 49 -0.71 -65.09 81.31
C ALA H 49 0.45 -64.83 80.36
N VAL H 50 1.63 -65.25 80.80
CA VAL H 50 2.85 -65.18 80.01
C VAL H 50 3.30 -66.58 79.68
N SER H 51 3.51 -66.85 78.40
CA SER H 51 4.00 -68.15 77.97
C SER H 51 5.45 -68.34 78.40
N THR H 52 5.74 -69.49 78.99
CA THR H 52 7.12 -69.86 79.32
C THR H 52 7.79 -70.67 78.22
N GLY H 53 6.98 -71.23 77.31
CA GLY H 53 7.53 -72.01 76.18
C GLY H 53 7.82 -73.44 76.57
N ARG H 54 7.47 -73.85 77.80
CA ARG H 54 7.68 -75.26 78.21
C ARG H 54 6.43 -76.12 77.93
N LEU H 55 6.51 -77.43 78.15
CA LEU H 55 5.39 -78.36 77.85
C LEU H 55 5.16 -79.28 79.05
N ILE H 56 3.89 -79.62 79.32
CA ILE H 56 3.55 -80.49 80.45
C ILE H 56 2.87 -81.77 79.97
N ASP H 57 3.46 -82.91 80.27
CA ASP H 57 2.88 -84.20 79.86
C ASP H 57 1.52 -84.46 80.47
N VAL H 58 0.51 -84.71 79.63
CA VAL H 58 -0.82 -85.06 80.15
C VAL H 58 -1.26 -86.43 79.68
N LYS H 59 -2.18 -87.04 80.44
CA LYS H 59 -2.66 -88.38 80.09
C LYS H 59 -3.21 -88.44 78.68
N ALA H 60 -2.59 -89.24 77.81
CA ALA H 60 -3.00 -89.37 76.40
C ALA H 60 -4.52 -89.44 76.21
N PRO H 61 -5.06 -88.54 75.36
CA PRO H 61 -6.50 -88.56 75.08
C PRO H 61 -6.93 -89.90 74.55
N THR H 62 -6.27 -90.36 73.48
CA THR H 62 -6.56 -91.68 72.92
C THR H 62 -5.28 -92.40 72.56
N ASN H 63 -5.41 -93.59 71.99
CA ASN H 63 -4.26 -94.38 71.59
C ASN H 63 -3.51 -93.70 70.44
N GLY H 64 -2.20 -93.62 70.55
CA GLY H 64 -1.40 -93.01 69.50
C GLY H 64 -1.42 -91.49 69.48
N VAL H 65 -2.04 -90.88 70.48
CA VAL H 65 -2.05 -89.43 70.56
C VAL H 65 -1.15 -89.01 71.67
N ILE H 66 -0.30 -88.03 71.41
CA ILE H 66 0.61 -87.53 72.40
C ILE H 66 0.19 -86.12 72.69
N ALA H 67 -0.15 -85.85 73.94
CA ALA H 67 -0.64 -84.53 74.30
C ALA H 67 0.23 -83.81 75.28
N HIS H 68 0.34 -82.52 75.11
CA HIS H 68 1.10 -81.73 76.03
C HIS H 68 0.44 -80.40 76.30
N LEU H 69 0.36 -80.02 77.55
CA LEU H 69 -0.17 -78.72 77.91
C LEU H 69 0.92 -77.66 77.82
N ARG H 70 0.57 -76.51 77.26
CA ARG H 70 1.49 -75.38 77.29
C ARG H 70 1.56 -74.79 78.68
N ALA H 71 2.78 -74.58 79.17
CA ALA H 71 2.98 -73.97 80.47
C ALA H 71 2.91 -72.45 80.36
N SER H 72 2.45 -71.81 81.43
CA SER H 72 2.35 -70.36 81.46
C SER H 72 2.40 -69.89 82.91
N LYS H 73 2.56 -68.58 83.07
CA LYS H 73 2.56 -67.93 84.37
C LYS H 73 1.40 -66.95 84.43
N PRO H 74 0.53 -67.06 85.44
CA PRO H 74 -0.59 -66.11 85.54
C PRO H 74 -0.14 -64.76 86.07
N LEU H 75 -0.78 -63.70 85.56
CA LEU H 75 -0.66 -62.39 86.17
C LEU H 75 -1.44 -62.34 87.47
N VAL H 76 -1.00 -61.47 88.38
CA VAL H 76 -1.74 -61.19 89.60
C VAL H 76 -2.08 -59.70 89.58
N ARG H 77 -3.32 -59.38 89.92
CA ARG H 77 -3.76 -58.01 90.08
C ARG H 77 -3.69 -57.64 91.55
N LEU H 78 -2.97 -56.57 91.84
CA LEU H 78 -2.70 -56.11 93.19
C LEU H 78 -3.41 -54.78 93.37
N ARG H 79 -4.27 -54.71 94.38
CA ARG H 79 -5.10 -53.55 94.64
C ARG H 79 -4.92 -53.10 96.07
N VAL H 80 -4.63 -51.82 96.25
CA VAL H 80 -4.50 -51.20 97.57
C VAL H 80 -5.55 -50.12 97.68
N PRO H 81 -6.63 -50.35 98.42
CA PRO H 81 -7.62 -49.30 98.63
C PRO H 81 -7.11 -48.25 99.61
N PHE H 82 -7.62 -47.04 99.45
CA PHE H 82 -7.32 -45.94 100.37
C PHE H 82 -8.50 -44.97 100.38
N THR H 83 -8.53 -44.14 101.40
CA THR H 83 -9.69 -43.31 101.71
C THR H 83 -9.27 -41.85 101.83
N LEU H 84 -9.94 -40.97 101.09
CA LEU H 84 -9.62 -39.55 101.10
C LEU H 84 -10.76 -38.74 101.71
N SER H 85 -10.39 -37.74 102.50
CA SER H 85 -11.36 -36.76 102.98
C SER H 85 -11.85 -35.90 101.83
N ARG H 86 -13.16 -35.69 101.76
CA ARG H 86 -13.74 -34.86 100.71
C ARG H 86 -13.49 -33.37 100.96
N ASN H 87 -13.28 -32.99 102.22
CA ASN H 87 -12.89 -31.62 102.54
C ASN H 87 -11.53 -31.28 101.97
N GLU H 88 -10.57 -32.20 102.08
CA GLU H 88 -9.25 -32.00 101.49
C GLU H 88 -9.33 -31.90 99.97
N ILE H 89 -10.21 -32.68 99.36
CA ILE H 89 -10.42 -32.62 97.92
C ILE H 89 -11.00 -31.27 97.52
N ASP H 90 -12.00 -30.79 98.27
CA ASP H 90 -12.62 -29.50 98.00
C ASP H 90 -11.68 -28.33 98.24
N ASP H 91 -10.68 -28.50 99.12
CA ASP H 91 -9.72 -27.44 99.39
C ASP H 91 -8.86 -27.10 98.18
N VAL H 92 -8.67 -28.04 97.25
CA VAL H 92 -7.71 -27.86 96.17
C VAL H 92 -8.18 -26.79 95.19
N GLU H 93 -9.47 -26.76 94.88
CA GLU H 93 -9.96 -25.73 93.91
C GLU H 93 -9.89 -24.34 94.55
N ARG H 94 -10.11 -24.26 95.86
CA ARG H 94 -9.97 -22.98 96.54
C ARG H 94 -8.54 -22.48 96.62
N GLY H 95 -7.56 -23.30 96.26
CA GLY H 95 -6.18 -22.89 96.24
C GLY H 95 -5.31 -23.41 97.35
N SER H 96 -5.78 -24.36 98.14
CA SER H 96 -4.93 -24.97 99.15
C SER H 96 -3.82 -25.78 98.49
N LYS H 97 -2.65 -25.77 99.13
CA LYS H 97 -1.50 -26.52 98.64
C LYS H 97 -0.95 -27.45 99.71
N ASP H 98 -1.70 -27.65 100.79
CA ASP H 98 -1.29 -28.57 101.85
C ASP H 98 -2.36 -29.61 102.13
N SER H 99 -3.15 -29.97 101.12
CA SER H 99 -4.20 -30.96 101.28
C SER H 99 -3.61 -32.31 101.68
N ASP H 100 -4.30 -32.98 102.60
CA ASP H 100 -3.78 -34.19 103.21
C ASP H 100 -3.80 -35.37 102.24
N TRP H 101 -2.67 -35.63 101.62
CA TRP H 101 -2.59 -36.77 100.70
C TRP H 101 -1.81 -37.90 101.33
N GLU H 102 -1.83 -37.97 102.67
CA GLU H 102 -1.16 -39.06 103.36
C GLU H 102 -1.71 -40.46 102.99
N PRO H 103 -3.05 -40.62 102.82
CA PRO H 103 -3.49 -41.96 102.43
C PRO H 103 -2.97 -42.33 101.05
N VAL H 104 -2.93 -41.38 100.12
CA VAL H 104 -2.36 -41.65 98.80
C VAL H 104 -0.91 -42.09 98.93
N LYS H 105 -0.15 -41.41 99.80
CA LYS H 105 1.25 -41.75 100.00
C LYS H 105 1.41 -43.13 100.65
N GLU H 106 0.55 -43.45 101.61
CA GLU H 106 0.60 -44.75 102.26
C GLU H 106 0.20 -45.86 101.29
N ALA H 107 -0.78 -45.61 100.42
CA ALA H 107 -1.16 -46.60 99.43
C ALA H 107 -0.06 -46.81 98.40
N ALA H 108 0.60 -45.74 97.96
CA ALA H 108 1.69 -45.87 97.00
C ALA H 108 2.88 -46.58 97.62
N LYS H 109 3.19 -46.28 98.89
CA LYS H 109 4.27 -46.97 99.58
C LYS H 109 3.95 -48.45 99.76
N LYS H 110 2.70 -48.78 100.06
CA LYS H 110 2.34 -50.17 100.26
C LYS H 110 2.35 -50.95 98.96
N LEU H 111 1.87 -50.32 97.88
CA LEU H 111 1.89 -50.97 96.54
C LEU H 111 3.34 -51.19 96.12
N ALA H 112 4.20 -50.18 96.27
CA ALA H 112 5.60 -50.32 95.93
C ALA H 112 6.28 -51.41 96.75
N PHE H 113 5.94 -51.51 98.04
CA PHE H 113 6.50 -52.54 98.88
C PHE H 113 6.06 -53.93 98.44
N VAL H 114 4.80 -54.07 98.07
CA VAL H 114 4.33 -55.37 97.58
C VAL H 114 5.08 -55.74 96.30
N GLU H 115 5.14 -54.82 95.34
CA GLU H 115 5.79 -55.13 94.07
C GLU H 115 7.26 -55.52 94.27
N ASP H 116 7.99 -54.78 95.11
CA ASP H 116 9.39 -55.09 95.35
C ASP H 116 9.57 -56.41 96.10
N ARG H 117 8.71 -56.67 97.09
CA ARG H 117 8.81 -57.92 97.82
C ARG H 117 8.39 -59.11 96.96
N THR H 118 7.52 -58.87 95.98
CA THR H 118 7.16 -59.91 95.04
C THR H 118 8.31 -60.23 94.10
N ILE H 119 8.99 -59.20 93.60
CA ILE H 119 10.13 -59.41 92.72
C ILE H 119 11.29 -60.11 93.45
N PHE H 120 11.59 -59.68 94.67
CA PHE H 120 12.80 -60.19 95.31
C PHE H 120 12.58 -61.35 96.25
N GLU H 121 11.39 -61.50 96.85
CA GLU H 121 11.13 -62.59 97.78
C GLU H 121 10.05 -63.54 97.29
N GLY H 122 9.46 -63.25 96.15
CA GLY H 122 8.43 -64.10 95.63
C GLY H 122 7.05 -64.05 96.25
N TYR H 123 6.09 -64.62 95.55
CA TYR H 123 4.73 -64.66 96.03
C TYR H 123 4.29 -66.02 95.57
N SER H 124 4.41 -67.01 96.44
CA SER H 124 4.09 -68.38 96.07
C SER H 124 2.66 -68.62 95.57
N ALA H 125 1.69 -67.97 96.16
CA ALA H 125 0.30 -68.12 95.76
C ALA H 125 0.09 -67.67 94.31
N ALA H 126 0.88 -66.72 93.85
CA ALA H 126 0.84 -66.28 92.46
C ALA H 126 1.85 -67.00 91.58
N SER H 127 2.46 -68.07 92.11
CA SER H 127 3.47 -68.90 91.41
C SER H 127 4.66 -68.07 90.95
N ILE H 128 5.07 -67.12 91.77
CA ILE H 128 6.23 -66.28 91.47
C ILE H 128 7.34 -66.66 92.43
N GLU H 129 8.46 -67.10 91.88
CA GLU H 129 9.65 -67.36 92.66
C GLU H 129 10.47 -66.09 92.74
N GLY H 130 10.91 -65.74 93.94
CA GLY H 130 11.73 -64.55 94.10
C GLY H 130 13.12 -64.74 93.55
N ILE H 131 13.83 -63.61 93.45
CA ILE H 131 15.24 -63.63 93.05
C ILE H 131 16.07 -64.36 94.10
N ARG H 132 15.73 -64.20 95.38
CA ARG H 132 16.43 -64.90 96.45
C ARG H 132 16.26 -66.42 96.34
N SER H 133 15.06 -66.87 96.04
CA SER H 133 14.83 -68.31 95.93
C SER H 133 15.36 -68.87 94.61
N ALA H 134 15.32 -68.11 93.54
CA ALA H 134 15.77 -68.59 92.23
C ALA H 134 17.27 -68.44 92.02
N SER H 135 17.99 -67.85 92.96
CA SER H 135 19.43 -67.70 92.80
C SER H 135 20.13 -69.03 93.04
N SER H 136 21.04 -69.38 92.14
CA SER H 136 21.85 -70.59 92.32
C SER H 136 23.17 -70.32 93.02
N ASN H 137 23.59 -69.05 93.12
CA ASN H 137 24.79 -68.71 93.85
C ASN H 137 24.56 -68.86 95.35
N PRO H 138 25.60 -69.16 96.12
CA PRO H 138 25.42 -69.35 97.57
C PRO H 138 24.99 -68.07 98.28
N ALA H 139 24.22 -68.25 99.33
CA ALA H 139 23.76 -67.13 100.13
C ALA H 139 24.81 -66.76 101.17
N LEU H 140 24.89 -65.47 101.47
CA LEU H 140 25.88 -64.95 102.39
C LEU H 140 25.20 -64.33 103.60
N THR H 141 25.93 -64.26 104.70
CA THR H 141 25.42 -63.68 105.93
C THR H 141 26.02 -62.28 106.10
N LEU H 142 25.17 -61.29 106.32
CA LEU H 142 25.65 -59.94 106.57
C LEU H 142 26.12 -59.84 108.00
N PRO H 143 27.29 -59.24 108.22
CA PRO H 143 27.84 -59.14 109.57
C PRO H 143 27.15 -58.07 110.41
N GLU H 144 27.35 -58.12 111.71
CA GLU H 144 26.75 -57.14 112.60
C GLU H 144 27.41 -55.77 112.45
N ASP H 145 28.73 -55.74 112.38
CA ASP H 145 29.47 -54.49 112.25
C ASP H 145 29.31 -53.96 110.84
N PRO H 146 28.82 -52.72 110.66
CA PRO H 146 28.73 -52.16 109.31
C PRO H 146 30.08 -51.96 108.62
N ARG H 147 31.16 -51.80 109.37
CA ARG H 147 32.49 -51.69 108.77
C ARG H 147 32.93 -52.98 108.10
N GLU H 148 32.33 -54.10 108.46
CA GLU H 148 32.57 -55.37 107.81
C GLU H 148 31.57 -55.66 106.68
N ILE H 149 30.67 -54.73 106.38
CA ILE H 149 29.76 -54.94 105.25
C ILE H 149 30.50 -55.01 103.89
N PRO H 150 31.34 -54.00 103.57
CA PRO H 150 31.98 -54.06 102.24
C PRO H 150 32.77 -55.35 101.98
N ASP H 151 33.31 -55.98 103.02
CA ASP H 151 34.05 -57.22 102.82
C ASP H 151 33.11 -58.30 102.27
N VAL H 152 32.03 -58.58 102.97
CA VAL H 152 31.09 -59.62 102.53
C VAL H 152 30.50 -59.29 101.15
N ILE H 153 30.13 -58.04 100.91
CA ILE H 153 29.67 -57.63 99.59
C ILE H 153 30.68 -58.00 98.52
N SER H 154 31.96 -57.78 98.79
CA SER H 154 33.05 -58.14 97.83
C SER H 154 33.07 -59.66 97.60
N GLN H 155 32.77 -60.46 98.61
CA GLN H 155 32.68 -61.90 98.43
C GLN H 155 31.54 -62.26 97.49
N ALA H 156 30.42 -61.53 97.59
CA ALA H 156 29.34 -61.69 96.64
C ALA H 156 29.78 -61.33 95.23
N LEU H 157 30.61 -60.28 95.11
CA LEU H 157 31.17 -59.94 93.81
C LEU H 157 32.13 -61.01 93.31
N SER H 158 32.70 -61.80 94.21
CA SER H 158 33.49 -62.94 93.77
C SER H 158 32.60 -64.00 93.12
N GLU H 159 31.40 -64.21 93.68
CA GLU H 159 30.57 -65.33 93.26
C GLU H 159 30.02 -65.12 91.85
N LEU H 160 29.53 -63.90 91.56
CA LEU H 160 29.16 -63.55 90.19
C LEU H 160 30.34 -63.63 89.24
N ARG H 161 31.56 -63.42 89.74
CA ARG H 161 32.72 -63.60 88.89
C ARG H 161 33.00 -65.07 88.68
N LEU H 162 32.75 -65.90 89.71
CA LEU H 162 32.91 -67.34 89.56
C LEU H 162 31.77 -67.96 88.76
N ALA H 163 30.65 -67.26 88.65
CA ALA H 163 29.54 -67.73 87.84
C ALA H 163 29.70 -67.41 86.37
N GLY H 164 30.76 -66.69 85.99
CA GLY H 164 30.96 -66.27 84.61
C GLY H 164 29.89 -65.29 84.18
N VAL H 165 29.88 -64.09 84.76
CA VAL H 165 28.86 -63.10 84.43
C VAL H 165 29.48 -61.73 84.24
N ASP H 166 29.07 -61.02 83.20
CA ASP H 166 29.56 -59.66 82.96
C ASP H 166 28.52 -58.61 83.30
N GLY H 167 28.74 -57.38 82.90
CA GLY H 167 27.76 -56.33 83.14
C GLY H 167 27.95 -55.48 84.37
N PRO H 168 27.29 -54.31 84.43
CA PRO H 168 27.40 -53.43 85.58
C PRO H 168 26.72 -54.13 86.76
N TYR H 169 27.42 -54.36 87.86
CA TYR H 169 26.76 -54.97 89.00
C TYR H 169 26.08 -53.94 89.91
N SER H 170 24.93 -54.27 90.47
CA SER H 170 24.32 -53.25 91.33
C SER H 170 23.98 -53.83 92.70
N VAL H 171 24.11 -53.04 93.76
CA VAL H 171 23.86 -53.53 95.11
C VAL H 171 22.60 -52.87 95.62
N LEU H 172 21.67 -53.70 96.08
CA LEU H 172 20.42 -53.21 96.65
C LEU H 172 20.45 -53.57 98.12
N LEU H 173 20.13 -52.61 98.98
CA LEU H 173 20.21 -52.81 100.41
C LEU H 173 18.85 -52.63 101.04
N SER H 174 18.58 -53.38 102.10
CA SER H 174 17.41 -53.12 102.91
C SER H 174 17.60 -51.80 103.65
N ALA H 175 16.47 -51.26 104.14
CA ALA H 175 16.48 -49.96 104.82
C ALA H 175 17.32 -49.97 106.08
N ASP H 176 17.31 -51.09 106.81
CA ASP H 176 18.18 -51.25 107.98
C ASP H 176 19.64 -51.22 107.57
N VAL H 177 20.00 -51.96 106.53
CA VAL H 177 21.38 -52.04 106.07
C VAL H 177 21.83 -50.73 105.44
N TYR H 178 20.92 -50.09 104.68
CA TYR H 178 21.23 -48.80 104.08
C TYR H 178 21.45 -47.73 105.13
N THR H 179 20.64 -47.72 106.19
CA THR H 179 20.83 -46.81 107.31
C THR H 179 22.14 -47.09 108.04
N LYS H 180 22.47 -48.38 108.26
CA LYS H 180 23.71 -48.74 108.94
C LYS H 180 24.95 -48.32 108.16
N VAL H 181 24.96 -48.53 106.84
CA VAL H 181 26.12 -48.12 106.06
C VAL H 181 26.10 -46.64 105.72
N SER H 182 24.97 -45.97 105.93
CA SER H 182 24.91 -44.53 105.74
C SER H 182 25.40 -43.76 106.96
N GLU H 183 25.09 -44.24 108.15
CA GLU H 183 25.35 -43.48 109.36
C GLU H 183 26.71 -43.78 109.98
N THR H 184 27.32 -44.89 109.61
CA THR H 184 28.67 -45.21 110.05
C THR H 184 29.65 -44.64 109.05
N SER H 185 30.70 -44.01 109.53
CA SER H 185 31.66 -43.35 108.65
C SER H 185 33.07 -43.84 108.95
N ASP H 186 33.90 -43.84 107.91
CA ASP H 186 35.31 -44.18 108.03
C ASP H 186 36.11 -43.29 107.12
N HIS H 187 37.04 -42.52 107.69
CA HIS H 187 37.97 -41.63 106.99
C HIS H 187 37.24 -40.62 106.11
N GLY H 188 36.23 -39.98 106.69
CA GLY H 188 35.54 -38.89 106.01
C GLY H 188 34.49 -39.31 105.01
N TYR H 189 34.22 -40.60 104.87
CA TYR H 189 33.16 -41.08 104.01
C TYR H 189 32.32 -42.10 104.77
N PRO H 190 31.01 -42.13 104.53
CA PRO H 190 30.21 -43.24 105.03
C PRO H 190 30.53 -44.53 104.28
N ILE H 191 30.12 -45.65 104.86
CA ILE H 191 30.41 -46.97 104.30
C ILE H 191 29.67 -47.17 102.97
N ARG H 192 28.59 -46.41 102.75
CA ARG H 192 27.89 -46.42 101.47
C ARG H 192 28.79 -45.99 100.32
N GLU H 193 29.68 -45.03 100.57
CA GLU H 193 30.65 -44.64 99.55
C GLU H 193 31.66 -45.77 99.31
N HIS H 194 32.07 -46.48 100.37
CA HIS H 194 32.94 -47.64 100.21
C HIS H 194 32.29 -48.73 99.37
N LEU H 195 30.98 -48.92 99.53
CA LEU H 195 30.24 -49.83 98.65
C LEU H 195 30.20 -49.30 97.23
N ASN H 196 30.08 -47.99 97.07
CA ASN H 196 30.03 -47.37 95.74
C ASN H 196 31.35 -47.56 94.98
N ARG H 197 32.46 -47.63 95.70
CA ARG H 197 33.75 -47.85 95.03
C ARG H 197 33.89 -49.27 94.47
N LEU H 198 33.23 -50.26 95.08
CA LEU H 198 33.34 -51.68 94.65
C LEU H 198 32.63 -51.96 93.32
N VAL H 199 31.58 -51.22 92.99
CA VAL H 199 30.78 -51.58 91.78
C VAL H 199 30.70 -50.45 90.77
N ASP H 200 30.37 -50.79 89.52
CA ASP H 200 30.23 -49.77 88.45
C ASP H 200 28.75 -49.52 88.25
N GLY H 201 27.92 -50.10 89.12
CA GLY H 201 26.46 -49.89 89.05
C GLY H 201 26.05 -48.85 90.07
N ASP H 202 25.09 -49.18 90.94
CA ASP H 202 24.58 -48.15 91.87
C ASP H 202 24.23 -48.74 93.23
N ILE H 203 24.49 -48.01 94.30
CA ILE H 203 23.99 -48.47 95.62
C ILE H 203 22.54 -48.01 95.61
N ILE H 204 21.61 -48.92 95.75
CA ILE H 204 20.19 -48.63 95.59
C ILE H 204 19.48 -48.88 96.91
N TRP H 205 18.77 -47.87 97.39
CA TRP H 205 17.94 -48.02 98.58
C TRP H 205 16.73 -48.85 98.25
N ALA H 206 16.54 -49.95 98.97
CA ALA H 206 15.44 -50.89 98.72
C ALA H 206 14.74 -51.17 100.04
N PRO H 207 13.84 -50.28 100.47
CA PRO H 207 13.24 -50.41 101.81
C PRO H 207 12.28 -51.59 101.98
N ALA H 208 11.85 -52.24 100.91
CA ALA H 208 10.91 -53.34 101.07
C ALA H 208 11.61 -54.67 101.34
N ILE H 209 12.81 -54.86 100.80
CA ILE H 209 13.50 -56.15 100.86
C ILE H 209 14.07 -56.42 102.24
N ASP H 210 14.46 -57.66 102.48
CA ASP H 210 15.31 -58.03 103.61
C ASP H 210 16.72 -58.27 103.10
N GLY H 211 17.69 -58.07 104.00
CA GLY H 211 19.08 -58.31 103.66
C GLY H 211 19.62 -57.45 102.54
N ALA H 212 20.28 -58.09 101.59
CA ALA H 212 20.88 -57.34 100.49
C ALA H 212 20.89 -58.21 99.25
N PHE H 213 21.05 -57.57 98.11
CA PHE H 213 21.10 -58.31 96.84
C PHE H 213 22.17 -57.67 95.97
N VAL H 214 23.05 -58.50 95.41
CA VAL H 214 24.04 -57.96 94.45
C VAL H 214 23.71 -58.64 93.13
N LEU H 215 23.67 -57.88 92.04
CA LEU H 215 23.23 -58.52 90.79
C LEU H 215 23.69 -57.72 89.58
N THR H 216 23.72 -58.36 88.43
CA THR H 216 24.10 -57.72 87.18
C THR H 216 22.90 -57.06 86.51
N THR H 217 23.17 -55.94 85.85
CA THR H 217 22.12 -55.24 85.13
C THR H 217 22.44 -55.22 83.64
N ARG H 218 23.06 -56.30 83.16
CA ARG H 218 23.41 -56.39 81.75
C ARG H 218 22.20 -56.52 80.85
N GLY H 219 21.07 -56.99 81.40
CA GLY H 219 19.88 -57.13 80.59
C GLY H 219 19.55 -58.58 80.33
N GLY H 220 18.27 -58.85 80.13
CA GLY H 220 17.81 -60.17 79.73
C GLY H 220 17.83 -61.22 80.80
N ASP H 221 18.07 -60.87 82.06
CA ASP H 221 18.13 -61.88 83.11
C ASP H 221 16.89 -61.87 83.98
N PHE H 222 16.30 -60.71 84.19
CA PHE H 222 15.19 -60.53 85.11
C PHE H 222 14.12 -59.75 84.36
N ASP H 223 12.88 -60.24 84.36
CA ASP H 223 11.85 -59.68 83.50
C ASP H 223 10.58 -59.47 84.31
N LEU H 224 10.14 -58.23 84.42
CA LEU H 224 8.87 -57.90 85.04
C LEU H 224 7.85 -57.70 83.92
N GLN H 225 6.80 -58.51 83.92
CA GLN H 225 5.76 -58.40 82.91
C GLN H 225 4.54 -57.69 83.48
N LEU H 226 4.18 -56.61 82.81
CA LEU H 226 3.04 -55.84 83.22
C LEU H 226 1.89 -55.99 82.29
N GLY H 227 0.70 -56.30 82.80
CA GLY H 227 -0.46 -56.27 81.94
C GLY H 227 -0.85 -54.82 81.89
N THR H 228 -1.09 -54.24 83.08
CA THR H 228 -1.40 -52.79 83.18
C THR H 228 -0.53 -52.18 84.28
N ASP H 229 0.02 -50.99 84.01
CA ASP H 229 0.85 -50.29 85.02
C ASP H 229 -0.03 -49.74 86.13
N VAL H 230 0.57 -49.02 87.09
CA VAL H 230 -0.19 -48.46 88.25
C VAL H 230 -1.26 -47.47 87.80
N ALA H 231 -2.48 -47.68 88.27
CA ALA H 231 -3.61 -46.82 87.93
C ALA H 231 -4.42 -46.54 89.18
N ILE H 232 -5.13 -45.42 89.20
CA ILE H 232 -5.98 -45.06 90.32
C ILE H 232 -7.43 -45.24 89.91
N GLY H 233 -8.18 -45.99 90.70
CA GLY H 233 -9.57 -46.27 90.39
C GLY H 233 -10.50 -45.88 91.53
N TYR H 234 -11.78 -45.75 91.19
CA TYR H 234 -12.79 -45.27 92.13
C TYR H 234 -13.67 -46.42 92.59
N ALA H 235 -13.84 -46.57 93.90
CA ALA H 235 -14.66 -47.67 94.44
C ALA H 235 -16.04 -47.16 94.82
N SER H 236 -16.11 -46.29 95.85
CA SER H 236 -17.39 -45.77 96.33
C SER H 236 -17.15 -44.47 97.11
N HIS H 237 -18.23 -43.77 97.47
CA HIS H 237 -18.10 -42.47 98.17
C HIS H 237 -19.27 -42.21 99.11
N ASP H 238 -19.08 -41.38 100.14
CA ASP H 238 -20.19 -40.97 101.04
C ASP H 238 -20.10 -39.45 101.15
N THR H 239 -20.76 -38.85 102.13
CA THR H 239 -20.76 -37.38 102.28
C THR H 239 -19.37 -36.91 102.71
N ASP H 240 -18.64 -37.74 103.44
CA ASP H 240 -17.38 -37.28 103.99
C ASP H 240 -16.15 -37.75 103.24
N THR H 241 -16.18 -38.93 102.63
CA THR H 241 -14.97 -39.56 102.14
C THR H 241 -15.19 -40.16 100.76
N VAL H 242 -14.08 -40.34 100.05
CA VAL H 242 -14.05 -41.05 98.77
C VAL H 242 -13.11 -42.23 98.94
N ARG H 243 -13.61 -43.44 98.68
CA ARG H 243 -12.78 -44.63 98.64
C ARG H 243 -12.25 -44.85 97.22
N LEU H 244 -10.93 -44.89 97.10
CA LEU H 244 -10.30 -45.15 95.82
C LEU H 244 -9.33 -46.31 96.00
N TYR H 245 -8.59 -46.66 94.96
CA TYR H 245 -7.58 -47.71 95.06
C TYR H 245 -6.47 -47.45 94.07
N LEU H 246 -5.31 -48.01 94.39
CA LEU H 246 -4.20 -48.14 93.47
C LEU H 246 -4.18 -49.56 92.96
N GLN H 247 -3.89 -49.75 91.68
CA GLN H 247 -4.03 -51.08 91.12
C GLN H 247 -2.99 -51.31 90.04
N GLU H 248 -2.40 -52.48 90.05
CA GLU H 248 -1.46 -52.87 89.00
C GLU H 248 -1.50 -54.38 88.85
N THR H 249 -1.30 -54.87 87.64
CA THR H 249 -1.30 -56.31 87.39
C THR H 249 0.00 -56.73 86.70
N LEU H 250 0.62 -57.78 87.24
CA LEU H 250 1.99 -58.12 86.85
C LEU H 250 2.30 -59.58 87.17
N THR H 251 3.40 -60.04 86.57
CA THR H 251 4.10 -61.23 87.04
C THR H 251 5.60 -60.95 86.92
N PHE H 252 6.41 -61.78 87.56
CA PHE H 252 7.86 -61.63 87.48
C PHE H 252 8.50 -62.96 87.10
N LEU H 253 9.47 -62.89 86.21
CA LEU H 253 10.20 -64.05 85.70
C LEU H 253 11.69 -63.83 85.93
N CYS H 254 12.37 -64.86 86.41
CA CYS H 254 13.83 -64.85 86.47
C CYS H 254 14.34 -65.91 85.51
N TYR H 255 15.01 -65.47 84.44
CA TYR H 255 15.52 -66.39 83.43
C TYR H 255 16.89 -66.94 83.77
N THR H 256 17.69 -66.21 84.53
CA THR H 256 19.09 -66.54 84.74
C THR H 256 19.32 -66.74 86.22
N ALA H 257 19.56 -67.98 86.63
CA ALA H 257 19.65 -68.31 88.04
C ALA H 257 20.94 -67.81 88.69
N GLU H 258 22.01 -67.66 87.93
CA GLU H 258 23.31 -67.36 88.50
C GLU H 258 23.65 -65.87 88.43
N ALA H 259 22.68 -65.02 88.13
CA ALA H 259 22.93 -63.60 87.96
C ALA H 259 22.77 -62.78 89.24
N SER H 260 22.67 -63.43 90.40
CA SER H 260 22.41 -62.68 91.63
C SER H 260 22.93 -63.43 92.85
N VAL H 261 23.24 -62.65 93.89
CA VAL H 261 23.58 -63.16 95.22
C VAL H 261 22.67 -62.48 96.24
N ALA H 262 22.03 -63.29 97.08
CA ALA H 262 21.19 -62.82 98.17
C ALA H 262 21.96 -62.87 99.48
N LEU H 263 21.70 -61.88 100.32
CA LEU H 263 22.36 -61.81 101.61
C LEU H 263 21.29 -61.67 102.68
N SER H 264 21.52 -62.24 103.85
CA SER H 264 20.57 -62.20 104.94
C SER H 264 21.29 -61.88 106.23
N HIS H 265 20.52 -61.65 107.28
CA HIS H 265 21.07 -61.35 108.59
C HIS H 265 21.24 -62.60 109.44
N MET I 1 80.46 -33.08 -7.70
CA MET I 1 80.66 -34.51 -7.85
C MET I 1 81.35 -35.14 -6.66
N ASN I 2 81.51 -36.46 -6.68
CA ASN I 2 82.16 -37.18 -5.58
C ASN I 2 83.40 -37.95 -6.04
N ASN I 3 83.84 -38.92 -5.23
CA ASN I 3 85.02 -39.70 -5.59
C ASN I 3 84.76 -40.71 -6.73
N LEU I 4 83.52 -41.13 -6.94
CA LEU I 4 83.20 -41.96 -8.10
C LEU I 4 83.45 -41.28 -9.44
N TYR I 5 83.40 -39.94 -9.48
CA TYR I 5 83.59 -39.20 -10.73
C TYR I 5 82.74 -39.78 -11.85
N ARG I 6 81.47 -40.04 -11.52
CA ARG I 6 80.60 -40.83 -12.39
C ARG I 6 80.22 -40.07 -13.64
N ASP I 7 80.04 -38.75 -13.53
CA ASP I 7 79.67 -37.94 -14.69
C ASP I 7 80.80 -37.78 -15.69
N LEU I 8 82.03 -38.09 -15.30
CA LEU I 8 83.14 -38.02 -16.24
C LEU I 8 83.22 -39.26 -17.13
N ALA I 9 82.54 -40.33 -16.76
CA ALA I 9 82.61 -41.56 -17.54
C ALA I 9 81.80 -41.42 -18.82
N PRO I 10 82.33 -41.88 -19.96
CA PRO I 10 81.53 -41.88 -21.21
C PRO I 10 80.56 -43.05 -21.27
N VAL I 11 79.58 -43.01 -20.36
CA VAL I 11 78.57 -44.05 -20.20
C VAL I 11 77.23 -43.35 -20.23
N THR I 12 76.31 -43.84 -21.06
CA THR I 12 75.01 -43.24 -21.15
C THR I 12 74.15 -43.65 -19.95
N GLU I 13 73.02 -42.96 -19.80
CA GLU I 13 72.13 -43.20 -18.67
C GLU I 13 71.51 -44.60 -18.72
N ALA I 14 71.10 -45.05 -19.91
CA ALA I 14 70.54 -46.39 -20.05
C ALA I 14 71.59 -47.46 -19.81
N ALA I 15 72.80 -47.24 -20.33
CA ALA I 15 73.91 -48.15 -20.05
C ALA I 15 74.24 -48.18 -18.58
N TRP I 16 74.18 -47.02 -17.89
CA TRP I 16 74.42 -46.99 -16.46
C TRP I 16 73.38 -47.80 -15.71
N ALA I 17 72.11 -47.69 -16.09
CA ALA I 17 71.05 -48.46 -15.44
C ALA I 17 71.25 -49.96 -15.63
N GLU I 18 71.65 -50.38 -16.83
CA GLU I 18 71.93 -51.79 -17.07
C GLU I 18 73.13 -52.29 -16.27
N ILE I 19 74.19 -51.47 -16.15
CA ILE I 19 75.37 -51.87 -15.38
C ILE I 19 75.04 -51.97 -13.90
N GLU I 20 74.28 -51.01 -13.36
CA GLU I 20 73.86 -51.05 -11.95
C GLU I 20 73.01 -52.27 -11.66
N LEU I 21 72.07 -52.58 -12.56
CA LEU I 21 71.21 -53.75 -12.39
C LEU I 21 72.01 -55.04 -12.40
N GLU I 22 72.94 -55.17 -13.37
CA GLU I 22 73.74 -56.37 -13.48
C GLU I 22 74.64 -56.58 -12.27
N ALA I 23 75.28 -55.50 -11.80
CA ALA I 23 76.18 -55.59 -10.65
C ALA I 23 75.42 -55.92 -9.36
N ALA I 24 74.27 -55.25 -9.14
CA ALA I 24 73.48 -55.51 -7.95
C ALA I 24 72.93 -56.93 -7.94
N ARG I 25 72.45 -57.40 -9.09
CA ARG I 25 71.92 -58.75 -9.17
C ARG I 25 72.99 -59.80 -8.90
N THR I 26 74.13 -59.70 -9.59
CA THR I 26 75.17 -60.72 -9.44
C THR I 26 75.75 -60.71 -8.02
N PHE I 27 75.87 -59.55 -7.41
CA PHE I 27 76.34 -59.44 -6.04
C PHE I 27 75.43 -60.12 -5.01
N LYS I 28 74.14 -59.80 -5.02
CA LYS I 28 73.20 -60.42 -4.09
C LYS I 28 73.22 -61.94 -4.19
N ARG I 29 73.20 -62.48 -5.41
CA ARG I 29 73.20 -63.90 -5.61
C ARG I 29 74.40 -64.55 -4.98
N HIS I 30 75.53 -63.87 -4.99
CA HIS I 30 76.76 -64.50 -4.47
C HIS I 30 77.03 -64.08 -3.02
N ILE I 31 76.17 -63.26 -2.42
CA ILE I 31 76.43 -63.00 -1.00
C ILE I 31 75.66 -63.98 -0.13
N ALA I 32 76.38 -64.65 0.77
CA ALA I 32 75.77 -65.46 1.81
C ALA I 32 75.91 -64.79 3.18
N GLY I 33 76.94 -63.97 3.35
CA GLY I 33 77.28 -63.44 4.66
C GLY I 33 76.27 -62.46 5.21
N ARG I 34 75.71 -61.60 4.34
CA ARG I 34 74.76 -60.59 4.81
C ARG I 34 73.42 -61.19 5.20
N ARG I 35 73.13 -62.41 4.77
CA ARG I 35 71.88 -63.06 5.15
C ARG I 35 71.89 -63.53 6.59
N VAL I 36 73.07 -63.69 7.20
CA VAL I 36 73.15 -64.24 8.55
C VAL I 36 73.71 -63.26 9.57
N VAL I 37 74.47 -62.25 9.18
CA VAL I 37 75.10 -61.36 10.13
C VAL I 37 74.27 -60.08 10.20
N ASP I 38 74.46 -59.34 11.29
CA ASP I 38 73.87 -58.03 11.39
C ASP I 38 74.65 -57.05 10.53
N VAL I 39 73.95 -56.30 9.70
CA VAL I 39 74.55 -55.35 8.77
C VAL I 39 74.15 -53.96 9.20
N SER I 40 75.13 -53.13 9.49
CA SER I 40 74.88 -51.79 9.97
C SER I 40 74.45 -50.88 8.82
N ASP I 41 73.93 -49.72 9.18
CA ASP I 41 73.76 -48.67 8.19
C ASP I 41 75.13 -48.16 7.75
N PRO I 42 75.25 -47.65 6.52
CA PRO I 42 76.50 -47.03 6.09
C PRO I 42 76.88 -45.82 6.92
N GLY I 43 78.07 -45.84 7.51
CA GLY I 43 78.56 -44.74 8.30
C GLY I 43 78.80 -43.50 7.47
N GLY I 44 79.30 -43.67 6.27
CA GLY I 44 79.61 -42.54 5.43
C GLY I 44 81.07 -42.56 5.05
N PRO I 45 81.48 -41.67 4.15
CA PRO I 45 82.87 -41.66 3.70
C PRO I 45 83.88 -41.29 4.77
N VAL I 46 83.48 -40.51 5.78
CA VAL I 46 84.45 -40.03 6.75
C VAL I 46 84.74 -41.09 7.81
N THR I 47 83.89 -42.11 7.89
CA THR I 47 84.02 -43.14 8.91
C THR I 47 85.25 -44.00 8.64
N ALA I 48 86.11 -44.14 9.65
CA ALA I 48 87.41 -44.77 9.42
C ALA I 48 87.66 -45.95 10.35
N ALA I 49 87.02 -45.95 11.51
CA ALA I 49 87.28 -47.00 12.49
C ALA I 49 86.03 -47.22 13.33
N VAL I 50 85.96 -48.41 13.92
CA VAL I 50 84.88 -48.76 14.83
C VAL I 50 85.48 -48.95 16.21
N SER I 51 84.91 -48.27 17.19
CA SER I 51 85.35 -48.41 18.57
C SER I 51 84.96 -49.78 19.12
N THR I 52 85.92 -50.45 19.75
CA THR I 52 85.64 -51.69 20.44
C THR I 52 85.31 -51.49 21.92
N GLY I 53 85.65 -50.31 22.45
CA GLY I 53 85.34 -50.00 23.86
C GLY I 53 86.40 -50.55 24.79
N ARG I 54 87.48 -51.13 24.28
CA ARG I 54 88.57 -51.63 25.16
C ARG I 54 89.66 -50.56 25.35
N LEU I 55 90.64 -50.83 26.21
CA LEU I 55 91.71 -49.84 26.54
C LEU I 55 93.08 -50.51 26.45
N ILE I 56 94.09 -49.78 25.99
CA ILE I 56 95.44 -50.32 25.85
C ILE I 56 96.43 -49.55 26.71
N ASP I 57 97.09 -50.25 27.64
CA ASP I 57 98.06 -49.60 28.51
C ASP I 57 99.25 -49.02 27.77
N VAL I 58 99.50 -47.72 27.96
CA VAL I 58 100.68 -47.10 27.34
C VAL I 58 101.63 -46.52 28.37
N LYS I 59 102.90 -46.38 28.00
CA LYS I 59 103.90 -45.86 28.93
C LYS I 59 103.50 -44.51 29.49
N ALA I 60 103.30 -44.43 30.80
CA ALA I 60 102.89 -43.19 31.47
C ALA I 60 103.59 -41.93 30.95
N PRO I 61 102.81 -40.91 30.55
CA PRO I 61 103.41 -39.66 30.06
C PRO I 61 104.30 -39.06 31.13
N THR I 62 103.74 -38.85 32.32
CA THR I 62 104.52 -38.32 33.44
C THR I 62 104.20 -39.06 34.72
N ASN I 63 104.80 -38.63 35.82
CA ASN I 63 104.56 -39.26 37.12
C ASN I 63 103.14 -39.02 37.57
N GLY I 64 102.47 -40.06 38.05
CA GLY I 64 101.11 -39.91 38.53
C GLY I 64 100.05 -39.81 37.45
N VAL I 65 100.44 -40.00 36.19
CA VAL I 65 99.48 -39.97 35.11
C VAL I 65 99.29 -41.36 34.60
N ILE I 66 98.05 -41.77 34.42
CA ILE I 66 97.75 -43.09 33.92
C ILE I 66 97.13 -42.91 32.58
N ALA I 67 97.74 -43.47 31.56
CA ALA I 67 97.25 -43.29 30.20
C ALA I 67 96.81 -44.55 29.55
N HIS I 68 95.76 -44.46 28.76
CA HIS I 68 95.30 -45.61 28.04
C HIS I 68 94.84 -45.22 26.65
N LEU I 69 95.25 -45.99 25.67
CA LEU I 69 94.79 -45.78 24.30
C LEU I 69 93.45 -46.47 24.09
N ARG I 70 92.55 -45.79 23.40
CA ARG I 70 91.30 -46.43 22.99
C ARG I 70 91.57 -47.38 21.85
N ALA I 71 91.06 -48.60 21.96
CA ALA I 71 91.19 -49.60 20.92
C ALA I 71 90.11 -49.40 19.86
N SER I 72 90.44 -49.74 18.62
CA SER I 72 89.50 -49.62 17.52
C SER I 72 89.87 -50.61 16.43
N LYS I 73 88.96 -50.77 15.47
CA LYS I 73 89.16 -51.61 14.31
C LYS I 73 89.10 -50.75 13.07
N PRO I 74 90.13 -50.78 12.20
CA PRO I 74 90.08 -49.98 10.98
C PRO I 74 89.18 -50.59 9.92
N LEU I 75 88.51 -49.73 9.16
CA LEU I 75 87.84 -50.17 7.96
C LEU I 75 88.86 -50.45 6.86
N VAL I 76 88.49 -51.34 5.95
CA VAL I 76 89.29 -51.60 4.76
C VAL I 76 88.42 -51.26 3.56
N ARG I 77 88.99 -50.55 2.59
CA ARG I 77 88.34 -50.28 1.33
C ARG I 77 88.79 -51.30 0.30
N LEU I 78 87.82 -51.98 -0.30
CA LEU I 78 88.05 -53.05 -1.24
C LEU I 78 87.58 -52.58 -2.60
N ARG I 79 88.48 -52.63 -3.58
CA ARG I 79 88.21 -52.12 -4.92
C ARG I 79 88.55 -53.20 -5.94
N VAL I 80 87.60 -53.47 -6.83
CA VAL I 80 87.76 -54.41 -7.91
C VAL I 80 87.59 -53.66 -9.22
N PRO I 81 88.67 -53.37 -9.92
CA PRO I 81 88.55 -52.73 -11.24
C PRO I 81 88.06 -53.70 -12.29
N PHE I 82 87.39 -53.17 -13.30
CA PHE I 82 86.94 -53.94 -14.44
C PHE I 82 86.87 -53.04 -15.66
N THR I 83 86.81 -53.65 -16.83
CA THR I 83 86.97 -52.96 -18.09
C THR I 83 85.82 -53.29 -19.02
N LEU I 84 85.15 -52.25 -19.54
CA LEU I 84 84.01 -52.43 -20.42
C LEU I 84 84.33 -51.95 -21.83
N SER I 85 83.84 -52.70 -22.81
CA SER I 85 83.89 -52.26 -24.20
C SER I 85 82.95 -51.08 -24.42
N ARG I 86 83.45 -50.06 -25.10
CA ARG I 86 82.60 -48.90 -25.39
C ARG I 86 81.57 -49.17 -26.47
N ASN I 87 81.85 -50.15 -27.34
CA ASN I 87 80.86 -50.58 -28.32
C ASN I 87 79.64 -51.19 -27.65
N GLU I 88 79.85 -52.03 -26.62
CA GLU I 88 78.75 -52.61 -25.87
C GLU I 88 77.95 -51.53 -25.15
N ILE I 89 78.63 -50.49 -24.65
CA ILE I 89 77.95 -49.37 -24.01
C ILE I 89 77.11 -48.61 -25.01
N ASP I 90 77.65 -48.35 -26.21
CA ASP I 90 76.93 -47.65 -27.25
C ASP I 90 75.76 -48.44 -27.80
N ASP I 91 75.82 -49.78 -27.72
CA ASP I 91 74.74 -50.64 -28.19
C ASP I 91 73.44 -50.44 -27.41
N VAL I 92 73.54 -50.00 -26.15
CA VAL I 92 72.38 -49.99 -25.26
C VAL I 92 71.36 -48.93 -25.69
N GLU I 93 71.83 -47.77 -26.12
CA GLU I 93 70.89 -46.71 -26.55
C GLU I 93 70.20 -47.11 -27.86
N ARG I 94 70.92 -47.83 -28.73
CA ARG I 94 70.30 -48.32 -29.95
C ARG I 94 69.28 -49.42 -29.71
N GLY I 95 69.17 -49.94 -28.50
CA GLY I 95 68.17 -50.93 -28.17
C GLY I 95 68.65 -52.35 -28.02
N SER I 96 69.96 -52.57 -27.97
CA SER I 96 70.48 -53.90 -27.70
C SER I 96 70.15 -54.33 -26.28
N LYS I 97 69.87 -55.61 -26.11
CA LYS I 97 69.57 -56.17 -24.80
C LYS I 97 70.48 -57.34 -24.47
N ASP I 98 71.55 -57.52 -25.25
CA ASP I 98 72.52 -58.58 -24.97
C ASP I 98 73.93 -58.02 -24.87
N SER I 99 74.07 -56.77 -24.41
CA SER I 99 75.38 -56.15 -24.25
C SER I 99 76.22 -56.92 -23.25
N ASP I 100 77.50 -57.05 -23.57
CA ASP I 100 78.41 -57.91 -22.81
C ASP I 100 78.74 -57.30 -21.45
N TRP I 101 78.03 -57.74 -20.42
CA TRP I 101 78.30 -57.24 -19.08
C TRP I 101 79.04 -58.29 -18.27
N GLU I 102 79.76 -59.18 -18.95
CA GLU I 102 80.56 -60.19 -18.25
C GLU I 102 81.61 -59.60 -17.29
N PRO I 103 82.32 -58.50 -17.69
CA PRO I 103 83.28 -57.98 -16.71
C PRO I 103 82.57 -57.46 -15.47
N VAL I 104 81.41 -56.81 -15.63
CA VAL I 104 80.65 -56.37 -14.46
C VAL I 104 80.29 -57.55 -13.58
N LYS I 105 79.87 -58.66 -14.19
CA LYS I 105 79.50 -59.85 -13.43
C LYS I 105 80.71 -60.47 -12.74
N GLU I 106 81.86 -60.49 -13.42
CA GLU I 106 83.07 -61.02 -12.80
C GLU I 106 83.56 -60.13 -11.66
N ALA I 107 83.43 -58.81 -11.81
CA ALA I 107 83.81 -57.91 -10.73
C ALA I 107 82.89 -58.05 -9.53
N ALA I 108 81.57 -58.19 -9.77
CA ALA I 108 80.63 -58.37 -8.68
C ALA I 108 80.83 -59.70 -7.98
N LYS I 109 81.12 -60.75 -8.74
CA LYS I 109 81.41 -62.05 -8.14
C LYS I 109 82.69 -62.02 -7.32
N LYS I 110 83.71 -61.30 -7.81
CA LYS I 110 84.97 -61.24 -7.08
C LYS I 110 84.84 -60.40 -5.81
N LEU I 111 84.09 -59.29 -5.89
CA LEU I 111 83.86 -58.45 -4.69
C LEU I 111 83.07 -59.26 -3.66
N ALA I 112 82.00 -59.95 -4.09
CA ALA I 112 81.21 -60.77 -3.19
C ALA I 112 82.05 -61.86 -2.55
N PHE I 113 82.94 -62.48 -3.32
CA PHE I 113 83.82 -63.52 -2.79
C PHE I 113 84.78 -62.96 -1.76
N VAL I 114 85.34 -61.78 -2.01
CA VAL I 114 86.22 -61.17 -1.03
C VAL I 114 85.45 -60.88 0.25
N GLU I 115 84.29 -60.24 0.14
CA GLU I 115 83.53 -59.89 1.34
C GLU I 115 83.17 -61.12 2.16
N ASP I 116 82.71 -62.19 1.50
CA ASP I 116 82.33 -63.40 2.22
C ASP I 116 83.55 -64.10 2.83
N ARG I 117 84.68 -64.15 2.10
CA ARG I 117 85.86 -64.78 2.65
C ARG I 117 86.47 -63.94 3.77
N THR I 118 86.25 -62.62 3.76
CA THR I 118 86.68 -61.77 4.84
C THR I 118 85.83 -62.02 6.09
N ILE I 119 84.53 -62.14 5.92
CA ILE I 119 83.65 -62.41 7.06
C ILE I 119 83.93 -63.78 7.67
N PHE I 120 84.10 -64.81 6.84
CA PHE I 120 84.16 -66.15 7.39
C PHE I 120 85.57 -66.68 7.61
N GLU I 121 86.57 -66.20 6.88
CA GLU I 121 87.93 -66.68 7.03
C GLU I 121 88.89 -65.61 7.50
N GLY I 122 88.42 -64.38 7.64
CA GLY I 122 89.25 -63.31 8.07
C GLY I 122 90.23 -62.70 7.10
N TYR I 123 90.76 -61.55 7.46
CA TYR I 123 91.72 -60.86 6.62
C TYR I 123 92.66 -60.29 7.64
N SER I 124 93.72 -61.01 7.94
CA SER I 124 94.65 -60.60 8.98
C SER I 124 95.29 -59.22 8.78
N ALA I 125 95.62 -58.86 7.56
CA ALA I 125 96.22 -57.56 7.28
C ALA I 125 95.28 -56.42 7.64
N ALA I 126 93.99 -56.65 7.56
CA ALA I 126 92.99 -55.68 7.98
C ALA I 126 92.54 -55.87 9.42
N SER I 127 93.25 -56.71 10.18
CA SER I 127 92.97 -57.04 11.59
C SER I 127 91.55 -57.57 11.78
N ILE I 128 91.10 -58.39 10.84
CA ILE I 128 89.78 -59.00 10.91
C ILE I 128 89.97 -60.49 11.16
N GLU I 129 89.43 -60.97 12.26
CA GLU I 129 89.41 -62.39 12.56
C GLU I 129 88.15 -62.99 11.97
N GLY I 130 88.29 -64.10 11.27
CA GLY I 130 87.14 -64.76 10.69
C GLY I 130 86.28 -65.44 11.73
N ILE I 131 85.09 -65.84 11.30
CA ILE I 131 84.19 -66.61 12.15
C ILE I 131 84.80 -67.98 12.48
N ARG I 132 85.52 -68.57 11.52
CA ARG I 132 86.20 -69.84 11.74
C ARG I 132 87.28 -69.71 12.82
N SER I 133 88.07 -68.63 12.78
CA SER I 133 89.12 -68.46 13.76
C SER I 133 88.58 -68.00 15.11
N ALA I 134 87.51 -67.21 15.12
CA ALA I 134 86.97 -66.69 16.38
C ALA I 134 86.00 -67.65 17.05
N SER I 135 85.69 -68.79 16.44
CA SER I 135 84.79 -69.75 17.06
C SER I 135 85.49 -70.48 18.18
N SER I 136 84.82 -70.58 19.33
CA SER I 136 85.33 -71.35 20.45
C SER I 136 84.84 -72.79 20.46
N ASN I 137 83.80 -73.10 19.69
CA ASN I 137 83.32 -74.47 19.59
C ASN I 137 84.31 -75.32 18.78
N PRO I 138 84.37 -76.62 19.03
CA PRO I 138 85.33 -77.46 18.30
C PRO I 138 85.02 -77.54 16.82
N ALA I 139 86.08 -77.69 16.03
CA ALA I 139 85.94 -77.83 14.59
C ALA I 139 85.67 -79.30 14.24
N LEU I 140 84.88 -79.49 13.19
CA LEU I 140 84.49 -80.81 12.76
C LEU I 140 85.01 -81.08 11.36
N THR I 141 85.15 -82.37 11.04
CA THR I 141 85.63 -82.78 9.72
C THR I 141 84.45 -83.28 8.91
N LEU I 142 84.29 -82.74 7.70
CA LEU I 142 83.22 -83.20 6.81
C LEU I 142 83.65 -84.50 6.17
N PRO I 143 82.75 -85.50 6.15
CA PRO I 143 83.09 -86.80 5.58
C PRO I 143 83.11 -86.80 4.06
N GLU I 144 83.72 -87.83 3.48
CA GLU I 144 83.78 -87.92 2.02
C GLU I 144 82.43 -88.26 1.42
N ASP I 145 81.70 -89.18 2.03
CA ASP I 145 80.39 -89.58 1.53
C ASP I 145 79.38 -88.49 1.85
N PRO I 146 78.68 -87.95 0.85
CA PRO I 146 77.63 -86.95 1.13
C PRO I 146 76.47 -87.47 1.96
N ARG I 147 76.19 -88.78 1.93
CA ARG I 147 75.14 -89.35 2.75
C ARG I 147 75.47 -89.29 4.23
N GLU I 148 76.75 -89.14 4.57
CA GLU I 148 77.18 -88.94 5.95
C GLU I 148 77.31 -87.46 6.30
N ILE I 149 76.97 -86.54 5.42
CA ILE I 149 77.01 -85.12 5.77
C ILE I 149 75.99 -84.76 6.89
N PRO I 150 74.69 -85.13 6.71
CA PRO I 150 73.73 -84.72 7.76
C PRO I 150 74.10 -85.19 9.17
N ASP I 151 74.79 -86.31 9.30
CA ASP I 151 75.20 -86.80 10.61
C ASP I 151 76.12 -85.78 11.28
N VAL I 152 77.23 -85.45 10.61
CA VAL I 152 78.21 -84.51 11.17
C VAL I 152 77.58 -83.14 11.44
N ILE I 153 76.76 -82.65 10.51
CA ILE I 153 76.04 -81.40 10.72
C ILE I 153 75.25 -81.45 12.01
N SER I 154 74.58 -82.57 12.28
CA SER I 154 73.80 -82.75 13.53
C SER I 154 74.72 -82.68 14.76
N GLN I 155 75.95 -83.18 14.65
CA GLN I 155 76.92 -83.06 15.73
C GLN I 155 77.27 -81.60 15.99
N ALA I 156 77.37 -80.80 14.93
CA ALA I 156 77.54 -79.37 15.07
C ALA I 156 76.35 -78.74 15.77
N LEU I 157 75.14 -79.21 15.46
CA LEU I 157 73.96 -78.74 16.17
C LEU I 157 73.96 -79.17 17.63
N SER I 158 74.70 -80.24 17.96
CA SER I 158 74.86 -80.58 19.36
C SER I 158 75.72 -79.54 20.07
N GLU I 159 76.76 -79.05 19.40
CA GLU I 159 77.74 -78.20 20.05
C GLU I 159 77.17 -76.84 20.41
N LEU I 160 76.42 -76.22 19.49
CA LEU I 160 75.66 -75.01 19.82
C LEU I 160 74.62 -75.25 20.91
N ARG I 161 74.13 -76.48 21.02
CA ARG I 161 73.23 -76.77 22.12
C ARG I 161 74.02 -76.93 23.42
N LEU I 162 75.24 -77.46 23.34
CA LEU I 162 76.09 -77.56 24.53
C LEU I 162 76.69 -76.21 24.89
N ALA I 163 76.71 -75.26 23.96
CA ALA I 163 77.19 -73.92 24.24
C ALA I 163 76.13 -73.04 24.88
N GLY I 164 74.90 -73.53 25.03
CA GLY I 164 73.82 -72.74 25.58
C GLY I 164 73.45 -71.60 24.63
N VAL I 165 72.91 -71.93 23.46
CA VAL I 165 72.57 -70.92 22.47
C VAL I 165 71.19 -71.18 21.87
N ASP I 166 70.38 -70.14 21.75
CA ASP I 166 69.06 -70.28 21.13
C ASP I 166 69.03 -69.69 19.73
N GLY I 167 67.85 -69.52 19.16
CA GLY I 167 67.73 -68.90 17.85
C GLY I 167 67.67 -69.84 16.66
N PRO I 168 67.23 -69.32 15.49
CA PRO I 168 67.14 -70.13 14.30
C PRO I 168 68.56 -70.46 13.86
N TYR I 169 68.94 -71.71 13.74
CA TYR I 169 70.27 -72.02 13.27
C TYR I 169 70.35 -72.08 11.73
N SER I 170 71.46 -71.62 11.15
CA SER I 170 71.49 -71.69 9.69
C SER I 170 72.76 -72.39 9.21
N VAL I 171 72.68 -73.16 8.13
CA VAL I 171 73.83 -73.90 7.65
C VAL I 171 74.27 -73.27 6.34
N LEU I 172 75.56 -72.93 6.26
CA LEU I 172 76.13 -72.37 5.05
C LEU I 172 77.10 -73.39 4.53
N LEU I 173 77.04 -73.67 3.24
CA LEU I 173 77.87 -74.71 2.64
C LEU I 173 78.75 -74.11 1.57
N SER I 174 79.95 -74.66 1.42
CA SER I 174 80.76 -74.32 0.27
C SER I 174 80.13 -74.89 -1.00
N ALA I 175 80.57 -74.36 -2.14
CA ALA I 175 80.00 -74.75 -3.43
C ALA I 175 80.22 -76.23 -3.74
N ASP I 176 81.38 -76.77 -3.34
CA ASP I 176 81.64 -78.19 -3.47
C ASP I 176 80.69 -79.02 -2.62
N VAL I 177 80.49 -78.61 -1.37
CA VAL I 177 79.61 -79.33 -0.45
C VAL I 177 78.16 -79.17 -0.85
N TYR I 178 77.78 -77.97 -1.29
CA TYR I 178 76.42 -77.73 -1.76
C TYR I 178 76.09 -78.55 -3.00
N THR I 179 77.04 -78.65 -3.93
CA THR I 179 76.87 -79.51 -5.10
C THR I 179 76.78 -80.98 -4.71
N LYS I 180 77.62 -81.42 -3.77
CA LYS I 180 77.60 -82.82 -3.33
C LYS I 180 76.29 -83.20 -2.66
N VAL I 181 75.76 -82.32 -1.80
CA VAL I 181 74.48 -82.65 -1.15
C VAL I 181 73.29 -82.34 -2.03
N SER I 182 73.50 -81.61 -3.13
CA SER I 182 72.43 -81.37 -4.08
C SER I 182 72.25 -82.51 -5.07
N GLU I 183 73.36 -83.10 -5.52
CA GLU I 183 73.31 -84.06 -6.60
C GLU I 183 73.15 -85.49 -6.11
N THR I 184 73.43 -85.76 -4.84
CA THR I 184 73.20 -87.07 -4.27
C THR I 184 71.79 -87.10 -3.69
N SER I 185 71.06 -88.17 -3.93
CA SER I 185 69.68 -88.26 -3.50
C SER I 185 69.46 -89.53 -2.70
N ASP I 186 68.51 -89.44 -1.77
CA ASP I 186 68.11 -90.59 -0.96
C ASP I 186 66.61 -90.52 -0.74
N HIS I 187 65.90 -91.57 -1.20
CA HIS I 187 64.45 -91.73 -1.03
C HIS I 187 63.66 -90.56 -1.62
N GLY I 188 64.02 -90.16 -2.83
CA GLY I 188 63.27 -89.15 -3.54
C GLY I 188 63.58 -87.72 -3.16
N TYR I 189 64.54 -87.49 -2.29
CA TYR I 189 64.98 -86.14 -1.96
C TYR I 189 66.50 -86.09 -2.01
N PRO I 190 67.06 -84.96 -2.43
CA PRO I 190 68.50 -84.76 -2.26
C PRO I 190 68.84 -84.55 -0.81
N ILE I 191 70.13 -84.70 -0.50
CA ILE I 191 70.62 -84.58 0.88
C ILE I 191 70.46 -83.16 1.41
N ARG I 192 70.36 -82.17 0.51
CA ARG I 192 70.08 -80.80 0.90
C ARG I 192 68.74 -80.69 1.63
N GLU I 193 67.74 -81.46 1.20
CA GLU I 193 66.46 -81.48 1.90
C GLU I 193 66.61 -82.13 3.28
N HIS I 194 67.44 -83.16 3.40
CA HIS I 194 67.74 -83.76 4.70
C HIS I 194 68.40 -82.77 5.65
N LEU I 195 69.27 -81.91 5.10
CA LEU I 195 69.82 -80.83 5.91
C LEU I 195 68.77 -79.81 6.28
N ASN I 196 67.82 -79.54 5.38
CA ASN I 196 66.74 -78.60 5.63
C ASN I 196 65.83 -79.08 6.76
N ARG I 197 65.68 -80.39 6.92
CA ARG I 197 64.84 -80.90 8.01
C ARG I 197 65.47 -80.70 9.39
N LEU I 198 66.81 -80.66 9.48
CA LEU I 198 67.52 -80.53 10.77
C LEU I 198 67.41 -79.13 11.37
N VAL I 199 67.25 -78.08 10.56
CA VAL I 199 67.30 -76.70 11.12
C VAL I 199 66.02 -75.91 10.82
N ASP I 200 65.79 -74.85 11.59
CA ASP I 200 64.61 -73.98 11.38
C ASP I 200 65.08 -72.73 10.65
N GLY I 201 66.35 -72.74 10.23
CA GLY I 201 66.90 -71.59 9.47
C GLY I 201 66.91 -71.92 8.00
N ASP I 202 68.06 -71.81 7.33
CA ASP I 202 68.07 -72.00 5.87
C ASP I 202 69.34 -72.69 5.41
N ILE I 203 69.25 -73.57 4.40
CA ILE I 203 70.50 -74.10 3.81
C ILE I 203 70.90 -73.00 2.84
N ILE I 204 72.09 -72.43 3.01
CA ILE I 204 72.51 -71.27 2.26
C ILE I 204 73.71 -71.64 1.40
N TRP I 205 73.61 -71.38 0.11
CA TRP I 205 74.73 -71.58 -0.80
C TRP I 205 75.76 -70.48 -0.55
N ALA I 206 76.99 -70.88 -0.25
CA ALA I 206 78.07 -69.95 0.07
C ALA I 206 79.29 -70.33 -0.75
N PRO I 207 79.35 -69.90 -2.02
CA PRO I 207 80.42 -70.36 -2.92
C PRO I 207 81.80 -69.83 -2.59
N ALA I 208 81.94 -68.82 -1.74
CA ALA I 208 83.27 -68.28 -1.46
C ALA I 208 83.98 -69.04 -0.34
N ILE I 209 83.24 -69.58 0.62
CA ILE I 209 83.81 -70.19 1.81
C ILE I 209 84.41 -71.56 1.51
N ASP I 210 85.20 -72.07 2.44
CA ASP I 210 85.60 -73.47 2.46
C ASP I 210 84.81 -74.19 3.54
N GLY I 211 84.63 -75.49 3.34
CA GLY I 211 83.93 -76.30 4.31
C GLY I 211 82.49 -75.92 4.54
N ALA I 212 82.11 -75.81 5.81
CA ALA I 212 80.74 -75.48 6.13
C ALA I 212 80.70 -74.69 7.44
N PHE I 213 79.59 -74.02 7.66
CA PHE I 213 79.43 -73.24 8.90
C PHE I 213 78.02 -73.42 9.39
N VAL I 214 77.86 -73.74 10.67
CA VAL I 214 76.49 -73.80 11.25
C VAL I 214 76.46 -72.70 12.30
N LEU I 215 75.41 -71.91 12.32
CA LEU I 215 75.43 -70.78 13.27
C LEU I 215 74.04 -70.27 13.55
N THR I 216 73.88 -69.56 14.65
CA THR I 216 72.61 -68.97 15.04
C THR I 216 72.41 -67.60 14.41
N THR I 217 71.15 -67.30 14.07
CA THR I 217 70.84 -66.00 13.50
C THR I 217 69.90 -65.25 14.43
N ARG I 218 70.10 -65.44 15.74
CA ARG I 218 69.27 -64.76 16.72
C ARG I 218 69.51 -63.25 16.77
N GLY I 219 70.67 -62.81 16.30
CA GLY I 219 70.97 -61.40 16.31
C GLY I 219 72.02 -61.05 17.35
N GLY I 220 72.75 -59.98 17.08
CA GLY I 220 73.69 -59.43 18.03
C GLY I 220 74.97 -60.21 18.22
N ASP I 221 75.24 -61.21 17.39
CA ASP I 221 76.45 -62.02 17.56
C ASP I 221 77.52 -61.67 16.54
N PHE I 222 77.10 -61.33 15.33
CA PHE I 222 78.01 -61.11 14.22
C PHE I 222 77.62 -59.78 13.59
N ASP I 223 78.59 -58.88 13.39
CA ASP I 223 78.27 -57.52 13.00
C ASP I 223 79.19 -57.11 11.85
N LEU I 224 78.59 -56.80 10.72
CA LEU I 224 79.33 -56.25 9.58
C LEU I 224 79.13 -54.74 9.58
N GLN I 225 80.22 -54.00 9.71
CA GLN I 225 80.16 -52.55 9.71
C GLN I 225 80.56 -51.99 8.35
N LEU I 226 79.66 -51.22 7.78
CA LEU I 226 79.91 -50.61 6.51
C LEU I 226 80.12 -49.14 6.60
N GLY I 227 81.18 -48.63 6.02
CA GLY I 227 81.31 -47.18 5.96
C GLY I 227 80.47 -46.80 4.77
N THR I 228 80.80 -47.39 3.62
CA THR I 228 79.99 -47.15 2.39
C THR I 228 79.69 -48.50 1.75
N ASP I 229 78.44 -48.68 1.28
CA ASP I 229 78.05 -49.94 0.60
C ASP I 229 78.67 -50.00 -0.79
N VAL I 230 78.35 -51.05 -1.55
CA VAL I 230 78.94 -51.24 -2.92
C VAL I 230 78.56 -50.09 -3.85
N ALA I 231 79.56 -49.51 -4.51
CA ALA I 231 79.35 -48.40 -5.43
C ALA I 231 80.21 -48.63 -6.67
N ILE I 232 79.78 -48.06 -7.79
CA ILE I 232 80.53 -48.18 -9.03
C ILE I 232 81.17 -46.83 -9.33
N GLY I 233 82.49 -46.83 -9.56
CA GLY I 233 83.23 -45.61 -9.80
C GLY I 233 84.01 -45.67 -11.11
N TYR I 234 84.38 -44.49 -11.59
CA TYR I 234 85.04 -44.34 -12.87
C TYR I 234 86.52 -44.05 -12.70
N ALA I 235 87.37 -44.82 -13.38
CA ALA I 235 88.84 -44.62 -13.25
C ALA I 235 89.36 -43.82 -14.44
N SER I 236 89.32 -44.42 -15.64
CA SER I 236 89.84 -43.78 -16.84
C SER I 236 89.21 -44.41 -18.08
N HIS I 237 89.45 -43.82 -19.25
CA HIS I 237 88.83 -44.32 -20.51
C HIS I 237 89.73 -44.07 -21.72
N ASP I 238 89.57 -44.86 -22.79
CA ASP I 238 90.30 -44.62 -24.05
C ASP I 238 89.24 -44.68 -25.16
N THR I 239 89.66 -44.82 -26.41
CA THR I 239 88.70 -44.86 -27.55
C THR I 239 87.91 -46.15 -27.50
N ASP I 240 88.49 -47.22 -26.97
CA ASP I 240 87.80 -48.50 -27.04
C ASP I 240 87.13 -48.94 -25.76
N THR I 241 87.67 -48.56 -24.60
CA THR I 241 87.24 -49.16 -23.35
C THR I 241 87.06 -48.10 -22.26
N VAL I 242 86.26 -48.45 -21.27
CA VAL I 242 86.11 -47.65 -20.05
C VAL I 242 86.54 -48.51 -18.87
N ARG I 243 87.51 -48.03 -18.10
CA ARG I 243 87.90 -48.68 -16.85
C ARG I 243 87.06 -48.13 -15.70
N LEU I 244 86.36 -49.03 -15.02
CA LEU I 244 85.57 -48.65 -13.86
C LEU I 244 85.99 -49.55 -12.70
N TYR I 245 85.33 -49.42 -11.56
CA TYR I 245 85.61 -50.28 -10.42
C TYR I 245 84.36 -50.44 -9.58
N LEU I 246 84.32 -51.53 -8.83
CA LEU I 246 83.38 -51.74 -7.75
C LEU I 246 84.11 -51.49 -6.44
N GLN I 247 83.44 -50.85 -5.49
CA GLN I 247 84.17 -50.43 -4.31
C GLN I 247 83.24 -50.49 -3.10
N GLU I 248 83.77 -51.00 -1.99
CA GLU I 248 83.05 -51.01 -0.74
C GLU I 248 84.04 -50.96 0.41
N THR I 249 83.66 -50.31 1.51
CA THR I 249 84.53 -50.22 2.66
C THR I 249 83.83 -50.74 3.90
N LEU I 250 84.52 -51.61 4.65
CA LEU I 250 83.87 -52.38 5.70
C LEU I 250 84.89 -52.89 6.71
N THR I 251 84.36 -53.34 7.85
CA THR I 251 85.07 -54.22 8.76
C THR I 251 84.06 -55.23 9.29
N PHE I 252 84.55 -56.31 9.89
CA PHE I 252 83.69 -57.31 10.47
C PHE I 252 84.09 -57.60 11.91
N LEU I 253 83.09 -57.72 12.78
CA LEU I 253 83.29 -57.98 14.20
C LEU I 253 82.50 -59.22 14.58
N CYS I 254 83.10 -60.10 15.36
CA CYS I 254 82.40 -61.23 15.96
C CYS I 254 82.39 -61.00 17.47
N TYR I 255 81.21 -60.76 18.03
CA TYR I 255 81.09 -60.51 19.46
C TYR I 255 80.95 -61.77 20.28
N THR I 256 80.42 -62.84 19.69
CA THR I 256 80.05 -64.04 20.44
C THR I 256 80.82 -65.23 19.88
N ALA I 257 81.77 -65.73 20.66
CA ALA I 257 82.68 -66.75 20.16
C ALA I 257 82.02 -68.11 20.02
N GLU I 258 80.98 -68.39 20.80
CA GLU I 258 80.41 -69.73 20.86
C GLU I 258 79.17 -69.87 19.99
N ALA I 259 78.90 -68.90 19.11
CA ALA I 259 77.69 -68.90 18.30
C ALA I 259 77.86 -69.60 16.95
N SER I 260 78.95 -70.34 16.74
CA SER I 260 79.18 -70.93 15.42
C SER I 260 80.06 -72.16 15.53
N VAL I 261 79.89 -73.06 14.55
CA VAL I 261 80.75 -74.22 14.34
C VAL I 261 81.26 -74.20 12.90
N ALA I 262 82.57 -74.33 12.74
CA ALA I 262 83.22 -74.41 11.44
C ALA I 262 83.54 -75.86 11.10
N LEU I 263 83.40 -76.18 9.83
CA LEU I 263 83.67 -77.53 9.37
C LEU I 263 84.66 -77.45 8.22
N SER I 264 85.52 -78.43 8.10
CA SER I 264 86.55 -78.46 7.06
C SER I 264 86.61 -79.84 6.45
N HIS I 265 87.37 -79.96 5.37
CA HIS I 265 87.55 -81.23 4.70
C HIS I 265 88.77 -81.98 5.20
N MET J 1 27.01 -65.14 -41.13
CA MET J 1 26.09 -65.68 -42.13
C MET J 1 25.49 -67.01 -41.73
N ASN J 2 24.60 -67.54 -42.56
CA ASN J 2 23.93 -68.82 -42.27
C ASN J 2 24.18 -69.87 -43.35
N ASN J 3 23.36 -70.91 -43.40
CA ASN J 3 23.54 -71.95 -44.39
C ASN J 3 23.13 -71.52 -45.81
N LEU J 4 22.26 -70.52 -45.97
CA LEU J 4 21.96 -69.97 -47.28
C LEU J 4 23.17 -69.35 -47.97
N TYR J 5 24.15 -68.87 -47.20
CA TYR J 5 25.33 -68.20 -47.78
C TYR J 5 24.92 -67.15 -48.81
N ARG J 6 23.94 -66.35 -48.43
CA ARG J 6 23.26 -65.45 -49.36
C ARG J 6 24.17 -64.31 -49.82
N ASP J 7 25.00 -63.80 -48.91
CA ASP J 7 25.90 -62.71 -49.24
C ASP J 7 27.03 -63.13 -50.18
N LEU J 8 27.28 -64.43 -50.33
CA LEU J 8 28.29 -64.87 -51.26
C LEU J 8 27.78 -64.91 -52.69
N ALA J 9 26.47 -64.85 -52.90
CA ALA J 9 25.93 -64.93 -54.24
C ALA J 9 26.15 -63.61 -54.98
N PRO J 10 26.56 -63.65 -56.25
CA PRO J 10 26.66 -62.41 -57.05
C PRO J 10 25.31 -61.94 -57.57
N VAL J 11 24.45 -61.54 -56.63
CA VAL J 11 23.10 -61.11 -56.90
C VAL J 11 22.93 -59.77 -56.21
N THR J 12 22.44 -58.77 -56.94
CA THR J 12 22.25 -57.47 -56.36
C THR J 12 21.00 -57.45 -55.48
N GLU J 13 20.86 -56.37 -54.72
CA GLU J 13 19.74 -56.23 -53.79
C GLU J 13 18.40 -56.15 -54.52
N ALA J 14 18.35 -55.39 -55.61
CA ALA J 14 17.13 -55.26 -56.39
C ALA J 14 16.77 -56.58 -57.07
N ALA J 15 17.77 -57.27 -57.60
CA ALA J 15 17.56 -58.60 -58.17
C ALA J 15 17.08 -59.57 -57.11
N TRP J 16 17.63 -59.49 -55.89
CA TRP J 16 17.18 -60.35 -54.80
C TRP J 16 15.72 -60.09 -54.47
N ALA J 17 15.31 -58.83 -54.43
CA ALA J 17 13.91 -58.50 -54.14
C ALA J 17 12.98 -59.04 -55.22
N GLU J 18 13.38 -58.93 -56.49
CA GLU J 18 12.57 -59.49 -57.57
C GLU J 18 12.48 -61.01 -57.50
N ILE J 19 13.58 -61.69 -57.17
CA ILE J 19 13.59 -63.14 -57.06
C ILE J 19 12.71 -63.60 -55.89
N GLU J 20 12.81 -62.92 -54.75
CA GLU J 20 11.98 -63.26 -53.59
C GLU J 20 10.50 -63.07 -53.89
N LEU J 21 10.15 -61.96 -54.56
CA LEU J 21 8.77 -61.69 -54.93
C LEU J 21 8.23 -62.74 -55.89
N GLU J 22 9.01 -63.10 -56.91
CA GLU J 22 8.58 -64.09 -57.89
C GLU J 22 8.39 -65.47 -57.26
N ALA J 23 9.32 -65.88 -56.40
CA ALA J 23 9.24 -67.19 -55.75
C ALA J 23 8.06 -67.27 -54.79
N ALA J 24 7.87 -66.22 -53.98
CA ALA J 24 6.77 -66.21 -53.03
C ALA J 24 5.42 -66.20 -53.73
N ARG J 25 5.30 -65.40 -54.79
CA ARG J 25 4.06 -65.35 -55.55
C ARG J 25 3.72 -66.69 -56.19
N THR J 26 4.67 -67.27 -56.91
CA THR J 26 4.38 -68.52 -57.62
C THR J 26 4.09 -69.65 -56.65
N PHE J 27 4.76 -69.68 -55.51
CA PHE J 27 4.52 -70.69 -54.49
C PHE J 27 3.11 -70.63 -53.89
N LYS J 28 2.68 -69.46 -53.43
CA LYS J 28 1.34 -69.31 -52.87
C LYS J 28 0.26 -69.75 -53.84
N ARG J 29 0.37 -69.33 -55.10
CA ARG J 29 -0.60 -69.68 -56.11
C ARG J 29 -0.74 -71.17 -56.26
N HIS J 30 0.36 -71.88 -56.11
CA HIS J 30 0.31 -73.34 -56.35
C HIS J 30 0.15 -74.11 -55.04
N ILE J 31 0.07 -73.42 -53.90
CA ILE J 31 -0.20 -74.22 -52.70
C ILE J 31 -1.70 -74.30 -52.43
N ALA J 32 -2.20 -75.53 -52.29
CA ALA J 32 -3.55 -75.77 -51.82
C ALA J 32 -3.57 -76.32 -50.40
N GLY J 33 -2.48 -77.00 -50.01
CA GLY J 33 -2.47 -77.74 -48.75
C GLY J 33 -2.49 -76.85 -47.52
N ARG J 34 -1.78 -75.71 -47.57
CA ARG J 34 -1.71 -74.83 -46.41
C ARG J 34 -3.02 -74.10 -46.15
N ARG J 35 -3.89 -74.03 -47.15
CA ARG J 35 -5.19 -73.38 -46.96
C ARG J 35 -6.14 -74.21 -46.12
N VAL J 36 -5.91 -75.52 -46.00
CA VAL J 36 -6.83 -76.39 -45.30
C VAL J 36 -6.24 -77.03 -44.05
N VAL J 37 -4.93 -77.16 -43.92
CA VAL J 37 -4.35 -77.84 -42.80
C VAL J 37 -3.86 -76.81 -41.80
N ASP J 38 -3.66 -77.24 -40.57
CA ASP J 38 -3.02 -76.39 -39.57
C ASP J 38 -1.53 -76.34 -39.84
N VAL J 39 -0.98 -75.13 -39.88
CA VAL J 39 0.42 -74.90 -40.18
C VAL J 39 1.07 -74.34 -38.94
N SER J 40 2.07 -75.03 -38.44
CA SER J 40 2.74 -74.63 -37.22
C SER J 40 3.68 -73.45 -37.48
N ASP J 41 4.13 -72.84 -36.40
CA ASP J 41 5.24 -71.90 -36.52
C ASP J 41 6.51 -72.66 -36.86
N PRO J 42 7.47 -72.04 -37.54
CA PRO J 42 8.76 -72.68 -37.78
C PRO J 42 9.51 -73.00 -36.51
N GLY J 43 9.86 -74.27 -36.33
CA GLY J 43 10.61 -74.71 -35.17
C GLY J 43 12.00 -74.14 -35.12
N GLY J 44 12.63 -74.02 -36.28
CA GLY J 44 14.00 -73.54 -36.32
C GLY J 44 14.89 -74.58 -36.96
N PRO J 45 16.15 -74.21 -37.20
CA PRO J 45 17.07 -75.15 -37.87
C PRO J 45 17.41 -76.37 -37.04
N VAL J 46 17.36 -76.28 -35.72
CA VAL J 46 17.82 -77.39 -34.88
C VAL J 46 16.73 -78.45 -34.76
N THR J 47 15.50 -78.11 -35.11
CA THR J 47 14.36 -79.01 -34.95
C THR J 47 14.49 -80.16 -35.94
N ALA J 48 14.39 -81.39 -35.43
CA ALA J 48 14.70 -82.55 -36.26
C ALA J 48 13.56 -83.55 -36.30
N ALA J 49 12.73 -83.58 -35.25
CA ALA J 49 11.67 -84.58 -35.16
C ALA J 49 10.51 -84.01 -34.37
N VAL J 50 9.35 -84.60 -34.59
CA VAL J 50 8.13 -84.25 -33.87
C VAL J 50 7.73 -85.45 -33.03
N SER J 51 7.53 -85.22 -31.74
CA SER J 51 7.07 -86.27 -30.85
C SER J 51 5.62 -86.64 -31.15
N THR J 52 5.35 -87.93 -31.25
CA THR J 52 3.99 -88.42 -31.39
C THR J 52 3.36 -88.77 -30.07
N GLY J 53 4.18 -88.94 -29.03
CA GLY J 53 3.67 -89.25 -27.68
C GLY J 53 3.41 -90.74 -27.51
N ARG J 54 3.75 -91.56 -28.49
CA ARG J 54 3.57 -93.04 -28.35
C ARG J 54 4.85 -93.70 -27.81
N LEU J 55 4.80 -94.99 -27.51
CA LEU J 55 5.94 -95.72 -26.91
C LEU J 55 6.20 -97.02 -27.67
N ILE J 56 7.46 -97.42 -27.82
CA ILE J 56 7.82 -98.63 -28.55
C ILE J 56 8.54 -99.62 -27.64
N ASP J 57 7.97 -100.81 -27.48
CA ASP J 57 8.59 -101.83 -26.63
C ASP J 57 9.96 -102.27 -27.13
N VAL J 58 10.97 -102.18 -26.27
CA VAL J 58 12.31 -102.66 -26.64
C VAL J 58 12.80 -103.76 -25.71
N LYS J 59 13.71 -104.59 -26.19
CA LYS J 59 14.23 -105.69 -25.38
C LYS J 59 14.80 -105.20 -24.06
N ALA J 60 14.20 -105.62 -22.95
CA ALA J 60 14.64 -105.22 -21.61
C ALA J 60 16.15 -105.18 -21.43
N PRO J 61 16.68 -104.02 -20.97
CA PRO J 61 18.12 -103.90 -20.74
C PRO J 61 18.58 -104.93 -19.75
N THR J 62 17.96 -104.98 -18.58
CA THR J 62 18.28 -105.98 -17.57
C THR J 62 17.03 -106.56 -16.94
N ASN J 63 17.19 -107.43 -15.96
CA ASN J 63 16.06 -108.04 -15.28
C ASN J 63 15.31 -107.01 -14.46
N GLY J 64 13.99 -106.99 -14.56
CA GLY J 64 13.19 -106.05 -13.80
C GLY J 64 13.17 -104.64 -14.35
N VAL J 65 13.76 -104.43 -15.52
CA VAL J 65 13.73 -103.12 -16.13
C VAL J 65 12.80 -103.15 -17.32
N ILE J 66 11.94 -102.17 -17.42
CA ILE J 66 11.02 -102.10 -18.51
C ILE J 66 11.39 -100.89 -19.32
N ALA J 67 11.72 -101.10 -20.57
CA ALA J 67 12.17 -100.00 -21.41
C ALA J 67 11.27 -99.72 -22.58
N HIS J 68 11.13 -98.45 -22.90
CA HIS J 68 10.35 -98.08 -24.04
C HIS J 68 10.97 -96.93 -24.78
N LEU J 69 11.02 -97.04 -26.09
CA LEU J 69 11.52 -95.97 -26.92
C LEU J 69 10.40 -94.96 -27.21
N ARG J 70 10.73 -93.68 -27.14
CA ARG J 70 9.78 -92.67 -27.55
C ARG J 70 9.68 -92.64 -29.08
N ALA J 71 8.45 -92.66 -29.59
CA ALA J 71 8.22 -92.57 -31.02
C ALA J 71 8.26 -91.12 -31.48
N SER J 72 8.69 -90.93 -32.72
CA SER J 72 8.75 -89.59 -33.29
C SER J 72 8.68 -89.69 -34.81
N LYS J 73 8.49 -88.54 -35.44
CA LYS J 73 8.45 -88.41 -36.88
C LYS J 73 9.59 -87.51 -37.34
N PRO J 74 10.45 -87.97 -38.25
CA PRO J 74 11.54 -87.10 -38.71
C PRO J 74 11.06 -86.06 -39.69
N LEU J 75 11.67 -84.88 -39.62
CA LEU J 75 11.51 -83.89 -40.68
C LEU J 75 12.28 -84.31 -41.92
N VAL J 76 11.82 -83.86 -43.07
CA VAL J 76 12.53 -84.03 -44.33
C VAL J 76 12.84 -82.64 -44.87
N ARG J 77 14.08 -82.45 -45.33
CA ARG J 77 14.46 -81.22 -46.00
C ARG J 77 14.37 -81.43 -47.49
N LEU J 78 13.63 -80.56 -48.15
CA LEU J 78 13.33 -80.65 -49.57
C LEU J 78 14.01 -79.47 -50.24
N ARG J 79 14.86 -79.76 -51.22
CA ARG J 79 15.65 -78.76 -51.91
C ARG J 79 15.45 -78.88 -53.41
N VAL J 80 15.13 -77.77 -54.05
CA VAL J 80 14.97 -77.69 -55.49
C VAL J 80 15.99 -76.69 -56.02
N PRO J 81 17.07 -77.17 -56.64
CA PRO J 81 18.03 -76.26 -57.25
C PRO J 81 17.49 -75.65 -58.54
N PHE J 82 17.97 -74.46 -58.85
CA PHE J 82 17.63 -73.79 -60.10
C PHE J 82 18.78 -72.88 -60.49
N THR J 83 18.79 -72.49 -61.76
CA THR J 83 19.92 -71.80 -62.37
C THR J 83 19.46 -70.51 -63.02
N LEU J 84 20.11 -69.40 -62.67
CA LEU J 84 19.76 -68.09 -63.20
C LEU J 84 20.87 -67.56 -64.09
N SER J 85 20.47 -66.92 -65.19
CA SER J 85 21.41 -66.17 -66.02
C SER J 85 21.89 -64.93 -65.29
N ARG J 86 23.20 -64.69 -65.32
CA ARG J 86 23.75 -63.51 -64.66
C ARG J 86 23.46 -62.24 -65.45
N ASN J 87 23.24 -62.35 -66.76
CA ASN J 87 22.82 -61.20 -67.56
C ASN J 87 21.45 -60.70 -67.13
N GLU J 88 20.51 -61.62 -66.87
CA GLU J 88 19.19 -61.24 -66.39
C GLU J 88 19.27 -60.58 -65.01
N ILE J 89 20.19 -61.07 -64.16
CA ILE J 89 20.40 -60.45 -62.85
C ILE J 89 20.96 -59.05 -62.99
N ASP J 90 21.94 -58.87 -63.89
CA ASP J 90 22.53 -57.56 -64.12
C ASP J 90 21.55 -56.57 -64.77
N ASP J 91 20.56 -57.07 -65.51
CA ASP J 91 19.55 -56.22 -66.14
C ASP J 91 18.70 -55.46 -65.13
N VAL J 92 18.54 -56.00 -63.92
CA VAL J 92 17.59 -55.46 -62.95
C VAL J 92 18.03 -54.09 -62.45
N GLU J 93 19.33 -53.91 -62.19
CA GLU J 93 19.80 -52.60 -61.70
C GLU J 93 19.69 -51.55 -62.80
N ARG J 94 19.90 -51.94 -64.06
CA ARG J 94 19.72 -51.01 -65.16
C ARG J 94 18.28 -50.62 -65.40
N GLY J 95 17.32 -51.26 -64.75
CA GLY J 95 15.92 -50.89 -64.85
C GLY J 95 15.06 -51.81 -65.68
N SER J 96 15.54 -52.98 -66.06
CA SER J 96 14.71 -53.95 -66.76
C SER J 96 13.63 -54.47 -65.83
N LYS J 97 12.45 -54.72 -66.39
CA LYS J 97 11.33 -55.26 -65.65
C LYS J 97 10.79 -56.53 -66.27
N ASP J 98 11.54 -57.11 -67.21
CA ASP J 98 11.14 -58.37 -67.84
C ASP J 98 12.24 -59.41 -67.74
N SER J 99 13.04 -59.35 -66.68
CA SER J 99 14.11 -60.31 -66.48
C SER J 99 13.56 -61.72 -66.34
N ASP J 100 14.26 -62.67 -66.95
CA ASP J 100 13.76 -64.03 -67.06
C ASP J 100 13.83 -64.77 -65.73
N TRP J 101 12.70 -64.80 -65.02
CA TRP J 101 12.66 -65.50 -63.75
C TRP J 101 11.91 -66.82 -63.90
N GLU J 102 11.91 -67.36 -65.11
CA GLU J 102 11.28 -68.67 -65.34
C GLU J 102 11.86 -69.81 -64.48
N PRO J 103 13.21 -69.86 -64.30
CA PRO J 103 13.68 -70.96 -63.43
C PRO J 103 13.19 -70.79 -62.00
N VAL J 104 13.14 -69.56 -61.49
CA VAL J 104 12.58 -69.34 -60.16
C VAL J 104 11.14 -69.82 -60.10
N LYS J 105 10.35 -69.53 -61.13
CA LYS J 105 8.95 -69.95 -61.17
C LYS J 105 8.83 -71.46 -61.26
N GLU J 106 9.69 -72.11 -62.05
CA GLU J 106 9.66 -73.56 -62.15
C GLU J 106 10.10 -74.23 -60.85
N ALA J 107 11.08 -73.65 -60.16
CA ALA J 107 11.50 -74.18 -58.88
C ALA J 107 10.41 -74.02 -57.82
N ALA J 108 9.73 -72.87 -57.81
CA ALA J 108 8.65 -72.66 -56.86
C ALA J 108 7.47 -73.57 -57.14
N LYS J 109 7.15 -73.78 -58.41
CA LYS J 109 6.08 -74.69 -58.78
C LYS J 109 6.43 -76.13 -58.40
N LYS J 110 7.69 -76.52 -58.59
CA LYS J 110 8.08 -77.88 -58.26
C LYS J 110 8.10 -78.11 -56.75
N LEU J 111 8.58 -77.11 -56.00
CA LEU J 111 8.59 -77.23 -54.52
C LEU J 111 7.14 -77.31 -54.02
N ALA J 112 6.27 -76.44 -54.53
CA ALA J 112 4.86 -76.46 -54.13
C ALA J 112 4.20 -77.80 -54.47
N PHE J 113 4.53 -78.36 -55.63
CA PHE J 113 4.00 -79.66 -56.03
C PHE J 113 4.48 -80.76 -55.10
N VAL J 114 5.74 -80.73 -54.72
CA VAL J 114 6.25 -81.74 -53.80
C VAL J 114 5.52 -81.62 -52.46
N GLU J 115 5.45 -80.41 -51.91
CA GLU J 115 4.81 -80.24 -50.61
C GLU J 115 3.35 -80.71 -50.62
N ASP J 116 2.60 -80.35 -51.66
CA ASP J 116 1.20 -80.75 -51.74
C ASP J 116 1.05 -82.26 -51.95
N ARG J 117 1.91 -82.86 -52.78
CA ARG J 117 1.83 -84.30 -52.98
C ARG J 117 2.30 -85.06 -51.76
N THR J 118 3.17 -84.46 -50.95
CA THR J 118 3.56 -85.07 -49.70
C THR J 118 2.43 -85.03 -48.68
N ILE J 119 1.73 -83.91 -48.60
CA ILE J 119 0.59 -83.79 -47.67
C ILE J 119 -0.54 -84.74 -48.08
N PHE J 120 -0.87 -84.81 -49.37
CA PHE J 120 -2.07 -85.54 -49.75
C PHE J 120 -1.82 -86.97 -50.20
N GLU J 121 -0.65 -87.30 -50.71
CA GLU J 121 -0.36 -88.65 -51.17
C GLU J 121 0.74 -89.33 -50.37
N GLY J 122 1.35 -88.63 -49.45
CA GLY J 122 2.40 -89.19 -48.66
C GLY J 122 3.77 -89.35 -49.27
N TYR J 123 4.75 -89.60 -48.43
CA TYR J 123 6.10 -89.78 -48.89
C TYR J 123 6.58 -90.87 -47.95
N SER J 124 6.48 -92.11 -48.39
CA SER J 124 6.84 -93.24 -47.55
C SER J 124 8.27 -93.24 -47.02
N ALA J 125 9.23 -92.84 -47.83
CA ALA J 125 10.63 -92.79 -47.42
C ALA J 125 10.83 -91.83 -46.25
N ALA J 126 10.02 -90.79 -46.16
CA ALA J 126 10.06 -89.87 -45.05
C ALA J 126 9.08 -90.24 -43.95
N SER J 127 8.50 -91.45 -44.02
CA SER J 127 7.52 -91.97 -43.05
C SER J 127 6.31 -91.06 -42.90
N ILE J 128 5.86 -90.49 -44.02
CA ILE J 128 4.68 -89.62 -44.03
C ILE J 128 3.58 -90.36 -44.76
N GLU J 129 2.47 -90.57 -44.06
CA GLU J 129 1.28 -91.14 -44.67
C GLU J 129 0.43 -90.00 -45.21
N GLY J 130 -0.04 -90.15 -46.44
CA GLY J 130 -0.88 -89.12 -47.02
C GLY J 130 -2.27 -89.12 -46.42
N ILE J 131 -3.00 -88.04 -46.72
CA ILE J 131 -4.40 -87.95 -46.33
C ILE J 131 -5.23 -89.03 -47.01
N ARG J 132 -4.90 -89.35 -48.27
CA ARG J 132 -5.59 -90.41 -48.99
C ARG J 132 -5.39 -91.77 -48.32
N SER J 133 -4.16 -92.07 -47.90
CA SER J 133 -3.89 -93.34 -47.25
C SER J 133 -4.40 -93.39 -45.81
N ALA J 134 -4.37 -92.27 -45.11
CA ALA J 134 -4.80 -92.24 -43.71
C ALA J 134 -6.30 -92.06 -43.53
N SER J 135 -7.04 -91.87 -44.62
CA SER J 135 -8.48 -91.71 -44.50
C SER J 135 -9.15 -93.05 -44.21
N SER J 136 -10.04 -93.06 -43.24
CA SER J 136 -10.83 -94.25 -42.93
C SER J 136 -12.16 -94.29 -43.66
N ASN J 137 -12.61 -93.18 -44.22
CA ASN J 137 -13.83 -93.15 -45.00
C ASN J 137 -13.60 -93.85 -46.34
N PRO J 138 -14.65 -94.44 -46.93
CA PRO J 138 -14.48 -95.14 -48.21
C PRO J 138 -14.09 -94.21 -49.34
N ALA J 139 -13.31 -94.76 -50.27
CA ALA J 139 -12.89 -94.00 -51.44
C ALA J 139 -13.96 -94.08 -52.52
N LEU J 140 -14.07 -92.99 -53.27
CA LEU J 140 -15.09 -92.87 -54.31
C LEU J 140 -14.43 -92.74 -55.67
N THR J 141 -15.17 -93.10 -56.71
CA THR J 141 -14.69 -93.00 -58.08
C THR J 141 -15.33 -91.79 -58.75
N LEU J 142 -14.50 -90.93 -59.33
CA LEU J 142 -15.02 -89.78 -60.06
C LEU J 142 -15.50 -90.23 -61.42
N PRO J 143 -16.69 -89.78 -61.83
CA PRO J 143 -17.26 -90.20 -63.11
C PRO J 143 -16.60 -89.50 -64.30
N GLU J 144 -16.81 -90.05 -65.48
CA GLU J 144 -16.24 -89.44 -66.68
C GLU J 144 -16.93 -88.15 -67.05
N ASP J 145 -18.25 -88.12 -66.96
CA ASP J 145 -19.02 -86.93 -67.29
C ASP J 145 -18.86 -85.90 -66.19
N PRO J 146 -18.41 -84.68 -66.48
CA PRO J 146 -18.32 -83.64 -65.45
C PRO J 146 -19.66 -83.24 -64.86
N ARG J 147 -20.77 -83.39 -65.60
CA ARG J 147 -22.09 -83.09 -65.07
C ARG J 147 -22.49 -84.04 -63.95
N GLU J 148 -21.86 -85.21 -63.88
CA GLU J 148 -22.06 -86.15 -62.79
C GLU J 148 -21.05 -85.97 -61.66
N ILE J 149 -20.17 -84.98 -61.74
CA ILE J 149 -19.24 -84.74 -60.63
C ILE J 149 -19.97 -84.31 -59.34
N PRO J 150 -20.84 -83.27 -59.39
CA PRO J 150 -21.46 -82.84 -58.13
C PRO J 150 -22.21 -83.95 -57.39
N ASP J 151 -22.75 -84.94 -58.11
CA ASP J 151 -23.45 -86.03 -57.46
C ASP J 151 -22.49 -86.80 -56.55
N VAL J 152 -21.40 -87.30 -57.12
CA VAL J 152 -20.42 -88.08 -56.33
C VAL J 152 -19.84 -87.26 -55.19
N ILE J 153 -19.51 -86.00 -55.44
CA ILE J 153 -19.03 -85.12 -54.37
C ILE J 153 -20.03 -85.07 -53.23
N SER J 154 -21.33 -85.00 -53.55
CA SER J 154 -22.38 -85.00 -52.49
C SER J 154 -22.37 -86.32 -51.71
N GLN J 155 -22.06 -87.45 -52.36
CA GLN J 155 -21.92 -88.71 -51.66
C GLN J 155 -20.77 -88.67 -50.67
N ALA J 156 -19.67 -88.00 -51.06
CA ALA J 156 -18.57 -87.77 -50.13
C ALA J 156 -19.02 -86.92 -48.95
N LEU J 157 -19.87 -85.92 -49.20
CA LEU J 157 -20.43 -85.13 -48.11
C LEU J 157 -21.36 -85.96 -47.24
N SER J 158 -21.92 -87.05 -47.77
CA SER J 158 -22.67 -87.95 -46.93
C SER J 158 -21.75 -88.67 -45.96
N GLU J 159 -20.56 -89.06 -46.41
CA GLU J 159 -19.68 -89.91 -45.62
C GLU J 159 -19.12 -89.18 -44.40
N LEU J 160 -18.67 -87.94 -44.59
CA LEU J 160 -18.30 -87.09 -43.45
C LEU J 160 -19.47 -86.83 -42.53
N ARG J 161 -20.69 -86.85 -43.06
CA ARG J 161 -21.84 -86.72 -42.18
C ARG J 161 -22.09 -88.02 -41.43
N LEU J 162 -21.82 -89.16 -42.08
CA LEU J 162 -21.94 -90.45 -41.40
C LEU J 162 -20.79 -90.70 -40.45
N ALA J 163 -19.68 -89.99 -40.63
CA ALA J 163 -18.55 -90.10 -39.71
C ALA J 163 -18.71 -89.24 -38.46
N GLY J 164 -19.78 -88.46 -38.37
CA GLY J 164 -19.98 -87.57 -37.23
C GLY J 164 -18.93 -86.47 -37.22
N VAL J 165 -18.96 -85.58 -38.20
CA VAL J 165 -17.95 -84.52 -38.29
C VAL J 165 -18.62 -83.18 -38.61
N ASP J 166 -18.21 -82.13 -37.92
CA ASP J 166 -18.74 -80.79 -38.18
C ASP J 166 -17.72 -79.93 -38.92
N GLY J 167 -17.98 -78.63 -39.00
CA GLY J 167 -17.02 -77.73 -39.63
C GLY J 167 -17.25 -77.41 -41.10
N PRO J 168 -16.61 -76.33 -41.60
CA PRO J 168 -16.76 -75.95 -42.99
C PRO J 168 -16.07 -77.01 -43.83
N TYR J 169 -16.78 -77.66 -44.75
CA TYR J 169 -16.11 -78.64 -45.60
C TYR J 169 -15.47 -78.00 -46.84
N SER J 170 -14.32 -78.50 -47.26
CA SER J 170 -13.73 -77.86 -48.45
C SER J 170 -13.38 -78.90 -49.50
N VAL J 171 -13.56 -78.57 -50.78
CA VAL J 171 -13.30 -79.52 -51.85
C VAL J 171 -12.05 -79.07 -52.59
N LEU J 172 -11.11 -80.00 -52.73
CA LEU J 172 -9.88 -79.73 -53.46
C LEU J 172 -9.92 -80.60 -54.69
N LEU J 173 -9.62 -80.03 -55.85
CA LEU J 173 -9.71 -80.77 -57.10
C LEU J 173 -8.36 -80.79 -57.78
N SER J 174 -8.09 -81.88 -58.48
CA SER J 174 -6.93 -81.91 -59.35
C SER J 174 -7.14 -80.97 -60.54
N ALA J 175 -6.05 -80.63 -61.21
CA ALA J 175 -6.09 -79.68 -62.32
C ALA J 175 -6.95 -80.18 -63.46
N ASP J 176 -6.91 -81.49 -63.73
CA ASP J 176 -7.79 -82.08 -64.74
C ASP J 176 -9.25 -81.94 -64.35
N VAL J 177 -9.58 -82.24 -63.09
CA VAL J 177 -10.95 -82.18 -62.62
C VAL J 177 -11.42 -80.74 -62.52
N TYR J 178 -10.54 -79.84 -62.06
CA TYR J 178 -10.86 -78.42 -61.98
C TYR J 178 -11.12 -77.83 -63.36
N THR J 179 -10.32 -78.21 -64.35
CA THR J 179 -10.55 -77.78 -65.73
C THR J 179 -11.86 -78.33 -66.27
N LYS J 180 -12.15 -79.62 -65.99
CA LYS J 180 -13.38 -80.24 -66.48
C LYS J 180 -14.64 -79.59 -65.88
N VAL J 181 -14.62 -79.28 -64.59
CA VAL J 181 -15.79 -78.64 -63.99
C VAL J 181 -15.80 -77.14 -64.23
N SER J 182 -14.70 -76.57 -64.70
CA SER J 182 -14.67 -75.16 -65.06
C SER J 182 -15.20 -74.91 -66.46
N GLU J 183 -14.88 -75.79 -67.40
CA GLU J 183 -15.16 -75.55 -68.80
C GLU J 183 -16.53 -76.09 -69.23
N THR J 184 -17.11 -76.99 -68.46
CA THR J 184 -18.45 -77.48 -68.73
C THR J 184 -19.43 -76.60 -68.00
N SER J 185 -20.51 -76.21 -68.66
CA SER J 185 -21.47 -75.30 -68.08
C SER J 185 -22.88 -75.89 -68.15
N ASP J 186 -23.70 -75.51 -67.17
CA ASP J 186 -25.09 -75.91 -67.13
C ASP J 186 -25.91 -74.75 -66.58
N HIS J 187 -26.86 -74.28 -67.41
CA HIS J 187 -27.81 -73.21 -67.07
C HIS J 187 -27.10 -71.92 -66.64
N GLY J 188 -26.11 -71.52 -67.43
CA GLY J 188 -25.44 -70.27 -67.22
C GLY J 188 -24.38 -70.24 -66.15
N TYR J 189 -24.07 -71.39 -65.55
CA TYR J 189 -22.98 -71.48 -64.59
C TYR J 189 -22.13 -72.69 -64.92
N PRO J 190 -20.83 -72.61 -64.70
CA PRO J 190 -20.00 -73.82 -64.78
C PRO J 190 -20.28 -74.72 -63.60
N ILE J 191 -19.85 -75.98 -63.73
CA ILE J 191 -20.09 -77.00 -62.71
C ILE J 191 -19.34 -76.66 -61.42
N ARG J 192 -18.27 -75.86 -61.51
CA ARG J 192 -17.56 -75.38 -60.33
C ARG J 192 -18.46 -74.59 -59.41
N GLU J 193 -19.38 -73.79 -59.97
CA GLU J 193 -20.36 -73.08 -59.16
C GLU J 193 -21.34 -74.05 -58.51
N HIS J 194 -21.73 -75.12 -59.22
CA HIS J 194 -22.57 -76.16 -58.62
C HIS J 194 -21.89 -76.83 -57.45
N LEU J 195 -20.57 -77.04 -57.55
CA LEU J 195 -19.81 -77.53 -56.41
C LEU J 195 -19.76 -76.52 -55.28
N ASN J 196 -19.67 -75.24 -55.63
CA ASN J 196 -19.63 -74.18 -54.63
C ASN J 196 -20.93 -74.09 -53.83
N ARG J 197 -22.06 -74.45 -54.45
CA ARG J 197 -23.32 -74.43 -53.72
C ARG J 197 -23.43 -75.54 -52.68
N LEU J 198 -22.74 -76.66 -52.87
CA LEU J 198 -22.83 -77.83 -51.95
C LEU J 198 -22.09 -77.58 -50.62
N VAL J 199 -21.05 -76.75 -50.61
CA VAL J 199 -20.23 -76.61 -49.37
C VAL J 199 -20.18 -75.19 -48.85
N ASP J 200 -19.83 -75.02 -47.58
CA ASP J 200 -19.71 -73.68 -46.96
C ASP J 200 -18.22 -73.33 -46.90
N GLY J 201 -17.39 -74.19 -47.50
CA GLY J 201 -15.95 -73.94 -47.55
C GLY J 201 -15.57 -73.35 -48.88
N ASP J 202 -14.60 -73.96 -49.59
CA ASP J 202 -14.13 -73.33 -50.84
C ASP J 202 -13.78 -74.38 -51.88
N ILE J 203 -14.07 -74.11 -53.16
CA ILE J 203 -13.57 -75.02 -54.20
C ILE J 203 -12.13 -74.55 -54.41
N ILE J 204 -11.17 -75.44 -54.20
CA ILE J 204 -9.76 -75.08 -54.18
C ILE J 204 -9.05 -75.79 -55.33
N TRP J 205 -8.37 -75.01 -56.17
CA TRP J 205 -7.57 -75.58 -57.23
C TRP J 205 -6.31 -76.20 -56.63
N ALA J 206 -6.11 -77.48 -56.89
CA ALA J 206 -4.98 -78.24 -56.34
C ALA J 206 -4.29 -78.98 -57.47
N PRO J 207 -3.41 -78.30 -58.21
CA PRO J 207 -2.81 -78.90 -59.41
C PRO J 207 -1.84 -80.04 -59.15
N ALA J 208 -1.37 -80.24 -57.92
CA ALA J 208 -0.41 -81.31 -57.68
C ALA J 208 -1.08 -82.65 -57.42
N ILE J 209 -2.26 -82.65 -56.82
CA ILE J 209 -2.92 -83.88 -56.39
C ILE J 209 -3.50 -84.66 -57.56
N ASP J 210 -3.87 -85.90 -57.32
CA ASP J 210 -4.70 -86.68 -58.21
C ASP J 210 -6.10 -86.76 -57.62
N GLY J 211 -7.08 -86.92 -58.51
CA GLY J 211 -8.46 -87.04 -58.09
C GLY J 211 -9.02 -85.85 -57.36
N ALA J 212 -9.66 -86.09 -56.22
CA ALA J 212 -10.27 -85.00 -55.48
C ALA J 212 -10.25 -85.34 -54.00
N PHE J 213 -10.41 -84.32 -53.18
CA PHE J 213 -10.43 -84.54 -51.72
C PHE J 213 -11.52 -83.65 -51.13
N VAL J 214 -12.37 -84.22 -50.29
CA VAL J 214 -13.37 -83.39 -49.58
C VAL J 214 -13.00 -83.51 -48.11
N LEU J 215 -12.97 -82.40 -47.39
CA LEU J 215 -12.52 -82.52 -45.99
C LEU J 215 -12.97 -81.33 -45.17
N THR J 216 -12.97 -81.50 -43.86
CA THR J 216 -13.37 -80.45 -42.93
C THR J 216 -12.18 -79.57 -42.57
N THR J 217 -12.47 -78.28 -42.37
CA THR J 217 -11.42 -77.35 -41.97
C THR J 217 -11.74 -76.78 -40.60
N ARG J 218 -12.33 -77.61 -39.75
CA ARG J 218 -12.67 -77.18 -38.40
C ARG J 218 -11.44 -76.94 -37.54
N GLY J 219 -10.31 -77.55 -37.89
CA GLY J 219 -9.10 -77.36 -37.12
C GLY J 219 -8.74 -78.60 -36.34
N GLY J 220 -7.44 -78.75 -36.07
CA GLY J 220 -6.96 -79.80 -35.22
C GLY J 220 -6.95 -81.20 -35.81
N ASP J 221 -7.20 -81.33 -37.11
CA ASP J 221 -7.25 -82.67 -37.70
C ASP J 221 -6.02 -82.96 -38.53
N PHE J 222 -5.46 -81.94 -39.18
CA PHE J 222 -4.36 -82.09 -40.12
C PHE J 222 -3.31 -81.07 -39.73
N ASP J 223 -2.06 -81.50 -39.58
CA ASP J 223 -1.04 -80.64 -38.99
C ASP J 223 0.22 -80.73 -39.84
N LEU J 224 0.62 -79.60 -40.42
CA LEU J 224 1.88 -79.51 -41.14
C LEU J 224 2.90 -78.88 -40.20
N GLN J 225 3.98 -79.62 -39.91
CA GLN J 225 5.02 -79.11 -39.03
C GLN J 225 6.21 -78.62 -39.84
N LEU J 226 6.56 -77.37 -39.63
CA LEU J 226 7.68 -76.80 -40.32
C LEU J 226 8.84 -76.56 -39.42
N GLY J 227 10.03 -77.01 -39.80
CA GLY J 227 11.20 -76.63 -39.03
C GLY J 227 11.54 -75.26 -39.54
N THR J 228 11.76 -75.17 -40.85
CA THR J 228 12.03 -73.86 -41.50
C THR J 228 11.13 -73.73 -42.73
N ASP J 229 10.55 -72.53 -42.92
CA ASP J 229 9.69 -72.28 -44.10
C ASP J 229 10.56 -72.15 -45.36
N VAL J 230 9.94 -71.86 -46.50
CA VAL J 230 10.67 -71.75 -47.80
C VAL J 230 11.72 -70.66 -47.76
N ALA J 231 12.95 -71.00 -48.14
CA ALA J 231 14.04 -70.04 -48.17
C ALA J 231 14.84 -70.24 -49.45
N ILE J 232 15.52 -69.19 -49.89
CA ILE J 232 16.34 -69.26 -51.08
C ILE J 232 17.80 -69.23 -50.67
N GLY J 233 18.58 -70.21 -51.13
CA GLY J 233 19.97 -70.34 -50.76
C GLY J 233 20.88 -70.38 -51.98
N TYR J 234 22.16 -70.10 -51.74
CA TYR J 234 23.15 -69.99 -52.80
C TYR J 234 24.06 -71.20 -52.81
N ALA J 235 24.21 -71.83 -53.99
CA ALA J 235 25.06 -73.04 -54.09
C ALA J 235 26.43 -72.67 -54.66
N SER J 236 26.47 -72.25 -55.93
CA SER J 236 27.72 -71.91 -56.60
C SER J 236 27.44 -71.01 -57.80
N HIS J 237 28.50 -70.47 -58.41
CA HIS J 237 28.33 -69.53 -59.56
C HIS J 237 29.49 -69.62 -60.54
N ASP J 238 29.27 -69.23 -61.79
CA ASP J 238 30.35 -69.17 -62.79
C ASP J 238 30.23 -67.79 -63.47
N THR J 239 30.87 -67.59 -64.61
CA THR J 239 30.83 -66.29 -65.30
C THR J 239 29.42 -66.04 -65.85
N ASP J 240 28.71 -67.10 -66.21
CA ASP J 240 27.43 -66.90 -66.87
C ASP J 240 26.22 -67.09 -65.97
N THR J 241 26.29 -67.96 -64.97
CA THR J 241 25.10 -68.38 -64.26
C THR J 241 25.33 -68.42 -62.76
N VAL J 242 24.25 -68.33 -62.01
CA VAL J 242 24.24 -68.53 -60.56
C VAL J 242 23.33 -69.71 -60.26
N ARG J 243 23.87 -70.71 -59.57
CA ARG J 243 23.07 -71.82 -59.08
C ARG J 243 22.56 -71.50 -57.68
N LEU J 244 21.24 -71.52 -57.52
CA LEU J 244 20.64 -71.30 -56.22
C LEU J 244 19.69 -72.46 -55.95
N TYR J 245 18.96 -72.41 -54.84
CA TYR J 245 17.99 -73.45 -54.52
C TYR J 245 16.87 -72.86 -53.68
N LEU J 246 15.73 -73.53 -53.75
CA LEU J 246 14.62 -73.32 -52.82
C LEU J 246 14.64 -74.46 -51.82
N GLN J 247 14.37 -74.15 -50.57
CA GLN J 247 14.55 -75.17 -49.55
C GLN J 247 13.53 -75.00 -48.44
N GLU J 248 12.96 -76.12 -48.01
CA GLU J 248 12.05 -76.10 -46.87
C GLU J 248 12.12 -77.45 -46.17
N THR J 249 11.95 -77.44 -44.85
CA THR J 249 11.97 -78.69 -44.09
C THR J 249 10.70 -78.85 -43.27
N LEU J 250 10.10 -80.04 -43.36
CA LEU J 250 8.75 -80.25 -42.86
C LEU J 250 8.48 -81.71 -42.60
N THR J 251 7.39 -81.94 -41.87
CA THR J 251 6.71 -83.23 -41.84
C THR J 251 5.22 -82.97 -41.81
N PHE J 252 4.42 -83.99 -42.08
CA PHE J 252 2.97 -83.85 -42.03
C PHE J 252 2.36 -84.95 -41.18
N LEU J 253 1.40 -84.58 -40.35
CA LEU J 253 0.71 -85.49 -39.44
C LEU J 253 -0.78 -85.39 -39.71
N CYS J 254 -1.45 -86.53 -39.76
CA CYS J 254 -2.91 -86.59 -39.79
C CYS J 254 -3.39 -87.22 -38.49
N TYR J 255 -4.05 -86.43 -37.65
CA TYR J 255 -4.52 -86.92 -36.37
C TYR J 255 -5.88 -87.59 -36.45
N THR J 256 -6.71 -87.21 -37.42
CA THR J 256 -8.11 -87.61 -37.46
C THR J 256 -8.35 -88.36 -38.77
N ALA J 257 -8.57 -89.67 -38.67
CA ALA J 257 -8.65 -90.51 -39.86
C ALA J 257 -9.95 -90.30 -40.63
N GLU J 258 -11.01 -89.91 -39.96
CA GLU J 258 -12.33 -89.87 -40.58
C GLU J 258 -12.72 -88.47 -41.06
N ALA J 259 -11.77 -87.55 -41.11
CA ALA J 259 -12.06 -86.17 -41.47
C ALA J 259 -11.92 -85.89 -42.96
N SER J 260 -11.81 -86.92 -43.81
CA SER J 260 -11.58 -86.68 -45.23
C SER J 260 -12.09 -87.83 -46.08
N VAL J 261 -12.44 -87.52 -47.32
CA VAL J 261 -12.77 -88.48 -48.36
C VAL J 261 -11.89 -88.22 -49.58
N ALA J 262 -11.24 -89.27 -50.07
CA ALA J 262 -10.41 -89.22 -51.27
C ALA J 262 -11.19 -89.78 -52.46
N LEU J 263 -10.96 -89.16 -53.61
CA LEU J 263 -11.64 -89.59 -54.82
C LEU J 263 -10.58 -89.84 -55.89
N SER J 264 -10.81 -90.81 -56.75
CA SER J 264 -9.87 -91.16 -57.79
C SER J 264 -10.61 -91.36 -59.10
N HIS J 265 -9.85 -91.52 -60.17
CA HIS J 265 -10.42 -91.74 -61.50
C HIS J 265 -10.56 -93.22 -61.81
N MET K 1 -11.59 -15.53 -74.93
CA MET K 1 -12.03 -14.50 -75.85
C MET K 1 -13.50 -14.63 -76.23
N ASN K 2 -13.99 -13.68 -77.03
CA ASN K 2 -15.40 -13.71 -77.45
C ASN K 2 -15.55 -13.75 -78.98
N ASN K 3 -16.73 -13.39 -79.48
CA ASN K 3 -16.95 -13.42 -80.92
C ASN K 3 -16.24 -12.28 -81.67
N LEU K 4 -15.92 -11.17 -81.01
CA LEU K 4 -15.13 -10.12 -81.63
C LEU K 4 -13.71 -10.58 -82.01
N TYR K 5 -13.17 -11.58 -81.32
CA TYR K 5 -11.80 -12.06 -81.59
C TYR K 5 -10.82 -10.90 -81.66
N ARG K 6 -10.94 -10.00 -80.68
CA ARG K 6 -10.26 -8.71 -80.74
C ARG K 6 -8.76 -8.86 -80.56
N ASP K 7 -8.33 -9.80 -79.71
CA ASP K 7 -6.90 -10.02 -79.48
C ASP K 7 -6.19 -10.64 -80.66
N LEU K 8 -6.92 -11.20 -81.62
CA LEU K 8 -6.29 -11.75 -82.81
C LEU K 8 -5.97 -10.67 -83.84
N ALA K 9 -6.55 -9.48 -83.70
CA ALA K 9 -6.31 -8.43 -84.67
C ALA K 9 -4.92 -7.83 -84.48
N PRO K 10 -4.19 -7.59 -85.56
CA PRO K 10 -2.89 -6.89 -85.44
C PRO K 10 -3.06 -5.38 -85.29
N VAL K 11 -3.63 -4.99 -84.17
CA VAL K 11 -3.95 -3.60 -83.84
C VAL K 11 -3.37 -3.34 -82.46
N THR K 12 -2.60 -2.27 -82.33
CA THR K 12 -2.01 -1.95 -81.04
C THR K 12 -3.06 -1.34 -80.12
N GLU K 13 -2.68 -1.22 -78.85
CA GLU K 13 -3.60 -0.69 -77.83
C GLU K 13 -3.95 0.77 -78.08
N ALA K 14 -2.95 1.57 -78.45
CA ALA K 14 -3.18 2.98 -78.73
C ALA K 14 -4.02 3.16 -79.98
N ALA K 15 -3.75 2.36 -81.01
CA ALA K 15 -4.57 2.37 -82.21
C ALA K 15 -5.99 1.93 -81.91
N TRP K 16 -6.17 0.94 -81.02
CA TRP K 16 -7.50 0.51 -80.62
C TRP K 16 -8.26 1.63 -79.92
N ALA K 17 -7.59 2.37 -79.03
CA ALA K 17 -8.23 3.49 -78.35
C ALA K 17 -8.65 4.58 -79.33
N GLU K 18 -7.80 4.89 -80.32
CA GLU K 18 -8.17 5.87 -81.33
C GLU K 18 -9.35 5.40 -82.19
N ILE K 19 -9.38 4.12 -82.56
CA ILE K 19 -10.48 3.59 -83.36
C ILE K 19 -11.80 3.60 -82.58
N GLU K 20 -11.75 3.22 -81.30
CA GLU K 20 -12.95 3.23 -80.45
C GLU K 20 -13.48 4.65 -80.28
N LEU K 21 -12.57 5.62 -80.06
CA LEU K 21 -12.96 7.00 -79.91
C LEU K 21 -13.60 7.54 -81.18
N GLU K 22 -13.00 7.27 -82.33
CA GLU K 22 -13.51 7.75 -83.61
C GLU K 22 -14.88 7.16 -83.93
N ALA K 23 -15.05 5.86 -83.70
CA ALA K 23 -16.31 5.20 -83.99
C ALA K 23 -17.42 5.67 -83.06
N ALA K 24 -17.12 5.79 -81.76
CA ALA K 24 -18.12 6.26 -80.80
C ALA K 24 -18.54 7.70 -81.09
N ARG K 25 -17.57 8.55 -81.39
CA ARG K 25 -17.88 9.94 -81.70
C ARG K 25 -18.74 10.08 -82.94
N THR K 26 -18.34 9.44 -84.04
CA THR K 26 -19.07 9.60 -85.29
C THR K 26 -20.48 9.00 -85.18
N PHE K 27 -20.63 7.91 -84.45
CA PHE K 27 -21.93 7.30 -84.22
C PHE K 27 -22.91 8.19 -83.46
N LYS K 28 -22.50 8.71 -82.31
CA LYS K 28 -23.36 9.59 -81.52
C LYS K 28 -23.84 10.80 -82.34
N ARG K 29 -22.93 11.44 -83.06
CA ARG K 29 -23.27 12.59 -83.86
C ARG K 29 -24.35 12.27 -84.86
N HIS K 30 -24.33 11.07 -85.39
CA HIS K 30 -25.31 10.74 -86.45
C HIS K 30 -26.52 9.99 -85.89
N ILE K 31 -26.57 9.75 -84.59
CA ILE K 31 -27.81 9.16 -84.09
C ILE K 31 -28.80 10.23 -83.65
N ALA K 32 -30.01 10.16 -84.19
CA ALA K 32 -31.12 10.97 -83.71
C ALA K 32 -32.13 10.13 -82.94
N GLY K 33 -32.21 8.84 -83.27
CA GLY K 33 -33.28 7.99 -82.75
C GLY K 33 -33.19 7.72 -81.26
N ARG K 34 -31.97 7.54 -80.75
CA ARG K 34 -31.80 7.23 -79.33
C ARG K 34 -32.08 8.43 -78.43
N ARG K 35 -32.08 9.63 -79.00
CA ARG K 35 -32.39 10.82 -78.21
C ARG K 35 -33.87 10.92 -77.87
N VAL K 36 -34.75 10.26 -78.63
CA VAL K 36 -36.18 10.39 -78.44
C VAL K 36 -36.85 9.11 -77.98
N VAL K 37 -36.29 7.93 -78.22
CA VAL K 37 -36.97 6.69 -77.88
C VAL K 37 -36.38 6.17 -76.58
N ASP K 38 -37.13 5.28 -75.93
CA ASP K 38 -36.61 4.58 -74.77
C ASP K 38 -35.64 3.51 -75.24
N VAL K 39 -34.46 3.48 -74.64
CA VAL K 39 -33.40 2.56 -75.00
C VAL K 39 -33.19 1.62 -73.83
N SER K 40 -33.36 0.33 -74.06
CA SER K 40 -33.24 -0.66 -73.00
C SER K 40 -31.77 -0.91 -72.67
N ASP K 41 -31.56 -1.58 -71.56
CA ASP K 41 -30.23 -2.12 -71.29
C ASP K 41 -29.94 -3.26 -72.26
N PRO K 42 -28.67 -3.51 -72.59
CA PRO K 42 -28.34 -4.67 -73.42
C PRO K 42 -28.72 -5.98 -72.78
N GLY K 43 -29.51 -6.78 -73.49
CA GLY K 43 -29.94 -8.08 -73.00
C GLY K 43 -28.78 -9.06 -72.89
N GLY K 44 -27.86 -8.99 -73.84
CA GLY K 44 -26.76 -9.92 -73.84
C GLY K 44 -26.75 -10.70 -75.13
N PRO K 45 -25.70 -11.50 -75.34
CA PRO K 45 -25.59 -12.25 -76.60
C PRO K 45 -26.64 -13.32 -76.77
N VAL K 46 -27.18 -13.87 -75.69
CA VAL K 46 -28.09 -15.00 -75.81
C VAL K 46 -29.50 -14.53 -76.16
N THR K 47 -29.77 -13.24 -75.97
CA THR K 47 -31.10 -12.69 -76.19
C THR K 47 -31.43 -12.71 -77.67
N ALA K 48 -32.59 -13.27 -78.01
CA ALA K 48 -32.90 -13.52 -79.42
C ALA K 48 -34.23 -12.90 -79.83
N ALA K 49 -35.14 -12.72 -78.88
CA ALA K 49 -36.47 -12.22 -79.22
C ALA K 49 -37.03 -11.47 -78.04
N VAL K 50 -37.99 -10.60 -78.35
CA VAL K 50 -38.71 -9.82 -77.33
C VAL K 50 -40.16 -10.28 -77.34
N SER K 51 -40.66 -10.65 -76.18
CA SER K 51 -42.05 -11.04 -76.05
C SER K 51 -42.97 -9.84 -76.22
N THR K 52 -44.00 -10.00 -77.04
CA THR K 52 -45.02 -8.97 -77.18
C THR K 52 -46.20 -9.19 -76.26
N GLY K 53 -46.33 -10.42 -75.71
CA GLY K 53 -47.42 -10.73 -74.77
C GLY K 53 -48.70 -11.09 -75.49
N ARG K 54 -48.68 -11.19 -76.82
CA ARG K 54 -49.90 -11.60 -77.57
C ARG K 54 -49.93 -13.12 -77.79
N LEU K 55 -51.02 -13.64 -78.35
CA LEU K 55 -51.18 -15.11 -78.55
C LEU K 55 -51.65 -15.39 -79.99
N ILE K 56 -51.18 -16.48 -80.58
CA ILE K 56 -51.55 -16.84 -81.96
C ILE K 56 -52.27 -18.18 -82.00
N ASP K 57 -53.49 -18.19 -82.49
CA ASP K 57 -54.27 -19.43 -82.58
C ASP K 57 -53.64 -20.46 -83.50
N VAL K 58 -53.38 -21.66 -82.97
CA VAL K 58 -52.85 -22.75 -83.81
C VAL K 58 -53.79 -23.94 -83.85
N LYS K 59 -53.67 -24.74 -84.91
CA LYS K 59 -54.54 -25.91 -85.06
C LYS K 59 -54.45 -26.83 -83.86
N ALA K 60 -55.57 -27.01 -83.16
CA ALA K 60 -55.63 -27.85 -81.96
C ALA K 60 -54.85 -29.17 -82.08
N PRO K 61 -53.93 -29.43 -81.13
CA PRO K 61 -53.16 -30.68 -81.16
C PRO K 61 -54.10 -31.86 -81.11
N THR K 62 -54.97 -31.91 -80.12
CA THR K 62 -55.95 -32.99 -80.03
C THR K 62 -57.32 -32.44 -79.64
N ASN K 63 -58.29 -33.33 -79.47
CA ASN K 63 -59.64 -32.92 -79.08
C ASN K 63 -59.65 -32.35 -77.68
N GLY K 64 -60.31 -31.21 -77.49
CA GLY K 64 -60.40 -30.60 -76.18
C GLY K 64 -59.16 -29.86 -75.74
N VAL K 65 -58.18 -29.72 -76.63
CA VAL K 65 -56.97 -28.99 -76.30
C VAL K 65 -56.99 -27.68 -77.05
N ILE K 66 -56.70 -26.60 -76.35
CA ILE K 66 -56.67 -25.30 -76.97
C ILE K 66 -55.26 -24.84 -76.92
N ALA K 67 -54.68 -24.59 -78.08
CA ALA K 67 -53.28 -24.20 -78.15
C ALA K 67 -53.06 -22.82 -78.69
N HIS K 68 -52.09 -22.14 -78.13
CA HIS K 68 -51.75 -20.84 -78.63
C HIS K 68 -50.26 -20.62 -78.64
N LEU K 69 -49.74 -20.08 -79.72
CA LEU K 69 -48.33 -19.74 -79.80
C LEU K 69 -48.10 -18.36 -79.19
N ARG K 70 -47.03 -18.24 -78.41
CA ARG K 70 -46.62 -16.94 -77.93
C ARG K 70 -46.00 -16.13 -79.06
N ALA K 71 -46.46 -14.89 -79.23
CA ALA K 71 -45.89 -14.00 -80.24
C ALA K 71 -44.63 -13.33 -79.72
N SER K 72 -43.71 -13.04 -80.63
CA SER K 72 -42.47 -12.37 -80.27
C SER K 72 -41.93 -11.64 -81.48
N LYS K 73 -40.93 -10.80 -81.23
CA LYS K 73 -40.22 -10.05 -82.26
C LYS K 73 -38.77 -10.48 -82.28
N PRO K 74 -38.23 -10.90 -83.41
CA PRO K 74 -36.82 -11.30 -83.46
C PRO K 74 -35.89 -10.10 -83.49
N LEU K 75 -34.74 -10.23 -82.83
CA LEU K 75 -33.66 -9.28 -83.01
C LEU K 75 -33.01 -9.47 -84.37
N VAL K 76 -32.43 -8.39 -84.89
CA VAL K 76 -31.63 -8.45 -86.10
C VAL K 76 -30.22 -7.99 -85.73
N ARG K 77 -29.22 -8.72 -86.20
CA ARG K 77 -27.83 -8.32 -86.04
C ARG K 77 -27.38 -7.61 -87.31
N LEU K 78 -26.87 -6.40 -87.14
CA LEU K 78 -26.47 -5.52 -88.22
C LEU K 78 -24.97 -5.37 -88.16
N ARG K 79 -24.30 -5.69 -89.25
CA ARG K 79 -22.84 -5.70 -89.33
C ARG K 79 -22.40 -4.87 -90.51
N VAL K 80 -21.49 -3.94 -90.26
CA VAL K 80 -20.89 -3.10 -91.29
C VAL K 80 -19.40 -3.37 -91.29
N PRO K 81 -18.89 -4.11 -92.26
CA PRO K 81 -17.44 -4.31 -92.36
C PRO K 81 -16.74 -3.07 -92.88
N PHE K 82 -15.48 -2.92 -92.48
CA PHE K 82 -14.64 -1.84 -92.97
C PHE K 82 -13.20 -2.28 -92.95
N THR K 83 -12.36 -1.56 -93.68
CA THR K 83 -10.98 -1.98 -93.95
C THR K 83 -10.01 -0.87 -93.57
N LEU K 84 -9.02 -1.19 -92.75
CA LEU K 84 -8.05 -0.23 -92.30
C LEU K 84 -6.67 -0.54 -92.87
N SER K 85 -5.94 0.50 -93.25
CA SER K 85 -4.54 0.38 -93.62
C SER K 85 -3.70 0.06 -92.38
N ARG K 86 -2.81 -0.92 -92.52
CA ARG K 86 -1.94 -1.29 -91.41
C ARG K 86 -0.85 -0.26 -91.17
N ASN K 87 -0.48 0.49 -92.20
CA ASN K 87 0.47 1.60 -92.04
C ASN K 87 -0.09 2.68 -91.14
N GLU K 88 -1.38 3.03 -91.32
CA GLU K 88 -2.03 4.00 -90.45
C GLU K 88 -2.11 3.51 -89.01
N ILE K 89 -2.32 2.20 -88.83
CA ILE K 89 -2.35 1.61 -87.50
C ILE K 89 -0.97 1.69 -86.86
N ASP K 90 0.09 1.38 -87.62
CA ASP K 90 1.45 1.44 -87.12
C ASP K 90 1.90 2.86 -86.83
N ASP K 91 1.33 3.86 -87.51
CA ASP K 91 1.67 5.25 -87.28
C ASP K 91 1.33 5.73 -85.88
N VAL K 92 0.33 5.11 -85.24
CA VAL K 92 -0.22 5.62 -83.98
C VAL K 92 0.79 5.47 -82.85
N GLU K 93 1.51 4.37 -82.79
CA GLU K 93 2.49 4.17 -81.70
C GLU K 93 3.67 5.13 -81.90
N ARG K 94 4.03 5.41 -83.14
CA ARG K 94 5.10 6.38 -83.39
C ARG K 94 4.70 7.82 -83.05
N GLY K 95 3.43 8.08 -82.75
CA GLY K 95 3.00 9.38 -82.33
C GLY K 95 2.22 10.18 -83.36
N SER K 96 1.81 9.56 -84.47
CA SER K 96 0.97 10.26 -85.43
C SER K 96 -0.40 10.54 -84.83
N LYS K 97 -0.97 11.69 -85.18
CA LYS K 97 -2.30 12.07 -84.73
C LYS K 97 -3.22 12.38 -85.88
N ASP K 98 -2.82 12.03 -87.09
CA ASP K 98 -3.68 12.23 -88.26
C ASP K 98 -3.88 10.93 -89.05
N SER K 99 -3.86 9.80 -88.34
CA SER K 99 -4.06 8.51 -88.98
C SER K 99 -5.43 8.43 -89.62
N ASP K 100 -5.48 7.83 -90.81
CA ASP K 100 -6.67 7.84 -91.63
C ASP K 100 -7.75 6.92 -91.05
N TRP K 101 -8.69 7.50 -90.33
CA TRP K 101 -9.78 6.70 -89.76
C TRP K 101 -11.06 6.94 -90.54
N GLU K 102 -10.93 7.33 -91.80
CA GLU K 102 -12.11 7.52 -92.64
C GLU K 102 -12.99 6.27 -92.79
N PRO K 103 -12.38 5.06 -92.94
CA PRO K 103 -13.29 3.91 -93.04
C PRO K 103 -14.05 3.70 -91.75
N VAL K 104 -13.42 3.91 -90.59
CA VAL K 104 -14.14 3.81 -89.33
C VAL K 104 -15.29 4.80 -89.29
N LYS K 105 -15.06 6.03 -89.76
CA LYS K 105 -16.10 7.05 -89.77
C LYS K 105 -17.22 6.69 -90.74
N GLU K 106 -16.88 6.14 -91.91
CA GLU K 106 -17.88 5.73 -92.87
C GLU K 106 -18.69 4.55 -92.35
N ALA K 107 -18.05 3.61 -91.66
CA ALA K 107 -18.78 2.48 -91.08
C ALA K 107 -19.70 2.94 -89.96
N ALA K 108 -19.24 3.87 -89.11
CA ALA K 108 -20.09 4.37 -88.05
C ALA K 108 -21.27 5.18 -88.59
N LYS K 109 -21.02 5.97 -89.64
CA LYS K 109 -22.11 6.71 -90.27
C LYS K 109 -23.12 5.77 -90.92
N LYS K 110 -22.64 4.69 -91.55
CA LYS K 110 -23.55 3.76 -92.20
C LYS K 110 -24.35 2.96 -91.19
N LEU K 111 -23.71 2.55 -90.09
CA LEU K 111 -24.43 1.81 -89.02
C LEU K 111 -25.49 2.74 -88.40
N ALA K 112 -25.11 3.98 -88.10
CA ALA K 112 -26.07 4.94 -87.54
C ALA K 112 -27.24 5.18 -88.48
N PHE K 113 -26.95 5.27 -89.78
CA PHE K 113 -28.01 5.47 -90.77
C PHE K 113 -28.95 4.28 -90.83
N VAL K 114 -28.40 3.08 -90.77
CA VAL K 114 -29.26 1.89 -90.77
C VAL K 114 -30.14 1.90 -89.52
N GLU K 115 -29.56 2.11 -88.35
CA GLU K 115 -30.34 2.07 -87.12
C GLU K 115 -31.47 3.12 -87.14
N ASP K 116 -31.16 4.34 -87.57
CA ASP K 116 -32.18 5.39 -87.60
C ASP K 116 -33.25 5.11 -88.65
N ARG K 117 -32.85 4.60 -89.82
CA ARG K 117 -33.83 4.28 -90.84
C ARG K 117 -34.67 3.08 -90.45
N THR K 118 -34.12 2.18 -89.64
CA THR K 118 -34.90 1.06 -89.13
C THR K 118 -35.92 1.53 -88.10
N ILE K 119 -35.52 2.44 -87.21
CA ILE K 119 -36.46 2.97 -86.22
C ILE K 119 -37.58 3.77 -86.88
N PHE K 120 -37.25 4.63 -87.84
CA PHE K 120 -38.25 5.54 -88.36
C PHE K 120 -38.96 5.08 -89.62
N GLU K 121 -38.33 4.24 -90.45
CA GLU K 121 -38.95 3.78 -91.68
C GLU K 121 -39.19 2.28 -91.69
N GLY K 122 -38.76 1.58 -90.67
CA GLY K 122 -38.94 0.17 -90.62
C GLY K 122 -38.05 -0.72 -91.44
N TYR K 123 -38.07 -2.00 -91.14
CA TYR K 123 -37.27 -2.96 -91.87
C TYR K 123 -38.19 -4.14 -91.90
N SER K 124 -38.95 -4.27 -92.98
CA SER K 124 -39.94 -5.33 -93.09
C SER K 124 -39.40 -6.76 -92.97
N ALA K 125 -38.23 -7.02 -93.53
CA ALA K 125 -37.63 -8.35 -93.45
C ALA K 125 -37.33 -8.74 -92.01
N ALA K 126 -37.06 -7.78 -91.14
CA ALA K 126 -36.86 -8.03 -89.73
C ALA K 126 -38.13 -7.86 -88.92
N SER K 127 -39.29 -7.75 -89.59
CA SER K 127 -40.61 -7.58 -88.98
C SER K 127 -40.67 -6.35 -88.08
N ILE K 128 -40.03 -5.27 -88.50
CA ILE K 128 -40.02 -4.03 -87.76
C ILE K 128 -40.84 -3.02 -88.55
N GLU K 129 -41.89 -2.51 -87.94
CA GLU K 129 -42.68 -1.44 -88.51
C GLU K 129 -42.10 -0.11 -88.07
N GLY K 130 -41.91 0.80 -89.01
CA GLY K 130 -41.37 2.10 -88.67
C GLY K 130 -42.38 2.96 -87.93
N ILE K 131 -41.87 4.06 -87.38
CA ILE K 131 -42.73 5.06 -86.75
C ILE K 131 -43.66 5.69 -87.77
N ARG K 132 -43.17 5.90 -89.00
CA ARG K 132 -44.00 6.46 -90.06
C ARG K 132 -45.15 5.53 -90.42
N SER K 133 -44.89 4.22 -90.51
CA SER K 133 -45.94 3.29 -90.84
C SER K 133 -46.88 3.01 -89.67
N ALA K 134 -46.37 3.03 -88.44
CA ALA K 134 -47.18 2.73 -87.28
C ALA K 134 -47.94 3.92 -86.73
N SER K 135 -47.73 5.11 -87.31
CA SER K 135 -48.45 6.29 -86.84
C SER K 135 -49.89 6.26 -87.31
N SER K 136 -50.82 6.53 -86.38
CA SER K 136 -52.23 6.63 -86.74
C SER K 136 -52.65 8.05 -87.06
N ASN K 137 -51.85 9.05 -86.72
CA ASN K 137 -52.16 10.42 -87.07
C ASN K 137 -51.96 10.64 -88.57
N PRO K 138 -52.68 11.58 -89.17
CA PRO K 138 -52.54 11.79 -90.62
C PRO K 138 -51.17 12.32 -91.00
N ALA K 139 -50.74 11.94 -92.20
CA ALA K 139 -49.47 12.39 -92.73
C ALA K 139 -49.62 13.75 -93.38
N LEU K 140 -48.58 14.55 -93.29
CA LEU K 140 -48.59 15.91 -93.80
C LEU K 140 -47.55 16.05 -94.90
N THR K 141 -47.76 17.03 -95.78
CA THR K 141 -46.83 17.31 -96.86
C THR K 141 -46.01 18.55 -96.52
N LEU K 142 -44.69 18.43 -96.60
CA LEU K 142 -43.83 19.58 -96.35
C LEU K 142 -43.82 20.46 -97.58
N PRO K 143 -43.97 21.77 -97.38
CA PRO K 143 -44.02 22.70 -98.53
C PRO K 143 -42.64 22.95 -99.14
N GLU K 144 -42.64 23.50 -100.35
CA GLU K 144 -41.37 23.80 -101.02
C GLU K 144 -40.65 24.97 -100.37
N ASP K 145 -41.38 26.01 -100.03
CA ASP K 145 -40.79 27.20 -99.41
C ASP K 145 -40.45 26.89 -97.96
N PRO K 146 -39.19 27.05 -97.54
CA PRO K 146 -38.85 26.85 -96.13
C PRO K 146 -39.54 27.80 -95.16
N ARG K 147 -39.92 28.99 -95.61
CA ARG K 147 -40.66 29.93 -94.76
C ARG K 147 -42.05 29.42 -94.41
N GLU K 148 -42.57 28.48 -95.18
CA GLU K 148 -43.84 27.82 -94.88
C GLU K 148 -43.65 26.53 -94.11
N ILE K 149 -42.43 26.17 -93.72
CA ILE K 149 -42.23 24.97 -92.90
C ILE K 149 -42.88 25.10 -91.51
N PRO K 150 -42.58 26.18 -90.75
CA PRO K 150 -43.16 26.24 -89.40
C PRO K 150 -44.68 26.15 -89.36
N ASP K 151 -45.37 26.60 -90.40
CA ASP K 151 -46.82 26.50 -90.44
C ASP K 151 -47.25 25.03 -90.40
N VAL K 152 -46.77 24.24 -91.35
CA VAL K 152 -47.15 22.82 -91.42
C VAL K 152 -46.74 22.07 -90.14
N ILE K 153 -45.55 22.34 -89.64
CA ILE K 153 -45.11 21.75 -88.37
C ILE K 153 -46.12 22.03 -87.27
N SER K 154 -46.63 23.26 -87.22
CA SER K 154 -47.66 23.64 -86.21
C SER K 154 -48.94 22.83 -86.40
N GLN K 155 -49.29 22.50 -87.65
CA GLN K 155 -50.45 21.65 -87.91
C GLN K 155 -50.23 20.25 -87.35
N ALA K 156 -48.98 19.75 -87.45
CA ALA K 156 -48.61 18.49 -86.81
C ALA K 156 -48.77 18.59 -85.30
N LEU K 157 -48.39 19.73 -84.72
CA LEU K 157 -48.60 19.95 -83.30
C LEU K 157 -50.07 20.02 -82.95
N SER K 158 -50.92 20.36 -83.91
CA SER K 158 -52.35 20.28 -83.67
C SER K 158 -52.80 18.83 -83.53
N GLU K 159 -52.23 17.95 -84.35
CA GLU K 159 -52.73 16.57 -84.43
C GLU K 159 -52.43 15.79 -83.17
N LEU K 160 -51.20 15.92 -82.63
CA LEU K 160 -50.88 15.36 -81.31
C LEU K 160 -51.73 15.97 -80.22
N ARG K 161 -52.18 17.22 -80.40
CA ARG K 161 -53.09 17.78 -79.42
C ARG K 161 -54.48 17.20 -79.60
N LEU K 162 -54.87 16.91 -80.83
CA LEU K 162 -56.16 16.26 -81.08
C LEU K 162 -56.13 14.79 -80.73
N ALA K 163 -54.94 14.20 -80.64
CA ALA K 163 -54.80 12.81 -80.23
C ALA K 163 -54.83 12.65 -78.72
N GLY K 164 -54.88 13.74 -77.96
CA GLY K 164 -54.83 13.66 -76.50
C GLY K 164 -53.49 13.15 -76.03
N VAL K 165 -52.43 13.94 -76.23
CA VAL K 165 -51.09 13.52 -75.85
C VAL K 165 -50.34 14.65 -75.15
N ASP K 166 -49.66 14.34 -74.06
CA ASP K 166 -48.87 15.34 -73.34
C ASP K 166 -47.38 15.14 -73.59
N GLY K 167 -46.55 15.82 -72.80
CA GLY K 167 -45.10 15.63 -72.92
C GLY K 167 -44.36 16.61 -73.81
N PRO K 168 -43.02 16.67 -73.66
CA PRO K 168 -42.22 17.58 -74.47
C PRO K 168 -42.26 17.06 -75.90
N TYR K 169 -42.71 17.85 -76.86
CA TYR K 169 -42.68 17.38 -78.24
C TYR K 169 -41.34 17.65 -78.92
N SER K 170 -40.88 16.74 -79.78
CA SER K 170 -39.59 17.03 -80.41
C SER K 170 -39.70 16.89 -81.93
N VAL K 171 -38.99 17.74 -82.67
CA VAL K 171 -39.09 17.72 -84.13
C VAL K 171 -37.76 17.20 -84.66
N LEU K 172 -37.85 16.19 -85.52
CA LEU K 172 -36.68 15.61 -86.15
C LEU K 172 -36.79 15.92 -87.63
N LEU K 173 -35.72 16.42 -88.23
CA LEU K 173 -35.75 16.84 -89.62
C LEU K 173 -34.74 16.04 -90.41
N SER K 174 -35.08 15.77 -91.67
CA SER K 174 -34.09 15.23 -92.59
C SER K 174 -33.02 16.28 -92.88
N ALA K 175 -31.89 15.81 -93.40
CA ALA K 175 -30.74 16.68 -93.67
C ALA K 175 -31.07 17.75 -94.69
N ASP K 176 -31.88 17.41 -95.70
CA ASP K 176 -32.34 18.41 -96.67
C ASP K 176 -33.20 19.47 -96.00
N VAL K 177 -34.14 19.05 -95.16
CA VAL K 177 -35.05 19.97 -94.49
C VAL K 177 -34.30 20.78 -93.43
N TYR K 178 -33.38 20.13 -92.71
CA TYR K 178 -32.57 20.84 -91.72
C TYR K 178 -31.68 21.91 -92.37
N THR K 179 -31.09 21.58 -93.52
CA THR K 179 -30.31 22.55 -94.27
C THR K 179 -31.19 23.70 -94.78
N LYS K 180 -32.38 23.38 -95.28
CA LYS K 180 -33.29 24.41 -95.80
C LYS K 180 -33.75 25.37 -94.70
N VAL K 181 -34.09 24.85 -93.52
CA VAL K 181 -34.51 25.75 -92.45
C VAL K 181 -33.34 26.37 -91.71
N SER K 182 -32.12 25.87 -91.93
CA SER K 182 -30.94 26.48 -91.36
C SER K 182 -30.43 27.66 -92.18
N GLU K 183 -30.48 27.54 -93.51
CA GLU K 183 -29.86 28.52 -94.37
C GLU K 183 -30.80 29.65 -94.77
N THR K 184 -32.10 29.46 -94.61
CA THR K 184 -33.06 30.53 -94.86
C THR K 184 -33.28 31.28 -93.57
N SER K 185 -33.28 32.60 -93.64
CA SER K 185 -33.41 33.43 -92.45
C SER K 185 -34.56 34.41 -92.59
N ASP K 186 -35.15 34.74 -91.45
CA ASP K 186 -36.22 35.74 -91.40
C ASP K 186 -36.06 36.54 -90.11
N HIS K 187 -35.88 37.85 -90.26
CA HIS K 187 -35.77 38.82 -89.17
C HIS K 187 -34.64 38.47 -88.19
N GLY K 188 -33.47 38.16 -88.75
CA GLY K 188 -32.30 37.93 -87.95
C GLY K 188 -32.17 36.57 -87.32
N TYR K 189 -33.10 35.66 -87.61
CA TYR K 189 -32.99 34.29 -87.14
C TYR K 189 -33.26 33.35 -88.31
N PRO K 190 -32.58 32.20 -88.35
CA PRO K 190 -32.97 31.16 -89.29
C PRO K 190 -34.29 30.53 -88.88
N ILE K 191 -34.90 29.82 -89.84
CA ILE K 191 -36.21 29.21 -89.62
C ILE K 191 -36.13 28.10 -88.58
N ARG K 192 -34.93 27.53 -88.37
CA ARG K 192 -34.71 26.56 -87.30
C ARG K 192 -35.03 27.14 -85.93
N GLU K 193 -34.71 28.41 -85.71
CA GLU K 193 -35.08 29.07 -84.46
C GLU K 193 -36.59 29.23 -84.35
N HIS K 194 -37.26 29.53 -85.47
CA HIS K 194 -38.73 29.60 -85.49
C HIS K 194 -39.35 28.26 -85.13
N LEU K 195 -38.75 27.17 -85.58
CA LEU K 195 -39.19 25.84 -85.16
C LEU K 195 -38.92 25.61 -83.68
N ASN K 196 -37.80 26.13 -83.18
CA ASN K 196 -37.44 25.98 -81.78
C ASN K 196 -38.43 26.69 -80.87
N ARG K 197 -39.04 27.79 -81.33
CA ARG K 197 -40.02 28.49 -80.52
C ARG K 197 -41.33 27.72 -80.38
N LEU K 198 -41.68 26.88 -81.35
CA LEU K 198 -42.96 26.13 -81.33
C LEU K 198 -42.98 24.98 -80.31
N VAL K 199 -41.82 24.40 -79.98
CA VAL K 199 -41.82 23.19 -79.11
C VAL K 199 -40.98 23.38 -77.84
N ASP K 200 -41.23 22.56 -76.84
CA ASP K 200 -40.46 22.61 -75.57
C ASP K 200 -39.43 21.48 -75.60
N GLY K 201 -39.34 20.80 -76.75
CA GLY K 201 -38.35 19.71 -76.90
C GLY K 201 -37.15 20.23 -77.64
N ASP K 202 -36.76 19.57 -78.74
CA ASP K 202 -35.50 19.98 -79.43
C ASP K 202 -35.63 19.83 -80.93
N ILE K 203 -35.03 20.75 -81.68
CA ILE K 203 -34.96 20.53 -83.15
C ILE K 203 -33.76 19.61 -83.30
N ILE K 204 -33.97 18.43 -83.86
CA ILE K 204 -32.95 17.39 -83.90
C ILE K 204 -32.59 17.11 -85.35
N TRP K 205 -31.29 17.21 -85.66
CA TRP K 205 -30.80 16.85 -86.98
C TRP K 205 -30.83 15.35 -87.14
N ALA K 206 -31.53 14.86 -88.16
CA ALA K 206 -31.71 13.44 -88.42
C ALA K 206 -31.38 13.15 -89.87
N PRO K 207 -30.09 13.01 -90.19
CA PRO K 207 -29.68 12.89 -91.60
C PRO K 207 -30.08 11.59 -92.28
N ALA K 208 -30.50 10.56 -91.54
CA ALA K 208 -30.86 9.31 -92.20
C ALA K 208 -32.30 9.29 -92.68
N ILE K 209 -33.21 9.98 -92.00
CA ILE K 209 -34.64 9.90 -92.28
C ILE K 209 -35.00 10.67 -93.54
N ASP K 210 -36.20 10.44 -94.05
CA ASP K 210 -36.82 11.29 -95.05
C ASP K 210 -37.89 12.14 -94.36
N GLY K 211 -38.15 13.30 -94.97
CA GLY K 211 -39.17 14.19 -94.44
C GLY K 211 -38.92 14.71 -93.05
N ALA K 212 -39.94 14.61 -92.20
CA ALA K 212 -39.81 15.11 -90.84
C ALA K 212 -40.69 14.29 -89.92
N PHE K 213 -40.39 14.38 -88.63
CA PHE K 213 -41.20 13.65 -87.64
C PHE K 213 -41.40 14.55 -86.43
N VAL K 214 -42.63 14.68 -85.98
CA VAL K 214 -42.88 15.43 -84.72
C VAL K 214 -43.42 14.40 -83.74
N LEU K 215 -42.91 14.40 -82.52
CA LEU K 215 -43.35 13.33 -81.60
C LEU K 215 -43.11 13.72 -80.16
N THR K 216 -43.80 13.05 -79.25
CA THR K 216 -43.67 13.28 -77.83
C THR K 216 -42.54 12.44 -77.24
N THR K 217 -41.86 13.00 -76.25
CA THR K 217 -40.79 12.27 -75.57
C THR K 217 -41.15 12.08 -74.12
N ARG K 218 -42.44 11.88 -73.85
CA ARG K 218 -42.90 11.67 -72.48
C ARG K 218 -42.43 10.34 -71.91
N GLY K 219 -42.10 9.38 -72.77
CA GLY K 219 -41.65 8.09 -72.29
C GLY K 219 -42.69 7.01 -72.53
N GLY K 220 -42.22 5.78 -72.66
CA GLY K 220 -43.08 4.62 -72.74
C GLY K 220 -43.82 4.44 -74.05
N ASP K 221 -43.49 5.21 -75.09
CA ASP K 221 -44.22 5.09 -76.33
C ASP K 221 -43.40 4.37 -77.40
N PHE K 222 -42.08 4.56 -77.38
CA PHE K 222 -41.20 4.05 -78.41
C PHE K 222 -40.06 3.34 -77.69
N ASP K 223 -39.76 2.10 -78.07
CA ASP K 223 -38.84 1.28 -77.30
C ASP K 223 -37.85 0.62 -78.25
N LEU K 224 -36.58 0.93 -78.09
CA LEU K 224 -35.52 0.27 -78.83
C LEU K 224 -34.92 -0.80 -77.92
N GLN K 225 -34.99 -2.05 -78.35
CA GLN K 225 -34.44 -3.15 -77.57
C GLN K 225 -33.10 -3.59 -78.13
N LEU K 226 -32.11 -3.55 -77.28
CA LEU K 226 -30.78 -3.96 -77.67
C LEU K 226 -30.37 -5.25 -77.07
N GLY K 227 -29.89 -6.20 -77.86
CA GLY K 227 -29.33 -7.39 -77.27
C GLY K 227 -27.92 -6.98 -76.89
N THR K 228 -27.17 -6.51 -77.88
CA THR K 228 -25.81 -5.99 -77.63
C THR K 228 -25.66 -4.64 -78.31
N ASP K 229 -25.03 -3.68 -77.63
CA ASP K 229 -24.79 -2.34 -78.21
C ASP K 229 -23.69 -2.42 -79.26
N VAL K 230 -23.32 -1.27 -79.85
CA VAL K 230 -22.29 -1.23 -80.93
C VAL K 230 -20.94 -1.73 -80.43
N ALA K 231 -20.36 -2.68 -81.17
CA ALA K 231 -19.06 -3.25 -80.82
C ALA K 231 -18.22 -3.36 -82.08
N ILE K 232 -16.90 -3.36 -81.91
CA ILE K 232 -15.99 -3.50 -83.04
C ILE K 232 -15.37 -4.89 -82.97
N GLY K 233 -15.44 -5.63 -84.08
CA GLY K 233 -14.94 -6.98 -84.14
C GLY K 233 -13.95 -7.16 -85.28
N TYR K 234 -13.17 -8.23 -85.17
CA TYR K 234 -12.09 -8.51 -86.11
C TYR K 234 -12.47 -9.65 -87.05
N ALA K 235 -12.31 -9.43 -88.36
CA ALA K 235 -12.69 -10.48 -89.33
C ALA K 235 -11.44 -11.21 -89.81
N SER K 236 -10.57 -10.51 -90.54
CA SER K 236 -9.35 -11.11 -91.10
C SER K 236 -8.34 -10.02 -91.41
N HIS K 237 -7.10 -10.42 -91.76
CA HIS K 237 -6.02 -9.44 -92.03
C HIS K 237 -5.03 -9.95 -93.06
N ASP K 238 -4.33 -9.05 -93.75
CA ASP K 238 -3.26 -9.45 -94.70
C ASP K 238 -2.04 -8.57 -94.35
N THR K 239 -1.06 -8.50 -95.23
CA THR K 239 0.16 -7.70 -94.96
C THR K 239 -0.18 -6.21 -94.96
N ASP K 240 -1.17 -5.82 -95.74
CA ASP K 240 -1.43 -4.39 -95.88
C ASP K 240 -2.62 -3.89 -95.07
N THR K 241 -3.65 -4.70 -94.84
CA THR K 241 -4.90 -4.20 -94.31
C THR K 241 -5.44 -5.12 -93.23
N VAL K 242 -6.30 -4.54 -92.39
CA VAL K 242 -7.07 -5.28 -91.40
C VAL K 242 -8.54 -5.07 -91.71
N ARG K 243 -9.27 -6.16 -91.90
CA ARG K 243 -10.73 -6.11 -92.04
C ARG K 243 -11.37 -6.24 -90.66
N LEU K 244 -12.17 -5.24 -90.31
CA LEU K 244 -12.91 -5.28 -89.06
C LEU K 244 -14.38 -5.02 -89.37
N TYR K 245 -15.22 -4.93 -88.34
CA TYR K 245 -16.62 -4.63 -88.55
C TYR K 245 -17.17 -3.91 -87.32
N LEU K 246 -18.24 -3.16 -87.56
CA LEU K 246 -19.09 -2.63 -86.51
C LEU K 246 -20.33 -3.49 -86.44
N GLN K 247 -20.81 -3.76 -85.23
CA GLN K 247 -21.88 -4.72 -85.11
C GLN K 247 -22.80 -4.34 -83.95
N GLU K 248 -24.10 -4.46 -84.18
CA GLU K 248 -25.07 -4.23 -83.13
C GLU K 248 -26.30 -5.07 -83.42
N THR K 249 -26.97 -5.54 -82.38
CA THR K 249 -28.18 -6.33 -82.56
C THR K 249 -29.34 -5.73 -81.78
N LEU K 250 -30.49 -5.58 -82.46
CA LEU K 250 -31.58 -4.78 -81.94
C LEU K 250 -32.90 -5.17 -82.57
N THR K 251 -33.98 -4.70 -81.95
CA THR K 251 -35.28 -4.58 -82.58
C THR K 251 -35.91 -3.29 -82.09
N PHE K 252 -36.96 -2.85 -82.78
CA PHE K 252 -37.67 -1.65 -82.38
C PHE K 252 -39.16 -1.91 -82.27
N LEU K 253 -39.77 -1.38 -81.22
CA LEU K 253 -41.19 -1.54 -80.94
C LEU K 253 -41.82 -0.17 -80.79
N CYS K 254 -42.98 0.03 -81.40
CA CYS K 254 -43.79 1.21 -81.17
C CYS K 254 -45.07 0.79 -80.47
N TYR K 255 -45.21 1.20 -79.21
CA TYR K 255 -46.39 0.82 -78.43
C TYR K 255 -47.57 1.75 -78.63
N THR K 256 -47.32 3.01 -78.99
CA THR K 256 -48.35 4.04 -79.00
C THR K 256 -48.46 4.60 -80.42
N ALA K 257 -49.56 4.30 -81.10
CA ALA K 257 -49.68 4.64 -82.50
C ALA K 257 -49.91 6.13 -82.72
N GLU K 258 -50.49 6.83 -81.76
CA GLU K 258 -50.91 8.21 -81.96
C GLU K 258 -49.90 9.22 -81.41
N ALA K 259 -48.70 8.77 -81.06
CA ALA K 259 -47.71 9.63 -80.44
C ALA K 259 -46.77 10.31 -81.45
N SER K 260 -47.10 10.28 -82.74
CA SER K 260 -46.18 10.84 -83.74
C SER K 260 -46.92 11.27 -84.98
N VAL K 261 -46.33 12.24 -85.69
CA VAL K 261 -46.76 12.67 -87.02
C VAL K 261 -45.57 12.61 -87.95
N ALA K 262 -45.76 11.96 -89.10
CA ALA K 262 -44.76 11.87 -90.16
C ALA K 262 -45.06 12.88 -91.25
N LEU K 263 -43.99 13.44 -91.81
CA LEU K 263 -44.15 14.41 -92.87
C LEU K 263 -43.28 13.96 -94.04
N SER K 264 -43.73 14.24 -95.26
CA SER K 264 -43.02 13.83 -96.46
C SER K 264 -43.00 15.00 -97.44
N HIS K 265 -42.24 14.82 -98.51
CA HIS K 265 -42.13 15.84 -99.55
C HIS K 265 -43.14 15.60 -100.66
N MET L 1 17.52 47.42 -62.35
CA MET L 1 18.42 48.56 -62.29
C MET L 1 17.71 49.89 -62.37
N ASN L 2 18.47 50.98 -62.26
CA ASN L 2 17.89 52.33 -62.29
C ASN L 2 18.46 53.18 -63.44
N ASN L 3 18.30 54.50 -63.35
CA ASN L 3 18.81 55.37 -64.41
C ASN L 3 20.33 55.51 -64.38
N LEU L 4 21.00 55.28 -63.26
CA LEU L 4 22.46 55.27 -63.22
C LEU L 4 23.07 54.16 -64.08
N TYR L 5 22.34 53.07 -64.32
CA TYR L 5 22.87 51.93 -65.09
C TYR L 5 24.25 51.54 -64.61
N ARG L 6 24.38 51.44 -63.29
CA ARG L 6 25.69 51.31 -62.66
C ARG L 6 26.32 49.95 -62.92
N ASP L 7 25.51 48.89 -62.97
CA ASP L 7 26.02 47.56 -63.22
C ASP L 7 26.49 47.35 -64.66
N LEU L 8 26.13 48.23 -65.57
CA LEU L 8 26.62 48.14 -66.93
C LEU L 8 28.02 48.72 -67.09
N ALA L 9 28.50 49.49 -66.12
CA ALA L 9 29.80 50.10 -66.23
C ALA L 9 30.90 49.07 -65.99
N PRO L 10 31.96 49.07 -66.79
CA PRO L 10 33.10 48.17 -66.53
C PRO L 10 34.02 48.71 -65.43
N VAL L 11 33.47 48.75 -64.22
CA VAL L 11 34.14 49.28 -63.05
C VAL L 11 34.01 48.22 -61.96
N THR L 12 35.13 47.86 -61.34
CA THR L 12 35.10 46.86 -60.30
C THR L 12 34.55 47.46 -59.01
N GLU L 13 34.26 46.56 -58.06
CA GLU L 13 33.68 46.98 -56.78
C GLU L 13 34.64 47.84 -55.98
N ALA L 14 35.92 47.46 -55.94
CA ALA L 14 36.93 48.24 -55.23
C ALA L 14 37.16 49.59 -55.88
N ALA L 15 37.20 49.61 -57.21
CA ALA L 15 37.29 50.88 -57.93
C ALA L 15 36.08 51.75 -57.69
N TRP L 16 34.88 51.14 -57.61
CA TRP L 16 33.68 51.90 -57.31
C TRP L 16 33.75 52.53 -55.93
N ALA L 17 34.23 51.78 -54.93
CA ALA L 17 34.37 52.32 -53.58
C ALA L 17 35.36 53.48 -53.54
N GLU L 18 36.48 53.38 -54.26
CA GLU L 18 37.43 54.47 -54.32
C GLU L 18 36.85 55.71 -55.03
N ILE L 19 36.08 55.51 -56.10
CA ILE L 19 35.47 56.63 -56.82
C ILE L 19 34.43 57.32 -55.95
N GLU L 20 33.59 56.54 -55.25
CA GLU L 20 32.58 57.11 -54.36
C GLU L 20 33.22 57.90 -53.23
N LEU L 21 34.29 57.36 -52.63
CA LEU L 21 35.00 58.04 -51.57
C LEU L 21 35.61 59.35 -52.04
N GLU L 22 36.26 59.33 -53.22
CA GLU L 22 36.90 60.52 -53.75
C GLU L 22 35.89 61.61 -54.08
N ALA L 23 34.77 61.23 -54.71
CA ALA L 23 33.74 62.19 -55.07
C ALA L 23 33.06 62.79 -53.86
N ALA L 24 32.71 61.95 -52.87
CA ALA L 24 32.07 62.45 -51.66
C ALA L 24 33.00 63.38 -50.87
N ARG L 25 34.26 63.01 -50.76
CA ARG L 25 35.23 63.84 -50.05
C ARG L 25 35.41 65.20 -50.71
N THR L 26 35.67 65.20 -52.02
CA THR L 26 35.95 66.46 -52.70
C THR L 26 34.71 67.37 -52.71
N PHE L 27 33.53 66.78 -52.83
CA PHE L 27 32.28 67.54 -52.78
C PHE L 27 32.04 68.26 -51.44
N LYS L 28 32.11 67.52 -50.33
CA LYS L 28 31.93 68.12 -49.02
C LYS L 28 32.87 69.27 -48.76
N ARG L 29 34.15 69.09 -49.09
CA ARG L 29 35.14 70.12 -48.89
C ARG L 29 34.79 71.39 -49.63
N HIS L 30 34.18 71.26 -50.79
CA HIS L 30 33.89 72.46 -51.59
C HIS L 30 32.46 72.94 -51.39
N ILE L 31 31.68 72.27 -50.54
CA ILE L 31 30.35 72.86 -50.30
C ILE L 31 30.38 73.77 -49.10
N ALA L 32 29.91 75.01 -49.29
CA ALA L 32 29.67 75.94 -48.20
C ALA L 32 28.18 76.13 -47.95
N GLY L 33 27.37 75.94 -49.00
CA GLY L 33 25.96 76.29 -48.92
C GLY L 33 25.15 75.42 -48.00
N ARG L 34 25.44 74.11 -47.97
CA ARG L 34 24.68 73.18 -47.15
C ARG L 34 24.97 73.35 -45.66
N ARG L 35 26.09 74.00 -45.31
CA ARG L 35 26.39 74.24 -43.91
C ARG L 35 25.52 75.32 -43.29
N VAL L 36 24.91 76.18 -44.11
CA VAL L 36 24.14 77.30 -43.58
C VAL L 36 22.66 77.24 -43.91
N VAL L 37 22.24 76.52 -44.95
CA VAL L 37 20.85 76.52 -45.35
C VAL L 37 20.20 75.25 -44.82
N ASP L 38 18.88 75.26 -44.73
CA ASP L 38 18.15 74.05 -44.42
C ASP L 38 18.12 73.15 -45.64
N VAL L 39 18.47 71.89 -45.46
CA VAL L 39 18.54 70.91 -46.53
C VAL L 39 17.47 69.87 -46.28
N SER L 40 16.57 69.71 -47.23
CA SER L 40 15.46 68.80 -47.09
C SER L 40 15.93 67.36 -47.30
N ASP L 41 15.06 66.42 -46.94
CA ASP L 41 15.29 65.05 -47.35
C ASP L 41 15.07 64.93 -48.85
N PRO L 42 15.72 63.97 -49.51
CA PRO L 42 15.46 63.74 -50.94
C PRO L 42 14.02 63.34 -51.21
N GLY L 43 13.35 64.07 -52.08
CA GLY L 43 11.99 63.76 -52.45
C GLY L 43 11.87 62.47 -53.21
N GLY L 44 12.84 62.21 -54.08
CA GLY L 44 12.78 61.02 -54.89
C GLY L 44 12.80 61.39 -56.35
N PRO L 45 12.92 60.39 -57.22
CA PRO L 45 13.01 60.68 -58.67
C PRO L 45 11.75 61.28 -59.26
N VAL L 46 10.58 61.02 -58.68
CA VAL L 46 9.34 61.47 -59.30
C VAL L 46 9.06 62.93 -58.97
N THR L 47 9.76 63.46 -57.97
CA THR L 47 9.52 64.82 -57.51
C THR L 47 9.99 65.82 -58.56
N ALA L 48 9.11 66.74 -58.94
CA ALA L 48 9.41 67.60 -60.07
C ALA L 48 9.31 69.08 -59.73
N ALA L 49 8.52 69.42 -58.72
CA ALA L 49 8.29 70.82 -58.38
C ALA L 49 8.00 70.95 -56.91
N VAL L 50 8.23 72.15 -56.38
CA VAL L 50 7.94 72.48 -55.01
C VAL L 50 6.83 73.53 -55.00
N SER L 51 5.77 73.25 -54.26
CA SER L 51 4.68 74.20 -54.12
C SER L 51 5.11 75.40 -53.31
N THR L 52 4.81 76.60 -53.81
CA THR L 52 5.05 77.82 -53.06
C THR L 52 3.82 78.26 -52.26
N GLY L 53 2.65 77.71 -52.60
CA GLY L 53 1.42 78.04 -51.87
C GLY L 53 0.80 79.33 -52.38
N ARG L 54 1.33 79.93 -53.44
CA ARG L 54 0.71 81.15 -54.01
C ARG L 54 -0.27 80.81 -55.13
N LEU L 55 -0.99 81.80 -55.65
CA LEU L 55 -2.03 81.58 -56.70
C LEU L 55 -1.84 82.57 -57.85
N ILE L 56 -2.09 82.14 -59.08
CA ILE L 56 -1.93 83.00 -60.25
C ILE L 56 -3.24 83.18 -60.99
N ASP L 57 -3.69 84.42 -61.11
CA ASP L 57 -4.95 84.70 -61.81
C ASP L 57 -4.93 84.31 -63.27
N VAL L 58 -5.88 83.48 -63.69
CA VAL L 58 -5.98 83.10 -65.11
C VAL L 58 -7.31 83.52 -65.71
N LYS L 59 -7.35 83.68 -67.03
CA LYS L 59 -8.58 84.10 -67.71
C LYS L 59 -9.74 83.16 -67.40
N ALA L 60 -10.78 83.67 -66.75
CA ALA L 60 -11.95 82.86 -66.38
C ALA L 60 -12.40 81.88 -67.46
N PRO L 61 -12.52 80.58 -67.10
CA PRO L 61 -12.97 79.57 -68.07
C PRO L 61 -14.34 79.95 -68.60
N THR L 62 -15.30 80.15 -67.70
CA THR L 62 -16.64 80.57 -68.10
C THR L 62 -17.17 81.67 -67.20
N ASN L 63 -18.40 82.10 -67.43
CA ASN L 63 -19.02 83.14 -66.61
C ASN L 63 -19.25 82.64 -65.19
N GLY L 64 -18.89 83.44 -64.21
CA GLY L 64 -19.10 83.07 -62.82
C GLY L 64 -18.09 82.07 -62.27
N VAL L 65 -17.05 81.75 -63.05
CA VAL L 65 -16.04 80.84 -62.58
C VAL L 65 -14.78 81.63 -62.32
N ILE L 66 -14.17 81.40 -61.18
CA ILE L 66 -12.95 82.08 -60.83
C ILE L 66 -11.87 81.04 -60.78
N ALA L 67 -10.87 81.23 -61.61
CA ALA L 67 -9.80 80.24 -61.71
C ALA L 67 -8.46 80.75 -61.28
N HIS L 68 -7.69 79.91 -60.64
CA HIS L 68 -6.36 80.28 -60.26
C HIS L 68 -5.40 79.14 -60.42
N LEU L 69 -4.25 79.41 -61.00
CA LEU L 69 -3.21 78.41 -61.13
C LEU L 69 -2.37 78.36 -59.86
N ARG L 70 -2.06 77.14 -59.42
CA ARG L 70 -1.13 76.99 -58.31
C ARG L 70 0.29 77.29 -58.79
N ALA L 71 0.99 78.13 -58.04
CA ALA L 71 2.38 78.45 -58.34
C ALA L 71 3.31 77.38 -57.78
N SER L 72 4.42 77.16 -58.47
CA SER L 72 5.41 76.17 -58.04
C SER L 72 6.77 76.55 -58.60
N LYS L 73 7.79 75.89 -58.08
CA LYS L 73 9.17 76.05 -58.52
C LYS L 73 9.66 74.74 -59.11
N PRO L 74 10.17 74.72 -60.33
CA PRO L 74 10.68 73.47 -60.90
C PRO L 74 12.05 73.10 -60.35
N LEU L 75 12.27 71.80 -60.19
CA LEU L 75 13.62 71.32 -59.93
C LEU L 75 14.45 71.39 -61.20
N VAL L 76 15.76 71.50 -61.04
CA VAL L 76 16.70 71.41 -62.14
C VAL L 76 17.63 70.24 -61.85
N ARG L 77 17.86 69.42 -62.88
CA ARG L 77 18.83 68.34 -62.79
C ARG L 77 20.15 68.81 -63.38
N LEU L 78 21.20 68.69 -62.59
CA LEU L 78 22.52 69.18 -62.93
C LEU L 78 23.42 67.96 -63.10
N ARG L 79 24.05 67.85 -64.26
CA ARG L 79 24.86 66.70 -64.61
C ARG L 79 26.22 67.17 -65.07
N VAL L 80 27.27 66.60 -64.48
CA VAL L 80 28.65 66.88 -64.84
C VAL L 80 29.28 65.57 -65.31
N PRO L 81 29.46 65.40 -66.62
CA PRO L 81 30.15 64.20 -67.11
C PRO L 81 31.65 64.28 -66.85
N PHE L 82 32.25 63.11 -66.72
CA PHE L 82 33.70 63.00 -66.58
C PHE L 82 34.16 61.66 -67.14
N THR L 83 35.45 61.57 -67.40
CA THR L 83 36.01 60.45 -68.14
C THR L 83 37.17 59.83 -67.36
N LEU L 84 37.10 58.52 -67.16
CA LEU L 84 38.12 57.80 -66.41
C LEU L 84 38.89 56.85 -67.32
N SER L 85 40.20 56.78 -67.08
CA SER L 85 41.04 55.78 -67.72
C SER L 85 40.72 54.40 -67.18
N ARG L 86 40.57 53.42 -68.08
CA ARG L 86 40.27 52.06 -67.65
C ARG L 86 41.49 51.37 -67.06
N ASN L 87 42.69 51.82 -67.42
CA ASN L 87 43.91 51.31 -66.81
C ASN L 87 43.97 51.67 -65.33
N GLU L 88 43.60 52.91 -64.99
CA GLU L 88 43.55 53.33 -63.59
C GLU L 88 42.50 52.54 -62.81
N ILE L 89 41.38 52.22 -63.45
CA ILE L 89 40.35 51.40 -62.82
C ILE L 89 40.87 49.98 -62.57
N ASP L 90 41.56 49.41 -63.56
CA ASP L 90 42.12 48.07 -63.42
C ASP L 90 43.24 48.00 -62.40
N ASP L 91 43.94 49.11 -62.17
CA ASP L 91 45.02 49.16 -61.18
C ASP L 91 44.53 48.92 -59.76
N VAL L 92 43.27 49.21 -59.47
CA VAL L 92 42.77 49.21 -58.09
C VAL L 92 42.71 47.79 -57.54
N GLU L 93 42.28 46.83 -58.35
CA GLU L 93 42.18 45.44 -57.85
C GLU L 93 43.59 44.87 -57.64
N ARG L 94 44.55 45.27 -58.45
CA ARG L 94 45.92 44.83 -58.25
C ARG L 94 46.57 45.43 -57.02
N GLY L 95 45.93 46.40 -56.37
CA GLY L 95 46.44 46.97 -55.14
C GLY L 95 47.05 48.35 -55.25
N SER L 96 46.89 49.04 -56.38
CA SER L 96 47.35 50.40 -56.48
C SER L 96 46.53 51.31 -55.58
N LYS L 97 47.20 52.31 -55.00
CA LYS L 97 46.55 53.28 -54.15
C LYS L 97 46.78 54.70 -54.62
N ASP L 98 47.30 54.85 -55.85
CA ASP L 98 47.51 56.18 -56.42
C ASP L 98 46.82 56.33 -57.78
N SER L 99 45.72 55.61 -57.97
CA SER L 99 44.98 55.68 -59.23
C SER L 99 44.47 57.08 -59.48
N ASP L 100 44.56 57.51 -60.73
CA ASP L 100 44.28 58.89 -61.10
C ASP L 100 42.79 59.20 -61.03
N TRP L 101 42.36 59.80 -59.93
CA TRP L 101 40.95 60.16 -59.78
C TRP L 101 40.77 61.65 -59.95
N GLU L 102 41.69 62.29 -60.68
CA GLU L 102 41.56 63.71 -60.95
C GLU L 102 40.26 64.11 -61.67
N PRO L 103 39.81 63.31 -62.66
CA PRO L 103 38.54 63.73 -63.28
C PRO L 103 37.39 63.66 -62.28
N VAL L 104 37.37 62.66 -61.42
CA VAL L 104 36.34 62.59 -60.39
C VAL L 104 36.39 63.83 -59.50
N LYS L 105 37.61 64.25 -59.12
CA LYS L 105 37.77 65.42 -58.28
C LYS L 105 37.35 66.69 -59.01
N GLU L 106 37.67 66.80 -60.29
CA GLU L 106 37.26 67.97 -61.06
C GLU L 106 35.75 68.01 -61.26
N ALA L 107 35.12 66.85 -61.47
CA ALA L 107 33.67 66.80 -61.59
C ALA L 107 32.98 67.15 -60.28
N ALA L 108 33.51 66.67 -59.15
CA ALA L 108 32.93 66.99 -57.85
C ALA L 108 33.11 68.47 -57.52
N LYS L 109 34.27 69.03 -57.85
CA LYS L 109 34.49 70.45 -57.64
C LYS L 109 33.57 71.30 -58.51
N LYS L 110 33.35 70.87 -59.76
CA LYS L 110 32.49 71.64 -60.65
C LYS L 110 31.03 71.56 -60.23
N LEU L 111 30.59 70.36 -59.80
CA LEU L 111 29.19 70.19 -59.32
C LEU L 111 29.00 71.05 -58.06
N ALA L 112 29.95 70.99 -57.12
CA ALA L 112 29.85 71.79 -55.90
C ALA L 112 29.83 73.29 -56.22
N PHE L 113 30.63 73.71 -57.19
CA PHE L 113 30.64 75.11 -57.59
C PHE L 113 29.31 75.53 -58.20
N VAL L 114 28.72 74.68 -59.01
CA VAL L 114 27.42 75.00 -59.58
C VAL L 114 26.39 75.12 -58.47
N GLU L 115 26.32 74.13 -57.59
CA GLU L 115 25.32 74.16 -56.52
C GLU L 115 25.46 75.42 -55.65
N ASP L 116 26.69 75.76 -55.26
CA ASP L 116 26.89 76.94 -54.42
C ASP L 116 26.59 78.24 -55.16
N ARG L 117 26.97 78.32 -56.44
CA ARG L 117 26.67 79.52 -57.20
C ARG L 117 25.18 79.64 -57.50
N THR L 118 24.48 78.52 -57.57
CA THR L 118 23.04 78.54 -57.73
C THR L 118 22.35 79.02 -56.46
N ILE L 119 22.81 78.55 -55.30
CA ILE L 119 22.23 78.99 -54.04
C ILE L 119 22.49 80.48 -53.79
N PHE L 120 23.71 80.95 -54.04
CA PHE L 120 24.05 82.31 -53.63
C PHE L 120 23.90 83.35 -54.74
N GLU L 121 24.02 82.99 -56.01
CA GLU L 121 23.92 83.93 -57.09
C GLU L 121 22.73 83.67 -58.00
N GLY L 122 22.00 82.60 -57.76
CA GLY L 122 20.88 82.28 -58.58
C GLY L 122 21.11 81.68 -59.94
N TYR L 123 20.05 81.14 -60.53
CA TYR L 123 20.13 80.54 -61.84
C TYR L 123 18.80 80.94 -62.42
N SER L 124 18.78 82.05 -63.15
CA SER L 124 17.55 82.57 -63.70
C SER L 124 16.78 81.62 -64.61
N ALA L 125 17.46 80.87 -65.44
CA ALA L 125 16.83 79.92 -66.35
C ALA L 125 16.05 78.85 -65.58
N ALA L 126 16.50 78.51 -64.38
CA ALA L 126 15.80 77.58 -63.52
C ALA L 126 14.86 78.27 -62.55
N SER L 127 14.61 79.58 -62.75
CA SER L 127 13.74 80.42 -61.91
C SER L 127 14.17 80.41 -60.44
N ILE L 128 15.47 80.42 -60.21
CA ILE L 128 16.03 80.46 -58.87
C ILE L 128 16.66 81.81 -58.66
N GLU L 129 16.17 82.54 -57.66
CA GLU L 129 16.76 83.81 -57.27
C GLU L 129 17.82 83.52 -56.20
N GLY L 130 18.99 84.11 -56.38
CA GLY L 130 20.06 83.93 -55.41
C GLY L 130 19.78 84.66 -54.12
N ILE L 131 20.58 84.31 -53.10
CA ILE L 131 20.55 85.02 -51.83
C ILE L 131 20.95 86.47 -52.00
N ARG L 132 21.92 86.74 -52.89
CA ARG L 132 22.34 88.11 -53.17
C ARG L 132 21.21 88.93 -53.79
N SER L 133 20.48 88.35 -54.73
CA SER L 133 19.39 89.08 -55.36
C SER L 133 18.16 89.18 -54.47
N ALA L 134 17.90 88.17 -53.64
CA ALA L 134 16.72 88.17 -52.79
C ALA L 134 16.92 88.90 -51.48
N SER L 135 18.11 89.38 -51.19
CA SER L 135 18.36 90.11 -49.95
C SER L 135 17.77 91.50 -50.03
N SER L 136 17.04 91.90 -48.98
CA SER L 136 16.50 93.25 -48.89
C SER L 136 17.42 94.20 -48.15
N ASN L 137 18.42 93.69 -47.43
CA ASN L 137 19.38 94.55 -46.75
C ASN L 137 20.31 95.17 -47.79
N PRO L 138 20.86 96.36 -47.50
CA PRO L 138 21.75 97.02 -48.47
C PRO L 138 23.03 96.24 -48.71
N ALA L 139 23.54 96.36 -49.93
CA ALA L 139 24.78 95.73 -50.30
C ALA L 139 25.96 96.60 -49.90
N LEU L 140 27.05 95.95 -49.53
CA LEU L 140 28.25 96.64 -49.07
C LEU L 140 29.40 96.37 -50.01
N THR L 141 30.37 97.27 -50.01
CA THR L 141 31.56 97.14 -50.83
C THR L 141 32.73 96.69 -49.96
N LEU L 142 33.40 95.61 -50.36
CA LEU L 142 34.57 95.15 -49.64
C LEU L 142 35.76 96.02 -50.00
N PRO L 143 36.52 96.46 -48.99
CA PRO L 143 37.66 97.35 -49.25
C PRO L 143 38.86 96.61 -49.83
N GLU L 144 39.80 97.36 -50.39
CA GLU L 144 40.99 96.75 -50.97
C GLU L 144 41.93 96.21 -49.89
N ASP L 145 42.12 96.97 -48.82
CA ASP L 145 43.00 96.56 -47.73
C ASP L 145 42.31 95.48 -46.91
N PRO L 146 42.93 94.31 -46.75
CA PRO L 146 42.33 93.27 -45.89
C PRO L 146 42.20 93.66 -44.43
N ARG L 147 43.04 94.57 -43.92
CA ARG L 147 42.92 95.04 -42.56
C ARG L 147 41.65 95.84 -42.33
N GLU L 148 41.04 96.36 -43.39
CA GLU L 148 39.75 97.03 -43.32
C GLU L 148 38.58 96.09 -43.60
N ILE L 149 38.83 94.80 -43.79
CA ILE L 149 37.72 93.87 -43.97
C ILE L 149 36.83 93.76 -42.72
N PRO L 150 37.42 93.48 -41.53
CA PRO L 150 36.53 93.31 -40.36
C PRO L 150 35.62 94.51 -40.08
N ASP L 151 36.04 95.72 -40.44
CA ASP L 151 35.20 96.89 -40.23
C ASP L 151 33.91 96.76 -41.04
N VAL L 152 34.03 96.58 -42.34
CA VAL L 152 32.85 96.47 -43.21
C VAL L 152 31.98 95.29 -42.81
N ILE L 153 32.58 94.15 -42.52
CA ILE L 153 31.82 92.99 -42.03
C ILE L 153 30.99 93.37 -40.82
N SER L 154 31.56 94.14 -39.90
CA SER L 154 30.81 94.61 -38.69
C SER L 154 29.63 95.49 -39.09
N GLN L 155 29.76 96.29 -40.16
CA GLN L 155 28.65 97.09 -40.66
C GLN L 155 27.52 96.18 -41.17
N ALA L 156 27.89 95.07 -41.81
CA ALA L 156 26.91 94.06 -42.19
C ALA L 156 26.22 93.48 -40.97
N LEU L 157 26.98 93.25 -39.90
CA LEU L 157 26.37 92.79 -38.65
C LEU L 157 25.47 93.85 -38.05
N SER L 158 25.68 95.13 -38.37
CA SER L 158 24.74 96.14 -37.95
C SER L 158 23.41 95.98 -38.67
N GLU L 159 23.46 95.64 -39.97
CA GLU L 159 22.25 95.65 -40.79
C GLU L 159 21.28 94.54 -40.40
N LEU L 160 21.80 93.32 -40.17
CA LEU L 160 21.00 92.25 -39.60
C LEU L 160 20.47 92.60 -38.22
N ARG L 161 21.19 93.44 -37.48
CA ARG L 161 20.66 93.88 -36.20
C ARG L 161 19.57 94.93 -36.41
N LEU L 162 19.70 95.76 -37.45
CA LEU L 162 18.65 96.72 -37.77
C LEU L 162 17.47 96.07 -38.45
N ALA L 163 17.66 94.86 -38.99
CA ALA L 163 16.56 94.12 -39.60
C ALA L 163 15.75 93.35 -38.56
N GLY L 164 16.16 93.37 -37.29
CA GLY L 164 15.47 92.59 -36.27
C GLY L 164 15.64 91.11 -36.50
N VAL L 165 16.86 90.59 -36.38
CA VAL L 165 17.11 89.18 -36.63
C VAL L 165 18.01 88.58 -35.55
N ASP L 166 17.65 87.40 -35.06
CA ASP L 166 18.47 86.72 -34.05
C ASP L 166 19.25 85.57 -34.67
N GLY L 167 19.83 84.71 -33.83
CA GLY L 167 20.54 83.54 -34.33
C GLY L 167 22.03 83.67 -34.53
N PRO L 168 22.74 82.53 -34.64
CA PRO L 168 24.17 82.55 -34.85
C PRO L 168 24.43 83.12 -36.24
N TYR L 169 25.18 84.20 -36.37
CA TYR L 169 25.48 84.70 -37.70
C TYR L 169 26.71 84.02 -38.32
N SER L 170 26.69 83.78 -39.63
CA SER L 170 27.89 83.13 -40.18
C SER L 170 28.42 83.92 -41.38
N VAL L 171 29.74 83.97 -41.54
CA VAL L 171 30.32 84.74 -42.62
C VAL L 171 30.92 83.76 -43.62
N LEU L 172 30.53 83.94 -44.89
CA LEU L 172 31.05 83.11 -45.97
C LEU L 172 31.87 84.02 -46.84
N LEU L 173 33.07 83.60 -47.21
CA LEU L 173 33.98 84.43 -47.97
C LEU L 173 34.32 83.75 -49.29
N SER L 174 34.53 84.55 -50.32
CA SER L 174 35.08 84.02 -51.54
C SER L 174 36.54 83.62 -51.32
N ALA L 175 37.05 82.80 -52.25
CA ALA L 175 38.41 82.27 -52.12
C ALA L 175 39.46 83.37 -52.15
N ASP L 176 39.23 84.42 -52.95
CA ASP L 176 40.12 85.58 -52.95
C ASP L 176 40.10 86.29 -51.60
N VAL L 177 38.91 86.51 -51.06
CA VAL L 177 38.77 87.21 -49.79
C VAL L 177 39.28 86.35 -48.63
N TYR L 178 39.00 85.04 -48.69
CA TYR L 178 39.49 84.12 -47.67
C TYR L 178 41.02 84.05 -47.66
N THR L 179 41.63 84.03 -48.85
CA THR L 179 43.08 84.06 -48.96
C THR L 179 43.65 85.37 -48.43
N LYS L 180 43.00 86.50 -48.77
CA LYS L 180 43.47 87.80 -48.31
C LYS L 180 43.41 87.95 -46.80
N VAL L 181 42.32 87.48 -46.17
CA VAL L 181 42.25 87.59 -44.72
C VAL L 181 42.98 86.47 -44.01
N SER L 182 43.40 85.45 -44.75
CA SER L 182 44.21 84.38 -44.18
C SER L 182 45.69 84.74 -44.16
N GLU L 183 46.18 85.40 -45.20
CA GLU L 183 47.61 85.62 -45.36
C GLU L 183 48.07 86.92 -44.75
N THR L 184 47.17 87.86 -44.50
CA THR L 184 47.52 89.09 -43.81
C THR L 184 47.35 88.88 -42.31
N SER L 185 48.31 89.33 -41.54
CA SER L 185 48.29 89.10 -40.10
C SER L 185 48.43 90.42 -39.35
N ASP L 186 47.83 90.46 -38.17
CA ASP L 186 47.93 91.61 -37.28
C ASP L 186 48.01 91.10 -35.85
N HIS L 187 49.11 91.45 -35.17
CA HIS L 187 49.36 91.13 -33.75
C HIS L 187 49.28 89.63 -33.48
N GLY L 188 49.95 88.85 -34.34
CA GLY L 188 50.07 87.42 -34.11
C GLY L 188 48.88 86.59 -34.54
N TYR L 189 47.87 87.20 -35.14
CA TYR L 189 46.75 86.46 -35.68
C TYR L 189 46.45 86.95 -37.08
N PRO L 190 46.03 86.05 -37.97
CA PRO L 190 45.51 86.50 -39.26
C PRO L 190 44.16 87.19 -39.08
N ILE L 191 43.75 87.92 -40.11
CA ILE L 191 42.51 88.69 -40.07
C ILE L 191 41.30 87.77 -40.01
N ARG L 192 41.45 86.51 -40.45
CA ARG L 192 40.40 85.50 -40.32
C ARG L 192 40.01 85.28 -38.86
N GLU L 193 41.00 85.31 -37.96
CA GLU L 193 40.70 85.21 -36.53
C GLU L 193 39.95 86.44 -36.04
N HIS L 194 40.31 87.63 -36.55
CA HIS L 194 39.57 88.85 -36.22
C HIS L 194 38.11 88.77 -36.66
N LEU L 195 37.87 88.15 -37.82
CA LEU L 195 36.51 87.89 -38.25
C LEU L 195 35.82 86.88 -37.34
N ASN L 196 36.56 85.87 -36.88
CA ASN L 196 36.02 84.86 -35.99
C ASN L 196 35.58 85.45 -34.65
N ARG L 197 36.24 86.51 -34.20
CA ARG L 197 35.84 87.14 -32.93
C ARG L 197 34.51 87.89 -33.04
N LEU L 198 34.17 88.39 -34.23
CA LEU L 198 32.93 89.19 -34.43
C LEU L 198 31.65 88.34 -34.39
N VAL L 199 31.73 87.05 -34.75
CA VAL L 199 30.47 86.24 -34.86
C VAL L 199 30.49 85.01 -33.96
N ASP L 200 29.31 84.46 -33.68
CA ASP L 200 29.20 83.24 -32.85
C ASP L 200 28.97 82.06 -33.79
N GLY L 201 29.05 82.33 -35.11
CA GLY L 201 28.89 81.26 -36.10
C GLY L 201 30.23 80.80 -36.59
N ASP L 202 30.48 80.81 -37.91
CA ASP L 202 31.75 80.25 -38.41
C ASP L 202 32.26 81.03 -39.61
N ILE L 203 33.58 81.20 -39.71
CA ILE L 203 34.12 81.79 -40.97
C ILE L 203 34.18 80.60 -41.89
N ILE L 204 33.49 80.67 -43.03
CA ILE L 204 33.32 79.54 -43.91
C ILE L 204 33.98 79.86 -45.25
N TRP L 205 34.88 78.98 -45.68
CA TRP L 205 35.50 79.11 -46.99
C TRP L 205 34.46 78.75 -48.06
N ALA L 206 34.22 79.66 -48.99
CA ALA L 206 33.22 79.48 -50.04
C ALA L 206 33.85 79.83 -51.38
N PRO L 207 34.60 78.89 -51.97
CA PRO L 207 35.37 79.21 -53.18
C PRO L 207 34.53 79.46 -54.43
N ALA L 208 33.24 79.12 -54.45
CA ALA L 208 32.46 79.34 -55.64
C ALA L 208 31.88 80.74 -55.73
N ILE L 209 31.58 81.36 -54.60
CA ILE L 209 30.87 82.64 -54.57
C ILE L 209 31.79 83.79 -54.95
N ASP L 210 31.20 84.94 -55.23
CA ASP L 210 31.91 86.21 -55.31
C ASP L 210 31.63 87.01 -54.05
N GLY L 211 32.58 87.88 -53.71
CA GLY L 211 32.42 88.73 -52.55
C GLY L 211 32.29 88.02 -51.24
N ALA L 212 31.30 88.41 -50.45
CA ALA L 212 31.11 87.80 -49.15
C ALA L 212 29.64 87.80 -48.79
N PHE L 213 29.28 86.96 -47.83
CA PHE L 213 27.87 86.91 -47.40
C PHE L 213 27.86 86.77 -45.88
N VAL L 214 27.07 87.59 -45.21
CA VAL L 214 26.91 87.41 -43.75
C VAL L 214 25.46 87.05 -43.55
N LEU L 215 25.17 86.04 -42.74
CA LEU L 215 23.76 85.63 -42.64
C LEU L 215 23.51 84.84 -41.36
N THR L 216 22.26 84.75 -40.96
CA THR L 216 21.86 84.01 -39.77
C THR L 216 21.60 82.55 -40.09
N THR L 217 21.93 81.69 -39.15
CA THR L 217 21.69 80.26 -39.31
C THR L 217 20.70 79.79 -38.27
N ARG L 218 19.74 80.65 -37.94
CA ARG L 218 18.73 80.28 -36.95
C ARG L 218 17.78 79.20 -37.46
N GLY L 219 17.66 79.06 -38.78
CA GLY L 219 16.77 78.06 -39.33
C GLY L 219 15.55 78.66 -39.97
N GLY L 220 15.00 77.97 -40.94
CA GLY L 220 13.75 78.34 -41.56
C GLY L 220 13.80 79.53 -42.49
N ASP L 221 15.00 80.01 -42.85
CA ASP L 221 15.08 81.17 -43.72
C ASP L 221 15.49 80.80 -45.13
N PHE L 222 16.33 79.78 -45.26
CA PHE L 222 16.91 79.39 -46.54
C PHE L 222 16.70 77.90 -46.69
N ASP L 223 16.16 77.45 -47.81
CA ASP L 223 15.72 76.06 -47.94
C ASP L 223 16.22 75.51 -49.27
N LEU L 224 17.06 74.49 -49.21
CA LEU L 224 17.51 73.77 -50.40
C LEU L 224 16.66 72.51 -50.53
N GLN L 225 15.93 72.39 -51.62
CA GLN L 225 15.09 71.22 -51.84
C GLN L 225 15.77 70.26 -52.81
N LEU L 226 15.94 69.04 -52.35
CA LEU L 226 16.55 68.03 -53.17
C LEU L 226 15.58 66.99 -53.62
N GLY L 227 15.53 66.70 -54.90
CA GLY L 227 14.72 65.57 -55.33
C GLY L 227 15.61 64.37 -55.08
N THR L 228 16.79 64.40 -55.67
CA THR L 228 17.78 63.31 -55.44
C THR L 228 19.14 63.95 -55.13
N ASP L 229 19.84 63.41 -54.14
CA ASP L 229 21.19 63.92 -53.77
C ASP L 229 22.21 63.51 -54.84
N VAL L 230 23.48 63.86 -54.62
CA VAL L 230 24.56 63.55 -55.62
C VAL L 230 24.71 62.06 -55.85
N ALA L 231 24.69 61.65 -57.11
CA ALA L 231 24.82 60.24 -57.48
C ALA L 231 25.76 60.13 -58.66
N ILE L 232 26.40 58.97 -58.81
CA ILE L 232 27.31 58.73 -59.92
C ILE L 232 26.64 57.75 -60.88
N GLY L 233 26.56 58.14 -62.15
CA GLY L 233 25.91 57.33 -63.16
C GLY L 233 26.84 57.02 -64.33
N TYR L 234 26.45 55.99 -65.08
CA TYR L 234 27.26 55.48 -66.18
C TYR L 234 26.67 55.89 -67.51
N ALA L 235 27.48 56.47 -68.39
CA ALA L 235 26.99 56.93 -69.71
C ALA L 235 27.37 55.91 -70.79
N SER L 236 28.67 55.77 -71.07
CA SER L 236 29.15 54.86 -72.11
C SER L 236 30.61 54.54 -71.86
N HIS L 237 31.15 53.58 -72.62
CA HIS L 237 32.56 53.13 -72.43
C HIS L 237 33.20 52.66 -73.73
N ASP L 238 34.53 52.71 -73.82
CA ASP L 238 35.25 52.17 -75.00
C ASP L 238 36.37 51.29 -74.44
N THR L 239 37.36 50.94 -75.25
CA THR L 239 38.46 50.06 -74.79
C THR L 239 39.33 50.81 -73.78
N ASP L 240 39.42 52.13 -73.91
CA ASP L 240 40.36 52.85 -73.06
C ASP L 240 39.72 53.58 -71.90
N THR L 241 38.47 54.05 -72.03
CA THR L 241 37.92 54.98 -71.06
C THR L 241 36.48 54.60 -70.72
N VAL L 242 36.04 55.08 -69.55
CA VAL L 242 34.66 54.98 -69.13
C VAL L 242 34.14 56.40 -68.91
N ARG L 243 33.06 56.75 -69.60
CA ARG L 243 32.37 58.02 -69.38
C ARG L 243 31.31 57.83 -68.30
N LEU L 244 31.42 58.64 -67.24
CA LEU L 244 30.43 58.61 -66.18
C LEU L 244 29.97 60.03 -65.95
N TYR L 245 29.11 60.24 -64.95
CA TYR L 245 28.65 61.58 -64.62
C TYR L 245 28.31 61.66 -63.15
N LEU L 246 28.37 62.88 -62.63
CA LEU L 246 27.82 63.22 -61.33
C LEU L 246 26.49 63.93 -61.57
N GLN L 247 25.51 63.65 -60.73
CA GLN L 247 24.18 64.17 -61.03
C GLN L 247 23.44 64.47 -59.74
N GLU L 248 22.76 65.60 -59.72
CA GLU L 248 21.90 65.95 -58.59
C GLU L 248 20.78 66.84 -59.09
N THR L 249 19.61 66.72 -58.47
CA THR L 249 18.47 67.55 -58.86
C THR L 249 17.92 68.30 -57.65
N LEU L 250 17.71 69.61 -57.84
CA LEU L 250 17.45 70.49 -56.71
C LEU L 250 16.75 71.77 -57.18
N THR L 251 16.21 72.48 -56.18
CA THR L 251 15.87 73.90 -56.32
C THR L 251 16.23 74.58 -55.01
N PHE L 252 16.28 75.90 -55.02
CA PHE L 252 16.57 76.66 -53.82
C PHE L 252 15.53 77.74 -53.61
N LEU L 253 15.10 77.90 -52.36
CA LEU L 253 14.08 78.86 -51.97
C LEU L 253 14.66 79.74 -50.86
N CYS L 254 14.44 81.03 -50.96
CA CYS L 254 14.74 81.96 -49.87
C CYS L 254 13.42 82.52 -49.36
N TYR L 255 13.07 82.16 -48.13
CA TYR L 255 11.82 82.62 -47.53
C TYR L 255 11.93 83.97 -46.86
N THR L 256 13.11 84.34 -46.38
CA THR L 256 13.30 85.51 -45.54
C THR L 256 14.27 86.46 -46.22
N ALA L 257 13.77 87.59 -46.69
CA ALA L 257 14.57 88.49 -47.50
C ALA L 257 15.60 89.25 -46.68
N GLU L 258 15.35 89.47 -45.39
CA GLU L 258 16.19 90.33 -44.59
C GLU L 258 17.20 89.56 -43.74
N ALA L 259 17.38 88.28 -44.02
CA ALA L 259 18.26 87.44 -43.21
C ALA L 259 19.69 87.39 -43.73
N SER L 260 20.08 88.27 -44.65
CA SER L 260 21.41 88.18 -45.23
C SER L 260 21.89 89.53 -45.74
N VAL L 261 23.21 89.70 -45.77
CA VAL L 261 23.88 90.82 -46.40
C VAL L 261 24.91 90.29 -47.39
N ALA L 262 24.86 90.80 -48.62
CA ALA L 262 25.82 90.47 -49.67
C ALA L 262 26.86 91.57 -49.79
N LEU L 263 28.08 91.15 -50.07
CA LEU L 263 29.17 92.09 -50.22
C LEU L 263 29.85 91.82 -51.56
N SER L 264 30.35 92.86 -52.20
CA SER L 264 30.99 92.74 -53.50
C SER L 264 32.25 93.58 -53.51
N HIS L 265 33.03 93.42 -54.57
CA HIS L 265 34.28 94.15 -54.73
C HIS L 265 34.08 95.44 -55.51
N MET M 1 73.27 36.23 -20.47
CA MET M 1 74.58 35.87 -19.95
C MET M 1 75.15 36.91 -19.00
N ASN M 2 76.30 36.62 -18.42
CA ASN M 2 76.95 37.54 -17.48
C ASN M 2 78.34 37.97 -17.94
N ASN M 3 79.16 38.49 -17.02
CA ASN M 3 80.50 38.92 -17.39
C ASN M 3 81.47 37.76 -17.64
N LEU M 4 81.22 36.57 -17.10
CA LEU M 4 82.02 35.41 -17.43
C LEU M 4 81.95 35.01 -18.91
N TYR M 5 80.84 35.34 -19.58
CA TYR M 5 80.65 34.97 -20.99
C TYR M 5 80.97 33.49 -21.21
N ARG M 6 80.43 32.66 -20.32
CA ARG M 6 80.83 31.26 -20.23
C ARG M 6 80.34 30.45 -21.42
N ASP M 7 79.14 30.77 -21.92
CA ASP M 7 78.58 30.05 -23.06
C ASP M 7 79.30 30.36 -24.36
N LEU M 8 80.09 31.42 -24.41
CA LEU M 8 80.86 31.71 -25.61
C LEU M 8 82.13 30.88 -25.70
N ALA M 9 82.56 30.26 -24.61
CA ALA M 9 83.79 29.50 -24.62
C ALA M 9 83.58 28.17 -25.34
N PRO M 10 84.51 27.76 -26.19
CA PRO M 10 84.42 26.42 -26.82
C PRO M 10 84.87 25.30 -25.88
N VAL M 11 84.10 25.12 -24.82
CA VAL M 11 84.38 24.16 -23.77
C VAL M 11 83.11 23.34 -23.59
N THR M 12 83.24 22.02 -23.62
CA THR M 12 82.09 21.16 -23.45
C THR M 12 81.66 21.12 -21.99
N GLU M 13 80.48 20.55 -21.76
CA GLU M 13 79.91 20.48 -20.41
C GLU M 13 80.75 19.59 -19.49
N ALA M 14 81.20 18.44 -20.01
CA ALA M 14 82.02 17.53 -19.23
C ALA M 14 83.39 18.14 -18.93
N ALA M 15 83.98 18.81 -19.92
CA ALA M 15 85.22 19.52 -19.71
C ALA M 15 85.05 20.65 -18.70
N TRP M 16 83.91 21.35 -18.73
CA TRP M 16 83.63 22.38 -17.75
C TRP M 16 83.55 21.82 -16.34
N ALA M 17 82.89 20.67 -16.18
CA ALA M 17 82.81 20.03 -14.87
C ALA M 17 84.18 19.62 -14.35
N GLU M 18 85.02 19.08 -15.22
CA GLU M 18 86.39 18.73 -14.80
C GLU M 18 87.21 19.95 -14.42
N ILE M 19 87.08 21.05 -15.17
CA ILE M 19 87.82 22.28 -14.87
C ILE M 19 87.35 22.89 -13.54
N GLU M 20 86.03 22.91 -13.31
CA GLU M 20 85.49 23.43 -12.05
C GLU M 20 85.96 22.60 -10.86
N LEU M 21 85.95 21.26 -11.01
CA LEU M 21 86.40 20.37 -9.95
C LEU M 21 87.88 20.58 -9.65
N GLU M 22 88.72 20.67 -10.68
CA GLU M 22 90.15 20.85 -10.50
C GLU M 22 90.47 22.18 -9.83
N ALA M 23 89.81 23.26 -10.27
CA ALA M 23 90.07 24.58 -9.71
C ALA M 23 89.61 24.68 -8.26
N ALA M 24 88.42 24.14 -7.96
CA ALA M 24 87.90 24.19 -6.59
C ALA M 24 88.77 23.36 -5.65
N ARG M 25 89.18 22.18 -6.09
CA ARG M 25 90.03 21.32 -5.28
C ARG M 25 91.37 21.97 -4.97
N THR M 26 92.06 22.45 -6.01
CA THR M 26 93.40 23.01 -5.81
C THR M 26 93.33 24.29 -4.96
N PHE M 27 92.29 25.09 -5.12
CA PHE M 27 92.11 26.29 -4.32
C PHE M 27 91.92 26.01 -2.83
N LYS M 28 90.99 25.13 -2.47
CA LYS M 28 90.76 24.80 -1.07
C LYS M 28 92.03 24.30 -0.39
N ARG M 29 92.77 23.41 -1.05
CA ARG M 29 93.98 22.86 -0.49
C ARG M 29 94.97 23.94 -0.17
N HIS M 30 95.02 24.98 -0.98
CA HIS M 30 96.04 26.02 -0.76
C HIS M 30 95.48 27.20 0.04
N ILE M 31 94.21 27.16 0.43
CA ILE M 31 93.76 28.27 1.28
C ILE M 31 93.94 27.92 2.75
N ALA M 32 94.62 28.80 3.48
CA ALA M 32 94.70 28.72 4.93
C ALA M 32 93.89 29.83 5.59
N GLY M 33 93.72 30.95 4.88
CA GLY M 33 93.13 32.13 5.48
C GLY M 33 91.66 31.99 5.82
N ARG M 34 90.89 31.31 4.96
CA ARG M 34 89.46 31.18 5.19
C ARG M 34 89.14 30.24 6.34
N ARG M 35 90.09 29.39 6.74
CA ARG M 35 89.87 28.49 7.85
C ARG M 35 89.89 29.22 9.19
N VAL M 36 90.48 30.41 9.27
CA VAL M 36 90.63 31.11 10.52
C VAL M 36 89.86 32.42 10.59
N VAL M 37 89.54 33.05 9.47
CA VAL M 37 88.90 34.35 9.51
C VAL M 37 87.41 34.17 9.26
N ASP M 38 86.63 35.16 9.64
CA ASP M 38 85.22 35.18 9.30
C ASP M 38 85.07 35.55 7.83
N VAL M 39 84.29 34.75 7.11
CA VAL M 39 84.08 34.93 5.68
C VAL M 39 82.62 35.30 5.48
N SER M 40 82.39 36.46 4.88
CA SER M 40 81.04 36.94 4.68
C SER M 40 80.38 36.22 3.52
N ASP M 41 79.07 36.39 3.42
CA ASP M 41 78.39 35.99 2.20
C ASP M 41 78.80 36.89 1.06
N PRO M 42 78.76 36.41 -0.19
CA PRO M 42 79.03 37.28 -1.33
C PRO M 42 78.02 38.42 -1.44
N GLY M 43 78.53 39.66 -1.48
CA GLY M 43 77.68 40.82 -1.63
C GLY M 43 77.00 40.88 -2.97
N GLY M 44 77.72 40.48 -4.01
CA GLY M 44 77.17 40.56 -5.34
C GLY M 44 78.05 41.43 -6.20
N PRO M 45 77.76 41.46 -7.52
CA PRO M 45 78.61 42.24 -8.43
C PRO M 45 78.56 43.73 -8.21
N VAL M 46 77.46 44.26 -7.66
CA VAL M 46 77.33 45.71 -7.55
C VAL M 46 78.08 46.24 -6.34
N THR M 47 78.44 45.35 -5.41
CA THR M 47 79.09 45.74 -4.17
C THR M 47 80.50 46.25 -4.45
N ALA M 48 80.81 47.44 -3.95
CA ALA M 48 82.05 48.09 -4.34
C ALA M 48 82.91 48.48 -3.14
N ALA M 49 82.28 48.69 -1.99
CA ALA M 49 83.02 49.15 -0.82
C ALA M 49 82.33 48.65 0.44
N VAL M 50 83.10 48.59 1.51
CA VAL M 50 82.60 48.22 2.83
C VAL M 50 82.71 49.42 3.74
N SER M 51 81.61 49.78 4.38
CA SER M 51 81.60 50.88 5.32
C SER M 51 82.37 50.52 6.58
N THR M 52 83.26 51.41 7.02
CA THR M 52 83.95 51.23 8.28
C THR M 52 83.24 51.93 9.44
N GLY M 53 82.33 52.84 9.12
CA GLY M 53 81.55 53.54 10.16
C GLY M 53 82.31 54.72 10.72
N ARG M 54 83.48 55.06 10.18
CA ARG M 54 84.23 56.24 10.66
C ARG M 54 83.89 57.49 9.84
N LEU M 55 84.40 58.65 10.23
CA LEU M 55 84.07 59.94 9.56
C LEU M 55 85.37 60.72 9.26
N ILE M 56 85.41 61.42 8.14
CA ILE M 56 86.59 62.18 7.75
C ILE M 56 86.28 63.67 7.63
N ASP M 57 86.95 64.50 8.42
CA ASP M 57 86.72 65.94 8.37
C ASP M 57 87.04 66.55 7.02
N VAL M 58 86.08 67.24 6.41
CA VAL M 58 86.35 67.95 5.15
C VAL M 58 86.11 69.45 5.27
N LYS M 59 86.75 70.21 4.40
CA LYS M 59 86.62 71.67 4.44
C LYS M 59 85.16 72.11 4.36
N ALA M 60 84.67 72.77 5.40
CA ALA M 60 83.28 73.22 5.46
C ALA M 60 82.76 73.81 4.14
N PRO M 61 81.63 73.29 3.65
CA PRO M 61 81.04 73.82 2.39
C PRO M 61 80.74 75.30 2.55
N THR M 62 79.98 75.65 3.58
CA THR M 62 79.68 77.05 3.85
C THR M 62 79.79 77.35 5.34
N ASN M 63 79.48 78.58 5.73
CA ASN M 63 79.53 78.98 7.13
C ASN M 63 78.46 78.26 7.93
N GLY M 64 78.84 77.72 9.08
CA GLY M 64 77.89 77.04 9.94
C GLY M 64 77.52 75.63 9.49
N VAL M 65 78.20 75.13 8.47
CA VAL M 65 77.96 73.77 8.01
C VAL M 65 79.12 72.91 8.40
N ILE M 66 78.83 71.76 8.97
CA ILE M 66 79.87 70.85 9.37
C ILE M 66 79.74 69.64 8.50
N ALA M 67 80.78 69.33 7.75
CA ALA M 67 80.73 68.22 6.82
C ALA M 67 81.69 67.11 7.14
N HIS M 68 81.25 65.90 6.92
CA HIS M 68 82.14 64.78 7.12
C HIS M 68 81.93 63.73 6.05
N LEU M 69 83.03 63.22 5.52
CA LEU M 69 82.96 62.14 4.56
C LEU M 69 82.87 60.80 5.28
N ARG M 70 82.02 59.92 4.78
CA ARG M 70 81.99 58.56 5.29
C ARG M 70 83.20 57.79 4.78
N ALA M 71 83.89 57.11 5.70
CA ALA M 71 85.04 56.30 5.34
C ALA M 71 84.58 54.92 4.87
N SER M 72 85.35 54.33 3.96
CA SER M 72 85.03 53.01 3.46
C SER M 72 86.31 52.35 2.94
N LYS M 73 86.20 51.06 2.67
CA LYS M 73 87.29 50.26 2.11
C LYS M 73 86.88 49.74 0.75
N PRO M 74 87.65 49.99 -0.29
CA PRO M 74 87.29 49.47 -1.62
C PRO M 74 87.58 47.99 -1.76
N LEU M 75 86.72 47.29 -2.49
CA LEU M 75 87.04 45.94 -2.93
C LEU M 75 88.08 45.98 -4.03
N VAL M 76 88.85 44.90 -4.14
CA VAL M 76 89.78 44.71 -5.24
C VAL M 76 89.35 43.44 -5.98
N ARG M 77 89.33 43.52 -7.30
CA ARG M 77 89.07 42.36 -8.14
C ARG M 77 90.40 41.78 -8.60
N LEU M 78 90.60 40.51 -8.33
CA LEU M 78 91.84 39.80 -8.60
C LEU M 78 91.55 38.78 -9.69
N ARG M 79 92.30 38.86 -10.77
CA ARG M 79 92.10 38.02 -11.94
C ARG M 79 93.41 37.34 -12.31
N VAL M 80 93.35 36.03 -12.48
CA VAL M 80 94.49 35.22 -12.90
C VAL M 80 94.11 34.55 -14.21
N PRO M 81 94.63 35.03 -15.34
CA PRO M 81 94.38 34.34 -16.60
C PRO M 81 95.18 33.07 -16.72
N PHE M 82 94.64 32.13 -17.49
CA PHE M 82 95.34 30.89 -17.80
C PHE M 82 94.87 30.38 -19.15
N THR M 83 95.65 29.46 -19.71
CA THR M 83 95.49 29.04 -21.09
C THR M 83 95.38 27.52 -21.17
N LEU M 84 94.33 27.03 -21.82
CA LEU M 84 94.09 25.60 -21.94
C LEU M 84 94.23 25.15 -23.39
N SER M 85 94.83 23.98 -23.57
CA SER M 85 94.86 23.32 -24.86
C SER M 85 93.47 22.84 -25.25
N ARG M 86 93.06 23.11 -26.48
CA ARG M 86 91.75 22.66 -26.93
C ARG M 86 91.71 21.16 -27.21
N ASN M 87 92.86 20.56 -27.50
CA ASN M 87 92.95 19.11 -27.63
C ASN M 87 92.63 18.41 -26.32
N GLU M 88 93.16 18.93 -25.20
CA GLU M 88 92.86 18.38 -23.89
C GLU M 88 91.37 18.54 -23.55
N ILE M 89 90.78 19.65 -23.97
CA ILE M 89 89.34 19.86 -23.75
C ILE M 89 88.52 18.85 -24.57
N ASP M 90 88.92 18.63 -25.83
CA ASP M 90 88.23 17.68 -26.69
C ASP M 90 88.40 16.23 -26.23
N ASP M 91 89.50 15.94 -25.53
CA ASP M 91 89.75 14.59 -25.02
C ASP M 91 88.71 14.14 -24.00
N VAL M 92 88.09 15.09 -23.30
CA VAL M 92 87.24 14.76 -22.15
C VAL M 92 85.96 14.05 -22.60
N GLU M 93 85.36 14.49 -23.70
CA GLU M 93 84.12 13.85 -24.18
C GLU M 93 84.43 12.44 -24.69
N ARG M 94 85.60 12.25 -25.28
CA ARG M 94 85.98 10.91 -25.73
C ARG M 94 86.28 9.96 -24.58
N GLY M 95 86.34 10.44 -23.35
CA GLY M 95 86.53 9.59 -22.21
C GLY M 95 87.90 9.62 -21.57
N SER M 96 88.75 10.57 -21.95
CA SER M 96 90.05 10.72 -21.29
C SER M 96 89.85 11.19 -19.86
N LYS M 97 90.70 10.69 -18.97
CA LYS M 97 90.67 11.07 -17.56
C LYS M 97 92.02 11.61 -17.10
N ASP M 98 92.92 11.90 -18.03
CA ASP M 98 94.22 12.47 -17.68
C ASP M 98 94.48 13.76 -18.46
N SER M 99 93.42 14.50 -18.78
CA SER M 99 93.56 15.75 -19.51
C SER M 99 94.37 16.75 -18.70
N ASP M 100 95.24 17.48 -19.39
CA ASP M 100 96.21 18.35 -18.74
C ASP M 100 95.55 19.59 -18.15
N TRP M 101 95.28 19.55 -16.86
CA TRP M 101 94.67 20.69 -16.19
C TRP M 101 95.70 21.41 -15.34
N GLU M 102 96.97 21.29 -15.71
CA GLU M 102 98.03 22.00 -14.99
C GLU M 102 97.86 23.52 -14.99
N PRO M 103 97.44 24.14 -16.12
CA PRO M 103 97.26 25.60 -16.02
C PRO M 103 96.15 25.96 -15.05
N VAL M 104 95.06 25.19 -15.02
CA VAL M 104 94.01 25.44 -14.05
C VAL M 104 94.56 25.34 -12.63
N LYS M 105 95.40 24.33 -12.38
CA LYS M 105 95.98 24.15 -11.05
C LYS M 105 96.94 25.28 -10.70
N GLU M 106 97.73 25.74 -11.67
CA GLU M 106 98.63 26.85 -11.43
C GLU M 106 97.88 28.16 -11.20
N ALA M 107 96.78 28.37 -11.93
CA ALA M 107 95.97 29.56 -11.71
C ALA M 107 95.29 29.53 -10.34
N ALA M 108 94.79 28.37 -9.92
CA ALA M 108 94.16 28.25 -8.62
C ALA M 108 95.17 28.43 -7.49
N LYS M 109 96.37 27.88 -7.66
CA LYS M 109 97.41 28.06 -6.67
C LYS M 109 97.85 29.51 -6.59
N LYS M 110 97.93 30.20 -7.73
CA LYS M 110 98.36 31.59 -7.72
C LYS M 110 97.29 32.49 -7.11
N LEU M 111 96.02 32.21 -7.43
CA LEU M 111 94.90 33.00 -6.84
C LEU M 111 94.88 32.78 -5.32
N ALA M 112 94.99 31.53 -4.88
CA ALA M 112 95.01 31.23 -3.45
C ALA M 112 96.18 31.91 -2.75
N PHE M 113 97.35 31.94 -3.40
CA PHE M 113 98.51 32.59 -2.84
C PHE M 113 98.31 34.10 -2.71
N VAL M 114 97.69 34.71 -3.72
CA VAL M 114 97.41 36.13 -3.63
C VAL M 114 96.46 36.40 -2.49
N GLU M 115 95.35 35.67 -2.42
CA GLU M 115 94.36 35.91 -1.36
C GLU M 115 94.97 35.76 0.03
N ASP M 116 95.77 34.71 0.24
CA ASP M 116 96.37 34.49 1.56
C ASP M 116 97.42 35.54 1.88
N ARG M 117 98.23 35.95 0.89
CA ARG M 117 99.22 36.98 1.13
C ARG M 117 98.57 38.34 1.33
N THR M 118 97.40 38.55 0.74
CA THR M 118 96.66 39.78 0.98
C THR M 118 96.09 39.81 2.40
N ILE M 119 95.55 38.69 2.87
CA ILE M 119 95.02 38.63 4.22
C ILE M 119 96.12 38.79 5.26
N PHE M 120 97.26 38.12 5.07
CA PHE M 120 98.25 38.09 6.14
C PHE M 120 99.35 39.13 6.00
N GLU M 121 99.68 39.58 4.79
CA GLU M 121 100.74 40.54 4.60
C GLU M 121 100.25 41.86 4.03
N GLY M 122 98.98 41.95 3.72
CA GLY M 122 98.43 43.16 3.17
C GLY M 122 98.69 43.50 1.73
N TYR M 123 97.95 44.45 1.21
CA TYR M 123 98.10 44.88 -0.16
C TYR M 123 97.87 46.35 -0.04
N SER M 124 98.94 47.10 0.11
CA SER M 124 98.84 48.54 0.32
C SER M 124 98.10 49.31 -0.78
N ALA M 125 98.29 48.96 -2.03
CA ALA M 125 97.62 49.62 -3.14
C ALA M 125 96.10 49.47 -3.05
N ALA M 126 95.63 48.38 -2.47
CA ALA M 126 94.21 48.17 -2.23
C ALA M 126 93.77 48.64 -0.85
N SER M 127 94.64 49.37 -0.14
CA SER M 127 94.39 49.89 1.21
C SER M 127 94.04 48.78 2.20
N ILE M 128 94.69 47.64 2.08
CA ILE M 128 94.49 46.51 2.97
C ILE M 128 95.73 46.36 3.83
N GLU M 129 95.55 46.47 5.13
CA GLU M 129 96.63 46.20 6.07
C GLU M 129 96.60 44.72 6.44
N GLY M 130 97.76 44.09 6.41
CA GLY M 130 97.83 42.69 6.76
C GLY M 130 97.67 42.47 8.25
N ILE M 131 97.47 41.20 8.60
CA ILE M 131 97.43 40.79 10.00
C ILE M 131 98.77 41.05 10.68
N ARG M 132 99.87 40.84 9.96
CA ARG M 132 101.20 41.10 10.50
C ARG M 132 101.39 42.58 10.81
N SER M 133 100.95 43.46 9.91
CA SER M 133 101.10 44.89 10.16
C SER M 133 100.11 45.42 11.18
N ALA M 134 98.90 44.87 11.23
CA ALA M 134 97.88 45.34 12.14
C ALA M 134 97.96 44.75 13.53
N SER M 135 98.88 43.82 13.76
CA SER M 135 99.03 43.21 15.08
C SER M 135 99.72 44.18 16.03
N SER M 136 99.15 44.33 17.23
CA SER M 136 99.77 45.16 18.26
C SER M 136 100.66 44.36 19.19
N ASN M 137 100.58 43.04 19.18
CA ASN M 137 101.46 42.21 19.98
C ASN M 137 102.86 42.22 19.38
N PRO M 138 103.90 42.04 20.20
CA PRO M 138 105.27 42.07 19.68
C PRO M 138 105.56 40.92 18.72
N ALA M 139 106.43 41.20 17.75
CA ALA M 139 106.84 40.21 16.79
C ALA M 139 107.97 39.36 17.35
N LEU M 140 107.98 38.10 16.96
CA LEU M 140 108.96 37.15 17.46
C LEU M 140 109.82 36.63 16.31
N THR M 141 111.02 36.17 16.64
CA THR M 141 111.93 35.62 15.66
C THR M 141 111.93 34.10 15.76
N LEU M 142 111.72 33.43 14.64
CA LEU M 142 111.75 31.97 14.62
C LEU M 142 113.20 31.53 14.61
N PRO M 143 113.54 30.54 15.45
CA PRO M 143 114.92 30.07 15.53
C PRO M 143 115.33 29.19 14.36
N GLU M 144 116.62 29.00 14.19
CA GLU M 144 117.11 28.16 13.10
C GLU M 144 116.81 26.68 13.35
N ASP M 145 117.03 26.22 14.57
CA ASP M 145 116.80 24.83 14.92
C ASP M 145 115.30 24.58 15.03
N PRO M 146 114.75 23.62 14.28
CA PRO M 146 113.32 23.30 14.42
C PRO M 146 112.92 22.77 15.79
N ARG M 147 113.85 22.15 16.52
CA ARG M 147 113.54 21.69 17.87
C ARG M 147 113.30 22.83 18.84
N GLU M 148 113.75 24.02 18.50
CA GLU M 148 113.47 25.23 19.27
C GLU M 148 112.25 25.98 18.77
N ILE M 149 111.55 25.46 17.76
CA ILE M 149 110.32 26.13 17.31
C ILE M 149 109.21 26.13 18.40
N PRO M 150 108.87 24.95 18.97
CA PRO M 150 107.77 24.98 19.95
C PRO M 150 107.98 25.94 21.11
N ASP M 151 109.23 26.20 21.50
CA ASP M 151 109.50 27.14 22.58
C ASP M 151 109.00 28.53 22.20
N VAL M 152 109.48 29.07 21.08
CA VAL M 152 109.08 30.41 20.64
C VAL M 152 107.57 30.50 20.42
N ILE M 153 106.98 29.48 19.79
CA ILE M 153 105.53 29.45 19.62
C ILE M 153 104.83 29.60 20.95
N SER M 154 105.33 28.92 21.99
CA SER M 154 104.74 29.03 23.36
C SER M 154 104.86 30.47 23.87
N GLN M 155 105.93 31.18 23.54
CA GLN M 155 106.06 32.58 23.93
C GLN M 155 104.99 33.43 23.26
N ALA M 156 104.68 33.10 21.99
CA ALA M 156 103.56 33.75 21.32
C ALA M 156 102.24 33.46 22.02
N LEU M 157 102.07 32.23 22.52
CA LEU M 157 100.89 31.90 23.29
C LEU M 157 100.88 32.64 24.62
N SER M 158 102.04 33.06 25.12
CA SER M 158 102.05 33.92 26.29
C SER M 158 101.47 35.29 25.97
N GLU M 159 101.79 35.82 24.78
CA GLU M 159 101.45 37.20 24.45
C GLU M 159 99.95 37.39 24.29
N LEU M 160 99.29 36.46 23.57
CA LEU M 160 97.81 36.44 23.53
C LEU M 160 97.20 36.25 24.90
N ARG M 161 97.91 35.58 25.80
CA ARG M 161 97.39 35.47 27.16
C ARG M 161 97.60 36.78 27.90
N LEU M 162 98.70 37.49 27.62
CA LEU M 162 98.92 38.80 28.23
C LEU M 162 98.05 39.87 27.59
N ALA M 163 97.52 39.61 26.39
CA ALA M 163 96.61 40.54 25.74
C ALA M 163 95.18 40.38 26.22
N GLY M 164 94.90 39.40 27.09
CA GLY M 164 93.54 39.15 27.54
C GLY M 164 92.67 38.66 26.40
N VAL M 165 92.96 37.46 25.89
CA VAL M 165 92.20 36.92 24.76
C VAL M 165 91.85 35.46 24.99
N ASP M 166 90.61 35.09 24.70
CA ASP M 166 90.18 33.69 24.84
C ASP M 166 90.05 33.02 23.48
N GLY M 167 89.43 31.84 23.44
CA GLY M 167 89.20 31.16 22.17
C GLY M 167 90.24 30.14 21.76
N PRO M 168 89.88 29.26 20.79
CA PRO M 168 90.80 28.25 20.31
C PRO M 168 91.91 28.97 19.57
N TYR M 169 93.17 28.80 19.96
CA TYR M 169 94.24 29.42 19.20
C TYR M 169 94.71 28.57 18.03
N SER M 170 95.08 29.17 16.91
CA SER M 170 95.52 28.31 15.81
C SER M 170 96.87 28.78 15.27
N VAL M 171 97.73 27.84 14.87
CA VAL M 171 99.06 28.20 14.41
C VAL M 171 99.10 27.94 12.91
N LEU M 172 99.53 28.97 12.17
CA LEU M 172 99.67 28.85 10.73
C LEU M 172 101.15 28.96 10.44
N LEU M 173 101.68 28.06 9.62
CA LEU M 173 103.11 28.03 9.34
C LEU M 173 103.35 28.22 7.86
N SER M 174 104.47 28.87 7.54
CA SER M 174 104.91 28.90 6.16
C SER M 174 105.36 27.50 5.74
N ALA M 175 105.46 27.31 4.41
CA ALA M 175 105.81 26.01 3.86
C ALA M 175 107.20 25.56 4.28
N ASP M 176 108.14 26.50 4.37
CA ASP M 176 109.47 26.20 4.89
C ASP M 176 109.42 25.73 6.34
N VAL M 177 108.67 26.45 7.17
CA VAL M 177 108.57 26.13 8.59
C VAL M 177 107.78 24.85 8.79
N TYR M 178 106.71 24.65 8.00
CA TYR M 178 105.92 23.43 8.08
C TYR M 178 106.73 22.21 7.68
N THR M 179 107.56 22.34 6.63
CA THR M 179 108.45 21.27 6.23
C THR M 179 109.50 20.98 7.31
N LYS M 180 110.07 22.04 7.90
CA LYS M 180 111.08 21.87 8.94
C LYS M 180 110.53 21.17 10.19
N VAL M 181 109.32 21.54 10.62
CA VAL M 181 108.75 20.88 11.80
C VAL M 181 108.09 19.56 11.45
N SER M 182 107.89 19.27 10.16
CA SER M 182 107.38 17.98 9.75
C SER M 182 108.46 16.93 9.63
N GLU M 183 109.63 17.31 9.13
CA GLU M 183 110.67 16.36 8.82
C GLU M 183 111.62 16.10 9.97
N THR M 184 111.66 16.98 10.96
CA THR M 184 112.46 16.75 12.15
C THR M 184 111.60 16.03 13.18
N SER M 185 112.16 15.02 13.82
CA SER M 185 111.39 14.22 14.76
C SER M 185 112.10 14.15 16.10
N ASP M 186 111.29 14.01 17.15
CA ASP M 186 111.81 13.85 18.50
C ASP M 186 110.91 12.88 19.24
N HIS M 187 111.51 11.77 19.70
CA HIS M 187 110.84 10.73 20.50
C HIS M 187 109.62 10.14 19.79
N GLY M 188 109.79 9.82 18.52
CA GLY M 188 108.77 9.13 17.77
C GLY M 188 107.66 10.00 17.22
N TYR M 189 107.76 11.32 17.38
CA TYR M 189 106.81 12.23 16.78
C TYR M 189 107.58 13.37 16.10
N PRO M 190 107.05 13.87 14.99
CA PRO M 190 107.61 15.11 14.43
C PRO M 190 107.24 16.30 15.30
N ILE M 191 107.97 17.40 15.08
CA ILE M 191 107.78 18.61 15.89
C ILE M 191 106.41 19.23 15.64
N ARG M 192 105.79 18.91 14.50
CA ARG M 192 104.41 19.34 14.23
C ARG M 192 103.43 18.80 15.26
N GLU M 193 103.64 17.57 15.73
CA GLU M 193 102.82 17.03 16.80
C GLU M 193 103.07 17.76 18.11
N HIS M 194 104.32 18.14 18.38
CA HIS M 194 104.63 18.96 19.57
C HIS M 194 103.93 20.31 19.52
N LEU M 195 103.82 20.90 18.33
CA LEU M 195 103.03 22.11 18.17
C LEU M 195 101.54 21.84 18.38
N ASN M 196 101.08 20.68 17.93
CA ASN M 196 99.68 20.31 18.10
C ASN M 196 99.29 20.14 19.56
N ARG M 197 100.24 19.73 20.41
CA ARG M 197 99.94 19.60 21.84
C ARG M 197 99.76 20.95 22.53
N LEU M 198 100.41 22.01 22.03
CA LEU M 198 100.34 23.35 22.67
C LEU M 198 98.99 24.04 22.48
N VAL M 199 98.27 23.76 21.40
CA VAL M 199 97.03 24.53 21.12
C VAL M 199 95.79 23.64 21.01
N ASP M 200 94.61 24.24 21.16
CA ASP M 200 93.34 23.49 21.04
C ASP M 200 92.76 23.77 19.66
N GLY M 201 93.53 24.48 18.82
CA GLY M 201 93.08 24.78 17.45
C GLY M 201 93.73 23.82 16.49
N ASP M 202 94.41 24.32 15.46
CA ASP M 202 94.95 23.40 14.42
C ASP M 202 96.29 23.87 13.90
N ILE M 203 97.21 22.96 13.62
CA ILE M 203 98.45 23.38 12.92
C ILE M 203 98.01 23.43 11.47
N ILE M 204 98.13 24.59 10.83
CA ILE M 204 97.59 24.80 9.50
C ILE M 204 98.75 25.10 8.55
N TRP M 205 98.81 24.33 7.47
CA TRP M 205 99.79 24.57 6.42
C TRP M 205 99.39 25.80 5.64
N ALA M 206 100.27 26.80 5.58
CA ALA M 206 100.01 28.07 4.92
C ALA M 206 101.16 28.38 3.98
N PRO M 207 101.17 27.80 2.77
CA PRO M 207 102.32 27.94 1.89
C PRO M 207 102.53 29.33 1.31
N ALA M 208 101.57 30.23 1.39
CA ALA M 208 101.76 31.55 0.81
C ALA M 208 102.47 32.52 1.75
N ILE M 209 102.26 32.37 3.06
CA ILE M 209 102.76 33.32 4.04
C ILE M 209 104.27 33.18 4.25
N ASP M 210 104.85 34.18 4.90
CA ASP M 210 106.19 34.09 5.45
C ASP M 210 106.09 33.91 6.96
N GLY M 211 107.12 33.27 7.52
CA GLY M 211 107.15 33.06 8.96
C GLY M 211 106.03 32.24 9.54
N ALA M 212 105.42 32.74 10.59
CA ALA M 212 104.34 32.01 11.24
C ALA M 212 103.36 32.99 11.85
N PHE M 213 102.17 32.48 12.14
CA PHE M 213 101.14 33.34 12.76
C PHE M 213 100.42 32.51 13.81
N VAL M 214 100.27 33.06 15.00
CA VAL M 214 99.46 32.37 16.03
C VAL M 214 98.28 33.28 16.29
N LEU M 215 97.07 32.75 16.34
CA LEU M 215 95.94 33.66 16.49
C LEU M 215 94.71 32.93 17.01
N THR M 216 93.77 33.68 17.57
CA THR M 216 92.53 33.13 18.09
C THR M 216 91.47 33.01 16.99
N THR M 217 90.66 31.96 17.09
CA THR M 217 89.57 31.78 16.14
C THR M 217 88.24 31.85 16.85
N ARG M 218 88.17 32.72 17.87
CA ARG M 218 86.93 32.87 18.62
C ARG M 218 85.83 33.54 17.79
N GLY M 219 86.19 34.27 16.75
CA GLY M 219 85.20 34.92 15.92
C GLY M 219 85.21 36.41 16.11
N GLY M 220 84.78 37.12 15.08
CA GLY M 220 84.59 38.56 15.15
C GLY M 220 85.84 39.39 15.16
N ASP M 221 87.02 38.81 14.92
CA ASP M 221 88.25 39.58 14.97
C ASP M 221 88.80 39.87 13.58
N PHE M 222 88.61 38.95 12.65
CA PHE M 222 89.18 39.03 11.32
C PHE M 222 88.06 38.76 10.34
N ASP M 223 87.89 39.64 9.35
CA ASP M 223 86.71 39.58 8.49
C ASP M 223 87.15 39.71 7.04
N LEU M 224 86.88 38.68 6.25
CA LEU M 224 87.11 38.71 4.82
C LEU M 224 85.78 39.03 4.14
N GLN M 225 85.71 40.13 3.42
CA GLN M 225 84.51 40.52 2.72
C GLN M 225 84.60 40.18 1.24
N LEU M 226 83.65 39.40 0.79
CA LEU M 226 83.61 39.01 -0.60
C LEU M 226 82.50 39.66 -1.34
N GLY M 227 82.80 40.27 -2.48
CA GLY M 227 81.70 40.77 -3.31
C GLY M 227 81.25 39.54 -4.06
N THR M 228 82.19 38.93 -4.79
CA THR M 228 81.89 37.67 -5.51
C THR M 228 82.99 36.66 -5.20
N ASP M 229 82.60 35.40 -4.96
CA ASP M 229 83.59 34.33 -4.69
C ASP M 229 84.32 33.94 -5.99
N VAL M 230 85.20 32.95 -5.92
CA VAL M 230 86.01 32.52 -7.09
C VAL M 230 85.12 32.03 -8.23
N ALA M 231 85.33 32.57 -9.43
CA ALA M 231 84.57 32.18 -10.60
C ALA M 231 85.51 32.02 -11.78
N ILE M 232 85.12 31.21 -12.75
CA ILE M 232 85.91 31.00 -13.95
C ILE M 232 85.23 31.71 -15.11
N GLY M 233 85.97 32.57 -15.82
CA GLY M 233 85.45 33.34 -16.92
C GLY M 233 86.23 33.12 -18.20
N TYR M 234 85.59 33.47 -19.31
CA TYR M 234 86.14 33.24 -20.65
C TYR M 234 86.63 34.55 -21.25
N ALA M 235 87.88 34.55 -21.73
CA ALA M 235 88.45 35.79 -22.32
C ALA M 235 88.38 35.71 -23.85
N SER M 236 89.14 34.79 -24.45
CA SER M 236 89.20 34.66 -25.90
C SER M 236 89.71 33.27 -26.28
N HIS M 237 89.65 32.93 -27.57
CA HIS M 237 90.06 31.57 -28.02
C HIS M 237 90.62 31.60 -29.44
N ASP M 238 91.45 30.62 -29.79
CA ASP M 238 91.96 30.48 -31.18
C ASP M 238 91.75 29.02 -31.57
N THR M 239 92.40 28.55 -32.63
CA THR M 239 92.21 27.15 -33.09
C THR M 239 92.84 26.20 -32.08
N ASP M 240 93.87 26.62 -31.38
CA ASP M 240 94.57 25.69 -30.51
C ASP M 240 94.24 25.82 -29.03
N THR M 241 93.92 27.02 -28.56
CA THR M 241 93.87 27.26 -27.12
C THR M 241 92.65 28.08 -26.76
N VAL M 242 92.25 27.98 -25.50
CA VAL M 242 91.22 28.81 -24.90
C VAL M 242 91.85 29.57 -23.74
N ARG M 243 91.76 30.90 -23.78
CA ARG M 243 92.17 31.74 -22.67
C ARG M 243 90.99 31.95 -21.72
N LEU M 244 91.18 31.57 -20.46
CA LEU M 244 90.18 31.79 -19.46
C LEU M 244 90.82 32.51 -18.28
N TYR M 245 90.08 32.73 -17.20
CA TYR M 245 90.64 33.35 -16.02
C TYR M 245 89.89 32.88 -14.78
N LEU M 246 90.58 32.97 -13.66
CA LEU M 246 89.98 32.84 -12.35
C LEU M 246 89.83 34.24 -11.77
N GLN M 247 88.72 34.48 -11.08
CA GLN M 247 88.45 35.85 -10.68
C GLN M 247 87.70 35.86 -9.36
N GLU M 248 88.11 36.76 -8.47
CA GLU M 248 87.42 36.96 -7.21
C GLU M 248 87.61 38.39 -6.76
N THR M 249 86.60 38.95 -6.09
CA THR M 249 86.70 40.31 -5.60
C THR M 249 86.43 40.37 -4.10
N LEU M 250 87.31 41.07 -3.39
CA LEU M 250 87.33 40.97 -1.93
C LEU M 250 88.02 42.19 -1.32
N THR M 251 87.82 42.33 -0.01
CA THR M 251 88.68 43.14 0.84
C THR M 251 88.84 42.39 2.16
N PHE M 252 89.82 42.80 2.96
CA PHE M 252 90.03 42.19 4.26
C PHE M 252 90.11 43.26 5.34
N LEU M 253 89.46 42.99 6.47
CA LEU M 253 89.41 43.91 7.60
C LEU M 253 89.91 43.17 8.84
N CYS M 254 90.75 43.82 9.62
CA CYS M 254 91.13 43.32 10.94
C CYS M 254 90.57 44.28 11.99
N TYR M 255 89.61 43.79 12.77
CA TYR M 255 88.98 44.62 13.79
C TYR M 255 89.73 44.62 15.11
N THR M 256 90.46 43.56 15.41
CA THR M 256 91.05 43.37 16.72
C THR M 256 92.57 43.27 16.57
N ALA M 257 93.28 44.29 17.05
CA ALA M 257 94.71 44.37 16.80
C ALA M 257 95.50 43.39 17.65
N GLU M 258 94.98 42.99 18.81
CA GLU M 258 95.76 42.19 19.74
C GLU M 258 95.44 40.70 19.65
N ALA M 259 94.74 40.27 18.61
CA ALA M 259 94.31 38.89 18.49
C ALA M 259 95.31 38.01 17.73
N SER M 260 96.53 38.48 17.50
CA SER M 260 97.47 37.71 16.69
C SER M 260 98.91 38.05 17.04
N VAL M 261 99.80 37.08 16.80
CA VAL M 261 101.24 37.25 16.88
C VAL M 261 101.86 36.79 15.56
N ALA M 262 102.69 37.64 14.97
CA ALA M 262 103.43 37.33 13.75
C ALA M 262 104.86 36.94 14.10
N LEU M 263 105.38 35.98 13.34
CA LEU M 263 106.73 35.52 13.56
C LEU M 263 107.47 35.59 12.23
N SER M 264 108.76 35.88 12.27
CA SER M 264 109.57 36.02 11.08
C SER M 264 110.89 35.30 11.29
N HIS M 265 111.66 35.19 10.21
CA HIS M 265 112.96 34.54 10.27
C HIS M 265 114.08 35.54 10.53
N MET N 1 24.36 -54.78 -53.08
CA MET N 1 25.46 -54.46 -53.98
C MET N 1 24.97 -54.01 -55.35
N ASN N 2 25.92 -53.64 -56.21
CA ASN N 2 25.57 -53.17 -57.56
C ASN N 2 26.22 -54.03 -58.66
N ASN N 3 26.29 -53.49 -59.88
CA ASN N 3 26.89 -54.26 -60.97
C ASN N 3 28.42 -54.35 -60.88
N LEU N 4 29.09 -53.44 -60.19
CA LEU N 4 30.52 -53.57 -59.95
C LEU N 4 30.89 -54.81 -59.12
N TYR N 5 29.97 -55.31 -58.30
CA TYR N 5 30.24 -56.46 -57.43
C TYR N 5 31.57 -56.29 -56.69
N ARG N 6 31.75 -55.10 -56.12
CA ARG N 6 33.05 -54.69 -55.61
C ARG N 6 33.43 -55.45 -54.35
N ASP N 7 32.44 -55.76 -53.50
CA ASP N 7 32.69 -56.48 -52.27
C ASP N 7 33.06 -57.94 -52.50
N LEU N 8 32.80 -58.47 -53.69
CA LEU N 8 33.19 -59.83 -53.98
C LEU N 8 34.66 -59.95 -54.37
N ALA N 9 35.31 -58.83 -54.70
CA ALA N 9 36.70 -58.88 -55.11
C ALA N 9 37.61 -59.10 -53.91
N PRO N 10 38.61 -59.98 -54.03
CA PRO N 10 39.60 -60.14 -52.94
C PRO N 10 40.65 -59.04 -52.93
N VAL N 11 40.18 -57.83 -52.65
CA VAL N 11 40.99 -56.63 -52.64
C VAL N 11 40.75 -55.94 -51.31
N THR N 12 41.81 -55.60 -50.61
CA THR N 12 41.67 -54.94 -49.32
C THR N 12 41.30 -53.47 -49.51
N GLU N 13 40.92 -52.84 -48.41
CA GLU N 13 40.48 -51.45 -48.44
C GLU N 13 41.62 -50.51 -48.83
N ALA N 14 42.81 -50.75 -48.28
CA ALA N 14 43.97 -49.93 -48.61
C ALA N 14 44.40 -50.11 -50.06
N ALA N 15 44.37 -51.36 -50.53
CA ALA N 15 44.64 -51.64 -51.92
C ALA N 15 43.61 -51.00 -52.83
N TRP N 16 42.34 -51.00 -52.41
CA TRP N 16 41.30 -50.33 -53.19
C TRP N 16 41.55 -48.83 -53.30
N ALA N 17 41.94 -48.20 -52.19
CA ALA N 17 42.24 -46.77 -52.22
C ALA N 17 43.42 -46.46 -53.13
N GLU N 18 44.45 -47.30 -53.11
CA GLU N 18 45.58 -47.09 -54.03
C GLU N 18 45.19 -47.28 -55.49
N ILE N 19 44.35 -48.27 -55.78
CA ILE N 19 43.90 -48.52 -57.16
C ILE N 19 43.03 -47.36 -57.65
N GLU N 20 42.12 -46.87 -56.81
CA GLU N 20 41.27 -45.73 -57.18
C GLU N 20 42.09 -44.48 -57.44
N LEU N 21 43.08 -44.23 -56.58
CA LEU N 21 43.95 -43.07 -56.76
C LEU N 21 44.75 -43.16 -58.05
N GLU N 22 45.32 -44.33 -58.32
CA GLU N 22 46.14 -44.51 -59.53
C GLU N 22 45.31 -44.36 -60.79
N ALA N 23 44.10 -44.95 -60.82
CA ALA N 23 43.24 -44.87 -61.98
C ALA N 23 42.74 -43.46 -62.22
N ALA N 24 42.31 -42.76 -61.15
CA ALA N 24 41.83 -41.39 -61.30
C ALA N 24 42.93 -40.46 -61.76
N ARG N 25 44.13 -40.61 -61.20
CA ARG N 25 45.25 -39.77 -61.59
C ARG N 25 45.63 -39.97 -63.05
N THR N 26 45.82 -41.22 -63.46
CA THR N 26 46.27 -41.48 -64.82
C THR N 26 45.21 -41.07 -65.84
N PHE N 27 43.94 -41.23 -65.51
CA PHE N 27 42.86 -40.81 -66.39
C PHE N 27 42.81 -39.29 -66.62
N LYS N 28 42.81 -38.50 -65.55
CA LYS N 28 42.79 -37.05 -65.69
C LYS N 28 43.94 -36.54 -66.54
N ARG N 29 45.15 -37.04 -66.29
CA ARG N 29 46.32 -36.63 -67.04
C ARG N 29 46.15 -36.85 -68.52
N HIS N 30 45.47 -37.92 -68.88
CA HIS N 30 45.34 -38.25 -70.32
C HIS N 30 44.03 -37.75 -70.90
N ILE N 31 43.18 -37.09 -70.11
CA ILE N 31 42.00 -36.54 -70.76
C ILE N 31 42.24 -35.10 -71.19
N ALA N 32 41.98 -34.83 -72.47
CA ALA N 32 41.97 -33.48 -73.00
C ALA N 32 40.55 -33.02 -73.31
N GLY N 33 39.66 -33.98 -73.60
CA GLY N 33 38.34 -33.64 -74.11
C GLY N 33 37.44 -32.97 -73.09
N ARG N 34 37.50 -33.41 -71.83
CA ARG N 34 36.64 -32.85 -70.80
C ARG N 34 37.04 -31.43 -70.41
N ARG N 35 38.25 -31.02 -70.74
CA ARG N 35 38.68 -29.65 -70.43
C ARG N 35 38.03 -28.63 -71.36
N VAL N 36 37.55 -29.04 -72.52
CA VAL N 36 37.01 -28.11 -73.50
C VAL N 36 35.52 -28.27 -73.75
N VAL N 37 34.93 -29.43 -73.50
CA VAL N 37 33.54 -29.66 -73.83
C VAL N 37 32.71 -29.51 -72.56
N ASP N 38 31.42 -29.29 -72.74
CA ASP N 38 30.50 -29.32 -71.62
C ASP N 38 30.26 -30.75 -71.20
N VAL N 39 30.39 -31.03 -69.91
CA VAL N 39 30.24 -32.36 -69.36
C VAL N 39 29.03 -32.35 -68.46
N SER N 40 28.06 -33.20 -68.78
CA SER N 40 26.82 -33.24 -68.03
C SER N 40 27.02 -33.96 -66.70
N ASP N 41 26.03 -33.83 -65.84
CA ASP N 41 25.99 -34.70 -64.67
C ASP N 41 25.68 -36.12 -65.10
N PRO N 42 26.12 -37.12 -64.34
CA PRO N 42 25.74 -38.51 -64.65
C PRO N 42 24.24 -38.75 -64.57
N GLY N 43 23.66 -39.24 -65.65
CA GLY N 43 22.24 -39.55 -65.69
C GLY N 43 21.87 -40.68 -64.76
N GLY N 44 22.73 -41.68 -64.67
CA GLY N 44 22.43 -42.83 -63.84
C GLY N 44 22.45 -44.08 -64.68
N PRO N 45 22.34 -45.24 -64.04
CA PRO N 45 22.40 -46.50 -64.78
C PRO N 45 21.23 -46.73 -65.72
N VAL N 46 20.06 -46.15 -65.45
CA VAL N 46 18.89 -46.45 -66.26
C VAL N 46 18.89 -45.63 -67.54
N THR N 47 19.71 -44.59 -67.60
CA THR N 47 19.74 -43.69 -68.74
C THR N 47 20.32 -44.40 -69.95
N ALA N 48 19.60 -44.36 -71.06
CA ALA N 48 19.97 -45.18 -72.22
C ALA N 48 20.15 -44.35 -73.49
N ALA N 49 19.48 -43.21 -73.58
CA ALA N 49 19.52 -42.41 -74.80
C ALA N 49 19.33 -40.95 -74.45
N VAL N 50 19.79 -40.10 -75.36
CA VAL N 50 19.63 -38.66 -75.24
C VAL N 50 18.72 -38.20 -76.37
N SER N 51 17.67 -37.47 -76.01
CA SER N 51 16.76 -36.92 -77.00
C SER N 51 17.45 -35.81 -77.79
N THR N 52 17.32 -35.85 -79.10
CA THR N 52 17.81 -34.77 -79.95
C THR N 52 16.73 -33.75 -80.27
N GLY N 53 15.46 -34.13 -80.04
CA GLY N 53 14.34 -33.20 -80.28
C GLY N 53 13.92 -33.19 -81.73
N ARG N 54 14.50 -34.04 -82.58
CA ARG N 54 14.07 -34.10 -84.00
C ARG N 54 12.99 -35.17 -84.20
N LEU N 55 12.42 -35.26 -85.40
CA LEU N 55 11.30 -36.20 -85.70
C LEU N 55 11.60 -36.98 -86.99
N ILE N 56 11.22 -38.25 -87.05
CA ILE N 56 11.47 -39.08 -88.21
C ILE N 56 10.16 -39.57 -88.82
N ASP N 57 9.92 -39.23 -90.09
CA ASP N 57 8.70 -39.65 -90.77
C ASP N 57 8.57 -41.17 -90.90
N VAL N 58 7.47 -41.72 -90.40
CA VAL N 58 7.24 -43.17 -90.56
C VAL N 58 5.96 -43.45 -91.33
N LYS N 59 5.89 -44.63 -91.95
CA LYS N 59 4.71 -45.00 -92.73
C LYS N 59 3.43 -44.89 -91.92
N ALA N 60 2.52 -44.02 -92.33
CA ALA N 60 1.26 -43.79 -91.61
C ALA N 60 0.58 -45.08 -91.14
N PRO N 61 0.26 -45.16 -89.83
CA PRO N 61 -0.41 -46.35 -89.29
C PRO N 61 -1.72 -46.58 -90.01
N THR N 62 -2.58 -45.56 -90.04
CA THR N 62 -3.84 -45.66 -90.76
C THR N 62 -4.12 -44.39 -91.55
N ASN N 63 -5.28 -44.34 -92.20
CA ASN N 63 -5.66 -43.17 -92.97
C ASN N 63 -5.90 -41.97 -92.05
N GLY N 64 -5.35 -40.82 -92.42
CA GLY N 64 -5.54 -39.62 -91.63
C GLY N 64 -4.70 -39.54 -90.37
N VAL N 65 -3.79 -40.49 -90.19
CA VAL N 65 -2.90 -40.46 -89.04
C VAL N 65 -1.53 -40.08 -89.50
N ILE N 66 -0.90 -39.15 -88.81
CA ILE N 66 0.43 -38.73 -89.16
C ILE N 66 1.31 -39.15 -88.02
N ALA N 67 2.30 -39.97 -88.32
CA ALA N 67 3.17 -40.50 -87.28
C ALA N 67 4.60 -40.08 -87.42
N HIS N 68 5.24 -39.83 -86.31
CA HIS N 68 6.64 -39.50 -86.34
C HIS N 68 7.37 -40.14 -85.19
N LEU N 69 8.52 -40.71 -85.48
CA LEU N 69 9.37 -41.27 -84.44
C LEU N 69 10.24 -40.19 -83.83
N ARG N 70 10.37 -40.20 -82.51
CA ARG N 70 11.32 -39.31 -81.86
C ARG N 70 12.74 -39.81 -82.09
N ALA N 71 13.62 -38.92 -82.52
CA ALA N 71 15.02 -39.25 -82.72
C ALA N 71 15.78 -39.17 -81.39
N SER N 72 16.80 -40.01 -81.27
CA SER N 72 17.62 -40.02 -80.07
C SER N 72 19.00 -40.57 -80.41
N LYS N 73 19.92 -40.42 -79.46
CA LYS N 73 21.28 -40.92 -79.57
C LYS N 73 21.50 -41.95 -78.48
N PRO N 74 21.93 -43.17 -78.81
CA PRO N 74 22.18 -44.17 -77.76
C PRO N 74 23.50 -43.92 -77.04
N LEU N 75 23.51 -44.21 -75.75
CA LEU N 75 24.76 -44.28 -75.01
C LEU N 75 25.52 -45.54 -75.39
N VAL N 76 26.83 -45.49 -75.25
CA VAL N 76 27.69 -46.64 -75.41
C VAL N 76 28.41 -46.87 -74.09
N ARG N 77 28.45 -48.12 -73.64
CA ARG N 77 29.22 -48.49 -72.47
C ARG N 77 30.57 -49.04 -72.91
N LEU N 78 31.63 -48.46 -72.39
CA LEU N 78 33.00 -48.76 -72.76
C LEU N 78 33.66 -49.40 -71.55
N ARG N 79 34.19 -50.60 -71.76
CA ARG N 79 34.78 -51.39 -70.69
C ARG N 79 36.18 -51.81 -71.09
N VAL N 80 37.14 -51.56 -70.21
CA VAL N 80 38.52 -51.96 -70.39
C VAL N 80 38.89 -52.89 -69.25
N PRO N 81 38.97 -54.20 -69.51
CA PRO N 81 39.42 -55.12 -68.47
C PRO N 81 40.92 -55.02 -68.24
N PHE N 82 41.33 -55.35 -67.01
CA PHE N 82 42.74 -55.40 -66.67
C PHE N 82 42.92 -56.41 -65.54
N THR N 83 44.17 -56.83 -65.35
CA THR N 83 44.49 -57.95 -64.49
C THR N 83 45.56 -57.55 -63.47
N LEU N 84 45.28 -57.78 -62.20
CA LEU N 84 46.19 -57.42 -61.12
C LEU N 84 46.75 -58.66 -60.44
N SER N 85 48.04 -58.61 -60.12
CA SER N 85 48.65 -59.63 -59.28
C SER N 85 48.12 -59.53 -57.85
N ARG N 86 47.76 -60.68 -57.28
CA ARG N 86 47.26 -60.69 -55.91
C ARG N 86 48.37 -60.49 -54.89
N ASN N 87 49.61 -60.83 -55.25
CA ASN N 87 50.76 -60.54 -54.40
C ASN N 87 50.95 -59.04 -54.23
N GLU N 88 50.82 -58.27 -55.32
CA GLU N 88 50.92 -56.82 -55.24
C GLU N 88 49.79 -56.23 -54.38
N ILE N 89 48.60 -56.82 -54.46
CA ILE N 89 47.47 -56.38 -53.64
C ILE N 89 47.76 -56.67 -52.17
N ASP N 90 48.28 -57.86 -51.86
CA ASP N 90 48.61 -58.23 -50.50
C ASP N 90 49.76 -57.41 -49.91
N ASP N 91 50.65 -56.91 -50.77
CA ASP N 91 51.77 -56.08 -50.32
C ASP N 91 51.33 -54.78 -49.68
N VAL N 92 50.15 -54.27 -50.05
CA VAL N 92 49.73 -52.93 -49.64
C VAL N 92 49.45 -52.86 -48.14
N GLU N 93 48.83 -53.90 -47.59
CA GLU N 93 48.52 -53.87 -46.14
C GLU N 93 49.81 -54.00 -45.34
N ARG N 94 50.79 -54.75 -45.85
CA ARG N 94 52.07 -54.85 -45.17
C ARG N 94 52.88 -53.56 -45.22
N GLY N 95 52.45 -52.56 -45.99
CA GLY N 95 53.12 -51.28 -46.03
C GLY N 95 53.94 -51.00 -47.26
N SER N 96 53.84 -51.82 -48.30
CA SER N 96 54.53 -51.52 -49.55
C SER N 96 53.93 -50.28 -50.20
N LYS N 97 54.79 -49.48 -50.84
CA LYS N 97 54.36 -48.29 -51.55
C LYS N 97 54.81 -48.30 -52.99
N ASP N 98 55.28 -49.45 -53.48
CA ASP N 98 55.68 -49.58 -54.87
C ASP N 98 54.97 -50.74 -55.56
N SER N 99 53.74 -51.03 -55.13
CA SER N 99 52.96 -52.11 -55.73
C SER N 99 52.68 -51.82 -57.19
N ASP N 100 52.77 -52.87 -58.00
CA ASP N 100 52.72 -52.75 -59.45
C ASP N 100 51.31 -52.41 -59.92
N TRP N 101 51.05 -51.13 -60.17
CA TRP N 101 49.74 -50.73 -60.65
C TRP N 101 49.81 -50.38 -62.13
N GLU N 102 50.78 -50.95 -62.83
CA GLU N 102 50.89 -50.72 -64.27
C GLU N 102 49.64 -51.14 -65.07
N PRO N 103 49.00 -52.28 -64.72
CA PRO N 103 47.79 -52.59 -65.51
C PRO N 103 46.70 -51.56 -65.28
N VAL N 104 46.55 -51.07 -64.04
CA VAL N 104 45.58 -50.01 -63.79
C VAL N 104 45.90 -48.78 -64.62
N LYS N 105 47.18 -48.42 -64.71
CA LYS N 105 47.59 -47.26 -65.50
C LYS N 105 47.36 -47.47 -66.98
N GLU N 106 47.62 -48.68 -67.48
CA GLU N 106 47.38 -48.97 -68.88
C GLU N 106 45.89 -48.99 -69.21
N ALA N 107 45.06 -49.50 -68.29
CA ALA N 107 43.62 -49.48 -68.49
C ALA N 107 43.08 -48.05 -68.47
N ALA N 108 43.57 -47.21 -67.56
CA ALA N 108 43.12 -45.82 -67.51
C ALA N 108 43.57 -45.04 -68.74
N LYS N 109 44.79 -45.30 -69.20
CA LYS N 109 45.26 -44.66 -70.42
C LYS N 109 44.46 -45.10 -71.64
N LYS N 110 44.11 -46.38 -71.70
CA LYS N 110 43.34 -46.88 -72.84
C LYS N 110 41.91 -46.36 -72.83
N LEU N 111 41.30 -46.29 -71.63
CA LEU N 111 39.92 -45.74 -71.52
C LEU N 111 39.94 -44.27 -71.91
N ALA N 112 40.92 -43.50 -71.40
CA ALA N 112 41.03 -42.09 -71.74
C ALA N 112 41.23 -41.89 -73.23
N PHE N 113 42.04 -42.75 -73.85
CA PHE N 113 42.27 -42.67 -75.29
C PHE N 113 41.02 -42.95 -76.08
N VAL N 114 40.25 -43.94 -75.65
CA VAL N 114 38.99 -44.23 -76.33
C VAL N 114 38.06 -43.04 -76.21
N GLU N 115 37.87 -42.52 -75.00
CA GLU N 115 36.94 -41.40 -74.82
C GLU N 115 37.34 -40.19 -75.66
N ASP N 116 38.63 -39.85 -75.67
CA ASP N 116 39.07 -38.69 -76.45
C ASP N 116 38.96 -38.92 -77.95
N ARG N 117 39.28 -40.14 -78.41
CA ARG N 117 39.15 -40.44 -79.83
C ARG N 117 37.69 -40.51 -80.25
N THR N 118 36.80 -40.87 -79.33
CA THR N 118 35.38 -40.86 -79.62
C THR N 118 34.86 -39.43 -79.73
N ILE N 119 35.29 -38.54 -78.83
CA ILE N 119 34.86 -37.15 -78.89
C ILE N 119 35.40 -36.47 -80.16
N PHE N 120 36.65 -36.69 -80.51
CA PHE N 120 37.25 -35.89 -81.58
C PHE N 120 37.22 -36.57 -82.94
N GLU N 121 37.20 -37.89 -83.02
CA GLU N 121 37.21 -38.59 -84.29
C GLU N 121 35.94 -39.40 -84.53
N GLY N 122 35.07 -39.45 -83.56
CA GLY N 122 33.85 -40.21 -83.69
C GLY N 122 33.91 -41.70 -83.56
N TYR N 123 32.74 -42.31 -83.42
CA TYR N 123 32.65 -43.74 -83.30
C TYR N 123 31.39 -44.02 -84.06
N SER N 124 31.52 -44.35 -85.33
CA SER N 124 30.36 -44.56 -86.19
C SER N 124 29.39 -45.64 -85.72
N ALA N 125 29.90 -46.74 -85.20
CA ALA N 125 29.06 -47.83 -84.72
C ALA N 125 28.16 -47.38 -83.59
N ALA N 126 28.61 -46.41 -82.79
CA ALA N 126 27.80 -45.83 -81.74
C ALA N 126 27.03 -44.59 -82.20
N SER N 127 27.01 -44.32 -83.50
CA SER N 127 26.34 -43.16 -84.12
C SER N 127 26.84 -41.84 -83.56
N ILE N 128 28.14 -41.76 -83.30
CA ILE N 128 28.76 -40.55 -82.79
C ILE N 128 29.62 -39.97 -83.90
N GLU N 129 29.32 -38.75 -84.31
CA GLU N 129 30.14 -38.03 -85.25
C GLU N 129 31.19 -37.24 -84.48
N GLY N 130 32.44 -37.33 -84.92
CA GLY N 130 33.50 -36.60 -84.26
C GLY N 130 33.43 -35.11 -84.54
N ILE N 131 34.21 -34.36 -83.76
CA ILE N 131 34.36 -32.93 -83.98
C ILE N 131 35.00 -32.66 -85.34
N ARG N 132 35.95 -33.51 -85.74
CA ARG N 132 36.59 -33.37 -87.05
C ARG N 132 35.59 -33.56 -88.19
N SER N 133 34.71 -34.55 -88.07
CA SER N 133 33.73 -34.79 -89.13
C SER N 133 32.59 -33.78 -89.10
N ALA N 134 32.20 -33.31 -87.91
CA ALA N 134 31.08 -32.39 -87.80
C ALA N 134 31.48 -30.93 -87.99
N SER N 135 32.76 -30.65 -88.18
CA SER N 135 33.19 -29.27 -88.39
C SER N 135 32.83 -28.82 -89.80
N SER N 136 32.25 -27.63 -89.91
CA SER N 136 31.95 -27.05 -91.21
C SER N 136 33.06 -26.13 -91.71
N ASN N 137 33.98 -25.73 -90.85
CA ASN N 137 35.12 -24.93 -91.28
C ASN N 137 36.10 -25.78 -92.08
N PRO N 138 36.85 -25.19 -93.01
CA PRO N 138 37.78 -25.98 -93.82
C PRO N 138 38.90 -26.59 -93.00
N ALA N 139 39.35 -27.76 -93.45
CA ALA N 139 40.45 -28.46 -92.80
C ALA N 139 41.77 -27.92 -93.31
N LEU N 140 42.76 -27.90 -92.42
CA LEU N 140 44.08 -27.37 -92.74
C LEU N 140 45.12 -28.47 -92.64
N THR N 141 46.23 -28.27 -93.33
CA THR N 141 47.34 -29.21 -93.31
C THR N 141 48.44 -28.66 -92.44
N LEU N 142 48.91 -29.47 -91.48
CA LEU N 142 50.02 -29.06 -90.63
C LEU N 142 51.31 -29.25 -91.39
N PRO N 143 52.19 -28.24 -91.34
CA PRO N 143 53.45 -28.32 -92.09
C PRO N 143 54.47 -29.24 -91.43
N GLU N 144 55.50 -29.61 -92.18
CA GLU N 144 56.54 -30.48 -91.64
C GLU N 144 57.42 -29.75 -90.64
N ASP N 145 57.80 -28.51 -90.96
CA ASP N 145 58.65 -27.72 -90.08
C ASP N 145 57.83 -27.23 -88.89
N PRO N 146 58.24 -27.53 -87.66
CA PRO N 146 57.52 -27.00 -86.49
C PRO N 146 57.54 -25.49 -86.38
N ARG N 147 58.54 -24.81 -86.93
CA ARG N 147 58.58 -23.35 -86.92
C ARG N 147 57.48 -22.73 -87.77
N GLU N 148 56.91 -23.50 -88.70
CA GLU N 148 55.77 -23.08 -89.48
C GLU N 148 54.44 -23.52 -88.88
N ILE N 149 54.45 -24.16 -87.70
CA ILE N 149 53.18 -24.51 -87.06
C ILE N 149 52.36 -23.26 -86.65
N PRO N 150 52.96 -22.31 -85.90
CA PRO N 150 52.12 -21.17 -85.48
C PRO N 150 51.45 -20.42 -86.63
N ASP N 151 52.05 -20.40 -87.82
CA ASP N 151 51.43 -19.74 -88.95
C ASP N 151 50.09 -20.39 -89.28
N VAL N 152 50.11 -21.69 -89.56
CA VAL N 152 48.89 -22.42 -89.92
C VAL N 152 47.84 -22.34 -88.81
N ILE N 153 48.26 -22.49 -87.56
CA ILE N 153 47.35 -22.34 -86.43
C ILE N 153 46.65 -20.98 -86.49
N SER N 154 47.39 -19.92 -86.81
CA SER N 154 46.80 -18.56 -86.94
C SER N 154 45.77 -18.52 -88.07
N GLN N 155 45.98 -19.28 -89.15
CA GLN N 155 44.99 -19.37 -90.23
C GLN N 155 43.72 -20.02 -89.72
N ALA N 156 43.85 -21.02 -88.85
CA ALA N 156 42.69 -21.61 -88.19
C ALA N 156 41.96 -20.59 -87.33
N LEU N 157 42.73 -19.72 -86.64
CA LEU N 157 42.13 -18.65 -85.88
C LEU N 157 41.44 -17.63 -86.79
N SER N 158 41.86 -17.55 -88.05
CA SER N 158 41.13 -16.71 -88.99
C SER N 158 39.75 -17.30 -89.28
N GLU N 159 39.67 -18.63 -89.39
CA GLU N 159 38.46 -19.27 -89.86
C GLU N 159 37.33 -19.16 -88.83
N LEU N 160 37.64 -19.40 -87.56
CA LEU N 160 36.69 -19.13 -86.48
C LEU N 160 36.31 -17.67 -86.40
N ARG N 161 37.20 -16.77 -86.83
CA ARG N 161 36.82 -15.38 -86.89
C ARG N 161 35.91 -15.11 -88.08
N LEU N 162 36.14 -15.82 -89.19
CA LEU N 162 35.26 -15.69 -90.35
C LEU N 162 33.94 -16.42 -90.13
N ALA N 163 33.89 -17.35 -89.18
CA ALA N 163 32.65 -18.03 -88.85
C ALA N 163 31.78 -17.24 -87.90
N GLY N 164 32.25 -16.08 -87.42
CA GLY N 164 31.49 -15.29 -86.45
C GLY N 164 31.38 -16.02 -85.13
N VAL N 165 32.51 -16.20 -84.43
CA VAL N 165 32.49 -16.94 -83.17
C VAL N 165 33.33 -16.21 -82.12
N ASP N 166 32.81 -16.09 -80.90
CA ASP N 166 33.56 -15.47 -79.82
C ASP N 166 34.09 -16.51 -78.83
N GLY N 167 34.56 -16.06 -77.68
CA GLY N 167 35.02 -16.98 -76.65
C GLY N 167 36.50 -17.29 -76.63
N PRO N 168 36.99 -17.84 -75.50
CA PRO N 168 38.40 -18.18 -75.39
C PRO N 168 38.68 -19.33 -76.36
N TYR N 169 39.59 -19.19 -77.30
CA TYR N 169 39.91 -20.30 -78.17
C TYR N 169 40.96 -21.24 -77.57
N SER N 170 40.85 -22.54 -77.80
CA SER N 170 41.88 -23.40 -77.21
C SER N 170 42.47 -24.33 -78.27
N VAL N 171 43.77 -24.60 -78.18
CA VAL N 171 44.42 -25.43 -79.18
C VAL N 171 44.78 -26.76 -78.54
N LEU N 172 44.36 -27.85 -79.19
CA LEU N 172 44.67 -29.18 -78.70
C LEU N 172 45.59 -29.80 -79.73
N LEU N 173 46.69 -30.40 -79.29
CA LEU N 173 47.68 -30.95 -80.18
C LEU N 173 47.82 -32.44 -79.95
N SER N 174 48.11 -33.17 -81.02
CA SER N 174 48.50 -34.55 -80.87
C SER N 174 49.87 -34.63 -80.21
N ALA N 175 50.19 -35.82 -79.69
CA ALA N 175 51.44 -36.03 -78.97
C ALA N 175 52.66 -35.81 -79.84
N ASP N 176 52.58 -36.19 -81.12
CA ASP N 176 53.65 -35.90 -82.07
C ASP N 176 53.82 -34.41 -82.27
N VAL N 177 52.72 -33.69 -82.46
CA VAL N 177 52.78 -32.25 -82.70
C VAL N 177 53.19 -31.51 -81.43
N TYR N 178 52.69 -31.97 -80.27
CA TYR N 178 53.06 -31.36 -79.00
C TYR N 178 54.56 -31.54 -78.72
N THR N 179 55.08 -32.73 -79.01
CA THR N 179 56.52 -32.98 -78.86
C THR N 179 57.32 -32.11 -79.83
N LYS N 180 56.87 -31.99 -81.08
CA LYS N 180 57.58 -31.19 -82.07
C LYS N 180 57.62 -29.71 -81.70
N VAL N 181 56.51 -29.16 -81.22
CA VAL N 181 56.53 -27.74 -80.83
C VAL N 181 57.10 -27.53 -79.45
N SER N 182 57.29 -28.60 -78.68
CA SER N 182 57.94 -28.49 -77.38
C SER N 182 59.46 -28.52 -77.49
N GLU N 183 59.99 -29.35 -78.38
CA GLU N 183 61.42 -29.58 -78.45
C GLU N 183 62.14 -28.63 -79.38
N THR N 184 61.43 -27.98 -80.29
CA THR N 184 62.02 -26.97 -81.15
C THR N 184 61.89 -25.62 -80.47
N SER N 185 62.96 -24.84 -80.49
CA SER N 185 62.98 -23.57 -79.79
C SER N 185 63.37 -22.44 -80.74
N ASP N 186 62.85 -21.26 -80.46
CA ASP N 186 63.21 -20.06 -81.21
C ASP N 186 63.27 -18.89 -80.24
N HIS N 187 64.44 -18.26 -80.17
CA HIS N 187 64.71 -17.07 -79.35
C HIS N 187 64.39 -17.29 -77.88
N GLY N 188 64.87 -18.42 -77.35
CA GLY N 188 64.75 -18.69 -75.93
C GLY N 188 63.41 -19.23 -75.48
N TYR N 189 62.50 -19.50 -76.39
CA TYR N 189 61.23 -20.11 -76.05
C TYR N 189 60.95 -21.25 -77.02
N PRO N 190 60.34 -22.32 -76.56
CA PRO N 190 59.83 -23.32 -77.49
C PRO N 190 58.63 -22.79 -78.25
N ILE N 191 58.30 -23.48 -79.36
CA ILE N 191 57.22 -23.06 -80.23
C ILE N 191 55.86 -23.17 -79.52
N ARG N 192 55.78 -24.02 -78.49
CA ARG N 192 54.58 -24.10 -77.66
C ARG N 192 54.24 -22.77 -77.01
N GLU N 193 55.26 -22.02 -76.59
CA GLU N 193 55.03 -20.68 -76.05
C GLU N 193 54.52 -19.73 -77.13
N HIS N 194 55.05 -19.85 -78.36
CA HIS N 194 54.55 -19.07 -79.49
C HIS N 194 53.08 -19.36 -79.77
N LEU N 195 52.67 -20.62 -79.63
CA LEU N 195 51.26 -20.96 -79.73
C LEU N 195 50.46 -20.37 -78.58
N ASN N 196 51.06 -20.34 -77.38
CA ASN N 196 50.39 -19.77 -76.22
C ASN N 196 50.13 -18.28 -76.37
N ARG N 197 50.99 -17.57 -77.10
CA ARG N 197 50.76 -16.15 -77.32
C ARG N 197 49.58 -15.86 -78.24
N LEU N 198 49.27 -16.78 -79.16
CA LEU N 198 48.17 -16.57 -80.15
C LEU N 198 46.77 -16.67 -79.53
N VAL N 199 46.60 -17.43 -78.45
CA VAL N 199 45.23 -17.66 -77.91
C VAL N 199 45.09 -17.23 -76.46
N ASP N 200 43.85 -17.02 -76.02
CA ASP N 200 43.56 -16.63 -74.61
C ASP N 200 43.08 -17.87 -73.89
N GLY N 201 43.15 -19.03 -74.56
CA GLY N 201 42.75 -20.30 -73.94
C GLY N 201 43.97 -21.05 -73.48
N ASP N 202 44.14 -22.30 -73.90
CA ASP N 202 45.27 -23.10 -73.37
C ASP N 202 45.86 -24.02 -74.43
N ILE N 203 47.17 -24.20 -74.44
CA ILE N 203 47.73 -25.24 -75.33
C ILE N 203 47.54 -26.53 -74.53
N ILE N 204 46.81 -27.48 -75.08
CA ILE N 204 46.40 -28.67 -74.36
C ILE N 204 47.04 -29.89 -75.02
N TRP N 205 47.75 -30.68 -74.22
CA TRP N 205 48.30 -31.93 -74.70
C TRP N 205 47.18 -32.95 -74.87
N ALA N 206 47.04 -33.48 -76.07
CA ALA N 206 45.97 -34.42 -76.41
C ALA N 206 46.59 -35.64 -77.09
N PRO N 207 47.12 -36.58 -76.32
CA PRO N 207 47.86 -37.70 -76.91
C PRO N 207 47.02 -38.70 -77.70
N ALA N 208 45.70 -38.68 -77.57
CA ALA N 208 44.90 -39.66 -78.29
C ALA N 208 44.57 -39.22 -79.72
N ILE N 209 44.42 -37.92 -79.94
CA ILE N 209 43.96 -37.40 -81.23
C ILE N 209 45.04 -37.48 -82.29
N ASP N 210 44.65 -37.30 -83.55
CA ASP N 210 45.55 -37.03 -84.64
C ASP N 210 45.49 -35.56 -85.00
N GLY N 211 46.59 -35.06 -85.55
CA GLY N 211 46.65 -33.67 -85.97
C GLY N 211 46.46 -32.66 -84.88
N ALA N 212 45.59 -31.69 -85.12
CA ALA N 212 45.38 -30.64 -84.13
C ALA N 212 43.94 -30.15 -84.23
N PHE N 213 43.50 -29.48 -83.17
CA PHE N 213 42.13 -28.94 -83.17
C PHE N 213 42.17 -27.56 -82.53
N VAL N 214 41.57 -26.58 -83.18
CA VAL N 214 41.45 -25.24 -82.54
C VAL N 214 39.97 -25.02 -82.34
N LEU N 215 39.57 -24.56 -81.18
CA LEU N 215 38.11 -24.45 -80.96
C LEU N 215 37.81 -23.48 -79.82
N THR N 216 36.57 -22.99 -79.79
CA THR N 216 36.11 -22.08 -78.77
C THR N 216 35.60 -22.84 -77.54
N THR N 217 35.83 -22.26 -76.37
CA THR N 217 35.34 -22.86 -75.14
C THR N 217 34.32 -21.94 -74.49
N ARG N 218 33.55 -21.23 -75.30
CA ARG N 218 32.55 -20.31 -74.78
C ARG N 218 31.39 -21.04 -74.09
N GLY N 219 31.18 -22.32 -74.42
CA GLY N 219 30.11 -23.06 -73.80
C GLY N 219 28.98 -23.33 -74.76
N GLY N 220 28.27 -24.42 -74.52
CA GLY N 220 27.07 -24.74 -75.26
C GLY N 220 27.28 -25.24 -76.68
N ASP N 221 28.51 -25.55 -77.08
CA ASP N 221 28.75 -25.99 -78.44
C ASP N 221 29.01 -27.48 -78.51
N PHE N 222 29.66 -28.03 -77.49
CA PHE N 222 30.10 -29.42 -77.48
C PHE N 222 29.63 -30.02 -76.16
N ASP N 223 28.96 -31.16 -76.22
CA ASP N 223 28.29 -31.69 -75.04
C ASP N 223 28.61 -33.17 -74.90
N LEU N 224 29.26 -33.54 -73.82
CA LEU N 224 29.51 -34.94 -73.49
C LEU N 224 28.45 -35.38 -72.48
N GLN N 225 27.65 -36.37 -72.84
CA GLN N 225 26.62 -36.88 -71.96
C GLN N 225 27.06 -38.17 -71.30
N LEU N 226 27.05 -38.15 -69.99
CA LEU N 226 27.44 -39.32 -69.23
C LEU N 226 26.28 -39.98 -68.56
N GLY N 227 26.11 -41.27 -68.73
CA GLY N 227 25.10 -41.95 -67.94
C GLY N 227 25.77 -42.20 -66.62
N THR N 228 26.92 -42.89 -66.67
CA THR N 228 27.73 -43.13 -65.45
C THR N 228 29.18 -42.77 -65.74
N ASP N 229 29.84 -42.10 -64.80
CA ASP N 229 31.26 -41.73 -64.95
C ASP N 229 32.14 -42.98 -64.79
N VAL N 230 33.46 -42.80 -64.85
CA VAL N 230 34.42 -43.94 -64.75
C VAL N 230 34.29 -44.67 -63.41
N ALA N 231 34.14 -45.98 -63.47
CA ALA N 231 34.02 -46.80 -62.27
C ALA N 231 34.86 -48.05 -62.43
N ILE N 232 35.28 -48.63 -61.32
CA ILE N 232 36.06 -49.86 -61.34
C ILE N 232 35.19 -51.00 -60.86
N GLY N 233 35.12 -52.07 -61.66
CA GLY N 233 34.28 -53.21 -61.34
C GLY N 233 35.07 -54.50 -61.32
N TYR N 234 34.48 -55.51 -60.68
CA TYR N 234 35.13 -56.79 -60.46
C TYR N 234 34.54 -57.85 -61.37
N ALA N 235 35.41 -58.57 -62.11
CA ALA N 235 34.92 -59.60 -63.04
C ALA N 235 35.06 -60.99 -62.41
N SER N 236 36.30 -61.44 -62.19
CA SER N 236 36.56 -62.77 -61.64
C SER N 236 37.96 -62.80 -61.03
N HIS N 237 38.29 -63.88 -60.32
CA HIS N 237 39.61 -63.99 -59.64
C HIS N 237 40.09 -65.45 -59.56
N ASP N 238 41.39 -65.66 -59.45
CA ASP N 238 41.95 -67.02 -59.24
C ASP N 238 42.94 -66.89 -58.07
N THR N 239 43.80 -67.88 -57.87
CA THR N 239 44.76 -67.85 -56.75
C THR N 239 45.80 -66.76 -56.97
N ASP N 240 46.11 -66.46 -58.23
CA ASP N 240 47.19 -65.52 -58.48
C ASP N 240 46.75 -64.12 -58.85
N THR N 241 45.60 -63.96 -59.51
CA THR N 241 45.26 -62.69 -60.12
C THR N 241 43.81 -62.33 -59.87
N VAL N 242 43.52 -61.04 -59.96
CA VAL N 242 42.16 -60.52 -59.93
C VAL N 242 41.91 -59.80 -61.26
N ARG N 243 40.87 -60.22 -61.97
CA ARG N 243 40.42 -59.51 -63.17
C ARG N 243 39.40 -58.45 -62.79
N LEU N 244 39.71 -57.21 -63.15
CA LEU N 244 38.79 -56.12 -62.90
C LEU N 244 38.58 -55.38 -64.22
N TYR N 245 37.83 -54.29 -64.20
CA TYR N 245 37.62 -53.49 -65.40
C TYR N 245 37.39 -52.03 -65.02
N LEU N 246 37.67 -51.16 -65.96
CA LEU N 246 37.26 -49.77 -65.92
C LEU N 246 36.07 -49.62 -66.86
N GLN N 247 35.09 -48.82 -66.45
CA GLN N 247 33.87 -48.79 -67.22
C GLN N 247 33.25 -47.41 -67.16
N GLU N 248 32.78 -46.94 -68.31
CA GLU N 248 32.07 -45.67 -68.37
C GLU N 248 31.08 -45.72 -69.54
N THR N 249 29.94 -45.05 -69.38
CA THR N 249 28.95 -45.03 -70.44
C THR N 249 28.60 -43.59 -70.82
N LEU N 250 28.60 -43.32 -72.13
CA LEU N 250 28.56 -41.94 -72.61
C LEU N 250 28.05 -41.88 -74.04
N THR N 251 27.71 -40.66 -74.45
CA THR N 251 27.61 -40.29 -75.85
C THR N 251 28.15 -38.87 -75.99
N PHE N 252 28.43 -38.46 -77.22
CA PHE N 252 28.91 -37.11 -77.47
C PHE N 252 28.08 -36.45 -78.55
N LEU N 253 27.75 -35.18 -78.33
CA LEU N 253 26.94 -34.38 -79.24
C LEU N 253 27.71 -33.12 -79.59
N CYS N 254 27.71 -32.76 -80.87
CA CYS N 254 28.22 -31.47 -81.32
C CYS N 254 27.05 -30.66 -81.85
N TYR N 255 26.71 -29.58 -81.15
CA TYR N 255 25.59 -28.74 -81.55
C TYR N 255 25.96 -27.68 -82.57
N THR N 256 27.21 -27.25 -82.57
CA THR N 256 27.64 -26.08 -83.34
C THR N 256 28.73 -26.52 -84.32
N ALA N 257 28.40 -26.53 -85.60
CA ALA N 257 29.31 -27.09 -86.59
C ALA N 257 30.50 -26.18 -86.87
N GLU N 258 30.35 -24.87 -86.67
CA GLU N 258 31.37 -23.92 -87.08
C GLU N 258 32.28 -23.50 -85.94
N ALA N 259 32.22 -24.19 -84.81
CA ALA N 259 32.98 -23.80 -83.63
C ALA N 259 34.36 -24.46 -83.55
N SER N 260 34.84 -25.08 -84.63
CA SER N 260 36.10 -25.79 -84.55
C SER N 260 36.78 -25.88 -85.91
N VAL N 261 38.10 -26.00 -85.89
CA VAL N 261 38.93 -26.30 -87.06
C VAL N 261 39.79 -27.51 -86.74
N ALA N 262 39.77 -28.49 -87.64
CA ALA N 262 40.59 -29.68 -87.56
C ALA N 262 41.80 -29.56 -88.47
N LEU N 263 42.92 -30.09 -88.00
CA LEU N 263 44.15 -30.04 -88.77
C LEU N 263 44.70 -31.45 -88.87
N SER N 264 45.33 -31.76 -89.99
CA SER N 264 45.87 -33.09 -90.24
C SER N 264 47.27 -32.97 -90.82
N HIS N 265 47.94 -34.10 -90.92
CA HIS N 265 49.29 -34.14 -91.48
C HIS N 265 49.26 -34.43 -92.97
N MET O 1 79.18 -24.20 -21.24
CA MET O 1 80.40 -23.92 -20.50
C MET O 1 81.17 -22.74 -21.05
N ASN O 2 82.27 -22.38 -20.37
CA ASN O 2 83.09 -21.25 -20.82
C ASN O 2 84.54 -21.66 -21.11
N ASN O 3 85.45 -20.69 -21.14
CA ASN O 3 86.84 -20.99 -21.43
C ASN O 3 87.56 -21.68 -20.26
N LEU O 4 87.10 -21.53 -19.03
CA LEU O 4 87.66 -22.28 -17.90
C LEU O 4 87.47 -23.79 -18.03
N TYR O 5 86.45 -24.24 -18.76
CA TYR O 5 86.17 -25.67 -18.91
C TYR O 5 86.18 -26.38 -17.55
N ARG O 6 85.51 -25.75 -16.59
CA ARG O 6 85.62 -26.15 -15.19
C ARG O 6 84.96 -27.49 -14.92
N ASP O 7 83.85 -27.76 -15.60
CA ASP O 7 83.14 -29.03 -15.40
C ASP O 7 83.88 -30.22 -15.99
N LEU O 8 84.87 -29.99 -16.85
CA LEU O 8 85.66 -31.09 -17.37
C LEU O 8 86.74 -31.54 -16.40
N ALA O 9 87.06 -30.73 -15.40
CA ALA O 9 88.12 -31.09 -14.46
C ALA O 9 87.64 -32.18 -13.50
N PRO O 10 88.46 -33.19 -13.23
CA PRO O 10 88.10 -34.20 -12.22
C PRO O 10 88.34 -33.70 -10.79
N VAL O 11 87.56 -32.70 -10.42
CA VAL O 11 87.65 -32.04 -9.12
C VAL O 11 86.26 -32.02 -8.53
N THR O 12 86.14 -32.48 -7.29
CA THR O 12 84.83 -32.50 -6.66
C THR O 12 84.43 -31.10 -6.21
N GLU O 13 83.16 -30.97 -5.82
CA GLU O 13 82.62 -29.68 -5.41
C GLU O 13 83.28 -29.17 -4.14
N ALA O 14 83.48 -30.05 -3.17
CA ALA O 14 84.13 -29.66 -1.91
C ALA O 14 85.59 -29.30 -2.14
N ALA O 15 86.28 -30.06 -2.98
CA ALA O 15 87.65 -29.74 -3.35
C ALA O 15 87.71 -28.41 -4.09
N TRP O 16 86.73 -28.13 -4.94
CA TRP O 16 86.67 -26.85 -5.64
C TRP O 16 86.51 -25.69 -4.66
N ALA O 17 85.64 -25.86 -3.67
CA ALA O 17 85.45 -24.81 -2.67
C ALA O 17 86.72 -24.56 -1.87
N GLU O 18 87.44 -25.62 -1.50
CA GLU O 18 88.70 -25.45 -0.80
C GLU O 18 89.77 -24.76 -1.65
N ILE O 19 89.84 -25.11 -2.95
CA ILE O 19 90.80 -24.49 -3.85
C ILE O 19 90.49 -23.01 -4.05
N GLU O 20 89.21 -22.67 -4.24
CA GLU O 20 88.80 -21.28 -4.40
C GLU O 20 89.12 -20.46 -3.17
N LEU O 21 88.84 -21.02 -1.98
CA LEU O 21 89.12 -20.34 -0.73
C LEU O 21 90.62 -20.10 -0.55
N GLU O 22 91.43 -21.12 -0.83
CA GLU O 22 92.88 -21.00 -0.67
C GLU O 22 93.47 -19.97 -1.63
N ALA O 23 93.03 -19.99 -2.89
CA ALA O 23 93.54 -19.06 -3.89
C ALA O 23 93.13 -17.63 -3.58
N ALA O 24 91.86 -17.42 -3.21
CA ALA O 24 91.39 -16.08 -2.89
C ALA O 24 92.09 -15.52 -1.66
N ARG O 25 92.26 -16.34 -0.63
CA ARG O 25 92.94 -15.91 0.58
C ARG O 25 94.39 -15.52 0.31
N THR O 26 95.14 -16.40 -0.35
CA THR O 26 96.56 -16.13 -0.55
C THR O 26 96.76 -14.92 -1.47
N PHE O 27 95.89 -14.74 -2.45
CA PHE O 27 95.96 -13.59 -3.35
C PHE O 27 95.74 -12.25 -2.63
N LYS O 28 94.67 -12.12 -1.87
CA LYS O 28 94.40 -10.89 -1.13
C LYS O 28 95.56 -10.50 -0.22
N ARG O 29 96.09 -11.47 0.52
CA ARG O 29 97.18 -11.21 1.43
C ARG O 29 98.37 -10.63 0.71
N HIS O 30 98.60 -11.07 -0.51
CA HIS O 30 99.82 -10.62 -1.22
C HIS O 30 99.51 -9.45 -2.16
N ILE O 31 98.26 -8.99 -2.23
CA ILE O 31 98.06 -7.80 -3.05
C ILE O 31 98.18 -6.53 -2.21
N ALA O 32 99.05 -5.62 -2.66
CA ALA O 32 99.12 -4.28 -2.10
C ALA O 32 98.55 -3.24 -3.06
N GLY O 33 98.60 -3.54 -4.36
CA GLY O 33 98.26 -2.55 -5.37
C GLY O 33 96.79 -2.16 -5.40
N ARG O 34 95.90 -3.12 -5.19
CA ARG O 34 94.47 -2.84 -5.24
C ARG O 34 93.98 -2.03 -4.05
N ARG O 35 94.76 -2.00 -2.96
CA ARG O 35 94.38 -1.21 -1.80
C ARG O 35 94.56 0.28 -2.03
N VAL O 36 95.38 0.68 -3.00
CA VAL O 36 95.68 2.09 -3.22
C VAL O 36 95.18 2.63 -4.54
N VAL O 37 94.98 1.80 -5.56
CA VAL O 37 94.61 2.30 -6.87
C VAL O 37 93.11 2.12 -7.05
N ASP O 38 92.55 2.86 -7.99
CA ASP O 38 91.16 2.65 -8.36
C ASP O 38 91.05 1.39 -9.21
N VAL O 39 90.13 0.51 -8.85
CA VAL O 39 89.94 -0.76 -9.52
C VAL O 39 88.58 -0.72 -10.20
N SER O 40 88.57 -0.90 -11.51
CA SER O 40 87.34 -0.82 -12.27
C SER O 40 86.52 -2.09 -12.09
N ASP O 41 85.28 -2.03 -12.52
CA ASP O 41 84.50 -3.26 -12.66
C ASP O 41 85.06 -4.08 -13.82
N PRO O 42 84.92 -5.40 -13.77
CA PRO O 42 85.33 -6.23 -14.92
C PRO O 42 84.58 -5.90 -16.19
N GLY O 43 85.30 -5.58 -17.25
CA GLY O 43 84.69 -5.28 -18.53
C GLY O 43 84.02 -6.49 -19.15
N GLY O 44 84.63 -7.65 -18.99
CA GLY O 44 84.09 -8.84 -19.59
C GLY O 44 85.11 -9.45 -20.53
N PRO O 45 84.81 -10.65 -21.04
CA PRO O 45 85.77 -11.34 -21.91
C PRO O 45 86.03 -10.64 -23.23
N VAL O 46 85.07 -9.87 -23.74
CA VAL O 46 85.22 -9.30 -25.07
C VAL O 46 86.07 -8.03 -25.02
N THR O 47 86.27 -7.47 -23.84
CA THR O 47 87.00 -6.23 -23.68
C THR O 47 88.47 -6.45 -23.99
N ALA O 48 89.02 -5.62 -24.87
CA ALA O 48 90.36 -5.87 -25.38
C ALA O 48 91.30 -4.68 -25.19
N ALA O 49 90.75 -3.48 -25.12
CA ALA O 49 91.56 -2.28 -25.03
C ALA O 49 90.82 -1.20 -24.28
N VAL O 50 91.59 -0.27 -23.74
CA VAL O 50 91.04 0.89 -23.05
C VAL O 50 91.40 2.13 -23.86
N SER O 51 90.39 2.93 -24.18
CA SER O 51 90.61 4.18 -24.88
C SER O 51 91.32 5.19 -24.00
N THR O 52 92.36 5.82 -24.53
CA THR O 52 93.04 6.90 -23.82
C THR O 52 92.50 8.27 -24.21
N GLY O 53 91.77 8.33 -25.33
CA GLY O 53 91.16 9.60 -25.78
C GLY O 53 92.15 10.44 -26.55
N ARG O 54 93.35 9.95 -26.83
CA ARG O 54 94.33 10.71 -27.63
C ARG O 54 94.22 10.37 -29.12
N LEU O 55 94.95 11.07 -29.98
CA LEU O 55 94.87 10.87 -31.45
C LEU O 55 96.29 10.74 -32.04
N ILE O 56 96.46 9.89 -33.05
CA ILE O 56 97.76 9.68 -33.68
C ILE O 56 97.74 10.06 -35.14
N ASP O 57 98.57 11.01 -35.55
CA ASP O 57 98.63 11.45 -36.94
C ASP O 57 99.05 10.34 -37.88
N VAL O 58 98.22 10.07 -38.91
CA VAL O 58 98.60 9.08 -39.92
C VAL O 58 98.67 9.68 -41.31
N LYS O 59 99.44 9.06 -42.19
CA LYS O 59 99.58 9.57 -43.56
C LYS O 59 98.25 9.73 -44.25
N ALA O 60 97.90 10.98 -44.60
CA ALA O 60 96.62 11.28 -45.26
C ALA O 60 96.22 10.27 -46.33
N PRO O 61 94.99 9.72 -46.22
CA PRO O 61 94.51 8.76 -47.22
C PRO O 61 94.51 9.40 -48.59
N THR O 62 93.84 10.55 -48.72
CA THR O 62 93.82 11.27 -49.98
C THR O 62 94.01 12.76 -49.75
N ASN O 63 93.96 13.54 -50.83
CA ASN O 63 94.10 14.99 -50.73
C ASN O 63 92.93 15.60 -49.99
N GLY O 64 93.21 16.49 -49.05
CA GLY O 64 92.15 17.16 -48.30
C GLY O 64 91.51 16.31 -47.22
N VAL O 65 92.08 15.13 -46.95
CA VAL O 65 91.56 14.29 -45.90
C VAL O 65 92.53 14.29 -44.76
N ILE O 66 92.04 14.49 -43.56
CA ILE O 66 92.89 14.49 -42.39
C ILE O 66 92.50 13.30 -41.57
N ALA O 67 93.46 12.41 -41.35
CA ALA O 67 93.17 11.18 -40.63
C ALA O 67 93.91 11.05 -39.34
N HIS O 68 93.24 10.49 -38.35
CA HIS O 68 93.88 10.25 -37.09
C HIS O 68 93.46 8.93 -36.50
N LEU O 69 94.43 8.18 -36.00
CA LEU O 69 94.13 6.93 -35.33
C LEU O 69 93.80 7.19 -33.86
N ARG O 70 92.78 6.51 -33.38
CA ARG O 70 92.49 6.56 -31.95
C ARG O 70 93.53 5.74 -31.18
N ALA O 71 94.09 6.34 -30.14
CA ALA O 71 95.04 5.65 -29.28
C ALA O 71 94.32 4.81 -28.24
N SER O 72 94.94 3.70 -27.85
CA SER O 72 94.37 2.82 -26.85
C SER O 72 95.48 2.03 -26.18
N LYS O 73 95.12 1.37 -25.09
CA LYS O 73 96.02 0.51 -24.34
C LYS O 73 95.50 -0.92 -24.39
N PRO O 74 96.29 -1.90 -24.81
CA PRO O 74 95.81 -3.27 -24.83
C PRO O 74 95.81 -3.90 -23.44
N LEU O 75 94.82 -4.75 -23.19
CA LEU O 75 94.86 -5.62 -22.03
C LEU O 75 95.87 -6.73 -22.23
N VAL O 76 96.40 -7.24 -21.13
CA VAL O 76 97.26 -8.41 -21.15
C VAL O 76 96.58 -9.48 -20.29
N ARG O 77 96.56 -10.70 -20.80
CA ARG O 77 96.07 -11.84 -20.04
C ARG O 77 97.25 -12.56 -19.43
N LEU O 78 97.21 -12.73 -18.12
CA LEU O 78 98.27 -13.30 -17.33
C LEU O 78 97.77 -14.63 -16.79
N ARG O 79 98.51 -15.70 -17.08
CA ARG O 79 98.13 -17.05 -16.72
C ARG O 79 99.27 -17.72 -15.98
N VAL O 80 98.96 -18.28 -14.83
CA VAL O 80 99.91 -19.04 -14.01
C VAL O 80 99.39 -20.46 -13.88
N PRO O 81 99.97 -21.40 -14.61
CA PRO O 81 99.56 -22.80 -14.44
C PRO O 81 100.10 -23.39 -13.14
N PHE O 82 99.38 -24.37 -12.62
CA PHE O 82 99.82 -25.11 -11.44
C PHE O 82 99.23 -26.51 -11.50
N THR O 83 99.81 -27.40 -10.69
CA THR O 83 99.55 -28.83 -10.78
C THR O 83 99.15 -29.37 -9.42
N LEU O 84 98.01 -30.06 -9.36
CA LEU O 84 97.49 -30.60 -8.12
C LEU O 84 97.52 -32.13 -8.15
N SER O 85 97.88 -32.71 -7.01
CA SER O 85 97.77 -34.16 -6.83
C SER O 85 96.29 -34.55 -6.75
N ARG O 86 95.93 -35.61 -7.48
CA ARG O 86 94.55 -36.08 -7.45
C ARG O 86 94.21 -36.81 -6.16
N ASN O 87 95.22 -37.36 -5.48
CA ASN O 87 95.01 -37.95 -4.17
C ASN O 87 94.59 -36.91 -3.14
N GLU O 88 95.23 -35.73 -3.17
CA GLU O 88 94.84 -34.64 -2.29
C GLU O 88 93.43 -34.17 -2.58
N ILE O 89 93.04 -34.15 -3.86
CA ILE O 89 91.68 -33.78 -4.24
C ILE O 89 90.69 -34.80 -3.72
N ASP O 90 91.00 -36.09 -3.85
CA ASP O 90 90.12 -37.15 -3.38
C ASP O 90 90.03 -37.20 -1.86
N ASP O 91 91.05 -36.71 -1.15
CA ASP O 91 91.04 -36.68 0.31
C ASP O 91 89.95 -35.78 0.87
N VAL O 92 89.53 -34.76 0.10
CA VAL O 92 88.65 -33.72 0.64
C VAL O 92 87.25 -34.27 0.92
N GLU O 93 86.74 -35.12 0.04
CA GLU O 93 85.38 -35.68 0.26
C GLU O 93 85.40 -36.64 1.45
N ARG O 94 86.51 -37.35 1.65
CA ARG O 94 86.61 -38.22 2.80
C ARG O 94 86.74 -37.47 4.13
N GLY O 95 86.91 -36.15 4.09
CA GLY O 95 86.95 -35.35 5.29
C GLY O 95 88.31 -34.86 5.70
N SER O 96 89.33 -34.98 4.86
CA SER O 96 90.63 -34.42 5.18
C SER O 96 90.56 -32.89 5.18
N LYS O 97 91.30 -32.28 6.08
CA LYS O 97 91.38 -30.82 6.17
C LYS O 97 92.80 -30.32 6.07
N ASP O 98 93.73 -31.18 5.66
CA ASP O 98 95.12 -30.78 5.48
C ASP O 98 95.62 -31.11 4.07
N SER O 99 94.72 -31.11 3.09
CA SER O 99 95.09 -31.40 1.72
C SER O 99 96.09 -30.38 1.20
N ASP O 100 97.08 -30.87 0.45
CA ASP O 100 98.21 -30.06 0.04
C ASP O 100 97.81 -29.06 -1.04
N TRP O 101 97.56 -27.82 -0.62
CA TRP O 101 97.20 -26.78 -1.58
C TRP O 101 98.36 -25.84 -1.78
N GLU O 102 99.57 -26.32 -1.56
CA GLU O 102 100.76 -25.50 -1.79
C GLU O 102 100.90 -25.00 -3.24
N PRO O 103 100.58 -25.83 -4.26
CA PRO O 103 100.71 -25.27 -5.61
C PRO O 103 99.70 -24.15 -5.82
N VAL O 104 98.48 -24.28 -5.31
CA VAL O 104 97.51 -23.19 -5.40
C VAL O 104 98.04 -21.93 -4.74
N LYS O 105 98.68 -22.07 -3.57
CA LYS O 105 99.23 -20.93 -2.87
C LYS O 105 100.40 -20.31 -3.63
N GLU O 106 101.25 -21.15 -4.23
CA GLU O 106 102.36 -20.63 -5.02
C GLU O 106 101.88 -19.94 -6.29
N ALA O 107 100.84 -20.47 -6.92
CA ALA O 107 100.27 -19.83 -8.10
C ALA O 107 99.63 -18.49 -7.75
N ALA O 108 98.91 -18.43 -6.62
CA ALA O 108 98.29 -17.18 -6.20
C ALA O 108 99.33 -16.14 -5.81
N LYS O 109 100.40 -16.58 -5.14
CA LYS O 109 101.48 -15.67 -4.79
C LYS O 109 102.19 -15.15 -6.04
N LYS O 110 102.38 -16.02 -7.04
CA LYS O 110 103.07 -15.60 -8.25
C LYS O 110 102.21 -14.65 -9.08
N LEU O 111 100.90 -14.94 -9.16
CA LEU O 111 99.97 -14.05 -9.90
C LEU O 111 99.93 -12.68 -9.21
N ALA O 112 99.80 -12.67 -7.87
CA ALA O 112 99.79 -11.42 -7.12
C ALA O 112 101.08 -10.63 -7.32
N PHE O 113 102.21 -11.34 -7.34
CA PHE O 113 103.50 -10.68 -7.56
C PHE O 113 103.58 -10.06 -8.94
N VAL O 114 103.09 -10.77 -9.95
CA VAL O 114 103.10 -10.22 -11.29
C VAL O 114 102.23 -8.97 -11.34
N GLU O 115 101.00 -9.06 -10.83
CA GLU O 115 100.10 -7.91 -10.89
C GLU O 115 100.69 -6.69 -10.19
N ASP O 116 101.27 -6.89 -9.00
CA ASP O 116 101.84 -5.76 -8.25
C ASP O 116 103.08 -5.21 -8.94
N ARG O 117 103.92 -6.08 -9.49
CA ARG O 117 105.11 -5.59 -10.19
C ARG O 117 104.74 -4.92 -11.50
N THR O 118 103.62 -5.31 -12.11
CA THR O 118 103.15 -4.64 -13.30
C THR O 118 102.61 -3.25 -12.97
N ILE O 119 101.86 -3.12 -11.88
CA ILE O 119 101.36 -1.82 -11.47
C ILE O 119 102.49 -0.87 -11.08
N PHE O 120 103.47 -1.35 -10.32
CA PHE O 120 104.44 -0.43 -9.76
C PHE O 120 105.73 -0.32 -10.57
N GLU O 121 106.13 -1.34 -11.32
CA GLU O 121 107.35 -1.30 -12.09
C GLU O 121 107.12 -1.37 -13.59
N GLY O 122 105.88 -1.54 -14.00
CA GLY O 122 105.58 -1.63 -15.40
C GLY O 122 105.87 -2.92 -16.13
N TYR O 123 105.32 -3.04 -17.32
CA TYR O 123 105.54 -4.21 -18.14
C TYR O 123 105.60 -3.61 -19.52
N SER O 124 106.80 -3.32 -19.98
CA SER O 124 106.99 -2.65 -21.26
C SER O 124 106.39 -3.38 -22.47
N ALA O 125 106.49 -4.69 -22.51
CA ALA O 125 105.95 -5.48 -23.61
C ALA O 125 104.43 -5.32 -23.72
N ALA O 126 103.76 -5.08 -22.59
CA ALA O 126 102.33 -4.81 -22.59
C ALA O 126 102.01 -3.32 -22.64
N SER O 127 103.02 -2.49 -22.92
CA SER O 127 102.90 -1.03 -23.01
C SER O 127 102.35 -0.41 -21.73
N ILE O 128 102.77 -0.95 -20.59
CA ILE O 128 102.36 -0.45 -19.28
C ILE O 128 103.56 0.21 -18.64
N GLU O 129 103.43 1.50 -18.34
CA GLU O 129 104.45 2.21 -17.60
C GLU O 129 104.14 2.10 -16.12
N GLY O 130 105.15 1.77 -15.33
CA GLY O 130 104.96 1.65 -13.90
C GLY O 130 104.77 3.00 -13.23
N ILE O 131 104.34 2.94 -11.98
CA ILE O 131 104.24 4.15 -11.15
C ILE O 131 105.61 4.76 -10.93
N ARG O 132 106.64 3.92 -10.77
CA ARG O 132 108.00 4.41 -10.60
C ARG O 132 108.48 5.16 -11.83
N SER O 133 108.21 4.64 -13.02
CA SER O 133 108.64 5.31 -14.24
C SER O 133 107.79 6.52 -14.58
N ALA O 134 106.49 6.49 -14.26
CA ALA O 134 105.60 7.59 -14.59
C ALA O 134 105.59 8.69 -13.55
N SER O 135 106.32 8.54 -12.46
CA SER O 135 106.36 9.59 -11.44
C SER O 135 107.23 10.74 -11.91
N SER O 136 106.73 11.96 -11.76
CA SER O 136 107.51 13.16 -12.07
C SER O 136 108.26 13.71 -10.87
N ASN O 137 107.91 13.28 -9.66
CA ASN O 137 108.62 13.70 -8.47
C ASN O 137 109.99 13.03 -8.42
N PRO O 138 110.99 13.66 -7.80
CA PRO O 138 112.32 13.07 -7.75
C PRO O 138 112.37 11.78 -6.96
N ALA O 139 113.26 10.89 -7.38
CA ALA O 139 113.45 9.62 -6.69
C ALA O 139 114.41 9.80 -5.52
N LEU O 140 114.17 9.03 -4.47
CA LEU O 140 114.96 9.12 -3.25
C LEU O 140 115.67 7.81 -3.00
N THR O 141 116.76 7.88 -2.24
CA THR O 141 117.54 6.71 -1.88
C THR O 141 117.23 6.32 -0.45
N LEU O 142 116.88 5.06 -0.24
CA LEU O 142 116.63 4.57 1.11
C LEU O 142 117.96 4.30 1.79
N PRO O 143 118.11 4.76 3.04
CA PRO O 143 119.38 4.59 3.75
C PRO O 143 119.59 3.17 4.25
N GLU O 144 120.82 2.83 4.62
CA GLU O 144 121.11 1.50 5.12
C GLU O 144 120.54 1.29 6.52
N ASP O 145 120.68 2.28 7.39
CA ASP O 145 120.19 2.19 8.75
C ASP O 145 118.67 2.33 8.75
N PRO O 146 117.93 1.36 9.28
CA PRO O 146 116.47 1.50 9.38
C PRO O 146 116.00 2.65 10.25
N ARG O 147 116.79 3.08 11.23
CA ARG O 147 116.43 4.23 12.06
C ARG O 147 116.42 5.53 11.26
N GLU O 148 117.10 5.56 10.12
CA GLU O 148 117.07 6.69 9.21
C GLU O 148 116.01 6.55 8.12
N ILE O 149 115.21 5.48 8.15
CA ILE O 149 114.13 5.36 7.16
C ILE O 149 113.06 6.48 7.32
N PRO O 150 112.50 6.68 8.54
CA PRO O 150 111.44 7.69 8.63
C PRO O 150 111.86 9.09 8.16
N ASP O 151 113.14 9.44 8.27
CA ASP O 151 113.60 10.73 7.80
C ASP O 151 113.37 10.86 6.30
N VAL O 152 113.94 9.93 5.52
CA VAL O 152 113.80 9.98 4.06
C VAL O 152 112.34 9.91 3.63
N ILE O 153 111.55 9.03 4.26
CA ILE O 153 110.12 8.98 3.98
C ILE O 153 109.47 10.34 4.16
N SER O 154 109.85 11.07 5.20
CA SER O 154 109.31 12.43 5.45
C SER O 154 109.72 13.38 4.31
N GLN O 155 110.90 13.21 3.73
CA GLN O 155 111.32 14.01 2.59
C GLN O 155 110.42 13.72 1.38
N ALA O 156 110.03 12.45 1.21
CA ALA O 156 109.04 12.11 0.19
C ALA O 156 107.72 12.79 0.45
N LEU O 157 107.31 12.87 1.73
CA LEU O 157 106.11 13.60 2.07
C LEU O 157 106.25 15.10 1.82
N SER O 158 107.48 15.60 1.80
CA SER O 158 107.69 16.98 1.39
C SER O 158 107.38 17.16 -0.09
N GLU O 159 107.77 16.18 -0.91
CA GLU O 159 107.71 16.34 -2.36
C GLU O 159 106.27 16.36 -2.86
N LEU O 160 105.42 15.44 -2.35
CA LEU O 160 103.98 15.51 -2.62
C LEU O 160 103.36 16.79 -2.09
N ARG O 161 103.93 17.37 -1.04
CA ARG O 161 103.44 18.66 -0.60
C ARG O 161 103.90 19.77 -1.53
N LEU O 162 105.11 19.64 -2.09
CA LEU O 162 105.59 20.60 -3.06
C LEU O 162 104.93 20.42 -4.42
N ALA O 163 104.35 19.24 -4.67
CA ALA O 163 103.63 19.00 -5.90
C ALA O 163 102.21 19.51 -5.86
N GLY O 164 101.76 20.05 -4.72
CA GLY O 164 100.38 20.49 -4.59
C GLY O 164 99.41 19.33 -4.66
N VAL O 165 99.45 18.44 -3.66
CA VAL O 165 98.58 17.27 -3.67
C VAL O 165 97.95 17.04 -2.30
N ASP O 166 96.66 16.74 -2.27
CA ASP O 166 95.98 16.47 -1.01
C ASP O 166 95.70 14.99 -0.85
N GLY O 167 94.86 14.62 0.12
CA GLY O 167 94.48 13.22 0.29
C GLY O 167 95.28 12.42 1.29
N PRO O 168 94.75 11.26 1.72
CA PRO O 168 95.45 10.41 2.67
C PRO O 168 96.67 9.85 1.96
N TYR O 169 97.87 10.07 2.46
CA TYR O 169 99.03 9.47 1.84
C TYR O 169 99.31 8.05 2.34
N SER O 170 99.76 7.16 1.47
CA SER O 170 100.01 5.81 2.00
C SER O 170 101.42 5.35 1.62
N VAL O 171 102.08 4.60 2.51
CA VAL O 171 103.44 4.17 2.26
C VAL O 171 103.42 2.66 2.02
N LEU O 172 104.02 2.26 0.90
CA LEU O 172 104.12 0.85 0.57
C LEU O 172 105.58 0.49 0.64
N LEU O 173 105.91 -0.60 1.30
CA LEU O 173 107.30 -0.98 1.50
C LEU O 173 107.56 -2.34 0.88
N SER O 174 108.77 -2.53 0.37
CA SER O 174 109.19 -3.86 -0.02
C SER O 174 109.36 -4.74 1.20
N ALA O 175 109.38 -6.06 0.97
CA ALA O 175 109.47 -7.03 2.06
C ALA O 175 110.75 -6.88 2.86
N ASP O 176 111.86 -6.56 2.20
CA ASP O 176 113.11 -6.28 2.89
C ASP O 176 112.99 -5.05 3.78
N VAL O 177 112.41 -3.98 3.25
CA VAL O 177 112.27 -2.74 3.99
C VAL O 177 111.25 -2.89 5.11
N TYR O 178 110.15 -3.61 4.84
CA TYR O 178 109.13 -3.87 5.85
C TYR O 178 109.69 -4.69 7.00
N THR O 179 110.50 -5.71 6.69
CA THR O 179 111.17 -6.50 7.71
C THR O 179 112.16 -5.66 8.51
N LYS O 180 112.93 -4.80 7.83
CA LYS O 180 113.91 -3.96 8.51
C LYS O 180 113.24 -2.96 9.46
N VAL O 181 112.14 -2.33 9.05
CA VAL O 181 111.48 -1.39 9.94
C VAL O 181 110.57 -2.08 10.94
N SER O 182 110.29 -3.37 10.75
CA SER O 182 109.52 -4.13 11.71
C SER O 182 110.39 -4.67 12.85
N GLU O 183 111.60 -5.11 12.54
CA GLU O 183 112.43 -5.80 13.51
C GLU O 183 113.33 -4.85 14.30
N THR O 184 113.56 -3.65 13.82
CA THR O 184 114.31 -2.65 14.55
C THR O 184 113.33 -1.85 15.40
N SER O 185 113.69 -1.61 16.65
CA SER O 185 112.81 -0.93 17.57
C SER O 185 113.50 0.27 18.20
N ASP O 186 112.71 1.28 18.53
CA ASP O 186 113.21 2.47 19.21
C ASP O 186 112.14 2.93 20.20
N HIS O 187 112.52 2.96 21.49
CA HIS O 187 111.68 3.44 22.59
C HIS O 187 110.35 2.68 22.68
N GLY O 188 110.44 1.36 22.60
CA GLY O 188 109.28 0.51 22.80
C GLY O 188 108.37 0.36 21.62
N TYR O 189 108.72 0.91 20.46
CA TYR O 189 107.97 0.72 19.24
C TYR O 189 108.92 0.38 18.11
N PRO O 190 108.49 -0.47 17.19
CA PRO O 190 109.26 -0.65 15.96
C PRO O 190 109.15 0.59 15.07
N ILE O 191 110.08 0.67 14.11
CA ILE O 191 110.14 1.83 13.22
C ILE O 191 108.91 1.90 12.31
N ARG O 192 108.22 0.77 12.11
CA ARG O 192 106.96 0.75 11.39
C ARG O 192 105.91 1.64 12.05
N GLU O 193 105.89 1.68 13.38
CA GLU O 193 104.99 2.57 14.09
C GLU O 193 105.39 4.03 13.89
N HIS O 194 106.70 4.31 13.84
CA HIS O 194 107.18 5.65 13.53
C HIS O 194 106.75 6.10 12.14
N LEU O 195 106.75 5.17 11.17
CA LEU O 195 106.20 5.47 9.87
C LEU O 195 104.70 5.70 9.92
N ASN O 196 104.01 4.94 10.77
CA ASN O 196 102.56 5.09 10.91
C ASN O 196 102.18 6.46 11.48
N ARG O 197 103.04 7.05 12.30
CA ARG O 197 102.74 8.38 12.83
C ARG O 197 102.85 9.49 11.78
N LEU O 198 103.67 9.30 10.75
CA LEU O 198 103.88 10.33 9.70
C LEU O 198 102.70 10.47 8.75
N VAL O 199 101.91 9.42 8.54
CA VAL O 199 100.83 9.50 7.50
C VAL O 199 99.45 9.21 8.07
N ASP O 200 98.41 9.63 7.35
CA ASP O 200 97.02 9.39 7.78
C ASP O 200 96.48 8.21 6.96
N GLY O 201 97.36 7.59 6.17
CA GLY O 201 96.96 6.42 5.37
C GLY O 201 97.39 5.15 6.06
N ASP O 202 98.14 4.29 5.38
CA ASP O 202 98.47 2.98 5.99
C ASP O 202 99.88 2.53 5.62
N ILE O 203 100.59 1.90 6.54
CA ILE O 203 101.87 1.28 6.14
C ILE O 203 101.43 -0.05 5.54
N ILE O 204 101.77 -0.29 4.28
CA ILE O 204 101.27 -1.43 3.55
C ILE O 204 102.44 -2.33 3.17
N TRP O 205 102.34 -3.60 3.54
CA TRP O 205 103.33 -4.59 3.15
C TRP O 205 103.16 -4.91 1.67
N ALA O 206 104.22 -4.72 0.90
CA ALA O 206 104.20 -4.91 -0.55
C ALA O 206 105.38 -5.79 -0.94
N PRO O 207 105.25 -7.11 -0.79
CA PRO O 207 106.40 -8.00 -1.01
C PRO O 207 106.87 -8.13 -2.44
N ALA O 208 106.10 -7.68 -3.43
CA ALA O 208 106.54 -7.82 -4.81
C ALA O 208 107.43 -6.68 -5.27
N ILE O 209 107.23 -5.47 -4.75
CA ILE O 209 107.92 -4.29 -5.22
C ILE O 209 109.36 -4.26 -4.75
N ASP O 210 110.14 -3.37 -5.35
CA ASP O 210 111.45 -2.98 -4.84
C ASP O 210 111.34 -1.60 -4.20
N GLY O 211 112.22 -1.35 -3.24
CA GLY O 211 112.25 -0.06 -2.58
C GLY O 211 111.00 0.30 -1.83
N ALA O 212 110.51 1.51 -2.06
CA ALA O 212 109.32 1.97 -1.35
C ALA O 212 108.56 2.94 -2.23
N PHE O 213 107.29 3.14 -1.89
CA PHE O 213 106.46 4.09 -2.67
C PHE O 213 105.61 4.87 -1.69
N VAL O 214 105.59 6.18 -1.82
CA VAL O 214 104.68 7.00 -0.99
C VAL O 214 103.70 7.63 -1.97
N LEU O 215 102.42 7.60 -1.67
CA LEU O 215 101.48 8.12 -2.68
C LEU O 215 100.15 8.48 -2.05
N THR O 216 99.38 9.31 -2.73
CA THR O 216 98.06 9.73 -2.28
C THR O 216 96.99 8.74 -2.71
N THR O 217 95.98 8.57 -1.86
CA THR O 217 94.87 7.69 -2.19
C THR O 217 93.59 8.50 -2.27
N ARG O 218 93.70 9.73 -2.74
CA ARG O 218 92.53 10.59 -2.87
C ARG O 218 91.56 10.11 -3.95
N GLY O 219 92.06 9.32 -4.91
CA GLY O 219 91.19 8.83 -5.95
C GLY O 219 91.49 9.48 -7.29
N GLY O 220 91.20 8.76 -8.36
CA GLY O 220 91.29 9.30 -9.69
C GLY O 220 92.69 9.49 -10.24
N ASP O 221 93.71 8.97 -9.56
CA ASP O 221 95.08 9.18 -10.04
C ASP O 221 95.64 7.91 -10.68
N PHE O 222 95.26 6.75 -10.15
CA PHE O 222 95.83 5.48 -10.56
C PHE O 222 94.66 4.55 -10.84
N ASP O 223 94.65 3.91 -12.00
CA ASP O 223 93.47 3.18 -12.45
C ASP O 223 93.90 1.81 -12.96
N LEU O 224 93.42 0.75 -12.32
CA LEU O 224 93.63 -0.60 -12.78
C LEU O 224 92.37 -1.04 -13.52
N GLN O 225 92.53 -1.37 -14.80
CA GLN O 225 91.40 -1.81 -15.61
C GLN O 225 91.41 -3.32 -15.76
N LEU O 226 90.31 -3.92 -15.35
CA LEU O 226 90.17 -5.35 -15.45
C LEU O 226 89.20 -5.76 -16.51
N GLY O 227 89.59 -6.67 -17.39
CA GLY O 227 88.60 -7.21 -18.31
C GLY O 227 87.91 -8.28 -17.51
N THR O 228 88.70 -9.22 -17.00
CA THR O 228 88.15 -10.29 -16.13
C THR O 228 89.04 -10.41 -14.90
N ASP O 229 88.41 -10.55 -13.71
CA ASP O 229 89.18 -10.71 -12.45
C ASP O 229 89.80 -12.11 -12.38
N VAL O 230 90.46 -12.43 -11.28
CA VAL O 230 91.16 -13.75 -11.12
C VAL O 230 90.17 -14.91 -11.20
N ALA O 231 90.48 -15.88 -12.06
CA ALA O 231 89.63 -17.05 -12.22
C ALA O 231 90.50 -18.29 -12.29
N ILE O 232 89.94 -19.44 -11.93
CA ILE O 232 90.66 -20.70 -11.99
C ILE O 232 90.11 -21.52 -13.14
N GLY O 233 91.00 -21.97 -14.03
CA GLY O 233 90.61 -22.72 -15.20
C GLY O 233 91.32 -24.06 -15.28
N TYR O 234 90.75 -24.96 -16.09
CA TYR O 234 91.22 -26.32 -16.21
C TYR O 234 91.95 -26.52 -17.53
N ALA O 235 93.15 -27.07 -17.47
CA ALA O 235 93.95 -27.29 -18.71
C ALA O 235 93.85 -28.74 -19.14
N SER O 236 94.41 -29.67 -18.36
CA SER O 236 94.42 -31.08 -18.69
C SER O 236 94.63 -31.91 -17.44
N HIS O 237 94.48 -33.24 -17.55
CA HIS O 237 94.61 -34.14 -16.38
C HIS O 237 95.16 -35.51 -16.76
N ASP O 238 95.76 -36.23 -15.82
CA ASP O 238 96.22 -37.61 -16.06
C ASP O 238 95.72 -38.43 -14.86
N THR O 239 96.25 -39.63 -14.66
CA THR O 239 95.79 -40.50 -13.54
C THR O 239 96.21 -39.90 -12.22
N ASP O 240 97.34 -39.18 -12.20
CA ASP O 240 97.85 -38.72 -10.92
C ASP O 240 97.58 -37.25 -10.62
N THR O 241 97.51 -36.39 -11.63
CA THR O 241 97.52 -34.96 -11.40
C THR O 241 96.49 -34.25 -12.26
N VAL O 242 96.10 -33.06 -11.82
CA VAL O 242 95.26 -32.15 -12.58
C VAL O 242 96.05 -30.86 -12.80
N ARG O 243 96.21 -30.48 -14.06
CA ARG O 243 96.81 -29.19 -14.39
C ARG O 243 95.70 -28.13 -14.50
N LEU O 244 95.84 -27.08 -13.70
CA LEU O 244 94.90 -25.98 -13.75
C LEU O 244 95.70 -24.70 -13.92
N TYR O 245 95.03 -23.55 -13.90
CA TYR O 245 95.72 -22.27 -14.00
C TYR O 245 94.91 -21.20 -13.27
N LEU O 246 95.62 -20.16 -12.88
CA LEU O 246 95.02 -18.91 -12.43
C LEU O 246 95.15 -17.92 -13.56
N GLN O 247 94.13 -17.11 -13.77
CA GLN O 247 94.14 -16.26 -14.96
C GLN O 247 93.44 -14.95 -14.66
N GLU O 248 94.03 -13.86 -15.13
CA GLU O 248 93.40 -12.55 -15.02
C GLU O 248 93.87 -11.69 -16.18
N THR O 249 93.01 -10.80 -16.66
CA THR O 249 93.38 -9.91 -17.75
C THR O 249 93.14 -8.46 -17.35
N LEU O 250 94.15 -7.62 -17.61
CA LEU O 250 94.18 -6.28 -17.04
C LEU O 250 95.10 -5.37 -17.84
N THR O 251 94.96 -4.07 -17.58
CA THR O 251 95.98 -3.07 -17.89
C THR O 251 96.01 -2.08 -16.74
N PHE O 252 97.05 -1.26 -16.69
CA PHE O 252 97.17 -0.25 -15.66
C PHE O 252 97.47 1.10 -16.29
N LEU O 253 96.80 2.13 -15.79
CA LEU O 253 96.94 3.49 -16.26
C LEU O 253 97.31 4.39 -15.08
N CYS O 254 98.27 5.27 -15.29
CA CYS O 254 98.57 6.33 -14.32
C CYS O 254 98.23 7.66 -14.96
N TYR O 255 97.20 8.33 -14.43
CA TYR O 255 96.75 9.60 -14.98
C TYR O 255 97.51 10.79 -14.42
N THR O 256 98.04 10.68 -13.20
CA THR O 256 98.59 11.82 -12.48
C THR O 256 100.05 11.53 -12.16
N ALA O 257 100.96 12.24 -12.83
CA ALA O 257 102.38 11.93 -12.73
C ALA O 257 102.97 12.35 -11.40
N GLU O 258 102.40 13.35 -10.74
CA GLU O 258 103.02 13.93 -9.55
C GLU O 258 102.42 13.40 -8.26
N ALA O 259 101.63 12.33 -8.33
CA ALA O 259 100.95 11.80 -7.17
C ALA O 259 101.73 10.73 -6.43
N SER O 260 103.03 10.56 -6.72
CA SER O 260 103.78 9.47 -6.09
C SER O 260 105.26 9.80 -6.04
N VAL O 261 105.93 9.20 -5.05
CA VAL O 261 107.40 9.22 -4.93
C VAL O 261 107.89 7.78 -4.82
N ALA O 262 108.86 7.42 -5.65
CA ALA O 262 109.50 6.12 -5.63
C ALA O 262 110.84 6.21 -4.89
N LEU O 263 111.14 5.15 -4.16
CA LEU O 263 112.39 5.08 -3.42
C LEU O 263 113.11 3.80 -3.79
N SER O 264 114.42 3.84 -3.81
CA SER O 264 115.23 2.69 -4.18
C SER O 264 116.38 2.55 -3.21
N HIS O 265 117.11 1.44 -3.32
CA HIS O 265 118.25 1.18 -2.47
C HIS O 265 119.55 1.66 -3.11
N MET P 1 73.18 -35.62 48.68
CA MET P 1 73.14 -36.21 50.01
C MET P 1 73.73 -35.30 51.07
N ASN P 2 73.67 -35.73 52.32
CA ASN P 2 74.20 -34.93 53.44
C ASN P 2 75.30 -35.65 54.21
N ASN P 3 75.58 -35.20 55.44
CA ASN P 3 76.62 -35.85 56.23
C ASN P 3 76.21 -37.21 56.79
N LEU P 4 74.92 -37.50 56.94
CA LEU P 4 74.48 -38.84 57.32
C LEU P 4 74.84 -39.92 56.30
N TYR P 5 75.00 -39.54 55.02
CA TYR P 5 75.31 -40.51 53.96
C TYR P 5 74.38 -41.72 54.03
N ARG P 6 73.09 -41.43 54.19
CA ARG P 6 72.11 -42.45 54.53
C ARG P 6 71.85 -43.39 53.36
N ASP P 7 71.88 -42.88 52.14
CA ASP P 7 71.65 -43.71 50.96
C ASP P 7 72.80 -44.67 50.67
N LEU P 8 73.97 -44.45 51.27
CA LEU P 8 75.07 -45.37 51.08
C LEU P 8 74.96 -46.59 51.99
N ALA P 9 74.12 -46.55 53.00
CA ALA P 9 73.99 -47.66 53.93
C ALA P 9 73.22 -48.81 53.27
N PRO P 10 73.68 -50.05 53.44
CA PRO P 10 72.89 -51.21 52.93
C PRO P 10 71.74 -51.57 53.87
N VAL P 11 70.78 -50.66 53.96
CA VAL P 11 69.62 -50.78 54.83
C VAL P 11 68.41 -50.52 53.97
N THR P 12 67.43 -51.43 54.03
CA THR P 12 66.23 -51.26 53.23
C THR P 12 65.32 -50.21 53.86
N GLU P 13 64.31 -49.81 53.09
CA GLU P 13 63.38 -48.77 53.53
C GLU P 13 62.57 -49.21 54.74
N ALA P 14 62.09 -50.46 54.74
CA ALA P 14 61.32 -50.98 55.86
C ALA P 14 62.18 -51.13 57.10
N ALA P 15 63.41 -51.60 56.92
CA ALA P 15 64.37 -51.67 58.02
C ALA P 15 64.69 -50.29 58.56
N TRP P 16 64.81 -49.28 57.68
CA TRP P 16 65.05 -47.92 58.12
C TRP P 16 63.89 -47.40 58.96
N ALA P 17 62.66 -47.68 58.54
CA ALA P 17 61.49 -47.25 59.31
C ALA P 17 61.45 -47.89 60.68
N GLU P 18 61.77 -49.19 60.76
CA GLU P 18 61.83 -49.85 62.06
C GLU P 18 62.93 -49.30 62.96
N ILE P 19 64.10 -49.00 62.39
CA ILE P 19 65.21 -48.43 63.17
C ILE P 19 64.86 -47.03 63.69
N GLU P 20 64.25 -46.19 62.82
CA GLU P 20 63.84 -44.86 63.23
C GLU P 20 62.80 -44.91 64.35
N LEU P 21 61.82 -45.81 64.22
CA LEU P 21 60.79 -45.96 65.23
C LEU P 21 61.37 -46.42 66.56
N GLU P 22 62.27 -47.41 66.53
CA GLU P 22 62.88 -47.93 67.75
C GLU P 22 63.73 -46.88 68.45
N ALA P 23 64.53 -46.13 67.68
CA ALA P 23 65.39 -45.10 68.25
C ALA P 23 64.59 -43.95 68.85
N ALA P 24 63.56 -43.48 68.11
CA ALA P 24 62.74 -42.39 68.60
C ALA P 24 61.97 -42.79 69.86
N ARG P 25 61.43 -44.00 69.87
CA ARG P 25 60.69 -44.48 71.04
C ARG P 25 61.59 -44.59 72.26
N THR P 26 62.73 -45.25 72.13
CA THR P 26 63.59 -45.47 73.29
C THR P 26 64.15 -44.15 73.81
N PHE P 27 64.45 -43.22 72.92
CA PHE P 27 64.94 -41.90 73.32
C PHE P 27 63.92 -41.09 74.14
N LYS P 28 62.70 -40.94 73.64
CA LYS P 28 61.67 -40.20 74.37
C LYS P 28 61.45 -40.77 75.76
N ARG P 29 61.35 -42.09 75.88
CA ARG P 29 61.14 -42.72 77.16
C ARG P 29 62.21 -42.37 78.15
N HIS P 30 63.43 -42.22 77.68
CA HIS P 30 64.55 -41.98 78.61
C HIS P 30 64.87 -40.48 78.72
N ILE P 31 64.15 -39.62 78.00
CA ILE P 31 64.43 -38.20 78.23
C ILE P 31 63.52 -37.64 79.30
N ALA P 32 64.13 -37.02 80.32
CA ALA P 32 63.40 -36.24 81.30
C ALA P 32 63.63 -34.75 81.12
N GLY P 33 64.78 -34.39 80.56
CA GLY P 33 65.19 -32.99 80.52
C GLY P 33 64.34 -32.12 79.61
N ARG P 34 63.93 -32.66 78.47
CA ARG P 34 63.16 -31.87 77.51
C ARG P 34 61.73 -31.61 77.99
N ARG P 35 61.25 -32.39 78.96
CA ARG P 35 59.92 -32.17 79.50
C ARG P 35 59.85 -30.93 80.38
N VAL P 36 60.98 -30.46 80.90
CA VAL P 36 60.97 -29.35 81.85
C VAL P 36 61.68 -28.11 81.33
N VAL P 37 62.59 -28.21 80.37
CA VAL P 37 63.34 -27.05 79.93
C VAL P 37 62.73 -26.56 78.63
N ASP P 38 63.03 -25.31 78.29
CA ASP P 38 62.65 -24.77 76.99
C ASP P 38 63.59 -25.34 75.93
N VAL P 39 63.02 -25.86 74.86
CA VAL P 39 63.76 -26.49 73.78
C VAL P 39 63.57 -25.63 72.55
N SER P 40 64.68 -25.15 72.01
CA SER P 40 64.64 -24.27 70.85
C SER P 40 64.37 -25.06 69.58
N ASP P 41 64.04 -24.35 68.52
CA ASP P 41 64.04 -24.96 67.20
C ASP P 41 65.47 -25.29 66.80
N PRO P 42 65.68 -26.30 65.96
CA PRO P 42 67.02 -26.58 65.44
C PRO P 42 67.58 -25.44 64.62
N GLY P 43 68.75 -24.95 65.00
CA GLY P 43 69.41 -23.88 64.28
C GLY P 43 69.83 -24.29 62.89
N GLY P 44 70.31 -25.52 62.76
CA GLY P 44 70.79 -25.98 61.49
C GLY P 44 72.23 -26.40 61.62
N PRO P 45 72.78 -27.00 60.55
CA PRO P 45 74.16 -27.51 60.61
C PRO P 45 75.21 -26.42 60.76
N VAL P 46 74.93 -25.20 60.28
CA VAL P 46 75.97 -24.18 60.27
C VAL P 46 76.08 -23.51 61.64
N THR P 47 75.08 -23.71 62.49
CA THR P 47 75.05 -23.05 63.79
C THR P 47 76.13 -23.63 64.70
N ALA P 48 76.95 -22.76 65.28
CA ALA P 48 78.12 -23.22 65.99
C ALA P 48 78.18 -22.71 67.43
N ALA P 49 77.55 -21.58 67.69
CA ALA P 49 77.63 -20.97 69.02
C ALA P 49 76.37 -20.18 69.29
N VAL P 50 76.11 -19.98 70.57
CA VAL P 50 74.98 -19.19 71.04
C VAL P 50 75.54 -17.95 71.73
N SER P 51 75.07 -16.79 71.30
CA SER P 51 75.47 -15.53 71.93
C SER P 51 74.89 -15.42 73.32
N THR P 52 75.72 -15.05 74.29
CA THR P 52 75.25 -14.77 75.63
C THR P 52 74.95 -13.30 75.85
N GLY P 53 75.46 -12.44 74.96
CA GLY P 53 75.21 -10.99 75.05
C GLY P 53 76.16 -10.32 76.01
N ARG P 54 77.14 -11.04 76.57
CA ARG P 54 78.13 -10.40 77.47
C ARG P 54 79.37 -9.93 76.69
N LEU P 55 80.30 -9.24 77.36
CA LEU P 55 81.50 -8.68 76.70
C LEU P 55 82.75 -9.03 77.51
N ILE P 56 83.88 -9.30 76.83
CA ILE P 56 85.12 -9.65 77.50
C ILE P 56 86.21 -8.64 77.19
N ASP P 57 86.75 -8.01 78.23
CA ASP P 57 87.81 -7.02 78.05
C ASP P 57 89.08 -7.61 77.44
N VAL P 58 89.53 -7.04 76.32
CA VAL P 58 90.79 -7.50 75.72
C VAL P 58 91.82 -6.37 75.65
N LYS P 59 93.10 -6.75 75.59
CA LYS P 59 94.17 -5.75 75.54
C LYS P 59 93.99 -4.78 74.39
N ALA P 60 93.80 -3.50 74.69
CA ALA P 60 93.59 -2.47 73.66
C ALA P 60 94.48 -2.61 72.43
N PRO P 61 93.87 -2.65 71.23
CA PRO P 61 94.66 -2.76 70.00
C PRO P 61 95.62 -1.60 69.89
N THR P 62 95.11 -0.38 69.98
CA THR P 62 95.96 0.81 69.95
C THR P 62 95.52 1.83 71.00
N ASN P 63 96.18 2.97 71.03
CA ASN P 63 95.84 4.02 71.97
C ASN P 63 94.47 4.61 71.67
N GLY P 64 93.64 4.76 72.69
CA GLY P 64 92.32 5.33 72.50
C GLY P 64 91.29 4.38 71.90
N VAL P 65 91.65 3.11 71.77
CA VAL P 65 90.72 2.13 71.26
C VAL P 65 90.31 1.22 72.38
N ILE P 66 89.02 0.99 72.51
CA ILE P 66 88.52 0.13 73.56
C ILE P 66 87.92 -1.06 72.86
N ALA P 67 88.45 -2.23 73.18
CA ALA P 67 88.01 -3.45 72.52
C ALA P 67 87.37 -4.44 73.43
N HIS P 68 86.35 -5.10 72.94
CA HIS P 68 85.72 -6.13 73.72
C HIS P 68 85.33 -7.30 72.87
N LEU P 69 85.61 -8.49 73.35
CA LEU P 69 85.20 -9.71 72.66
C LEU P 69 83.77 -10.06 73.04
N ARG P 70 82.99 -10.47 72.04
CA ARG P 70 81.66 -10.99 72.33
C ARG P 70 81.78 -12.39 72.92
N ALA P 71 81.08 -12.62 74.03
CA ALA P 71 81.05 -13.93 74.65
C ALA P 71 80.02 -14.83 73.98
N SER P 72 80.30 -16.13 73.97
CA SER P 72 79.38 -17.09 73.37
C SER P 72 79.61 -18.45 74.01
N LYS P 73 78.69 -19.36 73.74
CA LYS P 73 78.75 -20.74 74.19
C LYS P 73 78.85 -21.66 72.98
N PRO P 74 79.84 -22.53 72.91
CA PRO P 74 79.94 -23.45 71.76
C PRO P 74 78.95 -24.61 71.88
N LEU P 75 78.42 -25.03 70.74
CA LEU P 75 77.70 -26.28 70.68
C LEU P 75 78.68 -27.45 70.76
N VAL P 76 78.18 -28.58 71.26
CA VAL P 76 78.91 -29.83 71.25
C VAL P 76 78.12 -30.83 70.43
N ARG P 77 78.81 -31.55 69.56
CA ARG P 77 78.20 -32.64 68.80
C ARG P 77 78.49 -33.95 69.51
N LEU P 78 77.44 -34.69 69.82
CA LEU P 78 77.50 -35.92 70.58
C LEU P 78 77.10 -37.05 69.64
N ARG P 79 77.99 -38.03 69.51
CA ARG P 79 77.82 -39.14 68.59
C ARG P 79 77.96 -40.45 69.34
N VAL P 80 77.00 -41.33 69.17
CA VAL P 80 77.02 -42.67 69.75
C VAL P 80 76.96 -43.67 68.61
N PRO P 81 78.09 -44.30 68.29
CA PRO P 81 78.07 -45.35 67.26
C PRO P 81 77.43 -46.63 67.78
N PHE P 82 76.86 -47.39 66.85
CA PHE P 82 76.30 -48.70 67.16
C PHE P 82 76.38 -49.58 65.93
N THR P 83 76.23 -50.87 66.14
CA THR P 83 76.50 -51.88 65.12
C THR P 83 75.31 -52.80 64.97
N LEU P 84 74.82 -52.95 63.74
CA LEU P 84 73.66 -53.78 63.45
C LEU P 84 74.07 -55.00 62.63
N SER P 85 73.47 -56.13 62.95
CA SER P 85 73.60 -57.33 62.11
C SER P 85 72.85 -57.14 60.80
N ARG P 86 73.50 -57.49 59.70
CA ARG P 86 72.86 -57.36 58.40
C ARG P 86 71.80 -58.44 58.17
N ASN P 87 71.92 -59.58 58.85
CA ASN P 87 70.87 -60.60 58.80
C ASN P 87 69.57 -60.09 59.41
N GLU P 88 69.65 -59.37 60.53
CA GLU P 88 68.47 -58.78 61.14
C GLU P 88 67.84 -57.73 60.23
N ILE P 89 68.68 -56.97 59.52
CA ILE P 89 68.18 -55.98 58.56
C ILE P 89 67.47 -56.67 57.40
N ASP P 90 68.06 -57.75 56.88
CA ASP P 90 67.46 -58.50 55.78
C ASP P 90 66.18 -59.22 56.19
N ASP P 91 66.03 -59.55 57.47
CA ASP P 91 64.82 -60.20 57.97
C ASP P 91 63.57 -59.34 57.83
N VAL P 92 63.74 -58.02 57.82
CA VAL P 92 62.59 -57.11 57.90
C VAL P 92 61.76 -57.16 56.62
N GLU P 93 62.41 -57.23 55.47
CA GLU P 93 61.63 -57.27 54.20
C GLU P 93 60.91 -58.61 54.08
N ARG P 94 61.50 -59.69 54.58
CA ARG P 94 60.83 -60.97 54.57
C ARG P 94 59.63 -61.03 55.53
N GLY P 95 59.44 -60.03 56.37
CA GLY P 95 58.29 -59.98 57.24
C GLY P 95 58.54 -60.29 58.70
N SER P 96 59.80 -60.37 59.12
CA SER P 96 60.10 -60.55 60.53
C SER P 96 59.70 -59.31 61.32
N LYS P 97 59.22 -59.53 62.54
CA LYS P 97 58.83 -58.44 63.43
C LYS P 97 59.56 -58.52 64.77
N ASP P 98 60.58 -59.36 64.85
CA ASP P 98 61.36 -59.48 66.08
C ASP P 98 62.86 -59.26 65.81
N SER P 99 63.18 -58.45 64.80
CA SER P 99 64.56 -58.18 64.46
C SER P 99 65.28 -57.49 65.62
N ASP P 100 66.52 -57.90 65.84
CA ASP P 100 67.27 -57.48 67.02
C ASP P 100 67.69 -56.02 66.92
N TRP P 101 66.93 -55.14 67.54
CA TRP P 101 67.27 -53.72 67.52
C TRP P 101 67.83 -53.30 68.88
N GLU P 102 68.41 -54.25 69.60
CA GLU P 102 69.03 -53.93 70.88
C GLU P 102 70.16 -52.89 70.79
N PRO P 103 71.02 -52.96 69.74
CA PRO P 103 72.05 -51.91 69.70
C PRO P 103 71.43 -50.55 69.49
N VAL P 104 70.39 -50.44 68.66
CA VAL P 104 69.70 -49.17 68.49
C VAL P 104 69.15 -48.67 69.82
N LYS P 105 68.57 -49.58 70.61
CA LYS P 105 68.01 -49.21 71.90
C LYS P 105 69.11 -48.78 72.88
N GLU P 106 70.24 -49.49 72.86
CA GLU P 106 71.35 -49.12 73.74
C GLU P 106 71.97 -47.79 73.33
N ALA P 107 72.06 -47.53 72.02
CA ALA P 107 72.57 -46.23 71.56
C ALA P 107 71.63 -45.09 71.92
N ALA P 108 70.32 -45.31 71.78
CA ALA P 108 69.35 -44.28 72.15
C ALA P 108 69.33 -44.03 73.65
N LYS P 109 69.46 -45.09 74.44
CA LYS P 109 69.53 -44.93 75.89
C LYS P 109 70.80 -44.19 76.30
N LYS P 110 71.92 -44.49 75.64
CA LYS P 110 73.17 -43.84 75.99
C LYS P 110 73.18 -42.36 75.58
N LEU P 111 72.61 -42.07 74.40
CA LEU P 111 72.51 -40.65 73.94
C LEU P 111 71.59 -39.89 74.90
N ALA P 112 70.44 -40.46 75.25
CA ALA P 112 69.53 -39.82 76.18
C ALA P 112 70.18 -39.58 77.53
N PHE P 113 70.97 -40.55 78.01
CA PHE P 113 71.66 -40.40 79.27
C PHE P 113 72.70 -39.29 79.22
N VAL P 114 73.43 -39.19 78.12
CA VAL P 114 74.39 -38.12 77.98
C VAL P 114 73.68 -36.77 77.99
N GLU P 115 72.64 -36.63 77.18
CA GLU P 115 71.93 -35.34 77.11
C GLU P 115 71.38 -34.92 78.47
N ASP P 116 70.76 -35.86 79.20
CA ASP P 116 70.20 -35.53 80.50
C ASP P 116 71.27 -35.22 81.53
N ARG P 117 72.38 -35.98 81.51
CA ARG P 117 73.47 -35.70 82.45
C ARG P 117 74.19 -34.41 82.10
N THR P 118 74.18 -34.02 80.84
CA THR P 118 74.74 -32.74 80.44
C THR P 118 73.86 -31.58 80.92
N ILE P 119 72.54 -31.72 80.79
CA ILE P 119 71.63 -30.68 81.25
C ILE P 119 71.69 -30.54 82.77
N PHE P 120 71.69 -31.65 83.51
CA PHE P 120 71.54 -31.54 84.96
C PHE P 120 72.86 -31.55 85.73
N GLU P 121 73.92 -32.15 85.20
CA GLU P 121 75.18 -32.21 85.91
C GLU P 121 76.30 -31.48 85.19
N GLY P 122 76.02 -30.95 84.02
CA GLY P 122 77.03 -30.25 83.27
C GLY P 122 78.08 -31.04 82.54
N TYR P 123 78.79 -30.36 81.66
CA TYR P 123 79.85 -30.99 80.90
C TYR P 123 80.86 -29.88 80.82
N SER P 124 81.79 -29.88 81.75
CA SER P 124 82.78 -28.81 81.82
C SER P 124 83.62 -28.59 80.56
N ALA P 125 84.02 -29.66 79.90
CA ALA P 125 84.82 -29.57 78.68
C ALA P 125 84.06 -28.83 77.58
N ALA P 126 82.74 -28.91 77.57
CA ALA P 126 81.92 -28.17 76.64
C ALA P 126 81.44 -26.84 77.20
N SER P 127 82.00 -26.41 78.34
CA SER P 127 81.67 -25.16 79.03
C SER P 127 80.19 -25.08 79.38
N ILE P 128 79.61 -26.20 79.78
CA ILE P 128 78.21 -26.26 80.18
C ILE P 128 78.17 -26.49 81.67
N GLU P 129 77.55 -25.56 82.38
CA GLU P 129 77.31 -25.71 83.81
C GLU P 129 75.96 -26.40 84.00
N GLY P 130 75.93 -27.41 84.86
CA GLY P 130 74.69 -28.11 85.12
C GLY P 130 73.73 -27.28 85.95
N ILE P 131 72.49 -27.76 86.00
CA ILE P 131 71.48 -27.15 86.86
C ILE P 131 71.88 -27.28 88.33
N ARG P 132 72.49 -28.41 88.70
CA ARG P 132 72.96 -28.60 90.07
C ARG P 132 74.05 -27.61 90.44
N SER P 133 74.98 -27.35 89.55
CA SER P 133 76.05 -26.41 89.84
C SER P 133 75.59 -24.96 89.75
N ALA P 134 74.66 -24.65 88.85
CA ALA P 134 74.19 -23.29 88.66
C ALA P 134 73.08 -22.89 89.63
N SER P 135 72.60 -23.80 90.45
CA SER P 135 71.55 -23.47 91.40
C SER P 135 72.12 -22.65 92.56
N SER P 136 71.45 -21.56 92.90
CA SER P 136 71.83 -20.75 94.04
C SER P 136 71.11 -21.16 95.32
N ASN P 137 70.04 -21.95 95.23
CA ASN P 137 69.35 -22.44 96.40
C ASN P 137 70.19 -23.50 97.10
N PRO P 138 70.06 -23.67 98.41
CA PRO P 138 70.87 -24.66 99.11
C PRO P 138 70.55 -26.09 98.70
N ALA P 139 71.57 -26.93 98.75
CA ALA P 139 71.43 -28.34 98.42
C ALA P 139 70.93 -29.11 99.64
N LEU P 140 70.13 -30.13 99.37
CA LEU P 140 69.53 -30.93 100.43
C LEU P 140 70.01 -32.36 100.33
N THR P 141 69.95 -33.06 101.45
CA THR P 141 70.34 -34.46 101.52
C THR P 141 69.10 -35.34 101.55
N LEU P 142 69.04 -36.31 100.64
CA LEU P 142 67.92 -37.25 100.64
C LEU P 142 68.14 -38.28 101.73
N PRO P 143 67.10 -38.56 102.51
CA PRO P 143 67.22 -39.51 103.62
C PRO P 143 67.26 -40.96 103.16
N GLU P 144 67.69 -41.85 104.04
CA GLU P 144 67.75 -43.27 103.68
C GLU P 144 66.35 -43.89 103.60
N ASP P 145 65.49 -43.55 104.55
CA ASP P 145 64.14 -44.09 104.57
C ASP P 145 63.31 -43.41 103.49
N PRO P 146 62.70 -44.16 102.57
CA PRO P 146 61.83 -43.55 101.55
C PRO P 146 60.59 -42.86 102.13
N ARG P 147 60.11 -43.29 103.30
CA ARG P 147 58.98 -42.62 103.94
C ARG P 147 59.31 -41.21 104.39
N GLU P 148 60.60 -40.90 104.55
CA GLU P 148 61.05 -39.55 104.84
C GLU P 148 61.42 -38.75 103.59
N ILE P 149 61.22 -39.31 102.40
CA ILE P 149 61.48 -38.54 101.18
C ILE P 149 60.52 -37.33 101.04
N PRO P 150 59.20 -37.54 101.13
CA PRO P 150 58.31 -36.38 100.92
C PRO P 150 58.59 -35.20 101.85
N ASP P 151 59.09 -35.45 103.05
CA ASP P 151 59.41 -34.36 103.97
C ASP P 151 60.49 -33.47 103.37
N VAL P 152 61.64 -34.06 103.02
CA VAL P 152 62.75 -33.27 102.46
C VAL P 152 62.34 -32.57 101.16
N ILE P 153 61.62 -33.28 100.29
CA ILE P 153 61.11 -32.65 99.07
C ILE P 153 60.30 -31.40 99.39
N SER P 154 59.47 -31.46 100.43
CA SER P 154 58.67 -30.29 100.86
C SER P 154 59.59 -29.15 101.32
N GLN P 155 60.72 -29.46 101.93
CA GLN P 155 61.69 -28.43 102.31
C GLN P 155 62.27 -27.75 101.07
N ALA P 156 62.49 -28.53 100.01
CA ALA P 156 62.89 -27.97 98.73
C ALA P 156 61.82 -27.05 98.18
N LEU P 157 60.54 -27.44 98.34
CA LEU P 157 59.44 -26.57 97.94
C LEU P 157 59.38 -25.31 98.80
N SER P 158 59.93 -25.35 100.02
CA SER P 158 60.04 -24.14 100.79
C SER P 158 61.05 -23.18 100.17
N GLU P 159 62.15 -23.72 99.65
CA GLU P 159 63.26 -22.88 99.20
C GLU P 159 62.90 -22.10 97.94
N LEU P 160 62.26 -22.75 96.97
CA LEU P 160 61.69 -22.03 95.82
C LEU P 160 60.64 -21.02 96.23
N ARG P 161 59.95 -21.27 97.34
CA ARG P 161 59.02 -20.27 97.82
C ARG P 161 59.76 -19.12 98.48
N LEU P 162 60.88 -19.41 99.14
CA LEU P 162 61.70 -18.36 99.72
C LEU P 162 62.52 -17.62 98.67
N ALA P 163 62.68 -18.22 97.49
CA ALA P 163 63.37 -17.57 96.40
C ALA P 163 62.46 -16.64 95.60
N GLY P 164 61.17 -16.59 95.94
CA GLY P 164 60.22 -15.77 95.18
C GLY P 164 60.04 -16.32 93.77
N VAL P 165 59.45 -17.50 93.64
CA VAL P 165 59.29 -18.11 92.33
C VAL P 165 57.90 -18.70 92.18
N ASP P 166 57.25 -18.47 91.04
CA ASP P 166 55.93 -19.04 90.79
C ASP P 166 56.01 -20.19 89.79
N GLY P 167 54.86 -20.62 89.28
CA GLY P 167 54.85 -21.68 88.27
C GLY P 167 54.64 -23.10 88.78
N PRO P 168 54.29 -24.02 87.86
CA PRO P 168 54.08 -25.40 88.24
C PRO P 168 55.44 -25.98 88.63
N TYR P 169 55.61 -26.50 89.83
CA TYR P 169 56.88 -27.11 90.18
C TYR P 169 56.95 -28.58 89.76
N SER P 170 58.12 -29.05 89.33
CA SER P 170 58.13 -30.47 88.95
C SER P 170 59.30 -31.19 89.64
N VAL P 171 59.09 -32.44 90.02
CA VAL P 171 60.12 -33.19 90.74
C VAL P 171 60.66 -34.26 89.81
N LEU P 172 61.98 -34.28 89.67
CA LEU P 172 62.64 -35.28 88.85
C LEU P 172 63.44 -36.15 89.80
N LEU P 173 63.34 -37.46 89.66
CA LEU P 173 64.00 -38.38 90.57
C LEU P 173 64.96 -39.26 89.81
N SER P 174 66.06 -39.62 90.46
CA SER P 174 66.92 -40.65 89.91
C SER P 174 66.21 -42.00 89.95
N ALA P 175 66.73 -42.95 89.17
CA ALA P 175 66.12 -44.27 89.06
C ALA P 175 66.11 -45.01 90.38
N ASP P 176 67.16 -44.85 91.18
CA ASP P 176 67.19 -45.43 92.53
C ASP P 176 66.11 -44.82 93.41
N VAL P 177 65.98 -43.50 93.39
CA VAL P 177 65.00 -42.82 94.22
C VAL P 177 63.59 -43.08 93.72
N TYR P 178 63.40 -43.12 92.40
CA TYR P 178 62.10 -43.42 91.82
C TYR P 178 61.66 -44.84 92.17
N THR P 179 62.58 -45.79 92.12
CA THR P 179 62.28 -47.16 92.53
C THR P 179 61.95 -47.24 94.02
N LYS P 180 62.71 -46.52 94.85
CA LYS P 180 62.47 -46.53 96.29
C LYS P 180 61.11 -45.94 96.66
N VAL P 181 60.71 -44.84 96.03
CA VAL P 181 59.41 -44.26 96.34
C VAL P 181 58.28 -44.94 95.59
N SER P 182 58.61 -45.78 94.60
CA SER P 182 57.59 -46.56 93.92
C SER P 182 57.25 -47.84 94.66
N GLU P 183 58.25 -48.50 95.24
CA GLU P 183 58.05 -49.82 95.82
C GLU P 183 57.66 -49.78 97.28
N THR P 184 57.88 -48.67 97.96
CA THR P 184 57.45 -48.51 99.33
C THR P 184 56.05 -47.90 99.33
N SER P 185 55.17 -48.44 100.14
CA SER P 185 53.79 -48.00 100.15
C SER P 185 53.36 -47.61 101.56
N ASP P 186 52.44 -46.65 101.62
CA ASP P 186 51.85 -46.21 102.89
C ASP P 186 50.39 -45.92 102.66
N HIS P 187 49.53 -46.63 103.40
CA HIS P 187 48.06 -46.47 103.39
C HIS P 187 47.48 -46.62 101.98
N GLY P 188 47.89 -47.67 101.29
CA GLY P 188 47.32 -48.01 100.01
C GLY P 188 47.85 -47.22 98.82
N TYR P 189 48.84 -46.37 99.03
CA TYR P 189 49.48 -45.66 97.94
C TYR P 189 50.98 -45.76 98.09
N PRO P 190 51.71 -45.84 96.99
CA PRO P 190 53.16 -45.69 97.07
C PRO P 190 53.53 -44.25 97.37
N ILE P 191 54.78 -44.06 97.80
CA ILE P 191 55.28 -42.75 98.20
C ILE P 191 55.34 -41.79 97.00
N ARG P 192 55.41 -42.34 95.79
CA ARG P 192 55.34 -41.55 94.57
C ARG P 192 54.03 -40.76 94.48
N GLU P 193 52.93 -41.36 94.92
CA GLU P 193 51.66 -40.63 94.97
C GLU P 193 51.71 -39.52 96.02
N HIS P 194 52.37 -39.78 97.16
CA HIS P 194 52.55 -38.73 98.17
C HIS P 194 53.36 -37.55 97.63
N LEU P 195 54.35 -37.85 96.79
CA LEU P 195 55.06 -36.78 96.10
C LEU P 195 54.18 -36.06 95.10
N ASN P 196 53.30 -36.80 94.44
CA ASN P 196 52.38 -36.21 93.46
C ASN P 196 51.40 -35.25 94.11
N ARG P 197 51.04 -35.48 95.37
CA ARG P 197 50.13 -34.57 96.06
C ARG P 197 50.79 -33.23 96.41
N LEU P 198 52.11 -33.20 96.59
CA LEU P 198 52.83 -31.95 96.97
C LEU P 198 52.94 -30.94 95.83
N VAL P 199 52.95 -31.39 94.58
CA VAL P 199 53.21 -30.44 93.45
C VAL P 199 52.08 -30.42 92.43
N ASP P 200 52.02 -29.36 91.63
CA ASP P 200 50.99 -29.23 90.57
C ASP P 200 51.65 -29.58 89.24
N GLY P 201 52.91 -30.03 89.30
CA GLY P 201 53.63 -30.43 88.09
C GLY P 201 53.59 -31.93 87.94
N ASP P 202 54.75 -32.58 87.81
CA ASP P 202 54.73 -34.04 87.54
C ASP P 202 55.89 -34.75 88.23
N ILE P 203 55.65 -35.96 88.74
CA ILE P 203 56.81 -36.74 89.24
C ILE P 203 57.38 -37.35 87.97
N ILE P 204 58.64 -37.07 87.67
CA ILE P 204 59.25 -37.45 86.40
C ILE P 204 60.39 -38.42 86.67
N TRP P 205 60.33 -39.58 86.01
CA TRP P 205 61.40 -40.55 86.10
C TRP P 205 62.60 -40.03 85.30
N ALA P 206 63.74 -39.92 85.95
CA ALA P 206 64.96 -39.38 85.34
C ALA P 206 66.11 -40.34 85.63
N PRO P 207 66.23 -41.41 84.84
CA PRO P 207 67.22 -42.46 85.16
C PRO P 207 68.67 -42.04 84.96
N ALA P 208 68.97 -40.93 84.29
CA ALA P 208 70.36 -40.56 84.09
C ALA P 208 70.93 -39.77 85.26
N ILE P 209 70.11 -38.98 85.94
CA ILE P 209 70.58 -38.06 86.97
C ILE P 209 70.96 -38.79 88.25
N ASP P 210 71.66 -38.10 89.14
CA ASP P 210 71.83 -38.52 90.52
C ASP P 210 70.93 -37.67 91.41
N GLY P 211 70.55 -38.27 92.54
CA GLY P 211 69.71 -37.56 93.50
C GLY P 211 68.36 -37.15 92.99
N ALA P 212 68.00 -35.90 93.22
CA ALA P 212 66.70 -35.43 92.80
C ALA P 212 66.78 -33.94 92.46
N PHE P 213 65.78 -33.48 91.72
CA PHE P 213 65.76 -32.05 91.36
C PHE P 213 64.32 -31.58 91.47
N VAL P 214 64.11 -30.44 92.14
CA VAL P 214 62.75 -29.85 92.17
C VAL P 214 62.89 -28.52 91.45
N LEU P 215 61.97 -28.20 90.56
CA LEU P 215 62.17 -26.96 89.79
C LEU P 215 60.87 -26.48 89.19
N THR P 216 60.83 -25.20 88.83
CA THR P 216 59.66 -24.60 88.21
C THR P 216 59.69 -24.78 86.70
N THR P 217 58.49 -24.94 86.12
CA THR P 217 58.38 -25.07 84.67
C THR P 217 57.58 -23.91 84.12
N ARG P 218 57.74 -22.74 84.73
CA ARG P 218 57.02 -21.56 84.27
C ARG P 218 57.51 -21.07 82.91
N GLY P 219 58.73 -21.43 82.53
CA GLY P 219 59.24 -21.00 81.24
C GLY P 219 60.33 -19.96 81.40
N GLY P 220 61.22 -19.91 80.42
CA GLY P 220 62.24 -18.88 80.34
C GLY P 220 63.37 -19.01 81.33
N ASP P 221 63.49 -20.12 82.06
CA ASP P 221 64.55 -20.24 83.04
C ASP P 221 65.67 -21.16 82.56
N PHE P 222 65.31 -22.19 81.81
CA PHE P 222 66.24 -23.23 81.39
C PHE P 222 66.07 -23.39 79.89
N ASP P 223 67.17 -23.36 79.14
CA ASP P 223 67.08 -23.29 77.68
C ASP P 223 68.05 -24.30 77.09
N LEU P 224 67.51 -25.26 76.35
CA LEU P 224 68.32 -26.21 75.60
C LEU P 224 68.38 -25.73 74.16
N GLN P 225 69.58 -25.45 73.67
CA GLN P 225 69.74 -24.98 72.29
C GLN P 225 70.22 -26.13 71.41
N LEU P 226 69.45 -26.40 70.37
CA LEU P 226 69.81 -27.44 69.44
C LEU P 226 70.25 -26.91 68.13
N GLY P 227 71.38 -27.34 67.62
CA GLY P 227 71.74 -26.97 66.27
C GLY P 227 70.98 -27.95 65.41
N THR P 228 71.21 -29.24 65.65
CA THR P 228 70.46 -30.30 64.95
C THR P 228 69.94 -31.31 65.96
N ASP P 229 68.69 -31.74 65.80
CA ASP P 229 68.09 -32.76 66.71
C ASP P 229 68.71 -34.14 66.43
N VAL P 230 68.24 -35.17 67.13
CA VAL P 230 68.78 -36.55 66.97
C VAL P 230 68.60 -37.07 65.55
N ALA P 231 69.68 -37.55 64.95
CA ALA P 231 69.66 -38.09 63.61
C ALA P 231 70.46 -39.38 63.56
N ILE P 232 70.14 -40.25 62.62
CA ILE P 232 70.86 -41.50 62.45
C ILE P 232 71.72 -41.40 61.19
N GLY P 233 73.01 -41.67 61.32
CA GLY P 233 73.94 -41.57 60.22
C GLY P 233 74.70 -42.87 59.99
N TYR P 234 75.26 -42.98 58.78
CA TYR P 234 75.93 -44.19 58.35
C TYR P 234 77.44 -44.00 58.35
N ALA P 235 78.16 -44.93 58.99
CA ALA P 235 79.64 -44.80 59.07
C ALA P 235 80.29 -45.72 58.04
N SER P 236 80.16 -47.03 58.21
CA SER P 236 80.78 -48.01 57.32
C SER P 236 80.06 -49.35 57.45
N HIS P 237 80.40 -50.30 56.56
CA HIS P 237 79.71 -51.62 56.55
C HIS P 237 80.64 -52.73 56.07
N ASP P 238 80.36 -53.97 56.46
CA ASP P 238 81.13 -55.14 55.96
C ASP P 238 80.08 -56.17 55.52
N THR P 239 80.48 -57.42 55.32
CA THR P 239 79.53 -58.47 54.85
C THR P 239 78.53 -58.78 55.97
N ASP P 240 78.94 -58.63 57.22
CA ASP P 240 78.06 -59.07 58.30
C ASP P 240 77.32 -57.94 59.00
N THR P 241 77.91 -56.75 59.09
CA THR P 241 77.38 -55.72 59.97
C THR P 241 77.37 -54.36 59.29
N VAL P 242 76.53 -53.47 59.80
CA VAL P 242 76.49 -52.07 59.41
C VAL P 242 76.78 -51.23 60.65
N ARG P 243 77.81 -50.39 60.56
CA ARG P 243 78.09 -49.43 61.62
C ARG P 243 77.34 -48.12 61.33
N LEU P 244 76.50 -47.72 62.29
CA LEU P 244 75.79 -46.46 62.17
C LEU P 244 76.05 -45.66 63.44
N TYR P 245 75.41 -44.50 63.57
CA TYR P 245 75.55 -43.69 64.77
C TYR P 245 74.29 -42.88 64.98
N LEU P 246 74.08 -42.50 66.24
CA LEU P 246 73.11 -41.49 66.63
C LEU P 246 73.87 -40.22 66.90
N GLN P 247 73.30 -39.08 66.50
CA GLN P 247 74.08 -37.86 66.58
C GLN P 247 73.16 -36.68 66.87
N GLU P 248 73.59 -35.82 67.77
CA GLU P 248 72.87 -34.59 68.05
C GLU P 248 73.85 -33.53 68.51
N THR P 249 73.58 -32.27 68.18
CA THR P 249 74.44 -31.18 68.59
C THR P 249 73.66 -30.12 69.36
N LEU P 250 74.20 -29.72 70.50
CA LEU P 250 73.44 -28.92 71.45
C LEU P 250 74.37 -28.16 72.40
N THR P 251 73.77 -27.19 73.09
CA THR P 251 74.33 -26.64 74.32
C THR P 251 73.17 -26.39 75.27
N PHE P 252 73.49 -26.17 76.55
CA PHE P 252 72.46 -25.88 77.53
C PHE P 252 72.81 -24.63 78.31
N LEU P 253 71.81 -23.78 78.54
CA LEU P 253 71.95 -22.53 79.25
C LEU P 253 70.97 -22.50 80.41
N CYS P 254 71.43 -22.06 81.56
CA CYS P 254 70.56 -21.79 82.71
C CYS P 254 70.57 -20.29 82.97
N TYR P 255 69.45 -19.64 82.73
CA TYR P 255 69.36 -18.20 82.92
C TYR P 255 69.02 -17.79 84.34
N THR P 256 68.33 -18.64 85.08
CA THR P 256 67.77 -18.29 86.38
C THR P 256 68.35 -19.22 87.43
N ALA P 257 69.20 -18.67 88.29
CA ALA P 257 69.94 -19.51 89.24
C ALA P 257 69.07 -20.02 90.37
N GLU P 258 68.00 -19.32 90.71
CA GLU P 258 67.22 -19.65 91.89
C GLU P 258 65.98 -20.46 91.57
N ALA P 259 65.88 -20.98 90.36
CA ALA P 259 64.68 -21.70 89.92
C ALA P 259 64.74 -23.20 90.19
N SER P 260 65.70 -23.68 90.98
CA SER P 260 65.85 -25.11 91.16
C SER P 260 66.52 -25.44 92.49
N VAL P 261 66.21 -26.64 93.00
CA VAL P 261 66.88 -27.23 94.16
C VAL P 261 67.38 -28.61 93.77
N ALA P 262 68.66 -28.87 94.04
CA ALA P 262 69.29 -30.16 93.82
C ALA P 262 69.38 -30.93 95.12
N LEU P 263 69.19 -32.25 95.01
CA LEU P 263 69.26 -33.10 96.17
C LEU P 263 70.25 -34.22 95.89
N SER P 264 70.95 -34.67 96.91
CA SER P 264 71.95 -35.72 96.76
C SER P 264 71.80 -36.72 97.90
N HIS P 265 72.54 -37.82 97.78
CA HIS P 265 72.51 -38.86 98.80
C HIS P 265 73.60 -38.66 99.84
N MET Q 1 14.64 -71.09 59.66
CA MET Q 1 13.58 -72.09 59.69
C MET Q 1 12.75 -72.00 60.96
N ASN Q 2 11.71 -72.83 61.04
CA ASN Q 2 10.82 -72.83 62.22
C ASN Q 2 10.78 -74.19 62.92
N ASN Q 3 9.75 -74.42 63.74
CA ASN Q 3 9.66 -75.69 64.44
C ASN Q 3 9.25 -76.87 63.54
N LEU Q 4 8.60 -76.62 62.42
CA LEU Q 4 8.32 -77.69 61.45
C LEU Q 4 9.58 -78.31 60.86
N TYR Q 5 10.69 -77.57 60.81
CA TYR Q 5 11.94 -78.08 60.23
C TYR Q 5 11.69 -78.71 58.86
N ARG Q 6 10.92 -77.99 58.04
CA ARG Q 6 10.37 -78.55 56.81
C ARG Q 6 11.46 -78.77 55.77
N ASP Q 7 12.44 -77.86 55.71
CA ASP Q 7 13.52 -77.99 54.73
C ASP Q 7 14.47 -79.13 55.04
N LEU Q 8 14.44 -79.67 56.26
CA LEU Q 8 15.27 -80.82 56.58
C LEU Q 8 14.67 -82.13 56.09
N ALA Q 9 13.39 -82.14 55.75
CA ALA Q 9 12.75 -83.37 55.31
C ALA Q 9 13.18 -83.73 53.90
N PRO Q 10 13.48 -85.00 53.62
CA PRO Q 10 13.79 -85.42 52.24
C PRO Q 10 12.52 -85.61 51.41
N VAL Q 11 11.84 -84.50 51.17
CA VAL Q 11 10.58 -84.47 50.44
C VAL Q 11 10.73 -83.41 49.36
N THR Q 12 10.41 -83.77 48.13
CA THR Q 12 10.54 -82.81 47.04
C THR Q 12 9.38 -81.82 47.07
N GLU Q 13 9.51 -80.77 46.26
CA GLU Q 13 8.52 -79.71 46.22
C GLU Q 13 7.17 -80.21 45.69
N ALA Q 14 7.21 -81.03 44.64
CA ALA Q 14 5.98 -81.58 44.07
C ALA Q 14 5.32 -82.56 45.03
N ALA Q 15 6.12 -83.38 45.70
CA ALA Q 15 5.60 -84.26 46.73
C ALA Q 15 5.01 -83.48 47.89
N TRP Q 16 5.64 -82.36 48.27
CA TRP Q 16 5.10 -81.51 49.32
C TRP Q 16 3.75 -80.94 48.93
N ALA Q 17 3.61 -80.49 47.69
CA ALA Q 17 2.34 -79.95 47.22
C ALA Q 17 1.24 -81.02 47.23
N GLU Q 18 1.57 -82.23 46.82
CA GLU Q 18 0.59 -83.32 46.88
C GLU Q 18 0.19 -83.67 48.31
N ILE Q 19 1.16 -83.68 49.24
CA ILE Q 19 0.87 -84.00 50.64
C ILE Q 19 0.00 -82.91 51.26
N GLU Q 20 0.30 -81.63 50.99
CA GLU Q 20 -0.49 -80.52 51.51
C GLU Q 20 -1.92 -80.58 50.99
N LEU Q 21 -2.07 -80.86 49.68
CA LEU Q 21 -3.39 -80.96 49.08
C LEU Q 21 -4.20 -82.10 49.68
N GLU Q 22 -3.57 -83.27 49.85
CA GLU Q 22 -4.26 -84.43 50.41
C GLU Q 22 -4.69 -84.19 51.85
N ALA Q 23 -3.81 -83.62 52.66
CA ALA Q 23 -4.11 -83.36 54.07
C ALA Q 23 -5.20 -82.32 54.22
N ALA Q 24 -5.13 -81.22 53.45
CA ALA Q 24 -6.14 -80.17 53.53
C ALA Q 24 -7.50 -80.67 53.08
N ARG Q 25 -7.53 -81.44 51.99
CA ARG Q 25 -8.78 -81.99 51.49
C ARG Q 25 -9.43 -82.93 52.49
N THR Q 26 -8.67 -83.90 52.99
CA THR Q 26 -9.25 -84.90 53.89
C THR Q 26 -9.70 -84.25 55.21
N PHE Q 27 -8.97 -83.26 55.69
CA PHE Q 27 -9.35 -82.55 56.90
C PHE Q 27 -10.67 -81.78 56.77
N LYS Q 28 -10.82 -80.96 55.74
CA LYS Q 28 -12.06 -80.21 55.54
C LYS Q 28 -13.28 -81.13 55.46
N ARG Q 29 -13.16 -82.22 54.71
CA ARG Q 29 -14.26 -83.15 54.57
C ARG Q 29 -14.70 -83.70 55.89
N HIS Q 30 -13.76 -83.91 56.80
CA HIS Q 30 -14.13 -84.53 58.09
C HIS Q 30 -14.36 -83.49 59.18
N ILE Q 31 -14.22 -82.20 58.87
CA ILE Q 31 -14.56 -81.24 59.92
C ILE Q 31 -16.03 -80.83 59.82
N ALA Q 32 -16.75 -80.97 60.93
CA ALA Q 32 -18.09 -80.42 61.05
C ALA Q 32 -18.12 -79.23 62.00
N GLY Q 33 -17.17 -79.18 62.94
CA GLY Q 33 -17.22 -78.20 64.00
C GLY Q 33 -16.97 -76.77 63.55
N ARG Q 34 -16.05 -76.59 62.59
CA ARG Q 34 -15.72 -75.24 62.13
C ARG Q 34 -16.83 -74.63 61.29
N ARG Q 35 -17.74 -75.45 60.77
CA ARG Q 35 -18.86 -74.92 59.99
C ARG Q 35 -19.90 -74.23 60.86
N VAL Q 36 -19.94 -74.53 62.16
CA VAL Q 36 -20.97 -73.99 63.02
C VAL Q 36 -20.44 -73.05 64.10
N VAL Q 37 -19.17 -73.14 64.50
CA VAL Q 37 -18.66 -72.33 65.58
C VAL Q 37 -17.91 -71.16 64.99
N ASP Q 38 -17.72 -70.12 65.80
CA ASP Q 38 -16.87 -69.01 65.42
C ASP Q 38 -15.41 -69.45 65.55
N VAL Q 39 -14.64 -69.22 64.50
CA VAL Q 39 -13.24 -69.61 64.43
C VAL Q 39 -12.41 -68.34 64.40
N SER Q 40 -11.52 -68.20 65.38
CA SER Q 40 -10.71 -67.01 65.48
C SER Q 40 -9.57 -67.04 64.47
N ASP Q 41 -8.93 -65.90 64.29
CA ASP Q 41 -7.66 -65.89 63.57
C ASP Q 41 -6.60 -66.59 64.41
N PRO Q 42 -5.59 -67.17 63.77
CA PRO Q 42 -4.47 -67.75 64.54
C PRO Q 42 -3.73 -66.71 65.36
N GLY Q 43 -3.62 -66.95 66.66
CA GLY Q 43 -2.90 -66.07 67.55
C GLY Q 43 -1.42 -66.04 67.27
N GLY Q 44 -0.87 -67.19 66.93
CA GLY Q 44 0.56 -67.27 66.70
C GLY Q 44 1.18 -68.26 67.65
N PRO Q 45 2.47 -68.56 67.45
CA PRO Q 45 3.13 -69.57 68.28
C PRO Q 45 3.27 -69.18 69.74
N VAL Q 46 3.33 -67.87 70.04
CA VAL Q 46 3.61 -67.45 71.41
C VAL Q 46 2.34 -67.50 72.26
N THR Q 47 1.17 -67.58 71.61
CA THR Q 47 -0.10 -67.55 72.31
C THR Q 47 -0.28 -68.82 73.11
N ALA Q 48 -0.59 -68.68 74.41
CA ALA Q 48 -0.59 -69.83 75.29
C ALA Q 48 -1.91 -70.01 76.02
N ALA Q 49 -2.65 -68.92 76.22
CA ALA Q 49 -3.88 -68.98 76.99
C ALA Q 49 -4.84 -67.91 76.50
N VAL Q 50 -6.12 -68.15 76.78
CA VAL Q 50 -7.18 -67.21 76.45
C VAL Q 50 -7.76 -66.70 77.75
N SER Q 51 -7.82 -65.38 77.90
CA SER Q 51 -8.43 -64.78 79.08
C SER Q 51 -9.93 -64.98 79.07
N THR Q 52 -10.47 -65.42 80.21
CA THR Q 52 -11.91 -65.52 80.38
C THR Q 52 -12.52 -64.28 81.00
N GLY Q 53 -11.67 -63.44 81.61
CA GLY Q 53 -12.15 -62.18 82.22
C GLY Q 53 -12.69 -62.40 83.62
N ARG Q 54 -12.59 -63.62 84.16
CA ARG Q 54 -13.05 -63.87 85.55
C ARG Q 54 -11.90 -63.70 86.56
N LEU Q 55 -12.20 -63.78 87.86
CA LEU Q 55 -11.18 -63.55 88.92
C LEU Q 55 -11.26 -64.68 89.95
N ILE Q 56 -10.10 -65.09 90.50
CA ILE Q 56 -10.06 -66.17 91.49
C ILE Q 56 -9.50 -65.68 92.81
N ASP Q 57 -10.28 -65.79 93.87
CA ASP Q 57 -9.83 -65.35 95.20
C ASP Q 57 -8.62 -66.12 95.69
N VAL Q 58 -7.55 -65.40 96.05
CA VAL Q 58 -6.37 -66.06 96.62
C VAL Q 58 -6.05 -65.54 98.02
N LYS Q 59 -5.36 -66.35 98.80
CA LYS Q 59 -5.02 -65.96 100.18
C LYS Q 59 -4.28 -64.64 100.21
N ALA Q 60 -4.87 -63.62 100.84
CA ALA Q 60 -4.28 -62.29 100.94
C ALA Q 60 -2.78 -62.29 101.22
N PRO Q 61 -1.99 -61.59 100.37
CA PRO Q 61 -0.54 -61.52 100.57
C PRO Q 61 -0.23 -60.93 101.93
N THR Q 62 -0.78 -59.75 102.21
CA THR Q 62 -0.59 -59.13 103.51
C THR Q 62 -1.90 -58.53 104.01
N ASN Q 63 -1.84 -57.87 105.17
CA ASN Q 63 -3.03 -57.24 105.75
C ASN Q 63 -3.49 -56.07 104.88
N GLY Q 64 -4.78 -56.00 104.61
CA GLY Q 64 -5.33 -54.91 103.82
C GLY Q 64 -5.09 -55.04 102.33
N VAL Q 65 -4.56 -56.16 101.88
CA VAL Q 65 -4.36 -56.38 100.47
C VAL Q 65 -5.35 -57.40 99.98
N ILE Q 66 -6.00 -57.10 98.88
CA ILE Q 66 -6.96 -58.01 98.31
C ILE Q 66 -6.39 -58.47 97.00
N ALA Q 67 -6.21 -59.78 96.87
CA ALA Q 67 -5.60 -60.32 95.67
C ALA Q 67 -6.50 -61.23 94.90
N HIS Q 68 -6.40 -61.15 93.59
CA HIS Q 68 -7.18 -62.04 92.77
C HIS Q 68 -6.38 -62.51 91.58
N LEU Q 69 -6.44 -63.79 91.30
CA LEU Q 69 -5.79 -64.34 90.12
C LEU Q 69 -6.70 -64.18 88.91
N ARG Q 70 -6.11 -63.80 87.78
CA ARG Q 70 -6.86 -63.79 86.53
C ARG Q 70 -7.05 -65.22 86.03
N ALA Q 71 -8.29 -65.55 85.68
CA ALA Q 71 -8.60 -66.87 85.13
C ALA Q 71 -8.30 -66.90 83.64
N SER Q 72 -7.92 -68.07 83.15
CA SER Q 72 -7.63 -68.24 81.74
C SER Q 72 -7.83 -69.71 81.37
N LYS Q 73 -7.82 -69.96 80.07
CA LYS Q 73 -7.93 -71.30 79.50
C LYS Q 73 -6.66 -71.61 78.73
N PRO Q 74 -5.98 -72.71 79.02
CA PRO Q 74 -4.77 -73.05 78.27
C PRO Q 74 -5.08 -73.64 76.91
N LEU Q 75 -4.24 -73.31 75.92
CA LEU Q 75 -4.28 -74.01 74.66
C LEU Q 75 -3.69 -75.41 74.81
N VAL Q 76 -4.13 -76.32 73.96
CA VAL Q 76 -3.55 -77.65 73.87
C VAL Q 76 -3.01 -77.81 72.45
N ARG Q 77 -1.79 -78.35 72.36
CA ARG Q 77 -1.21 -78.69 71.07
C ARG Q 77 -1.44 -80.16 70.80
N LEU Q 78 -2.04 -80.45 69.65
CA LEU Q 78 -2.44 -81.79 69.25
C LEU Q 78 -1.59 -82.18 68.06
N ARG Q 79 -0.90 -83.30 68.20
CA ARG Q 79 0.05 -83.76 67.19
C ARG Q 79 -0.28 -85.20 66.82
N VAL Q 80 -0.41 -85.46 65.53
CA VAL Q 80 -0.64 -86.78 64.99
C VAL Q 80 0.51 -87.14 64.08
N PRO Q 81 1.43 -87.99 64.53
CA PRO Q 81 2.51 -88.44 63.65
C PRO Q 81 2.02 -89.42 62.61
N PHE Q 82 2.71 -89.45 61.48
CA PHE Q 82 2.44 -90.41 60.42
C PHE Q 82 3.72 -90.67 59.64
N THR Q 83 3.72 -91.76 58.89
CA THR Q 83 4.92 -92.28 58.27
C THR Q 83 4.70 -92.49 56.77
N LEU Q 84 5.58 -91.92 55.95
CA LEU Q 84 5.47 -92.02 54.51
C LEU Q 84 6.60 -92.84 53.93
N SER Q 85 6.26 -93.66 52.93
CA SER Q 85 7.27 -94.36 52.15
C SER Q 85 8.05 -93.37 51.28
N ARG Q 86 9.37 -93.49 51.28
CA ARG Q 86 10.19 -92.61 50.47
C ARG Q 86 10.12 -92.96 48.98
N ASN Q 87 9.79 -94.21 48.66
CA ASN Q 87 9.56 -94.59 47.27
C ASN Q 87 8.36 -93.87 46.69
N GLU Q 88 7.27 -93.77 47.47
CA GLU Q 88 6.09 -93.03 47.02
C GLU Q 88 6.40 -91.55 46.84
N ILE Q 89 7.25 -91.00 47.70
CA ILE Q 89 7.67 -89.60 47.57
C ILE Q 89 8.50 -89.41 46.30
N ASP Q 90 9.43 -90.33 46.03
CA ASP Q 90 10.25 -90.27 44.83
C ASP Q 90 9.46 -90.47 43.55
N ASP Q 91 8.34 -91.19 43.63
CA ASP Q 91 7.49 -91.43 42.46
C ASP Q 91 6.88 -90.15 41.90
N VAL Q 92 6.71 -89.13 42.74
CA VAL Q 92 5.95 -87.94 42.35
C VAL Q 92 6.69 -87.13 41.30
N GLU Q 93 8.00 -87.00 41.43
CA GLU Q 93 8.77 -86.21 40.44
C GLU Q 93 8.81 -86.96 39.10
N ARG Q 94 8.83 -88.28 39.13
CA ARG Q 94 8.78 -89.05 37.90
C ARG Q 94 7.43 -88.99 37.20
N GLY Q 95 6.41 -88.42 37.83
CA GLY Q 95 5.13 -88.24 37.21
C GLY Q 95 4.03 -89.18 37.67
N SER Q 96 4.24 -89.94 38.74
CA SER Q 96 3.18 -90.77 39.30
C SER Q 96 2.08 -89.89 39.88
N LYS Q 97 0.84 -90.35 39.72
CA LYS Q 97 -0.31 -89.65 40.27
C LYS Q 97 -1.14 -90.54 41.18
N ASP Q 98 -0.59 -91.70 41.56
CA ASP Q 98 -1.28 -92.60 42.48
C ASP Q 98 -0.41 -92.94 43.69
N SER Q 99 0.45 -92.01 44.09
CA SER Q 99 1.33 -92.23 45.24
C SER Q 99 0.51 -92.42 46.50
N ASP Q 100 0.94 -93.36 47.33
CA ASP Q 100 0.18 -93.79 48.49
C ASP Q 100 0.18 -92.72 49.59
N TRP Q 101 -0.88 -91.94 49.64
CA TRP Q 101 -0.98 -90.91 50.67
C TRP Q 101 -1.99 -91.33 51.73
N GLU Q 102 -2.18 -92.63 51.88
CA GLU Q 102 -3.08 -93.14 52.92
C GLU Q 102 -2.68 -92.72 54.34
N PRO Q 103 -1.37 -92.72 54.68
CA PRO Q 103 -1.07 -92.28 56.05
C PRO Q 103 -1.42 -90.81 56.25
N VAL Q 104 -1.19 -89.97 55.24
CA VAL Q 104 -1.59 -88.57 55.33
C VAL Q 104 -3.10 -88.46 55.54
N LYS Q 105 -3.87 -89.28 54.82
CA LYS Q 105 -5.32 -89.25 54.98
C LYS Q 105 -5.76 -89.75 56.34
N GLU Q 106 -5.10 -90.79 56.86
CA GLU Q 106 -5.44 -91.29 58.18
C GLU Q 106 -5.06 -90.30 59.27
N ALA Q 107 -3.93 -89.61 59.11
CA ALA Q 107 -3.55 -88.58 60.07
C ALA Q 107 -4.51 -87.39 60.05
N ALA Q 108 -4.93 -86.97 58.86
CA ALA Q 108 -5.88 -85.87 58.76
C ALA Q 108 -7.24 -86.24 59.32
N LYS Q 109 -7.69 -87.48 59.07
CA LYS Q 109 -8.93 -87.95 59.64
C LYS Q 109 -8.86 -88.05 61.15
N LYS Q 110 -7.72 -88.49 61.68
CA LYS Q 110 -7.59 -88.61 63.12
C LYS Q 110 -7.52 -87.24 63.81
N LEU Q 111 -6.79 -86.30 63.18
CA LEU Q 111 -6.71 -84.92 63.73
C LEU Q 111 -8.11 -84.29 63.70
N ALA Q 112 -8.82 -84.42 62.58
CA ALA Q 112 -10.17 -83.87 62.48
C ALA Q 112 -11.11 -84.49 63.52
N PHE Q 113 -10.97 -85.80 63.75
CA PHE Q 113 -11.80 -86.47 64.75
C PHE Q 113 -11.49 -85.96 66.15
N VAL Q 114 -10.22 -85.76 66.46
CA VAL Q 114 -9.86 -85.22 67.77
C VAL Q 114 -10.47 -83.83 67.93
N GLU Q 115 -10.25 -82.95 66.95
CA GLU Q 115 -10.75 -81.58 67.07
C GLU Q 115 -12.27 -81.55 67.25
N ASP Q 116 -13.00 -82.34 66.47
CA ASP Q 116 -14.46 -82.35 66.58
C ASP Q 116 -14.92 -82.95 67.90
N ARG Q 117 -14.27 -84.03 68.36
CA ARG Q 117 -14.65 -84.62 69.64
C ARG Q 117 -14.27 -83.72 70.80
N THR Q 118 -13.24 -82.89 70.63
CA THR Q 118 -12.89 -81.92 71.66
C THR Q 118 -13.92 -80.81 71.72
N ILE Q 119 -14.38 -80.31 70.57
CA ILE Q 119 -15.40 -79.27 70.55
C ILE Q 119 -16.72 -79.78 71.12
N PHE Q 120 -17.15 -80.98 70.73
CA PHE Q 120 -18.49 -81.40 71.09
C PHE Q 120 -18.58 -82.26 72.34
N GLU Q 121 -17.53 -82.98 72.70
CA GLU Q 121 -17.55 -83.85 73.88
C GLU Q 121 -16.56 -83.42 74.95
N GLY Q 122 -15.78 -82.41 74.67
CA GLY Q 122 -14.80 -81.95 75.63
C GLY Q 122 -13.54 -82.75 75.83
N TYR Q 123 -12.57 -82.15 76.49
CA TYR Q 123 -11.32 -82.81 76.77
C TYR Q 123 -11.01 -82.28 78.14
N SER Q 124 -11.39 -83.04 79.16
CA SER Q 124 -11.22 -82.60 80.54
C SER Q 124 -9.78 -82.27 80.95
N ALA Q 125 -8.81 -83.06 80.49
CA ALA Q 125 -7.42 -82.83 80.82
C ALA Q 125 -6.94 -81.47 80.31
N ALA Q 126 -7.52 -81.00 79.22
CA ALA Q 126 -7.21 -79.67 78.69
C ALA Q 126 -8.16 -78.61 79.20
N SER Q 127 -8.99 -78.94 80.21
CA SER Q 127 -9.98 -78.04 80.82
C SER Q 127 -10.97 -77.50 79.79
N ILE Q 128 -11.37 -78.33 78.85
CA ILE Q 128 -12.33 -77.96 77.82
C ILE Q 128 -13.61 -78.71 78.10
N GLU Q 129 -14.70 -77.98 78.33
CA GLU Q 129 -16.02 -78.57 78.46
C GLU Q 129 -16.65 -78.65 77.08
N GLY Q 130 -17.22 -79.80 76.76
CA GLY Q 130 -17.87 -79.96 75.48
C GLY Q 130 -19.19 -79.22 75.41
N ILE Q 131 -19.71 -79.11 74.18
CA ILE Q 131 -21.03 -78.53 73.97
C ILE Q 131 -22.10 -79.39 74.63
N ARG Q 132 -21.93 -80.72 74.61
CA ARG Q 132 -22.88 -81.61 75.28
C ARG Q 132 -22.90 -81.38 76.79
N SER Q 133 -21.74 -81.21 77.41
CA SER Q 133 -21.70 -81.00 78.84
C SER Q 133 -22.11 -79.59 79.23
N ALA Q 134 -21.80 -78.59 78.40
CA ALA Q 134 -22.12 -77.21 78.72
C ALA Q 134 -23.53 -76.80 78.33
N SER Q 135 -24.29 -77.68 77.71
CA SER Q 135 -25.66 -77.34 77.33
C SER Q 135 -26.56 -77.36 78.56
N SER Q 136 -27.38 -76.33 78.71
CA SER Q 136 -28.35 -76.28 79.79
C SER Q 136 -29.72 -76.82 79.37
N ASN Q 137 -29.96 -76.97 78.07
CA ASN Q 137 -31.21 -77.56 77.60
C ASN Q 137 -31.22 -79.06 77.89
N PRO Q 138 -32.40 -79.66 78.08
CA PRO Q 138 -32.47 -81.09 78.39
C PRO Q 138 -31.97 -81.96 77.24
N ALA Q 139 -31.39 -83.08 77.61
CA ALA Q 139 -30.90 -84.04 76.64
C ALA Q 139 -32.04 -84.95 76.18
N LEU Q 140 -31.97 -85.36 74.92
CA LEU Q 140 -33.01 -86.17 74.31
C LEU Q 140 -32.43 -87.51 73.90
N THR Q 141 -33.31 -88.51 73.79
CA THR Q 141 -32.91 -89.84 73.38
C THR Q 141 -33.33 -90.05 71.92
N LEU Q 142 -32.39 -90.47 71.08
CA LEU Q 142 -32.70 -90.77 69.70
C LEU Q 142 -33.36 -92.13 69.63
N PRO Q 143 -34.46 -92.24 68.87
CA PRO Q 143 -35.19 -93.51 68.77
C PRO Q 143 -34.49 -94.53 67.89
N GLU Q 144 -34.89 -95.79 68.00
CA GLU Q 144 -34.29 -96.83 67.18
C GLU Q 144 -34.72 -96.73 65.73
N ASP Q 145 -36.00 -96.47 65.50
CA ASP Q 145 -36.53 -96.36 64.14
C ASP Q 145 -36.09 -95.02 63.54
N PRO Q 146 -35.42 -95.02 62.39
CA PRO Q 146 -35.05 -93.75 61.74
C PRO Q 146 -36.24 -92.91 61.31
N ARG Q 147 -37.39 -93.52 61.03
CA ARG Q 147 -38.59 -92.76 60.68
C ARG Q 147 -39.10 -91.92 61.84
N GLU Q 148 -38.72 -92.25 63.07
CA GLU Q 148 -39.03 -91.46 64.24
C GLU Q 148 -37.93 -90.46 64.59
N ILE Q 149 -36.87 -90.37 63.80
CA ILE Q 149 -35.84 -89.36 64.06
C ILE Q 149 -36.38 -87.93 63.92
N PRO Q 150 -37.01 -87.57 62.78
CA PRO Q 150 -37.45 -86.17 62.65
C PRO Q 150 -38.36 -85.69 63.78
N ASP Q 151 -39.14 -86.58 64.40
CA ASP Q 151 -40.00 -86.18 65.49
C ASP Q 151 -39.16 -85.66 66.65
N VAL Q 152 -38.24 -86.48 67.15
CA VAL Q 152 -37.38 -86.08 68.28
C VAL Q 152 -36.57 -84.83 67.96
N ILE Q 153 -36.01 -84.75 66.76
CA ILE Q 153 -35.30 -83.55 66.34
C ILE Q 153 -36.18 -82.32 66.47
N SER Q 154 -37.44 -82.44 66.08
CA SER Q 154 -38.41 -81.31 66.21
C SER Q 154 -38.61 -80.93 67.69
N GLN Q 155 -38.58 -81.91 68.60
CA GLN Q 155 -38.66 -81.61 70.02
C GLN Q 155 -37.46 -80.81 70.49
N ALA Q 156 -36.28 -81.13 69.94
CA ALA Q 156 -35.09 -80.31 70.18
C ALA Q 156 -35.27 -78.90 69.67
N LEU Q 157 -35.92 -78.75 68.51
CA LEU Q 157 -36.23 -77.43 67.99
C LEU Q 157 -37.24 -76.71 68.86
N SER Q 158 -38.05 -77.46 69.63
CA SER Q 158 -38.91 -76.80 70.60
C SER Q 158 -38.09 -76.20 71.72
N GLU Q 159 -37.03 -76.90 72.16
CA GLU Q 159 -36.31 -76.49 73.35
C GLU Q 159 -35.52 -75.20 73.14
N LEU Q 160 -34.84 -75.08 71.99
CA LEU Q 160 -34.22 -73.81 71.61
C LEU Q 160 -35.25 -72.71 71.44
N ARG Q 161 -36.49 -73.07 71.08
CA ARG Q 161 -37.52 -72.05 71.02
C ARG Q 161 -37.98 -71.67 72.42
N LEU Q 162 -38.00 -72.64 73.34
CA LEU Q 162 -38.34 -72.34 74.73
C LEU Q 162 -37.19 -71.66 75.46
N ALA Q 163 -35.97 -71.76 74.93
CA ALA Q 163 -34.83 -71.07 75.51
C ALA Q 163 -34.73 -69.62 75.05
N GLY Q 164 -35.61 -69.18 74.16
CA GLY Q 164 -35.54 -67.82 73.64
C GLY Q 164 -34.29 -67.63 72.79
N VAL Q 165 -34.20 -68.31 71.65
CA VAL Q 165 -33.02 -68.22 70.81
C VAL Q 165 -33.41 -68.06 69.35
N ASP Q 166 -32.75 -67.16 68.64
CA ASP Q 166 -33.01 -66.97 67.21
C ASP Q 166 -31.90 -67.56 66.36
N GLY Q 167 -31.88 -67.23 65.07
CA GLY Q 167 -30.81 -67.70 64.20
C GLY Q 167 -31.06 -68.97 63.42
N PRO Q 168 -30.25 -69.21 62.37
CA PRO Q 168 -30.41 -70.42 61.57
C PRO Q 168 -30.02 -71.60 62.44
N TYR Q 169 -30.91 -72.57 62.65
CA TYR Q 169 -30.51 -73.74 63.42
C TYR Q 169 -29.84 -74.81 62.57
N SER Q 170 -28.84 -75.51 63.10
CA SER Q 170 -28.22 -76.53 62.25
C SER Q 170 -28.17 -77.87 62.96
N VAL Q 171 -28.36 -78.97 62.24
CA VAL Q 171 -28.38 -80.28 62.86
C VAL Q 171 -27.12 -81.02 62.44
N LEU Q 172 -26.39 -81.53 63.42
CA LEU Q 172 -25.19 -82.30 63.16
C LEU Q 172 -25.49 -83.72 63.60
N LEU Q 173 -25.17 -84.70 62.77
CA LEU Q 173 -25.48 -86.08 63.06
C LEU Q 173 -24.21 -86.90 63.12
N SER Q 174 -24.22 -87.91 63.98
CA SER Q 174 -23.15 -88.90 63.95
C SER Q 174 -23.26 -89.73 62.67
N ALA Q 175 -22.16 -90.41 62.34
CA ALA Q 175 -22.08 -91.19 61.11
C ALA Q 175 -23.10 -92.32 61.08
N ASP Q 176 -23.35 -92.95 62.24
CA ASP Q 176 -24.40 -93.96 62.34
C ASP Q 176 -25.77 -93.37 62.07
N VAL Q 177 -26.07 -92.22 62.68
CA VAL Q 177 -27.36 -91.58 62.51
C VAL Q 177 -27.52 -91.01 61.11
N TYR Q 178 -26.45 -90.44 60.57
CA TYR Q 178 -26.46 -89.93 59.20
C TYR Q 178 -26.69 -91.03 58.18
N THR Q 179 -26.05 -92.18 58.39
CA THR Q 179 -26.28 -93.34 57.53
C THR Q 179 -27.71 -93.85 57.65
N LYS Q 180 -28.24 -93.91 58.89
CA LYS Q 180 -29.60 -94.39 59.11
C LYS Q 180 -30.64 -93.48 58.46
N VAL Q 181 -30.49 -92.16 58.57
CA VAL Q 181 -31.45 -91.28 57.94
C VAL Q 181 -31.19 -91.07 56.46
N SER Q 182 -30.02 -91.50 55.97
CA SER Q 182 -29.73 -91.44 54.55
C SER Q 182 -30.28 -92.64 53.80
N GLU Q 183 -30.21 -93.83 54.40
CA GLU Q 183 -30.55 -95.05 53.70
C GLU Q 183 -32.01 -95.44 53.83
N THR Q 184 -32.71 -94.89 54.82
CA THR Q 184 -34.14 -95.12 54.96
C THR Q 184 -34.87 -94.05 54.18
N SER Q 185 -35.89 -94.43 53.43
CA SER Q 185 -36.61 -93.50 52.58
C SER Q 185 -38.10 -93.57 52.86
N ASP Q 186 -38.75 -92.42 52.67
CA ASP Q 186 -40.20 -92.32 52.80
C ASP Q 186 -40.72 -91.38 51.74
N HIS Q 187 -41.62 -91.90 50.89
CA HIS Q 187 -42.29 -91.15 49.82
C HIS Q 187 -41.31 -90.48 48.87
N GLY Q 188 -40.32 -91.24 48.43
CA GLY Q 188 -39.39 -90.76 47.42
C GLY Q 188 -38.27 -89.88 47.92
N TYR Q 189 -38.17 -89.67 49.22
CA TYR Q 189 -37.06 -88.92 49.79
C TYR Q 189 -36.50 -89.68 50.97
N PRO Q 190 -35.19 -89.62 51.19
CA PRO Q 190 -34.63 -90.13 52.44
C PRO Q 190 -35.01 -89.23 53.60
N ILE Q 191 -34.85 -89.77 54.82
CA ILE Q 191 -35.23 -89.05 56.03
C ILE Q 191 -34.35 -87.83 56.24
N ARG Q 192 -33.14 -87.82 55.65
CA ARG Q 192 -32.27 -86.65 55.67
C ARG Q 192 -32.93 -85.44 55.04
N GLU Q 193 -33.70 -85.64 53.98
CA GLU Q 193 -34.46 -84.54 53.38
C GLU Q 193 -35.56 -84.07 54.31
N HIS Q 194 -36.21 -84.99 55.04
CA HIS Q 194 -37.21 -84.62 56.04
C HIS Q 194 -36.59 -83.78 57.15
N LEU Q 195 -35.36 -84.09 57.54
CA LEU Q 195 -34.64 -83.24 58.48
C LEU Q 195 -34.31 -81.89 57.87
N ASN Q 196 -33.98 -81.87 56.59
CA ASN Q 196 -33.66 -80.63 55.90
C ASN Q 196 -34.86 -79.68 55.83
N ARG Q 197 -36.08 -80.23 55.78
CA ARG Q 197 -37.26 -79.37 55.77
C ARG Q 197 -37.52 -78.68 57.09
N LEU Q 198 -37.09 -79.27 58.22
CA LEU Q 198 -37.33 -78.71 59.57
C LEU Q 198 -36.47 -77.48 59.87
N VAL Q 199 -35.29 -77.35 59.28
CA VAL Q 199 -34.39 -76.24 59.67
C VAL Q 199 -34.00 -75.35 58.49
N ASP Q 200 -33.54 -74.14 58.78
CA ASP Q 200 -33.10 -73.18 57.73
C ASP Q 200 -31.59 -73.22 57.69
N GLY Q 201 -30.99 -74.13 58.45
CA GLY Q 201 -29.52 -74.28 58.45
C GLY Q 201 -29.12 -75.44 57.57
N ASP Q 202 -28.36 -76.40 58.09
CA ASP Q 202 -27.85 -77.48 57.21
C ASP Q 202 -27.80 -78.82 57.95
N ILE Q 203 -28.11 -79.90 57.25
CA ILE Q 203 -27.88 -81.23 57.89
C ILE Q 203 -26.39 -81.46 57.63
N ILE Q 204 -25.63 -81.64 58.69
CA ILE Q 204 -24.17 -81.71 58.61
C ILE Q 204 -23.71 -83.08 59.06
N TRP Q 205 -22.95 -83.74 58.20
CA TRP Q 205 -22.33 -85.02 58.54
C TRP Q 205 -21.20 -84.77 59.53
N ALA Q 206 -21.28 -85.41 60.69
CA ALA Q 206 -20.30 -85.24 61.77
C ALA Q 206 -19.84 -86.61 62.23
N PRO Q 207 -18.90 -87.23 61.53
CA PRO Q 207 -18.52 -88.62 61.84
C PRO Q 207 -17.79 -88.82 63.15
N ALA Q 208 -17.28 -87.76 63.78
CA ALA Q 208 -16.55 -87.96 65.02
C ALA Q 208 -17.46 -88.00 66.25
N ILE Q 209 -18.58 -87.29 66.22
CA ILE Q 209 -19.44 -87.14 67.39
C ILE Q 209 -20.25 -88.40 67.66
N ASP Q 210 -20.84 -88.47 68.85
CA ASP Q 210 -21.88 -89.43 69.16
C ASP Q 210 -23.23 -88.72 69.16
N GLY Q 211 -24.27 -89.50 68.87
CA GLY Q 211 -25.61 -88.95 68.87
C GLY Q 211 -25.86 -87.85 67.87
N ALA Q 212 -26.46 -86.77 68.33
CA ALA Q 212 -26.78 -85.67 67.43
C ALA Q 212 -26.72 -84.35 68.20
N PHE Q 213 -26.62 -83.27 67.46
CA PHE Q 213 -26.59 -81.94 68.10
C PHE Q 213 -27.43 -80.99 67.26
N VAL Q 214 -28.31 -80.25 67.89
CA VAL Q 214 -29.07 -79.21 67.15
C VAL Q 214 -28.64 -77.90 67.78
N LEU Q 215 -28.33 -76.91 66.96
CA LEU Q 215 -27.82 -75.66 67.57
C LEU Q 215 -27.96 -74.48 66.63
N THR Q 216 -27.91 -73.28 67.18
CA THR Q 216 -28.03 -72.06 66.41
C THR Q 216 -26.66 -71.62 65.88
N THR Q 217 -26.66 -71.03 64.69
CA THR Q 217 -25.43 -70.52 64.11
C THR Q 217 -25.53 -69.02 63.95
N ARG Q 218 -26.21 -68.37 64.88
CA ARG Q 218 -26.36 -66.91 64.82
C ARG Q 218 -25.05 -66.17 65.07
N GLY Q 219 -24.10 -66.83 65.74
CA GLY Q 219 -22.83 -66.19 66.00
C GLY Q 219 -22.67 -65.85 67.46
N GLY Q 220 -21.42 -65.79 67.91
CA GLY Q 220 -21.09 -65.34 69.24
C GLY Q 220 -21.41 -66.31 70.36
N ASP Q 221 -21.78 -67.55 70.06
CA ASP Q 221 -22.15 -68.48 71.13
C ASP Q 221 -21.05 -69.51 71.37
N PHE Q 222 -20.35 -69.91 70.30
CA PHE Q 222 -19.37 -70.98 70.37
C PHE Q 222 -18.11 -70.46 69.71
N ASP Q 223 -16.96 -70.58 70.37
CA ASP Q 223 -15.76 -69.91 69.92
C ASP Q 223 -14.60 -70.90 69.97
N LEU Q 224 -14.02 -71.18 68.81
CA LEU Q 224 -12.82 -72.00 68.72
C LEU Q 224 -11.62 -71.06 68.60
N GLN Q 225 -10.70 -71.13 69.56
CA GLN Q 225 -9.52 -70.29 69.53
C GLN Q 225 -8.32 -71.07 69.05
N LEU Q 226 -7.72 -70.56 67.99
CA LEU Q 226 -6.55 -71.18 67.44
C LEU Q 226 -5.30 -70.42 67.69
N GLY Q 227 -4.26 -71.05 68.21
CA GLY Q 227 -2.99 -70.36 68.30
C GLY Q 227 -2.40 -70.51 66.91
N THR Q 228 -2.26 -71.75 66.48
CA THR Q 228 -1.78 -72.02 65.10
C THR Q 228 -2.71 -73.04 64.44
N ASP Q 229 -3.04 -72.82 63.17
CA ASP Q 229 -3.91 -73.76 62.42
C ASP Q 229 -3.13 -75.03 62.08
N VAL Q 230 -3.76 -75.95 61.35
CA VAL Q 230 -3.11 -77.26 60.99
C VAL Q 230 -1.85 -77.04 60.15
N ALA Q 231 -0.75 -77.66 60.58
CA ALA Q 231 0.52 -77.54 59.86
C ALA Q 231 1.16 -78.92 59.80
N ILE Q 232 2.02 -79.13 58.80
CA ILE Q 232 2.72 -80.39 58.65
C ILE Q 232 4.18 -80.16 59.01
N GLY Q 233 4.71 -80.98 59.92
CA GLY Q 233 6.07 -80.84 60.39
C GLY Q 233 6.86 -82.13 60.22
N TYR Q 234 8.18 -81.98 60.26
CA TYR Q 234 9.11 -83.08 60.00
C TYR Q 234 9.74 -83.55 61.30
N ALA Q 235 9.69 -84.86 61.56
CA ALA Q 235 10.25 -85.40 62.81
C ALA Q 235 11.63 -86.01 62.53
N SER Q 236 11.67 -87.11 61.77
CA SER Q 236 12.92 -87.81 61.47
C SER Q 236 12.74 -88.67 60.21
N HIS Q 237 13.85 -89.23 59.71
CA HIS Q 237 13.79 -90.02 58.45
C HIS Q 237 14.84 -91.13 58.44
N ASP Q 238 14.62 -92.19 57.67
CA ASP Q 238 15.62 -93.27 57.49
C ASP Q 238 15.74 -93.50 55.98
N THR Q 239 16.32 -94.61 55.55
CA THR Q 239 16.50 -94.89 54.11
C THR Q 239 15.14 -95.17 53.48
N ASP Q 240 14.20 -95.72 54.24
CA ASP Q 240 12.95 -96.13 53.62
C ASP Q 240 11.79 -95.18 53.86
N THR Q 241 11.75 -94.48 54.99
CA THR Q 241 10.55 -93.76 55.39
C THR Q 241 10.88 -92.38 55.92
N VAL Q 242 9.88 -91.51 55.87
CA VAL Q 242 9.93 -90.19 56.49
C VAL Q 242 8.83 -90.11 57.53
N ARG Q 243 9.20 -89.82 58.78
CA ARG Q 243 8.22 -89.56 59.83
C ARG Q 243 7.89 -88.07 59.85
N LEU Q 244 6.60 -87.77 59.70
CA LEU Q 244 6.14 -86.39 59.77
C LEU Q 244 5.00 -86.34 60.78
N TYR Q 245 4.38 -85.18 60.94
CA TYR Q 245 3.24 -85.05 61.83
C TYR Q 245 2.32 -83.95 61.34
N LEU Q 246 1.07 -84.04 61.74
CA LEU Q 246 0.09 -82.98 61.63
C LEU Q 246 -0.05 -82.34 63.00
N GLN Q 247 -0.17 -81.02 63.05
CA GLN Q 247 -0.13 -80.37 64.35
C GLN Q 247 -1.01 -79.14 64.34
N GLU Q 248 -1.77 -78.97 65.41
CA GLU Q 248 -2.58 -77.77 65.59
C GLU Q 248 -2.74 -77.50 67.07
N THR Q 249 -2.82 -76.22 67.43
CA THR Q 249 -2.99 -75.85 68.83
C THR Q 249 -4.21 -74.96 69.01
N LEU Q 250 -5.05 -75.30 69.99
CA LEU Q 250 -6.37 -74.72 70.10
C LEU Q 250 -6.93 -74.85 71.51
N THR Q 251 -7.98 -74.07 71.76
CA THR Q 251 -8.91 -74.33 72.85
C THR Q 251 -10.30 -74.03 72.35
N PHE Q 252 -11.32 -74.48 73.09
CA PHE Q 252 -12.69 -74.22 72.73
C PHE Q 252 -13.45 -73.63 73.91
N LEU Q 253 -14.27 -72.62 73.63
CA LEU Q 253 -15.06 -71.93 74.63
C LEU Q 253 -16.52 -71.97 74.21
N CYS Q 254 -17.41 -72.25 75.14
CA CYS Q 254 -18.84 -72.12 74.92
C CYS Q 254 -19.35 -70.99 75.83
N TYR Q 255 -19.78 -69.90 75.22
CA TYR Q 255 -20.26 -68.75 75.99
C TYR Q 255 -21.73 -68.85 76.35
N THR Q 256 -22.52 -69.56 75.57
CA THR Q 256 -23.97 -69.54 75.68
C THR Q 256 -24.45 -70.97 75.95
N ALA Q 257 -24.93 -71.21 77.17
CA ALA Q 257 -25.25 -72.57 77.57
C ALA Q 257 -26.54 -73.08 76.93
N GLU Q 258 -27.45 -72.20 76.57
CA GLU Q 258 -28.76 -72.60 76.12
C GLU Q 258 -28.90 -72.63 74.60
N ALA Q 259 -27.79 -72.53 73.88
CA ALA Q 259 -27.81 -72.46 72.43
C ALA Q 259 -27.71 -73.81 71.75
N SER Q 260 -27.89 -74.91 72.47
CA SER Q 260 -27.71 -76.22 71.86
C SER Q 260 -28.50 -77.29 72.60
N VAL Q 261 -28.86 -78.35 71.87
CA VAL Q 261 -29.45 -79.57 72.40
C VAL Q 261 -28.62 -80.76 71.95
N ALA Q 262 -28.22 -81.60 72.89
CA ALA Q 262 -27.50 -82.84 72.63
C ALA Q 262 -28.45 -84.02 72.66
N LEU Q 263 -28.18 -84.97 71.78
CA LEU Q 263 -29.00 -86.16 71.69
C LEU Q 263 -28.10 -87.38 71.79
N SER Q 264 -28.59 -88.44 72.40
CA SER Q 264 -27.80 -89.66 72.58
C SER Q 264 -28.67 -90.87 72.25
N HIS Q 265 -28.03 -92.03 72.20
CA HIS Q 265 -28.72 -93.27 71.90
C HIS Q 265 -29.18 -93.97 73.18
N MET R 1 -16.32 -83.21 -2.82
CA MET R 1 -16.60 -83.69 -4.16
C MET R 1 -18.08 -83.95 -4.39
N ASN R 2 -18.45 -84.33 -5.62
CA ASN R 2 -19.84 -84.58 -5.96
C ASN R 2 -20.08 -86.01 -6.45
N ASN R 3 -21.20 -86.25 -7.13
CA ASN R 3 -21.49 -87.59 -7.63
C ASN R 3 -20.62 -88.00 -8.83
N LEU R 4 -20.07 -87.05 -9.59
CA LEU R 4 -19.13 -87.38 -10.65
C LEU R 4 -17.84 -88.04 -10.14
N TYR R 5 -17.46 -87.78 -8.89
CA TYR R 5 -16.22 -88.32 -8.33
C TYR R 5 -15.05 -88.12 -9.28
N ARG R 6 -14.95 -86.90 -9.80
CA ARG R 6 -14.06 -86.60 -10.91
C ARG R 6 -12.60 -86.64 -10.48
N ASP R 7 -12.30 -86.20 -9.25
CA ASP R 7 -10.93 -86.20 -8.76
C ASP R 7 -10.41 -87.59 -8.46
N LEU R 8 -11.27 -88.59 -8.37
CA LEU R 8 -10.81 -89.96 -8.18
C LEU R 8 -10.36 -90.61 -9.47
N ALA R 9 -10.70 -90.04 -10.62
CA ALA R 9 -10.32 -90.63 -11.89
C ALA R 9 -8.85 -90.41 -12.17
N PRO R 10 -8.13 -91.42 -12.65
CA PRO R 10 -6.71 -91.22 -13.06
C PRO R 10 -6.60 -90.57 -14.43
N VAL R 11 -7.04 -89.33 -14.50
CA VAL R 11 -7.07 -88.55 -15.73
C VAL R 11 -6.40 -87.23 -15.42
N THR R 12 -5.45 -86.84 -16.24
CA THR R 12 -4.74 -85.59 -16.02
C THR R 12 -5.61 -84.40 -16.43
N GLU R 13 -5.16 -83.21 -16.06
CA GLU R 13 -5.91 -81.99 -16.34
C GLU R 13 -6.00 -81.71 -17.84
N ALA R 14 -4.89 -81.90 -18.56
CA ALA R 14 -4.89 -81.69 -20.00
C ALA R 14 -5.75 -82.73 -20.72
N ALA R 15 -5.66 -83.98 -20.27
CA ALA R 15 -6.54 -85.01 -20.81
C ALA R 15 -7.99 -84.72 -20.53
N TRP R 16 -8.30 -84.19 -19.34
CA TRP R 16 -9.67 -83.80 -19.01
C TRP R 16 -10.17 -82.71 -19.93
N ALA R 17 -9.34 -81.71 -20.22
CA ALA R 17 -9.73 -80.63 -21.12
C ALA R 17 -10.00 -81.15 -22.53
N GLU R 18 -9.16 -82.07 -23.01
CA GLU R 18 -9.39 -82.66 -24.33
C GLU R 18 -10.68 -83.50 -24.36
N ILE R 19 -10.96 -84.26 -23.30
CA ILE R 19 -12.17 -85.07 -23.25
C ILE R 19 -13.42 -84.19 -23.20
N GLU R 20 -13.38 -83.11 -22.39
CA GLU R 20 -14.52 -82.18 -22.33
C GLU R 20 -14.77 -81.51 -23.65
N LEU R 21 -13.71 -81.08 -24.34
CA LEU R 21 -13.83 -80.45 -25.64
C LEU R 21 -14.41 -81.40 -26.67
N GLU R 22 -13.93 -82.64 -26.71
CA GLU R 22 -14.41 -83.63 -27.67
C GLU R 22 -15.87 -83.97 -27.43
N ALA R 23 -16.27 -84.17 -26.18
CA ALA R 23 -17.64 -84.51 -25.85
C ALA R 23 -18.59 -83.37 -26.16
N ALA R 24 -18.22 -82.14 -25.78
CA ALA R 24 -19.07 -80.98 -26.05
C ALA R 24 -19.23 -80.73 -27.54
N ARG R 25 -18.14 -80.86 -28.28
CA ARG R 25 -18.21 -80.66 -29.73
C ARG R 25 -19.09 -81.68 -30.42
N THR R 26 -18.87 -82.97 -30.12
CA THR R 26 -19.63 -84.02 -30.81
C THR R 26 -21.10 -83.96 -30.43
N PHE R 27 -21.42 -83.60 -29.20
CA PHE R 27 -22.80 -83.45 -28.76
C PHE R 27 -23.55 -82.33 -29.47
N LYS R 28 -23.01 -81.13 -29.51
CA LYS R 28 -23.65 -80.01 -30.20
C LYS R 28 -23.94 -80.34 -31.66
N ARG R 29 -22.97 -80.91 -32.35
CA ARG R 29 -23.14 -81.25 -33.75
C ARG R 29 -24.30 -82.18 -33.97
N HIS R 30 -24.53 -83.07 -33.02
CA HIS R 30 -25.60 -84.08 -33.22
C HIS R 30 -26.89 -83.65 -32.53
N ILE R 31 -26.92 -82.50 -31.87
CA ILE R 31 -28.22 -82.10 -31.34
C ILE R 31 -28.98 -81.22 -32.33
N ALA R 32 -30.21 -81.62 -32.64
CA ALA R 32 -31.13 -80.79 -33.41
C ALA R 32 -32.24 -80.25 -32.52
N GLY R 33 -32.56 -80.96 -31.45
CA GLY R 33 -33.74 -80.63 -30.64
C GLY R 33 -33.62 -79.33 -29.89
N ARG R 34 -32.44 -79.03 -29.35
CA ARG R 34 -32.26 -77.82 -28.56
C ARG R 34 -32.27 -76.56 -29.41
N ARG R 35 -32.07 -76.69 -30.73
CA ARG R 35 -32.13 -75.54 -31.60
C ARG R 35 -33.55 -75.03 -31.82
N VAL R 36 -34.56 -75.86 -31.58
CA VAL R 36 -35.94 -75.49 -31.87
C VAL R 36 -36.81 -75.40 -30.63
N VAL R 37 -36.48 -76.06 -29.53
CA VAL R 37 -37.36 -76.08 -28.37
C VAL R 37 -36.81 -75.08 -27.36
N ASP R 38 -37.68 -74.68 -26.43
CA ASP R 38 -37.23 -73.87 -25.31
C ASP R 38 -36.50 -74.77 -24.32
N VAL R 39 -35.31 -74.34 -23.91
CA VAL R 39 -34.46 -75.09 -23.00
C VAL R 39 -34.36 -74.31 -21.71
N SER R 40 -34.78 -74.93 -20.62
CA SER R 40 -34.78 -74.27 -19.33
C SER R 40 -33.38 -74.19 -18.76
N ASP R 41 -33.22 -73.39 -17.72
CA ASP R 41 -32.01 -73.46 -16.93
C ASP R 41 -31.98 -74.77 -16.15
N PRO R 42 -30.80 -75.29 -15.83
CA PRO R 42 -30.72 -76.48 -14.99
C PRO R 42 -31.31 -76.27 -13.60
N GLY R 43 -32.27 -77.10 -13.23
CA GLY R 43 -32.89 -77.02 -11.92
C GLY R 43 -31.92 -77.35 -10.80
N GLY R 44 -31.06 -78.33 -11.04
CA GLY R 44 -30.14 -78.75 -10.01
C GLY R 44 -30.34 -80.21 -9.70
N PRO R 45 -29.45 -80.78 -8.88
CA PRO R 45 -29.54 -82.22 -8.60
C PRO R 45 -30.79 -82.63 -7.81
N VAL R 46 -31.36 -81.72 -7.02
CA VAL R 46 -32.46 -82.10 -6.15
C VAL R 46 -33.78 -82.12 -6.93
N THR R 47 -33.79 -81.50 -8.11
CA THR R 47 -35.01 -81.39 -8.89
C THR R 47 -35.42 -82.75 -9.44
N ALA R 48 -36.68 -83.13 -9.19
CA ALA R 48 -37.10 -84.49 -9.50
C ALA R 48 -38.31 -84.55 -10.41
N ALA R 49 -39.13 -83.50 -10.41
CA ALA R 49 -40.36 -83.51 -11.18
C ALA R 49 -40.72 -82.09 -11.57
N VAL R 50 -41.52 -82.00 -12.63
CA VAL R 50 -42.02 -80.72 -13.12
C VAL R 50 -43.53 -80.73 -12.92
N SER R 51 -44.04 -79.69 -12.26
CA SER R 51 -45.47 -79.54 -12.07
C SER R 51 -46.16 -79.23 -13.38
N THR R 52 -47.25 -79.93 -13.66
CA THR R 52 -48.08 -79.62 -14.83
C THR R 52 -49.23 -78.70 -14.49
N GLY R 53 -49.54 -78.57 -13.19
CA GLY R 53 -50.62 -77.67 -12.75
C GLY R 53 -51.98 -78.32 -12.86
N ARG R 54 -52.05 -79.62 -13.21
CA ARG R 54 -53.36 -80.32 -13.27
C ARG R 54 -53.66 -81.02 -11.95
N LEU R 55 -54.86 -81.59 -11.81
CA LEU R 55 -55.30 -82.24 -10.55
C LEU R 55 -55.88 -83.63 -10.84
N ILE R 56 -55.65 -84.60 -9.95
CA ILE R 56 -56.15 -85.96 -10.14
C ILE R 56 -57.09 -86.36 -9.02
N ASP R 57 -58.33 -86.69 -9.37
CA ASP R 57 -59.32 -87.10 -8.37
C ASP R 57 -58.93 -88.36 -7.63
N VAL R 58 -58.87 -88.29 -6.29
CA VAL R 58 -58.58 -89.48 -5.48
C VAL R 58 -59.72 -89.81 -4.53
N LYS R 59 -59.80 -91.07 -4.13
CA LYS R 59 -60.88 -91.50 -3.22
C LYS R 59 -60.90 -90.67 -1.95
N ALA R 60 -61.99 -89.95 -1.72
CA ALA R 60 -62.14 -89.09 -0.54
C ALA R 60 -61.63 -89.72 0.75
N PRO R 61 -60.73 -89.01 1.47
CA PRO R 61 -60.20 -89.52 2.73
C PRO R 61 -61.33 -89.77 3.70
N THR R 62 -62.15 -88.75 3.95
CA THR R 62 -63.30 -88.90 4.83
C THR R 62 -64.53 -88.22 4.23
N ASN R 63 -65.63 -88.24 4.97
CA ASN R 63 -66.86 -87.61 4.51
C ASN R 63 -66.69 -86.09 4.46
N GLY R 64 -67.13 -85.49 3.36
CA GLY R 64 -67.04 -84.04 3.22
C GLY R 64 -65.66 -83.52 2.88
N VAL R 65 -64.72 -84.42 2.59
CA VAL R 65 -63.40 -84.00 2.22
C VAL R 65 -63.20 -84.28 0.75
N ILE R 66 -62.70 -83.30 0.02
CA ILE R 66 -62.47 -83.47 -1.39
C ILE R 66 -60.98 -83.42 -1.58
N ALA R 67 -60.43 -84.49 -2.13
CA ALA R 67 -58.99 -84.57 -2.29
C ALA R 67 -58.55 -84.66 -3.72
N HIS R 68 -57.44 -84.02 -4.02
CA HIS R 68 -56.90 -84.12 -5.34
C HIS R 68 -55.40 -84.20 -5.31
N LEU R 69 -54.85 -85.11 -6.10
CA LEU R 69 -53.40 -85.22 -6.23
C LEU R 69 -52.89 -84.23 -7.26
N ARG R 70 -51.78 -83.57 -6.95
CA ARG R 70 -51.13 -82.74 -7.94
C ARG R 70 -50.42 -83.62 -8.97
N ALA R 71 -50.65 -83.33 -10.25
CA ALA R 71 -49.99 -84.03 -11.33
C ALA R 71 -48.60 -83.46 -11.58
N SER R 72 -47.69 -84.33 -12.02
CA SER R 72 -46.34 -83.90 -12.32
C SER R 72 -45.72 -84.87 -13.33
N LYS R 73 -44.58 -84.46 -13.86
CA LYS R 73 -43.81 -85.26 -14.81
C LYS R 73 -42.45 -85.58 -14.19
N PRO R 74 -42.06 -86.84 -14.09
CA PRO R 74 -40.75 -87.16 -13.52
C PRO R 74 -39.62 -86.90 -14.51
N LEU R 75 -38.49 -86.45 -13.98
CA LEU R 75 -37.26 -86.43 -14.76
C LEU R 75 -36.72 -87.84 -14.94
N VAL R 76 -35.99 -88.04 -16.02
CA VAL R 76 -35.26 -89.28 -16.25
C VAL R 76 -33.78 -88.92 -16.34
N ARG R 77 -32.95 -89.72 -15.68
CA ARG R 77 -31.51 -89.58 -15.78
C ARG R 77 -30.99 -90.60 -16.79
N LEU R 78 -30.27 -90.09 -17.78
CA LEU R 78 -29.78 -90.88 -18.90
C LEU R 78 -28.26 -90.92 -18.78
N ARG R 79 -27.72 -92.14 -18.75
CA ARG R 79 -26.30 -92.36 -18.54
C ARG R 79 -25.77 -93.25 -19.65
N VAL R 80 -24.69 -92.81 -20.28
CA VAL R 80 -24.00 -93.57 -21.32
C VAL R 80 -22.58 -93.82 -20.84
N PRO R 81 -22.27 -95.03 -20.40
CA PRO R 81 -20.88 -95.33 -20.03
C PRO R 81 -20.00 -95.50 -21.25
N PHE R 82 -18.72 -95.21 -21.07
CA PHE R 82 -17.72 -95.41 -22.10
C PHE R 82 -16.38 -95.68 -21.45
N THR R 83 -15.45 -96.23 -22.24
CA THR R 83 -14.20 -96.77 -21.73
C THR R 83 -13.03 -96.16 -22.49
N LEU R 84 -12.07 -95.61 -21.76
CA LEU R 84 -10.91 -94.96 -22.35
C LEU R 84 -9.64 -95.75 -22.04
N SER R 85 -8.76 -95.84 -23.03
CA SER R 85 -7.43 -96.38 -22.81
C SER R 85 -6.60 -95.42 -21.97
N ARG R 86 -5.90 -95.95 -20.97
CA ARG R 86 -5.07 -95.12 -20.12
C ARG R 86 -3.79 -94.69 -20.82
N ASN R 87 -3.34 -95.46 -21.82
CA ASN R 87 -2.21 -95.04 -22.64
C ASN R 87 -2.52 -93.78 -23.43
N GLU R 88 -3.73 -93.71 -24.01
CA GLU R 88 -4.15 -92.51 -24.72
C GLU R 88 -4.25 -91.31 -23.79
N ILE R 89 -4.69 -91.53 -22.55
CA ILE R 89 -4.75 -90.47 -21.55
C ILE R 89 -3.34 -89.99 -21.20
N ASP R 90 -2.41 -90.92 -21.01
CA ASP R 90 -1.03 -90.57 -20.68
C ASP R 90 -0.31 -89.89 -21.83
N ASP R 91 -0.73 -90.15 -23.08
CA ASP R 91 -0.13 -89.52 -24.24
C ASP R 91 -0.32 -88.00 -24.27
N VAL R 92 -1.38 -87.49 -23.63
CA VAL R 92 -1.75 -86.10 -23.77
C VAL R 92 -0.73 -85.18 -23.09
N GLU R 93 -0.23 -85.56 -21.93
CA GLU R 93 0.75 -84.71 -21.23
C GLU R 93 2.08 -84.71 -22.00
N ARG R 94 2.42 -85.82 -22.63
CA ARG R 94 3.64 -85.85 -23.45
C ARG R 94 3.52 -85.03 -24.73
N GLY R 95 2.33 -84.53 -25.06
CA GLY R 95 2.17 -83.67 -26.20
C GLY R 95 1.50 -84.29 -27.41
N SER R 96 0.92 -85.48 -27.29
CA SER R 96 0.17 -86.07 -28.38
C SER R 96 -1.09 -85.27 -28.64
N LYS R 97 -1.45 -85.18 -29.92
CA LYS R 97 -2.67 -84.47 -30.32
C LYS R 97 -3.58 -85.36 -31.15
N ASP R 98 -3.31 -86.67 -31.16
CA ASP R 98 -4.17 -87.61 -31.89
C ASP R 98 -4.64 -88.73 -30.97
N SER R 99 -4.80 -88.44 -29.68
CA SER R 99 -5.25 -89.44 -28.72
C SER R 99 -6.65 -89.93 -29.08
N ASP R 100 -6.86 -91.23 -28.93
CA ASP R 100 -8.07 -91.87 -29.39
C ASP R 100 -9.27 -91.52 -28.52
N TRP R 101 -10.05 -90.54 -28.96
CA TRP R 101 -11.24 -90.15 -28.19
C TRP R 101 -12.49 -90.66 -28.88
N GLU R 102 -12.35 -91.74 -29.64
CA GLU R 102 -13.52 -92.34 -30.29
C GLU R 102 -14.61 -92.80 -29.31
N PRO R 103 -14.25 -93.39 -28.15
CA PRO R 103 -15.34 -93.76 -27.25
C PRO R 103 -16.07 -92.53 -26.74
N VAL R 104 -15.37 -91.45 -26.44
CA VAL R 104 -16.02 -90.21 -26.03
C VAL R 104 -16.97 -89.73 -27.13
N LYS R 105 -16.54 -89.81 -28.38
CA LYS R 105 -17.39 -89.37 -29.49
C LYS R 105 -18.60 -90.28 -29.66
N GLU R 106 -18.41 -91.59 -29.50
CA GLU R 106 -19.54 -92.51 -29.59
C GLU R 106 -20.52 -92.34 -28.44
N ALA R 107 -20.01 -92.05 -27.23
CA ALA R 107 -20.90 -91.79 -26.11
C ALA R 107 -21.68 -90.49 -26.30
N ALA R 108 -21.02 -89.45 -26.80
CA ALA R 108 -21.71 -88.19 -27.05
C ALA R 108 -22.74 -88.32 -28.15
N LYS R 109 -22.42 -89.07 -29.20
CA LYS R 109 -23.37 -89.31 -30.27
C LYS R 109 -24.57 -90.12 -29.77
N LYS R 110 -24.32 -91.10 -28.91
CA LYS R 110 -25.41 -91.92 -28.41
C LYS R 110 -26.31 -91.15 -27.45
N LEU R 111 -25.69 -90.31 -26.60
CA LEU R 111 -26.48 -89.47 -25.66
C LEU R 111 -27.32 -88.48 -26.47
N ALA R 112 -26.71 -87.82 -27.48
CA ALA R 112 -27.44 -86.88 -28.32
C ALA R 112 -28.60 -87.57 -29.05
N PHE R 113 -28.37 -88.80 -29.52
CA PHE R 113 -29.41 -89.55 -30.20
C PHE R 113 -30.55 -89.88 -29.26
N VAL R 114 -30.24 -90.28 -28.04
CA VAL R 114 -31.29 -90.57 -27.07
C VAL R 114 -32.09 -89.31 -26.80
N GLU R 115 -31.42 -88.19 -26.50
CA GLU R 115 -32.15 -86.96 -26.17
C GLU R 115 -33.06 -86.53 -27.32
N ASP R 116 -32.56 -86.57 -28.55
CA ASP R 116 -33.37 -86.15 -29.70
C ASP R 116 -34.52 -87.11 -29.96
N ARG R 117 -34.28 -88.42 -29.82
CA ARG R 117 -35.36 -89.38 -30.02
C ARG R 117 -36.39 -89.31 -28.90
N THR R 118 -35.96 -88.90 -27.71
CA THR R 118 -36.90 -88.68 -26.62
C THR R 118 -37.77 -87.47 -26.87
N ILE R 119 -37.17 -86.38 -27.35
CA ILE R 119 -37.94 -85.17 -27.64
C ILE R 119 -38.92 -85.42 -28.79
N PHE R 120 -38.50 -86.08 -29.85
CA PHE R 120 -39.34 -86.16 -31.04
C PHE R 120 -40.18 -87.42 -31.14
N GLU R 121 -39.76 -88.52 -30.54
CA GLU R 121 -40.52 -89.77 -30.62
C GLU R 121 -41.02 -90.25 -29.27
N GLY R 122 -40.68 -89.55 -28.21
CA GLY R 122 -41.11 -89.94 -26.91
C GLY R 122 -40.43 -91.11 -26.23
N TYR R 123 -40.67 -91.24 -24.94
CA TYR R 123 -40.09 -92.31 -24.17
C TYR R 123 -41.21 -92.64 -23.23
N SER R 124 -42.04 -93.60 -23.59
CA SER R 124 -43.20 -93.94 -22.79
C SER R 124 -42.92 -94.35 -21.34
N ALA R 125 -41.86 -95.08 -21.11
CA ALA R 125 -41.50 -95.51 -19.75
C ALA R 125 -41.21 -94.32 -18.86
N ALA R 126 -40.72 -93.21 -19.42
CA ALA R 126 -40.50 -91.99 -18.68
C ALA R 126 -41.68 -91.04 -18.76
N SER R 127 -42.83 -91.51 -19.26
CA SER R 127 -44.07 -90.74 -19.42
C SER R 127 -43.86 -89.49 -20.27
N ILE R 128 -43.06 -89.61 -21.31
CA ILE R 128 -42.79 -88.50 -22.23
C ILE R 128 -43.44 -88.83 -23.55
N GLU R 129 -44.36 -87.97 -23.98
CA GLU R 129 -44.97 -88.10 -25.28
C GLU R 129 -44.13 -87.31 -26.27
N GLY R 130 -43.83 -87.91 -27.41
CA GLY R 130 -43.05 -87.23 -28.42
C GLY R 130 -43.85 -86.16 -29.13
N ILE R 131 -43.12 -85.33 -29.88
CA ILE R 131 -43.75 -84.32 -30.73
C ILE R 131 -44.60 -84.98 -31.81
N ARG R 132 -44.14 -86.11 -32.34
CA ARG R 132 -44.91 -86.85 -33.34
C ARG R 132 -46.23 -87.36 -32.77
N SER R 133 -46.21 -87.89 -31.56
CA SER R 133 -47.43 -88.40 -30.95
C SER R 133 -48.35 -87.29 -30.46
N ALA R 134 -47.78 -86.18 -29.98
CA ALA R 134 -48.57 -85.09 -29.43
C ALA R 134 -49.07 -84.12 -30.48
N SER R 135 -48.69 -84.30 -31.74
CA SER R 135 -49.14 -83.40 -32.80
C SER R 135 -50.59 -83.69 -33.14
N SER R 136 -51.41 -82.64 -33.22
CA SER R 136 -52.79 -82.78 -33.65
C SER R 136 -52.98 -82.59 -35.14
N ASN R 137 -51.98 -82.02 -35.84
CA ASN R 137 -52.06 -81.87 -37.28
C ASN R 137 -51.89 -83.24 -37.95
N PRO R 138 -52.47 -83.43 -39.14
CA PRO R 138 -52.37 -84.73 -39.81
C PRO R 138 -50.94 -85.07 -40.20
N ALA R 139 -50.65 -86.36 -40.19
CA ALA R 139 -49.33 -86.85 -40.59
C ALA R 139 -49.27 -87.02 -42.10
N LEU R 140 -48.10 -86.77 -42.67
CA LEU R 140 -47.89 -86.82 -44.09
C LEU R 140 -46.90 -87.92 -44.44
N THR R 141 -46.97 -88.39 -45.66
CA THR R 141 -46.06 -89.43 -46.16
C THR R 141 -45.01 -88.79 -47.06
N LEU R 142 -43.75 -89.04 -46.77
CA LEU R 142 -42.68 -88.53 -47.62
C LEU R 142 -42.57 -89.41 -48.86
N PRO R 143 -42.47 -88.78 -50.03
CA PRO R 143 -42.40 -89.55 -51.28
C PRO R 143 -41.04 -90.19 -51.51
N GLU R 144 -40.99 -91.15 -52.44
CA GLU R 144 -39.73 -91.82 -52.74
C GLU R 144 -38.77 -90.91 -53.49
N ASP R 145 -39.29 -90.16 -54.46
CA ASP R 145 -38.47 -89.28 -55.26
C ASP R 145 -38.12 -88.04 -54.43
N PRO R 146 -36.83 -87.73 -54.26
CA PRO R 146 -36.46 -86.50 -53.53
C PRO R 146 -36.92 -85.20 -54.20
N ARG R 147 -37.10 -85.20 -55.52
CA ARG R 147 -37.61 -84.02 -56.21
C ARG R 147 -39.04 -83.71 -55.83
N GLU R 148 -39.77 -84.68 -55.31
CA GLU R 148 -41.12 -84.48 -54.79
C GLU R 148 -41.13 -84.19 -53.29
N ILE R 149 -39.98 -84.09 -52.65
CA ILE R 149 -39.96 -83.72 -51.22
C ILE R 149 -40.50 -82.29 -50.97
N PRO R 150 -39.97 -81.26 -51.67
CA PRO R 150 -40.46 -79.91 -51.36
C PRO R 150 -41.98 -79.74 -51.50
N ASP R 151 -42.63 -80.51 -52.37
CA ASP R 151 -44.07 -80.42 -52.52
C ASP R 151 -44.75 -80.80 -51.22
N VAL R 152 -44.48 -82.01 -50.72
CA VAL R 152 -45.10 -82.49 -49.49
C VAL R 152 -44.78 -81.58 -48.31
N ILE R 153 -43.52 -81.15 -48.18
CA ILE R 153 -43.15 -80.19 -47.15
C ILE R 153 -44.04 -78.95 -47.20
N SER R 154 -44.31 -78.45 -48.40
CA SER R 154 -45.19 -77.27 -48.57
C SER R 154 -46.62 -77.59 -48.08
N GLN R 155 -47.09 -78.82 -48.24
CA GLN R 155 -48.38 -79.22 -47.71
C GLN R 155 -48.38 -79.17 -46.20
N ALA R 156 -47.26 -79.56 -45.57
CA ALA R 156 -47.11 -79.40 -44.14
C ALA R 156 -47.15 -77.94 -43.74
N LEU R 157 -46.55 -77.06 -44.55
CA LEU R 157 -46.64 -75.63 -44.29
C LEU R 157 -48.07 -75.12 -44.48
N SER R 158 -48.89 -75.83 -45.26
CA SER R 158 -50.29 -75.46 -45.32
C SER R 158 -50.99 -75.76 -44.00
N GLU R 159 -50.63 -76.89 -43.36
CA GLU R 159 -51.37 -77.35 -42.19
C GLU R 159 -51.15 -76.44 -40.99
N LEU R 160 -49.89 -76.04 -40.74
CA LEU R 160 -49.62 -75.00 -39.72
C LEU R 160 -50.30 -73.69 -40.05
N ARG R 161 -50.51 -73.41 -41.33
CA ARG R 161 -51.26 -72.21 -41.68
C ARG R 161 -52.74 -72.40 -41.41
N LEU R 162 -53.24 -73.63 -41.62
CA LEU R 162 -54.63 -73.92 -41.30
C LEU R 162 -54.86 -74.08 -39.81
N ALA R 163 -53.79 -74.31 -39.05
CA ALA R 163 -53.89 -74.39 -37.60
C ALA R 163 -53.86 -73.03 -36.93
N GLY R 164 -53.68 -71.95 -37.70
CA GLY R 164 -53.58 -70.61 -37.13
C GLY R 164 -52.32 -70.47 -36.30
N VAL R 165 -51.16 -70.52 -36.93
CA VAL R 165 -49.90 -70.44 -36.20
C VAL R 165 -48.92 -69.50 -36.90
N ASP R 166 -48.25 -68.64 -36.14
CA ASP R 166 -47.26 -67.74 -36.71
C ASP R 166 -45.85 -68.18 -36.37
N GLY R 167 -44.86 -67.32 -36.61
CA GLY R 167 -43.49 -67.65 -36.25
C GLY R 167 -42.62 -68.24 -37.34
N PRO R 168 -41.29 -68.22 -37.15
CA PRO R 168 -40.37 -68.78 -38.13
C PRO R 168 -40.58 -70.29 -38.15
N TYR R 169 -40.93 -70.89 -39.27
CA TYR R 169 -41.06 -72.34 -39.30
C TYR R 169 -39.72 -73.04 -39.56
N SER R 170 -39.48 -74.19 -38.94
CA SER R 170 -38.19 -74.83 -39.23
C SER R 170 -38.39 -76.29 -39.63
N VAL R 171 -37.58 -76.78 -40.56
CA VAL R 171 -37.75 -78.15 -41.04
C VAL R 171 -36.57 -78.97 -40.54
N LEU R 172 -36.90 -80.09 -39.90
CA LEU R 172 -35.87 -81.00 -39.40
C LEU R 172 -36.00 -82.27 -40.21
N LEU R 173 -34.88 -82.78 -40.70
CA LEU R 173 -34.90 -83.95 -41.56
C LEU R 173 -34.10 -85.08 -40.93
N SER R 174 -34.54 -86.30 -41.17
CA SER R 174 -33.71 -87.45 -40.81
C SER R 174 -32.48 -87.50 -41.72
N ALA R 175 -31.49 -88.27 -41.28
CA ALA R 175 -30.21 -88.35 -42.01
C ALA R 175 -30.39 -88.93 -43.40
N ASP R 176 -31.29 -89.90 -43.56
CA ASP R 176 -31.62 -90.44 -44.87
C ASP R 176 -32.24 -89.37 -45.77
N VAL R 177 -33.20 -88.62 -45.23
CA VAL R 177 -33.89 -87.59 -46.01
C VAL R 177 -32.96 -86.42 -46.29
N TYR R 178 -32.12 -86.05 -45.31
CA TYR R 178 -31.15 -84.98 -45.50
C TYR R 178 -30.13 -85.34 -46.56
N THR R 179 -29.66 -86.58 -46.57
CA THR R 179 -28.75 -87.06 -47.60
C THR R 179 -29.43 -87.07 -48.97
N LYS R 180 -30.68 -87.52 -49.03
CA LYS R 180 -31.41 -87.57 -50.30
C LYS R 180 -31.64 -86.18 -50.90
N VAL R 181 -32.01 -85.20 -50.06
CA VAL R 181 -32.22 -83.85 -50.60
C VAL R 181 -30.92 -83.10 -50.74
N SER R 182 -29.82 -83.60 -50.17
CA SER R 182 -28.52 -82.99 -50.37
C SER R 182 -27.85 -83.44 -51.65
N GLU R 183 -27.98 -84.71 -52.00
CA GLU R 183 -27.24 -85.27 -53.11
C GLU R 183 -27.97 -85.18 -54.43
N THR R 184 -29.28 -84.96 -54.41
CA THR R 184 -30.03 -84.74 -55.63
C THR R 184 -30.06 -83.26 -55.93
N SER R 185 -29.82 -82.89 -57.18
CA SER R 185 -29.73 -81.50 -57.55
C SER R 185 -30.70 -81.18 -58.69
N ASP R 186 -31.16 -79.94 -58.72
CA ASP R 186 -32.03 -79.46 -59.78
C ASP R 186 -31.66 -78.01 -60.06
N HIS R 187 -31.25 -77.75 -61.32
CA HIS R 187 -30.91 -76.41 -61.83
C HIS R 187 -29.82 -75.73 -61.00
N GLY R 188 -28.77 -76.48 -60.72
CA GLY R 188 -27.61 -75.92 -60.06
C GLY R 188 -27.70 -75.79 -58.56
N TYR R 189 -28.79 -76.27 -57.95
CA TYR R 189 -28.91 -76.28 -56.50
C TYR R 189 -29.40 -77.65 -56.06
N PRO R 190 -28.95 -78.13 -54.91
CA PRO R 190 -29.57 -79.31 -54.33
C PRO R 190 -30.96 -78.99 -53.81
N ILE R 191 -31.73 -80.04 -53.57
CA ILE R 191 -33.11 -79.91 -53.12
C ILE R 191 -33.19 -79.29 -51.73
N ARG R 192 -32.10 -79.41 -50.94
CA ARG R 192 -32.01 -78.74 -49.64
C ARG R 192 -32.15 -77.23 -49.77
N GLU R 193 -31.60 -76.64 -50.83
CA GLU R 193 -31.77 -75.22 -51.08
C GLU R 193 -33.22 -74.90 -51.43
N HIS R 194 -33.89 -75.79 -52.19
CA HIS R 194 -35.31 -75.62 -52.48
C HIS R 194 -36.16 -75.65 -51.21
N LEU R 195 -35.78 -76.50 -50.26
CA LEU R 195 -36.43 -76.48 -48.96
C LEU R 195 -36.14 -75.19 -48.20
N ASN R 196 -34.92 -74.69 -48.33
CA ASN R 196 -34.53 -73.45 -47.67
C ASN R 196 -35.32 -72.25 -48.18
N ARG R 197 -35.73 -72.27 -49.45
CA ARG R 197 -36.54 -71.17 -49.97
C ARG R 197 -37.96 -71.14 -49.41
N LEU R 198 -38.50 -72.30 -49.01
CA LEU R 198 -39.89 -72.38 -48.50
C LEU R 198 -40.05 -71.79 -47.10
N VAL R 199 -39.01 -71.80 -46.28
CA VAL R 199 -39.19 -71.37 -44.86
C VAL R 199 -38.27 -70.21 -44.48
N ASP R 200 -38.61 -69.50 -43.41
CA ASP R 200 -37.78 -68.38 -42.91
C ASP R 200 -36.99 -68.88 -41.71
N GLY R 201 -37.08 -70.19 -41.45
CA GLY R 201 -36.31 -70.78 -40.35
C GLY R 201 -35.08 -71.45 -40.88
N ASP R 202 -34.86 -72.74 -40.58
CA ASP R 202 -33.59 -73.38 -41.00
C ASP R 202 -33.80 -74.83 -41.39
N ILE R 203 -33.09 -75.30 -42.41
CA ILE R 203 -33.14 -76.76 -42.69
C ILE R 203 -32.13 -77.32 -41.69
N ILE R 204 -32.58 -78.22 -40.82
CA ILE R 204 -31.77 -78.70 -39.72
C ILE R 204 -31.53 -80.20 -39.89
N TRP R 205 -30.27 -80.59 -39.88
CA TRP R 205 -29.90 -82.00 -39.93
C TRP R 205 -30.23 -82.63 -38.57
N ALA R 206 -31.05 -83.67 -38.59
CA ALA R 206 -31.50 -84.36 -37.37
C ALA R 206 -31.29 -85.85 -37.55
N PRO R 207 -30.06 -86.34 -37.33
CA PRO R 207 -29.75 -87.75 -37.63
C PRO R 207 -30.42 -88.76 -36.72
N ALA R 208 -30.98 -88.36 -35.58
CA ALA R 208 -31.59 -89.34 -34.69
C ALA R 208 -33.04 -89.66 -35.06
N ILE R 209 -33.76 -88.68 -35.61
CA ILE R 209 -35.19 -88.83 -35.85
C ILE R 209 -35.48 -89.72 -37.05
N ASP R 210 -36.72 -90.15 -37.19
CA ASP R 210 -37.24 -90.74 -38.41
C ASP R 210 -38.10 -89.71 -39.14
N GLY R 211 -38.16 -89.87 -40.46
CA GLY R 211 -38.97 -88.98 -41.26
C GLY R 211 -38.58 -87.53 -41.23
N ALA R 212 -39.55 -86.66 -41.01
CA ALA R 212 -39.27 -85.23 -41.01
C ALA R 212 -40.23 -84.53 -40.06
N PHE R 213 -39.86 -83.33 -39.67
CA PHE R 213 -40.74 -82.55 -38.78
C PHE R 213 -40.71 -81.10 -39.24
N VAL R 214 -41.88 -80.50 -39.37
CA VAL R 214 -41.93 -79.05 -39.70
C VAL R 214 -42.58 -78.40 -38.50
N LEU R 215 -42.03 -77.31 -38.01
CA LEU R 215 -42.61 -76.75 -36.77
C LEU R 215 -42.23 -75.28 -36.61
N THR R 216 -42.99 -74.58 -35.79
CA THR R 216 -42.74 -73.17 -35.50
C THR R 216 -41.76 -73.01 -34.35
N THR R 217 -40.93 -71.97 -34.44
CA THR R 217 -39.99 -71.69 -33.37
C THR R 217 -40.30 -70.34 -32.74
N ARG R 218 -41.59 -70.02 -32.67
CA ARG R 218 -42.01 -68.75 -32.09
C ARG R 218 -41.77 -68.70 -30.58
N GLY R 219 -41.67 -69.86 -29.94
CA GLY R 219 -41.44 -69.87 -28.51
C GLY R 219 -42.66 -70.32 -27.74
N GLY R 220 -42.42 -70.90 -26.57
CA GLY R 220 -43.48 -71.26 -25.65
C GLY R 220 -44.30 -72.46 -26.05
N ASP R 221 -43.90 -73.22 -27.06
CA ASP R 221 -44.70 -74.36 -27.48
C ASP R 221 -44.08 -75.68 -27.04
N PHE R 222 -42.75 -75.75 -27.01
CA PHE R 222 -42.02 -76.98 -26.74
C PHE R 222 -40.99 -76.65 -25.67
N ASP R 223 -40.95 -77.44 -24.60
CA ASP R 223 -40.15 -77.08 -23.44
C ASP R 223 -39.35 -78.29 -22.99
N LEU R 224 -38.03 -78.17 -23.03
CA LEU R 224 -37.14 -79.20 -22.51
C LEU R 224 -36.71 -78.76 -21.11
N GLN R 225 -37.02 -79.56 -20.10
CA GLN R 225 -36.65 -79.24 -18.73
C GLN R 225 -35.43 -80.06 -18.31
N LEU R 226 -34.40 -79.35 -17.90
CA LEU R 226 -33.20 -79.99 -17.46
C LEU R 226 -33.00 -79.88 -15.98
N GLY R 227 -32.74 -80.98 -15.31
CA GLY R 227 -32.37 -80.87 -13.91
C GLY R 227 -30.91 -80.53 -13.94
N THR R 228 -30.12 -81.39 -14.60
CA THR R 228 -28.68 -81.14 -14.78
C THR R 228 -28.32 -81.36 -16.24
N ASP R 229 -27.50 -80.47 -16.81
CA ASP R 229 -27.05 -80.61 -18.22
C ASP R 229 -26.03 -81.75 -18.33
N VAL R 230 -25.49 -81.96 -19.54
CA VAL R 230 -24.53 -83.07 -19.78
C VAL R 230 -23.27 -82.92 -18.93
N ALA R 231 -22.90 -83.98 -18.22
CA ALA R 231 -21.72 -83.97 -17.37
C ALA R 231 -20.97 -85.29 -17.56
N ILE R 232 -19.67 -85.27 -17.29
CA ILE R 232 -18.85 -86.46 -17.40
C ILE R 232 -18.49 -86.92 -16.00
N GLY R 233 -18.76 -88.19 -15.70
CA GLY R 233 -18.51 -88.75 -14.39
C GLY R 233 -17.63 -89.99 -14.45
N TYR R 234 -17.04 -90.31 -13.31
CA TYR R 234 -16.08 -91.40 -13.19
C TYR R 234 -16.70 -92.60 -12.51
N ALA R 235 -16.59 -93.78 -13.12
CA ALA R 235 -17.19 -95.00 -12.54
C ALA R 235 -16.11 -95.82 -11.83
N SER R 236 -15.16 -96.37 -12.59
CA SER R 236 -14.11 -97.21 -12.04
C SER R 236 -12.93 -97.27 -13.00
N HIS R 237 -11.81 -97.86 -12.56
CA HIS R 237 -10.58 -97.91 -13.39
C HIS R 237 -9.75 -99.16 -13.11
N ASP R 238 -8.93 -99.59 -14.07
CA ASP R 238 -8.00 -100.72 -13.86
C ASP R 238 -6.63 -100.24 -14.36
N THR R 239 -5.70 -101.15 -14.58
CA THR R 239 -4.34 -100.76 -15.04
C THR R 239 -4.41 -100.25 -16.46
N ASP R 240 -5.35 -100.74 -17.26
CA ASP R 240 -5.35 -100.39 -18.67
C ASP R 240 -6.39 -99.34 -19.04
N THR R 241 -7.53 -99.27 -18.37
CA THR R 241 -8.64 -98.48 -18.85
C THR R 241 -9.28 -97.70 -17.72
N VAL R 242 -9.99 -96.64 -18.10
CA VAL R 242 -10.83 -95.87 -17.20
C VAL R 242 -12.26 -95.92 -17.72
N ARG R 243 -13.18 -96.38 -16.89
CA ARG R 243 -14.60 -96.33 -17.21
C ARG R 243 -15.20 -95.02 -16.73
N LEU R 244 -15.78 -94.28 -17.66
CA LEU R 244 -16.45 -93.04 -17.31
C LEU R 244 -17.86 -93.09 -17.88
N TYR R 245 -18.62 -92.00 -17.75
CA TYR R 245 -19.95 -91.94 -18.32
C TYR R 245 -20.30 -90.50 -18.66
N LEU R 246 -21.23 -90.37 -19.59
CA LEU R 246 -21.91 -89.12 -19.86
C LEU R 246 -23.28 -89.20 -19.24
N GLN R 247 -23.74 -88.10 -18.66
CA GLN R 247 -24.97 -88.18 -17.88
C GLN R 247 -25.73 -86.88 -17.98
N GLU R 248 -27.04 -86.99 -18.16
CA GLU R 248 -27.91 -85.82 -18.16
C GLU R 248 -29.30 -86.23 -17.67
N THR R 249 -29.97 -85.33 -16.98
CA THR R 249 -31.32 -85.63 -16.49
C THR R 249 -32.30 -84.58 -16.97
N LEU R 250 -33.43 -85.05 -17.51
CA LEU R 250 -34.35 -84.18 -18.24
C LEU R 250 -35.75 -84.76 -18.31
N THR R 251 -36.68 -83.90 -18.69
CA THR R 251 -37.97 -84.33 -19.22
C THR R 251 -38.34 -83.38 -20.35
N PHE R 252 -39.32 -83.76 -21.15
CA PHE R 252 -39.78 -82.93 -22.25
C PHE R 252 -41.29 -82.75 -22.20
N LEU R 253 -41.74 -81.53 -22.43
CA LEU R 253 -43.14 -81.17 -22.40
C LEU R 253 -43.51 -80.52 -23.73
N CYS R 254 -44.64 -80.90 -24.29
CA CYS R 254 -45.21 -80.22 -25.45
C CYS R 254 -46.51 -79.55 -25.01
N TYR R 255 -46.52 -78.22 -24.99
CA TYR R 255 -47.71 -77.48 -24.56
C TYR R 255 -48.71 -77.25 -25.67
N THR R 256 -48.25 -77.20 -26.92
CA THR R 256 -49.08 -76.78 -28.04
C THR R 256 -49.14 -77.91 -29.05
N ALA R 257 -50.32 -78.52 -29.17
CA ALA R 257 -50.44 -79.73 -29.99
C ALA R 257 -50.41 -79.42 -31.48
N GLU R 258 -50.81 -78.23 -31.89
CA GLU R 258 -50.98 -77.93 -33.31
C GLU R 258 -49.78 -77.19 -33.90
N ALA R 259 -48.66 -77.14 -33.18
CA ALA R 259 -47.50 -76.38 -33.62
C ALA R 259 -46.52 -77.21 -34.45
N SER R 260 -46.90 -78.40 -34.90
CA SER R 260 -45.94 -79.25 -35.61
C SER R 260 -46.65 -80.21 -36.55
N VAL R 261 -45.94 -80.62 -37.60
CA VAL R 261 -46.34 -81.67 -38.52
C VAL R 261 -45.23 -82.71 -38.59
N ALA R 262 -45.59 -83.98 -38.40
CA ALA R 262 -44.68 -85.11 -38.52
C ALA R 262 -44.85 -85.78 -39.87
N LEU R 263 -43.73 -86.23 -40.42
CA LEU R 263 -43.74 -86.90 -41.70
C LEU R 263 -43.04 -88.24 -41.55
N SER R 264 -43.50 -89.25 -42.28
CA SER R 264 -42.93 -90.57 -42.21
C SER R 264 -42.75 -91.13 -43.61
N HIS R 265 -42.08 -92.27 -43.69
CA HIS R 265 -41.85 -92.93 -44.96
C HIS R 265 -42.93 -93.95 -45.28
N MET S 1 63.80 1.73 71.18
CA MET S 1 65.16 2.11 70.81
C MET S 1 66.12 0.94 70.83
N ASN S 2 67.37 1.19 70.43
CA ASN S 2 68.39 0.13 70.41
C ASN S 2 69.59 0.46 71.30
N ASN S 3 70.73 -0.22 71.06
CA ASN S 3 71.91 0.03 71.88
C ASN S 3 72.59 1.36 71.57
N LEU S 4 72.41 1.92 70.37
CA LEU S 4 72.91 3.26 70.08
C LEU S 4 72.30 4.35 70.96
N TYR S 5 71.09 4.14 71.45
CA TYR S 5 70.39 5.15 72.28
C TYR S 5 70.45 6.53 71.61
N ARG S 6 70.15 6.53 70.32
CA ARG S 6 70.39 7.69 69.47
C ARG S 6 69.44 8.84 69.79
N ASP S 7 68.19 8.51 70.14
CA ASP S 7 67.20 9.53 70.47
C ASP S 7 67.47 10.22 71.80
N LEU S 8 68.33 9.64 72.64
CA LEU S 8 68.68 10.29 73.89
C LEU S 8 69.74 11.36 73.72
N ALA S 9 70.44 11.37 72.58
CA ALA S 9 71.50 12.34 72.36
C ALA S 9 70.91 13.71 72.07
N PRO S 10 71.45 14.78 72.66
CA PRO S 10 71.01 16.15 72.31
C PRO S 10 71.61 16.63 71.00
N VAL S 11 71.23 15.98 69.92
CA VAL S 11 71.72 16.24 68.59
C VAL S 11 70.51 16.42 67.70
N THR S 12 70.47 17.51 66.93
CA THR S 12 69.34 17.75 66.07
C THR S 12 69.43 16.87 64.83
N GLU S 13 68.33 16.84 64.07
CA GLU S 13 68.25 16.00 62.88
C GLU S 13 69.22 16.45 61.80
N ALA S 14 69.35 17.76 61.59
CA ALA S 14 70.28 18.29 60.60
C ALA S 14 71.72 18.04 61.00
N ALA S 15 72.01 18.22 62.29
CA ALA S 15 73.34 17.91 62.82
C ALA S 15 73.64 16.43 62.69
N TRP S 16 72.64 15.56 62.91
CA TRP S 16 72.83 14.13 62.73
C TRP S 16 73.16 13.79 61.29
N ALA S 17 72.47 14.41 60.33
CA ALA S 17 72.75 14.17 58.92
C ALA S 17 74.16 14.60 58.54
N GLU S 18 74.60 15.75 59.06
CA GLU S 18 75.96 16.19 58.79
C GLU S 18 77.00 15.26 59.41
N ILE S 19 76.76 14.77 60.62
CA ILE S 19 77.70 13.85 61.29
C ILE S 19 77.76 12.52 60.54
N GLU S 20 76.62 11.99 60.11
CA GLU S 20 76.58 10.74 59.35
C GLU S 20 77.33 10.88 58.03
N LEU S 21 77.11 12.00 57.33
CA LEU S 21 77.79 12.25 56.07
C LEU S 21 79.29 12.36 56.25
N GLU S 22 79.74 13.10 57.27
CA GLU S 22 81.16 13.26 57.53
C GLU S 22 81.85 11.95 57.88
N ALA S 23 81.21 11.15 58.74
CA ALA S 23 81.77 9.88 59.16
C ALA S 23 81.84 8.88 58.02
N ALA S 24 80.76 8.78 57.22
CA ALA S 24 80.74 7.86 56.10
C ALA S 24 81.77 8.25 55.04
N ARG S 25 81.88 9.54 54.75
CA ARG S 25 82.85 10.00 53.77
C ARG S 25 84.27 9.72 54.20
N THR S 26 84.63 10.11 55.43
CA THR S 26 86.01 9.94 55.88
C THR S 26 86.38 8.46 55.99
N PHE S 27 85.45 7.63 56.39
CA PHE S 27 85.67 6.18 56.47
C PHE S 27 85.97 5.53 55.11
N LYS S 28 85.11 5.76 54.12
CA LYS S 28 85.33 5.19 52.79
C LYS S 28 86.68 5.58 52.22
N ARG S 29 87.04 6.86 52.33
CA ARG S 29 88.31 7.33 51.82
C ARG S 29 89.47 6.59 52.42
N HIS S 30 89.36 6.23 53.68
CA HIS S 30 90.51 5.58 54.36
C HIS S 30 90.38 4.07 54.35
N ILE S 31 89.32 3.51 53.77
CA ILE S 31 89.31 2.05 53.70
C ILE S 31 89.92 1.57 52.39
N ALA S 32 90.91 0.69 52.50
CA ALA S 32 91.46 -0.02 51.36
C ALA S 32 91.04 -1.49 51.36
N GLY S 33 90.77 -2.03 52.56
CA GLY S 33 90.56 -3.47 52.70
C GLY S 33 89.28 -3.97 52.05
N ARG S 34 88.20 -3.19 52.15
CA ARG S 34 86.92 -3.62 51.61
C ARG S 34 86.89 -3.60 50.08
N ARG S 35 87.82 -2.88 49.46
CA ARG S 35 87.88 -2.84 48.00
C ARG S 35 88.43 -4.14 47.42
N VAL S 36 89.14 -4.94 48.21
CA VAL S 36 89.78 -6.14 47.69
C VAL S 36 89.23 -7.43 48.28
N VAL S 37 88.64 -7.41 49.48
CA VAL S 37 88.19 -8.63 50.11
C VAL S 37 86.70 -8.78 49.88
N ASP S 38 86.21 -10.00 50.05
CA ASP S 38 84.77 -10.24 50.03
C ASP S 38 84.18 -9.77 51.35
N VAL S 39 83.13 -8.97 51.27
CA VAL S 39 82.48 -8.40 52.43
C VAL S 39 81.08 -9.00 52.52
N SER S 40 80.81 -9.64 53.64
CA SER S 40 79.53 -10.31 53.83
C SER S 40 78.44 -9.30 54.14
N ASP S 41 77.20 -9.76 54.06
CA ASP S 41 76.11 -8.98 54.61
C ASP S 41 76.22 -8.95 56.13
N PRO S 42 75.72 -7.90 56.79
CA PRO S 42 75.68 -7.89 58.25
C PRO S 42 74.84 -9.01 58.83
N GLY S 43 75.43 -9.81 59.70
CA GLY S 43 74.73 -10.89 60.35
C GLY S 43 73.65 -10.39 61.29
N GLY S 44 73.93 -9.30 61.98
CA GLY S 44 72.98 -8.80 62.96
C GLY S 44 73.61 -8.75 64.32
N PRO S 45 72.91 -8.15 65.29
CA PRO S 45 73.49 -8.01 66.64
C PRO S 45 73.69 -9.33 67.36
N VAL S 46 72.91 -10.36 67.05
CA VAL S 46 72.98 -11.60 67.82
C VAL S 46 74.15 -12.46 67.35
N THR S 47 74.69 -12.16 66.17
CA THR S 47 75.76 -12.96 65.58
C THR S 47 77.04 -12.80 66.38
N ALA S 48 77.63 -13.92 66.80
CA ALA S 48 78.75 -13.85 67.73
C ALA S 48 79.99 -14.56 67.21
N ALA S 49 79.81 -15.54 66.33
CA ALA S 49 80.94 -16.34 65.86
C ALA S 49 80.66 -16.82 64.45
N VAL S 50 81.73 -17.14 63.74
CA VAL S 50 81.66 -17.70 62.41
C VAL S 50 82.20 -19.12 62.46
N SER S 51 81.42 -20.07 61.98
CA SER S 51 81.85 -21.46 61.91
C SER S 51 82.96 -21.63 60.87
N THR S 52 84.03 -22.32 61.27
CA THR S 52 85.08 -22.67 60.33
C THR S 52 84.88 -24.04 59.71
N GLY S 53 84.02 -24.85 60.33
CA GLY S 53 83.72 -26.20 59.80
C GLY S 53 84.76 -27.22 60.23
N ARG S 54 85.71 -26.84 61.09
CA ARG S 54 86.71 -27.81 61.59
C ARG S 54 86.25 -28.45 62.91
N LEU S 55 86.99 -29.43 63.42
CA LEU S 55 86.62 -30.17 64.66
C LEU S 55 87.81 -30.25 65.61
N ILE S 56 87.56 -30.17 66.92
CA ILE S 56 88.63 -30.21 67.91
C ILE S 56 88.45 -31.40 68.84
N ASP S 57 89.44 -32.29 68.88
CA ASP S 57 89.38 -33.47 69.75
C ASP S 57 89.31 -33.12 71.22
N VAL S 58 88.28 -33.62 71.91
CA VAL S 58 88.19 -33.39 73.37
C VAL S 58 88.18 -34.71 74.14
N LYS S 59 88.58 -34.65 75.40
CA LYS S 59 88.64 -35.86 76.23
C LYS S 59 87.30 -36.58 76.27
N ALA S 60 87.25 -37.80 75.76
CA ALA S 60 86.02 -38.59 75.71
C ALA S 60 85.16 -38.50 76.99
N PRO S 61 83.87 -38.14 76.83
CA PRO S 61 82.98 -38.04 77.99
C PRO S 61 82.92 -39.37 78.71
N THR S 62 82.59 -40.44 77.98
CA THR S 62 82.56 -41.77 78.56
C THR S 62 83.18 -42.79 77.62
N ASN S 63 83.15 -44.06 78.01
CA ASN S 63 83.72 -45.12 77.19
C ASN S 63 82.91 -45.30 75.93
N GLY S 64 83.58 -45.40 74.78
CA GLY S 64 82.90 -45.61 73.52
C GLY S 64 82.24 -44.36 72.94
N VAL S 65 82.49 -43.21 73.56
CA VAL S 65 81.94 -41.98 73.03
C VAL S 65 83.06 -41.17 72.45
N ILE S 66 82.86 -40.65 71.25
CA ILE S 66 83.87 -39.86 70.60
C ILE S 66 83.31 -38.47 70.50
N ALA S 67 84.01 -37.52 71.09
CA ALA S 67 83.51 -36.15 71.12
C ALA S 67 84.39 -35.18 70.41
N HIS S 68 83.78 -34.23 69.74
CA HIS S 68 84.54 -33.20 69.08
C HIS S 68 83.88 -31.85 69.23
N LEU S 69 84.66 -30.84 69.54
CA LEU S 69 84.15 -29.49 69.61
C LEU S 69 84.17 -28.85 68.23
N ARG S 70 83.10 -28.14 67.90
CA ARG S 70 83.08 -27.36 66.68
C ARG S 70 83.97 -26.13 66.84
N ALA S 71 84.84 -25.90 65.87
CA ALA S 71 85.70 -24.72 65.87
C ALA S 71 84.96 -23.52 65.31
N SER S 72 85.30 -22.33 65.80
CA SER S 72 84.69 -21.11 65.32
C SER S 72 85.64 -19.95 65.57
N LYS S 73 85.30 -18.82 64.98
CA LYS S 73 86.04 -17.57 65.13
C LYS S 73 85.15 -16.53 65.78
N PRO S 74 85.55 -15.93 66.89
CA PRO S 74 84.70 -14.90 67.52
C PRO S 74 84.77 -13.57 66.79
N LEU S 75 83.64 -12.89 66.76
CA LEU S 75 83.63 -11.49 66.34
C LEU S 75 84.25 -10.61 67.41
N VAL S 76 84.81 -9.49 67.00
CA VAL S 76 85.29 -8.46 67.91
C VAL S 76 84.50 -7.19 67.62
N ARG S 77 84.05 -6.53 68.68
CA ARG S 77 83.40 -5.24 68.56
C ARG S 77 84.42 -4.15 68.84
N LEU S 78 84.55 -3.23 67.90
CA LEU S 78 85.54 -2.17 67.92
C LEU S 78 84.80 -0.86 68.07
N ARG S 79 85.14 -0.11 69.11
CA ARG S 79 84.47 1.13 69.46
C ARG S 79 85.49 2.24 69.59
N VAL S 80 85.24 3.34 68.91
CA VAL S 80 86.07 4.54 68.97
C VAL S 80 85.20 5.68 69.49
N PRO S 81 85.36 6.06 70.75
CA PRO S 81 84.63 7.22 71.26
C PRO S 81 85.20 8.53 70.74
N PHE S 82 84.33 9.53 70.65
CA PHE S 82 84.74 10.87 70.27
C PHE S 82 83.79 11.87 70.91
N THR S 83 84.23 13.12 70.94
CA THR S 83 83.57 14.17 71.71
C THR S 83 83.26 15.37 70.83
N LEU S 84 82.02 15.80 70.81
CA LEU S 84 81.59 16.92 70.00
C LEU S 84 81.19 18.11 70.85
N SER S 85 81.56 19.30 70.40
CA SER S 85 81.07 20.53 71.01
C SER S 85 79.59 20.72 70.73
N ARG S 86 78.82 21.06 71.76
CA ARG S 86 77.39 21.29 71.58
C ARG S 86 77.10 22.60 70.87
N ASN S 87 78.02 23.57 70.96
CA ASN S 87 77.88 24.80 70.19
C ASN S 87 77.94 24.54 68.69
N GLU S 88 78.87 23.67 68.27
CA GLU S 88 78.97 23.30 66.85
C GLU S 88 77.71 22.56 66.39
N ILE S 89 77.13 21.74 67.27
CA ILE S 89 75.88 21.06 66.95
C ILE S 89 74.74 22.05 66.80
N ASP S 90 74.66 23.02 67.71
CA ASP S 90 73.62 24.05 67.66
C ASP S 90 73.77 24.98 66.46
N ASP S 91 75.00 25.15 65.97
CA ASP S 91 75.24 26.00 64.80
C ASP S 91 74.56 25.48 63.53
N VAL S 92 74.32 24.18 63.45
CA VAL S 92 73.87 23.57 62.19
C VAL S 92 72.44 24.00 61.86
N GLU S 93 71.57 24.08 62.86
CA GLU S 93 70.17 24.49 62.58
C GLU S 93 70.12 25.97 62.19
N ARG S 94 71.00 26.79 62.76
CA ARG S 94 71.07 28.18 62.37
C ARG S 94 71.61 28.39 60.96
N GLY S 95 72.13 27.35 60.32
CA GLY S 95 72.60 27.45 58.96
C GLY S 95 74.09 27.48 58.76
N SER S 96 74.88 27.20 59.80
CA SER S 96 76.32 27.09 59.64
C SER S 96 76.67 25.88 58.79
N LYS S 97 77.72 26.03 57.97
CA LYS S 97 78.19 24.96 57.12
C LYS S 97 79.66 24.67 57.35
N ASP S 98 80.23 25.22 58.43
CA ASP S 98 81.63 24.96 58.76
C ASP S 98 81.77 24.44 60.20
N SER S 99 80.75 23.73 60.68
CA SER S 99 80.78 23.18 62.03
C SER S 99 81.93 22.19 62.18
N ASP S 100 82.59 22.24 63.33
CA ASP S 100 83.81 21.50 63.55
C ASP S 100 83.53 20.00 63.71
N TRP S 101 83.70 19.25 62.64
CA TRP S 101 83.48 17.81 62.70
C TRP S 101 84.81 17.08 62.69
N GLU S 102 85.86 17.75 63.15
CA GLU S 102 87.17 17.11 63.24
C GLU S 102 87.20 15.85 64.14
N PRO S 103 86.49 15.86 65.30
CA PRO S 103 86.53 14.61 66.08
C PRO S 103 85.86 13.48 65.33
N VAL S 104 84.75 13.75 64.62
CA VAL S 104 84.12 12.71 63.81
C VAL S 104 85.09 12.18 62.77
N LYS S 105 85.86 13.08 62.12
CA LYS S 105 86.81 12.67 61.12
C LYS S 105 87.96 11.86 61.73
N GLU S 106 88.43 12.27 62.91
CA GLU S 106 89.49 11.52 63.57
C GLU S 106 89.00 10.16 64.04
N ALA S 107 87.76 10.06 64.51
CA ALA S 107 87.21 8.76 64.90
C ALA S 107 87.03 7.86 63.71
N ALA S 108 86.55 8.40 62.58
CA ALA S 108 86.39 7.58 61.37
C ALA S 108 87.73 7.13 60.82
N LYS S 109 88.73 8.00 60.85
CA LYS S 109 90.07 7.62 60.41
C LYS S 109 90.67 6.56 61.32
N LYS S 110 90.44 6.66 62.63
CA LYS S 110 91.00 5.68 63.55
C LYS S 110 90.31 4.33 63.42
N LEU S 111 88.98 4.35 63.24
CA LEU S 111 88.22 3.09 63.05
C LEU S 111 88.68 2.43 61.74
N ALA S 112 88.78 3.21 60.66
CA ALA S 112 89.25 2.67 59.39
C ALA S 112 90.65 2.09 59.50
N PHE S 113 91.53 2.77 60.25
CA PHE S 113 92.89 2.28 60.45
C PHE S 113 92.89 0.97 61.21
N VAL S 114 92.07 0.86 62.24
CA VAL S 114 91.99 -0.39 62.98
C VAL S 114 91.51 -1.50 62.07
N GLU S 115 90.42 -1.28 61.35
CA GLU S 115 89.86 -2.33 60.49
C GLU S 115 90.89 -2.80 59.45
N ASP S 116 91.58 -1.86 58.81
CA ASP S 116 92.56 -2.23 57.79
C ASP S 116 93.77 -2.93 58.39
N ARG S 117 94.24 -2.47 59.56
CA ARG S 117 95.37 -3.13 60.20
C ARG S 117 94.98 -4.49 60.74
N THR S 118 93.71 -4.68 61.09
CA THR S 118 93.24 -5.99 61.50
C THR S 118 93.18 -6.95 60.32
N ILE S 119 92.70 -6.49 59.17
CA ILE S 119 92.64 -7.33 57.98
C ILE S 119 94.04 -7.70 57.50
N PHE S 120 94.97 -6.75 57.47
CA PHE S 120 96.25 -7.02 56.83
C PHE S 120 97.36 -7.43 57.78
N GLU S 121 97.31 -7.03 59.05
CA GLU S 121 98.35 -7.39 60.00
C GLU S 121 97.85 -8.25 61.14
N GLY S 122 96.57 -8.52 61.17
CA GLY S 122 96.02 -9.34 62.23
C GLY S 122 95.82 -8.72 63.59
N TYR S 123 95.05 -9.41 64.42
CA TYR S 123 94.80 -8.95 65.77
C TYR S 123 94.79 -10.24 66.52
N SER S 124 95.92 -10.61 67.09
CA SER S 124 96.05 -11.88 67.77
C SER S 124 95.09 -12.11 68.94
N ALA S 125 94.81 -11.09 69.72
CA ALA S 125 93.89 -11.20 70.84
C ALA S 125 92.49 -11.56 70.38
N ALA S 126 92.11 -11.16 69.17
CA ALA S 126 90.83 -11.54 68.59
C ALA S 126 90.93 -12.79 67.72
N SER S 127 92.07 -13.51 67.78
CA SER S 127 92.35 -14.72 67.02
C SER S 127 92.22 -14.50 65.51
N ILE S 128 92.67 -13.34 65.05
CA ILE S 128 92.64 -13.00 63.63
C ILE S 128 94.06 -12.99 63.13
N GLU S 129 94.35 -13.84 62.14
CA GLU S 129 95.64 -13.84 61.49
C GLU S 129 95.56 -12.88 60.30
N GLY S 130 96.56 -12.03 60.18
CA GLY S 130 96.60 -11.10 59.07
C GLY S 130 96.91 -11.78 57.75
N ILE S 131 96.70 -11.03 56.67
CA ILE S 131 97.08 -11.49 55.34
C ILE S 131 98.59 -11.67 55.24
N ARG S 132 99.35 -10.79 55.88
CA ARG S 132 100.81 -10.91 55.90
C ARG S 132 101.26 -12.19 56.60
N SER S 133 100.65 -12.53 57.72
CA SER S 133 101.03 -13.73 58.45
C SER S 133 100.50 -15.00 57.78
N ALA S 134 99.32 -14.94 57.16
CA ALA S 134 98.72 -16.12 56.55
C ALA S 134 99.21 -16.37 55.13
N SER S 135 100.03 -15.49 54.58
CA SER S 135 100.54 -15.70 53.23
C SER S 135 101.60 -16.79 53.22
N SER S 136 101.50 -17.72 52.28
CA SER S 136 102.51 -18.76 52.11
C SER S 136 103.58 -18.38 51.09
N ASN S 137 103.33 -17.35 50.27
CA ASN S 137 104.33 -16.88 49.33
C ASN S 137 105.46 -16.17 50.08
N PRO S 138 106.67 -16.16 49.54
CA PRO S 138 107.78 -15.50 50.24
C PRO S 138 107.60 -13.99 50.34
N ALA S 139 108.13 -13.44 51.42
CA ALA S 139 108.07 -12.01 51.64
C ALA S 139 109.23 -11.32 50.92
N LEU S 140 108.97 -10.11 50.46
CA LEU S 140 109.94 -9.35 49.69
C LEU S 140 110.30 -8.08 50.43
N THR S 141 111.48 -7.55 50.13
CA THR S 141 111.95 -6.31 50.73
C THR S 141 111.80 -5.18 49.73
N LEU S 142 111.15 -4.10 50.14
CA LEU S 142 111.02 -2.93 49.29
C LEU S 142 112.32 -2.15 49.31
N PRO S 143 112.80 -1.74 48.12
CA PRO S 143 114.08 -1.02 48.05
C PRO S 143 113.96 0.43 48.50
N GLU S 144 115.10 1.06 48.77
CA GLU S 144 115.08 2.46 49.20
C GLU S 144 114.73 3.39 48.05
N ASP S 145 115.28 3.14 46.87
CA ASP S 145 115.03 3.98 45.71
C ASP S 145 113.63 3.69 45.18
N PRO S 146 112.75 4.69 45.06
CA PRO S 146 111.43 4.45 44.48
C PRO S 146 111.45 4.00 43.02
N ARG S 147 112.49 4.36 42.26
CA ARG S 147 112.61 3.90 40.88
C ARG S 147 112.82 2.40 40.78
N GLU S 148 113.28 1.77 41.86
CA GLU S 148 113.40 0.33 41.94
C GLU S 148 112.18 -0.34 42.55
N ILE S 149 111.13 0.41 42.87
CA ILE S 149 109.90 -0.22 43.37
C ILE S 149 109.23 -1.14 42.32
N PRO S 150 108.97 -0.62 41.10
CA PRO S 150 108.26 -1.50 40.14
C PRO S 150 108.96 -2.84 39.87
N ASP S 151 110.29 -2.88 39.98
CA ASP S 151 111.00 -4.14 39.77
C ASP S 151 110.57 -5.16 40.81
N VAL S 152 110.71 -4.84 42.09
CA VAL S 152 110.34 -5.77 43.17
C VAL S 152 108.87 -6.15 43.10
N ILE S 153 107.99 -5.18 42.85
CA ILE S 153 106.57 -5.48 42.67
C ILE S 153 106.37 -6.53 41.59
N SER S 154 107.11 -6.42 40.49
CA SER S 154 107.02 -7.42 39.38
C SER S 154 107.47 -8.80 39.87
N GLN S 155 108.45 -8.87 40.78
CA GLN S 155 108.86 -10.14 41.36
C GLN S 155 107.73 -10.75 42.18
N ALA S 156 106.97 -9.90 42.89
CA ALA S 156 105.78 -10.36 43.58
C ALA S 156 104.75 -10.90 42.60
N LEU S 157 104.62 -10.25 41.44
CA LEU S 157 103.73 -10.77 40.40
C LEU S 157 104.24 -12.08 39.83
N SER S 158 105.55 -12.34 39.94
CA SER S 158 106.04 -13.65 39.56
C SER S 158 105.55 -14.72 40.53
N GLU S 159 105.51 -14.39 41.83
CA GLU S 159 105.24 -15.40 42.84
C GLU S 159 103.80 -15.88 42.79
N LEU S 160 102.84 -14.96 42.63
CA LEU S 160 101.45 -15.35 42.38
C LEU S 160 101.31 -16.13 41.07
N ARG S 161 102.20 -15.89 40.12
CA ARG S 161 102.15 -16.69 38.91
C ARG S 161 102.74 -18.07 39.17
N LEU S 162 103.75 -18.15 40.04
CA LEU S 162 104.31 -19.45 40.41
C LEU S 162 103.41 -20.19 41.38
N ALA S 163 102.49 -19.49 42.04
CA ALA S 163 101.53 -20.12 42.92
C ALA S 163 100.32 -20.68 42.18
N GLY S 164 100.25 -20.47 40.86
CA GLY S 164 99.09 -20.91 40.09
C GLY S 164 97.84 -20.15 40.49
N VAL S 165 97.79 -18.85 40.21
CA VAL S 165 96.65 -18.03 40.60
C VAL S 165 96.23 -17.11 39.47
N ASP S 166 94.93 -17.01 39.21
CA ASP S 166 94.43 -16.12 38.17
C ASP S 166 93.78 -14.89 38.78
N GLY S 167 93.04 -14.12 37.97
CA GLY S 167 92.33 -12.96 38.49
C GLY S 167 93.04 -11.62 38.39
N PRO S 168 92.28 -10.52 38.53
CA PRO S 168 92.87 -9.19 38.47
C PRO S 168 93.76 -9.02 39.70
N TYR S 169 95.04 -8.75 39.54
CA TYR S 169 95.86 -8.51 40.72
C TYR S 169 95.81 -7.05 41.19
N SER S 170 95.84 -6.81 42.50
CA SER S 170 95.80 -5.41 42.90
C SER S 170 96.94 -5.10 43.87
N VAL S 171 97.51 -3.89 43.78
CA VAL S 171 98.63 -3.53 44.63
C VAL S 171 98.15 -2.50 45.62
N LEU S 172 98.41 -2.77 46.91
CA LEU S 172 98.06 -1.85 47.97
C LEU S 172 99.36 -1.35 48.55
N LEU S 173 99.48 -0.05 48.74
CA LEU S 173 100.72 0.55 49.21
C LEU S 173 100.48 1.27 50.52
N SER S 174 101.49 1.26 51.39
CA SER S 174 101.45 2.12 52.55
C SER S 174 101.58 3.58 52.12
N ALA S 175 101.19 4.48 53.04
CA ALA S 175 101.19 5.92 52.74
C ALA S 175 102.57 6.44 52.43
N ASP S 176 103.61 5.92 53.10
CA ASP S 176 104.98 6.26 52.79
C ASP S 176 105.36 5.82 51.39
N VAL S 177 105.02 4.58 51.04
CA VAL S 177 105.36 4.04 49.73
C VAL S 177 104.54 4.71 48.64
N TYR S 178 103.26 4.97 48.92
CA TYR S 178 102.40 5.67 47.95
C TYR S 178 102.89 7.08 47.68
N THR S 179 103.33 7.79 48.73
CA THR S 179 103.91 9.12 48.56
C THR S 179 105.22 9.05 47.77
N LYS S 180 106.07 8.06 48.07
CA LYS S 180 107.35 7.92 47.36
C LYS S 180 107.16 7.62 45.87
N VAL S 181 106.22 6.75 45.53
CA VAL S 181 106.00 6.46 44.12
C VAL S 181 105.12 7.50 43.45
N SER S 182 104.47 8.36 44.21
CA SER S 182 103.70 9.46 43.65
C SER S 182 104.56 10.66 43.31
N GLU S 183 105.53 10.97 44.17
CA GLU S 183 106.29 12.20 44.03
C GLU S 183 107.53 12.05 43.17
N THR S 184 108.00 10.83 42.97
CA THR S 184 109.13 10.58 42.07
C THR S 184 108.57 10.34 40.67
N SER S 185 109.19 10.95 39.67
CA SER S 185 108.70 10.85 38.31
C SER S 185 109.80 10.37 37.37
N ASP S 186 109.39 9.67 36.33
CA ASP S 186 110.30 9.20 35.29
C ASP S 186 109.59 9.31 33.95
N HIS S 187 110.17 10.10 33.04
CA HIS S 187 109.70 10.29 31.67
C HIS S 187 108.25 10.78 31.62
N GLY S 188 107.95 11.79 32.43
CA GLY S 188 106.67 12.43 32.38
C GLY S 188 105.55 11.72 33.12
N TYR S 189 105.84 10.64 33.81
CA TYR S 189 104.86 9.96 34.64
C TYR S 189 105.47 9.67 36.00
N PRO S 190 104.68 9.72 37.06
CA PRO S 190 105.15 9.23 38.35
C PRO S 190 105.23 7.71 38.33
N ILE S 191 105.96 7.17 39.31
CA ILE S 191 106.20 5.73 39.40
C ILE S 191 104.90 4.98 39.68
N ARG S 192 103.90 5.66 40.25
CA ARG S 192 102.57 5.09 40.44
C ARG S 192 101.94 4.66 39.13
N GLU S 193 102.16 5.43 38.06
CA GLU S 193 101.68 5.04 36.74
C GLU S 193 102.43 3.81 36.23
N HIS S 194 103.73 3.72 36.50
CA HIS S 194 104.51 2.53 36.15
C HIS S 194 103.99 1.29 36.86
N LEU S 195 103.56 1.45 38.12
CA LEU S 195 102.91 0.36 38.82
C LEU S 195 101.56 0.03 38.20
N ASN S 196 100.83 1.04 37.74
CA ASN S 196 99.54 0.84 37.11
C ASN S 196 99.65 0.06 35.80
N ARG S 197 100.77 0.19 35.10
CA ARG S 197 100.96 -0.58 33.87
C ARG S 197 101.17 -2.07 34.11
N LEU S 198 101.73 -2.44 35.26
CA LEU S 198 102.03 -3.87 35.58
C LEU S 198 100.79 -4.69 35.88
N VAL S 199 99.71 -4.09 36.39
CA VAL S 199 98.54 -4.90 36.83
C VAL S 199 97.25 -4.51 36.12
N ASP S 200 96.26 -5.39 36.13
CA ASP S 200 94.95 -5.11 35.52
C ASP S 200 93.99 -4.75 36.64
N GLY S 201 94.50 -4.62 37.86
CA GLY S 201 93.67 -4.24 39.01
C GLY S 201 93.83 -2.77 39.30
N ASP S 202 94.19 -2.40 40.52
CA ASP S 202 94.25 -0.96 40.87
C ASP S 202 95.38 -0.66 41.83
N ILE S 203 96.04 0.49 41.67
CA ILE S 203 97.02 0.89 42.71
C ILE S 203 96.14 1.53 43.77
N ILE S 204 96.16 1.00 44.99
CA ILE S 204 95.25 1.39 46.05
C ILE S 204 96.04 2.02 47.18
N TRP S 205 95.66 3.23 47.55
CA TRP S 205 96.25 3.90 48.70
C TRP S 205 95.75 3.23 49.97
N ALA S 206 96.67 2.75 50.80
CA ALA S 206 96.35 2.04 52.03
C ALA S 206 97.15 2.63 53.17
N PRO S 207 96.68 3.75 53.74
CA PRO S 207 97.49 4.46 54.75
C PRO S 207 97.66 3.76 56.07
N ALA S 208 96.88 2.71 56.37
CA ALA S 208 97.02 2.05 57.65
C ALA S 208 98.10 0.98 57.66
N ILE S 209 98.33 0.32 56.52
CA ILE S 209 99.23 -0.83 56.45
C ILE S 209 100.70 -0.39 56.50
N ASP S 210 101.58 -1.35 56.72
CA ASP S 210 103.01 -1.19 56.50
C ASP S 210 103.39 -1.91 55.21
N GLY S 211 104.46 -1.42 54.59
CA GLY S 211 104.95 -2.04 53.38
C GLY S 211 104.00 -2.02 52.21
N ALA S 212 103.84 -3.18 51.59
CA ALA S 212 102.96 -3.26 50.43
C ALA S 212 102.36 -4.65 50.35
N PHE S 213 101.28 -4.75 49.59
CA PHE S 213 100.62 -6.06 49.43
C PHE S 213 100.20 -6.19 47.98
N VAL S 214 100.52 -7.32 47.35
CA VAL S 214 100.03 -7.57 45.98
C VAL S 214 99.12 -8.78 46.11
N LEU S 215 97.94 -8.73 45.50
CA LEU S 215 97.02 -9.87 45.71
C LEU S 215 95.97 -9.93 44.63
N THR S 216 95.36 -11.10 44.47
CA THR S 216 94.31 -11.30 43.49
C THR S 216 92.95 -10.92 44.05
N THR S 217 92.09 -10.40 43.17
CA THR S 217 90.74 -10.04 43.57
C THR S 217 89.74 -10.88 42.80
N ARG S 218 90.11 -12.13 42.54
CA ARG S 218 89.22 -13.03 41.81
C ARG S 218 87.98 -13.41 42.63
N GLY S 219 88.06 -13.30 43.95
CA GLY S 219 86.93 -13.65 44.78
C GLY S 219 87.17 -14.94 45.54
N GLY S 220 86.50 -15.05 46.69
CA GLY S 220 86.52 -16.27 47.46
C GLY S 220 87.79 -16.57 48.20
N ASP S 221 88.74 -15.64 48.27
CA ASP S 221 90.00 -15.92 48.95
C ASP S 221 90.08 -15.23 50.31
N PHE S 222 89.49 -14.05 50.42
CA PHE S 222 89.59 -13.22 51.61
C PHE S 222 88.19 -12.80 51.98
N ASP S 223 87.80 -13.00 53.24
CA ASP S 223 86.41 -12.83 53.63
C ASP S 223 86.34 -12.01 54.91
N LEU S 224 85.71 -10.85 54.83
CA LEU S 224 85.46 -10.02 56.00
C LEU S 224 84.02 -10.28 56.44
N GLN S 225 83.85 -10.77 57.67
CA GLN S 225 82.53 -11.05 58.19
C GLN S 225 82.09 -9.95 59.15
N LEU S 226 80.96 -9.36 58.83
CA LEU S 226 80.41 -8.31 59.65
C LEU S 226 79.20 -8.74 60.40
N GLY S 227 79.17 -8.51 61.70
CA GLY S 227 77.92 -8.76 62.42
C GLY S 227 77.10 -7.52 62.17
N THR S 228 77.68 -6.37 62.54
CA THR S 228 77.02 -5.06 62.27
C THR S 228 78.03 -4.12 61.64
N ASP S 229 77.61 -3.38 60.61
CA ASP S 229 78.49 -2.40 59.94
C ASP S 229 78.71 -1.18 60.86
N VAL S 230 79.44 -0.18 60.36
CA VAL S 230 79.75 1.04 61.17
C VAL S 230 78.49 1.79 61.57
N ALA S 231 78.35 2.08 62.87
CA ALA S 231 77.20 2.79 63.38
C ALA S 231 77.68 3.84 64.38
N ILE S 232 76.88 4.89 64.56
CA ILE S 232 77.21 5.94 65.51
C ILE S 232 76.27 5.82 66.69
N GLY S 233 76.83 5.77 67.90
CA GLY S 233 76.05 5.60 69.11
C GLY S 233 76.33 6.69 70.13
N TYR S 234 75.41 6.83 71.07
CA TYR S 234 75.45 7.91 72.05
C TYR S 234 75.86 7.36 73.41
N ALA S 235 76.86 7.97 74.04
CA ALA S 235 77.34 7.48 75.35
C ALA S 235 76.77 8.36 76.47
N SER S 236 77.17 9.64 76.52
CA SER S 236 76.73 10.55 77.57
C SER S 236 76.92 12.00 77.11
N HIS S 237 76.39 12.95 77.89
CA HIS S 237 76.47 14.39 77.49
C HIS S 237 76.54 15.30 78.71
N ASP S 238 77.07 16.51 78.55
CA ASP S 238 77.08 17.52 79.64
C ASP S 238 76.58 18.82 79.01
N THR S 239 76.78 19.95 79.67
CA THR S 239 76.30 21.25 79.13
C THR S 239 77.10 21.63 77.90
N ASP S 240 78.36 21.21 77.83
CA ASP S 240 79.20 21.68 76.73
C ASP S 240 79.40 20.67 75.61
N THR S 241 79.40 19.37 75.90
CA THR S 241 79.85 18.39 74.94
C THR S 241 78.91 17.19 74.92
N VAL S 242 78.95 16.47 73.80
CA VAL S 242 78.28 15.18 73.65
C VAL S 242 79.34 14.13 73.35
N ARG S 243 79.40 13.09 74.16
CA ARG S 243 80.25 11.94 73.90
C ARG S 243 79.48 10.91 73.07
N LEU S 244 80.04 10.59 71.91
CA LEU S 244 79.46 9.56 71.06
C LEU S 244 80.53 8.55 70.74
N TYR S 245 80.22 7.57 69.89
CA TYR S 245 81.21 6.59 69.46
C TYR S 245 80.86 6.08 68.08
N LEU S 246 81.90 5.59 67.40
CA LEU S 246 81.76 4.81 66.19
C LEU S 246 81.97 3.35 66.57
N GLN S 247 81.18 2.46 65.97
CA GLN S 247 81.23 1.08 66.45
C GLN S 247 80.97 0.14 65.28
N GLU S 248 81.75 -0.93 65.23
CA GLU S 248 81.54 -1.97 64.24
C GLU S 248 82.03 -3.30 64.81
N THR S 249 81.37 -4.40 64.43
CA THR S 249 81.78 -5.71 64.91
C THR S 249 82.04 -6.65 63.73
N LEU S 250 83.18 -7.33 63.77
CA LEU S 250 83.68 -8.05 62.61
C LEU S 250 84.66 -9.14 63.01
N THR S 251 84.93 -10.02 62.06
CA THR S 251 86.11 -10.87 62.06
C THR S 251 86.61 -10.96 60.63
N PHE S 252 87.84 -11.43 60.45
CA PHE S 252 88.41 -11.60 59.12
C PHE S 252 88.96 -13.01 58.97
N LEU S 253 88.70 -13.61 57.80
CA LEU S 253 89.13 -14.95 57.47
C LEU S 253 89.92 -14.91 56.18
N CYS S 254 91.04 -15.61 56.14
CA CYS S 254 91.78 -15.81 54.90
C CYS S 254 91.71 -17.30 54.56
N TYR S 255 91.02 -17.63 53.47
CA TYR S 255 90.86 -19.02 53.06
C TYR S 255 92.00 -19.53 52.20
N THR S 256 92.67 -18.65 51.47
CA THR S 256 93.64 -19.04 50.46
C THR S 256 94.99 -18.44 50.82
N ALA S 257 95.92 -19.29 51.22
CA ALA S 257 97.21 -18.81 51.74
C ALA S 257 98.11 -18.26 50.65
N GLU S 258 97.97 -18.74 49.42
CA GLU S 258 98.91 -18.39 48.36
C GLU S 258 98.42 -17.27 47.46
N ALA S 259 97.37 -16.57 47.87
CA ALA S 259 96.77 -15.53 47.04
C ALA S 259 97.35 -14.15 47.28
N SER S 260 98.47 -14.03 47.99
CA SER S 260 98.99 -12.71 48.32
C SER S 260 100.49 -12.75 48.56
N VAL S 261 101.14 -11.60 48.32
CA VAL S 261 102.53 -11.37 48.66
C VAL S 261 102.62 -10.10 49.51
N ALA S 262 103.29 -10.20 50.65
CA ALA S 262 103.55 -9.08 51.54
C ALA S 262 104.96 -8.55 51.33
N LEU S 263 105.08 -7.23 51.43
CA LEU S 263 106.36 -6.59 51.25
C LEU S 263 106.63 -5.71 52.46
N SER S 264 107.88 -5.60 52.86
CA SER S 264 108.26 -4.81 54.02
C SER S 264 109.48 -3.97 53.69
N HIS S 265 109.83 -3.08 54.61
CA HIS S 265 110.99 -2.22 54.44
C HIS S 265 112.24 -2.82 55.06
N MET T 1 66.99 53.18 20.87
CA MET T 1 67.09 54.46 20.19
C MET T 1 68.10 54.46 19.07
N ASN T 2 68.20 55.57 18.35
CA ASN T 2 69.15 55.68 17.22
C ASN T 2 70.15 56.82 17.41
N ASN T 3 70.79 57.25 16.33
CA ASN T 3 71.77 58.32 16.44
C ASN T 3 71.14 59.71 16.66
N LEU T 4 69.87 59.91 16.28
CA LEU T 4 69.18 61.15 16.59
C LEU T 4 69.02 61.40 18.10
N TYR T 5 69.00 60.33 18.90
CA TYR T 5 68.79 60.45 20.35
C TYR T 5 67.61 61.36 20.66
N ARG T 6 66.52 61.12 19.95
CA ARG T 6 65.38 62.05 19.94
C ARG T 6 64.64 62.05 21.27
N ASP T 7 64.55 60.89 21.92
CA ASP T 7 63.85 60.79 23.19
C ASP T 7 64.61 61.44 24.34
N LEU T 8 65.90 61.74 24.16
CA LEU T 8 66.64 62.44 25.18
C LEU T 8 66.40 63.94 25.15
N ALA T 9 65.84 64.47 24.08
CA ALA T 9 65.62 65.90 23.97
C ALA T 9 64.45 66.33 24.85
N PRO T 10 64.57 67.44 25.57
CA PRO T 10 63.41 67.96 26.34
C PRO T 10 62.43 68.73 25.46
N VAL T 11 61.80 67.99 24.55
CA VAL T 11 60.86 68.53 23.58
C VAL T 11 59.61 67.69 23.68
N THR T 12 58.46 68.35 23.82
CA THR T 12 57.21 67.63 23.92
C THR T 12 56.77 67.12 22.56
N GLU T 13 55.77 66.24 22.57
CA GLU T 13 55.27 65.63 21.35
C GLU T 13 54.65 66.66 20.41
N ALA T 14 53.86 67.58 20.95
CA ALA T 14 53.24 68.62 20.14
C ALA T 14 54.27 69.58 19.58
N ALA T 15 55.26 69.93 20.39
CA ALA T 15 56.37 70.75 19.91
C ALA T 15 57.16 70.04 18.84
N TRP T 16 57.35 68.72 18.98
CA TRP T 16 58.04 67.95 17.95
C TRP T 16 57.27 67.96 16.64
N ALA T 17 55.94 67.82 16.70
CA ALA T 17 55.13 67.85 15.49
C ALA T 17 55.21 69.21 14.80
N GLU T 18 55.19 70.30 15.58
CA GLU T 18 55.33 71.62 14.99
C GLU T 18 56.71 71.84 14.37
N ILE T 19 57.77 71.35 15.02
CA ILE T 19 59.12 71.49 14.48
C ILE T 19 59.29 70.67 13.18
N GLU T 20 58.76 69.45 13.16
CA GLU T 20 58.82 68.62 11.95
C GLU T 20 58.08 69.26 10.80
N LEU T 21 56.89 69.81 11.08
CA LEU T 21 56.09 70.47 10.05
C LEU T 21 56.79 71.69 9.50
N GLU T 22 57.37 72.52 10.38
CA GLU T 22 58.06 73.73 9.95
C GLU T 22 59.29 73.41 9.12
N ALA T 23 60.08 72.42 9.54
CA ALA T 23 61.29 72.05 8.82
C ALA T 23 60.97 71.44 7.46
N ALA T 24 59.98 70.55 7.41
CA ALA T 24 59.60 69.92 6.14
C ALA T 24 59.04 70.94 5.16
N ARG T 25 58.20 71.85 5.65
CA ARG T 25 57.64 72.89 4.80
C ARG T 25 58.70 73.80 4.23
N THR T 26 59.57 74.35 5.08
CA THR T 26 60.56 75.30 4.62
C THR T 26 61.56 74.64 3.67
N PHE T 27 61.90 73.39 3.92
CA PHE T 27 62.80 72.64 3.04
C PHE T 27 62.24 72.43 1.62
N LYS T 28 61.03 71.91 1.51
CA LYS T 28 60.42 71.70 0.20
C LYS T 28 60.36 72.98 -0.61
N ARG T 29 59.94 74.07 0.01
CA ARG T 29 59.83 75.34 -0.68
C ARG T 29 61.14 75.78 -1.26
N HIS T 30 62.22 75.46 -0.58
CA HIS T 30 63.55 75.95 -1.05
C HIS T 30 64.27 74.88 -1.86
N ILE T 31 63.68 73.70 -2.05
CA ILE T 31 64.38 72.76 -2.93
C ILE T 31 63.91 72.91 -4.36
N ALA T 32 64.86 73.10 -5.27
CA ALA T 32 64.58 73.05 -6.70
C ALA T 32 65.17 71.79 -7.34
N GLY T 33 66.23 71.25 -6.72
CA GLY T 33 66.99 70.17 -7.34
C GLY T 33 66.24 68.86 -7.43
N ARG T 34 65.46 68.53 -6.39
CA ARG T 34 64.73 67.26 -6.37
C ARG T 34 63.57 67.24 -7.36
N ARG T 35 63.12 68.40 -7.81
CA ARG T 35 62.04 68.45 -8.80
C ARG T 35 62.50 68.03 -10.19
N VAL T 36 63.80 68.08 -10.46
CA VAL T 36 64.29 67.80 -11.80
C VAL T 36 65.17 66.57 -11.87
N VAL T 37 65.80 66.12 -10.79
CA VAL T 37 66.73 65.01 -10.85
C VAL T 37 66.01 63.76 -10.35
N ASP T 38 66.56 62.61 -10.71
CA ASP T 38 66.07 61.36 -10.15
C ASP T 38 66.58 61.23 -8.72
N VAL T 39 65.66 60.92 -7.81
CA VAL T 39 65.96 60.80 -6.39
C VAL T 39 65.76 59.35 -6.00
N SER T 40 66.81 58.74 -5.49
CA SER T 40 66.77 57.33 -5.13
C SER T 40 66.02 57.14 -3.82
N ASP T 41 65.69 55.89 -3.53
CA ASP T 41 65.24 55.57 -2.18
C ASP T 41 66.41 55.69 -1.21
N PRO T 42 66.14 55.97 0.06
CA PRO T 42 67.22 55.98 1.06
C PRO T 42 67.88 54.63 1.22
N GLY T 43 69.20 54.58 1.05
CA GLY T 43 69.95 53.35 1.21
C GLY T 43 69.94 52.86 2.64
N GLY T 44 70.02 53.78 3.57
CA GLY T 44 70.08 53.39 4.97
C GLY T 44 71.35 53.93 5.59
N PRO T 45 71.47 53.78 6.91
CA PRO T 45 72.65 54.33 7.61
C PRO T 45 73.96 53.65 7.24
N VAL T 46 73.93 52.38 6.83
CA VAL T 46 75.17 51.66 6.59
C VAL T 46 75.75 52.00 5.22
N THR T 47 74.94 52.59 4.36
CA THR T 47 75.36 52.89 2.99
C THR T 47 76.41 53.99 3.00
N ALA T 48 77.54 53.73 2.34
CA ALA T 48 78.67 54.64 2.45
C ALA T 48 79.17 55.13 1.10
N ALA T 49 78.94 54.36 0.05
CA ALA T 49 79.45 54.71 -1.26
C ALA T 49 78.54 54.16 -2.34
N VAL T 50 78.63 54.78 -3.51
CA VAL T 50 77.89 54.35 -4.68
C VAL T 50 78.88 53.86 -5.72
N SER T 51 78.68 52.63 -6.20
CA SER T 51 79.54 52.09 -7.25
C SER T 51 79.30 52.81 -8.56
N THR T 52 80.39 53.20 -9.22
CA THR T 52 80.31 53.77 -10.55
C THR T 52 80.47 52.73 -11.64
N GLY T 53 81.00 51.55 -11.28
CA GLY T 53 81.17 50.45 -12.26
C GLY T 53 82.45 50.60 -13.05
N ARG T 54 83.29 51.59 -12.73
CA ARG T 54 84.59 51.74 -13.45
C ARG T 54 85.72 51.00 -12.70
N LEU T 55 86.91 50.95 -13.29
CA LEU T 55 88.06 50.19 -12.70
C LEU T 55 89.31 51.08 -12.69
N ILE T 56 90.14 50.96 -11.67
CA ILE T 56 91.36 51.76 -11.55
C ILE T 56 92.59 50.88 -11.53
N ASP T 57 93.50 51.07 -12.49
CA ASP T 57 94.72 50.28 -12.55
C ASP T 57 95.62 50.46 -11.34
N VAL T 58 95.96 49.37 -10.67
CA VAL T 58 96.89 49.45 -9.53
C VAL T 58 98.15 48.62 -9.77
N LYS T 59 99.23 48.98 -9.08
CA LYS T 59 100.49 48.25 -9.25
C LYS T 59 100.34 46.77 -8.99
N ALA T 60 100.57 45.94 -10.00
CA ALA T 60 100.43 44.49 -9.88
C ALA T 60 100.98 43.92 -8.57
N PRO T 61 100.14 43.15 -7.84
CA PRO T 61 100.59 42.54 -6.58
C PRO T 61 101.78 41.65 -6.84
N THR T 62 101.65 40.71 -7.76
CA THR T 62 102.76 39.83 -8.12
C THR T 62 102.84 39.65 -9.63
N ASN T 63 103.78 38.83 -10.08
CA ASN T 63 103.95 38.57 -11.50
C ASN T 63 102.75 37.81 -12.05
N GLY T 64 102.23 38.25 -13.20
CA GLY T 64 101.10 37.57 -13.81
C GLY T 64 99.76 37.87 -13.17
N VAL T 65 99.72 38.80 -12.22
CA VAL T 65 98.47 39.16 -11.61
C VAL T 65 98.08 40.53 -12.08
N ILE T 66 96.84 40.69 -12.48
CA ILE T 66 96.36 41.96 -12.95
C ILE T 66 95.33 42.43 -11.95
N ALA T 67 95.58 43.57 -11.35
CA ALA T 67 94.69 44.08 -10.31
C ALA T 67 94.02 45.36 -10.67
N HIS T 68 92.77 45.49 -10.26
CA HIS T 68 92.08 46.72 -10.49
C HIS T 68 91.21 47.08 -9.30
N LEU T 69 91.25 48.33 -8.90
CA LEU T 69 90.39 48.81 -7.84
C LEU T 69 89.03 49.20 -8.40
N ARG T 70 87.98 48.84 -7.69
CA ARG T 70 86.65 49.31 -8.04
C ARG T 70 86.51 50.79 -7.66
N ALA T 71 86.02 51.59 -8.61
CA ALA T 71 85.78 52.99 -8.35
C ALA T 71 84.43 53.19 -7.68
N SER T 72 84.33 54.22 -6.85
CA SER T 72 83.09 54.53 -6.17
C SER T 72 83.07 56.00 -5.80
N LYS T 73 81.90 56.46 -5.39
CA LYS T 73 81.68 57.83 -4.93
C LYS T 73 81.26 57.81 -3.47
N PRO T 74 81.95 58.53 -2.58
CA PRO T 74 81.54 58.54 -1.19
C PRO T 74 80.33 59.43 -0.94
N LEU T 75 79.48 59.00 -0.02
CA LEU T 75 78.45 59.89 0.50
C LEU T 75 79.06 60.95 1.42
N VAL T 76 78.39 62.08 1.51
CA VAL T 76 78.75 63.13 2.46
C VAL T 76 77.56 63.33 3.38
N ARG T 77 77.82 63.41 4.68
CA ARG T 77 76.80 63.74 5.65
C ARG T 77 76.87 65.23 5.95
N LEU T 78 75.74 65.90 5.79
CA LEU T 78 75.63 67.34 5.93
C LEU T 78 74.76 67.62 7.14
N ARG T 79 75.29 68.37 8.09
CA ARG T 79 74.63 68.65 9.35
C ARG T 79 74.58 70.15 9.58
N VAL T 80 73.39 70.65 9.87
CA VAL T 80 73.17 72.05 10.19
C VAL T 80 72.62 72.13 11.60
N PRO T 81 73.43 72.52 12.58
CA PRO T 81 72.91 72.70 13.94
C PRO T 81 72.08 73.96 14.06
N PHE T 82 71.14 73.93 15.00
CA PHE T 82 70.32 75.10 15.31
C PHE T 82 69.89 75.03 16.76
N THR T 83 69.45 76.17 17.29
CA THR T 83 69.22 76.33 18.71
C THR T 83 67.81 76.86 18.95
N LEU T 84 67.06 76.18 19.80
CA LEU T 84 65.68 76.56 20.11
C LEU T 84 65.56 77.02 21.55
N SER T 85 64.76 78.06 21.74
CA SER T 85 64.38 78.49 23.09
C SER T 85 63.45 77.46 23.72
N ARG T 86 63.73 77.11 24.97
CA ARG T 86 62.88 76.16 25.67
C ARG T 86 61.55 76.76 26.10
N ASN T 87 61.49 78.08 26.26
CA ASN T 87 60.24 78.76 26.52
C ASN T 87 59.27 78.62 25.35
N GLU T 88 59.77 78.78 24.12
CA GLU T 88 58.95 78.59 22.93
C GLU T 88 58.46 77.15 22.82
N ILE T 89 59.30 76.19 23.20
CA ILE T 89 58.89 74.78 23.21
C ILE T 89 57.79 74.54 24.23
N ASP T 90 57.95 75.11 25.43
CA ASP T 90 56.94 74.97 26.48
C ASP T 90 55.64 75.66 26.15
N ASP T 91 55.68 76.71 25.32
CA ASP T 91 54.48 77.43 24.91
C ASP T 91 53.51 76.56 24.11
N VAL T 92 54.01 75.53 23.42
CA VAL T 92 53.20 74.78 22.48
C VAL T 92 52.14 73.96 23.19
N GLU T 93 52.47 73.35 24.32
CA GLU T 93 51.47 72.53 25.05
C GLU T 93 50.40 73.44 25.64
N ARG T 94 50.77 74.65 26.07
CA ARG T 94 49.79 75.59 26.58
C ARG T 94 48.86 76.12 25.50
N GLY T 95 49.13 75.86 24.23
CA GLY T 95 48.25 76.25 23.16
C GLY T 95 48.72 77.41 22.31
N SER T 96 49.96 77.85 22.46
CA SER T 96 50.50 78.89 21.59
C SER T 96 50.63 78.37 20.17
N LYS T 97 50.37 79.26 19.20
CA LYS T 97 50.49 78.93 17.79
C LYS T 97 51.43 79.87 17.06
N ASP T 98 52.18 80.68 17.83
CA ASP T 98 53.16 81.59 17.21
C ASP T 98 54.55 81.38 17.81
N SER T 99 54.86 80.15 18.21
CA SER T 99 56.17 79.84 18.78
C SER T 99 57.26 80.09 17.76
N ASP T 100 58.37 80.64 18.22
CA ASP T 100 59.43 81.10 17.36
C ASP T 100 60.21 79.94 16.75
N TRP T 101 59.87 79.57 15.53
CA TRP T 101 60.56 78.48 14.85
C TRP T 101 61.49 79.04 13.79
N GLU T 102 61.92 80.28 13.96
CA GLU T 102 62.87 80.88 13.02
C GLU T 102 64.20 80.10 12.88
N PRO T 103 64.76 79.59 14.00
CA PRO T 103 66.01 78.83 13.79
C PRO T 103 65.75 77.57 12.97
N VAL T 104 64.62 76.89 13.19
CA VAL T 104 64.28 75.73 12.37
C VAL T 104 64.19 76.13 10.91
N LYS T 105 63.55 77.27 10.63
CA LYS T 105 63.41 77.73 9.25
C LYS T 105 64.76 78.10 8.65
N GLU T 106 65.64 78.74 9.43
CA GLU T 106 66.97 79.08 8.93
C GLU T 106 67.82 77.84 8.69
N ALA T 107 67.69 76.84 9.56
CA ALA T 107 68.42 75.59 9.35
C ALA T 107 67.92 74.84 8.12
N ALA T 108 66.61 74.82 7.92
CA ALA T 108 66.05 74.16 6.74
C ALA T 108 66.43 74.88 5.46
N LYS T 109 66.42 76.21 5.49
CA LYS T 109 66.84 76.99 4.33
C LYS T 109 68.32 76.78 4.03
N LYS T 110 69.16 76.69 5.08
CA LYS T 110 70.58 76.51 4.86
C LYS T 110 70.89 75.10 4.34
N LEU T 111 70.19 74.10 4.88
CA LEU T 111 70.38 72.71 4.40
C LEU T 111 69.94 72.61 2.93
N ALA T 112 68.77 73.19 2.61
CA ALA T 112 68.29 73.18 1.22
C ALA T 112 69.25 73.89 0.29
N PHE T 113 69.83 75.00 0.74
CA PHE T 113 70.80 75.73 -0.07
C PHE T 113 72.05 74.92 -0.30
N VAL T 114 72.53 74.23 0.72
CA VAL T 114 73.70 73.38 0.54
C VAL T 114 73.40 72.27 -0.46
N GLU T 115 72.27 71.57 -0.28
CA GLU T 115 71.95 70.46 -1.18
C GLU T 115 71.83 70.94 -2.64
N ASP T 116 71.16 72.06 -2.87
CA ASP T 116 71.00 72.57 -4.23
C ASP T 116 72.32 73.05 -4.81
N ARG T 117 73.14 73.72 -4.01
CA ARG T 117 74.43 74.18 -4.51
C ARG T 117 75.39 73.01 -4.74
N THR T 118 75.21 71.92 -4.00
CA THR T 118 76.00 70.73 -4.24
C THR T 118 75.59 70.05 -5.55
N ILE T 119 74.28 69.96 -5.80
CA ILE T 119 73.81 69.37 -7.05
C ILE T 119 74.23 70.19 -8.26
N PHE T 120 74.09 71.51 -8.19
CA PHE T 120 74.28 72.32 -9.39
C PHE T 120 75.68 72.92 -9.53
N GLU T 121 76.40 73.15 -8.44
CA GLU T 121 77.73 73.75 -8.52
C GLU T 121 78.82 72.81 -8.01
N GLY T 122 78.45 71.66 -7.52
CA GLY T 122 79.42 70.73 -7.01
C GLY T 122 80.05 70.98 -5.67
N TYR T 123 80.70 69.97 -5.14
CA TYR T 123 81.36 70.08 -3.85
C TYR T 123 82.60 69.26 -4.09
N SER T 124 83.67 69.90 -4.47
CA SER T 124 84.91 69.20 -4.80
C SER T 124 85.49 68.32 -3.70
N ALA T 125 85.43 68.78 -2.46
CA ALA T 125 85.95 68.01 -1.33
C ALA T 125 85.21 66.69 -1.16
N ALA T 126 83.94 66.65 -1.55
CA ALA T 126 83.17 65.42 -1.54
C ALA T 126 83.19 64.69 -2.87
N SER T 127 84.08 65.10 -3.78
CA SER T 127 84.25 64.52 -5.13
C SER T 127 82.96 64.55 -5.93
N ILE T 128 82.20 65.63 -5.80
CA ILE T 128 80.95 65.80 -6.52
C ILE T 128 81.17 66.91 -7.54
N GLU T 129 80.99 66.56 -8.81
CA GLU T 129 81.03 67.54 -9.88
C GLU T 129 79.62 68.09 -10.09
N GLY T 130 79.50 69.40 -10.18
CA GLY T 130 78.21 70.00 -10.39
C GLY T 130 77.71 69.79 -11.81
N ILE T 131 76.42 70.10 -11.99
CA ILE T 131 75.82 70.06 -13.33
C ILE T 131 76.47 71.11 -14.23
N ARG T 132 76.82 72.28 -13.67
CA ARG T 132 77.50 73.31 -14.44
C ARG T 132 78.87 72.86 -14.92
N SER T 133 79.63 72.18 -14.07
CA SER T 133 80.95 71.72 -14.46
C SER T 133 80.88 70.49 -15.37
N ALA T 134 79.90 69.62 -15.17
CA ALA T 134 79.80 68.40 -15.95
C ALA T 134 79.07 68.59 -17.27
N SER T 135 78.55 69.78 -17.55
CA SER T 135 77.85 70.02 -18.80
C SER T 135 78.86 70.14 -19.95
N SER T 136 78.59 69.44 -21.05
CA SER T 136 79.41 69.55 -22.24
C SER T 136 78.90 70.60 -23.22
N ASN T 137 77.66 71.06 -23.06
CA ASN T 137 77.13 72.12 -23.91
C ASN T 137 77.78 73.45 -23.54
N PRO T 138 77.89 74.38 -24.49
CA PRO T 138 78.53 75.66 -24.20
C PRO T 138 77.76 76.48 -23.18
N ALA T 139 78.50 77.26 -22.40
CA ALA T 139 77.91 78.14 -21.41
C ALA T 139 77.49 79.46 -22.06
N LEU T 140 76.41 80.03 -21.55
CA LEU T 140 75.86 81.24 -22.10
C LEU T 140 75.90 82.35 -21.06
N THR T 141 75.89 83.59 -21.53
CA THR T 141 75.90 84.76 -20.66
C THR T 141 74.51 85.35 -20.60
N LEU T 142 73.99 85.55 -19.40
CA LEU T 142 72.69 86.18 -19.23
C LEU T 142 72.84 87.68 -19.41
N PRO T 143 71.95 88.30 -20.19
CA PRO T 143 72.06 89.73 -20.45
C PRO T 143 71.59 90.59 -19.27
N GLU T 144 71.95 91.86 -19.29
CA GLU T 144 71.54 92.76 -18.20
C GLU T 144 70.05 93.06 -18.26
N ASP T 145 69.52 93.32 -19.45
CA ASP T 145 68.12 93.64 -19.61
C ASP T 145 67.30 92.38 -19.46
N PRO T 146 66.33 92.34 -18.53
CA PRO T 146 65.46 91.16 -18.42
C PRO T 146 64.60 90.88 -19.64
N ARG T 147 64.28 91.89 -20.46
CA ARG T 147 63.54 91.67 -21.69
C ARG T 147 64.33 90.87 -22.72
N GLU T 148 65.65 90.84 -22.58
CA GLU T 148 66.51 90.00 -23.41
C GLU T 148 66.80 88.64 -22.79
N ILE T 149 66.22 88.33 -21.64
CA ILE T 149 66.40 86.99 -21.07
C ILE T 149 65.81 85.87 -21.96
N PRO T 150 64.52 85.98 -22.36
CA PRO T 150 63.95 84.86 -23.14
C PRO T 150 64.73 84.54 -24.42
N ASP T 151 65.39 85.53 -25.02
CA ASP T 151 66.18 85.28 -26.21
C ASP T 151 67.31 84.29 -25.91
N VAL T 152 68.16 84.63 -24.94
CA VAL T 152 69.29 83.77 -24.58
C VAL T 152 68.81 82.39 -24.12
N ILE T 153 67.77 82.34 -23.32
CA ILE T 153 67.19 81.05 -22.91
C ILE T 153 66.84 80.21 -24.12
N SER T 154 66.27 80.83 -25.16
CA SER T 154 65.93 80.10 -26.41
C SER T 154 67.19 79.58 -27.10
N GLN T 155 68.31 80.30 -27.01
CA GLN T 155 69.57 79.81 -27.55
C GLN T 155 70.03 78.57 -26.80
N ALA T 156 69.81 78.53 -25.48
CA ALA T 156 70.06 77.33 -24.70
C ALA T 156 69.18 76.18 -25.17
N LEU T 157 67.92 76.47 -25.49
CA LEU T 157 67.04 75.46 -26.04
C LEU T 157 67.50 75.00 -27.42
N SER T 158 68.26 75.84 -28.13
CA SER T 158 68.86 75.37 -29.37
C SER T 158 69.93 74.33 -29.10
N GLU T 159 70.71 74.52 -28.03
CA GLU T 159 71.89 73.68 -27.80
C GLU T 159 71.49 72.26 -27.41
N LEU T 160 70.51 72.11 -26.52
CA LEU T 160 69.93 70.79 -26.24
C LEU T 160 69.30 70.17 -27.47
N ARG T 161 68.82 70.99 -28.40
CA ARG T 161 68.31 70.43 -29.65
C ARG T 161 69.46 70.00 -30.55
N LEU T 162 70.58 70.74 -30.50
CA LEU T 162 71.76 70.34 -31.27
C LEU T 162 72.50 69.17 -30.61
N ALA T 163 72.24 68.93 -29.33
CA ALA T 163 72.82 67.80 -28.63
C ALA T 163 72.06 66.51 -28.86
N GLY T 164 70.93 66.57 -29.58
CA GLY T 164 70.09 65.39 -29.78
C GLY T 164 69.48 64.92 -28.47
N VAL T 165 68.58 65.72 -27.90
CA VAL T 165 67.98 65.37 -26.61
C VAL T 165 66.48 65.62 -26.64
N ASP T 166 65.70 64.68 -26.12
CA ASP T 166 64.25 64.85 -26.05
C ASP T 166 63.80 65.15 -24.63
N GLY T 167 62.49 65.07 -24.37
CA GLY T 167 61.99 65.27 -23.03
C GLY T 167 61.52 66.67 -22.67
N PRO T 168 60.74 66.80 -21.59
CA PRO T 168 60.25 68.10 -21.16
C PRO T 168 61.45 68.90 -20.67
N TYR T 169 61.73 70.06 -21.23
CA TYR T 169 62.83 70.86 -20.73
C TYR T 169 62.41 71.76 -19.56
N SER T 170 63.29 71.95 -18.57
CA SER T 170 62.84 72.83 -17.48
C SER T 170 63.88 73.91 -17.21
N VAL T 171 63.43 75.12 -16.87
CA VAL T 171 64.34 76.22 -16.65
C VAL T 171 64.37 76.53 -15.15
N LEU T 172 65.56 76.58 -14.60
CA LEU T 172 65.74 76.90 -13.19
C LEU T 172 66.46 78.23 -13.15
N LEU T 173 65.99 79.17 -12.35
CA LEU T 173 66.55 80.50 -12.30
C LEU T 173 67.05 80.79 -10.90
N SER T 174 68.12 81.57 -10.83
CA SER T 174 68.54 82.11 -9.54
C SER T 174 67.51 83.13 -9.05
N ALA T 175 67.58 83.44 -7.75
CA ALA T 175 66.62 84.34 -7.12
C ALA T 175 66.69 85.74 -7.72
N ASP T 176 67.90 86.20 -8.05
CA ASP T 176 68.06 87.48 -8.74
C ASP T 176 67.40 87.47 -10.11
N VAL T 177 67.62 86.41 -10.88
CA VAL T 177 67.07 86.30 -12.23
C VAL T 177 65.57 86.09 -12.17
N TYR T 178 65.10 85.28 -11.22
CA TYR T 178 63.67 85.05 -11.03
C TYR T 178 62.94 86.33 -10.65
N THR T 179 63.54 87.13 -9.76
CA THR T 179 62.98 88.42 -9.40
C THR T 179 62.97 89.38 -10.59
N LYS T 180 64.05 89.40 -11.37
CA LYS T 180 64.13 90.28 -12.54
C LYS T 180 63.09 89.94 -13.60
N VAL T 181 62.89 88.65 -13.88
CA VAL T 181 61.88 88.28 -14.88
C VAL T 181 60.48 88.26 -14.30
N SER T 182 60.35 88.32 -12.98
CA SER T 182 59.03 88.42 -12.37
C SER T 182 58.52 89.85 -12.31
N GLU T 183 59.41 90.80 -12.05
CA GLU T 183 58.99 92.17 -11.80
C GLU T 183 58.94 93.02 -13.07
N THR T 184 59.60 92.59 -14.12
CA THR T 184 59.53 93.29 -15.40
C THR T 184 58.38 92.69 -16.20
N SER T 185 57.58 93.55 -16.82
CA SER T 185 56.40 93.08 -17.53
C SER T 185 56.41 93.60 -18.96
N ASP T 186 55.81 92.83 -19.85
CA ASP T 186 55.65 93.22 -21.25
C ASP T 186 54.31 92.73 -21.73
N HIS T 187 53.46 93.67 -22.17
CA HIS T 187 52.13 93.41 -22.74
C HIS T 187 51.24 92.61 -21.80
N GLY T 188 51.20 93.03 -20.54
CA GLY T 188 50.30 92.45 -19.57
C GLY T 188 50.75 91.15 -18.95
N TYR T 189 51.96 90.70 -19.25
CA TYR T 189 52.51 89.53 -18.61
C TYR T 189 53.94 89.82 -18.17
N PRO T 190 54.36 89.26 -17.05
CA PRO T 190 55.78 89.31 -16.71
C PRO T 190 56.59 88.41 -17.63
N ILE T 191 57.91 88.64 -17.65
CA ILE T 191 58.81 87.90 -18.52
C ILE T 191 58.87 86.43 -18.13
N ARG T 192 58.52 86.10 -16.87
CA ARG T 192 58.42 84.72 -16.43
C ARG T 192 57.38 83.93 -17.24
N GLU T 193 56.28 84.59 -17.61
CA GLU T 193 55.29 83.95 -18.47
C GLU T 193 55.86 83.73 -19.87
N HIS T 194 56.65 84.68 -20.38
CA HIS T 194 57.32 84.51 -21.66
C HIS T 194 58.28 83.33 -21.64
N LEU T 195 58.97 83.11 -20.52
CA LEU T 195 59.78 81.92 -20.36
C LEU T 195 58.92 80.67 -20.31
N ASN T 196 57.76 80.75 -19.68
CA ASN T 196 56.85 79.62 -19.58
C ASN T 196 56.32 79.19 -20.95
N ARG T 197 56.19 80.12 -21.88
CA ARG T 197 55.74 79.76 -23.23
C ARG T 197 56.78 78.98 -24.02
N LEU T 198 58.06 79.17 -23.74
CA LEU T 198 59.16 78.51 -24.49
C LEU T 198 59.30 77.02 -24.15
N VAL T 199 58.92 76.60 -22.95
CA VAL T 199 59.18 75.17 -22.55
C VAL T 199 57.91 74.43 -22.16
N ASP T 200 57.96 73.11 -22.18
CA ASP T 200 56.81 72.27 -21.79
C ASP T 200 57.05 71.77 -20.38
N GLY T 201 58.13 72.26 -19.74
CA GLY T 201 58.43 71.88 -18.37
C GLY T 201 57.97 72.96 -17.41
N ASP T 202 58.85 73.49 -16.56
CA ASP T 202 58.38 74.45 -15.54
C ASP T 202 59.42 75.54 -15.28
N ILE T 203 58.98 76.76 -15.05
CA ILE T 203 59.96 77.79 -14.61
C ILE T 203 60.06 77.53 -13.12
N ILE T 204 61.25 77.23 -12.63
CA ILE T 204 61.46 76.79 -11.25
C ILE T 204 62.31 77.82 -10.54
N TRP T 205 61.81 78.30 -9.40
CA TRP T 205 62.57 79.20 -8.55
C TRP T 205 63.66 78.40 -7.84
N ALA T 206 64.90 78.82 -8.02
CA ALA T 206 66.07 78.12 -7.46
C ALA T 206 66.94 79.15 -6.75
N PRO T 207 66.61 79.51 -5.51
CA PRO T 207 67.32 80.60 -4.83
C PRO T 207 68.75 80.29 -4.44
N ALA T 208 69.19 79.03 -4.46
CA ALA T 208 70.55 78.73 -4.05
C ALA T 208 71.56 78.88 -5.19
N ILE T 209 71.13 78.62 -6.42
CA ILE T 209 72.05 78.58 -7.57
C ILE T 209 72.48 79.97 -7.99
N ASP T 210 73.51 80.04 -8.82
CA ASP T 210 73.85 81.24 -9.56
C ASP T 210 73.42 81.06 -11.02
N GLY T 211 73.16 82.18 -11.67
CA GLY T 211 72.76 82.16 -13.06
C GLY T 211 71.49 81.41 -13.36
N ALA T 212 71.54 80.54 -14.36
CA ALA T 212 70.35 79.80 -14.75
C ALA T 212 70.76 78.44 -15.30
N PHE T 213 69.80 77.54 -15.33
CA PHE T 213 70.08 76.20 -15.87
C PHE T 213 68.88 75.77 -16.71
N VAL T 214 69.13 75.28 -17.92
CA VAL T 214 68.02 74.72 -18.73
C VAL T 214 68.36 73.26 -18.89
N LEU T 215 67.39 72.38 -18.69
CA LEU T 215 67.76 70.95 -18.76
C LEU T 215 66.54 70.09 -19.00
N THR T 216 66.76 68.87 -19.47
CA THR T 216 65.70 67.91 -19.73
C THR T 216 65.35 67.11 -18.47
N THR T 217 64.07 66.79 -18.35
CA THR T 217 63.62 65.99 -17.21
C THR T 217 63.06 64.67 -17.72
N ARG T 218 63.66 64.14 -18.78
CA ARG T 218 63.21 62.88 -19.35
C ARG T 218 63.50 61.70 -18.42
N GLY T 219 64.47 61.84 -17.54
CA GLY T 219 64.80 60.76 -16.63
C GLY T 219 66.13 60.13 -16.97
N GLY T 220 66.77 59.56 -15.95
CA GLY T 220 67.99 58.80 -16.14
C GLY T 220 69.23 59.60 -16.43
N ASP T 221 69.19 60.92 -16.32
CA ASP T 221 70.37 61.72 -16.64
C ASP T 221 71.06 62.24 -15.40
N PHE T 222 70.29 62.55 -14.36
CA PHE T 222 70.80 63.17 -13.15
C PHE T 222 70.27 62.36 -11.97
N ASP T 223 71.15 61.96 -11.07
CA ASP T 223 70.78 61.00 -10.03
C ASP T 223 71.29 61.50 -8.68
N LEU T 224 70.37 61.76 -7.77
CA LEU T 224 70.71 62.09 -6.39
C LEU T 224 70.59 60.83 -5.55
N GLN T 225 71.68 60.40 -4.94
CA GLN T 225 71.66 59.21 -4.10
C GLN T 225 71.62 59.60 -2.64
N LEU T 226 70.61 59.10 -1.97
CA LEU T 226 70.46 59.37 -0.55
C LEU T 226 70.73 58.17 0.28
N GLY T 227 71.58 58.30 1.29
CA GLY T 227 71.73 57.20 2.23
C GLY T 227 70.56 57.36 3.17
N THR T 228 70.48 58.54 3.79
CA THR T 228 69.34 58.87 4.68
C THR T 228 68.80 60.24 4.30
N ASP T 229 67.47 60.38 4.25
CA ASP T 229 66.84 61.69 3.94
C ASP T 229 66.97 62.64 5.13
N VAL T 230 66.39 63.84 5.02
CA VAL T 230 66.51 64.87 6.10
C VAL T 230 65.89 64.38 7.41
N ALA T 231 66.65 64.47 8.49
CA ALA T 231 66.19 64.05 9.81
C ALA T 231 66.60 65.10 10.84
N ILE T 232 65.85 65.17 11.93
CA ILE T 232 66.17 66.11 13.00
C ILE T 232 66.72 65.32 14.18
N GLY T 233 67.90 65.73 14.67
CA GLY T 233 68.56 65.04 15.76
C GLY T 233 68.87 65.97 16.92
N TYR T 234 69.11 65.37 18.07
CA TYR T 234 69.32 66.10 19.32
C TYR T 234 70.79 66.08 19.70
N ALA T 235 71.36 67.25 19.99
CA ALA T 235 72.79 67.33 20.35
C ALA T 235 72.93 67.46 21.86
N SER T 236 72.49 68.59 22.43
CA SER T 236 72.62 68.85 23.85
C SER T 236 71.61 69.91 24.28
N HIS T 237 71.47 70.13 25.60
CA HIS T 237 70.48 71.10 26.12
C HIS T 237 70.94 71.76 27.41
N ASP T 238 70.43 72.94 27.73
CA ASP T 238 70.72 73.60 29.03
C ASP T 238 69.37 74.04 29.58
N THR T 239 69.36 74.93 30.57
CA THR T 239 68.09 75.38 31.19
C THR T 239 67.31 76.23 30.20
N ASP T 240 68.00 76.93 29.30
CA ASP T 240 67.28 77.85 28.44
C ASP T 240 67.05 77.35 27.03
N THR T 241 67.94 76.52 26.49
CA THR T 241 67.91 76.22 25.06
C THR T 241 68.12 74.74 24.81
N VAL T 242 67.68 74.29 23.64
CA VAL T 242 67.94 72.95 23.13
C VAL T 242 68.70 73.09 21.83
N ARG T 243 69.87 72.47 21.75
CA ARG T 243 70.62 72.39 20.50
C ARG T 243 70.21 71.13 19.74
N LEU T 244 69.74 71.34 18.52
CA LEU T 244 69.39 70.22 17.66
C LEU T 244 70.11 70.39 16.33
N TYR T 245 69.85 69.52 15.37
CA TYR T 245 70.46 69.65 14.05
C TYR T 245 69.54 69.04 13.01
N LEU T 246 69.71 69.51 11.78
CA LEU T 246 69.16 68.88 10.60
C LEU T 246 70.27 68.11 9.92
N GLN T 247 69.97 66.93 9.40
CA GLN T 247 71.04 66.10 8.90
C GLN T 247 70.55 65.27 7.72
N GLU T 248 71.39 65.19 6.70
CA GLU T 248 71.10 64.34 5.55
C GLU T 248 72.42 63.88 4.93
N THR T 249 72.42 62.67 4.38
CA THR T 249 73.63 62.15 3.75
C THR T 249 73.33 61.73 2.31
N LEU T 250 74.20 62.17 1.40
CA LEU T 250 73.90 62.08 -0.02
C LEU T 250 75.17 62.15 -0.86
N THR T 251 75.02 61.77 -2.13
CA THR T 251 75.96 62.14 -3.18
C THR T 251 75.14 62.45 -4.43
N PHE T 252 75.77 63.08 -5.41
CA PHE T 252 75.10 63.39 -6.66
C PHE T 252 75.93 62.91 -7.85
N LEU T 253 75.26 62.31 -8.82
CA LEU T 253 75.89 61.78 -10.02
C LEU T 253 75.22 62.40 -11.23
N CYS T 254 76.03 62.81 -12.20
CA CYS T 254 75.52 63.24 -13.51
C CYS T 254 75.99 62.23 -14.55
N TYR T 255 75.06 61.47 -15.11
CA TYR T 255 75.40 60.46 -16.10
C TYR T 255 75.51 60.99 -17.51
N THR T 256 74.78 62.06 -17.82
CA THR T 256 74.63 62.53 -19.19
C THR T 256 75.15 63.96 -19.27
N ALA T 257 76.28 64.15 -19.93
CA ALA T 257 76.95 65.44 -19.94
C ALA T 257 76.23 66.48 -20.79
N GLU T 258 75.49 66.05 -21.81
CA GLU T 258 74.92 66.97 -22.77
C GLU T 258 73.46 67.30 -22.49
N ALA T 259 72.97 66.95 -21.31
CA ALA T 259 71.56 67.14 -20.98
C ALA T 259 71.27 68.48 -20.31
N SER T 260 72.21 69.42 -20.32
CA SER T 260 72.00 70.67 -19.60
C SER T 260 72.81 71.80 -20.20
N VAL T 261 72.32 73.02 -20.01
CA VAL T 261 73.03 74.27 -20.33
C VAL T 261 73.05 75.14 -19.09
N ALA T 262 74.23 75.62 -18.72
CA ALA T 262 74.43 76.54 -17.62
C ALA T 262 74.59 77.97 -18.14
N LEU T 263 74.03 78.89 -17.38
CA LEU T 263 74.11 80.29 -17.75
C LEU T 263 74.67 81.07 -16.59
N SER T 264 75.43 82.12 -16.86
CA SER T 264 76.05 82.92 -15.82
C SER T 264 75.89 84.39 -16.16
N HIS T 265 76.26 85.25 -15.21
CA HIS T 265 76.17 86.69 -15.40
C HIS T 265 77.46 87.26 -15.94
N MET U 1 4.32 88.31 15.10
CA MET U 1 3.19 89.18 15.35
C MET U 1 2.77 89.94 14.11
N ASN U 2 1.69 90.71 14.22
CA ASN U 2 1.18 91.49 13.08
C ASN U 2 1.15 93.00 13.37
N ASN U 3 0.37 93.75 12.58
CA ASN U 3 0.30 95.19 12.79
C ASN U 3 -0.51 95.59 14.04
N LEU U 4 -1.42 94.74 14.52
CA LEU U 4 -2.09 95.01 15.79
C LEU U 4 -1.15 95.06 16.99
N TYR U 5 0.00 94.38 16.92
CA TYR U 5 0.94 94.34 18.04
C TYR U 5 0.23 94.01 19.35
N ARG U 6 -0.63 93.00 19.29
CA ARG U 6 -1.57 92.73 20.36
C ARG U 6 -0.88 92.18 21.60
N ASP U 7 0.17 91.37 21.41
CA ASP U 7 0.91 90.80 22.53
C ASP U 7 1.74 91.83 23.28
N LEU U 8 1.97 93.00 22.70
CA LEU U 8 2.69 94.04 23.41
C LEU U 8 1.80 94.82 24.37
N ALA U 9 0.49 94.70 24.24
CA ALA U 9 -0.42 95.44 25.09
C ALA U 9 -0.45 94.83 26.50
N PRO U 10 -0.42 95.64 27.55
CA PRO U 10 -0.58 95.11 28.92
C PRO U 10 -2.03 94.83 29.26
N VAL U 11 -2.60 93.86 28.55
CA VAL U 11 -3.99 93.47 28.68
C VAL U 11 -4.00 91.97 28.89
N THR U 12 -4.71 91.51 29.93
CA THR U 12 -4.77 90.08 30.20
C THR U 12 -5.71 89.40 29.22
N GLU U 13 -5.67 88.07 29.23
CA GLU U 13 -6.48 87.27 28.31
C GLU U 13 -7.98 87.43 28.60
N ALA U 14 -8.35 87.43 29.87
CA ALA U 14 -9.76 87.60 30.25
C ALA U 14 -10.25 89.00 29.91
N ALA U 15 -9.41 90.01 30.17
CA ALA U 15 -9.74 91.37 29.78
C ALA U 15 -9.87 91.50 28.27
N TRP U 16 -9.00 90.81 27.51
CA TRP U 16 -9.10 90.82 26.06
C TRP U 16 -10.42 90.22 25.59
N ALA U 17 -10.84 89.11 26.19
CA ALA U 17 -12.11 88.49 25.83
C ALA U 17 -13.28 89.40 26.11
N GLU U 18 -13.26 90.10 27.26
CA GLU U 18 -14.33 91.05 27.56
C GLU U 18 -14.34 92.22 26.60
N ILE U 19 -13.17 92.74 26.21
CA ILE U 19 -13.10 93.86 25.28
C ILE U 19 -13.59 93.45 23.89
N GLU U 20 -13.20 92.26 23.43
CA GLU U 20 -13.66 91.75 22.13
C GLU U 20 -15.16 91.56 22.11
N LEU U 21 -15.72 91.00 23.19
CA LEU U 21 -17.15 90.79 23.30
C LEU U 21 -17.92 92.11 23.28
N GLU U 22 -17.43 93.09 24.05
CA GLU U 22 -18.10 94.39 24.13
C GLU U 22 -18.07 95.12 22.79
N ALA U 23 -16.91 95.11 22.11
CA ALA U 23 -16.77 95.78 20.83
C ALA U 23 -17.62 95.13 19.75
N ALA U 24 -17.61 93.78 19.69
CA ALA U 24 -18.40 93.08 18.69
C ALA U 24 -19.89 93.29 18.91
N ARG U 25 -20.33 93.24 20.16
CA ARG U 25 -21.74 93.44 20.47
C ARG U 25 -22.20 94.84 20.10
N THR U 26 -21.47 95.86 20.55
CA THR U 26 -21.91 97.24 20.30
C THR U 26 -21.88 97.56 18.81
N PHE U 27 -20.91 97.02 18.08
CA PHE U 27 -20.83 97.22 16.64
C PHE U 27 -22.02 96.63 15.86
N LYS U 28 -22.33 95.36 16.09
CA LYS U 28 -23.46 94.73 15.41
C LYS U 28 -24.76 95.49 15.65
N ARG U 29 -25.03 95.88 16.88
CA ARG U 29 -26.23 96.60 17.21
C ARG U 29 -26.35 97.88 16.43
N HIS U 30 -25.24 98.52 16.17
CA HIS U 30 -25.31 99.83 15.48
C HIS U 30 -25.07 99.70 13.98
N ILE U 31 -24.85 98.48 13.48
CA ILE U 31 -24.75 98.40 12.02
C ILE U 31 -26.10 98.10 11.40
N ALA U 32 -26.50 98.94 10.44
CA ALA U 32 -27.66 98.68 9.61
C ALA U 32 -27.25 98.31 8.20
N GLY U 33 -26.08 98.79 7.76
CA GLY U 33 -25.69 98.67 6.36
C GLY U 33 -25.39 97.25 5.92
N ARG U 34 -24.76 96.46 6.79
CA ARG U 34 -24.39 95.09 6.43
C ARG U 34 -25.60 94.17 6.35
N ARG U 35 -26.72 94.56 6.95
CA ARG U 35 -27.93 93.74 6.85
C ARG U 35 -28.58 93.80 5.49
N VAL U 36 -28.29 94.83 4.69
CA VAL U 36 -28.95 95.00 3.40
C VAL U 36 -28.01 94.89 2.22
N VAL U 37 -26.71 95.12 2.37
CA VAL U 37 -25.81 95.11 1.24
C VAL U 37 -25.08 93.77 1.20
N ASP U 38 -24.53 93.44 0.04
CA ASP U 38 -23.67 92.28 -0.08
C ASP U 38 -22.33 92.60 0.53
N VAL U 39 -21.84 91.72 1.40
CA VAL U 39 -20.59 91.91 2.12
C VAL U 39 -19.63 90.83 1.65
N SER U 40 -18.50 91.25 1.10
CA SER U 40 -17.53 90.32 0.56
C SER U 40 -16.75 89.66 1.67
N ASP U 41 -16.03 88.60 1.32
CA ASP U 41 -15.03 88.08 2.23
C ASP U 41 -13.88 89.07 2.35
N PRO U 42 -13.18 89.07 3.50
CA PRO U 42 -11.99 89.93 3.62
C PRO U 42 -10.90 89.56 2.62
N GLY U 43 -10.47 90.54 1.83
CA GLY U 43 -9.41 90.33 0.87
C GLY U 43 -8.08 90.04 1.51
N GLY U 44 -7.81 90.70 2.62
CA GLY U 44 -6.53 90.53 3.28
C GLY U 44 -5.81 91.85 3.37
N PRO U 45 -4.70 91.88 4.09
CA PRO U 45 -3.97 93.15 4.28
C PRO U 45 -3.37 93.71 3.01
N VAL U 46 -3.04 92.87 2.02
CA VAL U 46 -2.34 93.36 0.85
C VAL U 46 -3.31 94.00 -0.14
N THR U 47 -4.61 93.74 0.03
CA THR U 47 -5.61 94.24 -0.90
C THR U 47 -5.74 95.74 -0.79
N ALA U 48 -5.65 96.44 -1.92
CA ALA U 48 -5.56 97.89 -1.88
C ALA U 48 -6.63 98.56 -2.73
N ALA U 49 -7.13 97.87 -3.75
CA ALA U 49 -8.09 98.47 -4.66
C ALA U 49 -8.99 97.39 -5.23
N VAL U 50 -10.16 97.84 -5.69
CA VAL U 50 -11.12 96.97 -6.34
C VAL U 50 -11.24 97.41 -7.79
N SER U 51 -11.07 96.45 -8.70
CA SER U 51 -11.23 96.74 -10.12
C SER U 51 -12.69 97.00 -10.45
N THR U 52 -12.94 98.08 -11.20
CA THR U 52 -14.27 98.35 -11.71
C THR U 52 -14.49 97.79 -13.10
N GLY U 53 -13.40 97.45 -13.80
CA GLY U 53 -13.51 96.87 -15.15
C GLY U 53 -13.66 97.93 -16.21
N ARG U 54 -13.58 99.21 -15.85
CA ARG U 54 -13.66 100.30 -16.86
C ARG U 54 -12.26 100.70 -17.36
N LEU U 55 -12.19 101.58 -18.37
CA LEU U 55 -10.90 101.98 -18.97
C LEU U 55 -10.83 103.51 -19.09
N ILE U 56 -9.65 104.09 -18.89
CA ILE U 56 -9.48 105.54 -18.96
C ILE U 56 -8.51 105.93 -20.05
N ASP U 57 -8.96 106.72 -21.02
CA ASP U 57 -8.10 107.15 -22.12
C ASP U 57 -6.91 107.99 -21.66
N VAL U 58 -5.70 107.56 -22.01
CA VAL U 58 -4.51 108.36 -21.68
C VAL U 58 -3.74 108.78 -22.93
N LYS U 59 -2.97 109.85 -22.81
CA LYS U 59 -2.21 110.36 -23.96
C LYS U 59 -1.31 109.29 -24.55
N ALA U 60 -1.56 108.93 -25.80
CA ALA U 60 -0.78 107.89 -26.49
C ALA U 60 0.72 107.96 -26.23
N PRO U 61 1.33 106.85 -25.78
CA PRO U 61 2.77 106.82 -25.53
C PRO U 61 3.52 107.16 -26.78
N THR U 62 3.26 106.44 -27.87
CA THR U 62 3.88 106.72 -29.15
C THR U 62 2.87 106.65 -30.29
N ASN U 63 3.33 106.83 -31.51
CA ASN U 63 2.46 106.77 -32.68
C ASN U 63 1.95 105.36 -32.88
N GLY U 64 0.64 105.22 -33.12
CA GLY U 64 0.06 103.91 -33.36
C GLY U 64 -0.15 103.07 -32.11
N VAL U 65 0.07 103.66 -30.94
CA VAL U 65 -0.16 102.94 -29.71
C VAL U 65 -1.38 103.51 -29.04
N ILE U 66 -2.27 102.65 -28.60
CA ILE U 66 -3.47 103.09 -27.94
C ILE U 66 -3.38 102.62 -26.52
N ALA U 67 -3.41 103.55 -25.59
CA ALA U 67 -3.25 103.20 -24.19
C ALA U 67 -4.45 103.51 -23.35
N HIS U 68 -4.71 102.64 -22.39
CA HIS U 68 -5.80 102.88 -21.50
C HIS U 68 -5.45 102.47 -20.09
N LEU U 69 -5.77 103.31 -19.13
CA LEU U 69 -5.56 102.98 -17.73
C LEU U 69 -6.74 102.17 -17.20
N ARG U 70 -6.43 101.14 -16.42
CA ARG U 70 -7.50 100.42 -15.74
C ARG U 70 -8.02 101.26 -14.57
N ALA U 71 -9.34 101.39 -14.49
CA ALA U 71 -9.97 102.10 -13.40
C ALA U 71 -10.12 101.20 -12.18
N SER U 72 -10.05 101.80 -11.00
CA SER U 72 -10.20 101.06 -9.76
C SER U 72 -10.70 101.99 -8.67
N LYS U 73 -11.10 101.40 -7.56
CA LYS U 73 -11.55 102.11 -6.37
C LYS U 73 -10.60 101.80 -5.21
N PRO U 74 -10.02 102.80 -4.57
CA PRO U 74 -9.13 102.53 -3.44
C PRO U 74 -9.91 102.17 -2.17
N LEU U 75 -9.34 101.25 -1.39
CA LEU U 75 -9.82 101.04 -0.04
C LEU U 75 -9.42 102.20 0.87
N VAL U 76 -10.20 102.42 1.91
CA VAL U 76 -9.87 103.38 2.95
C VAL U 76 -9.76 102.61 4.26
N ARG U 77 -8.72 102.88 5.02
CA ARG U 77 -8.57 102.32 6.36
C ARG U 77 -9.08 103.34 7.37
N LEU U 78 -10.01 102.90 8.20
CA LEU U 78 -10.69 103.73 9.18
C LEU U 78 -10.27 103.26 10.55
N ARG U 79 -9.73 104.18 11.35
CA ARG U 79 -9.18 103.87 12.66
C ARG U 79 -9.80 104.79 13.69
N VAL U 80 -10.31 104.21 14.76
CA VAL U 80 -10.88 104.94 15.88
C VAL U 80 -10.08 104.59 17.13
N PRO U 81 -9.20 105.47 17.58
CA PRO U 81 -8.48 105.21 18.83
C PRO U 81 -9.39 105.39 20.04
N PHE U 82 -9.05 104.67 21.10
CA PHE U 82 -9.74 104.79 22.38
C PHE U 82 -8.78 104.43 23.50
N THR U 83 -9.15 104.84 24.71
CA THR U 83 -8.26 104.79 25.86
C THR U 83 -8.92 104.05 27.01
N LEU U 84 -8.23 103.05 27.54
CA LEU U 84 -8.76 102.25 28.64
C LEU U 84 -7.96 102.47 29.91
N SER U 85 -8.67 102.52 31.03
CA SER U 85 -8.03 102.53 32.34
C SER U 85 -7.40 101.17 32.62
N ARG U 86 -6.16 101.18 33.11
CA ARG U 86 -5.49 99.93 33.43
C ARG U 86 -6.03 99.30 34.72
N ASN U 87 -6.60 100.11 35.60
CA ASN U 87 -7.27 99.58 36.79
C ASN U 87 -8.48 98.73 36.42
N GLU U 88 -9.27 99.20 35.45
CA GLU U 88 -10.41 98.42 34.96
C GLU U 88 -9.96 97.12 34.31
N ILE U 89 -8.83 97.16 33.60
CA ILE U 89 -8.28 95.96 33.00
C ILE U 89 -7.83 94.97 34.07
N ASP U 90 -7.15 95.46 35.12
CA ASP U 90 -6.70 94.62 36.20
C ASP U 90 -7.85 94.06 37.03
N ASP U 91 -8.99 94.75 37.06
CA ASP U 91 -10.15 94.28 37.81
C ASP U 91 -10.72 92.97 37.26
N VAL U 92 -10.50 92.68 35.98
CA VAL U 92 -11.16 91.56 35.32
C VAL U 92 -10.64 90.23 35.85
N GLU U 93 -9.33 90.12 36.08
CA GLU U 93 -8.78 88.84 36.56
C GLU U 93 -9.23 88.60 38.01
N ARG U 94 -9.38 89.67 38.79
CA ARG U 94 -9.88 89.52 40.15
C ARG U 94 -11.35 89.13 40.21
N GLY U 95 -12.06 89.14 39.08
CA GLY U 95 -13.43 88.70 39.04
C GLY U 95 -14.47 89.80 38.94
N SER U 96 -14.07 91.03 38.66
CA SER U 96 -15.04 92.09 38.43
C SER U 96 -15.80 91.84 37.13
N LYS U 97 -17.08 92.19 37.14
CA LYS U 97 -17.93 92.05 35.96
C LYS U 97 -18.58 93.36 35.57
N ASP U 98 -18.12 94.47 36.15
CA ASP U 98 -18.64 95.78 35.80
C ASP U 98 -17.52 96.74 35.37
N SER U 99 -16.45 96.19 34.79
CA SER U 99 -15.33 97.01 34.34
C SER U 99 -15.78 97.99 33.27
N ASP U 100 -15.26 99.20 33.35
CA ASP U 100 -15.72 100.31 32.53
C ASP U 100 -15.26 100.14 31.08
N TRP U 101 -16.14 99.62 30.23
CA TRP U 101 -15.80 99.45 28.83
C TRP U 101 -16.52 100.50 27.99
N GLU U 102 -16.84 101.63 28.61
CA GLU U 102 -17.47 102.72 27.87
C GLU U 102 -16.63 103.24 26.68
N PRO U 103 -15.30 103.37 26.83
CA PRO U 103 -14.56 103.83 25.65
C PRO U 103 -14.64 102.81 24.52
N VAL U 104 -14.58 101.52 24.82
CA VAL U 104 -14.75 100.50 23.79
C VAL U 104 -16.10 100.65 23.10
N LYS U 105 -17.15 100.89 23.89
CA LYS U 105 -18.49 101.06 23.32
C LYS U 105 -18.59 102.32 22.47
N GLU U 106 -17.96 103.41 22.92
CA GLU U 106 -17.97 104.65 22.14
C GLU U 106 -17.17 104.50 20.85
N ALA U 107 -16.05 103.78 20.90
CA ALA U 107 -15.27 103.54 19.69
C ALA U 107 -16.02 102.66 18.71
N ALA U 108 -16.70 101.62 19.21
CA ALA U 108 -17.48 100.75 18.32
C ALA U 108 -18.66 101.48 17.72
N LYS U 109 -19.32 102.33 18.50
CA LYS U 109 -20.43 103.13 17.98
C LYS U 109 -19.94 104.13 16.94
N LYS U 110 -18.76 104.73 17.16
CA LYS U 110 -18.25 105.71 16.21
C LYS U 110 -17.79 105.03 14.91
N LEU U 111 -17.16 103.86 15.04
CA LEU U 111 -16.73 103.11 13.83
C LEU U 111 -17.98 102.68 13.03
N ALA U 112 -18.99 102.14 13.72
CA ALA U 112 -20.22 101.75 13.06
C ALA U 112 -20.90 102.93 12.37
N PHE U 113 -20.89 104.09 13.03
CA PHE U 113 -21.48 105.29 12.43
C PHE U 113 -20.74 105.72 11.20
N VAL U 114 -19.41 105.66 11.23
CA VAL U 114 -18.63 106.02 10.05
C VAL U 114 -18.96 105.06 8.91
N GLU U 115 -18.90 103.76 9.18
CA GLU U 115 -19.16 102.78 8.12
C GLU U 115 -20.55 102.97 7.49
N ASP U 116 -21.58 103.17 8.32
CA ASP U 116 -22.93 103.34 7.80
C ASP U 116 -23.08 104.65 7.04
N ARG U 117 -22.47 105.73 7.55
CA ARG U 117 -22.56 107.00 6.85
C ARG U 117 -21.75 106.98 5.56
N THR U 118 -20.70 106.17 5.50
CA THR U 118 -19.94 106.01 4.27
C THR U 118 -20.75 105.24 3.23
N ILE U 119 -21.44 104.18 3.65
CA ILE U 119 -22.27 103.40 2.73
C ILE U 119 -23.44 104.23 2.20
N PHE U 120 -24.11 104.97 3.08
CA PHE U 120 -25.36 105.61 2.66
C PHE U 120 -25.20 107.06 2.22
N GLU U 121 -24.20 107.79 2.72
CA GLU U 121 -24.00 109.18 2.35
C GLU U 121 -22.71 109.44 1.61
N GLY U 122 -21.90 108.43 1.45
CA GLY U 122 -20.64 108.59 0.77
C GLY U 122 -19.49 109.26 1.49
N TYR U 123 -18.32 109.12 0.93
CA TYR U 123 -17.13 109.72 1.51
C TYR U 123 -16.38 110.13 0.28
N SER U 124 -16.56 111.38 -0.13
CA SER U 124 -15.95 111.86 -1.36
C SER U 124 -14.42 111.76 -1.42
N ALA U 125 -13.75 112.04 -0.32
CA ALA U 125 -12.29 111.96 -0.28
C ALA U 125 -11.79 110.55 -0.56
N ALA U 126 -12.58 109.54 -0.22
CA ALA U 126 -12.26 108.16 -0.53
C ALA U 126 -12.87 107.70 -1.83
N SER U 127 -13.41 108.63 -2.64
CA SER U 127 -14.06 108.36 -3.92
C SER U 127 -15.22 107.37 -3.81
N ILE U 128 -15.98 107.48 -2.72
CA ILE U 128 -17.13 106.62 -2.49
C ILE U 128 -18.38 107.47 -2.63
N GLU U 129 -19.23 107.09 -3.57
CA GLU U 129 -20.53 107.73 -3.73
C GLU U 129 -21.53 107.00 -2.86
N GLY U 130 -22.32 107.74 -2.10
CA GLY U 130 -23.33 107.13 -1.27
C GLY U 130 -24.49 106.58 -2.06
N ILE U 131 -25.31 105.79 -1.37
CA ILE U 131 -26.55 105.29 -1.97
C ILE U 131 -27.50 106.44 -2.28
N ARG U 132 -27.53 107.46 -1.42
CA ARG U 132 -28.36 108.63 -1.65
C ARG U 132 -27.93 109.38 -2.91
N SER U 133 -26.63 109.55 -3.12
CA SER U 133 -26.15 110.25 -4.29
C SER U 133 -26.24 109.41 -5.56
N ALA U 134 -26.04 108.10 -5.45
CA ALA U 134 -26.05 107.22 -6.61
C ALA U 134 -27.44 106.76 -7.01
N SER U 135 -28.47 107.12 -6.24
CA SER U 135 -29.83 106.71 -6.59
C SER U 135 -30.34 107.54 -7.77
N SER U 136 -30.93 106.87 -8.75
CA SER U 136 -31.55 107.55 -9.87
C SER U 136 -33.03 107.81 -9.66
N ASN U 137 -33.66 107.16 -8.68
CA ASN U 137 -35.05 107.41 -8.37
C ASN U 137 -35.19 108.78 -7.69
N PRO U 138 -36.35 109.43 -7.83
CA PRO U 138 -36.51 110.75 -7.22
C PRO U 138 -36.49 110.70 -5.70
N ALA U 139 -35.99 111.79 -5.11
CA ALA U 139 -35.93 111.91 -3.67
C ALA U 139 -37.27 112.42 -3.13
N LEU U 140 -37.63 111.96 -1.94
CA LEU U 140 -38.89 112.31 -1.33
C LEU U 140 -38.65 113.08 -0.04
N THR U 141 -39.64 113.84 0.37
CA THR U 141 -39.57 114.61 1.61
C THR U 141 -40.40 113.93 2.67
N LEU U 142 -39.80 113.68 3.83
CA LEU U 142 -40.54 113.08 4.94
C LEU U 142 -41.38 114.15 5.61
N PRO U 143 -42.65 113.85 5.88
CA PRO U 143 -43.54 114.85 6.50
C PRO U 143 -43.27 115.06 7.98
N GLU U 144 -43.78 116.15 8.53
CA GLU U 144 -43.60 116.42 9.95
C GLU U 144 -44.40 115.48 10.82
N ASP U 145 -45.64 115.22 10.44
CA ASP U 145 -46.51 114.34 11.21
C ASP U 145 -46.09 112.90 11.00
N PRO U 146 -45.77 112.14 12.05
CA PRO U 146 -45.42 110.73 11.88
C PRO U 146 -46.56 109.87 11.34
N ARG U 147 -47.81 110.26 11.54
CA ARG U 147 -48.94 109.52 10.98
C ARG U 147 -48.98 109.60 9.46
N GLU U 148 -48.33 110.60 8.88
CA GLU U 148 -48.17 110.70 7.44
C GLU U 148 -46.90 110.06 6.92
N ILE U 149 -46.10 109.43 7.78
CA ILE U 149 -44.91 108.73 7.29
C ILE U 149 -45.25 107.55 6.36
N PRO U 150 -46.14 106.62 6.80
CA PRO U 150 -46.39 105.46 5.93
C PRO U 150 -46.88 105.84 4.52
N ASP U 151 -47.56 106.97 4.37
CA ASP U 151 -48.01 107.38 3.05
C ASP U 151 -46.81 107.63 2.14
N VAL U 152 -45.91 108.51 2.55
CA VAL U 152 -44.73 108.83 1.73
C VAL U 152 -43.87 107.60 1.47
N ILE U 153 -43.67 106.77 2.49
CA ILE U 153 -42.94 105.51 2.29
C ILE U 153 -43.57 104.69 1.18
N SER U 154 -44.90 104.62 1.15
CA SER U 154 -45.62 103.88 0.09
C SER U 154 -45.35 104.50 -1.29
N GLN U 155 -45.19 105.82 -1.36
CA GLN U 155 -44.83 106.47 -2.63
C GLN U 155 -43.44 106.03 -3.07
N ALA U 156 -42.51 105.86 -2.12
CA ALA U 156 -41.21 105.30 -2.42
C ALA U 156 -41.33 103.88 -2.95
N LEU U 157 -42.25 103.10 -2.37
CA LEU U 157 -42.50 101.76 -2.89
C LEU U 157 -43.12 101.80 -4.28
N SER U 158 -43.77 102.90 -4.64
CA SER U 158 -44.23 103.05 -6.01
C SER U 158 -43.05 103.20 -6.95
N GLU U 159 -42.02 103.95 -6.53
CA GLU U 159 -40.94 104.31 -7.44
C GLU U 159 -40.08 103.11 -7.81
N LEU U 160 -39.73 102.27 -6.83
CA LEU U 160 -39.09 100.99 -7.11
C LEU U 160 -39.96 100.09 -7.96
N ARG U 161 -41.28 100.23 -7.86
CA ARG U 161 -42.13 99.46 -8.76
C ARG U 161 -42.12 100.05 -10.16
N LEU U 162 -42.01 101.38 -10.26
CA LEU U 162 -41.89 102.02 -11.56
C LEU U 162 -40.51 101.85 -12.15
N ALA U 163 -39.52 101.53 -11.33
CA ALA U 163 -38.17 101.26 -11.82
C ALA U 163 -38.00 99.84 -12.32
N GLY U 164 -39.03 98.99 -12.20
CA GLY U 164 -38.92 97.60 -12.61
C GLY U 164 -37.95 96.85 -11.72
N VAL U 165 -38.28 96.68 -10.44
CA VAL U 165 -37.39 96.02 -9.50
C VAL U 165 -38.14 95.02 -8.64
N ASP U 166 -37.58 93.83 -8.45
CA ASP U 166 -38.22 92.83 -7.59
C ASP U 166 -37.48 92.70 -6.27
N GLY U 167 -37.79 91.65 -5.51
CA GLY U 167 -37.08 91.41 -4.26
C GLY U 167 -37.71 91.96 -2.99
N PRO U 168 -37.28 91.46 -1.82
CA PRO U 168 -37.81 91.92 -0.56
C PRO U 168 -37.37 93.37 -0.37
N TYR U 169 -38.28 94.32 -0.22
CA TYR U 169 -37.85 95.67 0.03
C TYR U 169 -37.60 95.96 1.52
N SER U 170 -36.60 96.77 1.85
CA SER U 170 -36.40 97.00 3.28
C SER U 170 -36.33 98.50 3.57
N VAL U 171 -36.87 98.93 4.71
CA VAL U 171 -36.90 100.35 5.03
C VAL U 171 -35.93 100.58 6.18
N LEU U 172 -35.02 101.55 5.97
CA LEU U 172 -34.07 101.91 7.00
C LEU U 172 -34.43 103.32 7.43
N LEU U 173 -34.49 103.56 8.72
CA LEU U 173 -34.91 104.85 9.25
C LEU U 173 -33.79 105.45 10.08
N SER U 174 -33.69 106.78 10.05
CA SER U 174 -32.83 107.46 11.00
C SER U 174 -33.41 107.34 12.41
N ALA U 175 -32.55 107.61 13.40
CA ALA U 175 -32.93 107.45 14.80
C ALA U 175 -34.06 108.40 15.18
N ASP U 176 -34.07 109.62 14.64
CA ASP U 176 -35.17 110.54 14.84
C ASP U 176 -36.47 110.00 14.27
N VAL U 177 -36.41 109.49 13.03
CA VAL U 177 -37.60 108.97 12.36
C VAL U 177 -38.07 107.68 13.02
N TYR U 178 -37.12 106.81 13.41
CA TYR U 178 -37.45 105.57 14.11
C TYR U 178 -38.12 105.85 15.45
N THR U 179 -37.61 106.83 16.19
CA THR U 179 -38.23 107.23 17.45
C THR U 179 -39.63 107.81 17.22
N LYS U 180 -39.79 108.64 16.18
CA LYS U 180 -41.09 109.25 15.89
C LYS U 180 -42.13 108.21 15.50
N VAL U 181 -41.77 107.22 14.68
CA VAL U 181 -42.74 106.20 14.32
C VAL U 181 -42.86 105.12 15.37
N SER U 182 -41.96 105.08 16.34
CA SER U 182 -42.08 104.15 17.45
C SER U 182 -42.98 104.66 18.55
N GLU U 183 -42.91 105.96 18.84
CA GLU U 183 -43.60 106.52 19.99
C GLU U 183 -45.00 107.01 19.67
N THR U 184 -45.31 107.22 18.40
CA THR U 184 -46.67 107.59 18.00
C THR U 184 -47.43 106.31 17.69
N SER U 185 -48.66 106.22 18.18
CA SER U 185 -49.45 105.01 18.02
C SER U 185 -50.79 105.34 17.39
N ASP U 186 -51.32 104.36 16.65
CA ASP U 186 -52.63 104.47 16.04
C ASP U 186 -53.29 103.10 16.11
N HIS U 187 -54.45 103.05 16.77
CA HIS U 187 -55.29 101.86 16.90
C HIS U 187 -54.54 100.68 17.50
N GLY U 188 -53.82 100.94 18.59
CA GLY U 188 -53.16 99.89 19.33
C GLY U 188 -51.84 99.42 18.78
N TYR U 189 -51.34 100.04 17.72
CA TYR U 189 -50.02 99.73 17.20
C TYR U 189 -49.27 101.03 16.96
N PRO U 190 -47.95 101.01 17.15
CA PRO U 190 -47.15 102.15 16.71
C PRO U 190 -47.05 102.17 15.19
N ILE U 191 -46.64 103.32 14.67
CA ILE U 191 -46.55 103.53 13.23
C ILE U 191 -45.48 102.64 12.61
N ARG U 192 -44.51 102.19 13.42
CA ARG U 192 -43.51 101.23 12.97
C ARG U 192 -44.14 99.93 12.50
N GLU U 193 -45.20 99.48 13.17
CA GLU U 193 -45.93 98.30 12.72
C GLU U 193 -46.66 98.57 11.40
N HIS U 194 -47.20 99.78 11.23
CA HIS U 194 -47.81 100.17 9.96
C HIS U 194 -46.79 100.14 8.82
N LEU U 195 -45.55 100.56 9.09
CA LEU U 195 -44.49 100.42 8.11
C LEU U 195 -44.16 98.96 7.85
N ASN U 196 -44.21 98.13 8.90
CA ASN U 196 -43.92 96.71 8.76
C ASN U 196 -44.95 96.01 7.88
N ARG U 197 -46.19 96.49 7.86
CA ARG U 197 -47.20 95.88 6.99
C ARG U 197 -46.97 96.16 5.51
N LEU U 198 -46.34 97.29 5.18
CA LEU U 198 -46.11 97.69 3.76
C LEU U 198 -45.04 96.84 3.07
N VAL U 199 -44.06 96.29 3.79
CA VAL U 199 -42.94 95.60 3.11
C VAL U 199 -42.78 94.16 3.57
N ASP U 200 -42.10 93.35 2.76
CA ASP U 200 -41.84 91.93 3.11
C ASP U 200 -40.42 91.83 3.63
N GLY U 201 -39.76 92.98 3.80
CA GLY U 201 -38.39 92.99 4.34
C GLY U 201 -38.41 93.34 5.81
N ASP U 202 -37.68 94.37 6.23
CA ASP U 202 -37.60 94.65 7.68
C ASP U 202 -37.53 96.14 7.96
N ILE U 203 -38.17 96.61 9.03
CA ILE U 203 -37.95 98.02 9.43
C ILE U 203 -36.65 97.95 10.21
N ILE U 204 -35.65 98.69 9.76
CA ILE U 204 -34.30 98.59 10.31
C ILE U 204 -33.93 99.92 10.95
N TRP U 205 -33.54 99.86 12.22
CA TRP U 205 -33.04 101.03 12.92
C TRP U 205 -31.66 101.37 12.39
N ALA U 206 -31.48 102.59 11.90
CA ALA U 206 -30.23 103.05 11.29
C ALA U 206 -29.86 104.40 11.91
N PRO U 207 -29.25 104.39 13.10
CA PRO U 207 -29.00 105.64 13.81
C PRO U 207 -27.95 106.55 13.19
N ALA U 208 -27.15 106.08 12.24
CA ALA U 208 -26.12 106.94 11.67
C ALA U 208 -26.65 107.79 10.51
N ILE U 209 -27.62 107.28 9.76
CA ILE U 209 -28.08 107.93 8.54
C ILE U 209 -28.96 109.15 8.85
N ASP U 210 -29.19 109.96 7.84
CA ASP U 210 -30.23 110.99 7.86
C ASP U 210 -31.40 110.52 7.03
N GLY U 211 -32.58 111.01 7.38
CA GLY U 211 -33.79 110.67 6.63
C GLY U 211 -34.15 109.22 6.64
N ALA U 212 -34.44 108.68 5.46
CA ALA U 212 -34.84 107.29 5.37
C ALA U 212 -34.40 106.72 4.03
N PHE U 213 -34.35 105.40 3.96
CA PHE U 213 -33.96 104.74 2.70
C PHE U 213 -34.86 103.54 2.50
N VAL U 214 -35.42 103.40 1.31
CA VAL U 214 -36.20 102.18 1.00
C VAL U 214 -35.43 101.49 -0.12
N LEU U 215 -35.22 100.20 -0.01
CA LEU U 215 -34.39 99.56 -1.05
C LEU U 215 -34.64 98.06 -1.11
N THR U 216 -34.28 97.45 -2.22
CA THR U 216 -34.42 96.02 -2.41
C THR U 216 -33.21 95.26 -1.88
N THR U 217 -33.46 94.06 -1.35
CA THR U 217 -32.38 93.23 -0.85
C THR U 217 -32.32 91.95 -1.66
N ARG U 218 -32.61 92.05 -2.95
CA ARG U 218 -32.57 90.88 -3.83
C ARG U 218 -31.15 90.37 -4.04
N GLY U 219 -30.14 91.23 -3.85
CA GLY U 219 -28.78 90.81 -4.04
C GLY U 219 -28.17 91.42 -5.28
N GLY U 220 -26.85 91.57 -5.25
CA GLY U 220 -26.11 92.00 -6.40
C GLY U 220 -26.23 93.47 -6.76
N ASP U 221 -26.84 94.29 -5.90
CA ASP U 221 -27.01 95.70 -6.24
C ASP U 221 -26.05 96.58 -5.47
N PHE U 222 -25.74 96.21 -4.23
CA PHE U 222 -24.94 97.02 -3.32
C PHE U 222 -23.85 96.12 -2.77
N ASP U 223 -22.60 96.55 -2.83
CA ASP U 223 -21.48 95.67 -2.53
C ASP U 223 -20.51 96.40 -1.61
N LEU U 224 -20.31 95.88 -0.41
CA LEU U 224 -19.31 96.39 0.52
C LEU U 224 -18.09 95.50 0.41
N GLN U 225 -16.96 96.07 0.02
CA GLN U 225 -15.72 95.31 -0.10
C GLN U 225 -14.83 95.55 1.10
N LEU U 226 -14.48 94.47 1.75
CA LEU U 226 -13.61 94.55 2.90
C LEU U 226 -12.25 94.01 2.64
N GLY U 227 -11.21 94.76 2.95
CA GLY U 227 -9.88 94.18 2.86
C GLY U 227 -9.73 93.41 4.15
N THR U 228 -9.90 94.12 5.27
CA THR U 228 -9.86 93.46 6.59
C THR U 228 -11.07 93.92 7.41
N ASP U 229 -11.72 92.99 8.11
CA ASP U 229 -12.88 93.32 8.96
C ASP U 229 -12.41 94.06 10.21
N VAL U 230 -13.35 94.38 11.12
CA VAL U 230 -13.02 95.15 12.36
C VAL U 230 -12.03 94.39 13.24
N ALA U 231 -10.95 95.05 13.63
CA ALA U 231 -9.93 94.45 14.48
C ALA U 231 -9.53 95.45 15.55
N ILE U 232 -9.03 94.95 16.67
CA ILE U 232 -8.58 95.80 17.76
C ILE U 232 -7.06 95.74 17.81
N GLY U 233 -6.42 96.91 17.78
CA GLY U 233 -4.97 97.01 17.78
C GLY U 233 -4.45 97.86 18.92
N TYR U 234 -3.16 97.68 19.21
CA TYR U 234 -2.51 98.33 20.34
C TYR U 234 -1.61 99.45 19.86
N ALA U 235 -1.77 100.64 20.43
CA ALA U 235 -0.95 101.80 20.01
C ALA U 235 0.19 102.03 21.01
N SER U 236 -0.14 102.42 22.24
CA SER U 236 0.86 102.71 23.26
C SER U 236 0.22 102.62 24.65
N HIS U 237 1.05 102.68 25.70
CA HIS U 237 0.54 102.55 27.09
C HIS U 237 1.37 103.34 28.09
N ASP U 238 0.79 103.71 29.22
CA ASP U 238 1.55 104.38 30.31
C ASP U 238 1.20 103.63 31.59
N THR U 239 1.49 104.21 32.75
CA THR U 239 1.21 103.55 34.04
C THR U 239 -0.30 103.46 34.26
N ASP U 240 -1.06 104.42 33.75
CA ASP U 240 -2.47 104.45 34.06
C ASP U 240 -3.37 103.92 32.96
N THR U 241 -3.00 104.07 31.69
CA THR U 241 -3.93 103.83 30.60
C THR U 241 -3.27 103.03 29.47
N VAL U 242 -4.11 102.39 28.68
CA VAL U 242 -3.70 101.72 27.45
C VAL U 242 -4.46 102.37 26.29
N ARG U 243 -3.71 102.88 25.31
CA ARG U 243 -4.31 103.38 24.08
C ARG U 243 -4.40 102.25 23.07
N LEU U 244 -5.62 102.00 22.61
CA LEU U 244 -5.85 100.99 21.59
C LEU U 244 -6.64 101.64 20.45
N TYR U 245 -7.03 100.87 19.45
CA TYR U 245 -7.84 101.38 18.36
C TYR U 245 -8.70 100.28 17.78
N LEU U 246 -9.79 100.68 17.16
CA LEU U 246 -10.59 99.84 16.31
C LEU U 246 -10.25 100.19 14.87
N GLN U 247 -10.16 99.19 14.00
CA GLN U 247 -9.67 99.46 12.67
C GLN U 247 -10.35 98.54 11.66
N GLU U 248 -10.73 99.12 10.53
CA GLU U 248 -11.29 98.33 9.44
C GLU U 248 -10.98 99.03 8.12
N THR U 249 -10.78 98.26 7.07
CA THR U 249 -10.50 98.83 5.76
C THR U 249 -11.48 98.33 4.72
N LEU U 250 -12.04 99.25 3.94
CA LEU U 250 -13.20 98.94 3.10
C LEU U 250 -13.34 99.94 1.97
N THR U 251 -14.17 99.56 1.00
CA THR U 251 -14.77 100.49 0.06
C THR U 251 -16.19 100.04 -0.18
N PHE U 252 -17.01 100.91 -0.76
CA PHE U 252 -18.39 100.57 -1.08
C PHE U 252 -18.70 100.89 -2.53
N LEU U 253 -19.41 99.97 -3.18
CA LEU U 253 -19.78 100.10 -4.58
C LEU U 253 -21.28 99.96 -4.70
N CYS U 254 -21.90 100.82 -5.48
CA CYS U 254 -23.31 100.67 -5.86
C CYS U 254 -23.38 100.37 -7.35
N TYR U 255 -23.80 99.16 -7.69
CA TYR U 255 -23.88 98.77 -9.09
C TYR U 255 -25.19 99.16 -9.75
N THR U 256 -26.27 99.29 -8.99
CA THR U 256 -27.61 99.44 -9.53
C THR U 256 -28.19 100.76 -9.03
N ALA U 257 -28.32 101.73 -9.92
CA ALA U 257 -28.71 103.07 -9.52
C ALA U 257 -30.18 103.17 -9.12
N GLU U 258 -31.02 102.31 -9.67
CA GLU U 258 -32.46 102.45 -9.49
C GLU U 258 -33.02 101.54 -8.40
N ALA U 259 -32.14 100.95 -7.58
CA ALA U 259 -32.56 100.00 -6.56
C ALA U 259 -32.86 100.64 -5.21
N SER U 260 -32.97 101.97 -5.14
CA SER U 260 -33.16 102.62 -3.85
C SER U 260 -33.85 103.96 -3.99
N VAL U 261 -34.55 104.37 -2.93
CA VAL U 261 -35.13 105.70 -2.78
C VAL U 261 -34.63 106.30 -1.47
N ALA U 262 -34.10 107.52 -1.54
CA ALA U 262 -33.67 108.29 -0.39
C ALA U 262 -34.73 109.31 0.01
N LEU U 263 -34.86 109.49 1.32
CA LEU U 263 -35.83 110.43 1.84
C LEU U 263 -35.10 111.39 2.77
N SER U 264 -35.54 112.63 2.82
CA SER U 264 -34.91 113.65 3.65
C SER U 264 -35.99 114.45 4.35
N HIS U 265 -35.56 115.30 5.28
CA HIS U 265 -36.48 116.15 6.03
C HIS U 265 -36.65 117.50 5.36
N MET V 1 -39.92 65.98 64.26
CA MET V 1 -40.57 65.54 65.49
C MET V 1 -42.07 65.45 65.38
N ASN V 2 -42.73 64.98 66.43
CA ASN V 2 -44.19 64.84 66.42
C ASN V 2 -44.87 65.66 67.53
N ASN V 3 -46.11 65.33 67.86
CA ASN V 3 -46.82 66.07 68.90
C ASN V 3 -46.32 65.76 70.31
N LEU V 4 -45.70 64.61 70.54
CA LEU V 4 -45.07 64.33 71.84
C LEU V 4 -43.93 65.28 72.19
N TYR V 5 -43.27 65.86 71.17
CA TYR V 5 -42.13 66.76 71.40
C TYR V 5 -41.13 66.15 72.38
N ARG V 6 -40.82 64.87 72.14
CA ARG V 6 -40.10 64.06 73.11
C ARG V 6 -38.64 64.49 73.23
N ASP V 7 -38.03 64.90 72.11
CA ASP V 7 -36.64 65.34 72.13
C ASP V 7 -36.44 66.67 72.83
N LEU V 8 -37.51 67.44 73.06
CA LEU V 8 -37.38 68.68 73.79
C LEU V 8 -37.34 68.47 75.30
N ALA V 9 -37.73 67.29 75.77
CA ALA V 9 -37.76 67.05 77.21
C ALA V 9 -36.34 66.84 77.74
N PRO V 10 -36.00 67.43 78.88
CA PRO V 10 -34.69 67.17 79.50
C PRO V 10 -34.66 65.84 80.25
N VAL V 11 -34.78 64.76 79.49
CA VAL V 11 -34.84 63.41 80.00
C VAL V 11 -33.80 62.60 79.23
N THR V 12 -32.94 61.89 79.95
CA THR V 12 -31.91 61.11 79.29
C THR V 12 -32.52 59.83 78.71
N GLU V 13 -31.72 59.16 77.88
CA GLU V 13 -32.17 57.95 77.21
C GLU V 13 -32.45 56.81 78.20
N ALA V 14 -31.58 56.65 79.20
CA ALA V 14 -31.78 55.62 80.20
C ALA V 14 -32.98 55.92 81.08
N ALA V 15 -33.16 57.19 81.44
CA ALA V 15 -34.34 57.61 82.19
C ALA V 15 -35.60 57.40 81.37
N TRP V 16 -35.54 57.65 80.05
CA TRP V 16 -36.68 57.41 79.18
C TRP V 16 -37.05 55.94 79.15
N ALA V 17 -36.05 55.06 79.06
CA ALA V 17 -36.31 53.63 79.06
C ALA V 17 -36.96 53.17 80.37
N GLU V 18 -36.48 53.69 81.50
CA GLU V 18 -37.09 53.35 82.78
C GLU V 18 -38.53 53.87 82.90
N ILE V 19 -38.79 55.08 82.40
CA ILE V 19 -40.15 55.63 82.45
C ILE V 19 -41.10 54.83 81.56
N GLU V 20 -40.65 54.46 80.35
CA GLU V 20 -41.47 53.67 79.44
C GLU V 20 -41.79 52.30 80.04
N LEU V 21 -40.78 51.66 80.64
CA LEU V 21 -40.97 50.36 81.28
C LEU V 21 -41.97 50.44 82.44
N GLU V 22 -41.81 51.46 83.29
CA GLU V 22 -42.69 51.62 84.44
C GLU V 22 -44.14 51.88 84.01
N ALA V 23 -44.34 52.75 83.03
CA ALA V 23 -45.67 53.08 82.55
C ALA V 23 -46.34 51.91 81.87
N ALA V 24 -45.60 51.18 81.02
CA ALA V 24 -46.16 50.03 80.33
C ALA V 24 -46.52 48.92 81.32
N ARG V 25 -45.66 48.67 82.29
CA ARG V 25 -45.92 47.65 83.29
C ARG V 25 -47.15 47.96 84.12
N THR V 26 -47.21 49.18 84.67
CA THR V 26 -48.32 49.52 85.56
C THR V 26 -49.64 49.56 84.79
N PHE V 27 -49.63 49.99 83.54
CA PHE V 27 -50.82 50.01 82.71
C PHE V 27 -51.39 48.60 82.44
N LYS V 28 -50.56 47.68 81.96
CA LYS V 28 -51.02 46.32 81.69
C LYS V 28 -51.64 45.67 82.92
N ARG V 29 -50.98 45.81 84.06
CA ARG V 29 -51.49 45.23 85.29
C ARG V 29 -52.87 45.72 85.63
N HIS V 30 -53.14 46.97 85.32
CA HIS V 30 -54.45 47.54 85.71
C HIS V 30 -55.45 47.49 84.55
N ILE V 31 -55.06 46.96 83.39
CA ILE V 31 -56.10 46.83 82.37
C ILE V 31 -56.77 45.48 82.45
N ALA V 32 -58.11 45.48 82.54
CA ALA V 32 -58.90 44.27 82.41
C ALA V 32 -59.66 44.24 81.09
N GLY V 33 -59.96 45.44 80.55
CA GLY V 33 -60.84 45.54 79.39
C GLY V 33 -60.26 44.97 78.11
N ARG V 34 -58.96 45.17 77.89
CA ARG V 34 -58.34 44.70 76.65
C ARG V 34 -58.19 43.18 76.62
N ARG V 35 -58.28 42.53 77.77
CA ARG V 35 -58.19 41.07 77.80
C ARG V 35 -59.45 40.40 77.27
N VAL V 36 -60.58 41.10 77.25
CA VAL V 36 -61.84 40.50 76.86
C VAL V 36 -62.44 41.09 75.58
N VAL V 37 -62.09 42.31 75.20
CA VAL V 37 -62.71 42.93 74.04
C VAL V 37 -61.76 42.80 72.86
N ASP V 38 -62.30 42.94 71.66
CA ASP V 38 -61.48 43.02 70.47
C ASP V 38 -60.83 44.40 70.41
N VAL V 39 -59.53 44.42 70.20
CA VAL V 39 -58.74 45.64 70.17
C VAL V 39 -58.21 45.81 68.74
N SER V 40 -58.56 46.91 68.12
CA SER V 40 -58.17 47.16 66.75
C SER V 40 -56.71 47.58 66.68
N ASP V 41 -56.18 47.58 65.46
CA ASP V 41 -54.90 48.23 65.24
C ASP V 41 -55.07 49.74 65.38
N PRO V 42 -54.02 50.46 65.76
CA PRO V 42 -54.09 51.93 65.78
C PRO V 42 -54.35 52.52 64.41
N GLY V 43 -55.40 53.32 64.29
CA GLY V 43 -55.74 53.98 63.05
C GLY V 43 -54.71 55.00 62.64
N GLY V 44 -54.17 55.72 63.62
CA GLY V 44 -53.22 56.77 63.32
C GLY V 44 -53.73 58.09 63.83
N PRO V 45 -52.88 59.12 63.78
CA PRO V 45 -53.28 60.43 64.31
C PRO V 45 -54.42 61.10 63.55
N VAL V 46 -54.59 60.80 62.27
CA VAL V 46 -55.59 61.51 61.48
C VAL V 46 -56.98 60.92 61.70
N THR V 47 -57.05 59.73 62.28
CA THR V 47 -58.33 59.05 62.47
C THR V 47 -59.16 59.76 63.51
N ALA V 48 -60.39 60.09 63.17
CA ALA V 48 -61.20 60.95 64.03
C ALA V 48 -62.53 60.32 64.42
N ALA V 49 -63.05 59.42 63.59
CA ALA V 49 -64.36 58.84 63.83
C ALA V 49 -64.40 57.44 63.25
N VAL V 50 -65.33 56.65 63.79
CA VAL V 50 -65.58 55.29 63.32
C VAL V 50 -66.98 55.27 62.73
N SER V 51 -67.07 54.79 61.48
CA SER V 51 -68.37 54.65 60.83
C SER V 51 -69.17 53.53 61.48
N THR V 52 -70.43 53.82 61.77
CA THR V 52 -71.35 52.80 62.26
C THR V 52 -72.16 52.15 61.14
N GLY V 53 -72.19 52.80 59.97
CA GLY V 53 -72.90 52.24 58.81
C GLY V 53 -74.38 52.56 58.85
N ARG V 54 -74.84 53.36 59.82
CA ARG V 54 -76.26 53.75 59.86
C ARG V 54 -76.50 55.09 59.13
N LEU V 55 -77.76 55.50 58.99
CA LEU V 55 -78.11 56.73 58.23
C LEU V 55 -79.07 57.60 59.05
N ILE V 56 -78.94 58.92 58.96
CA ILE V 56 -79.78 59.84 59.72
C ILE V 56 -80.59 60.73 58.78
N ASP V 57 -81.91 60.67 58.87
CA ASP V 57 -82.76 61.49 58.02
C ASP V 57 -82.58 62.98 58.25
N VAL V 58 -82.27 63.72 57.18
CA VAL V 58 -82.16 65.18 57.30
C VAL V 58 -83.15 65.90 56.40
N LYS V 59 -83.49 67.14 56.76
CA LYS V 59 -84.44 67.92 55.97
C LYS V 59 -84.03 68.02 54.52
N ALA V 60 -84.84 67.47 53.62
CA ALA V 60 -84.55 67.49 52.17
C ALA V 60 -83.98 68.81 51.66
N PRO V 61 -82.83 68.76 50.99
CA PRO V 61 -82.22 69.98 50.44
C PRO V 61 -83.18 70.65 49.48
N THR V 62 -83.66 69.91 48.48
CA THR V 62 -84.64 70.44 47.54
C THR V 62 -85.73 69.42 47.26
N ASN V 63 -86.65 69.77 46.37
CA ASN V 63 -87.74 68.87 46.02
C ASN V 63 -87.22 67.65 45.27
N GLY V 64 -87.68 66.47 45.67
CA GLY V 64 -87.25 65.25 45.00
C GLY V 64 -85.86 64.76 45.39
N VAL V 65 -85.25 65.40 46.39
CA VAL V 65 -83.94 64.96 46.84
C VAL V 65 -84.10 64.33 48.19
N ILE V 66 -83.50 63.17 48.38
CA ILE V 66 -83.59 62.48 49.64
C ILE V 66 -82.20 62.47 50.21
N ALA V 67 -82.04 63.06 51.38
CA ALA V 67 -80.72 63.17 51.98
C ALA V 67 -80.58 62.43 53.27
N HIS V 68 -79.42 61.85 53.48
CA HIS V 68 -79.17 61.18 54.73
C HIS V 68 -77.76 61.41 55.20
N LEU V 69 -77.60 61.71 56.47
CA LEU V 69 -76.29 61.86 57.05
C LEU V 69 -75.73 60.51 57.47
N ARG V 70 -74.46 60.29 57.19
CA ARG V 70 -73.80 59.10 57.70
C ARG V 70 -73.54 59.24 59.19
N ALA V 71 -73.91 58.23 59.96
CA ALA V 71 -73.66 58.21 61.39
C ALA V 71 -72.25 57.74 61.69
N SER V 72 -71.68 58.25 62.77
CA SER V 72 -70.34 57.87 63.18
C SER V 72 -70.18 58.10 64.67
N LYS V 73 -69.09 57.57 65.21
CA LYS V 73 -68.72 57.71 66.61
C LYS V 73 -67.41 58.47 66.70
N PRO V 74 -67.34 59.58 67.44
CA PRO V 74 -66.07 60.29 67.57
C PRO V 74 -65.12 59.61 68.52
N LEU V 75 -63.82 59.68 68.19
CA LEU V 75 -62.79 59.31 69.15
C LEU V 75 -62.67 60.37 70.23
N VAL V 76 -62.23 59.96 71.41
CA VAL V 76 -61.89 60.88 72.49
C VAL V 76 -60.41 60.69 72.80
N ARG V 77 -59.70 61.81 72.96
CA ARG V 77 -58.32 61.78 73.39
C ARG V 77 -58.27 62.03 74.89
N LEU V 78 -57.63 61.11 75.60
CA LEU V 78 -57.56 61.11 77.05
C LEU V 78 -56.12 61.37 77.43
N ARG V 79 -55.90 62.40 78.24
CA ARG V 79 -54.58 62.84 78.61
C ARG V 79 -54.49 62.95 80.13
N VAL V 80 -53.48 62.32 80.70
CA VAL V 80 -53.20 62.37 82.13
C VAL V 80 -51.82 62.99 82.32
N PRO V 81 -51.76 64.25 82.72
CA PRO V 81 -50.45 64.86 83.02
C PRO V 81 -49.88 64.35 84.33
N PHE V 82 -48.55 64.36 84.40
CA PHE V 82 -47.84 63.99 85.61
C PHE V 82 -46.52 64.73 85.66
N THR V 83 -45.92 64.78 86.85
CA THR V 83 -44.78 65.64 87.11
C THR V 83 -43.65 64.82 87.72
N LEU V 84 -42.46 64.91 87.12
CA LEU V 84 -41.30 64.16 87.57
C LEU V 84 -40.24 65.09 88.14
N SER V 85 -39.61 64.66 89.22
CA SER V 85 -38.43 65.35 89.75
C SER V 85 -37.25 65.17 88.81
N ARG V 86 -36.55 66.27 88.53
CA ARG V 86 -35.39 66.19 87.64
C ARG V 86 -34.19 65.56 88.34
N ASN V 87 -34.14 65.61 89.67
CA ASN V 87 -33.10 64.90 90.42
C ASN V 87 -33.22 63.40 90.25
N GLU V 88 -34.46 62.87 90.30
CA GLU V 88 -34.68 61.45 90.07
C GLU V 88 -34.30 61.05 88.65
N ILE V 89 -34.55 61.92 87.68
CA ILE V 89 -34.15 61.67 86.30
C ILE V 89 -32.64 61.64 86.17
N ASP V 90 -31.95 62.59 86.81
CA ASP V 90 -30.50 62.65 86.78
C ASP V 90 -29.85 61.48 87.51
N ASP V 91 -30.53 60.90 88.49
CA ASP V 91 -30.01 59.75 89.24
C ASP V 91 -29.82 58.52 88.37
N VAL V 92 -30.57 58.41 87.28
CA VAL V 92 -30.60 57.16 86.50
C VAL V 92 -29.28 56.94 85.77
N GLU V 93 -28.69 58.00 85.22
CA GLU V 93 -27.40 57.83 84.50
C GLU V 93 -26.29 57.50 85.48
N ARG V 94 -26.36 58.04 86.70
CA ARG V 94 -25.36 57.70 87.71
C ARG V 94 -25.50 56.27 88.22
N GLY V 95 -26.55 55.55 87.85
CA GLY V 95 -26.71 54.16 88.23
C GLY V 95 -27.71 53.87 89.31
N SER V 96 -28.53 54.84 89.70
CA SER V 96 -29.59 54.58 90.66
C SER V 96 -30.64 53.66 90.05
N LYS V 97 -31.20 52.78 90.88
CA LYS V 97 -32.23 51.85 90.45
C LYS V 97 -33.48 51.98 91.32
N ASP V 98 -33.56 53.03 92.12
CA ASP V 98 -34.74 53.27 92.96
C ASP V 98 -35.31 54.67 92.71
N SER V 99 -35.15 55.19 91.51
CA SER V 99 -35.67 56.51 91.17
C SER V 99 -37.19 56.54 91.31
N ASP V 100 -37.69 57.65 91.85
CA ASP V 100 -39.09 57.76 92.20
C ASP V 100 -39.98 57.89 90.98
N TRP V 101 -40.56 56.77 90.55
CA TRP V 101 -41.44 56.80 89.39
C TRP V 101 -42.89 56.67 89.83
N GLU V 102 -43.17 57.09 91.06
CA GLU V 102 -44.54 57.06 91.55
C GLU V 102 -45.53 57.90 90.71
N PRO V 103 -45.11 59.11 90.24
CA PRO V 103 -46.09 59.84 89.42
C PRO V 103 -46.39 59.09 88.13
N VAL V 104 -45.38 58.47 87.51
CA VAL V 104 -45.61 57.66 86.32
C VAL V 104 -46.60 56.54 86.63
N LYS V 105 -46.43 55.89 87.77
CA LYS V 105 -47.32 54.80 88.15
C LYS V 105 -48.73 55.29 88.43
N GLU V 106 -48.86 56.45 89.08
CA GLU V 106 -50.17 57.03 89.32
C GLU V 106 -50.86 57.47 88.04
N ALA V 107 -50.10 58.02 87.09
CA ALA V 107 -50.67 58.40 85.81
C ALA V 107 -51.10 57.18 85.01
N ALA V 108 -50.31 56.11 85.02
CA ALA V 108 -50.68 54.90 84.31
C ALA V 108 -51.90 54.23 84.94
N LYS V 109 -51.97 54.22 86.27
CA LYS V 109 -53.13 53.68 86.95
C LYS V 109 -54.38 54.50 86.66
N LYS V 110 -54.25 55.83 86.61
CA LYS V 110 -55.40 56.68 86.33
C LYS V 110 -55.88 56.54 84.89
N LEU V 111 -54.93 56.45 83.96
CA LEU V 111 -55.29 56.26 82.53
C LEU V 111 -55.99 54.91 82.36
N ALA V 112 -55.43 53.85 82.96
CA ALA V 112 -56.04 52.53 82.89
C ALA V 112 -57.43 52.52 83.49
N PHE V 113 -57.61 53.23 84.61
CA PHE V 113 -58.92 53.31 85.24
C PHE V 113 -59.92 54.04 84.36
N VAL V 114 -59.50 55.11 83.71
CA VAL V 114 -60.39 55.82 82.81
C VAL V 114 -60.80 54.90 81.66
N GLU V 115 -59.82 54.27 81.01
CA GLU V 115 -60.13 53.41 79.87
C GLU V 115 -61.09 52.28 80.25
N ASP V 116 -60.85 51.62 81.39
CA ASP V 116 -61.72 50.53 81.81
C ASP V 116 -63.11 51.02 82.19
N ARG V 117 -63.19 52.17 82.88
CA ARG V 117 -64.50 52.70 83.25
C ARG V 117 -65.24 53.22 82.04
N THR V 118 -64.52 53.64 81.00
CA THR V 118 -65.16 54.05 79.76
C THR V 118 -65.73 52.83 79.02
N ILE V 119 -64.97 51.74 78.97
CA ILE V 119 -65.45 50.52 78.32
C ILE V 119 -66.65 49.94 79.05
N PHE V 120 -66.60 49.88 80.37
CA PHE V 120 -67.65 49.14 81.09
C PHE V 120 -68.78 50.00 81.62
N GLU V 121 -68.56 51.27 81.89
CA GLU V 121 -69.59 52.15 82.41
C GLU V 121 -69.96 53.27 81.48
N GLY V 122 -69.27 53.40 80.36
CA GLY V 122 -69.53 54.46 79.43
C GLY V 122 -69.07 55.85 79.75
N TYR V 123 -69.09 56.70 78.74
CA TYR V 123 -68.68 58.07 78.90
C TYR V 123 -69.66 58.78 78.01
N SER V 124 -70.75 59.25 78.59
CA SER V 124 -71.80 59.88 77.80
C SER V 124 -71.38 61.10 76.98
N ALA V 125 -70.51 61.93 77.52
CA ALA V 125 -70.04 63.12 76.81
C ALA V 125 -69.30 62.74 75.54
N ALA V 126 -68.65 61.58 75.52
CA ALA V 126 -68.00 61.06 74.32
C ALA V 126 -68.90 60.15 73.50
N SER V 127 -70.20 60.11 73.82
CA SER V 127 -71.21 59.27 73.16
C SER V 127 -70.84 57.80 73.19
N ILE V 128 -70.29 57.33 74.31
CA ILE V 128 -69.92 55.94 74.49
C ILE V 128 -70.86 55.35 75.51
N GLU V 129 -71.60 54.32 75.10
CA GLU V 129 -72.44 53.57 76.01
C GLU V 129 -71.62 52.43 76.60
N GLY V 130 -71.70 52.27 77.91
CA GLY V 130 -70.97 51.19 78.54
C GLY V 130 -71.58 49.83 78.27
N ILE V 131 -70.82 48.80 78.62
CA ILE V 131 -71.31 47.44 78.53
C ILE V 131 -72.49 47.22 79.49
N ARG V 132 -72.43 47.84 80.66
CA ARG V 132 -73.52 47.76 81.62
C ARG V 132 -74.81 48.38 81.08
N SER V 133 -74.70 49.53 80.42
CA SER V 133 -75.89 50.17 79.88
C SER V 133 -76.38 49.50 78.60
N ALA V 134 -75.47 48.97 77.78
CA ALA V 134 -75.85 48.35 76.52
C ALA V 134 -76.27 46.89 76.66
N SER V 135 -76.17 46.32 77.85
CA SER V 135 -76.57 44.93 78.04
C SER V 135 -78.09 44.81 78.04
N SER V 136 -78.61 43.84 77.29
CA SER V 136 -80.04 43.56 77.29
C SER V 136 -80.43 42.50 78.29
N ASN V 137 -79.47 41.73 78.81
CA ASN V 137 -79.76 40.75 79.84
C ASN V 137 -80.07 41.44 81.16
N PRO V 138 -80.88 40.83 82.02
CA PRO V 138 -81.23 41.46 83.29
C PRO V 138 -80.04 41.63 84.21
N ALA V 139 -80.08 42.70 85.01
CA ALA V 139 -79.03 42.98 85.97
C ALA V 139 -79.30 42.21 87.26
N LEU V 140 -78.21 41.80 87.90
CA LEU V 140 -78.29 41.00 89.11
C LEU V 140 -77.68 41.76 90.28
N THR V 141 -78.10 41.40 91.48
CA THR V 141 -77.58 42.02 92.70
C THR V 141 -76.60 41.07 93.36
N LEU V 142 -75.40 41.57 93.65
CA LEU V 142 -74.41 40.77 94.35
C LEU V 142 -74.74 40.73 95.83
N PRO V 143 -74.70 39.54 96.44
CA PRO V 143 -75.07 39.40 97.84
C PRO V 143 -73.98 39.91 98.79
N GLU V 144 -74.34 40.13 100.04
CA GLU V 144 -73.36 40.60 101.02
C GLU V 144 -72.36 39.52 101.39
N ASP V 145 -72.84 38.29 101.58
CA ASP V 145 -71.98 37.18 101.96
C ASP V 145 -71.18 36.74 100.74
N PRO V 146 -69.84 36.73 100.81
CA PRO V 146 -69.05 36.23 99.68
C PRO V 146 -69.28 34.75 99.36
N ARG V 147 -69.69 33.94 100.32
CA ARG V 147 -69.99 32.53 100.06
C ARG V 147 -71.21 32.37 99.17
N GLU V 148 -72.06 33.39 99.09
CA GLU V 148 -73.19 33.41 98.16
C GLU V 148 -72.86 34.07 96.84
N ILE V 149 -71.61 34.49 96.61
CA ILE V 149 -71.25 35.05 95.30
C ILE V 149 -71.36 34.01 94.17
N PRO V 150 -70.73 32.83 94.30
CA PRO V 150 -70.78 31.89 93.17
C PRO V 150 -72.21 31.52 92.73
N ASP V 151 -73.18 31.54 93.64
CA ASP V 151 -74.55 31.24 93.29
C ASP V 151 -75.06 32.26 92.28
N VAL V 152 -75.02 33.55 92.64
CA VAL V 152 -75.51 34.60 91.75
C VAL V 152 -74.75 34.62 90.42
N ILE V 153 -73.44 34.47 90.47
CA ILE V 153 -72.65 34.37 89.24
C ILE V 153 -73.19 33.28 88.34
N SER V 154 -73.53 32.12 88.92
CA SER V 154 -74.10 31.00 88.13
C SER V 154 -75.44 31.41 87.50
N GLN V 155 -76.24 32.24 88.17
CA GLN V 155 -77.48 32.75 87.60
C GLN V 155 -77.19 33.62 86.39
N ALA V 156 -76.11 34.40 86.45
CA ALA V 156 -75.66 35.16 85.29
C ALA V 156 -75.26 34.23 84.15
N LEU V 157 -74.61 33.11 84.48
CA LEU V 157 -74.29 32.11 83.47
C LEU V 157 -75.55 31.46 82.91
N SER V 158 -76.65 31.47 83.66
CA SER V 158 -77.91 31.01 83.09
C SER V 158 -78.40 31.96 82.02
N GLU V 159 -78.23 33.28 82.25
CA GLU V 159 -78.84 34.28 81.37
C GLU V 159 -78.19 34.29 80.00
N LEU V 160 -76.85 34.25 79.95
CA LEU V 160 -76.14 34.06 78.68
C LEU V 160 -76.51 32.75 78.01
N ARG V 161 -76.88 31.74 78.79
CA ARG V 161 -77.34 30.50 78.17
C ARG V 161 -78.75 30.68 77.64
N LEU V 162 -79.57 31.47 78.32
CA LEU V 162 -80.91 31.76 77.82
C LEU V 162 -80.89 32.75 76.68
N ALA V 163 -79.80 33.51 76.53
CA ALA V 163 -79.66 34.42 75.42
C ALA V 163 -79.16 33.74 74.15
N GLY V 164 -78.85 32.44 74.22
CA GLY V 164 -78.31 31.74 73.06
C GLY V 164 -76.93 32.25 72.71
N VAL V 165 -75.95 32.01 73.57
CA VAL V 165 -74.60 32.52 73.33
C VAL V 165 -73.56 31.45 73.65
N ASP V 166 -72.57 31.29 72.77
CA ASP V 166 -71.50 30.32 73.02
C ASP V 166 -70.21 31.02 73.42
N GLY V 167 -69.10 30.29 73.41
CA GLY V 167 -67.81 30.90 73.73
C GLY V 167 -67.34 30.81 75.16
N PRO V 168 -66.03 31.04 75.39
CA PRO V 168 -65.49 30.98 76.74
C PRO V 168 -66.07 32.16 77.52
N TYR V 169 -66.75 31.92 78.63
CA TYR V 169 -67.25 33.05 79.40
C TYR V 169 -66.20 33.58 80.40
N SER V 170 -66.15 34.89 80.61
CA SER V 170 -65.14 35.35 81.57
C SER V 170 -65.78 36.25 82.63
N VAL V 171 -65.31 36.17 83.88
CA VAL V 171 -65.89 36.94 84.95
C VAL V 171 -64.89 38.02 85.35
N LEU V 172 -65.36 39.26 85.38
CA LEU V 172 -64.54 40.38 85.79
C LEU V 172 -65.13 40.89 87.09
N LEU V 173 -64.29 41.12 88.08
CA LEU V 173 -64.76 41.52 89.39
C LEU V 173 -64.17 42.87 89.76
N SER V 174 -64.94 43.66 90.49
CA SER V 174 -64.39 44.86 91.09
C SER V 174 -63.39 44.48 92.19
N ALA V 175 -62.56 45.45 92.57
CA ALA V 175 -61.51 45.22 93.55
C ALA V 175 -62.07 44.82 94.91
N ASP V 176 -63.20 45.42 95.30
CA ASP V 176 -63.89 45.01 96.52
C ASP V 176 -64.37 43.58 96.45
N VAL V 177 -64.99 43.20 95.34
CA VAL V 177 -65.53 41.86 95.17
C VAL V 177 -64.39 40.85 95.02
N TYR V 178 -63.33 41.22 94.29
CA TYR V 178 -62.17 40.34 94.14
C TYR V 178 -61.48 40.10 95.48
N THR V 179 -61.36 41.14 96.30
CA THR V 179 -60.79 40.98 97.64
C THR V 179 -61.69 40.11 98.51
N LYS V 180 -63.01 40.30 98.44
CA LYS V 180 -63.94 39.51 99.24
C LYS V 180 -63.92 38.03 98.87
N VAL V 181 -63.87 37.71 97.57
CA VAL V 181 -63.82 36.30 97.19
C VAL V 181 -62.41 35.73 97.26
N SER V 182 -61.40 36.59 97.42
CA SER V 182 -60.04 36.12 97.61
C SER V 182 -59.75 35.76 99.06
N GLU V 183 -60.27 36.56 100.00
CA GLU V 183 -59.90 36.42 101.40
C GLU V 183 -60.82 35.48 102.16
N THR V 184 -61.99 35.18 101.64
CA THR V 184 -62.88 34.21 102.25
C THR V 184 -62.57 32.84 101.65
N SER V 185 -62.49 31.83 102.50
CA SER V 185 -62.12 30.50 102.05
C SER V 185 -63.15 29.47 102.48
N ASP V 186 -63.29 28.43 101.67
CA ASP V 186 -64.17 27.31 101.98
C ASP V 186 -63.51 26.04 101.51
N HIS V 187 -63.28 25.12 102.46
CA HIS V 187 -62.72 23.78 102.22
C HIS V 187 -61.35 23.85 101.52
N GLY V 188 -60.49 24.71 102.03
CA GLY V 188 -59.12 24.79 101.55
C GLY V 188 -58.92 25.57 100.28
N TYR V 189 -59.95 26.20 99.75
CA TYR V 189 -59.81 27.07 98.60
C TYR V 189 -60.54 28.37 98.86
N PRO V 190 -60.03 29.49 98.35
CA PRO V 190 -60.81 30.72 98.37
C PRO V 190 -61.96 30.63 97.38
N ILE V 191 -62.92 31.54 97.55
CA ILE V 191 -64.13 31.56 96.71
C ILE V 191 -63.77 31.90 95.26
N ARG V 192 -62.63 32.56 95.04
CA ARG V 192 -62.15 32.83 93.69
C ARG V 192 -61.92 31.54 92.91
N GLU V 193 -61.43 30.49 93.58
CA GLU V 193 -61.29 29.19 92.93
C GLU V 193 -62.65 28.59 92.60
N HIS V 194 -63.63 28.76 93.48
CA HIS V 194 -65.00 28.32 93.20
C HIS V 194 -65.58 29.02 91.98
N LEU V 195 -65.27 30.31 91.81
CA LEU V 195 -65.65 31.01 90.59
C LEU V 195 -64.90 30.47 89.38
N ASN V 196 -63.63 30.10 89.56
CA ASN V 196 -62.83 29.55 88.48
C ASN V 196 -63.38 28.21 87.99
N ARG V 197 -64.00 27.44 88.86
CA ARG V 197 -64.58 26.17 88.42
C ARG V 197 -65.82 26.34 87.55
N LEU V 198 -66.57 27.44 87.71
CA LEU V 198 -67.82 27.68 86.95
C LEU V 198 -67.57 28.04 85.48
N VAL V 199 -66.42 28.63 85.15
CA VAL V 199 -66.22 29.13 83.75
C VAL V 199 -65.00 28.52 83.10
N ASP V 200 -64.95 28.57 81.77
CA ASP V 200 -63.79 28.06 81.00
C ASP V 200 -62.95 29.25 80.59
N GLY V 201 -63.31 30.44 81.07
CA GLY V 201 -62.53 31.65 80.78
C GLY V 201 -61.62 31.99 81.92
N ASP V 202 -61.69 33.20 82.46
CA ASP V 202 -60.73 33.59 83.51
C ASP V 202 -61.37 34.48 84.56
N ILE V 203 -61.00 34.32 85.83
CA ILE V 203 -61.46 35.31 86.83
C ILE V 203 -60.47 36.46 86.67
N ILE V 204 -60.96 37.64 86.35
CA ILE V 204 -60.12 38.77 85.99
C ILE V 204 -60.30 39.87 87.02
N TRP V 205 -59.20 40.31 87.60
CA TRP V 205 -59.22 41.44 88.51
C TRP V 205 -59.44 42.72 87.72
N ALA V 206 -60.49 43.46 88.07
CA ALA V 206 -60.87 44.69 87.36
C ALA V 206 -61.09 45.79 88.38
N PRO V 207 -60.01 46.43 88.84
CA PRO V 207 -60.13 47.41 89.94
C PRO V 207 -60.86 48.70 89.59
N ALA V 208 -61.08 49.00 88.32
CA ALA V 208 -61.74 50.25 87.99
C ALA V 208 -63.26 50.14 88.01
N ILE V 209 -63.81 48.97 87.70
CA ILE V 209 -65.25 48.79 87.55
C ILE V 209 -65.95 48.76 88.89
N ASP V 210 -67.27 48.88 88.86
CA ASP V 210 -68.14 48.57 89.98
C ASP V 210 -68.82 47.24 89.73
N GLY V 211 -69.17 46.57 90.83
CA GLY V 211 -69.86 45.29 90.73
C GLY V 211 -69.11 44.20 90.03
N ALA V 212 -69.77 43.54 89.09
CA ALA V 212 -69.13 42.44 88.38
C ALA V 212 -69.70 42.35 86.97
N PHE V 213 -68.97 41.67 86.11
CA PHE V 213 -69.44 41.51 84.73
C PHE V 213 -69.13 40.08 84.29
N VAL V 214 -70.12 39.40 83.72
CA VAL V 214 -69.85 38.05 83.16
C VAL V 214 -70.10 38.20 81.67
N LEU V 215 -69.20 37.67 80.85
CA LEU V 215 -69.40 37.90 79.41
C LEU V 215 -68.63 36.89 78.58
N THR V 216 -69.02 36.73 77.33
CA THR V 216 -68.38 35.81 76.41
C THR V 216 -67.19 36.48 75.71
N THR V 217 -66.16 35.68 75.45
CA THR V 217 -64.99 36.19 74.74
C THR V 217 -64.84 35.46 73.42
N ARG V 218 -65.97 35.12 72.80
CA ARG V 218 -65.94 34.43 71.52
C ARG V 218 -65.42 35.31 70.39
N GLY V 219 -65.51 36.63 70.55
CA GLY V 219 -65.03 37.51 69.52
C GLY V 219 -66.16 38.21 68.80
N GLY V 220 -65.88 39.39 68.27
CA GLY V 220 -66.82 40.11 67.45
C GLY V 220 -67.97 40.77 68.18
N ASP V 221 -67.96 40.80 69.51
CA ASP V 221 -69.10 41.38 70.23
C ASP V 221 -68.75 42.75 70.80
N PHE V 222 -67.51 42.95 71.21
CA PHE V 222 -67.07 44.15 71.89
C PHE V 222 -65.82 44.64 71.17
N ASP V 223 -65.78 45.91 70.79
CA ASP V 223 -64.73 46.41 69.92
C ASP V 223 -64.19 47.71 70.48
N LEU V 224 -62.92 47.72 70.83
CA LEU V 224 -62.24 48.94 71.24
C LEU V 224 -61.46 49.47 70.04
N GLN V 225 -61.78 50.69 69.61
CA GLN V 225 -61.10 51.29 68.48
C GLN V 225 -60.08 52.30 68.95
N LEU V 226 -58.85 52.09 68.55
CA LEU V 226 -57.78 52.98 68.90
C LEU V 226 -57.31 53.80 67.75
N GLY V 227 -57.22 55.11 67.92
CA GLY V 227 -56.59 55.90 66.87
C GLY V 227 -55.11 55.76 67.15
N THR V 228 -54.71 56.12 68.37
CA THR V 228 -53.30 55.94 68.79
C THR V 228 -53.28 55.28 70.17
N ASP V 229 -52.38 54.32 70.36
CA ASP V 229 -52.24 53.63 71.66
C ASP V 229 -51.58 54.57 72.68
N VAL V 230 -51.34 54.07 73.90
CA VAL V 230 -50.75 54.90 74.99
C VAL V 230 -49.36 55.41 74.61
N ALA V 231 -49.16 56.72 74.75
CA ALA V 231 -47.88 57.34 74.43
C ALA V 231 -47.53 58.34 75.52
N ILE V 232 -46.25 58.61 75.69
CA ILE V 232 -45.79 59.58 76.68
C ILE V 232 -45.31 60.83 75.95
N GLY V 233 -45.84 61.98 76.33
CA GLY V 233 -45.50 63.24 75.69
C GLY V 233 -44.99 64.27 76.68
N TYR V 234 -44.31 65.27 76.14
CA TYR V 234 -43.65 66.29 76.94
C TYR V 234 -44.43 67.60 76.88
N ALA V 235 -44.73 68.18 78.04
CA ALA V 235 -45.51 69.44 78.08
C ALA V 235 -44.57 70.62 78.30
N SER V 236 -43.94 70.70 79.49
CA SER V 236 -43.05 71.80 79.83
C SER V 236 -42.12 71.40 80.96
N HIS V 237 -41.12 72.23 81.27
CA HIS V 237 -40.12 71.89 82.31
C HIS V 237 -39.60 73.14 83.03
N ASP V 238 -39.10 72.98 84.25
CA ASP V 238 -38.47 74.10 84.98
C ASP V 238 -37.14 73.55 85.52
N THR V 239 -36.51 74.24 86.47
CA THR V 239 -35.21 73.80 87.01
C THR V 239 -35.40 72.52 87.82
N ASP V 240 -36.57 72.35 88.44
CA ASP V 240 -36.74 71.22 89.34
C ASP V 240 -37.51 70.05 88.75
N THR V 241 -38.46 70.30 87.85
CA THR V 241 -39.42 69.27 87.46
C THR V 241 -39.63 69.26 85.95
N VAL V 242 -40.09 68.12 85.46
CA VAL V 242 -40.53 67.96 84.08
C VAL V 242 -41.99 67.55 84.10
N ARG V 243 -42.84 68.33 83.42
CA ARG V 243 -44.23 67.96 83.24
C ARG V 243 -44.37 67.14 81.95
N LEU V 244 -44.91 65.94 82.10
CA LEU V 244 -45.16 65.09 80.94
C LEU V 244 -46.62 64.65 81.00
N TYR V 245 -47.04 63.80 80.07
CA TYR V 245 -48.40 63.28 80.09
C TYR V 245 -48.42 61.89 79.46
N LEU V 246 -49.44 61.14 79.84
CA LEU V 246 -49.81 59.90 79.17
C LEU V 246 -51.03 60.21 78.30
N GLN V 247 -51.07 59.64 77.11
CA GLN V 247 -52.13 60.05 76.20
C GLN V 247 -52.54 58.87 75.32
N GLU V 248 -53.84 58.73 75.15
CA GLU V 248 -54.37 57.72 74.23
C GLU V 248 -55.70 58.20 73.68
N THR V 249 -56.00 57.83 72.43
CA THR V 249 -57.25 58.23 71.82
C THR V 249 -58.02 57.01 71.33
N LEU V 250 -59.31 56.95 71.67
CA LEU V 250 -60.08 55.71 71.49
C LEU V 250 -61.57 56.02 71.45
N THR V 251 -62.32 55.00 71.01
CA THR V 251 -63.75 54.90 71.26
C THR V 251 -64.05 53.43 71.52
N PHE V 252 -65.23 53.17 72.07
CA PHE V 252 -65.65 51.79 72.32
C PHE V 252 -67.03 51.54 71.74
N LEU V 253 -67.19 50.39 71.11
CA LEU V 253 -68.43 49.98 70.48
C LEU V 253 -68.85 48.62 71.05
N CYS V 254 -70.12 48.48 71.36
CA CYS V 254 -70.70 47.20 71.72
C CYS V 254 -71.69 46.81 70.62
N TYR V 255 -71.36 45.75 69.88
CA TYR V 255 -72.21 45.30 68.78
C TYR V 255 -73.30 44.36 69.23
N THR V 256 -73.09 43.62 70.30
CA THR V 256 -73.96 42.51 70.70
C THR V 256 -74.50 42.81 72.09
N ALA V 257 -75.79 43.11 72.18
CA ALA V 257 -76.37 43.56 73.44
C ALA V 257 -76.53 42.43 74.45
N GLU V 258 -76.68 41.19 73.99
CA GLU V 258 -77.01 40.09 74.88
C GLU V 258 -75.79 39.27 75.29
N ALA V 259 -74.59 39.77 75.03
CA ALA V 259 -73.37 39.02 75.30
C ALA V 259 -72.80 39.29 76.69
N SER V 260 -73.54 39.92 77.59
CA SER V 260 -72.98 40.26 78.89
C SER V 260 -74.07 40.39 79.95
N VAL V 261 -73.69 40.16 81.21
CA VAL V 261 -74.51 40.40 82.38
C VAL V 261 -73.72 41.29 83.33
N ALA V 262 -74.35 42.37 83.78
CA ALA V 262 -73.79 43.30 84.77
C ALA V 262 -74.37 43.00 86.14
N LEU V 263 -73.52 43.14 87.15
CA LEU V 263 -73.93 42.91 88.51
C LEU V 263 -73.59 44.13 89.34
N SER V 264 -74.41 44.44 90.34
CA SER V 264 -74.19 45.61 91.17
C SER V 264 -74.42 45.23 92.63
N HIS V 265 -74.09 46.15 93.52
CA HIS V 265 -74.26 45.93 94.94
C HIS V 265 -75.61 46.44 95.44
N MET W 1 55.55 63.35 25.40
CA MET W 1 55.65 63.85 26.75
C MET W 1 55.02 65.21 26.92
N ASN W 2 55.00 65.73 28.15
CA ASN W 2 54.40 67.04 28.43
C ASN W 2 55.42 68.03 29.03
N ASN W 3 54.92 69.09 29.66
CA ASN W 3 55.83 70.08 30.26
C ASN W 3 56.51 69.59 31.54
N LEU W 4 55.95 68.60 32.24
CA LEU W 4 56.63 68.00 33.39
C LEU W 4 57.93 67.30 33.01
N TYR W 5 58.06 66.83 31.76
CA TYR W 5 59.26 66.10 31.32
C TYR W 5 59.63 65.02 32.32
N ARG W 6 58.62 64.26 32.73
CA ARG W 6 58.76 63.35 33.87
C ARG W 6 59.64 62.16 33.53
N ASP W 7 59.56 61.67 32.29
CA ASP W 7 60.36 60.52 31.88
C ASP W 7 61.85 60.85 31.74
N LEU W 8 62.20 62.13 31.68
CA LEU W 8 63.60 62.51 31.63
C LEU W 8 64.27 62.48 33.01
N ALA W 9 63.48 62.46 34.07
CA ALA W 9 64.05 62.48 35.42
C ALA W 9 64.65 61.12 35.76
N PRO W 10 65.83 61.09 36.36
CA PRO W 10 66.39 59.80 36.83
C PRO W 10 65.78 59.34 38.15
N VAL W 11 64.50 59.02 38.09
CA VAL W 11 63.70 58.62 39.24
C VAL W 11 63.01 57.32 38.86
N THR W 12 63.13 56.31 39.70
CA THR W 12 62.51 55.04 39.40
C THR W 12 61.00 55.11 39.68
N GLU W 13 60.30 54.07 39.22
CA GLU W 13 58.85 54.03 39.35
C GLU W 13 58.41 53.94 40.82
N ALA W 14 59.11 53.13 41.61
CA ALA W 14 58.79 53.00 43.03
C ALA W 14 59.08 54.29 43.78
N ALA W 15 60.22 54.93 43.45
CA ALA W 15 60.55 56.22 44.02
C ALA W 15 59.53 57.27 43.63
N TRP W 16 59.03 57.23 42.38
CA TRP W 16 58.00 58.15 41.94
C TRP W 16 56.73 57.97 42.73
N ALA W 17 56.32 56.72 42.98
CA ALA W 17 55.13 56.45 43.76
C ALA W 17 55.26 56.96 45.19
N GLU W 18 56.43 56.77 45.80
CA GLU W 18 56.65 57.30 47.14
C GLU W 18 56.64 58.83 47.18
N ILE W 19 57.21 59.48 46.17
CA ILE W 19 57.23 60.95 46.11
C ILE W 19 55.82 61.50 45.92
N GLU W 20 55.03 60.87 45.03
CA GLU W 20 53.65 61.30 44.80
C GLU W 20 52.81 61.14 46.07
N LEU W 21 52.97 60.01 46.77
CA LEU W 21 52.24 59.76 48.01
C LEU W 21 52.60 60.79 49.08
N GLU W 22 53.89 61.06 49.25
CA GLU W 22 54.35 62.01 50.25
C GLU W 22 53.85 63.43 49.97
N ALA W 23 53.93 63.86 48.71
CA ALA W 23 53.49 65.20 48.34
C ALA W 23 51.98 65.36 48.48
N ALA W 24 51.20 64.36 48.03
CA ALA W 24 49.76 64.44 48.14
C ALA W 24 49.31 64.43 49.60
N ARG W 25 49.92 63.59 50.42
CA ARG W 25 49.57 63.53 51.83
C ARG W 25 49.87 64.84 52.54
N THR W 26 51.08 65.36 52.39
CA THR W 26 51.47 66.58 53.11
C THR W 26 50.64 67.77 52.65
N PHE W 27 50.31 67.84 51.36
CA PHE W 27 49.47 68.90 50.82
C PHE W 27 48.05 68.91 51.41
N LYS W 28 47.35 67.78 51.36
CA LYS W 28 46.00 67.71 51.92
C LYS W 28 45.95 68.13 53.38
N ARG W 29 46.90 67.64 54.18
CA ARG W 29 46.94 67.97 55.59
C ARG W 29 47.05 69.46 55.81
N HIS W 30 47.75 70.14 54.94
CA HIS W 30 47.97 71.59 55.16
C HIS W 30 46.98 72.43 54.36
N ILE W 31 46.07 71.81 53.61
CA ILE W 31 45.08 72.67 52.96
C ILE W 31 43.85 72.82 53.83
N ALA W 32 43.47 74.07 54.10
CA ALA W 32 42.19 74.37 54.74
C ALA W 32 41.22 75.00 53.75
N GLY W 33 41.75 75.66 52.72
CA GLY W 33 40.91 76.46 51.83
C GLY W 33 39.97 75.64 50.96
N ARG W 34 40.43 74.48 50.48
CA ARG W 34 39.61 73.66 49.60
C ARG W 34 38.47 72.98 50.33
N ARG W 35 38.55 72.89 51.66
CA ARG W 35 37.47 72.30 52.43
C ARG W 35 36.25 73.20 52.52
N VAL W 36 36.41 74.50 52.30
CA VAL W 36 35.31 75.44 52.46
C VAL W 36 34.88 76.12 51.18
N VAL W 37 35.73 76.21 50.16
CA VAL W 37 35.38 76.94 48.96
C VAL W 37 34.96 75.94 47.89
N ASP W 38 34.26 76.43 46.88
CA ASP W 38 33.95 75.61 45.72
C ASP W 38 35.19 75.49 44.86
N VAL W 39 35.53 74.27 44.49
CA VAL W 39 36.72 73.98 43.70
C VAL W 39 36.26 73.46 42.35
N SER W 40 36.67 74.14 41.30
CA SER W 40 36.25 73.79 39.96
C SER W 40 37.02 72.57 39.46
N ASP W 41 36.54 71.99 38.38
CA ASP W 41 37.35 71.02 37.65
C ASP W 41 38.54 71.73 37.01
N PRO W 42 39.65 71.03 36.80
CA PRO W 42 40.78 71.62 36.06
C PRO W 42 40.41 71.99 34.64
N GLY W 43 40.62 73.25 34.28
CA GLY W 43 40.35 73.72 32.94
C GLY W 43 41.27 73.10 31.91
N GLY W 44 42.53 72.92 32.28
CA GLY W 44 43.48 72.39 31.35
C GLY W 44 44.62 73.37 31.16
N PRO W 45 45.67 72.94 30.44
CA PRO W 45 46.84 73.81 30.28
C PRO W 45 46.57 75.07 29.46
N VAL W 46 45.59 75.05 28.56
CA VAL W 46 45.39 76.18 27.67
C VAL W 46 44.60 77.28 28.37
N THR W 47 43.95 76.96 29.48
CA THR W 47 43.10 77.91 30.18
C THR W 47 43.95 79.01 30.81
N ALA W 48 43.60 80.26 30.53
CA ALA W 48 44.47 81.36 30.93
C ALA W 48 43.74 82.40 31.77
N ALA W 49 42.43 82.50 31.62
CA ALA W 49 41.68 83.54 32.31
C ALA W 49 40.26 83.06 32.57
N VAL W 50 39.64 83.67 33.57
CA VAL W 50 38.26 83.39 33.91
C VAL W 50 37.44 84.64 33.63
N SER W 51 36.38 84.49 32.85
CA SER W 51 35.49 85.60 32.56
C SER W 51 34.70 85.99 33.80
N THR W 52 34.67 87.30 34.08
CA THR W 52 33.83 87.82 35.16
C THR W 52 32.47 88.26 34.68
N GLY W 53 32.33 88.45 33.36
CA GLY W 53 31.03 88.85 32.78
C GLY W 53 30.82 90.35 32.86
N ARG W 54 31.81 91.12 33.32
CA ARG W 54 31.66 92.59 33.36
C ARG W 54 32.22 93.24 32.09
N LEU W 55 32.05 94.55 31.93
CA LEU W 55 32.47 95.27 30.70
C LEU W 55 33.28 96.53 31.08
N ILE W 56 34.29 96.87 30.29
CA ILE W 56 35.13 98.03 30.58
C ILE W 56 35.06 99.04 29.44
N ASP W 57 34.61 100.26 29.75
CA ASP W 57 34.51 101.31 28.72
C ASP W 57 35.84 101.67 28.11
N VAL W 58 35.95 101.59 26.79
CA VAL W 58 37.18 102.01 26.11
C VAL W 58 36.93 103.14 25.12
N LYS W 59 37.97 103.91 24.82
CA LYS W 59 37.84 105.04 23.90
C LYS W 59 37.26 104.61 22.55
N ALA W 60 36.09 105.11 22.21
CA ALA W 60 35.42 104.75 20.94
C ALA W 60 36.36 104.67 19.74
N PRO W 61 36.34 103.53 19.03
CA PRO W 61 37.19 103.37 17.85
C PRO W 61 36.87 104.44 16.83
N THR W 62 35.60 104.56 16.45
CA THR W 62 35.18 105.60 15.52
C THR W 62 33.88 106.26 15.98
N ASN W 63 33.37 107.18 15.18
CA ASN W 63 32.11 107.85 15.51
C ASN W 63 30.95 106.88 15.44
N GLY W 64 30.09 106.91 16.46
CA GLY W 64 28.93 106.03 16.47
C GLY W 64 29.23 104.60 16.85
N VAL W 65 30.45 104.31 17.26
CA VAL W 65 30.80 102.97 17.68
C VAL W 65 30.98 102.96 19.18
N ILE W 66 30.38 102.00 19.85
CA ILE W 66 30.50 101.91 21.28
C ILE W 66 31.26 100.65 21.56
N ALA W 67 32.39 100.78 22.22
CA ALA W 67 33.24 99.63 22.48
C ALA W 67 33.41 99.31 23.92
N HIS W 68 33.46 98.04 24.24
CA HIS W 68 33.68 97.64 25.60
C HIS W 68 34.59 96.43 25.66
N LEU W 69 35.55 96.48 26.55
CA LEU W 69 36.42 95.33 26.78
C LEU W 69 35.78 94.36 27.75
N ARG W 70 35.89 93.07 27.44
CA ARG W 70 35.46 92.06 28.40
C ARG W 70 36.45 91.96 29.54
N ALA W 71 35.96 91.99 30.78
CA ALA W 71 36.80 91.85 31.95
C ALA W 71 37.06 90.38 32.23
N SER W 72 38.24 90.09 32.79
CA SER W 72 38.60 88.74 33.14
C SER W 72 39.62 88.76 34.26
N LYS W 73 39.87 87.58 34.83
CA LYS W 73 40.86 87.38 35.88
C LYS W 73 41.92 86.43 35.36
N PRO W 74 43.20 86.80 35.41
CA PRO W 74 44.25 85.88 34.95
C PRO W 74 44.55 84.80 35.97
N LEU W 75 44.85 83.60 35.47
CA LEU W 75 45.42 82.57 36.32
C LEU W 75 46.88 82.91 36.65
N VAL W 76 47.33 82.40 37.79
CA VAL W 76 48.73 82.49 38.17
C VAL W 76 49.25 81.06 38.31
N ARG W 77 50.43 80.81 37.76
CA ARG W 77 51.10 79.53 37.94
C ARG W 77 52.12 79.67 39.06
N LEU W 78 52.00 78.80 40.04
CA LEU W 78 52.80 78.81 41.25
C LEU W 78 53.69 77.58 41.24
N ARG W 79 54.99 77.79 41.33
CA ARG W 79 55.98 76.73 41.23
C ARG W 79 56.90 76.79 42.44
N VAL W 80 57.06 75.66 43.10
CA VAL W 80 57.96 75.50 44.24
C VAL W 80 59.00 74.45 43.88
N PRO W 81 60.22 74.86 43.55
CA PRO W 81 61.28 73.88 43.28
C PRO W 81 61.77 73.23 44.57
N PHE W 82 62.26 72.00 44.43
CA PHE W 82 62.86 71.29 45.54
C PHE W 82 63.90 70.32 44.99
N THR W 83 64.77 69.86 45.88
CA THR W 83 65.97 69.11 45.50
C THR W 83 66.03 67.80 46.26
N LEU W 84 66.17 66.70 45.55
CA LEU W 84 66.22 65.37 46.15
C LEU W 84 67.60 64.75 45.98
N SER W 85 68.05 64.08 47.03
CA SER W 85 69.26 63.26 46.94
C SER W 85 69.00 62.04 46.07
N ARG W 86 69.94 61.76 45.16
CA ARG W 86 69.79 60.59 44.29
C ARG W 86 70.07 59.29 45.03
N ASN W 87 70.84 59.34 46.11
CA ASN W 87 71.04 58.17 46.96
C ASN W 87 69.74 57.73 47.62
N GLU W 88 68.95 58.70 48.12
CA GLU W 88 67.66 58.39 48.70
C GLU W 88 66.70 57.81 47.66
N ILE W 89 66.78 58.29 46.42
CA ILE W 89 65.97 57.75 45.33
C ILE W 89 66.38 56.32 45.03
N ASP W 90 67.69 56.06 44.97
CA ASP W 90 68.20 54.71 44.69
C ASP W 90 67.90 53.74 45.82
N ASP W 91 67.75 54.23 47.06
CA ASP W 91 67.44 53.38 48.20
C ASP W 91 66.08 52.70 48.08
N VAL W 92 65.15 53.30 47.34
CA VAL W 92 63.76 52.84 47.34
C VAL W 92 63.64 51.48 46.65
N GLU W 93 64.36 51.27 45.55
CA GLU W 93 64.26 49.98 44.85
C GLU W 93 64.91 48.87 45.68
N ARG W 94 65.96 49.21 46.43
CA ARG W 94 66.57 48.22 47.31
C ARG W 94 65.69 47.86 48.51
N GLY W 95 64.59 48.56 48.73
CA GLY W 95 63.66 48.24 49.78
C GLY W 95 63.68 49.13 50.99
N SER W 96 64.38 50.27 50.94
CA SER W 96 64.33 51.22 52.03
C SER W 96 62.94 51.84 52.14
N LYS W 97 62.53 52.09 53.38
CA LYS W 97 61.23 52.70 53.66
C LYS W 97 61.38 53.96 54.50
N ASP W 98 62.61 54.46 54.65
CA ASP W 98 62.84 55.69 55.39
C ASP W 98 63.61 56.71 54.55
N SER W 99 63.42 56.68 53.24
CA SER W 99 64.09 57.61 52.35
C SER W 99 63.69 59.04 52.67
N ASP W 100 64.67 59.94 52.61
CA ASP W 100 64.48 61.31 53.05
C ASP W 100 63.62 62.11 52.08
N TRP W 101 62.33 62.22 52.39
CA TRP W 101 61.44 62.99 51.53
C TRP W 101 61.10 64.31 52.18
N GLU W 102 61.99 64.80 53.04
CA GLU W 102 61.78 66.10 53.67
C GLU W 102 61.65 67.27 52.66
N PRO W 103 62.47 67.29 51.59
CA PRO W 103 62.27 68.41 50.65
C PRO W 103 60.90 68.33 50.00
N VAL W 104 60.42 67.13 49.65
CA VAL W 104 59.08 67.00 49.11
C VAL W 104 58.05 67.53 50.09
N LYS W 105 58.21 67.21 51.38
CA LYS W 105 57.27 67.68 52.39
C LYS W 105 57.34 69.19 52.57
N GLU W 106 58.55 69.75 52.52
CA GLU W 106 58.68 71.20 52.63
C GLU W 106 58.11 71.92 51.42
N ALA W 107 58.28 71.35 50.23
CA ALA W 107 57.70 71.94 49.03
C ALA W 107 56.18 71.87 49.06
N ALA W 108 55.62 70.74 49.51
CA ALA W 108 54.17 70.62 49.60
C ALA W 108 53.60 71.55 50.65
N LYS W 109 54.28 71.69 51.78
CA LYS W 109 53.84 72.63 52.81
C LYS W 109 53.91 74.07 52.32
N LYS W 110 54.95 74.41 51.56
CA LYS W 110 55.08 75.77 51.06
C LYS W 110 54.04 76.08 49.98
N LEU W 111 53.78 75.11 49.11
CA LEU W 111 52.74 75.30 48.05
C LEU W 111 51.38 75.45 48.72
N ALA W 112 51.07 74.58 49.70
CA ALA W 112 49.80 74.67 50.41
C ALA W 112 49.66 76.01 51.14
N PHE W 113 50.75 76.50 51.73
CA PHE W 113 50.72 77.79 52.41
C PHE W 113 50.47 78.93 51.44
N VAL W 114 51.10 78.88 50.26
CA VAL W 114 50.85 79.91 49.27
C VAL W 114 49.40 79.88 48.84
N GLU W 115 48.88 78.71 48.49
CA GLU W 115 47.50 78.62 48.02
C GLU W 115 46.51 79.14 49.07
N ASP W 116 46.70 78.75 50.33
CA ASP W 116 45.78 79.19 51.38
C ASP W 116 45.92 80.69 51.65
N ARG W 117 47.15 81.22 51.64
CA ARG W 117 47.32 82.65 51.86
C ARG W 117 46.82 83.46 50.68
N THR W 118 46.84 82.87 49.48
CA THR W 118 46.26 83.54 48.32
C THR W 118 44.75 83.59 48.42
N ILE W 119 44.12 82.49 48.83
CA ILE W 119 42.66 82.46 48.98
C ILE W 119 42.21 83.42 50.09
N PHE W 120 42.89 83.43 51.22
CA PHE W 120 42.35 84.18 52.36
C PHE W 120 42.93 85.58 52.52
N GLU W 121 44.14 85.84 52.05
CA GLU W 121 44.75 87.16 52.19
C GLU W 121 45.01 87.85 50.86
N GLY W 122 44.73 87.16 49.77
CA GLY W 122 44.96 87.74 48.48
C GLY W 122 46.36 87.82 47.94
N TYR W 123 46.48 88.08 46.66
CA TYR W 123 47.76 88.21 46.01
C TYR W 123 47.51 89.31 45.04
N SER W 124 47.82 90.53 45.43
CA SER W 124 47.54 91.70 44.61
C SER W 124 48.19 91.68 43.21
N ALA W 125 49.40 91.20 43.10
CA ALA W 125 50.09 91.14 41.82
C ALA W 125 49.36 90.23 40.84
N ALA W 126 48.66 89.22 41.34
CA ALA W 126 47.85 88.36 40.51
C ALA W 126 46.40 88.82 40.43
N SER W 127 46.10 90.03 40.90
CA SER W 127 44.76 90.64 40.93
C SER W 127 43.75 89.78 41.66
N ILE W 128 44.19 89.16 42.77
CA ILE W 128 43.33 88.34 43.60
C ILE W 128 43.10 89.07 44.90
N GLU W 129 41.85 89.35 45.20
CA GLU W 129 41.47 89.93 46.48
C GLU W 129 41.17 88.80 47.45
N GLY W 130 41.72 88.88 48.65
CA GLY W 130 41.48 87.86 49.64
C GLY W 130 40.08 87.92 50.20
N ILE W 131 39.71 86.87 50.92
CA ILE W 131 38.44 86.84 51.64
C ILE W 131 38.40 87.91 52.71
N ARG W 132 39.54 88.15 53.37
CA ARG W 132 39.63 89.21 54.38
C ARG W 132 39.39 90.59 53.79
N SER W 133 39.96 90.87 52.63
CA SER W 133 39.77 92.16 52.00
C SER W 133 38.40 92.30 51.35
N ALA W 134 37.86 91.22 50.81
CA ALA W 134 36.57 91.28 50.13
C ALA W 134 35.38 91.15 51.06
N SER W 135 35.60 90.93 52.35
CA SER W 135 34.49 90.81 53.28
C SER W 135 33.90 92.19 53.58
N SER W 136 32.58 92.29 53.52
CA SER W 136 31.89 93.52 53.88
C SER W 136 31.47 93.56 55.34
N ASN W 137 31.47 92.43 56.02
CA ASN W 137 31.16 92.40 57.45
C ASN W 137 32.31 93.02 58.25
N PRO W 138 32.02 93.61 59.41
CA PRO W 138 33.10 94.25 60.19
C PRO W 138 34.12 93.24 60.71
N ALA W 139 35.36 93.71 60.82
CA ALA W 139 36.43 92.90 61.34
C ALA W 139 36.45 92.94 62.86
N LEU W 140 36.83 91.82 63.45
CA LEU W 140 36.84 91.68 64.90
C LEU W 140 38.26 91.46 65.40
N THR W 141 38.49 91.78 66.66
CA THR W 141 39.79 91.60 67.29
C THR W 141 39.74 90.38 68.19
N LEU W 142 40.67 89.46 68.00
CA LEU W 142 40.77 88.29 68.86
C LEU W 142 41.41 88.69 70.17
N PRO W 143 40.83 88.26 71.30
CA PRO W 143 41.37 88.63 72.61
C PRO W 143 42.62 87.86 72.97
N GLU W 144 43.35 88.34 73.97
CA GLU W 144 44.57 87.66 74.40
C GLU W 144 44.26 86.37 75.14
N ASP W 145 43.26 86.38 76.01
CA ASP W 145 42.89 85.21 76.77
C ASP W 145 42.16 84.23 75.87
N PRO W 146 42.62 82.98 75.73
CA PRO W 146 41.88 82.00 74.93
C PRO W 146 40.50 81.66 75.46
N ARG W 147 40.25 81.82 76.76
CA ARG W 147 38.92 81.58 77.32
C ARG W 147 37.91 82.61 76.82
N GLU W 148 38.37 83.76 76.34
CA GLU W 148 37.52 84.76 75.73
C GLU W 148 37.42 84.60 74.21
N ILE W 149 38.04 83.59 73.63
CA ILE W 149 37.89 83.37 72.19
C ILE W 149 36.43 83.03 71.79
N PRO W 150 35.80 82.02 72.42
CA PRO W 150 34.45 81.68 71.97
C PRO W 150 33.46 82.85 72.00
N ASP W 151 33.65 83.81 72.90
CA ASP W 151 32.76 84.97 72.95
C ASP W 151 32.84 85.75 71.65
N VAL W 152 34.04 86.19 71.28
CA VAL W 152 34.22 86.97 70.05
C VAL W 152 33.77 86.20 68.81
N ILE W 153 34.12 84.90 68.74
CA ILE W 153 33.64 84.07 67.64
C ILE W 153 32.13 84.11 67.53
N SER W 154 31.43 84.07 68.67
CA SER W 154 29.95 84.17 68.68
C SER W 154 29.48 85.51 68.14
N GLN W 155 30.22 86.59 68.39
CA GLN W 155 29.89 87.89 67.81
C GLN W 155 30.02 87.86 66.31
N ALA W 156 31.01 87.14 65.79
CA ALA W 156 31.13 86.92 64.35
C ALA W 156 29.93 86.15 63.82
N LEU W 157 29.45 85.17 64.59
CA LEU W 157 28.24 84.44 64.21
C LEU W 157 27.01 85.35 64.26
N SER W 158 27.06 86.43 65.05
CA SER W 158 25.98 87.40 64.99
C SER W 158 25.99 88.13 63.66
N GLU W 159 27.18 88.45 63.15
CA GLU W 159 27.28 89.33 61.98
C GLU W 159 26.77 88.65 60.72
N LEU W 160 27.15 87.38 60.51
CA LEU W 160 26.56 86.58 59.44
C LEU W 160 25.06 86.40 59.60
N ARG W 161 24.58 86.43 60.84
CA ARG W 161 23.13 86.39 61.03
C ARG W 161 22.52 87.74 60.70
N LEU W 162 23.22 88.83 60.99
CA LEU W 162 22.73 90.15 60.61
C LEU W 162 22.91 90.42 59.12
N ALA W 163 23.76 89.67 58.45
CA ALA W 163 23.92 89.79 57.01
C ALA W 163 22.88 89.01 56.23
N GLY W 164 22.00 88.27 56.92
CA GLY W 164 21.01 87.43 56.24
C GLY W 164 21.67 86.31 55.47
N VAL W 165 22.29 85.36 56.18
CA VAL W 165 23.00 84.27 55.52
C VAL W 165 22.69 82.94 56.19
N ASP W 166 22.42 81.90 55.40
CA ASP W 166 22.15 80.58 55.94
C ASP W 166 23.34 79.65 55.73
N GLY W 167 23.14 78.35 55.96
CA GLY W 167 24.21 77.39 55.71
C GLY W 167 25.06 77.00 56.90
N PRO W 168 25.80 75.88 56.78
CA PRO W 168 26.66 75.43 57.86
C PRO W 168 27.80 76.44 57.99
N TYR W 169 27.98 77.05 59.13
CA TYR W 169 29.12 77.96 59.28
C TYR W 169 30.40 77.23 59.68
N SER W 170 31.55 77.68 59.18
CA SER W 170 32.76 76.95 59.60
C SER W 170 33.81 77.93 60.11
N VAL W 171 34.57 77.54 61.13
CA VAL W 171 35.56 78.44 61.71
C VAL W 171 36.94 77.90 61.35
N LEU W 172 37.76 78.79 60.79
CA LEU W 172 39.12 78.44 60.43
C LEU W 172 40.03 79.25 61.34
N LEU W 173 41.01 78.62 61.94
CA LEU W 173 41.88 79.28 62.90
C LEU W 173 43.32 79.22 62.41
N SER W 174 44.07 80.27 62.73
CA SER W 174 45.51 80.22 62.52
C SER W 174 46.12 79.23 63.51
N ALA W 175 47.36 78.82 63.20
CA ALA W 175 48.06 77.81 64.00
C ALA W 175 48.30 78.27 65.42
N ASP W 176 48.58 79.57 65.60
CA ASP W 176 48.71 80.14 66.94
C ASP W 176 47.40 80.06 67.70
N VAL W 177 46.30 80.45 67.04
CA VAL W 177 45.00 80.45 67.69
C VAL W 177 44.50 79.03 67.92
N TYR W 178 44.74 78.13 66.96
CA TYR W 178 44.38 76.72 67.12
C TYR W 178 45.13 76.08 68.28
N THR W 179 46.42 76.37 68.41
CA THR W 179 47.21 75.88 69.53
C THR W 179 46.70 76.46 70.86
N LYS W 180 46.38 77.75 70.88
CA LYS W 180 45.89 78.38 72.11
C LYS W 180 44.55 77.81 72.56
N VAL W 181 43.62 77.57 71.63
CA VAL W 181 42.34 76.99 72.04
C VAL W 181 42.41 75.49 72.19
N SER W 182 43.49 74.86 71.73
CA SER W 182 43.67 73.43 71.94
C SER W 182 44.28 73.13 73.31
N GLU W 183 45.23 73.95 73.75
CA GLU W 183 45.99 73.64 74.94
C GLU W 183 45.37 74.20 76.21
N THR W 184 44.47 75.17 76.10
CA THR W 184 43.75 75.68 77.25
C THR W 184 42.48 74.87 77.41
N SER W 185 42.17 74.49 78.64
CA SER W 185 41.02 73.63 78.90
C SER W 185 40.11 74.26 79.95
N ASP W 186 38.83 73.96 79.83
CA ASP W 186 37.84 74.42 80.80
C ASP W 186 36.81 73.31 80.98
N HIS W 187 36.68 72.82 82.23
CA HIS W 187 35.72 71.81 82.63
C HIS W 187 35.84 70.53 81.82
N GLY W 188 37.07 70.05 81.67
CA GLY W 188 37.31 68.77 81.03
C GLY W 188 37.31 68.78 79.52
N TYR W 189 37.17 69.94 78.89
CA TYR W 189 37.26 70.05 77.45
C TYR W 189 38.18 71.22 77.10
N PRO W 190 38.94 71.10 76.02
CA PRO W 190 39.64 72.28 75.50
C PRO W 190 38.66 73.25 74.88
N ILE W 191 39.14 74.49 74.69
CA ILE W 191 38.30 75.57 74.14
C ILE W 191 37.91 75.28 72.70
N ARG W 192 38.68 74.44 72.01
CA ARG W 192 38.31 73.99 70.66
C ARG W 192 36.97 73.27 70.64
N GLU W 193 36.68 72.49 71.67
CA GLU W 193 35.38 71.84 71.79
C GLU W 193 34.28 72.87 72.03
N HIS W 194 34.57 73.92 72.82
CA HIS W 194 33.61 75.01 73.02
C HIS W 194 33.31 75.73 71.70
N LEU W 195 34.32 75.89 70.85
CA LEU W 195 34.08 76.42 69.51
C LEU W 195 33.26 75.46 68.67
N ASN W 196 33.49 74.16 68.83
CA ASN W 196 32.75 73.15 68.09
C ASN W 196 31.26 73.15 68.44
N ARG W 197 30.92 73.51 69.68
CA ARG W 197 29.51 73.58 70.07
C ARG W 197 28.77 74.74 69.42
N LEU W 198 29.46 75.83 69.09
CA LEU W 198 28.82 77.03 68.50
C LEU W 198 28.39 76.84 67.05
N VAL W 199 29.05 75.97 66.29
CA VAL W 199 28.75 75.88 64.83
C VAL W 199 28.33 74.47 64.41
N ASP W 200 27.68 74.37 63.26
CA ASP W 200 27.25 73.06 62.72
C ASP W 200 28.24 72.67 61.63
N GLY W 201 29.29 73.46 61.47
CA GLY W 201 30.33 73.16 60.47
C GLY W 201 31.50 72.49 61.14
N ASP W 202 32.72 73.03 60.96
CA ASP W 202 33.91 72.33 61.50
C ASP W 202 34.95 73.31 62.01
N ILE W 203 35.63 72.98 63.10
CA ILE W 203 36.78 73.83 63.50
C ILE W 203 37.90 73.30 62.62
N ILE W 204 38.49 74.16 61.81
CA ILE W 204 39.45 73.77 60.79
C ILE W 204 40.80 74.39 61.11
N TRP W 205 41.82 73.55 61.21
CA TRP W 205 43.19 74.03 61.39
C TRP W 205 43.67 74.65 60.09
N ALA W 206 44.08 75.90 60.14
CA ALA W 206 44.53 76.65 58.97
C ALA W 206 45.86 77.31 59.28
N PRO W 207 46.97 76.56 59.18
CA PRO W 207 48.27 77.09 59.61
C PRO W 207 48.84 78.20 58.76
N ALA W 208 48.31 78.45 57.55
CA ALA W 208 48.89 79.49 56.72
C ALA W 208 48.31 80.87 57.02
N ILE W 209 47.05 80.94 57.44
CA ILE W 209 46.35 82.21 57.62
C ILE W 209 46.82 82.94 58.87
N ASP W 210 46.47 84.21 58.97
CA ASP W 210 46.54 84.97 60.21
C ASP W 210 45.15 85.12 60.79
N GLY W 211 45.10 85.26 62.11
CA GLY W 211 43.83 85.45 62.79
C GLY W 211 42.85 84.31 62.65
N ALA W 212 41.62 84.65 62.32
CA ALA W 212 40.60 83.62 62.20
C ALA W 212 39.59 84.03 61.15
N PHE W 213 38.83 83.05 60.67
CA PHE W 213 37.80 83.35 59.66
C PHE W 213 36.56 82.53 60.00
N VAL W 214 35.40 83.17 60.02
CA VAL W 214 34.15 82.41 60.21
C VAL W 214 33.38 82.60 58.92
N LEU W 215 32.82 81.52 58.37
CA LEU W 215 32.16 81.70 57.06
C LEU W 215 31.19 80.57 56.79
N THR W 216 30.26 80.81 55.87
CA THR W 216 29.26 79.82 55.48
C THR W 216 29.81 78.92 54.37
N THR W 217 29.39 77.66 54.42
CA THR W 217 29.78 76.71 53.39
C THR W 217 28.55 76.23 52.64
N ARG W 218 27.58 77.13 52.46
CA ARG W 218 26.36 76.77 51.75
C ARG W 218 26.61 76.53 50.26
N GLY W 219 27.69 77.08 49.71
CA GLY W 219 27.98 76.90 48.31
C GLY W 219 27.77 78.16 47.52
N GLY W 220 28.50 78.28 46.42
CA GLY W 220 28.31 79.36 45.48
C GLY W 220 28.81 80.72 45.92
N ASP W 221 29.56 80.81 47.02
CA ASP W 221 30.02 82.11 47.49
C ASP W 221 31.50 82.32 47.20
N PHE W 222 32.28 81.24 47.26
CA PHE W 222 33.73 81.32 47.14
C PHE W 222 34.14 80.28 46.11
N ASP W 223 34.93 80.68 45.11
CA ASP W 223 35.19 79.82 43.97
C ASP W 223 36.69 79.82 43.67
N LEU W 224 37.31 78.66 43.78
CA LEU W 224 38.70 78.47 43.40
C LEU W 224 38.72 77.87 42.00
N GLN W 225 39.32 78.58 41.05
CA GLN W 225 39.40 78.09 39.69
C GLN W 225 40.78 77.53 39.41
N LEU W 226 40.80 76.28 39.00
CA LEU W 226 42.06 75.63 38.68
C LEU W 226 42.23 75.41 37.22
N GLY W 227 43.35 75.80 36.66
CA GLY W 227 43.61 75.43 35.28
C GLY W 227 44.14 74.02 35.37
N THR W 228 45.21 73.86 36.14
CA THR W 228 45.77 72.50 36.39
C THR W 228 46.01 72.33 37.89
N ASP W 229 45.66 71.15 38.41
CA ASP W 229 45.87 70.85 39.85
C ASP W 229 47.36 70.64 40.13
N VAL W 230 47.71 70.31 41.37
CA VAL W 230 49.13 70.12 41.77
C VAL W 230 49.80 68.99 40.98
N ALA W 231 50.95 69.27 40.38
CA ALA W 231 51.68 68.28 39.62
C ALA W 231 53.16 68.38 39.95
N ILE W 232 53.89 67.29 39.77
CA ILE W 232 55.32 67.27 40.03
C ILE W 232 56.05 67.22 38.70
N GLY W 233 56.98 68.14 38.49
CA GLY W 233 57.71 68.24 37.25
C GLY W 233 59.21 68.19 37.47
N TYR W 234 59.93 67.89 36.39
CA TYR W 234 61.37 67.69 36.43
C TYR W 234 62.10 68.88 35.82
N ALA W 235 63.07 69.43 36.54
CA ALA W 235 63.81 70.61 36.02
C ALA W 235 65.16 70.17 35.46
N SER W 236 66.06 69.68 36.32
CA SER W 236 67.39 69.27 35.90
C SER W 236 67.99 68.32 36.94
N HIS W 237 69.14 67.71 36.60
CA HIS W 237 69.77 66.71 37.52
C HIS W 237 71.29 66.72 37.39
N ASP W 238 71.99 66.27 38.43
CA ASP W 238 73.47 66.12 38.37
C ASP W 238 73.77 64.73 38.91
N THR W 239 75.03 64.44 39.26
CA THR W 239 75.40 63.10 39.77
C THR W 239 74.79 62.88 41.14
N ASP W 240 74.59 63.94 41.91
CA ASP W 240 74.15 63.74 43.29
C ASP W 240 72.67 64.02 43.52
N THR W 241 72.07 64.94 42.76
CA THR W 241 70.74 65.43 43.11
C THR W 241 69.86 65.53 41.89
N VAL W 242 68.55 65.53 42.13
CA VAL W 242 67.54 65.80 41.11
C VAL W 242 66.75 67.02 41.56
N ARG W 243 66.71 68.04 40.71
CA ARG W 243 65.86 69.20 40.94
C ARG W 243 64.49 68.96 40.31
N LEU W 244 63.45 69.04 41.13
CA LEU W 244 62.09 68.91 40.65
C LEU W 244 61.30 70.11 41.14
N TYR W 245 60.00 70.15 40.87
CA TYR W 245 59.16 71.22 41.35
C TYR W 245 57.73 70.72 41.54
N LEU W 246 57.02 71.41 42.41
CA LEU W 246 55.58 71.29 42.53
C LEU W 246 54.95 72.47 41.83
N GLN W 247 53.85 72.24 41.13
CA GLN W 247 53.32 73.32 40.29
C GLN W 247 51.80 73.23 40.24
N GLU W 248 51.16 74.38 40.35
CA GLU W 248 49.72 74.45 40.19
C GLU W 248 49.35 75.84 39.67
N THR W 249 48.30 75.91 38.86
CA THR W 249 47.85 77.19 38.32
C THR W 249 46.39 77.43 38.65
N LEU W 250 46.11 78.63 39.16
CA LEU W 250 44.80 78.91 39.76
C LEU W 250 44.51 80.40 39.78
N THR W 251 43.24 80.71 40.05
CA THR W 251 42.83 82.02 40.52
C THR W 251 41.73 81.79 41.56
N PHE W 252 41.42 82.82 42.32
CA PHE W 252 40.36 82.74 43.31
C PHE W 252 39.40 83.91 43.16
N LEU W 253 38.10 83.60 43.26
CA LEU W 253 37.03 84.57 43.12
C LEU W 253 36.16 84.51 44.36
N CYS W 254 35.79 85.67 44.88
CA CYS W 254 34.79 85.77 45.94
C CYS W 254 33.57 86.48 45.37
N TYR W 255 32.47 85.76 45.24
CA TYR W 255 31.25 86.33 44.68
C TYR W 255 30.39 87.03 45.71
N THR W 256 30.47 86.63 46.97
CA THR W 256 29.54 87.09 48.00
C THR W 256 30.34 87.77 49.10
N ALA W 257 30.19 89.09 49.20
CA ALA W 257 31.03 89.86 50.11
C ALA W 257 30.64 89.67 51.57
N GLU W 258 29.39 89.34 51.85
CA GLU W 258 28.90 89.31 53.22
C GLU W 258 28.89 87.91 53.81
N ALA W 259 29.53 86.95 53.16
CA ALA W 259 29.51 85.57 53.60
C ALA W 259 30.65 85.20 54.55
N SER W 260 31.38 86.19 55.08
CA SER W 260 32.53 85.87 55.92
C SER W 260 32.83 86.99 56.90
N VAL W 261 33.45 86.62 58.02
CA VAL W 261 34.01 87.54 59.00
C VAL W 261 35.47 87.18 59.23
N ALA W 262 36.35 88.18 59.13
CA ALA W 262 37.77 88.05 59.40
C ALA W 262 38.09 88.57 60.79
N LEU W 263 39.03 87.88 61.43
CA LEU W 263 39.43 88.27 62.77
C LEU W 263 40.94 88.43 62.78
N SER W 264 41.45 89.36 63.57
CA SER W 264 42.88 89.62 63.64
C SER W 264 43.29 89.79 65.09
N HIS W 265 44.60 89.86 65.31
CA HIS W 265 45.14 90.03 66.65
C HIS W 265 45.34 91.50 66.99
N MET X 1 65.29 -48.58 49.16
CA MET X 1 65.81 -49.73 48.45
C MET X 1 65.29 -51.04 49.01
N ASN X 2 65.66 -52.15 48.38
CA ASN X 2 65.20 -53.48 48.82
C ASN X 2 66.36 -54.40 49.19
N ASN X 3 66.12 -55.72 49.24
CA ASN X 3 67.17 -56.66 49.59
C ASN X 3 68.20 -56.85 48.47
N LEU X 4 67.86 -56.60 47.21
CA LEU X 4 68.84 -56.63 46.13
C LEU X 4 69.95 -55.59 46.29
N TYR X 5 69.68 -54.49 46.98
CA TYR X 5 70.67 -53.42 47.15
C TYR X 5 71.31 -53.05 45.81
N ARG X 6 70.45 -52.88 44.81
CA ARG X 6 70.90 -52.77 43.43
C ARG X 6 71.61 -51.46 43.16
N ASP X 7 71.16 -50.38 43.79
CA ASP X 7 71.77 -49.07 43.60
C ASP X 7 73.15 -48.96 44.25
N LEU X 8 73.49 -49.87 45.14
CA LEU X 8 74.83 -49.86 45.73
C LEU X 8 75.87 -50.50 44.82
N ALA X 9 75.45 -51.24 43.80
CA ALA X 9 76.39 -51.91 42.93
C ALA X 9 77.04 -50.91 41.98
N PRO X 10 78.35 -50.99 41.76
CA PRO X 10 79.00 -50.11 40.76
C PRO X 10 78.81 -50.63 39.33
N VAL X 11 77.55 -50.59 38.90
CA VAL X 11 77.14 -51.09 37.60
C VAL X 11 76.33 -49.98 36.95
N THR X 12 76.68 -49.64 35.72
CA THR X 12 75.97 -48.58 35.03
C THR X 12 74.62 -49.09 34.52
N GLU X 13 73.79 -48.14 34.08
CA GLU X 13 72.44 -48.47 33.63
C GLU X 13 72.46 -49.32 32.36
N ALA X 14 73.35 -48.99 31.42
CA ALA X 14 73.47 -49.76 30.18
C ALA X 14 74.02 -51.16 30.46
N ALA X 15 75.00 -51.26 31.35
CA ALA X 15 75.51 -52.55 31.77
C ALA X 15 74.45 -53.36 32.48
N TRP X 16 73.61 -52.71 33.30
CA TRP X 16 72.51 -53.40 33.95
C TRP X 16 71.52 -53.97 32.94
N ALA X 17 71.19 -53.19 31.91
CA ALA X 17 70.28 -53.67 30.88
C ALA X 17 70.85 -54.86 30.13
N GLU X 18 72.15 -54.83 29.82
CA GLU X 18 72.78 -55.97 29.16
C GLU X 18 72.80 -57.21 30.05
N ILE X 19 73.07 -57.04 31.36
CA ILE X 19 73.10 -58.17 32.28
C ILE X 19 71.70 -58.77 32.44
N GLU X 20 70.67 -57.93 32.56
CA GLU X 20 69.30 -58.41 32.67
C GLU X 20 68.87 -59.18 31.43
N LEU X 21 69.22 -58.65 30.24
CA LEU X 21 68.89 -59.31 28.99
C LEU X 21 69.58 -60.66 28.87
N GLU X 22 70.87 -60.71 29.20
CA GLU X 22 71.63 -61.95 29.11
C GLU X 22 71.09 -63.02 30.07
N ALA X 23 70.79 -62.63 31.30
CA ALA X 23 70.29 -63.56 32.30
C ALA X 23 68.91 -64.08 31.94
N ALA X 24 68.01 -63.18 31.51
CA ALA X 24 66.66 -63.59 31.13
C ALA X 24 66.67 -64.51 29.92
N ARG X 25 67.50 -64.19 28.93
CA ARG X 25 67.59 -65.01 27.74
C ARG X 25 68.11 -66.41 28.06
N THR X 26 69.23 -66.50 28.77
CA THR X 26 69.85 -67.80 29.03
C THR X 26 68.94 -68.65 29.93
N PHE X 27 68.23 -68.04 30.87
CA PHE X 27 67.30 -68.75 31.73
C PHE X 27 66.13 -69.37 30.98
N LYS X 28 65.43 -68.59 30.16
CA LYS X 28 64.30 -69.12 29.39
C LYS X 28 64.71 -70.29 28.52
N ARG X 29 65.83 -70.17 27.82
CA ARG X 29 66.31 -71.23 26.95
C ARG X 29 66.51 -72.52 27.71
N HIS X 30 66.94 -72.42 28.94
CA HIS X 30 67.25 -73.65 29.71
C HIS X 30 66.08 -74.06 30.60
N ILE X 31 64.97 -73.32 30.59
CA ILE X 31 63.85 -73.85 31.38
C ILE X 31 62.94 -74.71 30.52
N ALA X 32 62.68 -75.92 30.99
CA ALA X 32 61.67 -76.79 30.40
C ALA X 32 60.45 -76.91 31.30
N GLY X 33 60.66 -76.75 32.61
CA GLY X 33 59.62 -77.03 33.58
C GLY X 33 58.44 -76.07 33.53
N ARG X 34 58.70 -74.79 33.31
CA ARG X 34 57.64 -73.79 33.30
C ARG X 34 56.76 -73.91 32.06
N ARG X 35 57.24 -74.57 31.01
CA ARG X 35 56.42 -74.76 29.83
C ARG X 35 55.31 -75.78 30.02
N VAL X 36 55.42 -76.64 31.01
CA VAL X 36 54.45 -77.72 31.21
C VAL X 36 53.67 -77.60 32.51
N VAL X 37 54.17 -76.93 33.52
CA VAL X 37 53.49 -76.89 34.81
C VAL X 37 52.75 -75.56 34.92
N ASP X 38 51.78 -75.52 35.82
CA ASP X 38 51.12 -74.27 36.14
C ASP X 38 52.04 -73.43 37.01
N VAL X 39 52.23 -72.19 36.64
CA VAL X 39 53.11 -71.26 37.34
C VAL X 39 52.26 -70.17 37.94
N SER X 40 52.34 -70.03 39.25
CA SER X 40 51.52 -69.06 39.96
C SER X 40 52.08 -67.66 39.78
N ASP X 41 51.29 -66.68 40.16
CA ASP X 41 51.83 -65.33 40.30
C ASP X 41 52.77 -65.28 41.49
N PRO X 42 53.76 -64.38 41.48
CA PRO X 42 54.61 -64.21 42.66
C PRO X 42 53.85 -63.76 43.89
N GLY X 43 53.97 -64.52 44.97
CA GLY X 43 53.31 -64.18 46.22
C GLY X 43 53.86 -62.92 46.84
N GLY X 44 55.18 -62.74 46.73
CA GLY X 44 55.79 -61.58 47.34
C GLY X 44 56.84 -62.03 48.33
N PRO X 45 57.61 -61.08 48.86
CA PRO X 45 58.70 -61.44 49.78
C PRO X 45 58.23 -62.03 51.10
N VAL X 46 57.02 -61.69 51.55
CA VAL X 46 56.57 -62.13 52.87
C VAL X 46 56.06 -63.56 52.83
N THR X 47 55.78 -64.07 51.63
CA THR X 47 55.21 -65.39 51.48
C THR X 47 56.22 -66.46 51.86
N ALA X 48 55.84 -67.37 52.75
CA ALA X 48 56.80 -68.29 53.31
C ALA X 48 56.40 -69.75 53.13
N ALA X 49 55.10 -70.01 53.01
CA ALA X 49 54.62 -71.38 52.93
C ALA X 49 53.34 -71.41 52.12
N VAL X 50 53.05 -72.60 51.59
CA VAL X 50 51.83 -72.85 50.84
C VAL X 50 51.00 -73.85 51.64
N SER X 51 49.74 -73.49 51.89
CA SER X 51 48.83 -74.39 52.58
C SER X 51 48.47 -75.58 51.70
N THR X 52 48.55 -76.79 52.26
CA THR X 52 48.10 -77.97 51.56
C THR X 52 46.65 -78.33 51.89
N GLY X 53 46.13 -77.75 52.97
CA GLY X 53 44.72 -78.00 53.36
C GLY X 53 44.57 -79.28 54.16
N ARG X 54 45.68 -79.96 54.49
CA ARG X 54 45.58 -81.18 55.33
C ARG X 54 45.74 -80.86 56.82
N LEU X 55 45.56 -81.85 57.69
CA LEU X 55 45.61 -81.63 59.16
C LEU X 55 46.52 -82.69 59.81
N ILE X 56 47.26 -82.31 60.85
CA ILE X 56 48.17 -83.23 61.54
C ILE X 56 47.78 -83.40 62.99
N ASP X 57 47.47 -84.63 63.40
CA ASP X 57 47.09 -84.90 64.78
C ASP X 57 48.19 -84.57 65.78
N VAL X 58 47.89 -83.73 66.77
CA VAL X 58 48.86 -83.43 67.82
C VAL X 58 48.36 -83.82 69.20
N LYS X 59 49.27 -84.05 70.13
CA LYS X 59 48.89 -84.45 71.49
C LYS X 59 47.93 -83.45 72.12
N ALA X 60 46.71 -83.89 72.42
CA ALA X 60 45.69 -83.02 73.02
C ALA X 60 46.22 -82.07 74.09
N PRO X 61 45.95 -80.77 73.95
CA PRO X 61 46.41 -79.79 74.95
C PRO X 61 45.83 -80.14 76.30
N THR X 62 44.50 -80.26 76.38
CA THR X 62 43.84 -80.64 77.62
C THR X 62 42.76 -81.68 77.36
N ASN X 63 42.05 -82.07 78.41
CA ASN X 63 40.97 -83.04 78.29
C ASN X 63 39.81 -82.46 77.48
N GLY X 64 39.31 -83.23 76.53
CA GLY X 64 38.18 -82.78 75.73
C GLY X 64 38.54 -81.79 74.63
N VAL X 65 39.84 -81.55 74.42
CA VAL X 65 40.26 -80.66 73.37
C VAL X 65 40.89 -81.48 72.27
N ILE X 66 40.49 -81.21 71.04
CA ILE X 66 41.03 -81.94 69.92
C ILE X 66 41.82 -80.94 69.12
N ALA X 67 43.10 -81.20 68.95
CA ALA X 67 43.96 -80.25 68.25
C ALA X 67 44.55 -80.80 66.99
N HIS X 68 44.66 -79.95 66.00
CA HIS X 68 45.28 -80.36 64.77
C HIS X 68 46.14 -79.26 64.20
N LEU X 69 47.33 -79.61 63.76
CA LEU X 69 48.19 -78.65 63.10
C LEU X 69 47.85 -78.56 61.62
N ARG X 70 47.83 -77.34 61.09
CA ARG X 70 47.68 -77.17 59.66
C ARG X 70 48.99 -77.55 58.96
N ALA X 71 48.88 -78.37 57.92
CA ALA X 71 50.03 -78.76 57.13
C ALA X 71 50.34 -77.70 56.08
N SER X 72 51.62 -77.56 55.74
CA SER X 72 52.04 -76.60 54.74
C SER X 72 53.36 -77.06 54.14
N LYS X 73 53.73 -76.39 53.05
CA LYS X 73 54.99 -76.63 52.35
C LYS X 73 55.83 -75.37 52.40
N PRO X 74 57.07 -75.44 52.89
CA PRO X 74 57.90 -74.23 52.92
C PRO X 74 58.48 -73.89 51.56
N LEU X 75 58.59 -72.60 51.29
CA LEU X 75 59.37 -72.15 50.15
C LEU X 75 60.86 -72.31 50.43
N VAL X 76 61.62 -72.47 49.36
CA VAL X 76 63.08 -72.47 49.44
C VAL X 76 63.59 -71.32 48.59
N ARG X 77 64.54 -70.57 49.12
CA ARG X 77 65.20 -69.52 48.37
C ARG X 77 66.51 -70.07 47.82
N LEU X 78 66.68 -69.95 46.51
CA LEU X 78 67.80 -70.50 45.78
C LEU X 78 68.61 -69.33 45.26
N ARG X 79 69.90 -69.30 45.61
CA ARG X 79 70.78 -68.20 45.27
C ARG X 79 72.02 -68.75 44.59
N VAL X 80 72.35 -68.19 43.44
CA VAL X 80 73.55 -68.54 42.69
C VAL X 80 74.41 -67.28 42.56
N PRO X 81 75.48 -67.18 43.34
CA PRO X 81 76.39 -66.04 43.18
C PRO X 81 77.23 -66.16 41.92
N PHE X 82 77.63 -65.01 41.39
CA PHE X 82 78.53 -64.95 40.26
C PHE X 82 79.33 -63.66 40.33
N THR X 83 80.42 -63.62 39.57
CA THR X 83 81.41 -62.57 39.68
C THR X 83 81.68 -61.95 38.31
N LEU X 84 81.57 -60.64 38.22
CA LEU X 84 81.77 -59.92 36.98
C LEU X 84 83.02 -59.05 37.04
N SER X 85 83.75 -59.02 35.94
CA SER X 85 84.86 -58.07 35.78
C SER X 85 84.33 -56.66 35.66
N ARG X 86 84.93 -55.73 36.40
CA ARG X 86 84.50 -54.33 36.31
C ARG X 86 84.96 -53.67 35.03
N ASN X 87 86.03 -54.17 34.41
CA ASN X 87 86.45 -53.68 33.11
C ASN X 87 85.40 -53.97 32.04
N GLU X 88 84.83 -55.18 32.06
CA GLU X 88 83.75 -55.53 31.14
C GLU X 88 82.52 -54.65 31.35
N ILE X 89 82.24 -54.32 32.62
CA ILE X 89 81.11 -53.43 32.93
C ILE X 89 81.38 -52.03 32.39
N ASP X 90 82.61 -51.52 32.57
CA ASP X 90 82.97 -50.21 32.09
C ASP X 90 83.01 -50.13 30.57
N ASP X 91 83.26 -51.26 29.89
CA ASP X 91 83.29 -51.29 28.43
C ASP X 91 81.95 -50.96 27.81
N VAL X 92 80.85 -51.20 28.52
CA VAL X 92 79.51 -51.10 27.93
C VAL X 92 79.15 -49.65 27.61
N GLU X 93 79.50 -48.72 28.49
CA GLU X 93 79.17 -47.30 28.22
C GLU X 93 80.01 -46.78 27.06
N ARG X 94 81.24 -47.26 26.92
CA ARG X 94 82.07 -46.86 25.80
C ARG X 94 81.59 -47.43 24.46
N GLY X 95 80.62 -48.34 24.48
CA GLY X 95 80.05 -48.86 23.25
C GLY X 95 80.46 -50.26 22.88
N SER X 96 81.11 -51.00 23.77
CA SER X 96 81.43 -52.39 23.50
C SER X 96 80.16 -53.22 23.46
N LYS X 97 80.14 -54.21 22.58
CA LYS X 97 79.00 -55.12 22.45
C LYS X 97 79.43 -56.57 22.59
N ASP X 98 80.65 -56.80 23.07
CA ASP X 98 81.13 -58.17 23.30
C ASP X 98 81.63 -58.34 24.73
N SER X 99 81.05 -57.60 25.68
CA SER X 99 81.45 -57.70 27.07
C SER X 99 81.19 -59.10 27.60
N ASP X 100 82.12 -59.60 28.40
CA ASP X 100 82.11 -60.98 28.85
C ASP X 100 81.02 -61.23 29.88
N TRP X 101 79.88 -61.75 29.42
CA TRP X 101 78.79 -62.04 30.33
C TRP X 101 78.70 -63.54 30.56
N GLU X 102 79.81 -64.24 30.41
CA GLU X 102 79.83 -65.68 30.67
C GLU X 102 79.44 -66.06 32.11
N PRO X 103 79.89 -65.30 33.14
CA PRO X 103 79.44 -65.70 34.47
C PRO X 103 77.93 -65.53 34.62
N VAL X 104 77.35 -64.48 34.05
CA VAL X 104 75.90 -64.33 34.08
C VAL X 104 75.22 -65.52 33.41
N LYS X 105 75.75 -65.97 32.28
CA LYS X 105 75.19 -67.10 31.57
C LYS X 105 75.34 -68.39 32.36
N GLU X 106 76.49 -68.58 33.02
CA GLU X 106 76.68 -69.77 33.84
C GLU X 106 75.78 -69.76 35.07
N ALA X 107 75.57 -68.58 35.67
CA ALA X 107 74.67 -68.49 36.81
C ALA X 107 73.23 -68.75 36.40
N ALA X 108 72.81 -68.22 35.24
CA ALA X 108 71.45 -68.47 34.77
C ALA X 108 71.23 -69.92 34.40
N LYS X 109 72.24 -70.55 33.78
CA LYS X 109 72.15 -71.97 33.46
C LYS X 109 72.10 -72.83 34.73
N LYS X 110 72.87 -72.45 35.75
CA LYS X 110 72.87 -73.23 36.98
C LYS X 110 71.57 -73.06 37.76
N LEU X 111 71.03 -71.84 37.78
CA LEU X 111 69.73 -71.60 38.46
C LEU X 111 68.63 -72.38 37.72
N ALA X 112 68.61 -72.30 36.38
CA ALA X 112 67.62 -73.04 35.61
C ALA X 112 67.73 -74.54 35.83
N PHE X 113 68.96 -75.06 35.93
CA PHE X 113 69.17 -76.47 36.19
C PHE X 113 68.66 -76.87 37.56
N VAL X 114 68.91 -76.04 38.56
CA VAL X 114 68.40 -76.34 39.89
C VAL X 114 66.88 -76.37 39.87
N GLU X 115 66.26 -75.33 39.31
CA GLU X 115 64.79 -75.27 39.30
C GLU X 115 64.18 -76.48 38.59
N ASP X 116 64.72 -76.86 37.44
CA ASP X 116 64.18 -78.00 36.69
C ASP X 116 64.43 -79.31 37.42
N ARG X 117 65.61 -79.48 38.02
CA ARG X 117 65.88 -80.71 38.76
C ARG X 117 65.06 -80.78 40.04
N THR X 118 64.70 -79.62 40.60
CA THR X 118 63.82 -79.60 41.76
C THR X 118 62.40 -80.00 41.37
N ILE X 119 61.91 -79.50 40.25
CA ILE X 119 60.56 -79.85 39.78
C ILE X 119 60.48 -81.33 39.43
N PHE X 120 61.48 -81.86 38.71
CA PHE X 120 61.33 -83.20 38.17
C PHE X 120 61.96 -84.29 39.03
N GLU X 121 62.98 -83.99 39.82
CA GLU X 121 63.63 -85.00 40.65
C GLU X 121 63.48 -84.74 42.14
N GLY X 122 62.88 -83.63 42.50
CA GLY X 122 62.71 -83.30 43.89
C GLY X 122 63.89 -82.78 44.67
N TYR X 123 63.62 -82.23 45.83
CA TYR X 123 64.66 -81.71 46.69
C TYR X 123 64.14 -82.08 48.04
N SER X 124 64.59 -83.21 48.55
CA SER X 124 64.10 -83.72 49.82
C SER X 124 64.29 -82.79 51.02
N ALA X 125 65.41 -82.10 51.10
CA ALA X 125 65.68 -81.18 52.19
C ALA X 125 64.66 -80.05 52.23
N ALA X 126 64.12 -79.66 51.08
CA ALA X 126 63.07 -78.67 51.00
C ALA X 126 61.68 -79.27 51.01
N SER X 127 61.57 -80.58 51.31
CA SER X 127 60.32 -81.34 51.36
C SER X 127 59.55 -81.27 50.04
N ILE X 128 60.28 -81.33 48.94
CA ILE X 128 59.70 -81.31 47.60
C ILE X 128 59.89 -82.68 47.00
N GLU X 129 58.79 -83.33 46.65
CA GLU X 129 58.83 -84.60 45.94
C GLU X 129 58.82 -84.30 44.45
N GLY X 130 59.71 -84.95 43.72
CA GLY X 130 59.75 -84.75 42.28
C GLY X 130 58.59 -85.41 41.57
N ILE X 131 58.44 -85.04 40.30
CA ILE X 131 57.44 -85.68 39.44
C ILE X 131 57.75 -87.16 39.26
N ARG X 132 59.05 -87.51 39.17
CA ARG X 132 59.45 -88.90 39.05
C ARG X 132 59.08 -89.71 40.28
N SER X 133 59.28 -89.15 41.47
CA SER X 133 58.94 -89.87 42.69
C SER X 133 57.44 -89.88 42.96
N ALA X 134 56.72 -88.82 42.59
CA ALA X 134 55.29 -88.73 42.86
C ALA X 134 54.44 -89.41 41.79
N SER X 135 55.03 -89.92 40.73
CA SER X 135 54.27 -90.59 39.69
C SER X 135 53.81 -91.96 40.17
N SER X 136 52.54 -92.27 39.97
CA SER X 136 52.02 -93.60 40.28
C SER X 136 52.05 -94.55 39.10
N ASN X 137 52.24 -94.04 37.88
CA ASN X 137 52.38 -94.89 36.72
C ASN X 137 53.73 -95.61 36.75
N PRO X 138 53.82 -96.80 36.15
CA PRO X 138 55.09 -97.54 36.18
C PRO X 138 56.20 -96.84 35.41
N ALA X 139 57.42 -97.03 35.89
CA ALA X 139 58.59 -96.45 35.25
C ALA X 139 59.06 -97.35 34.12
N LEU X 140 59.59 -96.73 33.08
CA LEU X 140 60.02 -97.45 31.89
C LEU X 140 61.52 -97.26 31.70
N THR X 141 62.13 -98.19 30.99
CA THR X 141 63.55 -98.15 30.69
C THR X 141 63.75 -97.70 29.25
N LEU X 142 64.58 -96.68 29.05
CA LEU X 142 64.88 -96.22 27.71
C LEU X 142 65.91 -97.16 27.09
N PRO X 143 65.68 -97.57 25.84
CA PRO X 143 66.60 -98.51 25.19
C PRO X 143 67.89 -97.85 24.72
N GLU X 144 68.90 -98.67 24.42
CA GLU X 144 70.17 -98.13 23.97
C GLU X 144 70.07 -97.57 22.55
N ASP X 145 69.39 -98.29 21.67
CA ASP X 145 69.23 -97.85 20.29
C ASP X 145 68.24 -96.71 20.22
N PRO X 146 68.61 -95.55 19.68
CA PRO X 146 67.64 -94.46 19.52
C PRO X 146 66.47 -94.76 18.61
N ARG X 147 66.63 -95.68 17.65
CA ARG X 147 65.53 -96.08 16.78
C ARG X 147 64.44 -96.82 17.55
N GLU X 148 64.76 -97.36 18.71
CA GLU X 148 63.78 -97.98 19.59
C GLU X 148 63.23 -97.01 20.64
N ILE X 149 63.63 -95.75 20.60
CA ILE X 149 63.04 -94.78 21.53
C ILE X 149 61.53 -94.56 21.31
N PRO X 150 61.09 -94.26 20.06
CA PRO X 150 59.66 -93.99 19.90
C PRO X 150 58.75 -95.14 20.36
N ASP X 151 59.23 -96.39 20.30
CA ASP X 151 58.42 -97.51 20.75
C ASP X 151 58.12 -97.36 22.24
N VAL X 152 59.16 -97.26 23.06
CA VAL X 152 58.98 -97.15 24.52
C VAL X 152 58.16 -95.92 24.88
N ILE X 153 58.44 -94.78 24.25
CA ILE X 153 57.64 -93.59 24.46
C ILE X 153 56.16 -93.87 24.23
N SER X 154 55.84 -94.61 23.18
CA SER X 154 54.43 -94.99 22.88
C SER X 154 53.85 -95.85 24.01
N GLN X 155 54.66 -96.70 24.64
CA GLN X 155 54.20 -97.48 25.78
C GLN X 155 53.86 -96.56 26.95
N ALA X 156 54.64 -95.49 27.14
CA ALA X 156 54.31 -94.48 28.12
C ALA X 156 52.99 -93.81 27.79
N LEU X 157 52.74 -93.55 26.50
CA LEU X 157 51.45 -93.00 26.08
C LEU X 157 50.32 -94.00 26.31
N SER X 158 50.64 -95.30 26.37
CA SER X 158 49.61 -96.25 26.75
C SER X 158 49.23 -96.08 28.22
N GLU X 159 50.22 -95.80 29.08
CA GLU X 159 49.97 -95.81 30.51
C GLU X 159 49.10 -94.65 30.96
N LEU X 160 49.37 -93.44 30.44
CA LEU X 160 48.46 -92.31 30.62
C LEU X 160 47.08 -92.57 30.06
N ARG X 161 47.00 -93.39 29.02
CA ARG X 161 45.68 -93.75 28.52
C ARG X 161 45.02 -94.76 29.44
N LEU X 162 45.80 -95.65 30.05
CA LEU X 162 45.26 -96.59 31.02
C LEU X 162 44.97 -95.92 32.36
N ALA X 163 45.57 -94.76 32.61
CA ALA X 163 45.29 -94.00 33.82
C ALA X 163 44.04 -93.15 33.70
N GLY X 164 43.39 -93.12 32.53
CA GLY X 164 42.23 -92.27 32.33
C GLY X 164 42.61 -90.81 32.37
N VAL X 165 43.39 -90.34 31.41
CA VAL X 165 43.83 -88.95 31.41
C VAL X 165 43.71 -88.33 30.02
N ASP X 166 43.20 -87.11 29.95
CA ASP X 166 43.07 -86.42 28.66
C ASP X 166 44.12 -85.32 28.53
N GLY X 167 43.97 -84.45 27.53
CA GLY X 167 44.88 -83.33 27.39
C GLY X 167 46.06 -83.53 26.44
N PRO X 168 46.69 -82.43 26.02
CA PRO X 168 47.83 -82.52 25.11
C PRO X 168 48.97 -83.16 25.89
N TYR X 169 49.52 -84.27 25.43
CA TYR X 169 50.66 -84.85 26.12
C TYR X 169 51.99 -84.25 25.67
N SER X 170 52.94 -84.08 26.58
CA SER X 170 54.20 -83.50 26.10
C SER X 170 55.38 -84.36 26.54
N VAL X 171 56.41 -84.48 25.70
CA VAL X 171 57.55 -85.32 26.02
C VAL X 171 58.74 -84.42 26.29
N LEU X 172 59.38 -84.65 27.44
CA LEU X 172 60.55 -83.89 27.81
C LEU X 172 61.71 -84.88 27.81
N LEU X 173 62.81 -84.52 27.19
CA LEU X 173 63.95 -85.41 27.06
C LEU X 173 65.17 -84.81 27.73
N SER X 174 66.01 -85.68 28.29
CA SER X 174 67.31 -85.23 28.74
C SER X 174 68.17 -84.87 27.53
N ALA X 175 69.25 -84.12 27.80
CA ALA X 175 70.14 -83.64 26.74
C ALA X 175 70.80 -84.78 25.99
N ASP X 176 71.16 -85.85 26.70
CA ASP X 176 71.70 -87.05 26.05
C ASP X 176 70.68 -87.69 25.13
N VAL X 177 69.44 -87.83 25.60
CA VAL X 177 68.38 -88.47 24.82
C VAL X 177 67.96 -87.56 23.67
N TYR X 178 67.89 -86.25 23.91
CA TYR X 178 67.55 -85.30 22.86
C TYR X 178 68.60 -85.28 21.76
N THR X 179 69.88 -85.34 22.14
CA THR X 179 70.95 -85.43 21.16
C THR X 179 70.88 -86.75 20.37
N LYS X 180 70.61 -87.86 21.07
CA LYS X 180 70.52 -89.17 20.41
C LYS X 180 69.38 -89.23 19.41
N VAL X 181 68.21 -88.70 19.75
CA VAL X 181 67.10 -88.73 18.81
C VAL X 181 67.17 -87.60 17.80
N SER X 182 68.04 -86.62 18.01
CA SER X 182 68.26 -85.58 17.03
C SER X 182 69.23 -85.98 15.95
N GLU X 183 70.29 -86.70 16.33
CA GLU X 183 71.37 -86.99 15.40
C GLU X 183 71.18 -88.28 14.63
N THR X 184 70.31 -89.16 15.09
CA THR X 184 69.98 -90.37 14.36
C THR X 184 68.80 -90.08 13.45
N SER X 185 68.87 -90.54 12.22
CA SER X 185 67.83 -90.23 11.24
C SER X 185 67.31 -91.51 10.62
N ASP X 186 66.03 -91.46 10.23
CA ASP X 186 65.40 -92.58 9.53
C ASP X 186 64.44 -92.01 8.49
N HIS X 187 64.69 -92.36 7.23
CA HIS X 187 63.86 -91.98 6.07
C HIS X 187 63.70 -90.46 5.95
N GLY X 188 64.83 -89.75 6.06
CA GLY X 188 64.83 -88.32 5.83
C GLY X 188 64.37 -87.47 6.98
N TYR X 189 64.09 -88.07 8.13
CA TYR X 189 63.73 -87.31 9.33
C TYR X 189 64.53 -87.85 10.51
N PRO X 190 64.92 -86.99 11.43
CA PRO X 190 65.47 -87.49 12.70
C PRO X 190 64.36 -88.11 13.55
N ILE X 191 64.79 -88.88 14.54
CA ILE X 191 63.85 -89.60 15.42
C ILE X 191 63.03 -88.63 16.25
N ARG X 192 63.53 -87.41 16.46
CA ARG X 192 62.78 -86.35 17.13
C ARG X 192 61.47 -86.04 16.40
N GLU X 193 61.49 -86.06 15.06
CA GLU X 193 60.27 -85.88 14.30
C GLU X 193 59.32 -87.05 14.49
N HIS X 194 59.86 -88.28 14.58
CA HIS X 194 59.04 -89.45 14.88
C HIS X 194 58.36 -89.34 16.24
N LEU X 195 59.06 -88.77 17.22
CA LEU X 195 58.45 -88.47 18.51
C LEU X 195 57.38 -87.40 18.38
N ASN X 196 57.63 -86.40 17.52
CA ASN X 196 56.68 -85.32 17.32
C ASN X 196 55.37 -85.83 16.71
N ARG X 197 55.43 -86.89 15.90
CA ARG X 197 54.20 -87.44 15.32
C ARG X 197 53.32 -88.14 16.35
N LEU X 198 53.91 -88.68 17.42
CA LEU X 198 53.15 -89.44 18.45
C LEU X 198 52.29 -88.55 19.35
N VAL X 199 52.68 -87.29 19.56
CA VAL X 199 51.94 -86.44 20.54
C VAL X 199 51.40 -85.17 19.92
N ASP X 200 50.41 -84.56 20.58
CA ASP X 200 49.81 -83.29 20.11
C ASP X 200 50.41 -82.16 20.93
N GLY X 201 51.39 -82.48 21.76
CA GLY X 201 52.07 -81.47 22.58
C GLY X 201 53.38 -81.08 21.95
N ASP X 202 54.49 -81.16 22.67
CA ASP X 202 55.76 -80.68 22.11
C ASP X 202 56.94 -81.55 22.55
N ILE X 203 57.91 -81.77 21.67
CA ILE X 203 59.15 -82.44 22.14
C ILE X 203 59.93 -81.29 22.75
N ILE X 204 60.27 -81.40 24.03
CA ILE X 204 60.87 -80.31 24.77
C ILE X 204 62.27 -80.72 25.22
N TRP X 205 63.25 -79.90 24.87
CA TRP X 205 64.61 -80.11 25.33
C TRP X 205 64.70 -79.77 26.81
N ALA X 206 65.14 -80.72 27.63
CA ALA X 206 65.22 -80.55 29.07
C ALA X 206 66.60 -80.99 29.54
N PRO X 207 67.60 -80.11 29.41
CA PRO X 207 68.99 -80.52 29.70
C PRO X 207 69.30 -80.80 31.15
N ALA X 208 68.45 -80.41 32.10
CA ALA X 208 68.76 -80.66 33.50
C ALA X 208 68.34 -82.05 33.96
N ILE X 209 67.27 -82.59 33.40
CA ILE X 209 66.68 -83.84 33.88
C ILE X 209 67.52 -85.04 33.47
N ASP X 210 67.24 -86.18 34.08
CA ASP X 210 67.71 -87.48 33.62
C ASP X 210 66.56 -88.21 32.95
N GLY X 211 66.91 -89.09 32.01
CA GLY X 211 65.92 -89.88 31.32
C GLY X 211 64.92 -89.09 30.52
N ALA X 212 63.64 -89.41 30.69
CA ALA X 212 62.61 -88.73 29.92
C ALA X 212 61.34 -88.65 30.75
N PHE X 213 60.45 -87.76 30.35
CA PHE X 213 59.17 -87.62 31.06
C PHE X 213 58.08 -87.41 30.03
N VAL X 214 56.99 -88.16 30.14
CA VAL X 214 55.84 -87.92 29.24
C VAL X 214 54.71 -87.49 30.17
N LEU X 215 54.00 -86.43 29.81
CA LEU X 215 52.98 -85.95 30.77
C LEU X 215 51.94 -85.10 30.07
N THR X 216 50.79 -84.94 30.71
CA THR X 216 49.70 -84.13 30.18
C THR X 216 49.85 -82.67 30.60
N THR X 217 49.44 -81.78 29.71
CA THR X 217 49.49 -80.35 30.01
C THR X 217 48.08 -79.78 30.01
N ARG X 218 47.12 -80.59 30.47
CA ARG X 218 45.73 -80.15 30.53
C ARG X 218 45.51 -79.06 31.58
N GLY X 219 46.39 -78.98 32.57
CA GLY X 219 46.25 -77.97 33.59
C GLY X 219 45.83 -78.56 34.92
N GLY X 220 46.19 -77.89 35.99
CA GLY X 220 45.75 -78.25 37.31
C GLY X 220 46.40 -79.48 37.92
N ASP X 221 47.44 -80.03 37.30
CA ASP X 221 48.05 -81.24 37.83
C ASP X 221 49.38 -80.95 38.52
N PHE X 222 50.12 -79.97 38.00
CA PHE X 222 51.47 -79.67 38.47
C PHE X 222 51.53 -78.17 38.72
N ASP X 223 51.99 -77.76 39.90
CA ASP X 223 51.86 -76.37 40.31
C ASP X 223 53.21 -75.90 40.88
N LEU X 224 53.81 -74.92 40.23
CA LEU X 224 55.01 -74.27 40.74
C LEU X 224 54.59 -73.00 41.44
N GLN X 225 54.89 -72.90 42.73
CA GLN X 225 54.55 -71.70 43.49
C GLN X 225 55.78 -70.82 43.68
N LEU X 226 55.64 -69.59 43.24
CA LEU X 226 56.71 -68.65 43.37
C LEU X 226 56.43 -67.60 44.39
N GLY X 227 57.35 -67.36 45.32
CA GLY X 227 57.16 -66.23 46.21
C GLY X 227 57.66 -65.05 45.40
N THR X 228 58.91 -65.15 44.96
CA THR X 228 59.49 -64.10 44.08
C THR X 228 60.16 -64.77 42.89
N ASP X 229 59.97 -64.20 41.69
CA ASP X 229 60.60 -64.75 40.46
C ASP X 229 62.11 -64.43 40.46
N VAL X 230 62.80 -64.82 39.39
CA VAL X 230 64.28 -64.61 39.30
C VAL X 230 64.64 -63.12 39.36
N ALA X 231 65.56 -62.77 40.25
CA ALA X 231 66.01 -61.40 40.41
C ALA X 231 67.52 -61.38 40.56
N ILE X 232 68.14 -60.26 40.19
CA ILE X 232 69.58 -60.11 40.31
C ILE X 232 69.87 -59.17 41.46
N GLY X 233 70.71 -59.60 42.39
CA GLY X 233 71.04 -58.82 43.57
C GLY X 233 72.54 -58.60 43.72
N TYR X 234 72.89 -57.60 44.51
CA TYR X 234 74.27 -57.18 44.68
C TYR X 234 74.81 -57.62 46.04
N ALA X 235 75.96 -58.29 46.04
CA ALA X 235 76.54 -58.78 47.32
C ALA X 235 77.63 -57.84 47.79
N SER X 236 78.75 -57.76 47.04
CA SER X 236 79.89 -56.93 47.42
C SER X 236 80.74 -56.64 46.20
N HIS X 237 81.72 -55.75 46.34
CA HIS X 237 82.58 -55.35 45.19
C HIS X 237 83.99 -54.98 45.63
N ASP X 238 84.97 -55.07 44.73
CA ASP X 238 86.35 -54.62 45.02
C ASP X 238 86.77 -53.75 43.83
N THR X 239 88.06 -53.49 43.68
CA THR X 239 88.55 -52.63 42.56
C THR X 239 88.37 -53.36 41.24
N ASP X 240 88.44 -54.69 41.25
CA ASP X 240 88.43 -55.40 39.98
C ASP X 240 87.09 -56.04 39.64
N THR X 241 86.31 -56.47 40.63
CA THR X 241 85.17 -57.33 40.36
C THR X 241 83.96 -56.88 41.16
N VAL X 242 82.78 -57.27 40.67
CA VAL X 242 81.52 -57.11 41.38
C VAL X 242 80.93 -58.50 41.59
N ARG X 243 80.66 -58.84 42.85
CA ARG X 243 79.94 -60.06 43.18
C ARG X 243 78.44 -59.78 43.21
N LEU X 244 77.70 -60.53 42.39
CA LEU X 244 76.26 -60.41 42.37
C LEU X 244 75.68 -61.81 42.55
N TYR X 245 74.36 -61.94 42.47
CA TYR X 245 73.72 -63.25 42.57
C TYR X 245 72.42 -63.23 41.80
N LEU X 246 72.00 -64.43 41.38
CA LEU X 246 70.67 -64.69 40.89
C LEU X 246 69.88 -65.36 42.00
N GLN X 247 68.61 -64.99 42.15
CA GLN X 247 67.89 -65.47 43.31
C GLN X 247 66.43 -65.67 42.96
N GLU X 248 65.87 -66.78 43.42
CA GLU X 248 64.45 -67.04 43.26
C GLU X 248 63.98 -67.92 44.41
N THR X 249 62.73 -67.72 44.83
CA THR X 249 62.17 -68.52 45.92
C THR X 249 60.88 -69.20 45.48
N LEU X 250 60.78 -70.49 45.75
CA LEU X 250 59.74 -71.32 45.15
C LEU X 250 59.50 -72.58 45.97
N THR X 251 58.37 -73.22 45.67
CA THR X 251 58.16 -74.62 46.00
C THR X 251 57.41 -75.25 44.83
N PHE X 252 57.37 -76.58 44.81
CA PHE X 252 56.67 -77.29 43.75
C PHE X 252 55.72 -78.32 44.36
N LEU X 253 54.52 -78.39 43.81
CA LEU X 253 53.47 -79.30 44.26
C LEU X 253 53.01 -80.14 43.08
N CYS X 254 52.85 -81.43 43.29
CA CYS X 254 52.22 -82.31 42.32
C CYS X 254 50.90 -82.80 42.91
N TYR X 255 49.79 -82.37 42.31
CA TYR X 255 48.48 -82.75 42.82
C TYR X 255 47.97 -84.07 42.26
N THR X 256 48.43 -84.45 41.08
CA THR X 256 47.86 -85.58 40.35
C THR X 256 48.97 -86.59 40.10
N ALA X 257 48.89 -87.73 40.79
CA ALA X 257 49.98 -88.70 40.75
C ALA X 257 50.05 -89.46 39.44
N GLU X 258 48.93 -89.60 38.74
CA GLU X 258 48.88 -90.47 37.56
C GLU X 258 49.01 -89.69 36.26
N ALA X 259 49.41 -88.43 36.32
CA ALA X 259 49.49 -87.58 35.14
C ALA X 259 50.85 -87.61 34.46
N SER X 260 51.73 -88.55 34.80
CA SER X 260 53.08 -88.54 34.24
C SER X 260 53.69 -89.94 34.24
N VAL X 261 54.61 -90.15 33.30
CA VAL X 261 55.45 -91.34 33.24
C VAL X 261 56.91 -90.89 33.18
N ALA X 262 57.74 -91.46 34.06
CA ALA X 262 59.17 -91.22 34.10
C ALA X 262 59.91 -92.37 33.43
N LEU X 263 60.98 -92.00 32.74
CA LEU X 263 61.78 -92.99 32.04
C LEU X 263 63.23 -92.81 32.47
N SER X 264 63.97 -93.91 32.55
CA SER X 264 65.35 -93.88 32.98
C SER X 264 66.19 -94.76 32.07
N HIS X 265 67.50 -94.68 32.24
CA HIS X 265 68.42 -95.47 31.45
C HIS X 265 68.76 -96.79 32.12
N MET Y 1 73.21 -38.57 -21.02
CA MET Y 1 73.73 -38.20 -22.33
C MET Y 1 73.42 -39.24 -23.40
N ASN Y 2 73.81 -38.95 -24.63
CA ASN Y 2 73.55 -39.87 -25.75
C ASN Y 2 74.83 -40.31 -26.45
N ASN Y 3 74.72 -40.83 -27.68
CA ASN Y 3 75.89 -41.30 -28.40
C ASN Y 3 76.77 -40.14 -28.92
N LEU Y 4 76.23 -38.95 -29.12
CA LEU Y 4 77.04 -37.78 -29.47
C LEU Y 4 78.06 -37.40 -28.40
N TYR Y 5 77.79 -37.74 -27.13
CA TYR Y 5 78.69 -37.38 -26.03
C TYR Y 5 79.09 -35.91 -26.10
N ARG Y 6 78.08 -35.06 -26.33
CA ARG Y 6 78.32 -33.67 -26.68
C ARG Y 6 78.86 -32.87 -25.49
N ASP Y 7 78.39 -33.19 -24.28
CA ASP Y 7 78.85 -32.48 -23.09
C ASP Y 7 80.29 -32.81 -22.72
N LEU Y 8 80.85 -33.88 -23.26
CA LEU Y 8 82.24 -34.19 -22.99
C LEU Y 8 83.20 -33.38 -23.85
N ALA Y 9 82.71 -32.76 -24.92
CA ALA Y 9 83.57 -32.00 -25.80
C ALA Y 9 83.98 -30.68 -25.15
N PRO Y 10 85.25 -30.29 -25.24
CA PRO Y 10 85.67 -28.96 -24.74
C PRO Y 10 85.31 -27.85 -25.71
N VAL Y 11 84.01 -27.63 -25.88
CA VAL Y 11 83.47 -26.65 -26.80
C VAL Y 11 82.47 -25.82 -26.01
N THR Y 12 82.60 -24.50 -26.08
CA THR Y 12 81.70 -23.64 -25.35
C THR Y 12 80.35 -23.57 -26.05
N GLU Y 13 79.38 -22.98 -25.35
CA GLU Y 13 78.02 -22.88 -25.86
C GLU Y 13 77.94 -21.99 -27.09
N ALA Y 14 78.65 -20.85 -27.07
CA ALA Y 14 78.67 -19.94 -28.21
C ALA Y 14 79.37 -20.56 -29.40
N ALA Y 15 80.49 -21.25 -29.15
CA ALA Y 15 81.17 -21.98 -30.20
C ALA Y 15 80.29 -23.09 -30.77
N TRP Y 16 79.53 -23.77 -29.92
CA TRP Y 16 78.61 -24.79 -30.39
C TRP Y 16 77.54 -24.20 -31.31
N ALA Y 17 76.99 -23.04 -30.93
CA ALA Y 17 75.99 -22.39 -31.77
C ALA Y 17 76.56 -21.98 -33.13
N GLU Y 18 77.79 -21.46 -33.15
CA GLU Y 18 78.42 -21.12 -34.41
C GLU Y 18 78.70 -22.35 -35.28
N ILE Y 19 79.13 -23.46 -34.67
CA ILE Y 19 79.39 -24.69 -35.42
C ILE Y 19 78.10 -25.27 -35.99
N GLU Y 20 77.02 -25.28 -35.20
CA GLU Y 20 75.74 -25.78 -35.67
C GLU Y 20 75.21 -24.94 -36.82
N LEU Y 21 75.32 -23.60 -36.71
CA LEU Y 21 74.89 -22.71 -37.76
C LEU Y 21 75.67 -22.93 -39.05
N GLU Y 22 77.00 -23.04 -38.94
CA GLU Y 22 77.85 -23.23 -40.12
C GLU Y 22 77.56 -24.55 -40.81
N ALA Y 23 77.42 -25.62 -40.03
CA ALA Y 23 77.16 -26.94 -40.60
C ALA Y 23 75.78 -27.02 -41.26
N ALA Y 24 74.76 -26.47 -40.60
CA ALA Y 24 73.41 -26.48 -41.16
C ALA Y 24 73.33 -25.65 -42.44
N ARG Y 25 73.97 -24.48 -42.44
CA ARG Y 25 73.97 -23.63 -43.61
C ARG Y 25 74.67 -24.29 -44.80
N THR Y 26 75.88 -24.79 -44.59
CA THR Y 26 76.63 -25.36 -45.70
C THR Y 26 75.96 -26.62 -46.24
N PHE Y 27 75.34 -27.41 -45.37
CA PHE Y 27 74.62 -28.60 -45.78
C PHE Y 27 73.41 -28.30 -46.68
N LYS Y 28 72.52 -27.41 -46.24
CA LYS Y 28 71.36 -27.04 -47.05
C LYS Y 28 71.74 -26.55 -48.43
N ARG Y 29 72.74 -25.68 -48.51
CA ARG Y 29 73.19 -25.14 -49.78
C ARG Y 29 73.61 -26.23 -50.72
N HIS Y 30 74.21 -27.28 -50.20
CA HIS Y 30 74.74 -28.34 -51.09
C HIS Y 30 73.75 -29.49 -51.23
N ILE Y 31 72.59 -29.43 -50.57
CA ILE Y 31 71.65 -30.52 -50.84
C ILE Y 31 70.71 -30.15 -51.98
N ALA Y 32 70.64 -31.03 -52.98
CA ALA Y 32 69.64 -30.93 -54.03
C ALA Y 32 68.58 -32.02 -53.90
N GLY Y 33 68.96 -33.15 -53.29
CA GLY Y 33 68.10 -34.32 -53.27
C GLY Y 33 66.84 -34.16 -52.44
N ARG Y 34 66.95 -33.49 -51.30
CA ARG Y 34 65.80 -33.33 -50.40
C ARG Y 34 64.77 -32.36 -50.97
N ARG Y 35 65.16 -31.52 -51.93
CA ARG Y 35 64.20 -30.60 -52.54
C ARG Y 35 63.22 -31.31 -53.47
N VAL Y 36 63.56 -32.51 -53.95
CA VAL Y 36 62.73 -33.19 -54.93
C VAL Y 36 62.13 -34.50 -54.42
N VAL Y 37 62.71 -35.14 -53.41
CA VAL Y 37 62.22 -36.43 -52.98
C VAL Y 37 61.38 -36.23 -51.73
N ASP Y 38 60.56 -37.22 -51.43
CA ASP Y 38 59.83 -37.22 -50.17
C ASP Y 38 60.79 -37.60 -49.05
N VAL Y 39 60.79 -36.82 -47.99
CA VAL Y 39 61.68 -37.02 -46.85
C VAL Y 39 60.82 -37.36 -45.65
N SER Y 40 61.07 -38.53 -45.08
CA SER Y 40 60.28 -39.00 -43.96
C SER Y 40 60.68 -38.28 -42.68
N ASP Y 41 59.85 -38.45 -41.66
CA ASP Y 41 60.27 -38.05 -40.33
C ASP Y 41 61.37 -38.99 -39.84
N PRO Y 42 62.25 -38.52 -38.96
CA PRO Y 42 63.25 -39.41 -38.36
C PRO Y 42 62.63 -40.53 -37.56
N GLY Y 43 62.98 -41.77 -37.90
CA GLY Y 43 62.48 -42.93 -37.19
C GLY Y 43 62.99 -43.00 -35.76
N GLY Y 44 64.25 -42.63 -35.57
CA GLY Y 44 64.83 -42.71 -34.26
C GLY Y 44 66.05 -43.60 -34.30
N PRO Y 45 66.80 -43.66 -33.20
CA PRO Y 45 68.04 -44.45 -33.18
C PRO Y 45 67.81 -45.95 -33.31
N VAL Y 46 66.65 -46.46 -32.89
CA VAL Y 46 66.45 -47.91 -32.87
C VAL Y 46 66.08 -48.42 -34.25
N THR Y 47 65.67 -47.52 -35.14
CA THR Y 47 65.21 -47.90 -36.47
C THR Y 47 66.37 -48.44 -37.30
N ALA Y 48 66.19 -49.62 -37.87
CA ALA Y 48 67.32 -50.29 -38.51
C ALA Y 48 67.03 -50.67 -39.96
N ALA Y 49 65.76 -50.85 -40.29
CA ALA Y 49 65.41 -51.31 -41.63
C ALA Y 49 64.03 -50.78 -42.00
N VAL Y 50 63.79 -50.72 -43.30
CA VAL Y 50 62.50 -50.31 -43.84
C VAL Y 50 61.90 -51.51 -44.54
N SER Y 51 60.67 -51.84 -44.18
CA SER Y 51 59.95 -52.94 -44.83
C SER Y 51 59.57 -52.56 -46.26
N THR Y 52 59.85 -53.46 -47.19
CA THR Y 52 59.41 -53.28 -48.56
C THR Y 52 58.07 -53.94 -48.85
N GLY Y 53 57.66 -54.85 -47.96
CA GLY Y 53 56.35 -55.52 -48.12
C GLY Y 53 56.45 -56.71 -49.07
N ARG Y 54 57.64 -57.06 -49.54
CA ARG Y 54 57.79 -58.25 -50.42
C ARG Y 54 58.13 -59.51 -49.61
N LEU Y 55 58.17 -60.67 -50.25
CA LEU Y 55 58.41 -61.96 -49.55
C LEU Y 55 59.50 -62.76 -50.28
N ILE Y 56 60.34 -63.47 -49.55
CA ILE Y 56 61.42 -64.26 -50.14
C ILE Y 56 61.25 -65.74 -49.83
N ASP Y 57 61.14 -66.56 -50.85
CA ASP Y 57 60.98 -68.01 -50.66
C ASP Y 57 62.17 -68.65 -49.97
N VAL Y 58 61.94 -69.34 -48.86
CA VAL Y 58 63.03 -70.05 -48.18
C VAL Y 58 62.76 -71.55 -48.10
N LYS Y 59 63.81 -72.33 -47.97
CA LYS Y 59 63.66 -73.79 -47.90
C LYS Y 59 62.72 -74.21 -46.79
N ALA Y 60 61.60 -74.84 -47.15
CA ALA Y 60 60.60 -75.28 -46.17
C ALA Y 60 61.19 -75.89 -44.90
N PRO Y 61 60.78 -75.37 -43.72
CA PRO Y 61 61.28 -75.90 -42.45
C PRO Y 61 60.93 -77.38 -42.34
N THR Y 62 59.65 -77.70 -42.49
CA THR Y 62 59.23 -79.10 -42.47
C THR Y 62 58.21 -79.38 -43.57
N ASN Y 63 57.70 -80.60 -43.60
CA ASN Y 63 56.71 -80.98 -44.61
C ASN Y 63 55.40 -80.24 -44.38
N GLY Y 64 54.84 -79.69 -45.45
CA GLY Y 64 53.58 -78.99 -45.34
C GLY Y 64 53.68 -77.58 -44.77
N VAL Y 65 54.90 -77.09 -44.56
CA VAL Y 65 55.08 -75.75 -44.06
C VAL Y 65 55.61 -74.89 -45.17
N ILE Y 66 55.02 -73.73 -45.35
CA ILE Y 66 55.47 -72.83 -46.39
C ILE Y 66 56.03 -71.63 -45.69
N ALA Y 67 57.29 -71.34 -45.94
CA ALA Y 67 57.95 -70.24 -45.25
C ALA Y 67 58.40 -69.14 -46.17
N HIS Y 68 58.29 -67.92 -45.70
CA HIS Y 68 58.76 -66.81 -46.47
C HIS Y 68 59.42 -65.77 -45.60
N LEU Y 69 60.56 -65.29 -46.02
CA LEU Y 69 61.24 -64.21 -45.31
C LEU Y 69 60.68 -62.87 -45.73
N ARG Y 70 60.47 -61.99 -44.77
CA ARG Y 70 60.10 -60.62 -45.10
C ARG Y 70 61.31 -59.86 -45.64
N ALA Y 71 61.14 -59.20 -46.77
CA ALA Y 71 62.20 -58.38 -47.35
C ALA Y 71 62.25 -57.01 -46.69
N SER Y 72 63.45 -56.44 -46.62
CA SER Y 72 63.62 -55.13 -46.04
C SER Y 72 64.89 -54.49 -46.61
N LYS Y 73 65.03 -53.21 -46.35
CA LYS Y 73 66.20 -52.43 -46.75
C LYS Y 73 66.91 -51.93 -45.51
N PRO Y 74 68.21 -52.19 -45.36
CA PRO Y 74 68.92 -51.69 -44.18
C PRO Y 74 69.25 -50.21 -44.30
N LEU Y 75 69.20 -49.52 -43.16
CA LEU Y 75 69.77 -48.18 -43.09
C LEU Y 75 71.28 -48.23 -43.10
N VAL Y 76 71.91 -47.17 -43.58
CA VAL Y 76 73.35 -47.00 -43.49
C VAL Y 76 73.62 -45.74 -42.67
N ARG Y 77 74.56 -45.84 -41.74
CA ARG Y 77 75.01 -44.69 -40.99
C ARG Y 77 76.27 -44.13 -41.63
N LEU Y 78 76.24 -42.86 -41.96
CA LEU Y 78 77.30 -42.17 -42.68
C LEU Y 78 77.91 -41.16 -41.72
N ARG Y 79 79.21 -41.27 -41.51
CA ARG Y 79 79.93 -40.44 -40.56
C ARG Y 79 81.11 -39.78 -41.25
N VAL Y 80 81.21 -38.47 -41.10
CA VAL Y 80 82.32 -37.69 -41.63
C VAL Y 80 83.03 -37.02 -40.46
N PRO Y 81 84.18 -37.52 -40.06
CA PRO Y 81 84.95 -36.86 -39.00
C PRO Y 81 85.61 -35.59 -39.50
N PHE Y 82 85.81 -34.66 -38.58
CA PHE Y 82 86.54 -33.42 -38.88
C PHE Y 82 87.21 -32.93 -37.60
N THR Y 83 88.17 -32.03 -37.78
CA THR Y 83 89.07 -31.63 -36.71
C THR Y 83 89.08 -30.11 -36.58
N LEU Y 84 88.83 -29.61 -35.37
CA LEU Y 84 88.78 -28.18 -35.11
C LEU Y 84 89.94 -27.75 -34.22
N SER Y 85 90.51 -26.60 -34.53
CA SER Y 85 91.48 -25.96 -33.66
C SER Y 85 90.80 -25.46 -32.39
N ARG Y 86 91.41 -25.74 -31.23
CA ARG Y 86 90.85 -25.29 -29.97
C ARG Y 86 91.05 -23.80 -29.76
N ASN Y 87 92.07 -23.22 -30.40
CA ASN Y 87 92.25 -21.76 -30.36
C ASN Y 87 91.09 -21.04 -31.04
N GLU Y 88 90.63 -21.55 -32.19
CA GLU Y 88 89.48 -20.98 -32.88
C GLU Y 88 88.21 -21.11 -32.03
N ILE Y 89 88.07 -22.23 -31.31
CA ILE Y 89 86.94 -22.41 -30.41
C ILE Y 89 86.99 -21.41 -29.26
N ASP Y 90 88.17 -21.21 -28.67
CA ASP Y 90 88.34 -20.27 -27.58
C ASP Y 90 88.15 -18.82 -28.02
N ASP Y 91 88.41 -18.52 -29.30
CA ASP Y 91 88.23 -17.17 -29.83
C ASP Y 91 86.79 -16.70 -29.78
N VAL Y 92 85.82 -17.63 -29.81
CA VAL Y 92 84.41 -17.27 -29.97
C VAL Y 92 83.88 -16.55 -28.74
N GLU Y 93 84.27 -17.01 -27.55
CA GLU Y 93 83.76 -16.35 -26.32
C GLU Y 93 84.37 -14.96 -26.19
N ARG Y 94 85.62 -14.78 -26.63
CA ARG Y 94 86.23 -13.47 -26.59
C ARG Y 94 85.61 -12.50 -27.61
N GLY Y 95 84.76 -12.96 -28.50
CA GLY Y 95 84.06 -12.10 -29.42
C GLY Y 95 84.55 -12.14 -30.85
N SER Y 96 85.40 -13.09 -31.22
CA SER Y 96 85.79 -13.25 -32.60
C SER Y 96 84.62 -13.70 -33.45
N LYS Y 97 84.57 -13.20 -34.68
CA LYS Y 97 83.52 -13.56 -35.62
C LYS Y 97 84.09 -14.11 -36.92
N ASP Y 98 85.38 -14.41 -36.93
CA ASP Y 98 86.02 -15.00 -38.12
C ASP Y 98 86.73 -16.30 -37.77
N SER Y 99 86.23 -17.03 -36.78
CA SER Y 99 86.83 -18.30 -36.39
C SER Y 99 86.78 -19.30 -37.54
N ASP Y 100 87.86 -20.04 -37.69
CA ASP Y 100 88.06 -20.91 -38.84
C ASP Y 100 87.14 -22.14 -38.77
N TRP Y 101 86.01 -22.08 -39.46
CA TRP Y 101 85.09 -23.20 -39.47
C TRP Y 101 85.18 -23.92 -40.81
N GLU Y 102 86.32 -23.82 -41.48
CA GLU Y 102 86.52 -24.52 -42.75
C GLU Y 102 86.36 -26.06 -42.63
N PRO Y 103 86.89 -26.68 -41.55
CA PRO Y 103 86.67 -28.14 -41.48
C PRO Y 103 85.19 -28.47 -41.35
N VAL Y 104 84.44 -27.69 -40.57
CA VAL Y 104 83.00 -27.90 -40.48
C VAL Y 104 82.35 -27.79 -41.86
N LYS Y 105 82.76 -26.79 -42.64
CA LYS Y 105 82.20 -26.60 -43.98
C LYS Y 105 82.59 -27.74 -44.90
N GLU Y 106 83.83 -28.22 -44.82
CA GLU Y 106 84.25 -29.34 -45.65
C GLU Y 106 83.55 -30.63 -45.25
N ALA Y 107 83.32 -30.85 -43.96
CA ALA Y 107 82.58 -32.02 -43.53
C ALA Y 107 81.12 -31.96 -43.97
N ALA Y 108 80.50 -30.79 -43.88
CA ALA Y 108 79.11 -30.65 -44.33
C ALA Y 108 78.98 -30.82 -45.84
N LYS Y 109 79.94 -30.28 -46.59
CA LYS Y 109 79.95 -30.46 -48.03
C LYS Y 109 80.15 -31.92 -48.41
N LYS Y 110 81.03 -32.63 -47.69
CA LYS Y 110 81.28 -34.03 -48.00
C LYS Y 110 80.09 -34.90 -47.64
N LEU Y 111 79.45 -34.62 -46.50
CA LEU Y 111 78.24 -35.39 -46.10
C LEU Y 111 77.12 -35.15 -47.12
N ALA Y 112 76.91 -33.88 -47.50
CA ALA Y 112 75.89 -33.56 -48.50
C ALA Y 112 76.18 -34.24 -49.84
N PHE Y 113 77.45 -34.29 -50.23
CA PHE Y 113 77.83 -34.96 -51.47
C PHE Y 113 77.56 -36.45 -51.41
N VAL Y 114 77.87 -37.07 -50.27
CA VAL Y 114 77.59 -38.49 -50.13
C VAL Y 114 76.09 -38.73 -50.23
N GLU Y 115 75.29 -37.98 -49.47
CA GLU Y 115 73.85 -38.20 -49.48
C GLU Y 115 73.26 -38.03 -50.88
N ASP Y 116 73.66 -36.99 -51.60
CA ASP Y 116 73.14 -36.76 -52.94
C ASP Y 116 73.60 -37.83 -53.92
N ARG Y 117 74.87 -38.25 -53.83
CA ARG Y 117 75.36 -39.29 -54.72
C ARG Y 117 74.75 -40.64 -54.39
N THR Y 118 74.36 -40.85 -53.13
CA THR Y 118 73.66 -42.06 -52.76
C THR Y 118 72.23 -42.07 -53.32
N ILE Y 119 71.54 -40.93 -53.24
CA ILE Y 119 70.19 -40.85 -53.79
C ILE Y 119 70.19 -41.01 -55.31
N PHE Y 120 71.13 -40.36 -56.00
CA PHE Y 120 71.03 -40.32 -57.46
C PHE Y 120 71.87 -41.37 -58.17
N GLU Y 121 72.97 -41.84 -57.57
CA GLU Y 121 73.82 -42.83 -58.21
C GLU Y 121 73.87 -44.14 -57.47
N GLY Y 122 73.21 -44.23 -56.33
CA GLY Y 122 73.22 -45.43 -55.56
C GLY Y 122 74.45 -45.79 -54.76
N TYR Y 123 74.29 -46.74 -53.86
CA TYR Y 123 75.38 -47.19 -53.03
C TYR Y 123 75.11 -48.67 -52.95
N SER Y 124 75.72 -49.43 -53.83
CA SER Y 124 75.47 -50.86 -53.90
C SER Y 124 75.75 -51.64 -52.60
N ALA Y 125 76.79 -51.30 -51.89
CA ALA Y 125 77.13 -51.97 -50.64
C ALA Y 125 76.03 -51.81 -49.60
N ALA Y 126 75.30 -50.70 -49.65
CA ALA Y 126 74.15 -50.48 -48.79
C ALA Y 126 72.84 -50.92 -49.41
N SER Y 127 72.90 -51.64 -50.54
CA SER Y 127 71.74 -52.14 -51.29
C SER Y 127 70.80 -51.02 -51.71
N ILE Y 128 71.37 -49.89 -52.10
CA ILE Y 128 70.59 -48.74 -52.56
C ILE Y 128 70.83 -48.60 -54.05
N GLU Y 129 69.75 -48.68 -54.83
CA GLU Y 129 69.82 -48.42 -56.25
C GLU Y 129 69.56 -46.94 -56.49
N GLY Y 130 70.39 -46.31 -57.30
CA GLY Y 130 70.21 -44.90 -57.59
C GLY Y 130 69.02 -44.66 -58.50
N ILE Y 131 68.65 -43.38 -58.59
CA ILE Y 131 67.61 -42.96 -59.52
C ILE Y 131 68.04 -43.23 -60.96
N ARG Y 132 69.32 -43.03 -61.26
CA ARG Y 132 69.84 -43.31 -62.60
C ARG Y 132 69.72 -44.78 -62.96
N SER Y 133 70.04 -45.67 -62.03
CA SER Y 133 69.95 -47.10 -62.30
C SER Y 133 68.51 -47.60 -62.29
N ALA Y 134 67.66 -47.03 -61.44
CA ALA Y 134 66.28 -47.49 -61.32
C ALA Y 134 65.35 -46.86 -62.36
N SER Y 135 65.83 -45.94 -63.17
CA SER Y 135 64.99 -45.32 -64.18
C SER Y 135 64.74 -46.29 -65.33
N SER Y 136 63.49 -46.42 -65.75
CA SER Y 136 63.15 -47.23 -66.90
C SER Y 136 63.11 -46.43 -68.20
N ASN Y 137 63.07 -45.10 -68.12
CA ASN Y 137 63.12 -44.29 -69.31
C ASN Y 137 64.52 -44.31 -69.92
N PRO Y 138 64.64 -44.13 -71.24
CA PRO Y 138 65.96 -44.18 -71.87
C PRO Y 138 66.87 -43.06 -71.41
N ALA Y 139 68.16 -43.36 -71.39
CA ALA Y 139 69.18 -42.39 -71.02
C ALA Y 139 69.55 -41.54 -72.23
N LEU Y 140 69.87 -40.28 -71.97
CA LEU Y 140 70.20 -39.34 -73.02
C LEU Y 140 71.63 -38.86 -72.85
N THR Y 141 72.21 -38.40 -73.95
CA THR Y 141 73.57 -37.87 -73.94
C THR Y 141 73.51 -36.35 -74.00
N LEU Y 142 74.20 -35.69 -73.07
CA LEU Y 142 74.27 -34.24 -73.09
C LEU Y 142 75.28 -33.80 -74.12
N PRO Y 143 74.92 -32.81 -74.94
CA PRO Y 143 75.81 -32.36 -76.02
C PRO Y 143 76.96 -31.50 -75.50
N GLU Y 144 77.98 -31.32 -76.32
CA GLU Y 144 79.12 -30.50 -75.91
C GLU Y 144 78.76 -29.01 -75.88
N ASP Y 145 78.03 -28.55 -76.88
CA ASP Y 145 77.64 -27.15 -76.95
C ASP Y 145 76.54 -26.88 -75.93
N PRO Y 146 76.73 -25.93 -75.01
CA PRO Y 146 75.65 -25.59 -74.07
C PRO Y 146 74.39 -25.04 -74.72
N ARG Y 147 74.50 -24.41 -75.90
CA ARG Y 147 73.33 -23.92 -76.61
C ARG Y 147 72.43 -25.05 -77.09
N GLU Y 148 72.96 -26.26 -77.20
CA GLU Y 148 72.19 -27.44 -77.52
C GLU Y 148 71.70 -28.19 -76.28
N ILE Y 149 71.97 -27.68 -75.08
CA ILE Y 149 71.43 -28.34 -73.88
C ILE Y 149 69.89 -28.31 -73.83
N PRO Y 150 69.25 -27.13 -73.98
CA PRO Y 150 67.79 -27.12 -73.85
C PRO Y 150 67.07 -28.08 -74.80
N ASP Y 151 67.65 -28.34 -75.97
CA ASP Y 151 67.02 -29.27 -76.91
C ASP Y 151 66.93 -30.66 -76.29
N VAL Y 152 68.06 -31.21 -75.87
CA VAL Y 152 68.08 -32.56 -75.29
C VAL Y 152 67.22 -32.64 -74.03
N ILE Y 153 67.28 -31.62 -73.18
CA ILE Y 153 66.41 -31.57 -72.00
C ILE Y 153 64.95 -31.69 -72.41
N SER Y 154 64.55 -31.01 -73.48
CA SER Y 154 63.16 -31.09 -73.99
C SER Y 154 62.83 -32.52 -74.44
N GLN Y 155 63.80 -33.25 -75.00
CA GLN Y 155 63.58 -34.65 -75.36
C GLN Y 155 63.33 -35.50 -74.12
N ALA Y 156 64.03 -35.19 -73.01
CA ALA Y 156 63.74 -35.82 -71.74
C ALA Y 156 62.33 -35.52 -71.27
N LEU Y 157 61.88 -34.27 -71.48
CA LEU Y 157 60.50 -33.92 -71.17
C LEU Y 157 59.51 -34.64 -72.07
N SER Y 158 59.95 -35.07 -73.26
CA SER Y 158 59.09 -35.91 -74.07
C SER Y 158 58.91 -37.28 -73.42
N GLU Y 159 59.98 -37.84 -72.84
CA GLU Y 159 59.95 -39.21 -72.37
C GLU Y 159 59.03 -39.38 -71.17
N LEU Y 160 59.11 -38.46 -70.19
CA LEU Y 160 58.14 -38.42 -69.10
C LEU Y 160 56.72 -38.20 -69.60
N ARG Y 161 56.57 -37.52 -70.73
CA ARG Y 161 55.24 -37.40 -71.29
C ARG Y 161 54.81 -38.69 -71.96
N LEU Y 162 55.75 -39.42 -72.56
CA LEU Y 162 55.44 -40.72 -73.13
C LEU Y 162 55.28 -41.80 -72.06
N ALA Y 163 55.80 -41.55 -70.86
CA ALA Y 163 55.63 -42.47 -69.75
C ALA Y 163 54.30 -42.29 -69.04
N GLY Y 164 53.49 -41.30 -69.44
CA GLY Y 164 52.24 -41.03 -68.76
C GLY Y 164 52.47 -40.54 -67.34
N VAL Y 165 53.06 -39.35 -67.19
CA VAL Y 165 53.37 -38.83 -65.87
C VAL Y 165 52.99 -37.36 -65.76
N ASP Y 166 52.36 -36.97 -64.66
CA ASP Y 166 51.99 -35.57 -64.45
C ASP Y 166 52.89 -34.92 -63.42
N GLY Y 167 52.53 -33.73 -62.94
CA GLY Y 167 53.30 -33.07 -61.91
C GLY Y 167 54.33 -32.06 -62.37
N PRO Y 168 54.80 -31.20 -61.44
CA PRO Y 168 55.79 -30.20 -61.78
C PRO Y 168 57.10 -30.93 -62.08
N TYR Y 169 57.67 -30.78 -63.26
CA TYR Y 169 58.94 -31.43 -63.52
C TYR Y 169 60.14 -30.58 -63.05
N SER Y 170 61.20 -31.22 -62.54
CA SER Y 170 62.30 -30.37 -62.11
C SER Y 170 63.61 -30.87 -62.72
N VAL Y 171 64.52 -29.95 -63.07
CA VAL Y 171 65.76 -30.33 -63.72
C VAL Y 171 66.89 -30.09 -62.72
N LEU Y 172 67.70 -31.12 -62.51
CA LEU Y 172 68.85 -31.03 -61.63
C LEU Y 172 70.08 -31.16 -62.51
N LEU Y 173 71.05 -30.29 -62.33
CA LEU Y 173 72.22 -30.27 -63.18
C LEU Y 173 73.46 -30.49 -62.33
N SER Y 174 74.45 -31.16 -62.93
CA SER Y 174 75.76 -31.20 -62.30
C SER Y 174 76.41 -29.82 -62.34
N ALA Y 175 77.44 -29.64 -61.49
CA ALA Y 175 78.10 -28.36 -61.35
C ALA Y 175 78.76 -27.92 -62.66
N ASP Y 176 79.32 -28.87 -63.41
CA ASP Y 176 79.87 -28.57 -64.73
C ASP Y 176 78.79 -28.08 -65.69
N VAL Y 177 77.65 -28.78 -65.72
CA VAL Y 177 76.56 -28.44 -66.62
C VAL Y 177 75.89 -27.15 -66.18
N TYR Y 178 75.73 -26.96 -64.86
CA TYR Y 178 75.16 -25.72 -64.34
C TYR Y 178 76.03 -24.52 -64.66
N THR Y 179 77.35 -24.67 -64.53
CA THR Y 179 78.28 -23.61 -64.90
C THR Y 179 78.23 -23.32 -66.41
N LYS Y 180 78.17 -24.38 -67.22
CA LYS Y 180 78.11 -24.21 -68.68
C LYS Y 180 76.84 -23.49 -69.12
N VAL Y 181 75.69 -23.84 -68.55
CA VAL Y 181 74.46 -23.15 -68.94
C VAL Y 181 74.28 -21.83 -68.22
N SER Y 182 75.08 -21.56 -67.20
CA SER Y 182 75.05 -20.27 -66.54
C SER Y 182 75.90 -19.23 -67.25
N GLU Y 183 77.06 -19.64 -67.76
CA GLU Y 183 78.02 -18.70 -68.29
C GLU Y 183 77.84 -18.43 -69.78
N THR Y 184 77.13 -19.29 -70.48
CA THR Y 184 76.82 -19.07 -71.88
C THR Y 184 75.49 -18.32 -71.95
N SER Y 185 75.43 -17.30 -72.80
CA SER Y 185 74.24 -16.47 -72.88
C SER Y 185 73.75 -16.40 -74.33
N ASP Y 186 72.44 -16.23 -74.47
CA ASP Y 186 71.81 -16.06 -75.77
C ASP Y 186 70.68 -15.06 -75.62
N HIS Y 187 70.77 -13.96 -76.37
CA HIS Y 187 69.75 -12.90 -76.43
C HIS Y 187 69.44 -12.31 -75.07
N GLY Y 188 70.49 -12.00 -74.31
CA GLY Y 188 70.33 -11.32 -73.04
C GLY Y 188 69.96 -12.19 -71.87
N TYR Y 189 69.89 -13.50 -72.05
CA TYR Y 189 69.65 -14.42 -70.96
C TYR Y 189 70.65 -15.56 -71.04
N PRO Y 190 71.09 -16.08 -69.90
CA PRO Y 190 71.86 -17.33 -69.92
C PRO Y 190 70.95 -18.50 -70.25
N ILE Y 191 71.59 -19.62 -70.64
CA ILE Y 191 70.86 -20.81 -71.05
C ILE Y 191 70.08 -21.41 -69.89
N ARG Y 192 70.49 -21.11 -68.65
CA ARG Y 192 69.74 -21.53 -67.46
C ARG Y 192 68.32 -20.96 -67.47
N GLU Y 193 68.15 -19.73 -67.95
CA GLU Y 193 66.81 -19.15 -68.08
C GLU Y 193 66.02 -19.89 -69.16
N HIS Y 194 66.68 -20.27 -70.26
CA HIS Y 194 66.02 -21.07 -71.29
C HIS Y 194 65.54 -22.41 -70.75
N LEU Y 195 66.33 -23.02 -69.86
CA LEU Y 195 65.87 -24.23 -69.18
C LEU Y 195 64.70 -23.93 -68.25
N ASN Y 196 64.72 -22.78 -67.59
CA ASN Y 196 63.66 -22.39 -66.69
C ASN Y 196 62.32 -22.20 -67.42
N ARG Y 197 62.36 -21.79 -68.68
CA ARG Y 197 61.12 -21.64 -69.45
C ARG Y 197 60.48 -22.97 -69.81
N LEU Y 198 61.26 -24.04 -69.93
CA LEU Y 198 60.73 -25.37 -70.33
C LEU Y 198 59.94 -26.06 -69.21
N VAL Y 199 60.22 -25.78 -67.94
CA VAL Y 199 59.56 -26.54 -66.85
C VAL Y 199 58.80 -25.64 -65.87
N ASP Y 200 57.88 -26.22 -65.12
CA ASP Y 200 57.10 -25.45 -64.11
C ASP Y 200 57.70 -25.76 -62.75
N GLY Y 201 58.82 -26.48 -62.73
CA GLY Y 201 59.51 -26.80 -61.47
C GLY Y 201 60.67 -25.85 -61.27
N ASP Y 202 61.88 -26.38 -61.06
CA ASP Y 202 63.00 -25.48 -60.74
C ASP Y 202 64.31 -25.98 -61.36
N ILE Y 203 65.16 -25.07 -61.82
CA ILE Y 203 66.50 -25.52 -62.24
C ILE Y 203 67.27 -25.58 -60.92
N ILE Y 204 67.78 -26.75 -60.58
CA ILE Y 204 68.38 -26.99 -59.27
C ILE Y 204 69.86 -27.30 -59.45
N TRP Y 205 70.70 -26.55 -58.76
CA TRP Y 205 72.13 -26.81 -58.75
C TRP Y 205 72.40 -28.06 -57.92
N ALA Y 206 73.03 -29.06 -58.53
CA ALA Y 206 73.31 -30.34 -57.88
C ALA Y 206 74.78 -30.68 -58.07
N PRO Y 207 75.67 -30.12 -57.25
CA PRO Y 207 77.10 -30.28 -57.47
C PRO Y 207 77.65 -31.68 -57.23
N ALA Y 208 76.90 -32.57 -56.59
CA ALA Y 208 77.44 -33.89 -56.33
C ALA Y 208 77.22 -34.85 -57.49
N ILE Y 209 76.14 -34.69 -58.25
CA ILE Y 209 75.74 -35.64 -59.29
C ILE Y 209 76.63 -35.51 -60.52
N ASP Y 210 76.55 -36.50 -61.39
CA ASP Y 210 77.06 -36.41 -62.75
C ASP Y 210 75.90 -36.22 -63.71
N GLY Y 211 76.21 -35.58 -64.84
CA GLY Y 211 75.20 -35.36 -65.86
C GLY Y 211 74.03 -34.52 -65.44
N ALA Y 212 72.82 -35.00 -65.72
CA ALA Y 212 71.63 -34.24 -65.38
C ALA Y 212 70.49 -35.20 -65.10
N PHE Y 213 69.47 -34.67 -64.42
CA PHE Y 213 68.31 -35.51 -64.10
C PHE Y 213 67.06 -34.66 -64.29
N VAL Y 214 66.08 -35.18 -65.01
CA VAL Y 214 64.78 -34.47 -65.13
C VAL Y 214 63.76 -35.37 -64.46
N LEU Y 215 62.91 -34.81 -63.61
CA LEU Y 215 62.00 -35.72 -62.89
C LEU Y 215 60.80 -34.97 -62.37
N THR Y 216 59.74 -35.70 -62.05
CA THR Y 216 58.52 -35.12 -61.51
C THR Y 216 58.59 -35.02 -59.99
N THR Y 217 57.97 -33.96 -59.47
CA THR Y 217 57.92 -33.77 -58.02
C THR Y 217 56.48 -33.83 -57.55
N ARG Y 218 55.68 -34.68 -58.19
CA ARG Y 218 54.29 -34.81 -57.82
C ARG Y 218 54.11 -35.46 -56.45
N GLY Y 219 55.11 -36.22 -56.00
CA GLY Y 219 55.01 -36.86 -54.71
C GLY Y 219 54.85 -38.36 -54.84
N GLY Y 220 55.30 -39.08 -53.82
CA GLY Y 220 55.09 -40.51 -53.74
C GLY Y 220 55.93 -41.35 -54.66
N ASP Y 221 56.92 -40.79 -55.34
CA ASP Y 221 57.72 -41.57 -56.28
C ASP Y 221 59.10 -41.90 -55.71
N PHE Y 222 59.65 -40.98 -54.94
CA PHE Y 222 61.01 -41.08 -54.44
C PHE Y 222 60.97 -40.82 -52.94
N ASP Y 223 61.55 -41.71 -52.15
CA ASP Y 223 61.37 -41.65 -50.70
C ASP Y 223 62.72 -41.81 -50.03
N LEU Y 224 63.12 -40.78 -49.28
CA LEU Y 224 64.32 -40.84 -48.46
C LEU Y 224 63.89 -41.15 -47.03
N GLN Y 225 64.36 -42.26 -46.48
CA GLN Y 225 64.02 -42.65 -45.13
C GLN Y 225 65.17 -42.32 -44.18
N LEU Y 226 64.85 -41.54 -43.19
CA LEU Y 226 65.84 -41.17 -42.20
C LEU Y 226 65.61 -41.83 -40.88
N GLY Y 227 66.62 -42.46 -40.32
CA GLY Y 227 66.47 -42.94 -38.95
C GLY Y 227 66.72 -41.73 -38.10
N THR Y 228 67.91 -41.13 -38.29
CA THR Y 228 68.26 -39.88 -37.57
C THR Y 228 68.81 -38.88 -38.58
N ASP Y 229 68.39 -37.61 -38.45
CA ASP Y 229 68.89 -36.55 -39.37
C ASP Y 229 70.33 -36.19 -39.00
N VAL Y 230 70.91 -35.20 -39.69
CA VAL Y 230 72.32 -34.80 -39.46
C VAL Y 230 72.55 -34.32 -38.03
N ALA Y 231 73.55 -34.88 -37.37
CA ALA Y 231 73.89 -34.50 -36.00
C ALA Y 231 75.40 -34.37 -35.88
N ILE Y 232 75.84 -33.57 -34.91
CA ILE Y 232 77.27 -33.38 -34.68
C ILE Y 232 77.63 -34.09 -33.38
N GLY Y 233 78.65 -34.97 -33.45
CA GLY Y 233 79.05 -35.75 -32.30
C GLY Y 233 80.53 -35.57 -31.99
N TYR Y 234 80.89 -35.92 -30.76
CA TYR Y 234 82.24 -35.72 -30.25
C TYR Y 234 82.99 -37.03 -30.19
N ALA Y 235 84.20 -37.07 -30.76
CA ALA Y 235 85.00 -38.31 -30.77
C ALA Y 235 86.06 -38.26 -29.68
N SER Y 236 87.04 -37.36 -29.82
CA SER Y 236 88.14 -37.24 -28.86
C SER Y 236 88.78 -35.86 -28.96
N HIS Y 237 89.68 -35.54 -28.03
CA HIS Y 237 90.32 -34.20 -28.01
C HIS Y 237 91.74 -34.25 -27.45
N ASP Y 238 92.58 -33.28 -27.81
CA ASP Y 238 93.94 -33.17 -27.23
C ASP Y 238 94.10 -31.71 -26.80
N THR Y 239 95.32 -31.26 -26.54
CA THR Y 239 95.56 -29.87 -26.09
C THR Y 239 95.27 -28.90 -27.24
N ASP Y 240 95.47 -29.34 -28.47
CA ASP Y 240 95.34 -28.39 -29.57
C ASP Y 240 94.04 -28.51 -30.35
N THR Y 241 93.45 -29.69 -30.45
CA THR Y 241 92.36 -29.91 -31.40
C THR Y 241 91.25 -30.72 -30.76
N VAL Y 242 90.06 -30.59 -31.34
CA VAL Y 242 88.90 -31.41 -31.00
C VAL Y 242 88.48 -32.16 -32.25
N ARG Y 243 88.42 -33.48 -32.16
CA ARG Y 243 87.88 -34.31 -33.24
C ARG Y 243 86.38 -34.50 -33.02
N LEU Y 244 85.61 -34.10 -34.03
CA LEU Y 244 84.18 -34.29 -33.99
C LEU Y 244 83.76 -35.00 -35.26
N TYR Y 245 82.46 -35.20 -35.46
CA TYR Y 245 81.97 -35.81 -36.69
C TYR Y 245 80.57 -35.31 -36.99
N LEU Y 246 80.22 -35.40 -38.26
CA LEU Y 246 78.86 -35.24 -38.74
C LEU Y 246 78.31 -36.62 -39.02
N GLN Y 247 77.05 -36.85 -38.69
CA GLN Y 247 76.55 -38.21 -38.78
C GLN Y 247 75.07 -38.19 -39.15
N GLU Y 248 74.70 -39.08 -40.06
CA GLU Y 248 73.30 -39.25 -40.41
C GLU Y 248 73.08 -40.69 -40.87
N THR Y 249 71.89 -41.22 -40.59
CA THR Y 249 71.58 -42.58 -40.99
C THR Y 249 70.30 -42.61 -41.83
N LEU Y 250 70.37 -43.30 -42.97
CA LEU Y 250 69.34 -43.20 -43.99
C LEU Y 250 69.34 -44.41 -44.91
N THR Y 251 68.25 -44.53 -45.67
CA THR Y 251 68.21 -45.34 -46.88
C THR Y 251 67.37 -44.57 -47.89
N PHE Y 252 67.46 -44.98 -49.16
CA PHE Y 252 66.67 -44.36 -50.20
C PHE Y 252 65.92 -45.41 -51.01
N LEU Y 253 64.66 -45.12 -51.31
CA LEU Y 253 63.79 -46.02 -52.06
C LEU Y 253 63.25 -45.27 -53.27
N CYS Y 254 63.24 -45.92 -54.42
CA CYS Y 254 62.57 -45.40 -55.60
C CYS Y 254 61.39 -46.33 -55.92
N TYR Y 255 60.18 -45.83 -55.75
CA TYR Y 255 58.99 -46.63 -55.99
C TYR Y 255 58.55 -46.63 -57.45
N THR Y 256 58.85 -45.58 -58.19
CA THR Y 256 58.30 -45.36 -59.52
C THR Y 256 59.46 -45.28 -60.51
N ALA Y 257 59.59 -46.31 -61.36
CA ALA Y 257 60.74 -46.41 -62.23
C ALA Y 257 60.69 -45.42 -63.38
N GLU Y 258 59.50 -45.00 -63.80
CA GLU Y 258 59.37 -44.20 -65.01
C GLU Y 258 59.24 -42.70 -64.72
N ALA Y 259 59.52 -42.29 -63.50
CA ALA Y 259 59.35 -40.91 -63.09
C ALA Y 259 60.59 -40.05 -63.29
N SER Y 260 61.60 -40.54 -64.02
CA SER Y 260 62.84 -39.78 -64.15
C SER Y 260 63.58 -40.13 -65.43
N VAL Y 261 64.37 -39.18 -65.92
CA VAL Y 261 65.31 -39.37 -67.01
C VAL Y 261 66.70 -38.93 -66.56
N ALA Y 262 67.68 -39.79 -66.75
CA ALA Y 262 69.08 -39.51 -66.46
C ALA Y 262 69.82 -39.13 -67.73
N LEU Y 263 70.74 -38.19 -67.58
CA LEU Y 263 71.53 -37.74 -68.71
C LEU Y 263 72.99 -37.84 -68.34
N SER Y 264 73.84 -38.15 -69.31
CA SER Y 264 75.27 -38.31 -69.08
C SER Y 264 76.03 -37.60 -70.18
N HIS Y 265 77.35 -37.51 -69.99
CA HIS Y 265 78.22 -36.88 -70.97
C HIS Y 265 78.77 -37.88 -71.96
N MET Z 1 69.03 30.95 -34.52
CA MET Z 1 69.29 32.38 -34.59
C MET Z 1 68.92 32.98 -35.92
N ASN Z 2 69.06 34.31 -36.03
CA ASN Z 2 68.72 35.01 -37.28
C ASN Z 2 69.92 35.75 -37.88
N ASN Z 3 69.65 36.71 -38.77
CA ASN Z 3 70.75 37.46 -39.38
C ASN Z 3 71.41 38.48 -38.43
N LEU Z 4 70.71 38.93 -37.39
CA LEU Z 4 71.33 39.77 -36.37
C LEU Z 4 72.48 39.08 -35.62
N TYR Z 5 72.44 37.75 -35.54
CA TYR Z 5 73.47 37.00 -34.79
C TYR Z 5 73.70 37.61 -33.41
N ARG Z 6 72.59 37.90 -32.73
CA ARG Z 6 72.62 38.70 -31.52
C ARG Z 6 73.26 37.95 -30.35
N ASP Z 7 73.03 36.64 -30.27
CA ASP Z 7 73.60 35.83 -29.20
C ASP Z 7 75.11 35.64 -29.32
N LEU Z 8 75.68 35.92 -30.48
CA LEU Z 8 77.12 35.84 -30.63
C LEU Z 8 77.83 37.07 -30.11
N ALA Z 9 77.12 38.16 -29.88
CA ALA Z 9 77.74 39.39 -29.42
C ALA Z 9 78.11 39.27 -27.95
N PRO Z 10 79.31 39.72 -27.55
CA PRO Z 10 79.66 39.74 -26.11
C PRO Z 10 79.04 40.93 -25.38
N VAL Z 11 77.72 40.91 -25.30
CA VAL Z 11 76.92 41.97 -24.70
C VAL Z 11 76.00 41.31 -23.70
N THR Z 12 75.97 41.82 -22.48
CA THR Z 12 75.12 41.24 -21.46
C THR Z 12 73.67 41.66 -21.68
N GLU Z 13 72.78 41.01 -20.95
CA GLU Z 13 71.34 41.27 -21.09
C GLU Z 13 70.98 42.69 -20.64
N ALA Z 14 71.56 43.14 -19.53
CA ALA Z 14 71.30 44.49 -19.04
C ALA Z 14 71.86 45.55 -19.98
N ALA Z 15 73.06 45.30 -20.51
CA ALA Z 15 73.65 46.17 -21.50
C ALA Z 15 72.81 46.20 -22.78
N TRP Z 16 72.26 45.05 -23.17
CA TRP Z 16 71.38 45.00 -24.34
C TRP Z 16 70.14 45.83 -24.13
N ALA Z 17 69.53 45.75 -22.94
CA ALA Z 17 68.35 46.55 -22.64
C ALA Z 17 68.64 48.04 -22.67
N GLU Z 18 69.79 48.44 -22.14
CA GLU Z 18 70.18 49.86 -22.20
C GLU Z 18 70.44 50.33 -23.63
N ILE Z 19 71.07 49.50 -24.46
CA ILE Z 19 71.33 49.85 -25.85
C ILE Z 19 70.03 49.96 -26.65
N GLU Z 20 69.11 49.02 -26.44
CA GLU Z 20 67.81 49.07 -27.12
C GLU Z 20 67.02 50.31 -26.73
N LEU Z 21 67.02 50.64 -25.43
CA LEU Z 21 66.33 51.83 -24.94
C LEU Z 21 66.91 53.10 -25.53
N GLU Z 22 68.24 53.20 -25.55
CA GLU Z 22 68.91 54.40 -26.07
C GLU Z 22 68.65 54.58 -27.57
N ALA Z 23 68.74 53.49 -28.33
CA ALA Z 23 68.53 53.55 -29.77
C ALA Z 23 67.08 53.89 -30.11
N ALA Z 24 66.12 53.26 -29.43
CA ALA Z 24 64.72 53.53 -29.68
C ALA Z 24 64.34 54.96 -29.33
N ARG Z 25 64.85 55.45 -28.19
CA ARG Z 25 64.57 56.81 -27.77
C ARG Z 25 65.13 57.83 -28.75
N THR Z 26 66.41 57.71 -29.09
CA THR Z 26 67.03 58.70 -29.97
C THR Z 26 66.41 58.68 -31.36
N PHE Z 27 66.03 57.51 -31.85
CA PHE Z 27 65.37 57.39 -33.15
C PHE Z 27 64.00 58.09 -33.20
N LYS Z 28 63.12 57.81 -32.27
CA LYS Z 28 61.81 58.44 -32.24
C LYS Z 28 61.91 59.96 -32.20
N ARG Z 29 62.79 60.50 -31.37
CA ARG Z 29 62.97 61.93 -31.25
C ARG Z 29 63.34 62.55 -32.56
N HIS Z 30 64.11 61.84 -33.35
CA HIS Z 30 64.60 62.44 -34.62
C HIS Z 30 63.74 62.02 -35.81
N ILE Z 31 62.69 61.21 -35.59
CA ILE Z 31 61.84 60.95 -36.75
C ILE Z 31 60.69 61.94 -36.81
N ALA Z 32 60.55 62.59 -37.97
CA ALA Z 32 59.39 63.42 -38.26
C ALA Z 32 58.49 62.75 -39.29
N GLY Z 33 59.07 61.90 -40.14
CA GLY Z 33 58.35 61.36 -41.29
C GLY Z 33 57.24 60.40 -40.92
N ARG Z 34 57.46 59.56 -39.90
CA ARG Z 34 56.45 58.57 -39.52
C ARG Z 34 55.25 59.20 -38.84
N ARG Z 35 55.39 60.43 -38.34
CA ARG Z 35 54.25 61.11 -37.72
C ARG Z 35 53.23 61.57 -38.73
N VAL Z 36 53.60 61.71 -40.00
CA VAL Z 36 52.70 62.25 -41.00
C VAL Z 36 52.33 61.26 -42.09
N VAL Z 37 53.13 60.23 -42.35
CA VAL Z 37 52.85 59.32 -43.45
C VAL Z 37 52.21 58.07 -42.89
N ASP Z 38 51.54 57.32 -43.75
CA ASP Z 38 51.04 56.01 -43.38
C ASP Z 38 52.19 55.02 -43.33
N VAL Z 39 52.29 54.29 -42.23
CA VAL Z 39 53.37 53.34 -42.02
C VAL Z 39 52.75 51.95 -42.00
N SER Z 40 53.21 51.10 -42.90
CA SER Z 40 52.67 49.76 -43.02
C SER Z 40 53.19 48.87 -41.90
N ASP Z 41 52.57 47.71 -41.76
CA ASP Z 41 53.15 46.68 -40.93
C ASP Z 41 54.40 46.13 -41.60
N PRO Z 42 55.36 45.62 -40.83
CA PRO Z 42 56.54 44.97 -41.43
C PRO Z 42 56.17 43.75 -42.27
N GLY Z 43 56.57 43.76 -43.53
CA GLY Z 43 56.33 42.63 -44.41
C GLY Z 43 57.06 41.38 -43.99
N GLY Z 44 58.29 41.56 -43.52
CA GLY Z 44 59.09 40.41 -43.14
C GLY Z 44 60.37 40.41 -43.94
N PRO Z 45 61.29 39.50 -43.60
CA PRO Z 45 62.59 39.46 -44.29
C PRO Z 45 62.49 39.07 -45.76
N VAL Z 46 61.48 38.31 -46.15
CA VAL Z 46 61.44 37.80 -47.51
C VAL Z 46 60.90 38.85 -48.46
N THR Z 47 60.26 39.89 -47.93
CA THR Z 47 59.64 40.91 -48.75
C THR Z 47 60.69 41.73 -49.46
N ALA Z 48 60.55 41.87 -50.78
CA ALA Z 48 61.62 42.46 -51.57
C ALA Z 48 61.15 43.64 -52.41
N ALA Z 49 59.86 43.66 -52.76
CA ALA Z 49 59.34 44.70 -53.63
C ALA Z 49 57.88 44.94 -53.32
N VAL Z 50 57.43 46.13 -53.70
CA VAL Z 50 56.03 46.51 -53.56
C VAL Z 50 55.45 46.68 -54.94
N SER Z 51 54.33 46.01 -55.19
CA SER Z 51 53.64 46.14 -56.47
C SER Z 51 53.01 47.51 -56.59
N THR Z 52 53.21 48.15 -57.74
CA THR Z 52 52.54 49.42 -58.04
C THR Z 52 51.25 49.22 -58.81
N GLY Z 53 51.08 48.04 -59.40
CA GLY Z 53 49.84 47.72 -60.15
C GLY Z 53 49.90 48.25 -61.57
N ARG Z 54 51.03 48.80 -62.00
CA ARG Z 54 51.16 49.29 -63.40
C ARG Z 54 51.75 48.19 -64.31
N LEU Z 55 51.81 48.43 -65.62
CA LEU Z 55 52.29 47.42 -66.60
C LEU Z 55 53.32 48.06 -67.54
N ILE Z 56 54.34 47.30 -67.94
CA ILE Z 56 55.39 47.81 -68.83
C ILE Z 56 55.43 47.03 -70.12
N ASP Z 57 55.23 47.70 -71.25
CA ASP Z 57 55.26 47.04 -72.56
C ASP Z 57 56.61 46.42 -72.87
N VAL Z 58 56.62 45.12 -73.18
CA VAL Z 58 57.88 44.47 -73.59
C VAL Z 58 57.78 43.87 -74.98
N LYS Z 59 58.92 43.71 -75.63
CA LYS Z 59 58.94 43.16 -76.99
C LYS Z 59 58.23 41.82 -77.07
N ALA Z 60 57.15 41.74 -77.83
CA ALA Z 60 56.36 40.51 -77.97
C ALA Z 60 57.20 39.24 -78.11
N PRO Z 61 56.95 38.23 -77.25
CA PRO Z 61 57.69 36.98 -77.31
C PRO Z 61 57.52 36.35 -78.68
N THR Z 62 56.28 36.16 -79.10
CA THR Z 62 55.99 35.60 -80.42
C THR Z 62 54.86 36.35 -81.10
N ASN Z 63 54.47 35.91 -82.29
CA ASN Z 63 53.38 36.55 -83.02
C ASN Z 63 52.06 36.32 -82.30
N GLY Z 64 51.28 37.39 -82.16
CA GLY Z 64 49.98 37.27 -81.51
C GLY Z 64 50.03 37.20 -80.00
N VAL Z 65 51.21 37.38 -79.42
CA VAL Z 65 51.33 37.37 -77.98
C VAL Z 65 51.59 38.77 -77.50
N ILE Z 66 50.86 39.21 -76.49
CA ILE Z 66 51.04 40.53 -75.95
C ILE Z 66 51.57 40.36 -74.57
N ALA Z 67 52.74 40.91 -74.32
CA ALA Z 67 53.39 40.74 -73.03
C ALA Z 67 53.58 42.01 -72.28
N HIS Z 68 53.41 41.95 -70.97
CA HIS Z 68 53.63 43.10 -70.16
C HIS Z 68 54.32 42.74 -68.86
N LEU Z 69 55.31 43.49 -68.48
CA LEU Z 69 55.99 43.29 -67.21
C LEU Z 69 55.23 44.01 -66.11
N ARG Z 70 55.09 43.35 -64.97
CA ARG Z 70 54.54 44.01 -63.80
C ARG Z 70 55.56 44.98 -63.21
N ALA Z 71 55.14 46.20 -62.95
CA ALA Z 71 56.00 47.20 -62.34
C ALA Z 71 56.01 47.03 -60.81
N SER Z 72 57.15 47.36 -60.21
CA SER Z 72 57.28 47.27 -58.76
C SER Z 72 58.36 48.24 -58.30
N LYS Z 73 58.41 48.42 -56.99
CA LYS Z 73 59.40 49.26 -56.33
C LYS Z 73 60.26 48.40 -55.42
N PRO Z 74 61.57 48.41 -55.56
CA PRO Z 74 62.42 47.61 -54.67
C PRO Z 74 62.58 48.24 -53.30
N LEU Z 75 62.64 47.39 -52.27
CA LEU Z 75 63.06 47.85 -50.97
C LEU Z 75 64.57 48.11 -50.95
N VAL Z 76 64.99 49.01 -50.07
CA VAL Z 76 66.39 49.26 -49.82
C VAL Z 76 66.65 48.94 -48.36
N ARG Z 77 67.74 48.21 -48.10
CA ARG Z 77 68.19 47.96 -46.74
C ARG Z 77 69.27 48.97 -46.38
N LEU Z 78 69.05 49.66 -45.28
CA LEU Z 78 69.90 50.74 -44.81
C LEU Z 78 70.55 50.28 -43.52
N ARG Z 79 71.88 50.31 -43.49
CA ARG Z 79 72.66 49.81 -42.37
C ARG Z 79 73.63 50.88 -41.92
N VAL Z 80 73.62 51.17 -40.64
CA VAL Z 80 74.54 52.11 -40.02
C VAL Z 80 75.36 51.37 -38.97
N PRO Z 81 76.61 51.04 -39.27
CA PRO Z 81 77.46 50.42 -38.26
C PRO Z 81 77.89 51.41 -37.19
N PHE Z 82 78.15 50.88 -36.00
CA PHE Z 82 78.68 51.67 -34.90
C PHE Z 82 79.50 50.76 -33.99
N THR Z 83 80.32 51.39 -33.15
CA THR Z 83 81.33 50.69 -32.37
C THR Z 83 81.20 51.04 -30.91
N LEU Z 84 81.11 50.03 -30.05
CA LEU Z 84 80.96 50.23 -28.63
C LEU Z 84 82.20 49.75 -27.88
N SER Z 85 82.58 50.51 -26.85
CA SER Z 85 83.61 50.07 -25.92
C SER Z 85 83.10 48.92 -25.08
N ARG Z 86 83.91 47.88 -24.94
CA ARG Z 86 83.52 46.73 -24.11
C ARG Z 86 83.60 47.04 -22.63
N ASN Z 87 84.43 48.00 -22.24
CA ASN Z 87 84.46 48.46 -20.85
C ASN Z 87 83.14 49.11 -20.44
N GLU Z 88 82.56 49.92 -21.32
CA GLU Z 88 81.26 50.53 -21.05
C GLU Z 88 80.17 49.46 -20.96
N ILE Z 89 80.27 48.41 -21.78
CA ILE Z 89 79.32 47.31 -21.72
C ILE Z 89 79.45 46.57 -20.39
N ASP Z 90 80.68 46.30 -19.97
CA ASP Z 90 80.92 45.61 -18.71
C ASP Z 90 80.53 46.44 -17.49
N ASP Z 91 80.54 47.77 -17.62
CA ASP Z 91 80.14 48.65 -16.52
C ASP Z 91 78.67 48.48 -16.13
N VAL Z 92 77.82 48.04 -17.06
CA VAL Z 92 76.38 48.05 -16.84
C VAL Z 92 75.98 47.02 -15.79
N GLU Z 93 76.60 45.84 -15.81
CA GLU Z 93 76.23 44.81 -14.80
C GLU Z 93 76.71 45.23 -13.42
N ARG Z 94 77.84 45.93 -13.34
CA ARG Z 94 78.31 46.43 -12.06
C ARG Z 94 77.45 47.56 -11.50
N GLY Z 95 76.50 48.09 -12.27
CA GLY Z 95 75.59 49.09 -11.80
C GLY Z 95 75.84 50.49 -12.27
N SER Z 96 76.71 50.69 -13.26
CA SER Z 96 76.89 52.01 -13.84
C SER Z 96 75.64 52.44 -14.59
N LYS Z 97 75.34 53.73 -14.52
CA LYS Z 97 74.21 54.30 -15.23
C LYS Z 97 74.61 55.45 -16.14
N ASP Z 98 75.91 55.60 -16.37
CA ASP Z 98 76.40 56.64 -17.28
C ASP Z 98 77.29 56.05 -18.37
N SER Z 99 77.04 54.80 -18.76
CA SER Z 99 77.82 54.15 -19.79
C SER Z 99 77.68 54.90 -21.12
N ASP Z 100 78.80 55.01 -21.82
CA ASP Z 100 78.89 55.83 -23.01
C ASP Z 100 78.13 55.21 -24.19
N TRP Z 101 76.91 55.68 -24.40
CA TRP Z 101 76.11 55.16 -25.51
C TRP Z 101 76.05 56.20 -26.62
N GLU Z 102 77.06 57.07 -26.69
CA GLU Z 102 77.11 58.05 -27.76
C GLU Z 102 77.15 57.45 -29.18
N PRO Z 103 77.90 56.33 -29.39
CA PRO Z 103 77.85 55.78 -30.75
C PRO Z 103 76.45 55.28 -31.09
N VAL Z 104 75.76 54.66 -30.14
CA VAL Z 104 74.38 54.24 -30.38
C VAL Z 104 73.51 55.43 -30.75
N LYS Z 105 73.69 56.55 -30.04
CA LYS Z 105 72.90 57.74 -30.32
C LYS Z 105 73.24 58.34 -31.68
N GLU Z 106 74.53 58.33 -32.05
CA GLU Z 106 74.93 58.83 -33.36
C GLU Z 106 74.43 57.94 -34.48
N ALA Z 107 74.43 56.62 -34.27
CA ALA Z 107 73.90 55.70 -35.27
C ALA Z 107 72.39 55.86 -35.43
N ALA Z 108 71.67 56.03 -34.32
CA ALA Z 108 70.23 56.23 -34.40
C ALA Z 108 69.88 57.56 -35.05
N LYS Z 109 70.65 58.61 -34.76
CA LYS Z 109 70.43 59.89 -35.39
C LYS Z 109 70.73 59.83 -36.89
N LYS Z 110 71.76 59.09 -37.27
CA LYS Z 110 72.11 58.99 -38.69
C LYS Z 110 71.09 58.16 -39.46
N LEU Z 111 70.62 57.07 -38.84
CA LEU Z 111 69.57 56.24 -39.49
C LEU Z 111 68.29 57.05 -39.64
N ALA Z 112 67.89 57.77 -38.58
CA ALA Z 112 66.69 58.60 -38.66
C ALA Z 112 66.83 59.68 -39.72
N PHE Z 113 68.01 60.28 -39.85
CA PHE Z 113 68.26 61.29 -40.86
C PHE Z 113 68.17 60.71 -42.26
N VAL Z 114 68.70 59.53 -42.46
CA VAL Z 114 68.60 58.89 -43.77
C VAL Z 114 67.14 58.62 -44.10
N GLU Z 115 66.41 58.00 -43.17
CA GLU Z 115 65.01 57.67 -43.44
C GLU Z 115 64.19 58.92 -43.77
N ASP Z 116 64.37 59.99 -43.00
CA ASP Z 116 63.60 61.22 -43.25
C ASP Z 116 64.01 61.89 -44.56
N ARG Z 117 65.31 61.90 -44.87
CA ARG Z 117 65.75 62.50 -46.12
C ARG Z 117 65.35 61.65 -47.32
N THR Z 118 65.19 60.35 -47.11
CA THR Z 118 64.68 59.49 -48.18
C THR Z 118 63.20 59.74 -48.43
N ILE Z 119 62.42 59.89 -47.36
CA ILE Z 119 60.99 60.18 -47.52
C ILE Z 119 60.77 61.54 -48.17
N PHE Z 120 61.50 62.57 -47.74
CA PHE Z 120 61.17 63.92 -48.18
C PHE Z 120 61.99 64.41 -49.37
N GLU Z 121 63.20 63.91 -49.57
CA GLU Z 121 64.05 64.36 -50.67
C GLU Z 121 64.34 63.26 -51.67
N GLY Z 122 63.89 62.06 -51.40
CA GLY Z 122 64.15 60.95 -52.30
C GLY Z 122 65.52 60.33 -52.31
N TYR Z 123 65.61 59.16 -52.93
CA TYR Z 123 66.86 58.45 -53.03
C TYR Z 123 66.76 57.87 -54.40
N SER Z 124 67.30 58.56 -55.38
CA SER Z 124 67.19 58.13 -56.77
C SER Z 124 67.74 56.73 -57.07
N ALA Z 125 68.86 56.37 -56.47
CA ALA Z 125 69.46 55.05 -56.68
C ALA Z 125 68.52 53.94 -56.23
N ALA Z 126 67.68 54.20 -55.24
CA ALA Z 126 66.69 53.24 -54.80
C ALA Z 126 65.34 53.44 -55.48
N SER Z 127 65.29 54.28 -56.53
CA SER Z 127 64.09 54.61 -57.29
C SER Z 127 62.98 55.17 -56.42
N ILE Z 128 63.35 56.00 -55.45
CA ILE Z 128 62.40 56.64 -54.55
C ILE Z 128 62.37 58.11 -54.89
N GLU Z 129 61.21 58.61 -55.27
CA GLU Z 129 61.00 60.03 -55.49
C GLU Z 129 60.57 60.66 -54.18
N GLY Z 130 61.19 61.77 -53.81
CA GLY Z 130 60.82 62.46 -52.60
C GLY Z 130 59.48 63.15 -52.71
N ILE Z 131 58.97 63.58 -51.56
CA ILE Z 131 57.75 64.38 -51.51
C ILE Z 131 57.97 65.71 -52.20
N ARG Z 132 59.16 66.29 -52.06
CA ARG Z 132 59.48 67.55 -52.74
C ARG Z 132 59.46 67.40 -54.25
N SER Z 133 60.01 66.31 -54.77
CA SER Z 133 60.03 66.10 -56.21
C SER Z 133 58.67 65.66 -56.74
N ALA Z 134 57.91 64.89 -55.97
CA ALA Z 134 56.62 64.39 -56.43
C ALA Z 134 55.48 65.36 -56.21
N SER Z 135 55.72 66.51 -55.59
CA SER Z 135 54.67 67.49 -55.38
C SER Z 135 54.35 68.22 -56.68
N SER Z 136 53.06 68.32 -56.99
CA SER Z 136 52.61 69.08 -58.15
C SER Z 136 52.28 70.53 -57.82
N ASN Z 137 52.12 70.87 -56.54
CA ASN Z 137 51.89 72.24 -56.16
C ASN Z 137 53.17 73.06 -56.32
N PRO Z 138 53.06 74.36 -56.58
CA PRO Z 138 54.26 75.19 -56.77
C PRO Z 138 55.12 75.28 -55.51
N ALA Z 139 56.42 75.41 -55.74
CA ALA Z 139 57.37 75.55 -54.65
C ALA Z 139 57.46 77.02 -54.23
N LEU Z 140 57.68 77.23 -52.95
CA LEU Z 140 57.74 78.56 -52.38
C LEU Z 140 59.11 78.83 -51.81
N THR Z 141 59.46 80.09 -51.71
CA THR Z 141 60.73 80.51 -51.14
C THR Z 141 60.52 81.03 -49.73
N LEU Z 142 61.28 80.50 -48.78
CA LEU Z 142 61.19 80.98 -47.40
C LEU Z 142 61.96 82.28 -47.29
N PRO Z 143 61.38 83.28 -46.64
CA PRO Z 143 62.03 84.59 -46.51
C PRO Z 143 63.16 84.59 -45.48
N GLU Z 144 64.02 85.60 -45.54
CA GLU Z 144 65.11 85.70 -44.57
C GLU Z 144 64.61 86.05 -43.18
N ASP Z 145 63.68 87.00 -43.10
CA ASP Z 145 63.14 87.43 -41.82
C ASP Z 145 62.20 86.36 -41.29
N PRO Z 146 62.43 85.84 -40.08
CA PRO Z 146 61.50 84.87 -39.50
C PRO Z 146 60.10 85.41 -39.24
N ARG Z 147 59.94 86.72 -39.04
CA ARG Z 147 58.63 87.33 -38.86
C ARG Z 147 57.79 87.25 -40.12
N GLU Z 148 58.42 87.07 -41.27
CA GLU Z 148 57.73 86.86 -42.53
C GLU Z 148 57.54 85.38 -42.86
N ILE Z 149 57.92 84.47 -41.97
CA ILE Z 149 57.67 83.04 -42.22
C ILE Z 149 56.16 82.72 -42.24
N PRO Z 150 55.39 83.11 -41.21
CA PRO Z 150 53.97 82.71 -41.22
C PRO Z 150 53.21 83.17 -42.47
N ASP Z 151 53.62 84.28 -43.08
CA ASP Z 151 52.95 84.75 -44.29
C ASP Z 151 53.09 83.72 -45.40
N VAL Z 152 54.33 83.36 -45.74
CA VAL Z 152 54.59 82.40 -46.82
C VAL Z 152 53.94 81.05 -46.52
N ILE Z 153 54.05 80.58 -45.28
CA ILE Z 153 53.38 79.34 -44.89
C ILE Z 153 51.89 79.40 -45.20
N SER Z 154 51.26 80.55 -44.92
CA SER Z 154 49.82 80.73 -45.23
C SER Z 154 49.56 80.65 -46.74
N GLN Z 155 50.51 81.11 -47.57
CA GLN Z 155 50.38 80.98 -49.01
C GLN Z 155 50.42 79.51 -49.42
N ALA Z 156 51.25 78.71 -48.73
CA ALA Z 156 51.23 77.27 -48.94
C ALA Z 156 49.90 76.67 -48.56
N LEU Z 157 49.29 77.16 -47.47
CA LEU Z 157 47.96 76.72 -47.10
C LEU Z 157 46.92 77.15 -48.12
N SER Z 158 47.19 78.21 -48.90
CA SER Z 158 46.31 78.54 -49.99
C SER Z 158 46.36 77.48 -51.08
N GLU Z 159 47.57 76.96 -51.35
CA GLU Z 159 47.76 76.08 -52.51
C GLU Z 159 47.08 74.74 -52.32
N LEU Z 160 47.22 74.14 -51.13
CA LEU Z 160 46.44 72.95 -50.78
C LEU Z 160 44.94 73.22 -50.80
N ARG Z 161 44.54 74.45 -50.53
CA ARG Z 161 43.12 74.77 -50.66
C ARG Z 161 42.73 74.90 -52.12
N LEU Z 162 43.64 75.41 -52.96
CA LEU Z 162 43.37 75.48 -54.40
C LEU Z 162 43.51 74.12 -55.06
N ALA Z 163 44.18 73.17 -54.42
CA ALA Z 163 44.29 71.82 -54.93
C ALA Z 163 43.08 70.96 -54.59
N GLY Z 164 42.12 71.49 -53.82
CA GLY Z 164 40.97 70.71 -53.39
C GLY Z 164 41.38 69.59 -52.45
N VAL Z 165 41.86 69.94 -51.26
CA VAL Z 165 42.32 68.92 -50.32
C VAL Z 165 41.82 69.22 -48.91
N ASP Z 166 41.32 68.19 -48.22
CA ASP Z 166 40.85 68.37 -46.84
C ASP Z 166 41.84 67.78 -45.85
N GLY Z 167 41.43 67.64 -44.60
CA GLY Z 167 42.30 67.02 -43.59
C GLY Z 167 43.13 67.97 -42.74
N PRO Z 168 43.65 67.46 -41.61
CA PRO Z 168 44.46 68.27 -40.73
C PRO Z 168 45.78 68.56 -41.46
N TYR Z 169 46.13 69.82 -41.67
CA TYR Z 169 47.41 70.10 -42.31
C TYR Z 169 48.57 70.15 -41.31
N SER Z 170 49.76 69.67 -41.70
CA SER Z 170 50.83 69.74 -40.71
C SER Z 170 52.06 70.40 -41.32
N VAL Z 171 52.80 71.18 -40.52
CA VAL Z 171 53.96 71.89 -41.04
C VAL Z 171 55.20 71.25 -40.43
N LEU Z 172 56.13 70.89 -41.31
CA LEU Z 172 57.39 70.31 -40.87
C LEU Z 172 58.46 71.32 -41.24
N LEU Z 173 59.36 71.61 -40.30
CA LEU Z 173 60.38 72.62 -40.51
C LEU Z 173 61.75 71.99 -40.39
N SER Z 174 62.70 72.52 -41.16
CA SER Z 174 64.09 72.17 -40.95
C SER Z 174 64.57 72.76 -39.62
N ALA Z 175 65.70 72.21 -39.14
CA ALA Z 175 66.24 72.62 -37.85
C ALA Z 175 66.63 74.09 -37.83
N ASP Z 176 67.16 74.60 -38.95
CA ASP Z 176 67.45 76.02 -39.07
C ASP Z 176 66.19 76.86 -38.98
N VAL Z 177 65.14 76.45 -39.69
CA VAL Z 177 63.89 77.21 -39.71
C VAL Z 177 63.17 77.07 -38.37
N TYR Z 178 63.21 75.88 -37.78
CA TYR Z 178 62.60 75.67 -36.46
C TYR Z 178 63.29 76.50 -35.39
N THR Z 179 64.61 76.59 -35.43
CA THR Z 179 65.36 77.43 -34.51
C THR Z 179 65.03 78.91 -34.75
N LYS Z 180 64.94 79.34 -36.00
CA LYS Z 180 64.63 80.74 -36.32
C LYS Z 180 63.24 81.14 -35.83
N VAL Z 181 62.24 80.29 -36.03
CA VAL Z 181 60.90 80.64 -35.57
C VAL Z 181 60.71 80.35 -34.10
N SER Z 182 61.63 79.63 -33.48
CA SER Z 182 61.57 79.40 -32.04
C SER Z 182 62.19 80.55 -31.25
N GLU Z 183 63.29 81.11 -31.74
CA GLU Z 183 64.05 82.08 -30.99
C GLU Z 183 63.60 83.52 -31.24
N THR Z 184 62.88 83.77 -32.32
CA THR Z 184 62.33 85.09 -32.57
C THR Z 184 60.93 85.15 -31.95
N SER Z 185 60.63 86.24 -31.27
CA SER Z 185 59.36 86.36 -30.57
C SER Z 185 58.64 87.63 -30.98
N ASP Z 186 57.32 87.57 -30.94
CA ASP Z 186 56.47 88.72 -31.23
C ASP Z 186 55.29 88.68 -30.30
N HIS Z 187 55.14 89.74 -29.49
CA HIS Z 187 54.01 89.95 -28.56
C HIS Z 187 53.87 88.80 -27.57
N GLY Z 188 54.99 88.38 -26.99
CA GLY Z 188 54.98 87.39 -25.93
C GLY Z 188 54.89 85.96 -26.39
N TYR Z 189 54.93 85.70 -27.69
CA TYR Z 189 54.97 84.35 -28.21
C TYR Z 189 56.05 84.25 -29.26
N PRO Z 190 56.72 83.11 -29.36
CA PRO Z 190 57.60 82.88 -30.52
C PRO Z 190 56.77 82.66 -31.77
N ILE Z 191 57.45 82.78 -32.91
CA ILE Z 191 56.79 82.66 -34.21
C ILE Z 191 56.27 81.24 -34.44
N ARG Z 192 56.84 80.25 -33.74
CA ARG Z 192 56.34 78.88 -33.78
C ARG Z 192 54.89 78.80 -33.31
N GLU Z 193 54.53 79.60 -32.31
CA GLU Z 193 53.13 79.65 -31.87
C GLU Z 193 52.25 80.28 -32.94
N HIS Z 194 52.75 81.31 -33.64
CA HIS Z 194 52.03 81.89 -34.76
C HIS Z 194 51.78 80.88 -35.87
N LEU Z 195 52.75 80.02 -36.12
CA LEU Z 195 52.55 78.91 -37.05
C LEU Z 195 51.53 77.92 -36.52
N ASN Z 196 51.54 77.68 -35.22
CA ASN Z 196 50.58 76.76 -34.60
C ASN Z 196 49.15 77.25 -34.73
N ARG Z 197 48.94 78.57 -34.75
CA ARG Z 197 47.59 79.09 -34.91
C ARG Z 197 47.03 78.88 -36.31
N LEU Z 198 47.89 78.81 -37.33
CA LEU Z 198 47.44 78.67 -38.74
C LEU Z 198 46.90 77.26 -39.06
N VAL Z 199 47.36 76.22 -38.37
CA VAL Z 199 46.97 74.84 -38.76
C VAL Z 199 46.30 74.08 -37.63
N ASP Z 200 45.56 73.02 -37.97
CA ASP Z 200 44.89 72.18 -36.96
C ASP Z 200 45.72 70.92 -36.77
N GLY Z 201 46.91 70.89 -37.39
CA GLY Z 201 47.82 69.75 -37.25
C GLY Z 201 48.89 70.07 -36.24
N ASP Z 202 50.16 69.93 -36.61
CA ASP Z 202 51.23 70.13 -35.61
C ASP Z 202 52.47 70.79 -36.22
N ILE Z 203 53.12 71.67 -35.48
CA ILE Z 203 54.43 72.17 -35.98
C ILE Z 203 55.40 71.07 -35.58
N ILE Z 204 56.08 70.47 -36.54
CA ILE Z 204 56.90 69.30 -36.31
C ILE Z 204 58.35 69.64 -36.60
N TRP Z 205 59.22 69.39 -35.62
CA TRP Z 205 60.65 69.56 -35.81
C TRP Z 205 61.18 68.44 -36.70
N ALA Z 206 61.80 68.81 -37.81
CA ALA Z 206 62.31 67.86 -38.80
C ALA Z 206 63.75 68.21 -39.12
N PRO Z 207 64.70 67.79 -38.27
CA PRO Z 207 66.09 68.22 -38.43
C PRO Z 207 66.81 67.65 -39.65
N ALA Z 208 66.27 66.64 -40.32
CA ALA Z 208 66.97 66.08 -41.47
C ALA Z 208 66.67 66.82 -42.76
N ILE Z 209 65.47 67.37 -42.89
CA ILE Z 209 65.02 67.96 -44.16
C ILE Z 209 65.67 69.32 -44.40
N ASP Z 210 65.55 69.81 -45.61
CA ASP Z 210 65.83 71.20 -45.95
C ASP Z 210 64.51 71.93 -46.13
N GLY Z 211 64.56 73.24 -45.89
CA GLY Z 211 63.39 74.08 -46.06
C GLY Z 211 62.22 73.72 -45.17
N ALA Z 212 61.04 73.62 -45.78
CA ALA Z 212 59.85 73.31 -45.00
C ALA Z 212 58.87 72.53 -45.87
N PHE Z 213 57.93 71.88 -45.20
CA PHE Z 213 56.92 71.11 -45.95
C PHE Z 213 55.58 71.32 -45.26
N VAL Z 214 54.55 71.64 -46.04
CA VAL Z 214 53.20 71.73 -45.45
C VAL Z 214 52.40 70.64 -46.13
N LEU Z 215 51.64 69.86 -45.37
CA LEU Z 215 50.96 68.74 -46.03
C LEU Z 215 49.78 68.25 -45.20
N THR Z 216 48.86 67.54 -45.83
CA THR Z 216 47.70 66.99 -45.18
C THR Z 216 48.00 65.62 -44.56
N THR Z 217 47.37 65.35 -43.42
CA THR Z 217 47.54 64.06 -42.78
C THR Z 217 46.20 63.33 -42.74
N ARG Z 218 45.40 63.51 -43.79
CA ARG Z 218 44.11 62.86 -43.85
C ARG Z 218 44.23 61.34 -44.04
N GLY Z 219 45.36 60.88 -44.55
CA GLY Z 219 45.54 59.45 -44.74
C GLY Z 219 45.51 59.09 -46.21
N GLY Z 220 46.19 57.98 -46.54
CA GLY Z 220 46.15 57.42 -47.86
C GLY Z 220 46.90 58.17 -48.94
N ASP Z 221 47.71 59.17 -48.57
CA ASP Z 221 48.42 59.94 -49.58
C ASP Z 221 49.90 59.58 -49.64
N PHE Z 222 50.49 59.25 -48.49
CA PHE Z 222 51.91 59.01 -48.37
C PHE Z 222 52.08 57.68 -47.64
N ASP Z 223 52.87 56.77 -48.19
CA ASP Z 223 52.92 55.41 -47.67
C ASP Z 223 54.37 54.98 -47.53
N LEU Z 224 54.78 54.69 -46.31
CA LEU Z 224 56.09 54.13 -46.04
C LEU Z 224 55.94 52.62 -45.88
N GLN Z 225 56.60 51.85 -46.73
CA GLN Z 225 56.52 50.40 -46.67
C GLN Z 225 57.77 49.84 -46.01
N LEU Z 226 57.54 49.09 -44.95
CA LEU Z 226 58.63 48.48 -44.24
C LEU Z 226 58.69 47.00 -44.43
N GLY Z 227 59.84 46.46 -44.80
CA GLY Z 227 59.95 45.01 -44.82
C GLY Z 227 60.22 44.65 -43.38
N THR Z 228 61.29 45.23 -42.83
CA THR Z 228 61.61 45.03 -41.40
C THR Z 228 61.89 46.38 -40.75
N ASP Z 229 61.37 46.59 -39.54
CA ASP Z 229 61.60 47.85 -38.81
C ASP Z 229 63.05 47.90 -38.29
N VAL Z 230 63.40 48.96 -37.55
CA VAL Z 230 64.78 49.13 -37.04
C VAL Z 230 65.19 48.00 -36.10
N ALA Z 231 66.34 47.39 -36.37
CA ALA Z 231 66.85 46.30 -35.56
C ALA Z 231 68.34 46.50 -35.32
N ILE Z 232 68.84 45.94 -34.23
CA ILE Z 232 70.27 46.04 -33.91
C ILE Z 232 70.90 44.68 -34.15
N GLY Z 233 71.97 44.66 -34.94
CA GLY Z 233 72.65 43.43 -35.29
C GLY Z 233 74.12 43.47 -34.94
N TYR Z 234 74.71 42.28 -34.86
CA TYR Z 234 76.10 42.11 -34.44
C TYR Z 234 76.99 41.79 -35.63
N ALA Z 235 78.08 42.54 -35.79
CA ALA Z 235 78.99 42.30 -36.94
C ALA Z 235 80.21 41.50 -36.47
N SER Z 236 81.04 42.09 -35.63
CA SER Z 236 82.27 41.44 -35.16
C SER Z 236 82.74 42.10 -33.87
N HIS Z 237 83.74 41.49 -33.21
CA HIS Z 237 84.24 42.02 -31.91
C HIS Z 237 85.72 41.74 -31.71
N ASP Z 238 86.39 42.53 -30.87
CA ASP Z 238 87.81 42.28 -30.52
C ASP Z 238 87.89 42.37 -28.99
N THR Z 239 89.08 42.50 -28.43
CA THR Z 239 89.25 42.56 -26.96
C THR Z 239 88.67 43.87 -26.43
N ASP Z 240 88.71 44.93 -27.24
CA ASP Z 240 88.31 46.23 -26.72
C ASP Z 240 86.92 46.67 -27.13
N THR Z 241 86.44 46.28 -28.32
CA THR Z 241 85.25 46.89 -28.88
C THR Z 241 84.34 45.83 -29.48
N VAL Z 242 83.07 46.20 -29.60
CA VAL Z 242 82.07 45.41 -30.32
C VAL Z 242 81.53 46.27 -31.45
N ARG Z 243 81.63 45.75 -32.68
CA ARG Z 243 81.02 46.39 -33.84
C ARG Z 243 79.59 45.86 -34.01
N LEU Z 244 78.63 46.78 -34.00
CA LEU Z 244 77.24 46.41 -34.23
C LEU Z 244 76.71 47.29 -35.34
N TYR Z 245 75.41 47.18 -35.65
CA TYR Z 245 74.80 48.03 -36.65
C TYR Z 245 73.34 48.21 -36.34
N LEU Z 246 72.79 49.32 -36.85
CA LEU Z 246 71.35 49.54 -36.91
C LEU Z 246 70.92 49.27 -38.34
N GLN Z 247 69.75 48.65 -38.50
CA GLN Z 247 69.39 48.22 -39.84
C GLN Z 247 67.88 48.29 -40.01
N GLU Z 248 67.46 48.80 -41.16
CA GLU Z 248 66.04 48.81 -41.50
C GLU Z 248 65.90 48.73 -43.02
N THR Z 249 64.83 48.09 -43.49
CA THR Z 249 64.60 47.99 -44.92
C THR Z 249 63.22 48.51 -45.27
N LEU Z 250 63.18 49.37 -46.30
CA LEU Z 250 61.97 50.16 -46.58
C LEU Z 250 61.96 50.64 -48.02
N THR Z 251 60.78 51.10 -48.44
CA THR Z 251 60.63 51.97 -49.59
C THR Z 251 59.56 53.00 -49.23
N PHE Z 252 59.48 54.06 -50.03
CA PHE Z 252 58.48 55.09 -49.82
C PHE Z 252 57.73 55.37 -51.12
N LEU Z 253 56.41 55.50 -51.00
CA LEU Z 253 55.52 55.75 -52.12
C LEU Z 253 54.71 57.01 -51.84
N CYS Z 254 54.59 57.88 -52.82
CA CYS Z 254 53.68 59.02 -52.76
C CYS Z 254 52.58 58.80 -53.79
N TYR Z 255 51.35 58.59 -53.32
CA TYR Z 255 50.23 58.34 -54.21
C TYR Z 255 49.57 59.61 -54.70
N THR Z 256 49.63 60.68 -53.93
CA THR Z 256 48.86 61.88 -54.20
C THR Z 256 49.82 63.05 -54.40
N ALA Z 257 49.92 63.54 -55.63
CA ALA Z 257 50.92 64.54 -55.96
C ALA Z 257 50.58 65.91 -55.40
N GLU Z 258 49.31 66.21 -55.19
CA GLU Z 258 48.89 67.56 -54.84
C GLU Z 258 48.66 67.73 -53.34
N ALA Z 259 49.10 66.77 -52.53
CA ALA Z 259 48.85 66.80 -51.11
C ALA Z 259 49.96 67.49 -50.31
N SER Z 260 50.87 68.20 -50.96
CA SER Z 260 51.99 68.80 -50.23
C SER Z 260 52.54 70.01 -50.96
N VAL Z 261 53.15 70.91 -50.17
CA VAL Z 261 53.91 72.05 -50.67
C VAL Z 261 55.30 72.02 -50.04
N ALA Z 262 56.32 72.11 -50.88
CA ALA Z 262 57.71 72.19 -50.45
C ALA Z 262 58.20 73.63 -50.47
N LEU Z 263 59.03 73.96 -49.49
CA LEU Z 263 59.57 75.30 -49.40
C LEU Z 263 61.07 75.19 -49.31
N SER Z 264 61.78 76.16 -49.88
CA SER Z 264 63.24 76.16 -49.89
C SER Z 264 63.75 77.55 -49.54
N HIS Z 265 65.05 77.65 -49.35
CA HIS Z 265 65.68 78.92 -49.03
C HIS Z 265 66.17 79.63 -50.28
N MET AA 1 -53.24 -9.99 -57.99
CA MET AA 1 -53.44 -11.32 -58.54
C MET AA 1 -52.71 -11.52 -59.86
N ASN AA 2 -52.79 -12.74 -60.40
CA ASN AA 2 -52.12 -13.05 -61.67
C ASN AA 2 -53.10 -13.52 -62.75
N ASN AA 3 -52.59 -14.18 -63.79
CA ASN AA 3 -53.45 -14.64 -64.87
C ASN AA 3 -54.31 -15.86 -64.47
N LEU AA 4 -53.92 -16.63 -63.48
CA LEU AA 4 -54.76 -17.71 -62.97
C LEU AA 4 -56.08 -17.21 -62.36
N TYR AA 5 -56.10 -15.96 -61.86
CA TYR AA 5 -57.31 -15.42 -61.23
C TYR AA 5 -57.88 -16.39 -60.20
N ARG AA 6 -56.98 -16.93 -59.38
CA ARG AA 6 -57.32 -18.06 -58.52
C ARG AA 6 -58.26 -17.65 -57.39
N ASP AA 7 -58.09 -16.44 -56.86
CA ASP AA 7 -58.93 -15.97 -55.78
C ASP AA 7 -60.36 -15.66 -56.22
N LEU AA 8 -60.60 -15.54 -57.52
CA LEU AA 8 -61.95 -15.34 -58.01
C LEU AA 8 -62.75 -16.62 -58.08
N ALA AA 9 -62.10 -17.78 -58.03
CA ALA AA 9 -62.79 -19.04 -58.14
C ALA AA 9 -63.55 -19.35 -56.84
N PRO AA 10 -64.79 -19.82 -56.92
CA PRO AA 10 -65.51 -20.25 -55.71
C PRO AA 10 -65.08 -21.63 -55.24
N VAL AA 11 -63.83 -21.72 -54.82
CA VAL AA 11 -63.19 -22.96 -54.38
C VAL AA 11 -62.58 -22.68 -53.03
N THR AA 12 -62.87 -23.54 -52.05
CA THR AA 12 -62.33 -23.33 -50.72
C THR AA 12 -60.87 -23.76 -50.67
N GLU AA 13 -60.21 -23.41 -49.57
CA GLU AA 13 -58.79 -23.70 -49.41
C GLU AA 13 -58.53 -25.20 -49.33
N ALA AA 14 -59.36 -25.93 -48.60
CA ALA AA 14 -59.21 -27.38 -48.50
C ALA AA 14 -59.48 -28.07 -49.83
N ALA AA 15 -60.51 -27.61 -50.55
CA ALA AA 15 -60.78 -28.12 -51.88
C ALA AA 15 -59.64 -27.81 -52.83
N TRP AA 16 -59.03 -26.62 -52.71
CA TRP AA 16 -57.88 -26.28 -53.53
C TRP AA 16 -56.70 -27.21 -53.27
N ALA AA 17 -56.44 -27.53 -52.00
CA ALA AA 17 -55.36 -28.44 -51.66
C ALA AA 17 -55.60 -29.84 -52.21
N GLU AA 18 -56.85 -30.32 -52.15
CA GLU AA 18 -57.17 -31.61 -52.73
C GLU AA 18 -57.02 -31.62 -54.25
N ILE AA 19 -57.44 -30.54 -54.92
CA ILE AA 19 -57.32 -30.45 -56.38
C ILE AA 19 -55.85 -30.40 -56.80
N GLU AA 20 -55.03 -29.61 -56.09
CA GLU AA 20 -53.60 -29.54 -56.39
C GLU AA 20 -52.91 -30.88 -56.21
N LEU AA 21 -53.25 -31.59 -55.11
CA LEU AA 21 -52.67 -32.90 -54.85
C LEU AA 21 -53.06 -33.90 -55.93
N GLU AA 22 -54.34 -33.92 -56.31
CA GLU AA 22 -54.81 -34.86 -57.33
C GLU AA 22 -54.17 -34.60 -58.69
N ALA AA 23 -54.07 -33.33 -59.08
CA ALA AA 23 -53.48 -32.98 -60.36
C ALA AA 23 -51.98 -33.29 -60.40
N ALA AA 24 -51.26 -32.93 -59.34
CA ALA AA 24 -49.83 -33.20 -59.29
C ALA AA 24 -49.54 -34.69 -59.30
N ARG AA 25 -50.31 -35.46 -58.54
CA ARG AA 25 -50.13 -36.91 -58.49
C ARG AA 25 -50.38 -37.55 -59.84
N THR AA 26 -51.52 -37.25 -60.46
CA THR AA 26 -51.86 -37.90 -61.72
C THR AA 26 -50.90 -37.51 -62.83
N PHE AA 27 -50.42 -36.27 -62.82
CA PHE AA 27 -49.45 -35.81 -63.80
C PHE AA 27 -48.10 -36.53 -63.72
N LYS AA 28 -47.51 -36.59 -62.53
CA LYS AA 28 -46.23 -37.29 -62.37
C LYS AA 28 -46.31 -38.74 -62.82
N ARG AA 29 -47.37 -39.45 -62.44
CA ARG AA 29 -47.53 -40.83 -62.82
C ARG AA 29 -47.52 -41.01 -64.30
N HIS AA 30 -48.08 -40.06 -65.02
CA HIS AA 30 -48.20 -40.22 -66.49
C HIS AA 30 -47.06 -39.52 -67.22
N ILE AA 31 -46.13 -38.87 -66.51
CA ILE AA 31 -45.01 -38.33 -67.26
C ILE AA 31 -43.87 -39.32 -67.33
N ALA AA 32 -43.40 -39.61 -68.56
CA ALA AA 32 -42.19 -40.36 -68.77
C ALA AA 32 -41.06 -39.48 -69.28
N GLY AA 33 -41.42 -38.38 -69.95
CA GLY AA 33 -40.43 -37.56 -70.65
C GLY AA 33 -39.47 -36.83 -69.73
N ARG AA 34 -39.99 -36.32 -68.60
CA ARG AA 34 -39.14 -35.55 -67.69
C ARG AA 34 -38.15 -36.42 -66.94
N ARG AA 35 -38.38 -37.74 -66.89
CA ARG AA 35 -37.44 -38.64 -66.23
C ARG AA 35 -36.17 -38.83 -67.03
N VAL AA 36 -36.19 -38.57 -68.34
CA VAL AA 36 -35.04 -38.83 -69.19
C VAL AA 36 -34.42 -37.58 -69.78
N VAL AA 37 -35.14 -36.48 -69.93
CA VAL AA 37 -34.61 -35.30 -70.58
C VAL AA 37 -34.17 -34.31 -69.53
N ASP AA 38 -33.31 -33.38 -69.92
CA ASP AA 38 -32.96 -32.28 -69.04
C ASP AA 38 -34.11 -31.29 -69.00
N VAL AA 39 -34.50 -30.91 -67.80
CA VAL AA 39 -35.63 -30.00 -67.59
C VAL AA 39 -35.07 -28.72 -66.99
N SER AA 40 -35.30 -27.61 -67.68
CA SER AA 40 -34.78 -26.34 -67.24
C SER AA 40 -35.59 -25.79 -66.08
N ASP AA 41 -35.05 -24.77 -65.43
CA ASP AA 41 -35.86 -23.99 -64.51
C ASP AA 41 -36.90 -23.20 -65.28
N PRO AA 42 -38.04 -22.88 -64.67
CA PRO AA 42 -39.03 -22.02 -65.34
C PRO AA 42 -38.48 -20.63 -65.63
N GLY AA 43 -38.54 -20.23 -66.90
CA GLY AA 43 -38.10 -18.92 -67.30
C GLY AA 43 -38.95 -17.81 -66.73
N GLY AA 44 -40.25 -18.05 -66.66
CA GLY AA 44 -41.14 -17.02 -66.18
C GLY AA 44 -42.17 -16.69 -67.24
N PRO AA 45 -43.16 -15.88 -66.89
CA PRO AA 45 -44.24 -15.56 -67.85
C PRO AA 45 -43.76 -14.76 -69.05
N VAL AA 46 -42.71 -13.97 -68.92
CA VAL AA 46 -42.31 -13.08 -70.00
C VAL AA 46 -41.51 -13.83 -71.06
N THR AA 47 -41.02 -15.01 -70.71
CA THR AA 47 -40.17 -15.79 -71.62
C THR AA 47 -40.99 -16.30 -72.79
N ALA AA 48 -40.49 -16.03 -74.00
CA ALA AA 48 -41.31 -16.30 -75.19
C ALA AA 48 -40.59 -17.19 -76.19
N ALA AA 49 -39.26 -17.19 -76.18
CA ALA AA 49 -38.51 -17.94 -77.17
C ALA AA 49 -37.18 -18.36 -76.58
N VAL AA 50 -36.60 -19.40 -77.16
CA VAL AA 50 -35.29 -19.90 -76.78
C VAL AA 50 -34.36 -19.67 -77.96
N SER AA 51 -33.23 -19.03 -77.69
CA SER AA 51 -32.22 -18.81 -78.71
C SER AA 51 -31.54 -20.12 -79.09
N THR AA 52 -31.42 -20.38 -80.38
CA THR AA 52 -30.67 -21.53 -80.86
C THR AA 52 -29.23 -21.19 -81.18
N GLY AA 53 -28.93 -19.89 -81.32
CA GLY AA 53 -27.54 -19.44 -81.59
C GLY AA 53 -27.22 -19.51 -83.06
N ARG AA 54 -28.19 -19.85 -83.92
CA ARG AA 54 -27.92 -19.87 -85.39
C ARG AA 54 -28.27 -18.53 -86.04
N LEU AA 55 -27.98 -18.37 -87.33
CA LEU AA 55 -28.20 -17.08 -88.05
C LEU AA 55 -28.94 -17.34 -89.37
N ILE AA 56 -29.83 -16.45 -89.77
CA ILE AA 56 -30.59 -16.61 -91.02
C ILE AA 56 -30.30 -15.47 -91.97
N ASP AA 57 -29.80 -15.80 -93.16
CA ASP AA 57 -29.50 -14.77 -94.16
C ASP AA 57 -30.73 -14.00 -94.62
N VAL AA 58 -30.70 -12.68 -94.50
CA VAL AA 58 -31.81 -11.86 -95.01
C VAL AA 58 -31.36 -10.88 -96.08
N LYS AA 59 -32.29 -10.45 -96.92
CA LYS AA 59 -31.96 -9.52 -98.00
C LYS AA 59 -31.29 -8.26 -97.48
N ALA AA 60 -30.04 -8.03 -97.88
CA ALA AA 60 -29.27 -6.86 -97.43
C ALA AA 60 -30.09 -5.56 -97.38
N PRO AA 61 -30.09 -4.88 -96.23
CA PRO AA 61 -30.82 -3.62 -96.09
C PRO AA 61 -30.30 -2.62 -97.12
N THR AA 62 -28.99 -2.38 -97.12
CA THR AA 62 -28.39 -1.48 -98.10
C THR AA 62 -27.10 -2.06 -98.64
N ASN AA 63 -26.42 -1.30 -99.50
CA ASN AA 63 -25.16 -1.76 -100.08
C ASN AA 63 -24.08 -1.84 -99.01
N GLY AA 64 -23.33 -2.93 -99.00
CA GLY AA 64 -22.26 -3.10 -98.03
C GLY AA 64 -22.71 -3.47 -96.64
N VAL AA 65 -24.01 -3.76 -96.47
CA VAL AA 65 -24.50 -4.17 -95.17
C VAL AA 65 -24.84 -5.63 -95.24
N ILE AA 66 -24.40 -6.38 -94.25
CA ILE AA 66 -24.68 -7.79 -94.20
C ILE AA 66 -25.57 -8.01 -93.01
N ALA AA 67 -26.75 -8.55 -93.26
CA ALA AA 67 -27.72 -8.73 -92.19
C ALA AA 67 -28.06 -10.16 -91.94
N HIS AA 68 -28.25 -10.49 -90.68
CA HIS AA 68 -28.66 -11.83 -90.34
C HIS AA 68 -29.67 -11.83 -89.22
N LEU AA 69 -30.72 -12.60 -89.37
CA LEU AA 69 -31.70 -12.75 -88.31
C LEU AA 69 -31.25 -13.81 -87.32
N ARG AA 70 -31.42 -13.53 -86.04
CA ARG AA 70 -31.19 -14.54 -85.02
C ARG AA 70 -32.31 -15.57 -85.04
N ALA AA 71 -31.95 -16.85 -85.07
CA ALA AA 71 -32.92 -17.93 -85.03
C ALA AA 71 -33.34 -18.22 -83.59
N SER AA 72 -34.58 -18.65 -83.44
CA SER AA 72 -35.10 -18.98 -82.11
C SER AA 72 -36.23 -19.97 -82.26
N LYS AA 73 -36.63 -20.55 -81.12
CA LYS AA 73 -37.74 -21.48 -81.04
C LYS AA 73 -38.82 -20.88 -80.16
N PRO AA 74 -40.06 -20.78 -80.64
CA PRO AA 74 -41.13 -20.23 -79.80
C PRO AA 74 -41.62 -21.23 -78.77
N LEU AA 75 -41.98 -20.73 -77.59
CA LEU AA 75 -42.73 -21.53 -76.64
C LEU AA 75 -44.17 -21.70 -77.10
N VAL AA 76 -44.79 -22.79 -76.67
CA VAL AA 76 -46.21 -23.01 -76.88
C VAL AA 76 -46.86 -23.13 -75.51
N ARG AA 77 -47.98 -22.46 -75.35
CA ARG AA 77 -48.78 -22.59 -74.14
C ARG AA 77 -49.90 -23.60 -74.39
N LEU AA 78 -49.96 -24.60 -73.54
CA LEU AA 78 -50.88 -25.72 -73.66
C LEU AA 78 -51.86 -25.63 -72.50
N ARG AA 79 -53.15 -25.58 -72.83
CA ARG AA 79 -54.20 -25.39 -71.85
C ARG AA 79 -55.24 -26.49 -72.02
N VAL AA 80 -55.56 -27.16 -70.92
CA VAL AA 80 -56.59 -28.18 -70.88
C VAL AA 80 -57.67 -27.74 -69.91
N PRO AA 81 -58.81 -27.27 -70.40
CA PRO AA 81 -59.91 -26.92 -69.51
C PRO AA 81 -60.59 -28.15 -68.95
N PHE AA 82 -61.17 -27.99 -67.76
CA PHE AA 82 -61.95 -29.05 -67.12
C PHE AA 82 -63.00 -28.41 -66.23
N THR AA 83 -64.00 -29.20 -65.87
CA THR AA 83 -65.20 -28.71 -65.22
C THR AA 83 -65.46 -29.50 -63.94
N LEU AA 84 -65.61 -28.79 -62.82
CA LEU AA 84 -65.84 -29.42 -61.53
C LEU AA 84 -67.25 -29.11 -61.02
N SER AA 85 -67.87 -30.11 -60.42
CA SER AA 85 -69.12 -29.91 -59.70
C SER AA 85 -68.88 -29.11 -58.44
N ARG AA 86 -69.73 -28.10 -58.20
CA ARG AA 86 -69.60 -27.28 -57.01
C ARG AA 86 -70.06 -28.01 -55.75
N ASN AA 87 -70.94 -29.00 -55.91
CA ASN AA 87 -71.32 -29.84 -54.78
C ASN AA 87 -70.15 -30.66 -54.26
N GLU AA 88 -69.34 -31.21 -55.17
CA GLU AA 88 -68.13 -31.94 -54.77
C GLU AA 88 -67.14 -31.02 -54.07
N ILE AA 89 -67.04 -29.77 -54.53
CA ILE AA 89 -66.16 -28.80 -53.90
C ILE AA 89 -66.65 -28.48 -52.48
N ASP AA 90 -67.98 -28.28 -52.34
CA ASP AA 90 -68.56 -27.99 -51.03
C ASP AA 90 -68.47 -29.16 -50.07
N ASP AA 91 -68.41 -30.39 -50.59
CA ASP AA 91 -68.30 -31.58 -49.74
C ASP AA 91 -67.00 -31.62 -48.96
N VAL AA 92 -65.94 -30.98 -49.45
CA VAL AA 92 -64.61 -31.13 -48.88
C VAL AA 92 -64.53 -30.48 -47.49
N GLU AA 93 -65.14 -29.32 -47.32
CA GLU AA 93 -65.08 -28.66 -45.99
C GLU AA 93 -65.91 -29.45 -44.97
N ARG AA 94 -67.00 -30.07 -45.41
CA ARG AA 94 -67.78 -30.91 -44.51
C ARG AA 94 -67.07 -32.20 -44.11
N GLY AA 95 -65.94 -32.52 -44.73
CA GLY AA 95 -65.16 -33.67 -44.36
C GLY AA 95 -65.24 -34.85 -45.30
N SER AA 96 -65.81 -34.70 -46.48
CA SER AA 96 -65.81 -35.77 -47.46
C SER AA 96 -64.39 -36.03 -47.95
N LYS AA 97 -64.09 -37.30 -48.22
CA LYS AA 97 -62.79 -37.69 -48.73
C LYS AA 97 -62.92 -38.49 -50.03
N ASP AA 98 -64.11 -38.49 -50.62
CA ASP AA 98 -64.31 -39.18 -51.90
C ASP AA 98 -64.89 -38.24 -52.95
N SER AA 99 -64.57 -36.94 -52.86
CA SER AA 99 -65.06 -35.97 -53.82
C SER AA 99 -64.57 -36.29 -55.22
N ASP AA 100 -65.46 -36.12 -56.18
CA ASP AA 100 -65.21 -36.56 -57.56
C ASP AA 100 -64.18 -35.66 -58.24
N TRP AA 101 -62.93 -36.11 -58.26
CA TRP AA 101 -61.89 -35.33 -58.92
C TRP AA 101 -61.51 -35.99 -60.24
N GLU AA 102 -62.44 -36.73 -60.82
CA GLU AA 102 -62.18 -37.35 -62.12
C GLU AA 102 -61.86 -36.34 -63.24
N PRO AA 103 -62.55 -35.18 -63.30
CA PRO AA 103 -62.15 -34.25 -64.36
C PRO AA 103 -60.73 -33.76 -64.16
N VAL AA 104 -60.33 -33.50 -62.92
CA VAL AA 104 -58.94 -33.10 -62.65
C VAL AA 104 -57.98 -34.17 -63.12
N LYS AA 105 -58.31 -35.44 -62.87
CA LYS AA 105 -57.45 -36.54 -63.28
C LYS AA 105 -57.41 -36.67 -64.79
N GLU AA 106 -58.55 -36.49 -65.47
CA GLU AA 106 -58.57 -36.55 -66.91
C GLU AA 106 -57.82 -35.39 -67.54
N ALA AA 107 -57.91 -34.19 -66.95
CA ALA AA 107 -57.15 -33.06 -67.45
C ALA AA 107 -55.65 -33.25 -67.26
N ALA AA 108 -55.24 -33.79 -66.10
CA ALA AA 108 -53.83 -34.04 -65.86
C ALA AA 108 -53.29 -35.13 -66.78
N LYS AA 109 -54.08 -36.18 -67.01
CA LYS AA 109 -53.67 -37.22 -67.93
C LYS AA 109 -53.56 -36.69 -69.37
N LYS AA 110 -54.48 -35.82 -69.77
CA LYS AA 110 -54.44 -35.28 -71.12
C LYS AA 110 -53.27 -34.32 -71.31
N LEU AA 111 -53.00 -33.49 -70.29
CA LEU AA 111 -51.85 -32.56 -70.36
C LEU AA 111 -50.55 -33.37 -70.41
N ALA AA 112 -50.43 -34.39 -69.56
CA ALA AA 112 -49.23 -35.24 -69.57
C ALA AA 112 -49.06 -35.94 -70.91
N PHE AA 113 -50.16 -36.40 -71.51
CA PHE AA 113 -50.09 -37.04 -72.81
C PHE AA 113 -49.65 -36.09 -73.89
N VAL AA 114 -50.14 -34.85 -73.86
CA VAL AA 114 -49.71 -33.87 -74.83
C VAL AA 114 -48.22 -33.60 -74.68
N GLU AA 115 -47.78 -33.34 -73.45
CA GLU AA 115 -46.36 -33.02 -73.24
C GLU AA 115 -45.46 -34.15 -73.70
N ASP AA 116 -45.80 -35.40 -73.37
CA ASP AA 116 -44.98 -36.53 -73.77
C ASP AA 116 -45.01 -36.76 -75.27
N ARG AA 117 -46.18 -36.60 -75.90
CA ARG AA 117 -46.26 -36.77 -77.34
C ARG AA 117 -45.57 -35.64 -78.07
N THR AA 118 -45.50 -34.45 -77.46
CA THR AA 118 -44.75 -33.35 -78.05
C THR AA 118 -43.25 -33.61 -77.97
N ILE AA 119 -42.77 -34.11 -76.83
CA ILE AA 119 -41.35 -34.42 -76.69
C ILE AA 119 -40.93 -35.54 -77.64
N PHE AA 120 -41.73 -36.60 -77.75
CA PHE AA 120 -41.26 -37.77 -78.48
C PHE AA 120 -41.72 -37.85 -79.93
N GLU AA 121 -42.85 -37.24 -80.28
CA GLU AA 121 -43.36 -37.28 -81.64
C GLU AA 121 -43.41 -35.92 -82.30
N GLY AA 122 -43.08 -34.88 -81.58
CA GLY AA 122 -43.11 -33.55 -82.12
C GLY AA 122 -44.44 -32.87 -82.30
N TYR AA 123 -44.40 -31.57 -82.54
CA TYR AA 123 -45.59 -30.79 -82.74
C TYR AA 123 -45.14 -29.83 -83.79
N SER AA 124 -45.39 -30.16 -85.04
CA SER AA 124 -44.93 -29.34 -86.16
C SER AA 124 -45.41 -27.89 -86.16
N ALA AA 125 -46.66 -27.66 -85.78
CA ALA AA 125 -47.21 -26.31 -85.73
C ALA AA 125 -46.45 -25.43 -84.74
N ALA AA 126 -45.90 -26.02 -83.69
CA ALA AA 126 -45.07 -25.30 -82.73
C ALA AA 126 -43.59 -25.37 -83.07
N SER AA 127 -43.25 -25.86 -84.27
CA SER AA 127 -41.87 -26.01 -84.76
C SER AA 127 -41.02 -26.88 -83.84
N ILE AA 128 -41.62 -27.93 -83.30
CA ILE AA 128 -40.93 -28.87 -82.43
C ILE AA 128 -40.78 -30.18 -83.18
N GLU AA 129 -39.54 -30.61 -83.37
CA GLU AA 129 -39.26 -31.90 -83.95
C GLU AA 129 -39.17 -32.92 -82.83
N GLY AA 130 -39.83 -34.05 -82.99
CA GLY AA 130 -39.78 -35.08 -81.98
C GLY AA 130 -38.44 -35.79 -81.96
N ILE AA 131 -38.26 -36.57 -80.89
CA ILE AA 131 -37.08 -37.42 -80.78
C ILE AA 131 -37.06 -38.47 -81.88
N ARG AA 132 -38.24 -39.00 -82.24
CA ARG AA 132 -38.34 -39.97 -83.32
C ARG AA 132 -37.91 -39.38 -84.66
N SER AA 133 -38.34 -38.15 -84.94
CA SER AA 133 -37.98 -37.53 -86.20
C SER AA 133 -36.54 -37.03 -86.21
N ALA AA 134 -36.02 -36.57 -85.07
CA ALA AA 134 -34.67 -36.03 -85.00
C ALA AA 134 -33.60 -37.09 -84.81
N SER AA 135 -33.98 -38.35 -84.64
CA SER AA 135 -33.00 -39.41 -84.46
C SER AA 135 -32.32 -39.72 -85.79
N SER AA 136 -31.00 -39.82 -85.78
CA SER AA 136 -30.24 -40.21 -86.96
C SER AA 136 -29.98 -41.72 -87.01
N ASN AA 137 -30.16 -42.43 -85.91
CA ASN AA 137 -30.01 -43.87 -85.90
C ASN AA 137 -31.17 -44.52 -86.64
N PRO AA 138 -30.97 -45.70 -87.23
CA PRO AA 138 -32.06 -46.35 -87.98
C PRO AA 138 -33.21 -46.77 -87.08
N ALA AA 139 -34.40 -46.74 -87.66
CA ALA AA 139 -35.60 -47.14 -86.95
C ALA AA 139 -35.77 -48.66 -87.03
N LEU AA 140 -36.31 -49.23 -85.98
CA LEU AA 140 -36.49 -50.67 -85.88
C LEU AA 140 -37.96 -51.01 -85.79
N THR AA 141 -38.30 -52.24 -86.17
CA THR AA 141 -39.66 -52.72 -86.11
C THR AA 141 -39.82 -53.66 -84.93
N LEU AA 142 -40.81 -53.39 -84.08
CA LEU AA 142 -41.09 -54.26 -82.94
C LEU AA 142 -41.84 -55.48 -83.44
N PRO AA 143 -41.41 -56.67 -82.99
CA PRO AA 143 -42.05 -57.91 -83.45
C PRO AA 143 -43.40 -58.15 -82.80
N GLU AA 144 -44.19 -59.05 -83.37
CA GLU AA 144 -45.49 -59.36 -82.81
C GLU AA 144 -45.38 -60.15 -81.51
N ASP AA 145 -44.48 -61.13 -81.47
CA ASP AA 145 -44.29 -61.96 -80.29
C ASP AA 145 -43.55 -61.16 -79.23
N PRO AA 146 -44.11 -61.00 -78.03
CA PRO AA 146 -43.38 -60.31 -76.96
C PRO AA 146 -42.09 -60.98 -76.53
N ARG AA 147 -41.97 -62.30 -76.70
CA ARG AA 147 -40.73 -63.00 -76.38
C ARG AA 147 -39.59 -62.60 -77.30
N GLU AA 148 -39.90 -62.05 -78.46
CA GLU AA 148 -38.90 -61.51 -79.37
C GLU AA 148 -38.66 -60.02 -79.17
N ILE AA 149 -39.30 -59.39 -78.18
CA ILE AA 149 -39.01 -57.98 -77.92
C ILE AA 149 -37.56 -57.75 -77.44
N PRO AA 150 -37.09 -58.47 -76.40
CA PRO AA 150 -35.72 -58.18 -75.94
C PRO AA 150 -34.65 -58.29 -77.02
N ASP AA 151 -34.85 -59.14 -78.02
CA ASP AA 151 -33.88 -59.26 -79.10
C ASP AA 151 -33.75 -57.94 -79.84
N VAL AA 152 -34.87 -57.43 -80.36
CA VAL AA 152 -34.85 -56.18 -81.13
C VAL AA 152 -34.34 -55.01 -80.28
N ILE AA 153 -34.77 -54.93 -79.03
CA ILE AA 153 -34.26 -53.91 -78.11
C ILE AA 153 -32.74 -53.96 -78.04
N SER AA 154 -32.18 -55.17 -77.97
CA SER AA 154 -30.70 -55.34 -77.93
C SER AA 154 -30.07 -54.82 -79.22
N GLN AA 155 -30.73 -54.97 -80.36
CA GLN AA 155 -30.24 -54.41 -81.62
C GLN AA 155 -30.20 -52.88 -81.55
N ALA AA 156 -31.20 -52.28 -80.90
CA ALA AA 156 -31.18 -50.85 -80.64
C ALA AA 156 -29.99 -50.47 -79.76
N LEU AA 157 -29.69 -51.31 -78.76
CA LEU AA 157 -28.51 -51.08 -77.94
C LEU AA 157 -27.23 -51.25 -78.74
N SER AA 158 -27.26 -52.00 -79.84
CA SER AA 158 -26.11 -52.04 -80.72
C SER AA 158 -25.90 -50.70 -81.41
N GLU AA 159 -27.01 -50.05 -81.81
CA GLU AA 159 -26.91 -48.87 -82.66
C GLU AA 159 -26.33 -47.68 -81.89
N LEU AA 160 -26.79 -47.46 -80.66
CA LEU AA 160 -26.16 -46.47 -79.77
C LEU AA 160 -24.71 -46.81 -79.49
N ARG AA 161 -24.35 -48.08 -79.51
CA ARG AA 161 -22.95 -48.43 -79.35
C ARG AA 161 -22.18 -48.15 -80.63
N LEU AA 162 -22.82 -48.33 -81.79
CA LEU AA 162 -22.19 -47.98 -83.05
C LEU AA 162 -22.17 -46.48 -83.29
N ALA AA 163 -23.01 -45.73 -82.58
CA ALA AA 163 -23.01 -44.28 -82.68
C ALA AA 163 -21.95 -43.64 -81.79
N GLY AA 164 -21.23 -44.43 -81.00
CA GLY AA 164 -20.24 -43.88 -80.07
C GLY AA 164 -20.91 -43.07 -78.98
N VAL AA 165 -21.69 -43.72 -78.11
CA VAL AA 165 -22.41 -43.01 -77.06
C VAL AA 165 -22.29 -43.74 -75.73
N ASP AA 166 -22.02 -43.01 -74.65
CA ASP AA 166 -21.92 -43.61 -73.33
C ASP AA 166 -23.17 -43.29 -72.49
N GLY AA 167 -23.11 -43.55 -71.20
CA GLY AA 167 -24.21 -43.21 -70.32
C GLY AA 167 -25.22 -44.32 -70.03
N PRO AA 168 -26.04 -44.15 -68.97
CA PRO AA 168 -27.04 -45.14 -68.64
C PRO AA 168 -28.09 -45.11 -69.73
N TYR AA 169 -28.35 -46.23 -70.40
CA TYR AA 169 -29.41 -46.22 -71.40
C TYR AA 169 -30.79 -46.50 -70.80
N SER AA 170 -31.84 -45.87 -71.31
CA SER AA 170 -33.13 -46.16 -70.71
C SER AA 170 -34.16 -46.54 -71.79
N VAL AA 171 -35.05 -47.47 -71.48
CA VAL AA 171 -36.01 -47.93 -72.48
C VAL AA 171 -37.39 -47.43 -72.05
N LEU AA 172 -38.06 -46.77 -72.99
CA LEU AA 172 -39.40 -46.27 -72.74
C LEU AA 172 -40.32 -47.06 -73.65
N LEU AA 173 -41.43 -47.56 -73.11
CA LEU AA 173 -42.33 -48.41 -73.88
C LEU AA 173 -43.70 -47.77 -73.93
N SER AA 174 -44.40 -47.98 -75.05
CA SER AA 174 -45.79 -47.62 -75.11
C SER AA 174 -46.61 -48.55 -74.20
N ALA AA 175 -47.83 -48.12 -73.89
CA ALA AA 175 -48.68 -48.85 -72.96
C ALA AA 175 -49.03 -50.24 -73.49
N ASP AA 176 -49.23 -50.36 -74.81
CA ASP AA 176 -49.45 -51.66 -75.43
C ASP AA 176 -48.24 -52.56 -75.27
N VAL AA 177 -47.05 -52.03 -75.54
CA VAL AA 177 -45.82 -52.80 -75.46
C VAL AA 177 -45.48 -53.12 -74.00
N TYR AA 178 -45.70 -52.16 -73.10
CA TYR AA 178 -45.47 -52.39 -71.67
C TYR AA 178 -46.39 -53.47 -71.12
N THR AA 179 -47.66 -53.45 -71.53
CA THR AA 179 -48.60 -54.49 -71.14
C THR AA 179 -48.20 -55.85 -71.71
N LYS AA 180 -47.76 -55.88 -72.98
CA LYS AA 180 -47.35 -57.14 -73.61
C LYS AA 180 -46.12 -57.75 -72.93
N VAL AA 181 -45.13 -56.93 -72.59
CA VAL AA 181 -43.95 -57.48 -71.93
C VAL AA 181 -44.16 -57.66 -70.44
N SER AA 182 -45.23 -57.11 -69.89
CA SER AA 182 -45.56 -57.33 -68.49
C SER AA 182 -46.33 -58.62 -68.27
N GLU AA 183 -47.25 -58.94 -69.18
CA GLU AA 183 -48.16 -60.05 -68.98
C GLU AA 183 -47.64 -61.37 -69.52
N THR AA 184 -46.65 -61.33 -70.41
CA THR AA 184 -46.02 -62.54 -70.89
C THR AA 184 -44.83 -62.86 -69.99
N SER AA 185 -44.70 -64.12 -69.62
CA SER AA 185 -43.66 -64.52 -68.68
C SER AA 185 -42.82 -65.64 -69.26
N ASP AA 186 -41.56 -65.68 -68.85
CA ASP AA 186 -40.64 -66.75 -69.25
C ASP AA 186 -39.75 -67.06 -68.07
N HIS AA 187 -39.79 -68.32 -67.62
CA HIS AA 187 -38.96 -68.85 -66.54
C HIS AA 187 -39.10 -68.06 -65.24
N GLY AA 188 -40.35 -67.78 -64.86
CA GLY AA 188 -40.64 -67.15 -63.59
C GLY AA 188 -40.47 -65.65 -63.56
N TYR AA 189 -40.17 -65.02 -64.68
CA TYR AA 189 -40.10 -63.57 -64.76
C TYR AA 189 -40.86 -63.10 -65.98
N PRO AA 190 -41.50 -61.94 -65.90
CA PRO AA 190 -42.05 -61.32 -67.11
C PRO AA 190 -40.93 -60.79 -67.98
N ILE AA 191 -41.28 -60.53 -69.24
CA ILE AA 191 -40.30 -60.06 -70.23
C ILE AA 191 -39.77 -58.66 -69.87
N ARG AA 192 -40.53 -57.91 -69.07
CA ARG AA 192 -40.08 -56.62 -68.55
C ARG AA 192 -38.80 -56.76 -67.72
N GLU AA 193 -38.69 -57.84 -66.96
CA GLU AA 193 -37.47 -58.11 -66.20
C GLU AA 193 -36.32 -58.44 -67.16
N HIS AA 194 -36.60 -59.17 -68.24
CA HIS AA 194 -35.58 -59.45 -69.26
C HIS AA 194 -35.08 -58.17 -69.90
N LEU AA 195 -35.97 -57.20 -70.12
CA LEU AA 195 -35.55 -55.89 -70.59
C LEU AA 195 -34.72 -55.16 -69.54
N ASN AA 196 -35.08 -55.33 -68.27
CA ASN AA 196 -34.36 -54.68 -67.18
C ASN AA 196 -32.93 -55.20 -67.07
N ARG AA 197 -32.69 -56.47 -67.43
CA ARG AA 197 -31.33 -57.00 -67.40
C ARG AA 197 -30.42 -56.41 -68.47
N LEU AA 198 -30.98 -55.99 -69.60
CA LEU AA 198 -30.18 -55.45 -70.74
C LEU AA 198 -29.61 -54.05 -70.46
N VAL AA 199 -30.27 -53.24 -69.63
CA VAL AA 199 -29.82 -51.83 -69.47
C VAL AA 199 -29.49 -51.49 -68.02
N ASP AA 200 -28.71 -50.42 -67.83
CA ASP AA 200 -28.35 -49.95 -66.47
C ASP AA 200 -29.24 -48.76 -66.13
N GLY AA 201 -30.21 -48.48 -67.00
CA GLY AA 201 -31.15 -47.38 -66.75
C GLY AA 201 -32.45 -47.92 -66.21
N ASP AA 202 -33.58 -47.61 -66.84
CA ASP AA 202 -34.88 -48.03 -66.26
C ASP AA 202 -35.88 -48.40 -67.33
N ILE AA 203 -36.69 -49.43 -67.09
CA ILE AA 203 -37.80 -49.68 -68.04
C ILE AA 203 -38.87 -48.69 -67.59
N ILE AA 204 -39.28 -47.80 -68.47
CA ILE AA 204 -40.17 -46.70 -68.12
C ILE AA 204 -41.48 -46.85 -68.87
N TRP AA 205 -42.58 -46.85 -68.12
CA TRP AA 205 -43.91 -46.89 -68.71
C TRP AA 205 -44.20 -45.52 -69.32
N ALA AA 206 -44.50 -45.50 -70.62
CA ALA AA 206 -44.76 -44.27 -71.36
C ALA AA 206 -46.05 -44.42 -72.13
N PRO AA 207 -47.20 -44.21 -71.48
CA PRO AA 207 -48.49 -44.49 -72.12
C PRO AA 207 -48.87 -43.55 -73.25
N ALA AA 208 -48.20 -42.41 -73.42
CA ALA AA 208 -48.59 -41.50 -74.49
C ALA AA 208 -47.93 -41.84 -75.82
N ILE AA 209 -46.72 -42.39 -75.79
CA ILE AA 209 -45.94 -42.61 -77.01
C ILE AA 209 -46.48 -43.79 -77.82
N ASP AA 210 -46.03 -43.90 -79.05
CA ASP AA 210 -46.17 -45.10 -79.86
C ASP AA 210 -44.84 -45.83 -79.90
N GLY AA 211 -44.92 -47.14 -80.09
CA GLY AA 211 -43.72 -47.95 -80.19
C GLY AA 211 -42.84 -47.95 -78.97
N ALA AA 212 -41.54 -47.74 -79.18
CA ALA AA 212 -40.61 -47.75 -78.07
C ALA AA 212 -39.46 -46.80 -78.37
N PHE AA 213 -38.75 -46.44 -77.32
CA PHE AA 213 -37.59 -45.54 -77.50
C PHE AA 213 -36.47 -46.03 -76.59
N VAL AA 214 -35.27 -46.17 -77.13
CA VAL AA 214 -34.11 -46.50 -76.27
C VAL AA 214 -33.19 -45.30 -76.36
N LEU AA 215 -32.67 -44.84 -75.23
CA LEU AA 215 -31.88 -43.61 -75.31
C LEU AA 215 -30.97 -43.47 -74.10
N THR AA 216 -29.94 -42.65 -74.23
CA THR AA 216 -28.99 -42.39 -73.16
C THR AA 216 -29.48 -41.25 -72.26
N THR AA 217 -29.19 -41.37 -70.97
CA THR AA 217 -29.55 -40.33 -70.02
C THR AA 217 -28.30 -39.72 -69.42
N ARG AA 218 -27.24 -39.63 -70.23
CA ARG AA 218 -25.99 -39.06 -69.75
C ARG AA 218 -26.09 -37.56 -69.49
N GLY AA 219 -27.06 -36.89 -70.11
CA GLY AA 219 -27.22 -35.47 -69.91
C GLY AA 219 -26.80 -34.68 -71.13
N GLY AA 220 -27.40 -33.50 -71.27
CA GLY AA 220 -27.01 -32.57 -72.31
C GLY AA 220 -27.45 -32.92 -73.72
N ASP AA 221 -28.29 -33.93 -73.89
CA ASP AA 221 -28.69 -34.32 -75.24
C ASP AA 221 -30.12 -33.87 -75.57
N PHE AA 222 -30.99 -33.86 -74.57
CA PHE AA 222 -32.40 -33.58 -74.76
C PHE AA 222 -32.78 -32.53 -73.73
N ASP AA 223 -33.43 -31.46 -74.16
CA ASP AA 223 -33.65 -30.31 -73.29
C ASP AA 223 -35.08 -29.86 -73.40
N LEU AA 224 -35.82 -29.92 -72.29
CA LEU AA 224 -37.17 -29.38 -72.22
C LEU AA 224 -37.09 -28.01 -71.58
N GLN AA 225 -37.52 -26.99 -72.31
CA GLN AA 225 -37.50 -25.63 -71.78
C GLN AA 225 -38.89 -25.21 -71.33
N LEU AA 226 -38.97 -24.83 -70.07
CA LEU AA 226 -40.22 -24.39 -69.52
C LEU AA 226 -40.27 -22.93 -69.26
N GLY AA 227 -41.29 -22.25 -69.73
CA GLY AA 227 -41.43 -20.85 -69.34
C GLY AA 227 -42.08 -20.91 -67.98
N THR AA 228 -43.24 -21.57 -67.93
CA THR AA 228 -43.94 -21.78 -66.63
C THR AA 228 -44.34 -23.25 -66.53
N ASP AA 229 -44.16 -23.83 -65.35
CA ASP AA 229 -44.55 -25.25 -65.12
C ASP AA 229 -46.07 -25.37 -65.03
N VAL AA 230 -46.58 -26.57 -64.77
CA VAL AA 230 -48.05 -26.82 -64.71
C VAL AA 230 -48.71 -25.99 -63.61
N ALA AA 231 -49.77 -25.26 -63.97
CA ALA AA 231 -50.50 -24.43 -63.02
C ALA AA 231 -51.99 -24.61 -63.26
N ILE AA 232 -52.78 -24.38 -62.22
CA ILE AA 232 -54.23 -24.48 -62.33
C ILE AA 232 -54.82 -23.07 -62.30
N GLY AA 233 -55.64 -22.75 -63.30
CA GLY AA 233 -56.23 -21.43 -63.41
C GLY AA 233 -57.74 -21.49 -63.50
N TYR AA 234 -58.36 -20.34 -63.22
CA TYR AA 234 -59.81 -20.23 -63.14
C TYR AA 234 -60.36 -19.51 -64.36
N ALA AA 235 -61.36 -20.12 -65.02
CA ALA AA 235 -61.93 -19.50 -66.24
C ALA AA 235 -63.24 -18.80 -65.89
N SER AA 236 -64.26 -19.57 -65.51
CA SER AA 236 -65.58 -19.02 -65.20
C SER AA 236 -66.37 -19.99 -64.33
N HIS AA 237 -67.52 -19.56 -63.81
CA HIS AA 237 -68.33 -20.42 -62.90
C HIS AA 237 -69.82 -20.13 -63.02
N ASP AA 238 -70.66 -21.10 -62.67
CA ASP AA 238 -72.13 -20.87 -62.64
C ASP AA 238 -72.61 -21.41 -61.29
N THR AA 239 -73.91 -21.63 -61.12
CA THR AA 239 -74.46 -22.12 -59.83
C THR AA 239 -74.01 -23.56 -59.60
N ASP AA 240 -73.81 -24.32 -60.67
CA ASP AA 240 -73.53 -25.74 -60.47
C ASP AA 240 -72.07 -26.12 -60.63
N THR AA 241 -71.31 -25.43 -61.47
CA THR AA 241 -70.00 -25.91 -61.87
C THR AA 241 -68.98 -24.78 -61.86
N VAL AA 242 -67.72 -25.16 -61.75
CA VAL AA 242 -66.58 -24.26 -61.91
C VAL AA 242 -65.73 -24.76 -63.07
N ARG AA 243 -65.52 -23.90 -64.06
CA ARG AA 243 -64.60 -24.20 -65.15
C ARG AA 243 -63.20 -23.72 -64.79
N LEU AA 244 -62.26 -24.66 -64.80
CA LEU AA 244 -60.87 -24.32 -64.54
C LEU AA 244 -60.04 -24.86 -65.69
N TYR AA 245 -58.71 -24.74 -65.60
CA TYR AA 245 -57.83 -25.29 -66.62
C TYR AA 245 -56.49 -25.65 -66.01
N LEU AA 246 -55.81 -26.56 -66.68
CA LEU AA 246 -54.41 -26.85 -66.44
C LEU AA 246 -53.61 -26.19 -67.54
N GLN AA 247 -52.46 -25.61 -67.20
CA GLN AA 247 -51.77 -24.83 -68.19
C GLN AA 247 -50.27 -24.94 -67.98
N GLU AA 248 -49.54 -25.09 -69.08
CA GLU AA 248 -48.09 -25.09 -69.04
C GLU AA 248 -47.54 -24.57 -70.36
N THR AA 249 -46.41 -23.89 -70.32
CA THR AA 249 -45.81 -23.37 -71.54
C THR AA 249 -44.37 -23.86 -71.67
N LEU AA 250 -44.04 -24.37 -72.86
CA LEU AA 250 -42.79 -25.10 -73.04
C LEU AA 250 -42.38 -25.12 -74.50
N THR AA 251 -41.12 -25.51 -74.71
CA THR AA 251 -40.65 -26.01 -76.00
C THR AA 251 -39.69 -27.15 -75.72
N PHE AA 252 -39.38 -27.94 -76.74
CA PHE AA 252 -38.44 -29.04 -76.60
C PHE AA 252 -37.36 -28.96 -77.67
N LEU AA 253 -36.13 -29.20 -77.27
CA LEU AA 253 -34.97 -29.17 -78.15
C LEU AA 253 -34.23 -30.49 -78.05
N CYS AA 254 -33.83 -31.03 -79.19
CA CYS AA 254 -32.94 -32.18 -79.24
C CYS AA 254 -31.61 -31.73 -79.84
N TYR AA 255 -30.57 -31.74 -79.02
CA TYR AA 255 -29.25 -31.30 -79.46
C TYR AA 255 -28.44 -32.40 -80.13
N THR AA 256 -28.70 -33.65 -79.77
CA THR AA 256 -27.85 -34.77 -80.18
C THR AA 256 -28.69 -35.76 -80.96
N ALA AA 257 -28.45 -35.86 -82.26
CA ALA AA 257 -29.31 -36.64 -83.13
C ALA AA 257 -29.10 -38.15 -82.95
N GLU AA 258 -27.91 -38.56 -82.53
CA GLU AA 258 -27.58 -39.97 -82.50
C GLU AA 258 -27.75 -40.61 -81.12
N ALA AA 259 -28.40 -39.90 -80.20
CA ALA AA 259 -28.54 -40.38 -78.83
C ALA AA 259 -29.80 -41.20 -78.59
N SER AA 260 -30.50 -41.63 -79.65
CA SER AA 260 -31.75 -42.35 -79.45
C SER AA 260 -32.07 -43.26 -80.62
N VAL AA 261 -32.84 -44.31 -80.34
CA VAL AA 261 -33.41 -45.20 -81.34
C VAL AA 261 -34.91 -45.28 -81.11
N ALA AA 262 -35.68 -45.06 -82.18
CA ALA AA 262 -37.13 -45.18 -82.17
C ALA AA 262 -37.55 -46.52 -82.75
N LEU AA 263 -38.61 -47.08 -82.17
CA LEU AA 263 -39.12 -48.35 -82.64
C LEU AA 263 -40.61 -48.18 -82.92
N SER AA 264 -41.11 -48.89 -83.91
CA SER AA 264 -42.51 -48.81 -84.29
C SER AA 264 -43.05 -50.20 -84.53
N HIS AA 265 -44.36 -50.28 -84.73
CA HIS AA 265 -45.02 -51.55 -84.98
C HIS AA 265 -45.16 -51.83 -86.47
N MET BA 1 -55.84 -61.05 -9.22
CA MET BA 1 -56.29 -61.97 -8.20
C MET BA 1 -55.67 -63.35 -8.32
N ASN BA 2 -55.99 -64.24 -7.38
CA ASN BA 2 -55.42 -65.60 -7.39
C ASN BA 2 -56.52 -66.67 -7.46
N ASN BA 3 -56.17 -67.90 -7.10
CA ASN BA 3 -57.15 -68.99 -7.15
C ASN BA 3 -58.20 -68.91 -6.03
N LEU BA 4 -57.91 -68.25 -4.91
CA LEU BA 4 -58.91 -68.02 -3.88
C LEU BA 4 -60.09 -67.17 -4.36
N TYR BA 5 -59.88 -66.32 -5.36
CA TYR BA 5 -60.93 -65.42 -5.86
C TYR BA 5 -61.63 -64.71 -4.70
N ARG BA 6 -60.82 -64.18 -3.79
CA ARG BA 6 -61.31 -63.69 -2.51
C ARG BA 6 -62.12 -62.41 -2.67
N ASP BA 7 -61.72 -61.54 -3.61
CA ASP BA 7 -62.43 -60.29 -3.83
C ASP BA 7 -63.79 -60.48 -4.48
N LEU BA 8 -64.05 -61.66 -5.05
CA LEU BA 8 -65.37 -61.92 -5.62
C LEU BA 8 -66.38 -62.32 -4.56
N ALA BA 9 -65.94 -62.68 -3.36
CA ALA BA 9 -66.86 -63.12 -2.33
C ALA BA 9 -67.61 -61.92 -1.74
N PRO BA 10 -68.91 -62.03 -1.52
CA PRO BA 10 -69.65 -60.93 -0.83
C PRO BA 10 -69.46 -60.97 0.68
N VAL BA 11 -68.22 -60.72 1.09
CA VAL BA 11 -67.81 -60.76 2.48
C VAL BA 11 -67.10 -59.44 2.76
N THR BA 12 -67.50 -58.76 3.82
CA THR BA 12 -66.89 -57.48 4.16
C THR BA 12 -65.52 -57.72 4.80
N GLU BA 13 -64.77 -56.63 4.93
CA GLU BA 13 -63.42 -56.70 5.48
C GLU BA 13 -63.42 -57.12 6.94
N ALA BA 14 -64.35 -56.58 7.73
CA ALA BA 14 -64.45 -56.95 9.14
C ALA BA 14 -64.89 -58.40 9.30
N ALA BA 15 -65.85 -58.83 8.48
CA ALA BA 15 -66.26 -60.22 8.49
C ALA BA 15 -65.12 -61.14 8.06
N TRP BA 16 -64.30 -60.71 7.10
CA TRP BA 16 -63.14 -61.48 6.69
C TRP BA 16 -62.14 -61.63 7.82
N ALA BA 17 -61.90 -60.56 8.57
CA ALA BA 17 -60.98 -60.62 9.70
C ALA BA 17 -61.49 -61.57 10.78
N GLU BA 18 -62.80 -61.53 11.07
CA GLU BA 18 -63.37 -62.46 12.04
C GLU BA 18 -63.29 -63.92 11.57
N ILE BA 19 -63.52 -64.17 10.28
CA ILE BA 19 -63.44 -65.53 9.75
C ILE BA 19 -62.01 -66.06 9.79
N GLU BA 20 -61.03 -65.21 9.42
CA GLU BA 20 -59.63 -65.61 9.47
C GLU BA 20 -59.19 -65.92 10.89
N LEU BA 21 -59.60 -65.08 11.85
CA LEU BA 21 -59.27 -65.29 13.25
C LEU BA 21 -59.86 -66.59 13.78
N GLU BA 22 -61.14 -66.84 13.47
CA GLU BA 22 -61.80 -68.05 13.94
C GLU BA 22 -61.18 -69.31 13.37
N ALA BA 23 -60.87 -69.29 12.06
CA ALA BA 23 -60.28 -70.45 11.41
C ALA BA 23 -58.88 -70.74 11.92
N ALA BA 24 -58.05 -69.68 12.05
CA ALA BA 24 -56.69 -69.85 12.54
C ALA BA 24 -56.67 -70.35 13.98
N ARG BA 25 -57.54 -69.80 14.81
CA ARG BA 25 -57.62 -70.23 16.21
C ARG BA 25 -58.03 -71.68 16.34
N THR BA 26 -59.13 -72.07 15.68
CA THR BA 26 -59.63 -73.43 15.82
C THR BA 26 -58.65 -74.45 15.24
N PHE BA 27 -57.97 -74.11 14.17
CA PHE BA 27 -56.96 -74.97 13.58
C PHE BA 27 -55.76 -75.24 14.49
N LYS BA 28 -55.14 -74.20 15.02
CA LYS BA 28 -54.01 -74.38 15.92
C LYS BA 28 -54.36 -75.26 17.12
N ARG BA 29 -55.51 -75.01 17.73
CA ARG BA 29 -55.93 -75.79 18.88
C ARG BA 29 -56.02 -77.25 18.56
N HIS BA 30 -56.42 -77.57 17.35
CA HIS BA 30 -56.63 -79.00 17.02
C HIS BA 30 -55.41 -79.58 16.30
N ILE BA 31 -54.35 -78.79 16.08
CA ILE BA 31 -53.17 -79.45 15.50
C ILE BA 31 -52.23 -79.93 16.58
N ALA BA 32 -51.88 -81.22 16.53
CA ALA BA 32 -50.83 -81.78 17.35
C ALA BA 32 -49.59 -82.09 16.53
N GLY BA 33 -49.76 -82.34 15.23
CA GLY BA 33 -48.67 -82.84 14.41
C GLY BA 33 -47.57 -81.83 14.17
N ARG BA 34 -47.93 -80.56 13.98
CA ARG BA 34 -46.94 -79.54 13.69
C ARG BA 34 -46.09 -79.19 14.90
N ARG BA 35 -46.55 -79.54 16.10
CA ARG BA 35 -45.75 -79.29 17.30
C ARG BA 35 -44.57 -80.23 17.42
N VAL BA 36 -44.60 -81.38 16.75
CA VAL BA 36 -43.54 -82.37 16.91
C VAL BA 36 -42.74 -82.60 15.65
N VAL BA 37 -43.26 -82.33 14.46
CA VAL BA 37 -42.55 -82.63 13.23
C VAL BA 37 -41.89 -81.35 12.71
N ASP BA 38 -40.90 -81.52 11.86
CA ASP BA 38 -40.32 -80.38 11.17
C ASP BA 38 -41.28 -79.92 10.07
N VAL BA 39 -41.55 -78.63 10.04
CA VAL BA 39 -42.48 -78.04 9.09
C VAL BA 39 -41.68 -77.13 8.18
N SER BA 40 -41.74 -77.41 6.89
CA SER BA 40 -40.98 -76.65 5.92
C SER BA 40 -41.63 -75.30 5.66
N ASP BA 41 -40.90 -74.43 5.00
CA ASP BA 41 -41.51 -73.23 4.45
C ASP BA 41 -42.43 -73.62 3.29
N PRO BA 42 -43.48 -72.84 3.02
CA PRO BA 42 -44.31 -73.10 1.84
C PRO BA 42 -43.54 -73.00 0.54
N GLY BA 43 -43.57 -74.06 -0.26
CA GLY BA 43 -42.92 -74.07 -1.54
C GLY BA 43 -43.54 -73.10 -2.52
N GLY BA 44 -44.85 -72.99 -2.49
CA GLY BA 44 -45.53 -72.13 -3.42
C GLY BA 44 -46.52 -72.94 -4.24
N PRO BA 45 -47.34 -72.26 -5.03
CA PRO BA 45 -48.37 -72.96 -5.81
C PRO BA 45 -47.82 -73.89 -6.88
N VAL BA 46 -46.62 -73.62 -7.40
CA VAL BA 46 -46.12 -74.41 -8.53
C VAL BA 46 -45.51 -75.72 -8.04
N THR BA 47 -45.23 -75.81 -6.75
CA THR BA 47 -44.57 -76.97 -6.19
C THR BA 47 -45.50 -78.18 -6.22
N ALA BA 48 -45.03 -79.28 -6.79
CA ALA BA 48 -45.91 -80.41 -7.05
C ALA BA 48 -45.41 -81.70 -6.42
N ALA BA 49 -44.11 -81.82 -6.21
CA ALA BA 49 -43.54 -83.06 -5.71
C ALA BA 49 -42.28 -82.75 -4.92
N VAL BA 50 -41.92 -83.69 -4.05
CA VAL BA 50 -40.71 -83.61 -3.26
C VAL BA 50 -39.80 -84.74 -3.70
N SER BA 51 -38.56 -84.39 -4.04
CA SER BA 51 -37.57 -85.39 -4.42
C SER BA 51 -37.16 -86.21 -3.21
N THR BA 52 -37.14 -87.53 -3.37
CA THR BA 52 -36.62 -88.41 -2.33
C THR BA 52 -35.14 -88.75 -2.53
N GLY BA 53 -34.63 -88.49 -3.74
CA GLY BA 53 -33.20 -88.74 -4.03
C GLY BA 53 -32.95 -90.19 -4.39
N ARG BA 54 -33.99 -91.03 -4.50
CA ARG BA 54 -33.79 -92.43 -4.91
C ARG BA 54 -33.93 -92.60 -6.43
N LEU BA 55 -33.66 -93.79 -6.96
CA LEU BA 55 -33.67 -94.05 -8.42
C LEU BA 55 -34.49 -95.31 -8.71
N ILE BA 56 -35.23 -95.33 -9.83
CA ILE BA 56 -36.05 -96.48 -10.20
C ILE BA 56 -35.61 -97.06 -11.53
N ASP BA 57 -35.22 -98.33 -11.53
CA ASP BA 57 -34.78 -98.98 -12.77
C ASP BA 57 -35.87 -99.06 -13.82
N VAL BA 58 -35.59 -98.54 -15.01
CA VAL BA 58 -36.56 -98.65 -16.11
C VAL BA 58 -35.98 -99.41 -17.30
N LYS BA 59 -36.86 -99.98 -18.12
CA LYS BA 59 -36.41 -100.75 -19.29
C LYS BA 59 -35.51 -99.92 -20.19
N ALA BA 60 -34.26 -100.34 -20.35
CA ALA BA 60 -33.28 -99.63 -21.17
C ALA BA 60 -33.84 -99.10 -22.49
N PRO BA 61 -33.67 -97.78 -22.75
CA PRO BA 61 -34.16 -97.21 -24.01
C PRO BA 61 -33.52 -97.90 -25.19
N THR BA 62 -32.18 -97.96 -25.20
CA THR BA 62 -31.47 -98.65 -26.27
C THR BA 62 -30.32 -99.47 -25.70
N ASN BA 63 -29.56 -100.11 -26.58
CA ASN BA 63 -28.42 -100.92 -26.15
C ASN BA 63 -27.33 -100.04 -25.56
N GLY BA 64 -26.80 -100.45 -24.41
CA GLY BA 64 -25.73 -99.68 -23.78
C GLY BA 64 -26.19 -98.43 -23.05
N VAL BA 65 -27.49 -98.24 -22.93
CA VAL BA 65 -28.01 -97.10 -22.20
C VAL BA 65 -28.60 -97.58 -20.91
N ILE BA 66 -28.27 -96.93 -19.82
CA ILE BA 66 -28.79 -97.30 -18.54
C ILE BA 66 -29.66 -96.17 -18.08
N ALA BA 67 -30.93 -96.45 -17.85
CA ALA BA 67 -31.87 -95.40 -17.48
C ALA BA 67 -32.46 -95.58 -16.12
N HIS BA 68 -32.65 -94.48 -15.43
CA HIS BA 68 -33.27 -94.53 -14.14
C HIS BA 68 -34.23 -93.38 -13.94
N LEU BA 69 -35.40 -93.66 -13.43
CA LEU BA 69 -36.35 -92.62 -13.10
C LEU BA 69 -36.06 -92.05 -11.72
N ARG BA 70 -36.13 -90.74 -11.59
CA ARG BA 70 -36.04 -90.12 -10.28
C ARG BA 70 -37.33 -90.35 -9.50
N ALA BA 71 -37.20 -90.81 -8.27
CA ALA BA 71 -38.35 -91.02 -7.40
C ALA BA 71 -38.75 -89.71 -6.74
N SER BA 72 -40.04 -89.57 -6.47
CA SER BA 72 -40.57 -88.38 -5.81
C SER BA 72 -41.85 -88.72 -5.10
N LYS BA 73 -42.31 -87.79 -4.27
CA LYS BA 73 -43.56 -87.90 -3.55
C LYS BA 73 -44.49 -86.77 -3.99
N PRO BA 74 -45.70 -87.08 -4.44
CA PRO BA 74 -46.63 -86.01 -4.84
C PRO BA 74 -47.25 -85.31 -3.65
N LEU BA 75 -47.46 -84.00 -3.80
CA LEU BA 75 -48.31 -83.28 -2.85
C LEU BA 75 -49.77 -83.63 -3.08
N VAL BA 76 -50.55 -83.51 -2.02
CA VAL BA 76 -52.00 -83.65 -2.10
C VAL BA 76 -52.61 -82.33 -1.65
N ARG BA 77 -53.59 -81.85 -2.39
CA ARG BA 77 -54.35 -80.67 -2.01
C ARG BA 77 -55.63 -81.11 -1.32
N LEU BA 78 -55.85 -80.62 -0.12
CA LEU BA 78 -56.95 -81.00 0.74
C LEU BA 78 -57.85 -79.78 0.88
N ARG BA 79 -59.11 -79.96 0.52
CA ARG BA 79 -60.09 -78.87 0.50
C ARG BA 79 -61.32 -79.28 1.31
N VAL BA 80 -61.70 -78.42 2.23
CA VAL BA 80 -62.90 -78.61 3.05
C VAL BA 80 -63.84 -77.44 2.77
N PRO BA 81 -64.89 -77.66 2.00
CA PRO BA 81 -65.88 -76.60 1.79
C PRO BA 81 -66.75 -76.39 3.02
N PHE BA 82 -67.25 -75.16 3.16
CA PHE BA 82 -68.18 -74.82 4.23
C PHE BA 82 -69.06 -73.68 3.75
N THR BA 83 -70.17 -73.49 4.46
CA THR BA 83 -71.24 -72.60 4.02
C THR BA 83 -71.58 -71.61 5.13
N LEU BA 84 -71.56 -70.32 4.80
CA LEU BA 84 -71.84 -69.27 5.77
C LEU BA 84 -73.15 -68.56 5.43
N SER BA 85 -73.92 -68.24 6.47
CA SER BA 85 -75.09 -67.39 6.32
C SER BA 85 -74.66 -65.96 6.01
N ARG BA 86 -75.30 -65.35 5.02
CA ARG BA 86 -74.98 -63.98 4.66
C ARG BA 86 -75.51 -62.98 5.67
N ASN BA 87 -76.56 -63.34 6.41
CA ASN BA 87 -77.05 -62.52 7.51
C ASN BA 87 -76.02 -62.39 8.61
N GLU BA 88 -75.35 -63.49 8.96
CA GLU BA 88 -74.28 -63.46 9.96
C GLU BA 88 -73.11 -62.61 9.49
N ILE BA 89 -72.81 -62.66 8.19
CA ILE BA 89 -71.75 -61.83 7.62
C ILE BA 89 -72.13 -60.35 7.69
N ASP BA 90 -73.37 -60.02 7.35
CA ASP BA 90 -73.84 -58.65 7.41
C ASP BA 90 -73.93 -58.11 8.84
N ASP BA 91 -74.12 -58.99 9.82
CA ASP BA 91 -74.19 -58.58 11.23
C ASP BA 91 -72.88 -57.97 11.73
N VAL BA 92 -71.75 -58.34 11.12
CA VAL BA 92 -70.44 -57.96 11.67
C VAL BA 92 -70.19 -56.47 11.52
N GLU BA 93 -70.58 -55.88 10.40
CA GLU BA 93 -70.36 -54.43 10.22
C GLU BA 93 -71.27 -53.63 11.16
N ARG BA 94 -72.46 -54.14 11.43
CA ARG BA 94 -73.35 -53.46 12.38
C ARG BA 94 -72.86 -53.57 13.82
N GLY BA 95 -71.83 -54.35 14.10
CA GLY BA 95 -71.26 -54.44 15.42
C GLY BA 95 -71.59 -55.68 16.21
N SER BA 96 -72.17 -56.70 15.58
CA SER BA 96 -72.40 -57.97 16.27
C SER BA 96 -71.07 -58.65 16.56
N LYS BA 97 -71.01 -59.32 17.72
CA LYS BA 97 -69.83 -60.05 18.12
C LYS BA 97 -70.14 -61.50 18.43
N ASP BA 98 -71.33 -61.96 18.05
CA ASP BA 98 -71.71 -63.36 18.24
C ASP BA 98 -72.15 -64.01 16.93
N SER BA 99 -71.60 -63.55 15.82
CA SER BA 99 -71.95 -64.10 14.51
C SER BA 99 -71.58 -65.58 14.44
N ASP BA 100 -72.46 -66.36 13.83
CA ASP BA 100 -72.34 -67.81 13.82
C ASP BA 100 -71.20 -68.28 12.93
N TRP BA 101 -70.05 -68.55 13.53
CA TRP BA 101 -68.91 -69.04 12.76
C TRP BA 101 -68.70 -70.51 13.00
N GLU BA 102 -69.78 -71.21 13.36
CA GLU BA 102 -69.69 -72.66 13.56
C GLU BA 102 -69.23 -73.43 12.31
N PRO BA 103 -69.70 -73.06 11.09
CA PRO BA 103 -69.19 -73.81 9.94
C PRO BA 103 -67.70 -73.60 9.77
N VAL BA 104 -67.21 -72.37 9.99
CA VAL BA 104 -65.76 -72.13 9.92
C VAL BA 104 -65.03 -73.01 10.93
N LYS BA 105 -65.57 -73.12 12.14
CA LYS BA 105 -64.94 -73.94 13.17
C LYS BA 105 -64.98 -75.42 12.81
N GLU BA 106 -66.10 -75.88 12.24
CA GLU BA 106 -66.18 -77.28 11.82
C GLU BA 106 -65.25 -77.58 10.66
N ALA BA 107 -65.11 -76.64 9.72
CA ALA BA 107 -64.18 -76.84 8.62
C ALA BA 107 -62.74 -76.85 9.09
N ALA BA 108 -62.39 -75.97 10.04
CA ALA BA 108 -61.03 -75.95 10.57
C ALA BA 108 -60.73 -77.20 11.37
N LYS BA 109 -61.71 -77.68 12.14
CA LYS BA 109 -61.52 -78.92 12.89
C LYS BA 109 -61.38 -80.11 11.95
N LYS BA 110 -62.15 -80.13 10.86
CA LYS BA 110 -62.06 -81.24 9.93
C LYS BA 110 -60.75 -81.24 9.15
N LEU BA 111 -60.30 -80.04 8.76
CA LEU BA 111 -59.00 -79.93 8.04
C LEU BA 111 -57.87 -80.36 8.98
N ALA BA 112 -57.89 -79.88 10.23
CA ALA BA 112 -56.87 -80.26 11.21
C ALA BA 112 -56.87 -81.76 11.45
N PHE BA 113 -58.07 -82.37 11.51
CA PHE BA 113 -58.17 -83.81 11.71
C PHE BA 113 -57.60 -84.57 10.52
N VAL BA 114 -57.87 -84.11 9.31
CA VAL BA 114 -57.31 -84.77 8.15
C VAL BA 114 -55.79 -84.67 8.18
N GLU BA 115 -55.25 -83.47 8.40
CA GLU BA 115 -53.80 -83.31 8.40
C GLU BA 115 -53.12 -84.19 9.45
N ASP BA 116 -53.68 -84.23 10.67
CA ASP BA 116 -53.08 -85.05 11.72
C ASP BA 116 -53.22 -86.53 11.43
N ARG BA 117 -54.36 -86.96 10.91
CA ARG BA 117 -54.52 -88.37 10.58
C ARG BA 117 -53.67 -88.78 9.39
N THR BA 118 -53.37 -87.83 8.51
CA THR BA 118 -52.47 -88.10 7.40
C THR BA 118 -51.04 -88.26 7.90
N ILE BA 119 -50.61 -87.39 8.82
CA ILE BA 119 -49.26 -87.48 9.37
C ILE BA 119 -49.08 -88.78 10.17
N PHE BA 120 -50.06 -89.13 11.01
CA PHE BA 120 -49.84 -90.23 11.94
C PHE BA 120 -50.36 -91.57 11.45
N GLU BA 121 -51.38 -91.61 10.60
CA GLU BA 121 -51.94 -92.86 10.12
C GLU BA 121 -51.77 -93.07 8.63
N GLY BA 122 -51.23 -92.07 7.95
CA GLY BA 122 -51.05 -92.18 6.53
C GLY BA 122 -52.24 -92.01 5.62
N TYR BA 123 -51.97 -91.83 4.34
CA TYR BA 123 -53.02 -91.67 3.36
C TYR BA 123 -52.44 -92.41 2.20
N SER BA 124 -52.79 -93.67 2.06
CA SER BA 124 -52.23 -94.51 1.01
C SER BA 124 -52.45 -94.01 -0.43
N ALA BA 125 -53.61 -93.46 -0.71
CA ALA BA 125 -53.92 -92.94 -2.04
C ALA BA 125 -52.99 -91.80 -2.42
N ALA BA 126 -52.50 -91.05 -1.44
CA ALA BA 126 -51.52 -90.00 -1.68
C ALA BA 126 -50.09 -90.48 -1.48
N SER BA 127 -49.89 -91.80 -1.37
CA SER BA 127 -48.58 -92.44 -1.17
C SER BA 127 -47.86 -91.92 0.07
N ILE BA 128 -48.63 -91.69 1.13
CA ILE BA 128 -48.08 -91.22 2.39
C ILE BA 128 -48.19 -92.35 3.39
N GLU BA 129 -47.06 -92.78 3.93
CA GLU BA 129 -47.03 -93.76 4.99
C GLU BA 129 -47.08 -93.02 6.33
N GLY BA 130 -47.94 -93.47 7.22
CA GLY BA 130 -48.04 -92.84 8.52
C GLY BA 130 -46.85 -93.17 9.40
N ILE BA 131 -46.77 -92.42 10.50
CA ILE BA 131 -45.75 -92.69 11.52
C ILE BA 131 -45.96 -94.06 12.15
N ARG BA 132 -47.24 -94.45 12.34
CA ARG BA 132 -47.54 -95.77 12.88
C ARG BA 132 -47.08 -96.89 11.96
N SER BA 133 -47.28 -96.74 10.65
CA SER BA 133 -46.87 -97.77 9.72
C SER BA 133 -45.36 -97.75 9.47
N ALA BA 134 -44.74 -96.58 9.49
CA ALA BA 134 -43.31 -96.47 9.22
C ALA BA 134 -42.44 -96.72 10.45
N SER BA 135 -43.03 -96.92 11.62
CA SER BA 135 -42.24 -97.18 12.81
C SER BA 135 -41.69 -98.60 12.79
N SER BA 136 -40.40 -98.74 13.08
CA SER BA 136 -39.78 -100.05 13.19
C SER BA 136 -39.79 -100.59 14.61
N ASN BA 137 -40.05 -99.75 15.61
CA ASN BA 137 -40.15 -100.21 16.98
C ASN BA 137 -41.45 -101.00 17.17
N PRO BA 138 -41.48 -101.95 18.11
CA PRO BA 138 -42.69 -102.75 18.30
C PRO BA 138 -43.87 -101.93 18.80
N ALA BA 139 -45.05 -102.35 18.40
CA ALA BA 139 -46.28 -101.70 18.82
C ALA BA 139 -46.72 -102.23 20.18
N LEU BA 140 -47.32 -101.36 20.98
CA LEU BA 140 -47.74 -101.71 22.32
C LEU BA 140 -49.25 -101.58 22.44
N THR BA 141 -49.81 -102.30 23.39
CA THR BA 141 -51.24 -102.27 23.66
C THR BA 141 -51.51 -101.42 24.89
N LEU BA 142 -52.41 -100.45 24.75
CA LEU BA 142 -52.78 -99.62 25.90
C LEU BA 142 -53.77 -100.39 26.76
N PRO BA 143 -53.54 -100.39 28.08
CA PRO BA 143 -54.41 -101.14 28.99
C PRO BA 143 -55.76 -100.47 29.21
N GLU BA 144 -56.72 -101.22 29.74
CA GLU BA 144 -58.03 -100.67 30.02
C GLU BA 144 -58.01 -99.69 31.19
N ASP BA 145 -57.30 -100.05 32.25
CA ASP BA 145 -57.22 -99.21 33.43
C ASP BA 145 -56.30 -98.03 33.14
N PRO BA 146 -56.77 -96.79 33.31
CA PRO BA 146 -55.88 -95.63 33.11
C PRO BA 146 -54.72 -95.55 34.09
N ARG BA 147 -54.86 -96.14 35.29
CA ARG BA 147 -53.75 -96.17 36.24
C ARG BA 147 -52.59 -97.02 35.75
N GLU BA 148 -52.84 -97.93 34.80
CA GLU BA 148 -51.80 -98.71 34.17
C GLU BA 148 -51.29 -98.07 32.88
N ILE BA 149 -51.76 -96.89 32.51
CA ILE BA 149 -51.22 -96.22 31.32
C ILE BA 149 -49.73 -95.84 31.48
N PRO BA 150 -49.35 -95.13 32.58
CA PRO BA 150 -47.95 -94.72 32.66
C PRO BA 150 -46.95 -95.88 32.58
N ASP BA 151 -47.33 -97.08 33.03
CA ASP BA 151 -46.44 -98.23 32.94
C ASP BA 151 -46.12 -98.53 31.48
N VAL BA 152 -47.14 -98.76 30.67
CA VAL BA 152 -46.92 -99.08 29.25
C VAL BA 152 -46.18 -97.98 28.52
N ILE BA 153 -46.55 -96.72 28.79
CA ILE BA 153 -45.83 -95.58 28.21
C ILE BA 153 -44.34 -95.68 28.51
N SER BA 154 -44.01 -96.04 29.76
CA SER BA 154 -42.58 -96.20 30.17
C SER BA 154 -41.91 -97.32 29.36
N GLN BA 155 -42.64 -98.38 29.01
CA GLN BA 155 -42.10 -99.44 28.17
C GLN BA 155 -41.78 -98.90 26.78
N ALA BA 156 -42.64 -98.00 26.27
CA ALA BA 156 -42.34 -97.31 25.01
C ALA BA 156 -41.09 -96.47 25.13
N LEU BA 157 -40.89 -95.82 26.29
CA LEU BA 157 -39.66 -95.08 26.52
C LEU BA 157 -38.45 -96.01 26.62
N SER BA 158 -38.67 -97.28 26.96
CA SER BA 158 -37.58 -98.24 26.89
C SER BA 158 -37.17 -98.49 25.45
N GLU BA 159 -38.15 -98.57 24.55
CA GLU BA 159 -37.87 -99.00 23.18
C GLU BA 159 -37.06 -97.97 22.41
N LEU BA 160 -37.43 -96.68 22.53
CA LEU BA 160 -36.60 -95.61 22.00
C LEU BA 160 -35.22 -95.57 22.63
N ARG BA 161 -35.10 -96.02 23.88
CA ARG BA 161 -33.78 -96.12 24.47
C ARG BA 161 -33.02 -97.31 23.91
N LEU BA 162 -33.73 -98.40 23.60
CA LEU BA 162 -33.09 -99.55 22.96
C LEU BA 162 -32.81 -99.30 21.48
N ALA BA 163 -33.48 -98.32 20.89
CA ALA BA 163 -33.23 -97.96 19.51
C ALA BA 163 -32.04 -97.01 19.36
N GLY BA 164 -31.43 -96.59 20.47
CA GLY BA 164 -30.33 -95.63 20.41
C GLY BA 164 -30.81 -94.28 19.90
N VAL BA 165 -31.65 -93.59 20.68
CA VAL BA 165 -32.19 -92.31 20.24
C VAL BA 165 -32.13 -91.30 21.37
N ASP BA 166 -31.70 -90.07 21.07
CA ASP BA 166 -31.68 -89.01 22.08
C ASP BA 166 -32.80 -88.01 21.86
N GLY BA 167 -32.73 -86.87 22.54
CA GLY BA 167 -33.73 -85.83 22.33
C GLY BA 167 -34.90 -85.81 23.28
N PRO BA 168 -35.63 -84.67 23.34
CA PRO BA 168 -36.79 -84.57 24.23
C PRO BA 168 -37.86 -85.50 23.69
N TYR BA 169 -38.35 -86.45 24.46
CA TYR BA 169 -39.42 -87.30 23.97
C TYR BA 169 -40.80 -86.68 24.21
N SER BA 170 -41.74 -86.88 23.28
CA SER BA 170 -43.05 -86.28 23.55
C SER BA 170 -44.16 -87.32 23.40
N VAL BA 171 -45.19 -87.24 24.23
CA VAL BA 171 -46.26 -88.23 24.18
C VAL BA 171 -47.50 -87.53 23.63
N LEU BA 172 -48.09 -88.15 22.61
CA LEU BA 172 -49.30 -87.64 22.02
C LEU BA 172 -50.38 -88.65 22.30
N LEU BA 173 -51.54 -88.20 22.78
CA LEU BA 173 -52.61 -89.10 23.18
C LEU BA 173 -53.85 -88.83 22.34
N SER BA 174 -54.61 -89.88 22.08
CA SER BA 174 -55.92 -89.69 21.51
C SER BA 174 -56.85 -89.05 22.54
N ALA BA 175 -57.96 -88.49 22.05
CA ALA BA 175 -58.90 -87.77 22.89
C ALA BA 175 -59.51 -88.67 23.96
N ASP BA 176 -59.78 -89.94 23.62
CA ASP BA 176 -60.25 -90.91 24.59
C ASP BA 176 -59.21 -91.16 25.68
N VAL BA 177 -57.96 -91.35 25.28
CA VAL BA 177 -56.88 -91.63 26.22
C VAL BA 177 -56.56 -90.40 27.04
N TYR BA 178 -56.57 -89.22 26.41
CA TYR BA 178 -56.32 -87.96 27.11
C TYR BA 178 -57.41 -87.69 28.15
N THR BA 179 -58.66 -87.96 27.81
CA THR BA 179 -59.76 -87.83 28.76
C THR BA 179 -59.62 -88.83 29.91
N LYS BA 180 -59.26 -90.08 29.60
CA LYS BA 180 -59.09 -91.10 30.63
C LYS BA 180 -57.97 -90.76 31.60
N VAL BA 181 -56.83 -90.29 31.11
CA VAL BA 181 -55.75 -89.94 32.03
C VAL BA 181 -55.93 -88.57 32.65
N SER BA 182 -56.86 -87.77 32.13
CA SER BA 182 -57.17 -86.48 32.74
C SER BA 182 -58.15 -86.61 33.89
N GLU BA 183 -59.15 -87.49 33.76
CA GLU BA 183 -60.23 -87.55 34.72
C GLU BA 183 -59.98 -88.53 35.85
N THR BA 184 -59.03 -89.44 35.68
CA THR BA 184 -58.64 -90.35 36.75
C THR BA 184 -57.50 -89.70 37.52
N SER BA 185 -57.58 -89.75 38.85
CA SER BA 185 -56.59 -89.09 39.69
C SER BA 185 -55.99 -90.08 40.68
N ASP BA 186 -54.75 -89.82 41.04
CA ASP BA 186 -54.04 -90.61 42.05
C ASP BA 186 -53.17 -89.68 42.86
N HIS BA 187 -53.43 -89.64 44.18
CA HIS BA 187 -52.66 -88.86 45.16
C HIS BA 187 -52.61 -87.38 44.82
N GLY BA 188 -53.77 -86.82 44.48
CA GLY BA 188 -53.90 -85.39 44.26
C GLY BA 188 -53.46 -84.91 42.90
N TYR BA 189 -53.09 -85.80 41.99
CA TYR BA 189 -52.76 -85.43 40.63
C TYR BA 189 -53.48 -86.36 39.67
N PRO BA 190 -53.92 -85.86 38.52
CA PRO BA 190 -54.38 -86.76 37.47
C PRO BA 190 -53.21 -87.53 36.86
N ILE BA 191 -53.56 -88.60 36.15
CA ILE BA 191 -52.55 -89.48 35.55
C ILE BA 191 -51.77 -88.75 34.45
N ARG BA 192 -52.36 -87.70 33.88
CA ARG BA 192 -51.66 -86.85 32.92
C ARG BA 192 -50.40 -86.23 33.53
N GLU BA 193 -50.45 -85.84 34.80
CA GLU BA 193 -49.26 -85.34 35.48
C GLU BA 193 -48.23 -86.45 35.66
N HIS BA 194 -48.68 -87.68 35.96
CA HIS BA 194 -47.77 -88.82 36.04
C HIS BA 194 -47.07 -89.08 34.71
N LEU BA 195 -47.79 -88.90 33.60
CA LEU BA 195 -47.15 -88.98 32.29
C LEU BA 195 -46.17 -87.83 32.08
N ASN BA 196 -46.50 -86.65 32.59
CA ASN BA 196 -45.63 -85.48 32.45
C ASN BA 196 -44.31 -85.67 33.20
N ARG BA 197 -44.32 -86.44 34.29
CA ARG BA 197 -43.07 -86.69 35.02
C ARG BA 197 -42.12 -87.61 34.27
N LEU BA 198 -42.64 -88.50 33.41
CA LEU BA 198 -41.80 -89.48 32.68
C LEU BA 198 -40.98 -88.84 31.54
N VAL BA 199 -41.45 -87.73 30.95
CA VAL BA 199 -40.74 -87.18 29.76
C VAL BA 199 -40.30 -85.74 29.97
N ASP BA 200 -39.34 -85.30 29.15
CA ASP BA 200 -38.85 -83.90 29.22
C ASP BA 200 -39.50 -83.12 28.08
N GLY BA 201 -40.43 -83.77 27.38
CA GLY BA 201 -41.15 -83.10 26.28
C GLY BA 201 -42.50 -82.64 26.76
N ASP BA 202 -43.59 -83.03 26.09
CA ASP BA 202 -44.91 -82.49 26.48
C ASP BA 202 -46.01 -83.53 26.31
N ILE BA 203 -46.98 -83.54 27.21
CA ILE BA 203 -48.16 -84.40 26.96
C ILE BA 203 -49.01 -83.58 26.02
N ILE BA 204 -49.30 -84.09 24.84
CA ILE BA 204 -49.95 -83.32 23.79
C ILE BA 204 -51.30 -83.96 23.48
N TRP BA 205 -52.35 -83.15 23.56
CA TRP BA 205 -53.69 -83.59 23.18
C TRP BA 205 -53.76 -83.72 21.67
N ALA BA 206 -54.10 -84.91 21.18
CA ALA BA 206 -54.16 -85.21 19.75
C ALA BA 206 -55.49 -85.86 19.44
N PRO BA 207 -56.55 -85.07 19.28
CA PRO BA 207 -57.90 -85.64 19.13
C PRO BA 207 -58.15 -86.38 17.82
N ALA BA 208 -57.29 -86.24 16.81
CA ALA BA 208 -57.55 -86.93 15.56
C ALA BA 208 -57.02 -88.36 15.54
N ILE BA 209 -55.92 -88.62 16.25
CA ILE BA 209 -55.25 -89.91 16.19
C ILE BA 209 -56.01 -90.99 16.94
N ASP BA 210 -55.64 -92.24 16.71
CA ASP BA 210 -56.03 -93.35 17.55
C ASP BA 210 -54.85 -93.75 18.43
N GLY BA 211 -55.17 -94.34 19.59
CA GLY BA 211 -54.15 -94.79 20.49
C GLY BA 211 -53.22 -93.73 21.02
N ALA BA 212 -51.93 -93.98 20.96
CA ALA BA 212 -50.96 -93.03 21.49
C ALA BA 212 -49.68 -93.12 20.68
N PHE BA 213 -48.87 -92.08 20.80
CA PHE BA 213 -47.58 -92.08 20.07
C PHE BA 213 -46.54 -91.48 21.00
N VAL BA 214 -45.39 -92.15 21.14
CA VAL BA 214 -44.29 -91.55 21.92
C VAL BA 214 -43.16 -91.34 20.91
N LEU BA 215 -42.53 -90.18 20.92
CA LEU BA 215 -41.53 -89.95 19.88
C LEU BA 215 -40.57 -88.84 20.28
N THR BA 216 -39.41 -88.81 19.64
CA THR BA 216 -38.40 -87.80 19.90
C THR BA 216 -38.63 -86.55 19.05
N THR BA 217 -38.31 -85.40 19.62
CA THR BA 217 -38.45 -84.15 18.89
C THR BA 217 -37.09 -83.51 18.71
N ARG BA 218 -36.06 -84.34 18.54
CA ARG BA 218 -34.71 -83.84 18.35
C ARG BA 218 -34.53 -83.11 17.03
N GLY BA 219 -35.39 -83.39 16.05
CA GLY BA 219 -35.27 -82.75 14.77
C GLY BA 219 -34.79 -83.69 13.70
N GLY BA 220 -35.16 -83.40 12.46
CA GLY BA 220 -34.66 -84.12 11.31
C GLY BA 220 -35.21 -85.52 11.12
N ASP BA 221 -36.22 -85.92 11.87
CA ASP BA 221 -36.73 -87.29 11.73
C ASP BA 221 -38.07 -87.31 10.98
N PHE BA 222 -38.88 -86.28 11.17
CA PHE BA 222 -40.23 -86.24 10.62
C PHE BA 222 -40.38 -84.90 9.92
N ASP BA 223 -40.84 -84.91 8.67
CA ASP BA 223 -40.80 -83.71 7.84
C ASP BA 223 -42.15 -83.54 7.16
N LEU BA 224 -42.84 -82.45 7.46
CA LEU BA 224 -44.07 -82.09 6.78
C LEU BA 224 -43.72 -81.05 5.71
N GLN BA 225 -43.99 -81.38 4.45
CA GLN BA 225 -43.70 -80.47 3.36
C GLN BA 225 -44.98 -79.77 2.90
N LEU BA 226 -44.95 -78.46 2.95
CA LEU BA 226 -46.08 -77.68 2.52
C LEU BA 226 -45.84 -76.98 1.23
N GLY BA 227 -46.74 -77.11 0.27
CA GLY BA 227 -46.62 -76.29 -0.92
C GLY BA 227 -47.22 -74.96 -0.53
N THR BA 228 -48.47 -75.01 -0.08
CA THR BA 228 -49.15 -73.79 0.43
C THR BA 228 -49.80 -74.11 1.78
N ASP BA 229 -49.67 -73.20 2.73
CA ASP BA 229 -50.31 -73.38 4.06
C ASP BA 229 -51.82 -73.19 3.96
N VAL BA 230 -52.52 -73.27 5.09
CA VAL BA 230 -54.01 -73.15 5.10
C VAL BA 230 -54.48 -71.80 4.59
N ALA BA 231 -55.40 -71.80 3.62
CA ALA BA 231 -55.93 -70.58 3.05
C ALA BA 231 -57.44 -70.72 2.90
N ILE BA 232 -58.13 -69.59 2.89
CA ILE BA 232 -59.58 -69.59 2.73
C ILE BA 232 -59.90 -69.07 1.34
N GLY BA 233 -60.69 -69.83 0.58
CA GLY BA 233 -61.03 -69.48 -0.78
C GLY BA 233 -62.54 -69.42 -0.99
N TYR BA 234 -62.94 -68.74 -2.06
CA TYR BA 234 -64.34 -68.50 -2.37
C TYR BA 234 -64.79 -69.38 -3.52
N ALA BA 235 -65.91 -70.09 -3.33
CA ALA BA 235 -66.41 -71.00 -4.39
C ALA BA 235 -67.56 -70.33 -5.13
N SER BA 236 -68.69 -70.10 -4.46
CA SER BA 236 -69.88 -69.52 -5.07
C SER BA 236 -70.78 -68.92 -4.00
N HIS BA 237 -71.82 -68.19 -4.42
CA HIS BA 237 -72.73 -67.52 -3.45
C HIS BA 237 -74.16 -67.41 -4.00
N ASP BA 238 -75.15 -67.29 -3.11
CA ASP BA 238 -76.54 -67.06 -3.54
C ASP BA 238 -77.06 -65.91 -2.68
N THR BA 239 -78.37 -65.70 -2.62
CA THR BA 239 -78.94 -64.58 -1.83
C THR BA 239 -78.75 -64.85 -0.35
N ASP BA 240 -78.74 -66.12 0.05
CA ASP BA 240 -78.71 -66.40 1.48
C ASP BA 240 -77.34 -66.81 2.01
N THR BA 241 -76.50 -67.46 1.21
CA THR BA 241 -75.31 -68.11 1.74
C THR BA 241 -74.11 -67.85 0.84
N VAL BA 242 -72.93 -67.98 1.44
CA VAL BA 242 -71.66 -67.95 0.72
C VAL BA 242 -70.98 -69.29 0.95
N ARG BA 243 -70.64 -69.97 -0.15
CA ARG BA 243 -69.83 -71.19 -0.08
C ARG BA 243 -68.36 -70.83 -0.19
N LEU BA 244 -67.60 -71.22 0.83
CA LEU BA 244 -66.16 -71.00 0.83
C LEU BA 244 -65.48 -72.34 1.09
N TYR BA 245 -64.17 -72.34 1.21
CA TYR BA 245 -63.43 -73.56 1.53
C TYR BA 245 -62.16 -73.21 2.26
N LEU BA 246 -61.67 -74.19 3.02
CA LEU BA 246 -60.34 -74.19 3.58
C LEU BA 246 -59.48 -75.11 2.73
N GLN BA 247 -58.24 -74.72 2.49
CA GLN BA 247 -57.45 -75.47 1.54
C GLN BA 247 -55.99 -75.45 1.95
N GLU BA 248 -55.34 -76.60 1.85
CA GLU BA 248 -53.91 -76.69 2.09
C GLU BA 248 -53.34 -77.84 1.26
N THR BA 249 -52.10 -77.69 0.82
CA THR BA 249 -51.47 -78.74 0.03
C THR BA 249 -50.14 -79.15 0.66
N LEU BA 250 -49.95 -80.47 0.81
CA LEU BA 250 -48.87 -80.99 1.63
C LEU BA 250 -48.52 -82.42 1.25
N THR BA 251 -47.36 -82.86 1.74
CA THR BA 251 -47.03 -84.27 1.86
C THR BA 251 -46.29 -84.45 3.17
N PHE BA 252 -46.15 -85.69 3.61
CA PHE BA 252 -45.43 -86.00 4.83
C PHE BA 252 -44.39 -87.09 4.58
N LEU BA 253 -43.20 -86.90 5.14
CA LEU BA 253 -42.10 -87.82 4.99
C LEU BA 253 -41.60 -88.22 6.38
N CYS BA 254 -41.35 -89.51 6.57
CA CYS BA 254 -40.69 -89.99 7.78
C CYS BA 254 -39.33 -90.53 7.37
N TYR BA 255 -38.27 -89.86 7.81
CA TYR BA 255 -36.92 -90.28 7.45
C TYR BA 255 -36.35 -91.32 8.40
N THR BA 256 -36.80 -91.35 9.63
CA THR BA 256 -36.18 -92.17 10.68
C THR BA 256 -37.23 -93.13 11.22
N ALA BA 257 -37.05 -94.42 10.92
CA ALA BA 257 -38.07 -95.41 11.25
C ALA BA 257 -38.12 -95.73 12.73
N GLU BA 258 -37.02 -95.57 13.45
CA GLU BA 258 -36.94 -96.01 14.83
C GLU BA 258 -37.16 -94.89 15.84
N ALA BA 259 -37.65 -93.74 15.38
CA ALA BA 259 -37.82 -92.58 16.25
C ALA BA 259 -39.19 -92.50 16.90
N SER BA 260 -39.99 -93.56 16.85
CA SER BA 260 -41.34 -93.48 17.38
C SER BA 260 -41.86 -94.84 17.80
N VAL BA 261 -42.80 -94.83 18.75
CA VAL BA 261 -43.56 -96.00 19.18
C VAL BA 261 -45.05 -95.67 19.09
N ALA BA 262 -45.80 -96.53 18.41
CA ALA BA 262 -47.24 -96.43 18.30
C ALA BA 262 -47.92 -97.36 19.29
N LEU BA 263 -49.03 -96.87 19.83
CA LEU BA 263 -49.78 -97.66 20.79
C LEU BA 263 -51.23 -97.73 20.32
N SER BA 264 -51.90 -98.85 20.57
CA SER BA 264 -53.27 -99.05 20.15
C SER BA 264 -54.06 -99.67 21.29
N HIS BA 265 -55.38 -99.74 21.09
CA HIS BA 265 -56.26 -100.32 22.09
C HIS BA 265 -56.49 -101.80 21.85
N MET CA 1 -65.55 -28.94 52.49
CA MET CA 1 -66.12 -28.21 53.61
C MET CA 1 -65.71 -28.79 54.96
N ASN CA 2 -66.12 -28.13 56.04
CA ASN CA 2 -65.77 -28.60 57.39
C ASN CA 2 -67.01 -28.90 58.24
N ASN CA 3 -66.85 -28.96 59.57
CA ASN CA 3 -67.98 -29.26 60.43
C ASN CA 3 -68.97 -28.09 60.56
N LEU CA 4 -68.56 -26.85 60.33
CA LEU CA 4 -69.49 -25.73 60.30
C LEU CA 4 -70.54 -25.84 59.18
N TYR CA 5 -70.22 -26.56 58.10
CA TYR CA 5 -71.15 -26.68 56.96
C TYR CA 5 -71.70 -25.33 56.55
N ARG CA 6 -70.80 -24.36 56.44
CA ARG CA 6 -71.18 -22.96 56.31
C ARG CA 6 -71.79 -22.67 54.95
N ASP CA 7 -71.28 -23.33 53.89
CA ASP CA 7 -71.81 -23.11 52.55
C ASP CA 7 -73.20 -23.69 52.35
N LEU CA 8 -73.64 -24.57 53.23
CA LEU CA 8 -75.00 -25.09 53.13
C LEU CA 8 -76.04 -24.14 53.70
N ALA CA 9 -75.62 -23.14 54.47
CA ALA CA 9 -76.57 -22.23 55.07
C ALA CA 9 -77.11 -21.25 54.03
N PRO CA 10 -78.41 -20.98 54.03
CA PRO CA 10 -78.96 -19.95 53.10
C PRO CA 10 -78.73 -18.54 53.63
N VAL CA 11 -77.47 -18.15 53.68
CA VAL CA 11 -77.02 -16.87 54.20
C VAL CA 11 -76.12 -16.26 53.14
N THR CA 12 -76.38 -15.02 52.78
CA THR CA 12 -75.58 -14.36 51.77
C THR CA 12 -74.25 -13.92 52.37
N GLU CA 13 -73.34 -13.52 51.47
CA GLU CA 13 -71.99 -13.12 51.89
C GLU CA 13 -72.02 -11.85 52.74
N ALA CA 14 -72.84 -10.87 52.35
CA ALA CA 14 -72.96 -9.64 53.12
C ALA CA 14 -73.61 -9.87 54.47
N ALA CA 15 -74.64 -10.72 54.50
CA ALA CA 15 -75.25 -11.11 55.75
C ALA CA 15 -74.27 -11.87 56.64
N TRP CA 16 -73.43 -12.72 56.05
CA TRP CA 16 -72.40 -13.42 56.81
C TRP CA 16 -71.42 -12.46 57.44
N ALA CA 17 -70.99 -11.44 56.69
CA ALA CA 17 -70.06 -10.45 57.22
C ALA CA 17 -70.68 -9.67 58.37
N GLU CA 18 -71.95 -9.30 58.25
CA GLU CA 18 -72.64 -8.61 59.34
C GLU CA 18 -72.78 -9.49 60.59
N ILE CA 19 -73.09 -10.78 60.40
CA ILE CA 19 -73.23 -11.71 61.53
C ILE CA 19 -71.89 -11.93 62.22
N GLU CA 20 -70.82 -12.09 61.45
CA GLU CA 20 -69.48 -12.26 62.02
C GLU CA 20 -69.06 -11.03 62.81
N LEU CA 21 -69.32 -9.84 62.25
CA LEU CA 21 -68.98 -8.60 62.93
C LEU CA 21 -69.74 -8.44 64.23
N GLU CA 22 -71.05 -8.71 64.21
CA GLU CA 22 -71.88 -8.59 65.40
C GLU CA 22 -71.46 -9.56 66.50
N ALA CA 23 -71.19 -10.82 66.13
CA ALA CA 23 -70.80 -11.82 67.10
C ALA CA 23 -69.43 -11.52 67.70
N ALA CA 24 -68.47 -11.14 66.86
CA ALA CA 24 -67.13 -10.82 67.36
C ALA CA 24 -67.16 -9.61 68.28
N ARG CA 25 -67.90 -8.58 67.90
CA ARG CA 25 -68.00 -7.38 68.72
C ARG CA 25 -68.62 -7.67 70.07
N THR CA 26 -69.78 -8.33 70.09
CA THR CA 26 -70.48 -8.56 71.34
C THR CA 26 -69.68 -9.49 72.26
N PHE CA 27 -68.98 -10.47 71.69
CA PHE CA 27 -68.14 -11.37 72.46
C PHE CA 27 -66.97 -10.66 73.17
N LYS CA 28 -66.18 -9.88 72.43
CA LYS CA 28 -65.07 -9.15 73.02
C LYS CA 28 -65.51 -8.26 74.17
N ARG CA 29 -66.60 -7.52 73.97
CA ARG CA 29 -67.10 -6.63 74.99
C ARG CA 29 -67.42 -7.37 76.28
N HIS CA 30 -67.89 -8.59 76.15
CA HIS CA 30 -68.33 -9.32 77.36
C HIS CA 30 -67.22 -10.27 77.85
N ILE CA 31 -66.07 -10.31 77.19
CA ILE CA 31 -65.02 -11.14 77.78
C ILE CA 31 -64.13 -10.32 78.70
N ALA CA 32 -63.97 -10.79 79.93
CA ALA CA 32 -62.99 -10.24 80.86
C ALA CA 32 -61.83 -11.20 81.06
N GLY CA 33 -62.09 -12.50 80.88
CA GLY CA 33 -61.10 -13.51 81.25
C GLY CA 33 -59.87 -13.52 80.37
N ARG CA 34 -60.05 -13.30 79.07
CA ARG CA 34 -58.91 -13.33 78.14
C ARG CA 34 -57.98 -12.13 78.31
N ARG CA 35 -58.46 -11.06 78.95
CA ARG CA 35 -57.62 -9.90 79.18
C ARG CA 35 -56.58 -10.15 80.27
N VAL CA 36 -56.79 -11.14 81.14
CA VAL CA 36 -55.90 -11.36 82.26
C VAL CA 36 -55.16 -12.69 82.20
N VAL CA 37 -55.67 -13.70 81.51
CA VAL CA 37 -55.04 -15.01 81.51
C VAL CA 37 -54.22 -15.15 80.24
N ASP CA 38 -53.30 -16.10 80.26
CA ASP CA 38 -52.56 -16.46 79.06
C ASP CA 38 -53.47 -17.29 78.17
N VAL CA 39 -53.55 -16.91 76.90
CA VAL CA 39 -54.41 -17.57 75.92
C VAL CA 39 -53.51 -18.22 74.89
N SER CA 40 -53.63 -19.53 74.75
CA SER CA 40 -52.79 -20.28 73.83
C SER CA 40 -53.25 -20.08 72.40
N ASP CA 41 -52.40 -20.49 71.48
CA ASP CA 41 -52.85 -20.61 70.10
C ASP CA 41 -53.85 -21.76 69.98
N PRO CA 42 -54.76 -21.71 69.02
CA PRO CA 42 -55.66 -22.86 68.80
C PRO CA 42 -54.93 -24.12 68.40
N GLY CA 43 -55.14 -25.19 69.16
CA GLY CA 43 -54.52 -26.46 68.86
C GLY CA 43 -55.02 -27.06 67.56
N GLY CA 44 -56.30 -26.90 67.29
CA GLY CA 44 -56.87 -27.49 66.10
C GLY CA 44 -57.99 -28.43 66.48
N PRO CA 45 -58.71 -28.93 65.48
CA PRO CA 45 -59.86 -29.80 65.77
C PRO CA 45 -59.49 -31.14 66.39
N VAL CA 46 -58.28 -31.65 66.13
CA VAL CA 46 -57.92 -32.98 66.60
C VAL CA 46 -57.51 -32.95 68.05
N THR CA 47 -57.20 -31.77 68.58
CA THR CA 47 -56.71 -31.64 69.94
C THR CA 47 -57.82 -31.97 70.94
N ALA CA 48 -57.53 -32.87 71.87
CA ALA CA 48 -58.58 -33.39 72.74
C ALA CA 48 -58.26 -33.22 74.21
N ALA CA 49 -56.98 -33.16 74.56
CA ALA CA 49 -56.59 -33.09 75.96
C ALA CA 49 -55.28 -32.33 76.08
N VAL CA 50 -55.05 -31.81 77.28
CA VAL CA 50 -53.81 -31.12 77.61
C VAL CA 50 -53.09 -31.94 78.66
N SER CA 51 -51.83 -32.25 78.40
CA SER CA 51 -51.01 -32.98 79.35
C SER CA 51 -50.69 -32.10 80.56
N THR CA 52 -50.87 -32.66 81.75
CA THR CA 52 -50.46 -31.98 82.97
C THR CA 52 -49.07 -32.36 83.42
N GLY CA 53 -48.55 -33.47 82.88
CA GLY CA 53 -47.19 -33.92 83.22
C GLY CA 53 -47.16 -34.72 84.51
N ARG CA 54 -48.31 -35.00 85.12
CA ARG CA 54 -48.35 -35.83 86.35
C ARG CA 54 -48.55 -37.32 86.02
N LEU CA 55 -48.47 -38.19 87.02
CA LEU CA 55 -48.57 -39.67 86.80
C LEU CA 55 -49.58 -40.26 87.79
N ILE CA 56 -50.33 -41.27 87.37
CA ILE CA 56 -51.32 -41.91 88.23
C ILE CA 56 -51.01 -43.38 88.43
N ASP CA 57 -50.81 -43.80 89.67
CA ASP CA 57 -50.50 -45.20 89.97
C ASP CA 57 -51.63 -46.15 89.57
N VAL CA 58 -51.31 -47.14 88.75
CA VAL CA 58 -52.31 -48.16 88.39
C VAL CA 58 -51.88 -49.56 88.81
N LYS CA 59 -52.85 -50.45 88.98
CA LYS CA 59 -52.56 -51.82 89.40
C LYS CA 59 -51.56 -52.49 88.47
N ALA CA 60 -50.39 -52.85 88.99
CA ALA CA 60 -49.34 -53.49 88.19
C ALA CA 60 -49.85 -54.55 87.22
N PRO CA 61 -49.50 -54.42 85.93
CA PRO CA 61 -49.92 -55.40 84.92
C PRO CA 61 -49.43 -56.78 85.31
N THR CA 62 -48.12 -56.91 85.53
CA THR CA 62 -47.54 -58.18 85.96
C THR CA 62 -46.52 -57.97 87.06
N ASN CA 63 -45.88 -59.05 87.49
CA ASN CA 63 -44.87 -58.96 88.54
C ASN CA 63 -43.64 -58.22 88.03
N GLY CA 64 -43.14 -57.28 88.83
CA GLY CA 64 -41.96 -56.52 88.46
C GLY CA 64 -42.21 -55.42 87.44
N VAL CA 65 -43.47 -55.16 87.13
CA VAL CA 65 -43.78 -54.09 86.21
C VAL CA 65 -44.42 -52.96 86.97
N ILE CA 66 -43.95 -51.76 86.74
CA ILE CA 66 -44.49 -50.61 87.42
C ILE CA 66 -45.17 -49.77 86.37
N ALA CA 67 -46.46 -49.55 86.54
CA ALA CA 67 -47.22 -48.82 85.54
C ALA CA 67 -47.80 -47.53 86.05
N HIS CA 68 -47.80 -46.54 85.18
CA HIS CA 68 -48.40 -45.28 85.56
C HIS CA 68 -49.15 -44.67 84.40
N LEU CA 69 -50.35 -44.19 84.67
CA LEU CA 69 -51.12 -43.49 83.65
C LEU CA 69 -50.71 -42.03 83.59
N ARG CA 70 -50.58 -41.51 82.37
CA ARG CA 70 -50.36 -40.08 82.21
C ARG CA 70 -51.65 -39.32 82.49
N ALA CA 71 -51.55 -38.29 83.33
CA ALA CA 71 -52.69 -37.45 83.63
C ALA CA 71 -52.88 -36.39 82.55
N SER CA 72 -54.14 -36.00 82.33
CA SER CA 72 -54.45 -34.98 81.34
C SER CA 72 -55.77 -34.32 81.70
N LYS CA 73 -56.05 -33.22 81.02
CA LYS CA 73 -57.29 -32.47 81.17
C LYS CA 73 -58.04 -32.49 79.86
N PRO CA 74 -59.31 -32.93 79.84
CA PRO CA 74 -60.06 -32.93 78.59
C PRO CA 74 -60.54 -31.54 78.21
N LEU CA 75 -60.56 -31.27 76.91
CA LEU CA 75 -61.26 -30.09 76.41
C LEU CA 75 -62.77 -30.31 76.47
N VAL CA 76 -63.50 -29.21 76.58
CA VAL CA 76 -64.95 -29.22 76.49
C VAL CA 76 -65.34 -28.35 75.31
N ARG CA 77 -66.26 -28.85 74.49
CA ARG CA 77 -66.83 -28.08 73.40
C ARG CA 77 -68.14 -27.47 73.86
N LEU CA 78 -68.24 -26.15 73.73
CA LEU CA 78 -69.37 -25.37 74.20
C LEU CA 78 -70.08 -24.82 72.98
N ARG CA 79 -71.37 -25.12 72.86
CA ARG CA 79 -72.16 -24.74 71.70
C ARG CA 79 -73.40 -24.01 72.16
N VAL CA 80 -73.64 -22.84 71.59
CA VAL CA 80 -74.83 -22.04 71.85
C VAL CA 80 -75.60 -21.88 70.54
N PRO CA 81 -76.69 -22.61 70.38
CA PRO CA 81 -77.51 -22.43 69.17
C PRO CA 81 -78.30 -21.13 69.24
N PHE CA 82 -78.61 -20.59 68.06
CA PHE CA 82 -79.45 -19.41 67.94
C PHE CA 82 -80.16 -19.45 66.60
N THR CA 83 -81.22 -18.64 66.49
CA THR CA 83 -82.14 -18.72 65.37
C THR CA 83 -82.31 -17.35 64.73
N LEU CA 84 -82.10 -17.27 63.43
CA LEU CA 84 -82.20 -16.01 62.70
C LEU CA 84 -83.39 -16.02 61.75
N SER CA 85 -84.08 -14.89 61.67
CA SER CA 85 -85.10 -14.70 60.66
C SER CA 85 -84.48 -14.59 59.27
N ARG CA 86 -85.06 -15.31 58.31
CA ARG CA 86 -84.53 -15.25 56.94
C ARG CA 86 -84.88 -13.96 56.24
N ASN CA 87 -85.96 -13.29 56.67
CA ASN CA 87 -86.29 -11.97 56.16
C ASN CA 87 -85.22 -10.95 56.52
N GLU CA 88 -84.72 -10.99 57.75
CA GLU CA 88 -83.64 -10.10 58.17
C GLU CA 88 -82.35 -10.39 57.39
N ILE CA 89 -82.11 -11.66 57.08
CA ILE CA 89 -80.94 -12.02 56.27
C ILE CA 89 -81.09 -11.48 54.85
N ASP CA 90 -82.28 -11.62 54.27
CA ASP CA 90 -82.55 -11.12 52.92
C ASP CA 90 -82.51 -9.60 52.84
N ASP CA 91 -82.81 -8.91 53.95
CA ASP CA 91 -82.77 -7.45 53.98
C ASP CA 91 -81.38 -6.88 53.73
N VAL CA 92 -80.32 -7.64 54.05
CA VAL CA 92 -78.96 -7.11 54.04
C VAL CA 92 -78.50 -6.81 52.62
N GLU CA 93 -78.83 -7.68 51.67
CA GLU CA 93 -78.39 -7.43 50.28
C GLU CA 93 -79.14 -6.23 49.69
N ARG CA 94 -80.40 -6.04 50.09
CA ARG CA 94 -81.14 -4.89 49.63
C ARG CA 94 -80.64 -3.57 50.24
N GLY CA 95 -79.73 -3.62 51.20
CA GLY CA 95 -79.15 -2.43 51.76
C GLY CA 95 -79.64 -2.02 53.13
N SER CA 96 -80.38 -2.88 53.82
CA SER CA 96 -80.77 -2.60 55.19
C SER CA 96 -79.56 -2.61 56.11
N LYS CA 97 -79.57 -1.72 57.09
CA LYS CA 97 -78.49 -1.64 58.07
C LYS CA 97 -79.02 -1.77 59.50
N ASP CA 98 -80.27 -2.18 59.65
CA ASP CA 98 -80.85 -2.38 60.97
C ASP CA 98 -81.42 -3.79 61.13
N SER CA 99 -80.84 -4.76 60.42
CA SER CA 99 -81.30 -6.14 60.50
C SER CA 99 -81.15 -6.68 61.91
N ASP CA 100 -82.15 -7.43 62.34
CA ASP CA 100 -82.25 -7.87 63.72
C ASP CA 100 -81.23 -8.94 64.04
N TRP CA 101 -80.11 -8.54 64.65
CA TRP CA 101 -79.08 -9.50 65.01
C TRP CA 101 -79.10 -9.72 66.51
N GLU CA 102 -80.25 -9.52 67.14
CA GLU CA 102 -80.37 -9.78 68.57
C GLU CA 102 -80.06 -11.22 68.97
N PRO CA 103 -80.51 -12.23 68.18
CA PRO CA 103 -80.15 -13.60 68.61
C PRO CA 103 -78.64 -13.81 68.55
N VAL CA 104 -77.97 -13.26 67.54
CA VAL CA 104 -76.51 -13.35 67.49
C VAL CA 104 -75.89 -12.72 68.72
N LYS CA 105 -76.41 -11.56 69.13
CA LYS CA 105 -75.87 -10.87 70.30
C LYS CA 105 -76.15 -11.65 71.58
N GLU CA 106 -77.33 -12.25 71.69
CA GLU CA 106 -77.64 -13.06 72.86
C GLU CA 106 -76.80 -14.33 72.91
N ALA CA 107 -76.54 -14.94 71.76
CA ALA CA 107 -75.68 -16.13 71.73
C ALA CA 107 -74.24 -15.78 72.08
N ALA CA 108 -73.75 -14.63 71.58
CA ALA CA 108 -72.38 -14.21 71.91
C ALA CA 108 -72.26 -13.85 73.38
N LYS CA 109 -73.27 -13.19 73.94
CA LYS CA 109 -73.25 -12.88 75.35
C LYS CA 109 -73.32 -14.13 76.22
N LYS CA 110 -74.11 -15.12 75.80
CA LYS CA 110 -74.21 -16.35 76.57
C LYS CA 110 -72.94 -17.17 76.50
N LEU CA 111 -72.32 -17.23 75.32
CA LEU CA 111 -71.03 -17.97 75.16
C LEU CA 111 -69.97 -17.28 76.00
N ALA CA 112 -69.88 -15.95 75.93
CA ALA CA 112 -68.90 -15.21 76.73
C ALA CA 112 -69.12 -15.42 78.23
N PHE CA 113 -70.40 -15.46 78.65
CA PHE CA 113 -70.71 -15.70 80.06
C PHE CA 113 -70.28 -17.10 80.49
N VAL CA 114 -70.52 -18.09 79.64
CA VAL CA 114 -70.09 -19.43 79.98
C VAL CA 114 -68.57 -19.48 80.10
N GLU CA 115 -67.86 -18.96 79.11
CA GLU CA 115 -66.40 -19.01 79.15
C GLU CA 115 -65.83 -18.32 80.39
N ASP CA 116 -66.36 -17.14 80.73
CA ASP CA 116 -65.86 -16.42 81.90
C ASP CA 116 -66.22 -17.13 83.20
N ARG CA 117 -67.44 -17.68 83.29
CA ARG CA 117 -67.82 -18.40 84.50
C ARG CA 117 -67.07 -19.71 84.63
N THR CA 118 -66.65 -20.30 83.50
CA THR CA 118 -65.83 -21.49 83.54
C THR CA 118 -64.42 -21.17 84.04
N ILE CA 119 -63.84 -20.06 83.55
CA ILE CA 119 -62.51 -19.66 84.00
C ILE CA 119 -62.51 -19.30 85.48
N PHE CA 120 -63.50 -18.54 85.94
CA PHE CA 120 -63.42 -18.01 87.29
C PHE CA 120 -64.16 -18.83 88.34
N GLU CA 121 -65.19 -19.58 87.97
CA GLU CA 121 -65.95 -20.37 88.94
C GLU CA 121 -65.85 -21.86 88.68
N GLY CA 122 -65.18 -22.26 87.62
CA GLY CA 122 -65.06 -23.65 87.31
C GLY CA 122 -66.23 -24.38 86.70
N TYR CA 123 -65.97 -25.56 86.18
CA TYR CA 123 -67.01 -26.37 85.59
C TYR CA 123 -66.59 -27.74 86.00
N SER CA 124 -67.12 -28.23 87.10
CA SER CA 124 -66.73 -29.52 87.64
C SER CA 124 -66.90 -30.71 86.70
N ALA CA 125 -67.98 -30.74 85.94
CA ALA CA 125 -68.23 -31.82 85.00
C ALA CA 125 -67.14 -31.91 83.94
N ALA CA 126 -66.54 -30.78 83.59
CA ALA CA 126 -65.42 -30.76 82.67
C ALA CA 126 -64.07 -30.82 83.36
N SER CA 127 -64.07 -31.12 84.67
CA SER CA 127 -62.86 -31.23 85.51
C SER CA 127 -62.05 -29.94 85.50
N ILE CA 128 -62.73 -28.80 85.50
CA ILE CA 128 -62.08 -27.50 85.52
C ILE CA 128 -62.34 -26.88 86.88
N GLU CA 129 -61.27 -26.58 87.60
CA GLU CA 129 -61.36 -25.86 88.86
C GLU CA 129 -61.27 -24.38 88.57
N GLY CA 130 -62.16 -23.60 89.15
CA GLY CA 130 -62.13 -22.17 88.95
C GLY CA 130 -60.98 -21.50 89.68
N ILE CA 131 -60.75 -20.24 89.33
CA ILE CA 131 -59.76 -19.43 90.03
C ILE CA 131 -60.17 -19.23 91.49
N ARG CA 132 -61.47 -19.08 91.74
CA ARG CA 132 -61.96 -18.93 93.11
C ARG CA 132 -61.70 -20.18 93.95
N SER CA 133 -61.91 -21.36 93.37
CA SER CA 133 -61.67 -22.59 94.11
C SER CA 133 -60.20 -22.92 94.22
N ALA CA 134 -59.40 -22.59 93.21
CA ALA CA 134 -57.97 -22.92 93.21
C ALA CA 134 -57.12 -21.90 93.94
N SER CA 135 -57.71 -20.81 94.41
CA SER CA 135 -56.93 -19.80 95.13
C SER CA 135 -56.60 -20.29 96.53
N SER CA 136 -55.34 -20.13 96.93
CA SER CA 136 -54.93 -20.47 98.28
C SER CA 136 -54.98 -19.28 99.23
N ASN CA 137 -55.08 -18.06 98.71
CA ASN CA 137 -55.22 -16.89 99.55
C ASN CA 137 -56.60 -16.86 100.18
N PRO CA 138 -56.76 -16.25 101.35
CA PRO CA 138 -58.07 -16.22 102.01
C PRO CA 138 -59.09 -15.41 101.23
N ALA CA 139 -60.34 -15.83 101.34
CA ALA CA 139 -61.44 -15.14 100.69
C ALA CA 139 -61.92 -13.99 101.56
N LEU CA 140 -62.36 -12.93 100.90
CA LEU CA 140 -62.79 -11.72 101.58
C LEU CA 140 -64.27 -11.47 101.30
N THR CA 141 -64.91 -10.73 102.19
CA THR CA 141 -66.30 -10.37 102.05
C THR CA 141 -66.41 -8.92 101.59
N LEU CA 142 -67.15 -8.69 100.51
CA LEU CA 142 -67.38 -7.33 100.04
C LEU CA 142 -68.43 -6.68 100.89
N PRO CA 143 -68.18 -5.44 101.32
CA PRO CA 143 -69.13 -4.73 102.20
C PRO CA 143 -70.35 -4.22 101.46
N GLU CA 144 -71.40 -3.87 102.20
CA GLU CA 144 -72.61 -3.36 101.58
C GLU CA 144 -72.41 -1.95 101.03
N ASP CA 145 -71.73 -1.10 101.78
CA ASP CA 145 -71.50 0.27 101.37
C ASP CA 145 -70.42 0.29 100.29
N PRO CA 146 -70.69 0.85 99.11
CA PRO CA 146 -69.65 0.96 98.07
C PRO CA 146 -68.46 1.82 98.46
N ARG CA 147 -68.65 2.79 99.36
CA ARG CA 147 -67.53 3.61 99.83
C ARG CA 147 -66.53 2.81 100.64
N GLU CA 148 -66.94 1.65 101.17
CA GLU CA 148 -66.04 0.73 101.85
C GLU CA 148 -65.48 -0.34 100.93
N ILE CA 149 -65.78 -0.30 99.63
CA ILE CA 149 -65.18 -1.26 98.71
C ILE CA 149 -63.64 -1.10 98.61
N PRO CA 150 -63.13 0.12 98.32
CA PRO CA 150 -61.68 0.23 98.15
C PRO CA 150 -60.87 -0.26 99.35
N ASP CA 151 -61.42 -0.17 100.56
CA ASP CA 151 -60.71 -0.66 101.74
C ASP CA 151 -60.47 -2.16 101.62
N VAL CA 152 -61.53 -2.94 101.45
CA VAL CA 152 -61.41 -4.40 101.34
C VAL CA 152 -60.53 -4.80 100.17
N ILE CA 153 -60.70 -4.16 99.02
CA ILE CA 153 -59.83 -4.42 97.88
C ILE CA 153 -58.37 -4.26 98.26
N SER CA 154 -58.05 -3.21 99.02
CA SER CA 154 -56.66 -2.97 99.49
C SER CA 154 -56.19 -4.13 100.39
N GLN CA 155 -57.08 -4.71 101.19
CA GLN CA 155 -56.72 -5.87 101.99
C GLN CA 155 -56.37 -7.06 101.11
N ALA CA 156 -57.08 -7.22 99.99
CA ALA CA 156 -56.73 -8.22 98.99
C ALA CA 156 -55.36 -7.95 98.41
N LEU CA 157 -55.04 -6.67 98.17
CA LEU CA 157 -53.71 -6.31 97.71
C LEU CA 157 -52.65 -6.58 98.77
N SER CA 158 -53.05 -6.62 100.06
CA SER CA 158 -52.10 -7.04 101.08
C SER CA 158 -51.78 -8.53 100.93
N GLU CA 159 -52.78 -9.34 100.59
CA GLU CA 159 -52.61 -10.79 100.62
C GLU CA 159 -51.67 -11.27 99.52
N LEU CA 160 -51.85 -10.75 98.29
CA LEU CA 160 -50.87 -10.98 97.22
C LEU CA 160 -49.49 -10.47 97.58
N ARG CA 161 -49.41 -9.44 98.41
CA ARG CA 161 -48.11 -8.99 98.85
C ARG CA 161 -47.54 -9.94 99.90
N LEU CA 162 -48.41 -10.51 100.73
CA LEU CA 162 -47.97 -11.50 101.71
C LEU CA 162 -47.71 -12.85 101.07
N ALA CA 163 -48.23 -13.08 99.87
CA ALA CA 163 -47.96 -14.30 99.13
C ALA CA 163 -46.65 -14.25 98.36
N GLY CA 164 -45.96 -13.10 98.38
CA GLY CA 164 -44.74 -12.95 97.61
C GLY CA 164 -45.01 -13.00 96.12
N VAL CA 165 -45.72 -12.00 95.59
CA VAL CA 165 -46.08 -11.98 94.17
C VAL CA 165 -45.84 -10.61 93.58
N ASP CA 166 -45.24 -10.55 92.39
CA ASP CA 166 -45.02 -9.28 91.71
C ASP CA 166 -45.99 -9.11 90.54
N GLY CA 167 -45.74 -8.13 89.68
CA GLY CA 167 -46.57 -7.94 88.50
C GLY CA 167 -47.71 -6.94 88.62
N PRO CA 168 -48.25 -6.49 87.47
CA PRO CA 168 -49.35 -5.55 87.49
C PRO CA 168 -50.57 -6.27 88.05
N TYR CA 169 -51.16 -5.77 89.14
CA TYR CA 169 -52.37 -6.41 89.63
C TYR CA 169 -53.64 -5.91 88.94
N SER CA 170 -54.62 -6.79 88.70
CA SER CA 170 -55.82 -6.25 88.05
C SER CA 170 -57.07 -6.63 88.84
N VAL CA 171 -58.06 -5.75 88.87
CA VAL CA 171 -59.27 -6.01 89.65
C VAL CA 171 -60.41 -6.24 88.67
N LEU CA 172 -61.10 -7.35 88.85
CA LEU CA 172 -62.24 -7.68 88.02
C LEU CA 172 -63.45 -7.62 88.92
N LEU CA 173 -64.51 -6.96 88.49
CA LEU CA 173 -65.69 -6.78 89.31
C LEU CA 173 -66.90 -7.39 88.63
N SER CA 174 -67.82 -7.92 89.43
CA SER CA 174 -69.11 -8.31 88.91
C SER CA 174 -69.89 -7.07 88.49
N ALA CA 175 -70.93 -7.29 87.68
CA ALA CA 175 -71.72 -6.19 87.13
C ALA CA 175 -72.43 -5.41 88.22
N ASP CA 176 -72.90 -6.10 89.26
CA ASP CA 176 -73.49 -5.43 90.43
C ASP CA 176 -72.46 -4.54 91.13
N VAL CA 177 -71.27 -5.07 91.36
CA VAL CA 177 -70.22 -4.34 92.05
C VAL CA 177 -69.69 -3.21 91.18
N TYR CA 178 -69.54 -3.46 89.88
CA TYR CA 178 -69.09 -2.43 88.95
C TYR CA 178 -70.09 -1.28 88.87
N THR CA 179 -71.38 -1.60 88.84
CA THR CA 179 -72.42 -0.57 88.86
C THR CA 179 -72.41 0.21 90.18
N LYS CA 180 -72.24 -0.49 91.30
CA LYS CA 180 -72.21 0.17 92.61
C LYS CA 180 -71.02 1.12 92.75
N VAL CA 181 -69.84 0.72 92.29
CA VAL CA 181 -68.70 1.61 92.40
C VAL CA 181 -68.65 2.63 91.27
N SER CA 182 -69.46 2.45 90.24
CA SER CA 182 -69.56 3.44 89.17
C SER CA 182 -70.52 4.56 89.51
N GLU CA 183 -71.63 4.23 90.17
CA GLU CA 183 -72.69 5.20 90.38
C GLU CA 183 -72.55 5.97 91.67
N THR CA 184 -71.77 5.47 92.61
CA THR CA 184 -71.48 6.19 93.85
C THR CA 184 -70.24 7.05 93.63
N SER CA 185 -70.29 8.30 94.08
CA SER CA 185 -69.19 9.22 93.84
C SER CA 185 -68.73 9.83 95.15
N ASP CA 186 -67.44 10.16 95.19
CA ASP CA 186 -66.85 10.83 96.35
C ASP CA 186 -65.82 11.82 95.83
N HIS CA 187 -66.03 13.09 96.16
CA HIS CA 187 -65.13 14.21 95.84
C HIS CA 187 -64.87 14.33 94.34
N GLY CA 188 -65.94 14.26 93.56
CA GLY CA 188 -65.85 14.48 92.13
C GLY CA 188 -65.38 13.31 91.31
N TYR CA 189 -65.18 12.15 91.92
CA TYR CA 189 -64.84 10.94 91.20
C TYR CA 189 -65.71 9.80 91.68
N PRO CA 190 -66.09 8.89 90.81
CA PRO CA 190 -66.72 7.65 91.27
C PRO CA 190 -65.70 6.76 91.96
N ILE CA 191 -66.22 5.78 92.71
CA ILE CA 191 -65.37 4.88 93.48
C ILE CA 191 -64.52 3.99 92.56
N ARG CA 192 -64.95 3.81 91.31
CA ARG CA 192 -64.16 3.10 90.32
C ARG CA 192 -62.80 3.77 90.08
N GLU CA 193 -62.77 5.10 90.11
CA GLU CA 193 -61.49 5.81 90.00
C GLU CA 193 -60.64 5.59 91.24
N HIS CA 194 -61.26 5.52 92.42
CA HIS CA 194 -60.53 5.20 93.65
C HIS CA 194 -59.91 3.81 93.58
N LEU CA 195 -60.63 2.86 92.97
CA LEU CA 195 -60.04 1.54 92.72
C LEU CA 195 -58.90 1.62 91.72
N ASN CA 196 -59.04 2.48 90.71
CA ASN CA 196 -58.01 2.64 89.69
C ASN CA 196 -56.71 3.20 90.29
N ARG CA 197 -56.81 4.01 91.34
CA ARG CA 197 -55.60 4.53 91.96
C ARG CA 197 -54.81 3.48 92.73
N LEU CA 198 -55.48 2.44 93.23
CA LEU CA 198 -54.82 1.37 94.04
C LEU CA 198 -53.94 0.43 93.20
N VAL CA 199 -54.25 0.24 91.91
CA VAL CA 199 -53.51 -0.78 91.13
C VAL CA 199 -52.85 -0.18 89.88
N ASP CA 200 -51.86 -0.90 89.35
CA ASP CA 200 -51.15 -0.45 88.12
C ASP CA 200 -51.72 -1.25 86.96
N GLY CA 201 -52.75 -2.04 87.21
CA GLY CA 201 -53.39 -2.83 86.16
C GLY CA 201 -54.65 -2.14 85.68
N ASP CA 202 -55.79 -2.82 85.70
CA ASP CA 202 -57.01 -2.20 85.13
C ASP CA 202 -58.25 -2.59 85.91
N ILE CA 203 -59.19 -1.67 86.07
CA ILE CA 203 -60.50 -2.08 86.65
C ILE CA 203 -61.24 -2.67 85.46
N ILE CA 204 -61.62 -3.92 85.54
CA ILE CA 204 -62.19 -4.65 84.41
C ILE CA 204 -63.62 -5.03 84.74
N TRP CA 205 -64.54 -4.65 83.85
CA TRP CA 205 -65.93 -5.03 83.98
C TRP CA 205 -66.06 -6.52 83.62
N ALA CA 206 -66.60 -7.31 84.55
CA ALA CA 206 -66.73 -8.75 84.38
C ALA CA 206 -68.16 -9.15 84.73
N PRO CA 207 -69.09 -8.99 83.78
CA PRO CA 207 -70.51 -9.21 84.09
C PRO CA 207 -70.90 -10.66 84.36
N ALA CA 208 -70.07 -11.63 84.03
CA ALA CA 208 -70.46 -13.02 84.26
C ALA CA 208 -70.14 -13.50 85.67
N ILE CA 209 -69.09 -12.98 86.28
CA ILE CA 209 -68.62 -13.48 87.57
C ILE CA 209 -69.51 -13.03 88.71
N ASP CA 210 -69.33 -13.65 89.87
CA ASP CA 210 -69.86 -13.15 91.13
C ASP CA 210 -68.73 -12.53 91.94
N GLY CA 211 -69.11 -11.58 92.79
CA GLY CA 211 -68.13 -10.93 93.64
C GLY CA 211 -67.05 -10.17 92.92
N ALA CA 212 -65.82 -10.40 93.32
CA ALA CA 212 -64.71 -9.69 92.71
C ALA CA 212 -63.47 -10.56 92.73
N PHE CA 213 -62.51 -10.20 91.89
CA PHE CA 213 -61.25 -10.98 91.84
C PHE CA 213 -60.11 -9.99 91.69
N VAL CA 214 -59.08 -10.14 92.52
CA VAL CA 214 -57.87 -9.30 92.35
C VAL CA 214 -56.76 -10.27 91.99
N LEU CA 215 -55.96 -9.96 90.99
CA LEU CA 215 -54.96 -10.95 90.58
C LEU CA 215 -53.83 -10.30 89.80
N THR CA 216 -52.70 -10.99 89.72
CA THR CA 216 -51.54 -10.52 88.98
C THR CA 216 -51.62 -10.94 87.52
N THR CA 217 -51.11 -10.07 86.66
CA THR CA 217 -51.07 -10.37 85.23
C THR CA 217 -49.63 -10.44 84.76
N ARG CA 218 -48.75 -10.93 85.63
CA ARG CA 218 -47.35 -11.05 85.27
C ARG CA 218 -47.09 -12.11 84.20
N GLY CA 219 -48.01 -13.07 84.06
CA GLY CA 219 -47.84 -14.10 83.06
C GLY CA 219 -47.52 -15.44 83.69
N GLY CA 220 -47.89 -16.50 82.99
CA GLY CA 220 -47.53 -17.85 83.39
C GLY CA 220 -48.28 -18.41 84.57
N ASP CA 221 -49.32 -17.74 85.04
CA ASP CA 221 -50.04 -18.25 86.21
C ASP CA 221 -51.37 -18.87 85.83
N PHE CA 222 -52.03 -18.33 84.81
CA PHE CA 222 -53.36 -18.73 84.42
C PHE CA 222 -53.33 -18.99 82.92
N ASP CA 223 -53.82 -20.15 82.49
CA ASP CA 223 -53.63 -20.57 81.10
C ASP CA 223 -54.96 -21.08 80.56
N LEU CA 224 -55.46 -20.42 79.53
CA LEU CA 224 -56.64 -20.88 78.81
C LEU CA 224 -56.17 -21.61 77.55
N GLN CA 225 -56.52 -22.88 77.43
CA GLN CA 225 -56.13 -23.66 76.28
C GLN CA 225 -57.30 -23.80 75.31
N LEU CA 226 -57.07 -23.37 74.10
CA LEU CA 226 -58.08 -23.46 73.08
C LEU CA 226 -57.78 -24.50 72.05
N GLY CA 227 -58.71 -25.38 71.77
CA GLY CA 227 -58.49 -26.28 70.64
C GLY CA 227 -58.88 -25.46 69.44
N THR CA 228 -60.11 -24.96 69.44
CA THR CA 228 -60.58 -24.06 68.36
C THR CA 228 -61.24 -22.84 68.98
N ASP CA 229 -60.96 -21.65 68.43
CA ASP CA 229 -61.57 -20.40 68.94
C ASP CA 229 -63.05 -20.33 68.52
N VAL CA 230 -63.72 -19.24 68.84
CA VAL CA 230 -65.17 -19.08 68.54
C VAL CA 230 -65.44 -19.13 67.05
N ALA CA 231 -66.38 -19.98 66.63
CA ALA CA 231 -66.74 -20.13 65.23
C ALA CA 231 -68.25 -20.20 65.11
N ILE CA 232 -68.77 -19.82 63.95
CA ILE CA 232 -70.21 -19.87 63.71
C ILE CA 232 -70.48 -21.02 62.74
N GLY CA 233 -71.40 -21.91 63.12
CA GLY CA 233 -71.73 -23.07 62.32
C GLY CA 233 -73.21 -23.15 62.01
N TYR CA 234 -73.53 -23.94 60.99
CA TYR CA 234 -74.88 -24.06 60.48
C TYR CA 234 -75.50 -25.39 60.89
N ALA CA 235 -76.70 -25.33 61.47
CA ALA CA 235 -77.36 -26.58 61.93
C ALA CA 235 -78.42 -27.00 60.91
N SER CA 236 -79.48 -26.22 60.76
CA SER CA 236 -80.58 -26.54 59.86
C SER CA 236 -81.36 -25.27 59.51
N HIS CA 237 -82.29 -25.38 58.55
CA HIS CA 237 -83.07 -24.20 58.10
C HIS CA 237 -84.46 -24.57 57.63
N ASP CA 238 -85.40 -23.64 57.66
CA ASP CA 238 -86.76 -23.87 57.12
C ASP CA 238 -87.07 -22.67 56.23
N THR CA 239 -88.34 -22.46 55.87
CA THR CA 239 -88.72 -21.33 54.98
C THR CA 239 -88.53 -20.01 55.72
N ASP CA 240 -88.69 -20.02 57.04
CA ASP CA 240 -88.67 -18.74 57.75
C ASP CA 240 -87.37 -18.46 58.48
N THR CA 241 -86.65 -19.48 58.96
CA THR CA 241 -85.56 -19.25 59.89
C THR CA 241 -84.36 -20.11 59.53
N VAL CA 242 -83.19 -19.67 60.00
CA VAL CA 242 -81.95 -20.43 59.92
C VAL CA 242 -81.47 -20.67 61.34
N ARG CA 243 -81.27 -21.94 61.70
CA ARG CA 243 -80.66 -22.29 62.97
C ARG CA 243 -79.15 -22.38 62.79
N LEU CA 244 -78.43 -21.59 63.59
CA LEU CA 244 -76.97 -21.64 63.57
C LEU CA 244 -76.50 -21.83 65.00
N TYR CA 245 -75.19 -21.82 65.22
CA TYR CA 245 -74.64 -21.94 66.56
C TYR CA 245 -73.31 -21.21 66.63
N LEU CA 246 -72.96 -20.83 67.86
CA LEU CA 246 -71.62 -20.38 68.20
C LEU CA 246 -70.94 -21.53 68.91
N GLN CA 247 -69.66 -21.73 68.64
CA GLN CA 247 -69.01 -22.92 69.18
C GLN CA 247 -67.55 -22.63 69.47
N GLU CA 248 -67.09 -23.12 70.61
CA GLU CA 248 -65.68 -23.02 70.97
C GLU CA 248 -65.32 -24.19 71.87
N THR CA 249 -64.08 -24.66 71.76
CA THR CA 249 -63.63 -25.77 72.59
C THR CA 249 -62.36 -25.38 73.35
N LEU CA 250 -62.36 -25.64 74.65
CA LEU CA 250 -61.35 -25.10 75.55
C LEU CA 250 -61.24 -25.91 76.82
N THR CA 251 -60.14 -25.66 77.55
CA THR CA 251 -60.03 -26.00 78.95
C THR CA 251 -59.28 -24.86 79.63
N PHE CA 252 -59.33 -24.82 80.96
CA PHE CA 252 -58.62 -23.80 81.72
C PHE CA 252 -57.77 -24.44 82.80
N LEU CA 253 -56.55 -23.95 82.95
CA LEU CA 253 -55.60 -24.44 83.92
C LEU CA 253 -55.14 -23.27 84.79
N CYS CA 254 -55.08 -23.49 86.09
CA CYS CA 254 -54.46 -22.54 87.02
C CYS CA 254 -53.21 -23.18 87.59
N TYR CA 255 -52.04 -22.65 87.23
CA TYR CA 255 -50.78 -23.20 87.69
C TYR CA 255 -50.35 -22.66 89.05
N THR CA 256 -50.77 -21.45 89.40
CA THR CA 256 -50.25 -20.75 90.57
C THR CA 256 -51.41 -20.45 91.50
N ALA CA 257 -51.44 -21.14 92.64
CA ALA CA 257 -52.59 -21.05 93.54
C ALA CA 257 -52.65 -19.72 94.29
N GLU CA 258 -51.51 -19.07 94.50
CA GLU CA 258 -51.46 -17.90 95.37
C GLU CA 258 -51.49 -16.59 94.58
N ALA CA 259 -51.81 -16.64 93.30
CA ALA CA 259 -51.78 -15.47 92.44
C ALA CA 259 -53.11 -14.72 92.39
N SER CA 260 -54.06 -15.04 93.26
CA SER CA 260 -55.38 -14.41 93.16
C SER CA 260 -56.07 -14.38 94.51
N VAL CA 261 -56.97 -13.40 94.67
CA VAL CA 261 -57.89 -13.30 95.79
C VAL CA 261 -59.31 -13.17 95.26
N ALA CA 262 -60.21 -14.02 95.76
CA ALA CA 262 -61.62 -14.00 95.43
C ALA CA 262 -62.40 -13.29 96.52
N LEU CA 263 -63.42 -12.55 96.09
CA LEU CA 263 -64.25 -11.82 97.02
C LEU CA 263 -65.71 -12.18 96.75
N SER CA 264 -66.51 -12.23 97.79
CA SER CA 264 -67.91 -12.60 97.67
C SER CA 264 -68.76 -11.64 98.49
N HIS CA 265 -70.08 -11.76 98.33
CA HIS CA 265 -71.02 -10.92 99.05
C HIS CA 265 -71.47 -11.57 100.35
N MET DA 1 -73.80 41.96 43.68
CA MET DA 1 -74.24 43.28 43.24
C MET DA 1 -74.00 44.35 44.29
N ASN DA 2 -74.31 45.60 43.95
CA ASN DA 2 -74.11 46.73 44.88
C ASN DA 2 -75.42 47.47 45.19
N ASN DA 3 -75.31 48.69 45.69
CA ASN DA 3 -76.51 49.47 46.02
C ASN DA 3 -77.24 49.99 44.78
N LEU DA 4 -76.57 50.15 43.65
CA LEU DA 4 -77.27 50.51 42.42
C LEU DA 4 -78.28 49.46 41.95
N TYR DA 5 -78.08 48.19 42.33
CA TYR DA 5 -78.98 47.11 41.89
C TYR DA 5 -79.23 47.17 40.39
N ARG DA 6 -78.14 47.36 39.64
CA ARG DA 6 -78.23 47.68 38.22
C ARG DA 6 -78.72 46.51 37.40
N ASP DA 7 -78.33 45.29 37.77
CA ASP DA 7 -78.75 44.10 37.04
C ASP DA 7 -80.22 43.77 37.23
N LEU DA 8 -80.86 44.35 38.24
CA LEU DA 8 -82.29 44.13 38.41
C LEU DA 8 -83.14 45.01 37.50
N ALA DA 9 -82.55 46.04 36.91
CA ALA DA 9 -83.32 46.93 36.06
C ALA DA 9 -83.61 46.28 34.72
N PRO DA 10 -84.83 46.40 34.21
CA PRO DA 10 -85.13 45.89 32.85
C PRO DA 10 -84.64 46.83 31.75
N VAL DA 11 -83.32 46.96 31.67
CA VAL DA 11 -82.65 47.85 30.74
C VAL DA 11 -81.61 47.00 30.01
N THR DA 12 -81.61 47.07 28.69
CA THR DA 12 -80.65 46.29 27.93
C THR DA 12 -79.28 46.95 27.98
N GLU DA 13 -78.28 46.20 27.51
CA GLU DA 13 -76.90 46.68 27.53
C GLU DA 13 -76.70 47.89 26.63
N ALA DA 14 -77.28 47.86 25.43
CA ALA DA 14 -77.18 48.99 24.51
C ALA DA 14 -77.91 50.21 25.04
N ALA DA 15 -79.09 50.00 25.62
CA ALA DA 15 -79.80 51.09 26.27
C ALA DA 15 -79.03 51.66 27.44
N TRP DA 16 -78.36 50.79 28.21
CA TRP DA 16 -77.52 51.26 29.31
C TRP DA 16 -76.38 52.13 28.81
N ALA DA 17 -75.73 51.72 27.72
CA ALA DA 17 -74.64 52.52 27.17
C ALA DA 17 -75.12 53.88 26.68
N GLU DA 18 -76.30 53.93 26.05
CA GLU DA 18 -76.85 55.20 25.62
C GLU DA 18 -77.22 56.09 26.81
N ILE DA 19 -77.78 55.52 27.88
CA ILE DA 19 -78.14 56.30 29.06
C ILE DA 19 -76.89 56.84 29.76
N GLU DA 20 -75.84 56.02 29.89
CA GLU DA 20 -74.59 56.46 30.50
C GLU DA 20 -73.96 57.59 29.70
N LEU DA 21 -73.94 57.45 28.36
CA LEU DA 21 -73.38 58.48 27.49
C LEU DA 21 -74.14 59.79 27.61
N GLU DA 22 -75.49 59.72 27.60
CA GLU DA 22 -76.31 60.92 27.68
C GLU DA 22 -76.13 61.63 29.03
N ALA DA 23 -76.11 60.87 30.12
CA ALA DA 23 -75.96 61.45 31.45
C ALA DA 23 -74.58 62.07 31.64
N ALA DA 24 -73.52 61.37 31.21
CA ALA DA 24 -72.18 61.89 31.35
C ALA DA 24 -71.98 63.15 30.51
N ARG DA 25 -72.50 63.15 29.28
CA ARG DA 25 -72.38 64.32 28.42
C ARG DA 25 -73.09 65.53 28.99
N THR DA 26 -74.36 65.36 29.38
CA THR DA 26 -75.13 66.50 29.86
C THR DA 26 -74.57 67.04 31.16
N PHE DA 27 -74.06 66.17 32.02
CA PHE DA 27 -73.43 66.59 33.28
C PHE DA 27 -72.17 67.44 33.07
N LYS DA 28 -71.22 66.96 32.29
CA LYS DA 28 -70.00 67.72 32.03
C LYS DA 28 -70.30 69.10 31.48
N ARG DA 29 -71.20 69.20 30.51
CA ARG DA 29 -71.55 70.46 29.92
C ARG DA 29 -72.05 71.45 30.94
N HIS DA 30 -72.76 70.96 31.93
CA HIS DA 30 -73.36 71.88 32.92
C HIS DA 30 -72.50 72.01 34.17
N ILE DA 31 -71.35 71.33 34.23
CA ILE DA 31 -70.51 71.58 35.40
C ILE DA 31 -69.50 72.68 35.12
N ALA DA 32 -69.49 73.70 35.98
CA ALA DA 32 -68.45 74.72 35.96
C ALA DA 32 -67.51 74.56 37.16
N GLY DA 33 -68.01 73.99 38.25
CA GLY DA 33 -67.27 73.98 39.50
C GLY DA 33 -66.03 73.10 39.48
N ARG DA 34 -66.11 71.94 38.81
CA ARG DA 34 -64.99 71.02 38.79
C ARG DA 34 -63.84 71.53 37.91
N ARG DA 35 -64.11 72.49 37.03
CA ARG DA 35 -63.05 73.05 36.20
C ARG DA 35 -62.12 73.96 36.98
N VAL DA 36 -62.57 74.48 38.13
CA VAL DA 36 -61.77 75.45 38.88
C VAL DA 36 -61.32 74.93 40.24
N VAL DA 37 -62.00 73.96 40.85
CA VAL DA 37 -61.64 73.53 42.18
C VAL DA 37 -60.83 72.25 42.08
N ASP DA 38 -60.11 71.94 43.15
CA ASP DA 38 -59.44 70.66 43.24
C ASP DA 38 -60.46 69.58 43.55
N VAL DA 39 -60.41 68.51 42.77
CA VAL DA 39 -61.36 67.40 42.90
C VAL DA 39 -60.57 66.18 43.36
N SER DA 40 -60.95 65.64 44.49
CA SER DA 40 -60.26 64.51 45.06
C SER DA 40 -60.62 63.23 44.33
N ASP DA 41 -59.85 62.18 44.58
CA ASP DA 41 -60.27 60.86 44.17
C ASP DA 41 -61.46 60.42 44.99
N PRO DA 42 -62.33 59.56 44.45
CA PRO DA 42 -63.42 59.01 45.25
C PRO DA 42 -62.95 58.20 46.45
N GLY DA 43 -63.39 58.58 47.64
CA GLY DA 43 -63.04 57.87 48.85
C GLY DA 43 -63.60 56.47 48.89
N GLY DA 44 -64.82 56.31 48.39
CA GLY DA 44 -65.45 55.01 48.44
C GLY DA 44 -66.75 55.11 49.20
N PRO DA 45 -67.52 54.03 49.20
CA PRO DA 45 -68.84 54.06 49.87
C PRO DA 45 -68.75 54.21 51.38
N VAL DA 46 -67.67 53.76 52.01
CA VAL DA 46 -67.61 53.75 53.47
C VAL DA 46 -67.25 55.14 53.99
N THR DA 47 -66.73 56.00 53.13
CA THR DA 47 -66.26 57.32 53.54
C THR DA 47 -67.44 58.19 53.94
N ALA DA 48 -67.37 58.78 55.13
CA ALA DA 48 -68.53 59.47 55.68
C ALA DA 48 -68.24 60.91 56.06
N ALA DA 49 -66.98 61.21 56.36
CA ALA DA 49 -66.63 62.54 56.84
C ALA DA 49 -65.20 62.86 56.43
N VAL DA 50 -64.90 64.15 56.39
CA VAL DA 50 -63.57 64.65 56.10
C VAL DA 50 -63.06 65.35 57.34
N SER DA 51 -61.88 64.96 57.79
CA SER DA 51 -61.25 65.60 58.94
C SER DA 51 -60.80 67.01 58.58
N THR DA 52 -61.13 67.97 59.44
CA THR DA 52 -60.64 69.33 59.29
C THR DA 52 -59.37 69.58 60.07
N GLY DA 53 -59.07 68.70 61.03
CA GLY DA 53 -57.83 68.83 61.82
C GLY DA 53 -58.01 69.80 62.98
N ARG DA 54 -59.21 70.31 63.21
CA ARG DA 54 -59.45 71.22 64.36
C ARG DA 54 -59.94 70.43 65.59
N LEU DA 55 -60.07 71.10 66.74
CA LEU DA 55 -60.45 70.43 68.01
C LEU DA 55 -61.59 71.21 68.68
N ILE DA 56 -62.52 70.52 69.33
CA ILE DA 56 -63.66 71.15 69.99
C ILE DA 56 -63.65 70.86 71.48
N ASP DA 57 -63.58 71.90 72.31
CA ASP DA 57 -63.57 71.73 73.76
C ASP DA 57 -64.85 71.08 74.28
N VAL DA 58 -64.71 69.97 75.01
CA VAL DA 58 -65.88 69.34 75.63
C VAL DA 58 -65.77 69.28 77.14
N LYS DA 59 -66.90 69.19 77.83
CA LYS DA 59 -66.89 69.14 79.30
C LYS DA 59 -66.03 68.01 79.81
N ALA DA 60 -64.98 68.35 80.54
CA ALA DA 60 -64.05 67.35 81.10
C ALA DA 60 -64.73 66.11 81.67
N PRO DA 61 -64.32 64.91 81.20
CA PRO DA 61 -64.90 63.66 81.71
C PRO DA 61 -64.70 63.57 83.20
N THR DA 62 -63.45 63.69 83.65
CA THR DA 62 -63.17 63.67 85.09
C THR DA 62 -62.15 64.74 85.45
N ASN DA 63 -61.76 64.79 86.71
CA ASN DA 63 -60.78 65.77 87.18
C ASN DA 63 -59.43 65.49 86.57
N GLY DA 64 -58.77 66.54 86.06
CA GLY DA 64 -57.44 66.37 85.48
C GLY DA 64 -57.43 65.77 84.09
N VAL DA 65 -58.60 65.60 83.48
CA VAL DA 65 -58.67 65.09 82.13
C VAL DA 65 -59.08 66.20 81.21
N ILE DA 66 -58.38 66.34 80.11
CA ILE DA 66 -58.70 67.36 79.15
C ILE DA 66 -59.16 66.67 77.91
N ALA DA 67 -60.38 66.94 77.50
CA ALA DA 67 -60.95 66.26 76.35
C ALA DA 67 -61.26 67.17 75.21
N HIS DA 68 -61.04 66.68 74.01
CA HIS DA 68 -61.38 67.45 72.84
C HIS DA 68 -61.96 66.58 71.76
N LEU DA 69 -63.04 67.02 71.16
CA LEU DA 69 -63.63 66.32 70.03
C LEU DA 69 -62.92 66.70 68.74
N ARG DA 70 -62.66 65.72 67.89
CA ARG DA 70 -62.15 66.01 66.57
C ARG DA 70 -63.27 66.57 65.69
N ALA DA 71 -62.99 67.68 65.02
CA ALA DA 71 -63.95 68.28 64.11
C ALA DA 71 -63.88 67.60 62.75
N SER DA 72 -65.03 67.56 62.07
CA SER DA 72 -65.09 66.96 60.74
C SER DA 72 -66.26 67.56 59.99
N LYS DA 73 -66.29 67.28 58.69
CA LYS DA 73 -67.36 67.70 57.79
C LYS DA 73 -68.07 66.48 57.24
N PRO DA 74 -69.38 66.37 57.38
CA PRO DA 74 -70.09 65.21 56.82
C PRO DA 74 -70.26 65.32 55.32
N LEU DA 75 -70.18 64.16 54.65
CA LEU DA 75 -70.61 64.09 53.26
C LEU DA 75 -72.13 64.13 53.18
N VAL DA 76 -72.63 64.62 52.05
CA VAL DA 76 -74.05 64.57 51.74
C VAL DA 76 -74.22 63.75 50.48
N ARG DA 77 -75.20 62.84 50.49
CA ARG DA 77 -75.55 62.08 49.31
C ARG DA 77 -76.73 62.75 48.63
N LEU DA 78 -76.57 63.05 47.35
CA LEU DA 78 -77.53 63.79 46.56
C LEU DA 78 -78.07 62.83 45.51
N ARG DA 79 -79.38 62.67 45.49
CA ARG DA 79 -80.05 61.73 44.61
C ARG DA 79 -81.14 62.44 43.83
N VAL DA 80 -81.12 62.28 42.51
CA VAL DA 80 -82.12 62.82 41.61
C VAL DA 80 -82.79 61.66 40.90
N PRO DA 81 -84.01 61.31 41.30
CA PRO DA 81 -84.74 60.26 40.57
C PRO DA 81 -85.26 60.76 39.24
N PHE DA 82 -85.40 59.82 38.30
CA PHE DA 82 -85.98 60.12 37.00
C PHE DA 82 -86.64 58.86 36.46
N THR DA 83 -87.51 59.04 35.47
CA THR DA 83 -88.40 58.00 34.99
C THR DA 83 -88.26 57.85 33.48
N LEU DA 84 -88.01 56.63 33.03
CA LEU DA 84 -87.82 56.34 31.62
C LEU DA 84 -88.96 55.47 31.09
N SER DA 85 -89.39 55.78 29.88
CA SER DA 85 -90.33 54.93 29.16
C SER DA 85 -89.66 53.63 28.75
N ARG DA 86 -90.33 52.50 28.99
CA ARG DA 86 -89.76 51.22 28.61
C ARG DA 86 -89.83 50.98 27.11
N ASN DA 87 -90.75 51.64 26.42
CA ASN DA 87 -90.80 51.58 24.96
C ASN DA 87 -89.55 52.21 24.35
N GLU DA 88 -89.11 53.36 24.88
CA GLU DA 88 -87.88 53.99 24.41
C GLU DA 88 -86.67 53.12 24.68
N ILE DA 89 -86.67 52.41 25.81
CA ILE DA 89 -85.58 51.49 26.12
C ILE DA 89 -85.56 50.32 25.14
N ASP DA 90 -86.74 49.76 24.83
CA ASP DA 90 -86.85 48.66 23.89
C ASP DA 90 -86.51 49.08 22.46
N ASP DA 91 -86.69 50.35 22.12
CA ASP DA 91 -86.37 50.85 20.79
C ASP DA 91 -84.88 50.75 20.46
N VAL DA 92 -84.01 50.76 21.48
CA VAL DA 92 -82.58 50.88 21.26
C VAL DA 92 -82.01 49.62 20.62
N GLU DA 93 -82.48 48.45 21.05
CA GLU DA 93 -81.95 47.19 20.47
C GLU DA 93 -82.43 47.05 19.02
N ARG DA 94 -83.63 47.53 18.72
CA ARG DA 94 -84.12 47.49 17.35
C ARG DA 94 -83.38 48.47 16.43
N GLY DA 95 -82.53 49.34 16.97
CA GLY DA 95 -81.74 50.23 16.16
C GLY DA 95 -82.18 51.67 16.13
N SER DA 96 -83.10 52.08 16.99
CA SER DA 96 -83.48 53.48 17.09
C SER DA 96 -82.32 54.30 17.63
N LYS DA 97 -82.18 55.52 17.12
CA LYS DA 97 -81.14 56.43 17.58
C LYS DA 97 -81.73 57.76 18.05
N ASP DA 98 -83.05 57.81 18.22
CA ASP DA 98 -83.69 59.03 18.72
C ASP DA 98 -84.54 58.73 19.96
N SER DA 99 -84.14 57.74 20.75
CA SER DA 99 -84.88 57.38 21.96
C SER DA 99 -84.89 58.54 22.94
N ASP DA 100 -86.04 58.74 23.58
CA ASP DA 100 -86.27 59.92 24.40
C ASP DA 100 -85.49 59.84 25.71
N TRP DA 101 -84.34 60.50 25.75
CA TRP DA 101 -83.53 60.51 26.96
C TRP DA 101 -83.64 61.85 27.65
N GLU DA 102 -84.74 62.55 27.42
CA GLU DA 102 -84.97 63.84 28.09
C GLU DA 102 -84.97 63.74 29.63
N PRO DA 103 -85.58 62.68 30.22
CA PRO DA 103 -85.52 62.64 31.69
C PRO DA 103 -84.09 62.47 32.17
N VAL DA 104 -83.29 61.66 31.48
CA VAL DA 104 -81.88 61.53 31.83
C VAL DA 104 -81.17 62.88 31.77
N LYS DA 105 -81.46 63.65 30.72
CA LYS DA 105 -80.84 64.96 30.56
C LYS DA 105 -81.31 65.93 31.65
N GLU DA 106 -82.59 65.89 31.99
CA GLU DA 106 -83.10 66.75 33.06
C GLU DA 106 -82.53 66.37 34.42
N ALA DA 107 -82.37 65.06 34.68
CA ALA DA 107 -81.76 64.63 35.93
C ALA DA 107 -80.29 65.02 36.01
N ALA DA 108 -79.56 64.90 34.90
CA ALA DA 108 -78.15 65.29 34.89
C ALA DA 108 -78.00 66.80 35.05
N LYS DA 109 -78.88 67.58 34.42
CA LYS DA 109 -78.84 69.02 34.57
C LYS DA 109 -79.19 69.43 35.99
N LYS DA 110 -80.14 68.74 36.62
CA LYS DA 110 -80.53 69.09 37.99
C LYS DA 110 -79.44 68.71 38.99
N LEU DA 111 -78.81 67.55 38.78
CA LEU DA 111 -77.69 67.13 39.67
C LEU DA 111 -76.53 68.11 39.52
N ALA DA 112 -76.18 68.46 38.28
CA ALA DA 112 -75.10 69.42 38.04
C ALA DA 112 -75.41 70.77 38.68
N PHE DA 113 -76.67 71.21 38.59
CA PHE DA 113 -77.07 72.47 39.21
C PHE DA 113 -76.96 72.42 40.72
N VAL DA 114 -77.35 71.31 41.33
CA VAL DA 114 -77.22 71.18 42.76
C VAL DA 114 -75.75 71.24 43.16
N GLU DA 115 -74.91 70.45 42.49
CA GLU DA 115 -73.50 70.41 42.85
C GLU DA 115 -72.85 71.79 42.73
N ASP DA 116 -73.12 72.51 41.63
CA ASP DA 116 -72.53 73.83 41.45
C ASP DA 116 -73.07 74.84 42.44
N ARG DA 117 -74.38 74.79 42.74
CA ARG DA 117 -74.93 75.71 43.71
C ARG DA 117 -74.46 75.39 45.12
N THR DA 118 -74.14 74.13 45.38
CA THR DA 118 -73.57 73.76 46.66
C THR DA 118 -72.15 74.27 46.81
N ILE DA 119 -71.35 74.16 45.75
CA ILE DA 119 -69.98 74.66 45.78
C ILE DA 119 -69.95 76.18 45.92
N PHE DA 120 -70.78 76.89 45.17
CA PHE DA 120 -70.64 78.34 45.13
C PHE DA 120 -71.56 79.09 46.08
N GLU DA 121 -72.72 78.55 46.44
CA GLU DA 121 -73.65 79.22 47.33
C GLU DA 121 -73.84 78.51 48.65
N GLY DA 122 -73.24 77.35 48.82
CA GLY DA 122 -73.38 76.60 50.03
C GLY DA 122 -74.66 75.84 50.26
N TYR DA 123 -74.63 74.96 51.25
CA TYR DA 123 -75.78 74.17 51.60
C TYR DA 123 -75.66 74.11 53.08
N SER DA 124 -76.33 75.01 53.78
CA SER DA 124 -76.21 75.10 55.23
C SER DA 124 -76.60 73.83 55.99
N ALA DA 125 -77.63 73.14 55.57
CA ALA DA 125 -78.06 71.91 56.21
C ALA DA 125 -76.99 70.84 56.17
N ALA DA 126 -76.15 70.86 55.14
CA ALA DA 126 -75.02 69.95 55.05
C ALA DA 126 -73.73 70.54 55.60
N SER DA 127 -73.84 71.67 56.30
CA SER DA 127 -72.70 72.40 56.91
C SER DA 127 -71.64 72.78 55.88
N ILE DA 128 -72.08 73.16 54.69
CA ILE DA 128 -71.19 73.58 53.62
C ILE DA 128 -71.36 75.07 53.42
N GLU DA 129 -70.28 75.81 53.60
CA GLU DA 129 -70.27 77.24 53.32
C GLU DA 129 -69.87 77.43 51.87
N GLY DA 130 -70.61 78.27 51.16
CA GLY DA 130 -70.27 78.53 49.77
C GLY DA 130 -69.04 79.39 49.62
N ILE DA 131 -68.55 79.45 48.39
CA ILE DA 131 -67.44 80.35 48.06
C ILE DA 131 -67.83 81.81 48.25
N ARG DA 132 -69.10 82.14 47.94
CA ARG DA 132 -69.59 83.50 48.14
C ARG DA 132 -69.61 83.88 49.62
N SER DA 133 -70.04 82.97 50.48
CA SER DA 133 -70.08 83.26 51.90
C SER DA 133 -68.71 83.21 52.55
N ALA DA 134 -67.82 82.33 52.08
CA ALA DA 134 -66.50 82.19 52.66
C ALA DA 134 -65.48 83.17 52.12
N SER DA 135 -65.84 83.99 51.14
CA SER DA 135 -64.91 84.96 50.60
C SER DA 135 -64.73 86.12 51.58
N SER DA 136 -63.48 86.50 51.81
CA SER DA 136 -63.18 87.66 52.64
C SER DA 136 -63.02 88.94 51.83
N ASN DA 137 -62.86 88.84 50.51
CA ASN DA 137 -62.79 90.02 49.67
C ASN DA 137 -64.16 90.67 49.56
N PRO DA 138 -64.22 91.99 49.35
CA PRO DA 138 -65.53 92.66 49.26
C PRO DA 138 -66.34 92.22 48.06
N ALA DA 139 -67.65 92.23 48.23
CA ALA DA 139 -68.57 91.87 47.16
C ALA DA 139 -68.83 93.08 46.28
N LEU DA 140 -69.02 92.81 45.00
CA LEU DA 140 -69.23 93.85 44.02
C LEU DA 140 -70.60 93.72 43.39
N THR DA 141 -71.11 94.83 42.86
CA THR DA 141 -72.41 94.85 42.20
C THR DA 141 -72.20 94.89 40.69
N LEU DA 142 -72.85 93.96 39.99
CA LEU DA 142 -72.78 93.96 38.53
C LEU DA 142 -73.70 95.02 37.99
N PRO DA 143 -73.22 95.82 37.03
CA PRO DA 143 -74.04 96.90 36.47
C PRO DA 143 -75.10 96.40 35.51
N GLU DA 144 -76.08 97.25 35.22
CA GLU DA 144 -77.14 96.87 34.29
C GLU DA 144 -76.65 96.79 32.86
N ASP DA 145 -75.83 97.76 32.45
CA ASP DA 145 -75.32 97.79 31.10
C ASP DA 145 -74.23 96.74 30.95
N PRO DA 146 -74.34 95.80 29.99
CA PRO DA 146 -73.27 94.83 29.78
C PRO DA 146 -71.95 95.44 29.33
N ARG DA 147 -71.95 96.61 28.69
CA ARG DA 147 -70.71 97.27 28.30
C ARG DA 147 -69.91 97.75 29.51
N GLU DA 148 -70.56 97.89 30.67
CA GLU DA 148 -69.90 98.21 31.91
C GLU DA 148 -69.53 96.97 32.73
N ILE DA 149 -69.78 95.77 32.20
CA ILE DA 149 -69.35 94.57 32.93
C ILE DA 149 -67.81 94.47 33.06
N PRO DA 150 -67.06 94.56 31.93
CA PRO DA 150 -65.61 94.39 32.08
C PRO DA 150 -64.96 95.35 33.08
N ASP DA 151 -65.51 96.54 33.27
CA ASP DA 151 -64.96 97.47 34.24
C ASP DA 151 -65.03 96.87 35.65
N VAL DA 152 -66.21 96.50 36.09
CA VAL DA 152 -66.39 95.94 37.44
C VAL DA 152 -65.57 94.66 37.61
N ILE DA 153 -65.56 93.79 36.62
CA ILE DA 153 -64.73 92.58 36.67
C ILE DA 153 -63.28 92.95 36.93
N SER DA 154 -62.78 94.00 36.27
CA SER DA 154 -61.39 94.47 36.48
C SER DA 154 -61.19 94.94 37.93
N GLN DA 155 -62.20 95.53 38.55
CA GLN DA 155 -62.12 95.90 39.96
C GLN DA 155 -61.99 94.67 40.85
N ALA DA 156 -62.68 93.59 40.49
CA ALA DA 156 -62.50 92.32 41.16
C ALA DA 156 -61.08 91.80 41.00
N LEU DA 157 -60.50 91.98 39.80
CA LEU DA 157 -59.11 91.62 39.60
C LEU DA 157 -58.17 92.50 40.40
N SER DA 158 -58.61 93.71 40.76
CA SER DA 158 -57.81 94.50 41.68
C SER DA 158 -57.78 93.88 43.07
N GLU DA 159 -58.92 93.34 43.51
CA GLU DA 159 -59.04 92.89 44.89
C GLU DA 159 -58.19 91.67 45.17
N LEU DA 160 -58.20 90.68 44.26
CA LEU DA 160 -57.26 89.55 44.34
C LEU DA 160 -55.82 90.00 44.25
N ARG DA 161 -55.56 91.12 43.58
CA ARG DA 161 -54.20 91.64 43.57
C ARG DA 161 -53.88 92.31 44.89
N LEU DA 162 -54.88 92.95 45.51
CA LEU DA 162 -54.68 93.54 46.84
C LEU DA 162 -54.66 92.48 47.93
N ALA DA 163 -55.19 91.30 47.66
CA ALA DA 163 -55.15 90.20 48.60
C ALA DA 163 -53.83 89.45 48.57
N GLY DA 164 -52.92 89.79 47.65
CA GLY DA 164 -51.66 89.08 47.51
C GLY DA 164 -51.90 87.66 47.02
N VAL DA 165 -52.37 87.51 45.79
CA VAL DA 165 -52.67 86.18 45.25
C VAL DA 165 -52.14 86.05 43.83
N ASP DA 166 -51.51 84.92 43.52
CA ASP DA 166 -51.01 84.67 42.17
C ASP DA 166 -51.89 83.67 41.44
N GLY DA 167 -51.42 83.15 40.30
CA GLY DA 167 -52.15 82.13 39.58
C GLY DA 167 -53.07 82.60 38.48
N PRO DA 168 -53.48 81.67 37.59
CA PRO DA 168 -54.36 82.03 36.49
C PRO DA 168 -55.72 82.37 37.09
N TYR DA 169 -56.24 83.57 36.86
CA TYR DA 169 -57.56 83.88 37.37
C TYR DA 169 -58.68 83.44 36.43
N SER DA 170 -59.81 82.97 36.97
CA SER DA 170 -60.85 82.56 36.02
C SER DA 170 -62.18 83.22 36.37
N VAL DA 171 -62.98 83.58 35.37
CA VAL DA 171 -64.23 84.26 35.62
C VAL DA 171 -65.36 83.30 35.28
N LEU DA 172 -66.27 83.14 36.23
CA LEU DA 172 -67.43 82.30 36.04
C LEU DA 172 -68.64 83.20 36.03
N LEU DA 173 -69.52 83.05 35.07
CA LEU DA 173 -70.67 83.92 34.92
C LEU DA 173 -71.95 83.12 35.03
N SER DA 174 -72.97 83.75 35.59
CA SER DA 174 -74.30 83.16 35.52
C SER DA 174 -74.82 83.20 34.08
N ALA DA 175 -75.84 82.38 33.81
CA ALA DA 175 -76.38 82.25 32.47
C ALA DA 175 -76.96 83.56 31.95
N ASP DA 176 -77.58 84.34 32.83
CA ASP DA 176 -78.06 85.68 32.46
C ASP DA 176 -76.90 86.59 32.07
N VAL DA 177 -75.84 86.60 32.88
CA VAL DA 177 -74.70 87.46 32.63
C VAL DA 177 -73.92 86.98 31.40
N TYR DA 178 -73.78 85.66 31.26
CA TYR DA 178 -73.10 85.09 30.09
C TYR DA 178 -73.85 85.42 28.80
N THR DA 179 -75.18 85.33 28.83
CA THR DA 179 -75.99 85.71 27.68
C THR DA 179 -75.86 87.21 27.37
N LYS DA 180 -75.87 88.05 28.42
CA LYS DA 180 -75.75 89.49 28.24
C LYS DA 180 -74.40 89.89 27.64
N VAL DA 181 -73.31 89.29 28.10
CA VAL DA 181 -72.00 89.64 27.53
C VAL DA 181 -71.73 88.89 26.25
N SER DA 182 -72.52 87.88 25.92
CA SER DA 182 -72.39 87.19 24.65
C SER DA 182 -73.11 87.91 23.52
N GLU DA 183 -74.29 88.46 23.80
CA GLU DA 183 -75.13 89.01 22.76
C GLU DA 183 -74.88 90.48 22.49
N THR DA 184 -74.24 91.18 23.41
CA THR DA 184 -73.87 92.56 23.20
C THR DA 184 -72.47 92.59 22.59
N SER DA 185 -72.28 93.41 21.57
CA SER DA 185 -71.02 93.45 20.86
C SER DA 185 -70.48 94.87 20.81
N ASP DA 186 -69.15 94.97 20.78
CA ASP DA 186 -68.47 96.25 20.66
C ASP DA 186 -67.25 96.05 19.77
N HIS DA 187 -67.20 96.79 18.65
CA HIS DA 187 -66.09 96.80 17.69
C HIS DA 187 -65.76 95.41 17.17
N GLY DA 188 -66.80 94.68 16.76
CA GLY DA 188 -66.63 93.40 16.12
C GLY DA 188 -66.38 92.23 17.03
N TYR DA 189 -66.43 92.43 18.34
CA TYR DA 189 -66.32 91.35 19.30
C TYR DA 189 -67.41 91.48 20.34
N PRO DA 190 -67.94 90.36 20.83
CA PRO DA 190 -68.83 90.42 21.99
C PRO DA 190 -68.03 90.76 23.24
N ILE DA 191 -68.76 91.17 24.28
CA ILE DA 191 -68.13 91.58 25.54
C ILE DA 191 -67.45 90.41 26.23
N ARG DA 192 -67.87 89.18 25.91
CA ARG DA 192 -67.20 87.98 26.41
C ARG DA 192 -65.73 87.93 25.99
N GLU DA 193 -65.43 88.37 24.77
CA GLU DA 193 -64.04 88.47 24.33
C GLU DA 193 -63.29 89.53 25.11
N HIS DA 194 -63.95 90.65 25.42
CA HIS DA 194 -63.33 91.69 26.26
C HIS DA 194 -63.01 91.15 27.66
N LEU DA 195 -63.87 90.29 28.20
CA LEU DA 195 -63.57 89.63 29.45
C LEU DA 195 -62.41 88.65 29.29
N ASN DA 196 -62.34 87.98 28.14
CA ASN DA 196 -61.25 87.03 27.87
C ASN DA 196 -59.90 87.72 27.81
N ARG DA 197 -59.86 88.99 27.37
CA ARG DA 197 -58.59 89.71 27.33
C ARG DA 197 -58.06 90.06 28.72
N LEU DA 198 -58.93 90.23 29.71
CA LEU DA 198 -58.54 90.64 31.08
C LEU DA 198 -57.84 89.50 31.86
N VAL DA 199 -58.14 88.24 31.56
CA VAL DA 199 -57.58 87.14 32.40
C VAL DA 199 -56.78 86.14 31.59
N ASP DA 200 -55.94 85.36 32.28
CA ASP DA 200 -55.12 84.31 31.61
C ASP DA 200 -55.79 82.98 31.87
N GLY DA 201 -56.97 83.00 32.48
CA GLY DA 201 -57.73 81.77 32.73
C GLY DA 201 -58.80 81.59 31.69
N ASP DA 202 -60.06 81.42 32.10
CA ASP DA 202 -61.11 81.13 31.09
C ASP DA 202 -62.43 81.79 31.46
N ILE DA 203 -63.18 82.26 30.47
CA ILE DA 203 -64.55 82.73 30.77
C ILE DA 203 -65.35 81.45 30.78
N ILE DA 204 -65.99 81.13 31.89
CA ILE DA 204 -66.65 79.85 32.09
C ILE DA 204 -68.15 80.08 32.26
N TRP DA 205 -68.93 79.40 31.43
CA TRP DA 205 -70.38 79.43 31.56
C TRP DA 205 -70.79 78.64 32.78
N ALA DA 206 -71.50 79.27 33.70
CA ALA DA 206 -71.92 78.65 34.96
C ALA DA 206 -73.41 78.91 35.15
N PRO DA 207 -74.26 78.10 34.51
CA PRO DA 207 -75.71 78.38 34.53
C PRO DA 207 -76.39 78.17 35.88
N ALA DA 208 -75.76 77.52 36.85
CA ALA DA 208 -76.43 77.30 38.12
C ALA DA 208 -76.27 78.48 39.08
N ILE DA 209 -75.15 79.19 39.01
CA ILE DA 209 -74.82 80.23 39.97
C ILE DA 209 -75.65 81.49 39.75
N ASP DA 210 -75.63 82.38 40.73
CA ASP DA 210 -76.10 83.74 40.57
C ASP DA 210 -74.89 84.67 40.47
N GLY DA 211 -75.09 85.80 39.79
CA GLY DA 211 -74.03 86.78 39.67
C GLY DA 211 -72.80 86.30 38.94
N ALA DA 212 -71.65 86.56 39.53
CA ALA DA 212 -70.39 86.18 38.90
C ALA DA 212 -69.36 85.87 39.97
N PHE DA 213 -68.32 85.16 39.56
CA PHE DA 213 -67.25 84.82 40.52
C PHE DA 213 -65.92 84.97 39.79
N VAL DA 214 -64.97 85.65 40.39
CA VAL DA 214 -63.62 85.72 39.81
C VAL DA 214 -62.72 85.04 40.82
N LEU DA 215 -61.84 84.16 40.36
CA LEU DA 215 -61.04 83.41 41.36
C LEU DA 215 -59.79 82.84 40.74
N THR DA 216 -58.82 82.52 41.57
CA THR DA 216 -57.56 81.93 41.13
C THR DA 216 -57.67 80.41 41.03
N THR DA 217 -56.97 79.85 40.06
CA THR DA 217 -56.95 78.40 39.89
C THR DA 217 -55.54 77.88 40.09
N ARG DA 218 -54.81 78.51 41.00
CA ARG DA 218 -53.43 78.10 41.27
C ARG DA 218 -53.37 76.73 41.97
N GLY DA 219 -54.46 76.33 42.63
CA GLY DA 219 -54.46 75.05 43.30
C GLY DA 219 -54.44 75.20 44.80
N GLY DA 220 -54.99 74.21 45.49
CA GLY DA 220 -54.92 74.15 46.93
C GLY DA 220 -55.81 75.11 47.68
N ASP DA 221 -56.72 75.81 47.01
CA ASP DA 221 -57.56 76.78 47.69
C ASP DA 221 -58.98 76.27 47.89
N PHE DA 222 -59.48 75.48 46.93
CA PHE DA 222 -60.85 75.04 46.91
C PHE DA 222 -60.83 73.54 46.68
N ASP DA 223 -61.53 72.77 47.52
CA ASP DA 223 -61.38 71.32 47.50
C ASP DA 223 -62.76 70.68 47.53
N LEU DA 224 -63.09 69.94 46.48
CA LEU DA 224 -64.31 69.16 46.43
C LEU DA 224 -63.95 67.72 46.80
N GLN DA 225 -64.55 67.21 47.87
CA GLN DA 225 -64.30 65.85 48.31
C GLN DA 225 -65.43 64.94 47.89
N LEU DA 226 -65.08 63.91 47.14
CA LEU DA 226 -66.05 62.96 46.70
C LEU DA 226 -65.93 61.64 47.39
N GLY DA 227 -67.02 61.11 47.93
CA GLY DA 227 -66.95 59.76 48.45
C GLY DA 227 -67.12 58.89 47.23
N THR DA 228 -68.22 59.10 46.51
CA THR DA 228 -68.47 58.38 45.24
C THR DA 228 -68.89 59.38 44.18
N ASP DA 229 -68.36 59.23 42.96
CA ASP DA 229 -68.72 60.13 41.83
C ASP DA 229 -70.13 59.81 41.35
N VAL DA 230 -70.59 60.50 40.29
CA VAL DA 230 -71.97 60.30 39.76
C VAL DA 230 -72.19 58.88 39.28
N ALA DA 231 -73.26 58.25 39.75
CA ALA DA 231 -73.60 56.88 39.36
C ALA DA 231 -75.09 56.81 39.08
N ILE DA 232 -75.48 55.84 38.26
CA ILE DA 232 -76.90 55.64 37.93
C ILE DA 232 -77.36 54.37 38.62
N GLY DA 233 -78.45 54.48 39.39
CA GLY DA 233 -78.97 53.36 40.14
C GLY DA 233 -80.43 53.09 39.82
N TYR DA 234 -80.87 51.88 40.16
CA TYR DA 234 -82.20 51.41 39.82
C TYR DA 234 -83.10 51.39 41.07
N ALA DA 235 -84.28 52.00 40.97
CA ALA DA 235 -85.19 52.06 42.13
C ALA DA 235 -86.28 50.99 41.99
N SER DA 236 -87.16 51.15 40.99
CA SER DA 236 -88.27 50.23 40.78
C SER DA 236 -88.77 50.32 39.35
N HIS DA 237 -89.66 49.42 38.95
CA HIS DA 237 -90.17 49.39 37.54
C HIS DA 237 -91.60 48.88 37.47
N ASP DA 238 -92.34 49.24 36.42
CA ASP DA 238 -93.70 48.70 36.19
C ASP DA 238 -93.72 48.25 34.72
N THR DA 239 -94.90 48.02 34.17
CA THR DA 239 -95.02 47.55 32.76
C THR DA 239 -94.60 48.67 31.81
N ASP DA 240 -94.80 49.93 32.20
CA ASP DA 240 -94.54 51.01 31.26
C ASP DA 240 -93.23 51.74 31.49
N THR DA 241 -92.76 51.84 32.73
CA THR DA 241 -91.68 52.76 33.04
C THR DA 241 -90.66 52.10 33.96
N VAL DA 242 -89.45 52.66 33.94
CA VAL DA 242 -88.39 52.28 34.87
C VAL DA 242 -88.00 53.54 35.65
N ARG DA 243 -88.08 53.47 36.97
CA ARG DA 243 -87.58 54.54 37.83
C ARG DA 243 -86.12 54.29 38.17
N LEU DA 244 -85.28 55.27 37.83
CA LEU DA 244 -83.87 55.18 38.16
C LEU DA 244 -83.50 56.45 38.90
N TYR DA 245 -82.21 56.62 39.21
CA TYR DA 245 -81.75 57.84 39.86
C TYR DA 245 -80.30 58.10 39.49
N LEU DA 246 -79.92 59.35 39.59
CA LEU DA 246 -78.53 59.78 39.56
C LEU DA 246 -78.11 60.07 40.99
N GLN DA 247 -76.89 59.70 41.34
CA GLN DA 247 -76.52 59.81 42.74
C GLN DA 247 -75.03 60.13 42.87
N GLU DA 248 -74.72 61.04 43.77
CA GLU DA 248 -73.34 61.36 44.08
C GLU DA 248 -73.24 61.83 45.52
N THR DA 249 -72.12 61.53 46.18
CA THR DA 249 -71.93 61.94 47.55
C THR DA 249 -70.64 62.75 47.70
N LEU DA 250 -70.74 63.89 48.37
CA LEU DA 250 -69.67 64.88 48.34
C LEU DA 250 -69.76 65.82 49.54
N THR DA 251 -68.66 66.54 49.75
CA THR DA 251 -68.66 67.77 50.54
C THR DA 251 -67.73 68.74 49.85
N PHE DA 252 -67.81 70.02 50.23
CA PHE DA 252 -66.93 71.04 49.67
C PHE DA 252 -66.27 71.83 50.79
N LEU DA 253 -64.98 72.09 50.62
CA LEU DA 253 -64.17 72.83 51.57
C LEU DA 253 -63.52 74.00 50.87
N CYS DA 254 -63.54 75.17 51.51
CA CYS DA 254 -62.78 76.32 51.04
C CYS DA 254 -61.70 76.61 52.08
N TYR DA 255 -60.44 76.40 51.70
CA TYR DA 255 -59.33 76.62 52.61
C TYR DA 255 -58.84 78.06 52.64
N THR DA 256 -59.02 78.80 51.55
CA THR DA 256 -58.41 80.10 51.37
C THR DA 256 -59.52 81.14 51.16
N ALA DA 257 -59.72 81.99 52.15
CA ALA DA 257 -60.85 82.90 52.13
C ALA DA 257 -60.67 84.04 51.12
N GLU DA 258 -59.44 84.42 50.82
CA GLU DA 258 -59.18 85.60 50.02
C GLU DA 258 -58.92 85.28 48.56
N ALA DA 259 -59.20 84.06 48.13
CA ALA DA 259 -58.90 83.63 46.77
C ALA DA 259 -60.05 83.85 45.80
N SER DA 260 -61.08 84.63 46.17
CA SER DA 260 -62.23 84.77 45.29
C SER DA 260 -62.96 86.08 45.57
N VAL DA 261 -63.64 86.57 44.52
CA VAL DA 261 -64.56 87.70 44.60
C VAL DA 261 -65.90 87.29 44.04
N ALA DA 262 -66.96 87.53 44.80
CA ALA DA 262 -68.34 87.27 44.38
C ALA DA 262 -69.00 88.55 43.92
N LEU DA 263 -69.82 88.41 42.89
CA LEU DA 263 -70.53 89.56 42.34
C LEU DA 263 -72.01 89.24 42.31
N SER DA 264 -72.85 90.24 42.52
CA SER DA 264 -74.29 90.04 42.54
C SER DA 264 -74.96 91.16 41.75
N HIS DA 265 -76.26 91.01 41.54
CA HIS DA 265 -77.03 92.01 40.81
C HIS DA 265 -77.64 93.03 41.73
N MET EA 1 -64.14 53.21 -26.13
CA MET EA 1 -64.28 53.25 -27.57
C MET EA 1 -63.75 54.53 -28.18
N ASN EA 2 -63.78 54.61 -29.51
CA ASN EA 2 -63.27 55.80 -30.21
C ASN EA 2 -64.35 56.47 -31.08
N ASN EA 3 -63.94 57.30 -32.03
CA ASN EA 3 -64.91 57.98 -32.88
C ASN EA 3 -65.57 57.05 -33.92
N LEU EA 4 -64.94 55.94 -34.29
CA LEU EA 4 -65.58 54.96 -35.15
C LEU EA 4 -66.83 54.32 -34.53
N TYR EA 5 -66.91 54.27 -33.20
CA TYR EA 5 -68.05 53.65 -32.52
C TYR EA 5 -68.36 52.27 -33.11
N ARG EA 6 -67.28 51.49 -33.28
CA ARG EA 6 -67.36 50.26 -34.06
C ARG EA 6 -68.15 49.18 -33.32
N ASP EA 7 -68.04 49.13 -32.00
CA ASP EA 7 -68.76 48.13 -31.22
C ASP EA 7 -70.26 48.39 -31.15
N LEU EA 8 -70.71 49.59 -31.51
CA LEU EA 8 -72.12 49.86 -31.54
C LEU EA 8 -72.79 49.36 -32.82
N ALA EA 9 -72.01 49.03 -33.85
CA ALA EA 9 -72.58 48.58 -35.10
C ALA EA 9 -73.08 47.15 -34.97
N PRO EA 10 -74.26 46.84 -35.50
CA PRO EA 10 -74.73 45.44 -35.52
C PRO EA 10 -74.09 44.62 -36.64
N VAL EA 11 -72.79 44.43 -36.51
CA VAL EA 11 -71.96 43.73 -37.49
C VAL EA 11 -71.19 42.68 -36.72
N THR EA 12 -71.24 41.44 -37.19
CA THR EA 12 -70.52 40.38 -36.52
C THR EA 12 -69.03 40.45 -36.84
N GLU EA 13 -68.25 39.67 -36.09
CA GLU EA 13 -66.80 39.68 -36.23
C GLU EA 13 -66.37 39.16 -37.60
N ALA EA 14 -67.00 38.09 -38.07
CA ALA EA 14 -66.68 37.53 -39.39
C ALA EA 14 -67.08 38.48 -40.50
N ALA EA 15 -68.23 39.11 -40.37
CA ALA EA 15 -68.66 40.13 -41.32
C ALA EA 15 -67.72 41.32 -41.31
N TRP EA 16 -67.23 41.71 -40.13
CA TRP EA 16 -66.26 42.80 -40.04
C TRP EA 16 -64.97 42.46 -40.77
N ALA EA 17 -64.48 41.23 -40.60
CA ALA EA 17 -63.27 40.80 -41.29
C ALA EA 17 -63.45 40.81 -42.80
N GLU EA 18 -64.60 40.36 -43.29
CA GLU EA 18 -64.87 40.40 -44.72
C GLU EA 18 -64.96 41.83 -45.25
N ILE EA 19 -65.59 42.74 -44.49
CA ILE EA 19 -65.70 44.14 -44.90
C ILE EA 19 -64.33 44.81 -44.94
N GLU EA 20 -63.50 44.56 -43.92
CA GLU EA 20 -62.15 45.13 -43.88
C GLU EA 20 -61.31 44.64 -45.04
N LEU EA 21 -61.39 43.32 -45.34
CA LEU EA 21 -60.65 42.74 -46.45
C LEU EA 21 -61.08 43.34 -47.78
N GLU EA 22 -62.39 43.46 -48.00
CA GLU EA 22 -62.92 44.00 -49.25
C GLU EA 22 -62.51 45.46 -49.45
N ALA EA 23 -62.62 46.26 -48.39
CA ALA EA 23 -62.28 47.68 -48.48
C ALA EA 23 -60.78 47.88 -48.71
N ALA EA 24 -59.94 47.15 -47.98
CA ALA EA 24 -58.51 47.27 -48.14
C ALA EA 24 -58.06 46.83 -49.53
N ARG EA 25 -58.61 45.73 -50.02
CA ARG EA 25 -58.27 45.25 -51.35
C ARG EA 25 -58.66 46.23 -52.44
N THR EA 26 -59.91 46.70 -52.42
CA THR EA 26 -60.37 47.58 -53.49
C THR EA 26 -59.63 48.91 -53.46
N PHE EA 27 -59.30 49.41 -52.27
CA PHE EA 27 -58.55 50.64 -52.14
C PHE EA 27 -57.13 50.57 -52.73
N LYS EA 28 -56.36 49.56 -52.34
CA LYS EA 28 -55.00 49.40 -52.87
C LYS EA 28 -54.99 49.33 -54.38
N ARG EA 29 -55.90 48.54 -54.96
CA ARG EA 29 -55.97 48.40 -56.41
C ARG EA 29 -56.18 49.72 -57.09
N HIS EA 30 -56.94 50.59 -56.47
CA HIS EA 30 -57.26 51.88 -57.14
C HIS EA 30 -56.33 53.00 -56.69
N ILE EA 31 -55.37 52.72 -55.78
CA ILE EA 31 -54.45 53.81 -55.49
C ILE EA 31 -53.23 53.75 -56.39
N ALA EA 32 -52.94 54.86 -57.05
CA ALA EA 32 -51.69 55.03 -57.79
C ALA EA 32 -50.76 56.01 -57.07
N GLY EA 33 -51.33 56.93 -56.30
CA GLY EA 33 -50.55 58.02 -55.73
C GLY EA 33 -49.56 57.59 -54.68
N ARG EA 34 -49.93 56.63 -53.84
CA ARG EA 34 -49.05 56.19 -52.76
C ARG EA 34 -47.86 55.39 -53.26
N ARG EA 35 -47.95 54.87 -54.49
CA ARG EA 35 -46.82 54.14 -55.05
C ARG EA 35 -45.67 55.04 -55.46
N VAL EA 36 -45.92 56.32 -55.67
CA VAL EA 36 -44.90 57.23 -56.16
C VAL EA 36 -44.51 58.32 -55.16
N VAL EA 37 -45.37 58.68 -54.22
CA VAL EA 37 -45.06 59.78 -53.31
C VAL EA 37 -44.57 59.21 -52.00
N ASP EA 38 -43.90 60.04 -51.22
CA ASP EA 38 -43.53 59.67 -49.87
C ASP EA 38 -44.76 59.76 -48.98
N VAL EA 39 -45.01 58.70 -48.22
CA VAL EA 39 -46.18 58.59 -47.36
C VAL EA 39 -45.68 58.57 -45.92
N SER EA 40 -46.12 59.54 -45.13
CA SER EA 40 -45.68 59.65 -43.76
C SER EA 40 -46.36 58.62 -42.88
N ASP EA 41 -45.84 58.46 -41.68
CA ASP EA 41 -46.58 57.72 -40.67
C ASP EA 41 -47.81 58.51 -40.24
N PRO EA 42 -48.87 57.85 -39.79
CA PRO EA 42 -50.03 58.57 -39.26
C PRO EA 42 -49.69 59.40 -38.04
N GLY EA 43 -49.98 60.70 -38.10
CA GLY EA 43 -49.74 61.59 -37.00
C GLY EA 43 -50.61 61.27 -35.80
N GLY EA 44 -51.86 60.90 -36.06
CA GLY EA 44 -52.77 60.63 -34.98
C GLY EA 44 -53.97 61.54 -35.09
N PRO EA 45 -54.98 61.31 -34.25
CA PRO EA 45 -56.22 62.10 -34.34
C PRO EA 45 -56.04 63.57 -33.98
N VAL EA 46 -55.05 63.90 -33.15
CA VAL EA 46 -54.94 65.28 -32.67
C VAL EA 46 -54.23 66.14 -33.70
N THR EA 47 -53.56 65.52 -34.67
CA THR EA 47 -52.79 66.25 -35.67
C THR EA 47 -53.72 67.03 -36.60
N ALA EA 48 -53.46 68.32 -36.73
CA ALA EA 48 -54.39 69.18 -37.45
C ALA EA 48 -53.75 69.93 -38.60
N ALA EA 49 -52.45 70.17 -38.52
CA ALA EA 49 -51.78 70.96 -39.53
C ALA EA 49 -50.34 70.52 -39.66
N VAL EA 50 -49.75 70.83 -40.81
CA VAL EA 50 -48.36 70.54 -41.08
C VAL EA 50 -47.64 71.88 -41.24
N SER EA 51 -46.56 72.05 -40.49
CA SER EA 51 -45.76 73.25 -40.59
C SER EA 51 -45.00 73.28 -41.91
N THR EA 52 -45.05 74.42 -42.60
CA THR EA 52 -44.27 74.61 -43.81
C THR EA 52 -42.93 75.28 -43.53
N GLY EA 53 -42.80 75.89 -42.35
CA GLY EA 53 -41.53 76.55 -41.97
C GLY EA 53 -41.43 77.95 -42.53
N ARG EA 54 -42.48 78.45 -43.19
CA ARG EA 54 -42.44 79.85 -43.70
C ARG EA 54 -43.03 80.84 -42.69
N LEU EA 55 -42.96 82.13 -42.97
CA LEU EA 55 -43.42 83.18 -42.03
C LEU EA 55 -44.32 84.19 -42.77
N ILE EA 56 -45.36 84.70 -42.12
CA ILE EA 56 -46.27 85.66 -42.74
C ILE EA 56 -46.27 86.98 -41.99
N ASP EA 57 -45.92 88.06 -42.67
CA ASP EA 57 -45.89 89.38 -42.04
C ASP EA 57 -47.25 89.83 -41.55
N VAL EA 58 -47.34 90.18 -40.27
CA VAL EA 58 -48.60 90.71 -39.73
C VAL EA 58 -48.43 92.12 -39.17
N LYS EA 59 -49.53 92.87 -39.11
CA LYS EA 59 -49.46 94.25 -38.59
C LYS EA 59 -48.86 94.30 -37.20
N ALA EA 60 -47.72 94.97 -37.06
CA ALA EA 60 -47.02 95.08 -35.77
C ALA EA 60 -47.95 95.33 -34.59
N PRO EA 61 -47.85 94.49 -33.54
CA PRO EA 61 -48.69 94.66 -32.34
C PRO EA 61 -48.44 96.02 -31.75
N THR EA 62 -47.18 96.35 -31.46
CA THR EA 62 -46.84 97.67 -30.92
C THR EA 62 -45.59 98.21 -31.60
N ASN EA 63 -45.14 99.38 -31.16
CA ASN EA 63 -43.94 99.99 -31.72
C ASN EA 63 -42.71 99.17 -31.37
N GLY EA 64 -41.86 98.93 -32.36
CA GLY EA 64 -40.63 98.18 -32.12
C GLY EA 64 -40.83 96.68 -32.01
N VAL EA 65 -42.03 96.19 -32.28
CA VAL EA 65 -42.27 94.77 -32.24
C VAL EA 65 -42.46 94.28 -33.65
N ILE EA 66 -41.79 93.19 -33.99
CA ILE EA 66 -41.91 92.63 -35.30
C ILE EA 66 -42.58 91.30 -35.15
N ALA EA 67 -43.72 91.13 -35.78
CA ALA EA 67 -44.49 89.90 -35.63
C ALA EA 67 -44.63 89.13 -36.90
N HIS EA 68 -44.59 87.82 -36.77
CA HIS EA 68 -44.80 86.99 -37.92
C HIS EA 68 -45.61 85.77 -37.58
N LEU EA 69 -46.58 85.45 -38.41
CA LEU EA 69 -47.37 84.25 -38.23
C LEU EA 69 -46.66 83.06 -38.85
N ARG EA 70 -46.67 81.93 -38.15
CA ARG EA 70 -46.17 80.70 -38.74
C ARG EA 70 -47.16 80.17 -39.77
N ALA EA 71 -46.67 79.84 -40.96
CA ALA EA 71 -47.50 79.26 -41.99
C ALA EA 71 -47.66 77.76 -41.78
N SER EA 72 -48.81 77.23 -42.20
CA SER EA 72 -49.08 75.80 -42.07
C SER EA 72 -50.11 75.40 -43.11
N LYS EA 73 -50.27 74.09 -43.26
CA LYS EA 73 -51.24 73.50 -44.16
C LYS EA 73 -52.24 72.69 -43.34
N PRO EA 74 -53.54 72.94 -43.47
CA PRO EA 74 -54.52 72.16 -42.72
C PRO EA 74 -54.73 70.79 -43.32
N LEU EA 75 -54.96 69.80 -42.46
CA LEU EA 75 -55.45 68.51 -42.91
C LEU EA 75 -56.92 68.62 -43.30
N VAL EA 76 -57.35 67.75 -44.21
CA VAL EA 76 -58.75 67.61 -44.55
C VAL EA 76 -59.17 66.18 -44.22
N ARG EA 77 -60.32 66.04 -43.58
CA ARG EA 77 -60.90 64.74 -43.32
C ARG EA 77 -61.93 64.43 -44.40
N LEU EA 78 -61.75 63.30 -45.05
CA LEU EA 78 -62.56 62.87 -46.19
C LEU EA 78 -63.35 61.65 -45.74
N ARG EA 79 -64.66 61.74 -45.87
CA ARG EA 79 -65.57 60.71 -45.42
C ARG EA 79 -66.51 60.30 -46.55
N VAL EA 80 -66.58 59.01 -46.81
CA VAL EA 80 -67.47 58.44 -47.80
C VAL EA 80 -68.43 57.49 -47.09
N PRO EA 81 -69.67 57.91 -46.88
CA PRO EA 81 -70.66 56.99 -46.30
C PRO EA 81 -71.11 55.94 -47.29
N PHE EA 82 -71.50 54.78 -46.76
CA PHE EA 82 -72.07 53.70 -47.56
C PHE EA 82 -73.03 52.90 -46.70
N THR EA 83 -73.87 52.12 -47.37
CA THR EA 83 -75.00 51.45 -46.73
C THR EA 83 -74.97 49.97 -47.03
N LEU EA 84 -75.03 49.14 -45.99
CA LEU EA 84 -74.99 47.70 -46.14
C LEU EA 84 -76.32 47.08 -45.74
N SER EA 85 -76.72 46.07 -46.50
CA SER EA 85 -77.87 45.24 -46.13
C SER EA 85 -77.52 44.38 -44.91
N ARG EA 86 -78.42 44.36 -43.93
CA ARG EA 86 -78.20 43.55 -42.74
C ARG EA 86 -78.38 42.06 -43.02
N ASN EA 87 -79.16 41.72 -44.04
CA ASN EA 87 -79.28 40.32 -44.46
C ASN EA 87 -77.95 39.78 -44.97
N GLU EA 88 -77.24 40.58 -45.78
CA GLU EA 88 -75.92 40.18 -46.26
C GLU EA 88 -74.93 40.03 -45.11
N ILE EA 89 -75.04 40.89 -44.10
CA ILE EA 89 -74.18 40.78 -42.92
C ILE EA 89 -74.49 39.50 -42.15
N ASP EA 90 -75.78 39.19 -41.98
CA ASP EA 90 -76.18 37.98 -41.27
C ASP EA 90 -75.82 36.70 -42.03
N ASP EA 91 -75.72 36.79 -43.37
CA ASP EA 91 -75.35 35.63 -44.18
C ASP EA 91 -73.94 35.12 -43.88
N VAL EA 92 -73.05 36.00 -43.40
CA VAL EA 92 -71.63 35.65 -43.28
C VAL EA 92 -71.42 34.60 -42.20
N GLU EA 93 -72.12 34.71 -41.08
CA GLU EA 93 -71.92 33.73 -39.99
C GLU EA 93 -72.48 32.37 -40.42
N ARG EA 94 -73.56 32.37 -41.20
CA ARG EA 94 -74.10 31.12 -41.70
C ARG EA 94 -73.20 30.45 -42.74
N GLY EA 95 -72.15 31.11 -43.20
CA GLY EA 95 -71.21 30.52 -44.12
C GLY EA 95 -71.30 30.97 -45.55
N SER EA 96 -72.07 32.02 -45.85
CA SER EA 96 -72.10 32.58 -47.19
C SER EA 96 -70.76 33.20 -47.54
N LYS EA 97 -70.36 33.07 -48.80
CA LYS EA 97 -69.12 33.65 -49.29
C LYS EA 97 -69.36 34.56 -50.49
N ASP EA 98 -70.62 34.90 -50.75
CA ASP EA 98 -70.94 35.80 -51.86
C ASP EA 98 -71.78 36.98 -51.37
N SER EA 99 -71.59 37.39 -50.11
CA SER EA 99 -72.33 38.51 -49.56
C SER EA 99 -72.02 39.79 -50.33
N ASP EA 100 -73.07 40.58 -50.54
CA ASP EA 100 -72.98 41.75 -51.41
C ASP EA 100 -72.17 42.87 -50.76
N TRP EA 101 -70.90 42.97 -51.13
CA TRP EA 101 -70.06 44.03 -50.58
C TRP EA 101 -69.82 45.09 -51.64
N GLU EA 102 -70.75 45.21 -52.58
CA GLU EA 102 -70.63 46.26 -53.60
C GLU EA 102 -70.58 47.69 -53.04
N PRO EA 103 -71.40 48.00 -51.99
CA PRO EA 103 -71.27 49.37 -51.48
C PRO EA 103 -69.90 49.60 -50.87
N VAL EA 104 -69.34 48.62 -50.17
CA VAL EA 104 -67.98 48.76 -49.65
C VAL EA 104 -66.99 49.01 -50.77
N LYS EA 105 -67.14 48.28 -51.89
CA LYS EA 105 -66.25 48.46 -53.02
C LYS EA 105 -66.42 49.82 -53.67
N GLU EA 106 -67.67 50.29 -53.78
CA GLU EA 106 -67.91 51.61 -54.35
C GLU EA 106 -67.39 52.72 -53.44
N ALA EA 107 -67.51 52.56 -52.13
CA ALA EA 107 -66.96 53.54 -51.20
C ALA EA 107 -65.44 53.57 -51.24
N ALA EA 108 -64.81 52.39 -51.32
CA ALA EA 108 -63.35 52.34 -51.41
C ALA EA 108 -62.85 52.92 -52.72
N LYS EA 109 -63.55 52.65 -53.81
CA LYS EA 109 -63.17 53.23 -55.09
C LYS EA 109 -63.34 54.74 -55.09
N LYS EA 110 -64.41 55.24 -54.46
CA LYS EA 110 -64.63 56.68 -54.43
C LYS EA 110 -63.62 57.39 -53.54
N LEU EA 111 -63.28 56.77 -52.40
CA LEU EA 111 -62.26 57.35 -51.49
C LEU EA 111 -60.91 57.37 -52.21
N ALA EA 112 -60.54 56.26 -52.86
CA ALA EA 112 -59.29 56.20 -53.59
C ALA EA 112 -59.24 57.24 -54.71
N PHE EA 113 -60.37 57.44 -55.41
CA PHE EA 113 -60.43 58.44 -56.46
C PHE EA 113 -60.27 59.84 -55.91
N VAL EA 114 -60.89 60.14 -54.78
CA VAL EA 114 -60.71 61.45 -54.17
C VAL EA 114 -59.26 61.66 -53.80
N GLU EA 115 -58.66 60.69 -53.09
CA GLU EA 115 -57.27 60.86 -52.66
C GLU EA 115 -56.32 61.08 -53.84
N ASP EA 116 -56.48 60.28 -54.91
CA ASP EA 116 -55.61 60.43 -56.07
C ASP EA 116 -55.85 61.74 -56.80
N ARG EA 117 -57.11 62.16 -56.94
CA ARG EA 117 -57.40 63.43 -57.60
C ARG EA 117 -56.95 64.62 -56.75
N THR EA 118 -56.91 64.45 -55.44
CA THR EA 118 -56.40 65.48 -54.57
C THR EA 118 -54.88 65.60 -54.71
N ILE EA 119 -54.17 64.47 -54.77
CA ILE EA 119 -52.73 64.49 -54.94
C ILE EA 119 -52.34 65.07 -56.31
N PHE EA 120 -53.03 64.67 -57.36
CA PHE EA 120 -52.55 65.05 -58.69
C PHE EA 120 -53.23 66.28 -59.28
N GLU EA 121 -54.45 66.60 -58.89
CA GLU EA 121 -55.15 67.75 -59.43
C GLU EA 121 -55.45 68.81 -58.39
N GLY EA 122 -55.13 68.54 -57.15
CA GLY EA 122 -55.39 69.49 -56.10
C GLY EA 122 -56.80 69.65 -55.58
N TYR EA 123 -56.93 70.31 -54.44
CA TYR EA 123 -58.22 70.53 -53.84
C TYR EA 123 -58.04 71.92 -53.29
N SER EA 124 -58.44 72.91 -54.05
CA SER EA 124 -58.24 74.30 -53.64
C SER EA 124 -58.88 74.70 -52.31
N ALA EA 125 -60.06 74.20 -52.02
CA ALA EA 125 -60.74 74.51 -50.76
C ALA EA 125 -59.94 74.02 -49.56
N ALA EA 126 -59.17 72.95 -49.73
CA ALA EA 126 -58.30 72.46 -48.68
C ALA EA 126 -56.88 73.01 -48.79
N SER EA 127 -56.68 74.02 -49.65
CA SER EA 127 -55.39 74.69 -49.90
C SER EA 127 -54.32 73.69 -50.34
N ILE EA 128 -54.71 72.73 -51.17
CA ILE EA 128 -53.80 71.74 -51.71
C ILE EA 128 -53.63 72.02 -53.19
N GLU EA 129 -52.39 72.28 -53.60
CA GLU EA 129 -52.06 72.43 -55.00
C GLU EA 129 -51.69 71.07 -55.56
N GLY EA 130 -52.25 70.73 -56.71
CA GLY EA 130 -51.93 69.46 -57.32
C GLY EA 130 -50.53 69.43 -57.92
N ILE EA 131 -50.10 68.23 -58.27
CA ILE EA 131 -48.83 68.05 -58.96
C ILE EA 131 -48.88 68.71 -60.33
N ARG EA 132 -50.03 68.66 -61.00
CA ARG EA 132 -50.20 69.32 -62.30
C ARG EA 132 -50.05 70.83 -62.18
N SER EA 133 -50.65 71.43 -61.15
CA SER EA 133 -50.54 72.87 -60.99
C SER EA 133 -49.19 73.30 -60.45
N ALA EA 134 -48.55 72.50 -59.61
CA ALA EA 134 -47.28 72.86 -59.01
C ALA EA 134 -46.09 72.51 -59.89
N SER EA 135 -46.30 71.87 -61.03
CA SER EA 135 -45.19 71.54 -61.91
C SER EA 135 -44.70 72.78 -62.64
N SER EA 136 -43.38 72.98 -62.66
CA SER EA 136 -42.78 74.08 -63.41
C SER EA 136 -42.37 73.67 -64.81
N ASN EA 137 -42.29 72.38 -65.10
CA ASN EA 137 -41.99 71.91 -66.44
C ASN EA 137 -43.19 72.17 -67.37
N PRO EA 138 -42.94 72.36 -68.67
CA PRO EA 138 -44.05 72.64 -69.59
C PRO EA 138 -45.01 71.46 -69.72
N ALA EA 139 -46.27 71.78 -69.96
CA ALA EA 139 -47.29 70.77 -70.15
C ALA EA 139 -47.31 70.32 -71.60
N LEU EA 140 -47.63 69.04 -71.80
CA LEU EA 140 -47.62 68.44 -73.12
C LEU EA 140 -49.02 67.97 -73.47
N THR EA 141 -49.28 67.87 -74.77
CA THR EA 141 -50.56 67.40 -75.27
C THR EA 141 -50.42 65.96 -75.73
N LEU EA 142 -51.31 65.09 -75.24
CA LEU EA 142 -51.30 63.70 -75.67
C LEU EA 142 -51.99 63.60 -77.02
N PRO EA 143 -51.38 62.88 -77.97
CA PRO EA 143 -51.93 62.77 -79.32
C PRO EA 143 -53.14 61.83 -79.37
N GLU EA 144 -53.91 61.92 -80.45
CA GLU EA 144 -55.07 61.06 -80.61
C GLU EA 144 -54.67 59.61 -80.90
N ASP EA 145 -53.68 59.42 -81.75
CA ASP EA 145 -53.23 58.09 -82.11
C ASP EA 145 -52.41 57.50 -80.95
N PRO EA 146 -52.79 56.34 -80.42
CA PRO EA 146 -51.98 55.72 -79.36
C PRO EA 146 -50.57 55.32 -79.78
N ARG EA 147 -50.34 55.06 -81.07
CA ARG EA 147 -49.00 54.76 -81.56
C ARG EA 147 -48.07 55.95 -81.45
N GLU EA 148 -48.61 57.15 -81.35
CA GLU EA 148 -47.83 58.36 -81.11
C GLU EA 148 -47.71 58.72 -79.64
N ILE EA 149 -48.26 57.90 -78.74
CA ILE EA 149 -48.09 58.18 -77.31
C ILE EA 149 -46.62 58.08 -76.86
N PRO EA 150 -45.91 56.96 -77.15
CA PRO EA 150 -44.54 56.88 -76.64
C PRO EA 150 -43.63 58.04 -77.07
N ASP EA 151 -43.89 58.64 -78.24
CA ASP EA 151 -43.09 59.77 -78.68
C ASP EA 151 -43.22 60.93 -77.69
N VAL EA 152 -44.45 61.38 -77.45
CA VAL EA 152 -44.69 62.50 -76.54
C VAL EA 152 -44.18 62.20 -75.14
N ILE EA 153 -44.43 61.00 -74.64
CA ILE EA 153 -43.89 60.59 -73.34
C ILE EA 153 -42.39 60.77 -73.29
N SER EA 154 -41.69 60.40 -74.37
CA SER EA 154 -40.22 60.58 -74.46
C SER EA 154 -39.84 62.06 -74.38
N GLN EA 155 -40.67 62.95 -74.95
CA GLN EA 155 -40.43 64.39 -74.83
C GLN EA 155 -40.54 64.84 -73.39
N ALA EA 156 -41.49 64.26 -72.64
CA ALA EA 156 -41.57 64.50 -71.21
C ALA EA 156 -40.33 64.03 -70.50
N LEU EA 157 -39.78 62.89 -70.92
CA LEU EA 157 -38.52 62.41 -70.36
C LEU EA 157 -37.37 63.34 -70.73
N SER EA 158 -37.49 64.09 -71.82
CA SER EA 158 -36.48 65.09 -72.11
C SER EA 158 -36.54 66.22 -71.09
N GLU EA 159 -37.75 66.62 -70.67
CA GLU EA 159 -37.91 67.81 -69.85
C GLU EA 159 -37.35 67.61 -68.44
N LEU EA 160 -37.64 66.45 -67.82
CA LEU EA 160 -36.99 66.08 -66.56
C LEU EA 160 -35.49 65.96 -66.71
N ARG EA 161 -35.00 65.62 -67.91
CA ARG EA 161 -33.56 65.62 -68.10
C ARG EA 161 -33.03 67.04 -68.25
N LEU EA 162 -33.82 67.93 -68.85
CA LEU EA 162 -33.43 69.33 -68.93
C LEU EA 162 -33.62 70.06 -67.61
N ALA EA 163 -34.41 69.50 -66.71
CA ALA EA 163 -34.59 70.07 -65.38
C ALA EA 163 -33.48 69.65 -64.41
N GLY EA 164 -32.56 68.79 -64.85
CA GLY EA 164 -31.50 68.29 -63.96
C GLY EA 164 -32.08 67.44 -62.86
N VAL EA 165 -32.64 66.28 -63.21
CA VAL EA 165 -33.26 65.40 -62.21
C VAL EA 165 -32.85 63.96 -62.42
N ASP EA 166 -32.51 63.26 -61.34
CA ASP EA 166 -32.15 61.84 -61.45
C ASP EA 166 -33.26 60.96 -60.91
N GLY EA 167 -32.98 59.68 -60.71
CA GLY EA 167 -33.96 58.78 -60.14
C GLY EA 167 -34.80 57.96 -61.12
N PRO EA 168 -35.45 56.89 -60.62
CA PRO EA 168 -36.27 56.07 -61.48
C PRO EA 168 -37.49 56.89 -61.89
N TYR EA 169 -37.72 57.09 -63.18
CA TYR EA 169 -38.91 57.83 -63.57
C TYR EA 169 -40.15 56.93 -63.70
N SER EA 170 -41.33 57.43 -63.33
CA SER EA 170 -42.48 56.53 -63.46
C SER EA 170 -43.60 57.22 -64.24
N VAL EA 171 -44.34 56.46 -65.05
CA VAL EA 171 -45.39 57.05 -65.86
C VAL EA 171 -46.73 56.58 -65.31
N LEU EA 172 -47.60 57.54 -65.05
CA LEU EA 172 -48.94 57.23 -64.56
C LEU EA 172 -49.89 57.64 -65.66
N LEU EA 173 -50.84 56.79 -66.00
CA LEU EA 173 -51.75 57.04 -67.10
C LEU EA 173 -53.18 57.05 -66.58
N SER EA 174 -54.01 57.89 -67.20
CA SER EA 174 -55.44 57.81 -66.95
C SER EA 174 -55.99 56.51 -67.54
N ALA EA 175 -57.19 56.15 -67.09
CA ALA EA 175 -57.81 54.89 -67.49
C ALA EA 175 -58.08 54.85 -69.00
N ASP EA 176 -58.47 55.99 -69.58
CA ASP EA 176 -58.63 56.09 -71.03
C ASP EA 176 -57.32 55.86 -71.75
N VAL EA 177 -56.26 56.50 -71.28
CA VAL EA 177 -54.95 56.39 -71.93
C VAL EA 177 -54.37 55.01 -71.70
N TYR EA 178 -54.54 54.45 -70.50
CA TYR EA 178 -54.07 53.10 -70.20
C TYR EA 178 -54.78 52.07 -71.07
N THR EA 179 -56.09 52.21 -71.26
CA THR EA 179 -56.84 51.33 -72.14
C THR EA 179 -56.39 51.48 -73.60
N LYS EA 180 -56.15 52.72 -74.04
CA LYS EA 180 -55.70 52.96 -75.41
C LYS EA 180 -54.33 52.35 -75.69
N VAL EA 181 -53.39 52.49 -74.77
CA VAL EA 181 -52.07 51.91 -75.00
C VAL EA 181 -52.03 50.43 -74.66
N SER EA 182 -53.06 49.91 -73.99
CA SER EA 182 -53.14 48.48 -73.73
C SER EA 182 -53.73 47.71 -74.90
N GLU EA 183 -54.73 48.28 -75.56
CA GLU EA 183 -55.48 47.55 -76.57
C GLU EA 183 -54.90 47.71 -77.97
N THR EA 184 -54.07 48.72 -78.20
CA THR EA 184 -53.39 48.88 -79.46
C THR EA 184 -52.07 48.15 -79.39
N SER EA 185 -51.74 47.41 -80.43
CA SER EA 185 -50.53 46.59 -80.44
C SER EA 185 -49.68 46.91 -81.65
N ASP EA 186 -48.37 46.76 -81.49
CA ASP EA 186 -47.42 46.93 -82.57
C ASP EA 186 -46.32 45.90 -82.42
N HIS EA 187 -46.16 45.05 -83.43
CA HIS EA 187 -45.11 44.02 -83.52
C HIS EA 187 -45.14 43.06 -82.33
N GLY EA 188 -46.34 42.59 -82.00
CA GLY EA 188 -46.50 41.57 -80.99
C GLY EA 188 -46.49 42.07 -79.56
N TYR EA 189 -46.43 43.37 -79.35
CA TYR EA 189 -46.53 43.94 -78.02
C TYR EA 189 -47.52 45.10 -78.04
N PRO EA 190 -48.27 45.29 -76.96
CA PRO EA 190 -49.05 46.51 -76.83
C PRO EA 190 -48.14 47.70 -76.57
N ILE EA 191 -48.70 48.90 -76.78
CA ILE EA 191 -47.95 50.14 -76.63
C ILE EA 191 -47.53 50.36 -75.19
N ARG EA 192 -48.23 49.75 -74.23
CA ARG EA 192 -47.84 49.78 -72.83
C ARG EA 192 -46.44 49.20 -72.62
N GLU EA 193 -46.11 48.14 -73.35
CA GLU EA 193 -44.76 47.58 -73.28
C GLU EA 193 -43.73 48.56 -73.87
N HIS EA 194 -44.10 49.27 -74.95
CA HIS EA 194 -43.23 50.30 -75.51
C HIS EA 194 -42.98 51.42 -74.51
N LEU EA 195 -43.99 51.78 -73.72
CA LEU EA 195 -43.78 52.73 -72.63
C LEU EA 195 -42.89 52.15 -71.55
N ASN EA 196 -43.03 50.85 -71.28
CA ASN EA 196 -42.21 50.19 -70.27
C ASN EA 196 -40.74 50.18 -70.64
N ARG EA 197 -40.43 50.14 -71.94
CA ARG EA 197 -39.03 50.17 -72.36
C ARG EA 197 -38.37 51.52 -72.14
N LEU EA 198 -39.14 52.61 -72.16
CA LEU EA 198 -38.58 53.99 -72.02
C LEU EA 198 -38.13 54.31 -70.59
N VAL EA 199 -38.73 53.68 -69.57
CA VAL EA 199 -38.42 54.09 -68.17
C VAL EA 199 -37.90 52.93 -67.33
N ASP EA 200 -37.23 53.25 -66.23
CA ASP EA 200 -36.71 52.21 -65.30
C ASP EA 200 -37.67 52.14 -64.12
N GLY EA 201 -38.78 52.86 -64.20
CA GLY EA 201 -39.78 52.83 -63.13
C GLY EA 201 -40.92 51.91 -63.51
N ASP EA 202 -42.16 52.39 -63.49
CA ASP EA 202 -43.29 51.47 -63.74
C ASP EA 202 -44.41 52.16 -64.52
N ILE EA 203 -45.06 51.45 -65.43
CA ILE EA 203 -46.28 52.04 -66.04
C ILE EA 203 -47.36 51.76 -65.01
N ILE EA 204 -48.00 52.79 -64.50
CA ILE EA 204 -48.92 52.67 -63.39
C ILE EA 204 -50.32 53.08 -63.86
N TRP EA 205 -51.27 52.19 -63.65
CA TRP EA 205 -52.67 52.49 -63.95
C TRP EA 205 -53.20 53.46 -62.90
N ALA EA 206 -53.70 54.60 -63.35
CA ALA EA 206 -54.19 55.66 -62.46
C ALA EA 206 -55.57 56.09 -62.94
N PRO EA 207 -56.61 55.34 -62.57
CA PRO EA 207 -57.96 55.61 -63.12
C PRO EA 207 -58.60 56.90 -62.65
N ALA EA 208 -58.09 57.55 -61.61
CA ALA EA 208 -58.74 58.78 -61.14
C ALA EA 208 -58.26 60.01 -61.89
N ILE EA 209 -57.02 60.03 -62.34
CA ILE EA 209 -56.41 61.22 -62.94
C ILE EA 209 -56.94 61.47 -64.34
N ASP EA 210 -56.67 62.66 -64.85
CA ASP EA 210 -56.80 62.97 -66.27
C ASP EA 210 -55.42 63.02 -66.90
N GLY EA 211 -55.39 62.73 -68.20
CA GLY EA 211 -54.14 62.78 -68.94
C GLY EA 211 -53.09 61.81 -68.47
N ALA EA 212 -51.87 62.31 -68.27
CA ALA EA 212 -50.78 61.45 -67.87
C ALA EA 212 -49.80 62.25 -67.03
N PHE EA 213 -48.97 61.54 -66.28
CA PHE EA 213 -47.97 62.21 -65.45
C PHE EA 213 -46.68 61.41 -65.54
N VAL EA 214 -45.56 62.08 -65.80
CA VAL EA 214 -44.25 61.38 -65.76
C VAL EA 214 -43.49 62.04 -64.62
N LEU EA 215 -42.87 61.24 -63.77
CA LEU EA 215 -42.22 61.87 -62.61
C LEU EA 215 -41.16 60.96 -62.01
N THR EA 216 -40.26 61.55 -61.24
CA THR EA 216 -39.19 60.80 -60.58
C THR EA 216 -39.65 60.27 -59.23
N THR EA 217 -39.15 59.10 -58.87
CA THR EA 217 -39.47 58.50 -57.58
C THR EA 217 -38.21 58.38 -56.74
N ARG EA 218 -37.32 59.34 -56.89
CA ARG EA 218 -36.06 59.32 -56.13
C ARG EA 218 -36.29 59.57 -54.65
N GLY EA 219 -37.41 60.19 -54.28
CA GLY EA 219 -37.68 60.44 -52.89
C GLY EA 219 -37.55 61.92 -52.54
N GLY EA 220 -38.29 62.34 -51.53
CA GLY EA 220 -38.17 63.67 -50.99
C GLY EA 220 -38.78 64.78 -51.84
N ASP EA 221 -39.53 64.45 -52.88
CA ASP EA 221 -40.08 65.49 -53.74
C ASP EA 221 -41.57 65.69 -53.49
N PHE EA 222 -42.29 64.60 -53.18
CA PHE EA 222 -43.72 64.62 -53.05
C PHE EA 222 -44.06 63.94 -51.73
N ASP EA 223 -44.88 64.58 -50.90
CA ASP EA 223 -45.07 64.12 -49.54
C ASP EA 223 -46.56 64.12 -49.22
N LEU EA 224 -47.10 62.94 -48.93
CA LEU EA 224 -48.48 62.81 -48.47
C LEU EA 224 -48.45 62.68 -46.96
N GLN EA 225 -49.09 63.63 -46.27
CA GLN EA 225 -49.14 63.60 -44.81
C GLN EA 225 -50.47 63.07 -44.34
N LEU EA 226 -50.41 62.01 -43.54
CA LEU EA 226 -51.59 61.42 -43.00
C LEU EA 226 -51.74 61.67 -41.54
N GLY EA 227 -52.90 62.15 -41.11
CA GLY EA 227 -53.13 62.23 -39.67
C GLY EA 227 -53.55 60.83 -39.30
N THR EA 228 -54.61 60.34 -39.94
CA THR EA 228 -55.08 58.96 -39.73
C THR EA 228 -55.30 58.29 -41.08
N ASP EA 229 -54.87 57.04 -41.21
CA ASP EA 229 -55.07 56.28 -42.48
C ASP EA 229 -56.53 55.88 -42.62
N VAL EA 230 -56.86 55.15 -43.68
CA VAL EA 230 -58.27 54.74 -43.97
C VAL EA 230 -58.85 53.88 -42.84
N ALA EA 231 -60.01 54.27 -42.33
CA ALA EA 231 -60.68 53.53 -41.27
C ALA EA 231 -62.16 53.42 -41.58
N ILE EA 232 -62.81 52.40 -41.03
CA ILE EA 232 -64.23 52.20 -41.24
C ILE EA 232 -64.95 52.53 -39.94
N GLY EA 233 -65.95 53.42 -40.02
CA GLY EA 233 -66.69 53.86 -38.86
C GLY EA 233 -68.18 53.64 -39.02
N TYR EA 234 -68.87 53.65 -37.88
CA TYR EA 234 -70.29 53.35 -37.81
C TYR EA 234 -71.09 54.63 -37.59
N ALA EA 235 -72.11 54.85 -38.43
CA ALA EA 235 -72.93 56.07 -38.31
C ALA EA 235 -74.24 55.75 -37.60
N SER EA 236 -75.11 54.96 -38.23
CA SER EA 236 -76.41 54.61 -37.67
C SER EA 236 -76.93 53.35 -38.33
N HIS EA 237 -78.04 52.80 -37.79
CA HIS EA 237 -78.60 51.52 -38.31
C HIS EA 237 -80.12 51.46 -38.16
N ASP EA 238 -80.79 50.66 -38.97
CA ASP EA 238 -82.25 50.44 -38.83
C ASP EA 238 -82.46 48.92 -38.88
N THR EA 239 -83.68 48.46 -39.09
CA THR EA 239 -83.96 47.00 -39.13
C THR EA 239 -83.34 46.39 -40.37
N ASP EA 240 -83.22 47.15 -41.45
CA ASP EA 240 -82.77 46.56 -42.69
C ASP EA 240 -81.32 46.84 -43.04
N THR EA 241 -80.77 47.99 -42.65
CA THR EA 241 -79.49 48.43 -43.17
C THR EA 241 -78.62 48.99 -42.06
N VAL EA 242 -77.31 48.99 -42.33
CA VAL EA 242 -76.33 49.64 -41.47
C VAL EA 242 -75.63 50.70 -42.31
N ARG EA 243 -75.65 51.94 -41.84
CA ARG EA 243 -74.89 53.02 -42.45
C ARG EA 243 -73.50 53.10 -41.81
N LEU EA 244 -72.48 52.97 -42.65
CA LEU EA 244 -71.11 53.10 -42.18
C LEU EA 244 -70.41 54.13 -43.05
N TYR EA 245 -69.11 54.33 -42.84
CA TYR EA 245 -68.34 55.25 -43.67
C TYR EA 245 -66.90 54.81 -43.72
N LEU EA 246 -66.23 55.23 -44.78
CA LEU EA 246 -64.79 55.17 -44.89
C LEU EA 246 -64.24 56.56 -44.63
N GLN EA 247 -63.13 56.64 -43.92
CA GLN EA 247 -62.68 57.96 -43.50
C GLN EA 247 -61.16 58.00 -43.45
N GLU EA 248 -60.60 59.09 -43.94
CA GLU EA 248 -59.17 59.31 -43.86
C GLU EA 248 -58.90 60.80 -43.81
N THR EA 249 -57.85 61.21 -43.10
CA THR EA 249 -57.50 62.62 -43.01
C THR EA 249 -56.06 62.83 -43.44
N LEU EA 250 -55.86 63.83 -44.32
CA LEU EA 250 -54.59 63.98 -45.01
C LEU EA 250 -54.40 65.39 -45.53
N THR EA 251 -53.16 65.69 -45.90
CA THR EA 251 -52.84 66.80 -46.79
C THR EA 251 -51.73 66.32 -47.71
N PHE EA 252 -51.50 67.07 -48.79
CA PHE EA 252 -50.43 66.75 -49.72
C PHE EA 252 -49.56 67.96 -49.97
N LEU EA 253 -48.24 67.73 -50.00
CA LEU EA 253 -47.25 68.76 -50.21
C LEU EA 253 -46.37 68.37 -51.38
N CYS EA 254 -46.09 69.31 -52.27
CA CYS EA 254 -45.10 69.13 -53.32
C CYS EA 254 -43.94 70.07 -53.05
N TYR EA 255 -42.79 69.51 -52.72
CA TYR EA 255 -41.61 70.31 -52.40
C TYR EA 255 -40.80 70.70 -53.62
N THR EA 256 -40.85 69.91 -54.68
CA THR EA 256 -39.97 70.06 -55.83
C THR EA 256 -40.81 70.30 -57.07
N ALA EA 257 -40.76 71.52 -57.60
CA ALA EA 257 -41.65 71.90 -58.68
C ALA EA 257 -41.26 71.27 -60.02
N GLU EA 258 -39.98 70.95 -60.20
CA GLU EA 258 -39.50 70.51 -61.50
C GLU EA 258 -39.39 69.00 -61.62
N ALA EA 259 -39.97 68.26 -60.67
CA ALA EA 259 -39.84 66.81 -60.65
C ALA EA 259 -40.95 66.09 -61.40
N SER EA 260 -41.75 66.79 -62.20
CA SER EA 260 -42.87 66.14 -62.85
C SER EA 260 -43.27 66.87 -64.14
N VAL EA 261 -43.86 66.11 -65.06
CA VAL EA 261 -44.49 66.63 -66.28
C VAL EA 261 -45.91 66.12 -66.34
N ALA EA 262 -46.87 67.04 -66.54
CA ALA EA 262 -48.27 66.73 -66.72
C ALA EA 262 -48.63 66.75 -68.20
N LEU EA 263 -49.52 65.83 -68.57
CA LEU EA 263 -49.97 65.74 -69.94
C LEU EA 263 -51.48 65.78 -69.95
N SER EA 264 -52.05 66.37 -70.99
CA SER EA 264 -53.50 66.51 -71.11
C SER EA 264 -53.92 66.16 -72.52
N HIS EA 265 -55.22 66.08 -72.72
CA HIS EA 265 -55.78 65.77 -74.03
C HIS EA 265 -56.10 67.03 -74.82
N MET FA 1 -64.89 -53.07 2.37
CA MET FA 1 -66.22 -52.62 1.97
C MET FA 1 -67.18 -52.55 3.13
N ASN FA 2 -68.40 -52.08 2.87
CA ASN FA 2 -69.42 -51.95 3.92
C ASN FA 2 -70.69 -52.77 3.61
N ASN FA 3 -71.79 -52.45 4.28
CA ASN FA 3 -73.03 -53.20 4.04
C ASN FA 3 -73.70 -52.85 2.69
N LEU FA 4 -73.42 -51.69 2.12
CA LEU FA 4 -73.91 -51.39 0.77
C LEU FA 4 -73.35 -52.33 -0.30
N TYR FA 5 -72.17 -52.91 -0.07
CA TYR FA 5 -71.54 -53.79 -1.07
C TYR FA 5 -71.54 -53.15 -2.45
N ARG FA 6 -71.15 -51.87 -2.48
CA ARG FA 6 -71.34 -51.05 -3.67
C ARG FA 6 -70.40 -51.46 -4.80
N ASP FA 7 -69.18 -51.88 -4.47
CA ASP FA 7 -68.22 -52.29 -5.47
C ASP FA 7 -68.57 -53.62 -6.13
N LEU FA 8 -69.48 -54.39 -5.54
CA LEU FA 8 -69.91 -55.62 -6.16
C LEU FA 8 -70.96 -55.40 -7.24
N ALA FA 9 -71.58 -54.22 -7.28
CA ALA FA 9 -72.62 -53.95 -8.26
C ALA FA 9 -72.01 -53.73 -9.64
N PRO FA 10 -72.59 -54.30 -10.69
CA PRO FA 10 -72.11 -54.01 -12.06
C PRO FA 10 -72.63 -52.68 -12.58
N VAL FA 11 -72.16 -51.61 -11.94
CA VAL FA 11 -72.57 -50.25 -12.24
C VAL FA 11 -71.30 -49.44 -12.43
N THR FA 12 -71.21 -48.72 -13.53
CA THR FA 12 -70.02 -47.93 -13.79
C THR FA 12 -70.03 -46.67 -12.93
N GLU FA 13 -68.88 -45.98 -12.91
CA GLU FA 13 -68.72 -44.79 -12.10
C GLU FA 13 -69.62 -43.65 -12.57
N ALA FA 14 -69.73 -43.46 -13.88
CA ALA FA 14 -70.59 -42.41 -14.43
C ALA FA 14 -72.05 -42.72 -14.18
N ALA FA 15 -72.44 -44.00 -14.34
CA ALA FA 15 -73.79 -44.42 -14.03
C ALA FA 15 -74.09 -44.24 -12.54
N TRP FA 16 -73.10 -44.50 -11.68
CA TRP FA 16 -73.29 -44.29 -10.25
C TRP FA 16 -73.52 -42.82 -9.93
N ALA FA 17 -72.76 -41.93 -10.58
CA ALA FA 17 -72.94 -40.49 -10.36
C ALA FA 17 -74.32 -40.03 -10.81
N GLU FA 18 -74.80 -40.53 -11.95
CA GLU FA 18 -76.14 -40.19 -12.40
C GLU FA 18 -77.23 -40.72 -11.47
N ILE FA 19 -77.07 -41.94 -10.95
CA ILE FA 19 -78.05 -42.51 -10.02
C ILE FA 19 -78.07 -41.74 -8.70
N GLU FA 20 -76.89 -41.38 -8.18
CA GLU FA 20 -76.82 -40.60 -6.95
C GLU FA 20 -77.47 -39.23 -7.10
N LEU FA 21 -77.20 -38.57 -8.25
CA LEU FA 21 -77.79 -37.27 -8.53
C LEU FA 21 -79.31 -37.35 -8.63
N GLU FA 22 -79.82 -38.36 -9.35
CA GLU FA 22 -81.25 -38.52 -9.53
C GLU FA 22 -81.96 -38.80 -8.20
N ALA FA 23 -81.39 -39.68 -7.39
CA ALA FA 23 -81.99 -40.04 -6.11
C ALA FA 23 -81.97 -38.87 -5.13
N ALA FA 24 -80.84 -38.16 -5.05
CA ALA FA 24 -80.75 -37.01 -4.16
C ALA FA 24 -81.70 -35.90 -4.56
N ARG FA 25 -81.79 -35.63 -5.86
CA ARG FA 25 -82.69 -34.59 -6.36
C ARG FA 25 -84.14 -34.92 -6.06
N THR FA 26 -84.59 -36.12 -6.43
CA THR FA 26 -85.99 -36.48 -6.26
C THR FA 26 -86.38 -36.54 -4.78
N PHE FA 27 -85.46 -36.98 -3.93
CA PHE FA 27 -85.70 -37.02 -2.49
C PHE FA 27 -85.90 -35.63 -1.86
N LYS FA 28 -84.99 -34.70 -2.11
CA LYS FA 28 -85.12 -33.35 -1.57
C LYS FA 28 -86.43 -32.69 -1.98
N ARG FA 29 -86.80 -32.81 -3.25
CA ARG FA 29 -88.02 -32.22 -3.74
C ARG FA 29 -89.22 -32.73 -2.99
N HIS FA 30 -89.19 -33.99 -2.60
CA HIS FA 30 -90.39 -34.57 -1.95
C HIS FA 30 -90.26 -34.54 -0.43
N ILE FA 31 -89.17 -34.02 0.11
CA ILE FA 31 -89.17 -33.92 1.57
C ILE FA 31 -89.69 -32.57 2.02
N ALA FA 32 -90.69 -32.59 2.91
CA ALA FA 32 -91.15 -31.40 3.58
C ALA FA 32 -90.74 -31.40 5.05
N GLY FA 33 -90.56 -32.60 5.62
CA GLY FA 33 -90.36 -32.72 7.06
C GLY FA 33 -89.03 -32.16 7.55
N ARG FA 34 -87.96 -32.34 6.78
CA ARG FA 34 -86.65 -31.87 7.21
C ARG FA 34 -86.52 -30.36 7.16
N ARG FA 35 -87.40 -29.69 6.42
CA ARG FA 35 -87.37 -28.23 6.36
C ARG FA 35 -87.88 -27.59 7.64
N VAL FA 36 -88.64 -28.31 8.45
CA VAL FA 36 -89.25 -27.73 9.64
C VAL FA 36 -88.74 -28.33 10.94
N VAL FA 37 -88.23 -29.55 10.95
CA VAL FA 37 -87.83 -30.19 12.19
C VAL FA 37 -86.33 -30.06 12.34
N ASP FA 38 -85.86 -30.24 13.57
CA ASP FA 38 -84.43 -30.31 13.80
C ASP FA 38 -83.93 -31.68 13.36
N VAL FA 39 -82.87 -31.69 12.58
CA VAL FA 39 -82.29 -32.90 12.02
C VAL FA 39 -80.92 -33.07 12.63
N SER FA 40 -80.71 -34.20 13.30
CA SER FA 40 -79.45 -34.45 13.97
C SER FA 40 -78.38 -34.86 12.98
N ASP FA 41 -77.14 -34.86 13.45
CA ASP FA 41 -76.08 -35.50 12.68
C ASP FA 41 -76.30 -37.00 12.68
N PRO FA 42 -75.83 -37.71 11.65
CA PRO FA 42 -75.90 -39.18 11.66
C PRO FA 42 -75.10 -39.79 12.79
N GLY FA 43 -75.76 -40.61 13.62
CA GLY FA 43 -75.10 -41.28 14.71
C GLY FA 43 -74.09 -42.30 14.24
N GLY FA 44 -74.41 -43.00 13.17
CA GLY FA 44 -73.52 -44.03 12.67
C GLY FA 44 -74.25 -45.35 12.66
N PRO FA 45 -73.62 -46.38 12.08
CA PRO FA 45 -74.28 -47.68 11.97
C PRO FA 45 -74.53 -48.37 13.30
N VAL FA 46 -73.74 -48.09 14.33
CA VAL FA 46 -73.87 -48.82 15.58
C VAL FA 46 -75.00 -48.27 16.42
N THR FA 47 -75.47 -47.06 16.09
CA THR FA 47 -76.49 -46.38 16.88
C THR FA 47 -77.82 -47.10 16.73
N ALA FA 48 -78.44 -47.44 17.85
CA ALA FA 48 -79.62 -48.31 17.81
C ALA FA 48 -80.83 -47.69 18.50
N ALA FA 49 -80.59 -46.81 19.46
CA ALA FA 49 -81.69 -46.23 20.23
C ALA FA 49 -81.31 -44.84 20.69
N VAL FA 50 -82.34 -44.06 21.00
CA VAL FA 50 -82.18 -42.72 21.53
C VAL FA 50 -82.73 -42.71 22.95
N SER FA 51 -81.92 -42.25 23.89
CA SER FA 51 -82.35 -42.13 25.27
C SER FA 51 -83.38 -41.02 25.42
N THR FA 52 -84.48 -41.32 26.11
CA THR FA 52 -85.47 -40.31 26.44
C THR FA 52 -85.23 -39.69 27.80
N GLY FA 53 -84.41 -40.33 28.64
CA GLY FA 53 -84.09 -39.80 29.97
C GLY FA 53 -85.15 -40.15 30.98
N ARG FA 54 -86.17 -40.94 30.62
CA ARG FA 54 -87.19 -41.36 31.60
C ARG FA 54 -86.83 -42.69 32.27
N LEU FA 55 -87.61 -43.13 33.25
CA LEU FA 55 -87.31 -44.37 34.02
C LEU FA 55 -88.58 -45.24 34.11
N ILE FA 56 -88.41 -46.57 34.06
CA ILE FA 56 -89.55 -47.48 34.13
C ILE FA 56 -89.44 -48.40 35.33
N ASP FA 57 -90.43 -48.35 36.21
CA ASP FA 57 -90.42 -49.19 37.41
C ASP FA 57 -90.45 -50.68 37.08
N VAL FA 58 -89.48 -51.42 37.60
CA VAL FA 58 -89.49 -52.88 37.41
C VAL FA 58 -89.54 -53.62 38.74
N LYS FA 59 -90.02 -54.87 38.71
CA LYS FA 59 -90.13 -55.67 39.93
C LYS FA 59 -88.80 -55.77 40.65
N ALA FA 60 -88.72 -55.25 41.87
CA ALA FA 60 -87.49 -55.27 42.67
C ALA FA 60 -86.73 -56.60 42.60
N PRO FA 61 -85.43 -56.54 42.24
CA PRO FA 61 -84.61 -57.76 42.18
C PRO FA 61 -84.61 -58.45 43.52
N THR FA 62 -84.23 -57.72 44.57
CA THR FA 62 -84.24 -58.28 45.92
C THR FA 62 -84.81 -57.28 46.92
N ASN FA 63 -84.81 -57.65 48.19
CA ASN FA 63 -85.33 -56.77 49.24
C ASN FA 63 -84.43 -55.55 49.40
N GLY FA 64 -85.03 -54.37 49.47
CA GLY FA 64 -84.25 -53.15 49.64
C GLY FA 64 -83.56 -52.64 48.40
N VAL FA 65 -83.84 -53.26 47.26
CA VAL FA 65 -83.26 -52.80 46.01
C VAL FA 65 -84.34 -52.15 45.18
N ILE FA 66 -84.05 -50.99 44.65
CA ILE FA 66 -85.01 -50.29 43.83
C ILE FA 66 -84.44 -50.25 42.45
N ALA FA 67 -85.17 -50.83 41.50
CA ALA FA 67 -84.68 -50.91 40.14
C ALA FA 67 -85.50 -50.16 39.15
N HIS FA 68 -84.84 -49.55 38.19
CA HIS FA 68 -85.55 -48.86 37.14
C HIS FA 68 -84.90 -49.08 35.81
N LEU FA 69 -85.70 -49.37 34.80
CA LEU FA 69 -85.20 -49.50 33.45
C LEU FA 69 -85.10 -48.13 32.79
N ARG FA 70 -84.01 -47.89 32.07
CA ARG FA 70 -83.92 -46.69 31.27
C ARG FA 70 -84.80 -46.81 30.03
N ALA FA 71 -85.61 -45.79 29.78
CA ALA FA 71 -86.46 -45.76 28.61
C ALA FA 71 -85.68 -45.26 27.39
N SER FA 72 -86.06 -45.77 26.21
CA SER FA 72 -85.41 -45.36 24.99
C SER FA 72 -86.36 -45.57 23.82
N LYS FA 73 -85.99 -45.01 22.68
CA LYS FA 73 -86.74 -45.14 21.44
C LYS FA 73 -85.87 -45.88 20.41
N PRO FA 74 -86.35 -46.96 19.82
CA PRO FA 74 -85.56 -47.67 18.82
C PRO FA 74 -85.57 -46.96 17.48
N LEU FA 75 -84.43 -47.02 16.79
CA LEU FA 75 -84.39 -46.64 15.39
C LEU FA 75 -85.08 -47.68 14.53
N VAL FA 76 -85.60 -47.25 13.39
CA VAL FA 76 -86.15 -48.15 12.38
C VAL FA 76 -85.33 -47.95 11.12
N ARG FA 77 -84.95 -49.05 10.47
CA ARG FA 77 -84.29 -49.00 9.18
C ARG FA 77 -85.33 -49.22 8.10
N LEU FA 78 -85.39 -48.30 7.16
CA LEU FA 78 -86.37 -48.27 6.10
C LEU FA 78 -85.64 -48.51 4.79
N ARG FA 79 -86.06 -49.54 4.06
CA ARG FA 79 -85.39 -49.95 2.84
C ARG FA 79 -86.42 -50.04 1.72
N VAL FA 80 -86.12 -49.39 0.60
CA VAL FA 80 -86.95 -49.43 -0.59
C VAL FA 80 -86.12 -50.02 -1.72
N PRO FA 81 -86.36 -51.28 -2.08
CA PRO FA 81 -85.66 -51.87 -3.22
C PRO FA 81 -86.18 -51.33 -4.54
N PHE FA 82 -85.31 -51.32 -5.54
CA PHE FA 82 -85.68 -50.93 -6.89
C PHE FA 82 -84.78 -51.66 -7.87
N THR FA 83 -85.21 -51.69 -9.13
CA THR FA 83 -84.61 -52.52 -10.16
C THR FA 83 -84.25 -51.68 -11.37
N LEU FA 84 -82.99 -51.76 -11.80
CA LEU FA 84 -82.51 -51.00 -12.93
C LEU FA 84 -82.16 -51.91 -14.10
N SER FA 85 -82.50 -51.46 -15.30
CA SER FA 85 -82.06 -52.12 -16.53
C SER FA 85 -80.55 -51.94 -16.71
N ARG FA 86 -79.85 -53.04 -17.02
CA ARG FA 86 -78.42 -52.95 -17.25
C ARG FA 86 -78.08 -52.29 -18.57
N ASN FA 87 -78.99 -52.34 -19.54
CA ASN FA 87 -78.80 -51.61 -20.79
C ASN FA 87 -78.76 -50.10 -20.56
N GLU FA 88 -79.66 -49.59 -19.71
CA GLU FA 88 -79.66 -48.17 -19.36
C GLU FA 88 -78.38 -47.78 -18.63
N ILE FA 89 -77.86 -48.68 -17.79
CA ILE FA 89 -76.60 -48.43 -17.10
C ILE FA 89 -75.45 -48.38 -18.09
N ASP FA 90 -75.42 -49.32 -19.05
CA ASP FA 90 -74.38 -49.35 -20.06
C ASP FA 90 -74.45 -48.17 -21.02
N ASP FA 91 -75.63 -47.59 -21.21
CA ASP FA 91 -75.79 -46.43 -22.08
C ASP FA 91 -75.03 -45.21 -21.59
N VAL FA 92 -74.79 -45.11 -20.29
CA VAL FA 92 -74.25 -43.88 -19.71
C VAL FA 92 -72.80 -43.65 -20.13
N GLU FA 93 -72.00 -44.70 -20.19
CA GLU FA 93 -70.59 -44.53 -20.59
C GLU FA 93 -70.51 -44.16 -22.08
N ARG FA 94 -71.43 -44.70 -22.89
CA ARG FA 94 -71.45 -44.33 -24.30
C ARG FA 94 -71.91 -42.90 -24.54
N GLY FA 95 -72.39 -42.20 -23.52
CA GLY FA 95 -72.76 -40.81 -23.64
C GLY FA 95 -74.24 -40.52 -23.68
N SER FA 96 -75.10 -41.50 -23.38
CA SER FA 96 -76.52 -41.23 -23.28
C SER FA 96 -76.82 -40.33 -22.09
N LYS FA 97 -77.80 -39.46 -22.27
CA LYS FA 97 -78.22 -38.55 -21.21
C LYS FA 97 -79.71 -38.68 -20.92
N ASP FA 98 -80.34 -39.72 -21.45
CA ASP FA 98 -81.76 -39.96 -21.19
C ASP FA 98 -82.00 -41.37 -20.64
N SER FA 99 -81.02 -41.91 -19.92
CA SER FA 99 -81.14 -43.24 -19.35
C SER FA 99 -82.30 -43.29 -18.35
N ASP FA 100 -83.04 -44.39 -18.40
CA ASP FA 100 -84.27 -44.52 -17.64
C ASP FA 100 -84.01 -44.67 -16.15
N TRP FA 101 -84.11 -43.57 -15.41
CA TRP FA 101 -83.90 -43.62 -13.98
C TRP FA 101 -85.24 -43.50 -13.25
N GLU FA 102 -86.31 -43.90 -13.92
CA GLU FA 102 -87.62 -43.89 -13.28
C GLU FA 102 -87.71 -44.75 -12.01
N PRO FA 103 -87.08 -45.96 -11.99
CA PRO FA 103 -87.18 -46.71 -10.73
C PRO FA 103 -86.46 -45.98 -9.60
N VAL FA 104 -85.32 -45.36 -9.88
CA VAL FA 104 -84.63 -44.57 -8.86
C VAL FA 104 -85.54 -43.46 -8.36
N LYS FA 105 -86.25 -42.78 -9.27
CA LYS FA 105 -87.14 -41.70 -8.88
C LYS FA 105 -88.32 -42.22 -8.08
N GLU FA 106 -88.87 -43.37 -8.45
CA GLU FA 106 -89.97 -43.95 -7.70
C GLU FA 106 -89.53 -44.42 -6.32
N ALA FA 107 -88.32 -44.97 -6.21
CA ALA FA 107 -87.80 -45.38 -4.91
C ALA FA 107 -87.53 -44.17 -4.02
N ALA FA 108 -86.99 -43.09 -4.58
CA ALA FA 108 -86.75 -41.89 -3.80
C ALA FA 108 -88.05 -41.23 -3.35
N LYS FA 109 -89.05 -41.22 -4.23
CA LYS FA 109 -90.35 -40.67 -3.87
C LYS FA 109 -91.02 -41.51 -2.79
N LYS FA 110 -90.88 -42.84 -2.87
CA LYS FA 110 -91.50 -43.71 -1.87
C LYS FA 110 -90.80 -43.60 -0.52
N LEU FA 111 -89.47 -43.50 -0.53
CA LEU FA 111 -88.70 -43.34 0.73
C LEU FA 111 -89.06 -41.99 1.36
N ALA FA 112 -89.11 -40.92 0.55
CA ALA FA 112 -89.48 -39.61 1.06
C ALA FA 112 -90.89 -39.61 1.64
N PHE FA 113 -91.82 -40.31 0.98
CA PHE FA 113 -93.17 -40.40 1.47
C PHE FA 113 -93.25 -41.15 2.79
N VAL FA 114 -92.49 -42.22 2.92
CA VAL FA 114 -92.47 -42.95 4.18
C VAL FA 114 -91.93 -42.05 5.28
N GLU FA 115 -90.79 -41.41 5.05
CA GLU FA 115 -90.19 -40.57 6.08
C GLU FA 115 -91.13 -39.45 6.53
N ASP FA 116 -91.78 -38.78 5.58
CA ASP FA 116 -92.69 -37.69 5.91
C ASP FA 116 -93.94 -38.20 6.62
N ARG FA 117 -94.49 -39.34 6.18
CA ARG FA 117 -95.66 -39.88 6.85
C ARG FA 117 -95.31 -40.43 8.23
N THR FA 118 -94.07 -40.86 8.43
CA THR FA 118 -93.63 -41.28 9.75
C THR FA 118 -93.50 -40.07 10.69
N ILE FA 119 -92.94 -38.97 10.20
CA ILE FA 119 -92.80 -37.78 11.03
C ILE FA 119 -94.17 -37.19 11.39
N PHE FA 120 -95.09 -37.11 10.42
CA PHE FA 120 -96.32 -36.39 10.67
C PHE FA 120 -97.50 -37.25 11.10
N GLU FA 121 -97.53 -38.53 10.72
CA GLU FA 121 -98.64 -39.40 11.09
C GLU FA 121 -98.22 -40.55 11.99
N GLY FA 122 -96.94 -40.67 12.26
CA GLY FA 122 -96.46 -41.74 13.10
C GLY FA 122 -96.35 -43.12 12.52
N TYR FA 123 -95.65 -43.99 13.22
CA TYR FA 123 -95.48 -45.36 12.79
C TYR FA 123 -95.53 -46.09 14.09
N SER FA 124 -96.70 -46.57 14.47
CA SER FA 124 -96.88 -47.22 15.75
C SER FA 124 -95.99 -48.44 16.01
N ALA FA 125 -95.77 -49.25 15.00
CA ALA FA 125 -94.93 -50.44 15.13
C ALA FA 125 -93.50 -50.07 15.51
N ALA FA 126 -93.04 -48.90 15.08
CA ALA FA 126 -91.73 -48.39 15.46
C ALA FA 126 -91.78 -47.49 16.68
N SER FA 127 -92.91 -47.46 17.39
CA SER FA 127 -93.14 -46.65 18.59
C SER FA 127 -92.92 -45.17 18.34
N ILE FA 128 -93.32 -44.69 17.18
CA ILE FA 128 -93.20 -43.29 16.80
C ILE FA 128 -94.59 -42.70 16.77
N GLU FA 129 -94.80 -41.69 17.60
CA GLU FA 129 -96.05 -40.94 17.58
C GLU FA 129 -95.89 -39.78 16.61
N GLY FA 130 -96.88 -39.60 15.75
CA GLY FA 130 -96.84 -38.51 14.79
C GLY FA 130 -97.06 -37.16 15.44
N ILE FA 131 -96.78 -36.11 14.67
CA ILE FA 131 -97.06 -34.75 15.11
C ILE FA 131 -98.56 -34.55 15.28
N ARG FA 132 -99.36 -35.16 14.41
CA ARG FA 132 -100.82 -35.07 14.53
C ARG FA 132 -101.33 -35.71 15.82
N SER FA 133 -100.78 -36.87 16.17
CA SER FA 133 -101.22 -37.53 17.39
C SER FA 133 -100.66 -36.89 18.65
N ALA FA 134 -99.44 -36.35 18.58
CA ALA FA 134 -98.80 -35.75 19.75
C ALA FA 134 -99.19 -34.30 19.97
N SER FA 135 -99.98 -33.70 19.08
CA SER FA 135 -100.39 -32.32 19.25
C SER FA 135 -101.46 -32.23 20.34
N SER FA 136 -101.29 -31.28 21.25
CA SER FA 136 -102.28 -31.01 22.28
C SER FA 136 -103.27 -29.93 21.87
N ASN FA 137 -102.98 -29.16 20.84
CA ASN FA 137 -103.92 -28.16 20.34
C ASN FA 137 -105.08 -28.85 19.63
N PRO FA 138 -106.26 -28.22 19.62
CA PRO FA 138 -107.41 -28.86 18.96
C PRO FA 138 -107.24 -29.00 17.46
N ALA FA 139 -107.83 -30.05 16.93
CA ALA FA 139 -107.79 -30.31 15.50
C ALA FA 139 -108.88 -29.54 14.79
N LEU FA 140 -108.59 -29.11 13.58
CA LEU FA 140 -109.51 -28.29 12.80
C LEU FA 140 -109.91 -29.03 11.54
N THR FA 141 -111.06 -28.66 10.99
CA THR FA 141 -111.57 -29.26 9.77
C THR FA 141 -111.36 -28.29 8.61
N LEU FA 142 -110.73 -28.77 7.55
CA LEU FA 142 -110.54 -27.94 6.36
C LEU FA 142 -111.82 -27.89 5.57
N PRO FA 143 -112.23 -26.69 5.15
CA PRO FA 143 -113.49 -26.54 4.41
C PRO FA 143 -113.40 -27.03 2.97
N GLU FA 144 -114.55 -27.24 2.34
CA GLU FA 144 -114.56 -27.69 0.95
C GLU FA 144 -114.13 -26.59 0.00
N ASP FA 145 -114.61 -25.37 0.22
CA ASP FA 145 -114.26 -24.25 -0.64
C ASP FA 145 -112.84 -23.81 -0.35
N PRO FA 146 -111.95 -23.77 -1.35
CA PRO FA 146 -110.59 -23.27 -1.11
C PRO FA 146 -110.52 -21.81 -0.70
N ARG FA 147 -111.50 -20.99 -1.07
CA ARG FA 147 -111.52 -19.60 -0.64
C ARG FA 147 -111.75 -19.46 0.85
N GLU FA 148 -112.28 -20.48 1.50
CA GLU FA 148 -112.40 -20.53 2.94
C GLU FA 148 -111.23 -21.20 3.64
N ILE FA 149 -110.20 -21.61 2.90
CA ILE FA 149 -109.01 -22.19 3.54
C ILE FA 149 -108.27 -21.16 4.43
N PRO FA 150 -107.93 -19.97 3.91
CA PRO FA 150 -107.16 -19.04 4.75
C PRO FA 150 -107.85 -18.70 6.09
N ASP FA 151 -109.17 -18.71 6.13
CA ASP FA 151 -109.88 -18.44 7.37
C ASP FA 151 -109.51 -19.48 8.43
N VAL FA 152 -109.74 -20.76 8.13
CA VAL FA 152 -109.45 -21.84 9.08
C VAL FA 152 -107.98 -21.85 9.46
N ILE FA 153 -107.08 -21.68 8.50
CA ILE FA 153 -105.66 -21.60 8.80
C ILE FA 153 -105.39 -20.51 9.83
N SER FA 154 -106.05 -19.37 9.69
CA SER FA 154 -105.90 -18.25 10.67
C SER FA 154 -106.37 -18.68 12.06
N GLN FA 155 -107.41 -19.51 12.14
CA GLN FA 155 -107.86 -20.04 13.42
C GLN FA 155 -106.80 -20.93 14.05
N ALA FA 156 -106.09 -21.70 13.22
CA ALA FA 156 -104.94 -22.45 13.70
C ALA FA 156 -103.85 -21.53 14.23
N LEU FA 157 -103.64 -20.40 13.54
CA LEU FA 157 -102.69 -19.42 14.05
C LEU FA 157 -103.16 -18.79 15.35
N SER FA 158 -104.47 -18.80 15.61
CA SER FA 158 -104.95 -18.36 16.91
C SER FA 158 -104.53 -19.34 18.00
N GLU FA 159 -104.57 -20.65 17.69
CA GLU FA 159 -104.37 -21.66 18.72
C GLU FA 159 -102.93 -21.69 19.22
N LEU FA 160 -101.96 -21.62 18.30
CA LEU FA 160 -100.56 -21.44 18.69
C LEU FA 160 -100.33 -20.15 19.44
N ARG FA 161 -101.15 -19.13 19.16
CA ARG FA 161 -101.03 -17.91 19.95
C ARG FA 161 -101.64 -18.10 21.34
N LEU FA 162 -102.70 -18.90 21.43
CA LEU FA 162 -103.29 -19.21 22.72
C LEU FA 162 -102.45 -20.22 23.50
N ALA FA 163 -101.58 -20.95 22.81
CA ALA FA 163 -100.68 -21.89 23.47
C ALA FA 163 -99.44 -21.22 24.01
N GLY FA 164 -99.27 -19.91 23.78
CA GLY FA 164 -98.06 -19.21 24.21
C GLY FA 164 -96.85 -19.71 23.46
N VAL FA 165 -96.78 -19.46 22.15
CA VAL FA 165 -95.66 -19.95 21.35
C VAL FA 165 -95.16 -18.86 20.41
N ASP FA 166 -93.84 -18.70 20.31
CA ASP FA 166 -93.27 -17.71 19.40
C ASP FA 166 -92.65 -18.39 18.19
N GLY FA 167 -91.87 -17.64 17.41
CA GLY FA 167 -91.20 -18.23 16.26
C GLY FA 167 -91.89 -18.12 14.92
N PRO FA 168 -91.14 -18.33 13.81
CA PRO FA 168 -91.72 -18.26 12.49
C PRO FA 168 -92.68 -19.43 12.33
N TYR FA 169 -93.95 -19.19 12.05
CA TYR FA 169 -94.85 -20.31 11.84
C TYR FA 169 -94.83 -20.81 10.39
N SER FA 170 -94.95 -22.12 10.18
CA SER FA 170 -94.92 -22.56 8.78
C SER FA 170 -96.13 -23.45 8.48
N VAL FA 171 -96.68 -23.35 7.27
CA VAL FA 171 -97.86 -24.12 6.93
C VAL FA 171 -97.45 -25.18 5.91
N LEU FA 172 -97.80 -26.43 6.21
CA LEU FA 172 -97.51 -27.53 5.31
C LEU FA 172 -98.84 -28.04 4.82
N LEU FA 173 -98.98 -28.24 3.52
CA LEU FA 173 -100.25 -28.64 2.93
C LEU FA 173 -100.09 -29.98 2.24
N SER FA 174 -101.15 -30.77 2.26
CA SER FA 174 -101.19 -31.96 1.42
C SER FA 174 -101.29 -31.54 -0.05
N ALA FA 175 -100.96 -32.50 -0.93
CA ALA FA 175 -100.94 -32.24 -2.36
C ALA FA 175 -102.30 -31.85 -2.91
N ASP FA 176 -103.36 -32.44 -2.38
CA ASP FA 176 -104.72 -32.04 -2.74
C ASP FA 176 -105.01 -30.60 -2.32
N VAL FA 177 -104.65 -30.26 -1.09
CA VAL FA 177 -104.90 -28.92 -0.57
C VAL FA 177 -104.00 -27.89 -1.26
N TYR FA 178 -102.74 -28.26 -1.51
CA TYR FA 178 -101.82 -27.38 -2.22
C TYR FA 178 -102.30 -27.10 -3.64
N THR FA 179 -102.79 -28.13 -4.33
CA THR FA 179 -103.36 -27.96 -5.66
C THR FA 179 -104.61 -27.08 -5.62
N LYS FA 180 -105.47 -27.29 -4.62
CA LYS FA 180 -106.70 -26.50 -4.51
C LYS FA 180 -106.42 -25.02 -4.24
N VAL FA 181 -105.46 -24.72 -3.37
CA VAL FA 181 -105.15 -23.32 -3.11
C VAL FA 181 -104.22 -22.73 -4.15
N SER FA 182 -103.62 -23.56 -5.01
CA SER FA 182 -102.81 -23.07 -6.10
C SER FA 182 -103.65 -22.71 -7.32
N GLU FA 183 -104.67 -23.50 -7.61
CA GLU FA 183 -105.41 -23.34 -8.85
C GLU FA 183 -106.60 -22.39 -8.72
N THR FA 184 -107.05 -22.12 -7.50
CA THR FA 184 -108.11 -21.15 -7.28
C THR FA 184 -107.47 -19.79 -7.06
N SER FA 185 -108.02 -18.76 -7.69
CA SER FA 185 -107.43 -17.44 -7.62
C SER FA 185 -108.47 -16.43 -7.17
N ASP FA 186 -107.99 -15.39 -6.49
CA ASP FA 186 -108.83 -14.28 -6.05
C ASP FA 186 -108.03 -13.00 -6.17
N HIS FA 187 -108.55 -12.07 -6.99
CA HIS FA 187 -107.98 -10.73 -7.20
C HIS FA 187 -106.54 -10.78 -7.69
N GLY FA 188 -106.29 -11.64 -8.68
CA GLY FA 188 -104.99 -11.69 -9.32
C GLY FA 188 -103.94 -12.49 -8.59
N TYR FA 189 -104.28 -13.14 -7.49
CA TYR FA 189 -103.36 -14.01 -6.79
C TYR FA 189 -104.06 -15.33 -6.48
N PRO FA 190 -103.34 -16.43 -6.51
CA PRO FA 190 -103.90 -17.68 -5.99
C PRO FA 190 -103.99 -17.62 -4.47
N ILE FA 191 -104.79 -18.54 -3.91
CA ILE FA 191 -105.02 -18.58 -2.47
C ILE FA 191 -103.76 -18.94 -1.71
N ARG FA 192 -102.79 -19.59 -2.39
CA ARG FA 192 -101.48 -19.87 -1.79
C ARG FA 192 -100.76 -18.58 -1.39
N GLU FA 193 -100.90 -17.52 -2.18
CA GLU FA 193 -100.34 -16.23 -1.82
C GLU FA 193 -101.06 -15.64 -0.60
N HIS FA 194 -102.38 -15.82 -0.52
CA HIS FA 194 -103.13 -15.40 0.66
C HIS FA 194 -102.67 -16.12 1.92
N LEU FA 195 -102.32 -17.41 1.79
CA LEU FA 195 -101.72 -18.12 2.91
C LEU FA 195 -100.34 -17.58 3.23
N ASN FA 196 -99.58 -17.20 2.21
CA ASN FA 196 -98.24 -16.65 2.40
C ASN FA 196 -98.28 -15.33 3.16
N ARG FA 197 -99.34 -14.55 3.01
CA ARG FA 197 -99.44 -13.29 3.74
C ARG FA 197 -99.68 -13.49 5.23
N LEU FA 198 -100.32 -14.60 5.63
CA LEU FA 198 -100.65 -14.86 7.05
C LEU FA 198 -99.42 -15.23 7.91
N VAL FA 199 -98.38 -15.82 7.31
CA VAL FA 199 -97.25 -16.33 8.14
C VAL FA 199 -95.91 -15.72 7.73
N ASP FA 200 -94.94 -15.78 8.62
CA ASP FA 200 -93.57 -15.26 8.34
C ASP FA 200 -92.69 -16.45 8.01
N GLY FA 201 -93.29 -17.63 7.90
CA GLY FA 201 -92.53 -18.84 7.54
C GLY FA 201 -92.71 -19.15 6.07
N ASP FA 202 -93.15 -20.36 5.74
CA ASP FA 202 -93.22 -20.72 4.31
C ASP FA 202 -94.42 -21.61 4.01
N ILE FA 203 -95.07 -21.43 2.86
CA ILE FA 203 -96.10 -22.42 2.47
C ILE FA 203 -95.29 -23.55 1.87
N ILE FA 204 -95.41 -24.74 2.41
CA ILE FA 204 -94.56 -25.86 2.05
C ILE FA 204 -95.43 -26.96 1.44
N TRP FA 205 -95.07 -27.39 0.23
CA TRP FA 205 -95.74 -28.50 -0.41
C TRP FA 205 -95.32 -29.79 0.28
N ALA FA 206 -96.30 -30.54 0.78
CA ALA FA 206 -96.07 -31.78 1.53
C ALA FA 206 -96.94 -32.88 0.94
N PRO FA 207 -96.52 -33.50 -0.15
CA PRO FA 207 -97.38 -34.46 -0.86
C PRO FA 207 -97.64 -35.75 -0.12
N ALA FA 208 -96.89 -36.07 0.93
CA ALA FA 208 -97.12 -37.34 1.62
C ALA FA 208 -98.20 -37.24 2.68
N ILE FA 209 -98.36 -36.09 3.31
CA ILE FA 209 -99.26 -35.93 4.46
C ILE FA 209 -100.72 -35.89 4.01
N ASP FA 210 -101.61 -36.04 4.97
CA ASP FA 210 -103.02 -35.72 4.81
C ASP FA 210 -103.32 -34.40 5.50
N GLY FA 211 -104.34 -33.71 4.99
CA GLY FA 211 -104.76 -32.46 5.58
C GLY FA 211 -103.73 -31.36 5.54
N ALA FA 212 -103.53 -30.72 6.69
CA ALA FA 212 -102.57 -29.62 6.75
C ALA FA 212 -101.97 -29.56 8.14
N PHE FA 213 -100.84 -28.88 8.23
CA PHE FA 213 -100.18 -28.72 9.55
C PHE FA 213 -99.66 -27.31 9.65
N VAL FA 214 -99.95 -26.64 10.76
CA VAL FA 214 -99.36 -25.30 10.99
C VAL FA 214 -98.46 -25.46 12.21
N LEU FA 215 -97.25 -24.94 12.15
CA LEU FA 215 -96.35 -25.19 13.29
C LEU FA 215 -95.23 -24.17 13.34
N THR FA 216 -94.61 -24.04 14.50
CA THR FA 216 -93.51 -23.12 14.70
C THR FA 216 -92.17 -23.78 14.34
N THR FA 217 -91.26 -22.98 13.79
CA THR FA 217 -89.94 -23.47 13.45
C THR FA 217 -88.89 -22.76 14.27
N ARG FA 218 -89.24 -22.45 15.52
CA ARG FA 218 -88.30 -21.76 16.41
C ARG FA 218 -87.14 -22.64 16.82
N GLY FA 219 -87.31 -23.96 16.73
CA GLY FA 219 -86.23 -24.86 17.10
C GLY FA 219 -86.52 -25.58 18.40
N GLY FA 220 -85.94 -26.76 18.54
CA GLY FA 220 -86.01 -27.51 19.78
C GLY FA 220 -87.34 -28.17 20.08
N ASP FA 221 -88.28 -28.18 19.15
CA ASP FA 221 -89.58 -28.76 19.44
C ASP FA 221 -89.76 -30.13 18.78
N PHE FA 222 -89.17 -30.30 17.60
CA PHE FA 222 -89.36 -31.50 16.79
C PHE FA 222 -87.97 -31.98 16.39
N ASP FA 223 -87.67 -33.26 16.61
CA ASP FA 223 -86.31 -33.74 16.46
C ASP FA 223 -86.33 -35.04 15.66
N LEU FA 224 -85.68 -35.03 14.50
CA LEU FA 224 -85.51 -36.23 13.70
C LEU FA 224 -84.11 -36.76 13.99
N GLN FA 225 -84.02 -37.98 14.50
CA GLN FA 225 -82.74 -38.59 14.79
C GLN FA 225 -82.36 -39.60 13.71
N LEU FA 226 -81.21 -39.36 13.12
CA LEU FA 226 -80.71 -40.25 12.09
C LEU FA 226 -79.56 -41.07 12.54
N GLY FA 227 -79.61 -42.37 12.35
CA GLY FA 227 -78.42 -43.16 12.61
C GLY FA 227 -77.59 -42.99 11.37
N THR FA 228 -78.18 -43.35 10.22
CA THR FA 228 -77.50 -43.15 8.91
C THR FA 228 -78.47 -42.47 7.95
N ASP FA 229 -77.96 -41.49 7.20
CA ASP FA 229 -78.81 -40.78 6.19
C ASP FA 229 -79.07 -41.70 4.99
N VAL FA 230 -79.77 -41.19 3.98
CA VAL FA 230 -80.13 -42.00 2.78
C VAL FA 230 -78.89 -42.50 2.04
N ALA FA 231 -78.85 -43.80 1.78
CA ALA FA 231 -77.73 -44.41 1.07
C ALA FA 231 -78.27 -45.40 0.05
N ILE FA 232 -77.48 -45.65 -0.99
CA ILE FA 232 -77.87 -46.60 -2.03
C ILE FA 232 -77.01 -47.84 -1.88
N GLY FA 233 -77.65 -49.01 -1.80
CA GLY FA 233 -76.95 -50.26 -1.60
C GLY FA 233 -77.30 -51.27 -2.68
N TYR FA 234 -76.44 -52.28 -2.80
CA TYR FA 234 -76.56 -53.28 -3.85
C TYR FA 234 -77.05 -54.60 -3.27
N ALA FA 235 -78.10 -55.17 -3.88
CA ALA FA 235 -78.67 -56.43 -3.38
C ALA FA 235 -78.17 -57.60 -4.23
N SER FA 236 -78.57 -57.67 -5.50
CA SER FA 236 -78.19 -58.75 -6.39
C SER FA 236 -78.35 -58.31 -7.84
N HIS FA 237 -77.87 -59.14 -8.78
CA HIS FA 237 -77.92 -58.78 -10.22
C HIS FA 237 -78.06 -60.01 -11.12
N ASP FA 238 -78.59 -59.82 -12.32
CA ASP FA 238 -78.66 -60.94 -13.31
C ASP FA 238 -78.12 -60.36 -14.62
N THR FA 239 -78.36 -61.03 -15.75
CA THR FA 239 -77.84 -60.56 -17.06
C THR FA 239 -78.56 -59.28 -17.46
N ASP FA 240 -79.81 -59.12 -17.05
CA ASP FA 240 -80.57 -57.97 -17.54
C ASP FA 240 -80.69 -56.83 -16.56
N THR FA 241 -80.71 -57.09 -15.26
CA THR FA 241 -81.10 -56.08 -14.29
C THR FA 241 -80.17 -56.09 -13.08
N VAL FA 242 -80.15 -54.96 -12.39
CA VAL FA 242 -79.46 -54.83 -11.10
C VAL FA 242 -80.50 -54.44 -10.07
N ARG FA 243 -80.61 -55.23 -9.01
CA ARG FA 243 -81.46 -54.89 -7.87
C ARG FA 243 -80.63 -54.09 -6.86
N LEU FA 244 -81.12 -52.89 -6.55
CA LEU FA 244 -80.47 -52.05 -5.55
C LEU FA 244 -81.53 -51.63 -4.54
N TYR FA 245 -81.17 -50.79 -3.58
CA TYR FA 245 -82.13 -50.29 -2.61
C TYR FA 245 -81.70 -48.92 -2.14
N LEU FA 246 -82.68 -48.17 -1.66
CA LEU FA 246 -82.46 -46.95 -0.90
C LEU FA 246 -82.70 -47.28 0.56
N GLN FA 247 -81.88 -46.73 1.45
CA GLN FA 247 -81.96 -47.16 2.83
C GLN FA 247 -81.63 -45.99 3.75
N GLU FA 248 -82.41 -45.87 4.82
CA GLU FA 248 -82.14 -44.87 5.84
C GLU FA 248 -82.66 -45.38 7.18
N THR FA 249 -81.99 -45.03 8.26
CA THR FA 249 -82.43 -45.45 9.58
C THR FA 249 -82.61 -44.25 10.50
N LEU FA 250 -83.76 -44.19 11.18
CA LEU FA 250 -84.17 -42.98 11.87
C LEU FA 250 -85.19 -43.30 12.96
N THR FA 251 -85.39 -42.30 13.82
CA THR FA 251 -86.57 -42.21 14.66
C THR FA 251 -86.97 -40.74 14.73
N PHE FA 252 -88.19 -40.48 15.19
CA PHE FA 252 -88.66 -39.11 15.33
C PHE FA 252 -89.22 -38.89 16.73
N LEU FA 253 -88.88 -37.74 17.30
CA LEU FA 253 -89.29 -37.35 18.65
C LEU FA 253 -89.99 -36.00 18.57
N CYS FA 254 -91.11 -35.88 19.26
CA CYS FA 254 -91.76 -34.58 19.45
C CYS FA 254 -91.68 -34.22 20.92
N TYR FA 255 -90.92 -33.17 21.23
CA TYR FA 255 -90.73 -32.75 22.61
C TYR FA 255 -91.81 -31.81 23.10
N THR FA 256 -92.43 -31.05 22.20
CA THR FA 256 -93.33 -29.96 22.58
C THR FA 256 -94.70 -30.24 21.97
N ALA FA 257 -95.67 -30.56 22.83
CA ALA FA 257 -96.97 -31.01 22.35
C ALA FA 257 -97.81 -29.86 21.78
N GLU FA 258 -97.58 -28.63 22.23
CA GLU FA 258 -98.44 -27.53 21.86
C GLU FA 258 -97.89 -26.69 20.72
N ALA FA 259 -96.87 -27.18 20.03
CA ALA FA 259 -96.21 -26.41 18.99
C ALA FA 259 -96.79 -26.65 17.60
N SER FA 260 -97.97 -27.28 17.49
CA SER FA 260 -98.50 -27.60 16.17
C SER FA 260 -100.01 -27.73 16.22
N VAL FA 261 -100.64 -27.47 15.06
CA VAL FA 261 -102.06 -27.73 14.82
C VAL FA 261 -102.18 -28.59 13.57
N ALA FA 262 -102.95 -29.68 13.69
CA ALA FA 262 -103.26 -30.58 12.59
C ALA FA 262 -104.64 -30.28 12.04
N LEU FA 263 -104.77 -30.40 10.73
CA LEU FA 263 -106.03 -30.15 10.08
C LEU FA 263 -106.38 -31.36 9.23
N SER FA 264 -107.66 -31.66 9.11
CA SER FA 264 -108.11 -32.83 8.35
C SER FA 264 -109.30 -32.43 7.50
N HIS FA 265 -109.72 -33.34 6.63
CA HIS FA 265 -110.85 -33.10 5.75
C HIS FA 265 -112.14 -33.63 6.36
N MET GA 1 -64.90 -3.75 -48.26
CA MET GA 1 -64.83 -3.07 -49.54
C MET GA 1 -65.73 -1.85 -49.60
N ASN GA 2 -65.68 -1.12 -50.72
CA ASN GA 2 -66.49 0.09 -50.88
C ASN GA 2 -67.43 0.00 -52.08
N ASN GA 3 -67.93 1.15 -52.56
CA ASN GA 3 -68.84 1.14 -53.69
C ASN GA 3 -68.14 0.85 -55.03
N LEU GA 4 -66.83 1.11 -55.15
CA LEU GA 4 -66.10 0.72 -56.34
C LEU GA 4 -66.07 -0.79 -56.57
N TYR GA 5 -66.21 -1.60 -55.51
CA TYR GA 5 -66.15 -3.06 -55.64
C TYR GA 5 -64.94 -3.50 -56.46
N ARG GA 6 -63.80 -2.91 -56.15
CA ARG GA 6 -62.61 -3.01 -57.00
C ARG GA 6 -62.01 -4.41 -56.95
N ASP GA 7 -62.06 -5.06 -55.79
CA ASP GA 7 -61.50 -6.41 -55.65
C ASP GA 7 -62.33 -7.46 -56.37
N LEU GA 8 -63.57 -7.15 -56.75
CA LEU GA 8 -64.37 -8.09 -57.50
C LEU GA 8 -64.03 -8.09 -58.99
N ALA GA 9 -63.32 -7.07 -59.46
CA ALA GA 9 -63.00 -7.00 -60.87
C ALA GA 9 -61.89 -7.99 -61.23
N PRO GA 10 -62.01 -8.70 -62.35
CA PRO GA 10 -60.91 -9.59 -62.79
C PRO GA 10 -59.80 -8.82 -63.49
N VAL GA 11 -59.12 -7.98 -62.71
CA VAL GA 11 -58.06 -7.11 -63.18
C VAL GA 11 -56.88 -7.32 -62.26
N THR GA 12 -55.71 -7.58 -62.84
CA THR GA 12 -54.53 -7.82 -62.03
C THR GA 12 -53.99 -6.50 -61.49
N GLU GA 13 -53.05 -6.62 -60.55
CA GLU GA 13 -52.47 -5.45 -59.90
C GLU GA 13 -51.69 -4.58 -60.87
N ALA GA 14 -50.90 -5.21 -61.75
CA ALA GA 14 -50.13 -4.47 -62.74
C ALA GA 14 -51.04 -3.80 -63.76
N ALA GA 15 -52.08 -4.51 -64.19
CA ALA GA 15 -53.08 -3.92 -65.07
C ALA GA 15 -53.80 -2.76 -64.41
N TRP GA 16 -54.09 -2.89 -63.11
CA TRP GA 16 -54.71 -1.80 -62.37
C TRP GA 16 -53.82 -0.57 -62.33
N ALA GA 17 -52.52 -0.77 -62.10
CA ALA GA 17 -51.59 0.36 -62.08
C ALA GA 17 -51.50 1.05 -63.44
N GLU GA 18 -51.49 0.27 -64.52
CA GLU GA 18 -51.49 0.86 -65.85
C GLU GA 18 -52.78 1.63 -66.15
N ILE GA 19 -53.93 1.09 -65.74
CA ILE GA 19 -55.20 1.77 -65.96
C ILE GA 19 -55.29 3.07 -65.16
N GLU GA 20 -54.84 3.05 -63.90
CA GLU GA 20 -54.84 4.26 -63.07
C GLU GA 20 -53.93 5.32 -63.66
N LEU GA 21 -52.75 4.92 -64.11
CA LEU GA 21 -51.81 5.86 -64.72
C LEU GA 21 -52.37 6.48 -65.99
N GLU GA 22 -52.98 5.65 -66.86
CA GLU GA 22 -53.53 6.15 -68.11
C GLU GA 22 -54.69 7.12 -67.87
N ALA GA 23 -55.59 6.77 -66.94
CA ALA GA 23 -56.73 7.62 -66.64
C ALA GA 23 -56.32 8.93 -66.01
N ALA GA 24 -55.39 8.89 -65.04
CA ALA GA 24 -54.93 10.10 -64.40
C ALA GA 24 -54.20 11.03 -65.38
N ARG GA 25 -53.37 10.45 -66.23
CA ARG GA 25 -52.64 11.24 -67.21
C ARG GA 25 -53.57 11.92 -68.20
N THR GA 26 -54.49 11.15 -68.80
CA THR GA 26 -55.37 11.71 -69.83
C THR GA 26 -56.31 12.76 -69.23
N PHE GA 27 -56.75 12.56 -67.99
CA PHE GA 27 -57.61 13.51 -67.31
C PHE GA 27 -56.92 14.87 -67.06
N LYS GA 28 -55.74 14.86 -66.45
CA LYS GA 28 -55.02 16.10 -66.19
C LYS GA 28 -54.78 16.89 -67.46
N ARG GA 29 -54.35 16.24 -68.54
CA ARG GA 29 -54.09 16.91 -69.79
C ARG GA 29 -55.31 17.63 -70.30
N HIS GA 30 -56.47 17.05 -70.07
CA HIS GA 30 -57.70 17.66 -70.64
C HIS GA 30 -58.41 18.54 -69.62
N ILE GA 31 -57.88 18.66 -68.40
CA ILE GA 31 -58.55 19.62 -67.50
C ILE GA 31 -57.92 21.00 -67.60
N ALA GA 32 -58.76 22.00 -67.85
CA ALA GA 32 -58.36 23.39 -67.79
C ALA GA 32 -58.95 24.08 -66.57
N GLY GA 33 -60.10 23.58 -66.10
CA GLY GA 33 -60.86 24.28 -65.08
C GLY GA 33 -60.19 24.29 -63.71
N ARG GA 34 -59.55 23.18 -63.34
CA ARG GA 34 -58.92 23.10 -62.02
C ARG GA 34 -57.67 23.95 -61.92
N ARG GA 35 -57.09 24.35 -63.05
CA ARG GA 35 -55.92 25.22 -63.02
C ARG GA 35 -56.26 26.65 -62.62
N VAL GA 36 -57.52 27.06 -62.75
CA VAL GA 36 -57.90 28.44 -62.50
C VAL GA 36 -58.85 28.60 -61.33
N VAL GA 37 -59.61 27.60 -60.94
CA VAL GA 37 -60.60 27.75 -59.89
C VAL GA 37 -60.02 27.19 -58.60
N ASP GA 38 -60.60 27.60 -57.49
CA ASP GA 38 -60.26 27.00 -56.21
C ASP GA 38 -60.91 25.63 -56.11
N VAL GA 39 -60.13 24.62 -55.75
CA VAL GA 39 -60.57 23.25 -55.66
C VAL GA 39 -60.52 22.84 -54.20
N SER GA 40 -61.66 22.44 -53.66
CA SER GA 40 -61.74 22.08 -52.26
C SER GA 40 -61.14 20.70 -52.03
N ASP GA 41 -60.92 20.38 -50.77
CA ASP GA 41 -60.64 18.99 -50.41
C ASP GA 41 -61.89 18.15 -50.62
N PRO GA 42 -61.73 16.86 -50.89
CA PRO GA 42 -62.91 15.98 -50.98
C PRO GA 42 -63.67 15.88 -49.67
N GLY GA 43 -64.96 16.19 -49.71
CA GLY GA 43 -65.81 16.11 -48.53
C GLY GA 43 -65.98 14.69 -48.04
N GLY GA 44 -66.10 13.76 -48.97
CA GLY GA 44 -66.32 12.38 -48.60
C GLY GA 44 -67.61 11.90 -49.21
N PRO GA 45 -67.88 10.59 -49.09
CA PRO GA 45 -69.08 10.02 -49.72
C PRO GA 45 -70.39 10.52 -49.13
N VAL GA 46 -70.39 10.93 -47.87
CA VAL GA 46 -71.66 11.29 -47.22
C VAL GA 46 -72.06 12.71 -47.59
N THR GA 47 -71.14 13.49 -48.13
CA THR GA 47 -71.39 14.89 -48.44
C THR GA 47 -72.37 15.00 -49.62
N ALA GA 48 -73.43 15.76 -49.43
CA ALA GA 48 -74.51 15.76 -50.41
C ALA GA 48 -74.83 17.16 -50.93
N ALA GA 49 -74.54 18.18 -50.14
CA ALA GA 49 -74.91 19.54 -50.52
C ALA GA 49 -73.92 20.52 -49.90
N VAL GA 50 -73.85 21.69 -50.51
CA VAL GA 50 -73.02 22.78 -50.03
C VAL GA 50 -73.94 23.91 -49.61
N SER GA 51 -73.76 24.38 -48.37
CA SER GA 51 -74.54 25.50 -47.88
C SER GA 51 -74.13 26.79 -48.58
N THR GA 52 -75.12 27.55 -49.02
CA THR GA 52 -74.86 28.87 -49.59
C THR GA 52 -74.99 29.98 -48.55
N GLY GA 53 -75.62 29.67 -47.41
CA GLY GA 53 -75.77 30.66 -46.33
C GLY GA 53 -76.95 31.58 -46.57
N ARG GA 54 -77.75 31.35 -47.60
CA ARG GA 54 -78.95 32.18 -47.83
C ARG GA 54 -80.20 31.57 -47.18
N LEU GA 55 -81.32 32.27 -47.21
CA LEU GA 55 -82.57 31.81 -46.53
C LEU GA 55 -83.76 31.92 -47.50
N ILE GA 56 -84.70 30.99 -47.44
CA ILE GA 56 -85.86 31.00 -48.32
C ILE GA 56 -87.15 31.11 -47.53
N ASP GA 57 -87.93 32.15 -47.77
CA ASP GA 57 -89.20 32.34 -47.06
C ASP GA 57 -90.19 31.23 -47.31
N VAL GA 58 -90.68 30.59 -46.25
CA VAL GA 58 -91.72 29.57 -46.40
C VAL GA 58 -92.99 29.92 -45.65
N LYS GA 59 -94.12 29.36 -46.09
CA LYS GA 59 -95.40 29.65 -45.46
C LYS GA 59 -95.36 29.37 -43.96
N ALA GA 60 -95.56 30.41 -43.15
CA ALA GA 60 -95.53 30.27 -41.68
C ALA GA 60 -96.24 29.03 -41.15
N PRO GA 61 -95.54 28.22 -40.34
CA PRO GA 61 -96.15 27.02 -39.77
C PRO GA 61 -97.37 27.39 -38.96
N THR GA 62 -97.20 28.30 -38.00
CA THR GA 62 -98.33 28.78 -37.20
C THR GA 62 -98.27 30.29 -37.02
N ASN GA 63 -99.21 30.83 -36.26
CA ASN GA 63 -99.25 32.27 -36.00
C ASN GA 63 -98.06 32.68 -35.16
N GLY GA 64 -97.39 33.77 -35.56
CA GLY GA 64 -96.25 34.27 -34.81
C GLY GA 64 -94.97 33.50 -35.01
N VAL GA 65 -94.97 32.55 -35.95
CA VAL GA 65 -93.77 31.80 -36.23
C VAL GA 65 -93.23 32.23 -37.57
N ILE GA 66 -91.95 32.51 -37.64
CA ILE GA 66 -91.34 32.92 -38.87
C ILE GA 66 -90.39 31.82 -39.27
N ALA GA 67 -90.63 31.24 -40.44
CA ALA GA 67 -89.81 30.12 -40.88
C ALA GA 67 -89.03 30.41 -42.12
N HIS GA 68 -87.83 29.87 -42.17
CA HIS GA 68 -87.02 30.02 -43.34
C HIS GA 68 -86.26 28.76 -43.66
N LEU GA 69 -86.25 28.35 -44.90
CA LEU GA 69 -85.48 27.21 -45.34
C LEU GA 69 -84.05 27.62 -45.63
N ARG GA 70 -83.10 26.81 -45.20
CA ARG GA 70 -81.71 27.03 -45.58
C ARG GA 70 -81.51 26.63 -47.04
N ALA GA 71 -80.88 27.52 -47.81
CA ALA GA 71 -80.57 27.23 -49.20
C ALA GA 71 -79.28 26.44 -49.30
N SER GA 72 -79.20 25.60 -50.33
CA SER GA 72 -78.02 24.79 -50.55
C SER GA 72 -77.94 24.42 -52.03
N LYS GA 73 -76.79 23.89 -52.41
CA LYS GA 73 -76.52 23.41 -53.76
C LYS GA 73 -76.26 21.92 -53.72
N PRO GA 74 -76.98 21.11 -54.49
CA PRO GA 74 -76.72 19.66 -54.48
C PRO GA 74 -75.49 19.31 -55.28
N LEU GA 75 -74.76 18.30 -54.81
CA LEU GA 75 -73.73 17.67 -55.63
C LEU GA 75 -74.36 16.82 -56.72
N VAL GA 76 -73.63 16.67 -57.82
CA VAL GA 76 -74.02 15.74 -58.87
C VAL GA 76 -72.91 14.71 -59.00
N ARG GA 77 -73.30 13.44 -59.12
CA ARG GA 77 -72.36 12.37 -59.38
C ARG GA 77 -72.36 12.08 -60.87
N LEU GA 78 -71.19 12.12 -61.47
CA LEU GA 78 -70.99 11.97 -62.90
C LEU GA 78 -70.23 10.67 -63.11
N ARG GA 79 -70.80 9.78 -63.92
CA ARG GA 79 -70.26 8.46 -64.15
C ARG GA 79 -70.14 8.22 -65.65
N VAL GA 80 -68.95 7.81 -66.07
CA VAL GA 80 -68.67 7.46 -67.46
C VAL GA 80 -68.25 6.00 -67.50
N PRO GA 81 -69.13 5.11 -67.94
CA PRO GA 81 -68.75 3.71 -68.10
C PRO GA 81 -67.84 3.51 -69.30
N PHE GA 82 -67.01 2.48 -69.22
CA PHE GA 82 -66.16 2.08 -70.33
C PHE GA 82 -65.88 0.59 -70.24
N THR GA 83 -65.43 0.02 -71.34
CA THR GA 83 -65.33 -1.42 -71.51
C THR GA 83 -63.92 -1.81 -71.94
N LEU GA 84 -63.30 -2.73 -71.21
CA LEU GA 84 -61.95 -3.17 -71.49
C LEU GA 84 -61.94 -4.62 -71.96
N SER GA 85 -61.10 -4.90 -72.94
CA SER GA 85 -60.82 -6.27 -73.35
C SER GA 85 -60.04 -7.00 -72.27
N ARG GA 86 -60.47 -8.21 -71.94
CA ARG GA 86 -59.76 -8.99 -70.93
C ARG GA 86 -58.44 -9.55 -71.45
N ASN GA 87 -58.32 -9.72 -72.76
CA ASN GA 87 -57.04 -10.11 -73.35
C ASN GA 87 -55.98 -9.05 -73.15
N GLU GA 88 -56.35 -7.77 -73.32
CA GLU GA 88 -55.42 -6.67 -73.08
C GLU GA 88 -55.02 -6.61 -71.61
N ILE GA 89 -55.96 -6.92 -70.71
CA ILE GA 89 -55.65 -6.95 -69.28
C ILE GA 89 -54.68 -8.09 -68.97
N ASP GA 90 -54.92 -9.26 -69.56
CA ASP GA 90 -54.03 -10.40 -69.35
C ASP GA 90 -52.65 -10.20 -69.96
N ASP GA 91 -52.54 -9.38 -70.99
CA ASP GA 91 -51.26 -9.11 -71.63
C ASP GA 91 -50.27 -8.41 -70.70
N VAL GA 92 -50.77 -7.67 -69.70
CA VAL GA 92 -49.92 -6.80 -68.89
C VAL GA 92 -48.99 -7.62 -68.00
N GLU GA 93 -49.48 -8.71 -67.43
CA GLU GA 93 -48.62 -9.53 -66.55
C GLU GA 93 -47.56 -10.24 -67.39
N ARG GA 94 -47.89 -10.62 -68.62
CA ARG GA 94 -46.89 -11.24 -69.48
C ARG GA 94 -45.83 -10.25 -69.95
N GLY GA 95 -45.98 -8.96 -69.70
CA GLY GA 95 -44.97 -7.99 -70.03
C GLY GA 95 -45.28 -7.11 -71.22
N SER GA 96 -46.50 -7.13 -71.74
CA SER GA 96 -46.87 -6.21 -72.80
C SER GA 96 -46.89 -4.77 -72.29
N LYS GA 97 -46.48 -3.85 -73.15
CA LYS GA 97 -46.47 -2.42 -72.82
C LYS GA 97 -47.27 -1.62 -73.83
N ASP GA 98 -48.04 -2.29 -74.68
CA ASP GA 98 -48.88 -1.59 -75.65
C ASP GA 98 -50.34 -2.03 -75.54
N SER GA 99 -50.77 -2.40 -74.34
CA SER GA 99 -52.14 -2.83 -74.13
C SER GA 99 -53.11 -1.71 -74.43
N ASP GA 100 -54.22 -2.06 -75.07
CA ASP GA 100 -55.16 -1.09 -75.60
C ASP GA 100 -55.95 -0.40 -74.48
N TRP GA 101 -55.50 0.79 -74.09
CA TRP GA 101 -56.20 1.53 -73.05
C TRP GA 101 -56.97 2.68 -73.65
N GLU GA 102 -57.33 2.55 -74.93
CA GLU GA 102 -58.14 3.58 -75.58
C GLU GA 102 -59.49 3.86 -74.89
N PRO GA 103 -60.21 2.81 -74.42
CA PRO GA 103 -61.47 3.14 -73.74
C PRO GA 103 -61.21 3.94 -72.47
N VAL GA 104 -60.17 3.59 -71.72
CA VAL GA 104 -59.82 4.37 -70.54
C VAL GA 104 -59.54 5.83 -70.91
N LYS GA 105 -58.82 6.04 -72.01
CA LYS GA 105 -58.51 7.39 -72.45
C LYS GA 105 -59.75 8.13 -72.92
N GLU GA 106 -60.66 7.45 -73.61
CA GLU GA 106 -61.90 8.07 -74.04
C GLU GA 106 -62.81 8.40 -72.86
N ALA GA 107 -62.84 7.53 -71.85
CA ALA GA 107 -63.63 7.81 -70.66
C ALA GA 107 -63.06 8.98 -69.88
N ALA GA 108 -61.72 9.06 -69.76
CA ALA GA 108 -61.11 10.18 -69.06
C ALA GA 108 -61.30 11.49 -69.80
N LYS GA 109 -61.21 11.45 -71.13
CA LYS GA 109 -61.46 12.64 -71.93
C LYS GA 109 -62.91 13.09 -71.81
N LYS GA 110 -63.84 12.14 -71.79
CA LYS GA 110 -65.25 12.50 -71.70
C LYS GA 110 -65.60 13.05 -70.32
N LEU GA 111 -65.03 12.45 -69.27
CA LEU GA 111 -65.26 12.95 -67.88
C LEU GA 111 -64.68 14.36 -67.76
N ALA GA 112 -63.45 14.56 -68.25
CA ALA GA 112 -62.83 15.88 -68.20
C ALA GA 112 -63.64 16.91 -68.97
N PHE GA 113 -64.19 16.52 -70.13
CA PHE GA 113 -65.01 17.42 -70.92
C PHE GA 113 -66.29 17.79 -70.18
N VAL GA 114 -66.91 16.82 -69.53
CA VAL GA 114 -68.12 17.12 -68.76
C VAL GA 114 -67.78 18.09 -67.64
N GLU GA 115 -66.75 17.79 -66.86
CA GLU GA 115 -66.41 18.66 -65.73
C GLU GA 115 -66.10 20.09 -66.18
N ASP GA 116 -65.34 20.25 -67.27
CA ASP GA 116 -65.00 21.58 -67.74
C ASP GA 116 -66.21 22.31 -68.32
N ARG GA 117 -67.08 21.59 -69.04
CA ARG GA 117 -68.27 22.22 -69.58
C ARG GA 117 -69.27 22.55 -68.49
N THR GA 118 -69.25 21.79 -67.39
CA THR GA 118 -70.09 22.12 -66.25
C THR GA 118 -69.59 23.37 -65.54
N ILE GA 119 -68.28 23.50 -65.37
CA ILE GA 119 -67.72 24.68 -64.73
C ILE GA 119 -67.96 25.93 -65.58
N PHE GA 120 -67.73 25.85 -66.89
CA PHE GA 120 -67.75 27.06 -67.69
C PHE GA 120 -69.08 27.34 -68.38
N GLU GA 121 -69.89 26.32 -68.67
CA GLU GA 121 -71.16 26.54 -69.35
C GLU GA 121 -72.35 26.15 -68.50
N GLY GA 122 -72.12 25.63 -67.32
CA GLY GA 122 -73.20 25.23 -66.47
C GLY GA 122 -73.95 23.95 -66.77
N TYR GA 123 -74.72 23.49 -65.80
CA TYR GA 123 -75.49 22.29 -65.97
C TYR GA 123 -76.75 22.65 -65.22
N SER GA 124 -77.74 23.13 -65.94
CA SER GA 124 -78.98 23.59 -65.32
C SER GA 124 -79.72 22.55 -64.49
N ALA GA 125 -79.76 21.31 -64.94
CA ALA GA 125 -80.44 20.24 -64.22
C ALA GA 125 -79.81 20.01 -62.86
N ALA GA 126 -78.52 20.26 -62.72
CA ALA GA 126 -77.83 20.18 -61.44
C ALA GA 126 -77.78 21.50 -60.71
N SER GA 127 -78.53 22.50 -61.18
CA SER GA 127 -78.60 23.85 -60.61
C SER GA 127 -77.23 24.52 -60.54
N ILE GA 128 -76.42 24.31 -61.57
CA ILE GA 128 -75.10 24.91 -61.66
C ILE GA 128 -75.14 25.94 -62.76
N GLU GA 129 -74.85 27.19 -62.41
CA GLU GA 129 -74.72 28.26 -63.39
C GLU GA 129 -73.26 28.31 -63.83
N GLY GA 130 -73.05 28.38 -65.13
CA GLY GA 130 -71.70 28.47 -65.64
C GLY GA 130 -71.07 29.83 -65.39
N ILE GA 131 -69.75 29.88 -65.61
CA ILE GA 131 -69.03 31.14 -65.54
C ILE GA 131 -69.51 32.10 -66.62
N ARG GA 132 -69.84 31.57 -67.80
CA ARG GA 132 -70.36 32.40 -68.88
C ARG GA 132 -71.70 33.03 -68.52
N SER GA 133 -72.59 32.26 -67.90
CA SER GA 133 -73.88 32.79 -67.52
C SER GA 133 -73.82 33.68 -66.29
N ALA GA 134 -72.92 33.39 -65.35
CA ALA GA 134 -72.81 34.16 -64.12
C ALA GA 134 -71.94 35.41 -64.26
N SER GA 135 -71.32 35.62 -65.40
CA SER GA 135 -70.48 36.80 -65.59
C SER GA 135 -71.36 38.03 -65.77
N SER GA 136 -71.02 39.10 -65.05
CA SER GA 136 -71.71 40.37 -65.22
C SER GA 136 -71.03 41.29 -66.22
N ASN GA 137 -69.78 41.01 -66.60
CA ASN GA 137 -69.10 41.79 -67.61
C ASN GA 137 -69.70 41.49 -68.99
N PRO GA 138 -69.64 42.45 -69.92
CA PRO GA 138 -70.23 42.21 -71.25
C PRO GA 138 -69.50 41.13 -72.02
N ALA GA 139 -70.27 40.42 -72.84
CA ALA GA 139 -69.73 39.38 -73.68
C ALA GA 139 -69.16 39.98 -74.97
N LEU GA 140 -68.10 39.36 -75.47
CA LEU GA 140 -67.41 39.86 -76.65
C LEU GA 140 -67.49 38.82 -77.76
N THR GA 141 -67.35 39.29 -78.99
CA THR GA 141 -67.36 38.42 -80.15
C THR GA 141 -65.95 38.21 -80.66
N LEU GA 142 -65.54 36.95 -80.82
CA LEU GA 142 -64.23 36.66 -81.37
C LEU GA 142 -64.26 36.84 -82.87
N PRO GA 143 -63.26 37.54 -83.42
CA PRO GA 143 -63.24 37.80 -84.87
C PRO GA 143 -62.84 36.58 -85.69
N GLU GA 144 -63.11 36.62 -86.99
CA GLU GA 144 -62.75 35.50 -87.85
C GLU GA 144 -61.25 35.41 -88.06
N ASP GA 145 -60.58 36.54 -88.28
CA ASP GA 145 -59.16 36.56 -88.50
C ASP GA 145 -58.43 36.32 -87.18
N PRO GA 146 -57.57 35.30 -87.09
CA PRO GA 146 -56.80 35.10 -85.85
C PRO GA 146 -55.85 36.23 -85.50
N ARG GA 147 -55.38 37.00 -86.50
CA ARG GA 147 -54.52 38.15 -86.22
C ARG GA 147 -55.26 39.25 -85.47
N GLU GA 148 -56.59 39.26 -85.52
CA GLU GA 148 -57.41 40.17 -84.75
C GLU GA 148 -57.84 39.59 -83.41
N ILE GA 149 -57.41 38.39 -83.07
CA ILE GA 149 -57.74 37.84 -81.74
C ILE GA 149 -57.13 38.67 -80.58
N PRO GA 150 -55.81 38.92 -80.60
CA PRO GA 150 -55.25 39.66 -79.45
C PRO GA 150 -55.92 41.01 -79.18
N ASP GA 151 -56.44 41.67 -80.20
CA ASP GA 151 -57.12 42.95 -80.00
C ASP GA 151 -58.33 42.75 -79.09
N VAL GA 152 -59.25 41.88 -79.49
CA VAL GA 152 -60.47 41.63 -78.71
C VAL GA 152 -60.14 41.13 -77.30
N ILE GA 153 -59.18 40.22 -77.18
CA ILE GA 153 -58.74 39.77 -75.86
C ILE GA 153 -58.33 40.94 -74.99
N SER GA 154 -57.61 41.90 -75.56
CA SER GA 154 -57.19 43.12 -74.82
C SER GA 154 -58.41 43.93 -74.37
N GLN GA 155 -59.47 43.96 -75.17
CA GLN GA 155 -60.71 44.63 -74.76
C GLN GA 155 -61.33 43.93 -73.55
N ALA GA 156 -61.24 42.60 -73.51
CA ALA GA 156 -61.66 41.85 -72.34
C ALA GA 156 -60.81 42.22 -71.12
N LEU GA 157 -59.50 42.42 -71.34
CA LEU GA 157 -58.65 42.88 -70.25
C LEU GA 157 -58.99 44.30 -69.83
N SER GA 158 -59.62 45.08 -70.70
CA SER GA 158 -60.12 46.37 -70.28
C SER GA 158 -61.28 46.21 -69.30
N GLU GA 159 -62.15 45.23 -69.57
CA GLU GA 159 -63.39 45.12 -68.80
C GLU GA 159 -63.15 44.71 -67.36
N LEU GA 160 -62.26 43.71 -67.15
CA LEU GA 160 -61.80 43.38 -65.79
C LEU GA 160 -61.10 44.55 -65.13
N ARG GA 161 -60.47 45.42 -65.91
CA ARG GA 161 -59.88 46.60 -65.30
C ARG GA 161 -60.96 47.61 -64.95
N LEU GA 162 -62.02 47.68 -65.76
CA LEU GA 162 -63.14 48.57 -65.44
C LEU GA 162 -64.01 47.99 -64.34
N ALA GA 163 -63.92 46.69 -64.08
CA ALA GA 163 -64.64 46.06 -62.99
C ALA GA 163 -63.93 46.22 -61.66
N GLY GA 164 -62.74 46.81 -61.63
CA GLY GA 164 -61.97 46.93 -60.40
C GLY GA 164 -61.53 45.57 -59.90
N VAL GA 165 -60.65 44.90 -60.64
CA VAL GA 165 -60.20 43.56 -60.26
C VAL GA 165 -58.70 43.43 -60.41
N ASP GA 166 -58.03 42.84 -59.41
CA ASP GA 166 -56.59 42.62 -59.48
C ASP GA 166 -56.26 41.15 -59.76
N GLY GA 167 -55.00 40.77 -59.60
CA GLY GA 167 -54.62 39.38 -59.77
C GLY GA 167 -54.10 38.98 -61.13
N PRO GA 168 -53.43 37.81 -61.22
CA PRO GA 168 -52.90 37.33 -62.48
C PRO GA 168 -54.09 36.97 -63.37
N TYR GA 169 -54.23 37.56 -64.53
CA TYR GA 169 -55.32 37.17 -65.41
C TYR GA 169 -54.96 35.96 -66.29
N SER GA 170 -55.92 35.07 -66.55
CA SER GA 170 -55.53 33.93 -67.39
C SER GA 170 -56.51 33.78 -68.54
N VAL GA 171 -56.03 33.38 -69.72
CA VAL GA 171 -56.89 33.25 -70.88
C VAL GA 171 -57.03 31.77 -71.21
N LEU GA 172 -58.28 31.34 -71.33
CA LEU GA 172 -58.57 29.96 -71.67
C LEU GA 172 -59.20 30.00 -73.04
N LEU GA 173 -58.75 29.13 -73.95
CA LEU GA 173 -59.23 29.15 -75.32
C LEU GA 173 -59.85 27.81 -75.66
N SER GA 174 -60.87 27.83 -76.51
CA SER GA 174 -61.37 26.60 -77.08
C SER GA 174 -60.34 26.02 -78.04
N ALA GA 175 -60.52 24.72 -78.35
CA ALA GA 175 -59.57 24.00 -79.18
C ALA GA 175 -59.49 24.59 -80.59
N ASP GA 176 -60.62 25.06 -81.13
CA ASP GA 176 -60.62 25.75 -82.41
C ASP GA 176 -59.82 27.04 -82.35
N VAL GA 177 -60.04 27.83 -81.30
CA VAL GA 177 -59.36 29.11 -81.16
C VAL GA 177 -57.89 28.91 -80.83
N TYR GA 178 -57.57 27.90 -80.00
CA TYR GA 178 -56.19 27.59 -79.68
C TYR GA 178 -55.43 27.12 -80.90
N THR GA 179 -56.05 26.30 -81.75
CA THR GA 179 -55.44 25.88 -83.00
C THR GA 179 -55.25 27.07 -83.95
N LYS GA 180 -56.24 27.96 -84.04
CA LYS GA 180 -56.14 29.12 -84.91
C LYS GA 180 -55.02 30.07 -84.50
N VAL GA 181 -54.88 30.33 -83.20
CA VAL GA 181 -53.81 31.22 -82.76
C VAL GA 181 -52.47 30.50 -82.64
N SER GA 182 -52.47 29.17 -82.71
CA SER GA 182 -51.22 28.42 -82.72
C SER GA 182 -50.63 28.32 -84.11
N GLU GA 183 -51.47 28.14 -85.13
CA GLU GA 183 -50.99 27.86 -86.47
C GLU GA 183 -50.76 29.10 -87.30
N THR GA 184 -51.33 30.23 -86.92
CA THR GA 184 -51.08 31.49 -87.59
C THR GA 184 -49.90 32.17 -86.92
N SER GA 185 -48.98 32.70 -87.71
CA SER GA 185 -47.78 33.29 -87.17
C SER GA 185 -47.60 34.71 -87.68
N ASP GA 186 -46.97 35.53 -86.87
CA ASP GA 186 -46.64 36.91 -87.24
C ASP GA 186 -45.28 37.25 -86.65
N HIS GA 187 -44.34 37.60 -87.54
CA HIS GA 187 -42.98 38.04 -87.18
C HIS GA 187 -42.24 37.00 -86.32
N GLY GA 188 -42.31 35.75 -86.76
CA GLY GA 188 -41.55 34.69 -86.13
C GLY GA 188 -42.14 34.12 -84.86
N TYR GA 189 -43.35 34.55 -84.48
CA TYR GA 189 -44.04 33.97 -83.36
C TYR GA 189 -45.48 33.68 -83.75
N PRO GA 190 -46.06 32.60 -83.22
CA PRO GA 190 -47.50 32.41 -83.37
C PRO GA 190 -48.27 33.41 -82.52
N ILE GA 191 -49.55 33.56 -82.84
CA ILE GA 191 -50.41 34.52 -82.15
C ILE GA 191 -50.61 34.14 -80.69
N ARG GA 192 -50.41 32.86 -80.35
CA ARG GA 192 -50.45 32.41 -78.97
C ARG GA 192 -49.40 33.11 -78.11
N GLU GA 193 -48.22 33.36 -78.68
CA GLU GA 193 -47.19 34.12 -77.98
C GLU GA 193 -47.63 35.58 -77.79
N HIS GA 194 -48.29 36.16 -78.80
CA HIS GA 194 -48.85 37.51 -78.66
C HIS GA 194 -49.87 37.59 -77.55
N LEU GA 195 -50.68 36.54 -77.39
CA LEU GA 195 -51.58 36.47 -76.24
C LEU GA 195 -50.83 36.34 -74.94
N ASN GA 196 -49.73 35.59 -74.95
CA ASN GA 196 -48.91 35.40 -73.76
C ASN GA 196 -48.27 36.70 -73.29
N ARG GA 197 -47.99 37.62 -74.21
CA ARG GA 197 -47.43 38.91 -73.80
C ARG GA 197 -48.43 39.80 -73.09
N LEU GA 198 -49.73 39.66 -73.38
CA LEU GA 198 -50.78 40.51 -72.78
C LEU GA 198 -51.05 40.20 -71.30
N VAL GA 199 -50.82 38.96 -70.86
CA VAL GA 199 -51.22 38.59 -69.46
C VAL GA 199 -50.05 38.08 -68.64
N ASP GA 200 -50.19 38.11 -67.32
CA ASP GA 200 -49.14 37.61 -66.40
C ASP GA 200 -49.56 36.22 -65.94
N GLY GA 201 -50.66 35.70 -66.51
CA GLY GA 201 -51.13 34.36 -66.15
C GLY GA 201 -50.68 33.37 -67.20
N ASP GA 202 -51.62 32.61 -67.79
CA ASP GA 202 -51.19 31.55 -68.72
C ASP GA 202 -52.18 31.39 -69.87
N ILE GA 203 -51.69 31.12 -71.07
CA ILE GA 203 -52.63 30.78 -72.16
C ILE GA 203 -52.90 29.29 -71.92
N ILE GA 204 -54.16 28.93 -71.70
CA ILE GA 204 -54.53 27.59 -71.29
C ILE GA 204 -55.39 26.96 -72.37
N TRP GA 205 -54.96 25.79 -72.83
CA TRP GA 205 -55.75 25.02 -73.78
C TRP GA 205 -56.95 24.43 -73.07
N ALA GA 206 -58.15 24.73 -73.56
CA ALA GA 206 -59.40 24.28 -72.94
C ALA GA 206 -60.28 23.67 -74.03
N PRO GA 207 -60.04 22.40 -74.38
CA PRO GA 207 -60.75 21.80 -75.51
C PRO GA 207 -62.23 21.55 -75.29
N ALA GA 208 -62.75 21.62 -74.06
CA ALA GA 208 -64.16 21.35 -73.87
C ALA GA 208 -65.03 22.58 -74.07
N ILE GA 209 -64.51 23.78 -73.78
CA ILE GA 209 -65.30 25.00 -73.80
C ILE GA 209 -65.59 25.47 -75.22
N ASP GA 210 -66.52 26.40 -75.35
CA ASP GA 210 -66.71 27.17 -76.57
C ASP GA 210 -66.14 28.57 -76.35
N GLY GA 211 -65.73 29.18 -77.45
CA GLY GA 211 -65.20 30.54 -77.39
C GLY GA 211 -63.96 30.70 -76.56
N ALA GA 212 -63.97 31.70 -75.69
CA ALA GA 212 -62.80 31.98 -74.87
C ALA GA 212 -63.23 32.57 -73.54
N PHE GA 213 -62.34 32.50 -72.57
CA PHE GA 213 -62.65 33.07 -71.25
C PHE GA 213 -61.40 33.78 -70.74
N VAL GA 214 -61.57 35.00 -70.27
CA VAL GA 214 -60.42 35.70 -69.62
C VAL GA 214 -60.85 35.90 -68.18
N LEU GA 215 -59.96 35.61 -67.24
CA LEU GA 215 -60.41 35.71 -65.85
C LEU GA 215 -59.23 35.83 -64.90
N THR GA 216 -59.49 36.31 -63.69
CA THR GA 216 -58.47 36.47 -62.67
C THR GA 216 -58.31 35.19 -61.86
N THR GA 217 -57.07 34.93 -61.45
CA THR GA 217 -56.79 33.76 -60.62
C THR GA 217 -56.27 34.20 -59.27
N ARG GA 218 -56.79 35.33 -58.78
CA ARG GA 218 -56.37 35.85 -57.49
C ARG GA 218 -56.84 34.96 -56.32
N GLY GA 219 -57.89 34.17 -56.53
CA GLY GA 219 -58.38 33.31 -55.49
C GLY GA 219 -59.70 33.78 -54.95
N GLY GA 220 -60.48 32.84 -54.43
CA GLY GA 220 -61.72 33.15 -53.74
C GLY GA 220 -62.87 33.57 -54.64
N ASP GA 221 -62.75 33.45 -55.95
CA ASP GA 221 -63.84 33.90 -56.82
C ASP GA 221 -64.62 32.72 -57.40
N PHE GA 222 -63.94 31.61 -57.65
CA PHE GA 222 -64.52 30.46 -58.31
C PHE GA 222 -64.18 29.24 -57.48
N ASP GA 223 -65.17 28.42 -57.15
CA ASP GA 223 -64.97 27.36 -56.17
C ASP GA 223 -65.58 26.07 -56.70
N LEU GA 224 -64.74 25.06 -56.90
CA LEU GA 224 -65.21 23.74 -57.27
C LEU GA 224 -65.24 22.88 -56.01
N GLN GA 225 -66.42 22.39 -55.65
CA GLN GA 225 -66.57 21.56 -54.47
C GLN GA 225 -66.66 20.10 -54.85
N LEU GA 226 -65.76 19.33 -54.30
CA LEU GA 226 -65.74 17.90 -54.56
C LEU GA 226 -66.18 17.10 -53.39
N GLY GA 227 -67.11 16.18 -53.59
CA GLY GA 227 -67.42 15.27 -52.50
C GLY GA 227 -66.35 14.21 -52.59
N THR GA 228 -66.25 13.58 -53.76
CA THR GA 228 -65.18 12.59 -54.01
C THR GA 228 -64.51 12.90 -55.35
N ASP GA 229 -63.19 12.81 -55.40
CA ASP GA 229 -62.43 13.06 -56.65
C ASP GA 229 -62.63 11.88 -57.62
N VAL GA 230 -61.97 11.93 -58.77
CA VAL GA 230 -62.12 10.87 -59.81
C VAL GA 230 -61.68 9.50 -59.29
N ALA GA 231 -62.54 8.50 -59.45
CA ALA GA 231 -62.24 7.15 -59.00
C ALA GA 231 -62.68 6.17 -60.08
N ILE GA 232 -62.05 5.00 -60.10
CA ILE GA 232 -62.40 3.96 -61.07
C ILE GA 232 -63.12 2.85 -60.32
N GLY GA 233 -64.31 2.49 -60.81
CA GLY GA 233 -65.13 1.48 -60.17
C GLY GA 233 -65.50 0.35 -61.13
N TYR GA 234 -65.89 -0.77 -60.54
CA TYR GA 234 -66.18 -1.99 -61.30
C TYR GA 234 -67.68 -2.22 -61.38
N ALA GA 235 -68.19 -2.45 -62.59
CA ALA GA 235 -69.65 -2.66 -62.76
C ALA GA 235 -69.93 -4.16 -62.91
N SER GA 236 -69.48 -4.76 -64.01
CA SER GA 236 -69.73 -6.18 -64.28
C SER GA 236 -68.70 -6.70 -65.28
N HIS GA 237 -68.69 -8.03 -65.49
CA HIS GA 237 -67.69 -8.65 -66.39
C HIS GA 237 -68.23 -9.89 -67.09
N ASP GA 238 -67.67 -10.26 -68.24
CA ASP GA 238 -68.06 -11.52 -68.92
C ASP GA 238 -66.75 -12.22 -69.28
N THR GA 239 -66.78 -13.20 -70.18
CA THR GA 239 -65.55 -13.95 -70.54
C THR GA 239 -64.61 -13.04 -71.33
N ASP GA 240 -65.16 -12.08 -72.06
CA ASP GA 240 -64.30 -11.30 -72.94
C ASP GA 240 -63.96 -9.92 -72.41
N THR GA 241 -64.84 -9.29 -71.64
CA THR GA 241 -64.69 -7.87 -71.34
C THR GA 241 -64.98 -7.60 -69.86
N VAL GA 242 -64.44 -6.48 -69.39
CA VAL GA 242 -64.74 -5.95 -68.06
C VAL GA 242 -65.35 -4.57 -68.24
N ARG GA 243 -66.55 -4.37 -67.71
CA ARG GA 243 -67.17 -3.05 -67.67
C ARG GA 243 -66.77 -2.33 -66.39
N LEU GA 244 -66.16 -1.16 -66.55
CA LEU GA 244 -65.80 -0.34 -65.42
C LEU GA 244 -66.38 1.05 -65.63
N TYR GA 245 -66.07 1.99 -64.73
CA TYR GA 245 -66.54 3.35 -64.89
C TYR GA 245 -65.56 4.30 -64.22
N LEU GA 246 -65.58 5.54 -64.68
CA LEU GA 246 -64.94 6.66 -64.02
C LEU GA 246 -66.03 7.45 -63.33
N GLN GA 247 -65.75 7.94 -62.13
CA GLN GA 247 -66.82 8.55 -61.36
C GLN GA 247 -66.28 9.67 -60.50
N GLU GA 248 -67.00 10.78 -60.47
CA GLU GA 248 -66.66 11.90 -59.60
C GLU GA 248 -67.93 12.64 -59.23
N THR GA 249 -67.95 13.19 -58.02
CA THR GA 249 -69.12 13.94 -57.57
C THR GA 249 -68.72 15.34 -57.13
N LEU GA 250 -69.45 16.34 -57.62
CA LEU GA 250 -69.02 17.73 -57.50
C LEU GA 250 -70.19 18.69 -57.65
N THR GA 251 -69.93 19.93 -57.26
CA THR GA 251 -70.73 21.08 -57.68
C THR GA 251 -69.77 22.23 -57.93
N PHE GA 252 -70.25 23.27 -58.59
CA PHE GA 252 -69.44 24.44 -58.85
C PHE GA 252 -70.18 25.71 -58.43
N LEU GA 253 -69.45 26.62 -57.78
CA LEU GA 253 -70.00 27.87 -57.29
C LEU GA 253 -69.16 29.01 -57.85
N CYS GA 254 -69.83 30.05 -58.32
CA CYS GA 254 -69.16 31.30 -58.69
C CYS GA 254 -69.60 32.38 -57.71
N TYR GA 255 -68.67 32.85 -56.90
CA TYR GA 255 -68.98 33.86 -55.90
C TYR GA 255 -68.90 35.29 -56.44
N THR GA 256 -68.08 35.52 -57.45
CA THR GA 256 -67.74 36.86 -57.91
C THR GA 256 -68.16 36.99 -59.37
N ALA GA 257 -69.20 37.77 -59.63
CA ALA GA 257 -69.78 37.85 -60.96
C ALA GA 257 -68.92 38.62 -61.94
N GLU GA 258 -68.10 39.55 -61.45
CA GLU GA 258 -67.38 40.45 -62.34
C GLU GA 258 -65.93 40.01 -62.57
N ALA GA 259 -65.59 38.80 -62.19
CA ALA GA 259 -64.21 38.32 -62.29
C ALA GA 259 -63.91 37.62 -63.60
N SER GA 260 -64.77 37.72 -64.61
CA SER GA 260 -64.55 36.98 -65.85
C SER GA 260 -65.23 37.66 -67.03
N VAL GA 261 -64.67 37.42 -68.22
CA VAL GA 261 -65.26 37.81 -69.50
C VAL GA 261 -65.34 36.58 -70.39
N ALA GA 262 -66.53 36.33 -70.94
CA ALA GA 262 -66.78 35.25 -71.88
C ALA GA 262 -66.77 35.78 -73.30
N LEU GA 263 -66.24 34.97 -74.21
CA LEU GA 263 -66.18 35.34 -75.59
C LEU GA 263 -66.81 34.23 -76.42
N SER GA 264 -67.46 34.59 -77.51
CA SER GA 264 -68.14 33.62 -78.36
C SER GA 264 -67.84 33.93 -79.82
N HIS GA 265 -68.24 33.03 -80.69
CA HIS GA 265 -68.04 33.20 -82.13
C HIS GA 265 -69.23 33.87 -82.79
N MET HA 1 -0.07 -4.43 -77.30
CA MET HA 1 1.13 -4.78 -78.03
C MET HA 1 1.78 -3.59 -78.72
N ASN HA 2 2.92 -3.82 -79.37
CA ASN HA 2 3.64 -2.74 -80.06
C ASN HA 2 3.81 -3.04 -81.56
N ASN HA 3 4.75 -2.33 -82.20
CA ASN HA 3 4.98 -2.55 -83.63
C ASN HA 3 5.70 -3.87 -83.93
N LEU HA 4 6.43 -4.45 -83.00
CA LEU HA 4 7.01 -5.78 -83.19
C LEU HA 4 5.95 -6.88 -83.37
N TYR HA 5 4.75 -6.68 -82.84
CA TYR HA 5 3.69 -7.70 -82.92
C TYR HA 5 4.22 -9.08 -82.53
N ARG HA 6 4.96 -9.10 -81.42
CA ARG HA 6 5.74 -10.28 -81.05
C ARG HA 6 4.85 -11.43 -80.60
N ASP HA 7 3.75 -11.13 -79.92
CA ASP HA 7 2.83 -12.17 -79.46
C ASP HA 7 2.05 -12.83 -80.59
N LEU HA 8 2.03 -12.23 -81.77
CA LEU HA 8 1.36 -12.85 -82.90
C LEU HA 8 2.24 -13.90 -83.57
N ALA HA 9 3.54 -13.91 -83.30
CA ALA HA 9 4.43 -14.86 -83.94
C ALA HA 9 4.25 -16.25 -83.35
N PRO HA 10 4.20 -17.29 -84.17
CA PRO HA 10 4.15 -18.68 -83.64
C PRO HA 10 5.52 -19.17 -83.19
N VAL HA 11 6.03 -18.53 -82.15
CA VAL HA 11 7.36 -18.80 -81.59
C VAL HA 11 7.16 -19.01 -80.11
N THR HA 12 7.69 -20.11 -79.58
CA THR HA 12 7.55 -20.39 -78.17
C THR HA 12 8.50 -19.51 -77.36
N GLU HA 13 8.31 -19.52 -76.05
CA GLU HA 13 9.10 -18.70 -75.14
C GLU HA 13 10.56 -19.14 -75.12
N ALA HA 14 10.81 -20.44 -75.09
CA ALA HA 14 12.17 -20.97 -75.10
C ALA HA 14 12.86 -20.69 -76.43
N ALA HA 15 12.14 -20.85 -77.53
CA ALA HA 15 12.66 -20.49 -78.83
C ALA HA 15 12.96 -19.01 -78.93
N TRP HA 16 12.10 -18.16 -78.35
CA TRP HA 16 12.35 -16.73 -78.32
C TRP HA 16 13.62 -16.40 -77.56
N ALA HA 17 13.84 -17.05 -76.41
CA ALA HA 17 15.06 -16.81 -75.65
C ALA HA 17 16.31 -17.21 -76.42
N GLU HA 18 16.24 -18.35 -77.12
CA GLU HA 18 17.37 -18.77 -77.94
C GLU HA 18 17.64 -17.81 -79.10
N ILE HA 19 16.57 -17.30 -79.75
CA ILE HA 19 16.74 -16.37 -80.85
C ILE HA 19 17.32 -15.04 -80.36
N GLU HA 20 16.84 -14.54 -79.22
CA GLU HA 20 17.37 -13.29 -78.65
C GLU HA 20 18.83 -13.44 -78.29
N LEU HA 21 19.20 -14.57 -77.68
CA LEU HA 21 20.59 -14.83 -77.30
C LEU HA 21 21.49 -14.89 -78.52
N GLU HA 22 21.05 -15.61 -79.56
CA GLU HA 22 21.86 -15.75 -80.77
C GLU HA 22 22.05 -14.41 -81.48
N ALA HA 23 20.98 -13.62 -81.59
CA ALA HA 23 21.06 -12.33 -82.27
C ALA HA 23 21.93 -11.34 -81.50
N ALA HA 24 21.77 -11.28 -80.17
CA ALA HA 24 22.56 -10.37 -79.36
C ALA HA 24 24.04 -10.75 -79.39
N ARG HA 25 24.34 -12.04 -79.29
CA ARG HA 25 25.71 -12.50 -79.34
C ARG HA 25 26.39 -12.18 -80.67
N THR HA 26 25.74 -12.54 -81.78
CA THR HA 26 26.36 -12.34 -83.08
C THR HA 26 26.53 -10.85 -83.40
N PHE HA 27 25.59 -10.02 -82.97
CA PHE HA 27 25.68 -8.59 -83.16
C PHE HA 27 26.86 -7.94 -82.42
N LYS HA 28 26.99 -8.20 -81.12
CA LYS HA 28 28.10 -7.64 -80.36
C LYS HA 28 29.46 -8.01 -80.96
N ARG HA 29 29.63 -9.28 -81.33
CA ARG HA 29 30.88 -9.73 -81.90
C ARG HA 29 31.23 -8.96 -83.14
N HIS HA 30 30.23 -8.59 -83.91
CA HIS HA 30 30.53 -7.91 -85.20
C HIS HA 30 30.44 -6.40 -85.07
N ILE HA 31 30.13 -5.87 -83.89
CA ILE HA 31 30.16 -4.41 -83.79
C ILE HA 31 31.53 -3.94 -83.34
N ALA HA 32 32.13 -3.02 -84.10
CA ALA HA 32 33.33 -2.31 -83.70
C ALA HA 32 33.03 -0.86 -83.37
N GLY HA 33 31.98 -0.31 -83.98
CA GLY HA 33 31.72 1.13 -83.88
C GLY HA 33 31.30 1.59 -82.51
N ARG HA 34 30.49 0.79 -81.81
CA ARG HA 34 30.00 1.19 -80.49
C ARG HA 34 31.09 1.14 -79.43
N ARG HA 35 32.19 0.43 -79.68
CA ARG HA 35 33.29 0.39 -78.73
C ARG HA 35 34.07 1.69 -78.69
N VAL HA 36 33.99 2.52 -79.73
CA VAL HA 36 34.80 3.72 -79.81
C VAL HA 36 33.98 5.01 -79.80
N VAL HA 37 32.71 4.99 -80.19
CA VAL HA 37 31.94 6.21 -80.27
C VAL HA 37 31.07 6.32 -79.02
N ASP HA 38 30.61 7.54 -78.75
CA ASP HA 38 29.63 7.74 -77.70
C ASP HA 38 28.27 7.27 -78.19
N VAL HA 39 27.60 6.46 -77.39
CA VAL HA 39 26.31 5.88 -77.73
C VAL HA 39 25.29 6.45 -76.77
N SER HA 40 24.28 7.10 -77.32
CA SER HA 40 23.27 7.75 -76.50
C SER HA 40 22.30 6.72 -75.95
N ASP HA 41 21.49 7.15 -74.99
CA ASP HA 41 20.35 6.35 -74.59
C ASP HA 41 19.33 6.35 -75.72
N PRO HA 42 18.50 5.29 -75.82
CA PRO HA 42 17.42 5.29 -76.80
C PRO HA 42 16.41 6.40 -76.56
N GLY HA 43 16.18 7.22 -77.58
CA GLY HA 43 15.22 8.29 -77.49
C GLY HA 43 13.80 7.80 -77.37
N GLY HA 44 13.49 6.72 -78.08
CA GLY HA 44 12.15 6.19 -78.06
C GLY HA 44 11.59 6.18 -79.46
N PRO HA 45 10.41 5.58 -79.63
CA PRO HA 45 9.83 5.47 -80.98
C PRO HA 45 9.43 6.80 -81.59
N VAL HA 46 9.11 7.81 -80.79
CA VAL HA 46 8.60 9.05 -81.34
C VAL HA 46 9.74 9.93 -81.85
N THR HA 47 10.97 9.63 -81.44
CA THR HA 47 12.12 10.45 -81.79
C THR HA 47 12.42 10.33 -83.28
N ALA HA 48 12.52 11.45 -83.96
CA ALA HA 48 12.61 11.43 -85.41
C ALA HA 48 13.83 12.16 -85.95
N ALA HA 49 14.35 13.12 -85.19
CA ALA HA 49 15.46 13.93 -85.66
C ALA HA 49 16.29 14.40 -84.47
N VAL HA 50 17.53 14.73 -84.76
CA VAL HA 50 18.45 15.28 -83.79
C VAL HA 50 18.78 16.70 -84.18
N SER HA 51 18.59 17.63 -83.24
CA SER HA 51 18.93 19.03 -83.48
C SER HA 51 20.43 19.21 -83.58
N THR HA 52 20.88 19.92 -84.60
CA THR HA 52 22.29 20.29 -84.71
C THR HA 52 22.59 21.65 -84.12
N GLY HA 53 21.54 22.46 -83.90
CA GLY HA 53 21.71 23.79 -83.28
C GLY HA 53 22.10 24.83 -84.31
N ARG HA 54 22.14 24.48 -85.60
CA ARG HA 54 22.46 25.48 -86.64
C ARG HA 54 21.18 26.13 -87.21
N LEU HA 55 21.32 27.12 -88.07
CA LEU HA 55 20.15 27.87 -88.63
C LEU HA 55 20.28 27.98 -90.16
N ILE HA 56 19.16 27.91 -90.87
CA ILE HA 56 19.17 27.99 -92.33
C ILE HA 56 18.37 29.19 -92.82
N ASP HA 57 19.02 30.10 -93.54
CA ASP HA 57 18.34 31.29 -94.06
C ASP HA 57 17.22 30.95 -95.03
N VAL HA 58 16.01 31.43 -94.75
CA VAL HA 58 14.90 31.23 -95.69
C VAL HA 58 14.32 32.54 -96.19
N LYS HA 59 13.67 32.51 -97.34
CA LYS HA 59 13.10 33.73 -97.92
C LYS HA 59 12.15 34.41 -96.97
N ALA HA 60 12.48 35.63 -96.55
CA ALA HA 60 11.66 36.40 -95.61
C ALA HA 60 10.16 36.30 -95.87
N PRO HA 61 9.38 35.92 -94.83
CA PRO HA 61 7.92 35.82 -94.99
C PRO HA 61 7.35 37.15 -95.40
N THR HA 62 7.65 38.20 -94.63
CA THR HA 62 7.19 39.54 -94.98
C THR HA 62 8.30 40.56 -94.76
N ASN HA 63 7.99 41.83 -94.99
CA ASN HA 63 8.97 42.90 -94.81
C ASN HA 63 9.33 43.05 -93.34
N GLY HA 64 10.62 43.15 -93.05
CA GLY HA 64 11.06 43.33 -91.68
C GLY HA 64 11.04 42.06 -90.83
N VAL HA 65 10.77 40.92 -91.47
CA VAL HA 65 10.78 39.66 -90.74
C VAL HA 65 11.99 38.88 -91.16
N ILE HA 66 12.72 38.34 -90.20
CA ILE HA 66 13.89 37.56 -90.50
C ILE HA 66 13.58 36.16 -90.07
N ALA HA 67 13.64 35.23 -91.00
CA ALA HA 67 13.28 33.86 -90.69
C ALA HA 67 14.42 32.90 -90.86
N HIS HA 68 14.48 31.92 -89.98
CA HIS HA 68 15.49 30.90 -90.10
C HIS HA 68 14.95 29.55 -89.75
N LEU HA 69 15.26 28.56 -90.56
CA LEU HA 69 14.87 27.19 -90.27
C LEU HA 69 15.88 26.54 -89.34
N ARG HA 70 15.38 25.80 -88.36
CA ARG HA 70 16.28 25.01 -87.53
C ARG HA 70 16.77 23.79 -88.30
N ALA HA 71 18.08 23.57 -88.28
CA ALA HA 71 18.67 22.42 -88.93
C ALA HA 71 18.58 21.20 -88.03
N SER HA 72 18.47 20.03 -88.65
CA SER HA 72 18.40 18.78 -87.91
C SER HA 72 18.88 17.64 -88.79
N LYS HA 73 19.09 16.49 -88.16
CA LYS HA 73 19.50 15.27 -88.83
C LYS HA 73 18.41 14.21 -88.66
N PRO HA 74 17.89 13.64 -89.72
CA PRO HA 74 16.86 12.59 -89.57
C PRO HA 74 17.44 11.27 -89.14
N LEU HA 75 16.69 10.55 -88.32
CA LEU HA 75 17.01 9.15 -88.06
C LEU HA 75 16.65 8.30 -89.27
N VAL HA 76 17.35 7.18 -89.41
CA VAL HA 76 17.01 6.17 -90.41
C VAL HA 76 16.69 4.88 -89.66
N ARG HA 77 15.61 4.23 -90.08
CA ARG HA 77 15.26 2.92 -89.56
C ARG HA 77 15.77 1.86 -90.52
N LEU HA 78 16.56 0.93 -89.99
CA LEU HA 78 17.22 -0.10 -90.74
C LEU HA 78 16.61 -1.43 -90.34
N ARG HA 79 16.09 -2.16 -91.33
CA ARG HA 79 15.38 -3.41 -91.10
C ARG HA 79 16.00 -4.50 -91.95
N VAL HA 80 16.33 -5.62 -91.33
CA VAL HA 80 16.86 -6.79 -92.00
C VAL HA 80 15.90 -7.94 -91.77
N PRO HA 81 15.09 -8.31 -92.75
CA PRO HA 81 14.22 -9.48 -92.60
C PRO HA 81 15.01 -10.78 -92.68
N PHE HA 82 14.48 -11.80 -92.01
CA PHE HA 82 15.05 -13.13 -92.07
C PHE HA 82 13.94 -14.15 -91.85
N THR HA 83 14.21 -15.40 -92.22
CA THR HA 83 13.22 -16.44 -92.30
C THR HA 83 13.66 -17.66 -91.50
N LEU HA 84 12.81 -18.12 -90.59
CA LEU HA 84 13.12 -19.26 -89.74
C LEU HA 84 12.22 -20.44 -90.07
N SER HA 85 12.82 -21.63 -90.06
CA SER HA 85 12.05 -22.86 -90.15
C SER HA 85 11.23 -23.07 -88.88
N ARG HA 86 9.95 -23.43 -89.04
CA ARG HA 86 9.10 -23.68 -87.89
C ARG HA 86 9.43 -25.01 -87.22
N ASN HA 87 10.01 -25.96 -87.97
CA ASN HA 87 10.48 -27.21 -87.37
C ASN HA 87 11.61 -26.96 -86.38
N GLU HA 88 12.55 -26.08 -86.74
CA GLU HA 88 13.63 -25.72 -85.82
C GLU HA 88 13.10 -25.02 -84.58
N ILE HA 89 12.06 -24.20 -84.75
CA ILE HA 89 11.43 -23.54 -83.60
C ILE HA 89 10.76 -24.56 -82.69
N ASP HA 90 10.05 -25.52 -83.28
CA ASP HA 90 9.38 -26.56 -82.51
C ASP HA 90 10.35 -27.50 -81.83
N ASP HA 91 11.56 -27.66 -82.38
CA ASP HA 91 12.58 -28.52 -81.77
C ASP HA 91 13.03 -28.04 -80.40
N VAL HA 92 12.92 -26.73 -80.13
CA VAL HA 92 13.51 -26.15 -78.93
C VAL HA 92 12.77 -26.62 -77.67
N GLU HA 93 11.45 -26.71 -77.72
CA GLU HA 93 10.69 -27.14 -76.53
C GLU HA 93 10.95 -28.62 -76.26
N ARG HA 94 11.15 -29.42 -77.31
CA ARG HA 94 11.49 -30.82 -77.12
C ARG HA 94 12.89 -31.03 -76.55
N GLY HA 95 13.70 -29.99 -76.47
CA GLY HA 95 15.01 -30.10 -75.87
C GLY HA 95 16.19 -30.09 -76.82
N SER HA 96 15.96 -29.78 -78.10
CA SER HA 96 17.08 -29.65 -79.03
C SER HA 96 17.93 -28.44 -78.67
N LYS HA 97 19.24 -28.59 -78.87
CA LYS HA 97 20.18 -27.50 -78.61
C LYS HA 97 21.02 -27.18 -79.83
N ASP HA 98 20.63 -27.71 -80.99
CA ASP HA 98 21.35 -27.41 -82.23
C ASP HA 98 20.40 -26.88 -83.31
N SER HA 99 19.34 -26.18 -82.89
CA SER HA 99 18.39 -25.62 -83.83
C SER HA 99 19.05 -24.60 -84.73
N ASP HA 100 18.68 -24.63 -86.00
CA ASP HA 100 19.35 -23.85 -87.03
C ASP HA 100 19.03 -22.37 -86.90
N TRP HA 101 19.93 -21.62 -86.27
CA TRP HA 101 19.72 -20.18 -86.12
C TRP HA 101 20.64 -19.43 -87.07
N GLU HA 102 21.03 -20.07 -88.16
CA GLU HA 102 21.86 -19.40 -89.16
C GLU HA 102 21.22 -18.13 -89.75
N PRO HA 103 19.89 -18.15 -90.04
CA PRO HA 103 19.34 -16.89 -90.58
C PRO HA 103 19.42 -15.78 -89.54
N VAL HA 104 19.18 -16.07 -88.27
CA VAL HA 104 19.32 -15.06 -87.23
C VAL HA 104 20.75 -14.52 -87.20
N LYS HA 105 21.74 -15.41 -87.34
CA LYS HA 105 23.13 -14.98 -87.33
C LYS HA 105 23.47 -14.16 -88.56
N GLU HA 106 22.94 -14.54 -89.73
CA GLU HA 106 23.18 -13.76 -90.94
C GLU HA 106 22.50 -12.40 -90.88
N ALA HA 107 21.30 -12.33 -90.29
CA ALA HA 107 20.63 -11.05 -90.14
C ALA HA 107 21.37 -10.14 -89.15
N ALA HA 108 21.87 -10.71 -88.05
CA ALA HA 108 22.62 -9.91 -87.09
C ALA HA 108 23.94 -9.44 -87.67
N LYS HA 109 24.61 -10.29 -88.43
CA LYS HA 109 25.84 -9.88 -89.08
C LYS HA 109 25.59 -8.80 -90.13
N LYS HA 110 24.49 -8.90 -90.87
CA LYS HA 110 24.20 -7.89 -91.88
C LYS HA 110 23.81 -6.56 -91.25
N LEU HA 111 23.02 -6.61 -90.17
CA LEU HA 111 22.64 -5.36 -89.45
C LEU HA 111 23.89 -4.71 -88.87
N ALA HA 112 24.76 -5.50 -88.23
CA ALA HA 112 25.99 -4.96 -87.67
C ALA HA 112 26.88 -4.35 -88.75
N PHE HA 113 26.95 -5.00 -89.92
CA PHE HA 113 27.74 -4.48 -91.03
C PHE HA 113 27.18 -3.16 -91.55
N VAL HA 114 25.85 -3.06 -91.64
CA VAL HA 114 25.25 -1.81 -92.08
C VAL HA 114 25.57 -0.72 -91.07
N GLU HA 115 25.35 -0.97 -89.78
CA GLU HA 115 25.58 0.06 -88.77
C GLU HA 115 27.04 0.53 -88.79
N ASP HA 116 28.00 -0.39 -88.86
CA ASP HA 116 29.40 -0.01 -88.86
C ASP HA 116 29.79 0.72 -90.15
N ARG HA 117 29.27 0.28 -91.29
CA ARG HA 117 29.59 0.97 -92.54
C ARG HA 117 28.91 2.33 -92.61
N THR HA 118 27.79 2.50 -91.91
CA THR HA 118 27.15 3.80 -91.83
C THR HA 118 27.96 4.75 -90.96
N ILE HA 119 28.47 4.26 -89.83
CA ILE HA 119 29.29 5.10 -88.95
C ILE HA 119 30.59 5.49 -89.62
N PHE HA 120 31.26 4.55 -90.30
CA PHE HA 120 32.61 4.85 -90.77
C PHE HA 120 32.67 5.29 -92.22
N GLU HA 121 31.73 4.90 -93.07
CA GLU HA 121 31.74 5.28 -94.48
C GLU HA 121 30.57 6.16 -94.87
N GLY HA 122 29.66 6.40 -93.96
CA GLY HA 122 28.51 7.20 -94.26
C GLY HA 122 27.39 6.61 -95.07
N TYR HA 123 26.26 7.29 -95.07
CA TYR HA 123 25.11 6.85 -95.82
C TYR HA 123 24.54 8.14 -96.31
N SER HA 124 24.92 8.54 -97.51
CA SER HA 124 24.49 9.82 -98.04
C SER HA 124 22.98 10.04 -98.13
N ALA HA 125 22.24 9.02 -98.50
CA ALA HA 125 20.79 9.12 -98.60
C ALA HA 125 20.16 9.46 -97.26
N ALA HA 126 20.77 9.03 -96.16
CA ALA HA 126 20.31 9.38 -94.83
C ALA HA 126 21.01 10.62 -94.27
N SER HA 127 21.74 11.35 -95.13
CA SER HA 127 22.47 12.57 -94.77
C SER HA 127 23.48 12.33 -93.65
N ILE HA 128 24.14 11.17 -93.68
CA ILE HA 128 25.15 10.82 -92.69
C ILE HA 128 26.49 10.83 -93.39
N GLU HA 129 27.39 11.67 -92.90
CA GLU HA 129 28.76 11.69 -93.38
C GLU HA 129 29.58 10.72 -92.54
N GLY HA 130 30.37 9.88 -93.19
CA GLY HA 130 31.20 8.95 -92.47
C GLY HA 130 32.37 9.62 -91.78
N ILE HA 131 33.01 8.86 -90.90
CA ILE HA 131 34.23 9.32 -90.25
C ILE HA 131 35.33 9.53 -91.27
N ARG HA 132 35.40 8.66 -92.29
CA ARG HA 132 36.39 8.82 -93.36
C ARG HA 132 36.19 10.11 -94.13
N SER HA 133 34.95 10.45 -94.45
CA SER HA 133 34.68 11.67 -95.20
C SER HA 133 34.79 12.92 -94.33
N ALA HA 134 34.43 12.83 -93.05
CA ALA HA 134 34.46 13.99 -92.17
C ALA HA 134 35.81 14.23 -91.54
N SER HA 135 36.80 13.37 -91.78
CA SER HA 135 38.12 13.57 -91.21
C SER HA 135 38.85 14.68 -91.96
N SER HA 136 39.45 15.60 -91.21
CA SER HA 136 40.27 16.65 -91.81
C SER HA 136 41.74 16.28 -91.89
N ASN HA 137 42.17 15.25 -91.17
CA ASN HA 137 43.55 14.79 -91.26
C ASN HA 137 43.78 14.09 -92.60
N PRO HA 138 45.01 14.12 -93.12
CA PRO HA 138 45.27 13.49 -94.42
C PRO HA 138 45.08 11.98 -94.39
N ALA HA 139 44.67 11.45 -95.53
CA ALA HA 139 44.48 10.02 -95.67
C ALA HA 139 45.79 9.35 -96.03
N LEU HA 140 45.96 8.13 -95.54
CA LEU HA 140 47.19 7.38 -95.75
C LEU HA 140 46.91 6.13 -96.55
N THR HA 141 47.94 5.62 -97.21
CA THR HA 141 47.84 4.39 -97.99
C THR HA 141 48.47 3.25 -97.22
N LEU HA 142 47.73 2.16 -97.06
CA LEU HA 142 48.26 0.98 -96.40
C LEU HA 142 49.15 0.22 -97.37
N PRO HA 143 50.34 -0.18 -96.93
CA PRO HA 143 51.28 -0.88 -97.81
C PRO HA 143 50.88 -2.33 -98.07
N GLU HA 144 51.47 -2.93 -99.10
CA GLU HA 144 51.16 -4.32 -99.41
C GLU HA 144 51.75 -5.28 -98.39
N ASP HA 145 52.99 -5.04 -97.97
CA ASP HA 145 53.66 -5.89 -97.00
C ASP HA 145 53.08 -5.63 -95.62
N PRO HA 146 52.57 -6.65 -94.93
CA PRO HA 146 52.08 -6.44 -93.56
C PRO HA 146 53.15 -6.01 -92.57
N ARG HA 147 54.42 -6.35 -92.80
CA ARG HA 147 55.50 -5.91 -91.93
C ARG HA 147 55.71 -4.41 -91.99
N GLU HA 148 55.24 -3.76 -93.04
CA GLU HA 148 55.26 -2.31 -93.15
C GLU HA 148 53.97 -1.66 -92.67
N ILE HA 149 53.02 -2.43 -92.15
CA ILE HA 149 51.81 -1.82 -91.59
C ILE HA 149 52.10 -0.93 -90.36
N PRO HA 150 52.81 -1.46 -89.33
CA PRO HA 150 53.02 -0.61 -88.14
C PRO HA 150 53.69 0.73 -88.44
N ASP HA 151 54.52 0.81 -89.47
CA ASP HA 151 55.15 2.08 -89.82
C ASP HA 151 54.10 3.10 -90.19
N VAL HA 152 53.26 2.79 -91.18
CA VAL HA 152 52.22 3.73 -91.63
C VAL HA 152 51.26 4.08 -90.51
N ILE HA 153 50.85 3.10 -89.72
CA ILE HA 153 49.99 3.36 -88.56
C ILE HA 153 50.63 4.39 -87.65
N SER HA 154 51.94 4.29 -87.43
CA SER HA 154 52.67 5.27 -86.59
C SER HA 154 52.62 6.67 -87.22
N GLN HA 155 52.63 6.77 -88.55
CA GLN HA 155 52.49 8.05 -89.22
C GLN HA 155 51.11 8.64 -88.95
N ALA HA 156 50.08 7.79 -88.91
CA ALA HA 156 48.75 8.23 -88.50
C ALA HA 156 48.76 8.74 -87.07
N LEU HA 157 49.51 8.08 -86.18
CA LEU HA 157 49.65 8.55 -84.82
C LEU HA 157 50.41 9.87 -84.77
N SER HA 158 51.23 10.17 -85.79
CA SER HA 158 51.84 11.48 -85.85
C SER HA 158 50.79 12.55 -86.14
N GLU HA 159 49.83 12.23 -87.01
CA GLU HA 159 48.89 13.24 -87.49
C GLU HA 159 47.94 13.71 -86.39
N LEU HA 160 47.39 12.76 -85.61
CA LEU HA 160 46.63 13.12 -84.41
C LEU HA 160 47.46 13.88 -83.40
N ARG HA 161 48.78 13.64 -83.39
CA ARG HA 161 49.61 14.43 -82.51
C ARG HA 161 49.83 15.83 -83.09
N LEU HA 162 49.89 15.94 -84.42
CA LEU HA 162 49.99 17.24 -85.04
C LEU HA 162 48.66 17.99 -85.03
N ALA HA 163 47.55 17.27 -84.84
CA ALA HA 163 46.24 17.90 -84.73
C ALA HA 163 45.96 18.42 -83.33
N GLY HA 164 46.86 18.19 -82.38
CA GLY HA 164 46.63 18.59 -81.01
C GLY HA 164 45.48 17.81 -80.38
N VAL HA 165 45.67 16.51 -80.19
CA VAL HA 165 44.60 15.68 -79.65
C VAL HA 165 45.14 14.73 -78.59
N ASP HA 166 44.43 14.61 -77.47
CA ASP HA 166 44.84 13.69 -76.41
C ASP HA 166 43.95 12.44 -76.38
N GLY HA 167 44.05 11.66 -75.32
CA GLY HA 167 43.18 10.49 -75.19
C GLY HA 167 43.76 9.17 -75.66
N PRO HA 168 43.14 8.05 -75.23
CA PRO HA 168 43.60 6.73 -75.64
C PRO HA 168 43.31 6.59 -77.13
N TYR HA 169 44.30 6.35 -77.97
CA TYR HA 169 44.02 6.14 -79.38
C TYR HA 169 43.66 4.69 -79.70
N SER HA 170 42.73 4.47 -80.63
CA SER HA 170 42.42 3.06 -80.91
C SER HA 170 42.50 2.79 -82.41
N VAL HA 171 42.96 1.60 -82.78
CA VAL HA 171 43.13 1.27 -84.19
C VAL HA 171 42.08 0.23 -84.56
N LEU HA 172 41.33 0.53 -85.61
CA LEU HA 172 40.32 -0.39 -86.12
C LEU HA 172 40.79 -0.86 -87.46
N LEU HA 173 40.75 -2.15 -87.72
CA LEU HA 173 41.26 -2.72 -88.95
C LEU HA 173 40.15 -3.43 -89.69
N SER HA 174 40.22 -3.39 -91.02
CA SER HA 174 39.35 -4.23 -91.81
C SER HA 174 39.75 -5.70 -91.64
N ALA HA 175 38.84 -6.60 -92.03
CA ALA HA 175 39.04 -8.03 -91.85
C ALA HA 175 40.24 -8.54 -92.65
N ASP HA 176 40.45 -7.98 -93.85
CA ASP HA 176 41.62 -8.30 -94.65
C ASP HA 176 42.90 -7.87 -93.94
N VAL HA 177 42.91 -6.64 -93.43
CA VAL HA 177 44.10 -6.10 -92.76
C VAL HA 177 44.33 -6.80 -91.42
N TYR HA 178 43.25 -7.09 -90.69
CA TYR HA 178 43.36 -7.81 -89.43
C TYR HA 178 43.91 -9.21 -89.63
N THR HA 179 43.45 -9.90 -90.69
CA THR HA 179 43.97 -11.22 -91.02
C THR HA 179 45.45 -11.14 -91.43
N LYS HA 180 45.82 -10.12 -92.22
CA LYS HA 180 47.20 -9.96 -92.67
C LYS HA 180 48.15 -9.70 -91.50
N VAL HA 181 47.75 -8.84 -90.55
CA VAL HA 181 48.63 -8.57 -89.42
C VAL HA 181 48.52 -9.64 -88.34
N SER HA 182 47.51 -10.51 -88.42
CA SER HA 182 47.40 -11.62 -87.50
C SER HA 182 48.24 -12.81 -87.93
N GLU HA 183 48.30 -13.09 -89.22
CA GLU HA 183 48.92 -14.31 -89.71
C GLU HA 183 50.40 -14.15 -90.02
N THR HA 184 50.87 -12.91 -90.18
CA THR HA 184 52.29 -12.65 -90.37
C THR HA 184 52.92 -12.43 -89.01
N SER HA 185 54.08 -13.04 -88.79
CA SER HA 185 54.72 -12.97 -87.48
C SER HA 185 56.16 -12.47 -87.63
N ASP HA 186 56.63 -11.80 -86.59
CA ASP HA 186 58.01 -11.33 -86.53
C ASP HA 186 58.49 -11.47 -85.10
N HIS HA 187 59.56 -12.26 -84.92
CA HIS HA 187 60.23 -12.46 -83.63
C HIS HA 187 59.28 -12.99 -82.56
N GLY HA 188 58.49 -13.99 -82.92
CA GLY HA 188 57.64 -14.66 -81.97
C GLY HA 188 56.34 -13.97 -81.65
N TYR HA 189 56.02 -12.87 -82.32
CA TYR HA 189 54.75 -12.20 -82.16
C TYR HA 189 54.18 -11.88 -83.53
N PRO HA 190 52.86 -11.95 -83.68
CA PRO HA 190 52.24 -11.43 -84.90
C PRO HA 190 52.31 -9.90 -84.92
N ILE HA 191 52.10 -9.34 -86.11
CA ILE HA 191 52.18 -7.89 -86.30
C ILE HA 191 51.08 -7.17 -85.53
N ARG HA 192 49.98 -7.87 -85.22
CA ARG HA 192 48.93 -7.31 -84.38
C ARG HA 192 49.45 -6.91 -83.00
N GLU HA 193 50.37 -7.70 -82.44
CA GLU HA 193 51.00 -7.32 -81.18
C GLU HA 193 51.88 -6.09 -81.35
N HIS HA 194 52.58 -5.98 -82.48
CA HIS HA 194 53.36 -4.77 -82.77
C HIS HA 194 52.47 -3.53 -82.85
N LEU HA 195 51.27 -3.68 -83.41
CA LEU HA 195 50.30 -2.59 -83.39
C LEU HA 195 49.83 -2.29 -81.98
N ASN HA 196 49.67 -3.33 -81.16
CA ASN HA 196 49.23 -3.18 -79.78
C ASN HA 196 50.25 -2.40 -78.95
N ARG HA 197 51.54 -2.51 -79.28
CA ARG HA 197 52.55 -1.76 -78.54
C ARG HA 197 52.52 -0.26 -78.83
N LEU HA 198 52.05 0.14 -80.03
CA LEU HA 198 52.03 1.56 -80.43
C LEU HA 198 50.95 2.38 -79.71
N VAL HA 199 49.84 1.75 -79.30
CA VAL HA 199 48.71 2.55 -78.73
C VAL HA 199 48.34 2.11 -77.32
N ASP HA 200 47.65 2.98 -76.60
CA ASP HA 200 47.19 2.67 -75.22
C ASP HA 200 45.71 2.30 -75.30
N GLY HA 201 45.19 2.19 -76.51
CA GLY HA 201 43.79 1.81 -76.70
C GLY HA 201 43.70 0.34 -77.06
N ASP HA 202 43.05 0.00 -78.18
CA ASP HA 202 42.86 -1.44 -78.48
C ASP HA 202 42.94 -1.71 -79.98
N ILE HA 203 43.52 -2.83 -80.37
CA ILE HA 203 43.43 -3.22 -81.80
C ILE HA 203 42.06 -3.85 -81.90
N ILE HA 204 41.20 -3.30 -82.75
CA ILE HA 204 39.80 -3.71 -82.82
C ILE HA 204 39.53 -4.31 -84.19
N TRP HA 205 39.00 -5.52 -84.20
CA TRP HA 205 38.57 -6.17 -85.44
C TRP HA 205 37.30 -5.50 -85.93
N ALA HA 206 37.34 -4.98 -87.15
CA ALA HA 206 36.22 -4.26 -87.75
C ALA HA 206 35.95 -4.83 -89.13
N PRO HA 207 35.22 -5.96 -89.22
CA PRO HA 207 35.05 -6.65 -90.51
C PRO HA 207 34.20 -5.90 -91.52
N ALA HA 208 33.44 -4.88 -91.14
CA ALA HA 208 32.60 -4.20 -92.11
C ALA HA 208 33.34 -3.11 -92.87
N ILE HA 209 34.31 -2.46 -92.25
CA ILE HA 209 34.98 -1.30 -92.82
C ILE HA 209 35.95 -1.70 -93.93
N ASP HA 210 36.38 -0.72 -94.70
CA ASP HA 210 37.53 -0.84 -95.59
C ASP HA 210 38.72 -0.13 -94.97
N GLY HA 211 39.91 -0.61 -95.33
CA GLY HA 211 41.13 -0.01 -94.84
C GLY HA 211 41.32 -0.05 -93.34
N ALA HA 212 41.66 1.09 -92.76
CA ALA HA 212 41.89 1.15 -91.33
C ALA HA 212 41.53 2.53 -90.81
N PHE HA 213 41.33 2.60 -89.50
CA PHE HA 213 41.00 3.90 -88.88
C PHE HA 213 41.76 4.00 -87.57
N VAL HA 214 42.42 5.12 -87.35
CA VAL HA 214 43.07 5.35 -86.04
C VAL HA 214 42.35 6.54 -85.44
N LEU HA 215 41.99 6.46 -84.17
CA LEU HA 215 41.19 7.57 -83.63
C LEU HA 215 41.26 7.61 -82.11
N THR HA 216 40.94 8.75 -81.53
CA THR HA 216 40.93 8.93 -80.10
C THR HA 216 39.59 8.53 -79.50
N THR HA 217 39.64 7.98 -78.29
CA THR HA 217 38.42 7.59 -77.59
C THR HA 217 38.28 8.40 -76.32
N ARG HA 218 38.72 9.66 -76.38
CA ARG HA 218 38.63 10.53 -75.21
C ARG HA 218 37.20 10.89 -74.86
N GLY HA 219 36.28 10.81 -75.83
CA GLY HA 219 34.91 11.14 -75.57
C GLY HA 219 34.51 12.44 -76.24
N GLY HA 220 33.22 12.55 -76.55
CA GLY HA 220 32.66 13.78 -77.06
C GLY HA 220 32.99 14.12 -78.49
N ASP HA 221 33.61 13.20 -79.25
CA ASP HA 221 33.98 13.52 -80.61
C ASP HA 221 33.05 12.85 -81.62
N PHE HA 222 32.57 11.65 -81.30
CA PHE HA 222 31.78 10.84 -82.21
C PHE HA 222 30.55 10.39 -81.45
N ASP HA 223 29.36 10.60 -82.04
CA ASP HA 223 28.12 10.40 -81.29
C ASP HA 223 27.16 9.59 -82.15
N LEU HA 224 26.79 8.42 -81.67
CA LEU HA 224 25.76 7.60 -82.30
C LEU HA 224 24.45 7.84 -81.56
N GLN HA 225 23.45 8.34 -82.26
CA GLN HA 225 22.15 8.60 -81.66
C GLN HA 225 21.17 7.49 -82.02
N LEU HA 226 20.63 6.88 -81.00
CA LEU HA 226 19.66 5.83 -81.19
C LEU HA 226 18.28 6.24 -80.82
N GLY HA 227 17.31 6.03 -81.70
CA GLY HA 227 15.94 6.26 -81.28
C GLY HA 227 15.56 4.99 -80.55
N THR HA 228 15.70 3.86 -81.24
CA THR HA 228 15.44 2.55 -80.60
C THR HA 228 16.61 1.61 -80.92
N ASP HA 229 17.06 0.85 -79.93
CA ASP HA 229 18.17 -0.12 -80.15
C ASP HA 229 17.66 -1.32 -80.94
N VAL HA 230 18.52 -2.32 -81.17
CA VAL HA 230 18.16 -3.51 -81.98
C VAL HA 230 17.01 -4.29 -81.35
N ALA HA 231 15.98 -4.56 -82.15
CA ALA HA 231 14.81 -5.31 -81.69
C ALA HA 231 14.42 -6.32 -82.74
N ILE HA 232 13.75 -7.39 -82.31
CA ILE HA 232 13.29 -8.42 -83.23
C ILE HA 232 11.78 -8.31 -83.36
N GLY HA 233 11.29 -8.22 -84.59
CA GLY HA 233 9.88 -8.05 -84.85
C GLY HA 233 9.35 -9.14 -85.78
N TYR HA 234 8.03 -9.29 -85.76
CA TYR HA 234 7.35 -10.35 -86.49
C TYR HA 234 6.63 -9.78 -87.72
N ALA HA 235 6.87 -10.36 -88.89
CA ALA HA 235 6.25 -9.85 -90.13
C ALA HA 235 5.05 -10.73 -90.50
N SER HA 236 5.29 -11.99 -90.86
CA SER HA 236 4.24 -12.91 -91.28
C SER HA 236 4.71 -14.34 -91.13
N HIS HA 237 3.79 -15.30 -91.30
CA HIS HA 237 4.13 -16.75 -91.13
C HIS HA 237 3.30 -17.65 -92.03
N ASP HA 238 3.80 -18.84 -92.34
CA ASP HA 238 3.02 -19.84 -93.11
C ASP HA 238 3.14 -21.15 -92.35
N THR HA 239 2.81 -22.28 -92.97
CA THR HA 239 2.87 -23.59 -92.29
C THR HA 239 4.33 -23.97 -92.03
N ASP HA 240 5.24 -23.53 -92.89
CA ASP HA 240 6.61 -23.99 -92.74
C ASP HA 240 7.56 -22.98 -92.10
N THR HA 241 7.34 -21.69 -92.27
CA THR HA 241 8.33 -20.70 -91.91
C THR HA 241 7.70 -19.52 -91.19
N VAL HA 242 8.54 -18.81 -90.44
CA VAL HA 242 8.18 -17.54 -89.81
C VAL HA 242 9.12 -16.48 -90.35
N ARG HA 243 8.55 -15.42 -90.93
CA ARG HA 243 9.33 -14.26 -91.34
C ARG HA 243 9.40 -13.27 -90.19
N LEU HA 244 10.63 -12.93 -89.80
CA LEU HA 244 10.83 -11.94 -88.76
C LEU HA 244 11.81 -10.90 -89.29
N TYR HA 245 12.20 -9.94 -88.46
CA TYR HA 245 13.18 -8.94 -88.87
C TYR HA 245 13.94 -8.45 -87.66
N LEU HA 246 15.14 -7.95 -87.92
CA LEU HA 246 15.92 -7.18 -86.97
C LEU HA 246 15.78 -5.71 -87.34
N GLN HA 247 15.66 -4.85 -86.35
CA GLN HA 247 15.35 -3.47 -86.67
C GLN HA 247 16.01 -2.54 -85.67
N GLU HA 248 16.58 -1.45 -86.17
CA GLU HA 248 17.14 -0.43 -85.32
C GLU HA 248 17.06 0.91 -86.03
N THR HA 249 16.88 1.98 -85.27
CA THR HA 249 16.80 3.32 -85.86
C THR HA 249 17.83 4.24 -85.22
N LEU HA 250 18.57 4.95 -86.06
CA LEU HA 250 19.75 5.67 -85.60
C LEU HA 250 20.13 6.78 -86.57
N THR HA 251 21.01 7.66 -86.07
CA THR HA 251 21.81 8.54 -86.92
C THR HA 251 23.19 8.62 -86.30
N PHE HA 252 24.17 9.11 -87.06
CA PHE HA 252 25.51 9.28 -86.56
C PHE HA 252 26.00 10.70 -86.82
N LEU HA 253 26.66 11.28 -85.82
CA LEU HA 253 27.19 12.62 -85.87
C LEU HA 253 28.68 12.58 -85.55
N CYS HA 254 29.47 13.31 -86.32
CA CYS HA 254 30.88 13.52 -86.00
C CYS HA 254 31.07 14.99 -85.69
N TYR HA 255 31.38 15.29 -84.43
CA TYR HA 255 31.56 16.68 -84.00
C TYR HA 255 32.97 17.20 -84.23
N THR HA 256 33.96 16.33 -84.23
CA THR HA 256 35.36 16.73 -84.23
C THR HA 256 36.04 16.16 -85.46
N ALA HA 257 36.38 17.04 -86.40
CA ALA HA 257 36.89 16.59 -87.70
C ALA HA 257 38.31 16.05 -87.62
N GLU HA 258 39.10 16.51 -86.65
CA GLU HA 258 40.51 16.18 -86.62
C GLU HA 258 40.83 15.02 -85.67
N ALA HA 259 39.82 14.31 -85.20
CA ALA HA 259 40.02 13.26 -84.22
C ALA HA 259 40.24 11.88 -84.84
N SER HA 260 40.50 11.79 -86.15
CA SER HA 260 40.63 10.50 -86.78
C SER HA 260 41.49 10.57 -88.03
N VAL HA 261 42.11 9.43 -88.37
CA VAL HA 261 42.83 9.22 -89.61
C VAL HA 261 42.28 7.97 -90.29
N ALA HA 262 41.92 8.10 -91.57
CA ALA HA 262 41.45 6.99 -92.39
C ALA HA 262 42.58 6.49 -93.28
N LEU HA 263 42.60 5.18 -93.46
CA LEU HA 263 43.62 4.56 -94.29
C LEU HA 263 42.92 3.70 -95.33
N SER HA 264 43.50 3.61 -96.52
CA SER HA 264 42.92 2.85 -97.62
C SER HA 264 44.01 2.03 -98.29
N HIS HA 265 43.59 1.16 -99.19
CA HIS HA 265 44.51 0.32 -99.93
C HIS HA 265 44.91 0.96 -101.26
N MET IA 1 38.42 -54.71 -45.77
CA MET IA 1 38.94 -55.99 -45.33
C MET IA 1 40.46 -56.01 -45.25
N ASN IA 2 41.02 -57.13 -44.78
CA ASN IA 2 42.47 -57.26 -44.65
C ASN IA 2 43.04 -58.42 -45.47
N ASN IA 3 44.25 -58.86 -45.14
CA ASN IA 3 44.86 -59.96 -45.89
C ASN IA 3 44.23 -61.33 -45.58
N LEU IA 4 43.59 -61.50 -44.41
CA LEU IA 4 42.85 -62.74 -44.14
C LEU IA 4 41.67 -62.96 -45.09
N TYR IA 5 41.11 -61.90 -45.66
CA TYR IA 5 39.96 -62.02 -46.56
C TYR IA 5 38.87 -62.90 -45.94
N ARG IA 6 38.60 -62.63 -44.66
CA ARG IA 6 37.78 -63.54 -43.86
C ARG IA 6 36.32 -63.52 -44.28
N ASP IA 7 35.81 -62.36 -44.69
CA ASP IA 7 34.43 -62.25 -45.11
C ASP IA 7 34.16 -62.92 -46.45
N LEU IA 8 35.19 -63.24 -47.22
CA LEU IA 8 35.00 -63.96 -48.47
C LEU IA 8 34.82 -65.46 -48.26
N ALA IA 9 35.17 -65.98 -47.08
CA ALA IA 9 35.07 -67.40 -46.84
C ALA IA 9 33.61 -67.80 -46.63
N PRO IA 10 33.16 -68.91 -47.22
CA PRO IA 10 31.79 -69.40 -46.95
C PRO IA 10 31.70 -70.15 -45.62
N VAL IA 11 31.90 -69.41 -44.54
CA VAL IA 11 31.91 -69.92 -43.19
C VAL IA 11 30.95 -69.06 -42.39
N THR IA 12 30.03 -69.69 -41.67
CA THR IA 12 29.08 -68.95 -40.89
C THR IA 12 29.73 -68.42 -39.61
N GLU IA 13 29.01 -67.54 -38.93
CA GLU IA 13 29.54 -66.91 -37.71
C GLU IA 13 29.73 -67.92 -36.59
N ALA IA 14 28.77 -68.83 -36.42
CA ALA IA 14 28.87 -69.85 -35.40
C ALA IA 14 29.99 -70.83 -35.69
N ALA IA 15 30.13 -71.22 -36.97
CA ALA IA 15 31.23 -72.06 -37.39
C ALA IA 15 32.57 -71.35 -37.19
N TRP IA 16 32.62 -70.04 -37.45
CA TRP IA 16 33.84 -69.28 -37.20
C TRP IA 16 34.22 -69.29 -35.74
N ALA IA 17 33.23 -69.11 -34.84
CA ALA IA 17 33.51 -69.14 -33.41
C ALA IA 17 34.02 -70.49 -32.95
N GLU IA 18 33.44 -71.58 -33.48
CA GLU IA 18 33.93 -72.91 -33.15
C GLU IA 18 35.36 -73.15 -33.67
N ILE IA 19 35.67 -72.69 -34.87
CA ILE IA 19 37.00 -72.85 -35.44
C ILE IA 19 38.04 -72.06 -34.64
N GLU IA 20 37.70 -70.82 -34.27
CA GLU IA 20 38.61 -69.99 -33.47
C GLU IA 20 38.86 -70.61 -32.12
N LEU IA 21 37.81 -71.13 -31.46
CA LEU IA 21 37.95 -71.78 -30.17
C LEU IA 21 38.82 -73.02 -30.25
N GLU IA 22 38.60 -73.86 -31.27
CA GLU IA 22 39.37 -75.08 -31.44
C GLU IA 22 40.84 -74.80 -31.70
N ALA IA 23 41.12 -73.82 -32.58
CA ALA IA 23 42.50 -73.47 -32.91
C ALA IA 23 43.23 -72.86 -31.73
N ALA IA 24 42.58 -71.94 -31.01
CA ALA IA 24 43.21 -71.31 -29.85
C ALA IA 24 43.48 -72.32 -28.75
N ARG IA 25 42.53 -73.21 -28.50
CA ARG IA 25 42.70 -74.24 -27.47
C ARG IA 25 43.85 -75.18 -27.80
N THR IA 26 43.85 -75.73 -29.01
CA THR IA 26 44.88 -76.71 -29.37
C THR IA 26 46.27 -76.08 -29.40
N PHE IA 27 46.36 -74.83 -29.83
CA PHE IA 27 47.63 -74.11 -29.84
C PHE IA 27 48.22 -73.88 -28.45
N LYS IA 28 47.44 -73.33 -27.52
CA LYS IA 28 47.93 -73.11 -26.17
C LYS IA 28 48.43 -74.39 -25.52
N ARG IA 29 47.68 -75.48 -25.65
CA ARG IA 29 48.07 -76.74 -25.08
C ARG IA 29 49.41 -77.20 -25.57
N HIS IA 30 49.70 -76.92 -26.82
CA HIS IA 30 50.98 -77.43 -27.40
C HIS IA 30 52.07 -76.37 -27.35
N ILE IA 31 51.80 -75.18 -26.82
CA ILE IA 31 52.93 -74.26 -26.69
C ILE IA 31 53.60 -74.40 -25.33
N ALA IA 32 54.90 -74.61 -25.35
CA ALA IA 32 55.72 -74.55 -24.15
C ALA IA 32 56.59 -73.31 -24.12
N GLY IA 33 56.93 -72.80 -25.31
CA GLY IA 33 57.92 -71.74 -25.41
C GLY IA 33 57.46 -70.41 -24.84
N ARG IA 34 56.20 -70.06 -25.04
CA ARG IA 34 55.70 -68.77 -24.56
C ARG IA 34 55.55 -68.73 -23.04
N ARG IA 35 55.53 -69.89 -22.39
CA ARG IA 35 55.45 -69.91 -20.94
C ARG IA 35 56.76 -69.51 -20.27
N VAL IA 36 57.88 -69.59 -20.98
CA VAL IA 36 59.18 -69.31 -20.38
C VAL IA 36 59.87 -68.09 -20.96
N VAL IA 37 59.57 -67.67 -22.19
CA VAL IA 37 60.29 -66.58 -22.80
C VAL IA 37 59.45 -65.31 -22.67
N ASP IA 38 60.10 -64.17 -22.82
CA ASP IA 38 59.39 -62.91 -22.89
C ASP IA 38 58.74 -62.79 -24.27
N VAL IA 39 57.46 -62.46 -24.28
CA VAL IA 39 56.68 -62.35 -25.50
C VAL IA 39 56.29 -60.89 -25.67
N SER IA 40 56.69 -60.29 -26.78
CA SER IA 40 56.43 -58.89 -27.01
C SER IA 40 54.98 -58.68 -27.43
N ASP IA 41 54.55 -57.43 -27.42
CA ASP IA 41 53.30 -57.08 -28.07
C ASP IA 41 53.45 -57.24 -29.58
N PRO IA 42 52.36 -57.52 -30.30
CA PRO IA 42 52.44 -57.55 -31.76
C PRO IA 42 52.81 -56.20 -32.36
N GLY IA 43 53.88 -56.19 -33.16
CA GLY IA 43 54.32 -54.98 -33.82
C GLY IA 43 53.32 -54.48 -34.84
N GLY IA 44 52.70 -55.39 -35.56
CA GLY IA 44 51.78 -55.01 -36.60
C GLY IA 44 52.23 -55.56 -37.92
N PRO IA 45 51.39 -55.42 -38.95
CA PRO IA 45 51.74 -55.99 -40.26
C PRO IA 45 52.94 -55.35 -40.93
N VAL IA 46 53.22 -54.08 -40.63
CA VAL IA 46 54.29 -53.39 -41.34
C VAL IA 46 55.65 -53.74 -40.77
N THR IA 47 55.68 -54.32 -39.57
CA THR IA 47 56.93 -54.62 -38.90
C THR IA 47 57.66 -55.74 -39.62
N ALA IA 48 58.93 -55.51 -39.95
CA ALA IA 48 59.64 -56.45 -40.81
C ALA IA 48 60.93 -56.95 -40.19
N ALA IA 49 61.52 -56.18 -39.28
CA ALA IA 49 62.80 -56.54 -38.71
C ALA IA 49 62.92 -55.97 -37.31
N VAL IA 50 63.79 -56.59 -36.53
CA VAL IA 50 64.08 -56.15 -35.17
C VAL IA 50 65.54 -55.68 -35.15
N SER IA 51 65.75 -54.46 -34.67
CA SER IA 51 67.09 -53.93 -34.53
C SER IA 51 67.84 -54.64 -33.42
N THR IA 52 69.07 -55.05 -33.71
CA THR IA 52 69.94 -55.62 -32.70
C THR IA 52 70.85 -54.59 -32.04
N GLY IA 53 70.98 -53.43 -32.70
CA GLY IA 53 71.81 -52.33 -32.13
C GLY IA 53 73.27 -52.52 -32.46
N ARG IA 54 73.63 -53.52 -33.26
CA ARG IA 54 75.05 -53.70 -33.66
C ARG IA 54 75.35 -52.98 -34.99
N LEU IA 55 76.61 -52.96 -35.41
CA LEU IA 55 77.03 -52.22 -36.64
C LEU IA 55 77.90 -53.14 -37.52
N ILE IA 56 77.78 -53.03 -38.83
CA ILE IA 56 78.55 -53.86 -39.76
C ILE IA 56 79.43 -53.00 -40.66
N ASP IA 57 80.74 -53.21 -40.59
CA ASP IA 57 81.67 -52.45 -41.42
C ASP IA 57 81.45 -52.65 -42.91
N VAL IA 58 81.25 -51.56 -43.64
CA VAL IA 58 81.12 -51.66 -45.11
C VAL IA 58 82.19 -50.86 -45.84
N LYS IA 59 82.48 -51.24 -47.08
CA LYS IA 59 83.50 -50.55 -47.85
C LYS IA 59 83.22 -49.06 -47.95
N ALA IA 60 84.12 -48.24 -47.41
CA ALA IA 60 83.96 -46.78 -47.41
C ALA IA 60 83.44 -46.22 -48.74
N PRO IA 61 82.35 -45.43 -48.68
CA PRO IA 61 81.79 -44.83 -49.90
C PRO IA 61 82.83 -43.97 -50.57
N THR IA 62 83.40 -43.02 -49.83
CA THR IA 62 84.47 -42.17 -50.36
C THR IA 62 85.59 -42.00 -49.35
N ASN IA 63 86.58 -41.19 -49.70
CA ASN IA 63 87.70 -40.93 -48.80
C ASN IA 63 87.25 -40.16 -47.58
N GLY IA 64 87.68 -40.59 -46.40
CA GLY IA 64 87.31 -39.89 -45.18
C GLY IA 64 85.90 -40.14 -44.69
N VAL IA 65 85.19 -41.08 -45.33
CA VAL IA 65 83.86 -41.42 -44.89
C VAL IA 65 83.89 -42.77 -44.26
N ILE IA 66 83.28 -42.91 -43.09
CA ILE IA 66 83.24 -44.17 -42.40
C ILE IA 66 81.82 -44.60 -42.39
N ALA IA 67 81.55 -45.76 -42.97
CA ALA IA 67 80.18 -46.25 -43.09
C ALA IA 67 79.93 -47.52 -42.35
N HIS IA 68 78.76 -47.62 -41.77
CA HIS IA 68 78.39 -48.83 -41.08
C HIS IA 68 76.94 -49.17 -41.32
N LEU IA 69 76.67 -50.42 -41.63
CA LEU IA 69 75.30 -50.88 -41.77
C LEU IA 69 74.72 -51.25 -40.41
N ARG IA 70 73.47 -50.86 -40.19
CA ARG IA 70 72.77 -51.31 -38.99
C ARG IA 70 72.38 -52.77 -39.14
N ALA IA 71 72.68 -53.57 -38.12
CA ALA IA 71 72.30 -54.97 -38.11
C ALA IA 71 70.87 -55.14 -37.63
N SER IA 72 70.20 -56.16 -38.15
CA SER IA 72 68.83 -56.44 -37.76
C SER IA 72 68.54 -57.91 -37.99
N LYS IA 73 67.40 -58.36 -37.45
CA LYS IA 73 66.91 -59.71 -37.61
C LYS IA 73 65.59 -59.68 -38.36
N PRO IA 74 65.44 -60.41 -39.45
CA PRO IA 74 64.17 -60.42 -40.17
C PRO IA 74 63.13 -61.29 -39.48
N LEU IA 75 61.88 -60.83 -39.55
CA LEU IA 75 60.77 -61.69 -39.18
C LEU IA 75 60.54 -62.76 -40.25
N VAL IA 76 59.98 -63.89 -39.84
CA VAL IA 76 59.55 -64.93 -40.75
C VAL IA 76 58.05 -65.11 -40.57
N ARG IA 77 57.33 -65.19 -41.67
CA ARG IA 77 55.91 -65.49 -41.64
C ARG IA 77 55.72 -66.98 -41.89
N LEU IA 78 55.03 -67.63 -40.98
CA LEU IA 78 54.82 -69.08 -40.97
C LEU IA 78 53.35 -69.32 -41.22
N ARG IA 79 53.05 -70.10 -42.26
CA ARG IA 79 51.69 -70.36 -42.69
C ARG IA 79 51.48 -71.86 -42.80
N VAL IA 80 50.42 -72.33 -42.17
CA VAL IA 80 50.00 -73.73 -42.22
C VAL IA 80 48.62 -73.79 -42.84
N PRO IA 81 48.51 -74.19 -44.11
CA PRO IA 81 47.18 -74.35 -44.70
C PRO IA 81 46.49 -75.61 -44.19
N PHE IA 82 45.16 -75.56 -44.19
CA PHE IA 82 44.34 -76.71 -43.82
C PHE IA 82 43.01 -76.62 -44.57
N THR IA 83 42.31 -77.75 -44.61
CA THR IA 83 41.15 -77.91 -45.46
C THR IA 83 39.97 -78.41 -44.64
N LEU IA 84 38.84 -77.71 -44.73
CA LEU IA 84 37.65 -78.06 -43.98
C LEU IA 84 36.54 -78.52 -44.91
N SER IA 85 35.81 -79.54 -44.48
CA SER IA 85 34.59 -79.95 -45.15
C SER IA 85 33.50 -78.91 -44.98
N ARG IA 86 32.83 -78.56 -46.06
CA ARG IA 86 31.75 -77.58 -45.99
C ARG IA 86 30.50 -78.16 -45.35
N ASN IA 87 30.32 -79.48 -45.40
CA ASN IA 87 29.22 -80.14 -44.70
C ASN IA 87 29.37 -79.98 -43.19
N GLU IA 88 30.59 -80.14 -42.67
CA GLU IA 88 30.84 -79.94 -41.25
C GLU IA 88 30.59 -78.49 -40.84
N ILE IA 89 30.93 -77.55 -41.72
CA ILE IA 89 30.66 -76.13 -41.46
C ILE IA 89 29.16 -75.87 -41.42
N ASP IA 90 28.42 -76.43 -42.37
CA ASP IA 90 26.97 -76.27 -42.42
C ASP IA 90 26.26 -76.94 -41.25
N ASP IA 91 26.85 -77.99 -40.68
CA ASP IA 91 26.27 -78.68 -39.54
C ASP IA 91 26.16 -77.80 -38.30
N VAL IA 92 27.01 -76.78 -38.18
CA VAL IA 92 27.12 -76.01 -36.93
C VAL IA 92 25.87 -75.16 -36.71
N GLU IA 93 25.32 -74.56 -37.77
CA GLU IA 93 24.12 -73.73 -37.59
C GLU IA 93 22.92 -74.61 -37.26
N ARG IA 94 22.87 -75.82 -37.80
CA ARG IA 94 21.79 -76.73 -37.46
C ARG IA 94 21.87 -77.26 -36.02
N GLY IA 95 22.97 -76.99 -35.32
CA GLY IA 95 23.09 -77.37 -33.93
C GLY IA 95 23.99 -78.54 -33.64
N SER IA 96 24.77 -79.01 -34.61
CA SER IA 96 25.74 -80.06 -34.35
C SER IA 96 26.84 -79.55 -33.44
N LYS IA 97 27.32 -80.43 -32.56
CA LYS IA 97 28.41 -80.11 -31.64
C LYS IA 97 29.57 -81.07 -31.77
N ASP IA 98 29.56 -81.89 -32.82
CA ASP IA 98 30.66 -82.82 -33.06
C ASP IA 98 31.25 -82.64 -34.47
N SER IA 99 31.19 -81.42 -34.99
CA SER IA 99 31.74 -81.14 -36.31
C SER IA 99 33.24 -81.41 -36.34
N ASP IA 100 33.69 -81.99 -37.45
CA ASP IA 100 35.04 -82.48 -37.57
C ASP IA 100 36.04 -81.33 -37.70
N TRP IA 101 36.66 -80.95 -36.59
CA TRP IA 101 37.65 -79.88 -36.62
C TRP IA 101 39.04 -80.46 -36.49
N GLU IA 102 39.21 -81.71 -36.91
CA GLU IA 102 40.55 -82.33 -36.89
C GLU IA 102 41.59 -81.58 -37.74
N PRO IA 103 41.22 -81.07 -38.94
CA PRO IA 103 42.26 -80.34 -39.66
C PRO IA 103 42.68 -79.08 -38.92
N VAL IA 104 41.74 -78.38 -38.30
CA VAL IA 104 42.08 -77.21 -37.50
C VAL IA 104 43.04 -77.61 -36.37
N LYS IA 105 42.77 -78.73 -35.71
CA LYS IA 105 43.62 -79.20 -34.64
C LYS IA 105 45.00 -79.60 -35.13
N GLU IA 106 45.07 -80.25 -36.30
CA GLU IA 106 46.36 -80.62 -36.87
C GLU IA 106 47.15 -79.41 -37.32
N ALA IA 107 46.47 -78.39 -37.86
CA ALA IA 107 47.16 -77.16 -38.25
C ALA IA 107 47.67 -76.41 -37.02
N ALA IA 108 46.88 -76.35 -35.95
CA ALA IA 108 47.32 -75.68 -34.74
C ALA IA 108 48.48 -76.42 -34.08
N LYS IA 109 48.43 -77.75 -34.08
CA LYS IA 109 49.52 -78.53 -33.54
C LYS IA 109 50.80 -78.36 -34.36
N LYS IA 110 50.65 -78.29 -35.69
CA LYS IA 110 51.83 -78.13 -36.54
C LYS IA 110 52.44 -76.74 -36.40
N LEU IA 111 51.58 -75.71 -36.31
CA LEU IA 111 52.07 -74.33 -36.12
C LEU IA 111 52.78 -74.22 -34.77
N ALA IA 112 52.17 -74.77 -33.71
CA ALA IA 112 52.79 -74.76 -32.39
C ALA IA 112 54.13 -75.49 -32.39
N PHE IA 113 54.21 -76.62 -33.10
CA PHE IA 113 55.45 -77.37 -33.19
C PHE IA 113 56.52 -76.58 -33.92
N VAL IA 114 56.16 -75.90 -34.99
CA VAL IA 114 57.14 -75.07 -35.70
C VAL IA 114 57.63 -73.97 -34.77
N GLU IA 115 56.72 -73.24 -34.13
CA GLU IA 115 57.15 -72.13 -33.28
C GLU IA 115 58.07 -72.60 -32.16
N ASP IA 116 57.73 -73.71 -31.50
CA ASP IA 116 58.57 -74.21 -30.41
C ASP IA 116 59.90 -74.73 -30.91
N ARG IA 117 59.92 -75.42 -32.06
CA ARG IA 117 61.18 -75.90 -32.59
C ARG IA 117 62.04 -74.76 -33.12
N THR IA 118 61.42 -73.65 -33.53
CA THR IA 118 62.17 -72.48 -33.94
C THR IA 118 62.80 -71.80 -32.73
N ILE IA 119 62.05 -71.68 -31.63
CA ILE IA 119 62.60 -71.08 -30.42
C ILE IA 119 63.73 -71.91 -29.83
N PHE IA 120 63.56 -73.24 -29.77
CA PHE IA 120 64.53 -74.04 -29.04
C PHE IA 120 65.61 -74.67 -29.91
N GLU IA 121 65.35 -74.92 -31.19
CA GLU IA 121 66.34 -75.54 -32.06
C GLU IA 121 66.79 -74.64 -33.19
N GLY IA 122 66.19 -73.47 -33.30
CA GLY IA 122 66.55 -72.56 -34.36
C GLY IA 122 66.05 -72.83 -35.75
N TYR IA 123 66.16 -71.83 -36.60
CA TYR IA 123 65.74 -71.95 -37.98
C TYR IA 123 66.78 -71.15 -38.69
N SER IA 124 67.82 -71.82 -39.16
CA SER IA 124 68.94 -71.15 -39.80
C SER IA 124 68.58 -70.27 -41.01
N ALA IA 125 67.67 -70.73 -41.84
CA ALA IA 125 67.26 -69.98 -43.02
C ALA IA 125 66.64 -68.64 -42.65
N ALA IA 126 66.00 -68.57 -41.47
CA ALA IA 126 65.46 -67.33 -40.96
C ALA IA 126 66.44 -66.59 -40.05
N SER IA 127 67.70 -67.03 -40.01
CA SER IA 127 68.77 -66.46 -39.18
C SER IA 127 68.41 -66.45 -37.69
N ILE IA 128 67.76 -67.52 -37.24
CA ILE IA 128 67.38 -67.67 -35.85
C ILE IA 128 68.23 -68.78 -35.26
N GLU IA 129 69.00 -68.43 -34.22
CA GLU IA 129 69.77 -69.42 -33.48
C GLU IA 129 68.89 -69.93 -32.35
N GLY IA 130 68.84 -71.24 -32.18
CA GLY IA 130 68.07 -71.81 -31.10
C GLY IA 130 68.70 -71.59 -29.75
N ILE IA 131 67.91 -71.87 -28.71
CA ILE IA 131 68.42 -71.83 -27.34
C ILE IA 131 69.50 -72.89 -27.14
N ARG IA 132 69.34 -74.06 -27.77
CA ARG IA 132 70.34 -75.12 -27.68
C ARG IA 132 71.67 -74.68 -28.30
N SER IA 133 71.62 -74.02 -29.46
CA SER IA 133 72.85 -73.59 -30.10
C SER IA 133 73.45 -72.36 -29.43
N ALA IA 134 72.64 -71.47 -28.89
CA ALA IA 134 73.13 -70.24 -28.28
C ALA IA 134 73.53 -70.43 -26.82
N SER IA 135 73.33 -71.60 -26.25
CA SER IA 135 73.71 -71.83 -24.86
C SER IA 135 75.23 -71.97 -24.75
N SER IA 136 75.82 -71.27 -23.78
CA SER IA 136 77.25 -71.41 -23.51
C SER IA 136 77.54 -72.44 -22.44
N ASN IA 137 76.54 -72.88 -21.67
CA ASN IA 137 76.74 -73.92 -20.69
C ASN IA 137 76.93 -75.27 -21.38
N PRO IA 138 77.65 -76.20 -20.77
CA PRO IA 138 77.88 -77.50 -21.43
C PRO IA 138 76.61 -78.31 -21.59
N ALA IA 139 76.58 -79.09 -22.65
CA ALA IA 139 75.45 -79.95 -22.92
C ALA IA 139 75.58 -81.26 -22.15
N LEU IA 140 74.45 -81.81 -21.75
CA LEU IA 140 74.42 -83.02 -20.95
C LEU IA 140 73.70 -84.12 -21.71
N THR IA 141 74.01 -85.36 -21.36
CA THR IA 141 73.38 -86.53 -21.96
C THR IA 141 72.34 -87.09 -21.02
N LEU IA 142 71.12 -87.27 -21.51
CA LEU IA 142 70.06 -87.88 -20.71
C LEU IA 142 70.28 -89.38 -20.68
N PRO IA 143 70.18 -89.98 -19.47
CA PRO IA 143 70.41 -91.42 -19.34
C PRO IA 143 69.24 -92.26 -19.85
N GLU IA 144 69.49 -93.54 -20.07
CA GLU IA 144 68.42 -94.43 -20.54
C GLU IA 144 67.39 -94.71 -19.45
N ASP IA 145 67.85 -94.95 -18.24
CA ASP IA 145 66.96 -95.23 -17.13
C ASP IA 145 66.28 -93.96 -16.67
N PRO IA 146 64.95 -93.90 -16.65
CA PRO IA 146 64.27 -92.70 -16.15
C PRO IA 146 64.52 -92.40 -14.68
N ARG IA 147 64.85 -93.41 -13.87
CA ARG IA 147 65.18 -93.17 -12.47
C ARG IA 147 66.48 -92.40 -12.30
N GLU IA 148 67.33 -92.39 -13.33
CA GLU IA 148 68.53 -91.57 -13.34
C GLU IA 148 68.32 -90.21 -14.01
N ILE IA 149 67.11 -89.89 -14.42
CA ILE IA 149 66.87 -88.55 -14.98
C ILE IA 149 67.08 -87.43 -13.94
N PRO IA 150 66.43 -87.51 -12.75
CA PRO IA 150 66.60 -86.38 -11.82
C PRO IA 150 68.07 -86.08 -11.46
N ASP IA 151 68.94 -87.08 -11.49
CA ASP IA 151 70.35 -86.85 -11.18
C ASP IA 151 70.95 -85.89 -12.20
N VAL IA 152 70.87 -86.24 -13.49
CA VAL IA 152 71.44 -85.40 -14.55
C VAL IA 152 70.80 -84.01 -14.56
N ILE IA 153 69.49 -83.93 -14.40
CA ILE IA 153 68.81 -82.63 -14.30
C ILE IA 153 69.43 -81.78 -13.20
N SER IA 154 69.73 -82.40 -12.06
CA SER IA 154 70.38 -81.67 -10.94
C SER IA 154 71.78 -81.17 -11.34
N GLN IA 155 72.49 -81.92 -12.18
CA GLN IA 155 73.78 -81.45 -12.69
C GLN IA 155 73.61 -80.22 -13.56
N ALA IA 156 72.52 -80.18 -14.34
CA ALA IA 156 72.18 -78.98 -15.09
C ALA IA 156 71.89 -77.81 -14.16
N LEU IA 157 71.21 -78.08 -13.04
CA LEU IA 157 71.00 -77.05 -12.04
C LEU IA 157 72.30 -76.60 -11.39
N SER IA 158 73.32 -77.45 -11.40
CA SER IA 158 74.63 -77.00 -10.95
C SER IA 158 75.21 -75.98 -11.91
N GLU IA 159 75.01 -76.19 -13.22
CA GLU IA 159 75.71 -75.38 -14.21
C GLU IA 159 75.18 -73.94 -14.23
N LEU IA 160 73.84 -73.78 -14.18
CA LEU IA 160 73.27 -72.45 -13.99
C LEU IA 160 73.69 -71.82 -12.68
N ARG IA 161 73.99 -72.62 -11.67
CA ARG IA 161 74.51 -72.05 -10.44
C ARG IA 161 75.97 -71.65 -10.62
N LEU IA 162 76.72 -72.41 -11.41
CA LEU IA 162 78.10 -72.03 -11.71
C LEU IA 162 78.18 -70.89 -12.70
N ALA IA 163 77.11 -70.64 -13.44
CA ALA IA 163 77.06 -69.52 -14.36
C ALA IA 163 76.69 -68.22 -13.67
N GLY IA 164 76.38 -68.25 -12.38
CA GLY IA 164 75.95 -67.05 -11.67
C GLY IA 164 74.60 -66.57 -12.17
N VAL IA 165 73.55 -67.34 -11.94
CA VAL IA 165 72.23 -66.98 -12.44
C VAL IA 165 71.17 -67.20 -11.37
N ASP IA 166 70.27 -66.24 -11.20
CA ASP IA 166 69.18 -66.38 -10.23
C ASP IA 166 67.86 -66.67 -10.93
N GLY IA 167 66.75 -66.56 -10.20
CA GLY IA 167 65.44 -66.75 -10.79
C GLY IA 167 64.84 -68.14 -10.70
N PRO IA 168 63.51 -68.24 -10.93
CA PRO IA 168 62.85 -69.54 -10.86
C PRO IA 168 63.34 -70.37 -12.05
N TYR IA 169 63.92 -71.53 -11.82
CA TYR IA 169 64.34 -72.36 -12.95
C TYR IA 169 63.20 -73.24 -13.47
N SER IA 170 63.14 -73.45 -14.78
CA SER IA 170 62.04 -74.31 -15.24
C SER IA 170 62.57 -75.43 -16.14
N VAL IA 171 62.00 -76.61 -16.06
CA VAL IA 171 62.47 -77.74 -16.84
C VAL IA 171 61.44 -78.05 -17.92
N LEU IA 172 61.90 -78.11 -19.15
CA LEU IA 172 61.04 -78.45 -20.27
C LEU IA 172 61.50 -79.78 -20.79
N LEU IA 173 60.58 -80.71 -21.01
CA LEU IA 173 60.92 -82.06 -21.42
C LEU IA 173 60.29 -82.36 -22.77
N SER IA 174 61.00 -83.17 -23.56
CA SER IA 174 60.38 -83.70 -24.76
C SER IA 174 59.29 -84.71 -24.38
N ALA IA 175 58.42 -85.01 -25.35
CA ALA IA 175 57.29 -85.90 -25.11
C ALA IA 175 57.73 -87.29 -24.72
N ASP IA 176 58.82 -87.79 -25.31
CA ASP IA 176 59.39 -89.07 -24.92
C ASP IA 176 59.87 -89.04 -23.48
N VAL IA 177 60.60 -87.99 -23.11
CA VAL IA 177 61.15 -87.87 -21.76
C VAL IA 177 60.04 -87.62 -20.75
N TYR IA 178 59.05 -86.80 -21.12
CA TYR IA 178 57.91 -86.55 -20.24
C TYR IA 178 57.10 -87.81 -19.99
N THR IA 179 56.89 -88.62 -21.03
CA THR IA 179 56.22 -89.90 -20.88
C THR IA 179 57.03 -90.86 -20.00
N LYS IA 180 58.35 -90.91 -20.21
CA LYS IA 180 59.21 -91.79 -19.41
C LYS IA 180 59.22 -91.42 -17.94
N VAL IA 181 59.29 -90.13 -17.62
CA VAL IA 181 59.28 -89.74 -16.20
C VAL IA 181 57.88 -89.68 -15.64
N SER IA 182 56.85 -89.75 -16.48
CA SER IA 182 55.49 -89.81 -16.01
C SER IA 182 55.06 -91.24 -15.66
N GLU IA 183 55.48 -92.21 -16.45
CA GLU IA 183 54.99 -93.57 -16.31
C GLU IA 183 55.84 -94.42 -15.37
N THR IA 184 57.06 -94.00 -15.09
CA THR IA 184 57.89 -94.69 -14.12
C THR IA 184 57.64 -94.08 -12.75
N SER IA 185 57.49 -94.92 -11.73
CA SER IA 185 57.16 -94.43 -10.41
C SER IA 185 58.15 -94.96 -9.38
N ASP IA 186 58.37 -94.16 -8.34
CA ASP IA 186 59.23 -94.56 -7.23
C ASP IA 186 58.61 -94.03 -5.94
N HIS IA 187 58.30 -94.96 -5.03
CA HIS IA 187 57.76 -94.67 -3.69
C HIS IA 187 56.47 -93.85 -3.75
N GLY IA 188 55.56 -94.28 -4.62
CA GLY IA 188 54.24 -93.67 -4.67
C GLY IA 188 54.16 -92.38 -5.46
N TYR IA 189 55.23 -91.95 -6.09
CA TYR IA 189 55.20 -90.79 -6.96
C TYR IA 189 55.90 -91.11 -8.26
N PRO IA 190 55.42 -90.57 -9.38
CA PRO IA 190 56.20 -90.65 -10.62
C PRO IA 190 57.43 -89.77 -10.53
N ILE IA 191 58.38 -90.02 -11.45
CA ILE IA 191 59.65 -89.30 -11.47
C ILE IA 191 59.43 -87.83 -11.80
N ARG IA 192 58.32 -87.50 -12.46
CA ARG IA 192 57.95 -86.10 -12.72
C ARG IA 192 57.81 -85.31 -11.44
N GLU IA 193 57.26 -85.93 -10.39
CA GLU IA 193 57.18 -85.27 -9.08
C GLU IA 193 58.57 -85.08 -8.49
N HIS IA 194 59.46 -86.04 -8.67
CA HIS IA 194 60.85 -85.89 -8.23
C HIS IA 194 61.54 -84.72 -8.92
N LEU IA 195 61.24 -84.52 -10.21
CA LEU IA 195 61.73 -83.35 -10.91
C LEU IA 195 61.10 -82.07 -10.37
N ASN IA 196 59.83 -82.14 -9.99
CA ASN IA 196 59.13 -80.98 -9.44
C ASN IA 196 59.71 -80.54 -8.11
N ARG IA 197 60.26 -81.47 -7.34
CA ARG IA 197 60.89 -81.10 -6.06
C ARG IA 197 62.20 -80.34 -6.25
N LEU IA 198 62.92 -80.58 -7.34
CA LEU IA 198 64.24 -79.93 -7.58
C LEU IA 198 64.12 -78.44 -7.94
N VAL IA 199 63.01 -78.00 -8.54
CA VAL IA 199 62.94 -76.60 -9.02
C VAL IA 199 61.78 -75.82 -8.42
N ASP IA 200 61.85 -74.50 -8.47
CA ASP IA 200 60.77 -73.63 -7.94
C ASP IA 200 59.96 -73.14 -9.14
N GLY IA 201 60.27 -73.65 -10.33
CA GLY IA 201 59.52 -73.28 -11.53
C GLY IA 201 58.51 -74.34 -11.87
N ASP IA 202 58.54 -74.88 -13.08
CA ASP IA 202 57.48 -75.84 -13.47
C ASP IA 202 58.01 -76.94 -14.37
N ILE IA 203 57.52 -78.17 -14.20
CA ILE IA 203 57.89 -79.21 -15.20
C ILE IA 203 56.92 -78.95 -16.33
N ILE IA 204 57.43 -78.68 -17.52
CA ILE IA 204 56.62 -78.24 -18.64
C ILE IA 204 56.71 -79.28 -19.75
N TRP IA 205 55.55 -79.77 -20.19
CA TRP IA 205 55.49 -80.67 -21.32
C TRP IA 205 55.77 -79.90 -22.61
N ALA IA 206 56.78 -80.33 -23.35
CA ALA IA 206 57.22 -79.67 -24.57
C ALA IA 206 57.34 -80.70 -25.68
N PRO IA 207 56.22 -81.06 -26.32
CA PRO IA 207 56.24 -82.17 -27.29
C PRO IA 207 56.98 -81.88 -28.58
N ALA IA 208 57.33 -80.63 -28.88
CA ALA IA 208 58.02 -80.36 -30.13
C ALA IA 208 59.53 -80.54 -30.03
N ILE IA 209 60.11 -80.26 -28.86
CA ILE IA 209 61.55 -80.25 -28.69
C ILE IA 209 62.13 -81.66 -28.66
N ASP IA 210 63.45 -81.75 -28.79
CA ASP IA 210 64.21 -82.95 -28.48
C ASP IA 210 64.91 -82.76 -27.16
N GLY IA 211 65.16 -83.89 -26.48
CA GLY IA 211 65.86 -83.85 -25.22
C GLY IA 211 65.18 -83.08 -24.12
N ALA IA 212 65.93 -82.21 -23.46
CA ALA IA 212 65.37 -81.45 -22.36
C ALA IA 212 66.06 -80.10 -22.27
N PHE IA 213 65.42 -79.18 -21.58
CA PHE IA 213 66.01 -77.84 -21.41
C PHE IA 213 65.75 -77.38 -19.99
N VAL IA 214 66.79 -76.91 -19.31
CA VAL IA 214 66.57 -76.33 -17.97
C VAL IA 214 66.96 -74.86 -18.10
N LEU IA 215 66.14 -73.96 -17.58
CA LEU IA 215 66.46 -72.55 -17.80
C LEU IA 215 65.78 -71.66 -16.79
N THR IA 216 66.30 -70.45 -16.63
CA THR IA 216 65.74 -69.47 -15.71
C THR IA 216 64.61 -68.66 -16.37
N THR IA 217 63.62 -68.31 -15.57
CA THR IA 217 62.52 -67.49 -16.07
C THR IA 217 62.49 -66.17 -15.35
N ARG IA 218 63.67 -65.66 -15.01
CA ARG IA 218 63.76 -64.38 -14.31
C ARG IA 218 63.35 -63.20 -15.19
N GLY IA 219 63.42 -63.37 -16.51
CA GLY IA 219 63.03 -62.30 -17.39
C GLY IA 219 64.23 -61.68 -18.09
N GLY IA 220 63.98 -61.14 -19.27
CA GLY IA 220 64.99 -60.41 -20.00
C GLY IA 220 66.07 -61.23 -20.66
N ASP IA 221 65.94 -62.55 -20.69
CA ASP IA 221 66.99 -63.37 -21.27
C ASP IA 221 66.60 -63.91 -22.65
N PHE IA 222 65.33 -64.19 -22.84
CA PHE IA 222 64.82 -64.83 -24.05
C PHE IA 222 63.64 -64.01 -24.53
N ASP IA 223 63.64 -63.62 -25.80
CA ASP IA 223 62.66 -62.65 -26.28
C ASP IA 223 62.07 -63.16 -27.59
N LEU IA 224 60.77 -63.39 -27.60
CA LEU IA 224 60.05 -63.74 -28.82
C LEU IA 224 59.39 -62.48 -29.35
N GLN IA 225 59.75 -62.07 -30.55
CA GLN IA 225 59.17 -60.88 -31.16
C GLN IA 225 58.11 -61.26 -32.17
N LEU IA 226 56.91 -60.74 -31.94
CA LEU IA 226 55.82 -61.00 -32.83
C LEU IA 226 55.45 -59.80 -33.65
N GLY IA 227 55.34 -59.95 -34.96
CA GLY IA 227 54.81 -58.86 -35.74
C GLY IA 227 53.31 -59.00 -35.60
N THR IA 228 52.79 -60.17 -35.97
CA THR IA 228 51.36 -60.47 -35.79
C THR IA 228 51.21 -61.84 -35.12
N ASP IA 229 50.29 -61.95 -34.15
CA ASP IA 229 50.05 -63.23 -33.46
C ASP IA 229 49.29 -64.19 -34.41
N VAL IA 230 48.94 -65.38 -33.91
CA VAL IA 230 48.25 -66.40 -34.73
C VAL IA 230 46.90 -65.90 -35.25
N ALA IA 231 46.67 -66.01 -36.55
CA ALA IA 231 45.43 -65.59 -37.17
C ALA IA 231 44.99 -66.64 -38.16
N ILE IA 232 43.69 -66.69 -38.43
CA ILE IA 232 43.14 -67.63 -39.39
C ILE IA 232 42.73 -66.85 -40.64
N GLY IA 233 43.21 -67.28 -41.80
CA GLY IA 233 42.94 -66.61 -43.05
C GLY IA 233 42.32 -67.55 -44.08
N TYR IA 234 41.70 -66.95 -45.08
CA TYR IA 234 40.96 -67.68 -46.11
C TYR IA 234 41.74 -67.69 -47.41
N ALA IA 235 41.93 -68.87 -48.00
CA ALA IA 235 42.70 -68.98 -49.27
C ALA IA 235 41.73 -69.12 -50.44
N SER IA 236 41.00 -70.23 -50.51
CA SER IA 236 40.09 -70.50 -51.62
C SER IA 236 39.05 -71.53 -51.20
N HIS IA 237 38.03 -71.74 -52.05
CA HIS IA 237 36.93 -72.69 -51.70
C HIS IA 237 36.35 -73.36 -52.94
N ASP IA 238 35.74 -74.53 -52.79
CA ASP IA 238 35.03 -75.20 -53.91
C ASP IA 238 33.66 -75.61 -53.36
N THR IA 239 32.95 -76.50 -54.04
CA THR IA 239 31.61 -76.92 -53.58
C THR IA 239 31.73 -77.75 -52.31
N ASP IA 240 32.83 -78.46 -52.15
CA ASP IA 240 32.92 -79.38 -51.02
C ASP IA 240 33.76 -78.86 -49.85
N THR IA 241 34.78 -78.06 -50.10
CA THR IA 241 35.76 -77.76 -49.08
C THR IA 241 36.12 -76.28 -49.07
N VAL IA 242 36.62 -75.84 -47.93
CA VAL IA 242 37.19 -74.50 -47.77
C VAL IA 242 38.64 -74.65 -47.37
N ARG IA 243 39.54 -74.06 -48.14
CA ARG IA 243 40.96 -74.00 -47.78
C ARG IA 243 41.21 -72.74 -46.96
N LEU IA 244 41.74 -72.93 -45.76
CA LEU IA 244 42.10 -71.80 -44.91
C LEU IA 244 43.55 -72.00 -44.48
N TYR IA 245 44.06 -71.12 -43.63
CA TYR IA 245 45.41 -71.26 -43.11
C TYR IA 245 45.50 -70.63 -41.73
N LEU IA 246 46.48 -71.10 -40.97
CA LEU IA 246 46.91 -70.47 -39.74
C LEU IA 246 48.20 -69.73 -40.06
N GLN IA 247 48.36 -68.54 -39.49
CA GLN IA 247 49.50 -67.72 -39.89
C GLN IA 247 49.99 -66.90 -38.71
N GLU IA 248 51.31 -66.83 -38.57
CA GLU IA 248 51.91 -65.98 -37.57
C GLU IA 248 53.29 -65.55 -38.06
N THR IA 249 53.70 -64.35 -37.68
CA THR IA 249 55.01 -63.84 -38.09
C THR IA 249 55.82 -63.43 -36.87
N LEU IA 250 57.07 -63.88 -36.81
CA LEU IA 250 57.86 -63.79 -35.59
C LEU IA 250 59.35 -63.89 -35.89
N THR IA 251 60.13 -63.50 -34.88
CA THR IA 251 61.53 -63.89 -34.78
C THR IA 251 61.82 -64.18 -33.32
N PHE IA 252 62.95 -64.83 -33.04
CA PHE IA 252 63.34 -65.12 -31.68
C PHE IA 252 64.77 -64.67 -31.43
N LEU IA 253 64.99 -64.06 -30.27
CA LEU IA 253 66.28 -63.55 -29.86
C LEU IA 253 66.65 -64.15 -28.52
N CYS IA 254 67.90 -64.58 -28.39
CA CYS IA 254 68.44 -64.99 -27.09
C CYS IA 254 69.53 -64.00 -26.70
N TYR IA 255 69.27 -63.22 -25.65
CA TYR IA 255 70.23 -62.21 -25.21
C TYR IA 255 71.27 -62.76 -24.26
N THR IA 256 70.97 -63.81 -23.52
CA THR IA 256 71.80 -64.28 -22.43
C THR IA 256 72.20 -65.72 -22.72
N ALA IA 257 73.48 -65.93 -23.03
CA ALA IA 257 73.94 -67.24 -23.48
C ALA IA 257 74.01 -68.26 -22.36
N GLU IA 258 74.19 -67.81 -21.12
CA GLU IA 258 74.46 -68.73 -20.01
C GLU IA 258 73.21 -69.02 -19.20
N ALA IA 259 72.04 -68.65 -19.69
CA ALA IA 259 70.80 -68.82 -18.94
C ALA IA 259 70.10 -70.16 -19.20
N SER IA 260 70.77 -71.11 -19.84
CA SER IA 260 70.09 -72.36 -20.18
C SER IA 260 71.07 -73.50 -20.32
N VAL IA 261 70.57 -74.72 -20.08
CA VAL IA 261 71.28 -75.97 -20.34
C VAL IA 261 70.41 -76.85 -21.22
N ALA IA 262 70.98 -77.35 -22.31
CA ALA IA 262 70.34 -78.28 -23.22
C ALA IA 262 70.79 -79.70 -22.93
N LEU IA 263 69.84 -80.63 -23.08
CA LEU IA 263 70.14 -82.02 -22.84
C LEU IA 263 69.70 -82.81 -24.06
N SER IA 264 70.42 -83.87 -24.38
CA SER IA 264 70.13 -84.69 -25.54
C SER IA 264 70.22 -86.16 -25.17
N HIS IA 265 69.81 -87.01 -26.09
CA HIS IA 265 69.85 -88.46 -25.87
C HIS IA 265 71.14 -89.06 -26.38
N MET JA 1 -1.49 -85.86 3.26
CA MET JA 1 -2.55 -86.60 3.93
C MET JA 1 -2.06 -87.34 5.15
N ASN JA 2 -2.98 -87.99 5.87
CA ASN JA 2 -2.62 -88.75 7.07
C ASN JA 2 -2.99 -90.23 6.97
N ASN JA 3 -3.07 -90.92 8.12
CA ASN JA 3 -3.41 -92.33 8.10
C ASN JA 3 -4.90 -92.59 7.79
N LEU JA 4 -5.79 -91.64 8.03
CA LEU JA 4 -7.18 -91.78 7.63
C LEU JA 4 -7.37 -91.89 6.12
N TYR JA 5 -6.44 -91.35 5.33
CA TYR JA 5 -6.56 -91.37 3.87
C TYR JA 5 -7.95 -90.93 3.41
N ARG JA 6 -8.40 -89.83 4.02
CA ARG JA 6 -9.80 -89.42 3.89
C ARG JA 6 -10.12 -88.91 2.49
N ASP JA 7 -9.16 -88.22 1.86
CA ASP JA 7 -9.38 -87.70 0.51
C ASP JA 7 -9.42 -88.78 -0.55
N LEU JA 8 -8.97 -90.00 -0.24
CA LEU JA 8 -9.07 -91.08 -1.20
C LEU JA 8 -10.44 -91.73 -1.22
N ALA JA 9 -11.27 -91.47 -0.20
CA ALA JA 9 -12.58 -92.08 -0.14
C ALA JA 9 -13.53 -91.42 -1.14
N PRO JA 10 -14.33 -92.19 -1.87
CA PRO JA 10 -15.35 -91.59 -2.76
C PRO JA 10 -16.58 -91.15 -2.00
N VAL JA 11 -16.40 -90.14 -1.16
CA VAL JA 11 -17.42 -89.59 -0.29
C VAL JA 11 -17.43 -88.09 -0.51
N THR JA 12 -18.59 -87.53 -0.78
CA THR JA 12 -18.68 -86.10 -1.00
C THR JA 12 -18.59 -85.34 0.32
N GLU JA 13 -18.43 -84.04 0.21
CA GLU JA 13 -18.28 -83.19 1.39
C GLU JA 13 -19.55 -83.16 2.24
N ALA JA 14 -20.72 -83.08 1.60
CA ALA JA 14 -21.97 -83.08 2.32
C ALA JA 14 -22.24 -84.42 2.98
N ALA JA 15 -21.92 -85.51 2.28
CA ALA JA 15 -22.02 -86.84 2.85
C ALA JA 15 -21.07 -87.01 4.02
N TRP JA 16 -19.85 -86.44 3.91
CA TRP JA 16 -18.91 -86.49 5.02
C TRP JA 16 -19.44 -85.77 6.25
N ALA JA 17 -20.05 -84.60 6.04
CA ALA JA 17 -20.61 -83.85 7.16
C ALA JA 17 -21.74 -84.62 7.83
N GLU JA 18 -22.60 -85.26 7.04
CA GLU JA 18 -23.66 -86.09 7.62
C GLU JA 18 -23.12 -87.30 8.39
N ILE JA 19 -22.07 -87.94 7.86
CA ILE JA 19 -21.49 -89.10 8.54
C ILE JA 19 -20.82 -88.68 9.85
N GLU JA 20 -20.08 -87.55 9.84
CA GLU JA 20 -19.45 -87.05 11.06
C GLU JA 20 -20.47 -86.69 12.12
N LEU JA 21 -21.56 -86.04 11.70
CA LEU JA 21 -22.63 -85.67 12.63
C LEU JA 21 -23.29 -86.89 13.24
N GLU JA 22 -23.59 -87.89 12.41
CA GLU JA 22 -24.25 -89.11 12.89
C GLU JA 22 -23.36 -89.89 13.86
N ALA JA 23 -22.07 -90.02 13.53
CA ALA JA 23 -21.15 -90.75 14.38
C ALA JA 23 -20.92 -90.05 15.71
N ALA JA 24 -20.73 -88.72 15.67
CA ALA JA 24 -20.51 -87.96 16.89
C ALA JA 24 -21.73 -88.00 17.80
N ARG JA 25 -22.91 -87.84 17.22
CA ARG JA 25 -24.15 -87.89 17.99
C ARG JA 25 -24.36 -89.24 18.65
N THR JA 26 -24.26 -90.32 17.88
CA THR JA 26 -24.54 -91.64 18.44
C THR JA 26 -23.50 -92.02 19.49
N PHE JA 27 -22.25 -91.62 19.30
CA PHE JA 27 -21.21 -91.88 20.28
C PHE JA 27 -21.43 -91.19 21.63
N LYS JA 28 -21.68 -89.89 21.63
CA LYS JA 28 -21.94 -89.16 22.87
C LYS JA 28 -23.09 -89.76 23.65
N ARG JA 29 -24.19 -90.07 22.97
CA ARG JA 29 -25.35 -90.64 23.62
C ARG JA 29 -25.02 -91.92 24.34
N HIS JA 30 -24.11 -92.69 23.77
CA HIS JA 30 -23.82 -94.02 24.39
C HIS JA 30 -22.58 -93.96 25.27
N ILE JA 31 -21.95 -92.79 25.42
CA ILE JA 31 -20.84 -92.77 26.38
C ILE JA 31 -21.33 -92.35 27.75
N ALA JA 32 -21.03 -93.17 28.76
CA ALA JA 32 -21.23 -92.81 30.14
C ALA JA 32 -19.91 -92.53 30.85
N GLY JA 33 -18.83 -93.16 30.37
CA GLY JA 33 -17.56 -93.14 31.07
C GLY JA 33 -16.89 -91.76 31.10
N ARG JA 34 -16.98 -91.02 30.00
CA ARG JA 34 -16.33 -89.72 29.92
C ARG JA 34 -17.02 -88.67 30.78
N ARG JA 35 -18.27 -88.92 31.16
CA ARG JA 35 -18.97 -87.97 32.02
C ARG JA 35 -18.48 -88.01 33.46
N VAL JA 36 -17.81 -89.09 33.88
CA VAL JA 36 -17.40 -89.23 35.26
C VAL JA 36 -15.89 -89.26 35.44
N VAL JA 37 -15.10 -89.62 34.44
CA VAL JA 37 -13.67 -89.75 34.61
C VAL JA 37 -13.00 -88.51 34.06
N ASP JA 38 -11.77 -88.29 34.48
CA ASP JA 38 -10.96 -87.23 33.90
C ASP JA 38 -10.47 -87.68 32.53
N VAL JA 39 -10.66 -86.83 31.53
CA VAL JA 39 -10.29 -87.12 30.16
C VAL JA 39 -9.18 -86.18 29.76
N SER JA 40 -8.04 -86.74 29.38
CA SER JA 40 -6.88 -85.94 29.03
C SER JA 40 -7.05 -85.33 27.65
N ASP JA 41 -6.18 -84.38 27.34
CA ASP JA 41 -6.06 -83.92 25.97
C ASP JA 41 -5.45 -85.04 25.13
N PRO JA 42 -5.74 -85.09 23.82
CA PRO JA 42 -5.08 -86.06 22.95
C PRO JA 42 -3.58 -85.85 22.88
N GLY JA 43 -2.82 -86.89 23.18
CA GLY JA 43 -1.38 -86.85 23.12
C GLY JA 43 -0.86 -86.68 21.71
N GLY JA 44 -1.52 -87.33 20.77
CA GLY JA 44 -1.07 -87.28 19.40
C GLY JA 44 -0.76 -88.67 18.90
N PRO JA 45 -0.48 -88.79 17.60
CA PRO JA 45 -0.23 -90.12 17.02
C PRO JA 45 1.03 -90.79 17.54
N VAL JA 46 2.03 -90.03 17.97
CA VAL JA 46 3.31 -90.63 18.34
C VAL JA 46 3.25 -91.19 19.75
N THR JA 47 2.25 -90.79 20.52
CA THR JA 47 2.14 -91.20 21.91
C THR JA 47 1.81 -92.68 22.01
N ALA JA 48 2.60 -93.41 22.78
CA ALA JA 48 2.49 -94.86 22.78
C ALA JA 48 2.26 -95.45 24.16
N ALA JA 49 2.70 -94.74 25.21
CA ALA JA 49 2.60 -95.27 26.55
C ALA JA 49 2.47 -94.12 27.53
N VAL JA 50 1.93 -94.44 28.70
CA VAL JA 50 1.79 -93.49 29.80
C VAL JA 50 2.68 -93.97 30.93
N SER JA 51 3.54 -93.07 31.41
CA SER JA 51 4.40 -93.38 32.55
C SER JA 51 3.58 -93.49 33.82
N THR JA 52 3.82 -94.56 34.59
CA THR JA 52 3.21 -94.70 35.90
C THR JA 52 4.09 -94.18 37.01
N GLY JA 53 5.37 -93.98 36.73
CA GLY JA 53 6.31 -93.42 37.73
C GLY JA 53 6.84 -94.51 38.65
N ARG JA 54 6.52 -95.78 38.41
CA ARG JA 54 7.06 -96.88 39.25
C ARG JA 54 8.35 -97.46 38.64
N LEU JA 55 9.02 -98.37 39.35
CA LEU JA 55 10.32 -98.93 38.89
C LEU JA 55 10.27 -100.46 39.00
N ILE JA 56 10.92 -101.16 38.07
CA ILE JA 56 10.93 -102.63 38.07
C ILE JA 56 12.36 -103.15 38.19
N ASP JA 57 12.63 -103.92 39.24
CA ASP JA 57 13.96 -104.49 39.43
C ASP JA 57 14.38 -105.42 38.32
N VAL JA 58 15.53 -105.15 37.70
CA VAL JA 58 16.06 -106.06 36.67
C VAL JA 58 17.43 -106.61 37.05
N LYS JA 59 17.78 -107.76 36.48
CA LYS JA 59 19.06 -108.38 36.79
C LYS JA 59 20.22 -107.45 36.52
N ALA JA 60 20.97 -107.10 37.57
CA ALA JA 60 22.11 -106.18 37.46
C ALA JA 60 22.98 -106.41 36.22
N PRO JA 61 23.21 -105.35 35.41
CA PRO JA 61 24.05 -105.47 34.22
C PRO JA 61 25.43 -105.94 34.61
N THR JA 62 26.07 -105.23 35.53
CA THR JA 62 27.39 -105.63 36.02
C THR JA 62 27.48 -105.49 37.53
N ASN JA 63 28.64 -105.76 38.09
CA ASN JA 63 28.85 -105.63 39.53
C ASN JA 63 28.78 -104.19 39.96
N GLY JA 64 28.05 -103.92 41.03
CA GLY JA 64 27.94 -102.56 41.53
C GLY JA 64 27.00 -101.67 40.75
N VAL JA 65 26.27 -102.23 39.80
CA VAL JA 65 25.32 -101.45 39.04
C VAL JA 65 23.93 -101.86 39.46
N ILE JA 66 23.08 -100.88 39.72
CA ILE JA 66 21.73 -101.16 40.12
C ILE JA 66 20.84 -100.66 39.02
N ALA JA 67 20.08 -101.55 38.43
CA ALA JA 67 19.24 -101.17 37.29
C ALA JA 67 17.77 -101.31 37.55
N HIS JA 68 17.00 -100.39 37.02
CA HIS JA 68 15.58 -100.48 37.15
C HIS JA 68 14.89 -100.06 35.88
N LEU JA 69 13.90 -100.83 35.47
CA LEU JA 69 13.10 -100.47 34.31
C LEU JA 69 11.97 -99.52 34.72
N ARG JA 70 11.75 -98.51 33.91
CA ARG JA 70 10.59 -97.65 34.12
C ARG JA 70 9.32 -98.38 33.71
N ALA JA 71 8.32 -98.35 34.58
CA ALA JA 71 7.04 -98.96 34.28
C ALA JA 71 6.17 -98.01 33.47
N SER JA 72 5.32 -98.57 32.62
CA SER JA 72 4.43 -97.77 31.81
C SER JA 72 3.22 -98.61 31.43
N LYS JA 73 2.21 -97.93 30.88
CA LYS JA 73 0.99 -98.55 30.39
C LYS JA 73 0.87 -98.31 28.90
N PRO JA 74 0.73 -99.34 28.08
CA PRO JA 74 0.59 -99.13 26.64
C PRO JA 74 -0.81 -98.65 26.25
N LEU JA 75 -0.86 -97.78 25.25
CA LEU JA 75 -2.13 -97.46 24.62
C LEU JA 75 -2.60 -98.62 23.75
N VAL JA 76 -3.91 -98.73 23.58
CA VAL JA 76 -4.50 -99.68 22.65
C VAL JA 76 -5.27 -98.87 21.61
N ARG JA 77 -5.10 -99.24 20.35
CA ARG JA 77 -5.87 -98.66 19.27
C ARG JA 77 -7.05 -99.57 18.95
N LEU JA 78 -8.24 -99.01 18.99
CA LEU JA 78 -9.48 -99.73 18.82
C LEU JA 78 -10.11 -99.25 17.52
N ARG JA 79 -10.38 -100.19 16.63
CA ARG JA 79 -10.89 -99.91 15.30
C ARG JA 79 -12.14 -100.73 15.04
N VAL JA 80 -13.20 -100.04 14.62
CA VAL JA 80 -14.46 -100.67 14.26
C VAL JA 80 -14.73 -100.37 12.79
N PRO JA 81 -14.53 -101.33 11.90
CA PRO JA 81 -14.87 -101.10 10.49
C PRO JA 81 -16.38 -101.13 10.27
N PHE JA 82 -16.81 -100.42 9.24
CA PHE JA 82 -18.21 -100.42 8.83
C PHE JA 82 -18.29 -100.14 7.34
N THR JA 83 -19.43 -100.46 6.76
CA THR JA 83 -19.61 -100.47 5.31
C THR JA 83 -20.81 -99.62 4.92
N LEU JA 84 -20.59 -98.68 4.01
CA LEU JA 84 -21.65 -97.79 3.55
C LEU JA 84 -22.01 -98.06 2.10
N SER JA 85 -23.30 -97.99 1.80
CA SER JA 85 -23.76 -98.02 0.43
C SER JA 85 -23.39 -96.73 -0.28
N ARG JA 86 -22.85 -96.87 -1.51
CA ARG JA 86 -22.47 -95.69 -2.27
C ARG JA 86 -23.69 -94.96 -2.84
N ASN JA 87 -24.81 -95.67 -3.02
CA ASN JA 87 -26.05 -95.02 -3.43
C ASN JA 87 -26.55 -94.06 -2.36
N GLU JA 88 -26.49 -94.47 -1.09
CA GLU JA 88 -26.87 -93.59 0.01
C GLU JA 88 -25.95 -92.37 0.09
N ILE JA 89 -24.67 -92.56 -0.20
CA ILE JA 89 -23.72 -91.44 -0.22
C ILE JA 89 -24.06 -90.47 -1.36
N ASP JA 90 -24.37 -91.01 -2.53
CA ASP JA 90 -24.73 -90.19 -3.69
C ASP JA 90 -26.06 -89.47 -3.49
N ASP JA 91 -26.96 -90.02 -2.68
CA ASP JA 91 -28.26 -89.41 -2.41
C ASP JA 91 -28.12 -88.06 -1.71
N VAL JA 92 -27.04 -87.84 -0.96
CA VAL JA 92 -26.94 -86.68 -0.09
C VAL JA 92 -26.80 -85.40 -0.89
N GLU JA 93 -26.02 -85.43 -1.97
CA GLU JA 93 -25.85 -84.20 -2.78
C GLU JA 93 -27.16 -83.87 -3.51
N ARG JA 94 -27.92 -84.88 -3.91
CA ARG JA 94 -29.21 -84.63 -4.53
C ARG JA 94 -30.25 -84.08 -3.56
N GLY JA 95 -29.96 -84.05 -2.27
CA GLY JA 95 -30.86 -83.46 -1.30
C GLY JA 95 -31.62 -84.44 -0.43
N SER JA 96 -31.27 -85.72 -0.45
CA SER JA 96 -31.91 -86.67 0.45
C SER JA 96 -31.50 -86.38 1.90
N LYS JA 97 -32.45 -86.59 2.81
CA LYS JA 97 -32.21 -86.40 4.23
C LYS JA 97 -32.53 -87.64 5.04
N ASP JA 98 -32.72 -88.77 4.35
CA ASP JA 98 -32.98 -90.03 5.04
C ASP JA 98 -31.99 -91.12 4.61
N SER JA 99 -30.77 -90.72 4.25
CA SER JA 99 -29.74 -91.67 3.83
C SER JA 99 -29.42 -92.63 4.96
N ASP JA 100 -29.23 -93.88 4.60
CA ASP JA 100 -29.08 -94.96 5.57
C ASP JA 100 -27.73 -94.90 6.27
N TRP JA 101 -27.70 -94.31 7.46
CA TRP JA 101 -26.45 -94.23 8.21
C TRP JA 101 -26.48 -95.22 9.36
N GLU JA 102 -27.25 -96.28 9.22
CA GLU JA 102 -27.29 -97.32 10.24
C GLU JA 102 -25.93 -97.97 10.53
N PRO JA 103 -25.10 -98.24 9.49
CA PRO JA 103 -23.80 -98.82 9.83
C PRO JA 103 -22.95 -97.84 10.64
N VAL JA 104 -23.00 -96.55 10.31
CA VAL JA 104 -22.29 -95.56 11.11
C VAL JA 104 -22.77 -95.58 12.55
N LYS JA 105 -24.08 -95.68 12.75
CA LYS JA 105 -24.64 -95.71 14.09
C LYS JA 105 -24.25 -96.99 14.83
N GLU JA 106 -24.24 -98.13 14.13
CA GLU JA 106 -23.81 -99.37 14.76
C GLU JA 106 -22.34 -99.37 15.10
N ALA JA 107 -21.50 -98.77 14.24
CA ALA JA 107 -20.08 -98.66 14.55
C ALA JA 107 -19.83 -97.73 15.73
N ALA JA 108 -20.56 -96.61 15.79
CA ALA JA 108 -20.40 -95.70 16.92
C ALA JA 108 -20.88 -96.32 18.22
N LYS JA 109 -21.98 -97.06 18.17
CA LYS JA 109 -22.47 -97.74 19.35
C LYS JA 109 -21.50 -98.82 19.81
N LYS JA 110 -20.89 -99.55 18.86
CA LYS JA 110 -19.97 -100.60 19.23
C LYS JA 110 -18.66 -100.03 19.79
N LEU JA 111 -18.18 -98.93 19.20
CA LEU JA 111 -16.95 -98.27 19.72
C LEU JA 111 -17.23 -97.74 21.13
N ALA JA 112 -18.37 -97.07 21.33
CA ALA JA 112 -18.73 -96.56 22.65
C ALA JA 112 -18.85 -97.68 23.67
N PHE JA 113 -19.42 -98.82 23.26
CA PHE JA 113 -19.55 -99.96 24.15
C PHE JA 113 -18.19 -100.52 24.54
N VAL JA 114 -17.28 -100.61 23.59
CA VAL JA 114 -15.94 -101.09 23.89
C VAL JA 114 -15.26 -100.14 24.87
N GLU JA 115 -15.29 -98.84 24.58
CA GLU JA 115 -14.61 -97.88 25.46
C GLU JA 115 -15.17 -97.93 26.89
N ASP JA 116 -16.50 -97.99 27.04
CA ASP JA 116 -17.10 -98.02 28.37
C ASP JA 116 -16.81 -99.33 29.08
N ARG JA 117 -16.85 -100.45 28.36
CA ARG JA 117 -16.55 -101.74 28.98
C ARG JA 117 -15.07 -101.85 29.32
N THR JA 118 -14.21 -101.16 28.59
CA THR JA 118 -12.80 -101.13 28.92
C THR JA 118 -12.56 -100.31 30.19
N ILE JA 119 -13.23 -99.16 30.31
CA ILE JA 119 -13.08 -98.33 31.51
C ILE JA 119 -13.63 -99.05 32.75
N PHE JA 120 -14.79 -99.68 32.64
CA PHE JA 120 -15.43 -100.19 33.84
C PHE JA 120 -15.17 -101.67 34.12
N GLU JA 121 -14.89 -102.48 33.11
CA GLU JA 121 -14.64 -103.90 33.31
C GLU JA 121 -13.23 -104.32 32.94
N GLY JA 122 -12.44 -103.40 32.43
CA GLY JA 122 -11.10 -103.74 32.04
C GLY JA 122 -10.86 -104.50 30.76
N TYR JA 123 -9.63 -104.51 30.31
CA TYR JA 123 -9.26 -105.22 29.12
C TYR JA 123 -7.91 -105.76 29.48
N SER JA 124 -7.87 -106.99 29.97
CA SER JA 124 -6.63 -107.58 30.43
C SER JA 124 -5.50 -107.66 29.41
N ALA JA 125 -5.83 -107.96 28.16
CA ALA JA 125 -4.83 -108.05 27.10
C ALA JA 125 -4.14 -106.72 26.88
N ALA JA 126 -4.83 -105.61 27.14
CA ALA JA 126 -4.23 -104.28 27.06
C ALA JA 126 -3.70 -103.80 28.40
N SER JA 127 -3.62 -104.69 29.40
CA SER JA 127 -3.14 -104.41 30.76
C SER JA 127 -3.93 -103.28 31.42
N ILE JA 128 -5.25 -103.28 31.19
CA ILE JA 128 -6.13 -102.28 31.78
C ILE JA 128 -7.00 -102.99 32.80
N GLU JA 129 -6.91 -102.56 34.06
CA GLU JA 129 -7.77 -103.06 35.11
C GLU JA 129 -9.01 -102.18 35.16
N GLY JA 130 -10.18 -102.81 35.21
CA GLY JA 130 -11.41 -102.06 35.28
C GLY JA 130 -11.61 -101.41 36.64
N ILE JA 131 -12.59 -100.51 36.69
CA ILE JA 131 -12.99 -99.90 37.95
C ILE JA 131 -13.56 -100.94 38.90
N ARG JA 132 -14.29 -101.93 38.36
CA ARG JA 132 -14.83 -103.01 39.17
C ARG JA 132 -13.73 -103.84 39.82
N SER JA 133 -12.68 -104.16 39.05
CA SER JA 133 -11.59 -104.96 39.60
C SER JA 133 -10.67 -104.15 40.50
N ALA JA 134 -10.48 -102.86 40.22
CA ALA JA 134 -9.58 -102.04 41.01
C ALA JA 134 -10.23 -101.43 42.24
N SER JA 135 -11.54 -101.65 42.44
CA SER JA 135 -12.20 -101.11 43.62
C SER JA 135 -11.83 -101.92 44.85
N SER JA 136 -11.48 -101.22 45.93
CA SER JA 136 -11.20 -101.87 47.20
C SER JA 136 -12.43 -101.95 48.10
N ASN JA 137 -13.48 -101.20 47.81
CA ASN JA 137 -14.70 -101.29 48.58
C ASN JA 137 -15.42 -102.60 48.26
N PRO JA 138 -16.21 -103.13 49.21
CA PRO JA 138 -16.89 -104.40 48.96
C PRO JA 138 -17.93 -104.31 47.86
N ALA JA 139 -18.10 -105.41 47.15
CA ALA JA 139 -19.09 -105.49 46.10
C ALA JA 139 -20.46 -105.84 46.67
N LEU JA 140 -21.49 -105.31 46.05
CA LEU JA 140 -22.86 -105.48 46.53
C LEU JA 140 -23.67 -106.21 45.48
N THR JA 141 -24.74 -106.87 45.92
CA THR JA 141 -25.63 -107.59 45.04
C THR JA 141 -26.90 -106.78 44.84
N LEU JA 142 -27.26 -106.56 43.58
CA LEU JA 142 -28.50 -105.86 43.27
C LEU JA 142 -29.67 -106.80 43.43
N PRO JA 143 -30.73 -106.35 44.11
CA PRO JA 143 -31.89 -107.22 44.36
C PRO JA 143 -32.76 -107.41 43.12
N GLU JA 144 -33.62 -108.42 43.16
CA GLU JA 144 -34.51 -108.66 42.03
C GLU JA 144 -35.60 -107.60 41.92
N ASP JA 145 -36.19 -107.22 43.04
CA ASP JA 145 -37.25 -106.22 43.06
C ASP JA 145 -36.64 -104.84 42.84
N PRO JA 146 -37.08 -104.10 41.82
CA PRO JA 146 -36.58 -102.74 41.63
C PRO JA 146 -36.91 -101.77 42.76
N ARG JA 147 -37.98 -102.02 43.52
CA ARG JA 147 -38.30 -101.17 44.67
C ARG JA 147 -37.27 -101.31 45.78
N GLU JA 148 -36.50 -102.39 45.79
CA GLU JA 148 -35.40 -102.56 46.72
C GLU JA 148 -34.06 -102.09 46.15
N ILE JA 149 -34.04 -101.52 44.95
CA ILE JA 149 -32.78 -100.98 44.43
C ILE JA 149 -32.26 -99.78 45.27
N PRO JA 150 -33.08 -98.74 45.52
CA PRO JA 150 -32.53 -97.60 46.26
C PRO JA 150 -31.92 -97.97 47.62
N ASP JA 151 -32.41 -99.02 48.27
CA ASP JA 151 -31.85 -99.43 49.55
C ASP JA 151 -30.39 -99.83 49.36
N VAL JA 152 -30.13 -100.80 48.49
CA VAL JA 152 -28.76 -101.28 48.25
C VAL JA 152 -27.85 -100.15 47.79
N ILE JA 153 -28.33 -99.32 46.87
CA ILE JA 153 -27.56 -98.16 46.43
C ILE JA 153 -27.13 -97.30 47.62
N SER JA 154 -28.04 -97.10 48.56
CA SER JA 154 -27.73 -96.31 49.79
C SER JA 154 -26.63 -97.00 50.61
N GLN JA 155 -26.60 -98.34 50.62
CA GLN JA 155 -25.53 -99.07 51.30
C GLN JA 155 -24.19 -98.80 50.63
N ALA JA 156 -24.20 -98.70 49.28
CA ALA JA 156 -23.00 -98.30 48.56
C ALA JA 156 -22.57 -96.90 48.93
N LEU JA 157 -23.55 -96.00 49.13
CA LEU JA 157 -23.22 -94.66 49.60
C LEU JA 157 -22.69 -94.67 51.03
N SER JA 158 -23.01 -95.72 51.80
CA SER JA 158 -22.38 -95.85 53.10
C SER JA 158 -20.90 -96.17 52.96
N GLU JA 159 -20.55 -97.01 51.97
CA GLU JA 159 -19.18 -97.52 51.88
C GLU JA 159 -18.20 -96.44 51.47
N LEU JA 160 -18.55 -95.61 50.49
CA LEU JA 160 -17.77 -94.42 50.16
C LEU JA 160 -17.69 -93.45 51.34
N ARG JA 161 -18.70 -93.45 52.20
CA ARG JA 161 -18.60 -92.62 53.39
C ARG JA 161 -17.67 -93.26 54.41
N LEU JA 162 -17.66 -94.59 54.48
CA LEU JA 162 -16.72 -95.28 55.36
C LEU JA 162 -15.32 -95.29 54.80
N ALA JA 163 -15.16 -95.05 53.51
CA ALA JA 163 -13.84 -94.95 52.89
C ALA JA 163 -13.22 -93.57 53.05
N GLY JA 164 -13.94 -92.62 53.65
CA GLY JA 164 -13.45 -91.26 53.78
C GLY JA 164 -13.31 -90.59 52.42
N VAL JA 165 -14.42 -90.34 51.75
CA VAL JA 165 -14.38 -89.76 50.41
C VAL JA 165 -15.43 -88.65 50.27
N ASP JA 166 -15.04 -87.52 49.69
CA ASP JA 166 -15.98 -86.42 49.47
C ASP JA 166 -16.37 -86.33 48.00
N GLY JA 167 -17.02 -85.23 47.62
CA GLY JA 167 -17.37 -85.02 46.21
C GLY JA 167 -18.77 -85.46 45.80
N PRO JA 168 -19.23 -84.97 44.63
CA PRO JA 168 -20.55 -85.32 44.14
C PRO JA 168 -20.51 -86.80 43.77
N TYR JA 169 -21.36 -87.63 44.34
CA TYR JA 169 -21.38 -89.03 43.94
C TYR JA 169 -22.27 -89.28 42.72
N SER JA 170 -21.88 -90.19 41.84
CA SER JA 170 -22.77 -90.40 40.69
C SER JA 170 -23.07 -91.88 40.52
N VAL JA 171 -24.29 -92.21 40.11
CA VAL JA 171 -24.69 -93.61 39.96
C VAL JA 171 -24.84 -93.91 38.48
N LEU JA 172 -24.16 -94.97 38.05
CA LEU JA 172 -24.24 -95.40 36.67
C LEU JA 172 -24.94 -96.74 36.69
N LEU JA 173 -25.92 -96.93 35.82
CA LEU JA 173 -26.71 -98.15 35.81
C LEU JA 173 -26.58 -98.84 34.47
N SER JA 174 -26.63 -100.17 34.49
CA SER JA 174 -26.75 -100.91 33.25
C SER JA 174 -28.13 -100.68 32.65
N ALA JA 175 -28.25 -101.00 31.36
CA ALA JA 175 -29.49 -100.77 30.62
C ALA JA 175 -30.66 -101.56 31.19
N ASP JA 176 -30.39 -102.79 31.66
CA ASP JA 176 -31.42 -103.59 32.33
C ASP JA 176 -31.87 -102.93 33.62
N VAL JA 177 -30.91 -102.46 34.42
CA VAL JA 177 -31.23 -101.84 35.71
C VAL JA 177 -31.88 -100.48 35.50
N TYR JA 178 -31.40 -99.72 34.51
CA TYR JA 178 -31.99 -98.42 34.19
C TYR JA 178 -33.43 -98.57 33.72
N THR JA 179 -33.70 -99.58 32.88
CA THR JA 179 -35.07 -99.86 32.44
C THR JA 179 -35.95 -100.29 33.61
N LYS JA 180 -35.42 -101.14 34.51
CA LYS JA 180 -36.18 -101.61 35.66
C LYS JA 180 -36.54 -100.47 36.61
N VAL JA 181 -35.61 -99.56 36.88
CA VAL JA 181 -35.93 -98.45 37.78
C VAL JA 181 -36.65 -97.33 37.06
N SER JA 182 -36.69 -97.35 35.73
CA SER JA 182 -37.45 -96.38 34.97
C SER JA 182 -38.92 -96.76 34.85
N GLU JA 183 -39.20 -98.04 34.66
CA GLU JA 183 -40.55 -98.47 34.36
C GLU JA 183 -41.37 -98.82 35.60
N THR JA 184 -40.72 -99.04 36.73
CA THR JA 184 -41.42 -99.27 37.99
C THR JA 184 -41.62 -97.92 38.66
N SER JA 185 -42.82 -97.69 39.18
CA SER JA 185 -43.13 -96.40 39.78
C SER JA 185 -43.67 -96.59 41.19
N ASP JA 186 -43.42 -95.59 42.03
CA ASP JA 186 -43.93 -95.57 43.39
C ASP JA 186 -44.30 -94.14 43.74
N HIS JA 187 -45.58 -93.94 44.07
CA HIS JA 187 -46.14 -92.65 44.51
C HIS JA 187 -45.91 -91.54 43.49
N GLY JA 188 -46.19 -91.85 42.22
CA GLY JA 188 -46.14 -90.86 41.17
C GLY JA 188 -44.78 -90.55 40.62
N TYR JA 189 -43.75 -91.27 41.05
CA TYR JA 189 -42.42 -91.12 40.49
C TYR JA 189 -41.84 -92.49 40.20
N PRO JA 190 -41.07 -92.62 39.13
CA PRO JA 190 -40.30 -93.85 38.94
C PRO JA 190 -39.17 -93.94 39.96
N ILE JA 191 -38.63 -95.15 40.10
CA ILE JA 191 -37.57 -95.41 41.07
C ILE JA 191 -36.29 -94.67 40.72
N ARG JA 192 -36.12 -94.31 39.44
CA ARG JA 192 -35.01 -93.47 39.01
C ARG JA 192 -35.00 -92.12 39.71
N GLU JA 193 -36.17 -91.55 39.96
CA GLU JA 193 -36.25 -90.31 40.72
C GLU JA 193 -35.86 -90.54 42.18
N HIS JA 194 -36.24 -91.69 42.75
CA HIS JA 194 -35.82 -92.05 44.10
C HIS JA 194 -34.30 -92.18 44.20
N LEU JA 195 -33.66 -92.72 43.15
CA LEU JA 195 -32.21 -92.73 43.10
C LEU JA 195 -31.64 -91.32 42.98
N ASN JA 196 -32.32 -90.46 42.22
CA ASN JA 196 -31.88 -89.09 42.05
C ASN JA 196 -31.91 -88.30 43.36
N ARG JA 197 -32.83 -88.63 44.26
CA ARG JA 197 -32.87 -87.95 45.56
C ARG JA 197 -31.69 -88.32 46.47
N LEU JA 198 -31.12 -89.52 46.32
CA LEU JA 198 -30.02 -89.99 47.18
C LEU JA 198 -28.68 -89.29 46.89
N VAL JA 199 -28.46 -88.84 45.66
CA VAL JA 199 -27.11 -88.29 45.31
C VAL JA 199 -27.17 -86.85 44.80
N ASP JA 200 -26.04 -86.16 44.85
CA ASP JA 200 -25.96 -84.76 44.35
C ASP JA 200 -25.31 -84.80 42.98
N GLY JA 201 -25.09 -86.01 42.45
CA GLY JA 201 -24.50 -86.16 41.12
C GLY JA 201 -25.58 -86.44 40.11
N ASP JA 202 -25.46 -87.54 39.34
CA ASP JA 202 -26.46 -87.78 38.27
C ASP JA 202 -26.76 -89.26 38.10
N ILE JA 203 -28.01 -89.60 37.82
CA ILE JA 203 -28.29 -91.02 37.46
C ILE JA 203 -27.90 -91.07 35.98
N ILE JA 204 -26.96 -91.93 35.63
CA ILE JA 204 -26.40 -91.96 34.29
C ILE JA 204 -26.72 -93.29 33.65
N TRP JA 205 -27.33 -93.25 32.47
CA TRP JA 205 -27.59 -94.44 31.69
C TRP JA 205 -26.27 -94.94 31.11
N ALA JA 206 -25.93 -96.20 31.42
CA ALA JA 206 -24.68 -96.81 30.98
C ALA JA 206 -24.98 -98.16 30.36
N PRO JA 207 -25.38 -98.18 29.08
CA PRO JA 207 -25.84 -99.44 28.47
C PRO JA 207 -24.76 -100.47 28.23
N ALA JA 208 -23.48 -100.12 28.31
CA ALA JA 208 -22.44 -101.11 28.05
C ALA JA 208 -22.09 -101.94 29.29
N ILE JA 209 -22.19 -101.35 30.47
CA ILE JA 209 -21.73 -101.99 31.70
C ILE JA 209 -22.68 -103.09 32.15
N ASP JA 210 -22.22 -103.92 33.09
CA ASP JA 210 -23.08 -104.81 33.85
C ASP JA 210 -23.27 -104.24 35.24
N GLY JA 211 -24.40 -104.59 35.84
CA GLY JA 211 -24.69 -104.15 37.20
C GLY JA 211 -24.80 -102.66 37.37
N ALA JA 212 -24.12 -102.14 38.39
CA ALA JA 212 -24.19 -100.71 38.65
C ALA JA 212 -22.88 -100.25 39.26
N PHE JA 213 -22.67 -98.94 39.21
CA PHE JA 213 -21.43 -98.38 39.80
C PHE JA 213 -21.80 -97.09 40.50
N VAL JA 214 -21.35 -96.93 41.74
CA VAL JA 214 -21.55 -95.63 42.43
C VAL JA 214 -20.16 -95.08 42.66
N LEU JA 215 -19.95 -93.81 42.37
CA LEU JA 215 -18.58 -93.30 42.49
C LEU JA 215 -18.56 -91.79 42.62
N THR JA 216 -17.45 -91.27 43.12
CA THR JA 216 -17.27 -89.83 43.29
C THR JA 216 -16.72 -89.20 42.02
N THR JA 217 -17.14 -87.97 41.76
CA THR JA 217 -16.65 -87.24 40.60
C THR JA 217 -15.90 -86.00 41.06
N ARG JA 218 -15.21 -86.12 42.19
CA ARG JA 218 -14.45 -84.99 42.72
C ARG JA 218 -13.25 -84.64 41.85
N GLY JA 219 -12.76 -85.60 41.06
CA GLY JA 219 -11.63 -85.34 40.22
C GLY JA 219 -10.38 -86.05 40.69
N GLY JA 220 -9.49 -86.34 39.76
CA GLY JA 220 -8.20 -86.91 40.09
C GLY JA 220 -8.19 -88.35 40.50
N ASP JA 221 -9.29 -89.08 40.36
CA ASP JA 221 -9.33 -90.47 40.80
C ASP JA 221 -9.29 -91.44 39.62
N PHE JA 222 -9.90 -91.04 38.50
CA PHE JA 222 -10.05 -91.91 37.34
C PHE JA 222 -9.59 -91.11 36.13
N ASP JA 223 -8.70 -91.69 35.33
CA ASP JA 223 -8.04 -90.92 34.27
C ASP JA 223 -8.08 -91.72 32.98
N LEU JA 224 -8.73 -91.19 31.97
CA LEU JA 224 -8.72 -91.77 30.64
C LEU JA 224 -7.69 -91.02 29.80
N GLN JA 225 -6.69 -91.73 29.32
CA GLN JA 225 -5.66 -91.12 28.50
C GLN JA 225 -5.88 -91.42 27.03
N LEU JA 226 -5.99 -90.36 26.26
CA LEU JA 226 -6.20 -90.49 24.85
C LEU JA 226 -5.00 -90.12 24.06
N GLY JA 227 -4.56 -90.97 23.13
CA GLY JA 227 -3.51 -90.55 22.24
C GLY JA 227 -4.22 -89.75 21.17
N THR JA 228 -5.20 -90.39 20.54
CA THR JA 228 -6.04 -89.69 19.53
C THR JA 228 -7.51 -89.99 19.83
N ASP JA 229 -8.37 -88.97 19.73
CA ASP JA 229 -9.81 -89.15 19.96
C ASP JA 229 -10.45 -89.88 18.78
N VAL JA 230 -11.76 -90.08 18.80
CA VAL JA 230 -12.48 -90.83 17.74
C VAL JA 230 -12.33 -90.15 16.37
N ALA JA 231 -11.92 -90.92 15.37
CA ALA JA 231 -11.73 -90.41 14.02
C ALA JA 231 -12.30 -91.41 13.03
N ILE JA 232 -12.69 -90.92 11.86
CA ILE JA 232 -13.22 -91.78 10.81
C ILE JA 232 -12.18 -91.89 9.72
N GLY JA 233 -11.83 -93.13 9.34
CA GLY JA 233 -10.82 -93.37 8.34
C GLY JA 233 -11.33 -94.25 7.21
N TYR JA 234 -10.61 -94.20 6.09
CA TYR JA 234 -11.02 -94.88 4.87
C TYR JA 234 -10.16 -96.12 4.63
N ALA JA 235 -10.80 -97.26 4.40
CA ALA JA 235 -10.04 -98.51 4.19
C ALA JA 235 -9.97 -98.82 2.69
N SER JA 236 -11.10 -99.13 2.08
CA SER JA 236 -11.15 -99.50 0.65
C SER JA 236 -12.56 -99.28 0.12
N HIS JA 237 -12.72 -99.40 -1.22
CA HIS JA 237 -14.04 -99.16 -1.85
C HIS JA 237 -14.24 -100.02 -3.10
N ASP JA 238 -15.48 -100.27 -3.48
CA ASP JA 238 -15.78 -100.99 -4.75
C ASP JA 238 -16.86 -100.17 -5.46
N THR JA 239 -17.54 -100.73 -6.45
CA THR JA 239 -18.56 -100.00 -7.21
C THR JA 239 -19.77 -99.74 -6.31
N ASP JA 240 -20.03 -100.62 -5.36
CA ASP JA 240 -21.25 -100.49 -4.58
C ASP JA 240 -21.06 -99.90 -3.19
N THR JA 241 -19.92 -100.12 -2.56
CA THR JA 241 -19.79 -99.83 -1.14
C THR JA 241 -18.46 -99.15 -0.85
N VAL JA 242 -18.42 -98.45 0.27
CA VAL JA 242 -17.19 -97.87 0.82
C VAL JA 242 -16.98 -98.47 2.20
N ARG JA 243 -15.82 -99.09 2.42
CA ARG JA 243 -15.43 -99.57 3.73
C ARG JA 243 -14.68 -98.46 4.46
N LEU JA 244 -15.18 -98.09 5.64
CA LEU JA 244 -14.52 -97.11 6.47
C LEU JA 244 -14.35 -97.71 7.85
N TYR JA 245 -13.84 -96.93 8.80
CA TYR JA 245 -13.70 -97.39 10.17
C TYR JA 245 -13.77 -96.21 11.12
N LEU JA 246 -14.15 -96.53 12.35
CA LEU JA 246 -14.03 -95.61 13.48
C LEU JA 246 -12.81 -96.06 14.28
N GLN JA 247 -12.04 -95.10 14.78
CA GLN JA 247 -10.78 -95.47 15.40
C GLN JA 247 -10.47 -94.52 16.54
N GLU JA 248 -10.01 -95.09 17.64
CA GLU JA 248 -9.55 -94.29 18.77
C GLU JA 248 -8.47 -95.06 19.52
N THR JA 249 -7.51 -94.36 20.09
CA THR JA 249 -6.45 -95.00 20.86
C THR JA 249 -6.37 -94.41 22.26
N LEU JA 250 -6.32 -95.29 23.25
CA LEU JA 250 -6.50 -94.89 24.64
C LEU JA 250 -5.91 -95.91 25.60
N THR JA 251 -5.77 -95.47 26.85
CA THR JA 251 -5.63 -96.37 27.99
C THR JA 251 -6.43 -95.77 29.14
N PHE JA 252 -6.67 -96.56 30.17
CA PHE JA 252 -7.39 -96.09 31.34
C PHE JA 252 -6.61 -96.42 32.61
N LEU JA 253 -6.56 -95.45 33.52
CA LEU JA 253 -5.85 -95.58 34.78
C LEU JA 253 -6.82 -95.28 35.92
N CYS JA 254 -6.79 -96.09 36.96
CA CYS JA 254 -7.51 -95.81 38.20
C CYS JA 254 -6.48 -95.56 39.29
N TYR JA 255 -6.41 -94.31 39.77
CA TYR JA 255 -5.45 -93.96 40.80
C TYR JA 255 -5.94 -94.23 42.21
N THR JA 256 -7.24 -94.21 42.42
CA THR JA 256 -7.82 -94.23 43.76
C THR JA 256 -8.72 -95.46 43.87
N ALA JA 257 -8.29 -96.44 44.66
CA ALA JA 257 -8.99 -97.72 44.71
C ALA JA 257 -10.31 -97.64 45.47
N GLU JA 258 -10.44 -96.71 46.41
CA GLU JA 258 -11.58 -96.68 47.30
C GLU JA 258 -12.65 -95.68 46.86
N ALA JA 259 -12.54 -95.16 45.63
CA ALA JA 259 -13.47 -94.14 45.16
C ALA JA 259 -14.69 -94.70 44.44
N SER JA 260 -14.95 -96.01 44.52
CA SER JA 260 -16.05 -96.58 43.78
C SER JA 260 -16.58 -97.85 44.44
N VAL JA 261 -17.86 -98.13 44.18
CA VAL JA 261 -18.50 -99.39 44.57
C VAL JA 261 -19.14 -99.99 43.32
N ALA JA 262 -18.85 -101.27 43.07
CA ALA JA 262 -19.43 -102.03 41.98
C ALA JA 262 -20.56 -102.90 42.49
N LEU JA 263 -21.59 -103.04 41.67
CA LEU JA 263 -22.73 -103.84 42.03
C LEU JA 263 -22.98 -104.84 40.91
N SER JA 264 -23.45 -106.04 41.25
CA SER JA 264 -23.70 -107.07 40.27
C SER JA 264 -25.03 -107.74 40.58
N HIS JA 265 -25.46 -108.59 39.65
CA HIS JA 265 -26.72 -109.31 39.81
C HIS JA 265 -26.52 -110.66 40.48
N MET KA 1 23.52 33.80 -68.13
CA MET KA 1 22.53 34.40 -69.00
C MET KA 1 22.13 33.48 -70.15
N ASN KA 2 21.16 33.93 -70.96
CA ASN KA 2 20.69 33.12 -72.10
C ASN KA 2 20.87 33.84 -73.43
N ASN KA 3 20.15 33.39 -74.46
CA ASN KA 3 20.28 34.02 -75.77
C ASN KA 3 19.60 35.40 -75.85
N LEU KA 4 18.63 35.70 -75.00
CA LEU KA 4 18.06 37.04 -74.93
C LEU KA 4 19.08 38.11 -74.52
N TYR KA 5 20.12 37.74 -73.78
CA TYR KA 5 21.12 38.70 -73.30
C TYR KA 5 20.45 39.91 -72.66
N ARG KA 6 19.46 39.63 -71.81
CA ARG KA 6 18.55 40.67 -71.33
C ARG KA 6 19.26 41.61 -70.35
N ASP KA 7 20.18 41.10 -69.55
CA ASP KA 7 20.89 41.93 -68.58
C ASP KA 7 21.90 42.86 -69.24
N LEU KA 8 22.24 42.63 -70.50
CA LEU KA 8 23.13 43.54 -71.20
C LEU KA 8 22.41 44.78 -71.73
N ALA KA 9 21.08 44.74 -71.79
CA ALA KA 9 20.34 45.87 -72.33
C ALA KA 9 20.31 47.01 -71.33
N PRO KA 10 20.51 48.24 -71.78
CA PRO KA 10 20.36 49.40 -70.86
C PRO KA 10 18.90 49.80 -70.65
N VAL KA 11 18.18 48.89 -70.00
CA VAL KA 11 16.76 49.03 -69.74
C VAL KA 11 16.56 48.78 -68.25
N THR KA 12 15.87 49.69 -67.58
CA THR KA 12 15.65 49.54 -66.15
C THR KA 12 14.56 48.50 -65.91
N GLU KA 13 14.45 48.11 -64.64
CA GLU KA 13 13.47 47.08 -64.25
C GLU KA 13 12.04 47.54 -64.46
N ALA KA 14 11.74 48.79 -64.11
CA ALA KA 14 10.39 49.33 -64.31
C ALA KA 14 10.07 49.47 -65.78
N ALA KA 15 11.03 49.93 -66.57
CA ALA KA 15 10.87 50.00 -68.01
C ALA KA 15 10.66 48.61 -68.61
N TRP KA 16 11.39 47.61 -68.10
CA TRP KA 16 11.20 46.24 -68.56
C TRP KA 16 9.80 45.74 -68.27
N ALA KA 17 9.28 46.02 -67.08
CA ALA KA 17 7.92 45.61 -66.74
C ALA KA 17 6.89 46.27 -67.64
N GLU KA 18 7.06 47.56 -67.94
CA GLU KA 18 6.15 48.22 -68.86
C GLU KA 18 6.22 47.66 -70.27
N ILE KA 19 7.43 47.34 -70.76
CA ILE KA 19 7.60 46.78 -72.10
C ILE KA 19 6.96 45.38 -72.17
N GLU KA 20 7.18 44.55 -71.15
CA GLU KA 20 6.58 43.22 -71.12
C GLU KA 20 5.06 43.27 -71.10
N LEU KA 21 4.51 44.19 -70.30
CA LEU KA 21 3.06 44.37 -70.22
C LEU KA 21 2.48 44.82 -71.55
N GLU KA 22 3.12 45.80 -72.20
CA GLU KA 22 2.64 46.32 -73.47
C GLU KA 22 2.69 45.25 -74.57
N ALA KA 23 3.79 44.50 -74.63
CA ALA KA 23 3.93 43.47 -75.65
C ALA KA 23 2.94 42.33 -75.45
N ALA KA 24 2.78 41.86 -74.20
CA ALA KA 24 1.85 40.78 -73.92
C ALA KA 24 0.42 41.20 -74.20
N ARG KA 25 0.05 42.42 -73.81
CA ARG KA 25 -1.30 42.91 -74.06
C ARG KA 25 -1.61 43.02 -75.54
N THR KA 26 -0.73 43.67 -76.30
CA THR KA 26 -0.99 43.88 -77.72
C THR KA 26 -1.01 42.56 -78.48
N PHE KA 27 -0.17 41.62 -78.10
CA PHE KA 27 -0.15 40.30 -78.72
C PHE KA 27 -1.44 39.50 -78.52
N LYS KA 28 -1.91 39.37 -77.29
CA LYS KA 28 -3.15 38.65 -77.00
C LYS KA 28 -4.32 39.22 -77.79
N ARG KA 29 -4.46 40.54 -77.80
CA ARG KA 29 -5.54 41.17 -78.52
C ARG KA 29 -5.55 40.82 -79.97
N HIS KA 30 -4.38 40.66 -80.54
CA HIS KA 30 -4.32 40.40 -82.00
C HIS KA 30 -4.19 38.91 -82.31
N ILE KA 31 -4.15 38.05 -81.28
CA ILE KA 31 -4.15 36.63 -81.65
C ILE KA 31 -5.57 36.07 -81.69
N ALA KA 32 -5.91 35.46 -82.82
CA ALA KA 32 -7.15 34.70 -82.95
C ALA KA 32 -6.87 33.20 -82.99
N GLY KA 33 -5.68 32.83 -83.46
CA GLY KA 33 -5.39 31.42 -83.73
C GLY KA 33 -5.30 30.56 -82.48
N ARG KA 34 -4.72 31.09 -81.41
CA ARG KA 34 -4.56 30.30 -80.18
C ARG KA 34 -5.87 30.07 -79.46
N ARG KA 35 -6.90 30.86 -79.77
CA ARG KA 35 -8.21 30.64 -79.15
C ARG KA 35 -8.92 29.42 -79.69
N VAL KA 36 -8.55 28.94 -80.86
CA VAL KA 36 -9.26 27.84 -81.50
C VAL KA 36 -8.41 26.58 -81.66
N VAL KA 37 -7.09 26.67 -81.69
CA VAL KA 37 -6.26 25.50 -81.93
C VAL KA 37 -5.72 25.01 -80.60
N ASP KA 38 -5.28 23.75 -80.59
CA ASP KA 38 -4.60 23.22 -79.43
C ASP KA 38 -3.18 23.77 -79.41
N VAL KA 39 -2.77 24.29 -78.27
CA VAL KA 39 -1.46 24.90 -78.09
C VAL KA 39 -0.68 24.05 -77.12
N SER KA 40 0.46 23.54 -77.57
CA SER KA 40 1.27 22.66 -76.75
C SER KA 40 2.03 23.45 -75.70
N ASP KA 41 2.59 22.73 -74.73
CA ASP KA 41 3.56 23.34 -73.86
C ASP KA 41 4.84 23.65 -74.63
N PRO KA 42 5.60 24.66 -74.22
CA PRO KA 42 6.90 24.92 -74.86
C PRO KA 42 7.87 23.76 -74.72
N GLY KA 43 8.37 23.26 -75.83
CA GLY KA 43 9.34 22.18 -75.83
C GLY KA 43 10.65 22.58 -75.21
N GLY KA 44 11.08 23.81 -75.47
CA GLY KA 44 12.36 24.26 -74.97
C GLY KA 44 13.24 24.67 -76.13
N PRO KA 45 14.40 25.25 -75.81
CA PRO KA 45 15.28 25.74 -76.88
C PRO KA 45 15.88 24.65 -77.74
N VAL KA 46 16.04 23.43 -77.22
CA VAL KA 46 16.72 22.39 -77.96
C VAL KA 46 15.78 21.73 -78.97
N THR KA 47 14.48 21.94 -78.81
CA THR KA 47 13.49 21.30 -79.66
C THR KA 47 13.56 21.86 -81.06
N ALA KA 48 13.68 20.98 -82.06
CA ALA KA 48 13.94 21.44 -83.41
C ALA KA 48 12.93 20.93 -84.42
N ALA KA 49 12.28 19.81 -84.13
CA ALA KA 49 11.35 19.21 -85.08
C ALA KA 49 10.29 18.44 -84.33
N VAL KA 50 9.17 18.24 -85.00
CA VAL KA 50 8.06 17.46 -84.48
C VAL KA 50 7.91 16.22 -85.35
N SER KA 51 7.90 15.06 -84.71
CA SER KA 51 7.70 13.81 -85.43
C SER KA 51 6.27 13.71 -85.93
N THR KA 52 6.12 13.34 -87.20
CA THR KA 52 4.80 13.07 -87.76
C THR KA 52 4.42 11.60 -87.68
N GLY KA 53 5.42 10.73 -87.45
CA GLY KA 53 5.16 9.29 -87.32
C GLY KA 53 5.08 8.61 -88.67
N ARG KA 54 5.35 9.32 -89.77
CA ARG KA 54 5.34 8.68 -91.11
C ARG KA 54 6.75 8.19 -91.50
N LEU KA 55 6.87 7.50 -92.62
CA LEU KA 55 8.17 6.92 -93.06
C LEU KA 55 8.42 7.25 -94.53
N ILE KA 56 9.68 7.50 -94.90
CA ILE KA 56 10.04 7.85 -96.28
C ILE KA 56 10.98 6.83 -96.88
N ASP KA 57 10.58 6.19 -97.97
CA ASP KA 57 11.42 5.20 -98.62
C ASP KA 57 12.72 5.77 -99.15
N VAL KA 58 13.85 5.18 -98.73
CA VAL KA 58 15.14 5.62 -99.26
C VAL KA 58 15.88 4.49 -99.95
N LYS KA 59 16.79 4.84 -100.86
CA LYS KA 59 17.55 3.83 -101.61
C LYS KA 59 18.26 2.87 -100.68
N ALA KA 60 17.90 1.59 -100.75
CA ALA KA 60 18.49 0.55 -99.89
C ALA KA 60 20.01 0.68 -99.73
N PRO KA 61 20.49 0.72 -98.47
CA PRO KA 61 21.93 0.81 -98.22
C PRO KA 61 22.65 -0.36 -98.85
N THR KA 62 22.22 -1.57 -98.52
CA THR KA 62 22.80 -2.77 -99.12
C THR KA 62 21.72 -3.77 -99.50
N ASN KA 63 22.14 -4.92 -100.01
CA ASN KA 63 21.19 -5.97 -100.39
C ASN KA 63 20.48 -6.53 -99.17
N GLY KA 64 19.17 -6.68 -99.25
CA GLY KA 64 18.41 -7.24 -98.14
C GLY KA 64 18.16 -6.28 -96.99
N VAL KA 65 18.53 -5.01 -97.17
CA VAL KA 65 18.28 -4.03 -96.13
C VAL KA 65 17.19 -3.11 -96.59
N ILE KA 66 16.22 -2.86 -95.74
CA ILE KA 66 15.13 -1.99 -96.07
C ILE KA 66 15.25 -0.79 -95.18
N ALA KA 67 15.38 0.38 -95.79
CA ALA KA 67 15.59 1.59 -95.02
C ALA KA 67 14.49 2.60 -95.17
N HIS KA 68 14.17 3.27 -94.09
CA HIS KA 68 13.18 4.30 -94.15
C HIS KA 68 13.57 5.48 -93.30
N LEU KA 69 13.42 6.67 -93.84
CA LEU KA 69 13.65 7.88 -93.07
C LEU KA 69 12.41 8.26 -92.27
N ARG KA 70 12.62 8.66 -91.03
CA ARG KA 70 11.53 9.20 -90.24
C ARG KA 70 11.18 10.60 -90.73
N ALA KA 71 9.89 10.85 -90.97
CA ALA KA 71 9.44 12.17 -91.37
C ALA KA 71 9.24 13.06 -90.16
N SER KA 72 9.45 14.36 -90.37
CA SER KA 72 9.29 15.33 -89.30
C SER KA 72 8.98 16.69 -89.90
N LYS KA 73 8.58 17.60 -89.04
CA LYS KA 73 8.30 18.99 -89.40
C LYS KA 73 9.25 19.90 -88.66
N PRO KA 74 10.00 20.76 -89.34
CA PRO KA 74 10.91 21.67 -88.64
C PRO KA 74 10.18 22.84 -88.00
N LEU KA 75 10.67 23.26 -86.84
CA LEU KA 75 10.25 24.53 -86.27
C LEU KA 75 10.85 25.69 -87.05
N VAL KA 76 10.16 26.81 -87.03
CA VAL KA 76 10.68 28.06 -87.58
C VAL KA 76 10.75 29.07 -86.44
N ARG KA 77 11.87 29.78 -86.36
CA ARG KA 77 12.02 30.87 -85.41
C ARG KA 77 11.71 32.18 -86.11
N LEU KA 78 10.79 32.93 -85.54
CA LEU KA 78 10.28 34.16 -86.10
C LEU KA 78 10.72 35.29 -85.19
N ARG KA 79 11.42 36.27 -85.76
CA ARG KA 79 12.00 37.37 -85.01
C ARG KA 79 11.57 38.69 -85.64
N VAL KA 80 11.04 39.57 -84.81
CA VAL KA 80 10.64 40.91 -85.22
C VAL KA 80 11.46 41.91 -84.42
N PRO KA 81 12.47 42.53 -85.03
CA PRO KA 81 13.22 43.57 -84.33
C PRO KA 81 12.42 44.86 -84.22
N PHE KA 82 12.73 45.63 -83.16
CA PHE KA 82 12.13 46.94 -82.98
C PHE KA 82 13.10 47.81 -82.20
N THR KA 83 12.87 49.11 -82.25
CA THR KA 83 13.82 50.10 -81.76
C THR KA 83 13.13 51.04 -80.78
N LEU KA 84 13.72 51.19 -79.59
CA LEU KA 84 13.16 52.04 -78.55
C LEU KA 84 14.05 53.23 -78.29
N SER KA 85 13.42 54.39 -78.08
CA SER KA 85 14.13 55.57 -77.61
C SER KA 85 14.60 55.38 -76.18
N ARG KA 86 15.86 55.73 -75.91
CA ARG KA 86 16.38 55.60 -74.56
C ARG KA 86 15.85 56.67 -73.63
N ASN KA 87 15.43 57.82 -74.18
CA ASN KA 87 14.78 58.86 -73.39
C ASN KA 87 13.44 58.37 -72.83
N GLU KA 88 12.66 57.65 -73.65
CA GLU KA 88 11.41 57.08 -73.18
C GLU KA 88 11.64 56.03 -72.10
N ILE KA 89 12.73 55.25 -72.23
CA ILE KA 89 13.09 54.27 -71.22
C ILE KA 89 13.47 54.96 -69.91
N ASP KA 90 14.26 56.03 -70.00
CA ASP KA 90 14.68 56.77 -68.82
C ASP KA 90 13.51 57.51 -68.14
N ASP KA 91 12.48 57.85 -68.91
CA ASP KA 91 11.30 58.53 -68.36
C ASP KA 91 10.55 57.68 -67.34
N VAL KA 92 10.65 56.34 -67.44
CA VAL KA 92 9.81 55.46 -66.65
C VAL KA 92 10.20 55.51 -65.17
N GLU KA 93 11.48 55.56 -64.87
CA GLU KA 93 11.89 55.60 -63.45
C GLU KA 93 11.51 56.95 -62.82
N ARG KA 94 11.54 58.03 -63.62
CA ARG KA 94 11.11 59.32 -63.11
C ARG KA 94 9.61 59.39 -62.88
N GLY KA 95 8.84 58.40 -63.31
CA GLY KA 95 7.42 58.37 -63.05
C GLY KA 95 6.52 58.68 -64.22
N SER KA 96 7.06 58.75 -65.43
CA SER KA 96 6.22 58.94 -66.61
C SER KA 96 5.36 57.70 -66.84
N LYS KA 97 4.14 57.93 -67.31
CA LYS KA 97 3.21 56.86 -67.62
C LYS KA 97 2.71 56.93 -69.05
N ASP KA 98 3.34 57.77 -69.87
CA ASP KA 98 2.98 57.88 -71.28
C ASP KA 98 4.18 57.65 -72.18
N SER KA 99 5.14 56.83 -71.74
CA SER KA 99 6.32 56.54 -72.54
C SER KA 99 5.94 55.85 -73.84
N ASP KA 100 6.62 56.24 -74.91
CA ASP KA 100 6.25 55.82 -76.25
C ASP KA 100 6.60 54.35 -76.50
N TRP KA 101 5.61 53.48 -76.35
CA TRP KA 101 5.84 52.06 -76.58
C TRP KA 101 5.21 51.65 -77.90
N GLU KA 102 5.07 52.59 -78.82
CA GLU KA 102 4.54 52.28 -80.14
C GLU KA 102 5.37 51.22 -80.92
N PRO KA 103 6.72 51.27 -80.85
CA PRO KA 103 7.44 50.21 -81.57
C PRO KA 103 7.16 48.85 -80.96
N VAL KA 104 7.07 48.76 -79.64
CA VAL KA 104 6.72 47.49 -79.00
C VAL KA 104 5.36 47.01 -79.49
N LYS KA 105 4.39 47.92 -79.60
CA LYS KA 105 3.05 47.56 -80.07
C LYS KA 105 3.07 47.14 -81.53
N GLU KA 106 3.86 47.82 -82.36
CA GLU KA 106 3.96 47.44 -83.76
C GLU KA 106 4.66 46.11 -83.94
N ALA KA 107 5.68 45.83 -83.12
CA ALA KA 107 6.34 44.54 -83.18
C ALA KA 107 5.43 43.41 -82.72
N ALA KA 108 4.65 43.64 -81.66
CA ALA KA 108 3.72 42.62 -81.20
C ALA KA 108 2.60 42.38 -82.20
N LYS KA 109 2.11 43.44 -82.83
CA LYS KA 109 1.09 43.28 -83.85
C LYS KA 109 1.64 42.54 -85.07
N LYS KA 110 2.89 42.82 -85.45
CA LYS KA 110 3.46 42.16 -86.60
C LYS KA 110 3.75 40.69 -86.32
N LEU KA 111 4.23 40.38 -85.11
CA LEU KA 111 4.49 38.98 -84.72
C LEU KA 111 3.15 38.22 -84.68
N ALA KA 112 2.12 38.81 -84.07
CA ALA KA 112 0.82 38.17 -84.02
C ALA KA 112 0.25 37.94 -85.42
N PHE KA 113 0.45 38.90 -86.33
CA PHE KA 113 -0.02 38.75 -87.70
C PHE KA 113 0.70 37.63 -88.42
N VAL KA 114 2.01 37.52 -88.21
CA VAL KA 114 2.76 36.44 -88.82
C VAL KA 114 2.25 35.10 -88.29
N GLU KA 115 2.14 34.96 -86.98
CA GLU KA 115 1.70 33.68 -86.41
C GLU KA 115 0.32 33.28 -86.91
N ASP KA 116 -0.62 34.23 -86.96
CA ASP KA 116 -1.97 33.90 -87.42
C ASP KA 116 -2.00 33.59 -88.91
N ARG KA 117 -1.23 34.33 -89.72
CA ARG KA 117 -1.20 34.04 -91.15
C ARG KA 117 -0.47 32.75 -91.43
N THR KA 118 0.45 32.35 -90.57
CA THR KA 118 1.11 31.06 -90.71
C THR KA 118 0.15 29.93 -90.38
N ILE KA 119 -0.64 30.08 -89.32
CA ILE KA 119 -1.61 29.05 -88.96
C ILE KA 119 -2.69 28.91 -90.03
N PHE KA 120 -3.22 30.02 -90.53
CA PHE KA 120 -4.39 29.93 -91.40
C PHE KA 120 -4.08 29.93 -92.89
N GLU KA 121 -2.96 30.52 -93.31
CA GLU KA 121 -2.62 30.57 -94.73
C GLU KA 121 -1.35 29.82 -95.06
N GLY KA 122 -0.68 29.28 -94.06
CA GLY KA 122 0.54 28.56 -94.29
C GLY KA 122 1.80 29.33 -94.59
N TYR KA 123 2.93 28.66 -94.51
CA TYR KA 123 4.21 29.27 -94.77
C TYR KA 123 4.93 28.15 -95.46
N SER KA 124 4.88 28.14 -96.79
CA SER KA 124 5.48 27.05 -97.56
C SER KA 124 6.98 26.83 -97.33
N ALA KA 125 7.75 27.88 -97.18
CA ALA KA 125 9.18 27.78 -96.94
C ALA KA 125 9.47 27.04 -95.65
N ALA KA 126 8.59 27.14 -94.67
CA ALA KA 126 8.71 26.40 -93.41
C ALA KA 126 7.97 25.08 -93.44
N SER KA 127 7.50 24.65 -94.62
CA SER KA 127 6.75 23.41 -94.84
C SER KA 127 5.48 23.34 -93.98
N ILE KA 128 4.81 24.47 -93.84
CA ILE KA 128 3.58 24.55 -93.07
C ILE KA 128 2.45 24.79 -94.04
N GLU KA 129 1.49 23.86 -94.07
CA GLU KA 129 0.28 24.03 -94.85
C GLU KA 129 -0.76 24.73 -93.99
N GLY KA 130 -1.40 25.75 -94.54
CA GLY KA 130 -2.42 26.46 -93.81
C GLY KA 130 -3.69 25.65 -93.67
N ILE KA 131 -4.56 26.14 -92.78
CA ILE KA 131 -5.89 25.55 -92.62
C ILE KA 131 -6.70 25.68 -93.90
N ARG KA 132 -6.55 26.80 -94.61
CA ARG KA 132 -7.23 27.00 -95.88
C ARG KA 132 -6.80 25.99 -96.94
N SER KA 133 -5.49 25.72 -97.01
CA SER KA 133 -5.00 24.77 -97.99
C SER KA 133 -5.26 23.32 -97.59
N ALA KA 134 -5.23 23.03 -96.29
CA ALA KA 134 -5.43 21.66 -95.82
C ALA KA 134 -6.89 21.28 -95.65
N SER KA 135 -7.81 22.20 -95.86
CA SER KA 135 -9.23 21.88 -95.73
C SER KA 135 -9.70 21.07 -96.92
N SER KA 136 -10.43 19.99 -96.64
CA SER KA 136 -11.02 19.19 -97.70
C SER KA 136 -12.45 19.61 -98.03
N ASN KA 137 -13.09 20.40 -97.18
CA ASN KA 137 -14.41 20.90 -97.47
C ASN KA 137 -14.34 21.97 -98.56
N PRO KA 138 -15.40 22.14 -99.36
CA PRO KA 138 -15.37 23.13 -100.43
C PRO KA 138 -15.25 24.56 -99.92
N ALA KA 139 -14.59 25.39 -100.71
CA ALA KA 139 -14.44 26.79 -100.38
C ALA KA 139 -15.66 27.57 -100.85
N LEU KA 140 -15.99 28.60 -100.08
CA LEU KA 140 -17.17 29.41 -100.35
C LEU KA 140 -16.75 30.85 -100.66
N THR KA 141 -17.62 31.55 -101.37
CA THR KA 141 -17.37 32.94 -101.71
C THR KA 141 -18.23 33.84 -100.82
N LEU KA 142 -17.60 34.80 -100.17
CA LEU KA 142 -18.34 35.75 -99.35
C LEU KA 142 -18.98 36.79 -100.25
N PRO KA 143 -20.26 37.09 -100.00
CA PRO KA 143 -20.98 38.04 -100.85
C PRO KA 143 -20.60 39.49 -100.57
N GLU KA 144 -20.94 40.38 -101.49
CA GLU KA 144 -20.63 41.79 -101.29
C GLU KA 144 -21.50 42.43 -100.22
N ASP KA 145 -22.79 42.11 -100.22
CA ASP KA 145 -23.71 42.66 -99.24
C ASP KA 145 -23.49 41.98 -97.89
N PRO KA 146 -23.20 42.74 -96.82
CA PRO KA 146 -23.06 42.12 -95.49
C PRO KA 146 -24.32 41.46 -94.97
N ARG KA 147 -25.50 41.88 -95.41
CA ARG KA 147 -26.75 41.25 -95.00
C ARG KA 147 -26.87 39.83 -95.55
N GLU KA 148 -26.12 39.50 -96.59
CA GLU KA 148 -26.05 38.15 -97.12
C GLU KA 148 -24.89 37.35 -96.54
N ILE KA 149 -24.14 37.90 -95.60
CA ILE KA 149 -23.07 37.12 -94.96
C ILE KA 149 -23.62 35.92 -94.16
N PRO KA 150 -24.58 36.14 -93.23
CA PRO KA 150 -25.04 35.00 -92.44
C PRO KA 150 -25.55 33.82 -93.27
N ASP KA 151 -26.10 34.07 -94.45
CA ASP KA 151 -26.57 32.98 -95.30
C ASP KA 151 -25.41 32.07 -95.69
N VAL KA 152 -24.38 32.64 -96.30
CA VAL KA 152 -23.21 31.85 -96.73
C VAL KA 152 -22.54 31.15 -95.56
N ILE KA 153 -22.38 31.85 -94.44
CA ILE KA 153 -21.83 31.22 -93.23
C ILE KA 153 -22.62 29.99 -92.85
N SER KA 154 -23.96 30.07 -92.94
CA SER KA 154 -24.83 28.90 -92.64
C SER KA 154 -24.56 27.75 -93.62
N GLN KA 155 -24.25 28.05 -94.88
CA GLN KA 155 -23.87 27.01 -95.83
C GLN KA 155 -22.58 26.32 -95.42
N ALA KA 156 -21.63 27.10 -94.87
CA ALA KA 156 -20.43 26.51 -94.30
C ALA KA 156 -20.77 25.61 -93.13
N LEU KA 157 -21.74 26.02 -92.30
CA LEU KA 157 -22.19 25.15 -91.22
C LEU KA 157 -22.88 23.90 -91.74
N SER KA 158 -23.41 23.94 -92.97
CA SER KA 158 -23.92 22.72 -93.57
C SER KA 158 -22.78 21.76 -93.88
N GLU KA 159 -21.65 22.29 -94.35
CA GLU KA 159 -20.59 21.44 -94.87
C GLU KA 159 -19.92 20.64 -93.75
N LEU KA 160 -19.61 21.30 -92.62
CA LEU KA 160 -19.15 20.58 -91.42
C LEU KA 160 -20.18 19.59 -90.92
N ARG KA 161 -21.47 19.85 -91.16
CA ARG KA 161 -22.47 18.86 -90.80
C ARG KA 161 -22.46 17.70 -91.78
N LEU KA 162 -22.18 17.99 -93.06
CA LEU KA 162 -22.07 16.92 -94.05
C LEU KA 162 -20.75 16.17 -93.94
N ALA KA 163 -19.76 16.76 -93.27
CA ALA KA 163 -18.49 16.10 -93.03
C ALA KA 163 -18.54 15.18 -91.81
N GLY KA 164 -19.66 15.14 -91.09
CA GLY KA 164 -19.75 14.34 -89.88
C GLY KA 164 -18.84 14.87 -88.80
N VAL KA 165 -19.11 16.07 -88.28
CA VAL KA 165 -18.24 16.67 -87.28
C VAL KA 165 -19.08 17.28 -86.14
N ASP KA 166 -18.67 17.05 -84.90
CA ASP KA 166 -19.38 17.63 -83.76
C ASP KA 166 -18.58 18.78 -83.15
N GLY KA 167 -18.96 19.22 -81.96
CA GLY KA 167 -18.21 20.27 -81.28
C GLY KA 167 -18.71 21.69 -81.48
N PRO KA 168 -18.26 22.61 -80.60
CA PRO KA 168 -18.67 24.01 -80.72
C PRO KA 168 -18.04 24.57 -81.97
N TYR KA 169 -18.81 25.08 -82.92
CA TYR KA 169 -18.19 25.68 -84.09
C TYR KA 169 -17.81 27.15 -83.87
N SER KA 170 -16.70 27.61 -84.43
CA SER KA 170 -16.39 29.03 -84.20
C SER KA 170 -16.11 29.73 -85.53
N VAL KA 171 -16.52 31.00 -85.64
CA VAL KA 171 -16.35 31.72 -86.88
C VAL KA 171 -15.29 32.80 -86.66
N LEU KA 172 -14.29 32.80 -87.54
CA LEU KA 172 -13.23 33.79 -87.48
C LEU KA 172 -13.37 34.64 -88.71
N LEU KA 173 -13.34 35.96 -88.55
CA LEU KA 173 -13.54 36.87 -89.66
C LEU KA 173 -12.32 37.74 -89.85
N SER KA 174 -12.06 38.09 -91.10
CA SER KA 174 -11.06 39.11 -91.38
C SER KA 174 -11.56 40.47 -90.89
N ALA KA 175 -10.62 41.41 -90.75
CA ALA KA 175 -10.94 42.73 -90.22
C ALA KA 175 -11.92 43.49 -91.11
N ASP KA 176 -11.79 43.33 -92.43
CA ASP KA 176 -12.75 43.89 -93.36
C ASP KA 176 -14.14 43.32 -93.16
N VAL KA 177 -14.23 41.99 -93.04
CA VAL KA 177 -15.51 41.32 -92.88
C VAL KA 177 -16.09 41.60 -91.51
N TYR KA 178 -15.24 41.63 -90.47
CA TYR KA 178 -15.70 41.94 -89.12
C TYR KA 178 -16.23 43.37 -89.04
N THR KA 179 -15.56 44.32 -89.69
CA THR KA 179 -16.05 45.69 -89.75
C THR KA 179 -17.37 45.78 -90.51
N LYS KA 180 -17.48 45.05 -91.64
CA LYS KA 180 -18.71 45.07 -92.43
C LYS KA 180 -19.90 44.50 -91.67
N VAL KA 181 -19.71 43.40 -90.95
CA VAL KA 181 -20.84 42.83 -90.20
C VAL KA 181 -21.04 43.53 -88.86
N SER KA 182 -20.08 44.35 -88.43
CA SER KA 182 -20.25 45.14 -87.23
C SER KA 182 -21.02 46.43 -87.48
N GLU KA 183 -20.76 47.08 -88.61
CA GLU KA 183 -21.30 48.41 -88.86
C GLU KA 183 -22.65 48.38 -89.56
N THR KA 184 -23.01 47.27 -90.19
CA THR KA 184 -24.32 47.13 -90.79
C THR KA 184 -25.26 46.54 -89.75
N SER KA 185 -26.46 47.08 -89.65
CA SER KA 185 -27.41 46.65 -88.64
C SER KA 185 -28.73 46.27 -89.28
N ASP KA 186 -29.42 45.32 -88.63
CA ASP KA 186 -30.74 44.91 -89.06
C ASP KA 186 -31.57 44.62 -87.81
N HIS KA 187 -32.69 45.36 -87.67
CA HIS KA 187 -33.66 45.21 -86.59
C HIS KA 187 -33.03 45.36 -85.21
N GLY KA 188 -32.23 46.40 -85.06
CA GLY KA 188 -31.66 46.74 -83.77
C GLY KA 188 -30.45 45.94 -83.36
N TYR KA 189 -29.92 45.08 -84.22
CA TYR KA 189 -28.69 44.36 -83.95
C TYR KA 189 -27.80 44.43 -85.17
N PRO KA 190 -26.49 44.50 -84.96
CA PRO KA 190 -25.56 44.34 -86.09
C PRO KA 190 -25.56 42.89 -86.56
N ILE KA 191 -25.04 42.70 -87.78
CA ILE KA 191 -25.01 41.38 -88.40
C ILE KA 191 -24.10 40.42 -87.63
N ARG KA 192 -23.14 40.97 -86.85
CA ARG KA 192 -22.30 40.16 -85.99
C ARG KA 192 -23.13 39.39 -84.96
N GLU KA 193 -24.19 40.00 -84.45
CA GLU KA 193 -25.10 39.28 -83.54
C GLU KA 193 -25.85 38.19 -84.27
N HIS KA 194 -26.24 38.43 -85.53
CA HIS KA 194 -26.88 37.39 -86.35
C HIS KA 194 -25.95 36.21 -86.56
N LEU KA 195 -24.65 36.47 -86.74
CA LEU KA 195 -23.67 35.41 -86.80
C LEU KA 195 -23.55 34.68 -85.46
N ASN KA 196 -23.64 35.44 -84.36
CA ASN KA 196 -23.54 34.86 -83.03
C ASN KA 196 -24.71 33.91 -82.74
N ARG KA 197 -25.88 34.15 -83.33
CA ARG KA 197 -27.00 33.25 -83.12
C ARG KA 197 -26.82 31.90 -83.82
N LEU KA 198 -26.08 31.86 -84.92
CA LEU KA 198 -25.89 30.61 -85.70
C LEU KA 198 -24.97 29.59 -85.02
N VAL KA 199 -24.04 30.03 -84.17
CA VAL KA 199 -23.04 29.07 -83.60
C VAL KA 199 -23.06 29.07 -82.08
N ASP KA 200 -22.51 27.99 -81.49
CA ASP KA 200 -22.43 27.88 -80.02
C ASP KA 200 -21.00 28.21 -79.62
N GLY KA 201 -20.19 28.64 -80.58
CA GLY KA 201 -18.81 29.03 -80.30
C GLY KA 201 -18.71 30.53 -80.18
N ASP KA 202 -17.81 31.17 -80.94
CA ASP KA 202 -17.61 32.63 -80.75
C ASP KA 202 -17.34 33.32 -82.08
N ILE KA 203 -17.85 34.53 -82.25
CA ILE KA 203 -17.43 35.31 -83.44
C ILE KA 203 -16.10 35.91 -83.01
N ILE KA 204 -15.04 35.61 -83.74
CA ILE KA 204 -13.69 35.97 -83.33
C ILE KA 204 -13.11 36.94 -84.36
N TRP KA 205 -12.65 38.09 -83.88
CA TRP KA 205 -11.97 39.05 -84.72
C TRP KA 205 -10.58 38.52 -85.07
N ALA KA 206 -10.29 38.40 -86.36
CA ALA KA 206 -9.03 37.84 -86.84
C ALA KA 206 -8.45 38.79 -87.88
N PRO KA 207 -7.78 39.86 -87.45
CA PRO KA 207 -7.33 40.89 -88.40
C PRO KA 207 -6.22 40.46 -89.34
N ALA KA 208 -5.54 39.35 -89.09
CA ALA KA 208 -4.45 38.96 -89.99
C ALA KA 208 -4.93 38.16 -91.19
N ILE KA 209 -6.00 37.38 -91.04
CA ILE KA 209 -6.45 36.46 -92.08
C ILE KA 209 -7.13 37.20 -93.22
N ASP KA 210 -7.32 36.51 -94.33
CA ASP KA 210 -8.22 36.93 -95.40
C ASP KA 210 -9.49 36.10 -95.33
N GLY KA 211 -10.58 36.70 -95.82
CA GLY KA 211 -11.85 36.01 -95.84
C GLY KA 211 -12.40 35.62 -94.50
N ALA KA 212 -12.82 34.36 -94.39
CA ALA KA 212 -13.41 33.90 -93.13
C ALA KA 212 -13.11 32.42 -92.96
N PHE KA 213 -13.24 31.96 -91.73
CA PHE KA 213 -13.02 30.53 -91.45
C PHE KA 213 -14.07 30.07 -90.47
N VAL KA 214 -14.71 28.95 -90.76
CA VAL KA 214 -15.66 28.37 -89.77
C VAL KA 214 -15.06 27.03 -89.39
N LEU KA 215 -15.02 26.73 -88.10
CA LEU KA 215 -14.34 25.47 -87.73
C LEU KA 215 -14.77 25.00 -86.35
N THR KA 216 -14.55 23.72 -86.08
CA THR KA 216 -14.89 23.13 -84.80
C THR KA 216 -13.75 23.30 -83.79
N THR KA 217 -14.13 23.47 -82.53
CA THR KA 217 -13.14 23.60 -81.47
C THR KA 217 -13.28 22.45 -80.50
N ARG KA 218 -13.63 21.27 -81.02
CA ARG KA 218 -13.80 20.10 -80.18
C ARG KA 218 -12.47 19.60 -79.61
N GLY KA 219 -11.36 19.94 -80.26
CA GLY KA 219 -10.07 19.50 -79.78
C GLY KA 219 -9.46 18.45 -80.67
N GLY KA 220 -8.14 18.40 -80.67
CA GLY KA 220 -7.42 17.35 -81.35
C GLY KA 220 -7.37 17.47 -82.86
N ASP KA 221 -7.81 18.58 -83.44
CA ASP KA 221 -7.83 18.70 -84.89
C ASP KA 221 -6.71 19.60 -85.40
N PHE KA 222 -6.38 20.63 -84.63
CA PHE KA 222 -5.43 21.65 -85.04
C PHE KA 222 -4.44 21.81 -83.91
N ASP KA 223 -3.15 21.76 -84.21
CA ASP KA 223 -2.13 21.69 -83.16
C ASP KA 223 -1.02 22.68 -83.48
N LEU KA 224 -0.83 23.65 -82.59
CA LEU KA 224 0.28 24.58 -82.69
C LEU KA 224 1.37 24.10 -81.75
N GLN KA 225 2.54 23.79 -82.29
CA GLN KA 225 3.66 23.33 -81.49
C GLN KA 225 4.65 24.46 -81.25
N LEU KA 226 4.90 24.73 -79.99
CA LEU KA 226 5.84 25.76 -79.62
C LEU KA 226 7.10 25.22 -79.06
N GLY KA 227 8.24 25.64 -79.57
CA GLY KA 227 9.48 25.27 -78.91
C GLY KA 227 9.61 26.24 -77.76
N THR KA 228 9.60 27.53 -78.10
CA THR KA 228 9.63 28.59 -77.07
C THR KA 228 8.53 29.62 -77.39
N ASP KA 229 7.82 30.07 -76.36
CA ASP KA 229 6.76 31.10 -76.54
C ASP KA 229 7.39 32.46 -76.81
N VAL KA 230 6.57 33.49 -76.94
CA VAL KA 230 7.06 34.87 -77.25
C VAL KA 230 8.00 35.39 -76.16
N ALA KA 231 9.17 35.86 -76.55
CA ALA KA 231 10.16 36.39 -75.61
C ALA KA 231 10.75 37.67 -76.20
N ILE KA 232 11.24 38.53 -75.33
CA ILE KA 232 11.87 39.78 -75.75
C ILE KA 232 13.37 39.66 -75.53
N GLY KA 233 14.14 39.92 -76.58
CA GLY KA 233 15.58 39.80 -76.51
C GLY KA 233 16.29 41.09 -76.93
N TYR KA 234 17.55 41.19 -76.53
CA TYR KA 234 18.34 42.39 -76.73
C TYR KA 234 19.35 42.19 -77.85
N ALA KA 235 19.38 43.10 -78.81
CA ALA KA 235 20.32 42.96 -79.96
C ALA KA 235 21.53 43.86 -79.74
N SER KA 236 21.33 45.18 -79.77
CA SER KA 236 22.41 46.15 -79.63
C SER KA 236 21.86 47.50 -79.18
N HIS KA 237 22.74 48.44 -78.84
CA HIS KA 237 22.30 49.76 -78.34
C HIS KA 237 23.29 50.87 -78.71
N ASP KA 238 22.83 52.11 -78.76
CA ASP KA 238 23.74 53.27 -79.00
C ASP KA 238 23.37 54.31 -77.94
N THR KA 239 23.79 55.56 -78.10
CA THR KA 239 23.51 56.61 -77.10
C THR KA 239 22.02 56.94 -77.11
N ASP KA 240 21.36 56.79 -78.26
CA ASP KA 240 19.98 57.24 -78.34
C ASP KA 240 18.95 56.12 -78.26
N THR KA 241 19.28 54.93 -78.74
CA THR KA 241 18.26 53.91 -78.96
C THR KA 241 18.73 52.55 -78.48
N VAL KA 242 17.78 51.67 -78.19
CA VAL KA 242 18.02 50.27 -77.90
C VAL KA 242 17.30 49.44 -78.95
N ARG KA 243 18.03 48.59 -79.64
CA ARG KA 243 17.44 47.62 -80.55
C ARG KA 243 17.13 46.33 -79.81
N LEU KA 244 15.87 45.94 -79.84
CA LEU KA 244 15.45 44.69 -79.21
C LEU KA 244 14.69 43.88 -80.25
N TYR KA 245 14.14 42.73 -79.87
CA TYR KA 245 13.35 41.93 -80.78
C TYR KA 245 12.32 41.13 -79.99
N LEU KA 246 11.26 40.77 -80.69
CA LEU KA 246 10.30 39.77 -80.23
C LEU KA 246 10.60 38.49 -80.97
N GLN KA 247 10.50 37.35 -80.28
CA GLN KA 247 10.94 36.12 -80.89
C GLN KA 247 10.10 34.96 -80.40
N GLU KA 248 9.71 34.09 -81.33
CA GLU KA 248 9.01 32.87 -80.97
C GLU KA 248 9.32 31.80 -82.01
N THR KA 249 9.36 30.55 -81.57
CA THR KA 249 9.65 29.45 -82.49
C THR KA 249 8.54 28.40 -82.42
N LEU KA 250 8.05 27.99 -83.60
CA LEU KA 250 6.82 27.21 -83.67
C LEU KA 250 6.74 26.45 -84.98
N THR KA 251 5.82 25.49 -85.01
CA THR KA 251 5.28 24.94 -86.24
C THR KA 251 3.79 24.71 -86.03
N PHE KA 252 3.06 24.49 -87.12
CA PHE KA 252 1.64 24.22 -87.04
C PHE KA 252 1.30 22.97 -87.82
N LEU KA 253 0.43 22.13 -87.22
CA LEU KA 253 0.00 20.89 -87.80
C LEU KA 253 -1.53 20.87 -87.87
N CYS KA 254 -2.07 20.43 -88.99
CA CYS KA 254 -3.50 20.18 -89.11
C CYS KA 254 -3.70 18.68 -89.29
N TYR KA 255 -4.30 18.03 -88.29
CA TYR KA 255 -4.51 16.59 -88.34
C TYR KA 255 -5.78 16.20 -89.06
N THR KA 256 -6.79 17.07 -89.06
CA THR KA 256 -8.14 16.73 -89.51
C THR KA 256 -8.51 17.65 -90.66
N ALA KA 257 -8.58 17.11 -91.87
CA ALA KA 257 -8.76 17.93 -93.06
C ALA KA 257 -10.18 18.47 -93.18
N GLU KA 258 -11.17 17.77 -92.61
CA GLU KA 258 -12.56 18.12 -92.84
C GLU KA 258 -13.15 18.95 -91.71
N ALA KA 259 -12.32 19.47 -90.81
CA ALA KA 259 -12.80 20.19 -89.64
C ALA KA 259 -12.93 21.69 -89.88
N SER KA 260 -12.86 22.16 -91.12
CA SER KA 260 -12.89 23.60 -91.36
C SER KA 260 -13.41 23.92 -92.75
N VAL KA 261 -13.97 25.13 -92.87
CA VAL KA 261 -14.37 25.71 -94.15
C VAL KA 261 -13.73 27.09 -94.26
N ALA KA 262 -13.06 27.34 -95.40
CA ALA KA 262 -12.45 28.62 -95.72
C ALA KA 262 -13.35 29.40 -96.67
N LEU KA 263 -13.39 30.71 -96.46
CA LEU KA 263 -14.18 31.57 -97.29
C LEU KA 263 -13.30 32.67 -97.83
N SER KA 264 -13.57 33.13 -99.05
CA SER KA 264 -12.78 34.16 -99.69
C SER KA 264 -13.69 35.17 -100.35
N HIS KA 265 -13.11 36.26 -100.82
CA HIS KA 265 -13.86 37.31 -101.49
C HIS KA 265 -13.90 37.10 -102.99
N MET LA 1 -25.13 74.28 -34.96
CA MET LA 1 -25.80 75.40 -34.33
C MET LA 1 -27.28 75.47 -34.68
N ASN LA 2 -27.99 76.43 -34.09
CA ASN LA 2 -29.43 76.57 -34.34
C ASN LA 2 -29.79 77.95 -34.92
N ASN LA 3 -31.06 78.34 -34.83
CA ASN LA 3 -31.47 79.62 -35.37
C ASN LA 3 -31.02 80.81 -34.52
N LEU LA 4 -30.74 80.63 -33.23
CA LEU LA 4 -30.15 81.68 -32.41
C LEU LA 4 -28.78 82.13 -32.89
N TYR LA 5 -28.03 81.25 -33.56
CA TYR LA 5 -26.68 81.57 -34.02
C TYR LA 5 -25.85 82.20 -32.90
N ARG LA 6 -25.93 81.56 -31.73
CA ARG LA 6 -25.41 82.16 -30.50
C ARG LA 6 -23.89 82.20 -30.49
N ASP LA 7 -23.24 81.17 -31.05
CA ASP LA 7 -21.78 81.13 -31.09
C ASP LA 7 -21.17 82.15 -32.04
N LEU LA 8 -21.98 82.72 -32.94
CA LEU LA 8 -21.45 83.76 -33.82
C LEU LA 8 -21.41 85.12 -33.16
N ALA LA 9 -22.09 85.30 -32.03
CA ALA LA 9 -22.13 86.58 -31.36
C ALA LA 9 -20.80 86.85 -30.65
N PRO LA 10 -20.25 88.06 -30.75
CA PRO LA 10 -19.03 88.39 -29.98
C PRO LA 10 -19.35 88.72 -28.53
N VAL LA 11 -19.81 87.71 -27.80
CA VAL LA 11 -20.22 87.82 -26.42
C VAL LA 11 -19.49 86.72 -25.66
N THR LA 12 -18.84 87.09 -24.57
CA THR LA 12 -18.11 86.10 -23.78
C THR LA 12 -19.08 85.27 -22.95
N GLU LA 13 -18.55 84.19 -22.38
CA GLU LA 13 -19.36 83.27 -21.60
C GLU LA 13 -19.90 83.93 -20.33
N ALA LA 14 -19.07 84.70 -19.64
CA ALA LA 14 -19.50 85.39 -18.44
C ALA LA 14 -20.53 86.47 -18.75
N ALA LA 15 -20.31 87.20 -19.84
CA ALA LA 15 -21.29 88.17 -20.31
C ALA LA 15 -22.60 87.51 -20.69
N TRP LA 16 -22.53 86.33 -21.32
CA TRP LA 16 -23.74 85.59 -21.65
C TRP LA 16 -24.51 85.19 -20.41
N ALA LA 17 -23.80 84.71 -19.38
CA ALA LA 17 -24.46 84.34 -18.13
C ALA LA 17 -25.14 85.53 -17.47
N GLU LA 18 -24.48 86.70 -17.48
CA GLU LA 18 -25.10 87.90 -16.93
C GLU LA 18 -26.33 88.34 -17.73
N ILE LA 19 -26.27 88.25 -19.06
CA ILE LA 19 -27.40 88.63 -19.90
C ILE LA 19 -28.58 87.69 -19.70
N GLU LA 20 -28.32 86.38 -19.61
CA GLU LA 20 -29.37 85.40 -19.36
C GLU LA 20 -30.03 85.61 -18.02
N LEU LA 21 -29.23 85.89 -16.99
CA LEU LA 21 -29.75 86.14 -15.65
C LEU LA 21 -30.62 87.39 -15.62
N GLU LA 22 -30.14 88.47 -16.25
CA GLU LA 22 -30.89 89.73 -16.27
C GLU LA 22 -32.22 89.59 -17.01
N ALA LA 23 -32.20 88.92 -18.17
CA ALA LA 23 -33.40 88.74 -18.95
C ALA LA 23 -34.42 87.86 -18.25
N ALA LA 24 -33.96 86.74 -17.68
CA ALA LA 24 -34.86 85.83 -16.96
C ALA LA 24 -35.48 86.50 -15.74
N ARG LA 25 -34.67 87.24 -14.99
CA ARG LA 25 -35.16 87.94 -13.81
C ARG LA 25 -36.21 88.98 -14.16
N THR LA 26 -35.89 89.86 -15.12
CA THR LA 26 -36.82 90.94 -15.45
C THR LA 26 -38.11 90.40 -16.05
N PHE LA 27 -38.03 89.33 -16.82
CA PHE LA 27 -39.21 88.70 -17.40
C PHE LA 27 -40.16 88.11 -16.35
N LYS LA 28 -39.66 87.29 -15.45
CA LYS LA 28 -40.50 86.71 -14.39
C LYS LA 28 -41.21 87.77 -13.59
N ARG LA 29 -40.50 88.82 -13.18
CA ARG LA 29 -41.08 89.88 -12.40
C ARG LA 29 -42.25 90.52 -13.10
N HIS LA 30 -42.17 90.62 -14.41
CA HIS LA 30 -43.24 91.33 -15.15
C HIS LA 30 -44.27 90.35 -15.72
N ILE LA 31 -44.10 89.05 -15.49
CA ILE LA 31 -45.18 88.18 -15.96
C ILE LA 31 -46.21 87.95 -14.86
N ALA LA 32 -47.48 88.22 -15.18
CA ALA LA 32 -48.59 87.86 -14.32
C ALA LA 32 -49.39 86.70 -14.91
N GLY LA 33 -49.36 86.56 -16.23
CA GLY LA 33 -50.24 85.61 -16.91
C GLY LA 33 -49.90 84.16 -16.64
N ARG LA 34 -48.61 83.83 -16.57
CA ARG LA 34 -48.21 82.44 -16.35
C ARG LA 34 -48.50 81.95 -14.94
N ARG LA 35 -48.71 82.88 -14.00
CA ARG LA 35 -49.04 82.49 -12.63
C ARG LA 35 -50.46 81.96 -12.51
N VAL LA 36 -51.35 82.29 -13.45
CA VAL LA 36 -52.75 81.90 -13.34
C VAL LA 36 -53.21 80.94 -14.43
N VAL LA 37 -52.55 80.87 -15.57
CA VAL LA 37 -53.03 80.03 -16.66
C VAL LA 37 -52.21 78.75 -16.66
N ASP LA 38 -52.75 77.73 -17.32
CA ASP LA 38 -51.99 76.51 -17.54
C ASP LA 38 -50.99 76.76 -18.65
N VAL LA 39 -49.74 76.39 -18.39
CA VAL LA 39 -48.65 76.60 -19.33
C VAL LA 39 -48.15 75.23 -19.78
N SER LA 40 -48.21 74.99 -21.08
CA SER LA 40 -47.83 73.71 -21.63
C SER LA 40 -46.32 73.57 -21.66
N ASP LA 41 -45.87 72.35 -21.90
CA ASP LA 41 -44.47 72.15 -22.23
C ASP LA 41 -44.19 72.72 -23.63
N PRO LA 42 -42.96 73.16 -23.90
CA PRO LA 42 -42.61 73.60 -25.25
C PRO LA 42 -42.76 72.50 -26.28
N GLY LA 43 -43.55 72.76 -27.32
CA GLY LA 43 -43.73 71.81 -28.39
C GLY LA 43 -42.48 71.58 -29.19
N GLY LA 44 -41.72 72.65 -29.41
CA GLY LA 44 -40.53 72.53 -30.22
C GLY LA 44 -40.61 73.46 -31.40
N PRO LA 45 -39.51 73.59 -32.14
CA PRO LA 45 -39.49 74.52 -33.28
C PRO LA 45 -40.44 74.14 -34.41
N VAL LA 46 -40.74 72.85 -34.58
CA VAL LA 46 -41.53 72.43 -35.74
C VAL LA 46 -43.02 72.67 -35.49
N THR LA 47 -43.40 72.88 -34.24
CA THR LA 47 -44.81 73.04 -33.88
C THR LA 47 -45.35 74.36 -34.42
N ALA LA 48 -46.46 74.28 -35.14
CA ALA LA 48 -46.94 75.46 -35.87
C ALA LA 48 -48.37 75.81 -35.52
N ALA LA 49 -49.16 74.84 -35.08
CA ALA LA 49 -50.57 75.08 -34.81
C ALA LA 49 -51.04 74.14 -33.72
N VAL LA 50 -52.13 74.54 -33.07
CA VAL LA 50 -52.77 73.75 -32.04
C VAL LA 50 -54.15 73.36 -32.56
N SER LA 51 -54.45 72.06 -32.53
CA SER LA 51 -55.75 71.57 -32.94
C SER LA 51 -56.81 71.98 -31.91
N THR LA 52 -57.93 72.50 -32.42
CA THR LA 52 -59.06 72.80 -31.56
C THR LA 52 -60.07 71.66 -31.52
N GLY LA 53 -59.97 70.74 -32.48
CA GLY LA 53 -60.87 69.57 -32.51
C GLY LA 53 -62.20 69.90 -33.18
N ARG LA 54 -62.36 71.10 -33.72
CA ARG LA 54 -63.61 71.44 -34.44
C ARG LA 54 -63.50 71.16 -35.94
N LEU LA 55 -64.59 71.31 -36.69
CA LEU LA 55 -64.61 70.98 -38.15
C LEU LA 55 -65.24 72.13 -38.92
N ILE LA 56 -64.75 72.40 -40.13
CA ILE LA 56 -65.27 73.50 -40.96
C ILE LA 56 -65.82 72.97 -42.27
N ASP LA 57 -67.10 73.21 -42.53
CA ASP LA 57 -67.73 72.76 -43.76
C ASP LA 57 -67.12 73.37 -45.00
N VAL LA 58 -66.66 72.53 -45.93
CA VAL LA 58 -66.13 73.04 -47.20
C VAL LA 58 -66.92 72.52 -48.39
N LYS LA 59 -66.86 73.26 -49.51
CA LYS LA 59 -67.61 72.86 -50.71
C LYS LA 59 -67.25 71.45 -51.15
N ALA LA 60 -68.22 70.55 -51.13
CA ALA LA 60 -68.01 69.14 -51.52
C ALA LA 60 -67.12 68.96 -52.74
N PRO LA 61 -66.06 68.15 -52.61
CA PRO LA 61 -65.16 67.90 -53.74
C PRO LA 61 -65.93 67.30 -54.89
N THR LA 62 -66.65 66.21 -54.64
CA THR LA 62 -67.47 65.59 -55.67
C THR LA 62 -68.83 65.19 -55.11
N ASN LA 63 -69.66 64.56 -55.94
CA ASN LA 63 -70.97 64.11 -55.50
C ASN LA 63 -70.85 62.99 -54.49
N GLY LA 64 -71.61 63.09 -53.40
CA GLY LA 64 -71.58 62.06 -52.38
C GLY LA 64 -70.37 62.10 -51.46
N VAL LA 65 -69.56 63.15 -51.58
CA VAL LA 65 -68.41 63.29 -50.70
C VAL LA 65 -68.68 64.41 -49.74
N ILE LA 66 -68.42 64.18 -48.47
CA ILE LA 66 -68.63 65.18 -47.47
C ILE LA 66 -67.28 65.54 -46.93
N ALA LA 67 -66.91 66.80 -47.07
CA ALA LA 67 -65.58 67.23 -46.64
C ALA LA 67 -65.60 68.23 -45.53
N HIS LA 68 -64.64 68.10 -44.64
CA HIS LA 68 -64.53 69.06 -43.57
C HIS LA 68 -63.09 69.39 -43.28
N LEU LA 69 -62.80 70.66 -43.12
CA LEU LA 69 -61.47 71.08 -42.73
C LEU LA 69 -61.30 71.02 -41.23
N ARG LA 70 -60.15 70.53 -40.78
CA ARG LA 70 -59.83 70.59 -39.37
C ARG LA 70 -59.47 72.01 -38.97
N ALA LA 71 -60.08 72.50 -37.90
CA ALA LA 71 -59.78 73.82 -37.38
C ALA LA 71 -58.55 73.78 -36.49
N SER LA 72 -57.80 74.88 -36.48
CA SER LA 72 -56.60 74.98 -35.66
C SER LA 72 -56.32 76.44 -35.36
N LYS LA 73 -55.40 76.66 -34.43
CA LYS LA 73 -54.94 77.98 -34.05
C LYS LA 73 -53.46 78.11 -34.36
N PRO LA 74 -53.05 79.12 -35.13
CA PRO LA 74 -51.62 79.27 -35.43
C PRO LA 74 -50.85 79.85 -34.25
N LEU LA 75 -49.61 79.39 -34.09
CA LEU LA 75 -48.69 80.06 -33.19
C LEU LA 75 -48.21 81.37 -33.81
N VAL LA 76 -47.84 82.31 -32.95
CA VAL LA 76 -47.21 83.55 -33.37
C VAL LA 76 -45.83 83.60 -32.72
N ARG LA 77 -44.83 83.97 -33.51
CA ARG LA 77 -43.49 84.20 -33.00
C ARG LA 77 -43.31 85.68 -32.75
N LEU LA 78 -42.92 86.01 -31.53
CA LEU LA 78 -42.78 87.37 -31.06
C LEU LA 78 -41.30 87.62 -30.80
N ARG LA 79 -40.77 88.64 -31.44
CA ARG LA 79 -39.34 88.96 -31.39
C ARG LA 79 -39.17 90.42 -31.00
N VAL LA 80 -38.34 90.65 -29.99
CA VAL LA 80 -37.99 91.98 -29.52
C VAL LA 80 -36.50 92.15 -29.68
N PRO LA 81 -36.05 92.89 -30.69
CA PRO LA 81 -34.62 93.17 -30.82
C PRO LA 81 -34.15 94.18 -29.79
N PHE LA 82 -32.86 94.09 -29.44
CA PHE LA 82 -32.23 95.04 -28.55
C PHE LA 82 -30.75 95.12 -28.87
N THR LA 83 -30.11 96.17 -28.40
CA THR LA 83 -28.76 96.52 -28.80
C THR LA 83 -27.88 96.71 -27.58
N LEU LA 84 -26.75 96.02 -27.54
CA LEU LA 84 -25.83 96.08 -26.42
C LEU LA 84 -24.52 96.74 -26.83
N SER LA 85 -23.99 97.56 -25.93
CA SER LA 85 -22.64 98.11 -26.10
C SER LA 85 -21.61 97.00 -25.92
N ARG LA 86 -20.63 96.95 -26.84
CA ARG LA 86 -19.59 95.95 -26.74
C ARG LA 86 -18.59 96.26 -25.64
N ASN LA 87 -18.46 97.54 -25.27
CA ASN LA 87 -17.64 97.91 -24.12
C ASN LA 87 -18.19 97.34 -22.82
N GLU LA 88 -19.51 97.40 -22.64
CA GLU LA 88 -20.14 96.81 -21.47
C GLU LA 88 -19.96 95.29 -21.44
N ILE LA 89 -20.00 94.65 -22.61
CA ILE LA 89 -19.76 93.22 -22.71
C ILE LA 89 -18.32 92.89 -22.33
N ASP LA 90 -17.36 93.67 -22.82
CA ASP LA 90 -15.96 93.46 -22.51
C ASP LA 90 -15.62 93.74 -21.05
N ASP LA 91 -16.41 94.60 -20.39
CA ASP LA 91 -16.19 94.91 -18.98
C ASP LA 91 -16.39 93.71 -18.07
N VAL LA 92 -17.22 92.74 -18.49
CA VAL LA 92 -17.62 91.65 -17.60
C VAL LA 92 -16.46 90.72 -17.29
N GLU LA 93 -15.62 90.43 -18.28
CA GLU LA 93 -14.48 89.52 -18.02
C GLU LA 93 -13.45 90.22 -17.12
N ARG LA 94 -13.31 91.54 -17.26
CA ARG LA 94 -12.40 92.27 -16.38
C ARG LA 94 -12.91 92.36 -14.94
N GLY LA 95 -14.14 91.95 -14.67
CA GLY LA 95 -14.66 91.93 -13.32
C GLY LA 95 -15.66 93.01 -12.98
N SER LA 96 -16.15 93.76 -13.95
CA SER LA 96 -17.20 94.73 -13.69
C SER LA 96 -18.49 94.03 -13.31
N LYS LA 97 -19.23 94.64 -12.39
CA LYS LA 97 -20.52 94.12 -11.94
C LYS LA 97 -21.63 95.13 -12.10
N ASP LA 98 -21.37 96.21 -12.84
CA ASP LA 98 -22.39 97.23 -13.10
C ASP LA 98 -22.55 97.47 -14.60
N SER LA 99 -22.31 96.45 -15.42
CA SER LA 99 -22.44 96.58 -16.86
C SER LA 99 -23.88 96.92 -17.24
N ASP LA 100 -24.02 97.82 -18.20
CA ASP LA 100 -25.31 98.37 -18.56
C ASP LA 100 -26.18 97.35 -19.29
N TRP LA 101 -27.08 96.70 -18.55
CA TRP LA 101 -27.97 95.73 -19.15
C TRP LA 101 -29.37 96.30 -19.27
N GLU LA 102 -29.46 97.63 -19.34
CA GLU LA 102 -30.76 98.27 -19.52
C GLU LA 102 -31.50 97.84 -20.80
N PRO LA 103 -30.79 97.69 -21.95
CA PRO LA 103 -31.56 97.24 -23.11
C PRO LA 103 -32.12 95.83 -22.91
N VAL LA 104 -31.35 94.94 -22.27
CA VAL LA 104 -31.87 93.61 -21.96
C VAL LA 104 -33.11 93.71 -21.09
N LYS LA 105 -33.09 94.60 -20.10
CA LYS LA 105 -34.23 94.77 -19.21
C LYS LA 105 -35.42 95.35 -19.94
N GLU LA 106 -35.19 96.32 -20.84
CA GLU LA 106 -36.28 96.89 -21.62
C GLU LA 106 -36.86 95.89 -22.60
N ALA LA 107 -36.02 95.04 -23.20
CA ALA LA 107 -36.53 94.01 -24.09
C ALA LA 107 -37.33 92.95 -23.33
N ALA LA 108 -36.87 92.56 -22.15
CA ALA LA 108 -37.60 91.59 -21.35
C ALA LA 108 -38.93 92.16 -20.86
N LYS LA 109 -38.94 93.43 -20.46
CA LYS LA 109 -40.17 94.08 -20.05
C LYS LA 109 -41.15 94.21 -21.22
N LYS LA 110 -40.64 94.51 -22.41
CA LYS LA 110 -41.52 94.65 -23.56
C LYS LA 110 -42.08 93.30 -24.02
N LEU LA 111 -41.24 92.26 -23.98
CA LEU LA 111 -41.73 90.89 -24.34
C LEU LA 111 -42.77 90.45 -23.33
N ALA LA 112 -42.50 90.64 -22.03
CA ALA LA 112 -43.47 90.28 -21.00
C ALA LA 112 -44.78 91.03 -21.16
N PHE LA 113 -44.70 92.32 -21.51
CA PHE LA 113 -45.90 93.13 -21.73
C PHE LA 113 -46.70 92.62 -22.92
N VAL LA 114 -46.01 92.26 -24.00
CA VAL LA 114 -46.72 91.71 -25.15
C VAL LA 114 -47.42 90.42 -24.77
N GLU LA 115 -46.69 89.50 -24.13
CA GLU LA 115 -47.29 88.20 -23.78
C GLU LA 115 -48.51 88.37 -22.88
N ASP LA 116 -48.42 89.23 -21.86
CA ASP LA 116 -49.54 89.43 -20.96
C ASP LA 116 -50.71 90.14 -21.64
N ARG LA 117 -50.43 91.12 -22.51
CA ARG LA 117 -51.51 91.79 -23.22
C ARG LA 117 -52.14 90.89 -24.25
N THR LA 118 -51.37 89.92 -24.78
CA THR LA 118 -51.93 88.95 -25.69
C THR LA 118 -52.86 87.97 -24.96
N ILE LA 119 -52.44 87.52 -23.77
CA ILE LA 119 -53.28 86.62 -22.99
C ILE LA 119 -54.57 87.30 -22.54
N PHE LA 120 -54.47 88.54 -22.05
CA PHE LA 120 -55.64 89.14 -21.42
C PHE LA 120 -56.46 90.04 -22.34
N GLU LA 121 -55.87 90.63 -23.38
CA GLU LA 121 -56.59 91.52 -24.27
C GLU LA 121 -56.66 91.00 -25.70
N GLY LA 122 -56.01 89.89 -25.96
CA GLY LA 122 -56.03 89.33 -27.29
C GLY LA 122 -55.16 89.96 -28.35
N TYR LA 123 -54.99 89.26 -29.45
CA TYR LA 123 -54.20 89.75 -30.55
C TYR LA 123 -54.98 89.24 -31.73
N SER LA 124 -55.86 90.06 -32.26
CA SER LA 124 -56.73 89.64 -33.35
C SER LA 124 -56.01 89.14 -34.61
N ALA LA 125 -54.92 89.78 -34.99
CA ALA LA 125 -54.17 89.37 -36.17
C ALA LA 125 -53.63 87.95 -36.03
N ALA LA 126 -53.35 87.52 -34.80
CA ALA LA 126 -52.92 86.16 -34.53
C ALA LA 126 -54.08 85.24 -34.17
N SER LA 127 -55.31 85.71 -34.37
CA SER LA 127 -56.56 84.97 -34.07
C SER LA 127 -56.62 84.53 -32.62
N ILE LA 128 -56.17 85.39 -31.72
CA ILE LA 128 -56.20 85.12 -30.28
C ILE LA 128 -57.23 86.04 -29.66
N GLU LA 129 -58.24 85.46 -29.04
CA GLU LA 129 -59.22 86.21 -28.29
C GLU LA 129 -58.73 86.35 -26.85
N GLY LA 130 -58.78 87.55 -26.31
CA GLY LA 130 -58.36 87.76 -24.95
C GLY LA 130 -59.34 87.19 -23.94
N ILE LA 131 -58.89 87.12 -22.69
CA ILE LA 131 -59.76 86.71 -21.59
C ILE LA 131 -60.90 87.72 -21.40
N ARG LA 132 -60.61 89.01 -21.60
CA ARG LA 132 -61.64 90.04 -21.50
C ARG LA 132 -62.72 89.87 -22.57
N SER LA 133 -62.32 89.56 -23.80
CA SER LA 133 -63.30 89.38 -24.86
C SER LA 133 -64.02 88.04 -24.77
N ALA LA 134 -63.35 87.00 -24.30
CA ALA LA 134 -63.94 85.67 -24.23
C ALA LA 134 -64.75 85.44 -22.96
N SER LA 135 -64.77 86.39 -22.03
CA SER LA 135 -65.53 86.23 -20.80
C SER LA 135 -67.02 86.41 -21.09
N SER LA 136 -67.83 85.48 -20.57
CA SER LA 136 -69.27 85.59 -20.67
C SER LA 136 -69.91 86.30 -19.49
N ASN LA 137 -69.18 86.44 -18.38
CA ASN LA 137 -69.69 87.17 -17.23
C ASN LA 137 -69.73 88.67 -17.54
N PRO LA 138 -70.64 89.42 -16.91
CA PRO LA 138 -70.73 90.86 -17.20
C PRO LA 138 -69.48 91.62 -16.76
N ALA LA 139 -69.19 92.69 -17.51
CA ALA LA 139 -68.07 93.54 -17.19
C ALA LA 139 -68.47 94.58 -16.15
N LEU LA 140 -67.51 94.93 -15.31
CA LEU LA 140 -67.76 95.87 -14.21
C LEU LA 140 -66.90 97.11 -14.40
N THR LA 141 -67.34 98.20 -13.80
CA THR LA 141 -66.62 99.46 -13.85
C THR LA 141 -65.91 99.69 -12.53
N LEU LA 142 -64.61 99.96 -12.59
CA LEU LA 142 -63.85 100.26 -11.38
C LEU LA 142 -64.13 101.69 -10.98
N PRO LA 143 -64.39 101.92 -9.69
CA PRO LA 143 -64.70 103.27 -9.22
C PRO LA 143 -63.48 104.17 -9.12
N GLU LA 144 -63.70 105.47 -9.01
CA GLU LA 144 -62.58 106.40 -8.90
C GLU LA 144 -61.91 106.32 -7.54
N ASP LA 145 -62.70 106.22 -6.47
CA ASP LA 145 -62.17 106.15 -5.13
C ASP LA 145 -61.60 104.75 -4.89
N PRO LA 146 -60.32 104.64 -4.52
CA PRO LA 146 -59.76 103.32 -4.20
C PRO LA 146 -60.40 102.62 -3.01
N ARG LA 147 -60.98 103.37 -2.08
CA ARG LA 147 -61.69 102.76 -0.95
C ARG LA 147 -62.94 102.03 -1.39
N GLU LA 148 -63.47 102.34 -2.57
CA GLU LA 148 -64.59 101.62 -3.15
C GLU LA 148 -64.15 100.51 -4.09
N ILE LA 149 -62.85 100.25 -4.22
CA ILE LA 149 -62.41 99.12 -5.05
C ILE LA 149 -62.87 97.76 -4.48
N PRO LA 150 -62.59 97.47 -3.18
CA PRO LA 150 -62.97 96.13 -2.70
C PRO LA 150 -64.45 95.81 -2.86
N ASP LA 151 -65.33 96.81 -2.84
CA ASP LA 151 -66.75 96.56 -3.02
C ASP LA 151 -67.01 95.96 -4.41
N VAL LA 152 -66.58 96.66 -5.46
CA VAL LA 152 -66.79 96.18 -6.83
C VAL LA 152 -66.13 94.84 -7.06
N ILE LA 153 -64.90 94.65 -6.58
CA ILE LA 153 -64.24 93.35 -6.67
C ILE LA 153 -65.11 92.25 -6.08
N SER LA 154 -65.74 92.52 -4.93
CA SER LA 154 -66.65 91.54 -4.29
C SER LA 154 -67.85 91.23 -5.21
N GLN LA 155 -68.33 92.21 -5.96
CA GLN LA 155 -69.41 91.97 -6.92
C GLN LA 155 -68.94 91.03 -8.02
N ALA LA 156 -67.68 91.17 -8.44
CA ALA LA 156 -67.09 90.22 -9.38
C ALA LA 156 -67.03 88.83 -8.77
N LEU LA 157 -66.71 88.74 -7.48
CA LEU LA 157 -66.73 87.45 -6.81
C LEU LA 157 -68.16 86.90 -6.70
N SER LA 158 -69.17 87.76 -6.76
CA SER LA 158 -70.53 87.26 -6.83
C SER LA 158 -70.78 86.58 -8.17
N GLU LA 159 -70.23 87.14 -9.25
CA GLU LA 159 -70.58 86.68 -10.59
C GLU LA 159 -70.01 85.29 -10.88
N LEU LA 160 -68.74 85.06 -10.50
CA LEU LA 160 -68.18 83.70 -10.54
C LEU LA 160 -68.93 82.74 -9.64
N ARG LA 161 -69.54 83.25 -8.57
CA ARG LA 161 -70.36 82.36 -7.76
C ARG LA 161 -71.69 82.09 -8.43
N LEU LA 162 -72.22 83.08 -9.16
CA LEU LA 162 -73.44 82.87 -9.92
C LEU LA 162 -73.20 82.06 -11.18
N ALA LA 163 -71.95 81.98 -11.64
CA ALA LA 163 -71.61 81.17 -12.79
C ALA LA 163 -71.38 79.71 -12.43
N GLY LA 164 -71.46 79.37 -11.14
CA GLY LA 164 -71.20 77.99 -10.71
C GLY LA 164 -69.75 77.62 -10.93
N VAL LA 165 -68.83 78.25 -10.21
CA VAL LA 165 -67.40 77.98 -10.39
C VAL LA 165 -66.70 77.84 -9.05
N ASP LA 166 -65.83 76.83 -8.92
CA ASP LA 166 -65.08 76.64 -7.69
C ASP LA 166 -63.62 77.05 -7.87
N GLY LA 167 -62.76 76.70 -6.92
CA GLY LA 167 -61.35 77.00 -7.06
C GLY LA 167 -60.86 78.27 -6.39
N PRO LA 168 -59.52 78.38 -6.20
CA PRO LA 168 -58.96 79.57 -5.60
C PRO LA 168 -59.13 80.72 -6.57
N TYR LA 169 -59.80 81.79 -6.20
CA TYR LA 169 -59.91 82.92 -7.11
C TYR LA 169 -58.72 83.88 -7.02
N SER LA 170 -58.29 84.45 -8.14
CA SER LA 170 -57.14 85.35 -8.01
C SER LA 170 -57.45 86.70 -8.67
N VAL LA 171 -56.96 87.79 -8.09
CA VAL LA 171 -57.25 89.12 -8.61
C VAL LA 171 -55.96 89.67 -9.21
N LEU LA 172 -56.06 90.11 -10.46
CA LEU LA 172 -54.93 90.71 -11.15
C LEU LA 172 -55.29 92.17 -11.37
N LEU LA 173 -54.38 93.07 -11.06
CA LEU LA 173 -54.64 94.49 -11.14
C LEU LA 173 -53.68 95.14 -12.11
N SER LA 174 -54.16 96.16 -12.81
CA SER LA 174 -53.25 97.00 -13.58
C SER LA 174 -52.36 97.80 -12.63
N ALA LA 175 -51.26 98.32 -13.19
CA ALA LA 175 -50.27 99.05 -12.40
C ALA LA 175 -50.86 100.31 -11.76
N ASP LA 176 -51.77 101.00 -12.48
CA ASP LA 176 -52.47 102.13 -11.91
C ASP LA 176 -53.34 101.71 -10.73
N VAL LA 177 -54.09 100.64 -10.90
CA VAL LA 177 -55.00 100.17 -9.85
C VAL LA 177 -54.21 99.59 -8.68
N TYR LA 178 -53.13 98.87 -8.98
CA TYR LA 178 -52.26 98.31 -7.93
C TYR LA 178 -51.62 99.41 -7.11
N THR LA 179 -51.16 100.48 -7.78
CA THR LA 179 -50.60 101.64 -7.07
C THR LA 179 -51.67 102.34 -6.23
N LYS LA 180 -52.88 102.50 -6.77
CA LYS LA 180 -53.96 103.15 -6.04
C LYS LA 180 -54.36 102.38 -4.79
N VAL LA 181 -54.47 101.05 -4.88
CA VAL LA 181 -54.84 100.28 -3.70
C VAL LA 181 -53.66 100.00 -2.80
N SER LA 182 -52.44 100.26 -3.27
CA SER LA 182 -51.26 100.13 -2.42
C SER LA 182 -51.01 101.37 -1.58
N GLU LA 183 -51.24 102.55 -2.16
CA GLU LA 183 -50.86 103.78 -1.50
C GLU LA 183 -51.96 104.37 -0.63
N THR LA 184 -53.20 103.95 -0.83
CA THR LA 184 -54.30 104.37 0.02
C THR LA 184 -54.43 103.37 1.17
N SER LA 185 -54.60 103.87 2.38
CA SER LA 185 -54.63 103.02 3.55
C SER LA 185 -55.89 103.28 4.36
N ASP LA 186 -56.36 102.23 5.03
CA ASP LA 186 -57.52 102.33 5.92
C ASP LA 186 -57.27 101.43 7.12
N HIS LA 187 -57.25 102.04 8.31
CA HIS LA 187 -57.11 101.36 9.60
C HIS LA 187 -55.82 100.53 9.67
N GLY LA 188 -54.72 101.14 9.26
CA GLY LA 188 -53.42 100.53 9.40
C GLY LA 188 -53.06 99.52 8.34
N TYR LA 189 -53.89 99.34 7.33
CA TYR LA 189 -53.57 98.46 6.21
C TYR LA 189 -53.89 99.18 4.91
N PRO LA 190 -53.10 98.95 3.87
CA PRO LA 190 -53.50 99.42 2.54
C PRO LA 190 -54.67 98.60 2.02
N ILE LA 191 -55.33 99.15 1.00
CA ILE LA 191 -56.51 98.51 0.41
C ILE LA 191 -56.16 97.20 -0.27
N ARG LA 192 -54.89 97.02 -0.65
CA ARG LA 192 -54.41 95.74 -1.18
C ARG LA 192 -54.59 94.61 -0.18
N GLU LA 193 -54.39 94.88 1.10
CA GLU LA 193 -54.65 93.88 2.13
C GLU LA 193 -56.14 93.58 2.23
N HIS LA 194 -56.99 94.60 2.09
CA HIS LA 194 -58.44 94.38 2.07
C HIS LA 194 -58.85 93.50 0.89
N LEU LA 195 -58.20 93.66 -0.25
CA LEU LA 195 -58.42 92.76 -1.37
C LEU LA 195 -57.93 91.35 -1.06
N ASN LA 196 -56.81 91.25 -0.34
CA ASN LA 196 -56.25 89.96 0.03
C ASN LA 196 -57.17 89.18 0.96
N ARG LA 197 -57.95 89.87 1.79
CA ARG LA 197 -58.89 89.18 2.67
C ARG LA 197 -60.07 88.57 1.92
N LEU LA 198 -60.45 89.13 0.77
CA LEU LA 198 -61.63 88.64 0.00
C LEU LA 198 -61.36 87.31 -0.72
N VAL LA 199 -60.11 87.01 -1.08
CA VAL LA 199 -59.85 85.81 -1.91
C VAL LA 199 -58.87 84.84 -1.24
N ASP LA 200 -58.88 83.59 -1.70
CA ASP LA 200 -57.95 82.56 -1.16
C ASP LA 200 -56.82 82.39 -2.16
N GLY LA 201 -56.81 83.24 -3.19
CA GLY LA 201 -55.74 83.20 -4.20
C GLY LA 201 -54.71 84.27 -3.92
N ASP LA 202 -54.41 85.14 -4.88
CA ASP LA 202 -53.32 86.12 -4.66
C ASP LA 202 -53.64 87.45 -5.32
N ILE LA 203 -53.26 88.56 -4.69
CA ILE LA 203 -53.38 89.85 -5.40
C ILE LA 203 -52.11 89.89 -6.25
N ILE LA 204 -52.26 89.99 -7.56
CA ILE LA 204 -51.15 89.86 -8.48
C ILE LA 204 -50.96 91.18 -9.22
N TRP LA 205 -49.75 91.70 -9.16
CA TRP LA 205 -49.40 92.90 -9.92
C TRP LA 205 -49.29 92.53 -11.40
N ALA LA 206 -50.07 93.21 -12.24
CA ALA LA 206 -50.11 92.94 -13.67
C ALA LA 206 -49.96 94.25 -14.42
N PRO LA 207 -48.72 94.73 -14.59
CA PRO LA 207 -48.51 96.07 -15.17
C PRO LA 207 -48.85 96.19 -16.65
N ALA LA 208 -49.04 95.10 -17.38
CA ALA LA 208 -49.34 95.23 -18.80
C ALA LA 208 -50.83 95.43 -19.07
N ILE LA 209 -51.69 94.86 -18.23
CA ILE LA 209 -53.14 94.85 -18.50
C ILE LA 209 -53.75 96.22 -18.23
N ASP LA 210 -54.98 96.40 -18.68
CA ASP LA 210 -55.84 97.50 -18.28
C ASP LA 210 -56.89 96.97 -17.31
N GLY LA 211 -57.35 97.87 -16.44
CA GLY LA 211 -58.39 97.50 -15.49
C GLY LA 211 -58.01 96.42 -14.51
N ALA LA 212 -58.88 95.43 -14.36
CA ALA LA 212 -58.62 94.36 -13.42
C ALA LA 212 -59.26 93.08 -13.92
N PHE LA 213 -58.80 91.97 -13.37
CA PHE LA 213 -59.36 90.67 -13.77
C PHE LA 213 -59.50 89.81 -12.51
N VAL LA 214 -60.66 89.21 -12.32
CA VAL LA 214 -60.81 88.26 -11.20
C VAL LA 214 -61.08 86.92 -11.85
N LEU LA 215 -60.40 85.87 -11.40
CA LEU LA 215 -60.60 84.59 -12.11
C LEU LA 215 -60.19 83.42 -11.23
N THR LA 216 -60.68 82.24 -11.58
CA THR LA 216 -60.36 81.01 -10.86
C THR LA 216 -59.07 80.38 -11.38
N THR LA 217 -58.32 79.76 -10.47
CA THR LA 217 -57.09 79.09 -10.85
C THR LA 217 -57.22 77.61 -10.56
N ARG LA 218 -58.43 77.07 -10.73
CA ARG LA 218 -58.66 75.66 -10.47
C ARG LA 218 -57.97 74.76 -11.51
N GLY LA 219 -57.66 75.30 -12.69
CA GLY LA 219 -57.00 74.51 -13.69
C GLY LA 219 -57.94 74.18 -14.85
N GLY LA 220 -57.34 73.98 -16.02
CA GLY LA 220 -58.08 73.52 -17.17
C GLY LA 220 -58.97 74.55 -17.84
N ASP LA 221 -58.88 75.82 -17.46
CA ASP LA 221 -59.76 76.82 -18.05
C ASP LA 221 -59.03 77.70 -19.05
N PHE LA 222 -57.75 77.98 -18.78
CA PHE LA 222 -56.96 78.92 -19.57
C PHE LA 222 -55.66 78.21 -19.91
N ASP LA 223 -55.29 78.21 -21.19
CA ASP LA 223 -54.17 77.38 -21.64
C ASP LA 223 -53.26 78.21 -22.52
N LEU LA 224 -52.02 78.38 -22.10
CA LEU LA 224 -50.99 79.03 -22.91
C LEU LA 224 -50.16 77.94 -23.57
N GLN LA 225 -50.15 77.91 -24.90
CA GLN LA 225 -49.38 76.91 -25.62
C GLN LA 225 -48.09 77.52 -26.14
N LEU LA 226 -46.99 76.91 -25.76
CA LEU LA 226 -45.70 77.36 -26.19
C LEU LA 226 -45.06 76.44 -27.18
N GLY LA 227 -44.60 76.95 -28.30
CA GLY LA 227 -43.82 76.10 -29.18
C GLY LA 227 -42.43 76.13 -28.59
N THR LA 228 -41.89 77.33 -28.44
CA THR LA 228 -40.57 77.51 -27.79
C THR LA 228 -40.67 78.62 -26.75
N ASP LA 229 -40.07 78.40 -25.58
CA ASP LA 229 -40.07 79.43 -24.51
C ASP LA 229 -39.13 80.58 -24.89
N VAL LA 230 -38.97 81.56 -23.99
CA VAL LA 230 -38.12 82.75 -24.25
C VAL LA 230 -36.67 82.35 -24.49
N ALA LA 231 -36.09 82.83 -25.59
CA ALA LA 231 -34.71 82.54 -25.93
C ALA LA 231 -34.04 83.81 -26.43
N ILE LA 232 -32.72 83.88 -26.29
CA ILE LA 232 -31.96 85.03 -26.74
C ILE LA 232 -31.18 84.62 -27.99
N GLY LA 233 -31.34 85.39 -29.08
CA GLY LA 233 -30.69 85.10 -30.33
C GLY LA 233 -29.86 86.26 -30.84
N TYR LA 234 -28.95 85.94 -31.75
CA TYR LA 234 -27.99 86.90 -32.28
C TYR LA 234 -28.37 87.32 -33.68
N ALA LA 235 -28.43 88.62 -33.93
CA ALA LA 235 -28.82 89.12 -35.27
C ALA LA 235 -27.57 89.55 -36.04
N SER LA 236 -26.89 90.61 -35.59
CA SER LA 236 -25.72 91.13 -36.27
C SER LA 236 -24.87 91.96 -35.30
N HIS LA 237 -23.67 92.36 -35.73
CA HIS LA 237 -22.76 93.12 -34.83
C HIS LA 237 -21.88 94.09 -35.61
N ASP LA 238 -21.38 95.14 -34.97
CA ASP LA 238 -20.41 96.07 -35.60
C ASP LA 238 -19.27 96.25 -34.59
N THR LA 239 -18.43 97.26 -34.77
CA THR LA 239 -17.29 97.48 -33.85
C THR LA 239 -17.80 97.91 -32.48
N ASP LA 240 -18.93 98.60 -32.43
CA ASP LA 240 -19.37 99.15 -31.16
C ASP LA 240 -20.47 98.37 -30.48
N THR LA 241 -21.36 97.71 -31.23
CA THR LA 241 -22.57 97.17 -30.65
C THR LA 241 -22.85 95.77 -31.17
N VAL LA 242 -23.64 95.04 -30.39
CA VAL LA 242 -24.18 93.74 -30.79
C VAL LA 242 -25.69 93.84 -30.78
N ARG LA 243 -26.32 93.53 -31.92
CA ARG LA 243 -27.77 93.43 -31.99
C ARG LA 243 -28.19 92.00 -31.69
N LEU LA 244 -29.05 91.86 -30.67
CA LEU LA 244 -29.59 90.56 -30.32
C LEU LA 244 -31.10 90.68 -30.27
N TYR LA 245 -31.80 89.62 -29.88
CA TYR LA 245 -33.24 89.67 -29.75
C TYR LA 245 -33.69 88.67 -28.68
N LEU LA 246 -34.86 88.96 -28.13
CA LEU LA 246 -35.61 88.02 -27.31
C LEU LA 246 -36.72 87.44 -28.17
N GLN LA 247 -36.99 86.16 -28.03
CA GLN LA 247 -37.92 85.55 -28.95
C GLN LA 247 -38.69 84.44 -28.26
N GLU LA 248 -40.00 84.39 -28.52
CA GLU LA 248 -40.83 83.32 -28.00
C GLU LA 248 -41.99 83.11 -28.96
N THR LA 249 -42.44 81.85 -29.08
CA THR LA 249 -43.56 81.55 -29.96
C THR LA 249 -44.67 80.84 -29.19
N LEU LA 250 -45.90 81.32 -29.35
CA LEU LA 250 -46.99 80.90 -28.49
C LEU LA 250 -48.34 81.14 -29.15
N THR LA 251 -49.36 80.53 -28.56
CA THR LA 251 -50.76 80.94 -28.75
C THR LA 251 -51.45 80.80 -27.41
N PHE LA 252 -52.62 81.41 -27.29
CA PHE LA 252 -53.40 81.32 -26.06
C PHE LA 252 -54.83 80.87 -26.37
N LEU LA 253 -55.33 79.96 -25.54
CA LEU LA 253 -56.67 79.41 -25.68
C LEU LA 253 -57.43 79.63 -24.37
N CYS LA 254 -58.68 80.05 -24.48
CA CYS LA 254 -59.58 80.10 -23.33
C CYS LA 254 -60.69 79.08 -23.56
N TYR LA 255 -60.71 78.02 -22.76
CA TYR LA 255 -61.70 76.97 -22.90
C TYR LA 255 -62.99 77.27 -22.17
N THR LA 256 -62.94 78.06 -21.11
CA THR LA 256 -64.08 78.23 -20.21
C THR LA 256 -64.44 79.71 -20.17
N ALA LA 257 -65.59 80.05 -20.75
CA ALA LA 257 -65.95 81.45 -20.93
C ALA LA 257 -66.38 82.11 -19.62
N GLU LA 258 -66.89 81.34 -18.66
CA GLU LA 258 -67.48 81.92 -17.47
C GLU LA 258 -66.53 81.91 -16.27
N ALA LA 259 -65.25 81.65 -16.51
CA ALA LA 259 -64.29 81.54 -15.43
C ALA LA 259 -63.59 82.85 -15.09
N SER LA 260 -64.08 83.99 -15.57
CA SER LA 260 -63.39 85.25 -15.35
C SER LA 260 -64.34 86.43 -15.41
N VAL LA 261 -63.98 87.51 -14.71
CA VAL LA 261 -64.63 88.81 -14.79
C VAL LA 261 -63.59 89.86 -15.10
N ALA LA 262 -63.85 90.67 -16.12
CA ALA LA 262 -63.02 91.79 -16.51
C ALA LA 262 -63.58 93.09 -15.97
N LEU LA 263 -62.68 93.98 -15.57
CA LEU LA 263 -63.08 95.26 -15.03
C LEU LA 263 -62.36 96.35 -15.81
N SER LA 264 -63.00 97.48 -16.00
CA SER LA 264 -62.42 98.59 -16.74
C SER LA 264 -62.68 99.89 -16.00
N HIS LA 265 -62.05 100.96 -16.49
CA HIS LA 265 -62.22 102.27 -15.88
C HIS LA 265 -63.33 103.06 -16.55
N MET MA 1 -1.79 87.80 30.13
CA MET MA 1 -0.97 88.11 31.29
C MET MA 1 -1.78 88.50 32.51
N ASN MA 2 -1.10 88.74 33.62
CA ASN MA 2 -1.78 89.11 34.87
C ASN MA 2 -1.32 90.47 35.41
N ASN MA 3 -1.56 90.73 36.70
CA ASN MA 3 -1.18 92.01 37.27
C ASN MA 3 0.34 92.14 37.50
N LEU MA 4 1.07 91.03 37.62
CA LEU MA 4 2.53 91.09 37.69
C LEU MA 4 3.18 91.66 36.42
N TYR MA 5 2.51 91.54 35.27
CA TYR MA 5 3.07 92.02 34.00
C TYR MA 5 4.51 91.55 33.82
N ARG MA 6 4.72 90.26 34.10
CA ARG MA 6 6.06 89.70 34.22
C ARG MA 6 6.77 89.64 32.87
N ASP MA 7 6.03 89.35 31.80
CA ASP MA 7 6.62 89.25 30.47
C ASP MA 7 7.04 90.61 29.92
N LEU MA 8 6.56 91.70 30.49
CA LEU MA 8 6.99 93.01 30.05
C LEU MA 8 8.34 93.42 30.65
N ALA MA 9 8.80 92.73 31.68
CA ALA MA 9 10.06 93.09 32.30
C ALA MA 9 11.23 92.65 31.43
N PRO MA 10 12.25 93.50 31.27
CA PRO MA 10 13.47 93.08 30.55
C PRO MA 10 14.39 92.23 31.40
N VAL MA 11 13.90 91.05 31.75
CA VAL MA 11 14.60 90.11 32.61
C VAL MA 11 14.60 88.77 31.90
N THR MA 12 15.77 88.16 31.79
CA THR MA 12 15.87 86.88 31.10
C THR MA 12 15.34 85.76 32.00
N GLU MA 13 15.17 84.60 31.39
CA GLU MA 13 14.62 83.44 32.11
C GLU MA 13 15.56 82.96 33.21
N ALA MA 14 16.86 82.92 32.92
CA ALA MA 14 17.85 82.50 33.91
C ALA MA 14 17.95 83.51 35.05
N ALA MA 15 17.92 84.80 34.71
CA ALA MA 15 17.89 85.84 35.72
C ALA MA 15 16.63 85.76 36.56
N TRP MA 16 15.48 85.44 35.94
CA TRP MA 16 14.24 85.28 36.68
C TRP MA 16 14.35 84.12 37.67
N ALA MA 17 14.93 83.00 37.25
CA ALA MA 17 15.10 81.86 38.15
C ALA MA 17 16.00 82.20 39.33
N GLU MA 18 17.09 82.94 39.08
CA GLU MA 18 17.96 83.35 40.18
C GLU MA 18 17.25 84.31 41.14
N ILE MA 19 16.45 85.25 40.61
CA ILE MA 19 15.72 86.20 41.46
C ILE MA 19 14.67 85.48 42.29
N GLU MA 20 13.94 84.54 41.70
CA GLU MA 20 12.94 83.77 42.43
C GLU MA 20 13.57 82.95 43.54
N LEU MA 21 14.71 82.30 43.25
CA LEU MA 21 15.42 81.51 44.23
C LEU MA 21 15.92 82.36 45.39
N GLU MA 22 16.50 83.52 45.08
CA GLU MA 22 17.03 84.41 46.11
C GLU MA 22 15.92 84.95 47.02
N ALA MA 23 14.80 85.36 46.41
CA ALA MA 23 13.69 85.91 47.18
C ALA MA 23 13.04 84.86 48.05
N ALA MA 24 12.80 83.66 47.51
CA ALA MA 24 12.18 82.59 48.28
C ALA MA 24 13.08 82.15 49.43
N ARG MA 25 14.38 82.02 49.17
CA ARG MA 25 15.31 81.63 50.22
C ARG MA 25 15.37 82.65 51.36
N THR MA 26 15.56 83.92 51.01
CA THR MA 26 15.71 84.94 52.05
C THR MA 26 14.42 85.11 52.84
N PHE MA 27 13.27 84.98 52.20
CA PHE MA 27 11.98 85.06 52.88
C PHE MA 27 11.76 83.94 53.91
N LYS MA 28 11.94 82.69 53.51
CA LYS MA 28 11.77 81.57 54.43
C LYS MA 28 12.65 81.71 55.66
N ARG MA 29 13.93 82.06 55.47
CA ARG MA 29 14.84 82.21 56.56
C ARG MA 29 14.36 83.23 57.57
N HIS MA 30 13.71 84.27 57.09
CA HIS MA 30 13.30 85.35 58.01
C HIS MA 30 11.85 85.19 58.45
N ILE MA 31 11.16 84.15 57.99
CA ILE MA 31 9.80 83.98 58.54
C ILE MA 31 9.82 83.07 59.76
N ALA MA 32 9.27 83.56 60.87
CA ALA MA 32 9.02 82.74 62.05
C ALA MA 32 7.54 82.45 62.21
N GLY MA 33 6.69 83.35 61.71
CA GLY MA 33 5.26 83.29 61.98
C GLY MA 33 4.56 82.10 61.34
N ARG MA 34 4.95 81.74 60.12
CA ARG MA 34 4.29 80.65 59.42
C ARG MA 34 4.65 79.28 60.01
N ARG MA 35 5.73 79.20 60.78
CA ARG MA 35 6.10 77.94 61.42
C ARG MA 35 5.17 77.59 62.57
N VAL MA 36 4.47 78.55 63.14
CA VAL MA 36 3.65 78.31 64.32
C VAL MA 36 2.16 78.50 64.08
N VAL MA 37 1.75 79.27 63.10
CA VAL MA 37 0.33 79.55 62.90
C VAL MA 37 -0.19 78.67 61.79
N ASP MA 38 -1.51 78.50 61.76
CA ASP MA 38 -2.14 77.82 60.63
C ASP MA 38 -2.16 78.76 59.44
N VAL MA 39 -1.71 78.25 58.30
CA VAL MA 39 -1.63 79.03 57.08
C VAL MA 39 -2.61 78.43 56.08
N SER MA 40 -3.54 79.25 55.62
CA SER MA 40 -4.57 78.79 54.72
C SER MA 40 -4.03 78.63 53.31
N ASP MA 41 -4.79 77.96 52.46
CA ASP MA 41 -4.50 78.01 51.05
C ASP MA 41 -4.79 79.41 50.51
N PRO MA 42 -4.10 79.82 49.44
CA PRO MA 42 -4.42 81.11 48.81
C PRO MA 42 -5.84 81.16 48.27
N GLY MA 43 -6.61 82.15 48.71
CA GLY MA 43 -7.96 82.34 48.24
C GLY MA 43 -8.02 82.71 46.77
N GLY MA 44 -7.08 83.53 46.34
CA GLY MA 44 -7.09 83.98 44.97
C GLY MA 44 -7.18 85.50 44.93
N PRO MA 45 -7.04 86.07 43.73
CA PRO MA 45 -7.03 87.54 43.62
C PRO MA 45 -8.36 88.18 43.97
N VAL MA 46 -9.48 87.48 43.81
CA VAL MA 46 -10.78 88.11 44.00
C VAL MA 46 -11.14 88.17 45.48
N THR MA 47 -10.44 87.40 46.32
CA THR MA 47 -10.75 87.31 47.73
C THR MA 47 -10.40 88.62 48.42
N ALA MA 48 -11.35 89.18 49.16
CA ALA MA 48 -11.18 90.51 49.69
C ALA MA 48 -11.36 90.58 51.20
N ALA MA 49 -12.13 89.65 51.76
CA ALA MA 49 -12.43 89.69 53.19
C ALA MA 49 -12.66 88.28 53.69
N VAL MA 50 -12.48 88.13 55.00
CA VAL MA 50 -12.73 86.87 55.69
C VAL MA 50 -13.91 87.07 56.63
N SER MA 51 -14.91 86.21 56.51
CA SER MA 51 -16.06 86.26 57.40
C SER MA 51 -15.66 85.84 58.80
N THR MA 52 -16.08 86.62 59.79
CA THR MA 52 -15.89 86.24 61.19
C THR MA 52 -17.10 85.51 61.77
N GLY MA 53 -18.24 85.61 61.08
CA GLY MA 53 -19.46 84.91 61.54
C GLY MA 53 -20.21 85.71 62.59
N ARG MA 54 -19.76 86.93 62.91
CA ARG MA 54 -20.49 87.77 63.90
C ARG MA 54 -21.50 88.69 63.21
N LEU MA 55 -22.32 89.41 63.98
CA LEU MA 55 -23.39 90.28 63.43
C LEU MA 55 -23.32 91.66 64.07
N ILE MA 56 -23.61 92.72 63.30
CA ILE MA 56 -23.56 94.08 63.81
C ILE MA 56 -24.93 94.75 63.72
N ASP MA 57 -25.47 95.17 64.85
CA ASP MA 57 -26.77 95.83 64.87
C ASP MA 57 -26.80 97.13 64.09
N VAL MA 58 -27.71 97.24 63.12
CA VAL MA 58 -27.86 98.49 62.38
C VAL MA 58 -29.25 99.09 62.53
N LYS MA 59 -29.36 100.40 62.33
CA LYS MA 59 -30.66 101.08 62.47
C LYS MA 59 -31.72 100.45 61.59
N ALA MA 60 -32.76 99.90 62.19
CA ALA MA 60 -33.85 99.24 61.46
C ALA MA 60 -34.29 99.98 60.19
N PRO MA 61 -34.30 99.29 59.05
CA PRO MA 61 -34.72 99.91 57.79
C PRO MA 61 -36.15 100.42 57.93
N THR MA 62 -37.07 99.56 58.33
CA THR MA 62 -38.45 99.97 58.54
C THR MA 62 -39.01 99.35 59.82
N ASN MA 63 -40.28 99.60 60.09
CA ASN MA 63 -40.92 99.06 61.29
C ASN MA 63 -41.05 97.55 61.18
N GLY MA 64 -40.69 96.84 62.25
CA GLY MA 64 -40.80 95.39 62.25
C GLY MA 64 -39.70 94.68 61.49
N VAL MA 65 -38.69 95.40 61.03
CA VAL MA 65 -37.58 94.78 60.35
C VAL MA 65 -36.38 94.82 61.24
N ILE MA 66 -35.69 93.71 61.36
CA ILE MA 66 -34.52 93.64 62.18
C ILE MA 66 -33.37 93.39 61.26
N ALA MA 67 -32.41 94.30 61.26
CA ALA MA 67 -31.29 94.19 60.34
C ALA MA 67 -29.97 94.03 61.03
N HIS MA 68 -29.12 93.22 60.43
CA HIS MA 68 -27.79 93.05 60.97
C HIS MA 68 -26.76 92.97 59.87
N LEU MA 69 -25.67 93.67 60.04
CA LEU MA 69 -24.56 93.60 59.10
C LEU MA 69 -23.66 92.41 59.44
N ARG MA 70 -23.24 91.69 58.42
CA ARG MA 70 -22.25 90.65 58.63
C ARG MA 70 -20.88 91.28 58.85
N ALA MA 71 -20.19 90.84 59.90
CA ALA MA 71 -18.86 91.31 60.20
C ALA MA 71 -17.83 90.55 59.38
N SER MA 72 -16.74 91.23 59.04
CA SER MA 72 -15.67 90.61 58.28
C SER MA 72 -14.36 91.33 58.56
N LYS MA 73 -13.28 90.73 58.11
CA LYS MA 73 -11.93 91.29 58.22
C LYS MA 73 -11.38 91.54 56.82
N PRO MA 74 -10.94 92.74 56.50
CA PRO MA 74 -10.37 92.99 55.16
C PRO MA 74 -8.96 92.45 55.04
N LEU MA 75 -8.63 91.95 53.85
CA LEU MA 75 -7.24 91.67 53.52
C LEU MA 75 -6.48 92.97 53.28
N VAL MA 76 -5.18 92.93 53.51
CA VAL MA 76 -4.30 94.03 53.18
C VAL MA 76 -3.28 93.50 52.18
N ARG MA 77 -3.03 94.28 51.13
CA ARG MA 77 -1.99 93.97 50.17
C ARG MA 77 -0.74 94.76 50.52
N LEU MA 78 0.36 94.04 50.69
CA LEU MA 78 1.63 94.59 51.13
C LEU MA 78 2.60 94.47 49.97
N ARG MA 79 3.17 95.61 49.57
CA ARG MA 79 4.05 95.68 48.41
C ARG MA 79 5.36 96.34 48.82
N VAL MA 80 6.46 95.69 48.49
CA VAL MA 80 7.79 96.21 48.73
C VAL MA 80 8.49 96.35 47.39
N PRO MA 81 8.62 97.57 46.87
CA PRO MA 81 9.36 97.77 45.62
C PRO MA 81 10.86 97.64 45.85
N PHE MA 82 11.56 97.24 44.79
CA PHE MA 82 13.02 97.18 44.80
C PHE MA 82 13.53 97.38 43.39
N THR MA 83 14.81 97.70 43.29
CA THR MA 83 15.42 98.15 42.05
C THR MA 83 16.65 97.31 41.73
N LEU MA 84 16.69 96.75 40.53
CA LEU MA 84 17.79 95.91 40.10
C LEU MA 84 18.59 96.57 38.99
N SER MA 85 19.91 96.42 39.05
CA SER MA 85 20.78 96.83 37.95
C SER MA 85 20.58 95.90 36.75
N ARG MA 86 20.45 96.50 35.57
CA ARG MA 86 20.28 95.69 34.36
C ARG MA 86 21.57 95.02 33.93
N ASN MA 87 22.73 95.58 34.32
CA ASN MA 87 24.00 94.93 34.07
C ASN MA 87 24.11 93.61 34.82
N GLU MA 88 23.67 93.59 36.09
CA GLU MA 88 23.66 92.36 36.87
C GLU MA 88 22.71 91.33 36.27
N ILE MA 89 21.58 91.78 35.72
CA ILE MA 89 20.65 90.88 35.06
C ILE MA 89 21.27 90.30 33.79
N ASP MA 90 21.95 91.13 33.00
CA ASP MA 90 22.61 90.68 31.78
C ASP MA 90 23.79 89.76 32.06
N ASP MA 91 24.41 89.88 33.23
CA ASP MA 91 25.54 89.02 33.60
C ASP MA 91 25.15 87.56 33.73
N VAL MA 92 23.88 87.27 34.03
CA VAL MA 92 23.45 85.92 34.38
C VAL MA 92 23.52 85.00 33.16
N GLU MA 93 23.12 85.48 31.99
CA GLU MA 93 23.14 84.63 30.79
C GLU MA 93 24.60 84.36 30.37
N ARG MA 94 25.48 85.32 30.59
CA ARG MA 94 26.89 85.10 30.30
C ARG MA 94 27.56 84.12 31.25
N GLY MA 95 26.89 83.71 32.32
CA GLY MA 95 27.41 82.73 33.23
C GLY MA 95 27.92 83.24 34.55
N SER MA 96 27.65 84.50 34.89
CA SER MA 96 28.02 85.01 36.21
C SER MA 96 27.18 84.33 37.29
N LYS MA 97 27.80 84.10 38.44
CA LYS MA 97 27.13 83.49 39.58
C LYS MA 97 27.24 84.34 40.82
N ASP MA 98 27.68 85.59 40.66
CA ASP MA 98 27.77 86.51 41.80
C ASP MA 98 27.00 87.81 41.51
N SER MA 99 25.94 87.73 40.72
CA SER MA 99 25.14 88.90 40.40
C SER MA 99 24.52 89.48 41.65
N ASP MA 100 24.51 90.81 41.73
CA ASP MA 100 24.12 91.53 42.93
C ASP MA 100 22.62 91.44 43.17
N TRP MA 101 22.20 90.51 44.02
CA TRP MA 101 20.79 90.37 44.33
C TRP MA 101 20.49 90.92 45.71
N GLU MA 102 21.32 91.85 46.16
CA GLU MA 102 21.09 92.49 47.46
C GLU MA 102 19.72 93.20 47.57
N PRO MA 103 19.27 93.91 46.51
CA PRO MA 103 17.95 94.54 46.67
C PRO MA 103 16.86 93.48 46.81
N VAL MA 104 16.95 92.38 46.08
CA VAL MA 104 15.98 91.30 46.25
C VAL MA 104 16.00 90.78 47.68
N LYS MA 105 17.20 90.62 48.26
CA LYS MA 105 17.32 90.13 49.62
C LYS MA 105 16.78 91.15 50.63
N GLU MA 106 17.02 92.43 50.40
CA GLU MA 106 16.49 93.46 51.28
C GLU MA 106 14.97 93.56 51.18
N ALA MA 107 14.42 93.40 49.98
CA ALA MA 107 12.97 93.42 49.82
C ALA MA 107 12.33 92.20 50.48
N ALA MA 108 12.94 91.03 50.35
CA ALA MA 108 12.41 89.83 50.98
C ALA MA 108 12.50 89.92 52.50
N LYS MA 109 13.60 90.46 53.01
CA LYS MA 109 13.73 90.66 54.45
C LYS MA 109 12.72 91.66 54.97
N LYS MA 110 12.45 92.73 54.22
CA LYS MA 110 11.50 93.73 54.66
C LYS MA 110 10.07 93.21 54.61
N LEU MA 111 9.74 92.45 53.56
CA LEU MA 111 8.38 91.84 53.47
C LEU MA 111 8.19 90.84 54.61
N ALA MA 112 9.19 89.99 54.87
CA ALA MA 112 9.11 89.03 55.96
C ALA MA 112 8.96 89.73 57.30
N PHE MA 113 9.67 90.85 57.50
CA PHE MA 113 9.57 91.60 58.73
C PHE MA 113 8.19 92.21 58.90
N VAL MA 114 7.61 92.73 57.83
CA VAL MA 114 6.26 93.28 57.91
C VAL MA 114 5.29 92.17 58.28
N GLU MA 115 5.34 91.04 57.57
CA GLU MA 115 4.39 89.96 57.83
C GLU MA 115 4.48 89.47 59.27
N ASP MA 116 5.70 89.28 59.78
CA ASP MA 116 5.87 88.80 61.15
C ASP MA 116 5.44 89.84 62.18
N ARG MA 117 5.74 91.12 61.94
CA ARG MA 117 5.32 92.16 62.87
C ARG MA 117 3.82 92.38 62.81
N THR MA 118 3.19 92.08 61.67
CA THR MA 118 1.74 92.15 61.57
C THR MA 118 1.09 91.01 62.35
N ILE MA 119 1.64 89.80 62.24
CA ILE MA 119 1.09 88.67 62.98
C ILE MA 119 1.27 88.85 64.49
N PHE MA 120 2.44 89.30 64.93
CA PHE MA 120 2.70 89.30 66.37
C PHE MA 120 2.42 90.63 67.06
N GLU MA 121 2.49 91.76 66.36
CA GLU MA 121 2.26 93.06 66.98
C GLU MA 121 1.06 93.79 66.41
N GLY MA 122 0.42 93.21 65.41
CA GLY MA 122 -0.72 93.84 64.81
C GLY MA 122 -0.52 94.99 63.87
N TYR MA 123 -1.56 95.33 63.14
CA TYR MA 123 -1.51 96.44 62.21
C TYR MA 123 -2.87 97.02 62.37
N SER MA 124 -3.01 98.02 63.22
CA SER MA 124 -4.32 98.60 63.51
C SER MA 124 -5.06 99.17 62.31
N ALA MA 125 -4.36 99.81 61.39
CA ALA MA 125 -4.98 100.38 60.20
C ALA MA 125 -5.63 99.30 59.35
N ALA MA 126 -5.10 98.08 59.37
CA ALA MA 126 -5.70 96.96 58.68
C ALA MA 126 -6.63 96.15 59.56
N SER MA 127 -6.98 96.67 60.74
CA SER MA 127 -7.86 96.04 61.73
C SER MA 127 -7.35 94.66 62.15
N ILE MA 128 -6.05 94.53 62.30
CA ILE MA 128 -5.43 93.29 62.73
C ILE MA 128 -4.89 93.50 64.12
N GLU MA 129 -5.38 92.70 65.06
CA GLU MA 129 -4.85 92.70 66.42
C GLU MA 129 -3.73 91.68 66.49
N GLY MA 130 -2.60 92.08 67.08
CA GLY MA 130 -1.49 91.17 67.22
C GLY MA 130 -1.74 90.11 68.26
N ILE MA 131 -0.86 89.10 68.25
CA ILE MA 131 -0.90 88.06 69.28
C ILE MA 131 -0.61 88.65 70.65
N ARG MA 132 0.30 89.63 70.71
CA ARG MA 132 0.61 90.31 71.97
C ARG MA 132 -0.60 91.05 72.53
N SER MA 133 -1.35 91.74 71.67
CA SER MA 133 -2.51 92.47 72.14
C SER MA 133 -3.70 91.56 72.43
N ALA MA 134 -3.85 90.48 71.66
CA ALA MA 134 -4.98 89.58 71.83
C ALA MA 134 -4.77 88.53 72.91
N SER MA 135 -3.58 88.47 73.51
CA SER MA 135 -3.33 87.48 74.56
C SER MA 135 -4.03 87.90 75.85
N SER MA 136 -4.73 86.95 76.47
CA SER MA 136 -5.35 87.19 77.76
C SER MA 136 -4.47 86.80 78.93
N ASN MA 137 -3.41 86.03 78.70
CA ASN MA 137 -2.47 85.69 79.75
C ASN MA 137 -1.64 86.91 80.12
N PRO MA 138 -1.16 86.99 81.37
CA PRO MA 138 -0.38 88.16 81.78
C PRO MA 138 0.95 88.27 81.05
N ALA MA 139 1.38 89.50 80.85
CA ALA MA 139 2.65 89.78 80.20
C ALA MA 139 3.78 89.71 81.22
N LEU MA 140 4.93 89.26 80.75
CA LEU MA 140 6.10 89.07 81.61
C LEU MA 140 7.22 89.98 81.15
N THR MA 141 8.12 90.29 82.07
CA THR MA 141 9.28 91.12 81.78
C THR MA 141 10.51 90.24 81.66
N LEU MA 142 11.24 90.39 80.54
CA LEU MA 142 12.48 89.64 80.37
C LEU MA 142 13.58 90.31 81.17
N PRO MA 143 14.36 89.52 81.91
CA PRO MA 143 15.41 90.08 82.75
C PRO MA 143 16.64 90.52 81.95
N GLU MA 144 17.50 91.32 82.57
CA GLU MA 144 18.70 91.79 81.89
C GLU MA 144 19.72 90.67 81.71
N ASP MA 145 19.91 89.86 82.74
CA ASP MA 145 20.86 88.77 82.70
C ASP MA 145 20.30 87.64 81.85
N PRO MA 146 21.01 87.21 80.80
CA PRO MA 146 20.53 86.07 80.01
C PRO MA 146 20.44 84.76 80.77
N ARG MA 147 21.24 84.58 81.83
CA ARG MA 147 21.16 83.38 82.66
C ARG MA 147 19.85 83.30 83.42
N GLU MA 148 19.15 84.42 83.59
CA GLU MA 148 17.83 84.44 84.18
C GLU MA 148 16.72 84.38 83.13
N ILE MA 149 17.04 84.24 81.86
CA ILE MA 149 15.98 84.08 80.85
C ILE MA 149 15.17 82.77 81.04
N PRO MA 150 15.83 81.60 81.14
CA PRO MA 150 15.03 80.38 81.24
C PRO MA 150 14.06 80.37 82.42
N ASP MA 151 14.36 81.07 83.51
CA ASP MA 151 13.46 81.13 84.64
C ASP MA 151 12.14 81.77 84.23
N VAL MA 152 12.21 82.99 83.71
CA VAL MA 152 10.99 83.72 83.30
C VAL MA 152 10.22 82.96 82.22
N ILE MA 153 10.93 82.41 81.24
CA ILE MA 153 10.27 81.57 80.23
C ILE MA 153 9.47 80.45 80.87
N SER MA 154 10.03 79.81 81.90
CA SER MA 154 9.32 78.74 82.64
C SER MA 154 8.06 79.28 83.32
N GLN MA 155 8.08 80.52 83.79
CA GLN MA 155 6.89 81.14 84.36
C GLN MA 155 5.81 81.32 83.30
N ALA MA 156 6.23 81.66 82.07
CA ALA MA 156 5.29 81.69 80.95
C ALA MA 156 4.72 80.31 80.68
N LEU MA 157 5.53 79.26 80.80
CA LEU MA 157 5.02 77.90 80.67
C LEU MA 157 4.09 77.54 81.79
N SER MA 158 4.19 78.22 82.94
CA SER MA 158 3.20 78.02 83.98
C SER MA 158 1.85 78.59 83.56
N GLU MA 159 1.86 79.74 82.88
CA GLU MA 159 0.62 80.45 82.61
C GLU MA 159 -0.25 79.70 81.60
N LEU MA 160 0.37 79.19 80.52
CA LEU MA 160 -0.34 78.30 79.59
C LEU MA 160 -0.82 77.03 80.28
N ARG MA 161 -0.12 76.60 81.33
CA ARG MA 161 -0.62 75.46 82.07
C ARG MA 161 -1.78 75.86 82.96
N LEU MA 162 -1.76 77.09 83.48
CA LEU MA 162 -2.89 77.59 84.26
C LEU MA 162 -4.06 77.98 83.38
N ALA MA 163 -3.82 78.20 82.10
CA ALA MA 163 -4.88 78.50 81.16
C ALA MA 163 -5.58 77.25 80.64
N GLY MA 164 -5.12 76.06 81.03
CA GLY MA 164 -5.69 74.81 80.54
C GLY MA 164 -5.44 74.65 79.06
N VAL MA 165 -4.18 74.47 78.66
CA VAL MA 165 -3.84 74.36 77.24
C VAL MA 165 -2.86 73.22 77.02
N ASP MA 166 -3.09 72.40 75.99
CA ASP MA 166 -2.18 71.31 75.68
C ASP MA 166 -1.35 71.64 74.43
N GLY MA 167 -0.67 70.64 73.88
CA GLY MA 167 0.09 70.85 72.64
C GLY MA 167 1.56 71.18 72.81
N PRO MA 168 2.34 71.03 71.71
CA PRO MA 168 3.76 71.33 71.76
C PRO MA 168 3.90 72.84 71.93
N TYR MA 169 4.56 73.30 72.97
CA TYR MA 169 4.76 74.75 73.11
C TYR MA 169 6.00 75.23 72.36
N SER MA 170 5.94 76.43 71.77
CA SER MA 170 7.15 76.86 71.06
C SER MA 170 7.55 78.26 71.51
N VAL MA 171 8.86 78.52 71.59
CA VAL MA 171 9.34 79.82 72.06
C VAL MA 171 9.94 80.56 70.88
N LEU MA 172 9.48 81.78 70.69
CA LEU MA 172 10.00 82.63 69.62
C LEU MA 172 10.71 83.78 70.30
N LEU MA 173 11.92 84.08 69.85
CA LEU MA 173 12.73 85.11 70.50
C LEU MA 173 13.04 86.21 69.49
N SER MA 174 13.14 87.43 69.99
CA SER MA 174 13.67 88.51 69.19
C SER MA 174 15.16 88.28 68.94
N ALA MA 175 15.69 88.99 67.93
CA ALA MA 175 17.08 88.82 67.52
C ALA MA 175 18.04 89.21 68.63
N ASP MA 176 17.70 90.24 69.40
CA ASP MA 176 18.50 90.62 70.57
C ASP MA 176 18.51 89.52 71.62
N VAL MA 177 17.34 88.97 71.91
CA VAL MA 177 17.22 87.93 72.92
C VAL MA 177 17.84 86.63 72.44
N TYR MA 178 17.65 86.30 71.16
CA TYR MA 178 18.26 85.11 70.58
C TYR MA 178 19.78 85.19 70.59
N THR MA 179 20.33 86.37 70.28
CA THR MA 179 21.77 86.58 70.36
C THR MA 179 22.27 86.46 71.80
N LYS MA 180 21.53 87.05 72.75
CA LYS MA 180 21.93 87.00 74.16
C LYS MA 180 21.92 85.58 74.71
N VAL MA 181 20.92 84.78 74.38
CA VAL MA 181 20.90 83.40 74.87
C VAL MA 181 21.75 82.48 74.03
N SER MA 182 22.20 82.93 72.86
CA SER MA 182 23.12 82.15 72.05
C SER MA 182 24.57 82.33 72.47
N GLU MA 183 24.95 83.55 72.83
CA GLU MA 183 26.35 83.85 73.08
C GLU MA 183 26.75 83.65 74.53
N THR MA 184 25.80 83.59 75.45
CA THR MA 184 26.10 83.29 76.84
C THR MA 184 26.01 81.79 77.03
N SER MA 185 26.99 81.22 77.74
CA SER MA 185 27.06 79.78 77.91
C SER MA 185 27.14 79.43 79.39
N ASP MA 186 26.59 78.26 79.72
CA ASP MA 186 26.67 77.73 81.08
C ASP MA 186 26.85 76.23 80.98
N HIS MA 187 27.95 75.74 81.56
CA HIS MA 187 28.29 74.31 81.65
C HIS MA 187 28.35 73.64 80.28
N GLY MA 188 29.01 74.29 79.34
CA GLY MA 188 29.24 73.70 78.04
C GLY MA 188 28.10 73.81 77.06
N TYR MA 189 27.02 74.48 77.41
CA TYR MA 189 25.92 74.72 76.50
C TYR MA 189 25.52 76.18 76.57
N PRO MA 190 25.12 76.76 75.45
CA PRO MA 190 24.50 78.09 75.49
C PRO MA 190 23.12 78.00 76.13
N ILE MA 191 22.61 79.17 76.54
CA ILE MA 191 21.31 79.26 77.21
C ILE MA 191 20.17 78.87 76.27
N ARG MA 192 20.40 78.96 74.96
CA ARG MA 192 19.43 78.48 73.97
C ARG MA 192 19.14 77.00 74.13
N GLU MA 193 20.15 76.21 74.46
CA GLU MA 193 19.95 74.78 74.74
C GLU MA 193 19.13 74.60 76.02
N HIS MA 194 19.37 75.43 77.04
CA HIS MA 194 18.57 75.39 78.25
C HIS MA 194 17.11 75.71 77.98
N LEU MA 195 16.85 76.63 77.06
CA LEU MA 195 15.49 76.88 76.61
C LEU MA 195 14.92 75.68 75.85
N ASN MA 196 15.76 75.02 75.07
CA ASN MA 196 15.34 73.86 74.30
C ASN MA 196 14.93 72.70 75.21
N ARG MA 197 15.53 72.58 76.39
CA ARG MA 197 15.15 71.53 77.32
C ARG MA 197 13.77 71.74 77.94
N LEU MA 198 13.32 73.00 78.06
CA LEU MA 198 12.03 73.32 78.71
C LEU MA 198 10.82 72.96 77.83
N VAL MA 199 10.96 72.96 76.51
CA VAL MA 199 9.76 72.76 75.64
C VAL MA 199 9.92 71.58 74.70
N ASP MA 200 8.80 71.08 74.18
CA ASP MA 200 8.81 69.94 73.23
C ASP MA 200 8.62 70.52 71.83
N GLY MA 201 8.62 71.85 71.73
CA GLY MA 201 8.48 72.51 70.42
C GLY MA 201 9.84 72.95 69.92
N ASP MA 202 10.01 74.22 69.59
CA ASP MA 202 11.28 74.65 68.97
C ASP MA 202 11.68 76.05 69.43
N ILE MA 203 12.98 76.28 69.64
CA ILE MA 203 13.41 77.67 69.89
C ILE MA 203 13.50 78.26 68.48
N ILE MA 204 12.75 79.31 68.22
CA ILE MA 204 12.62 79.85 66.87
C ILE MA 204 13.19 81.27 66.85
N TRP MA 205 14.11 81.51 65.94
CA TRP MA 205 14.66 82.84 65.74
C TRP MA 205 13.61 83.70 65.03
N ALA MA 206 13.24 84.81 65.65
CA ALA MA 206 12.21 85.71 65.14
C ALA MA 206 12.76 87.13 65.14
N PRO MA 207 13.54 87.50 64.12
CA PRO MA 207 14.21 88.81 64.12
C PRO MA 207 13.30 90.01 63.98
N ALA MA 208 12.04 89.84 63.59
CA ALA MA 208 11.18 91.01 63.42
C ALA MA 208 10.50 91.43 64.72
N ILE MA 209 10.21 90.48 65.60
CA ILE MA 209 9.41 90.75 66.80
C ILE MA 209 10.23 91.49 67.85
N ASP MA 210 9.55 92.04 68.85
CA ASP MA 210 10.16 92.50 70.07
C ASP MA 210 9.89 91.49 71.18
N GLY MA 211 10.80 91.47 72.15
CA GLY MA 211 10.64 90.57 73.29
C GLY MA 211 10.63 89.10 72.95
N ALA MA 212 9.64 88.39 73.49
CA ALA MA 212 9.57 86.95 73.24
C ALA MA 212 8.12 86.51 73.27
N PHE MA 213 7.87 85.34 72.71
CA PHE MA 213 6.50 84.81 72.70
C PHE MA 213 6.58 83.32 72.98
N VAL MA 214 5.76 82.84 73.91
CA VAL MA 214 5.68 81.37 74.14
C VAL MA 214 4.27 80.99 73.76
N LEU MA 215 4.10 79.92 73.00
CA LEU MA 215 2.74 79.62 72.55
C LEU MA 215 2.61 78.16 72.13
N THR MA 216 1.39 77.67 72.09
CA THR MA 216 1.09 76.30 71.69
C THR MA 216 0.93 76.20 70.18
N THR MA 217 1.36 75.07 69.63
CA THR MA 217 1.21 74.83 68.20
C THR MA 217 0.31 73.64 67.97
N ARG MA 218 -0.68 73.48 68.84
CA ARG MA 218 -1.62 72.37 68.71
C ARG MA 218 -2.52 72.50 67.48
N GLY MA 219 -2.69 73.72 66.97
CA GLY MA 219 -3.53 73.92 65.81
C GLY MA 219 -4.82 74.61 66.15
N GLY MA 220 -5.37 75.32 65.18
CA GLY MA 220 -6.67 75.93 65.31
C GLY MA 220 -6.75 77.15 66.20
N ASP MA 221 -5.62 77.71 66.63
CA ASP MA 221 -5.66 78.86 67.52
C ASP MA 221 -5.29 80.15 66.78
N PHE MA 222 -4.40 80.05 65.82
CA PHE MA 222 -3.85 81.22 65.12
C PHE MA 222 -3.96 80.94 63.63
N ASP MA 223 -4.53 81.86 62.87
CA ASP MA 223 -4.86 81.58 61.48
C ASP MA 223 -4.40 82.74 60.61
N LEU MA 224 -3.49 82.47 59.70
CA LEU MA 224 -3.06 83.44 58.71
C LEU MA 224 -3.82 83.17 57.42
N GLN MA 225 -4.60 84.14 56.96
CA GLN MA 225 -5.36 83.98 55.73
C GLN MA 225 -4.67 84.69 54.58
N LEU MA 226 -4.38 83.93 53.55
CA LEU MA 226 -3.74 84.49 52.38
C LEU MA 226 -4.66 84.56 51.21
N GLY MA 227 -4.75 85.73 50.56
CA GLY MA 227 -5.50 85.77 49.33
C GLY MA 227 -4.53 85.27 48.29
N THR MA 228 -3.38 85.93 48.21
CA THR MA 228 -2.30 85.48 47.30
C THR MA 228 -0.98 85.44 48.07
N ASP MA 229 -0.19 84.39 47.86
CA ASP MA 229 1.13 84.27 48.53
C ASP MA 229 2.13 85.26 47.89
N VAL MA 230 3.38 85.23 48.35
CA VAL MA 230 4.42 86.17 47.85
C VAL MA 230 4.66 86.00 46.35
N ALA MA 231 4.62 87.10 45.60
CA ALA MA 231 4.83 87.08 44.17
C ALA MA 231 5.71 88.26 43.79
N ILE MA 232 6.43 88.12 42.68
CA ILE MA 232 7.29 89.18 42.19
C ILE MA 232 6.64 89.79 40.95
N GLY MA 233 6.48 91.12 40.96
CA GLY MA 233 5.83 91.82 39.88
C GLY MA 233 6.71 92.93 39.31
N TYR MA 234 6.37 93.35 38.10
CA TYR MA 234 7.15 94.32 37.34
C TYR MA 234 6.46 95.67 37.34
N ALA MA 235 7.19 96.73 37.71
CA ALA MA 235 6.60 98.08 37.75
C ALA MA 235 6.99 98.86 36.49
N SER MA 236 8.28 99.19 36.36
CA SER MA 236 8.77 99.98 35.23
C SER MA 236 10.27 99.75 35.06
N HIS MA 237 10.84 100.27 33.96
CA HIS MA 237 12.28 100.06 33.67
C HIS MA 237 12.89 101.22 32.89
N ASP MA 238 14.19 101.40 32.99
CA ASP MA 238 14.90 102.44 32.19
C ASP MA 238 16.10 101.74 31.55
N THR MA 239 17.07 102.50 31.04
CA THR MA 239 18.26 101.89 30.39
C THR MA 239 19.12 101.19 31.43
N ASP MA 240 19.11 101.67 32.67
CA ASP MA 240 20.03 101.11 33.65
C ASP MA 240 19.40 100.14 34.63
N THR MA 241 18.12 100.32 34.98
CA THR MA 241 17.55 99.60 36.10
C THR MA 241 16.17 99.07 35.76
N VAL MA 242 15.76 98.06 36.50
CA VAL MA 242 14.41 97.52 36.47
C VAL MA 242 13.80 97.67 37.85
N ARG MA 243 12.66 98.34 37.94
CA ARG MA 243 11.90 98.43 39.18
C ARG MA 243 10.91 97.27 39.24
N LEU MA 244 11.02 96.47 40.30
CA LEU MA 244 10.09 95.39 40.52
C LEU MA 244 9.53 95.52 41.92
N TYR MA 245 8.71 94.56 42.36
CA TYR MA 245 8.19 94.57 43.70
C TYR MA 245 7.92 93.15 44.17
N LEU MA 246 7.91 92.98 45.48
CA LEU MA 246 7.41 91.80 46.14
C LEU MA 246 6.03 92.12 46.68
N GLN MA 247 5.10 91.19 46.59
CA GLN MA 247 3.73 91.52 46.93
C GLN MA 247 3.04 90.31 47.53
N GLU MA 248 2.28 90.55 48.59
CA GLU MA 248 1.46 89.50 49.18
C GLU MA 248 0.25 90.14 49.84
N THR MA 249 -0.87 89.43 49.83
CA THR MA 249 -2.09 89.95 50.46
C THR MA 249 -2.63 88.96 51.49
N LEU MA 250 -2.93 89.48 52.68
CA LEU MA 250 -3.20 88.62 53.82
C LEU MA 250 -4.01 89.35 54.88
N THR MA 251 -4.55 88.56 55.81
CA THR MA 251 -4.99 89.05 57.11
C THR MA 251 -4.62 88.00 58.14
N PHE MA 252 -4.67 88.38 59.42
CA PHE MA 252 -4.36 87.45 60.49
C PHE MA 252 -5.47 87.46 61.53
N LEU MA 253 -5.84 86.28 61.99
CA LEU MA 253 -6.90 86.10 62.97
C LEU MA 253 -6.34 85.31 64.15
N CYS MA 254 -6.65 85.74 65.36
CA CYS MA 254 -6.36 84.96 66.56
C CYS MA 254 -7.69 84.53 67.17
N TYR MA 255 -7.95 83.23 67.15
CA TYR MA 255 -9.21 82.70 67.67
C TYR MA 255 -9.16 82.42 69.17
N THR MA 256 -7.98 82.15 69.71
CA THR MA 256 -7.83 81.65 71.08
C THR MA 256 -6.96 82.63 71.86
N ALA MA 257 -7.57 83.37 72.79
CA ALA MA 257 -6.87 84.44 73.48
C ALA MA 257 -5.85 83.92 74.49
N GLU MA 258 -6.06 82.73 75.03
CA GLU MA 258 -5.24 82.25 76.13
C GLU MA 258 -4.14 81.30 75.68
N ALA MA 259 -3.88 81.23 74.37
CA ALA MA 259 -2.91 80.29 73.84
C ALA MA 259 -1.50 80.86 73.73
N SER MA 260 -1.23 82.01 74.34
CA SER MA 260 0.08 82.64 74.16
C SER MA 260 0.43 83.53 75.35
N VAL MA 261 1.74 83.69 75.57
CA VAL MA 261 2.30 84.64 76.52
C VAL MA 261 3.31 85.52 75.79
N ALA MA 262 3.16 86.83 75.94
CA ALA MA 262 4.08 87.82 75.39
C ALA MA 262 5.03 88.31 76.47
N LEU MA 263 6.27 88.54 76.05
CA LEU MA 263 7.29 89.01 76.98
C LEU MA 263 7.90 90.27 76.39
N SER MA 264 8.30 91.20 77.24
CA SER MA 264 8.88 92.46 76.80
C SER MA 264 10.09 92.78 77.66
N HIS MA 265 10.82 93.81 77.27
CA HIS MA 265 12.00 94.25 78.00
C HIS MA 265 11.66 95.32 79.01
N MET NA 1 62.39 52.57 35.77
CA MET NA 1 63.80 52.26 35.65
C MET NA 1 64.43 51.82 36.95
N ASN NA 2 65.71 51.46 36.91
CA ASN NA 2 66.42 51.01 38.12
C ASN NA 2 67.64 51.88 38.44
N ASN NA 3 68.56 51.36 39.24
CA ASN NA 3 69.75 52.13 39.60
C ASN NA 3 70.77 52.24 38.46
N LEU NA 4 70.76 51.31 37.51
CA LEU NA 4 71.61 51.45 36.32
C LEU NA 4 71.29 52.67 35.46
N TYR NA 5 70.04 53.16 35.52
CA TYR NA 5 69.62 54.31 34.71
C TYR NA 5 70.05 54.13 33.25
N ARG NA 6 69.79 52.93 32.73
CA ARG NA 6 70.35 52.52 31.46
C ARG NA 6 69.71 53.27 30.28
N ASP NA 7 68.41 53.56 30.38
CA ASP NA 7 67.73 54.27 29.31
C ASP NA 7 68.13 55.73 29.22
N LEU NA 8 68.78 56.28 30.24
CA LEU NA 8 69.26 57.65 30.16
C LEU NA 8 70.58 57.76 29.41
N ALA NA 9 71.27 56.66 29.19
CA ALA NA 9 72.55 56.71 28.50
C ALA NA 9 72.35 56.93 27.01
N PRO NA 10 73.15 57.80 26.38
CA PRO NA 10 73.07 57.96 24.91
C PRO NA 10 73.81 56.86 24.18
N VAL NA 11 73.29 55.64 24.30
CA VAL NA 11 73.88 54.44 23.74
C VAL NA 11 72.77 53.74 22.98
N THR NA 12 73.05 53.39 21.72
CA THR NA 12 72.04 52.73 20.92
C THR NA 12 71.92 51.26 21.32
N GLU NA 13 70.88 50.61 20.81
CA GLU NA 13 70.61 49.22 21.16
C GLU NA 13 71.69 48.28 20.63
N ALA NA 14 72.15 48.51 19.40
CA ALA NA 14 73.21 47.69 18.83
C ALA NA 14 74.54 47.90 19.55
N ALA NA 15 74.83 49.16 19.89
CA ALA NA 15 76.02 49.46 20.69
C ALA NA 15 75.93 48.82 22.07
N TRP NA 16 74.73 48.81 22.67
CA TRP NA 16 74.54 48.15 23.96
C TRP NA 16 74.81 46.65 23.87
N ALA NA 17 74.33 46.01 22.80
CA ALA NA 17 74.56 44.59 22.62
C ALA NA 17 76.05 44.28 22.45
N GLU NA 18 76.77 45.13 21.70
CA GLU NA 18 78.20 44.93 21.55
C GLU NA 18 78.95 45.14 22.87
N ILE NA 19 78.56 46.13 23.67
CA ILE NA 19 79.20 46.38 24.96
C ILE NA 19 78.94 45.24 25.93
N GLU NA 20 77.71 44.73 25.97
CA GLU NA 20 77.37 43.60 26.85
C GLU NA 20 78.16 42.36 26.46
N LEU NA 21 78.26 42.09 25.15
CA LEU NA 21 79.01 40.94 24.67
C LEU NA 21 80.48 41.04 25.02
N GLU NA 22 81.08 42.22 24.81
CA GLU NA 22 82.50 42.42 25.10
C GLU NA 22 82.80 42.28 26.58
N ALA NA 23 81.96 42.86 27.43
CA ALA NA 23 82.16 42.80 28.87
C ALA NA 23 81.99 41.38 29.40
N ALA NA 24 80.95 40.68 28.95
CA ALA NA 24 80.71 39.31 29.40
C ALA NA 24 81.83 38.38 28.96
N ARG NA 25 82.28 38.53 27.72
CA ARG NA 25 83.37 37.70 27.21
C ARG NA 25 84.66 37.92 27.98
N THR NA 26 85.07 39.17 28.13
CA THR NA 26 86.35 39.46 28.78
C THR NA 26 86.33 39.04 30.25
N PHE NA 27 85.19 39.21 30.91
CA PHE NA 27 85.03 38.79 32.30
C PHE NA 27 85.18 37.27 32.50
N LYS NA 28 84.43 36.47 31.75
CA LYS NA 28 84.53 35.02 31.87
C LYS NA 28 85.96 34.52 31.66
N ARG NA 29 86.63 35.02 30.64
CA ARG NA 29 87.99 34.62 30.35
C ARG NA 29 88.90 34.86 31.52
N HIS NA 30 88.67 35.93 32.24
CA HIS NA 30 89.60 36.27 33.35
C HIS NA 30 89.08 35.78 34.70
N ILE NA 31 87.92 35.12 34.74
CA ILE NA 31 87.53 34.56 36.03
C ILE NA 31 88.03 33.14 36.18
N ALA NA 32 88.76 32.88 37.27
CA ALA NA 32 89.12 31.52 37.66
C ALA NA 32 88.34 31.07 38.89
N GLY NA 33 87.91 32.03 39.71
CA GLY NA 33 87.33 31.70 41.01
C GLY NA 33 85.97 31.01 40.92
N ARG NA 34 85.14 31.44 39.97
CA ARG NA 34 83.80 30.86 39.86
C ARG NA 34 83.82 29.44 39.31
N ARG NA 35 84.91 29.03 38.68
CA ARG NA 35 85.03 27.67 38.18
C ARG NA 35 85.23 26.66 39.29
N VAL NA 36 85.69 27.08 40.47
CA VAL NA 36 86.01 26.15 41.54
C VAL NA 36 85.13 26.33 42.77
N VAL NA 37 84.53 27.48 43.01
CA VAL NA 37 83.76 27.70 44.22
C VAL NA 37 82.28 27.54 43.90
N ASP NA 38 81.49 27.32 44.93
CA ASP NA 38 80.05 27.32 44.78
C ASP NA 38 79.57 28.76 44.65
N VAL NA 39 78.76 29.02 43.63
CA VAL NA 39 78.24 30.34 43.35
C VAL NA 39 76.75 30.31 43.56
N SER NA 40 76.28 31.17 44.46
CA SER NA 40 74.87 31.21 44.80
C SER NA 40 74.08 31.91 43.71
N ASP NA 41 72.76 31.77 43.79
CA ASP NA 41 71.90 32.61 42.99
C ASP NA 41 71.97 34.05 43.50
N PRO NA 42 71.74 35.04 42.65
CA PRO NA 42 71.67 36.43 43.13
C PRO NA 42 70.55 36.66 44.12
N GLY NA 43 70.90 37.18 45.29
CA GLY NA 43 69.92 37.48 46.31
C GLY NA 43 68.98 38.59 45.91
N GLY NA 44 69.52 39.59 45.23
CA GLY NA 44 68.72 40.72 44.85
C GLY NA 44 69.31 41.99 45.44
N PRO NA 45 68.76 43.15 45.04
CA PRO NA 45 69.31 44.42 45.52
C PRO NA 45 69.16 44.65 47.02
N VAL NA 46 68.14 44.06 47.64
CA VAL NA 46 67.86 44.37 49.04
C VAL NA 46 68.78 43.57 49.95
N THR NA 47 69.41 42.52 49.43
CA THR NA 47 70.25 41.63 50.22
C THR NA 47 71.51 42.36 50.67
N ALA NA 48 71.78 42.33 51.97
CA ALA NA 48 72.84 43.16 52.52
C ALA NA 48 73.87 42.36 53.30
N ALA NA 49 73.47 41.22 53.84
CA ALA NA 49 74.36 40.43 54.69
C ALA NA 49 73.99 38.96 54.58
N VAL NA 50 74.97 38.13 54.91
CA VAL NA 50 74.79 36.68 54.95
C VAL NA 50 74.94 36.23 56.39
N SER NA 51 73.94 35.50 56.87
CA SER NA 51 74.02 34.95 58.23
C SER NA 51 75.06 33.85 58.31
N THR NA 52 75.90 33.91 59.33
CA THR NA 52 76.85 32.86 59.60
C THR NA 52 76.32 31.83 60.59
N GLY NA 53 75.25 32.20 61.32
CA GLY NA 53 74.63 31.27 62.28
C GLY NA 53 75.35 31.28 63.61
N ARG NA 54 76.35 32.14 63.80
CA ARG NA 54 77.04 32.22 65.11
C ARG NA 54 76.41 33.28 66.02
N LEU NA 55 76.86 33.38 67.27
CA LEU NA 55 76.26 34.33 68.26
C LEU NA 55 77.37 35.12 68.95
N ILE NA 56 77.12 36.39 69.26
CA ILE NA 56 78.12 37.24 69.91
C ILE NA 56 77.62 37.73 71.26
N ASP NA 57 78.34 37.41 72.32
CA ASP NA 57 77.94 37.84 73.67
C ASP NA 57 77.93 39.34 73.83
N VAL NA 58 76.80 39.89 74.25
CA VAL NA 58 76.73 41.34 74.52
C VAL NA 58 76.36 41.63 75.97
N LYS NA 59 76.73 42.82 76.45
CA LYS NA 59 76.44 43.20 77.83
C LYS NA 59 74.97 43.08 78.15
N ALA NA 60 74.62 42.19 79.09
CA ALA NA 60 73.21 41.97 79.48
C ALA NA 60 72.39 43.25 79.61
N PRO NA 61 71.24 43.31 78.90
CA PRO NA 61 70.37 44.49 78.99
C PRO NA 61 69.95 44.72 80.41
N THR NA 62 69.37 43.71 81.04
CA THR NA 62 68.98 43.82 82.45
C THR NA 62 69.35 42.55 83.21
N ASN NA 63 68.98 42.50 84.48
CA ASN NA 63 69.27 41.34 85.32
C ASN NA 63 68.47 40.13 84.85
N GLY NA 64 69.12 38.99 84.72
CA GLY NA 64 68.43 37.78 84.30
C GLY NA 64 68.15 37.69 82.82
N VAL NA 65 68.67 38.64 82.04
CA VAL NA 65 68.47 38.59 80.61
C VAL NA 65 69.78 38.23 79.96
N ILE NA 66 69.75 37.29 79.04
CA ILE NA 66 70.94 36.88 78.35
C ILE NA 66 70.77 37.28 76.92
N ALA NA 67 71.67 38.11 76.43
CA ALA NA 67 71.55 38.63 75.08
C ALA NA 67 72.68 38.22 74.18
N HIS NA 68 72.34 37.95 72.93
CA HIS NA 68 73.36 37.61 71.97
C HIS NA 68 73.08 38.25 70.63
N LEU NA 69 74.09 38.83 70.03
CA LEU NA 69 73.94 39.37 68.69
C LEU NA 69 74.15 38.28 67.65
N ARG NA 70 73.32 38.29 66.62
CA ARG NA 70 73.54 37.40 65.50
C ARG NA 70 74.71 37.90 64.66
N ALA NA 71 75.64 37.01 64.35
CA ALA NA 71 76.77 37.34 63.49
C ALA NA 71 76.38 37.26 62.03
N SER NA 72 77.01 38.10 61.21
CA SER NA 72 76.75 38.10 59.78
C SER NA 72 77.96 38.66 59.05
N LYS NA 73 77.95 38.49 57.74
CA LYS NA 73 78.98 39.01 56.85
C LYS NA 73 78.36 40.02 55.91
N PRO NA 74 78.89 41.24 55.83
CA PRO NA 74 78.33 42.23 54.90
C PRO NA 74 78.75 41.97 53.47
N LEU NA 75 77.84 42.25 52.54
CA LEU NA 75 78.21 42.32 51.13
C LEU NA 75 79.02 43.58 50.86
N VAL NA 76 79.85 43.52 49.84
CA VAL NA 76 80.56 44.69 49.34
C VAL NA 76 80.14 44.90 47.89
N ARG NA 77 79.84 46.15 47.54
CA ARG NA 77 79.56 46.51 46.17
C ARG NA 77 80.83 47.06 45.53
N LEU NA 78 81.21 46.48 44.41
CA LEU NA 78 82.44 46.78 43.71
C LEU NA 78 82.05 47.41 42.38
N ARG NA 79 82.56 48.62 42.15
CA ARG NA 79 82.22 49.40 40.97
C ARG NA 79 83.50 49.83 40.26
N VAL NA 80 83.56 49.56 38.97
CA VAL NA 80 84.67 49.97 38.12
C VAL NA 80 84.12 50.89 37.04
N PRO NA 81 84.34 52.20 37.17
CA PRO NA 81 83.92 53.12 36.10
C PRO NA 81 84.83 53.02 34.88
N PHE NA 82 84.25 53.32 33.72
CA PHE NA 82 85.00 53.38 32.48
C PHE NA 82 84.33 54.38 31.54
N THR NA 83 85.08 54.80 30.53
CA THR NA 83 84.70 55.91 29.68
C THR NA 83 84.74 55.49 28.22
N LEU NA 84 83.64 55.71 27.50
CA LEU NA 84 83.54 55.34 26.10
C LEU NA 84 83.45 56.57 25.22
N SER NA 85 84.12 56.53 24.08
CA SER NA 85 83.96 57.54 23.04
C SER NA 85 82.59 57.43 22.41
N ARG NA 86 81.91 58.56 22.24
CA ARG NA 86 80.59 58.56 21.63
C ARG NA 86 80.67 58.35 20.11
N ASN NA 87 81.80 58.69 19.50
CA ASN NA 87 82.02 58.40 18.09
C ASN NA 87 82.04 56.90 17.83
N GLU NA 88 82.73 56.14 18.71
CA GLU NA 88 82.75 54.69 18.60
C GLU NA 88 81.36 54.08 18.79
N ILE NA 89 80.57 54.68 19.68
CA ILE NA 89 79.19 54.22 19.88
C ILE NA 89 78.35 54.50 18.64
N ASP NA 90 78.49 55.68 18.05
CA ASP NA 90 77.76 56.03 16.84
C ASP NA 90 78.18 55.21 15.63
N ASP NA 91 79.42 54.72 15.61
CA ASP NA 91 79.91 53.89 14.51
C ASP NA 91 79.15 52.58 14.38
N VAL NA 92 78.58 52.07 15.47
CA VAL NA 92 78.01 50.73 15.48
C VAL NA 92 76.76 50.65 14.62
N GLU NA 93 75.91 51.67 14.66
CA GLU NA 93 74.68 51.62 13.85
C GLU NA 93 75.03 51.75 12.36
N ARG NA 94 76.08 52.51 12.03
CA ARG NA 94 76.51 52.61 10.65
C ARG NA 94 77.13 51.31 10.13
N GLY NA 95 77.38 50.33 10.98
CA GLY NA 95 77.89 49.05 10.55
C GLY NA 95 79.34 48.78 10.83
N SER NA 96 80.00 49.61 11.65
CA SER NA 96 81.37 49.33 12.05
C SER NA 96 81.41 48.10 12.95
N LYS NA 97 82.48 47.32 12.79
CA LYS NA 97 82.69 46.13 13.60
C LYS NA 97 84.02 46.15 14.31
N ASP NA 98 84.69 47.31 14.32
CA ASP NA 98 85.95 47.45 15.04
C ASP NA 98 85.92 48.61 16.02
N SER NA 99 84.74 48.90 16.58
CA SER NA 99 84.59 49.99 17.53
C SER NA 99 85.43 49.71 18.77
N ASP NA 100 86.06 50.78 19.28
CA ASP NA 100 87.04 50.66 20.35
C ASP NA 100 86.38 50.33 21.68
N TRP NA 101 86.37 49.06 22.04
CA TRP NA 101 85.78 48.65 23.32
C TRP NA 101 86.88 48.32 24.30
N GLU NA 102 88.06 48.90 24.12
CA GLU NA 102 89.15 48.69 25.06
C GLU NA 102 88.82 49.11 26.52
N PRO NA 103 88.12 50.25 26.72
CA PRO NA 103 87.81 50.57 28.12
C PRO NA 103 86.88 49.53 28.72
N VAL NA 104 85.91 49.03 27.96
CA VAL NA 104 85.05 47.96 28.46
C VAL NA 104 85.87 46.74 28.85
N LYS NA 105 86.85 46.39 28.01
CA LYS NA 105 87.70 45.23 28.29
C LYS NA 105 88.59 45.47 29.50
N GLU NA 106 89.11 46.68 29.66
CA GLU NA 106 89.92 47.00 30.83
C GLU NA 106 89.09 47.01 32.11
N ALA NA 107 87.85 47.50 32.03
CA ALA NA 107 86.98 47.48 33.20
C ALA NA 107 86.59 46.05 33.58
N ALA NA 108 86.30 45.20 32.59
CA ALA NA 108 85.97 43.82 32.87
C ALA NA 108 87.15 43.05 33.44
N LYS NA 109 88.35 43.31 32.91
CA LYS NA 109 89.54 42.68 33.44
C LYS NA 109 89.83 43.14 34.87
N LYS NA 110 89.60 44.42 35.15
CA LYS NA 110 89.86 44.93 36.49
C LYS NA 110 88.84 44.40 37.50
N LEU NA 111 87.57 44.33 37.09
CA LEU NA 111 86.52 43.77 37.97
C LEU NA 111 86.82 42.29 38.24
N ALA NA 112 87.15 41.53 37.20
CA ALA NA 112 87.49 40.12 37.38
C ALA NA 112 88.69 39.94 38.29
N PHE NA 113 89.70 40.81 38.15
CA PHE NA 113 90.87 40.74 39.01
C PHE NA 113 90.53 41.03 40.46
N VAL NA 114 89.67 42.02 40.69
CA VAL NA 114 89.25 42.32 42.05
C VAL NA 114 88.52 41.12 42.64
N GLU NA 115 87.54 40.58 41.91
CA GLU NA 115 86.76 39.46 42.44
C GLU NA 115 87.64 38.26 42.76
N ASP NA 116 88.58 37.92 41.88
CA ASP NA 116 89.45 36.78 42.11
C ASP NA 116 90.42 37.03 43.26
N ARG NA 117 90.96 38.25 43.35
CA ARG NA 117 91.87 38.56 44.46
C ARG NA 117 91.13 38.64 45.78
N THR NA 118 89.84 38.99 45.75
CA THR NA 118 89.04 38.97 46.95
C THR NA 118 88.77 37.54 47.41
N ILE NA 119 88.44 36.65 46.48
CA ILE NA 119 88.20 35.25 46.83
C ILE NA 119 89.47 34.59 47.36
N PHE NA 120 90.60 34.81 46.72
CA PHE NA 120 91.79 34.04 47.07
C PHE NA 120 92.72 34.72 48.05
N GLU NA 121 92.75 36.05 48.10
CA GLU NA 121 93.65 36.76 49.00
C GLU NA 121 92.91 37.58 50.06
N GLY NA 122 91.59 37.60 49.99
CA GLY NA 122 90.83 38.36 50.92
C GLY NA 122 90.76 39.85 50.79
N TYR NA 123 89.82 40.46 51.50
CA TYR NA 123 89.66 41.89 51.47
C TYR NA 123 89.30 42.17 52.90
N SER NA 124 90.29 42.51 53.71
CA SER NA 124 90.06 42.73 55.13
C SER NA 124 89.04 43.81 55.48
N ALA NA 125 89.02 44.90 54.74
CA ALA NA 125 88.08 45.99 54.99
C ALA NA 125 86.63 45.52 54.82
N ALA NA 126 86.41 44.54 53.94
CA ALA NA 126 85.10 43.94 53.78
C ALA NA 126 84.88 42.71 54.63
N SER NA 127 85.79 42.46 55.58
CA SER NA 127 85.76 41.31 56.50
C SER NA 127 85.74 39.98 55.76
N ILE NA 128 86.48 39.89 54.67
CA ILE NA 128 86.58 38.68 53.87
C ILE NA 128 87.97 38.12 54.05
N GLU NA 129 88.05 36.90 54.56
CA GLU NA 129 89.31 36.19 54.66
C GLU NA 129 89.52 35.40 53.38
N GLY NA 130 90.72 35.50 52.81
CA GLY NA 130 91.01 34.76 51.60
C GLY NA 130 91.17 33.28 51.86
N ILE NA 131 91.18 32.52 50.77
CA ILE NA 131 91.46 31.09 50.83
C ILE NA 131 92.87 30.84 51.34
N ARG NA 132 93.82 31.70 50.95
CA ARG NA 132 95.20 31.57 51.44
C ARG NA 132 95.29 31.78 52.94
N SER NA 133 94.58 32.76 53.48
CA SER NA 133 94.62 33.01 54.91
C SER NA 133 93.80 31.99 55.69
N ALA NA 134 92.68 31.52 55.14
CA ALA NA 134 91.82 30.58 55.84
C ALA NA 134 92.26 29.13 55.72
N SER NA 135 93.30 28.85 54.95
CA SER NA 135 93.76 27.48 54.80
C SER NA 135 94.51 27.04 56.06
N SER NA 136 94.18 25.85 56.56
CA SER NA 136 94.89 25.28 57.69
C SER NA 136 96.04 24.37 57.27
N ASN NA 137 96.10 23.96 56.01
CA ASN NA 137 97.22 23.17 55.52
C ASN NA 137 98.46 24.04 55.40
N PRO NA 138 99.65 23.46 55.53
CA PRO NA 138 100.88 24.26 55.45
C PRO NA 138 101.09 24.87 54.07
N ALA NA 139 101.72 26.03 54.07
CA ALA NA 139 102.03 26.73 52.83
C ALA NA 139 103.34 26.20 52.26
N LEU NA 140 103.42 26.17 50.94
CA LEU NA 140 104.58 25.65 50.24
C LEU NA 140 105.24 26.74 49.42
N THR NA 141 106.51 26.56 49.14
CA THR NA 141 107.28 27.51 48.34
C THR NA 141 107.46 26.96 46.94
N LEU NA 142 107.10 27.75 45.93
CA LEU NA 142 107.30 27.34 44.55
C LEU NA 142 108.75 27.53 44.18
N PRO NA 143 109.35 26.52 43.54
CA PRO NA 143 110.77 26.61 43.18
C PRO NA 143 111.03 27.52 41.98
N GLU NA 144 112.29 27.91 41.80
CA GLU NA 144 112.62 28.77 40.67
C GLU NA 144 112.55 28.03 39.34
N ASP NA 145 113.05 26.81 39.31
CA ASP NA 145 113.05 26.01 38.09
C ASP NA 145 111.65 25.50 37.83
N PRO NA 146 111.06 25.78 36.66
CA PRO NA 146 109.73 25.23 36.34
C PRO NA 146 109.68 23.72 36.26
N ARG NA 147 110.79 23.05 35.94
CA ARG NA 147 110.82 21.60 35.92
C ARG NA 147 110.64 20.99 37.30
N GLU NA 148 110.89 21.76 38.35
CA GLU NA 148 110.63 21.35 39.72
C GLU NA 148 109.25 21.79 40.22
N ILE NA 149 108.44 22.40 39.39
CA ILE NA 149 107.07 22.74 39.82
C ILE NA 149 106.21 21.50 40.11
N PRO NA 150 106.12 20.53 39.17
CA PRO NA 150 105.24 19.39 39.46
C PRO NA 150 105.58 18.64 40.76
N ASP NA 151 106.84 18.65 41.18
CA ASP NA 151 107.20 17.99 42.43
C ASP NA 151 106.49 18.65 43.60
N VAL NA 152 106.68 19.96 43.77
CA VAL NA 152 106.06 20.68 44.88
C VAL NA 152 104.54 20.58 44.83
N ILE NA 153 103.95 20.73 43.65
CA ILE NA 153 102.51 20.55 43.49
C ILE NA 153 102.07 19.20 44.04
N SER NA 154 102.83 18.15 43.74
CA SER NA 154 102.51 16.79 44.26
C SER NA 154 102.58 16.76 45.80
N GLN NA 155 103.49 17.52 46.41
CA GLN NA 155 103.53 17.62 47.86
C GLN NA 155 102.27 18.27 48.41
N ALA NA 156 101.74 19.26 47.68
CA ALA NA 156 100.45 19.83 48.03
C ALA NA 156 99.34 18.80 47.92
N LEU NA 157 99.41 17.93 46.91
CA LEU NA 157 98.45 16.85 46.80
C LEU NA 157 98.61 15.84 47.92
N SER NA 158 99.80 15.77 48.53
CA SER NA 158 99.95 14.94 49.72
C SER NA 158 99.17 15.53 50.89
N GLU NA 159 99.18 16.87 51.02
CA GLU NA 159 98.63 17.51 52.21
C GLU NA 159 97.12 17.38 52.27
N LEU NA 160 96.43 17.62 51.14
CA LEU NA 160 95.00 17.33 51.05
C LEU NA 160 94.70 15.86 51.27
N ARG NA 161 95.64 14.97 50.95
CA ARG NA 161 95.42 13.57 51.27
C ARG NA 161 95.62 13.32 52.76
N LEU NA 162 96.55 14.04 53.39
CA LEU NA 162 96.74 13.93 54.83
C LEU NA 162 95.66 14.65 55.59
N ALA NA 163 94.93 15.56 54.95
CA ALA NA 163 93.82 16.25 55.58
C ALA NA 163 92.53 15.43 55.53
N GLY NA 164 92.54 14.27 54.87
CA GLY NA 164 91.33 13.48 54.71
C GLY NA 164 90.31 14.19 53.85
N VAL NA 165 90.62 14.36 52.56
CA VAL NA 165 89.72 15.08 51.67
C VAL NA 165 89.58 14.35 50.34
N ASP NA 166 88.36 14.22 49.83
CA ASP NA 166 88.12 13.57 48.55
C ASP NA 166 87.81 14.60 47.47
N GLY NA 167 87.32 14.14 46.32
CA GLY NA 167 86.92 15.06 45.26
C GLY NA 167 87.96 15.37 44.20
N PRO NA 168 87.51 15.92 43.05
CA PRO NA 168 88.43 16.25 41.97
C PRO NA 168 89.29 17.42 42.46
N TYR NA 169 90.60 17.28 42.47
CA TYR NA 169 91.43 18.41 42.88
C TYR NA 169 91.75 19.34 41.69
N SER NA 170 91.81 20.65 41.94
CA SER NA 170 92.12 21.49 40.78
C SER NA 170 93.28 22.44 41.11
N VAL NA 171 94.14 22.72 40.14
CA VAL NA 171 95.30 23.56 40.38
C VAL NA 171 95.09 24.88 39.66
N LEU NA 172 95.23 25.97 40.41
CA LEU NA 172 95.11 27.29 39.84
C LEU NA 172 96.47 27.93 39.92
N LEU NA 173 96.93 28.53 38.83
CA LEU NA 173 98.27 29.10 38.77
C LEU NA 173 98.18 30.58 38.49
N SER NA 174 99.14 31.33 39.04
CA SER NA 174 99.29 32.71 38.65
C SER NA 174 99.80 32.78 37.22
N ALA NA 175 99.66 33.97 36.61
CA ALA NA 175 100.03 34.17 35.21
C ALA NA 175 101.52 33.96 34.98
N ASP NA 176 102.35 34.36 35.95
CA ASP NA 176 103.78 34.08 35.87
C ASP NA 176 104.07 32.60 35.90
N VAL NA 177 103.42 31.87 36.81
CA VAL NA 177 103.64 30.44 36.95
C VAL NA 177 103.05 29.68 35.77
N TYR NA 178 101.88 30.12 35.30
CA TYR NA 178 101.26 29.51 34.12
C TYR NA 178 102.10 29.68 32.88
N THR NA 179 102.68 30.88 32.71
CA THR NA 179 103.59 31.13 31.60
C THR NA 179 104.86 30.27 31.71
N LYS NA 180 105.41 30.17 32.93
CA LYS NA 180 106.63 29.38 33.14
C LYS NA 180 106.40 27.90 32.85
N VAL NA 181 105.28 27.33 33.29
CA VAL NA 181 105.03 25.92 33.01
C VAL NA 181 104.47 25.69 31.63
N SER NA 182 104.05 26.76 30.94
CA SER NA 182 103.60 26.63 29.57
C SER NA 182 104.75 26.66 28.58
N GLU NA 183 105.76 27.50 28.83
CA GLU NA 183 106.82 27.73 27.86
C GLU NA 183 107.99 26.79 28.03
N THR NA 184 108.13 26.16 29.17
CA THR NA 184 109.16 25.16 29.38
C THR NA 184 108.60 23.80 28.99
N SER NA 185 109.39 23.02 28.26
CA SER NA 185 108.92 21.74 27.76
C SER NA 185 109.88 20.64 28.16
N ASP NA 186 109.33 19.44 28.34
CA ASP NA 186 110.12 18.24 28.64
C ASP NA 186 109.49 17.08 27.91
N HIS NA 187 110.28 16.45 27.03
CA HIS NA 187 109.91 15.24 26.27
C HIS NA 187 108.64 15.46 25.45
N GLY NA 188 108.59 16.57 24.73
CA GLY NA 188 107.52 16.82 23.81
C GLY NA 188 106.24 17.36 24.41
N TYR NA 189 106.23 17.63 25.71
CA TYR NA 189 105.08 18.25 26.36
C TYR NA 189 105.56 19.39 27.23
N PRO NA 190 104.78 20.46 27.33
CA PRO NA 190 105.07 21.47 28.35
C PRO NA 190 104.76 20.94 29.73
N ILE NA 191 105.30 21.64 30.75
CA ILE NA 191 105.14 21.22 32.13
C ILE NA 191 103.69 21.33 32.58
N ARG NA 192 102.89 22.16 31.90
CA ARG NA 192 101.45 22.24 32.15
C ARG NA 192 100.77 20.89 31.94
N GLU NA 193 101.20 20.13 30.93
CA GLU NA 193 100.67 18.79 30.72
C GLU NA 193 101.09 17.85 31.85
N HIS NA 194 102.32 18.00 32.35
CA HIS NA 194 102.77 17.23 33.51
C HIS NA 194 101.92 17.51 34.73
N LEU NA 195 101.53 18.77 34.92
CA LEU NA 195 100.58 19.11 35.99
C LEU NA 195 99.22 18.50 35.73
N ASN NA 196 98.79 18.45 34.47
CA ASN NA 196 97.51 17.88 34.11
C ASN NA 196 97.44 16.39 34.41
N ARG NA 197 98.58 15.69 34.34
CA ARG NA 197 98.57 14.27 34.66
C ARG NA 197 98.40 13.98 36.14
N LEU NA 198 98.81 14.91 37.01
CA LEU NA 198 98.72 14.71 38.48
C LEU NA 198 97.29 14.80 39.02
N VAL NA 199 96.41 15.55 38.37
CA VAL NA 199 95.06 15.77 38.97
C VAL NA 199 93.93 15.33 38.03
N ASP NA 200 92.75 15.12 38.60
CA ASP NA 200 91.57 14.71 37.80
C ASP NA 200 90.70 15.94 37.61
N GLY NA 201 91.20 17.11 38.04
CA GLY NA 201 90.47 18.36 37.86
C GLY NA 201 91.00 19.12 36.67
N ASP NA 202 91.42 20.37 36.85
CA ASP NA 202 91.83 21.17 35.67
C ASP NA 202 92.98 22.10 36.01
N ILE NA 203 93.92 22.28 35.09
CA ILE NA 203 94.94 23.34 35.32
C ILE NA 203 94.23 24.61 34.88
N ILE NA 204 94.09 25.56 35.78
CA ILE NA 204 93.28 26.75 35.54
C ILE NA 204 94.18 27.97 35.55
N TRP NA 205 94.12 28.76 34.48
CA TRP NA 205 94.83 30.02 34.42
C TRP NA 205 94.15 31.03 35.33
N ALA NA 206 94.89 31.58 36.28
CA ALA NA 206 94.36 32.53 37.27
C ALA NA 206 95.27 33.75 37.31
N PRO NA 207 95.10 34.68 36.37
CA PRO NA 207 96.04 35.81 36.26
C PRO NA 207 95.97 36.81 37.41
N ALA NA 208 94.94 36.79 38.24
CA ALA NA 208 94.88 37.78 39.31
C ALA NA 208 95.64 37.35 40.56
N ILE NA 209 95.72 36.05 40.83
CA ILE NA 209 96.29 35.54 42.08
C ILE NA 209 97.81 35.64 42.07
N ASP NA 210 98.42 35.47 43.24
CA ASP NA 210 99.84 35.22 43.39
C ASP NA 210 100.05 33.75 43.70
N GLY NA 211 101.23 33.26 43.31
CA GLY NA 211 101.58 31.88 43.59
C GLY NA 211 100.69 30.85 42.94
N ALA NA 212 100.24 29.89 43.73
CA ALA NA 212 99.41 28.83 43.19
C ALA NA 212 98.46 28.33 44.27
N PHE NA 213 97.41 27.66 43.84
CA PHE NA 213 96.44 27.11 44.80
C PHE NA 213 96.04 25.72 44.33
N VAL NA 214 96.07 24.74 45.22
CA VAL NA 214 95.56 23.40 44.86
C VAL NA 214 94.37 23.18 45.76
N LEU NA 215 93.26 22.69 45.22
CA LEU NA 215 92.08 22.59 46.09
C LEU NA 215 91.07 21.60 45.51
N THR NA 216 90.18 21.12 46.35
CA THR NA 216 89.14 20.19 45.95
C THR NA 216 87.90 20.92 45.45
N THR NA 217 87.25 20.33 44.46
CA THR NA 217 86.02 20.92 43.93
C THR NA 217 84.85 19.99 44.18
N ARG NA 218 84.89 19.29 45.31
CA ARG NA 218 83.82 18.37 45.65
C ARG NA 218 82.50 19.09 45.97
N GLY NA 219 82.57 20.36 46.34
CA GLY NA 219 81.37 21.09 46.65
C GLY NA 219 81.24 21.38 48.13
N GLY NA 220 80.55 22.46 48.45
CA GLY NA 220 80.23 22.78 49.82
C GLY NA 220 81.36 23.30 50.67
N ASP NA 221 82.51 23.61 50.09
CA ASP NA 221 83.64 24.07 50.88
C ASP NA 221 83.86 25.57 50.75
N PHE NA 222 83.60 26.11 49.56
CA PHE NA 222 83.89 27.49 49.23
C PHE NA 222 82.62 28.08 48.62
N ASP NA 223 82.17 29.22 49.13
CA ASP NA 223 80.86 29.73 48.76
C ASP NA 223 80.98 31.21 48.43
N LEU NA 224 80.68 31.58 47.19
CA LEU NA 224 80.61 32.97 46.78
C LEU NA 224 79.14 33.39 46.79
N GLN NA 225 78.83 34.39 47.61
CA GLN NA 225 77.45 34.88 47.71
C GLN NA 225 77.30 36.17 46.92
N LEU NA 226 76.38 36.13 45.99
CA LEU NA 226 76.10 37.30 45.18
C LEU NA 226 74.80 37.94 45.51
N GLY NA 227 74.79 39.24 45.74
CA GLY NA 227 73.51 39.91 45.89
C GLY NA 227 73.05 40.15 44.47
N THR NA 228 73.89 40.83 43.70
CA THR NA 228 73.60 41.06 42.27
C THR NA 228 74.84 40.71 41.45
N ASP NA 229 74.65 40.03 40.32
CA ASP NA 229 75.78 39.67 39.44
C ASP NA 229 76.28 40.91 38.69
N VAL NA 230 77.26 40.73 37.80
CA VAL NA 230 77.86 41.88 37.06
C VAL NA 230 76.82 42.59 36.19
N ALA NA 231 76.73 43.91 36.32
CA ALA NA 231 75.80 44.71 35.55
C ALA NA 231 76.50 45.96 35.07
N ILE NA 232 76.01 46.53 33.97
CA ILE NA 232 76.57 47.76 33.43
C ILE NA 232 75.60 48.90 33.70
N GLY NA 233 76.09 49.97 34.31
CA GLY NA 233 75.27 51.10 34.67
C GLY NA 233 75.80 52.40 34.09
N TYR NA 234 74.92 53.40 34.03
CA TYR NA 234 75.22 54.68 33.42
C TYR NA 234 75.44 55.76 34.48
N ALA NA 235 76.56 56.48 34.39
CA ALA NA 235 76.86 57.52 35.39
C ALA NA 235 76.50 58.90 34.82
N SER NA 236 77.22 59.35 33.80
CA SER NA 236 77.01 60.67 33.21
C SER NA 236 77.58 60.70 31.79
N HIS NA 237 77.30 61.78 31.05
CA HIS NA 237 77.76 61.89 29.64
C HIS NA 237 78.03 63.33 29.23
N ASP NA 238 78.87 63.55 28.22
CA ASP NA 238 79.10 64.91 27.68
C ASP NA 238 78.98 64.78 26.16
N THR NA 239 79.46 65.76 25.41
CA THR NA 239 79.34 65.72 23.92
C THR NA 239 80.25 64.63 23.37
N ASP NA 240 81.35 64.35 24.04
CA ASP NA 240 82.31 63.42 23.45
C ASP NA 240 82.26 62.02 24.05
N THR NA 241 81.92 61.86 25.32
CA THR NA 241 82.12 60.60 26.01
C THR NA 241 80.91 60.24 26.86
N VAL NA 242 80.79 58.95 27.13
CA VAL NA 242 79.81 58.42 28.08
C VAL NA 242 80.57 57.71 29.19
N ARG NA 243 80.32 58.13 30.43
CA ARG NA 243 80.86 57.45 31.60
C ARG NA 243 79.87 56.37 32.05
N LEU NA 244 80.36 55.14 32.10
CA LEU NA 244 79.54 54.04 32.58
C LEU NA 244 80.33 53.32 33.68
N TYR NA 245 79.80 52.22 34.20
CA TYR NA 245 80.50 51.43 35.19
C TYR NA 245 80.07 49.98 35.10
N LEU NA 246 80.95 49.12 35.57
CA LEU NA 246 80.65 47.72 35.85
C LEU NA 246 80.46 47.58 37.34
N GLN NA 247 79.48 46.78 37.75
CA GLN NA 247 79.16 46.76 39.17
C GLN NA 247 78.70 45.37 39.56
N GLU NA 248 79.17 44.91 40.71
CA GLU NA 248 78.72 43.65 41.27
C GLU NA 248 78.83 43.71 42.79
N THR NA 249 77.93 43.04 43.49
CA THR NA 249 77.96 43.02 44.94
C THR NA 249 78.00 41.58 45.46
N LEU NA 250 78.92 41.33 46.39
CA LEU NA 250 79.25 39.95 46.77
C LEU NA 250 79.90 39.91 48.14
N THR NA 251 79.95 38.69 48.68
CA THR NA 251 80.88 38.34 49.76
C THR NA 251 81.37 36.93 49.47
N PHE NA 252 82.43 36.53 50.16
CA PHE NA 252 82.97 35.19 50.01
C PHE NA 252 83.14 34.53 51.37
N LEU NA 253 82.76 33.26 51.45
CA LEU NA 253 82.84 32.47 52.67
C LEU NA 253 83.64 31.21 52.39
N CYS NA 254 84.54 30.87 53.30
CA CYS NA 254 85.24 29.59 53.26
C CYS NA 254 84.80 28.78 54.47
N TYR NA 255 84.06 27.69 54.22
CA TYR NA 255 83.56 26.85 55.31
C TYR NA 255 84.55 25.81 55.77
N THR NA 256 85.45 25.37 54.89
CA THR NA 256 86.30 24.22 55.14
C THR NA 256 87.75 24.66 55.07
N ALA NA 257 88.43 24.70 56.21
CA ALA NA 257 89.77 25.26 56.27
C ALA NA 257 90.82 24.36 55.65
N GLU NA 258 90.58 23.05 55.61
CA GLU NA 258 91.61 22.12 55.19
C GLU NA 258 91.45 21.67 53.74
N ALA NA 259 90.61 22.36 52.98
CA ALA NA 259 90.32 21.96 51.60
C ALA NA 259 91.23 22.61 50.58
N SER NA 260 92.33 23.25 50.99
CA SER NA 260 93.17 23.96 50.04
C SER NA 260 94.60 24.07 50.54
N VAL NA 261 95.52 24.19 49.59
CA VAL NA 261 96.93 24.49 49.83
C VAL NA 261 97.32 25.71 49.00
N ALA NA 262 97.91 26.70 49.64
CA ALA NA 262 98.43 27.90 49.00
C ALA NA 262 99.94 27.78 48.80
N LEU NA 263 100.39 28.31 47.66
CA LEU NA 263 101.80 28.27 47.35
C LEU NA 263 102.26 29.68 47.03
N SER NA 264 103.49 30.01 47.38
CA SER NA 264 104.03 31.34 47.16
C SER NA 264 105.44 31.23 46.59
N HIS NA 265 105.98 32.37 46.18
CA HIS NA 265 107.33 32.42 45.64
C HIS NA 265 108.36 32.72 46.71
N MET OA 1 77.97 21.81 -24.48
CA MET OA 1 78.25 21.53 -25.89
C MET OA 1 79.17 20.34 -26.07
N ASN OA 2 79.43 19.97 -27.32
CA ASN OA 2 80.30 18.83 -27.63
C ASN OA 2 81.51 19.23 -28.49
N ASN OA 3 82.15 18.25 -29.12
CA ASN OA 3 83.32 18.55 -29.95
C ASN OA 3 82.95 19.24 -31.28
N LEU OA 4 81.73 19.08 -31.78
CA LEU OA 4 81.30 19.84 -32.95
C LEU OA 4 81.28 21.35 -32.73
N TYR OA 5 81.12 21.80 -31.49
CA TYR OA 5 81.04 23.24 -31.19
C TYR OA 5 80.06 23.95 -32.13
N ARG OA 6 78.89 23.33 -32.29
CA ARG OA 6 77.95 23.72 -33.34
C ARG OA 6 77.32 25.08 -33.04
N ASP OA 7 77.05 25.36 -31.76
CA ASP OA 7 76.43 26.63 -31.38
C ASP OA 7 77.37 27.81 -31.52
N LEU OA 8 78.67 27.57 -31.66
CA LEU OA 8 79.60 28.66 -31.89
C LEU OA 8 79.63 29.11 -33.34
N ALA OA 9 79.11 28.31 -34.26
CA ALA OA 9 79.15 28.65 -35.67
C ALA OA 9 78.13 29.75 -35.98
N PRO OA 10 78.50 30.75 -36.77
CA PRO OA 10 77.52 31.77 -37.20
C PRO OA 10 76.64 31.27 -38.34
N VAL OA 11 75.83 30.27 -38.04
CA VAL OA 11 74.95 29.62 -38.99
C VAL OA 11 73.56 29.62 -38.37
N THR OA 12 72.57 30.07 -39.11
CA THR OA 12 71.21 30.11 -38.60
C THR OA 12 70.61 28.71 -38.61
N GLU OA 13 69.46 28.59 -37.94
CA GLU OA 13 68.78 27.30 -37.82
C GLU OA 13 68.29 26.79 -39.17
N ALA OA 14 67.73 27.68 -39.99
CA ALA OA 14 67.25 27.28 -41.32
C ALA OA 14 68.41 26.91 -42.23
N ALA OA 15 69.50 27.67 -42.16
CA ALA OA 15 70.70 27.33 -42.91
C ALA OA 15 71.28 26.00 -42.45
N TRP OA 16 71.24 25.72 -41.13
CA TRP OA 16 71.70 24.44 -40.62
C TRP OA 16 70.86 23.29 -41.16
N ALA OA 17 69.54 23.46 -41.22
CA ALA OA 17 68.67 22.43 -41.75
C ALA OA 17 68.95 22.16 -43.23
N GLU OA 18 69.18 23.22 -44.00
CA GLU OA 18 69.53 23.04 -45.40
C GLU OA 18 70.88 22.35 -45.60
N ILE OA 19 71.88 22.69 -44.76
CA ILE OA 19 73.19 22.06 -44.86
C ILE OA 19 73.12 20.59 -44.48
N GLU OA 20 72.37 20.25 -43.41
CA GLU OA 20 72.21 18.86 -42.99
C GLU OA 20 71.51 18.05 -44.07
N LEU OA 21 70.46 18.61 -44.68
CA LEU OA 21 69.74 17.94 -45.74
C LEU OA 21 70.62 17.68 -46.95
N GLU OA 22 71.38 18.70 -47.37
CA GLU OA 22 72.26 18.56 -48.53
C GLU OA 22 73.35 17.53 -48.30
N ALA OA 23 73.98 17.55 -47.12
CA ALA OA 23 75.05 16.61 -46.81
C ALA OA 23 74.54 15.18 -46.71
N ALA OA 24 73.40 14.98 -46.03
CA ALA OA 24 72.82 13.64 -45.91
C ALA OA 24 72.40 13.08 -47.25
N ARG OA 25 71.78 13.91 -48.08
CA ARG OA 25 71.36 13.47 -49.40
C ARG OA 25 72.54 13.08 -50.28
N THR OA 26 73.53 13.94 -50.39
CA THR OA 26 74.66 13.67 -51.28
C THR OA 26 75.46 12.45 -50.80
N PHE OA 27 75.58 12.28 -49.49
CA PHE OA 27 76.27 11.12 -48.93
C PHE OA 27 75.59 9.79 -49.26
N LYS OA 28 74.30 9.67 -48.98
CA LYS OA 28 73.57 8.44 -49.29
C LYS OA 28 73.69 8.04 -50.76
N ARG OA 29 73.51 9.01 -51.66
CA ARG OA 29 73.61 8.75 -53.07
C ARG OA 29 74.94 8.16 -53.45
N HIS OA 30 75.98 8.59 -52.79
CA HIS OA 30 77.33 8.13 -53.18
C HIS OA 30 77.81 6.96 -52.31
N ILE OA 31 76.99 6.50 -51.36
CA ILE OA 31 77.44 5.32 -50.64
C ILE OA 31 76.91 4.05 -51.30
N ALA OA 32 77.83 3.13 -51.62
CA ALA OA 32 77.46 1.80 -52.05
C ALA OA 32 77.76 0.76 -50.98
N GLY OA 33 78.74 1.05 -50.12
CA GLY OA 33 79.25 0.07 -49.18
C GLY OA 33 78.26 -0.32 -48.09
N ARG OA 34 77.50 0.65 -47.58
CA ARG OA 34 76.56 0.38 -46.50
C ARG OA 34 75.36 -0.42 -46.97
N ARG OA 35 75.10 -0.45 -48.27
CA ARG OA 35 73.99 -1.25 -48.79
C ARG OA 35 74.26 -2.74 -48.75
N VAL OA 36 75.53 -3.14 -48.68
CA VAL OA 36 75.88 -4.55 -48.76
C VAL OA 36 76.52 -5.09 -47.48
N VAL OA 37 77.12 -4.26 -46.65
CA VAL OA 37 77.82 -4.77 -45.47
C VAL OA 37 76.92 -4.58 -44.26
N ASP OA 38 77.23 -5.30 -43.20
CA ASP OA 38 76.55 -5.09 -41.93
C ASP OA 38 77.11 -3.84 -41.28
N VAL OA 39 76.22 -2.96 -40.86
CA VAL OA 39 76.59 -1.68 -40.27
C VAL OA 39 76.15 -1.71 -38.81
N SER OA 40 77.10 -1.53 -37.91
CA SER OA 40 76.82 -1.60 -36.49
C SER OA 40 76.15 -0.33 -36.02
N ASP OA 41 75.61 -0.38 -34.81
CA ASP OA 41 75.20 0.85 -34.15
C ASP OA 41 76.43 1.67 -33.79
N PRO OA 42 76.30 2.99 -33.70
CA PRO OA 42 77.43 3.82 -33.24
C PRO OA 42 77.84 3.49 -31.81
N GLY OA 43 79.10 3.16 -31.61
CA GLY OA 43 79.62 2.86 -30.30
C GLY OA 43 79.62 4.07 -29.39
N GLY OA 44 79.93 5.23 -29.95
CA GLY OA 44 80.01 6.42 -29.14
C GLY OA 44 81.40 7.02 -29.25
N PRO OA 45 81.57 8.22 -28.68
CA PRO OA 45 82.87 8.90 -28.80
C PRO OA 45 84.00 8.20 -28.08
N VAL OA 46 83.72 7.43 -27.03
CA VAL OA 46 84.78 6.85 -26.23
C VAL OA 46 85.33 5.59 -26.88
N THR OA 47 84.59 5.03 -27.84
CA THR OA 47 84.97 3.78 -28.47
C THR OA 47 86.20 3.98 -29.34
N ALA OA 48 87.22 3.16 -29.13
CA ALA OA 48 88.50 3.39 -29.77
C ALA OA 48 88.99 2.20 -30.58
N ALA OA 49 88.56 1.00 -30.21
CA ALA OA 49 89.05 -0.21 -30.87
C ALA OA 49 87.98 -1.27 -30.83
N VAL OA 50 88.10 -2.21 -31.76
CA VAL OA 50 87.22 -3.37 -31.83
C VAL OA 50 88.04 -4.61 -31.53
N SER OA 51 87.58 -5.41 -30.58
CA SER OA 51 88.25 -6.65 -30.26
C SER OA 51 88.07 -7.67 -31.38
N THR OA 52 89.17 -8.30 -31.78
CA THR OA 52 89.11 -9.39 -32.74
C THR OA 52 89.01 -10.75 -32.08
N GLY OA 53 89.33 -10.82 -30.78
CA GLY OA 53 89.23 -12.08 -30.02
C GLY OA 53 90.47 -12.94 -30.21
N ARG OA 54 91.49 -12.44 -30.91
CA ARG OA 54 92.74 -13.23 -31.07
C ARG OA 54 93.77 -12.88 -29.97
N LEU OA 55 94.90 -13.59 -29.92
CA LEU OA 55 95.91 -13.39 -28.86
C LEU OA 55 97.30 -13.28 -29.49
N ILE OA 56 98.17 -12.43 -28.93
CA ILE OA 56 99.51 -12.23 -29.47
C ILE OA 56 100.57 -12.61 -28.43
N ASP OA 57 101.42 -13.57 -28.77
CA ASP OA 57 102.47 -14.01 -27.86
C ASP OA 57 103.47 -12.91 -27.52
N VAL OA 58 103.64 -12.63 -26.23
CA VAL OA 58 104.65 -11.65 -25.81
C VAL OA 58 105.71 -12.26 -24.91
N LYS OA 59 106.89 -11.64 -24.87
CA LYS OA 59 107.98 -12.16 -24.04
C LYS OA 59 107.57 -12.32 -22.60
N ALA OA 60 107.58 -13.55 -22.10
CA ALA OA 60 107.19 -13.85 -20.72
C ALA OA 60 107.70 -12.85 -19.68
N PRO OA 61 106.79 -12.28 -18.88
CA PRO OA 61 107.20 -11.32 -17.84
C PRO OA 61 108.19 -11.96 -16.91
N THR OA 62 107.82 -13.10 -16.33
CA THR OA 62 108.73 -13.83 -15.44
C THR OA 62 108.69 -15.33 -15.73
N ASN OA 63 109.42 -16.10 -14.95
CA ASN OA 63 109.45 -17.55 -15.13
C ASN OA 63 108.10 -18.15 -14.76
N GLY OA 64 107.60 -19.05 -15.62
CA GLY OA 64 106.32 -19.69 -15.35
C GLY OA 64 105.11 -18.85 -15.63
N VAL OA 65 105.30 -17.67 -16.22
CA VAL OA 65 104.18 -16.82 -16.56
C VAL OA 65 104.02 -16.83 -18.06
N ILE OA 66 102.80 -17.02 -18.52
CA ILE OA 66 102.53 -17.03 -19.93
C ILE OA 66 101.68 -15.83 -20.21
N ALA OA 67 102.16 -14.95 -21.06
CA ALA OA 67 101.45 -13.71 -21.35
C ALA OA 67 101.01 -13.59 -22.77
N HIS OA 68 99.84 -13.02 -22.95
CA HIS OA 68 99.36 -12.78 -24.29
C HIS OA 68 98.65 -11.45 -24.39
N LEU OA 69 98.95 -10.71 -25.43
CA LEU OA 69 98.26 -9.46 -25.69
C LEU OA 69 96.97 -9.71 -26.44
N ARG OA 70 95.91 -9.02 -26.04
CA ARG OA 70 94.67 -9.07 -26.80
C ARG OA 70 94.83 -8.25 -28.08
N ALA OA 71 94.44 -8.85 -29.21
CA ALA OA 71 94.47 -8.16 -30.49
C ALA OA 71 93.22 -7.32 -30.67
N SER OA 72 93.38 -6.21 -31.39
CA SER OA 72 92.25 -5.32 -31.66
C SER OA 72 92.54 -4.55 -32.93
N LYS OA 73 91.49 -3.88 -33.41
CA LYS OA 73 91.56 -3.03 -34.59
C LYS OA 73 91.24 -1.59 -34.18
N PRO OA 74 92.10 -0.63 -34.47
CA PRO OA 74 91.79 0.76 -34.11
C PRO OA 74 90.79 1.39 -35.06
N LEU OA 75 89.94 2.25 -34.51
CA LEU OA 75 89.12 3.12 -35.34
C LEU OA 75 89.96 4.22 -35.95
N VAL OA 76 89.53 4.72 -37.09
CA VAL OA 76 90.13 5.90 -37.70
C VAL OA 76 89.05 6.97 -37.80
N ARG OA 77 89.41 8.19 -37.43
CA ARG OA 77 88.54 9.33 -37.61
C ARG OA 77 88.90 10.05 -38.89
N LEU OA 78 87.91 10.22 -39.74
CA LEU OA 78 88.07 10.79 -41.07
C LEU OA 78 87.34 12.13 -41.08
N ARG OA 79 88.07 13.18 -41.42
CA ARG OA 79 87.55 14.54 -41.39
C ARG OA 79 87.79 15.21 -42.74
N VAL OA 80 86.74 15.77 -43.31
CA VAL OA 80 86.80 16.52 -44.55
C VAL OA 80 86.36 17.94 -44.27
N PRO OA 81 87.29 18.89 -44.19
CA PRO OA 81 86.90 20.29 -44.03
C PRO OA 81 86.32 20.87 -45.30
N PHE OA 82 85.45 21.87 -45.13
CA PHE OA 82 84.89 22.60 -46.26
C PHE OA 82 84.55 24.01 -45.80
N THR OA 83 84.35 24.89 -46.78
CA THR OA 83 84.26 26.32 -46.53
C THR OA 83 82.99 26.87 -47.17
N LEU OA 84 82.17 27.56 -46.37
CA LEU OA 84 80.92 28.12 -46.85
C LEU OA 84 80.97 29.63 -46.86
N SER OA 85 80.38 30.23 -47.90
CA SER OA 85 80.18 31.67 -47.94
C SER OA 85 79.12 32.08 -46.92
N ARG OA 86 79.41 33.13 -46.16
CA ARG OA 86 78.45 33.61 -45.17
C ARG OA 86 77.28 34.36 -45.82
N ASN OA 87 77.48 34.90 -47.01
CA ASN OA 87 76.39 35.50 -47.76
C ASN OA 87 75.34 34.46 -48.15
N GLU OA 88 75.79 33.28 -48.59
CA GLU OA 88 74.87 32.19 -48.92
C GLU OA 88 74.12 31.72 -47.68
N ILE OA 89 74.78 31.71 -46.52
CA ILE OA 89 74.14 31.34 -45.27
C ILE OA 89 73.08 32.37 -44.90
N ASP OA 90 73.41 33.66 -45.03
CA ASP OA 90 72.46 34.73 -44.73
C ASP OA 90 71.29 34.78 -45.68
N ASP OA 91 71.47 34.29 -46.92
CA ASP OA 91 70.39 34.26 -47.90
C ASP OA 91 69.23 33.36 -47.49
N VAL OA 92 69.49 32.35 -46.66
CA VAL OA 92 68.50 31.31 -46.37
C VAL OA 92 67.35 31.88 -45.54
N GLU OA 93 67.64 32.73 -44.58
CA GLU OA 93 66.56 33.30 -43.74
C GLU OA 93 65.71 34.26 -44.57
N ARG OA 94 66.33 34.97 -45.51
CA ARG OA 94 65.56 35.85 -46.38
C ARG OA 94 64.67 35.08 -47.37
N GLY OA 95 64.81 33.77 -47.47
CA GLY OA 95 63.95 32.97 -48.31
C GLY OA 95 64.57 32.46 -49.59
N SER OA 96 65.89 32.59 -49.76
CA SER OA 96 66.54 32.01 -50.92
C SER OA 96 66.48 30.49 -50.86
N LYS OA 97 66.33 29.87 -52.02
CA LYS OA 97 66.30 28.41 -52.14
C LYS OA 97 67.35 27.90 -53.11
N ASP OA 98 68.28 28.75 -53.51
CA ASP OA 98 69.36 28.34 -54.40
C ASP OA 98 70.73 28.67 -53.81
N SER OA 99 70.83 28.66 -52.48
CA SER OA 99 72.10 28.95 -51.81
C SER OA 99 73.15 27.92 -52.19
N ASP OA 100 74.37 28.40 -52.40
CA ASP OA 100 75.44 27.59 -52.94
C ASP OA 100 75.95 26.59 -51.91
N TRP OA 101 75.46 25.35 -52.00
CA TRP OA 101 75.90 24.31 -51.08
C TRP OA 101 76.85 23.35 -51.80
N GLU OA 102 77.52 23.84 -52.83
CA GLU OA 102 78.48 23.01 -53.54
C GLU OA 102 79.64 22.49 -52.65
N PRO OA 103 80.17 23.33 -51.73
CA PRO OA 103 81.23 22.76 -50.89
C PRO OA 103 80.70 21.65 -50.01
N VAL OA 104 79.49 21.79 -49.48
CA VAL OA 104 78.89 20.71 -48.69
C VAL OA 104 78.77 19.45 -49.53
N LYS OA 105 78.34 19.60 -50.79
CA LYS OA 105 78.20 18.44 -51.67
C LYS OA 105 79.55 17.82 -52.01
N GLU OA 106 80.58 18.65 -52.22
CA GLU OA 106 81.91 18.12 -52.49
C GLU OA 106 82.50 17.43 -51.27
N ALA OA 107 82.25 17.96 -50.07
CA ALA OA 107 82.73 17.32 -48.86
C ALA OA 107 82.02 15.99 -48.62
N ALA OA 108 80.70 15.94 -48.86
CA ALA OA 108 79.97 14.69 -48.69
C ALA OA 108 80.39 13.65 -49.72
N LYS OA 109 80.63 14.08 -50.96
CA LYS OA 109 81.11 13.15 -51.97
C LYS OA 109 82.50 12.64 -51.64
N LYS OA 110 83.37 13.50 -51.11
CA LYS OA 110 84.73 13.07 -50.78
C LYS OA 110 84.73 12.13 -49.58
N LEU OA 111 83.90 12.42 -48.57
CA LEU OA 111 83.81 11.53 -47.39
C LEU OA 111 83.25 10.18 -47.83
N ALA OA 112 82.19 10.17 -48.65
CA ALA OA 112 81.63 8.92 -49.14
C ALA OA 112 82.64 8.13 -49.95
N PHE OA 113 83.44 8.81 -50.76
CA PHE OA 113 84.47 8.14 -51.55
C PHE OA 113 85.54 7.53 -50.67
N VAL OA 114 85.95 8.25 -49.63
CA VAL OA 114 86.92 7.69 -48.70
C VAL OA 114 86.36 6.44 -48.03
N GLU OA 115 85.15 6.54 -47.49
CA GLU OA 115 84.58 5.40 -46.78
C GLU OA 115 84.45 4.18 -47.69
N ASP OA 116 83.98 4.37 -48.92
CA ASP OA 116 83.82 3.24 -49.84
C ASP OA 116 85.16 2.67 -50.28
N ARG OA 117 86.16 3.54 -50.53
CA ARG OA 117 87.46 3.05 -50.91
C ARG OA 117 88.17 2.38 -49.74
N THR OA 118 87.85 2.77 -48.52
CA THR OA 118 88.39 2.11 -47.35
C THR OA 118 87.78 0.71 -47.18
N ILE OA 119 86.47 0.60 -47.38
CA ILE OA 119 85.81 -0.70 -47.28
C ILE OA 119 86.30 -1.66 -48.37
N PHE OA 120 86.41 -1.19 -49.61
CA PHE OA 120 86.66 -2.11 -50.70
C PHE OA 120 88.13 -2.23 -51.10
N GLU OA 121 88.95 -1.21 -50.86
CA GLU OA 121 90.36 -1.27 -51.24
C GLU OA 121 91.29 -1.19 -50.04
N GLY OA 122 90.75 -1.02 -48.86
CA GLY OA 122 91.57 -0.93 -47.68
C GLY OA 122 92.31 0.35 -47.41
N TYR OA 123 92.81 0.47 -46.19
CA TYR OA 123 93.56 1.64 -45.79
C TYR OA 123 94.60 1.04 -44.91
N SER OA 124 95.76 0.73 -45.46
CA SER OA 124 96.81 0.06 -44.71
C SER OA 124 97.29 0.80 -43.46
N ALA OA 125 97.40 2.11 -43.51
CA ALA OA 125 97.83 2.89 -42.36
C ALA OA 125 96.88 2.75 -41.19
N ALA OA 126 95.60 2.52 -41.46
CA ALA OA 126 94.62 2.25 -40.42
C ALA OA 126 94.43 0.77 -40.14
N SER OA 127 95.32 -0.08 -40.68
CA SER OA 127 95.29 -1.54 -40.53
C SER OA 127 93.98 -2.14 -41.00
N ILE OA 128 93.44 -1.60 -42.09
CA ILE OA 128 92.20 -2.10 -42.67
C ILE OA 128 92.54 -2.77 -43.99
N GLU OA 129 92.23 -4.05 -44.10
CA GLU OA 129 92.38 -4.78 -45.34
C GLU OA 129 91.09 -4.65 -46.13
N GLY OA 130 91.20 -4.32 -47.41
CA GLY OA 130 90.02 -4.21 -48.24
C GLY OA 130 89.40 -5.55 -48.56
N ILE OA 131 88.19 -5.49 -49.11
CA ILE OA 131 87.51 -6.68 -49.58
C ILE OA 131 88.28 -7.31 -50.74
N ARG OA 132 88.87 -6.47 -51.61
CA ARG OA 132 89.68 -6.98 -52.71
C ARG OA 132 90.90 -7.74 -52.22
N SER OA 133 91.58 -7.21 -51.20
CA SER OA 133 92.76 -7.88 -50.69
C SER OA 133 92.42 -9.09 -49.83
N ALA OA 134 91.31 -9.06 -49.10
CA ALA OA 134 90.93 -10.15 -48.22
C ALA OA 134 90.16 -11.25 -48.92
N SER OA 135 89.85 -11.10 -50.20
CA SER OA 135 89.14 -12.14 -50.92
C SER OA 135 90.07 -13.30 -51.23
N SER OA 136 89.60 -14.52 -50.96
CA SER OA 136 90.35 -15.72 -51.31
C SER OA 136 89.98 -16.28 -52.68
N ASN OA 137 88.86 -15.84 -53.25
CA ASN OA 137 88.47 -16.27 -54.59
C ASN OA 137 89.39 -15.61 -55.62
N PRO OA 138 89.60 -16.25 -56.77
CA PRO OA 138 90.49 -15.66 -57.78
C PRO OA 138 89.95 -14.37 -58.37
N ALA OA 139 90.87 -13.49 -58.74
CA ALA OA 139 90.50 -12.22 -59.34
C ALA OA 139 90.30 -12.40 -60.84
N LEU OA 140 89.38 -11.62 -61.38
CA LEU OA 140 89.02 -11.72 -62.79
C LEU OA 140 89.33 -10.41 -63.49
N THR OA 141 89.52 -10.49 -64.80
CA THR OA 141 89.79 -9.32 -65.62
C THR OA 141 88.55 -8.93 -66.38
N LEU OA 142 88.15 -7.67 -66.27
CA LEU OA 142 87.00 -7.18 -67.01
C LEU OA 142 87.42 -6.91 -68.45
N PRO OA 143 86.61 -7.37 -69.41
CA PRO OA 143 86.95 -7.20 -70.82
C PRO OA 143 86.73 -5.78 -71.32
N GLU OA 144 87.32 -5.46 -72.47
CA GLU OA 144 87.15 -4.12 -73.03
C GLU OA 144 85.73 -3.90 -73.57
N ASP OA 145 85.19 -4.90 -74.26
CA ASP OA 145 83.86 -4.80 -74.83
C ASP OA 145 82.83 -4.93 -73.72
N PRO OA 146 81.94 -3.95 -73.55
CA PRO OA 146 80.87 -4.08 -72.54
C PRO OA 146 79.91 -5.23 -72.78
N ARG OA 147 79.73 -5.66 -74.04
CA ARG OA 147 78.87 -6.80 -74.33
C ARG OA 147 79.44 -8.11 -73.79
N GLU OA 148 80.73 -8.14 -73.50
CA GLU OA 148 81.36 -9.28 -72.85
C GLU OA 148 81.44 -9.12 -71.34
N ILE OA 149 80.88 -8.06 -70.77
CA ILE OA 149 80.87 -7.94 -69.31
C ILE OA 149 80.01 -9.04 -68.63
N PRO OA 150 78.74 -9.23 -69.05
CA PRO OA 150 77.95 -10.24 -68.34
C PRO OA 150 78.57 -11.64 -68.32
N ASP OA 151 79.35 -12.00 -69.33
CA ASP OA 151 80.00 -13.30 -69.34
C ASP OA 151 80.94 -13.42 -68.15
N VAL OA 152 81.90 -12.51 -68.03
CA VAL OA 152 82.88 -12.55 -66.93
C VAL OA 152 82.19 -12.47 -65.58
N ILE OA 153 81.20 -11.60 -65.43
CA ILE OA 153 80.43 -11.53 -64.19
C ILE OA 153 79.85 -12.89 -63.83
N SER OA 154 79.34 -13.61 -64.82
CA SER OA 154 78.79 -14.98 -64.60
C SER OA 154 79.89 -15.93 -64.11
N GLN OA 155 81.12 -15.76 -64.58
CA GLN OA 155 82.24 -16.56 -64.09
C GLN OA 155 82.51 -16.28 -62.63
N ALA OA 156 82.37 -15.01 -62.22
CA ALA OA 156 82.45 -14.66 -60.82
C ALA OA 156 81.34 -15.33 -60.02
N LEU OA 157 80.14 -15.41 -60.60
CA LEU OA 157 79.05 -16.12 -59.94
C LEU OA 157 79.33 -17.62 -59.87
N SER OA 158 80.18 -18.14 -60.76
CA SER OA 158 80.61 -19.52 -60.61
C SER OA 158 81.49 -19.70 -59.38
N GLU OA 159 82.36 -18.72 -59.11
CA GLU OA 159 83.37 -18.88 -58.07
C GLU OA 159 82.74 -18.89 -56.67
N LEU OA 160 81.81 -17.97 -56.41
CA LEU OA 160 81.02 -18.03 -55.18
C LEU OA 160 80.21 -19.31 -55.08
N ARG OA 161 79.83 -19.89 -56.22
CA ARG OA 161 79.15 -21.17 -56.15
C ARG OA 161 80.14 -22.29 -55.85
N LEU OA 162 81.37 -22.17 -56.35
CA LEU OA 162 82.41 -23.14 -56.03
C LEU OA 162 82.95 -22.95 -54.63
N ALA OA 163 82.75 -21.77 -54.04
CA ALA OA 163 83.16 -21.52 -52.67
C ALA OA 163 82.15 -22.02 -51.65
N GLY OA 164 81.01 -22.55 -52.10
CA GLY OA 164 79.97 -22.99 -51.19
C GLY OA 164 79.36 -21.82 -50.44
N VAL OA 165 78.67 -20.94 -51.15
CA VAL OA 165 78.09 -19.75 -50.52
C VAL OA 165 76.67 -19.52 -50.99
N ASP OA 166 75.76 -19.21 -50.06
CA ASP OA 166 74.37 -18.93 -50.44
C ASP OA 166 74.08 -17.44 -50.33
N GLY OA 167 72.80 -17.07 -50.38
CA GLY OA 167 72.43 -15.67 -50.23
C GLY OA 167 72.25 -14.87 -51.51
N PRO OA 168 71.58 -13.70 -51.41
CA PRO OA 168 71.36 -12.86 -52.57
C PRO OA 168 72.72 -12.31 -52.99
N TYR OA 169 73.17 -12.53 -54.20
CA TYR OA 169 74.43 -11.94 -54.63
C TYR OA 169 74.26 -10.52 -55.17
N SER OA 170 75.22 -9.63 -54.91
CA SER OA 170 75.01 -8.29 -55.47
C SER OA 170 76.24 -7.84 -56.24
N VAL OA 171 76.05 -7.10 -57.33
CA VAL OA 171 77.16 -6.67 -58.16
C VAL OA 171 77.33 -5.17 -57.98
N LEU OA 172 78.56 -4.77 -57.66
CA LEU OA 172 78.88 -3.36 -57.51
C LEU OA 172 79.84 -3.02 -58.63
N LEU OA 173 79.58 -1.93 -59.32
CA LEU OA 173 80.39 -1.55 -60.48
C LEU OA 173 81.02 -0.20 -60.24
N SER OA 174 82.22 -0.02 -60.78
CA SER OA 174 82.81 1.31 -60.82
C SER OA 174 82.03 2.19 -61.79
N ALA OA 175 82.23 3.50 -61.66
CA ALA OA 175 81.49 4.48 -62.47
C ALA OA 175 81.78 4.32 -63.95
N ASP OA 176 83.03 3.99 -64.30
CA ASP OA 176 83.37 3.71 -65.69
C ASP OA 176 82.63 2.49 -66.21
N VAL OA 177 82.62 1.41 -65.42
CA VAL OA 177 81.97 0.17 -65.82
C VAL OA 177 80.45 0.34 -65.83
N TYR OA 178 79.91 1.06 -64.84
CA TYR OA 178 78.48 1.33 -64.80
C TYR OA 178 78.02 2.16 -65.99
N THR OA 179 78.82 3.17 -66.37
CA THR OA 179 78.52 3.95 -67.56
C THR OA 179 78.61 3.10 -68.83
N LYS OA 180 79.63 2.24 -68.93
CA LYS OA 180 79.79 1.39 -70.10
C LYS OA 180 78.64 0.40 -70.26
N VAL OA 181 78.18 -0.22 -69.17
CA VAL OA 181 77.07 -1.15 -69.29
C VAL OA 181 75.73 -0.45 -69.31
N SER OA 182 75.68 0.85 -68.99
CA SER OA 182 74.46 1.61 -69.09
C SER OA 182 74.23 2.14 -70.49
N GLU OA 183 75.28 2.57 -71.16
CA GLU OA 183 75.13 3.25 -72.45
C GLU OA 183 75.17 2.31 -73.64
N THR OA 184 75.66 1.10 -73.46
CA THR OA 184 75.64 0.11 -74.51
C THR OA 184 74.36 -0.70 -74.38
N SER OA 185 73.69 -0.94 -75.50
CA SER OA 185 72.40 -1.61 -75.47
C SER OA 185 72.41 -2.80 -76.40
N ASP OA 186 71.62 -3.82 -76.05
CA ASP OA 186 71.45 -5.00 -76.87
C ASP OA 186 70.00 -5.45 -76.76
N HIS OA 187 69.31 -5.49 -77.92
CA HIS OA 187 67.94 -5.95 -78.06
C HIS OA 187 66.97 -5.19 -77.15
N GLY OA 188 67.09 -3.86 -77.16
CA GLY OA 188 66.16 -3.01 -76.46
C GLY OA 188 66.41 -2.86 -74.98
N TYR OA 189 67.48 -3.42 -74.46
CA TYR OA 189 67.86 -3.23 -73.07
C TYR OA 189 69.34 -2.89 -72.99
N PRO OA 190 69.73 -2.04 -72.05
CA PRO OA 190 71.16 -1.87 -71.78
C PRO OA 190 71.72 -3.10 -71.10
N ILE OA 191 73.05 -3.20 -71.10
CA ILE OA 191 73.75 -4.35 -70.54
C ILE OA 191 73.56 -4.43 -69.03
N ARG OA 192 73.25 -3.28 -68.39
CA ARG OA 192 72.91 -3.26 -66.97
C ARG OA 192 71.71 -4.14 -66.66
N GLU OA 193 70.72 -4.16 -67.54
CA GLU OA 193 69.58 -5.06 -67.37
C GLU OA 193 70.00 -6.52 -67.52
N HIS OA 194 70.92 -6.82 -68.44
CA HIS OA 194 71.47 -8.16 -68.58
C HIS OA 194 72.19 -8.61 -67.31
N LEU OA 195 72.90 -7.68 -66.66
CA LEU OA 195 73.48 -7.98 -65.36
C LEU OA 195 72.41 -8.20 -64.30
N ASN OA 196 71.33 -7.43 -64.37
CA ASN OA 196 70.23 -7.57 -63.41
C ASN OA 196 69.55 -8.94 -63.52
N ARG OA 197 69.54 -9.53 -64.70
CA ARG OA 197 68.93 -10.85 -64.85
C ARG OA 197 69.77 -11.97 -64.20
N LEU OA 198 71.08 -11.78 -64.10
CA LEU OA 198 71.98 -12.82 -63.53
C LEU OA 198 71.87 -12.96 -62.01
N VAL OA 199 71.49 -11.90 -61.30
CA VAL OA 199 71.52 -11.97 -59.81
C VAL OA 199 70.16 -11.67 -59.19
N ASP OA 200 69.97 -12.09 -57.94
CA ASP OA 200 68.71 -11.83 -57.21
C ASP OA 200 68.95 -10.66 -56.27
N GLY OA 201 70.14 -10.04 -56.37
CA GLY OA 201 70.46 -8.88 -55.54
C GLY OA 201 70.25 -7.61 -56.32
N ASP OA 202 71.27 -6.75 -56.41
CA ASP OA 202 71.06 -5.45 -57.08
C ASP OA 202 72.29 -5.00 -57.85
N ILE OA 203 72.10 -4.38 -59.00
CA ILE OA 203 73.27 -3.76 -59.67
C ILE OA 203 73.42 -2.44 -58.95
N ILE OA 204 74.58 -2.20 -58.33
CA ILE OA 204 74.78 -1.05 -57.47
C ILE OA 204 75.85 -0.16 -58.06
N TRP OA 205 75.52 1.10 -58.26
CA TRP OA 205 76.49 2.09 -58.72
C TRP OA 205 77.46 2.40 -57.58
N ALA OA 206 78.75 2.20 -57.83
CA ALA OA 206 79.79 2.40 -56.82
C ALA OA 206 80.89 3.26 -57.42
N PRO OA 207 80.70 4.60 -57.44
CA PRO OA 207 81.64 5.47 -58.13
C PRO OA 207 83.02 5.59 -57.50
N ALA OA 208 83.21 5.14 -56.25
CA ALA OA 208 84.52 5.28 -55.64
C ALA OA 208 85.46 4.14 -55.97
N ILE OA 209 84.93 2.93 -56.17
CA ILE OA 209 85.74 1.73 -56.35
C ILE OA 209 86.39 1.69 -57.73
N ASP OA 210 87.36 0.80 -57.89
CA ASP OA 210 87.87 0.40 -59.19
C ASP OA 210 87.31 -0.98 -59.53
N GLY OA 211 87.21 -1.23 -60.84
CA GLY OA 211 86.73 -2.52 -61.31
C GLY OA 211 85.33 -2.88 -60.90
N ALA OA 212 85.16 -4.08 -60.38
CA ALA OA 212 83.83 -4.53 -59.99
C ALA OA 212 83.95 -5.49 -58.83
N PHE OA 213 82.84 -5.69 -58.14
CA PHE OA 213 82.83 -6.62 -57.01
C PHE OA 213 81.53 -7.39 -57.05
N VAL OA 214 81.60 -8.71 -56.93
CA VAL OA 214 80.36 -9.51 -56.83
C VAL OA 214 80.41 -10.15 -55.45
N LEU OA 215 79.31 -10.11 -54.71
CA LEU OA 215 79.41 -10.62 -53.34
C LEU OA 215 78.03 -10.97 -52.80
N THR OA 216 78.01 -11.80 -51.75
CA THR OA 216 76.77 -12.21 -51.11
C THR OA 216 76.36 -11.21 -50.03
N THR OA 217 75.06 -11.03 -49.88
CA THR OA 217 74.54 -10.14 -48.84
C THR OA 217 73.72 -10.94 -47.85
N ARG OA 218 74.13 -12.18 -47.60
CA ARG OA 218 73.43 -13.03 -46.66
C ARG OA 218 73.55 -12.54 -45.22
N GLY OA 219 74.59 -11.76 -44.92
CA GLY OA 219 74.78 -11.27 -43.58
C GLY OA 219 75.95 -11.93 -42.89
N GLY OA 220 76.53 -11.20 -41.94
CA GLY OA 220 77.57 -11.75 -41.10
C GLY OA 220 78.93 -11.95 -41.75
N ASP OA 221 79.13 -11.44 -42.96
CA ASP OA 221 80.41 -11.65 -43.63
C ASP OA 221 81.27 -10.39 -43.61
N PHE OA 222 80.63 -9.23 -43.70
CA PHE OA 222 81.33 -7.96 -43.84
C PHE OA 222 80.74 -7.02 -42.79
N ASP OA 223 81.59 -6.38 -42.00
CA ASP OA 223 81.12 -5.65 -40.84
C ASP OA 223 81.79 -4.28 -40.80
N LEU OA 224 81.00 -3.23 -40.90
CA LEU OA 224 81.49 -1.86 -40.74
C LEU OA 224 81.18 -1.42 -39.32
N GLN OA 225 82.22 -1.10 -38.55
CA GLN OA 225 82.04 -0.65 -37.18
C GLN OA 225 82.17 0.86 -37.09
N LEU OA 226 81.13 1.47 -36.57
CA LEU OA 226 81.11 2.89 -36.41
C LEU OA 226 81.22 3.31 -34.98
N GLY OA 227 82.14 4.21 -34.66
CA GLY OA 227 82.14 4.76 -33.31
C GLY OA 227 81.09 5.84 -33.36
N THR OA 228 81.27 6.78 -34.29
CA THR OA 228 80.26 7.85 -34.49
C THR OA 228 79.95 7.96 -35.98
N ASP OA 229 78.68 8.12 -36.33
CA ASP OA 229 78.27 8.27 -37.74
C ASP OA 229 78.66 9.67 -38.25
N VAL OA 230 78.32 9.99 -39.49
CA VAL OA 230 78.68 11.29 -40.11
C VAL OA 230 78.07 12.46 -39.34
N ALA OA 231 78.90 13.44 -38.97
CA ALA OA 231 78.46 14.61 -38.24
C ALA OA 231 79.11 15.85 -38.85
N ILE OA 232 78.48 17.00 -38.68
CA ILE OA 232 79.02 18.25 -39.18
C ILE OA 232 79.49 19.07 -37.99
N GLY OA 233 80.75 19.52 -38.04
CA GLY OA 233 81.34 20.26 -36.96
C GLY OA 233 81.90 21.60 -37.42
N TYR OA 234 82.10 22.49 -36.45
CA TYR OA 234 82.51 23.86 -36.72
C TYR OA 234 83.98 24.05 -36.35
N ALA OA 235 84.77 24.60 -37.29
CA ALA OA 235 86.21 24.80 -37.02
C ALA OA 235 86.47 26.25 -36.66
N SER OA 236 86.29 27.17 -37.60
CA SER OA 236 86.55 28.60 -37.38
C SER OA 236 85.78 29.43 -38.40
N HIS OA 237 85.77 30.75 -38.22
CA HIS OA 237 85.01 31.66 -39.12
C HIS OA 237 85.67 33.02 -39.26
N ASP OA 238 85.40 33.73 -40.35
CA ASP OA 238 85.89 35.12 -40.53
C ASP OA 238 84.68 35.94 -40.98
N THR OA 239 84.90 37.14 -41.50
CA THR OA 239 83.78 38.01 -41.93
C THR OA 239 83.10 37.41 -43.16
N ASP OA 240 83.84 36.68 -43.98
CA ASP OA 240 83.25 36.22 -45.23
C ASP OA 240 82.84 34.76 -45.23
N THR OA 241 83.53 33.89 -44.49
CA THR OA 241 83.36 32.47 -44.65
C THR OA 241 83.28 31.76 -43.30
N VAL OA 242 82.69 30.58 -43.32
CA VAL OA 242 82.67 29.67 -42.18
C VAL OA 242 83.35 28.38 -42.60
N ARG OA 243 84.38 27.98 -41.86
CA ARG OA 243 85.02 26.69 -42.05
C ARG OA 243 84.34 25.64 -41.18
N LEU OA 244 83.84 24.59 -41.82
CA LEU OA 244 83.23 23.50 -41.10
C LEU OA 244 83.89 22.21 -41.56
N TYR OA 245 83.41 21.06 -41.08
CA TYR OA 245 83.95 19.78 -41.51
C TYR OA 245 82.87 18.73 -41.41
N LEU OA 246 83.04 17.68 -42.20
CA LEU OA 246 82.31 16.43 -42.06
C LEU OA 246 83.21 15.43 -41.38
N GLN OA 247 82.67 14.63 -40.48
CA GLN OA 247 83.53 13.78 -39.68
C GLN OA 247 82.82 12.47 -39.37
N GLU OA 248 83.57 11.38 -39.47
CA GLU OA 248 83.05 10.08 -39.08
C GLU OA 248 84.21 9.20 -38.64
N THR OA 249 83.96 8.33 -37.68
CA THR OA 249 85.01 7.43 -37.19
C THR OA 249 84.56 5.98 -37.29
N LEU OA 250 85.42 5.14 -37.86
CA LEU OA 250 85.02 3.79 -38.25
C LEU OA 250 86.22 2.88 -38.38
N THR OA 251 85.93 1.58 -38.44
CA THR OA 251 86.84 0.58 -38.97
C THR OA 251 86.01 -0.42 -39.77
N PHE OA 252 86.69 -1.24 -40.57
CA PHE OA 252 86.00 -2.25 -41.36
C PHE OA 252 86.66 -3.61 -41.15
N LEU OA 253 85.83 -4.63 -40.99
CA LEU OA 253 86.28 -6.00 -40.77
C LEU OA 253 85.65 -6.89 -41.84
N CYS OA 254 86.45 -7.79 -42.40
CA CYS OA 254 85.95 -8.83 -43.28
C CYS OA 254 86.17 -10.18 -42.58
N TYR OA 255 85.07 -10.83 -42.19
CA TYR OA 255 85.16 -12.10 -41.48
C TYR OA 255 85.26 -13.29 -42.42
N THR OA 256 84.73 -13.18 -43.63
CA THR OA 256 84.57 -14.32 -44.52
C THR OA 256 85.34 -14.04 -45.81
N ALA OA 257 86.44 -14.76 -46.01
CA ALA OA 257 87.34 -14.46 -47.13
C ALA OA 257 86.76 -14.88 -48.47
N GLU OA 258 85.90 -15.87 -48.50
CA GLU OA 258 85.45 -16.45 -49.75
C GLU OA 258 84.09 -15.91 -50.20
N ALA OA 259 83.61 -14.85 -49.57
CA ALA OA 259 82.29 -14.31 -49.87
C ALA OA 259 82.30 -13.24 -50.96
N SER OA 260 83.39 -13.08 -51.70
CA SER OA 260 83.46 -12.01 -52.69
C SER OA 260 84.43 -12.34 -53.81
N VAL OA 261 84.17 -11.74 -54.97
CA VAL OA 261 85.08 -11.77 -56.12
C VAL OA 261 85.34 -10.33 -56.56
N ALA OA 262 86.62 -9.98 -56.70
CA ALA OA 262 87.06 -8.69 -57.20
C ALA OA 262 87.43 -8.78 -58.67
N LEU OA 263 87.11 -7.71 -59.39
CA LEU OA 263 87.41 -7.66 -60.81
C LEU OA 263 88.18 -6.39 -61.09
N SER OA 264 89.10 -6.44 -62.04
CA SER OA 264 89.93 -5.29 -62.38
C SER OA 264 90.01 -5.17 -63.89
N HIS OA 265 90.59 -4.06 -64.34
CA HIS OA 265 90.75 -3.80 -65.76
C HIS OA 265 92.09 -4.29 -66.26
N MET PA 1 -15.89 81.95 -24.90
CA MET PA 1 -14.76 82.71 -25.40
C MET PA 1 -14.34 83.82 -24.46
N ASN PA 2 -13.25 84.52 -24.82
CA ASN PA 2 -12.73 85.61 -23.97
C ASN PA 2 -12.71 86.95 -24.71
N ASN PA 3 -11.93 87.91 -24.21
CA ASN PA 3 -11.86 89.22 -24.85
C ASN PA 3 -11.04 89.20 -26.16
N LEU PA 4 -10.15 88.24 -26.36
CA LEU PA 4 -9.46 88.10 -27.64
C LEU PA 4 -10.41 87.78 -28.80
N TYR PA 5 -11.55 87.15 -28.51
CA TYR PA 5 -12.49 86.76 -29.57
C TYR PA 5 -11.79 86.05 -30.72
N ARG PA 6 -10.93 85.10 -30.34
CA ARG PA 6 -9.99 84.50 -31.27
C ARG PA 6 -10.69 83.60 -32.28
N ASP PA 7 -11.73 82.89 -31.84
CA ASP PA 7 -12.46 82.00 -32.74
C ASP PA 7 -13.29 82.74 -33.77
N LEU PA 8 -13.53 84.04 -33.59
CA LEU PA 8 -14.24 84.81 -34.58
C LEU PA 8 -13.36 85.24 -35.73
N ALA PA 9 -12.04 85.17 -35.57
CA ALA PA 9 -11.14 85.61 -36.62
C ALA PA 9 -11.11 84.59 -37.76
N PRO PA 10 -11.14 85.04 -39.01
CA PRO PA 10 -10.98 84.10 -40.15
C PRO PA 10 -9.53 83.73 -40.38
N VAL PA 11 -8.95 83.02 -39.41
CA VAL PA 11 -7.56 82.60 -39.41
C VAL PA 11 -7.55 81.11 -39.14
N THR PA 12 -6.85 80.37 -39.97
CA THR PA 12 -6.80 78.92 -39.79
C THR PA 12 -5.84 78.57 -38.65
N GLU PA 13 -5.89 77.30 -38.25
CA GLU PA 13 -5.08 76.83 -37.12
C GLU PA 13 -3.59 76.89 -37.43
N ALA PA 14 -3.21 76.49 -38.65
CA ALA PA 14 -1.81 76.53 -39.06
C ALA PA 14 -1.32 77.97 -39.18
N ALA PA 15 -2.14 78.85 -39.73
CA ALA PA 15 -1.81 80.26 -39.79
C ALA PA 15 -1.70 80.86 -38.39
N TRP PA 16 -2.56 80.44 -37.46
CA TRP PA 16 -2.46 80.90 -36.08
C TRP PA 16 -1.15 80.47 -35.45
N ALA PA 17 -0.74 79.23 -35.68
CA ALA PA 17 0.53 78.76 -35.13
C ALA PA 17 1.72 79.53 -35.69
N GLU PA 18 1.70 79.84 -36.99
CA GLU PA 18 2.76 80.64 -37.57
C GLU PA 18 2.79 82.07 -37.03
N ILE PA 19 1.61 82.68 -36.83
CA ILE PA 19 1.54 84.03 -36.28
C ILE PA 19 2.03 84.07 -34.84
N GLU PA 20 1.64 83.08 -34.03
CA GLU PA 20 2.09 83.01 -32.64
C GLU PA 20 3.60 82.83 -32.56
N LEU PA 21 4.16 81.96 -33.41
CA LEU PA 21 5.59 81.73 -33.45
C LEU PA 21 6.35 82.99 -33.84
N GLU PA 22 5.87 83.68 -34.88
CA GLU PA 22 6.54 84.89 -35.36
C GLU PA 22 6.51 86.00 -34.31
N ALA PA 23 5.36 86.19 -33.66
CA ALA PA 23 5.21 87.24 -32.66
C ALA PA 23 6.07 86.95 -31.44
N ALA PA 24 6.04 85.71 -30.95
CA ALA PA 24 6.84 85.33 -29.78
C ALA PA 24 8.32 85.47 -30.05
N ARG PA 25 8.76 85.02 -31.23
CA ARG PA 25 10.17 85.12 -31.59
C ARG PA 25 10.64 86.56 -31.67
N THR PA 26 9.92 87.40 -32.41
CA THR PA 26 10.36 88.77 -32.61
C THR PA 26 10.33 89.56 -31.30
N PHE PA 27 9.35 89.27 -30.43
CA PHE PA 27 9.27 89.91 -29.13
C PHE PA 27 10.45 89.59 -28.21
N LYS PA 28 10.77 88.31 -28.02
CA LYS PA 28 11.90 87.93 -27.18
C LYS PA 28 13.20 88.57 -27.64
N ARG PA 29 13.46 88.55 -28.93
CA ARG PA 29 14.67 89.13 -29.47
C ARG PA 29 14.80 90.59 -29.13
N HIS PA 30 13.69 91.28 -29.09
CA HIS PA 30 13.75 92.75 -28.84
C HIS PA 30 13.51 93.08 -27.37
N ILE PA 31 13.30 92.08 -26.51
CA ILE PA 31 13.19 92.46 -25.10
C ILE PA 31 14.55 92.38 -24.42
N ALA PA 32 14.94 93.47 -23.77
CA ALA PA 32 16.11 93.48 -22.90
C ALA PA 32 15.70 93.57 -21.44
N GLY PA 33 14.53 94.17 -21.17
CA GLY PA 33 14.13 94.49 -19.81
C GLY PA 33 13.83 93.28 -18.95
N ARG PA 34 13.20 92.25 -19.53
CA ARG PA 34 12.83 91.07 -18.76
C ARG PA 34 14.03 90.22 -18.39
N ARG PA 35 15.16 90.41 -19.08
CA ARG PA 35 16.36 89.66 -18.74
C ARG PA 35 17.01 90.14 -17.45
N VAL PA 36 16.72 91.36 -17.02
CA VAL PA 36 17.39 91.92 -15.85
C VAL PA 36 16.44 92.19 -14.69
N VAL PA 37 15.14 92.36 -14.90
CA VAL PA 37 14.24 92.70 -13.83
C VAL PA 37 13.52 91.45 -13.38
N ASP PA 38 12.96 91.50 -12.17
CA ASP PA 38 12.11 90.43 -11.70
C ASP PA 38 10.75 90.55 -12.38
N VAL PA 39 10.28 89.44 -12.94
CA VAL PA 39 9.03 89.40 -13.68
C VAL PA 39 8.07 88.52 -12.89
N SER PA 40 6.94 89.10 -12.50
CA SER PA 40 5.96 88.38 -11.70
C SER PA 40 5.18 87.40 -12.55
N ASP PA 41 4.46 86.52 -11.88
CA ASP PA 41 3.46 85.73 -12.58
C ASP PA 41 2.31 86.63 -13.02
N PRO PA 42 1.60 86.29 -14.10
CA PRO PA 42 0.41 87.06 -14.49
C PRO PA 42 -0.67 87.03 -13.42
N GLY PA 43 -1.11 88.20 -12.98
CA GLY PA 43 -2.16 88.32 -11.99
C GLY PA 43 -3.49 87.83 -12.53
N GLY PA 44 -3.76 88.12 -13.78
CA GLY PA 44 -5.04 87.75 -14.36
C GLY PA 44 -5.75 88.97 -14.86
N PRO PA 45 -6.87 88.77 -15.56
CA PRO PA 45 -7.59 89.93 -16.13
C PRO PA 45 -8.20 90.86 -15.09
N VAL PA 46 -8.52 90.37 -13.90
CA VAL PA 46 -9.22 91.20 -12.93
C VAL PA 46 -8.26 92.11 -12.20
N THR PA 47 -6.97 91.82 -12.28
CA THR PA 47 -5.95 92.57 -11.54
C THR PA 47 -5.82 93.98 -12.12
N ALA PA 48 -5.92 94.98 -11.26
CA ALA PA 48 -6.00 96.35 -11.75
C ALA PA 48 -4.93 97.25 -11.17
N ALA PA 49 -4.43 96.91 -9.97
CA ALA PA 49 -3.47 97.77 -9.29
C ALA PA 49 -2.56 96.92 -8.41
N VAL PA 50 -1.40 97.48 -8.12
CA VAL PA 50 -0.44 96.86 -7.22
C VAL PA 50 -0.32 97.73 -5.99
N SER PA 51 -0.48 97.12 -4.83
CA SER PA 51 -0.33 97.82 -3.56
C SER PA 51 1.13 98.18 -3.33
N THR PA 52 1.37 99.42 -2.96
CA THR PA 52 2.71 99.85 -2.56
C THR PA 52 2.94 99.75 -1.06
N GLY PA 53 1.84 99.65 -0.29
CA GLY PA 53 1.94 99.51 1.17
C GLY PA 53 2.10 100.85 1.85
N ARG PA 54 2.03 101.96 1.11
CA ARG PA 54 2.10 103.31 1.74
C ARG PA 54 0.71 103.85 2.09
N LEU PA 55 0.64 105.00 2.76
CA LEU PA 55 -0.66 105.57 3.21
C LEU PA 55 -0.72 107.06 2.83
N ILE PA 56 -1.90 107.55 2.46
CA ILE PA 56 -2.08 108.95 2.07
C ILE PA 56 -3.05 109.65 3.00
N ASP PA 57 -2.60 110.71 3.66
CA ASP PA 57 -3.45 111.47 4.58
C ASP PA 57 -4.64 112.12 3.88
N VAL PA 58 -5.84 111.82 4.35
CA VAL PA 58 -7.04 112.48 3.78
C VAL PA 58 -7.80 113.27 4.83
N LYS PA 59 -8.58 114.26 4.39
CA LYS PA 59 -9.33 115.10 5.32
C LYS PA 59 -10.23 114.27 6.21
N ALA PA 60 -9.99 114.30 7.52
CA ALA PA 60 -10.77 113.54 8.50
C ALA PA 60 -12.27 113.53 8.23
N PRO PA 61 -12.88 112.33 8.15
CA PRO PA 61 -14.32 112.23 7.91
C PRO PA 61 -15.07 112.96 9.01
N THR PA 62 -14.80 112.61 10.26
CA THR PA 62 -15.43 113.28 11.39
C THR PA 62 -14.43 113.56 12.49
N ASN PA 63 -14.89 114.11 13.60
CA ASN PA 63 -14.01 114.42 14.72
C ASN PA 63 -13.50 113.14 15.36
N GLY PA 64 -12.20 113.09 15.64
CA GLY PA 64 -11.62 111.92 16.26
C GLY PA 64 -11.40 110.73 15.34
N VAL PA 65 -11.62 110.92 14.04
CA VAL PA 65 -11.40 109.85 13.10
C VAL PA 65 -10.18 110.18 12.29
N ILE PA 66 -9.29 109.23 12.14
CA ILE PA 66 -8.08 109.43 11.38
C ILE PA 66 -8.18 108.54 10.18
N ALA PA 67 -8.15 109.14 9.00
CA ALA PA 67 -8.31 108.37 7.77
C ALA PA 67 -7.11 108.40 6.88
N HIS PA 68 -6.85 107.27 6.25
CA HIS PA 68 -5.76 107.22 5.31
C HIS PA 68 -6.11 106.39 4.11
N LEU PA 69 -5.79 106.88 2.93
CA LEU PA 69 -6.00 106.14 1.71
C LEU PA 69 -4.82 105.21 1.46
N ARG PA 70 -5.11 103.98 1.04
CA ARG PA 70 -4.06 103.08 0.62
C ARG PA 70 -3.53 103.51 -0.74
N ALA PA 71 -2.21 103.60 -0.86
CA ALA PA 71 -1.58 103.95 -2.13
C ALA PA 71 -1.43 102.70 -3.00
N SER PA 72 -1.49 102.91 -4.31
CA SER PA 72 -1.35 101.81 -5.25
C SER PA 72 -0.86 102.36 -6.59
N LYS PA 73 -0.46 101.44 -7.46
CA LYS PA 73 -0.01 101.76 -8.80
C LYS PA 73 -0.95 101.10 -9.80
N PRO PA 74 -1.53 101.85 -10.73
CA PRO PA 74 -2.42 101.24 -11.72
C PRO PA 74 -1.65 100.50 -12.81
N LEU PA 75 -2.22 99.39 -13.28
CA LEU PA 75 -1.74 98.77 -14.48
C LEU PA 75 -2.13 99.58 -15.70
N VAL PA 76 -1.35 99.47 -16.76
CA VAL PA 76 -1.68 100.04 -18.05
C VAL PA 76 -1.78 98.90 -19.05
N ARG PA 77 -2.83 98.93 -19.87
CA ARG PA 77 -2.98 97.98 -20.97
C ARG PA 77 -2.47 98.63 -22.25
N LEU PA 78 -1.54 97.95 -22.90
CA LEU PA 78 -0.86 98.44 -24.08
C LEU PA 78 -1.29 97.56 -25.23
N ARG PA 79 -1.83 98.19 -26.29
CA ARG PA 79 -2.37 97.48 -27.43
C ARG PA 79 -1.75 98.04 -28.70
N VAL PA 80 -1.23 97.15 -29.53
CA VAL PA 80 -0.67 97.49 -30.83
C VAL PA 80 -1.47 96.77 -31.90
N PRO PA 81 -2.33 97.47 -32.61
CA PRO PA 81 -3.06 96.84 -33.71
C PRO PA 81 -2.16 96.62 -34.92
N PHE PA 82 -2.49 95.60 -35.71
CA PHE PA 82 -1.80 95.32 -36.95
C PHE PA 82 -2.76 94.64 -37.91
N THR PA 83 -2.39 94.64 -39.18
CA THR PA 83 -3.29 94.24 -40.27
C THR PA 83 -2.62 93.18 -41.13
N LEU PA 84 -3.31 92.06 -41.32
CA LEU PA 84 -2.79 90.94 -42.10
C LEU PA 84 -3.58 90.76 -43.38
N SER PA 85 -2.87 90.46 -44.46
CA SER PA 85 -3.51 90.06 -45.71
C SER PA 85 -4.14 88.69 -45.55
N ARG PA 86 -5.38 88.54 -46.01
CA ARG PA 86 -6.05 87.26 -45.94
C ARG PA 86 -5.52 86.26 -46.97
N ASN PA 87 -4.94 86.75 -48.06
CA ASN PA 87 -4.27 85.87 -49.01
C ASN PA 87 -3.07 85.18 -48.40
N GLU PA 88 -2.28 85.93 -47.63
CA GLU PA 88 -1.13 85.34 -46.91
C GLU PA 88 -1.59 84.32 -45.89
N ILE PA 89 -2.72 84.57 -45.23
CA ILE PA 89 -3.28 83.61 -44.28
C ILE PA 89 -3.72 82.34 -45.00
N ASP PA 90 -4.40 82.49 -46.14
CA ASP PA 90 -4.86 81.35 -46.91
C ASP PA 90 -3.71 80.55 -47.52
N ASP PA 91 -2.57 81.19 -47.77
CA ASP PA 91 -1.40 80.52 -48.32
C ASP PA 91 -0.84 79.44 -47.39
N VAL PA 92 -1.06 79.57 -46.09
CA VAL PA 92 -0.40 78.71 -45.11
C VAL PA 92 -0.93 77.28 -45.19
N GLU PA 93 -2.24 77.11 -45.38
CA GLU PA 93 -2.79 75.74 -45.45
C GLU PA 93 -2.34 75.07 -46.75
N ARG PA 94 -2.19 75.84 -47.82
CA ARG PA 94 -1.69 75.27 -49.06
C ARG PA 94 -0.22 74.88 -49.00
N GLY PA 95 0.49 75.24 -47.94
CA GLY PA 95 1.87 74.83 -47.76
C GLY PA 95 2.90 75.90 -47.99
N SER PA 96 2.51 77.16 -48.12
CA SER PA 96 3.48 78.24 -48.23
C SER PA 96 4.24 78.40 -46.92
N LYS PA 97 5.52 78.74 -47.03
CA LYS PA 97 6.37 78.96 -45.87
C LYS PA 97 7.03 80.33 -45.91
N ASP PA 98 6.56 81.20 -46.81
CA ASP PA 98 7.09 82.57 -46.88
C ASP PA 98 5.96 83.60 -46.78
N SER PA 99 4.90 83.27 -46.05
CA SER PA 99 3.78 84.18 -45.88
C SER PA 99 4.23 85.44 -45.17
N ASP PA 100 3.71 86.58 -45.63
CA ASP PA 100 4.17 87.88 -45.18
C ASP PA 100 3.71 88.18 -43.76
N TRP PA 101 4.59 87.95 -42.80
CA TRP PA 101 4.25 88.23 -41.41
C TRP PA 101 4.98 89.49 -40.93
N GLU PA 102 5.29 90.37 -41.87
CA GLU PA 102 5.93 91.64 -41.51
C GLU PA 102 5.09 92.49 -40.55
N PRO PA 103 3.75 92.57 -40.73
CA PRO PA 103 3.02 93.38 -39.75
C PRO PA 103 3.10 92.77 -38.36
N VAL PA 104 3.03 91.44 -38.25
CA VAL PA 104 3.20 90.80 -36.95
C VAL PA 104 4.55 91.15 -36.35
N LYS PA 105 5.60 91.14 -37.16
CA LYS PA 105 6.94 91.47 -36.68
C LYS PA 105 7.04 92.93 -36.27
N GLU PA 106 6.42 93.84 -37.03
CA GLU PA 106 6.42 95.25 -36.67
C GLU PA 106 5.62 95.52 -35.41
N ALA PA 107 4.50 94.81 -35.23
CA ALA PA 107 3.72 94.97 -34.00
C ALA PA 107 4.47 94.44 -32.79
N ALA PA 108 5.15 93.29 -32.93
CA ALA PA 108 5.92 92.74 -31.83
C ALA PA 108 7.12 93.63 -31.49
N LYS PA 109 7.77 94.18 -32.50
CA LYS PA 109 8.87 95.11 -32.25
C LYS PA 109 8.39 96.38 -31.57
N LYS PA 110 7.23 96.88 -31.97
CA LYS PA 110 6.71 98.10 -31.37
C LYS PA 110 6.25 97.87 -29.93
N LEU PA 111 5.62 96.72 -29.68
CA LEU PA 111 5.18 96.39 -28.29
C LEU PA 111 6.43 96.23 -27.41
N ALA PA 112 7.44 95.50 -27.90
CA ALA PA 112 8.67 95.32 -27.14
C ALA PA 112 9.35 96.65 -26.85
N PHE PA 113 9.34 97.56 -27.84
CA PHE PA 113 9.94 98.88 -27.65
C PHE PA 113 9.19 99.69 -26.62
N VAL PA 114 7.86 99.62 -26.63
CA VAL PA 114 7.09 100.33 -25.62
C VAL PA 114 7.41 99.77 -24.24
N GLU PA 115 7.36 98.45 -24.09
CA GLU PA 115 7.61 97.86 -22.77
C GLU PA 115 8.99 98.22 -22.23
N ASP PA 116 10.02 98.16 -23.08
CA ASP PA 116 11.37 98.48 -22.64
C ASP PA 116 11.53 99.96 -22.33
N ARG PA 117 10.93 100.83 -23.14
CA ARG PA 117 11.01 102.26 -22.87
C ARG PA 117 10.20 102.65 -21.65
N THR PA 118 9.16 101.89 -21.35
CA THR PA 118 8.40 102.12 -20.12
C THR PA 118 9.21 101.71 -18.90
N ILE PA 119 9.89 100.57 -18.96
CA ILE PA 119 10.71 100.13 -17.84
C ILE PA 119 11.88 101.07 -17.61
N PHE PA 120 12.57 101.51 -18.67
CA PHE PA 120 13.81 102.24 -18.46
C PHE PA 120 13.65 103.76 -18.50
N GLU PA 121 12.65 104.30 -19.20
CA GLU PA 121 12.47 105.73 -19.29
C GLU PA 121 11.17 106.21 -18.67
N GLY PA 122 10.36 105.30 -18.20
CA GLY PA 122 9.10 105.67 -17.61
C GLY PA 122 7.96 106.08 -18.50
N TYR PA 123 6.77 106.12 -17.93
CA TYR PA 123 5.59 106.52 -18.66
C TYR PA 123 4.84 107.30 -17.62
N SER PA 124 5.02 108.60 -17.61
CA SER PA 124 4.40 109.45 -16.60
C SER PA 124 2.89 109.38 -16.52
N ALA PA 125 2.20 109.29 -17.65
CA ALA PA 125 0.76 109.21 -17.68
C ALA PA 125 0.25 107.96 -16.96
N ALA PA 126 1.04 106.89 -16.97
CA ALA PA 126 0.72 105.67 -16.24
C ALA PA 126 1.33 105.64 -14.85
N SER PA 127 1.88 106.77 -14.39
CA SER PA 127 2.52 106.93 -13.07
C SER PA 127 3.67 105.94 -12.88
N ILE PA 128 4.44 105.71 -13.94
CA ILE PA 128 5.58 104.82 -13.90
C ILE PA 128 6.83 105.67 -14.03
N GLU PA 129 7.69 105.60 -13.02
CA GLU PA 129 8.99 106.26 -13.06
C GLU PA 129 9.99 105.29 -13.66
N GLY PA 130 10.78 105.76 -14.61
CA GLY PA 130 11.77 104.91 -15.22
C GLY PA 130 12.94 104.64 -14.29
N ILE PA 131 13.76 103.67 -14.69
CA ILE PA 131 15.00 103.37 -13.96
C ILE PA 131 15.95 104.56 -14.03
N ARG PA 132 15.98 105.27 -15.17
CA ARG PA 132 16.82 106.45 -15.31
C ARG PA 132 16.39 107.57 -14.34
N SER PA 133 15.09 107.78 -14.21
CA SER PA 133 14.61 108.82 -13.31
C SER PA 133 14.69 108.41 -11.84
N ALA PA 134 14.50 107.14 -11.54
CA ALA PA 134 14.51 106.67 -10.16
C ALA PA 134 15.90 106.35 -9.64
N SER PA 135 16.92 106.45 -10.47
CA SER PA 135 18.28 106.17 -10.02
C SER PA 135 18.79 107.32 -9.17
N SER PA 136 19.38 106.99 -8.01
CA SER PA 136 20.01 107.99 -7.17
C SER PA 136 21.49 108.17 -7.45
N ASN PA 137 22.11 107.25 -8.17
CA ASN PA 137 23.51 107.38 -8.54
C ASN PA 137 23.65 108.46 -9.62
N PRO PA 138 24.80 109.13 -9.69
CA PRO PA 138 24.97 110.19 -10.68
C PRO PA 138 24.95 109.68 -12.12
N ALA PA 139 24.46 110.52 -13.01
CA ALA PA 139 24.39 110.19 -14.41
C ALA PA 139 25.72 110.50 -15.08
N LEU PA 140 26.08 109.69 -16.07
CA LEU PA 140 27.35 109.82 -16.76
C LEU PA 140 27.11 110.15 -18.22
N THR PA 141 28.10 110.76 -18.85
CA THR PA 141 28.04 111.09 -20.27
C THR PA 141 28.87 110.12 -21.06
N LEU PA 142 28.27 109.51 -22.09
CA LEU PA 142 29.01 108.60 -22.95
C LEU PA 142 29.84 109.41 -23.93
N PRO PA 143 31.12 109.04 -24.09
CA PRO PA 143 32.01 109.80 -24.98
C PRO PA 143 31.74 109.53 -26.45
N GLU PA 144 32.26 110.39 -27.31
CA GLU PA 144 32.07 110.22 -28.75
C GLU PA 144 32.87 109.04 -29.29
N ASP PA 145 34.12 108.90 -28.85
CA ASP PA 145 34.99 107.83 -29.30
C ASP PA 145 34.55 106.52 -28.65
N PRO PA 146 34.23 105.48 -29.42
CA PRO PA 146 33.89 104.19 -28.81
C PRO PA 146 35.02 103.55 -28.03
N ARG PA 147 36.28 103.85 -28.34
CA ARG PA 147 37.40 103.32 -27.57
C ARG PA 147 37.45 103.88 -26.16
N GLU PA 148 36.78 105.00 -25.91
CA GLU PA 148 36.64 105.56 -24.59
C GLU PA 148 35.36 105.12 -23.89
N ILE PA 149 34.56 104.25 -24.51
CA ILE PA 149 33.37 103.73 -23.82
C ILE PA 149 33.71 102.89 -22.57
N PRO PA 150 34.59 101.87 -22.70
CA PRO PA 150 34.84 101.05 -21.51
C PRO PA 150 35.33 101.84 -20.29
N ASP PA 151 36.01 102.96 -20.49
CA ASP PA 151 36.47 103.77 -19.37
C ASP PA 151 35.27 104.28 -18.58
N VAL PA 152 34.37 105.00 -19.25
CA VAL PA 152 33.19 105.57 -18.57
C VAL PA 152 32.33 104.47 -17.94
N ILE PA 153 32.12 103.37 -18.65
CA ILE PA 153 31.39 102.23 -18.08
C ILE PA 153 32.02 101.80 -16.76
N SER PA 154 33.34 101.74 -16.71
CA SER PA 154 34.07 101.37 -15.47
C SER PA 154 33.79 102.39 -14.35
N GLN PA 155 33.64 103.66 -14.69
CA GLN PA 155 33.28 104.67 -13.69
C GLN PA 155 31.89 104.41 -13.14
N ALA PA 156 30.97 103.96 -13.99
CA ALA PA 156 29.66 103.51 -13.53
C ALA PA 156 29.78 102.33 -12.59
N LEU PA 157 30.70 101.40 -12.88
CA LEU PA 157 30.95 100.29 -11.98
C LEU PA 157 31.57 100.76 -10.68
N SER PA 158 32.22 101.92 -10.68
CA SER PA 158 32.68 102.49 -9.42
C SER PA 158 31.50 102.93 -8.56
N GLU PA 159 30.47 103.51 -9.20
CA GLU PA 159 29.38 104.14 -8.46
C GLU PA 159 28.52 103.11 -7.72
N LEU PA 160 28.17 102.01 -8.41
CA LEU PA 160 27.53 100.88 -7.73
C LEU PA 160 28.39 100.29 -6.64
N ARG PA 161 29.71 100.39 -6.77
CA ARG PA 161 30.57 99.94 -5.69
C ARG PA 161 30.56 100.94 -4.54
N LEU PA 162 30.45 102.24 -4.86
CA LEU PA 162 30.34 103.25 -3.82
C LEU PA 162 28.95 103.28 -3.20
N ALA PA 163 27.96 102.71 -3.88
CA ALA PA 163 26.62 102.62 -3.34
C ALA PA 163 26.44 101.42 -2.42
N GLY PA 164 27.47 100.58 -2.27
CA GLY PA 164 27.36 99.38 -1.45
C GLY PA 164 26.39 98.40 -2.06
N VAL PA 165 26.72 97.83 -3.22
CA VAL PA 165 25.82 96.91 -3.90
C VAL PA 165 26.58 95.70 -4.42
N ASP PA 166 26.03 94.50 -4.22
CA ASP PA 166 26.65 93.28 -4.72
C ASP PA 166 25.91 92.74 -5.94
N GLY PA 167 26.21 91.51 -6.34
CA GLY PA 167 25.50 90.90 -7.46
C GLY PA 167 26.15 91.02 -8.82
N PRO PA 168 25.71 90.18 -9.77
CA PRO PA 168 26.25 90.23 -11.12
C PRO PA 168 25.81 91.54 -11.75
N TYR PA 169 26.71 92.38 -12.19
CA TYR PA 169 26.29 93.61 -12.86
C TYR PA 169 26.04 93.40 -14.36
N SER PA 170 25.04 94.08 -14.92
CA SER PA 170 24.84 93.85 -16.35
C SER PA 170 24.77 95.18 -17.10
N VAL PA 171 25.31 95.24 -18.31
CA VAL PA 171 25.34 96.49 -19.06
C VAL PA 171 24.37 96.36 -20.23
N LEU PA 172 23.48 97.33 -20.35
CA LEU PA 172 22.52 97.37 -21.43
C LEU PA 172 22.87 98.56 -22.27
N LEU PA 173 22.94 98.39 -23.59
CA LEU PA 173 23.36 99.45 -24.48
C LEU PA 173 22.24 99.76 -25.46
N SER PA 174 22.16 101.02 -25.85
CA SER PA 174 21.29 101.39 -26.96
C SER PA 174 21.87 100.83 -28.26
N ALA PA 175 21.01 100.77 -29.29
CA ALA PA 175 21.39 100.19 -30.57
C ALA PA 175 22.52 100.97 -31.23
N ASP PA 176 22.53 102.29 -31.08
CA ASP PA 176 23.63 103.12 -31.57
C ASP PA 176 24.93 102.78 -30.85
N VAL PA 177 24.88 102.67 -29.53
CA VAL PA 177 26.06 102.39 -28.73
C VAL PA 177 26.53 100.94 -28.95
N TYR PA 178 25.58 100.01 -29.05
CA TYR PA 178 25.91 98.61 -29.31
C TYR PA 178 26.58 98.45 -30.67
N THR PA 179 26.07 99.16 -31.69
CA THR PA 179 26.69 99.15 -33.01
C THR PA 179 28.09 99.76 -32.97
N LYS PA 180 28.25 100.88 -32.25
CA LYS PA 180 29.55 101.54 -32.16
C LYS PA 180 30.59 100.67 -31.47
N VAL PA 181 30.22 99.99 -30.37
CA VAL PA 181 31.20 99.14 -29.70
C VAL PA 181 31.32 97.78 -30.37
N SER PA 182 30.42 97.44 -31.29
CA SER PA 182 30.53 96.20 -32.04
C SER PA 182 31.43 96.36 -33.25
N GLU PA 183 31.36 97.50 -33.93
CA GLU PA 183 32.05 97.67 -35.20
C GLU PA 183 33.46 98.23 -35.04
N THR PA 184 33.77 98.82 -33.91
CA THR PA 184 35.11 99.30 -33.64
C THR PA 184 35.89 98.17 -32.95
N SER PA 185 37.12 97.95 -33.38
CA SER PA 185 37.90 96.84 -32.86
C SER PA 185 39.24 97.34 -32.35
N ASP PA 186 39.77 96.64 -31.36
CA ASP PA 186 41.09 96.93 -30.80
C ASP PA 186 41.74 95.62 -30.44
N HIS PA 187 42.91 95.36 -31.05
CA HIS PA 187 43.74 94.17 -30.80
C HIS PA 187 42.99 92.87 -31.01
N GLY PA 188 42.27 92.78 -32.12
CA GLY PA 188 41.61 91.56 -32.50
C GLY PA 188 40.29 91.29 -31.83
N TYR PA 189 39.79 92.21 -31.02
CA TYR PA 189 38.47 92.08 -30.42
C TYR PA 189 37.72 93.38 -30.59
N PRO PA 190 36.41 93.31 -30.78
CA PRO PA 190 35.60 94.53 -30.72
C PRO PA 190 35.50 95.03 -29.29
N ILE PA 191 35.09 96.29 -29.15
CA ILE PA 191 35.00 96.93 -27.84
C ILE PA 191 33.92 96.28 -26.97
N ARG PA 192 32.95 95.60 -27.60
CA ARG PA 192 31.96 94.83 -26.87
C ARG PA 192 32.59 93.73 -26.02
N GLU PA 193 33.65 93.11 -26.52
CA GLU PA 193 34.38 92.13 -25.73
C GLU PA 193 35.10 92.80 -24.56
N HIS PA 194 35.64 94.00 -24.77
CA HIS PA 194 36.25 94.76 -23.68
C HIS PA 194 35.24 95.09 -22.59
N LEU PA 195 34.00 95.40 -22.98
CA LEU PA 195 32.93 95.58 -22.01
C LEU PA 195 32.60 94.27 -21.31
N ASN PA 196 32.65 93.16 -22.03
CA ASN PA 196 32.36 91.85 -21.46
C ASN PA 196 33.39 91.46 -20.40
N ARG PA 197 34.63 91.92 -20.54
CA ARG PA 197 35.64 91.60 -19.53
C ARG PA 197 35.41 92.35 -18.21
N LEU PA 198 34.77 93.52 -18.25
CA LEU PA 198 34.55 94.34 -17.02
C LEU PA 198 33.48 93.76 -16.09
N VAL PA 199 32.51 93.02 -16.62
CA VAL PA 199 31.37 92.57 -15.75
C VAL PA 199 31.22 91.05 -15.73
N ASP PA 200 30.52 90.53 -14.73
CA ASP PA 200 30.27 89.08 -14.61
C ASP PA 200 28.85 88.83 -15.07
N GLY PA 201 28.20 89.87 -15.60
CA GLY PA 201 26.83 89.72 -16.11
C GLY PA 201 26.86 89.58 -17.61
N ASP PA 202 26.12 90.43 -18.34
CA ASP PA 202 26.03 90.24 -19.80
C ASP PA 202 25.97 91.57 -20.54
N ILE PA 203 26.61 91.68 -21.69
CA ILE PA 203 26.39 92.89 -22.52
C ILE PA 203 25.09 92.59 -23.23
N ILE PA 204 24.09 93.44 -23.04
CA ILE PA 204 22.74 93.16 -23.54
C ILE PA 204 22.37 94.22 -24.56
N TRP PA 205 21.98 93.78 -25.74
CA TRP PA 205 21.48 94.68 -26.78
C TRP PA 205 20.10 95.17 -26.38
N ALA PA 206 19.93 96.48 -26.28
CA ALA PA 206 18.68 97.10 -25.87
C ALA PA 206 18.31 98.19 -26.87
N PRO PA 207 17.70 97.80 -28.00
CA PRO PA 207 17.45 98.78 -29.07
C PRO PA 207 16.41 99.84 -28.76
N ALA PA 208 15.61 99.69 -27.71
CA ALA PA 208 14.58 100.69 -27.44
C ALA PA 208 15.11 101.85 -26.60
N ILE PA 209 16.08 101.61 -25.73
CA ILE PA 209 16.55 102.61 -24.77
C ILE PA 209 17.42 103.66 -25.44
N ASP PA 210 17.65 104.76 -24.75
CA ASP PA 210 18.69 105.71 -25.08
C ASP PA 210 19.86 105.52 -24.14
N GLY PA 211 21.05 105.89 -24.63
CA GLY PA 211 22.24 105.80 -23.81
C GLY PA 211 22.61 104.41 -23.37
N ALA PA 212 22.90 104.27 -22.08
CA ALA PA 212 23.30 102.98 -21.55
C ALA PA 212 22.85 102.86 -20.11
N PHE PA 213 22.81 101.62 -19.63
CA PHE PA 213 22.41 101.39 -18.23
C PHE PA 213 23.30 100.31 -17.66
N VAL PA 214 23.87 100.55 -16.49
CA VAL PA 214 24.64 99.48 -15.81
C VAL PA 214 23.88 99.18 -14.54
N LEU PA 215 23.68 97.91 -14.23
CA LEU PA 215 22.83 97.64 -13.04
C LEU PA 215 23.08 96.23 -12.53
N THR PA 216 22.71 95.99 -11.27
CA THR PA 216 22.86 94.70 -10.64
C THR PA 216 21.64 93.81 -10.92
N THR PA 217 21.89 92.52 -11.05
CA THR PA 217 20.82 91.57 -11.26
C THR PA 217 20.74 90.60 -10.09
N ARG PA 218 21.04 91.10 -8.90
CA ARG PA 218 21.00 90.26 -7.70
C ARG PA 218 19.57 89.84 -7.33
N GLY PA 219 18.58 90.60 -7.79
CA GLY PA 219 17.21 90.26 -7.48
C GLY PA 219 16.60 91.23 -6.49
N GLY PA 220 15.28 91.37 -6.56
CA GLY PA 220 14.53 92.15 -5.60
C GLY PA 220 14.66 93.65 -5.73
N ASP PA 221 15.27 94.16 -6.79
CA ASP PA 221 15.44 95.60 -6.91
C ASP PA 221 14.48 96.20 -7.93
N PHE PA 222 14.17 95.46 -8.98
CA PHE PA 222 13.38 95.95 -10.09
C PHE PA 222 12.28 94.92 -10.34
N ASP PA 223 11.04 95.35 -10.42
CA ASP PA 223 9.91 94.42 -10.43
C ASP PA 223 8.94 94.83 -11.53
N LEU PA 224 8.76 93.96 -12.51
CA LEU PA 224 7.76 94.15 -13.55
C LEU PA 224 6.52 93.34 -13.17
N GLN PA 225 5.40 94.01 -12.98
CA GLN PA 225 4.16 93.34 -12.63
C GLN PA 225 3.27 93.18 -13.85
N LEU PA 226 2.91 91.96 -14.13
CA LEU PA 226 2.05 91.67 -15.25
C LEU PA 226 0.68 91.25 -14.82
N GLY PA 227 -0.35 91.86 -15.36
CA GLY PA 227 -1.69 91.34 -15.09
C GLY PA 227 -1.83 90.20 -16.08
N THR PA 228 -1.66 90.52 -17.36
CA THR PA 228 -1.69 89.49 -18.42
C THR PA 228 -0.49 89.67 -19.33
N ASP PA 229 0.15 88.55 -19.71
CA ASP PA 229 1.32 88.62 -20.62
C ASP PA 229 0.86 88.92 -22.04
N VAL PA 230 1.78 88.96 -23.00
CA VAL PA 230 1.46 89.29 -24.42
C VAL PA 230 0.47 88.29 -25.02
N ALA PA 231 -0.61 88.80 -25.60
CA ALA PA 231 -1.63 87.97 -26.22
C ALA PA 231 -2.03 88.58 -27.56
N ILE PA 232 -2.53 87.75 -28.46
CA ILE PA 232 -2.98 88.22 -29.76
C ILE PA 232 -4.50 88.16 -29.79
N GLY PA 233 -5.14 89.28 -30.13
CA GLY PA 233 -6.59 89.37 -30.15
C GLY PA 233 -7.11 89.82 -31.50
N TYR PA 234 -8.39 89.56 -31.72
CA TYR PA 234 -9.04 89.83 -33.00
C TYR PA 234 -9.95 91.05 -32.89
N ALA PA 235 -9.78 92.00 -33.81
CA ALA PA 235 -10.60 93.24 -33.78
C ALA PA 235 -11.73 93.14 -34.79
N SER PA 236 -11.40 93.12 -36.09
CA SER PA 236 -12.40 93.09 -37.15
C SER PA 236 -11.77 92.56 -38.44
N HIS PA 237 -12.60 92.30 -39.45
CA HIS PA 237 -12.09 91.73 -40.73
C HIS PA 237 -12.92 92.17 -41.93
N ASP PA 238 -12.33 92.17 -43.12
CA ASP PA 238 -13.10 92.47 -44.37
C ASP PA 238 -12.74 91.36 -45.35
N THR PA 239 -13.03 91.55 -46.64
CA THR PA 239 -12.74 90.51 -47.65
C THR PA 239 -11.24 90.35 -47.84
N ASP PA 240 -10.48 91.43 -47.63
CA ASP PA 240 -9.07 91.36 -47.95
C ASP PA 240 -8.16 91.20 -46.73
N THR PA 241 -8.54 91.73 -45.58
CA THR PA 241 -7.61 91.85 -44.47
C THR PA 241 -8.28 91.45 -43.15
N VAL PA 242 -7.43 91.07 -42.19
CA VAL PA 242 -7.85 90.84 -40.82
C VAL PA 242 -7.09 91.81 -39.92
N ARG PA 243 -7.84 92.59 -39.15
CA ARG PA 243 -7.24 93.46 -38.13
C ARG PA 243 -7.14 92.70 -36.82
N LEU PA 244 -5.92 92.61 -36.30
CA LEU PA 244 -5.70 91.97 -35.01
C LEU PA 244 -4.91 92.94 -34.15
N TYR PA 245 -4.52 92.51 -32.95
CA TYR PA 245 -3.71 93.34 -32.08
C TYR PA 245 -2.86 92.47 -31.18
N LEU PA 246 -1.77 93.06 -30.71
CA LEU PA 246 -0.96 92.51 -29.63
C LEU PA 246 -1.30 93.30 -28.38
N GLN PA 247 -1.38 92.61 -27.24
CA GLN PA 247 -1.87 93.30 -26.06
C GLN PA 247 -1.20 92.74 -24.82
N GLU PA 248 -0.82 93.63 -23.92
CA GLU PA 248 -0.26 93.23 -22.64
C GLU PA 248 -0.58 94.31 -21.61
N THR PA 249 -0.78 93.90 -20.37
CA THR PA 249 -1.06 94.86 -19.31
C THR PA 249 -0.07 94.69 -18.16
N LEU PA 250 0.49 95.81 -17.71
CA LEU PA 250 1.64 95.78 -16.81
C LEU PA 250 1.78 97.08 -16.05
N THR PA 251 2.61 97.03 -15.01
CA THR PA 251 3.21 98.20 -14.41
C THR PA 251 4.65 97.85 -14.04
N PHE PA 252 5.45 98.86 -13.75
CA PHE PA 252 6.83 98.63 -13.34
C PHE PA 252 7.14 99.39 -12.06
N LEU PA 253 7.85 98.72 -11.15
CA LEU PA 253 8.22 99.27 -9.87
C LEU PA 253 9.73 99.17 -9.70
N CYS PA 254 10.35 100.24 -9.23
CA CYS PA 254 11.75 100.21 -8.84
C CYS PA 254 11.82 100.40 -7.32
N TYR PA 255 12.24 99.35 -6.62
CA TYR PA 255 12.33 99.41 -5.16
C TYR PA 255 13.63 99.99 -4.66
N THR PA 256 14.71 99.87 -5.43
CA THR PA 256 16.05 100.19 -4.95
C THR PA 256 16.63 101.28 -5.85
N ALA PA 257 16.77 102.48 -5.29
CA ALA PA 257 17.16 103.64 -6.11
C ALA PA 257 18.63 103.59 -6.51
N GLU PA 258 19.47 102.94 -5.71
CA GLU PA 258 20.91 103.02 -5.93
C GLU PA 258 21.46 101.82 -6.69
N ALA PA 259 20.59 101.01 -7.28
CA ALA PA 259 21.01 99.78 -7.94
C ALA PA 259 21.31 99.97 -9.44
N SER PA 260 21.42 101.22 -9.91
CA SER PA 260 21.60 101.42 -11.34
C SER PA 260 22.30 102.75 -11.62
N VAL PA 261 22.99 102.80 -12.77
CA VAL PA 261 23.57 104.01 -13.32
C VAL PA 261 23.08 104.17 -14.75
N ALA PA 262 22.56 105.35 -15.07
CA ALA PA 262 22.13 105.72 -16.40
C ALA PA 262 23.18 106.56 -17.10
N LEU PA 263 23.32 106.33 -18.39
CA LEU PA 263 24.29 107.06 -19.17
C LEU PA 263 23.57 107.67 -20.37
N SER PA 264 24.01 108.84 -20.80
CA SER PA 264 23.39 109.55 -21.90
C SER PA 264 24.46 110.10 -22.82
N HIS PA 265 24.04 110.60 -23.97
CA HIS PA 265 24.96 111.18 -24.95
C HIS PA 265 25.12 112.68 -24.75
N MET QA 1 32.99 42.72 -59.81
CA MET QA 1 33.72 41.99 -60.85
C MET QA 1 35.21 42.17 -60.76
N ASN QA 2 35.95 41.48 -61.63
CA ASN QA 2 37.42 41.58 -61.63
C ASN QA 2 37.97 42.07 -62.97
N ASN QA 3 39.26 41.84 -63.22
CA ASN QA 3 39.86 42.29 -64.47
C ASN QA 3 39.43 41.45 -65.69
N LEU QA 4 39.00 40.21 -65.50
CA LEU QA 4 38.44 39.43 -66.61
C LEU QA 4 37.17 40.04 -67.20
N TYR QA 5 36.42 40.81 -66.41
CA TYR QA 5 35.15 41.40 -66.88
C TYR QA 5 34.27 40.35 -67.56
N ARG QA 6 34.16 39.20 -66.90
CA ARG QA 6 33.58 38.02 -67.52
C ARG QA 6 32.08 38.15 -67.72
N ASP QA 7 31.40 38.82 -66.78
CA ASP QA 7 29.96 39.01 -66.89
C ASP QA 7 29.56 39.99 -67.98
N LEU QA 8 30.51 40.78 -68.48
CA LEU QA 8 30.20 41.68 -69.59
C LEU QA 8 30.21 40.98 -70.93
N ALA QA 9 30.79 39.78 -71.01
CA ALA QA 9 30.87 39.09 -72.28
C ALA QA 9 29.51 38.51 -72.66
N PRO QA 10 29.10 38.62 -73.92
CA PRO QA 10 27.84 37.97 -74.37
C PRO QA 10 28.04 36.49 -74.64
N VAL QA 11 28.31 35.75 -73.57
CA VAL QA 11 28.58 34.33 -73.61
C VAL QA 11 27.67 33.69 -72.57
N THR QA 12 26.94 32.66 -72.98
CA THR QA 12 26.04 31.99 -72.06
C THR QA 12 26.81 31.09 -71.12
N GLU QA 13 26.12 30.61 -70.08
CA GLU QA 13 26.75 29.77 -69.07
C GLU QA 13 27.22 28.43 -69.64
N ALA QA 14 26.39 27.82 -70.49
CA ALA QA 14 26.76 26.55 -71.12
C ALA QA 14 27.92 26.72 -72.08
N ALA QA 15 27.90 27.81 -72.85
CA ALA QA 15 29.01 28.13 -73.73
C ALA QA 15 30.28 28.40 -72.94
N TRP QA 16 30.16 29.06 -71.78
CA TRP QA 16 31.31 29.30 -70.93
C TRP QA 16 31.90 27.99 -70.43
N ALA QA 17 31.04 27.04 -70.01
CA ALA QA 17 31.53 25.75 -69.55
C ALA QA 17 32.25 24.99 -70.65
N GLU QA 18 31.72 25.03 -71.88
CA GLU QA 18 32.39 24.38 -73.00
C GLU QA 18 33.73 25.03 -73.33
N ILE QA 19 33.81 26.37 -73.27
CA ILE QA 19 35.06 27.07 -73.55
C ILE QA 19 36.11 26.77 -72.48
N GLU QA 20 35.71 26.76 -71.21
CA GLU QA 20 36.62 26.44 -70.12
C GLU QA 20 37.15 25.01 -70.24
N LEU QA 21 36.27 24.06 -70.57
CA LEU QA 21 36.67 22.68 -70.75
C LEU QA 21 37.64 22.52 -71.90
N GLU QA 22 37.36 23.15 -73.03
CA GLU QA 22 38.22 23.06 -74.21
C GLU QA 22 39.60 23.66 -73.95
N ALA QA 23 39.64 24.83 -73.31
CA ALA QA 23 40.91 25.49 -73.02
C ALA QA 23 41.74 24.72 -72.03
N ALA QA 24 41.11 24.23 -70.95
CA ALA QA 24 41.84 23.45 -69.94
C ALA QA 24 42.38 22.15 -70.52
N ARG QA 25 41.56 21.47 -71.32
CA ARG QA 25 42.00 20.22 -71.94
C ARG QA 25 43.17 20.42 -72.87
N THR QA 26 43.06 21.38 -73.79
CA THR QA 26 44.11 21.58 -74.79
C THR QA 26 45.40 22.05 -74.13
N PHE QA 27 45.31 22.87 -73.08
CA PHE QA 27 46.47 23.34 -72.36
C PHE QA 27 47.24 22.21 -71.65
N LYS QA 28 46.56 21.39 -70.87
CA LYS QA 28 47.22 20.27 -70.18
C LYS QA 28 47.95 19.36 -71.15
N ARG QA 29 47.30 19.00 -72.25
CA ARG QA 29 47.89 18.13 -73.23
C ARG QA 29 49.19 18.69 -73.77
N HIS QA 30 49.27 19.99 -73.90
CA HIS QA 30 50.48 20.60 -74.51
C HIS QA 30 51.46 21.07 -73.44
N ILE QA 31 51.14 20.91 -72.16
CA ILE QA 31 52.17 21.29 -71.19
C ILE QA 31 53.05 20.10 -70.84
N ALA QA 32 54.36 20.28 -70.98
CA ALA QA 32 55.33 19.31 -70.49
C ALA QA 32 56.07 19.85 -69.27
N GLY QA 33 56.17 21.17 -69.16
CA GLY QA 33 57.02 21.78 -68.14
C GLY QA 33 56.51 21.59 -66.72
N ARG QA 34 55.20 21.66 -66.52
CA ARG QA 34 54.64 21.54 -65.18
C ARG QA 34 54.72 20.11 -64.64
N ARG QA 35 54.92 19.12 -65.52
CA ARG QA 35 55.06 17.76 -65.06
C ARG QA 35 56.40 17.49 -64.40
N VAL QA 36 57.41 18.33 -64.64
CA VAL QA 36 58.74 18.08 -64.12
C VAL QA 36 59.21 19.14 -63.14
N VAL QA 37 58.69 20.35 -63.16
CA VAL QA 37 59.19 21.40 -62.29
C VAL QA 37 58.25 21.54 -61.11
N ASP QA 38 58.76 22.15 -60.05
CA ASP QA 38 57.90 22.49 -58.91
C ASP QA 38 57.05 23.70 -59.28
N VAL QA 39 55.76 23.59 -59.05
CA VAL QA 39 54.80 24.63 -59.39
C VAL QA 39 54.23 25.17 -58.08
N SER QA 40 54.40 26.47 -57.87
CA SER QA 40 53.95 27.09 -56.64
C SER QA 40 52.45 27.29 -56.65
N ASP QA 41 51.91 27.60 -55.49
CA ASP QA 41 50.54 28.09 -55.45
C ASP QA 41 50.47 29.48 -56.07
N PRO QA 42 49.33 29.88 -56.64
CA PRO QA 42 49.18 31.24 -57.14
C PRO QA 42 49.32 32.29 -56.06
N GLY QA 43 50.24 33.22 -56.25
CA GLY QA 43 50.45 34.30 -55.31
C GLY QA 43 49.26 35.24 -55.22
N GLY QA 44 48.64 35.50 -56.36
CA GLY QA 44 47.54 36.43 -56.38
C GLY QA 44 47.84 37.57 -57.32
N PRO QA 45 46.85 38.43 -57.58
CA PRO QA 45 47.05 39.52 -58.53
C PRO QA 45 48.06 40.56 -58.08
N VAL QA 46 48.26 40.73 -56.78
CA VAL QA 46 49.13 41.82 -56.30
C VAL QA 46 50.59 41.41 -56.38
N THR QA 47 50.85 40.11 -56.52
CA THR QA 47 52.21 39.60 -56.53
C THR QA 47 52.94 40.05 -57.79
N ALA QA 48 54.11 40.65 -57.61
CA ALA QA 48 54.79 41.28 -58.75
C ALA QA 48 56.20 40.77 -58.96
N ALA QA 49 56.84 40.28 -57.89
CA ALA QA 49 58.23 39.86 -57.98
C ALA QA 49 58.49 38.75 -56.97
N VAL QA 50 59.52 37.98 -57.26
CA VAL QA 50 59.97 36.91 -56.38
C VAL QA 50 61.35 37.29 -55.85
N SER QA 51 61.50 37.27 -54.53
CA SER QA 51 62.79 37.55 -53.92
C SER QA 51 63.77 36.42 -54.20
N THR QA 52 64.98 36.78 -54.62
CA THR QA 52 66.05 35.81 -54.77
C THR QA 52 66.92 35.68 -53.54
N GLY QA 53 66.84 36.68 -52.65
CA GLY QA 53 67.61 36.65 -51.39
C GLY QA 53 69.03 37.16 -51.60
N ARG QA 54 69.37 37.65 -52.78
CA ARG QA 54 70.72 38.22 -53.02
C ARG QA 54 70.74 39.73 -52.77
N LEU QA 55 71.91 40.36 -52.82
CA LEU QA 55 72.06 41.81 -52.53
C LEU QA 55 72.89 42.49 -53.63
N ILE QA 56 72.55 43.73 -53.97
CA ILE QA 56 73.26 44.46 -55.01
C ILE QA 56 73.91 45.72 -54.46
N ASP QA 57 75.22 45.83 -54.58
CA ASP QA 57 75.93 47.01 -54.09
C ASP QA 57 75.52 48.29 -54.78
N VAL QA 58 75.09 49.29 -54.01
CA VAL QA 58 74.76 50.59 -54.59
C VAL QA 58 75.61 51.72 -54.02
N LYS QA 59 75.75 52.80 -54.78
CA LYS QA 59 76.57 53.92 -54.33
C LYS QA 59 76.12 54.45 -52.98
N ALA QA 60 77.00 54.36 -51.98
CA ALA QA 60 76.69 54.80 -50.62
C ALA QA 60 75.92 56.12 -50.54
N PRO QA 61 74.77 56.12 -49.85
CA PRO QA 61 73.98 57.35 -49.70
C PRO QA 61 74.81 58.43 -49.06
N THR QA 62 75.39 58.14 -47.89
CA THR QA 62 76.26 59.10 -47.22
C THR QA 62 77.49 58.41 -46.66
N ASN QA 63 78.34 59.17 -45.97
CA ASN QA 63 79.55 58.60 -45.37
C ASN QA 63 79.20 57.64 -44.25
N GLY QA 64 79.84 56.47 -44.25
CA GLY QA 64 79.60 55.50 -43.21
C GLY QA 64 78.32 54.71 -43.36
N VAL QA 65 77.62 54.88 -44.48
CA VAL QA 65 76.41 54.13 -44.72
C VAL QA 65 76.68 53.11 -45.80
N ILE QA 66 76.27 51.89 -45.56
CA ILE QA 66 76.47 50.84 -46.53
C ILE QA 66 75.11 50.43 -47.01
N ALA QA 67 74.88 50.56 -48.31
CA ALA QA 67 73.57 50.27 -48.86
C ALA QA 67 73.56 49.13 -49.84
N HIS QA 68 72.51 48.34 -49.79
CA HIS QA 68 72.38 47.27 -50.73
C HIS QA 68 70.96 47.12 -51.20
N LEU QA 69 70.77 46.96 -52.49
CA LEU QA 69 69.46 46.71 -53.04
C LEU QA 69 69.13 45.23 -52.97
N ARG QA 70 67.90 44.92 -52.58
CA ARG QA 70 67.43 43.54 -52.65
C ARG QA 70 67.18 43.14 -54.09
N ALA QA 71 67.71 41.99 -54.49
CA ALA QA 71 67.49 41.47 -55.83
C ALA QA 71 66.16 40.73 -55.90
N SER QA 72 65.54 40.77 -57.07
CA SER QA 72 64.28 40.07 -57.27
C SER QA 72 64.11 39.76 -58.75
N LYS QA 73 63.12 38.92 -59.04
CA LYS QA 73 62.76 38.55 -60.40
C LYS QA 73 61.34 39.02 -60.68
N PRO QA 74 61.11 39.79 -61.74
CA PRO QA 74 59.75 40.23 -62.05
C PRO QA 74 58.92 39.13 -62.68
N LEU QA 75 57.63 39.11 -62.35
CA LEU QA 75 56.69 38.30 -63.10
C LEU QA 75 56.41 38.91 -64.46
N VAL QA 76 56.05 38.08 -65.41
CA VAL QA 76 55.59 38.52 -66.72
C VAL QA 76 54.17 38.02 -66.90
N ARG QA 77 53.30 38.90 -67.39
CA ARG QA 77 51.94 38.53 -67.74
C ARG QA 77 51.87 38.25 -69.23
N LEU QA 78 51.40 37.06 -69.57
CA LEU QA 78 51.35 36.57 -70.94
C LEU QA 78 49.88 36.46 -71.32
N ARG QA 79 49.52 37.14 -72.42
CA ARG QA 79 48.14 37.22 -72.87
C ARG QA 79 48.08 36.80 -74.33
N VAL QA 80 47.18 35.87 -74.63
CA VAL QA 80 46.92 35.41 -75.98
C VAL QA 80 45.46 35.72 -76.31
N PRO QA 81 45.20 36.75 -77.11
CA PRO QA 81 43.83 37.02 -77.52
C PRO QA 81 43.35 36.01 -78.57
N PHE QA 82 42.05 35.80 -78.59
CA PHE QA 82 41.41 34.95 -79.60
C PHE QA 82 39.99 35.43 -79.83
N THR QA 83 39.42 35.00 -80.94
CA THR QA 83 38.16 35.54 -81.43
C THR QA 83 37.16 34.40 -81.69
N LEU QA 84 35.98 34.50 -81.11
CA LEU QA 84 34.95 33.48 -81.25
C LEU QA 84 33.77 34.01 -82.05
N SER QA 85 33.23 33.15 -82.90
CA SER QA 85 31.97 33.44 -83.58
C SER QA 85 30.82 33.42 -82.58
N ARG QA 86 29.95 34.43 -82.66
CA ARG QA 86 28.80 34.47 -81.76
C ARG QA 86 27.73 33.47 -82.16
N ASN QA 87 27.68 33.07 -83.43
CA ASN QA 87 26.78 32.02 -83.86
C ASN QA 87 27.13 30.68 -83.20
N GLU QA 88 28.43 30.36 -83.13
CA GLU QA 88 28.86 29.14 -82.45
C GLU QA 88 28.53 29.18 -80.97
N ILE QA 89 28.63 30.36 -80.35
CA ILE QA 89 28.27 30.52 -78.95
C ILE QA 89 26.76 30.31 -78.76
N ASP QA 90 25.95 30.88 -79.65
CA ASP QA 90 24.50 30.72 -79.58
C ASP QA 90 24.05 29.30 -79.85
N ASP QA 91 24.84 28.54 -80.63
CA ASP QA 91 24.50 27.15 -80.93
C ASP QA 91 24.49 26.25 -79.69
N VAL QA 92 25.23 26.62 -78.65
CA VAL QA 92 25.44 25.72 -77.51
C VAL QA 92 24.16 25.57 -76.70
N GLU QA 93 23.41 26.65 -76.51
CA GLU QA 93 22.16 26.54 -75.72
C GLU QA 93 21.12 25.73 -76.51
N ARG QA 94 21.11 25.84 -77.83
CA ARG QA 94 20.20 25.04 -78.63
C ARG QA 94 20.56 23.56 -78.64
N GLY QA 95 21.71 23.17 -78.11
CA GLY QA 95 22.08 21.78 -78.00
C GLY QA 95 23.13 21.29 -78.97
N SER QA 96 23.80 22.19 -79.68
CA SER QA 96 24.90 21.79 -80.54
C SER QA 96 26.07 21.30 -79.70
N LYS QA 97 26.76 20.27 -80.22
CA LYS QA 97 27.93 19.72 -79.56
C LYS QA 97 29.16 19.73 -80.46
N ASP QA 98 29.07 20.45 -81.57
CA ASP QA 98 30.23 20.57 -82.47
C ASP QA 98 30.57 22.04 -82.74
N SER QA 99 30.31 22.91 -81.76
CA SER QA 99 30.61 24.32 -81.91
C SER QA 99 32.11 24.54 -82.10
N ASP QA 100 32.45 25.46 -82.99
CA ASP QA 100 33.82 25.66 -83.42
C ASP QA 100 34.66 26.32 -82.33
N TRP QA 101 35.40 25.52 -81.58
CA TRP QA 101 36.25 26.05 -80.53
C TRP QA 101 37.71 26.00 -80.96
N GLU QA 102 37.94 26.01 -82.27
CA GLU QA 102 39.31 26.04 -82.78
C GLU QA 102 40.14 27.24 -82.31
N PRO QA 103 39.54 28.47 -82.25
CA PRO QA 103 40.39 29.56 -81.75
C PRO QA 103 40.76 29.34 -80.29
N VAL QA 104 39.85 28.82 -79.46
CA VAL QA 104 40.19 28.50 -78.09
C VAL QA 104 41.34 27.50 -78.03
N LYS QA 105 41.29 26.48 -78.90
CA LYS QA 105 42.35 25.47 -78.94
C LYS QA 105 43.66 26.06 -79.41
N GLU QA 106 43.63 26.94 -80.41
CA GLU QA 106 44.85 27.58 -80.88
C GLU QA 106 45.43 28.53 -79.84
N ALA QA 107 44.58 29.24 -79.10
CA ALA QA 107 45.07 30.10 -78.04
C ALA QA 107 45.68 29.31 -76.90
N ALA QA 108 45.05 28.18 -76.53
CA ALA QA 108 45.60 27.34 -75.47
C ALA QA 108 46.91 26.69 -75.89
N LYS QA 109 47.01 26.27 -77.15
CA LYS QA 109 48.25 25.70 -77.66
C LYS QA 109 49.35 26.75 -77.70
N LYS QA 110 49.01 27.99 -78.08
CA LYS QA 110 50.02 29.04 -78.15
C LYS QA 110 50.49 29.46 -76.76
N LEU QA 111 49.56 29.55 -75.82
CA LEU QA 111 49.93 29.90 -74.42
C LEU QA 111 50.82 28.80 -73.84
N ALA QA 112 50.43 27.53 -74.03
CA ALA QA 112 51.23 26.41 -73.56
C ALA QA 112 52.62 26.42 -74.18
N PHE QA 113 52.71 26.73 -75.47
CA PHE QA 113 54.00 26.79 -76.14
C PHE QA 113 54.87 27.91 -75.59
N VAL QA 114 54.27 29.06 -75.32
CA VAL QA 114 55.04 30.15 -74.73
C VAL QA 114 55.56 29.74 -73.36
N GLU QA 115 54.68 29.22 -72.51
CA GLU QA 115 55.11 28.84 -71.15
C GLU QA 115 56.24 27.82 -71.17
N ASP QA 116 56.12 26.79 -72.02
CA ASP QA 116 57.15 25.76 -72.09
C ASP QA 116 58.45 26.30 -72.68
N ARG QA 117 58.36 27.15 -73.70
CA ARG QA 117 59.57 27.72 -74.28
C ARG QA 117 60.22 28.72 -73.34
N THR QA 118 59.43 29.35 -72.47
CA THR QA 118 59.98 30.23 -71.45
C THR QA 118 60.71 29.43 -70.38
N ILE QA 119 60.13 28.32 -69.95
CA ILE QA 119 60.78 27.48 -68.94
C ILE QA 119 62.08 26.86 -69.49
N PHE QA 120 62.05 26.35 -70.72
CA PHE QA 120 63.20 25.59 -71.18
C PHE QA 120 64.20 26.39 -72.01
N GLU QA 121 63.79 27.45 -72.68
CA GLU QA 121 64.68 28.24 -73.50
C GLU QA 121 64.85 29.67 -73.01
N GLY QA 122 64.15 30.04 -71.97
CA GLY QA 122 64.24 31.37 -71.45
C GLY QA 122 63.56 32.50 -72.18
N TYR QA 123 63.44 33.63 -71.52
CA TYR QA 123 62.82 34.80 -72.11
C TYR QA 123 63.67 35.89 -71.54
N SER QA 124 64.68 36.30 -72.28
CA SER QA 124 65.62 37.31 -71.80
C SER QA 124 65.00 38.65 -71.40
N ALA QA 125 64.02 39.12 -72.15
CA ALA QA 125 63.36 40.39 -71.85
C ALA QA 125 62.67 40.34 -70.49
N ALA QA 126 62.21 39.17 -70.07
CA ALA QA 126 61.63 38.99 -68.75
C ALA QA 126 62.64 38.54 -67.71
N SER QA 127 63.94 38.59 -68.05
CA SER QA 127 65.06 38.19 -67.18
C SER QA 127 64.93 36.75 -66.71
N ILE QA 128 64.46 35.87 -67.59
CA ILE QA 128 64.32 34.46 -67.29
C ILE QA 128 65.36 33.70 -68.09
N GLU QA 129 66.23 32.99 -67.39
CA GLU QA 129 67.20 32.12 -68.04
C GLU QA 129 66.57 30.74 -68.18
N GLY QA 130 66.68 30.16 -69.37
CA GLY QA 130 66.13 28.84 -69.59
C GLY QA 130 66.94 27.76 -68.91
N ILE QA 131 66.35 26.56 -68.86
CA ILE QA 131 67.06 25.40 -68.35
C ILE QA 131 68.26 25.06 -69.23
N ARG QA 132 68.12 25.24 -70.54
CA ARG QA 132 69.23 25.00 -71.46
C ARG QA 132 70.40 25.95 -71.20
N SER QA 133 70.11 27.22 -70.96
CA SER QA 133 71.18 28.19 -70.70
C SER QA 133 71.74 28.06 -69.29
N ALA QA 134 70.92 27.70 -68.31
CA ALA QA 134 71.37 27.59 -66.93
C ALA QA 134 72.01 26.26 -66.60
N SER QA 135 72.02 25.31 -67.52
CA SER QA 135 72.63 24.01 -67.26
C SER QA 135 74.14 24.14 -67.28
N SER QA 136 74.80 23.56 -66.27
CA SER QA 136 76.26 23.52 -66.24
C SER QA 136 76.82 22.24 -66.85
N ASN QA 137 76.00 21.22 -67.05
CA ASN QA 137 76.45 20.00 -67.70
C ASN QA 137 76.67 20.25 -69.18
N PRO QA 138 77.58 19.51 -69.83
CA PRO QA 138 77.84 19.75 -71.25
C PRO QA 138 76.65 19.41 -72.13
N ALA QA 139 76.53 20.15 -73.23
CA ALA QA 139 75.48 19.94 -74.19
C ALA QA 139 75.86 18.82 -75.16
N LEU QA 140 74.87 18.07 -75.60
CA LEU QA 140 75.08 16.94 -76.47
C LEU QA 140 74.38 17.17 -77.80
N THR QA 141 74.86 16.50 -78.83
CA THR QA 141 74.28 16.59 -80.16
C THR QA 141 73.46 15.34 -80.44
N LEU QA 142 72.20 15.53 -80.84
CA LEU QA 142 71.35 14.40 -81.19
C LEU QA 142 71.72 13.93 -82.58
N PRO QA 143 71.86 12.61 -82.76
CA PRO QA 143 72.26 12.07 -84.07
C PRO QA 143 71.12 12.06 -85.08
N GLU QA 144 71.46 11.90 -86.35
CA GLU QA 144 70.44 11.88 -87.39
C GLU QA 144 69.62 10.59 -87.34
N ASP QA 145 70.28 9.46 -87.15
CA ASP QA 145 69.60 8.18 -87.09
C ASP QA 145 68.87 8.05 -85.77
N PRO QA 146 67.55 7.81 -85.78
CA PRO QA 146 66.83 7.61 -84.51
C PRO QA 146 67.28 6.37 -83.73
N ARG QA 147 67.82 5.35 -84.39
CA ARG QA 147 68.34 4.18 -83.70
C ARG QA 147 69.56 4.50 -82.84
N GLU QA 148 70.23 5.61 -83.13
CA GLU QA 148 71.33 6.09 -82.32
C GLU QA 148 70.88 7.11 -81.27
N ILE QA 149 69.59 7.38 -81.15
CA ILE QA 149 69.13 8.28 -80.09
C ILE QA 149 69.38 7.72 -78.67
N PRO QA 150 68.93 6.47 -78.39
CA PRO QA 150 69.13 5.98 -77.01
C PRO QA 150 70.58 6.00 -76.53
N ASP QA 151 71.54 5.86 -77.44
CA ASP QA 151 72.94 5.91 -77.05
C ASP QA 151 73.28 7.27 -76.45
N VAL QA 152 73.04 8.33 -77.22
CA VAL QA 152 73.35 9.69 -76.75
C VAL QA 152 72.59 10.04 -75.47
N ILE QA 153 71.31 9.68 -75.41
CA ILE QA 153 70.53 9.88 -74.19
C ILE QA 153 71.22 9.24 -73.00
N SER QA 154 71.74 8.03 -73.19
CA SER QA 154 72.48 7.32 -72.10
C SER QA 154 73.73 8.11 -71.69
N GLN QA 155 74.39 8.78 -72.62
CA GLN QA 155 75.53 9.63 -72.30
C GLN QA 155 75.10 10.80 -71.43
N ALA QA 156 73.91 11.35 -71.70
CA ALA QA 156 73.33 12.37 -70.84
C ALA QA 156 73.07 11.82 -69.44
N LEU QA 157 72.60 10.57 -69.37
CA LEU QA 157 72.42 9.94 -68.06
C LEU QA 157 73.75 9.70 -67.37
N SER QA 158 74.85 9.63 -68.13
CA SER QA 158 76.16 9.57 -67.48
C SER QA 158 76.49 10.89 -66.81
N GLU QA 159 76.12 12.01 -67.45
CA GLU QA 159 76.55 13.32 -66.98
C GLU QA 159 75.89 13.70 -65.67
N LEU QA 160 74.57 13.47 -65.55
CA LEU QA 160 73.88 13.62 -64.26
C LEU QA 160 74.44 12.67 -63.21
N ARG QA 161 74.96 11.52 -63.62
CA ARG QA 161 75.61 10.65 -62.66
C ARG QA 161 76.96 11.20 -62.27
N LEU QA 162 77.67 11.83 -63.21
CA LEU QA 162 78.94 12.46 -62.88
C LEU QA 162 78.75 13.77 -62.13
N ALA QA 163 77.56 14.36 -62.19
CA ALA QA 163 77.26 15.56 -61.44
C ALA QA 163 76.85 15.27 -60.00
N GLY QA 164 76.75 14.00 -59.62
CA GLY QA 164 76.32 13.64 -58.28
C GLY QA 164 74.86 14.02 -58.06
N VAL QA 165 73.94 13.38 -58.77
CA VAL QA 165 72.52 13.72 -58.65
C VAL QA 165 71.67 12.47 -58.56
N ASP QA 166 70.71 12.46 -57.65
CA ASP QA 166 69.80 11.32 -57.51
C ASP QA 166 68.43 11.64 -58.07
N GLY QA 167 67.44 10.80 -57.78
CA GLY QA 167 66.07 11.07 -58.23
C GLY QA 167 65.65 10.43 -59.53
N PRO QA 168 64.32 10.38 -59.78
CA PRO QA 168 63.80 9.80 -61.01
C PRO QA 168 64.21 10.72 -62.15
N TYR QA 169 64.93 10.24 -63.15
CA TYR QA 169 65.26 11.10 -64.27
C TYR QA 169 64.16 11.11 -65.34
N SER QA 170 63.91 12.24 -65.98
CA SER QA 170 62.86 12.21 -67.00
C SER QA 170 63.36 12.79 -68.32
N VAL QA 171 62.93 12.23 -69.44
CA VAL QA 171 63.40 12.68 -70.73
C VAL QA 171 62.25 13.40 -71.44
N LEU QA 172 62.53 14.61 -71.88
CA LEU QA 172 61.55 15.40 -72.61
C LEU QA 172 62.07 15.54 -74.02
N LEU QA 173 61.22 15.29 -75.00
CA LEU QA 173 61.64 15.31 -76.39
C LEU QA 173 60.86 16.36 -77.16
N SER QA 174 61.50 16.96 -78.15
CA SER QA 174 60.78 17.80 -79.09
C SER QA 174 59.87 16.93 -79.95
N ALA QA 175 58.90 17.58 -80.60
CA ALA QA 175 57.91 16.88 -81.41
C ALA QA 175 58.55 16.15 -82.58
N ASP QA 176 59.59 16.74 -83.19
CA ASP QA 176 60.34 16.07 -84.24
C ASP QA 176 61.03 14.82 -83.72
N VAL QA 177 61.69 14.94 -82.56
CA VAL QA 177 62.43 13.82 -81.98
C VAL QA 177 61.45 12.76 -81.47
N TYR QA 178 60.34 13.18 -80.86
CA TYR QA 178 59.32 12.25 -80.39
C TYR QA 178 58.71 11.47 -81.53
N THR QA 179 58.43 12.15 -82.65
CA THR QA 179 57.92 11.48 -83.84
C THR QA 179 58.95 10.50 -84.41
N LYS QA 180 60.22 10.90 -84.46
CA LYS QA 180 61.27 10.04 -84.99
C LYS QA 180 61.47 8.78 -84.15
N VAL QA 181 61.45 8.91 -82.82
CA VAL QA 181 61.61 7.72 -81.99
C VAL QA 181 60.31 6.96 -81.82
N SER QA 182 59.19 7.54 -82.21
CA SER QA 182 57.92 6.83 -82.19
C SER QA 182 57.70 5.98 -83.43
N GLU QA 183 58.11 6.49 -84.59
CA GLU QA 183 57.79 5.85 -85.85
C GLU QA 183 58.84 4.85 -86.29
N THR QA 184 60.04 4.93 -85.75
CA THR QA 184 61.08 3.95 -86.04
C THR QA 184 60.97 2.83 -85.02
N SER QA 185 61.06 1.59 -85.47
CA SER QA 185 60.89 0.45 -84.59
C SER QA 185 62.08 -0.49 -84.71
N ASP QA 186 62.36 -1.18 -83.60
CA ASP QA 186 63.42 -2.19 -83.56
C ASP QA 186 62.95 -3.32 -82.67
N HIS QA 187 62.88 -4.53 -83.26
CA HIS QA 187 62.52 -5.78 -82.57
C HIS QA 187 61.16 -5.69 -81.88
N GLY QA 188 60.17 -5.18 -82.61
CA GLY QA 188 58.81 -5.16 -82.13
C GLY QA 188 58.47 -4.04 -81.18
N TYR QA 189 59.39 -3.12 -80.93
CA TYR QA 189 59.10 -1.95 -80.12
C TYR QA 189 59.63 -0.71 -80.82
N PRO QA 190 58.94 0.41 -80.70
CA PRO QA 190 59.52 1.67 -81.15
C PRO QA 190 60.66 2.10 -80.23
N ILE QA 191 61.47 3.04 -80.72
CA ILE QA 191 62.64 3.51 -79.99
C ILE QA 191 62.23 4.25 -78.72
N ARG QA 192 61.00 4.77 -78.68
CA ARG QA 192 60.45 5.39 -77.48
C ARG QA 192 60.41 4.42 -76.31
N GLU QA 193 60.11 3.15 -76.57
CA GLU QA 193 60.15 2.13 -75.53
C GLU QA 193 61.58 1.88 -75.07
N HIS QA 194 62.55 1.90 -76.00
CA HIS QA 194 63.96 1.78 -75.64
C HIS QA 194 64.41 2.93 -74.74
N LEU QA 195 63.90 4.14 -75.00
CA LEU QA 195 64.14 5.25 -74.09
C LEU QA 195 63.48 5.03 -72.74
N ASN QA 196 62.29 4.44 -72.75
CA ASN QA 196 61.56 4.18 -71.51
C ASN QA 196 62.30 3.17 -70.62
N ARG QA 197 63.05 2.25 -71.22
CA ARG QA 197 63.82 1.30 -70.42
C ARG QA 197 65.00 1.94 -69.69
N LEU QA 198 65.56 3.02 -70.23
CA LEU QA 198 66.76 3.68 -69.65
C LEU QA 198 66.44 4.46 -68.37
N VAL QA 199 65.21 4.96 -68.21
CA VAL QA 199 64.92 5.85 -67.04
C VAL QA 199 63.79 5.32 -66.18
N ASP QA 200 63.71 5.81 -64.94
CA ASP QA 200 62.63 5.40 -64.01
C ASP QA 200 61.61 6.52 -63.97
N GLY QA 201 61.79 7.52 -64.84
CA GLY QA 201 60.84 8.64 -64.92
C GLY QA 201 59.90 8.43 -66.08
N ASP QA 202 59.80 9.40 -67.00
CA ASP QA 202 58.80 9.26 -68.08
C ASP QA 202 59.30 9.85 -69.39
N ILE QA 203 58.98 9.22 -70.51
CA ILE QA 203 59.30 9.87 -71.80
C ILE QA 203 58.14 10.86 -71.98
N ILE QA 204 58.44 12.13 -72.10
CA ILE QA 204 57.43 13.18 -72.10
C ILE QA 204 57.46 13.89 -73.44
N TRP QA 205 56.31 13.95 -74.09
CA TRP QA 205 56.17 14.70 -75.33
C TRP QA 205 56.17 16.19 -75.01
N ALA QA 206 57.10 16.92 -75.62
CA ALA QA 206 57.28 18.34 -75.37
C ALA QA 206 57.34 19.07 -76.71
N PRO QA 207 56.18 19.35 -77.31
CA PRO QA 207 56.16 19.92 -78.67
C PRO QA 207 56.67 21.34 -78.79
N ALA QA 208 56.84 22.08 -77.71
CA ALA QA 208 57.30 23.46 -77.83
C ALA QA 208 58.82 23.57 -77.88
N ILE QA 209 59.54 22.66 -77.21
CA ILE QA 209 60.98 22.76 -77.07
C ILE QA 209 61.70 22.40 -78.35
N ASP QA 210 62.99 22.72 -78.41
CA ASP QA 210 63.89 22.18 -79.41
C ASP QA 210 64.77 21.13 -78.76
N GLY QA 211 65.23 20.18 -79.58
CA GLY QA 211 66.12 19.14 -79.10
C GLY QA 211 65.52 18.25 -78.04
N ALA QA 212 66.27 18.04 -76.96
CA ALA QA 212 65.80 17.15 -75.91
C ALA QA 212 66.36 17.63 -74.58
N PHE QA 213 65.73 17.17 -73.51
CA PHE QA 213 66.21 17.54 -72.16
C PHE QA 213 66.12 16.31 -71.27
N VAL QA 214 67.18 16.00 -70.56
CA VAL QA 214 67.12 14.90 -69.57
C VAL QA 214 67.32 15.56 -68.22
N LEU QA 215 66.50 15.22 -67.23
CA LEU QA 215 66.63 15.94 -65.96
C LEU QA 215 66.03 15.15 -64.82
N THR QA 216 66.43 15.48 -63.60
CA THR QA 216 65.92 14.84 -62.40
C THR QA 216 64.63 15.51 -61.92
N THR QA 217 63.73 14.70 -61.37
CA THR QA 217 62.49 15.24 -60.82
C THR QA 217 62.43 14.97 -59.33
N ARG QA 218 63.60 15.03 -58.68
CA ARG QA 218 63.66 14.80 -57.24
C ARG QA 218 62.99 15.92 -56.44
N GLY QA 219 62.87 17.11 -57.04
CA GLY QA 219 62.26 18.21 -56.34
C GLY QA 219 63.25 19.26 -55.94
N GLY QA 220 62.79 20.50 -55.82
CA GLY QA 220 63.58 21.58 -55.32
C GLY QA 220 64.64 22.12 -56.26
N ASP QA 221 64.64 21.71 -57.53
CA ASP QA 221 65.68 22.17 -58.44
C ASP QA 221 65.15 23.21 -59.41
N PHE QA 222 63.89 23.08 -59.81
CA PHE QA 222 63.28 23.91 -60.84
C PHE QA 222 61.96 24.42 -60.28
N ASP QA 223 61.72 25.73 -60.34
CA ASP QA 223 60.59 26.31 -59.63
C ASP QA 223 59.87 27.27 -60.58
N LEU QA 224 58.61 26.97 -60.86
CA LEU QA 224 57.75 27.87 -61.63
C LEU QA 224 56.89 28.64 -60.64
N GLN QA 225 57.02 29.96 -60.63
CA GLN QA 225 56.24 30.79 -59.75
C GLN QA 225 55.07 31.44 -60.49
N LEU QA 226 53.89 31.18 -59.98
CA LEU QA 226 52.71 31.74 -60.58
C LEU QA 226 52.09 32.81 -59.75
N GLY QA 227 51.80 33.96 -60.32
CA GLY QA 227 51.05 34.95 -59.58
C GLY QA 227 49.61 34.49 -59.73
N THR QA 228 49.18 34.37 -60.99
CA THR QA 228 47.82 33.86 -61.28
C THR QA 228 47.92 32.78 -62.36
N ASP QA 229 47.18 31.69 -62.18
CA ASP QA 229 47.16 30.59 -63.19
C ASP QA 229 46.39 31.04 -64.43
N VAL QA 230 46.24 30.13 -65.40
CA VAL QA 230 45.55 30.45 -66.68
C VAL QA 230 44.08 30.85 -66.44
N ALA QA 231 43.68 31.99 -66.99
CA ALA QA 231 42.32 32.48 -66.85
C ALA QA 231 41.84 33.01 -68.20
N ILE QA 232 40.53 33.00 -68.40
CA ILE QA 232 39.95 33.50 -69.63
C ILE QA 232 39.27 34.84 -69.33
N GLY QA 233 39.62 35.87 -70.10
CA GLY QA 233 39.08 37.20 -69.90
C GLY QA 233 38.43 37.76 -71.15
N TYR QA 234 37.60 38.76 -70.94
CA TYR QA 234 36.80 39.35 -72.01
C TYR QA 234 37.37 40.71 -72.42
N ALA QA 235 37.59 40.91 -73.71
CA ALA QA 235 38.17 42.18 -74.19
C ALA QA 235 37.06 43.07 -74.76
N SER QA 236 36.45 42.66 -75.88
CA SER QA 236 35.40 43.44 -76.53
C SER QA 236 34.56 42.53 -77.42
N HIS QA 237 33.45 43.08 -77.95
CA HIS QA 237 32.53 42.26 -78.79
C HIS QA 237 31.83 43.11 -79.85
N ASP QA 238 31.38 42.48 -80.93
CA ASP QA 238 30.59 43.19 -81.97
C ASP QA 238 29.36 42.30 -82.24
N THR QA 239 28.66 42.54 -83.35
CA THR QA 239 27.45 41.73 -83.66
C THR QA 239 27.85 40.31 -84.02
N ASP QA 240 29.04 40.12 -84.57
CA ASP QA 240 29.37 38.80 -85.06
C ASP QA 240 30.32 38.02 -84.15
N THR QA 241 31.22 38.69 -83.42
CA THR QA 241 32.29 38.00 -82.75
C THR QA 241 32.49 38.53 -81.34
N VAL QA 242 33.11 37.69 -80.52
CA VAL QA 242 33.56 38.07 -79.17
C VAL QA 242 35.07 37.91 -79.11
N ARG QA 243 35.77 38.98 -78.77
CA ARG QA 243 37.21 38.91 -78.52
C ARG QA 243 37.45 38.59 -77.05
N LEU QA 244 38.17 37.51 -76.81
CA LEU QA 244 38.54 37.13 -75.45
C LEU QA 244 40.05 36.93 -75.42
N TYR QA 245 40.58 36.50 -74.28
CA TYR QA 245 42.00 36.21 -74.17
C TYR QA 245 42.23 35.13 -73.12
N LEU QA 246 43.36 34.45 -73.26
CA LEU QA 246 43.90 33.59 -72.23
C LEU QA 246 45.04 34.34 -71.58
N GLN QA 247 45.16 34.22 -70.26
CA GLN QA 247 46.12 35.06 -69.57
C GLN QA 247 46.71 34.31 -68.38
N GLU QA 248 48.02 34.43 -68.21
CA GLU QA 248 48.68 33.87 -67.04
C GLU QA 248 49.91 34.71 -66.73
N THR QA 249 50.24 34.81 -65.44
CA THR QA 249 51.42 35.58 -65.05
C THR QA 249 52.35 34.72 -64.20
N LEU QA 250 53.64 34.74 -64.55
CA LEU QA 250 54.58 33.77 -64.02
C LEU QA 250 56.01 34.28 -64.13
N THR QA 251 56.90 33.60 -63.40
CA THR QA 251 58.34 33.63 -63.67
C THR QA 251 58.86 32.23 -63.44
N PHE QA 252 60.08 31.97 -63.91
CA PHE QA 252 60.70 30.67 -63.72
C PHE QA 252 62.10 30.84 -63.14
N LEU QA 253 62.42 29.99 -62.16
CA LEU QA 253 63.70 30.00 -61.48
C LEU QA 253 64.34 28.62 -61.58
N CYS QA 254 65.62 28.58 -61.89
CA CYS QA 254 66.40 27.34 -61.82
C CYS QA 254 67.42 27.48 -60.70
N TYR QA 255 67.24 26.71 -59.63
CA TYR QA 255 68.13 26.78 -58.49
C TYR QA 255 69.37 25.91 -58.63
N THR QA 256 69.28 24.84 -59.40
CA THR QA 256 70.33 23.81 -59.44
C THR QA 256 70.83 23.70 -60.87
N ALA QA 257 72.06 24.15 -61.11
CA ALA QA 257 72.58 24.23 -62.46
C ALA QA 257 72.92 22.87 -63.05
N GLU QA 258 73.25 21.89 -62.21
CA GLU QA 258 73.77 20.62 -62.70
C GLU QA 258 72.69 19.54 -62.76
N ALA QA 259 71.42 19.91 -62.64
CA ALA QA 259 70.34 18.95 -62.60
C ALA QA 259 69.75 18.64 -63.99
N SER QA 260 70.41 19.04 -65.07
CA SER QA 260 69.81 18.84 -66.39
C SER QA 260 70.89 18.78 -67.47
N VAL QA 261 70.55 18.09 -68.56
CA VAL QA 261 71.35 18.05 -69.79
C VAL QA 261 70.45 18.44 -70.96
N ALA QA 262 70.91 19.40 -71.75
CA ALA QA 262 70.23 19.84 -72.96
C ALA QA 262 70.86 19.20 -74.18
N LEU QA 263 70.01 18.87 -75.15
CA LEU QA 263 70.49 18.26 -76.37
C LEU QA 263 69.96 19.07 -77.54
N SER QA 264 70.73 19.16 -78.61
CA SER QA 264 70.35 19.93 -79.79
C SER QA 264 70.65 19.13 -81.04
N HIS QA 265 70.20 19.64 -82.17
CA HIS QA 265 70.42 19.00 -83.45
C HIS QA 265 71.67 19.50 -84.13
N MET RA 1 4.20 -19.46 -74.98
CA MET RA 1 3.35 -20.51 -75.49
C MET RA 1 4.11 -21.80 -75.75
N ASN RA 2 3.39 -22.85 -76.16
CA ASN RA 2 4.02 -24.15 -76.43
C ASN RA 2 3.80 -24.62 -77.87
N ASN RA 3 3.98 -25.91 -78.13
CA ASN RA 3 3.81 -26.42 -79.48
C ASN RA 3 2.33 -26.50 -79.92
N LEU RA 4 1.38 -26.58 -78.98
CA LEU RA 4 -0.04 -26.51 -79.34
C LEU RA 4 -0.44 -25.18 -79.97
N TYR RA 5 0.29 -24.09 -79.68
CA TYR RA 5 -0.05 -22.77 -80.21
C TYR RA 5 -1.53 -22.46 -80.02
N ARG RA 6 -2.01 -22.74 -78.80
CA ARG RA 6 -3.45 -22.75 -78.54
C ARG RA 6 -4.03 -21.33 -78.56
N ASP RA 7 -3.28 -20.35 -78.09
CA ASP RA 7 -3.76 -18.97 -78.07
C ASP RA 7 -3.84 -18.35 -79.45
N LEU RA 8 -3.21 -18.96 -80.46
CA LEU RA 8 -3.33 -18.45 -81.81
C LEU RA 8 -4.61 -18.90 -82.49
N ALA RA 9 -5.29 -19.90 -81.95
CA ALA RA 9 -6.51 -20.41 -82.57
C ALA RA 9 -7.67 -19.43 -82.35
N PRO RA 10 -8.47 -19.16 -83.37
CA PRO RA 10 -9.68 -18.32 -83.17
C PRO RA 10 -10.82 -19.11 -82.55
N VAL RA 11 -10.62 -19.53 -81.32
CA VAL RA 11 -11.56 -20.34 -80.55
C VAL RA 11 -11.76 -19.64 -79.22
N THR RA 12 -13.02 -19.43 -78.85
CA THR RA 12 -13.30 -18.77 -77.59
C THR RA 12 -13.10 -19.73 -76.43
N GLU RA 13 -13.10 -19.16 -75.23
CA GLU RA 13 -12.87 -19.94 -74.01
C GLU RA 13 -13.98 -20.96 -73.76
N ALA RA 14 -15.23 -20.55 -73.97
CA ALA RA 14 -16.36 -21.46 -73.79
C ALA RA 14 -16.36 -22.56 -74.84
N ALA RA 15 -16.05 -22.20 -76.09
CA ALA RA 15 -15.90 -23.20 -77.14
C ALA RA 15 -14.76 -24.15 -76.84
N TRP RA 16 -13.65 -23.64 -76.29
CA TRP RA 16 -12.55 -24.51 -75.90
C TRP RA 16 -12.95 -25.50 -74.83
N ALA RA 17 -13.71 -25.05 -73.82
CA ALA RA 17 -14.18 -25.94 -72.78
C ALA RA 17 -15.09 -27.03 -73.33
N GLU RA 18 -15.99 -26.67 -74.26
CA GLU RA 18 -16.85 -27.67 -74.87
C GLU RA 18 -16.06 -28.68 -75.72
N ILE RA 19 -15.05 -28.21 -76.45
CA ILE RA 19 -14.23 -29.10 -77.27
C ILE RA 19 -13.42 -30.06 -76.39
N GLU RA 20 -12.84 -29.54 -75.30
CA GLU RA 20 -12.07 -30.38 -74.37
C GLU RA 20 -12.95 -31.44 -73.74
N LEU RA 21 -14.17 -31.05 -73.32
CA LEU RA 21 -15.11 -31.98 -72.72
C LEU RA 21 -15.52 -33.07 -73.69
N GLU RA 22 -15.84 -32.69 -74.93
CA GLU RA 22 -16.26 -33.65 -75.94
C GLU RA 22 -15.16 -34.64 -76.28
N ALA RA 23 -13.93 -34.14 -76.46
CA ALA RA 23 -12.80 -34.99 -76.79
C ALA RA 23 -12.45 -35.95 -75.67
N ALA RA 24 -12.42 -35.44 -74.43
CA ALA RA 24 -12.10 -36.29 -73.29
C ALA RA 24 -13.16 -37.36 -73.07
N ARG RA 25 -14.42 -36.98 -73.20
CA ARG RA 25 -15.51 -37.95 -73.04
C ARG RA 25 -15.47 -39.05 -74.08
N THR RA 26 -15.37 -38.68 -75.36
CA THR RA 26 -15.40 -39.68 -76.42
C THR RA 26 -14.17 -40.58 -76.36
N PHE RA 27 -13.02 -40.05 -75.98
CA PHE RA 27 -11.81 -40.85 -75.83
C PHE RA 27 -11.91 -41.91 -74.73
N LYS RA 28 -12.30 -41.52 -73.53
CA LYS RA 28 -12.44 -42.47 -72.43
C LYS RA 28 -13.39 -43.61 -72.78
N ARG RA 29 -14.53 -43.29 -73.37
CA ARG RA 29 -15.50 -44.29 -73.75
C ARG RA 29 -14.92 -45.32 -74.68
N HIS RA 30 -14.04 -44.88 -75.56
CA HIS RA 30 -13.50 -45.83 -76.57
C HIS RA 30 -12.16 -46.40 -76.14
N ILE RA 31 -11.64 -46.03 -74.96
CA ILE RA 31 -10.41 -46.71 -74.56
C ILE RA 31 -10.72 -47.94 -73.71
N ALA RA 32 -10.18 -49.08 -74.13
CA ALA RA 32 -10.20 -50.29 -73.31
C ALA RA 32 -8.83 -50.61 -72.74
N GLY RA 33 -7.78 -50.16 -73.43
CA GLY RA 33 -6.41 -50.58 -73.10
C GLY RA 33 -5.91 -50.03 -71.77
N ARG RA 34 -6.26 -48.77 -71.47
CA ARG RA 34 -5.77 -48.16 -70.23
C ARG RA 34 -6.45 -48.74 -68.99
N ARG RA 35 -7.59 -49.41 -69.16
CA ARG RA 35 -8.24 -50.03 -68.02
C ARG RA 35 -7.53 -51.27 -67.53
N VAL RA 36 -6.69 -51.89 -68.36
CA VAL RA 36 -6.06 -53.15 -67.99
C VAL RA 36 -4.54 -53.04 -67.88
N VAL RA 37 -3.89 -52.08 -68.52
CA VAL RA 37 -2.44 -52.02 -68.51
C VAL RA 37 -2.00 -50.98 -67.49
N ASP RA 38 -0.75 -51.07 -67.07
CA ASP RA 38 -0.17 -50.03 -66.24
C ASP RA 38 0.15 -48.82 -67.11
N VAL RA 39 -0.28 -47.66 -66.66
CA VAL RA 39 -0.12 -46.41 -67.40
C VAL RA 39 0.82 -45.52 -66.58
N SER RA 40 1.93 -45.15 -67.18
CA SER RA 40 2.93 -44.35 -66.49
C SER RA 40 2.49 -42.90 -66.39
N ASP RA 41 3.18 -42.15 -65.57
CA ASP RA 41 3.03 -40.70 -65.61
C ASP RA 41 3.63 -40.17 -66.91
N PRO RA 42 3.14 -39.04 -67.41
CA PRO RA 42 3.77 -38.42 -68.58
C PRO RA 42 5.21 -38.01 -68.34
N GLY RA 43 6.11 -38.50 -69.17
CA GLY RA 43 7.51 -38.15 -69.07
C GLY RA 43 7.78 -36.70 -69.37
N GLY RA 44 7.06 -36.16 -70.34
CA GLY RA 44 7.28 -34.79 -70.73
C GLY RA 44 7.67 -34.73 -72.19
N PRO RA 45 7.76 -33.52 -72.74
CA PRO RA 45 8.06 -33.38 -74.18
C PRO RA 45 9.46 -33.84 -74.57
N VAL RA 46 10.42 -33.79 -73.64
CA VAL RA 46 11.80 -34.10 -74.01
C VAL RA 46 12.02 -35.61 -74.05
N THR RA 47 11.11 -36.38 -73.47
CA THR RA 47 11.26 -37.83 -73.37
C THR RA 47 11.13 -38.46 -74.75
N ALA RA 48 12.11 -39.27 -75.13
CA ALA RA 48 12.16 -39.77 -76.50
C ALA RA 48 12.22 -41.28 -76.58
N ALA RA 49 12.73 -41.93 -75.54
CA ALA RA 49 12.90 -43.36 -75.57
C ALA RA 49 12.81 -43.92 -74.17
N VAL RA 50 12.49 -45.20 -74.09
CA VAL RA 50 12.42 -45.93 -72.83
C VAL RA 50 13.52 -46.98 -72.83
N SER RA 51 14.33 -46.97 -71.79
CA SER RA 51 15.38 -47.97 -71.65
C SER RA 51 14.79 -49.34 -71.36
N THR RA 52 15.27 -50.34 -72.08
CA THR RA 52 14.89 -51.72 -71.80
C THR RA 52 15.86 -52.43 -70.88
N GLY RA 53 17.07 -51.85 -70.72
CA GLY RA 53 18.07 -52.43 -69.81
C GLY RA 53 18.86 -53.53 -70.48
N ARG RA 54 18.64 -53.79 -71.77
CA ARG RA 54 19.43 -54.82 -72.48
C ARG RA 54 20.67 -54.21 -73.16
N LEU RA 55 21.54 -55.05 -73.74
CA LEU RA 55 22.80 -54.58 -74.36
C LEU RA 55 22.97 -55.19 -75.76
N ILE RA 56 23.52 -54.44 -76.70
CA ILE RA 56 23.70 -54.91 -78.07
C ILE RA 56 25.18 -54.94 -78.44
N ASP RA 57 25.69 -56.11 -78.79
CA ASP RA 57 27.10 -56.24 -79.18
C ASP RA 57 27.45 -55.43 -80.42
N VAL RA 58 28.44 -54.56 -80.31
CA VAL RA 58 28.90 -53.81 -81.49
C VAL RA 58 30.37 -54.08 -81.80
N LYS RA 59 30.76 -53.87 -83.06
CA LYS RA 59 32.14 -54.12 -83.47
C LYS RA 59 33.13 -53.35 -82.62
N ALA RA 60 33.98 -54.07 -81.89
CA ALA RA 60 34.98 -53.45 -81.00
C ALA RA 60 35.67 -52.23 -81.60
N PRO RA 61 35.64 -51.09 -80.87
CA PRO RA 61 36.29 -49.88 -81.35
C PRO RA 61 37.76 -50.13 -81.59
N THR RA 62 38.46 -50.63 -80.57
CA THR RA 62 39.88 -50.97 -80.70
C THR RA 62 40.18 -52.31 -80.05
N ASN RA 63 41.45 -52.70 -80.05
CA ASN RA 63 41.85 -53.95 -79.43
C ASN RA 63 41.69 -53.88 -77.92
N GLY RA 64 41.11 -54.92 -77.34
CA GLY RA 64 40.92 -54.97 -75.90
C GLY RA 64 39.77 -54.12 -75.38
N VAL RA 65 38.98 -53.56 -76.28
CA VAL RA 65 37.84 -52.78 -75.86
C VAL RA 65 36.58 -53.55 -76.17
N ILE RA 66 35.68 -53.63 -75.21
CA ILE RA 66 34.45 -54.34 -75.41
C ILE RA 66 33.36 -53.31 -75.36
N ALA RA 67 32.60 -53.20 -76.44
CA ALA RA 67 31.57 -52.19 -76.52
C ALA RA 67 30.18 -52.75 -76.64
N HIS RA 68 29.25 -52.09 -76.00
CA HIS RA 68 27.88 -52.50 -76.11
C HIS RA 68 26.95 -51.32 -76.20
N LEU RA 69 26.01 -51.36 -77.12
CA LEU RA 69 25.00 -50.33 -77.22
C LEU RA 69 23.86 -50.60 -76.25
N ARG RA 70 23.40 -49.56 -75.59
CA ARG RA 70 22.19 -49.69 -74.78
C ARG RA 70 20.96 -49.78 -75.67
N ALA RA 71 20.12 -50.76 -75.40
CA ALA RA 71 18.87 -50.92 -76.14
C ALA RA 71 17.80 -50.01 -75.57
N SER RA 72 16.89 -49.58 -76.44
CA SER RA 72 15.80 -48.71 -76.02
C SER RA 72 14.65 -48.87 -77.00
N LYS RA 73 13.50 -48.33 -76.60
CA LYS RA 73 12.30 -48.30 -77.42
C LYS RA 73 11.93 -46.86 -77.71
N PRO RA 74 11.77 -46.47 -78.98
CA PRO RA 74 11.38 -45.08 -79.27
C PRO RA 74 9.90 -44.84 -79.02
N LEU RA 75 9.59 -43.63 -78.57
CA LEU RA 75 8.21 -43.17 -78.55
C LEU RA 75 7.75 -42.84 -79.96
N VAL RA 76 6.45 -42.96 -80.18
CA VAL RA 76 5.83 -42.52 -81.42
C VAL RA 76 4.82 -41.43 -81.07
N ARG RA 77 4.83 -40.35 -81.84
CA ARG RA 77 3.84 -39.30 -81.71
C ARG RA 77 2.74 -39.52 -82.74
N LEU RA 78 1.51 -39.59 -82.26
CA LEU RA 78 0.34 -39.90 -83.06
C LEU RA 78 -0.52 -38.66 -83.10
N ARG RA 79 -0.82 -38.19 -84.31
CA ARG RA 79 -1.56 -36.95 -84.51
C ARG RA 79 -2.74 -37.23 -85.43
N VAL RA 80 -3.91 -36.80 -85.00
CA VAL RA 80 -5.13 -36.91 -85.78
C VAL RA 80 -5.66 -35.50 -86.01
N PRO RA 81 -5.50 -34.95 -87.21
CA PRO RA 81 -6.08 -33.64 -87.50
C PRO RA 81 -7.58 -33.72 -87.69
N PHE RA 82 -8.25 -32.61 -87.39
CA PHE RA 82 -9.69 -32.49 -87.62
C PHE RA 82 -10.02 -31.04 -87.86
N THR RA 83 -11.21 -30.81 -88.43
CA THR RA 83 -11.60 -29.51 -88.94
C THR RA 83 -12.94 -29.08 -88.35
N LEU RA 84 -12.98 -27.89 -87.77
CA LEU RA 84 -14.18 -27.38 -87.14
C LEU RA 84 -14.73 -26.18 -87.90
N SER RA 85 -16.05 -26.13 -88.02
CA SER RA 85 -16.72 -24.94 -88.55
C SER RA 85 -16.61 -23.79 -87.56
N ARG RA 86 -16.25 -22.61 -88.08
CA ARG RA 86 -16.14 -21.44 -87.22
C ARG RA 86 -17.50 -20.90 -86.80
N ASN RA 87 -18.54 -21.16 -87.58
CA ASN RA 87 -19.90 -20.81 -87.19
C ASN RA 87 -20.34 -21.57 -85.95
N GLU RA 88 -20.02 -22.88 -85.89
CA GLU RA 88 -20.32 -23.68 -84.70
C GLU RA 88 -19.56 -23.18 -83.48
N ILE RA 89 -18.32 -22.74 -83.69
CA ILE RA 89 -17.53 -22.18 -82.60
C ILE RA 89 -18.14 -20.87 -82.10
N ASP RA 90 -18.57 -20.01 -83.02
CA ASP RA 90 -19.19 -18.74 -82.67
C ASP RA 90 -20.55 -18.93 -82.01
N ASP RA 91 -21.24 -20.03 -82.29
CA ASP RA 91 -22.54 -20.31 -81.68
C ASP RA 91 -22.46 -20.50 -80.17
N VAL RA 92 -21.30 -20.92 -79.65
CA VAL RA 92 -21.19 -21.33 -78.26
C VAL RA 92 -21.32 -20.13 -77.33
N GLU RA 93 -20.74 -19.00 -77.68
CA GLU RA 93 -20.83 -17.81 -76.81
C GLU RA 93 -22.26 -17.27 -76.81
N ARG RA 94 -22.95 -17.38 -77.94
CA ARG RA 94 -24.35 -16.96 -77.99
C ARG RA 94 -25.28 -17.87 -77.20
N GLY RA 95 -24.80 -19.00 -76.71
CA GLY RA 95 -25.59 -19.87 -75.88
C GLY RA 95 -26.10 -21.14 -76.53
N SER RA 96 -25.62 -21.48 -77.71
CA SER RA 96 -25.98 -22.74 -78.33
C SER RA 96 -25.40 -23.91 -77.55
N LYS RA 97 -26.16 -24.99 -77.48
CA LYS RA 97 -25.73 -26.21 -76.79
C LYS RA 97 -25.78 -27.42 -77.70
N ASP RA 98 -25.94 -27.19 -79.00
CA ASP RA 98 -25.94 -28.29 -79.97
C ASP RA 98 -24.92 -28.07 -81.08
N SER RA 99 -23.82 -27.38 -80.75
CA SER RA 99 -22.78 -27.11 -81.74
C SER RA 99 -22.17 -28.41 -82.24
N ASP RA 100 -21.90 -28.45 -83.53
CA ASP RA 100 -21.47 -29.69 -84.19
C ASP RA 100 -20.05 -30.06 -83.83
N TRP RA 101 -19.90 -30.96 -82.86
CA TRP RA 101 -18.59 -31.40 -82.46
C TRP RA 101 -18.31 -32.80 -82.99
N GLU RA 102 -18.97 -33.16 -84.09
CA GLU RA 102 -18.73 -34.46 -84.71
C GLU RA 102 -17.27 -34.68 -85.14
N PRO RA 103 -16.60 -33.66 -85.71
CA PRO RA 103 -15.20 -33.93 -86.07
C PRO RA 103 -14.35 -34.19 -84.83
N VAL RA 104 -14.59 -33.48 -83.74
CA VAL RA 104 -13.89 -33.75 -82.49
C VAL RA 104 -14.13 -35.19 -82.05
N LYS RA 105 -15.38 -35.65 -82.14
CA LYS RA 105 -15.72 -37.00 -81.74
C LYS RA 105 -15.08 -38.04 -82.66
N GLU RA 106 -15.04 -37.76 -83.96
CA GLU RA 106 -14.39 -38.68 -84.90
C GLU RA 106 -12.88 -38.72 -84.69
N ALA RA 107 -12.27 -37.58 -84.39
CA ALA RA 107 -10.84 -37.55 -84.10
C ALA RA 107 -10.51 -38.30 -82.81
N ALA RA 108 -11.34 -38.12 -81.77
CA ALA RA 108 -11.12 -38.84 -80.52
C ALA RA 108 -11.31 -40.33 -80.68
N LYS RA 109 -12.32 -40.73 -81.46
CA LYS RA 109 -12.54 -42.14 -81.72
C LYS RA 109 -11.39 -42.74 -82.52
N LYS RA 110 -10.86 -41.99 -83.49
CA LYS RA 110 -9.77 -42.50 -84.31
C LYS RA 110 -8.47 -42.60 -83.50
N LEU RA 111 -8.21 -41.61 -82.66
CA LEU RA 111 -7.00 -41.64 -81.78
C LEU RA 111 -7.11 -42.83 -80.82
N ALA RA 112 -8.29 -42.99 -80.18
CA ALA RA 112 -8.49 -44.11 -79.28
C ALA RA 112 -8.32 -45.45 -79.97
N PHE RA 113 -8.81 -45.56 -81.21
CA PHE RA 113 -8.67 -46.78 -81.98
C PHE RA 113 -7.21 -47.07 -82.31
N VAL RA 114 -6.46 -46.04 -82.67
CA VAL RA 114 -5.05 -46.24 -82.94
C VAL RA 114 -4.34 -46.72 -81.68
N GLU RA 115 -4.55 -46.02 -80.55
CA GLU RA 115 -3.86 -46.40 -79.32
C GLU RA 115 -4.18 -47.85 -78.91
N ASP RA 116 -5.46 -48.23 -78.97
CA ASP RA 116 -5.83 -49.59 -78.60
C ASP RA 116 -5.29 -50.63 -79.56
N ARG RA 117 -5.32 -50.33 -80.87
CA ARG RA 117 -4.79 -51.28 -81.83
C ARG RA 117 -3.26 -51.36 -81.75
N THR RA 118 -2.61 -50.30 -81.30
CA THR RA 118 -1.17 -50.33 -81.08
C THR RA 118 -0.84 -51.19 -79.86
N ILE RA 119 -1.61 -51.05 -78.78
CA ILE RA 119 -1.37 -51.86 -77.59
C ILE RA 119 -1.63 -53.34 -77.86
N PHE RA 120 -2.72 -53.67 -78.56
CA PHE RA 120 -3.10 -55.07 -78.66
C PHE RA 120 -2.63 -55.76 -79.93
N GLU RA 121 -2.42 -55.04 -81.02
CA GLU RA 121 -1.99 -55.64 -82.27
C GLU RA 121 -0.61 -55.19 -82.72
N GLY RA 122 -0.02 -54.27 -82.00
CA GLY RA 122 1.27 -53.76 -82.37
C GLY RA 122 1.39 -52.79 -83.51
N TYR RA 123 2.53 -52.16 -83.60
CA TYR RA 123 2.79 -51.20 -84.67
C TYR RA 123 4.23 -51.48 -84.96
N SER RA 124 4.49 -52.32 -85.94
CA SER RA 124 5.84 -52.73 -86.27
C SER RA 124 6.79 -51.58 -86.65
N ALA RA 125 6.33 -50.59 -87.37
CA ALA RA 125 7.14 -49.46 -87.76
C ALA RA 125 7.64 -48.69 -86.55
N ALA RA 126 6.88 -48.68 -85.47
CA ALA RA 126 7.30 -48.06 -84.22
C ALA RA 126 7.98 -49.05 -83.27
N SER RA 127 8.31 -50.25 -83.76
CA SER RA 127 8.96 -51.33 -83.00
C SER RA 127 8.16 -51.72 -81.77
N ILE RA 128 6.84 -51.75 -81.90
CA ILE RA 128 5.94 -52.13 -80.82
C ILE RA 128 5.33 -53.48 -81.18
N GLU RA 129 5.57 -54.47 -80.34
CA GLU RA 129 4.94 -55.77 -80.50
C GLU RA 129 3.62 -55.76 -79.72
N GLY RA 130 2.56 -56.23 -80.36
CA GLY RA 130 1.28 -56.29 -79.69
C GLY RA 130 1.22 -57.36 -78.63
N ILE RA 131 0.16 -57.29 -77.82
CA ILE RA 131 -0.11 -58.33 -76.84
C ILE RA 131 -0.39 -59.66 -77.52
N ARG RA 132 -1.08 -59.61 -78.66
CA ARG RA 132 -1.37 -60.83 -79.43
C ARG RA 132 -0.08 -61.49 -79.94
N SER RA 133 0.85 -60.69 -80.43
CA SER RA 133 2.10 -61.25 -80.94
C SER RA 133 3.04 -61.66 -79.82
N ALA RA 134 3.05 -60.94 -78.70
CA ALA RA 134 3.95 -61.23 -77.61
C ALA RA 134 3.44 -62.29 -76.65
N SER RA 135 2.22 -62.79 -76.85
CA SER RA 135 1.69 -63.82 -75.98
C SER RA 135 2.34 -65.16 -76.30
N SER RA 136 2.78 -65.87 -75.25
CA SER RA 136 3.32 -67.21 -75.41
C SER RA 136 2.27 -68.30 -75.24
N ASN RA 137 1.10 -67.98 -74.70
CA ASN RA 137 0.03 -68.95 -74.57
C ASN RA 137 -0.58 -69.21 -75.95
N PRO RA 138 -1.14 -70.41 -76.17
CA PRO RA 138 -1.71 -70.73 -77.48
C PRO RA 138 -2.90 -69.87 -77.83
N ALA RA 139 -3.07 -69.60 -79.12
CA ALA RA 139 -4.19 -68.84 -79.61
C ALA RA 139 -5.40 -69.74 -79.80
N LEU RA 140 -6.57 -69.19 -79.57
CA LEU RA 140 -7.82 -69.93 -79.65
C LEU RA 140 -8.70 -69.35 -80.75
N THR RA 141 -9.60 -70.17 -81.26
CA THR RA 141 -10.53 -69.76 -82.29
C THR RA 141 -11.90 -69.54 -81.67
N LEU RA 142 -12.48 -68.36 -81.92
CA LEU RA 142 -13.82 -68.07 -81.43
C LEU RA 142 -14.83 -68.76 -82.32
N PRO RA 143 -15.82 -69.43 -81.72
CA PRO RA 143 -16.81 -70.16 -82.51
C PRO RA 143 -17.85 -69.24 -83.16
N GLU RA 144 -18.58 -69.76 -84.14
CA GLU RA 144 -19.60 -68.96 -84.81
C GLU RA 144 -20.80 -68.71 -83.90
N ASP RA 145 -21.24 -69.74 -83.19
CA ASP RA 145 -22.39 -69.62 -82.31
C ASP RA 145 -21.99 -68.85 -81.06
N PRO RA 146 -22.67 -67.75 -80.73
CA PRO RA 146 -22.36 -67.02 -79.50
C PRO RA 146 -22.61 -67.81 -78.23
N ARG RA 147 -23.52 -68.79 -78.25
CA ARG RA 147 -23.74 -69.65 -77.08
C ARG RA 147 -22.55 -70.53 -76.77
N GLU RA 148 -21.67 -70.75 -77.73
CA GLU RA 148 -20.42 -71.46 -77.53
C GLU RA 148 -19.25 -70.53 -77.20
N ILE RA 149 -19.49 -69.23 -77.08
CA ILE RA 149 -18.40 -68.33 -76.68
C ILE RA 149 -17.88 -68.62 -75.25
N PRO RA 150 -18.78 -68.67 -74.24
CA PRO RA 150 -18.25 -68.88 -72.88
C PRO RA 150 -17.40 -70.15 -72.72
N ASP RA 151 -17.66 -71.18 -73.51
CA ASP RA 151 -16.86 -72.40 -73.42
C ASP RA 151 -15.41 -72.09 -73.79
N VAL RA 152 -15.18 -71.54 -74.98
CA VAL RA 152 -13.82 -71.24 -75.43
C VAL RA 152 -13.12 -70.26 -74.49
N ILE RA 153 -13.83 -69.22 -74.05
CA ILE RA 153 -13.28 -68.30 -73.07
C ILE RA 153 -12.77 -69.03 -71.85
N SER RA 154 -13.54 -70.01 -71.37
CA SER RA 154 -13.13 -70.82 -70.20
C SER RA 154 -11.85 -71.61 -70.51
N GLN RA 155 -11.67 -72.06 -71.74
CA GLN RA 155 -10.43 -72.73 -72.14
C GLN RA 155 -9.24 -71.77 -72.06
N ALA RA 156 -9.47 -70.51 -72.43
CA ALA RA 156 -8.45 -69.47 -72.23
C ALA RA 156 -8.14 -69.28 -70.77
N LEU RA 157 -9.16 -69.35 -69.90
CA LEU RA 157 -8.92 -69.29 -68.47
C LEU RA 157 -8.18 -70.51 -67.96
N SER RA 158 -8.26 -71.63 -68.70
CA SER RA 158 -7.42 -72.76 -68.34
C SER RA 158 -5.95 -72.45 -68.61
N GLU RA 159 -5.66 -71.76 -69.72
CA GLU RA 159 -4.29 -71.59 -70.16
C GLU RA 159 -3.50 -70.68 -69.22
N LEU RA 160 -4.10 -69.55 -68.81
CA LEU RA 160 -3.51 -68.72 -67.76
C LEU RA 160 -3.36 -69.47 -66.45
N ARG RA 161 -4.22 -70.45 -66.20
CA ARG RA 161 -4.03 -71.27 -65.01
C ARG RA 161 -2.89 -72.25 -65.21
N LEU RA 162 -2.71 -72.75 -66.43
CA LEU RA 162 -1.59 -73.62 -66.73
C LEU RA 162 -0.28 -72.84 -66.85
N ALA RA 163 -0.36 -71.54 -67.06
CA ALA RA 163 0.82 -70.69 -67.11
C ALA RA 163 1.31 -70.28 -65.73
N GLY RA 164 0.57 -70.65 -64.67
CA GLY RA 164 0.94 -70.23 -63.32
C GLY RA 164 0.79 -68.73 -63.15
N VAL RA 165 -0.44 -68.22 -63.21
CA VAL RA 165 -0.67 -66.78 -63.12
C VAL RA 165 -1.85 -66.49 -62.19
N ASP RA 166 -1.69 -65.51 -61.30
CA ASP RA 166 -2.77 -65.11 -60.41
C ASP RA 166 -3.39 -63.80 -60.84
N GLY RA 167 -4.21 -63.20 -59.98
CA GLY RA 167 -4.79 -61.90 -60.29
C GLY RA 167 -6.18 -61.91 -60.90
N PRO RA 168 -6.88 -60.75 -60.87
CA PRO RA 168 -8.20 -60.66 -61.45
C PRO RA 168 -8.06 -60.80 -62.96
N TYR RA 169 -8.71 -61.76 -63.59
CA TYR RA 169 -8.62 -61.85 -65.04
C TYR RA 169 -9.67 -60.96 -65.74
N SER RA 170 -9.32 -60.37 -66.87
CA SER RA 170 -10.34 -59.54 -67.51
C SER RA 170 -10.51 -59.93 -68.98
N VAL RA 171 -11.74 -59.88 -69.50
CA VAL RA 171 -11.98 -60.29 -70.87
C VAL RA 171 -12.32 -59.04 -71.67
N LEU RA 172 -11.61 -58.86 -72.78
CA LEU RA 172 -11.85 -57.74 -73.67
C LEU RA 172 -12.37 -58.33 -74.96
N LEU RA 173 -13.46 -57.77 -75.49
CA LEU RA 173 -14.10 -58.31 -76.67
C LEU RA 173 -14.09 -57.26 -77.78
N SER RA 174 -13.99 -57.73 -79.01
CA SER RA 174 -14.22 -56.85 -80.14
C SER RA 174 -15.70 -56.47 -80.20
N ALA RA 175 -15.97 -55.40 -80.96
CA ALA RA 175 -17.33 -54.88 -81.06
C ALA RA 175 -18.30 -55.88 -81.67
N ASP RA 176 -17.83 -56.66 -82.65
CA ASP RA 176 -18.63 -57.74 -83.22
C ASP RA 176 -18.96 -58.79 -82.17
N VAL RA 177 -17.95 -59.22 -81.41
CA VAL RA 177 -18.13 -60.26 -80.41
C VAL RA 177 -18.96 -59.73 -79.24
N TYR RA 178 -18.72 -58.48 -78.84
CA TYR RA 178 -19.50 -57.86 -77.76
C TYR RA 178 -20.97 -57.73 -78.15
N THR RA 179 -21.25 -57.35 -79.40
CA THR RA 179 -22.61 -57.29 -79.88
C THR RA 179 -23.25 -58.69 -79.93
N LYS RA 180 -22.50 -59.69 -80.39
CA LYS RA 180 -23.02 -61.05 -80.47
C LYS RA 180 -23.35 -61.62 -79.10
N VAL RA 181 -22.49 -61.40 -78.10
CA VAL RA 181 -22.80 -61.93 -76.77
C VAL RA 181 -23.75 -61.02 -75.99
N SER RA 182 -23.99 -59.81 -76.49
CA SER RA 182 -24.97 -58.93 -75.88
C SER RA 182 -26.38 -59.21 -76.34
N GLU RA 183 -26.54 -59.51 -77.63
CA GLU RA 183 -27.87 -59.62 -78.21
C GLU RA 183 -28.43 -61.03 -78.16
N THR RA 184 -27.60 -62.03 -77.94
CA THR RA 184 -28.07 -63.40 -77.76
C THR RA 184 -28.30 -63.62 -76.28
N SER RA 185 -29.43 -64.25 -75.95
CA SER RA 185 -29.80 -64.44 -74.55
C SER RA 185 -30.08 -65.90 -74.27
N ASP RA 186 -29.81 -66.30 -73.03
CA ASP RA 186 -30.11 -67.66 -72.57
C ASP RA 186 -30.58 -67.58 -71.14
N HIS RA 187 -31.81 -68.05 -70.89
CA HIS RA 187 -32.43 -68.13 -69.56
C HIS RA 187 -32.49 -66.79 -68.87
N GLY RA 188 -32.93 -65.77 -69.60
CA GLY RA 188 -33.16 -64.46 -69.03
C GLY RA 188 -31.94 -63.60 -68.86
N TYR RA 189 -30.78 -64.04 -69.33
CA TYR RA 189 -29.58 -63.22 -69.31
C TYR RA 189 -28.91 -63.30 -70.67
N PRO RA 190 -28.29 -62.22 -71.11
CA PRO RA 190 -27.44 -62.30 -72.29
C PRO RA 190 -26.16 -63.06 -71.96
N ILE RA 191 -25.46 -63.49 -73.02
CA ILE RA 191 -24.24 -64.29 -72.88
C ILE RA 191 -23.13 -63.47 -72.23
N ARG RA 192 -23.21 -62.14 -72.32
CA ARG RA 192 -22.27 -61.26 -71.63
C ARG RA 192 -22.29 -61.47 -70.12
N GLU RA 193 -23.48 -61.72 -69.56
CA GLU RA 193 -23.58 -62.03 -68.14
C GLU RA 193 -22.94 -63.38 -67.84
N HIS RA 194 -23.10 -64.37 -68.74
CA HIS RA 194 -22.43 -65.66 -68.59
C HIS RA 194 -20.91 -65.51 -68.59
N LEU RA 195 -20.39 -64.61 -69.42
CA LEU RA 195 -18.97 -64.29 -69.37
C LEU RA 195 -18.60 -63.60 -68.07
N ASN RA 196 -19.47 -62.75 -67.55
CA ASN RA 196 -19.23 -62.05 -66.30
C ASN RA 196 -19.13 -63.01 -65.12
N ARG RA 197 -19.85 -64.13 -65.17
CA ARG RA 197 -19.77 -65.11 -64.09
C ARG RA 197 -18.44 -65.85 -64.06
N LEU RA 198 -17.77 -66.00 -65.20
CA LEU RA 198 -16.50 -66.76 -65.28
C LEU RA 198 -15.32 -66.02 -64.66
N VAL RA 199 -15.33 -64.68 -64.65
CA VAL RA 199 -14.13 -63.93 -64.18
C VAL RA 199 -14.43 -63.00 -63.01
N ASP RA 200 -13.38 -62.60 -62.28
CA ASP RA 200 -13.54 -61.67 -61.14
C ASP RA 200 -13.11 -60.29 -61.62
N GLY RA 201 -12.84 -60.16 -62.92
CA GLY RA 201 -12.45 -58.86 -63.49
C GLY RA 201 -13.64 -58.23 -64.16
N ASP RA 202 -13.53 -57.85 -65.44
CA ASP RA 202 -14.64 -57.12 -66.08
C ASP RA 202 -14.79 -57.51 -67.55
N ILE RA 203 -16.03 -57.59 -68.03
CA ILE RA 203 -16.19 -57.77 -69.50
C ILE RA 203 -16.04 -56.36 -70.04
N ILE RA 204 -15.07 -56.15 -70.91
CA ILE RA 204 -14.72 -54.80 -71.37
C ILE RA 204 -14.98 -54.70 -72.86
N TRP RA 205 -15.77 -53.71 -73.25
CA TRP RA 205 -16.01 -53.43 -74.66
C TRP RA 205 -14.75 -52.82 -75.26
N ALA RA 206 -14.23 -53.44 -76.31
CA ALA RA 206 -12.99 -53.01 -76.96
C ALA RA 206 -13.24 -52.94 -78.46
N PRO RA 207 -13.84 -51.84 -78.94
CA PRO RA 207 -14.24 -51.76 -80.36
C PRO RA 207 -13.10 -51.68 -81.35
N ALA RA 208 -11.87 -51.41 -80.92
CA ALA RA 208 -10.78 -51.31 -81.89
C ALA RA 208 -10.14 -52.65 -82.22
N ILE RA 209 -10.13 -53.58 -81.26
CA ILE RA 209 -9.41 -54.84 -81.42
C ILE RA 209 -10.15 -55.80 -82.34
N ASP RA 210 -9.47 -56.85 -82.77
CA ASP RA 210 -10.09 -58.00 -83.40
C ASP RA 210 -10.11 -59.15 -82.39
N GLY RA 211 -11.10 -60.03 -82.57
CA GLY RA 211 -11.22 -61.19 -81.71
C GLY RA 211 -11.47 -60.88 -80.26
N ALA RA 212 -10.70 -61.52 -79.38
CA ALA RA 212 -10.89 -61.31 -77.96
C ALA RA 212 -9.56 -61.48 -77.24
N PHE RA 213 -9.50 -60.97 -76.02
CA PHE RA 213 -8.28 -61.09 -75.23
C PHE RA 213 -8.67 -61.40 -73.79
N VAL RA 214 -8.05 -62.41 -73.20
CA VAL RA 214 -8.29 -62.66 -71.76
C VAL RA 214 -6.95 -62.43 -71.09
N LEU RA 215 -6.94 -61.70 -69.98
CA LEU RA 215 -5.62 -61.39 -69.39
C LEU RA 215 -5.76 -61.02 -67.93
N THR RA 216 -4.65 -61.10 -67.20
CA THR RA 216 -4.61 -60.75 -65.79
C THR RA 216 -4.33 -59.27 -65.61
N THR RA 217 -4.94 -58.70 -64.56
CA THR RA 217 -4.72 -57.29 -64.25
C THR RA 217 -4.05 -57.17 -62.90
N ARG RA 218 -3.18 -58.13 -62.58
CA ARG RA 218 -2.48 -58.11 -61.30
C ARG RA 218 -1.46 -56.97 -61.20
N GLY RA 219 -1.02 -56.46 -62.35
CA GLY RA 219 -0.05 -55.38 -62.33
C GLY RA 219 1.32 -55.84 -62.77
N GLY RA 220 2.09 -54.91 -63.32
CA GLY RA 220 3.46 -55.14 -63.67
C GLY RA 220 3.71 -56.00 -64.88
N ASP RA 221 2.67 -56.31 -65.66
CA ASP RA 221 2.87 -57.19 -66.82
C ASP RA 221 2.83 -56.40 -68.12
N PHE RA 222 2.01 -55.36 -68.17
CA PHE RA 222 1.79 -54.59 -69.39
C PHE RA 222 1.96 -53.13 -69.04
N ASP RA 223 2.77 -52.41 -69.80
CA ASP RA 223 3.17 -51.06 -69.42
C ASP RA 223 3.02 -50.13 -70.62
N LEU RA 224 2.16 -49.14 -70.50
CA LEU RA 224 2.03 -48.10 -71.50
C LEU RA 224 2.83 -46.89 -71.02
N GLN RA 225 3.81 -46.49 -71.81
CA GLN RA 225 4.64 -45.33 -71.46
C GLN RA 225 4.21 -44.11 -72.25
N LEU RA 226 3.87 -43.07 -71.53
CA LEU RA 226 3.47 -41.84 -72.15
C LEU RA 226 4.48 -40.76 -72.02
N GLY RA 227 4.85 -40.11 -73.10
CA GLY RA 227 5.71 -38.94 -72.96
C GLY RA 227 4.75 -37.83 -72.62
N THR RA 228 3.76 -37.63 -73.49
CA THR RA 228 2.70 -36.62 -73.23
C THR RA 228 1.34 -37.27 -73.48
N ASP RA 229 0.37 -37.00 -72.60
CA ASP RA 229 -1.00 -37.54 -72.77
C ASP RA 229 -1.71 -36.80 -73.90
N VAL RA 230 -2.98 -37.14 -74.14
CA VAL RA 230 -3.77 -36.52 -75.25
C VAL RA 230 -3.91 -35.01 -75.08
N ALA RA 231 -3.57 -34.27 -76.11
CA ALA RA 231 -3.65 -32.81 -76.09
C ALA RA 231 -4.26 -32.32 -77.40
N ILE RA 232 -4.87 -31.16 -77.37
CA ILE RA 232 -5.46 -30.57 -78.56
C ILE RA 232 -4.60 -29.38 -78.99
N GLY RA 233 -4.17 -29.39 -80.25
CA GLY RA 233 -3.31 -28.35 -80.78
C GLY RA 233 -3.89 -27.69 -82.01
N TYR RA 234 -3.37 -26.51 -82.31
CA TYR RA 234 -3.87 -25.67 -83.39
C TYR RA 234 -2.93 -25.70 -84.59
N ALA RA 235 -3.46 -25.98 -85.77
CA ALA RA 235 -2.61 -26.06 -86.98
C ALA RA 235 -2.73 -24.76 -87.78
N SER RA 236 -3.91 -24.50 -88.34
CA SER RA 236 -4.13 -23.32 -89.17
C SER RA 236 -5.62 -23.01 -89.24
N HIS RA 237 -5.98 -21.84 -89.82
CA HIS RA 237 -7.41 -21.42 -89.88
C HIS RA 237 -7.69 -20.57 -91.12
N ASP RA 238 -8.94 -20.54 -91.56
CA ASP RA 238 -9.35 -19.66 -92.68
C ASP RA 238 -10.61 -18.92 -92.21
N THR RA 239 -11.36 -18.32 -93.12
CA THR RA 239 -12.57 -17.56 -92.74
C THR RA 239 -13.66 -18.53 -92.26
N ASP RA 240 -13.66 -19.76 -92.78
CA ASP RA 240 -14.75 -20.65 -92.45
C ASP RA 240 -14.42 -21.71 -91.41
N THR RA 241 -13.17 -22.16 -91.34
CA THR RA 241 -12.86 -23.35 -90.57
C THR RA 241 -11.57 -23.16 -89.76
N VAL RA 242 -11.45 -23.96 -88.71
CA VAL RA 242 -10.23 -24.05 -87.92
C VAL RA 242 -9.74 -25.49 -87.99
N ARG RA 243 -8.49 -25.67 -88.44
CA ARG RA 243 -7.85 -26.97 -88.41
C ARG RA 243 -7.12 -27.16 -87.09
N LEU RA 244 -7.48 -28.21 -86.37
CA LEU RA 244 -6.81 -28.53 -85.13
C LEU RA 244 -6.36 -29.98 -85.19
N TYR RA 245 -5.80 -30.51 -84.11
CA TYR RA 245 -5.39 -31.90 -84.07
C TYR RA 245 -5.46 -32.41 -82.64
N LEU RA 246 -5.60 -33.73 -82.53
CA LEU RA 246 -5.41 -34.45 -81.28
C LEU RA 246 -4.04 -35.11 -81.35
N GLN RA 247 -3.32 -35.12 -80.25
CA GLN RA 247 -1.95 -35.59 -80.32
C GLN RA 247 -1.56 -36.27 -79.02
N GLU RA 248 -0.87 -37.39 -79.14
CA GLU RA 248 -0.33 -38.08 -77.98
C GLU RA 248 0.92 -38.83 -78.39
N THR RA 249 1.87 -38.95 -77.47
CA THR RA 249 3.11 -39.68 -77.77
C THR RA 249 3.34 -40.76 -76.73
N LEU RA 250 3.65 -41.97 -77.22
CA LEU RA 250 3.63 -43.16 -76.36
C LEU RA 250 4.48 -44.26 -76.96
N THR RA 251 4.77 -45.26 -76.11
CA THR RA 251 5.18 -46.59 -76.55
C THR RA 251 4.51 -47.59 -75.64
N PHE RA 252 4.52 -48.86 -76.05
CA PHE RA 252 3.94 -49.92 -75.24
C PHE RA 252 4.93 -51.05 -75.06
N LEU RA 253 5.02 -51.57 -73.84
CA LEU RA 253 5.92 -52.65 -73.49
C LEU RA 253 5.11 -53.79 -72.87
N CYS RA 254 5.40 -55.01 -73.28
CA CYS RA 254 4.85 -56.20 -72.62
C CYS RA 254 6.01 -56.94 -71.96
N TYR RA 255 6.01 -56.96 -70.62
CA TYR RA 255 7.08 -57.61 -69.88
C TYR RA 255 6.84 -59.10 -69.68
N THR RA 256 5.59 -59.53 -69.65
CA THR RA 256 5.24 -60.89 -69.25
C THR RA 256 4.50 -61.57 -70.41
N ALA RA 257 5.16 -62.53 -71.04
CA ALA RA 257 4.62 -63.13 -72.25
C ALA RA 257 3.44 -64.05 -71.98
N GLU RA 258 3.36 -64.64 -70.80
CA GLU RA 258 2.37 -65.67 -70.53
C GLU RA 258 1.15 -65.12 -69.80
N ALA RA 259 0.99 -63.80 -69.74
CA ALA RA 259 -0.09 -63.19 -68.98
C ALA RA 259 -1.35 -62.94 -69.82
N SER RA 260 -1.44 -63.51 -71.03
CA SER RA 260 -2.58 -63.20 -71.89
C SER RA 260 -2.84 -64.32 -72.87
N VAL RA 261 -4.11 -64.42 -73.29
CA VAL RA 261 -4.54 -65.30 -74.38
C VAL RA 261 -5.29 -64.46 -75.41
N ALA RA 262 -4.90 -64.60 -76.67
CA ALA RA 262 -5.55 -63.95 -77.80
C ALA RA 262 -6.48 -64.92 -78.51
N LEU RA 263 -7.61 -64.39 -78.96
CA LEU RA 263 -8.58 -65.20 -79.66
C LEU RA 263 -8.88 -64.54 -80.99
N SER RA 264 -9.16 -65.33 -82.02
CA SER RA 264 -9.43 -64.82 -83.35
C SER RA 264 -10.62 -65.56 -83.93
N HIS RA 265 -11.09 -65.07 -85.07
CA HIS RA 265 -12.22 -65.68 -85.76
C HIS RA 265 -11.77 -66.71 -86.78
N MET SA 1 -61.12 -19.46 -48.24
CA MET SA 1 -62.52 -19.18 -47.94
C MET SA 1 -63.29 -20.42 -47.52
N ASN SA 2 -64.56 -20.25 -47.15
CA ASN SA 2 -65.38 -21.38 -46.71
C ASN SA 2 -66.64 -21.56 -47.59
N ASN SA 3 -67.63 -22.28 -47.07
CA ASN SA 3 -68.84 -22.51 -47.86
C ASN SA 3 -69.74 -21.26 -47.97
N LEU SA 4 -69.64 -20.32 -47.05
CA LEU SA 4 -70.37 -19.05 -47.18
C LEU SA 4 -69.94 -18.24 -48.41
N TYR SA 5 -68.70 -18.42 -48.88
CA TYR SA 5 -68.20 -17.65 -50.03
C TYR SA 5 -68.47 -16.16 -49.85
N ARG SA 6 -68.17 -15.67 -48.65
CA ARG SA 6 -68.60 -14.34 -48.23
C ARG SA 6 -67.85 -13.25 -48.98
N ASP SA 7 -66.56 -13.47 -49.27
CA ASP SA 7 -65.76 -12.47 -49.97
C ASP SA 7 -66.14 -12.34 -51.43
N LEU SA 8 -66.89 -13.30 -51.99
CA LEU SA 8 -67.35 -13.17 -53.36
C LEU SA 8 -68.58 -12.28 -53.48
N ALA SA 9 -69.26 -11.99 -52.38
CA ALA SA 9 -70.46 -11.18 -52.44
C ALA SA 9 -70.10 -9.71 -52.66
N PRO SA 10 -70.82 -9.01 -53.54
CA PRO SA 10 -70.60 -7.56 -53.69
C PRO SA 10 -71.27 -6.75 -52.58
N VAL SA 11 -70.77 -6.93 -51.38
CA VAL SA 11 -71.30 -6.30 -50.17
C VAL SA 11 -70.13 -5.66 -49.47
N THR SA 12 -70.27 -4.38 -49.12
CA THR SA 12 -69.19 -3.69 -48.44
C THR SA 12 -69.13 -4.10 -46.98
N GLU SA 13 -68.04 -3.71 -46.32
CA GLU SA 13 -67.82 -4.07 -44.92
C GLU SA 13 -68.86 -3.44 -44.00
N ALA SA 14 -69.18 -2.17 -44.23
CA ALA SA 14 -70.18 -1.48 -43.42
C ALA SA 14 -71.57 -2.07 -43.64
N ALA SA 15 -71.90 -2.39 -44.90
CA ALA SA 15 -73.15 -3.06 -45.20
C ALA SA 15 -73.21 -4.44 -44.57
N TRP SA 16 -72.08 -5.16 -44.54
CA TRP SA 16 -72.02 -6.46 -43.89
C TRP SA 16 -72.30 -6.34 -42.40
N ALA SA 17 -71.71 -5.33 -41.75
CA ALA SA 17 -71.94 -5.13 -40.32
C ALA SA 17 -73.40 -4.80 -40.03
N GLU SA 18 -74.03 -3.98 -40.87
CA GLU SA 18 -75.45 -3.69 -40.69
C GLU SA 18 -76.32 -4.92 -40.90
N ILE SA 19 -76.00 -5.75 -41.89
CA ILE SA 19 -76.78 -6.97 -42.15
C ILE SA 19 -76.62 -7.97 -41.00
N GLU SA 20 -75.41 -8.14 -40.50
CA GLU SA 20 -75.17 -9.04 -39.36
C GLU SA 20 -75.93 -8.58 -38.12
N LEU SA 21 -75.89 -7.27 -37.85
CA LEU SA 21 -76.59 -6.71 -36.70
C LEU SA 21 -78.09 -6.91 -36.82
N GLU SA 22 -78.66 -6.63 -38.00
CA GLU SA 22 -80.10 -6.77 -38.22
C GLU SA 22 -80.55 -8.22 -38.07
N ALA SA 23 -79.79 -9.15 -38.66
CA ALA SA 23 -80.14 -10.57 -38.59
C ALA SA 23 -80.04 -11.12 -37.18
N ALA SA 24 -78.96 -10.77 -36.46
CA ALA SA 24 -78.78 -11.24 -35.10
C ALA SA 24 -79.85 -10.69 -34.17
N ARG SA 25 -80.18 -9.41 -34.32
CA ARG SA 25 -81.20 -8.79 -33.50
C ARG SA 25 -82.57 -9.42 -33.72
N THR SA 26 -82.99 -9.53 -34.98
CA THR SA 26 -84.33 -10.04 -35.28
C THR SA 26 -84.45 -11.51 -34.87
N PHE SA 27 -83.38 -12.29 -35.01
CA PHE SA 27 -83.38 -13.68 -34.60
C PHE SA 27 -83.55 -13.87 -33.08
N LYS SA 28 -82.74 -13.20 -32.29
CA LYS SA 28 -82.86 -13.31 -30.82
C LYS SA 28 -84.25 -12.96 -30.34
N ARG SA 29 -84.83 -11.87 -30.85
CA ARG SA 29 -86.15 -11.45 -30.45
C ARG SA 29 -87.17 -12.51 -30.69
N HIS SA 30 -87.01 -13.25 -31.77
CA HIS SA 30 -88.04 -14.26 -32.13
C HIS SA 30 -87.66 -15.66 -31.62
N ILE SA 31 -86.52 -15.80 -30.95
CA ILE SA 31 -86.27 -17.14 -30.40
C ILE SA 31 -86.80 -17.24 -28.97
N ALA SA 32 -87.63 -18.25 -28.72
CA ALA SA 32 -88.04 -18.60 -27.37
C ALA SA 32 -87.39 -19.90 -26.91
N GLY SA 33 -87.04 -20.76 -27.87
CA GLY SA 33 -86.60 -22.11 -27.54
C GLY SA 33 -85.25 -22.17 -26.84
N ARG SA 34 -84.32 -21.31 -27.26
CA ARG SA 34 -82.98 -21.34 -26.68
C ARG SA 34 -82.96 -20.79 -25.26
N ARG SA 35 -83.98 -20.05 -24.85
CA ARG SA 35 -84.05 -19.54 -23.49
C ARG SA 35 -84.37 -20.63 -22.48
N VAL SA 36 -84.95 -21.74 -22.91
CA VAL SA 36 -85.38 -22.78 -21.98
C VAL SA 36 -84.63 -24.10 -22.15
N VAL SA 37 -84.04 -24.39 -23.30
CA VAL SA 37 -83.41 -25.67 -23.51
C VAL SA 37 -81.91 -25.50 -23.35
N ASP SA 38 -81.23 -26.62 -23.12
CA ASP SA 38 -79.78 -26.62 -23.12
C ASP SA 38 -79.28 -26.53 -24.55
N VAL SA 39 -78.36 -25.61 -24.80
CA VAL SA 39 -77.82 -25.37 -26.13
C VAL SA 39 -76.35 -25.74 -26.10
N SER SA 40 -75.97 -26.68 -26.95
CA SER SA 40 -74.61 -27.17 -26.97
C SER SA 40 -73.69 -26.17 -27.67
N ASP SA 41 -72.40 -26.38 -27.52
CA ASP SA 41 -71.45 -25.67 -28.36
C ASP SA 41 -71.56 -26.18 -29.79
N PRO SA 42 -71.25 -25.35 -30.79
CA PRO SA 42 -71.22 -25.82 -32.17
C PRO SA 42 -70.21 -26.92 -32.39
N GLY SA 43 -70.66 -28.07 -32.91
CA GLY SA 43 -69.80 -29.18 -33.21
C GLY SA 43 -68.81 -28.87 -34.32
N GLY SA 44 -69.27 -28.14 -35.33
CA GLY SA 44 -68.42 -27.84 -36.45
C GLY SA 44 -69.06 -28.37 -37.72
N PRO SA 45 -68.47 -28.03 -38.87
CA PRO SA 45 -69.07 -28.44 -40.15
C PRO SA 45 -69.06 -29.94 -40.38
N VAL SA 46 -68.11 -30.68 -39.79
CA VAL SA 46 -67.99 -32.09 -40.09
C VAL SA 46 -69.00 -32.91 -39.30
N THR SA 47 -69.58 -32.32 -38.26
CA THR SA 47 -70.49 -33.03 -37.38
C THR SA 47 -71.79 -33.35 -38.11
N ALA SA 48 -72.19 -34.61 -38.09
CA ALA SA 48 -73.30 -35.04 -38.93
C ALA SA 48 -74.40 -35.72 -38.13
N ALA SA 49 -74.08 -36.30 -36.99
CA ALA SA 49 -75.05 -37.04 -36.20
C ALA SA 49 -74.69 -36.98 -34.73
N VAL SA 50 -75.70 -37.20 -33.91
CA VAL SA 50 -75.53 -37.26 -32.46
C VAL SA 50 -75.84 -38.68 -32.01
N SER SA 51 -74.90 -39.27 -31.28
CA SER SA 51 -75.10 -40.60 -30.73
C SER SA 51 -76.16 -40.58 -29.63
N THR SA 52 -77.10 -41.51 -29.71
CA THR SA 52 -78.08 -41.69 -28.64
C THR SA 52 -77.65 -42.72 -27.62
N GLY SA 53 -76.68 -43.56 -27.98
CA GLY SA 53 -76.15 -44.58 -27.04
C GLY SA 53 -77.01 -45.83 -27.06
N ARG SA 54 -78.02 -45.91 -27.93
CA ARG SA 54 -78.85 -47.15 -28.02
C ARG SA 54 -78.30 -48.11 -29.08
N LEU SA 55 -78.87 -49.30 -29.19
CA LEU SA 55 -78.38 -50.35 -30.13
C LEU SA 55 -79.55 -50.92 -30.93
N ILE SA 56 -79.33 -51.26 -32.20
CA ILE SA 56 -80.38 -51.81 -33.06
C ILE SA 56 -80.01 -53.19 -33.54
N ASP SA 57 -80.84 -54.18 -33.23
CA ASP SA 57 -80.58 -55.56 -33.65
C ASP SA 57 -80.58 -55.72 -35.16
N VAL SA 58 -79.48 -56.26 -35.71
CA VAL SA 58 -79.44 -56.54 -37.15
C VAL SA 58 -79.22 -58.01 -37.45
N LYS SA 59 -79.63 -58.45 -38.63
CA LYS SA 59 -79.49 -59.86 -39.00
C LYS SA 59 -78.04 -60.32 -38.88
N ALA SA 60 -77.80 -61.29 -38.00
CA ALA SA 60 -76.45 -61.83 -37.76
C ALA SA 60 -75.63 -62.03 -39.04
N PRO SA 61 -74.42 -61.45 -39.09
CA PRO SA 61 -73.55 -61.62 -40.27
C PRO SA 61 -73.27 -63.09 -40.50
N THR SA 62 -72.78 -63.78 -39.48
CA THR SA 62 -72.52 -65.21 -39.59
C THR SA 62 -72.98 -65.94 -38.32
N ASN SA 63 -72.74 -67.24 -38.27
CA ASN SA 63 -73.13 -68.03 -37.11
C ASN SA 63 -72.29 -67.65 -35.91
N GLY SA 64 -72.94 -67.46 -34.76
CA GLY SA 64 -72.21 -67.12 -33.54
C GLY SA 64 -71.78 -65.67 -33.45
N VAL SA 65 -72.21 -64.84 -34.40
CA VAL SA 65 -71.87 -63.43 -34.36
C VAL SA 65 -73.11 -62.66 -34.00
N ILE SA 66 -72.99 -61.75 -33.06
CA ILE SA 66 -74.11 -60.93 -32.66
C ILE SA 66 -73.79 -59.53 -33.06
N ALA SA 67 -74.63 -58.96 -33.89
CA ALA SA 67 -74.37 -57.61 -34.40
C ALA SA 67 -75.40 -56.61 -34.00
N HIS SA 68 -74.93 -55.41 -33.73
CA HIS SA 68 -75.86 -54.35 -33.41
C HIS SA 68 -75.43 -53.04 -34.03
N LEU SA 69 -76.36 -52.33 -34.62
CA LEU SA 69 -76.09 -51.02 -35.16
C LEU SA 69 -76.19 -49.96 -34.07
N ARG SA 70 -75.25 -49.02 -34.07
CA ARG SA 70 -75.36 -47.88 -33.18
C ARG SA 70 -76.44 -46.93 -33.69
N ALA SA 71 -77.34 -46.52 -32.80
CA ALA SA 71 -78.37 -45.56 -33.14
C ALA SA 71 -77.83 -44.15 -33.05
N SER SA 72 -78.37 -43.27 -33.90
CA SER SA 72 -77.97 -41.87 -33.89
C SER SA 72 -79.09 -41.02 -34.45
N LYS SA 73 -78.95 -39.71 -34.29
CA LYS SA 73 -79.88 -38.72 -34.81
C LYS SA 73 -79.16 -37.85 -35.82
N PRO SA 74 -79.67 -37.72 -37.04
CA PRO SA 74 -79.02 -36.86 -38.02
C PRO SA 74 -79.29 -35.38 -37.76
N LEU SA 75 -78.28 -34.56 -38.04
CA LEU SA 75 -78.51 -33.12 -38.11
C LEU SA 75 -79.26 -32.76 -39.38
N VAL SA 76 -80.00 -31.66 -39.32
CA VAL SA 76 -80.65 -31.09 -40.50
C VAL SA 76 -80.08 -29.69 -40.70
N ARG SA 77 -79.73 -29.37 -41.95
CA ARG SA 77 -79.31 -28.03 -42.30
C ARG SA 77 -80.49 -27.28 -42.87
N LEU SA 78 -80.77 -26.13 -42.28
CA LEU SA 78 -81.92 -25.30 -42.60
C LEU SA 78 -81.40 -24.02 -43.22
N ARG SA 79 -81.87 -23.72 -44.43
CA ARG SA 79 -81.41 -22.59 -45.21
C ARG SA 79 -82.60 -21.76 -45.65
N VAL SA 80 -82.53 -20.46 -45.38
CA VAL SA 80 -83.54 -19.50 -45.79
C VAL SA 80 -82.88 -18.48 -46.71
N PRO SA 81 -83.10 -18.58 -48.02
CA PRO SA 81 -82.57 -17.57 -48.93
C PRO SA 81 -83.35 -16.26 -48.82
N PHE SA 82 -82.65 -15.17 -49.14
CA PHE SA 82 -83.27 -13.86 -49.19
C PHE SA 82 -82.50 -13.00 -50.19
N THR SA 83 -83.14 -11.91 -50.61
CA THR SA 83 -82.66 -11.10 -51.72
C THR SA 83 -82.56 -9.64 -51.31
N LEU SA 84 -81.40 -9.05 -51.51
CA LEU SA 84 -81.16 -7.66 -51.14
C LEU SA 84 -80.96 -6.79 -52.37
N SER SA 85 -81.52 -5.59 -52.32
CA SER SA 85 -81.25 -4.57 -53.33
C SER SA 85 -79.80 -4.08 -53.21
N ARG SA 86 -79.11 -4.00 -54.34
CA ARG SA 86 -77.74 -3.51 -54.33
C ARG SA 86 -77.67 -2.00 -54.12
N ASN SA 87 -78.72 -1.28 -54.47
CA ASN SA 87 -78.80 0.15 -54.17
C ASN SA 87 -78.81 0.41 -52.67
N GLU SA 88 -79.58 -0.39 -51.92
CA GLU SA 88 -79.60 -0.27 -50.47
C GLU SA 88 -78.24 -0.61 -49.86
N ILE SA 89 -77.54 -1.58 -50.45
CA ILE SA 89 -76.19 -1.92 -49.99
C ILE SA 89 -75.22 -0.77 -50.25
N ASP SA 90 -75.31 -0.17 -51.44
CA ASP SA 90 -74.46 0.96 -51.79
C ASP SA 90 -74.74 2.20 -50.97
N ASP SA 91 -75.98 2.34 -50.48
CA ASP SA 91 -76.36 3.49 -49.66
C ASP SA 91 -75.60 3.55 -48.34
N VAL SA 92 -75.15 2.40 -47.83
CA VAL SA 92 -74.60 2.33 -46.48
C VAL SA 92 -73.26 3.06 -46.38
N GLU SA 93 -72.41 2.94 -47.40
CA GLU SA 93 -71.10 3.61 -47.36
C GLU SA 93 -71.30 5.13 -47.49
N ARG SA 94 -72.30 5.56 -48.24
CA ARG SA 94 -72.59 6.98 -48.34
C ARG SA 94 -73.16 7.56 -47.05
N GLY SA 95 -73.50 6.74 -46.07
CA GLY SA 95 -73.97 7.22 -44.80
C GLY SA 95 -75.45 7.08 -44.53
N SER SA 96 -76.18 6.35 -45.36
CA SER SA 96 -77.59 6.08 -45.10
C SER SA 96 -77.73 5.20 -43.87
N LYS SA 97 -78.78 5.46 -43.09
CA LYS SA 97 -79.07 4.68 -41.90
C LYS SA 97 -80.48 4.10 -41.94
N ASP SA 98 -81.13 4.16 -43.10
CA ASP SA 98 -82.47 3.59 -43.25
C ASP SA 98 -82.52 2.60 -44.42
N SER SA 99 -81.41 1.93 -44.70
CA SER SA 99 -81.35 0.96 -45.78
C SER SA 99 -82.32 -0.18 -45.52
N ASP SA 100 -82.99 -0.62 -46.58
CA ASP SA 100 -84.07 -1.58 -46.47
C ASP SA 100 -83.55 -2.98 -46.15
N TRP SA 101 -83.59 -3.34 -44.87
CA TRP SA 101 -83.14 -4.66 -44.47
C TRP SA 101 -84.33 -5.55 -44.13
N GLU SA 102 -85.48 -5.24 -44.73
CA GLU SA 102 -86.66 -6.06 -44.53
C GLU SA 102 -86.49 -7.53 -44.94
N PRO SA 103 -85.80 -7.81 -46.07
CA PRO SA 103 -85.63 -9.23 -46.39
C PRO SA 103 -84.78 -9.94 -45.35
N VAL SA 104 -83.74 -9.27 -44.84
CA VAL SA 104 -82.94 -9.87 -43.77
C VAL SA 104 -83.81 -10.16 -42.56
N LYS SA 105 -84.70 -9.22 -42.21
CA LYS SA 105 -85.58 -9.41 -41.07
C LYS SA 105 -86.58 -10.53 -41.30
N GLU SA 106 -87.12 -10.64 -42.52
CA GLU SA 106 -88.04 -11.72 -42.84
C GLU SA 106 -87.35 -13.07 -42.85
N ALA SA 107 -86.10 -13.12 -43.33
CA ALA SA 107 -85.35 -14.37 -43.30
C ALA SA 107 -85.01 -14.79 -41.88
N ALA SA 108 -84.63 -13.84 -41.03
CA ALA SA 108 -84.32 -14.15 -39.64
C ALA SA 108 -85.58 -14.59 -38.88
N LYS SA 109 -86.71 -13.95 -39.15
CA LYS SA 109 -87.96 -14.35 -38.52
C LYS SA 109 -88.38 -15.74 -38.99
N LYS SA 110 -88.19 -16.05 -40.27
CA LYS SA 110 -88.57 -17.36 -40.77
C LYS SA 110 -87.67 -18.46 -40.25
N LEU SA 111 -86.36 -18.18 -40.16
CA LEU SA 111 -85.41 -19.17 -39.60
C LEU SA 111 -85.75 -19.41 -38.12
N ALA SA 112 -85.97 -18.33 -37.36
CA ALA SA 112 -86.34 -18.48 -35.95
C ALA SA 112 -87.62 -19.27 -35.78
N PHE SA 113 -88.61 -19.02 -36.66
CA PHE SA 113 -89.86 -19.76 -36.60
C PHE SA 113 -89.67 -21.24 -36.90
N VAL SA 114 -88.83 -21.55 -37.87
CA VAL SA 114 -88.56 -22.96 -38.16
C VAL SA 114 -87.90 -23.62 -36.96
N GLU SA 115 -86.85 -22.98 -36.43
CA GLU SA 115 -86.13 -23.59 -35.30
C GLU SA 115 -87.05 -23.83 -34.11
N ASP SA 116 -87.89 -22.84 -33.77
CA ASP SA 116 -88.79 -23.00 -32.63
C ASP SA 116 -89.88 -24.03 -32.89
N ARG SA 117 -90.42 -24.07 -34.11
CA ARG SA 117 -91.43 -25.07 -34.43
C ARG SA 117 -90.83 -26.46 -34.51
N THR SA 118 -89.54 -26.56 -34.84
CA THR SA 118 -88.86 -27.85 -34.83
C THR SA 118 -88.65 -28.34 -33.41
N ILE SA 119 -88.24 -27.44 -32.50
CA ILE SA 119 -88.04 -27.81 -31.10
C ILE SA 119 -89.37 -28.21 -30.45
N PHE SA 120 -90.42 -27.45 -30.68
CA PHE SA 120 -91.64 -27.68 -29.91
C PHE SA 120 -92.67 -28.56 -30.60
N GLU SA 121 -92.70 -28.61 -31.93
CA GLU SA 121 -93.68 -29.42 -32.65
C GLU SA 121 -93.04 -30.53 -33.46
N GLY SA 122 -91.73 -30.60 -33.48
CA GLY SA 122 -91.06 -31.62 -34.23
C GLY SA 122 -90.97 -31.49 -35.73
N TYR SA 123 -90.10 -32.28 -36.33
CA TYR SA 123 -89.92 -32.28 -37.76
C TYR SA 123 -89.72 -33.73 -38.04
N SER SA 124 -90.78 -34.43 -38.39
CA SER SA 124 -90.69 -35.88 -38.60
C SER SA 124 -89.71 -36.32 -39.68
N ALA SA 125 -89.61 -35.60 -40.77
CA ALA SA 125 -88.69 -35.94 -41.85
C ALA SA 125 -87.25 -35.91 -41.37
N ALA SA 126 -86.92 -35.08 -40.39
CA ALA SA 126 -85.61 -35.03 -39.79
C ALA SA 126 -85.50 -35.91 -38.55
N SER SA 127 -86.50 -36.76 -38.31
CA SER SA 127 -86.58 -37.68 -37.16
C SER SA 127 -86.48 -36.94 -35.83
N ILE SA 128 -87.11 -35.78 -35.75
CA ILE SA 128 -87.13 -34.98 -34.53
C ILE SA 128 -88.54 -35.02 -33.98
N GLU SA 129 -88.67 -35.52 -32.76
CA GLU SA 129 -89.95 -35.49 -32.05
C GLU SA 129 -90.02 -34.19 -31.26
N GLY SA 130 -91.16 -33.51 -31.37
CA GLY SA 130 -91.33 -32.27 -30.64
C GLY SA 130 -91.53 -32.51 -29.15
N ILE SA 131 -91.44 -31.42 -28.39
CA ILE SA 131 -91.73 -31.46 -26.96
C ILE SA 131 -93.19 -31.82 -26.72
N ARG SA 132 -94.09 -31.34 -27.59
CA ARG SA 132 -95.51 -31.67 -27.47
C ARG SA 132 -95.75 -33.17 -27.68
N SER SA 133 -95.08 -33.77 -28.66
CA SER SA 133 -95.27 -35.19 -28.91
C SER SA 133 -94.54 -36.06 -27.90
N ALA SA 134 -93.39 -35.62 -27.40
CA ALA SA 134 -92.60 -36.41 -26.47
C ALA SA 134 -93.03 -36.23 -25.02
N SER SA 135 -93.98 -35.37 -24.74
CA SER SA 135 -94.44 -35.18 -23.37
C SER SA 135 -95.32 -36.35 -22.95
N SER SA 136 -95.05 -36.88 -21.76
CA SER SA 136 -95.88 -37.94 -21.19
C SER SA 136 -96.99 -37.40 -20.30
N ASN SA 137 -96.92 -36.13 -19.88
CA ASN SA 137 -97.98 -35.54 -19.08
C ASN SA 137 -99.20 -35.29 -19.97
N PRO SA 138 -100.40 -35.29 -19.39
CA PRO SA 138 -101.61 -35.09 -20.21
C PRO SA 138 -101.68 -33.70 -20.81
N ALA SA 139 -102.30 -33.63 -21.98
CA ALA SA 139 -102.48 -32.37 -22.68
C ALA SA 139 -103.72 -31.66 -22.15
N LEU SA 140 -103.66 -30.34 -22.13
CA LEU SA 140 -104.75 -29.52 -21.61
C LEU SA 140 -105.31 -28.65 -22.71
N THR SA 141 -106.55 -28.23 -22.53
CA THR SA 141 -107.23 -27.36 -23.48
C THR SA 141 -107.27 -25.94 -22.93
N LEU SA 142 -106.80 -24.98 -23.72
CA LEU SA 142 -106.85 -23.59 -23.30
C LEU SA 142 -108.27 -23.07 -23.51
N PRO SA 143 -108.81 -22.36 -22.50
CA PRO SA 143 -110.18 -21.86 -22.60
C PRO SA 143 -110.30 -20.65 -23.52
N GLU SA 144 -111.53 -20.33 -23.91
CA GLU SA 144 -111.75 -19.18 -24.77
C GLU SA 144 -111.54 -17.86 -24.03
N ASP SA 145 -112.05 -17.79 -22.80
CA ASP SA 145 -111.93 -16.58 -22.00
C ASP SA 145 -110.50 -16.45 -21.49
N PRO SA 146 -109.80 -15.36 -21.77
CA PRO SA 146 -108.45 -15.17 -21.22
C PRO SA 146 -108.40 -15.09 -19.70
N ARG SA 147 -109.47 -14.68 -19.04
CA ARG SA 147 -109.51 -14.64 -17.58
C ARG SA 147 -109.48 -16.04 -16.97
N GLU SA 148 -109.83 -17.05 -17.75
CA GLU SA 148 -109.71 -18.45 -17.34
C GLU SA 148 -108.40 -19.08 -17.76
N ILE SA 149 -107.49 -18.33 -18.37
CA ILE SA 149 -106.18 -18.90 -18.71
C ILE SA 149 -105.36 -19.29 -17.46
N PRO SA 150 -105.18 -18.36 -16.48
CA PRO SA 150 -104.34 -18.74 -15.34
C PRO SA 150 -104.81 -19.99 -14.60
N ASP SA 151 -106.12 -20.28 -14.61
CA ASP SA 151 -106.61 -21.49 -13.95
C ASP SA 151 -106.01 -22.73 -14.61
N VAL SA 152 -106.21 -22.87 -15.93
CA VAL SA 152 -105.70 -24.05 -16.64
C VAL SA 152 -104.19 -24.16 -16.53
N ILE SA 153 -103.48 -23.04 -16.67
CA ILE SA 153 -102.03 -23.03 -16.49
C ILE SA 153 -101.65 -23.62 -15.14
N SER SA 154 -102.39 -23.25 -14.09
CA SER SA 154 -102.15 -23.80 -12.72
C SER SA 154 -102.37 -25.31 -12.70
N GLN SA 155 -103.32 -25.83 -13.47
CA GLN SA 155 -103.51 -27.28 -13.57
C GLN SA 155 -102.31 -27.95 -14.21
N ALA SA 156 -101.70 -27.27 -15.20
CA ALA SA 156 -100.44 -27.75 -15.77
C ALA SA 156 -99.35 -27.77 -14.72
N LEU SA 157 -99.31 -26.75 -13.86
CA LEU SA 157 -98.35 -26.74 -12.77
C LEU SA 157 -98.64 -27.85 -11.76
N SER SA 158 -99.88 -28.33 -11.70
CA SER SA 158 -100.16 -29.49 -10.87
C SER SA 158 -99.50 -30.74 -11.46
N GLU SA 159 -99.52 -30.86 -12.79
CA GLU SA 159 -99.09 -32.10 -13.43
C GLU SA 159 -97.59 -32.31 -13.29
N LEU SA 160 -96.79 -31.26 -13.52
CA LEU SA 160 -95.36 -31.32 -13.22
C LEU SA 160 -95.09 -31.57 -11.75
N ARG SA 161 -96.00 -31.16 -10.88
CA ARG SA 161 -95.82 -31.50 -9.47
C ARG SA 161 -96.18 -32.96 -9.22
N LEU SA 162 -97.16 -33.48 -9.96
CA LEU SA 162 -97.50 -34.89 -9.84
C LEU SA 162 -96.48 -35.77 -10.56
N ALA SA 163 -95.71 -35.21 -11.47
CA ALA SA 163 -94.65 -35.95 -12.14
C ALA SA 163 -93.36 -36.03 -11.33
N GLY SA 164 -93.32 -35.37 -10.17
CA GLY SA 164 -92.11 -35.35 -9.36
C GLY SA 164 -91.01 -34.59 -10.06
N VAL SA 165 -91.18 -33.27 -10.24
CA VAL SA 165 -90.17 -32.47 -10.95
C VAL SA 165 -89.91 -31.16 -10.21
N ASP SA 166 -88.64 -30.80 -10.08
CA ASP SA 166 -88.28 -29.54 -9.42
C ASP SA 166 -87.84 -28.50 -10.45
N GLY SA 167 -87.26 -27.40 -9.99
CA GLY SA 167 -86.74 -26.39 -10.90
C GLY SA 167 -87.66 -25.22 -11.22
N PRO SA 168 -87.09 -24.13 -11.76
CA PRO SA 168 -87.90 -22.97 -12.10
C PRO SA 168 -88.79 -23.36 -13.27
N TYR SA 169 -90.10 -23.24 -13.14
CA TYR SA 169 -90.96 -23.55 -14.28
C TYR SA 169 -91.14 -22.35 -15.21
N SER SA 170 -91.23 -22.58 -16.51
CA SER SA 170 -91.42 -21.40 -17.37
C SER SA 170 -92.59 -21.61 -18.31
N VAL SA 171 -93.35 -20.55 -18.60
CA VAL SA 171 -94.52 -20.68 -19.45
C VAL SA 171 -94.23 -19.98 -20.76
N LEU SA 172 -94.44 -20.71 -21.85
CA LEU SA 172 -94.25 -20.16 -23.18
C LEU SA 172 -95.61 -20.10 -23.83
N LEU SA 173 -95.95 -18.96 -24.43
CA LEU SA 173 -97.27 -18.76 -25.00
C LEU SA 173 -97.15 -18.49 -26.49
N SER SA 174 -98.15 -18.94 -27.24
CA SER SA 174 -98.25 -18.54 -28.62
C SER SA 174 -98.62 -17.06 -28.70
N ALA SA 175 -98.40 -16.47 -29.88
CA ALA SA 175 -98.62 -15.04 -30.08
C ALA SA 175 -100.08 -14.66 -29.88
N ASP SA 176 -101.00 -15.53 -30.29
CA ASP SA 176 -102.43 -15.31 -30.03
C ASP SA 176 -102.72 -15.31 -28.54
N VAL SA 177 -102.18 -16.29 -27.81
CA VAL SA 177 -102.42 -16.40 -26.37
C VAL SA 177 -101.72 -15.28 -25.62
N TYR SA 178 -100.50 -14.94 -26.04
CA TYR SA 178 -99.76 -13.84 -25.41
C TYR SA 178 -100.48 -12.51 -25.61
N THR SA 179 -101.02 -12.28 -26.80
CA THR SA 179 -101.81 -11.08 -27.05
C THR SA 179 -103.09 -11.07 -26.22
N LYS SA 180 -103.77 -12.22 -26.11
CA LYS SA 180 -105.00 -12.31 -25.32
C LYS SA 180 -104.77 -12.04 -23.84
N VAL SA 181 -103.70 -12.60 -23.28
CA VAL SA 181 -103.43 -12.35 -21.86
C VAL SA 181 -102.73 -11.02 -21.63
N SER SA 182 -102.23 -10.39 -22.69
CA SER SA 182 -101.65 -9.06 -22.56
C SER SA 182 -102.69 -7.96 -22.60
N GLU SA 183 -103.70 -8.11 -23.45
CA GLU SA 183 -104.66 -7.04 -23.68
C GLU SA 183 -105.86 -7.08 -22.75
N THR SA 184 -106.11 -8.22 -22.12
CA THR SA 184 -107.17 -8.31 -21.13
C THR SA 184 -106.59 -7.99 -19.76
N SER SA 185 -107.29 -7.17 -18.99
CA SER SA 185 -106.79 -6.73 -17.71
C SER SA 185 -107.79 -7.02 -16.61
N ASP SA 186 -107.26 -7.26 -15.40
CA ASP SA 186 -108.08 -7.47 -14.22
C ASP SA 186 -107.40 -6.81 -13.04
N HIS SA 187 -108.10 -5.86 -12.41
CA HIS SA 187 -107.66 -5.15 -11.21
C HIS SA 187 -106.31 -4.45 -11.41
N GLY SA 188 -106.18 -3.75 -12.52
CA GLY SA 188 -105.01 -2.93 -12.77
C GLY SA 188 -103.80 -3.67 -13.29
N TYR SA 189 -103.92 -4.96 -13.58
CA TYR SA 189 -102.85 -5.72 -14.18
C TYR SA 189 -103.40 -6.54 -15.32
N PRO SA 190 -102.63 -6.72 -16.39
CA PRO SA 190 -103.02 -7.71 -17.41
C PRO SA 190 -102.86 -9.12 -16.88
N ILE SA 191 -103.50 -10.06 -17.58
CA ILE SA 191 -103.48 -11.46 -17.17
C ILE SA 191 -102.07 -12.06 -17.26
N ARG SA 192 -101.20 -11.46 -18.09
CA ARG SA 192 -99.81 -11.87 -18.15
C ARG SA 192 -99.11 -11.71 -16.81
N GLU SA 193 -99.44 -10.67 -16.05
CA GLU SA 193 -98.90 -10.51 -14.70
C GLU SA 193 -99.44 -11.60 -13.77
N HIS SA 194 -100.72 -11.97 -13.92
CA HIS SA 194 -101.28 -13.08 -13.15
C HIS SA 194 -100.56 -14.39 -13.44
N LEU SA 195 -100.18 -14.61 -14.70
CA LEU SA 195 -99.35 -15.76 -15.03
C LEU SA 195 -97.97 -15.65 -14.41
N ASN SA 196 -97.41 -14.43 -14.36
CA ASN SA 196 -96.10 -14.21 -13.78
C ASN SA 196 -96.08 -14.52 -12.28
N ARG SA 197 -97.20 -14.32 -11.60
CA ARG SA 197 -97.26 -14.64 -10.17
C ARG SA 197 -97.23 -16.15 -9.89
N LEU SA 198 -97.72 -16.97 -10.82
CA LEU SA 198 -97.79 -18.44 -10.63
C LEU SA 198 -96.42 -19.12 -10.71
N VAL SA 199 -95.47 -18.56 -11.45
CA VAL SA 199 -94.18 -19.29 -11.66
C VAL SA 199 -92.97 -18.48 -11.21
N ASP SA 200 -91.85 -19.17 -10.98
CA ASP SA 200 -90.59 -18.50 -10.58
C ASP SA 200 -89.71 -18.39 -11.80
N GLY SA 201 -90.24 -18.77 -12.97
CA GLY SA 201 -89.48 -18.67 -14.21
C GLY SA 201 -89.90 -17.43 -14.97
N ASP SA 202 -90.31 -17.57 -16.23
CA ASP SA 202 -90.61 -16.34 -17.03
C ASP SA 202 -91.78 -16.56 -17.97
N ILE SA 203 -92.61 -15.54 -18.16
CA ILE SA 203 -93.65 -15.67 -19.22
C ILE SA 203 -92.88 -15.32 -20.48
N ILE SA 204 -92.83 -16.22 -21.44
CA ILE SA 204 -91.99 -16.06 -22.62
C ILE SA 204 -92.88 -15.98 -23.85
N TRP SA 205 -92.70 -14.93 -24.64
CA TRP SA 205 -93.40 -14.78 -25.90
C TRP SA 205 -92.80 -15.76 -26.91
N ALA SA 206 -93.64 -16.63 -27.47
CA ALA SA 206 -93.21 -17.67 -28.41
C ALA SA 206 -94.10 -17.62 -29.63
N PRO SA 207 -93.83 -16.70 -30.56
CA PRO SA 207 -94.75 -16.49 -31.70
C PRO SA 207 -94.80 -17.64 -32.70
N ALA SA 208 -93.86 -18.58 -32.68
CA ALA SA 208 -93.89 -19.65 -33.67
C ALA SA 208 -94.79 -20.81 -33.24
N ILE SA 209 -94.91 -21.07 -31.95
CA ILE SA 209 -95.61 -22.25 -31.45
C ILE SA 209 -97.11 -22.09 -31.55
N ASP SA 210 -97.83 -23.20 -31.38
CA ASP SA 210 -99.26 -23.19 -31.14
C ASP SA 210 -99.52 -23.48 -29.67
N GLY SA 211 -100.66 -22.97 -29.19
CA GLY SA 211 -101.04 -23.21 -27.82
C GLY SA 211 -100.09 -22.66 -26.78
N ALA SA 212 -99.74 -23.49 -25.80
CA ALA SA 212 -98.86 -23.05 -24.74
C ALA SA 212 -98.03 -24.22 -24.25
N PHE SA 213 -96.95 -23.90 -23.56
CA PHE SA 213 -96.08 -24.96 -23.00
C PHE SA 213 -95.65 -24.52 -21.62
N VAL SA 214 -95.78 -25.40 -20.64
CA VAL SA 214 -95.24 -25.10 -19.30
C VAL SA 214 -94.14 -26.12 -19.07
N LEU SA 215 -93.00 -25.70 -18.58
CA LEU SA 215 -91.91 -26.68 -18.46
C LEU SA 215 -90.85 -26.22 -17.47
N THR SA 216 -90.05 -27.14 -16.98
CA THR SA 216 -88.98 -26.86 -16.04
C THR SA 216 -87.70 -26.47 -16.78
N THR SA 217 -86.94 -25.56 -16.18
CA THR SA 217 -85.67 -25.15 -16.76
C THR SA 217 -84.54 -25.53 -15.81
N ARG SA 218 -84.69 -26.64 -15.13
CA ARG SA 218 -83.67 -27.10 -14.19
C ARG SA 218 -82.40 -27.55 -14.90
N GLY SA 219 -82.50 -27.91 -16.18
CA GLY SA 219 -81.33 -28.33 -16.91
C GLY SA 219 -81.35 -29.82 -17.18
N GLY SA 220 -80.68 -30.22 -18.26
CA GLY SA 220 -80.50 -31.61 -18.59
C GLY SA 220 -81.71 -32.34 -19.12
N ASP SA 221 -82.80 -31.64 -19.43
CA ASP SA 221 -84.00 -32.32 -19.89
C ASP SA 221 -84.20 -32.16 -21.40
N PHE SA 222 -83.81 -31.00 -21.93
CA PHE SA 222 -84.05 -30.65 -23.32
C PHE SA 222 -82.73 -30.17 -23.90
N ASP SA 223 -82.32 -30.72 -25.03
CA ASP SA 223 -80.98 -30.48 -25.55
C ASP SA 223 -81.06 -30.14 -27.02
N LEU SA 224 -80.62 -28.94 -27.38
CA LEU SA 224 -80.51 -28.54 -28.77
C LEU SA 224 -79.05 -28.71 -29.18
N GLN SA 225 -78.80 -29.55 -30.19
CA GLN SA 225 -77.45 -29.79 -30.66
C GLN SA 225 -77.21 -29.01 -31.95
N LEU SA 226 -76.19 -28.20 -31.91
CA LEU SA 226 -75.83 -27.41 -33.07
C LEU SA 226 -74.56 -27.88 -33.70
N GLY SA 227 -74.56 -28.10 -35.01
CA GLY SA 227 -73.30 -28.39 -35.67
C GLY SA 227 -72.70 -27.03 -35.91
N THR SA 228 -73.45 -26.16 -36.59
CA THR SA 228 -73.02 -24.77 -36.81
C THR SA 228 -74.17 -23.83 -36.47
N ASP SA 229 -73.86 -22.73 -35.78
CA ASP SA 229 -74.90 -21.73 -35.43
C ASP SA 229 -75.32 -20.94 -36.68
N VAL SA 230 -76.20 -19.95 -36.51
CA VAL SA 230 -76.71 -19.15 -37.65
C VAL SA 230 -75.58 -18.39 -38.36
N ALA SA 231 -75.51 -18.54 -39.68
CA ALA SA 231 -74.48 -17.87 -40.47
C ALA SA 231 -75.13 -17.31 -41.73
N ILE SA 232 -74.52 -16.28 -42.29
CA ILE SA 232 -75.03 -15.67 -43.52
C ILE SA 232 -74.07 -16.04 -44.65
N GLY SA 233 -74.63 -16.59 -45.74
CA GLY SA 233 -73.83 -17.03 -46.86
C GLY SA 233 -74.30 -16.41 -48.17
N TYR SA 234 -73.41 -16.44 -49.15
CA TYR SA 234 -73.63 -15.79 -50.43
C TYR SA 234 -73.96 -16.83 -51.51
N ALA SA 235 -75.04 -16.61 -52.25
CA ALA SA 235 -75.44 -17.59 -53.29
C ALA SA 235 -75.03 -17.06 -54.67
N SER SA 236 -75.64 -15.96 -55.12
CA SER SA 236 -75.35 -15.39 -56.43
C SER SA 236 -75.77 -13.93 -56.47
N HIS SA 237 -75.41 -13.22 -57.55
CA HIS SA 237 -75.72 -11.78 -57.65
C HIS SA 237 -75.94 -11.34 -59.10
N ASP SA 238 -76.67 -10.25 -59.31
CA ASP SA 238 -76.84 -9.68 -60.68
C ASP SA 238 -76.56 -8.19 -60.55
N THR SA 239 -76.95 -7.38 -61.53
CA THR SA 239 -76.68 -5.92 -61.49
C THR SA 239 -77.53 -5.28 -60.41
N ASP SA 240 -78.71 -5.84 -60.13
CA ASP SA 240 -79.61 -5.16 -59.20
C ASP SA 240 -79.63 -5.75 -57.80
N THR SA 241 -79.41 -7.05 -57.66
CA THR SA 241 -79.69 -7.72 -56.39
C THR SA 241 -78.58 -8.68 -56.02
N VAL SA 242 -78.50 -8.97 -54.73
CA VAL SA 242 -77.62 -10.01 -54.20
C VAL SA 242 -78.50 -11.04 -53.50
N ARG SA 243 -78.38 -12.30 -53.92
CA ARG SA 243 -79.04 -13.41 -53.23
C ARG SA 243 -78.11 -13.96 -52.16
N LEU SA 244 -78.60 -13.96 -50.93
CA LEU SA 244 -77.85 -14.52 -49.82
C LEU SA 244 -78.75 -15.53 -49.11
N TYR SA 245 -78.28 -16.10 -48.01
CA TYR SA 245 -79.10 -17.02 -47.22
C TYR SA 245 -78.67 -16.97 -45.77
N LEU SA 246 -79.59 -17.36 -44.91
CA LEU SA 246 -79.32 -17.66 -43.51
C LEU SA 246 -79.30 -19.17 -43.37
N GLN SA 247 -78.37 -19.67 -42.57
CA GLN SA 247 -78.19 -21.11 -42.54
C GLN SA 247 -77.78 -21.55 -41.15
N GLU SA 248 -78.38 -22.65 -40.70
CA GLU SA 248 -78.00 -23.26 -39.43
C GLU SA 248 -78.27 -24.75 -39.49
N THR SA 249 -77.43 -25.54 -38.81
CA THR SA 249 -77.62 -26.98 -38.80
C THR SA 249 -77.72 -27.50 -37.37
N LEU SA 250 -78.73 -28.32 -37.11
CA LEU SA 250 -79.09 -28.67 -35.75
C LEU SA 250 -79.89 -29.97 -35.71
N THR SA 251 -80.01 -30.50 -34.49
CA THR SA 251 -81.04 -31.48 -34.15
C THR SA 251 -81.50 -31.15 -32.74
N PHE SA 252 -82.64 -31.72 -32.35
CA PHE SA 252 -83.17 -31.51 -31.01
C PHE SA 252 -83.49 -32.85 -30.35
N LEU SA 253 -83.12 -32.97 -29.08
CA LEU SA 253 -83.33 -34.17 -28.30
C LEU SA 253 -84.10 -33.81 -27.04
N CYS SA 254 -85.10 -34.62 -26.71
CA CYS SA 254 -85.79 -34.51 -25.42
C CYS SA 254 -85.48 -35.77 -24.61
N TYR SA 255 -84.74 -35.60 -23.53
CA TYR SA 255 -84.36 -36.72 -22.69
C TYR SA 255 -85.39 -37.08 -21.65
N THR SA 256 -86.20 -36.11 -21.21
CA THR SA 256 -87.08 -36.29 -20.07
C THR SA 256 -88.51 -36.06 -20.52
N ALA SA 257 -89.30 -37.13 -20.56
CA ALA SA 257 -90.64 -37.05 -21.14
C ALA SA 257 -91.63 -36.31 -20.24
N GLU SA 258 -91.39 -36.31 -18.93
CA GLU SA 258 -92.38 -35.78 -18.00
C GLU SA 258 -92.07 -34.37 -17.55
N ALA SA 259 -91.15 -33.69 -18.23
CA ALA SA 259 -90.73 -32.35 -17.83
C ALA SA 259 -91.53 -31.24 -18.50
N SER SA 260 -92.66 -31.54 -19.13
CA SER SA 260 -93.39 -30.51 -19.85
C SER SA 260 -94.86 -30.85 -19.96
N VAL SA 261 -95.68 -29.81 -20.10
CA VAL SA 261 -97.11 -29.91 -20.41
C VAL SA 261 -97.40 -29.04 -21.62
N ALA SA 262 -98.06 -29.61 -22.62
CA ALA SA 262 -98.49 -28.92 -23.82
C ALA SA 262 -99.97 -28.56 -23.71
N LEU SA 263 -100.30 -27.39 -24.24
CA LEU SA 263 -101.67 -26.94 -24.21
C LEU SA 263 -102.09 -26.57 -25.63
N SER SA 264 -103.35 -26.79 -25.96
CA SER SA 264 -103.85 -26.51 -27.30
C SER SA 264 -105.19 -25.81 -27.20
N HIS SA 265 -105.68 -25.34 -28.33
CA HIS SA 265 -106.96 -24.67 -28.39
C HIS SA 265 -108.10 -25.62 -28.70
N MET TA 1 -74.04 43.62 -17.48
CA MET TA 1 -74.27 45.02 -17.26
C MET TA 1 -75.27 45.29 -16.14
N ASN TA 2 -75.48 46.57 -15.84
CA ASN TA 2 -76.42 46.95 -14.77
C ASN TA 2 -77.55 47.85 -15.28
N ASN TA 3 -78.24 48.55 -14.36
CA ASN TA 3 -79.33 49.41 -14.77
C ASN TA 3 -78.85 50.70 -15.47
N LEU TA 4 -77.62 51.15 -15.25
CA LEU TA 4 -77.08 52.28 -16.00
C LEU TA 4 -76.97 52.02 -17.50
N TYR TA 5 -76.84 50.75 -17.90
CA TYR TA 5 -76.67 50.40 -19.33
C TYR TA 5 -75.61 51.27 -19.98
N ARG TA 6 -74.47 51.40 -19.28
CA ARG TA 6 -73.46 52.38 -19.64
C ARG TA 6 -72.75 52.02 -20.93
N ASP TA 7 -72.52 50.72 -21.16
CA ASP TA 7 -71.83 50.27 -22.37
C ASP TA 7 -72.69 50.42 -23.62
N LEU TA 8 -73.99 50.63 -23.48
CA LEU TA 8 -74.83 50.86 -24.64
C LEU TA 8 -74.77 52.29 -25.13
N ALA TA 9 -74.25 53.22 -24.32
CA ALA TA 9 -74.20 54.61 -24.71
C ALA TA 9 -73.09 54.84 -25.74
N PRO TA 10 -73.35 55.61 -26.79
CA PRO TA 10 -72.27 55.96 -27.75
C PRO TA 10 -71.38 57.08 -27.22
N VAL TA 11 -70.65 56.76 -26.15
CA VAL TA 11 -69.78 57.69 -25.46
C VAL TA 11 -68.43 57.02 -25.34
N THR TA 12 -67.38 57.70 -25.75
CA THR TA 12 -66.05 57.13 -25.67
C THR TA 12 -65.54 57.15 -24.25
N GLU TA 13 -64.43 56.44 -24.02
CA GLU TA 13 -63.85 56.34 -22.68
C GLU TA 13 -63.34 57.68 -22.17
N ALA TA 14 -62.67 58.44 -23.04
CA ALA TA 14 -62.17 59.75 -22.65
C ALA TA 14 -63.31 60.73 -22.38
N ALA TA 15 -64.34 60.68 -23.22
CA ALA TA 15 -65.53 61.49 -23.00
C ALA TA 15 -66.22 61.10 -21.70
N TRP TA 16 -66.26 59.80 -21.39
CA TRP TA 16 -66.83 59.35 -20.12
C TRP TA 16 -66.05 59.90 -18.93
N ALA TA 17 -64.72 59.87 -19.00
CA ALA TA 17 -63.90 60.40 -17.92
C ALA TA 17 -64.13 61.90 -17.72
N GLU TA 18 -64.24 62.65 -18.82
CA GLU TA 18 -64.55 64.08 -18.70
C GLU TA 18 -65.92 64.35 -18.11
N ILE TA 19 -66.93 63.55 -18.51
CA ILE TA 19 -68.28 63.72 -17.97
C ILE TA 19 -68.33 63.39 -16.49
N GLU TA 20 -67.67 62.30 -16.08
CA GLU TA 20 -67.62 61.93 -14.66
C GLU TA 20 -66.93 62.99 -13.83
N LEU TA 21 -65.81 63.53 -14.33
CA LEU TA 21 -65.09 64.59 -13.64
C LEU TA 21 -65.93 65.84 -13.48
N GLU TA 22 -66.60 66.25 -14.56
CA GLU TA 22 -67.43 67.46 -14.53
C GLU TA 22 -68.60 67.32 -13.57
N ALA TA 23 -69.28 66.17 -13.60
CA ALA TA 23 -70.42 65.93 -12.74
C ALA TA 23 -70.02 65.87 -11.26
N ALA TA 24 -68.93 65.14 -10.97
CA ALA TA 24 -68.47 65.03 -9.59
C ALA TA 24 -68.02 66.38 -9.03
N ARG TA 25 -67.30 67.14 -9.84
CA ARG TA 25 -66.85 68.46 -9.41
C ARG TA 25 -68.00 69.40 -9.13
N THR TA 26 -68.93 69.52 -10.07
CA THR TA 26 -70.03 70.47 -9.91
C THR TA 26 -70.93 70.07 -8.73
N PHE TA 27 -71.13 68.77 -8.53
CA PHE TA 27 -71.92 68.28 -7.41
C PHE TA 27 -71.33 68.62 -6.04
N LYS TA 28 -70.06 68.30 -5.82
CA LYS TA 28 -69.41 68.61 -4.55
C LYS TA 28 -69.49 70.09 -4.21
N ARG TA 29 -69.20 70.95 -5.18
CA ARG TA 29 -69.24 72.38 -4.97
C ARG TA 29 -70.59 72.84 -4.49
N HIS TA 30 -71.63 72.21 -4.98
CA HIS TA 30 -72.99 72.68 -4.62
C HIS TA 30 -73.58 71.87 -3.47
N ILE TA 31 -72.85 70.89 -2.93
CA ILE TA 31 -73.42 70.23 -1.76
C ILE TA 31 -72.95 70.91 -0.48
N ALA TA 32 -73.91 71.29 0.37
CA ALA TA 32 -73.62 71.76 1.71
C ALA TA 32 -74.04 70.74 2.75
N GLY TA 33 -75.04 69.91 2.41
CA GLY TA 33 -75.66 69.03 3.40
C GLY TA 33 -74.75 67.91 3.88
N ARG TA 34 -73.96 67.34 2.97
CA ARG TA 34 -73.09 66.22 3.35
C ARG TA 34 -71.92 66.66 4.22
N ARG TA 35 -71.61 67.95 4.24
CA ARG TA 35 -70.52 68.44 5.09
C ARG TA 35 -70.91 68.47 6.55
N VAL TA 36 -72.21 68.47 6.87
CA VAL TA 36 -72.64 68.60 8.26
C VAL TA 36 -73.38 67.37 8.78
N VAL TA 37 -73.96 66.54 7.94
CA VAL TA 37 -74.75 65.42 8.42
C VAL TA 37 -73.91 64.16 8.33
N ASP TA 38 -74.31 63.14 9.06
CA ASP TA 38 -73.68 61.84 8.94
C ASP TA 38 -74.18 61.17 7.67
N VAL TA 39 -73.26 60.68 6.86
CA VAL TA 39 -73.55 60.06 5.58
C VAL TA 39 -73.20 58.59 5.68
N SER TA 40 -74.17 57.73 5.46
CA SER TA 40 -73.96 56.30 5.60
C SER TA 40 -73.22 55.76 4.39
N ASP TA 41 -72.75 54.53 4.51
CA ASP TA 41 -72.28 53.81 3.33
C ASP TA 41 -73.47 53.48 2.45
N PRO TA 42 -73.26 53.34 1.13
CA PRO TA 42 -74.34 52.90 0.25
C PRO TA 42 -74.84 51.51 0.58
N GLY TA 43 -76.13 51.39 0.83
CA GLY TA 43 -76.74 50.11 1.13
C GLY TA 43 -76.69 49.16 -0.05
N GLY TA 44 -76.89 49.69 -1.25
CA GLY TA 44 -76.93 48.85 -2.41
C GLY TA 44 -78.26 49.00 -3.12
N PRO TA 45 -78.38 48.41 -4.30
CA PRO TA 45 -79.61 48.57 -5.08
C PRO TA 45 -80.83 47.92 -4.44
N VAL TA 46 -80.65 46.88 -3.63
CA VAL TA 46 -81.80 46.14 -3.11
C VAL TA 46 -82.39 46.87 -1.90
N THR TA 47 -81.65 47.80 -1.32
CA THR TA 47 -82.09 48.50 -0.13
C THR TA 47 -83.26 49.41 -0.44
N ALA TA 48 -84.34 49.27 0.33
CA ALA TA 48 -85.58 49.97 -0.03
C ALA TA 48 -86.11 50.83 1.10
N ALA TA 49 -85.78 50.49 2.34
CA ALA TA 49 -86.32 51.20 3.49
C ALA TA 49 -85.33 51.15 4.63
N VAL TA 50 -85.47 52.11 5.54
CA VAL TA 50 -84.67 52.19 6.75
C VAL TA 50 -85.59 51.97 7.93
N SER TA 51 -85.24 51.02 8.79
CA SER TA 51 -86.00 50.77 10.00
C SER TA 51 -85.84 51.91 10.98
N THR TA 52 -86.96 52.38 11.53
CA THR TA 52 -86.93 53.37 12.59
C THR TA 52 -86.97 52.75 13.97
N GLY TA 53 -87.35 51.47 14.06
CA GLY TA 53 -87.38 50.75 15.35
C GLY TA 53 -88.66 51.03 16.10
N ARG TA 54 -89.61 51.75 15.52
CA ARG TA 54 -90.91 52.00 16.20
C ARG TA 54 -91.95 50.94 15.81
N LEU TA 55 -93.12 50.96 16.44
CA LEU TA 55 -94.18 49.93 16.21
C LEU TA 55 -95.53 50.63 15.97
N ILE TA 56 -96.35 50.08 15.08
CA ILE TA 56 -97.66 50.67 14.77
C ILE TA 56 -98.78 49.69 15.10
N ASP TA 57 -99.68 50.11 15.99
CA ASP TA 57 -100.81 49.25 16.38
C ASP TA 57 -101.74 48.93 15.22
N VAL TA 58 -101.96 47.64 14.96
CA VAL TA 58 -102.91 47.24 13.92
C VAL TA 58 -104.05 46.41 14.48
N LYS TA 59 -105.19 46.40 13.78
CA LYS TA 59 -106.35 45.65 14.24
C LYS TA 59 -106.02 44.18 14.47
N ALA TA 60 -106.15 43.73 15.72
CA ALA TA 60 -105.83 42.34 16.08
C ALA TA 60 -106.33 41.30 15.07
N PRO TA 61 -105.42 40.42 14.61
CA PRO TA 61 -105.81 39.38 13.65
C PRO TA 61 -106.89 38.51 14.24
N THR TA 62 -106.63 37.96 15.43
CA THR TA 62 -107.62 37.14 16.11
C THR TA 62 -107.67 37.47 17.59
N ASN TA 63 -108.50 36.76 18.34
CA ASN TA 63 -108.62 36.98 19.78
C ASN TA 63 -107.33 36.58 20.49
N GLY TA 64 -106.86 37.43 21.38
CA GLY TA 64 -105.65 37.13 22.14
C GLY TA 64 -104.36 37.32 21.37
N VAL TA 65 -104.44 37.89 20.16
CA VAL TA 65 -103.25 38.15 19.39
C VAL TA 65 -103.01 39.63 19.36
N ILE TA 66 -101.79 40.04 19.62
CA ILE TA 66 -101.46 41.44 19.61
C ILE TA 66 -100.51 41.65 18.46
N ALA TA 67 -100.90 42.49 17.53
CA ALA TA 67 -100.08 42.70 16.34
C ALA TA 67 -99.56 44.10 16.21
N HIS TA 68 -98.35 44.21 15.72
CA HIS TA 68 -97.78 45.51 15.48
C HIS TA 68 -96.99 45.54 14.21
N LEU TA 69 -97.18 46.57 13.41
CA LEU TA 69 -96.40 46.75 12.21
C LEU TA 69 -95.09 47.45 12.53
N ARG TA 70 -94.00 46.98 11.93
CA ARG TA 70 -92.75 47.69 12.04
C ARG TA 70 -92.77 48.95 11.19
N ALA TA 71 -92.38 50.07 11.78
CA ALA TA 71 -92.30 51.33 11.05
C ALA TA 71 -90.98 51.42 10.29
N SER TA 72 -91.03 52.12 9.16
CA SER TA 72 -89.83 52.31 8.34
C SER TA 72 -89.99 53.57 7.51
N LYS TA 73 -88.88 53.98 6.90
CA LYS TA 73 -88.84 55.13 6.01
C LYS TA 73 -88.44 54.65 4.62
N PRO TA 74 -89.22 54.96 3.59
CA PRO TA 74 -88.84 54.54 2.24
C PRO TA 74 -87.74 55.42 1.65
N LEU TA 75 -86.85 54.80 0.88
CA LEU TA 75 -85.94 55.56 0.04
C LEU TA 75 -86.68 56.16 -1.13
N VAL TA 76 -86.16 57.28 -1.64
CA VAL TA 76 -86.65 57.88 -2.87
C VAL TA 76 -85.49 57.90 -3.86
N ARG TA 77 -85.78 57.51 -5.10
CA ARG TA 77 -84.81 57.59 -6.17
C ARG TA 77 -85.06 58.88 -6.96
N LEU TA 78 -84.02 59.68 -7.08
CA LEU TA 78 -84.07 60.99 -7.70
C LEU TA 78 -83.26 60.93 -8.97
N ARG TA 79 -83.89 61.26 -10.10
CA ARG TA 79 -83.28 61.16 -11.41
C ARG TA 79 -83.41 62.50 -12.13
N VAL TA 80 -82.30 62.99 -12.63
CA VAL TA 80 -82.24 64.21 -13.42
C VAL TA 80 -81.72 63.88 -14.80
N PRO TA 81 -82.58 63.81 -15.80
CA PRO TA 81 -82.11 63.58 -17.17
C PRO TA 81 -81.43 64.81 -17.75
N PHE TA 82 -80.50 64.57 -18.67
CA PHE TA 82 -79.83 65.64 -19.38
C PHE TA 82 -79.42 65.12 -20.76
N THR TA 83 -79.12 66.06 -21.65
CA THR TA 83 -78.93 65.77 -23.06
C THR TA 83 -77.59 66.33 -23.54
N LEU TA 84 -76.77 65.48 -24.14
CA LEU TA 84 -75.46 65.88 -24.63
C LEU TA 84 -75.40 65.83 -26.15
N SER TA 85 -74.73 66.82 -26.73
CA SER TA 85 -74.43 66.81 -28.15
C SER TA 85 -73.39 65.73 -28.45
N ARG TA 86 -73.64 64.94 -29.50
CA ARG TA 86 -72.69 63.90 -29.88
C ARG TA 86 -71.45 64.48 -30.55
N ASN TA 87 -71.55 65.65 -31.15
CA ASN TA 87 -70.38 66.33 -31.69
C ASN TA 87 -69.40 66.71 -30.58
N GLU TA 88 -69.90 67.21 -29.45
CA GLU TA 88 -69.06 67.52 -28.31
C GLU TA 88 -68.39 66.27 -27.75
N ILE TA 89 -69.11 65.15 -27.76
CA ILE TA 89 -68.55 63.88 -27.31
C ILE TA 89 -67.44 63.42 -28.25
N ASP TA 90 -67.67 63.54 -29.56
CA ASP TA 90 -66.68 63.15 -30.55
C ASP TA 90 -65.45 64.05 -30.54
N ASP TA 91 -65.61 65.31 -30.11
CA ASP TA 91 -64.49 66.25 -30.03
C ASP TA 91 -63.42 65.81 -29.03
N VAL TA 92 -63.79 65.03 -28.01
CA VAL TA 92 -62.89 64.73 -26.91
C VAL TA 92 -61.74 63.83 -27.36
N GLU TA 93 -62.03 62.84 -28.21
CA GLU TA 93 -60.94 61.93 -28.67
C GLU TA 93 -59.98 62.70 -29.59
N ARG TA 94 -60.50 63.65 -30.37
CA ARG TA 94 -59.63 64.46 -31.22
C ARG TA 94 -58.76 65.42 -30.43
N GLY TA 95 -58.99 65.57 -29.12
CA GLY TA 95 -58.15 66.40 -28.29
C GLY TA 95 -58.74 67.72 -27.87
N SER TA 96 -60.03 67.95 -28.09
CA SER TA 96 -60.67 69.15 -27.59
C SER TA 96 -60.72 69.14 -26.07
N LYS TA 97 -60.56 70.32 -25.47
CA LYS TA 97 -60.62 70.47 -24.03
C LYS TA 97 -61.65 71.50 -23.61
N ASP TA 98 -62.50 71.92 -24.55
CA ASP TA 98 -63.57 72.87 -24.24
C ASP TA 98 -64.93 72.33 -24.65
N SER TA 99 -65.10 71.01 -24.62
CA SER TA 99 -66.38 70.39 -24.97
C SER TA 99 -67.48 70.85 -24.03
N ASP TA 100 -68.65 71.10 -24.61
CA ASP TA 100 -69.76 71.71 -23.89
C ASP TA 100 -70.38 70.75 -22.89
N TRP TA 101 -69.97 70.85 -21.62
CA TRP TA 101 -70.53 69.99 -20.60
C TRP TA 101 -71.50 70.77 -19.73
N GLU TA 102 -72.08 71.83 -20.28
CA GLU TA 102 -73.08 72.61 -19.55
C GLU TA 102 -74.30 71.79 -19.10
N PRO TA 103 -74.82 70.86 -19.94
CA PRO TA 103 -75.96 70.10 -19.43
C PRO TA 103 -75.55 69.22 -18.25
N VAL TA 104 -74.35 68.63 -18.30
CA VAL TA 104 -73.87 67.86 -17.15
C VAL TA 104 -73.80 68.74 -15.91
N LYS TA 105 -73.31 69.96 -16.05
CA LYS TA 105 -73.20 70.88 -14.92
C LYS TA 105 -74.57 71.29 -14.41
N GLU TA 106 -75.53 71.52 -15.32
CA GLU TA 106 -76.88 71.88 -14.89
C GLU TA 106 -77.57 70.70 -14.21
N ALA TA 107 -77.35 69.48 -14.69
CA ALA TA 107 -77.93 68.31 -14.05
C ALA TA 107 -77.33 68.08 -12.66
N ALA TA 108 -76.01 68.27 -12.52
CA ALA TA 108 -75.37 68.10 -11.23
C ALA TA 108 -75.81 69.18 -10.25
N LYS TA 109 -75.97 70.41 -10.73
CA LYS TA 109 -76.46 71.48 -9.87
C LYS TA 109 -77.90 71.24 -9.44
N LYS TA 110 -78.73 70.71 -10.35
CA LYS TA 110 -80.12 70.46 -10.01
C LYS TA 110 -80.26 69.30 -9.04
N LEU TA 111 -79.45 68.24 -9.24
CA LEU TA 111 -79.48 67.08 -8.32
C LEU TA 111 -79.00 67.54 -6.93
N ALA TA 112 -77.91 68.30 -6.88
CA ALA TA 112 -77.41 68.81 -5.61
C ALA TA 112 -78.44 69.69 -4.91
N PHE TA 113 -79.14 70.53 -5.68
CA PHE TA 113 -80.18 71.37 -5.11
C PHE TA 113 -81.33 70.56 -4.55
N VAL TA 114 -81.74 69.51 -5.25
CA VAL TA 114 -82.80 68.66 -4.75
C VAL TA 114 -82.35 68.00 -3.45
N GLU TA 115 -81.17 67.40 -3.44
CA GLU TA 115 -80.70 66.70 -2.23
C GLU TA 115 -80.62 67.65 -1.04
N ASP TA 116 -80.08 68.85 -1.23
CA ASP TA 116 -79.96 69.79 -0.13
C ASP TA 116 -81.32 70.31 0.33
N ARG TA 117 -82.23 70.58 -0.61
CA ARG TA 117 -83.55 71.04 -0.22
C ARG TA 117 -84.36 69.93 0.43
N THR TA 118 -84.06 68.68 0.09
CA THR TA 118 -84.72 67.56 0.76
C THR TA 118 -84.21 67.40 2.19
N ILE TA 119 -82.90 67.55 2.40
CA ILE TA 119 -82.34 67.45 3.74
C ILE TA 119 -82.84 68.61 4.63
N PHE TA 120 -82.86 69.82 4.11
CA PHE TA 120 -83.13 70.96 4.99
C PHE TA 120 -84.58 71.43 4.99
N GLU TA 121 -85.34 71.20 3.92
CA GLU TA 121 -86.73 71.64 3.86
C GLU TA 121 -87.71 70.48 3.76
N GLY TA 122 -87.21 69.27 3.66
CA GLY TA 122 -88.07 68.13 3.54
C GLY TA 122 -88.74 67.84 2.22
N TYR TA 123 -89.28 66.65 2.10
CA TYR TA 123 -89.97 66.25 0.89
C TYR TA 123 -91.09 65.43 1.45
N SER TA 124 -92.24 66.04 1.65
CA SER TA 124 -93.37 65.38 2.26
C SER TA 124 -93.86 64.12 1.54
N ALA TA 125 -93.87 64.13 0.21
CA ALA TA 125 -94.31 62.98 -0.57
C ALA TA 125 -93.43 61.77 -0.31
N ALA TA 126 -92.15 61.99 0.00
CA ALA TA 126 -91.24 60.92 0.35
C ALA TA 126 -91.17 60.68 1.86
N SER TA 127 -92.09 61.29 2.63
CA SER TA 127 -92.18 61.18 4.09
C SER TA 127 -90.88 61.61 4.77
N ILE TA 128 -90.25 62.66 4.25
CA ILE TA 128 -89.02 63.20 4.81
C ILE TA 128 -89.36 64.55 5.41
N GLU TA 129 -89.12 64.68 6.71
CA GLU TA 129 -89.26 65.95 7.39
C GLU TA 129 -87.93 66.68 7.33
N GLY TA 130 -87.96 67.95 6.97
CA GLY TA 130 -86.74 68.72 6.90
C GLY TA 130 -86.20 69.06 8.28
N ILE TA 131 -84.96 69.54 8.29
CA ILE TA 131 -84.34 70.03 9.52
C ILE TA 131 -85.10 71.24 10.06
N ARG TA 132 -85.59 72.10 9.16
CA ARG TA 132 -86.37 73.26 9.57
C ARG TA 132 -87.67 72.85 10.25
N SER TA 133 -88.36 71.86 9.70
CA SER TA 133 -89.61 71.41 10.30
C SER TA 133 -89.39 70.58 11.56
N ALA TA 134 -88.32 69.80 11.61
CA ALA TA 134 -88.06 68.93 12.76
C ALA TA 134 -87.34 69.63 13.91
N SER TA 135 -86.96 70.89 13.73
CA SER TA 135 -86.28 71.61 14.80
C SER TA 135 -87.28 72.00 15.88
N SER TA 136 -86.92 71.75 17.14
CA SER TA 136 -87.73 72.18 18.27
C SER TA 136 -87.33 73.54 18.81
N ASN TA 137 -86.16 74.04 18.44
CA ASN TA 137 -85.74 75.38 18.86
C ASN TA 137 -86.55 76.43 18.10
N PRO TA 138 -86.75 77.61 18.70
CA PRO TA 138 -87.55 78.65 18.02
C PRO TA 138 -86.89 79.15 16.75
N ALA TA 139 -87.72 79.54 15.79
CA ALA TA 139 -87.25 80.08 14.54
C ALA TA 139 -86.99 81.58 14.69
N LEU TA 140 -85.98 82.06 13.97
CA LEU TA 140 -85.57 83.44 14.05
C LEU TA 140 -85.76 84.12 12.70
N THR TA 141 -85.89 85.43 12.73
CA THR TA 141 -86.04 86.23 11.52
C THR TA 141 -84.73 86.92 11.19
N LEU TA 142 -84.25 86.75 9.96
CA LEU TA 142 -83.04 87.42 9.53
C LEU TA 142 -83.37 88.87 9.20
N PRO TA 143 -82.54 89.81 9.69
CA PRO TA 143 -82.80 91.23 9.46
C PRO TA 143 -82.46 91.67 8.04
N GLU TA 144 -82.96 92.83 7.64
CA GLU TA 144 -82.68 93.34 6.31
C GLU TA 144 -81.24 93.81 6.18
N ASP TA 145 -80.73 94.51 7.19
CA ASP TA 145 -79.37 95.01 7.17
C ASP TA 145 -78.40 93.85 7.40
N PRO TA 146 -77.45 93.61 6.50
CA PRO TA 146 -76.45 92.56 6.74
C PRO TA 146 -75.56 92.80 7.94
N ARG TA 147 -75.35 94.06 8.34
CA ARG TA 147 -74.57 94.35 9.54
C ARG TA 147 -75.24 93.87 10.81
N GLU TA 148 -76.55 93.64 10.76
CA GLU TA 148 -77.29 93.06 11.87
C GLU TA 148 -77.43 91.55 11.75
N ILE TA 149 -76.83 90.92 10.75
CA ILE TA 149 -76.86 89.46 10.67
C ILE TA 149 -76.13 88.78 11.85
N PRO TA 150 -74.85 89.15 12.13
CA PRO TA 150 -74.16 88.44 13.20
C PRO TA 150 -74.89 88.49 14.56
N ASP TA 151 -75.65 89.54 14.82
CA ASP TA 151 -76.38 89.63 16.07
C ASP TA 151 -77.39 88.48 16.16
N VAL TA 152 -78.28 88.38 15.19
CA VAL TA 152 -79.31 87.33 15.19
C VAL TA 152 -78.69 85.93 15.20
N ILE TA 153 -77.65 85.72 14.41
CA ILE TA 153 -76.93 84.45 14.43
C ILE TA 153 -76.48 84.11 15.84
N SER TA 154 -75.96 85.09 16.57
CA SER TA 154 -75.52 84.88 17.97
C SER TA 154 -76.71 84.48 18.86
N GLN TA 155 -77.90 85.01 18.59
CA GLN TA 155 -79.09 84.60 19.33
C GLN TA 155 -79.41 83.14 19.07
N ALA TA 156 -79.20 82.68 17.82
CA ALA TA 156 -79.33 81.27 17.51
C ALA TA 156 -78.31 80.45 18.28
N LEU TA 157 -77.09 80.97 18.42
CA LEU TA 157 -76.09 80.28 19.24
C LEU TA 157 -76.48 80.29 20.71
N SER TA 158 -77.32 81.22 21.14
CA SER TA 158 -77.84 81.14 22.49
C SER TA 158 -78.79 79.96 22.64
N GLU TA 159 -79.60 79.70 21.61
CA GLU TA 159 -80.67 78.71 21.73
C GLU TA 159 -80.12 77.29 21.82
N LEU TA 160 -79.14 76.96 20.98
CA LEU TA 160 -78.40 75.69 21.13
C LEU TA 160 -77.70 75.59 22.46
N ARG TA 161 -77.31 76.72 23.04
CA ARG TA 161 -76.72 76.67 24.37
C ARG TA 161 -77.81 76.46 25.42
N LEU TA 162 -79.00 77.01 25.19
CA LEU TA 162 -80.12 76.77 26.10
C LEU TA 162 -80.71 75.39 25.91
N ALA TA 163 -80.45 74.75 24.78
CA ALA TA 163 -80.91 73.39 24.53
C ALA TA 163 -79.99 72.34 25.14
N GLY TA 164 -78.86 72.76 25.73
CA GLY TA 164 -77.90 71.82 26.28
C GLY TA 164 -77.25 71.00 25.17
N VAL TA 165 -76.46 71.65 24.32
CA VAL TA 165 -75.84 70.95 23.19
C VAL TA 165 -74.38 71.35 23.06
N ASP TA 166 -73.50 70.37 22.84
CA ASP TA 166 -72.08 70.67 22.65
C ASP TA 166 -71.69 70.50 21.18
N GLY TA 167 -70.38 70.50 20.90
CA GLY TA 167 -69.92 70.28 19.54
C GLY TA 167 -69.62 71.51 18.72
N PRO TA 168 -68.88 71.35 17.61
CA PRO TA 168 -68.55 72.48 16.75
C PRO TA 168 -69.85 72.94 16.08
N TYR TA 169 -70.24 74.18 16.24
CA TYR TA 169 -71.44 74.64 15.55
C TYR TA 169 -71.14 75.13 14.13
N SER TA 170 -72.05 74.89 13.19
CA SER TA 170 -71.72 75.39 11.84
C SER TA 170 -72.87 76.20 11.28
N VAL TA 171 -72.59 77.25 10.53
CA VAL TA 171 -73.63 78.11 10.00
C VAL TA 171 -73.69 77.91 8.50
N LEU TA 172 -74.90 77.62 8.01
CA LEU TA 172 -75.13 77.44 6.59
C LEU TA 172 -76.00 78.59 6.15
N LEU TA 173 -75.65 79.24 5.05
CA LEU TA 173 -76.36 80.41 4.59
C LEU TA 173 -76.91 80.16 3.21
N SER TA 174 -78.07 80.76 2.93
CA SER TA 174 -78.56 80.78 1.55
C SER TA 174 -77.67 81.68 0.71
N ALA TA 175 -77.79 81.51 -0.61
CA ALA TA 175 -76.95 82.25 -1.55
C ALA TA 175 -77.18 83.75 -1.47
N ASP TA 176 -78.43 84.18 -1.24
CA ASP TA 176 -78.73 85.59 -1.01
C ASP TA 176 -78.04 86.11 0.24
N VAL TA 177 -78.15 85.34 1.34
CA VAL TA 177 -77.56 85.77 2.61
C VAL TA 177 -76.04 85.70 2.55
N TYR TA 178 -75.50 84.67 1.90
CA TYR TA 178 -74.06 84.54 1.74
C TYR TA 178 -73.48 85.69 0.90
N THR TA 179 -74.19 86.08 -0.17
CA THR TA 179 -73.78 87.23 -0.97
C THR TA 179 -73.86 88.52 -0.17
N LYS TA 180 -74.94 88.70 0.62
CA LYS TA 180 -75.10 89.90 1.43
C LYS TA 180 -74.02 90.04 2.49
N VAL TA 181 -73.66 88.95 3.17
CA VAL TA 181 -72.61 89.05 4.17
C VAL TA 181 -71.22 88.99 3.57
N SER TA 182 -71.11 88.62 2.29
CA SER TA 182 -69.83 88.64 1.62
C SER TA 182 -69.49 90.01 1.07
N GLU TA 183 -70.48 90.72 0.54
CA GLU TA 183 -70.22 91.96 -0.16
C GLU TA 183 -70.27 93.19 0.73
N THR TA 184 -70.86 93.07 1.91
CA THR TA 184 -70.86 94.16 2.88
C THR TA 184 -69.64 93.99 3.77
N SER TA 185 -68.92 95.09 4.03
CA SER TA 185 -67.69 95.02 4.80
C SER TA 185 -67.74 96.00 5.96
N ASP TA 186 -67.05 95.63 7.03
CA ASP TA 186 -66.92 96.49 8.20
C ASP TA 186 -65.51 96.32 8.75
N HIS TA 187 -64.78 97.45 8.81
CA HIS TA 187 -63.43 97.54 9.36
C HIS TA 187 -62.46 96.57 8.69
N GLY TA 188 -62.49 96.54 7.37
CA GLY TA 188 -61.53 95.76 6.61
C GLY TA 188 -61.83 94.29 6.48
N TYR TA 189 -62.98 93.84 6.98
CA TYR TA 189 -63.40 92.47 6.80
C TYR TA 189 -64.86 92.45 6.35
N PRO TA 190 -65.24 91.50 5.51
CA PRO TA 190 -66.66 91.29 5.24
C PRO TA 190 -67.33 90.67 6.45
N ILE TA 191 -68.66 90.75 6.45
CA ILE TA 191 -69.46 90.24 7.57
C ILE TA 191 -69.36 88.73 7.70
N ARG TA 192 -68.99 88.05 6.61
CA ARG TA 192 -68.73 86.61 6.65
C ARG TA 192 -67.61 86.27 7.62
N GLU TA 193 -66.57 87.12 7.69
CA GLU TA 193 -65.52 86.92 8.67
C GLU TA 193 -66.03 87.13 10.08
N HIS TA 194 -66.92 88.10 10.29
CA HIS TA 194 -67.56 88.31 11.59
C HIS TA 194 -68.37 87.09 12.01
N LEU TA 195 -69.04 86.44 11.07
CA LEU TA 195 -69.71 85.18 11.36
C LEU TA 195 -68.71 84.08 11.68
N ASN TA 196 -67.56 84.08 11.00
CA ASN TA 196 -66.53 83.08 11.23
C ASN TA 196 -65.95 83.19 12.64
N ARG TA 197 -65.91 84.39 13.21
CA ARG TA 197 -65.40 84.56 14.56
C ARG TA 197 -66.33 83.98 15.63
N LEU TA 198 -67.64 83.94 15.36
CA LEU TA 198 -68.64 83.45 16.34
C LEU TA 198 -68.60 81.93 16.54
N VAL TA 199 -68.19 81.17 15.53
CA VAL TA 199 -68.29 79.68 15.64
C VAL TA 199 -66.94 78.99 15.46
N ASP TA 200 -66.85 77.75 15.92
CA ASP TA 200 -65.60 76.95 15.77
C ASP TA 200 -65.81 75.98 14.62
N GLY TA 201 -66.94 76.12 13.92
CA GLY TA 201 -67.22 75.26 12.76
C GLY TA 201 -66.89 76.00 11.49
N ASP TA 202 -67.84 76.11 10.55
CA ASP TA 202 -67.50 76.71 9.24
C ASP TA 202 -68.67 77.53 8.69
N ILE TA 203 -68.38 78.66 8.05
CA ILE TA 203 -69.48 79.36 7.33
C ILE TA 203 -69.57 78.60 6.01
N ILE TA 204 -70.72 78.03 5.72
CA ILE TA 204 -70.89 77.14 4.58
C ILE TA 204 -71.87 77.76 3.61
N TRP TA 205 -71.43 77.89 2.36
CA TRP TA 205 -72.31 78.36 1.29
C TRP TA 205 -73.30 77.26 0.95
N ALA TA 206 -74.59 77.57 1.05
CA ALA TA 206 -75.67 76.61 0.80
C ALA TA 206 -76.67 77.24 -0.15
N PRO TA 207 -76.39 77.19 -1.46
CA PRO TA 207 -77.24 77.90 -2.43
C PRO TA 207 -78.63 77.33 -2.63
N ALA TA 208 -78.91 76.11 -2.16
CA ALA TA 208 -80.24 75.55 -2.37
C ALA TA 208 -81.24 75.96 -1.30
N ILE TA 209 -80.78 76.18 -0.07
CA ILE TA 209 -81.67 76.44 1.06
C ILE TA 209 -82.24 77.84 1.01
N ASP TA 210 -83.27 78.08 1.82
CA ASP TA 210 -83.74 79.41 2.15
C ASP TA 210 -83.27 79.77 3.55
N GLY TA 211 -83.12 81.08 3.77
CA GLY TA 211 -82.73 81.57 5.07
C GLY TA 211 -81.36 81.10 5.54
N ALA TA 212 -81.30 80.62 6.78
CA ALA TA 212 -80.03 80.19 7.33
C ALA TA 212 -80.27 79.06 8.32
N PHE TA 213 -79.21 78.33 8.60
CA PHE TA 213 -79.32 77.22 9.57
C PHE TA 213 -78.08 77.23 10.44
N VAL TA 214 -78.25 77.16 11.75
CA VAL TA 214 -77.08 77.03 12.65
C VAL TA 214 -77.24 75.68 13.31
N LEU TA 215 -76.18 74.89 13.36
CA LEU TA 215 -76.37 73.54 13.92
C LEU TA 215 -75.05 72.94 14.38
N THR TA 216 -75.13 71.94 15.23
CA THR TA 216 -73.96 71.24 15.74
C THR TA 216 -73.54 70.11 14.82
N THR TA 217 -72.22 69.89 14.74
CA THR TA 217 -71.70 68.82 13.92
C THR TA 217 -70.99 67.81 14.80
N ARG TA 218 -71.50 67.61 16.01
CA ARG TA 218 -70.90 66.67 16.94
C ARG TA 218 -71.06 65.22 16.49
N GLY TA 219 -72.06 64.96 15.64
CA GLY TA 219 -72.27 63.60 15.18
C GLY TA 219 -73.51 62.98 15.77
N GLY TA 220 -74.09 62.04 15.03
CA GLY TA 220 -75.21 61.27 15.52
C GLY TA 220 -76.54 61.98 15.60
N ASP TA 221 -76.65 63.18 15.05
CA ASP TA 221 -77.91 63.92 15.15
C ASP TA 221 -78.68 63.91 13.83
N PHE TA 222 -77.96 63.93 12.72
CA PHE TA 222 -78.55 64.05 11.40
C PHE TA 222 -77.95 62.95 10.54
N ASP TA 223 -78.79 62.17 9.86
CA ASP TA 223 -78.31 60.97 9.19
C ASP TA 223 -78.90 60.92 7.79
N LEU TA 224 -78.03 60.95 6.79
CA LEU TA 224 -78.43 60.77 5.40
C LEU TA 224 -78.16 59.32 5.02
N GLN TA 225 -79.21 58.59 4.65
CA GLN TA 225 -79.06 57.20 4.26
C GLN TA 225 -79.09 57.07 2.74
N LEU TA 226 -78.03 56.48 2.23
CA LEU TA 226 -77.92 56.27 0.81
C LEU TA 226 -78.07 54.84 0.42
N GLY TA 227 -78.95 54.53 -0.53
CA GLY TA 227 -78.98 53.17 -1.03
C GLY TA 227 -77.85 53.13 -2.04
N THR TA 228 -77.91 54.03 -3.01
CA THR TA 228 -76.82 54.15 -4.01
C THR TA 228 -76.44 55.62 -4.14
N ASP TA 229 -75.14 55.91 -4.22
CA ASP TA 229 -74.65 57.31 -4.39
C ASP TA 229 -74.92 57.78 -5.82
N VAL TA 230 -74.49 58.99 -6.15
CA VAL TA 230 -74.74 59.58 -7.50
C VAL TA 230 -74.08 58.75 -8.60
N ALA TA 231 -74.86 58.40 -9.62
CA ALA TA 231 -74.37 57.61 -10.73
C ALA TA 231 -74.91 58.20 -12.04
N ILE TA 232 -74.20 57.96 -13.12
CA ILE TA 232 -74.63 58.45 -14.44
C ILE TA 232 -75.09 57.25 -15.24
N GLY TA 233 -76.31 57.34 -15.78
CA GLY TA 233 -76.90 56.26 -16.54
C GLY TA 233 -77.34 56.72 -17.93
N TYR TA 234 -77.53 55.73 -18.81
CA TYR TA 234 -77.84 55.97 -20.20
C TYR TA 234 -79.30 55.67 -20.49
N ALA TA 235 -80.00 56.61 -21.12
CA ALA TA 235 -81.45 56.41 -21.40
C ALA TA 235 -81.62 56.01 -22.87
N SER TA 236 -81.32 56.92 -23.80
CA SER TA 236 -81.49 56.66 -25.23
C SER TA 236 -80.62 57.61 -26.03
N HIS TA 237 -80.53 57.39 -27.35
CA HIS TA 237 -79.66 58.23 -28.22
C HIS TA 237 -80.21 58.35 -29.63
N ASP TA 238 -79.84 59.41 -30.35
CA ASP TA 238 -80.23 59.56 -31.78
C ASP TA 238 -78.94 59.92 -32.53
N THR TA 239 -79.05 60.42 -33.76
CA THR TA 239 -77.86 60.78 -34.55
C THR TA 239 -77.16 61.98 -33.94
N ASP TA 240 -77.90 62.87 -33.30
CA ASP TA 240 -77.30 64.10 -32.83
C ASP TA 240 -76.99 64.13 -31.34
N THR TA 241 -77.78 63.45 -30.51
CA THR TA 241 -77.69 63.65 -29.08
C THR TA 241 -77.73 62.32 -28.33
N VAL TA 242 -77.21 62.35 -27.10
CA VAL TA 242 -77.32 61.23 -26.17
C VAL TA 242 -78.07 61.73 -24.94
N ARG TA 243 -79.16 61.05 -24.61
CA ARG TA 243 -79.88 61.32 -23.36
C ARG TA 243 -79.31 60.45 -22.25
N LEU TA 244 -78.86 61.10 -21.18
CA LEU TA 244 -78.36 60.38 -20.02
C LEU TA 244 -79.10 60.92 -18.79
N TYR TA 245 -78.72 60.45 -17.61
CA TYR TA 245 -79.31 60.94 -16.38
C TYR TA 245 -78.32 60.83 -15.24
N LEU TA 246 -78.53 61.66 -14.23
CA LEU TA 246 -77.89 61.54 -12.94
C LEU TA 246 -78.91 60.93 -11.99
N GLN TA 247 -78.45 60.04 -11.12
CA GLN TA 247 -79.41 59.30 -10.32
C GLN TA 247 -78.81 58.99 -8.96
N GLU TA 248 -79.63 59.17 -7.92
CA GLU TA 248 -79.22 58.79 -6.57
C GLU TA 248 -80.46 58.44 -5.77
N THR TA 249 -80.32 57.49 -4.85
CA THR TA 249 -81.46 57.08 -4.02
C THR TA 249 -81.10 57.20 -2.54
N LEU TA 250 -81.99 57.84 -1.77
CA LEU TA 250 -81.67 58.27 -0.42
C LEU TA 250 -82.93 58.46 0.40
N THR TA 251 -82.72 58.57 1.72
CA THR TA 251 -83.68 59.17 2.63
C THR TA 251 -82.88 59.96 3.66
N PHE TA 252 -83.57 60.82 4.40
CA PHE TA 252 -82.93 61.60 5.44
C PHE TA 252 -83.69 61.47 6.75
N LEU TA 253 -82.94 61.31 7.85
CA LEU TA 253 -83.49 61.15 9.17
C LEU TA 253 -82.88 62.21 10.08
N CYS TA 254 -83.71 62.85 10.90
CA CYS TA 254 -83.24 63.73 11.96
C CYS TA 254 -83.58 63.08 13.30
N TYR TA 255 -82.55 62.67 14.04
CA TYR TA 255 -82.77 62.02 15.32
C TYR TA 255 -82.91 62.99 16.48
N THR TA 256 -82.32 64.17 16.37
CA THR TA 256 -82.20 65.09 17.49
C THR TA 256 -82.89 66.39 17.12
N ALA TA 257 -84.02 66.67 17.75
CA ALA TA 257 -84.85 67.82 17.35
C ALA TA 257 -84.24 69.15 17.77
N GLU TA 258 -83.44 69.16 18.83
CA GLU TA 258 -82.97 70.42 19.40
C GLU TA 258 -81.56 70.79 18.95
N ALA TA 259 -81.04 70.10 17.93
CA ALA TA 259 -79.68 70.32 17.48
C ALA TA 259 -79.55 71.37 16.39
N SER TA 260 -80.59 72.16 16.13
CA SER TA 260 -80.53 73.11 15.02
C SER TA 260 -81.48 74.29 15.25
N VAL TA 261 -81.13 75.42 14.64
CA VAL TA 261 -81.97 76.61 14.57
C VAL TA 261 -82.11 77.01 13.10
N ALA TA 262 -83.35 77.20 12.66
CA ALA TA 262 -83.67 77.68 11.32
C ALA TA 262 -83.98 79.16 11.35
N LEU TA 263 -83.55 79.84 10.29
CA LEU TA 263 -83.78 81.27 10.18
C LEU TA 263 -84.44 81.53 8.84
N SER TA 264 -85.32 82.53 8.80
CA SER TA 264 -86.04 82.87 7.59
C SER TA 264 -86.05 84.38 7.41
N HIS TA 265 -86.53 84.81 6.25
CA HIS TA 265 -86.60 86.24 5.94
C HIS TA 265 -87.95 86.81 6.32
N MET UA 1 -29.37 -34.09 79.79
CA MET UA 1 -29.82 -35.48 79.84
C MET UA 1 -31.32 -35.61 79.84
N ASN UA 2 -31.82 -36.85 79.82
CA ASN UA 2 -33.26 -37.10 79.79
C ASN UA 2 -33.73 -37.93 80.99
N ASN UA 3 -34.92 -38.53 80.89
CA ASN UA 3 -35.43 -39.32 82.00
C ASN UA 3 -34.71 -40.68 82.16
N LEU UA 4 -34.09 -41.22 81.12
CA LEU UA 4 -33.27 -42.41 81.26
C LEU UA 4 -32.08 -42.23 82.19
N TYR UA 5 -31.57 -41.00 82.32
CA TYR UA 5 -30.39 -40.73 83.16
C TYR UA 5 -29.26 -41.71 82.85
N ARG UA 6 -29.03 -41.90 81.55
CA ARG UA 6 -28.17 -42.98 81.07
C ARG UA 6 -26.71 -42.73 81.41
N ASP UA 7 -26.28 -41.47 81.37
CA ASP UA 7 -24.89 -41.13 81.68
C ASP UA 7 -24.55 -41.27 83.15
N LEU UA 8 -25.55 -41.36 84.02
CA LEU UA 8 -25.28 -41.58 85.43
C LEU UA 8 -25.01 -43.04 85.75
N ALA UA 9 -25.34 -43.95 84.85
CA ALA UA 9 -25.15 -45.37 85.11
C ALA UA 9 -23.67 -45.73 85.01
N PRO UA 10 -23.15 -46.53 85.93
CA PRO UA 10 -21.75 -47.01 85.81
C PRO UA 10 -21.63 -48.17 84.82
N VAL UA 11 -21.89 -47.86 83.56
CA VAL UA 11 -21.89 -48.83 82.47
C VAL UA 11 -21.01 -48.25 81.38
N THR UA 12 -20.06 -49.05 80.90
CA THR UA 12 -19.17 -48.57 79.86
C THR UA 12 -19.88 -48.57 78.51
N GLU UA 13 -19.23 -47.94 77.53
CA GLU UA 13 -19.82 -47.81 76.20
C GLU UA 13 -19.95 -49.17 75.51
N ALA UA 14 -18.94 -50.02 75.64
CA ALA UA 14 -18.99 -51.35 75.04
C ALA UA 14 -20.04 -52.22 75.72
N ALA UA 15 -20.12 -52.13 77.04
CA ALA UA 15 -21.16 -52.84 77.78
C ALA UA 15 -22.54 -52.33 77.39
N TRP UA 16 -22.69 -51.02 77.18
CA TRP UA 16 -23.96 -50.47 76.73
C TRP UA 16 -24.36 -51.01 75.37
N ALA UA 17 -23.40 -51.10 74.43
CA ALA UA 17 -23.70 -51.65 73.12
C ALA UA 17 -24.12 -53.11 73.19
N GLU UA 18 -23.46 -53.90 74.03
CA GLU UA 18 -23.87 -55.29 74.21
C GLU UA 18 -25.25 -55.42 74.84
N ILE UA 19 -25.58 -54.56 75.82
CA ILE UA 19 -26.89 -54.61 76.46
C ILE UA 19 -27.99 -54.20 75.47
N GLU UA 20 -27.75 -53.15 74.67
CA GLU UA 20 -28.71 -52.71 73.67
C GLU UA 20 -28.96 -53.80 72.63
N LEU UA 21 -27.89 -54.44 72.16
CA LEU UA 21 -28.00 -55.52 71.18
C LEU UA 21 -28.79 -56.69 71.74
N GLU UA 22 -28.48 -57.10 72.97
CA GLU UA 22 -29.17 -58.23 73.58
C GLU UA 22 -30.66 -57.96 73.79
N ALA UA 23 -30.99 -56.75 74.28
CA ALA UA 23 -32.38 -56.39 74.52
C ALA UA 23 -33.17 -56.28 73.23
N ALA UA 24 -32.60 -55.64 72.20
CA ALA UA 24 -33.28 -55.50 70.92
C ALA UA 24 -33.51 -56.85 70.26
N ARG UA 25 -32.50 -57.71 70.31
CA ARG UA 25 -32.62 -59.04 69.71
C ARG UA 25 -33.69 -59.87 70.39
N THR UA 26 -33.64 -59.96 71.72
CA THR UA 26 -34.59 -60.81 72.44
C THR UA 26 -36.02 -60.28 72.30
N PHE UA 27 -36.19 -58.96 72.27
CA PHE UA 27 -37.49 -58.37 72.08
C PHE UA 27 -38.13 -58.68 70.72
N LYS UA 28 -37.40 -58.45 69.63
CA LYS UA 28 -37.93 -58.75 68.29
C LYS UA 28 -38.36 -60.21 68.17
N ARG UA 29 -37.53 -61.13 68.64
CA ARG UA 29 -37.84 -62.54 68.56
C ARG UA 29 -39.14 -62.87 69.24
N HIS UA 30 -39.44 -62.18 70.32
CA HIS UA 30 -40.66 -62.53 71.09
C HIS UA 30 -41.82 -61.61 70.72
N ILE UA 31 -41.64 -60.68 69.79
CA ILE UA 31 -42.83 -59.92 69.39
C ILE UA 31 -43.50 -60.58 68.20
N ALA UA 32 -44.80 -60.84 68.34
CA ALA UA 32 -45.63 -61.26 67.22
C ALA UA 32 -46.59 -60.16 66.80
N GLY UA 33 -46.94 -59.29 67.74
CA GLY UA 33 -48.01 -58.31 67.50
C GLY UA 33 -47.65 -57.25 66.48
N ARG UA 34 -46.40 -56.78 66.49
CA ARG UA 34 -45.99 -55.72 65.58
C ARG UA 34 -45.88 -56.20 64.13
N ARG UA 35 -45.78 -57.52 63.93
CA ARG UA 35 -45.73 -58.05 62.58
C ARG UA 35 -47.07 -57.98 61.86
N VAL UA 36 -48.17 -57.87 62.59
CA VAL UA 36 -49.49 -57.90 61.99
C VAL UA 36 -50.27 -56.59 62.13
N VAL UA 37 -49.97 -55.75 63.11
CA VAL UA 37 -50.75 -54.55 63.34
C VAL UA 37 -50.00 -53.38 62.74
N ASP UA 38 -50.73 -52.29 62.50
CA ASP UA 38 -50.10 -51.04 62.10
C ASP UA 38 -49.45 -50.40 63.31
N VAL UA 39 -48.18 -50.03 63.16
CA VAL UA 39 -47.40 -49.44 64.23
C VAL UA 39 -47.09 -48.00 63.85
N SER UA 40 -47.53 -47.08 64.70
CA SER UA 40 -47.35 -45.66 64.42
C SER UA 40 -45.91 -45.24 64.69
N ASP UA 41 -45.58 -44.05 64.21
CA ASP UA 41 -44.34 -43.43 64.65
C ASP UA 41 -44.45 -43.04 66.12
N PRO UA 42 -43.34 -42.99 66.85
CA PRO UA 42 -43.38 -42.50 68.24
C PRO UA 42 -43.84 -41.05 68.33
N GLY UA 43 -44.89 -40.82 69.11
CA GLY UA 43 -45.40 -39.49 69.32
C GLY UA 43 -44.43 -38.60 70.06
N GLY UA 44 -43.73 -39.16 71.03
CA GLY UA 44 -42.82 -38.38 71.84
C GLY UA 44 -43.22 -38.46 73.28
N PRO UA 45 -42.38 -37.91 74.17
CA PRO UA 45 -42.66 -38.01 75.61
C PRO UA 45 -43.89 -37.23 76.05
N VAL UA 46 -44.27 -36.18 75.33
CA VAL UA 46 -45.36 -35.33 75.80
C VAL UA 46 -46.71 -35.94 75.45
N THR UA 47 -46.71 -36.91 74.53
CA THR UA 47 -47.95 -37.51 74.05
C THR UA 47 -48.59 -38.34 75.15
N ALA UA 48 -49.87 -38.09 75.42
CA ALA UA 48 -50.50 -38.69 76.58
C ALA UA 48 -51.77 -39.46 76.23
N ALA UA 49 -52.42 -39.08 75.14
CA ALA UA 49 -53.69 -39.71 74.78
C ALA UA 49 -53.86 -39.68 73.28
N VAL UA 50 -54.70 -40.59 72.79
CA VAL UA 50 -55.06 -40.66 71.38
C VAL UA 50 -56.53 -40.32 71.25
N SER UA 51 -56.82 -39.35 70.38
CA SER UA 51 -58.20 -38.99 70.12
C SER UA 51 -58.92 -40.09 69.37
N THR UA 52 -60.12 -40.44 69.82
CA THR UA 52 -60.96 -41.39 69.11
C THR UA 52 -61.94 -40.70 68.18
N GLY UA 53 -62.15 -39.40 68.37
CA GLY UA 53 -63.05 -38.62 67.50
C GLY UA 53 -64.50 -38.75 67.93
N ARG UA 54 -64.78 -39.43 69.04
CA ARG UA 54 -66.18 -39.53 69.54
C ARG UA 54 -66.51 -38.41 70.54
N LEU UA 55 -67.75 -38.31 70.97
CA LEU UA 55 -68.20 -37.22 71.88
C LEU UA 55 -69.00 -37.81 73.06
N ILE UA 56 -68.86 -37.24 74.25
CA ILE UA 56 -69.56 -37.73 75.43
C ILE UA 56 -70.48 -36.67 76.00
N ASP UA 57 -71.76 -36.96 76.08
CA ASP UA 57 -72.74 -36.00 76.61
C ASP UA 57 -72.49 -35.66 78.07
N VAL UA 58 -72.34 -34.37 78.37
CA VAL UA 58 -72.18 -33.94 79.77
C VAL UA 58 -73.29 -33.00 80.20
N LYS UA 59 -73.54 -32.93 81.51
CA LYS UA 59 -74.59 -32.07 82.03
C LYS UA 59 -74.42 -30.63 81.59
N ALA UA 60 -75.37 -30.10 80.83
CA ALA UA 60 -75.31 -28.73 80.31
C ALA UA 60 -74.81 -27.71 81.33
N PRO UA 61 -73.77 -26.93 80.96
CA PRO UA 61 -73.23 -25.90 81.86
C PRO UA 61 -74.33 -24.92 82.23
N THR UA 62 -74.97 -24.33 81.23
CA THR UA 62 -76.07 -23.41 81.46
C THR UA 62 -77.22 -23.67 80.50
N ASN UA 63 -78.26 -22.86 80.58
CA ASN UA 63 -79.41 -22.99 79.70
C ASN UA 63 -79.03 -22.67 78.27
N GLY UA 64 -79.44 -23.52 77.33
CA GLY UA 64 -79.15 -23.27 75.93
C GLY UA 64 -77.74 -23.61 75.50
N VAL UA 65 -76.96 -24.21 76.40
CA VAL UA 65 -75.61 -24.61 76.06
C VAL UA 65 -75.56 -26.11 75.94
N ILE UA 66 -74.96 -26.60 74.88
CA ILE UA 66 -74.86 -28.03 74.68
C ILE UA 66 -73.39 -28.36 74.77
N ALA UA 67 -73.05 -29.21 75.71
CA ALA UA 67 -71.65 -29.54 75.92
C ALA UA 67 -71.32 -30.98 75.67
N HIS UA 68 -70.15 -31.21 75.12
CA HIS UA 68 -69.71 -32.56 74.89
C HIS UA 68 -68.24 -32.72 75.18
N LEU UA 69 -67.89 -33.76 75.89
CA LEU UA 69 -66.48 -34.06 76.13
C LEU UA 69 -65.90 -34.84 74.97
N ARG UA 70 -64.69 -34.49 74.58
CA ARG UA 70 -63.97 -35.29 73.59
C ARG UA 70 -63.49 -36.58 74.22
N ALA UA 71 -63.75 -37.70 73.57
CA ALA UA 71 -63.28 -38.99 74.04
C ALA UA 71 -61.84 -39.23 73.60
N SER UA 72 -61.09 -39.97 74.41
CA SER UA 72 -59.72 -40.29 74.10
C SER UA 72 -59.33 -41.57 74.81
N LYS UA 73 -58.17 -42.10 74.43
CA LYS UA 73 -57.59 -43.29 75.02
C LYS UA 73 -56.26 -42.92 75.66
N PRO UA 74 -56.05 -43.20 76.94
CA PRO UA 74 -54.76 -42.88 77.56
C PRO UA 74 -53.68 -43.87 77.19
N LEU UA 75 -52.46 -43.36 77.04
CA LEU UA 75 -51.29 -44.23 76.95
C LEU UA 75 -50.98 -44.83 78.31
N VAL UA 76 -50.35 -46.00 78.31
CA VAL UA 76 -49.84 -46.63 79.51
C VAL UA 76 -48.33 -46.77 79.34
N ARG UA 77 -47.58 -46.42 80.38
CA ARG UA 77 -46.16 -46.63 80.40
C ARG UA 77 -45.86 -47.92 81.15
N LEU UA 78 -45.14 -48.82 80.50
CA LEU UA 78 -44.84 -50.14 80.99
C LEU UA 78 -43.34 -50.20 81.25
N ARG UA 79 -42.99 -50.54 82.49
CA ARG UA 79 -41.60 -50.55 82.94
C ARG UA 79 -41.28 -51.90 83.55
N VAL UA 80 -40.20 -52.51 83.09
CA VAL UA 80 -39.70 -53.76 83.62
C VAL UA 80 -38.30 -53.53 84.16
N PRO UA 81 -38.14 -53.45 85.47
CA PRO UA 81 -36.80 -53.32 86.04
C PRO UA 81 -36.03 -54.63 85.97
N PHE UA 82 -34.71 -54.50 85.91
CA PHE UA 82 -33.82 -55.66 85.94
C PHE UA 82 -32.49 -55.24 86.55
N THR UA 83 -31.72 -56.23 86.96
CA THR UA 83 -30.53 -56.01 87.77
C THR UA 83 -29.33 -56.71 87.14
N LEU UA 84 -28.26 -55.96 86.92
CA LEU UA 84 -27.06 -56.47 86.29
C LEU UA 84 -25.89 -56.51 87.28
N SER UA 85 -25.11 -57.58 87.21
CA SER UA 85 -23.86 -57.65 87.95
C SER UA 85 -22.84 -56.68 87.36
N ARG UA 86 -22.17 -55.93 88.24
CA ARG UA 86 -21.17 -54.98 87.78
C ARG UA 86 -19.88 -55.68 87.34
N ASN UA 87 -19.62 -56.87 87.85
CA ASN UA 87 -18.49 -57.68 87.37
C ASN UA 87 -18.67 -58.07 85.91
N GLU UA 88 -19.89 -58.48 85.53
CA GLU UA 88 -20.18 -58.81 84.14
C GLU UA 88 -20.04 -57.58 83.24
N ILE UA 89 -20.42 -56.41 83.74
CA ILE UA 89 -20.26 -55.17 82.99
C ILE UA 89 -18.78 -54.84 82.80
N ASP UA 90 -17.98 -55.00 83.86
CA ASP UA 90 -16.55 -54.74 83.79
C ASP UA 90 -15.81 -55.74 82.91
N ASP UA 91 -16.34 -56.96 82.77
CA ASP UA 91 -15.73 -57.98 81.92
C ASP UA 91 -15.70 -57.57 80.45
N VAL UA 92 -16.62 -56.73 80.01
CA VAL UA 92 -16.80 -56.44 78.59
C VAL UA 92 -15.61 -55.66 78.02
N GLU UA 93 -15.10 -54.70 78.78
CA GLU UA 93 -13.95 -53.91 78.27
C GLU UA 93 -12.70 -54.78 78.23
N ARG UA 94 -12.56 -55.72 79.16
CA ARG UA 94 -11.43 -56.64 79.11
C ARG UA 94 -11.51 -57.63 77.97
N GLY UA 95 -12.62 -57.70 77.25
CA GLY UA 95 -12.73 -58.55 76.09
C GLY UA 95 -13.56 -59.80 76.27
N SER UA 96 -14.30 -59.93 77.37
CA SER UA 96 -15.19 -61.07 77.54
C SER UA 96 -16.34 -60.98 76.54
N LYS UA 97 -16.77 -62.13 76.05
CA LYS UA 97 -17.89 -62.22 75.12
C LYS UA 97 -18.98 -63.15 75.62
N ASP UA 98 -18.90 -63.53 76.90
CA ASP UA 98 -19.94 -64.38 77.49
C ASP UA 98 -20.51 -63.75 78.77
N SER UA 99 -20.53 -62.42 78.82
CA SER UA 99 -21.07 -61.72 79.98
C SER UA 99 -22.55 -62.05 80.17
N ASP UA 100 -22.94 -62.22 81.42
CA ASP UA 100 -24.27 -62.71 81.76
C ASP UA 100 -25.33 -61.65 81.51
N TRP UA 101 -26.00 -61.73 80.37
CA TRP UA 101 -27.05 -60.78 80.06
C TRP UA 101 -28.41 -61.45 80.20
N GLU UA 102 -28.49 -62.48 81.03
CA GLU UA 102 -29.76 -63.13 81.29
C GLU UA 102 -30.85 -62.20 81.85
N PRO UA 103 -30.50 -61.28 82.78
CA PRO UA 103 -31.58 -60.39 83.24
C PRO UA 103 -32.08 -59.51 82.12
N VAL UA 104 -31.19 -59.02 81.25
CA VAL UA 104 -31.63 -58.23 80.11
C VAL UA 104 -32.57 -59.05 79.23
N LYS UA 105 -32.24 -60.33 79.00
CA LYS UA 105 -33.08 -61.19 78.19
C LYS UA 105 -34.43 -61.47 78.85
N GLU UA 106 -34.43 -61.67 80.18
CA GLU UA 106 -35.67 -61.89 80.89
C GLU UA 106 -36.54 -60.64 80.91
N ALA UA 107 -35.93 -59.46 81.04
CA ALA UA 107 -36.69 -58.22 80.99
C ALA UA 107 -37.28 -57.98 79.61
N ALA UA 108 -36.51 -58.26 78.55
CA ALA UA 108 -37.02 -58.08 77.19
C ALA UA 108 -38.12 -59.07 76.88
N LYS UA 109 -37.98 -60.31 77.35
CA LYS UA 109 -39.04 -61.29 77.16
C LYS UA 109 -40.30 -60.92 77.93
N LYS UA 110 -40.15 -60.38 79.14
CA LYS UA 110 -41.31 -59.99 79.91
C LYS UA 110 -42.01 -58.77 79.33
N LEU UA 111 -41.23 -57.81 78.85
CA LEU UA 111 -41.82 -56.60 78.20
C LEU UA 111 -42.55 -57.03 76.93
N ALA UA 112 -41.93 -57.87 76.11
CA ALA UA 112 -42.57 -58.37 74.89
C ALA UA 112 -43.85 -59.13 75.20
N PHE UA 113 -43.84 -59.93 76.27
CA PHE UA 113 -45.03 -60.67 76.66
C PHE UA 113 -46.14 -59.75 77.11
N VAL UA 114 -45.81 -58.71 77.85
CA VAL UA 114 -46.82 -57.74 78.26
C VAL UA 114 -47.42 -57.07 77.03
N GLU UA 115 -46.57 -56.56 76.15
CA GLU UA 115 -47.08 -55.85 74.97
C GLU UA 115 -47.98 -56.74 74.12
N ASP UA 116 -47.58 -57.99 73.88
CA ASP UA 116 -48.39 -58.89 73.06
C ASP UA 116 -49.68 -59.27 73.77
N ARG UA 117 -49.64 -59.51 75.09
CA ARG UA 117 -50.86 -59.84 75.81
C ARG UA 117 -51.78 -58.64 75.92
N THR UA 118 -51.22 -57.43 75.91
CA THR UA 118 -52.05 -56.23 75.90
C THR UA 118 -52.75 -56.06 74.55
N ILE UA 119 -52.03 -56.30 73.46
CA ILE UA 119 -52.63 -56.19 72.13
C ILE UA 119 -53.71 -57.25 71.93
N PHE UA 120 -53.46 -58.49 72.33
CA PHE UA 120 -54.38 -59.56 71.96
C PHE UA 120 -55.40 -59.90 73.03
N GLU UA 121 -55.11 -59.67 74.31
CA GLU UA 121 -56.05 -59.99 75.38
C GLU UA 121 -56.52 -58.78 76.14
N GLY UA 122 -56.01 -57.61 75.81
CA GLY UA 122 -56.41 -56.42 76.49
C GLY UA 122 -55.87 -56.13 77.87
N TYR UA 123 -56.03 -54.91 78.32
CA TYR UA 123 -55.58 -54.51 79.63
C TYR UA 123 -56.67 -53.58 80.06
N SER UA 124 -57.64 -54.09 80.77
CA SER UA 124 -58.80 -53.31 81.17
C SER UA 124 -58.48 -52.05 82.00
N ALA UA 125 -57.53 -52.12 82.90
CA ALA UA 125 -57.14 -50.98 83.72
C ALA UA 125 -56.63 -49.83 82.87
N ALA UA 126 -56.02 -50.14 81.72
CA ALA UA 126 -55.57 -49.12 80.77
C ALA UA 126 -56.61 -48.82 79.71
N SER UA 127 -57.84 -49.31 79.87
CA SER UA 127 -58.96 -49.14 78.94
C SER UA 127 -58.63 -49.63 77.54
N ILE UA 128 -57.91 -50.75 77.47
CA ILE UA 128 -57.54 -51.37 76.19
C ILE UA 128 -58.32 -52.66 76.07
N GLU UA 129 -59.13 -52.74 75.02
CA GLU UA 129 -59.83 -53.97 74.69
C GLU UA 129 -58.95 -54.80 73.77
N GLY UA 130 -58.82 -56.08 74.08
CA GLY UA 130 -58.02 -56.96 73.24
C GLY UA 130 -58.69 -57.26 71.93
N ILE UA 131 -57.91 -57.84 71.02
CA ILE UA 131 -58.44 -58.32 69.74
C ILE UA 131 -59.45 -59.44 69.97
N ARG UA 132 -59.19 -60.30 70.97
CA ARG UA 132 -60.13 -61.38 71.29
C ARG UA 132 -61.47 -60.83 71.77
N SER UA 133 -61.44 -59.81 72.62
CA SER UA 133 -62.69 -59.24 73.11
C SER UA 133 -63.39 -58.38 72.08
N ALA UA 134 -62.64 -57.68 71.24
CA ALA UA 134 -63.22 -56.79 70.25
C ALA UA 134 -63.64 -57.48 68.96
N SER UA 135 -63.37 -58.78 68.83
CA SER UA 135 -63.76 -59.50 67.62
C SER UA 135 -65.25 -59.76 67.64
N SER UA 136 -65.91 -59.48 66.51
CA SER UA 136 -67.32 -59.79 66.35
C SER UA 136 -67.58 -61.15 65.73
N ASN UA 137 -66.56 -61.77 65.13
CA ASN UA 137 -66.70 -63.10 64.58
C ASN UA 137 -66.78 -64.13 65.72
N PRO UA 138 -67.46 -65.25 65.50
CA PRO UA 138 -67.59 -66.25 66.57
C PRO UA 138 -66.26 -66.87 66.96
N ALA UA 139 -66.16 -67.23 68.23
CA ALA UA 139 -64.97 -67.87 68.75
C ALA UA 139 -65.03 -69.37 68.50
N LEU UA 140 -63.87 -69.96 68.26
CA LEU UA 140 -63.77 -71.37 67.94
C LEU UA 140 -62.97 -72.10 69.01
N THR UA 141 -63.19 -73.39 69.13
CA THR UA 141 -62.48 -74.23 70.08
C THR UA 141 -61.42 -75.03 69.36
N LEU UA 142 -60.18 -74.95 69.83
CA LEU UA 142 -59.11 -75.75 69.25
C LEU UA 142 -59.21 -77.18 69.75
N PRO UA 143 -59.10 -78.15 68.85
CA PRO UA 143 -59.23 -79.56 69.24
C PRO UA 143 -58.00 -80.08 69.96
N GLU UA 144 -58.15 -81.23 70.63
CA GLU UA 144 -57.02 -81.82 71.34
C GLU UA 144 -55.99 -82.40 70.38
N ASP UA 145 -56.45 -83.09 69.34
CA ASP UA 145 -55.56 -83.70 68.37
C ASP UA 145 -54.98 -82.63 67.47
N PRO UA 146 -53.65 -82.50 67.39
CA PRO UA 146 -53.05 -81.52 66.46
C PRO UA 146 -53.36 -81.78 65.00
N ARG UA 147 -53.63 -83.02 64.60
CA ARG UA 147 -54.00 -83.32 63.22
C ARG UA 147 -55.35 -82.73 62.85
N GLU UA 148 -56.18 -82.40 63.83
CA GLU UA 148 -57.44 -81.71 63.61
C GLU UA 148 -57.31 -80.20 63.74
N ILE UA 149 -56.11 -79.67 63.97
CA ILE UA 149 -55.95 -78.21 64.00
C ILE UA 149 -56.26 -77.55 62.65
N PRO UA 150 -55.63 -78.00 61.54
CA PRO UA 150 -55.90 -77.30 60.27
C PRO UA 150 -57.37 -77.22 59.89
N ASP UA 151 -58.18 -78.20 60.30
CA ASP UA 151 -59.60 -78.17 59.99
C ASP UA 151 -60.25 -76.95 60.64
N VAL UA 152 -60.12 -76.82 61.96
CA VAL UA 152 -60.73 -75.68 62.67
C VAL UA 152 -60.19 -74.35 62.17
N ILE UA 153 -58.89 -74.26 61.95
CA ILE UA 153 -58.30 -73.05 61.37
C ILE UA 153 -59.00 -72.67 60.07
N SER UA 154 -59.28 -73.67 59.22
CA SER UA 154 -59.99 -73.43 57.94
C SER UA 154 -61.41 -72.89 58.20
N GLN UA 155 -62.07 -73.33 59.27
CA GLN UA 155 -63.37 -72.79 59.63
C GLN UA 155 -63.27 -71.32 60.01
N ALA UA 156 -62.18 -70.94 60.69
CA ALA UA 156 -61.90 -69.54 60.96
C ALA UA 156 -61.71 -68.77 59.67
N LEU UA 157 -61.03 -69.38 58.68
CA LEU UA 157 -60.90 -68.75 57.37
C LEU UA 157 -62.24 -68.64 56.66
N SER UA 158 -63.20 -69.48 57.01
CA SER UA 158 -64.54 -69.31 56.48
C SER UA 158 -65.18 -68.04 57.03
N GLU UA 159 -64.95 -67.76 58.33
CA GLU UA 159 -65.68 -66.69 59.00
C GLU UA 159 -65.25 -65.31 58.50
N LEU UA 160 -63.93 -65.10 58.34
CA LEU UA 160 -63.44 -63.89 57.67
C LEU UA 160 -63.93 -63.79 56.24
N ARG UA 161 -64.19 -64.92 55.59
CA ARG UA 161 -64.77 -64.86 54.25
C ARG UA 161 -66.24 -64.51 54.33
N LEU UA 162 -66.94 -64.97 55.37
CA LEU UA 162 -68.33 -64.60 55.57
C LEU UA 162 -68.48 -63.18 56.10
N ALA UA 163 -67.41 -62.62 56.67
CA ALA UA 163 -67.42 -61.25 57.13
C ALA UA 163 -67.15 -60.26 56.01
N GLY UA 164 -66.87 -60.73 54.81
CA GLY UA 164 -66.52 -59.84 53.70
C GLY UA 164 -65.21 -59.14 53.95
N VAL UA 165 -64.10 -59.88 53.97
CA VAL UA 165 -62.80 -59.28 54.25
C VAL UA 165 -61.75 -59.80 53.28
N ASP UA 166 -60.92 -58.91 52.76
CA ASP UA 166 -59.85 -59.33 51.86
C ASP UA 166 -58.49 -59.26 52.55
N GLY UA 167 -57.41 -59.37 51.79
CA GLY UA 167 -56.07 -59.26 52.37
C GLY UA 167 -55.38 -60.55 52.74
N PRO UA 168 -54.06 -60.50 52.94
CA PRO UA 168 -53.29 -61.68 53.32
C PRO UA 168 -53.72 -62.06 54.73
N TYR UA 169 -54.22 -63.26 54.95
CA TYR UA 169 -54.56 -63.67 56.31
C TYR UA 169 -53.37 -64.24 57.07
N SER UA 170 -53.26 -63.97 58.37
CA SER UA 170 -52.10 -64.55 59.05
C SER UA 170 -52.54 -65.30 60.31
N VAL UA 171 -51.88 -66.40 60.63
CA VAL UA 171 -52.27 -67.21 61.78
C VAL UA 171 -51.20 -67.07 62.84
N LEU UA 172 -51.64 -66.71 64.05
CA LEU UA 172 -50.74 -66.58 65.18
C LEU UA 172 -51.10 -67.67 66.15
N LEU UA 173 -50.12 -68.40 66.65
CA LEU UA 173 -50.36 -69.53 67.52
C LEU UA 173 -49.70 -69.30 68.86
N SER UA 174 -50.32 -69.81 69.91
CA SER UA 174 -49.66 -69.85 71.20
C SER UA 174 -48.51 -70.87 71.15
N ALA UA 175 -47.60 -70.75 72.14
CA ALA UA 175 -46.42 -71.60 72.17
C ALA UA 175 -46.77 -73.07 72.32
N ASP UA 176 -47.81 -73.38 73.09
CA ASP UA 176 -48.30 -74.75 73.20
C ASP UA 176 -48.81 -75.26 71.86
N VAL UA 177 -49.61 -74.45 71.17
CA VAL UA 177 -50.19 -74.86 69.89
C VAL UA 177 -49.11 -74.91 68.82
N TYR UA 178 -48.17 -73.96 68.83
CA TYR UA 178 -47.07 -73.97 67.88
C TYR UA 178 -46.19 -75.19 68.06
N THR UA 179 -45.91 -75.56 69.30
CA THR UA 179 -45.14 -76.77 69.59
C THR UA 179 -45.91 -78.02 69.13
N LYS UA 180 -47.22 -78.08 69.39
CA LYS UA 180 -48.03 -79.22 69.00
C LYS UA 180 -48.09 -79.40 67.49
N VAL UA 181 -48.25 -78.32 66.74
CA VAL UA 181 -48.28 -78.45 65.27
C VAL UA 181 -46.91 -78.52 64.67
N SER UA 182 -45.86 -78.22 65.45
CA SER UA 182 -44.50 -78.37 64.97
C SER UA 182 -43.99 -79.80 65.13
N GLU UA 183 -44.33 -80.45 66.23
CA GLU UA 183 -43.76 -81.74 66.56
C GLU UA 183 -44.54 -82.92 66.01
N THR UA 184 -45.80 -82.70 65.65
CA THR UA 184 -46.59 -83.74 65.01
C THR UA 184 -46.41 -83.63 63.51
N SER UA 185 -46.22 -84.75 62.84
CA SER UA 185 -45.95 -84.76 61.42
C SER UA 185 -46.92 -85.66 60.69
N ASP UA 186 -47.20 -85.31 59.44
CA ASP UA 186 -48.06 -86.12 58.58
C ASP UA 186 -47.50 -86.06 57.17
N HIS UA 187 -47.14 -87.22 56.63
CA HIS UA 187 -46.65 -87.39 55.25
C HIS UA 187 -45.41 -86.53 54.97
N GLY UA 188 -44.46 -86.57 55.88
CA GLY UA 188 -43.19 -85.91 55.69
C GLY UA 188 -43.17 -84.43 55.96
N TYR UA 189 -44.26 -83.86 56.45
CA TYR UA 189 -44.29 -82.46 56.85
C TYR UA 189 -44.95 -82.35 58.21
N PRO UA 190 -44.50 -81.41 59.03
CA PRO UA 190 -45.25 -81.10 60.25
C PRO UA 190 -46.54 -80.37 59.90
N ILE UA 191 -47.45 -80.35 60.89
CA ILE UA 191 -48.76 -79.73 60.70
C ILE UA 191 -48.65 -78.22 60.49
N ARG UA 192 -47.54 -77.63 60.95
CA ARG UA 192 -47.27 -76.21 60.69
C ARG UA 192 -47.19 -75.91 59.20
N GLU UA 193 -46.62 -76.83 58.42
CA GLU UA 193 -46.61 -76.68 56.96
C GLU UA 193 -48.02 -76.79 56.39
N HIS UA 194 -48.84 -77.68 56.94
CA HIS UA 194 -50.25 -77.77 56.52
C HIS UA 194 -51.00 -76.47 56.80
N LEU UA 195 -50.69 -75.81 57.91
CA LEU UA 195 -51.25 -74.49 58.17
C LEU UA 195 -50.72 -73.47 57.19
N ASN UA 196 -49.45 -73.58 56.81
CA ASN UA 196 -48.83 -72.66 55.87
C ASN UA 196 -49.48 -72.76 54.49
N ARG UA 197 -49.97 -73.93 54.12
CA ARG UA 197 -50.65 -74.07 52.82
C ARG UA 197 -52.00 -73.37 52.77
N LEU UA 198 -52.68 -73.24 53.91
CA LEU UA 198 -54.04 -72.63 53.95
C LEU UA 198 -54.01 -71.10 53.76
N VAL UA 199 -52.92 -70.42 54.12
CA VAL UA 199 -52.95 -68.93 54.08
C VAL UA 199 -51.85 -68.36 53.19
N ASP UA 200 -52.01 -67.11 52.78
CA ASP UA 200 -50.99 -66.42 51.94
C ASP UA 200 -50.21 -65.50 52.85
N GLY UA 201 -50.46 -65.58 54.15
CA GLY UA 201 -49.73 -64.75 55.12
C GLY UA 201 -48.63 -65.57 55.77
N ASP UA 202 -48.60 -65.65 57.11
CA ASP UA 202 -47.47 -66.34 57.75
C ASP UA 202 -47.92 -67.08 59.01
N ILE UA 203 -47.36 -68.25 59.27
CA ILE UA 203 -47.63 -68.90 60.58
C ILE UA 203 -46.66 -68.20 61.51
N ILE UA 204 -47.17 -67.55 62.55
CA ILE UA 204 -46.37 -66.70 63.42
C ILE UA 204 -46.37 -67.29 64.81
N TRP UA 205 -45.17 -67.51 65.35
CA TRP UA 205 -45.03 -67.96 66.72
C TRP UA 205 -45.36 -66.80 67.67
N ALA UA 206 -46.31 -67.01 68.55
CA ALA UA 206 -46.78 -65.98 69.47
C ALA UA 206 -46.81 -66.56 70.88
N PRO UA 207 -45.66 -66.60 71.56
CA PRO UA 207 -45.58 -67.29 72.86
C PRO UA 207 -46.33 -66.61 74.00
N ALA UA 208 -46.75 -65.35 73.85
CA ALA UA 208 -47.44 -64.70 74.96
C ALA UA 208 -48.93 -64.98 74.98
N ILE UA 209 -49.55 -65.18 73.81
CA ILE UA 209 -51.00 -65.31 73.70
C ILE UA 209 -51.48 -66.66 74.19
N ASP UA 210 -52.78 -66.78 74.40
CA ASP UA 210 -53.46 -68.05 74.56
C ASP UA 210 -54.21 -68.39 73.28
N GLY UA 211 -54.38 -69.69 73.06
CA GLY UA 211 -55.10 -70.14 71.89
C GLY UA 211 -54.49 -69.78 70.57
N ALA UA 212 -55.31 -69.24 69.67
CA ALA UA 212 -54.82 -68.89 68.35
C ALA UA 212 -55.61 -67.70 67.83
N PHE UA 213 -55.03 -67.04 66.83
CA PHE UA 213 -55.73 -65.89 66.21
C PHE UA 213 -55.52 -65.95 64.72
N VAL UA 214 -56.60 -65.81 63.96
CA VAL UA 214 -56.45 -65.73 62.48
C VAL UA 214 -56.92 -64.34 62.11
N LEU UA 215 -56.18 -63.63 61.28
CA LEU UA 215 -56.59 -62.24 61.01
C LEU UA 215 -55.99 -61.74 59.71
N THR UA 216 -56.58 -60.69 59.16
CA THR UA 216 -56.11 -60.08 57.93
C THR UA 216 -55.04 -59.02 58.22
N THR UA 217 -54.08 -58.91 57.31
CA THR UA 217 -53.03 -57.91 57.45
C THR UA 217 -53.10 -56.93 56.30
N ARG UA 218 -54.32 -56.64 55.85
CA ARG UA 218 -54.51 -55.70 54.75
C ARG UA 218 -54.16 -54.27 55.14
N GLY UA 219 -54.19 -53.96 56.43
CA GLY UA 219 -53.87 -52.63 56.87
C GLY UA 219 -55.09 -51.88 57.36
N GLY UA 220 -54.87 -50.93 58.27
CA GLY UA 220 -55.91 -50.04 58.72
C GLY UA 220 -56.92 -50.65 59.67
N ASP UA 221 -56.70 -51.87 60.16
CA ASP UA 221 -57.69 -52.49 61.04
C ASP UA 221 -57.24 -52.48 62.49
N PHE UA 222 -55.94 -52.61 62.72
CA PHE UA 222 -55.38 -52.74 64.05
C PHE UA 222 -54.24 -51.74 64.17
N ASP UA 223 -54.25 -50.93 65.23
CA ASP UA 223 -53.33 -49.80 65.30
C ASP UA 223 -52.69 -49.77 66.68
N LEU UA 224 -51.38 -49.91 66.72
CA LEU UA 224 -50.61 -49.77 67.95
C LEU UA 224 -50.03 -48.36 67.97
N GLN UA 225 -50.40 -47.57 68.97
CA GLN UA 225 -49.89 -46.22 69.09
C GLN UA 225 -48.78 -46.16 70.14
N LEU UA 226 -47.64 -45.67 69.70
CA LEU UA 226 -46.51 -45.54 70.59
C LEU UA 226 -46.20 -44.12 70.91
N GLY UA 227 -46.06 -43.79 72.18
CA GLY UA 227 -45.59 -42.45 72.50
C GLY UA 227 -44.10 -42.55 72.36
N THR UA 228 -43.50 -43.49 73.10
CA THR UA 228 -42.05 -43.75 72.98
C THR UA 228 -41.82 -45.25 72.84
N ASP UA 229 -40.91 -45.64 71.93
CA ASP UA 229 -40.59 -47.07 71.73
C ASP UA 229 -39.76 -47.59 72.91
N VAL UA 230 -39.34 -48.85 72.85
CA VAL UA 230 -38.56 -49.48 73.96
C VAL UA 230 -37.24 -48.75 74.21
N ALA UA 231 -36.99 -48.39 75.47
CA ALA UA 231 -35.77 -47.69 75.84
C ALA UA 231 -35.24 -48.29 77.13
N ILE UA 232 -33.93 -48.17 77.34
CA ILE UA 232 -33.31 -48.68 78.56
C ILE UA 232 -32.92 -47.49 79.43
N GLY UA 233 -33.36 -47.51 80.69
CA GLY UA 233 -33.10 -46.42 81.60
C GLY UA 233 -32.42 -46.90 82.88
N TYR UA 234 -31.82 -45.95 83.58
CA TYR UA 234 -31.02 -46.22 84.76
C TYR UA 234 -31.78 -45.82 86.02
N ALA UA 235 -31.88 -46.73 86.99
CA ALA UA 235 -32.61 -46.43 88.24
C ALA UA 235 -31.62 -46.08 89.35
N SER UA 236 -30.82 -47.05 89.79
CA SER UA 236 -29.87 -46.86 90.87
C SER UA 236 -28.78 -47.91 90.81
N HIS UA 237 -27.72 -47.75 91.63
CA HIS UA 237 -26.58 -48.70 91.60
C HIS UA 237 -25.92 -48.84 92.98
N ASP UA 238 -25.24 -49.95 93.22
CA ASP UA 238 -24.47 -50.14 94.47
C ASP UA 238 -23.09 -50.65 94.05
N THR UA 239 -22.31 -51.20 94.98
CA THR UA 239 -20.95 -51.67 94.65
C THR UA 239 -21.04 -52.90 93.76
N ASP UA 240 -22.09 -53.70 93.89
CA ASP UA 240 -22.13 -54.95 93.17
C ASP UA 240 -23.01 -54.92 91.93
N THR UA 241 -24.09 -54.15 91.91
CA THR UA 241 -25.11 -54.29 90.89
C THR UA 241 -25.55 -52.93 90.37
N VAL UA 242 -26.11 -52.94 89.17
CA VAL UA 242 -26.77 -51.78 88.57
C VAL UA 242 -28.22 -52.16 88.31
N ARG UA 243 -29.15 -51.38 88.86
CA ARG UA 243 -30.56 -51.53 88.55
C ARG UA 243 -30.92 -50.66 87.36
N LEU UA 244 -31.45 -51.29 86.33
CA LEU UA 244 -31.90 -50.57 85.15
C LEU UA 244 -33.34 -50.98 84.87
N TYR UA 245 -33.92 -50.49 83.77
CA TYR UA 245 -35.27 -50.89 83.39
C TYR UA 245 -35.41 -50.79 81.88
N LEU UA 246 -36.37 -51.56 81.38
CA LEU UA 246 -36.87 -51.43 80.03
C LEU UA 246 -38.20 -50.69 80.10
N GLN UA 247 -38.45 -49.80 79.17
CA GLN UA 247 -39.63 -48.95 79.30
C GLN UA 247 -40.20 -48.63 77.93
N GLU UA 248 -41.52 -48.70 77.83
CA GLU UA 248 -42.21 -48.30 76.61
C GLU UA 248 -43.59 -47.79 76.97
N THR UA 249 -44.09 -46.83 76.21
CA THR UA 249 -45.43 -46.30 76.46
C THR UA 249 -46.28 -46.38 75.20
N LEU UA 250 -47.50 -46.90 75.36
CA LEU UA 250 -48.31 -47.29 74.21
C LEU UA 250 -49.78 -47.35 74.58
N THR UA 251 -50.61 -47.40 73.54
CA THR UA 251 -51.99 -47.89 73.64
C THR UA 251 -52.28 -48.69 72.38
N PHE UA 252 -53.35 -49.45 72.41
CA PHE UA 252 -53.75 -50.23 71.25
C PHE UA 252 -55.21 -49.98 70.91
N LEU UA 253 -55.49 -49.83 69.62
CA LEU UA 253 -56.82 -49.57 69.11
C LEU UA 253 -57.18 -50.62 68.08
N CYS UA 254 -58.39 -51.16 68.15
CA CYS UA 254 -58.92 -52.02 67.11
C CYS UA 254 -60.09 -51.30 66.44
N TYR UA 255 -59.90 -50.93 65.17
CA TYR UA 255 -60.92 -50.20 64.44
C TYR UA 255 -61.94 -51.10 63.79
N THR UA 256 -61.58 -52.33 63.46
CA THR UA 256 -62.40 -53.20 62.63
C THR UA 256 -62.70 -54.47 63.43
N ALA UA 257 -63.96 -54.62 63.83
CA ALA UA 257 -64.32 -55.72 64.74
C ALA UA 257 -64.33 -57.07 64.04
N GLU UA 258 -64.57 -57.10 62.73
CA GLU UA 258 -64.79 -58.36 62.04
C GLU UA 258 -63.54 -58.86 61.33
N ALA UA 259 -62.38 -58.27 61.62
CA ALA UA 259 -61.15 -58.62 60.93
C ALA UA 259 -60.35 -59.72 61.61
N SER UA 260 -60.94 -60.44 62.57
CA SER UA 260 -60.17 -61.45 63.29
C SER UA 260 -61.08 -62.52 63.87
N VAL UA 261 -60.49 -63.71 64.06
CA VAL UA 261 -61.12 -64.83 64.77
C VAL UA 261 -60.17 -65.29 65.87
N ALA UA 262 -60.70 -65.40 67.08
CA ALA UA 262 -59.98 -65.91 68.23
C ALA UA 262 -60.34 -67.36 68.49
N LEU UA 263 -59.33 -68.12 68.91
CA LEU UA 263 -59.54 -69.53 69.19
C LEU UA 263 -59.03 -69.81 70.59
N SER UA 264 -59.66 -70.72 71.29
CA SER UA 264 -59.30 -71.06 72.66
C SER UA 264 -59.30 -72.57 72.82
N HIS UA 265 -58.82 -73.02 73.97
CA HIS UA 265 -58.76 -74.44 74.28
C HIS UA 265 -60.00 -74.90 75.02
N MET VA 1 13.03 -79.12 45.96
CA MET VA 1 14.12 -80.00 45.54
C MET VA 1 13.65 -81.10 44.60
N ASN VA 2 14.60 -81.90 44.12
CA ASN VA 2 14.26 -83.00 43.19
C ASN VA 2 14.69 -84.37 43.74
N ASN VA 3 14.79 -85.36 42.85
CA ASN VA 3 15.18 -86.70 43.31
C ASN VA 3 16.67 -86.81 43.66
N LEU VA 4 17.53 -85.95 43.14
CA LEU VA 4 18.93 -85.93 43.56
C LEU VA 4 19.11 -85.56 45.04
N TYR VA 5 18.16 -84.83 45.63
CA TYR VA 5 18.27 -84.41 47.03
C TYR VA 5 19.64 -83.80 47.32
N ARG VA 6 20.07 -82.92 46.42
CA ARG VA 6 21.45 -82.45 46.39
C ARG VA 6 21.74 -81.53 47.58
N ASP VA 7 20.76 -80.72 47.98
CA ASP VA 7 20.96 -79.80 49.10
C ASP VA 7 21.03 -80.51 50.44
N LEU VA 8 20.62 -81.78 50.52
CA LEU VA 8 20.74 -82.52 51.75
C LEU VA 8 22.14 -83.08 51.96
N ALA VA 9 22.96 -83.12 50.92
CA ALA VA 9 24.30 -83.68 51.03
C ALA VA 9 25.22 -82.72 51.78
N PRO VA 10 26.04 -83.21 52.71
CA PRO VA 10 27.02 -82.34 53.38
C PRO VA 10 28.26 -82.10 52.50
N VAL VA 11 28.04 -81.41 51.39
CA VAL VA 11 29.05 -81.12 50.40
C VAL VA 11 29.01 -79.63 50.15
N THR VA 12 30.16 -78.97 50.23
CA THR VA 12 30.20 -77.54 50.01
C THR VA 12 30.10 -77.22 48.52
N GLU VA 13 29.90 -75.94 48.23
CA GLU VA 13 29.73 -75.50 46.84
C GLU VA 13 30.99 -75.70 46.02
N ALA VA 14 32.15 -75.39 46.61
CA ALA VA 14 33.42 -75.57 45.91
C ALA VA 14 33.73 -77.04 45.68
N ALA VA 15 33.44 -77.87 46.69
CA ALA VA 15 33.58 -79.30 46.54
C ALA VA 15 32.63 -79.85 45.49
N TRP VA 16 31.41 -79.32 45.43
CA TRP VA 16 30.46 -79.73 44.39
C TRP VA 16 30.98 -79.40 43.01
N ALA VA 17 31.55 -78.19 42.83
CA ALA VA 17 32.11 -77.82 41.54
C ALA VA 17 33.25 -78.71 41.12
N GLU VA 18 34.13 -79.07 42.07
CA GLU VA 18 35.22 -79.99 41.76
C GLU VA 18 34.72 -81.39 41.40
N ILE VA 19 33.70 -81.88 42.10
CA ILE VA 19 33.13 -83.20 41.82
C ILE VA 19 32.47 -83.22 40.44
N GLU VA 20 31.71 -82.17 40.12
CA GLU VA 20 31.06 -82.08 38.81
C GLU VA 20 32.08 -82.03 37.69
N LEU VA 21 33.15 -81.25 37.87
CA LEU VA 21 34.21 -81.15 36.87
C LEU VA 21 34.91 -82.48 36.66
N GLU VA 22 35.23 -83.17 37.75
CA GLU VA 22 35.93 -84.46 37.66
C GLU VA 22 35.07 -85.52 36.98
N ALA VA 23 33.79 -85.58 37.34
CA ALA VA 23 32.88 -86.57 36.75
C ALA VA 23 32.64 -86.30 35.28
N ALA VA 24 32.40 -85.03 34.91
CA ALA VA 24 32.17 -84.69 33.51
C ALA VA 24 33.40 -84.95 32.66
N ARG VA 25 34.58 -84.60 33.17
CA ARG VA 25 35.81 -84.84 32.44
C ARG VA 25 36.07 -86.32 32.21
N THR VA 26 36.01 -87.12 33.27
CA THR VA 26 36.32 -88.54 33.15
C THR VA 26 35.30 -89.25 32.27
N PHE VA 27 34.04 -88.85 32.32
CA PHE VA 27 33.00 -89.43 31.48
C PHE VA 27 33.22 -89.17 29.98
N LYS VA 28 33.43 -87.92 29.59
CA LYS VA 28 33.67 -87.60 28.18
C LYS VA 28 34.85 -88.37 27.61
N ARG VA 29 35.95 -88.44 28.35
CA ARG VA 29 37.13 -89.13 27.90
C ARG VA 29 36.83 -90.59 27.61
N HIS VA 30 35.96 -91.18 28.38
CA HIS VA 30 35.69 -92.63 28.21
C HIS VA 30 34.47 -92.88 27.35
N ILE VA 31 33.80 -91.83 26.86
CA ILE VA 31 32.70 -92.14 25.94
C ILE VA 31 33.17 -92.14 24.50
N ALA VA 32 32.90 -93.24 23.80
CA ALA VA 32 33.10 -93.31 22.36
C ALA VA 32 31.78 -93.30 21.61
N GLY VA 33 30.72 -93.79 22.27
CA GLY VA 33 29.45 -94.01 21.59
C GLY VA 33 28.74 -92.74 21.16
N ARG VA 34 28.80 -91.69 21.98
CA ARG VA 34 28.11 -90.45 21.66
C ARG VA 34 28.77 -89.69 20.53
N ARG VA 35 30.03 -90.00 20.22
CA ARG VA 35 30.72 -89.35 19.11
C ARG VA 35 30.22 -89.83 17.76
N VAL VA 36 29.60 -91.00 17.69
CA VAL VA 36 29.19 -91.57 16.42
C VAL VA 36 27.68 -91.71 16.26
N VAL VA 37 26.91 -91.77 17.33
CA VAL VA 37 25.48 -91.99 17.21
C VAL VA 37 24.77 -90.66 17.36
N ASP VA 38 23.52 -90.61 16.90
CA ASP VA 38 22.68 -89.45 17.14
C ASP VA 38 22.20 -89.47 18.58
N VAL VA 39 22.36 -88.36 19.27
CA VAL VA 39 22.00 -88.23 20.67
C VAL VA 39 20.85 -87.24 20.77
N SER VA 40 19.74 -87.70 21.31
CA SER VA 40 18.55 -86.87 21.40
C SER VA 40 18.69 -85.86 22.53
N ASP VA 41 17.79 -84.89 22.53
CA ASP VA 41 17.66 -84.05 23.71
C ASP VA 41 17.07 -84.86 24.86
N PRO VA 42 17.36 -84.50 26.11
CA PRO VA 42 16.72 -85.19 27.25
C PRO VA 42 15.22 -85.01 27.25
N GLY VA 43 14.49 -86.13 27.28
CA GLY VA 43 13.04 -86.10 27.33
C GLY VA 43 12.52 -85.52 28.63
N GLY VA 44 13.19 -85.84 29.73
CA GLY VA 44 12.73 -85.39 31.01
C GLY VA 44 12.46 -86.57 31.92
N PRO VA 45 12.18 -86.30 33.19
CA PRO VA 45 11.97 -87.41 34.14
C PRO VA 45 10.74 -88.24 33.86
N VAL VA 46 9.71 -87.67 33.23
CA VAL VA 46 8.45 -88.40 33.06
C VAL VA 46 8.53 -89.36 31.89
N THR VA 47 9.53 -89.18 31.02
CA THR VA 47 9.66 -89.99 29.82
C THR VA 47 10.04 -91.41 30.18
N ALA VA 48 9.26 -92.37 29.67
CA ALA VA 48 9.43 -93.75 30.12
C ALA VA 48 9.68 -94.72 28.97
N ALA VA 49 9.22 -94.38 27.77
CA ALA VA 49 9.35 -95.29 26.64
C ALA VA 49 9.44 -94.48 25.35
N VAL VA 50 10.00 -95.13 24.34
CA VAL VA 50 10.11 -94.56 23.01
C VAL VA 50 9.24 -95.38 22.07
N SER VA 51 8.36 -94.70 21.35
CA SER VA 51 7.52 -95.37 20.37
C SER VA 51 8.34 -95.84 19.18
N THR VA 52 8.14 -97.08 18.78
CA THR VA 52 8.77 -97.61 17.57
C THR VA 52 7.88 -97.47 16.35
N GLY VA 53 6.58 -97.23 16.58
CA GLY VA 53 5.63 -97.04 15.46
C GLY VA 53 5.14 -98.37 14.91
N ARG VA 54 5.50 -99.49 15.52
CA ARG VA 54 4.99 -100.81 15.07
C ARG VA 54 3.72 -101.21 15.82
N LEU VA 55 3.08 -102.32 15.42
CA LEU VA 55 1.81 -102.76 16.04
C LEU VA 55 1.88 -104.25 16.39
N ILE VA 56 1.27 -104.65 17.50
CA ILE VA 56 1.29 -106.05 17.94
C ILE VA 56 -0.11 -106.63 18.00
N ASP VA 57 -0.35 -107.69 17.24
CA ASP VA 57 -1.67 -108.33 17.22
C ASP VA 57 -2.07 -108.90 18.57
N VAL VA 58 -3.22 -108.48 19.09
CA VAL VA 58 -3.73 -109.05 20.34
C VAL VA 58 -5.08 -109.73 20.16
N LYS VA 59 -5.40 -110.66 21.05
CA LYS VA 59 -6.66 -111.39 20.95
C LYS VA 59 -7.86 -110.45 20.93
N ALA VA 60 -8.60 -110.45 19.83
CA ALA VA 60 -9.78 -109.59 19.66
C ALA VA 60 -10.64 -109.45 20.92
N PRO VA 61 -10.90 -108.21 21.36
CA PRO VA 61 -11.74 -107.99 22.53
C PRO VA 61 -13.11 -108.60 22.31
N THR VA 62 -13.77 -108.22 21.22
CA THR VA 62 -15.08 -108.78 20.89
C THR VA 62 -15.16 -109.10 19.40
N ASN VA 63 -16.32 -109.58 18.96
CA ASN VA 63 -16.52 -109.90 17.55
C ASN VA 63 -16.49 -108.65 16.70
N GLY VA 64 -15.76 -108.70 15.59
CA GLY VA 64 -15.69 -107.55 14.70
C GLY VA 64 -14.78 -106.43 15.17
N VAL VA 65 -14.04 -106.66 16.25
CA VAL VA 65 -13.11 -105.65 16.73
C VAL VA 65 -11.72 -106.13 16.45
N ILE VA 66 -10.90 -105.26 15.90
CA ILE VA 66 -9.53 -105.61 15.60
C ILE VA 66 -8.67 -104.76 16.49
N ALA VA 67 -7.87 -105.40 17.32
CA ALA VA 67 -7.06 -104.68 18.28
C ALA VA 67 -5.59 -104.84 18.07
N HIS VA 68 -4.85 -103.78 18.30
CA HIS VA 68 -3.42 -103.86 18.18
C HIS VA 68 -2.75 -103.06 19.27
N LEU VA 69 -1.75 -103.64 19.89
CA LEU VA 69 -0.95 -102.92 20.88
C LEU VA 69 0.13 -102.10 20.19
N ARG VA 70 0.33 -100.88 20.66
CA ARG VA 70 1.46 -100.10 20.19
C ARG VA 70 2.76 -100.63 20.80
N ALA VA 71 3.75 -100.84 19.96
CA ALA VA 71 5.06 -101.29 20.43
C ALA VA 71 5.89 -100.11 20.89
N SER VA 72 6.75 -100.36 21.88
CA SER VA 72 7.62 -99.32 22.41
C SER VA 72 8.85 -99.97 23.02
N LYS VA 73 9.83 -99.12 23.32
CA LYS VA 73 11.07 -99.53 23.98
C LYS VA 73 11.17 -98.84 25.33
N PRO VA 74 11.35 -99.57 26.42
CA PRO VA 74 11.47 -98.93 27.73
C PRO VA 74 12.85 -98.31 27.93
N LEU VA 75 12.87 -97.18 28.62
CA LEU VA 75 14.13 -96.64 29.13
C LEU VA 75 14.62 -97.48 30.30
N VAL VA 76 15.94 -97.48 30.49
CA VAL VA 76 16.55 -98.08 31.66
C VAL VA 76 17.29 -96.98 32.41
N ARG VA 77 17.13 -96.95 33.73
CA ARG VA 77 17.88 -96.03 34.58
C ARG VA 77 19.08 -96.78 35.15
N LEU VA 78 20.25 -96.22 34.93
CA LEU VA 78 21.53 -96.81 35.31
C LEU VA 78 22.12 -95.95 36.40
N ARG VA 79 22.42 -96.57 37.53
CA ARG VA 79 22.91 -95.87 38.71
C ARG VA 79 24.18 -96.54 39.20
N VAL VA 80 25.22 -95.72 39.39
CA VAL VA 80 26.50 -96.18 39.92
C VAL VA 80 26.76 -95.43 41.23
N PRO VA 81 26.58 -96.08 42.36
CA PRO VA 81 26.91 -95.44 43.63
C PRO VA 81 28.41 -95.35 43.85
N PHE VA 82 28.82 -94.34 44.60
CA PHE VA 82 30.21 -94.17 44.99
C PHE VA 82 30.27 -93.46 46.33
N THR VA 83 31.43 -93.54 46.98
CA THR VA 83 31.60 -93.11 48.36
C THR VA 83 32.77 -92.15 48.47
N LEU VA 84 32.52 -90.98 49.06
CA LEU VA 84 33.55 -89.96 49.20
C LEU VA 84 33.90 -89.76 50.67
N SER VA 85 35.19 -89.57 50.92
CA SER VA 85 35.66 -89.17 52.25
C SER VA 85 35.23 -87.74 52.54
N ARG VA 86 34.70 -87.50 53.74
CA ARG VA 86 34.28 -86.16 54.11
C ARG VA 86 35.47 -85.26 54.43
N ASN VA 87 36.61 -85.84 54.81
CA ASN VA 87 37.83 -85.07 54.99
C ASN VA 87 38.31 -84.46 53.68
N GLU VA 88 38.25 -85.24 52.60
CA GLU VA 88 38.62 -84.73 51.28
C GLU VA 88 37.67 -83.62 50.83
N ILE VA 89 36.39 -83.74 51.17
CA ILE VA 89 35.41 -82.70 50.86
C ILE VA 89 35.72 -81.43 51.64
N ASP VA 90 36.03 -81.58 52.93
CA ASP VA 90 36.36 -80.43 53.78
C ASP VA 90 37.67 -79.77 53.38
N ASP VA 91 38.59 -80.51 52.76
CA ASP VA 91 39.86 -79.96 52.31
C ASP VA 91 39.70 -78.90 51.22
N VAL VA 92 38.62 -78.95 50.45
CA VAL VA 92 38.47 -78.11 49.27
C VAL VA 92 38.29 -76.65 49.65
N GLU VA 93 37.52 -76.37 50.70
CA GLU VA 93 37.30 -74.96 51.09
C GLU VA 93 38.60 -74.39 51.69
N ARG VA 94 39.39 -75.21 52.36
CA ARG VA 94 40.67 -74.74 52.88
C ARG VA 94 41.69 -74.48 51.78
N GLY VA 95 41.41 -74.86 50.53
CA GLY VA 95 42.30 -74.57 49.43
C GLY VA 95 43.09 -75.73 48.90
N SER VA 96 42.78 -76.96 49.30
CA SER VA 96 43.44 -78.12 48.74
C SER VA 96 43.05 -78.30 47.27
N LYS VA 97 43.99 -78.74 46.46
CA LYS VA 97 43.76 -79.00 45.05
C LYS VA 97 44.11 -80.41 44.66
N ASP VA 98 44.34 -81.27 45.65
CA ASP VA 98 44.64 -82.68 45.38
C ASP VA 98 43.68 -83.61 46.12
N SER VA 99 42.45 -83.15 46.35
CA SER VA 99 41.45 -83.97 47.04
C SER VA 99 41.15 -85.23 46.26
N ASP VA 100 41.01 -86.34 46.99
CA ASP VA 100 40.90 -87.65 46.39
C ASP VA 100 39.55 -87.84 45.71
N TRP VA 101 39.51 -87.65 44.40
CA TRP VA 101 38.27 -87.83 43.67
C TRP VA 101 38.32 -89.13 42.87
N GLU VA 102 39.13 -90.07 43.33
CA GLU VA 102 39.21 -91.38 42.67
C GLU VA 102 37.85 -92.12 42.60
N PRO VA 103 37.04 -92.09 43.67
CA PRO VA 103 35.75 -92.78 43.53
C PRO VA 103 34.89 -92.13 42.46
N VAL VA 104 34.89 -90.80 42.39
CA VAL VA 104 34.15 -90.12 41.33
C VAL VA 104 34.64 -90.56 39.95
N LYS VA 105 35.96 -90.68 39.79
CA LYS VA 105 36.53 -91.10 38.52
C LYS VA 105 36.17 -92.54 38.20
N GLU VA 106 36.19 -93.41 39.22
CA GLU VA 106 35.82 -94.81 39.00
C GLU VA 106 34.33 -94.95 38.68
N ALA VA 107 33.48 -94.15 39.32
CA ALA VA 107 32.06 -94.18 39.01
C ALA VA 107 31.79 -93.66 37.60
N ALA VA 108 32.48 -92.59 37.19
CA ALA VA 108 32.29 -92.07 35.84
C ALA VA 108 32.81 -93.03 34.78
N LYS VA 109 33.93 -93.69 35.06
CA LYS VA 109 34.44 -94.70 34.13
C LYS VA 109 33.51 -95.89 34.04
N LYS VA 110 32.92 -96.31 35.16
CA LYS VA 110 32.02 -97.45 35.14
C LYS VA 110 30.71 -97.12 34.43
N LEU VA 111 30.18 -95.91 34.66
CA LEU VA 111 28.94 -95.48 33.97
C LEU VA 111 29.21 -95.39 32.47
N ALA VA 112 30.34 -94.77 32.07
CA ALA VA 112 30.69 -94.67 30.66
C ALA VA 112 30.84 -96.05 30.03
N PHE VA 113 31.45 -96.99 30.75
CA PHE VA 113 31.61 -98.35 30.25
C PHE VA 113 30.27 -99.04 30.06
N VAL VA 114 29.36 -98.86 31.01
CA VAL VA 114 28.04 -99.45 30.86
C VAL VA 114 27.34 -98.87 29.64
N GLU VA 115 27.32 -97.54 29.52
CA GLU VA 115 26.63 -96.92 28.39
C GLU VA 115 27.19 -97.38 27.04
N ASP VA 116 28.52 -97.44 26.92
CA ASP VA 116 29.13 -97.86 25.66
C ASP VA 116 28.88 -99.33 25.38
N ARG VA 117 28.95 -100.18 26.42
CA ARG VA 117 28.70 -101.60 26.20
C ARG VA 117 27.22 -101.86 25.92
N THR VA 118 26.34 -101.00 26.42
CA THR VA 118 24.93 -101.11 26.09
C THR VA 118 24.67 -100.72 24.64
N ILE VA 119 25.30 -99.65 24.17
CA ILE VA 119 25.13 -99.24 22.78
C ILE VA 119 25.71 -100.27 21.82
N PHE VA 120 26.89 -100.81 22.11
CA PHE VA 120 27.56 -101.64 21.11
C PHE VA 120 27.33 -103.14 21.29
N GLU VA 121 27.07 -103.61 22.51
CA GLU VA 121 26.87 -105.03 22.75
C GLU VA 121 25.47 -105.37 23.23
N GLY VA 122 24.66 -104.37 23.45
CA GLY VA 122 23.32 -104.59 23.92
C GLY VA 122 23.11 -104.94 25.38
N TYR VA 123 21.86 -104.86 25.81
CA TYR VA 123 21.52 -105.18 27.17
C TYR VA 123 20.19 -105.85 26.99
N SER VA 124 20.19 -107.16 26.89
CA SER VA 124 18.97 -107.91 26.64
C SER VA 124 17.83 -107.70 27.65
N ALA VA 125 18.16 -107.61 28.93
CA ALA VA 125 17.16 -107.40 29.97
C ALA VA 125 16.42 -106.08 29.77
N ALA VA 126 17.08 -105.08 29.19
CA ALA VA 126 16.45 -103.81 28.86
C ALA VA 126 15.91 -103.78 27.45
N SER VA 127 15.86 -104.93 26.76
CA SER VA 127 15.38 -105.09 25.39
C SER VA 127 16.14 -104.19 24.41
N ILE VA 128 17.45 -104.08 24.62
CA ILE VA 128 18.31 -103.29 23.74
C ILE VA 128 19.20 -104.25 22.98
N GLU VA 129 19.10 -104.21 21.67
CA GLU VA 129 19.99 -104.98 20.81
C GLU VA 129 21.20 -104.13 20.49
N GLY VA 130 22.38 -104.70 20.62
CA GLY VA 130 23.60 -103.98 20.32
C GLY VA 130 23.79 -103.77 18.83
N ILE VA 131 24.73 -102.90 18.51
CA ILE VA 131 25.12 -102.68 17.11
C ILE VA 131 25.73 -103.95 16.53
N ARG VA 132 26.49 -104.70 17.34
CA ARG VA 132 27.06 -105.96 16.89
C ARG VA 132 25.99 -106.99 16.54
N SER VA 133 24.95 -107.09 17.37
CA SER VA 133 23.88 -108.04 17.10
C SER VA 133 22.95 -107.58 15.99
N ALA VA 134 22.72 -106.27 15.87
CA ALA VA 134 21.80 -105.75 14.87
C ALA VA 134 22.44 -105.53 13.51
N SER VA 135 23.74 -105.76 13.38
CA SER VA 135 24.40 -105.58 12.09
C SER VA 135 24.05 -106.73 11.16
N SER VA 136 23.69 -106.41 9.93
CA SER VA 136 23.44 -107.42 8.91
C SER VA 136 24.67 -107.74 8.07
N ASN VA 137 25.69 -106.90 8.12
CA ASN VA 137 26.93 -107.18 7.41
C ASN VA 137 27.69 -108.31 8.10
N PRO VA 138 28.48 -109.08 7.37
CA PRO VA 138 29.21 -110.20 7.98
C PRO VA 138 30.24 -109.74 9.00
N ALA VA 139 30.45 -110.58 10.00
CA ALA VA 139 31.43 -110.30 11.02
C ALA VA 139 32.81 -110.76 10.58
N LEU VA 140 33.82 -110.03 11.00
CA LEU VA 140 35.20 -110.30 10.60
C LEU VA 140 36.03 -110.67 11.82
N THR VA 141 37.11 -111.38 11.58
CA THR VA 141 38.03 -111.78 12.64
C THR VA 141 39.26 -110.91 12.59
N LEU VA 142 39.62 -110.30 13.71
CA LEU VA 142 40.83 -109.50 13.79
C LEU VA 142 42.03 -110.41 13.91
N PRO VA 143 43.08 -110.16 13.12
CA PRO VA 143 44.26 -111.03 13.15
C PRO VA 143 45.13 -110.80 14.38
N GLU VA 144 46.03 -111.74 14.65
CA GLU VA 144 46.92 -111.61 15.80
C GLU VA 144 47.98 -110.54 15.57
N ASP VA 145 48.55 -110.49 14.37
CA ASP VA 145 49.58 -109.52 14.05
C ASP VA 145 48.94 -108.16 13.85
N PRO VA 146 49.35 -107.13 14.59
CA PRO VA 146 48.81 -105.78 14.36
C PRO VA 146 49.11 -105.20 12.99
N ARG VA 147 50.19 -105.63 12.33
CA ARG VA 147 50.49 -105.18 10.98
C ARG VA 147 49.46 -105.67 9.97
N GLU VA 148 48.73 -106.71 10.29
CA GLU VA 148 47.64 -107.20 9.46
C GLU VA 148 46.29 -106.62 9.87
N ILE VA 149 46.24 -105.71 10.84
CA ILE VA 149 44.97 -105.06 11.18
C ILE VA 149 44.40 -104.21 10.03
N PRO VA 150 45.21 -103.27 9.46
CA PRO VA 150 44.62 -102.42 8.42
C PRO VA 150 44.03 -103.20 7.23
N ASP VA 151 44.56 -104.39 6.93
CA ASP VA 151 44.02 -105.19 5.84
C ASP VA 151 42.56 -105.56 6.14
N VAL VA 152 42.33 -106.22 7.27
CA VAL VA 152 40.98 -106.65 7.64
C VAL VA 152 40.03 -105.45 7.76
N ILE VA 153 40.48 -104.37 8.38
CA ILE VA 153 39.67 -103.16 8.45
C ILE VA 153 39.23 -102.72 7.06
N SER VA 154 40.13 -102.78 6.09
CA SER VA 154 39.80 -102.41 4.68
C SER VA 154 38.73 -103.36 4.12
N GLN VA 155 38.74 -104.64 4.50
CA GLN VA 155 37.69 -105.56 4.08
C GLN VA 155 36.35 -105.16 4.66
N ALA VA 156 36.34 -104.65 5.91
CA ALA VA 156 35.13 -104.08 6.48
C ALA VA 156 34.66 -102.87 5.69
N LEU VA 157 35.61 -102.04 5.23
CA LEU VA 157 35.24 -100.92 4.37
C LEU VA 157 34.72 -101.38 3.03
N SER VA 158 35.07 -102.61 2.60
CA SER VA 158 34.45 -103.15 1.41
C SER VA 158 32.98 -103.45 1.65
N GLU VA 159 32.65 -103.96 2.85
CA GLU VA 159 31.31 -104.46 3.10
C GLU VA 159 30.28 -103.34 3.16
N LEU VA 160 30.62 -102.24 3.85
CA LEU VA 160 29.79 -101.03 3.79
C LEU VA 160 29.69 -100.47 2.39
N ARG VA 161 30.70 -100.70 1.56
CA ARG VA 161 30.59 -100.27 0.17
C ARG VA 161 29.67 -101.22 -0.60
N LEU VA 162 29.71 -102.51 -0.26
CA LEU VA 162 28.80 -103.46 -0.89
C LEU VA 162 27.39 -103.34 -0.34
N ALA VA 163 27.21 -102.73 0.82
CA ALA VA 163 25.90 -102.48 1.38
C ALA VA 163 25.23 -101.25 0.80
N GLY VA 164 25.93 -100.50 -0.05
CA GLY VA 164 25.39 -99.25 -0.59
C GLY VA 164 25.23 -98.21 0.51
N VAL VA 165 26.32 -97.74 1.07
CA VAL VA 165 26.26 -96.77 2.15
C VAL VA 165 27.27 -95.64 1.95
N ASP VA 166 26.85 -94.40 2.16
CA ASP VA 166 27.75 -93.26 2.03
C ASP VA 166 28.14 -92.72 3.40
N GLY VA 167 28.74 -91.53 3.44
CA GLY VA 167 29.09 -90.91 4.70
C GLY VA 167 30.49 -91.14 5.23
N PRO VA 168 30.93 -90.30 6.18
CA PRO VA 168 32.26 -90.46 6.76
C PRO VA 168 32.27 -91.75 7.56
N TYR VA 169 33.14 -92.69 7.26
CA TYR VA 169 33.20 -93.90 8.07
C TYR VA 169 34.10 -93.74 9.30
N SER VA 170 33.73 -94.35 10.43
CA SER VA 170 34.62 -94.17 11.58
C SER VA 170 34.97 -95.52 12.18
N VAL VA 171 36.20 -95.68 12.68
CA VAL VA 171 36.64 -96.95 13.23
C VAL VA 171 36.79 -96.78 14.73
N LEU VA 172 36.14 -97.68 15.47
CA LEU VA 172 36.23 -97.67 16.93
C LEU VA 172 36.96 -98.93 17.31
N LEU VA 173 37.94 -98.83 18.19
CA LEU VA 173 38.78 -99.95 18.56
C LEU VA 173 38.66 -100.20 20.05
N SER VA 174 38.75 -101.48 20.42
CA SER VA 174 38.89 -101.80 21.83
C SER VA 174 40.25 -101.36 22.33
N ALA VA 175 40.38 -101.27 23.67
CA ALA VA 175 41.60 -100.78 24.28
C ALA VA 175 42.80 -101.68 23.98
N ASP VA 176 42.57 -103.00 23.92
CA ASP VA 176 43.62 -103.93 23.50
C ASP VA 176 44.06 -103.67 22.07
N VAL VA 177 43.10 -103.50 21.16
CA VAL VA 177 43.40 -103.29 19.76
C VAL VA 177 44.01 -101.91 19.54
N TYR VA 178 43.50 -100.90 20.25
CA TYR VA 178 44.05 -99.56 20.16
C TYR VA 178 45.49 -99.51 20.66
N THR VA 179 45.78 -100.21 21.75
CA THR VA 179 47.15 -100.31 22.26
C THR VA 179 48.05 -101.05 21.26
N LYS VA 180 47.56 -102.13 20.67
CA LYS VA 180 48.34 -102.91 19.70
C LYS VA 180 48.67 -102.10 18.46
N VAL VA 181 47.71 -101.35 17.92
CA VAL VA 181 48.01 -100.55 16.74
C VAL VA 181 48.68 -99.24 17.08
N SER VA 182 48.72 -98.86 18.35
CA SER VA 182 49.44 -97.68 18.77
C SER VA 182 50.93 -97.96 18.99
N GLU VA 183 51.24 -99.11 19.56
CA GLU VA 183 52.61 -99.40 19.98
C GLU VA 183 53.44 -100.08 18.90
N THR VA 184 52.80 -100.65 17.88
CA THR VA 184 53.52 -101.22 16.76
C THR VA 184 53.68 -100.14 15.70
N SER VA 185 54.87 -100.04 15.13
CA SER VA 185 55.16 -98.99 14.17
C SER VA 185 55.70 -99.59 12.88
N ASP VA 186 55.43 -98.89 11.78
CA ASP VA 186 55.94 -99.28 10.47
C ASP VA 186 56.27 -98.01 9.71
N HIS VA 187 57.55 -97.88 9.32
CA HIS VA 187 58.07 -96.76 8.52
C HIS VA 187 57.80 -95.40 9.15
N GLY VA 188 58.09 -95.30 10.44
CA GLY VA 188 58.01 -94.04 11.14
C GLY VA 188 56.62 -93.63 11.59
N TYR VA 189 55.62 -94.46 11.39
CA TYR VA 189 54.28 -94.19 11.89
C TYR VA 189 53.75 -95.44 12.59
N PRO VA 190 52.97 -95.26 13.64
CA PRO VA 190 52.24 -96.40 14.21
C PRO VA 190 51.12 -96.82 13.28
N ILE VA 191 50.62 -98.03 13.50
CA ILE VA 191 49.57 -98.62 12.66
C ILE VA 191 48.26 -97.83 12.78
N ARG VA 192 48.08 -97.10 13.89
CA ARG VA 192 46.94 -96.22 14.06
C ARG VA 192 46.88 -95.15 12.97
N GLU VA 193 48.05 -94.64 12.56
CA GLU VA 193 48.09 -93.68 11.45
C GLU VA 193 47.72 -94.36 10.14
N HIS VA 194 48.13 -95.62 9.94
CA HIS VA 194 47.72 -96.39 8.76
C HIS VA 194 46.22 -96.58 8.72
N LEU VA 195 45.59 -96.79 9.88
CA LEU VA 195 44.14 -96.83 9.94
C LEU VA 195 43.53 -95.48 9.63
N ASN VA 196 44.18 -94.40 10.09
CA ASN VA 196 43.69 -93.05 9.84
C ASN VA 196 43.70 -92.71 8.35
N ARG VA 197 44.63 -93.27 7.58
CA ARG VA 197 44.65 -93.01 6.15
C ARG VA 197 43.51 -93.67 5.40
N LEU VA 198 42.97 -94.78 5.91
CA LEU VA 198 41.88 -95.53 5.23
C LEU VA 198 40.53 -94.82 5.30
N VAL VA 199 40.28 -94.02 6.34
CA VAL VA 199 38.91 -93.43 6.51
C VAL VA 199 38.94 -91.91 6.56
N ASP VA 200 37.78 -91.30 6.31
CA ASP VA 200 37.65 -89.82 6.35
C ASP VA 200 37.00 -89.46 7.68
N GLY VA 201 36.81 -90.46 8.55
CA GLY VA 201 36.21 -90.21 9.87
C GLY VA 201 37.32 -90.15 10.91
N ASP VA 202 37.23 -90.96 11.98
CA ASP VA 202 38.22 -90.83 13.07
C ASP VA 202 38.57 -92.18 13.67
N ILE VA 203 39.82 -92.38 14.04
CA ILE VA 203 40.13 -93.61 14.82
C ILE VA 203 39.75 -93.23 16.24
N ILE VA 204 38.83 -93.97 16.84
CA ILE VA 204 38.26 -93.60 18.12
C ILE VA 204 38.61 -94.67 19.14
N TRP VA 205 39.22 -94.25 20.25
CA TRP VA 205 39.51 -95.14 21.36
C TRP VA 205 38.21 -95.49 22.07
N ALA VA 206 37.91 -96.78 22.16
CA ALA VA 206 36.67 -97.27 22.76
C ALA VA 206 37.01 -98.36 23.77
N PRO VA 207 37.41 -97.98 24.99
CA PRO VA 207 37.91 -98.96 25.95
C PRO VA 207 36.86 -99.92 26.50
N ALA VA 208 35.57 -99.65 26.32
CA ALA VA 208 34.56 -100.55 26.88
C ALA VA 208 34.24 -101.71 25.95
N ILE VA 209 34.32 -101.52 24.64
CA ILE VA 209 33.89 -102.51 23.66
C ILE VA 209 34.88 -103.67 23.56
N ASP VA 210 34.45 -104.75 22.93
CA ASP VA 210 35.33 -105.80 22.47
C ASP VA 210 35.52 -105.69 20.97
N GLY VA 211 36.66 -106.17 20.50
CA GLY VA 211 36.94 -106.15 19.07
C GLY VA 211 37.00 -104.78 18.45
N ALA VA 212 36.32 -104.61 17.34
CA ALA VA 212 36.35 -103.33 16.64
C ALA VA 212 35.02 -103.11 15.93
N PHE VA 213 34.77 -101.86 15.58
CA PHE VA 213 33.53 -101.53 14.86
C PHE VA 213 33.86 -100.52 13.79
N VAL VA 214 33.41 -100.75 12.57
CA VAL VA 214 33.58 -99.73 11.51
C VAL VA 214 32.16 -99.31 11.14
N LEU VA 215 31.92 -98.01 11.02
CA LEU VA 215 30.52 -97.61 10.76
C LEU VA 215 30.46 -96.21 10.17
N THR VA 216 29.34 -95.90 9.54
CA THR VA 216 29.11 -94.59 8.95
C THR VA 216 28.54 -93.62 9.97
N THR VA 217 28.93 -92.35 9.85
CA THR VA 217 28.41 -91.32 10.73
C THR VA 217 27.63 -90.30 9.92
N ARG VA 218 26.94 -90.78 8.88
CA ARG VA 218 26.15 -89.89 8.03
C ARG VA 218 24.93 -89.34 8.76
N GLY VA 219 24.47 -90.02 9.81
CA GLY VA 219 23.32 -89.54 10.55
C GLY VA 219 22.11 -90.42 10.30
N GLY VA 220 21.22 -90.44 11.29
CA GLY VA 220 19.94 -91.10 11.16
C GLY VA 220 19.98 -92.62 11.20
N ASP VA 221 21.12 -93.22 11.55
CA ASP VA 221 21.19 -94.68 11.56
C ASP VA 221 21.17 -95.24 12.98
N PHE VA 222 21.77 -94.51 13.91
CA PHE VA 222 21.94 -94.98 15.28
C PHE VA 222 21.45 -93.87 16.19
N ASP VA 223 20.57 -94.20 17.14
CA ASP VA 223 19.89 -93.17 17.92
C ASP VA 223 19.93 -93.54 19.39
N LEU VA 224 20.57 -92.70 20.19
CA LEU VA 224 20.58 -92.85 21.63
C LEU VA 224 19.52 -91.92 22.20
N GLN VA 225 18.54 -92.47 22.89
CA GLN VA 225 17.48 -91.68 23.49
C GLN VA 225 17.71 -91.51 24.98
N LEU VA 226 17.78 -90.26 25.39
CA LEU VA 226 17.99 -89.95 26.78
C LEU VA 226 16.77 -89.39 27.42
N GLY VA 227 16.36 -89.93 28.56
CA GLY VA 227 15.28 -89.29 29.29
C GLY VA 227 15.97 -88.18 30.06
N THR VA 228 16.97 -88.57 30.86
CA THR VA 228 17.78 -87.58 31.60
C THR VA 228 19.25 -87.91 31.40
N ASP VA 229 20.07 -86.88 31.18
CA ASP VA 229 21.53 -87.08 31.00
C ASP VA 229 22.18 -87.41 32.36
N VAL VA 230 23.50 -87.55 32.38
CA VAL VA 230 24.24 -87.92 33.62
C VAL VA 230 24.06 -86.87 34.71
N ALA VA 231 23.67 -87.31 35.91
CA ALA VA 231 23.46 -86.42 37.03
C ALA VA 231 24.05 -87.05 38.28
N ILE VA 232 24.41 -86.22 39.25
CA ILE VA 232 24.97 -86.70 40.50
C ILE VA 232 23.92 -86.51 41.59
N GLY VA 233 23.62 -87.58 42.33
CA GLY VA 233 22.61 -87.54 43.35
C GLY VA 233 23.15 -88.01 44.70
N TYR VA 234 22.42 -87.64 45.75
CA TYR VA 234 22.84 -87.91 47.12
C TYR VA 234 22.02 -89.04 47.72
N ALA VA 235 22.69 -90.04 48.29
CA ALA VA 235 21.97 -91.20 48.87
C ALA VA 235 21.90 -91.04 50.40
N SER VA 236 23.04 -91.11 51.08
CA SER VA 236 23.09 -91.03 52.53
C SER VA 236 24.49 -90.62 52.98
N HIS VA 237 24.65 -90.32 54.28
CA HIS VA 237 25.96 -89.86 54.80
C HIS VA 237 26.18 -90.29 56.26
N ASP VA 238 27.43 -90.38 56.70
CA ASP VA 238 27.74 -90.66 58.12
C ASP VA 238 28.79 -89.64 58.53
N THR VA 239 29.47 -89.85 59.65
CA THR VA 239 30.48 -88.89 60.14
C THR VA 239 31.68 -88.88 59.21
N ASP VA 240 31.97 -90.00 58.57
CA ASP VA 240 33.20 -90.07 57.78
C ASP VA 240 33.00 -89.93 56.28
N THR VA 241 31.86 -90.38 55.74
CA THR VA 241 31.73 -90.54 54.31
C THR VA 241 30.37 -90.02 53.83
N VAL VA 242 30.32 -89.68 52.55
CA VAL VA 242 29.09 -89.34 51.86
C VAL VA 242 28.90 -90.35 50.72
N ARG VA 243 27.76 -91.02 50.72
CA ARG VA 243 27.39 -91.89 49.60
C ARG VA 243 26.60 -91.09 48.58
N LEU VA 244 27.10 -91.09 47.35
CA LEU VA 244 26.42 -90.42 46.26
C LEU VA 244 26.27 -91.41 45.12
N TYR VA 245 25.74 -90.97 43.98
CA TYR VA 245 25.62 -91.83 42.82
C TYR VA 245 25.67 -90.99 41.55
N LEU VA 246 26.06 -91.65 40.47
CA LEU VA 246 25.91 -91.14 39.12
C LEU VA 246 24.72 -91.84 38.50
N GLN VA 247 23.92 -91.10 37.73
CA GLN VA 247 22.68 -91.69 37.26
C GLN VA 247 22.33 -91.14 35.89
N GLU VA 248 21.89 -92.02 35.01
CA GLU VA 248 21.42 -91.61 33.70
C GLU VA 248 20.37 -92.62 33.22
N THR VA 249 19.39 -92.14 32.47
CA THR VA 249 18.35 -93.02 31.96
C THR VA 249 18.26 -92.90 30.44
N LEU VA 250 18.24 -94.04 29.75
CA LEU VA 250 18.42 -94.07 28.30
C LEU VA 250 17.86 -95.35 27.71
N THR VA 251 17.71 -95.32 26.38
CA THR VA 251 17.61 -96.52 25.57
C THR VA 251 18.40 -96.27 24.29
N PHE VA 252 18.67 -97.34 23.54
CA PHE VA 252 19.37 -97.22 22.27
C PHE VA 252 18.62 -97.94 21.17
N LEU VA 253 18.54 -97.30 20.02
CA LEU VA 253 17.84 -97.83 18.86
C LEU VA 253 18.81 -97.85 17.68
N CYS VA 254 18.80 -98.95 16.94
CA CYS VA 254 19.52 -99.03 15.67
C CYS VA 254 18.49 -99.16 14.55
N TYR VA 255 18.38 -98.12 13.72
CA TYR VA 255 17.42 -98.12 12.64
C TYR VA 255 17.92 -98.79 11.38
N THR VA 256 19.23 -98.79 11.15
CA THR VA 256 19.82 -99.22 9.89
C THR VA 256 20.75 -100.39 10.15
N ALA VA 257 20.35 -101.57 9.70
CA ALA VA 257 21.09 -102.78 10.04
C ALA VA 257 22.41 -102.90 9.28
N GLU VA 258 22.51 -102.29 8.10
CA GLU VA 258 23.67 -102.50 7.24
C GLU VA 258 24.70 -101.38 7.35
N ALA VA 259 24.57 -100.53 8.36
CA ALA VA 259 25.45 -99.37 8.50
C ALA VA 259 26.69 -99.65 9.35
N SER VA 260 26.99 -100.92 9.66
CA SER VA 260 28.11 -101.20 10.54
C SER VA 260 28.68 -102.59 10.29
N VAL VA 261 29.96 -102.75 10.61
CA VAL VA 261 30.65 -104.04 10.64
C VAL VA 261 31.30 -104.22 12.01
N ALA VA 262 31.04 -105.36 12.63
CA ALA VA 262 31.64 -105.75 13.90
C ALA VA 262 32.80 -106.70 13.67
N LEU VA 263 33.83 -106.54 14.49
CA LEU VA 263 35.00 -107.38 14.39
C LEU VA 263 35.28 -107.99 15.76
N SER VA 264 35.78 -109.21 15.79
CA SER VA 264 36.05 -109.90 17.03
C SER VA 264 37.41 -110.58 16.95
N HIS VA 265 37.86 -111.10 18.07
CA HIS VA 265 39.14 -111.79 18.14
C HIS VA 265 38.99 -113.28 17.92
N MET WA 1 73.47 -44.63 36.00
CA MET WA 1 74.72 -43.92 36.19
C MET WA 1 75.69 -44.14 35.03
N ASN WA 2 76.84 -43.46 35.09
CA ASN WA 2 77.85 -43.59 34.02
C ASN WA 2 79.19 -44.11 34.55
N ASN WA 3 80.26 -43.90 33.77
CA ASN WA 3 81.57 -44.37 34.20
C ASN WA 3 82.18 -43.55 35.34
N LEU WA 4 81.77 -42.29 35.53
CA LEU WA 4 82.21 -41.52 36.68
C LEU WA 4 81.76 -42.10 38.02
N TYR WA 5 80.66 -42.85 38.03
CA TYR WA 5 80.12 -43.43 39.28
C TYR WA 5 80.03 -42.38 40.38
N ARG WA 6 79.50 -41.22 39.99
CA ARG WA 6 79.58 -40.03 40.84
C ARG WA 6 78.69 -40.15 42.07
N ASP WA 7 77.53 -40.79 41.93
CA ASP WA 7 76.62 -40.96 43.05
C ASP WA 7 77.12 -41.95 44.08
N LEU WA 8 78.12 -42.76 43.75
CA LEU WA 8 78.68 -43.66 44.74
C LEU WA 8 79.69 -42.99 45.65
N ALA WA 9 80.16 -41.80 45.28
CA ALA WA 9 81.16 -41.11 46.08
C ALA WA 9 80.51 -40.51 47.33
N PRO WA 10 81.15 -40.65 48.49
CA PRO WA 10 80.63 -39.98 49.71
C PRO WA 10 80.99 -38.49 49.75
N VAL WA 11 80.41 -37.75 48.82
CA VAL WA 11 80.65 -36.33 48.64
C VAL WA 11 79.29 -35.66 48.60
N THR WA 12 79.11 -34.63 49.41
CA THR WA 12 77.84 -33.93 49.43
C THR WA 12 77.70 -33.04 48.21
N GLU WA 13 76.48 -32.53 48.00
CA GLU WA 13 76.19 -31.69 46.84
C GLU WA 13 76.95 -30.37 46.89
N ALA WA 14 77.02 -29.75 48.06
CA ALA WA 14 77.75 -28.49 48.22
C ALA WA 14 79.24 -28.70 48.04
N ALA WA 15 79.77 -29.79 48.60
CA ALA WA 15 81.17 -30.15 48.39
C ALA WA 15 81.45 -30.42 46.92
N TRP WA 16 80.52 -31.07 46.22
CA TRP WA 16 80.68 -31.32 44.79
C TRP WA 16 80.74 -30.01 44.02
N ALA WA 17 79.88 -29.05 44.35
CA ALA WA 17 79.90 -27.75 43.67
C ALA WA 17 81.21 -27.02 43.91
N GLU WA 18 81.73 -27.07 45.14
CA GLU WA 18 83.02 -26.45 45.41
C GLU WA 18 84.18 -27.12 44.66
N ILE WA 19 84.15 -28.45 44.57
CA ILE WA 19 85.19 -29.19 43.85
C ILE WA 19 85.14 -28.89 42.36
N GLU WA 20 83.94 -28.85 41.78
CA GLU WA 20 83.78 -28.53 40.36
C GLU WA 20 84.27 -27.13 40.05
N LEU WA 21 83.92 -26.16 40.91
CA LEU WA 21 84.35 -24.79 40.74
C LEU WA 21 85.86 -24.65 40.82
N GLU WA 22 86.48 -25.30 41.81
CA GLU WA 22 87.93 -25.23 41.98
C GLU WA 22 88.67 -25.85 40.81
N ALA WA 23 88.20 -27.02 40.34
CA ALA WA 23 88.86 -27.70 39.23
C ALA WA 23 88.72 -26.92 37.93
N ALA WA 24 87.51 -26.41 37.65
CA ALA WA 24 87.29 -25.64 36.43
C ALA WA 24 88.10 -24.36 36.43
N ARG WA 25 88.15 -23.67 37.55
CA ARG WA 25 88.92 -22.43 37.66
C ARG WA 25 90.41 -22.67 37.45
N THR WA 26 90.98 -23.63 38.17
CA THR WA 26 92.42 -23.86 38.09
C THR WA 26 92.81 -24.35 36.70
N PHE WA 27 91.97 -25.15 36.06
CA PHE WA 27 92.22 -25.63 34.71
C PHE WA 27 92.26 -24.51 33.67
N LYS WA 28 91.24 -23.66 33.61
CA LYS WA 28 91.22 -22.56 32.66
C LYS WA 28 92.44 -21.66 32.80
N ARG WA 29 92.81 -21.31 34.02
CA ARG WA 29 93.95 -20.46 34.25
C ARG WA 29 95.21 -21.04 33.68
N HIS WA 30 95.34 -22.35 33.72
CA HIS WA 30 96.59 -22.98 33.26
C HIS WA 30 96.48 -23.46 31.82
N ILE WA 31 95.33 -23.28 31.16
CA ILE WA 31 95.32 -23.67 29.75
C ILE WA 31 95.70 -22.48 28.87
N ALA WA 32 96.69 -22.68 28.01
CA ALA WA 32 97.02 -21.73 26.97
C ALA WA 32 96.62 -22.27 25.59
N GLY WA 33 96.58 -23.59 25.44
CA GLY WA 33 96.42 -24.20 24.14
C GLY WA 33 95.04 -23.99 23.53
N ARG WA 34 93.99 -24.03 24.36
CA ARG WA 34 92.64 -23.88 23.83
C ARG WA 34 92.33 -22.45 23.40
N ARG WA 35 93.12 -21.49 23.86
CA ARG WA 35 92.91 -20.11 23.44
C ARG WA 35 93.36 -19.86 22.00
N VAL WA 36 94.21 -20.71 21.44
CA VAL WA 36 94.75 -20.48 20.12
C VAL WA 36 94.33 -21.53 19.10
N VAL WA 37 93.97 -22.74 19.50
CA VAL WA 37 93.65 -23.79 18.54
C VAL WA 37 92.14 -23.90 18.41
N ASP WA 38 91.71 -24.51 17.33
CA ASP WA 38 90.29 -24.82 17.17
C ASP WA 38 89.95 -26.01 18.05
N VAL WA 39 88.90 -25.88 18.83
CA VAL WA 39 88.46 -26.90 19.77
C VAL WA 39 87.12 -27.42 19.29
N SER WA 40 87.05 -28.72 19.02
CA SER WA 40 85.84 -29.32 18.51
C SER WA 40 84.82 -29.49 19.62
N ASP WA 41 83.58 -29.79 19.22
CA ASP WA 41 82.61 -30.26 20.18
C ASP WA 41 82.99 -31.64 20.67
N PRO WA 42 82.61 -32.02 21.88
CA PRO WA 42 82.84 -33.40 22.34
C PRO WA 42 82.13 -34.43 21.50
N GLY WA 43 82.88 -35.39 20.97
CA GLY WA 43 82.32 -36.45 20.17
C GLY WA 43 81.42 -37.37 20.98
N GLY WA 44 81.82 -37.64 22.22
CA GLY WA 44 81.06 -38.55 23.04
C GLY WA 44 81.93 -39.70 23.46
N PRO WA 45 81.42 -40.55 24.37
CA PRO WA 45 82.23 -41.66 24.88
C PRO WA 45 82.58 -42.71 23.84
N VAL WA 46 81.76 -42.87 22.79
CA VAL WA 46 81.98 -43.96 21.85
C VAL WA 46 83.05 -43.57 20.83
N THR WA 47 83.37 -42.28 20.74
CA THR WA 47 84.31 -41.80 19.75
C THR WA 47 85.71 -42.27 20.08
N ALA WA 48 86.38 -42.89 19.11
CA ALA WA 48 87.65 -43.55 19.40
C ALA WA 48 88.78 -43.07 18.51
N ALA WA 49 88.45 -42.57 17.32
CA ALA WA 49 89.48 -42.17 16.37
C ALA WA 49 88.95 -41.05 15.48
N VAL WA 50 89.89 -40.31 14.92
CA VAL WA 50 89.57 -39.24 13.98
C VAL WA 50 90.13 -39.63 12.62
N SER WA 51 89.27 -39.60 11.61
CA SER WA 51 89.70 -39.89 10.25
C SER WA 51 90.60 -38.79 9.72
N THR WA 52 91.72 -39.17 9.13
CA THR WA 52 92.59 -38.22 8.46
C THR WA 52 92.30 -38.10 6.97
N GLY WA 53 91.56 -39.08 6.43
CA GLY WA 53 91.19 -39.05 5.00
C GLY WA 53 92.29 -39.58 4.11
N ARG WA 54 93.39 -40.10 4.68
CA ARG WA 54 94.47 -40.69 3.86
C ARG WA 54 94.26 -42.20 3.68
N LEU WA 55 95.10 -42.85 2.86
CA LEU WA 55 94.96 -44.29 2.56
C LEU WA 55 96.31 -45.00 2.71
N ILE WA 56 96.31 -46.25 3.20
CA ILE WA 56 97.53 -47.00 3.40
C ILE WA 56 97.55 -48.27 2.57
N ASP WA 57 98.53 -48.40 1.69
CA ASP WA 57 98.64 -49.58 0.83
C ASP WA 57 98.83 -50.86 1.62
N VAL WA 58 97.95 -51.84 1.40
CA VAL WA 58 98.13 -53.15 2.06
C VAL WA 58 98.28 -54.27 1.04
N LYS WA 59 98.89 -55.37 1.46
CA LYS WA 59 99.11 -56.51 0.56
C LYS WA 59 97.81 -57.00 -0.04
N ALA WA 60 97.68 -56.92 -1.36
CA ALA WA 60 96.47 -57.34 -2.06
C ALA WA 60 95.87 -58.64 -1.55
N PRO WA 61 94.57 -58.62 -1.20
CA PRO WA 61 93.90 -59.83 -0.70
C PRO WA 61 93.98 -60.92 -1.75
N THR WA 62 93.53 -60.63 -2.97
CA THR WA 62 93.61 -61.59 -4.06
C THR WA 62 94.07 -60.91 -5.34
N ASN WA 63 94.13 -61.67 -6.42
CA ASN WA 63 94.54 -61.13 -7.72
C ASN WA 63 93.51 -60.15 -8.24
N GLY WA 64 93.97 -58.99 -8.71
CA GLY WA 64 93.06 -58.00 -9.25
C GLY WA 64 92.30 -57.19 -8.21
N VAL WA 65 92.64 -57.36 -6.94
CA VAL WA 65 92.01 -56.59 -5.90
C VAL WA 65 92.99 -55.59 -5.36
N ILE WA 66 92.57 -54.35 -5.23
CA ILE WA 66 93.43 -53.32 -4.72
C ILE WA 66 92.86 -52.90 -3.40
N ALA WA 67 93.63 -53.04 -2.35
CA ALA WA 67 93.14 -52.73 -1.01
C ALA WA 67 93.87 -51.61 -0.35
N HIS WA 68 93.14 -50.81 0.39
CA HIS WA 68 93.75 -49.74 1.12
C HIS WA 68 93.12 -49.57 2.48
N LEU WA 69 93.94 -49.42 3.49
CA LEU WA 69 93.45 -49.16 4.83
C LEU WA 69 93.19 -47.66 5.02
N ARG WA 70 92.08 -47.34 5.65
CA ARG WA 70 91.83 -45.95 6.02
C ARG WA 70 92.72 -45.57 7.20
N ALA WA 71 93.40 -44.43 7.08
CA ALA WA 71 94.23 -43.93 8.15
C ALA WA 71 93.39 -43.15 9.17
N SER WA 72 93.82 -43.19 10.42
CA SER WA 72 93.11 -42.48 11.47
C SER WA 72 94.08 -42.18 12.61
N LYS WA 73 93.63 -41.33 13.52
CA LYS WA 73 94.38 -40.97 14.72
C LYS WA 73 93.60 -41.42 15.95
N PRO WA 74 94.20 -42.19 16.84
CA PRO WA 74 93.48 -42.62 18.05
C PRO WA 74 93.39 -41.51 19.09
N LEU WA 75 92.27 -41.47 19.79
CA LEU WA 75 92.18 -40.65 20.99
C LEU WA 75 92.98 -41.28 22.12
N VAL WA 76 93.44 -40.45 23.04
CA VAL WA 76 94.07 -40.89 24.27
C VAL WA 76 93.23 -40.38 25.42
N ARG WA 77 92.98 -41.25 26.40
CA ARG WA 77 92.31 -40.85 27.62
C ARG WA 77 93.35 -40.59 28.69
N LEU WA 78 93.30 -39.41 29.27
CA LEU WA 78 94.26 -38.93 30.24
C LEU WA 78 93.55 -38.80 31.57
N ARG WA 79 94.08 -39.48 32.58
CA ARG WA 79 93.47 -39.55 33.90
C ARG WA 79 94.49 -39.14 34.95
N VAL WA 80 94.10 -38.20 35.80
CA VAL WA 80 94.92 -37.75 36.92
C VAL WA 80 94.16 -38.05 38.21
N PRO WA 81 94.55 -39.08 38.95
CA PRO WA 81 93.90 -39.32 40.24
C PRO WA 81 94.36 -38.33 41.30
N PHE WA 82 93.48 -38.10 42.26
CA PHE WA 82 93.80 -37.25 43.40
C PHE WA 82 92.98 -37.70 44.60
N THR WA 83 93.40 -37.27 45.78
CA THR WA 83 92.88 -37.79 47.04
C THR WA 83 92.42 -36.65 47.93
N LEU WA 84 91.17 -36.73 48.39
CA LEU WA 84 90.60 -35.69 49.23
C LEU WA 84 90.36 -36.20 50.65
N SER WA 85 90.63 -35.35 51.62
CA SER WA 85 90.25 -35.63 53.00
C SER WA 85 88.74 -35.56 53.16
N ARG WA 86 88.18 -36.57 53.84
CA ARG WA 86 86.73 -36.58 54.07
C ARG WA 86 86.31 -35.56 55.12
N ASN WA 87 87.22 -35.18 56.01
CA ASN WA 87 86.93 -34.11 56.97
C ASN WA 87 86.72 -32.78 56.26
N GLU WA 88 87.56 -32.48 55.26
CA GLU WA 88 87.39 -31.26 54.48
C GLU WA 88 86.08 -31.27 53.70
N ILE WA 89 85.68 -32.45 53.21
CA ILE WA 89 84.40 -32.58 52.52
C ILE WA 89 83.24 -32.34 53.48
N ASP WA 90 83.32 -32.91 54.69
CA ASP WA 90 82.28 -32.74 55.68
C ASP WA 90 82.20 -31.30 56.20
N ASP WA 91 83.31 -30.56 56.16
CA ASP WA 91 83.33 -29.17 56.60
C ASP WA 91 82.43 -28.27 55.76
N VAL WA 92 82.19 -28.63 54.50
CA VAL WA 92 81.52 -27.73 53.57
C VAL WA 92 80.05 -27.53 53.94
N GLU WA 93 79.38 -28.59 54.36
CA GLU WA 93 77.95 -28.46 54.73
C GLU WA 93 77.83 -27.65 56.02
N ARG WA 94 78.78 -27.77 56.93
CA ARG WA 94 78.76 -26.96 58.14
C ARG WA 94 79.04 -25.49 57.89
N GLY WA 95 79.45 -25.11 56.68
CA GLY WA 95 79.66 -23.73 56.34
C GLY WA 95 81.08 -23.27 56.22
N SER WA 96 82.05 -24.19 56.23
CA SER WA 96 83.43 -23.82 56.02
C SER WA 96 83.64 -23.33 54.59
N LYS WA 97 84.51 -22.34 54.44
CA LYS WA 97 84.83 -21.79 53.13
C LYS WA 97 86.33 -21.83 52.85
N ASP WA 98 87.07 -22.56 53.68
CA ASP WA 98 88.52 -22.72 53.46
C ASP WA 98 88.91 -24.19 53.40
N SER WA 99 88.01 -25.04 52.91
CA SER WA 99 88.29 -26.47 52.81
C SER WA 99 89.45 -26.71 51.84
N ASP WA 100 90.32 -27.64 52.22
CA ASP WA 100 91.56 -27.87 51.51
C ASP WA 100 91.33 -28.53 50.16
N TRP WA 101 91.31 -27.72 49.11
CA TRP WA 101 91.12 -28.28 47.77
C TRP WA 101 92.43 -28.25 47.01
N GLU WA 102 93.54 -28.29 47.73
CA GLU WA 102 94.85 -28.33 47.09
C GLU WA 102 95.05 -29.55 46.16
N PRO WA 103 94.57 -30.76 46.55
CA PRO WA 103 94.76 -31.86 45.61
C PRO WA 103 93.97 -31.63 44.32
N VAL WA 104 92.76 -31.09 44.42
CA VAL WA 104 92.00 -30.75 43.22
C VAL WA 104 92.77 -29.77 42.36
N LYS WA 105 93.38 -28.76 42.98
CA LYS WA 105 94.14 -27.77 42.23
C LYS WA 105 95.39 -28.39 41.59
N GLU WA 106 96.06 -29.29 42.31
CA GLU WA 106 97.24 -29.95 41.75
C GLU WA 106 96.86 -30.89 40.62
N ALA WA 107 95.72 -31.58 40.73
CA ALA WA 107 95.26 -32.45 39.66
C ALA WA 107 94.86 -31.64 38.43
N ALA WA 108 94.19 -30.50 38.62
CA ALA WA 108 93.82 -29.66 37.50
C ALA WA 108 95.04 -29.04 36.83
N LYS WA 109 96.02 -28.63 37.62
CA LYS WA 109 97.25 -28.09 37.05
C LYS WA 109 98.02 -29.16 36.29
N LYS WA 110 98.04 -30.39 36.80
CA LYS WA 110 98.76 -31.46 36.12
C LYS WA 110 98.07 -31.88 34.83
N LEU WA 111 96.73 -31.94 34.86
CA LEU WA 111 95.96 -32.28 33.63
C LEU WA 111 96.18 -31.17 32.59
N ALA WA 112 96.08 -29.90 33.00
CA ALA WA 112 96.31 -28.80 32.07
C ALA WA 112 97.71 -28.83 31.49
N PHE WA 113 98.70 -29.17 32.32
CA PHE WA 113 100.08 -29.26 31.84
C PHE WA 113 100.25 -30.38 30.83
N VAL WA 114 99.61 -31.52 31.08
CA VAL WA 114 99.69 -32.62 30.12
C VAL WA 114 99.05 -32.20 28.81
N GLU WA 115 97.84 -31.65 28.86
CA GLU WA 115 97.16 -31.27 27.62
C GLU WA 115 97.97 -30.25 26.82
N ASP WA 116 98.53 -29.24 27.48
CA ASP WA 116 99.30 -28.22 26.77
C ASP WA 116 100.61 -28.79 26.22
N ARG WA 117 101.28 -29.66 26.99
CA ARG WA 117 102.51 -30.25 26.50
C ARG WA 117 102.25 -31.26 25.39
N THR WA 118 101.06 -31.86 25.38
CA THR WA 118 100.69 -32.74 24.29
C THR WA 118 100.42 -31.95 23.01
N ILE WA 119 99.73 -30.81 23.13
CA ILE WA 119 99.46 -29.97 21.97
C ILE WA 119 100.76 -29.39 21.40
N PHE WA 120 101.66 -28.89 22.25
CA PHE WA 120 102.79 -28.15 21.73
C PHE WA 120 104.06 -28.97 21.58
N GLU WA 121 104.25 -30.04 22.35
CA GLU WA 121 105.45 -30.85 22.25
C GLU WA 121 105.17 -32.27 21.79
N GLY WA 122 103.92 -32.63 21.61
CA GLY WA 122 103.58 -33.95 21.19
C GLY WA 122 103.63 -35.08 22.18
N TYR WA 123 103.04 -36.19 21.83
CA TYR WA 123 103.02 -37.36 22.69
C TYR WA 123 103.16 -38.46 21.68
N SER WA 124 104.39 -38.90 21.45
CA SER WA 124 104.65 -39.92 20.44
C SER WA 124 103.92 -41.24 20.63
N ALA WA 125 103.78 -41.70 21.86
CA ALA WA 125 103.09 -42.96 22.14
C ALA WA 125 101.62 -42.89 21.71
N ALA WA 126 101.03 -41.70 21.75
CA ALA WA 126 99.67 -41.50 21.27
C ALA WA 126 99.62 -41.05 19.82
N SER WA 127 100.75 -41.12 19.11
CA SER WA 127 100.90 -40.73 17.70
C SER WA 127 100.49 -39.28 17.46
N ILE WA 128 100.84 -38.41 18.39
CA ILE WA 128 100.54 -36.99 18.29
C ILE WA 128 101.85 -36.26 18.09
N GLU WA 129 101.96 -35.56 16.96
CA GLU WA 129 103.11 -34.71 16.70
C GLU WA 129 102.82 -33.32 17.25
N GLY WA 130 103.77 -32.76 17.98
CA GLY WA 130 103.58 -31.43 18.52
C GLY WA 130 103.65 -30.36 17.46
N ILE WA 131 103.25 -29.16 17.85
CA ILE WA 131 103.37 -27.99 16.98
C ILE WA 131 104.84 -27.68 16.71
N ARG WA 132 105.71 -27.88 17.71
CA ARG WA 132 107.13 -27.67 17.53
C ARG WA 132 107.72 -28.64 16.50
N SER WA 133 107.33 -29.90 16.55
CA SER WA 133 107.84 -30.88 15.61
C SER WA 133 107.21 -30.74 14.23
N ALA WA 134 105.95 -30.36 14.15
CA ALA WA 134 105.25 -30.24 12.88
C ALA WA 134 105.47 -28.91 12.18
N SER WA 135 106.17 -27.98 12.81
CA SER WA 135 106.42 -26.69 12.17
C SER WA 135 107.48 -26.83 11.09
N SER WA 136 107.21 -26.27 9.91
CA SER WA 136 108.18 -26.24 8.84
C SER WA 136 109.04 -24.98 8.83
N ASN WA 137 108.64 -23.94 9.57
CA ASN WA 137 109.44 -22.74 9.68
C ASN WA 137 110.68 -23.02 10.54
N PRO WA 138 111.78 -22.30 10.31
CA PRO WA 138 113.00 -22.56 11.10
C PRO WA 138 112.82 -22.22 12.57
N ALA WA 139 113.53 -22.96 13.40
CA ALA WA 139 113.51 -22.74 14.84
C ALA WA 139 114.50 -21.65 15.21
N LEU WA 140 114.15 -20.88 16.23
CA LEU WA 140 114.97 -19.77 16.68
C LEU WA 140 115.45 -20.01 18.10
N THR WA 141 116.54 -19.35 18.45
CA THR WA 141 117.10 -19.45 19.79
C THR WA 141 116.77 -18.19 20.57
N LEU WA 142 116.19 -18.36 21.76
CA LEU WA 142 115.89 -17.22 22.61
C LEU WA 142 117.17 -16.77 23.30
N PRO WA 143 117.42 -15.46 23.31
CA PRO WA 143 118.66 -14.94 23.91
C PRO WA 143 118.61 -14.93 25.43
N GLU WA 144 119.77 -14.79 26.06
CA GLU WA 144 119.83 -14.75 27.51
C GLU WA 144 119.25 -13.46 28.08
N ASP WA 145 119.59 -12.34 27.46
CA ASP WA 145 119.11 -11.04 27.90
C ASP WA 145 117.65 -10.88 27.53
N PRO WA 146 116.76 -10.62 28.50
CA PRO WA 146 115.35 -10.39 28.16
C PRO WA 146 115.11 -9.15 27.29
N ARG WA 147 115.99 -8.15 27.35
CA ARG WA 147 115.85 -6.98 26.48
C ARG WA 147 116.06 -7.32 25.02
N GLU WA 148 116.71 -8.43 24.72
CA GLU WA 148 116.86 -8.93 23.36
C GLU WA 148 115.77 -9.93 22.97
N ILE WA 149 114.80 -10.18 23.84
CA ILE WA 149 113.69 -11.05 23.45
C ILE WA 149 112.84 -10.47 22.30
N PRO WA 150 112.35 -9.21 22.42
CA PRO WA 150 111.50 -8.72 21.34
C PRO WA 150 112.14 -8.76 19.95
N ASP WA 151 113.47 -8.64 19.87
CA ASP WA 151 114.14 -8.70 18.58
C ASP WA 151 113.91 -10.07 17.94
N VAL WA 152 114.28 -11.13 18.63
CA VAL WA 152 114.13 -12.49 18.09
C VAL WA 152 112.67 -12.81 17.77
N ILE WA 153 111.75 -12.43 18.66
CA ILE WA 153 110.33 -12.61 18.40
C ILE WA 153 109.93 -11.96 17.08
N SER WA 154 110.46 -10.76 16.81
CA SER WA 154 110.18 -10.06 15.53
C SER WA 154 110.73 -10.86 14.33
N GLN WA 155 111.85 -11.55 14.50
CA GLN WA 155 112.38 -12.42 13.45
C GLN WA 155 111.43 -13.57 13.18
N ALA WA 156 110.80 -14.10 14.24
CA ALA WA 156 109.75 -15.10 14.07
C ALA WA 156 108.57 -14.53 13.31
N LEU WA 157 108.22 -13.27 13.58
CA LEU WA 157 107.16 -12.62 12.82
C LEU WA 157 107.57 -12.40 11.37
N SER WA 158 108.87 -12.34 11.09
CA SER WA 158 109.31 -12.30 9.70
C SER WA 158 109.01 -13.63 9.00
N GLU WA 159 109.20 -14.76 9.72
CA GLU WA 159 109.13 -16.06 9.08
C GLU WA 159 107.71 -16.42 8.67
N LEU WA 160 106.73 -16.16 9.55
CA LEU WA 160 105.32 -16.28 9.17
C LEU WA 160 104.95 -15.33 8.04
N ARG WA 161 105.64 -14.19 7.93
CA ARG WA 161 105.39 -13.33 6.80
C ARG WA 161 106.03 -13.89 5.54
N LEU WA 162 107.18 -14.54 5.68
CA LEU WA 162 107.80 -15.20 4.54
C LEU WA 162 107.10 -16.49 4.16
N ALA WA 163 106.31 -17.05 5.07
CA ALA WA 163 105.53 -18.25 4.79
C ALA WA 163 104.22 -17.93 4.09
N GLY WA 164 103.90 -16.66 3.89
CA GLY WA 164 102.63 -16.27 3.30
C GLY WA 164 101.46 -16.63 4.20
N VAL WA 165 101.36 -15.97 5.35
CA VAL WA 165 100.29 -16.29 6.31
C VAL WA 165 99.68 -15.03 6.86
N ASP WA 166 98.34 -14.99 6.93
CA ASP WA 166 97.65 -13.83 7.50
C ASP WA 166 97.11 -14.14 8.89
N GLY WA 167 96.24 -13.27 9.41
CA GLY WA 167 95.62 -13.53 10.70
C GLY WA 167 96.29 -12.90 11.91
N PRO WA 168 95.56 -12.83 13.05
CA PRO WA 168 96.12 -12.25 14.25
C PRO WA 168 97.21 -13.19 14.75
N TYR WA 169 98.44 -12.73 14.91
CA TYR WA 169 99.46 -13.62 15.45
C TYR WA 169 99.49 -13.61 16.98
N SER WA 170 99.76 -14.76 17.59
CA SER WA 170 99.78 -14.72 19.06
C SER WA 170 101.07 -15.32 19.60
N VAL WA 171 101.60 -14.77 20.68
CA VAL WA 171 102.87 -15.25 21.22
C VAL WA 171 102.57 -15.94 22.54
N LEU WA 172 103.06 -17.18 22.66
CA LEU WA 172 102.90 -17.95 23.88
C LEU WA 172 104.28 -18.11 24.46
N LEU WA 173 104.43 -17.86 25.75
CA LEU WA 173 105.72 -17.91 26.40
C LEU WA 173 105.72 -18.95 27.50
N SER WA 174 106.88 -19.58 27.70
CA SER WA 174 107.05 -20.41 28.88
C SER WA 174 107.07 -19.54 30.13
N ALA WA 175 106.87 -20.18 31.28
CA ALA WA 175 106.79 -19.48 32.56
C ALA WA 175 108.09 -18.77 32.90
N ASP WA 176 109.23 -19.38 32.56
CA ASP WA 176 110.53 -18.74 32.73
C ASP WA 176 110.65 -17.49 31.86
N VAL WA 177 110.25 -17.61 30.60
CA VAL WA 177 110.36 -16.49 29.66
C VAL WA 177 109.34 -15.42 30.00
N TYR WA 178 108.13 -15.81 30.40
CA TYR WA 178 107.10 -14.86 30.80
C TYR WA 178 107.53 -14.08 32.05
N THR WA 179 108.15 -14.77 33.02
CA THR WA 179 108.67 -14.10 34.20
C THR WA 179 109.82 -13.15 33.84
N LYS WA 180 110.71 -13.58 32.94
CA LYS WA 180 111.84 -12.74 32.53
C LYS WA 180 111.38 -11.48 31.82
N VAL WA 181 110.40 -11.58 30.91
CA VAL WA 181 109.93 -10.38 30.23
C VAL WA 181 108.94 -9.60 31.05
N SER WA 182 108.44 -10.17 32.14
CA SER WA 182 107.56 -9.44 33.04
C SER WA 182 108.34 -8.60 34.05
N GLU WA 183 109.45 -9.13 34.56
CA GLU WA 183 110.15 -8.49 35.64
C GLU WA 183 111.22 -7.52 35.18
N THR WA 184 111.65 -7.61 33.93
CA THR WA 184 112.59 -6.65 33.38
C THR WA 184 111.80 -5.52 32.74
N SER WA 185 112.21 -4.29 32.99
CA SER WA 185 111.49 -3.13 32.50
C SER WA 185 112.39 -2.21 31.72
N ASP WA 186 111.81 -1.52 30.74
CA ASP WA 186 112.51 -0.53 29.94
C ASP WA 186 111.57 0.63 29.67
N HIS WA 187 111.97 1.82 30.12
CA HIS WA 187 111.25 3.09 29.90
C HIS WA 187 109.81 3.03 30.42
N GLY WA 188 109.66 2.53 31.65
CA GLY WA 188 108.37 2.54 32.31
C GLY WA 188 107.43 1.43 31.91
N TYR WA 189 107.85 0.50 31.07
CA TYR WA 189 107.04 -0.65 30.73
C TYR WA 189 107.89 -1.91 30.84
N PRO WA 190 107.31 -3.02 31.26
CA PRO WA 190 108.01 -4.30 31.14
C PRO WA 190 108.11 -4.73 29.69
N ILE WA 191 109.01 -5.68 29.45
CA ILE WA 191 109.26 -6.17 28.09
C ILE WA 191 108.04 -6.89 27.52
N ARG WA 192 107.17 -7.40 28.40
CA ARG WA 192 105.90 -7.98 27.97
C ARG WA 192 105.04 -7.00 27.19
N GLU WA 193 105.05 -5.73 27.59
CA GLU WA 193 104.34 -4.70 26.84
C GLU WA 193 105.00 -4.46 25.48
N HIS WA 194 106.33 -4.52 25.42
CA HIS WA 194 107.04 -4.42 24.14
C HIS WA 194 106.67 -5.56 23.21
N LEU WA 195 106.48 -6.75 23.75
CA LEU WA 195 105.97 -7.86 22.95
C LEU WA 195 104.54 -7.62 22.51
N ASN WA 196 103.73 -7.02 23.38
CA ASN WA 196 102.34 -6.71 23.06
C ASN WA 196 102.22 -5.72 21.91
N ARG WA 197 103.19 -4.82 21.77
CA ARG WA 197 103.15 -3.87 20.65
C ARG WA 197 103.42 -4.52 19.31
N LEU WA 198 104.18 -5.61 19.28
CA LEU WA 198 104.55 -6.28 18.00
C LEU WA 198 103.38 -7.05 17.36
N VAL WA 199 102.42 -7.53 18.15
CA VAL WA 199 101.35 -8.40 17.56
C VAL WA 199 99.95 -7.84 17.79
N ASP WA 200 99.00 -8.30 17.00
CA ASP WA 200 97.59 -7.87 17.14
C ASP WA 200 96.84 -8.98 17.87
N GLY WA 201 97.57 -9.99 18.34
CA GLY WA 201 96.95 -11.09 19.09
C GLY WA 201 97.17 -10.88 20.57
N ASP WA 202 97.74 -11.86 21.28
CA ASP WA 202 97.84 -11.72 22.75
C ASP WA 202 99.14 -12.33 23.28
N ILE WA 203 99.74 -11.71 24.28
CA ILE WA 203 100.89 -12.38 24.93
C ILE WA 203 100.21 -13.34 25.90
N ILE WA 204 100.47 -14.62 25.77
CA ILE WA 204 99.76 -15.66 26.51
C ILE WA 204 100.74 -16.38 27.41
N TRP WA 205 100.42 -16.42 28.70
CA TRP WA 205 101.20 -17.19 29.66
C TRP WA 205 100.95 -18.68 29.44
N ALA WA 206 102.02 -19.43 29.18
CA ALA WA 206 101.93 -20.87 28.89
C ALA WA 206 102.92 -21.60 29.77
N PRO WA 207 102.57 -21.87 31.02
CA PRO WA 207 103.53 -22.45 31.97
C PRO WA 207 103.95 -23.87 31.69
N ALA WA 208 103.25 -24.61 30.82
CA ALA WA 208 103.63 -25.99 30.58
C ALA WA 208 104.70 -26.13 29.51
N ILE WA 209 104.72 -25.23 28.53
CA ILE WA 209 105.60 -25.36 27.37
C ILE WA 209 107.05 -25.02 27.72
N ASP WA 210 107.97 -25.36 26.84
CA ASP WA 210 109.33 -24.85 26.85
C ASP WA 210 109.47 -23.80 25.76
N GLY WA 211 110.41 -22.89 25.99
CA GLY WA 211 110.68 -21.85 25.01
C GLY WA 211 109.53 -20.93 24.71
N ALA WA 212 109.26 -20.72 23.43
CA ALA WA 212 108.18 -19.82 23.04
C ALA WA 212 107.58 -20.28 21.73
N PHE WA 213 106.39 -19.79 21.45
CA PHE WA 213 105.73 -20.16 20.19
C PHE WA 213 105.04 -18.92 19.64
N VAL WA 214 105.25 -18.63 18.36
CA VAL WA 214 104.51 -17.51 17.73
C VAL WA 214 103.66 -18.17 16.66
N LEU WA 215 102.39 -17.79 16.58
CA LEU WA 215 101.54 -18.50 15.62
C LEU WA 215 100.30 -17.68 15.28
N THR WA 216 99.68 -18.01 14.15
CA THR WA 216 98.47 -17.34 13.70
C THR WA 216 97.22 -17.99 14.30
N THR WA 217 96.23 -17.16 14.58
CA THR WA 217 94.97 -17.67 15.11
C THR WA 217 93.85 -17.39 14.12
N ARG WA 218 94.17 -17.46 12.83
CA ARG WA 218 93.18 -17.21 11.80
C ARG WA 218 92.12 -18.30 11.74
N GLY WA 219 92.43 -19.50 12.24
CA GLY WA 219 91.48 -20.57 12.21
C GLY WA 219 91.86 -21.64 11.22
N GLY WA 220 91.42 -22.87 11.48
CA GLY WA 220 91.58 -23.96 10.56
C GLY WA 220 92.97 -24.53 10.44
N ASP WA 221 93.91 -24.14 11.30
CA ASP WA 221 95.29 -24.63 11.18
C ASP WA 221 95.60 -25.67 12.24
N PHE WA 222 95.03 -25.51 13.43
CA PHE WA 222 95.35 -26.36 14.58
C PHE WA 222 94.03 -26.82 15.16
N ASP WA 223 93.88 -28.13 15.38
CA ASP WA 223 92.58 -28.69 15.72
C ASP WA 223 92.75 -29.65 16.90
N LEU WA 224 92.10 -29.33 18.01
CA LEU WA 224 92.05 -30.22 19.16
C LEU WA 224 90.73 -30.96 19.11
N GLN WA 225 90.79 -32.29 19.03
CA GLN WA 225 89.59 -33.10 18.98
C GLN WA 225 89.32 -33.73 20.35
N LEU WA 226 88.15 -33.45 20.86
CA LEU WA 226 87.76 -33.99 22.13
C LEU WA 226 86.71 -35.04 22.01
N GLY WA 227 86.90 -36.20 22.63
CA GLY WA 227 85.82 -37.16 22.67
C GLY WA 227 84.97 -36.70 23.82
N THR WA 228 85.59 -36.58 24.99
CA THR WA 228 84.88 -36.05 26.18
C THR WA 228 85.75 -34.99 26.84
N ASP WA 229 85.13 -33.87 27.26
CA ASP WA 229 85.88 -32.79 27.95
C ASP WA 229 86.24 -33.23 29.37
N VAL WA 230 86.86 -32.33 30.14
CA VAL WA 230 87.31 -32.66 31.52
C VAL WA 230 86.14 -33.03 32.43
N ALA WA 231 86.24 -34.17 33.10
CA ALA WA 231 85.19 -34.63 34.00
C ALA WA 231 85.83 -35.16 35.27
N ILE WA 232 85.08 -35.14 36.36
CA ILE WA 232 85.56 -35.66 37.63
C ILE WA 232 84.86 -36.96 37.93
N GLY WA 233 85.63 -38.02 38.20
CA GLY WA 233 85.09 -39.34 38.45
C GLY WA 233 85.55 -39.89 39.79
N TYR WA 234 84.81 -40.89 40.26
CA TYR WA 234 85.02 -41.48 41.58
C TYR WA 234 85.68 -42.85 41.44
N ALA WA 235 86.77 -43.06 42.18
CA ALA WA 235 87.49 -44.36 42.09
C ALA WA 235 87.13 -45.23 43.29
N SER WA 236 87.52 -44.82 44.50
CA SER WA 236 87.27 -45.60 45.71
C SER WA 236 87.36 -44.69 46.93
N HIS WA 237 86.98 -45.21 48.11
CA HIS WA 237 86.97 -44.39 49.35
C HIS WA 237 87.25 -45.23 50.59
N ASP WA 238 87.75 -44.62 51.66
CA ASP WA 238 87.94 -45.33 52.94
C ASP WA 238 87.32 -44.42 54.02
N THR WA 239 87.63 -44.65 55.29
CA THR WA 239 87.04 -43.84 56.39
C THR WA 239 87.61 -42.43 56.34
N ASP WA 240 88.84 -42.26 55.85
CA ASP WA 240 89.45 -40.94 55.93
C ASP WA 240 89.45 -40.18 54.61
N THR WA 241 89.51 -40.86 53.47
CA THR WA 241 89.79 -40.17 52.21
C THR WA 241 88.88 -40.69 51.11
N VAL WA 242 88.72 -39.86 50.08
CA VAL WA 242 88.04 -40.23 48.84
C VAL WA 242 89.03 -40.08 47.71
N ARG WA 243 89.24 -41.16 46.96
CA ARG WA 243 90.04 -41.12 45.74
C ARG WA 243 89.15 -40.79 44.56
N LEU WA 244 89.49 -39.71 43.86
CA LEU WA 244 88.76 -39.32 42.66
C LEU WA 244 89.78 -39.15 41.54
N TYR WA 245 89.32 -38.71 40.37
CA TYR WA 245 90.22 -38.44 39.27
C TYR WA 245 89.64 -37.36 38.37
N LEU WA 246 90.52 -36.70 37.64
CA LEU WA 246 90.18 -35.83 36.54
C LEU WA 246 90.46 -36.60 35.26
N GLN WA 247 89.58 -36.46 34.26
CA GLN WA 247 89.72 -37.31 33.09
C GLN WA 247 89.27 -36.56 31.86
N GLU WA 248 90.04 -36.70 30.79
CA GLU WA 248 89.66 -36.14 29.50
C GLU WA 248 90.25 -36.98 28.40
N THR WA 249 89.55 -37.08 27.28
CA THR WA 249 90.05 -37.86 26.15
C THR WA 249 90.09 -37.01 24.89
N LEU WA 250 91.23 -37.06 24.19
CA LEU WA 250 91.51 -36.10 23.13
C LEU WA 250 92.56 -36.64 22.17
N THR WA 251 92.65 -35.96 21.02
CA THR WA 251 93.82 -36.02 20.16
C THR WA 251 94.05 -34.62 19.61
N PHE WA 252 95.23 -34.39 19.06
CA PHE WA 252 95.54 -33.10 18.45
C PHE WA 252 96.07 -33.28 17.04
N LEU WA 253 95.60 -32.43 16.13
CA LEU WA 253 95.99 -32.46 14.73
C LEU WA 253 96.53 -31.08 14.34
N CYS WA 254 97.62 -31.07 13.62
CA CYS WA 254 98.13 -29.84 13.00
C CYS WA 254 98.00 -30.00 11.49
N TYR WA 255 97.13 -29.20 10.88
CA TYR WA 255 96.91 -29.28 9.45
C TYR WA 255 97.88 -28.43 8.65
N THR WA 256 98.39 -27.36 9.22
CA THR WA 256 99.16 -26.36 8.50
C THR WA 256 100.55 -26.27 9.11
N ALA WA 257 101.55 -26.74 8.37
CA ALA WA 257 102.90 -26.85 8.93
C ALA WA 257 103.59 -25.50 9.07
N GLU WA 258 103.22 -24.52 8.26
CA GLU WA 258 103.96 -23.26 8.20
C GLU WA 258 103.30 -22.17 9.03
N ALA WA 259 102.33 -22.52 9.87
CA ALA WA 259 101.57 -21.52 10.64
C ALA WA 259 102.18 -21.23 12.00
N SER WA 260 103.42 -21.66 12.27
CA SER WA 260 103.97 -21.46 13.61
C SER WA 260 105.50 -21.43 13.57
N VAL WA 261 106.08 -20.74 14.55
CA VAL WA 261 107.50 -20.74 14.82
C VAL WA 261 107.74 -21.13 16.27
N ALA WA 262 108.61 -22.10 16.49
CA ALA WA 262 109.01 -22.55 17.81
C ALA WA 262 110.36 -21.94 18.19
N LEU WA 263 110.48 -21.60 19.46
CA LEU WA 263 111.71 -21.01 19.96
C LEU WA 263 112.19 -21.83 21.15
N SER WA 264 113.49 -21.94 21.32
CA SER WA 264 114.07 -22.72 22.40
C SER WA 264 115.20 -21.94 23.04
N HIS WA 265 115.70 -22.46 24.15
CA HIS WA 265 116.81 -21.82 24.87
C HIS WA 265 118.15 -22.37 24.42
N MET XA 1 63.96 17.57 66.25
CA MET XA 1 63.71 18.64 67.21
C MET XA 1 64.41 19.93 66.84
N ASN XA 2 64.17 20.98 67.62
CA ASN XA 2 64.76 22.30 67.35
C ASN XA 2 65.64 22.79 68.52
N ASN XA 3 65.92 24.09 68.56
CA ASN XA 3 66.74 24.63 69.63
C ASN XA 3 66.01 24.71 70.98
N LEU XA 4 64.68 24.77 70.99
CA LEU XA 4 63.94 24.69 72.25
C LEU XA 4 64.13 23.37 73.00
N TYR XA 5 64.46 22.29 72.29
CA TYR XA 5 64.62 20.97 72.92
C TYR XA 5 63.45 20.65 73.84
N ARG XA 6 62.25 20.90 73.33
CA ARG XA 6 61.04 20.89 74.15
C ARG XA 6 60.67 19.48 74.60
N ASP XA 7 60.90 18.49 73.74
CA ASP XA 7 60.57 17.11 74.09
C ASP XA 7 61.51 16.52 75.13
N LEU XA 8 62.66 17.14 75.37
CA LEU XA 8 63.54 16.67 76.42
C LEU XA 8 63.11 17.12 77.81
N ALA XA 9 62.23 18.11 77.89
CA ALA XA 9 61.80 18.62 79.19
C ALA XA 9 60.86 17.63 79.86
N PRO XA 10 61.02 17.38 81.16
CA PRO XA 10 60.05 16.53 81.88
C PRO XA 10 58.78 17.29 82.26
N VAL XA 11 58.03 17.69 81.24
CA VAL XA 11 56.82 18.48 81.36
C VAL XA 11 55.74 17.75 80.58
N THR XA 12 54.60 17.52 81.21
CA THR XA 12 53.53 16.83 80.53
C THR XA 12 52.82 17.76 79.56
N GLU XA 13 51.97 17.16 78.72
CA GLU XA 13 51.26 17.93 77.70
C GLU XA 13 50.29 18.94 78.30
N ALA XA 14 49.55 18.52 79.33
CA ALA XA 14 48.62 19.41 80.00
C ALA XA 14 49.34 20.54 80.73
N ALA XA 15 50.45 20.21 81.38
CA ALA XA 15 51.28 21.22 82.01
C ALA XA 15 51.86 22.18 80.98
N TRP XA 16 52.25 21.67 79.81
CA TRP XA 16 52.74 22.54 78.74
C TRP XA 16 51.67 23.49 78.27
N ALA XA 17 50.43 23.02 78.11
CA ALA XA 17 49.34 23.89 77.70
C ALA XA 17 49.06 24.98 78.72
N GLU XA 18 49.10 24.64 80.01
CA GLU XA 18 48.92 25.64 81.06
C GLU XA 18 50.05 26.67 81.07
N ILE XA 19 51.29 26.23 80.88
CA ILE XA 19 52.44 27.15 80.86
C ILE XA 19 52.36 28.08 79.65
N GLU XA 20 52.01 27.55 78.48
CA GLU XA 20 51.87 28.38 77.28
C GLU XA 20 50.77 29.41 77.44
N LEU XA 21 49.63 29.00 78.01
CA LEU XA 21 48.52 29.91 78.25
C LEU XA 21 48.90 31.03 79.22
N GLU XA 22 49.57 30.66 80.32
CA GLU XA 22 49.96 31.65 81.32
C GLU XA 22 50.97 32.65 80.77
N ALA XA 23 51.96 32.16 80.02
CA ALA XA 23 52.99 33.04 79.45
C ALA XA 23 52.40 33.97 78.40
N ALA XA 24 51.56 33.44 77.50
CA ALA XA 24 50.96 34.26 76.46
C ALA XA 24 50.04 35.32 77.06
N ARG XA 25 49.24 34.94 78.05
CA ARG XA 25 48.34 35.89 78.70
C ARG XA 25 49.10 37.01 79.39
N THR XA 26 50.08 36.67 80.22
CA THR XA 26 50.80 37.68 80.98
C THR XA 26 51.59 38.60 80.06
N PHE XA 27 52.14 38.07 78.98
CA PHE XA 27 52.87 38.87 78.01
C PHE XA 27 52.00 39.91 77.30
N LYS XA 28 50.88 39.49 76.73
CA LYS XA 28 49.98 40.43 76.05
C LYS XA 28 49.54 41.56 76.95
N ARG XA 29 49.17 41.25 78.18
CA ARG XA 29 48.72 42.25 79.13
C ARG XA 29 49.78 43.30 79.36
N HIS XA 30 51.03 42.89 79.35
CA HIS XA 30 52.11 43.85 79.67
C HIS XA 30 52.74 44.43 78.40
N ILE XA 31 52.27 44.04 77.23
CA ILE XA 31 52.83 44.72 76.05
C ILE XA 31 51.99 45.92 75.66
N ALA XA 32 52.65 47.08 75.56
CA ALA XA 32 52.03 48.27 74.99
C ALA XA 32 52.59 48.58 73.60
N GLY XA 33 53.83 48.16 73.36
CA GLY XA 33 54.54 48.57 72.14
C GLY XA 33 53.96 48.00 70.87
N ARG XA 34 53.52 46.74 70.90
CA ARG XA 34 53.00 46.10 69.70
C ARG XA 34 51.63 46.64 69.30
N ARG XA 35 50.94 47.31 70.22
CA ARG XA 35 49.65 47.90 69.88
C ARG XA 35 49.78 49.15 69.01
N VAL XA 36 50.94 49.78 68.99
CA VAL XA 36 51.11 51.03 68.27
C VAL XA 36 52.11 50.94 67.12
N VAL XA 37 53.04 50.00 67.12
CA VAL XA 37 54.05 49.95 66.08
C VAL XA 37 53.65 48.89 65.07
N ASP XA 38 54.23 48.97 63.88
CA ASP XA 38 54.07 47.92 62.89
C ASP XA 38 54.93 46.73 63.29
N VAL XA 39 54.33 45.55 63.30
CA VAL XA 39 55.00 44.33 63.70
C VAL XA 39 55.09 43.43 62.47
N SER XA 40 56.31 43.08 62.11
CA SER XA 40 56.54 42.28 60.92
C SER XA 40 56.19 40.82 61.18
N ASP XA 41 56.10 40.05 60.11
CA ASP XA 41 56.06 38.60 60.27
C ASP XA 41 57.41 38.10 60.76
N PRO XA 42 57.45 36.98 61.47
CA PRO XA 42 58.74 36.39 61.86
C PRO XA 42 59.59 35.99 60.68
N GLY XA 43 60.81 36.50 60.61
CA GLY XA 43 61.72 36.17 59.54
C GLY XA 43 62.15 34.71 59.58
N GLY XA 44 62.35 34.19 60.78
CA GLY XA 44 62.81 32.83 60.91
C GLY XA 44 64.12 32.80 61.66
N PRO XA 45 64.60 31.60 62.00
CA PRO XA 45 65.83 31.51 62.80
C PRO XA 45 67.07 31.99 62.08
N VAL XA 46 67.10 31.93 60.74
CA VAL XA 46 68.33 32.25 60.02
C VAL XA 46 68.48 33.76 59.88
N THR XA 47 67.41 34.51 60.10
CA THR XA 47 67.43 35.95 59.90
C THR XA 47 68.29 36.62 60.97
N ALA XA 48 69.24 37.44 60.52
CA ALA XA 48 70.25 37.96 61.45
C ALA XA 48 70.31 39.48 61.45
N ALA XA 49 69.91 40.11 60.35
CA ALA XA 49 70.03 41.55 60.23
C ALA XA 49 68.95 42.08 59.31
N VAL XA 50 68.65 43.36 59.47
CA VAL XA 50 67.69 44.06 58.63
C VAL XA 50 68.44 45.11 57.84
N SER XA 51 68.28 45.09 56.52
CA SER XA 51 68.89 46.08 55.66
C SER XA 51 68.24 47.44 55.87
N THR XA 52 69.07 48.47 56.03
CA THR XA 52 68.58 49.84 56.08
C THR XA 52 68.59 50.52 54.73
N GLY XA 53 69.34 49.96 53.77
CA GLY XA 53 69.39 50.52 52.42
C GLY XA 53 70.40 51.65 52.31
N ARG XA 54 71.16 51.92 53.37
CA ARG XA 54 72.20 52.99 53.30
C ARG XA 54 73.56 52.40 52.90
N LEU XA 55 74.56 53.25 52.68
CA LEU XA 55 75.90 52.80 52.23
C LEU XA 55 77.00 53.44 53.09
N ILE XA 56 78.08 52.72 53.37
CA ILE XA 56 79.17 53.23 54.19
C ILE XA 56 80.47 53.27 53.41
N ASP XA 57 81.06 54.45 53.28
CA ASP XA 57 82.31 54.59 52.55
C ASP XA 57 83.46 53.82 53.18
N VAL XA 58 84.11 52.95 52.41
CA VAL XA 58 85.28 52.23 52.92
C VAL XA 58 86.52 52.52 52.09
N LYS XA 59 87.70 52.33 52.70
CA LYS XA 59 88.95 52.60 52.01
C LYS XA 59 89.06 51.83 50.71
N ALA XA 60 89.14 52.53 49.58
CA ALA XA 60 89.22 51.90 48.26
C ALA XA 60 90.15 50.69 48.21
N PRO XA 61 89.64 49.54 47.72
CA PRO XA 61 90.46 48.33 47.61
C PRO XA 61 91.66 48.61 46.73
N THR XA 62 91.41 49.09 45.51
CA THR XA 62 92.50 49.44 44.60
C THR XA 62 92.22 50.77 43.90
N ASN XA 63 93.10 51.16 43.00
CA ASN XA 63 92.93 52.41 42.25
C ASN XA 63 91.74 52.31 41.32
N GLY XA 64 90.89 53.34 41.31
CA GLY XA 64 89.74 53.35 40.43
C GLY XA 64 88.58 52.48 40.89
N VAL XA 65 88.67 51.93 42.09
CA VAL XA 65 87.58 51.13 42.62
C VAL XA 65 86.91 51.90 43.71
N ILE XA 66 85.59 51.96 43.68
CA ILE XA 66 84.86 52.66 44.69
C ILE XA 66 84.07 51.63 45.45
N ALA XA 67 84.31 51.54 46.74
CA ALA XA 67 83.66 50.52 47.55
C ALA XA 67 82.76 51.07 48.61
N HIS XA 68 81.66 50.39 48.83
CA HIS XA 68 80.77 50.81 49.88
C HIS XA 68 80.19 49.62 50.61
N LEU XA 69 80.18 49.68 51.92
CA LEU XA 69 79.57 48.64 52.72
C LEU XA 69 78.08 48.87 52.85
N ARG XA 70 77.29 47.81 52.73
CA ARG XA 70 75.87 47.92 53.00
C ARG XA 70 75.64 48.02 54.51
N ALA XA 71 74.84 48.99 54.91
CA ALA XA 71 74.49 49.16 56.31
C ALA XA 71 73.33 48.23 56.69
N SER XA 72 73.33 47.81 57.94
CA SER XA 72 72.27 46.93 58.44
C SER XA 72 72.16 47.09 59.94
N LYS XA 73 71.08 46.53 60.49
CA LYS XA 73 70.81 46.52 61.92
C LYS XA 73 70.79 45.08 62.40
N PRO XA 74 71.59 44.72 63.40
CA PRO XA 74 71.56 43.34 63.91
C PRO XA 74 70.34 43.07 64.79
N LEU XA 75 69.82 41.86 64.69
CA LEU XA 75 68.85 41.39 65.66
C LEU XA 75 69.53 41.09 66.99
N VAL XA 76 68.77 41.20 68.07
CA VAL XA 76 69.23 40.78 69.39
C VAL XA 76 68.29 39.68 69.86
N ARG XA 77 68.87 38.62 70.42
CA ARG XA 77 68.09 37.56 71.03
C ARG XA 77 68.04 37.80 72.53
N LEU XA 78 66.84 37.85 73.07
CA LEU XA 78 66.58 38.16 74.46
C LEU XA 78 66.02 36.91 75.11
N ARG XA 79 66.68 36.48 76.18
CA ARG XA 79 66.33 35.24 76.86
C ARG XA 79 66.16 35.51 78.35
N VAL XA 80 65.03 35.08 78.88
CA VAL XA 80 64.72 35.20 80.30
C VAL XA 80 64.54 33.78 80.86
N PRO XA 81 65.52 33.27 81.59
CA PRO XA 81 65.35 31.96 82.22
C PRO XA 81 64.42 32.04 83.42
N PHE XA 82 63.76 30.91 83.70
CA PHE XA 82 62.90 30.79 84.87
C PHE XA 82 62.88 29.33 85.30
N THR XA 83 62.44 29.11 86.54
CA THR XA 83 62.56 27.82 87.20
C THR XA 83 61.22 27.37 87.73
N LEU XA 84 60.79 26.17 87.36
CA LEU XA 84 59.51 25.63 87.78
C LEU XA 84 59.70 24.45 88.73
N SER XA 85 58.85 24.39 89.75
CA SER XA 85 58.78 23.21 90.61
C SER XA 85 58.18 22.04 89.84
N ARG XA 86 58.82 20.87 89.97
CA ARG XA 86 58.31 19.69 89.29
C ARG XA 86 57.06 19.13 89.97
N ASN XA 87 56.88 19.40 91.26
CA ASN XA 87 55.65 19.03 91.94
C ASN XA 87 54.45 19.77 91.38
N GLU XA 88 54.60 21.07 91.10
CA GLU XA 88 53.53 21.84 90.48
C GLU XA 88 53.22 21.33 89.08
N ILE XA 89 54.24 20.89 88.35
CA ILE XA 89 54.04 20.31 87.02
C ILE XA 89 53.28 19.00 87.12
N ASP XA 90 53.66 18.15 88.08
CA ASP XA 90 52.98 16.87 88.28
C ASP XA 90 51.55 17.03 88.78
N ASP XA 91 51.25 18.13 89.47
CA ASP XA 91 49.90 18.39 89.96
C ASP XA 91 48.88 18.55 88.84
N VAL XA 92 49.32 18.97 87.65
CA VAL XA 92 48.39 19.35 86.58
C VAL XA 92 47.66 18.12 86.03
N GLU XA 93 48.36 17.00 85.88
CA GLU XA 93 47.69 15.80 85.34
C GLU XA 93 46.69 15.25 86.37
N ARG XA 94 47.00 15.38 87.66
CA ARG XA 94 46.07 14.96 88.68
C ARG XA 94 44.83 15.83 88.78
N GLY XA 95 44.80 16.97 88.08
CA GLY XA 95 43.63 17.82 88.05
C GLY XA 95 43.71 19.09 88.85
N SER XA 96 44.89 19.46 89.34
CA SER XA 96 45.05 20.73 90.03
C SER XA 96 44.87 21.87 89.05
N LYS XA 97 44.27 22.97 89.52
CA LYS XA 97 44.06 24.16 88.72
C LYS XA 97 44.65 25.39 89.38
N ASP XA 98 45.47 25.20 90.42
CA ASP XA 98 46.12 26.32 91.08
C ASP XA 98 47.64 26.11 91.14
N SER XA 99 48.20 25.43 90.15
CA SER XA 99 49.63 25.19 90.10
C SER XA 99 50.39 26.51 89.99
N ASP XA 100 51.50 26.58 90.72
CA ASP XA 100 52.24 27.83 90.88
C ASP XA 100 52.97 28.20 89.59
N TRP XA 101 52.38 29.09 88.81
CA TRP XA 101 53.01 29.53 87.58
C TRP XA 101 53.55 30.94 87.75
N GLU XA 102 53.86 31.32 88.98
CA GLU XA 102 54.44 32.63 89.24
C GLU XA 102 55.77 32.87 88.50
N PRO XA 103 56.67 31.86 88.43
CA PRO XA 103 57.91 32.16 87.69
C PRO XA 103 57.61 32.40 86.22
N VAL XA 104 56.68 31.65 85.62
CA VAL XA 104 56.30 31.91 84.24
C VAL XA 104 55.77 33.33 84.09
N LYS XA 105 54.95 33.79 85.04
CA LYS XA 105 54.41 35.13 84.97
C LYS XA 105 55.49 36.19 85.16
N GLU XA 106 56.44 35.94 86.05
CA GLU XA 106 57.55 36.89 86.24
C GLU XA 106 58.46 36.92 85.03
N ALA XA 107 58.70 35.79 84.38
CA ALA XA 107 59.50 35.77 83.16
C ALA XA 107 58.80 36.48 82.02
N ALA XA 108 57.48 36.28 81.88
CA ALA XA 108 56.74 36.96 80.82
C ALA XA 108 56.68 38.47 81.07
N LYS XA 109 56.51 38.87 82.32
CA LYS XA 109 56.51 40.29 82.65
C LYS XA 109 57.88 40.91 82.40
N LYS XA 110 58.96 40.18 82.71
CA LYS XA 110 60.30 40.73 82.50
C LYS XA 110 60.64 40.82 81.02
N LEU XA 111 60.24 39.80 80.24
CA LEU XA 111 60.47 39.83 78.77
C LEU XA 111 59.68 40.99 78.16
N ALA XA 112 58.41 41.14 78.54
CA ALA XA 112 57.59 42.23 78.03
C ALA XA 112 58.19 43.59 78.39
N PHE XA 113 58.71 43.72 79.62
CA PHE XA 113 59.34 44.95 80.04
C PHE XA 113 60.59 45.26 79.23
N VAL XA 114 61.40 44.25 78.96
CA VAL XA 114 62.58 44.46 78.15
C VAL XA 114 62.17 44.92 76.75
N GLU XA 115 61.24 44.20 76.12
CA GLU XA 115 60.83 44.56 74.76
C GLU XA 115 60.29 45.98 74.68
N ASP XA 116 59.44 46.36 75.63
CA ASP XA 116 58.87 47.72 75.61
C ASP XA 116 59.92 48.77 75.90
N ARG XA 117 60.83 48.51 76.84
CA ARG XA 117 61.87 49.48 77.12
C ARG XA 117 62.88 49.57 75.99
N THR XA 118 63.04 48.49 75.22
CA THR XA 118 63.89 48.54 74.04
C THR XA 118 63.25 49.38 72.94
N ILE XA 119 61.95 49.21 72.72
CA ILE XA 119 61.25 49.99 71.71
C ILE XA 119 61.23 51.47 72.07
N PHE XA 120 60.95 51.80 73.33
CA PHE XA 120 60.73 53.21 73.65
C PHE XA 120 61.95 53.94 74.21
N GLU XA 121 62.89 53.24 74.83
CA GLU XA 121 64.06 53.88 75.40
C GLU XA 121 65.36 53.43 74.74
N GLY XA 122 65.28 52.49 73.83
CA GLY XA 122 66.46 52.01 73.16
C GLY XA 122 67.38 51.07 73.90
N TYR XA 123 68.27 50.44 73.16
CA TYR XA 123 69.22 49.52 73.74
C TYR XA 123 70.44 49.80 72.92
N SER XA 124 71.29 50.67 73.42
CA SER XA 124 72.47 51.08 72.68
C SER XA 124 73.43 49.96 72.27
N ALA XA 125 73.63 48.98 73.14
CA ALA XA 125 74.51 47.87 72.84
C ALA XA 125 74.02 47.07 71.64
N ALA XA 126 72.71 47.04 71.42
CA ALA XA 126 72.13 46.40 70.25
C ALA XA 126 71.92 47.37 69.10
N SER XA 127 72.48 48.57 69.19
CA SER XA 127 72.37 49.64 68.18
C SER XA 127 70.92 50.00 67.89
N ILE XA 128 70.09 50.03 68.91
CA ILE XA 128 68.68 50.39 68.79
C ILE XA 128 68.49 51.73 69.46
N GLU XA 129 68.03 52.71 68.69
CA GLU XA 129 67.68 54.00 69.23
C GLU XA 129 66.20 53.97 69.62
N GLY XA 130 65.89 54.44 70.81
CA GLY XA 130 64.52 54.47 71.26
C GLY XA 130 63.70 55.53 70.55
N ILE XA 131 62.39 55.43 70.72
CA ILE XA 131 61.47 56.44 70.21
C ILE XA 131 61.73 57.79 70.88
N ARG XA 132 62.06 57.77 72.19
CA ARG XA 132 62.38 59.00 72.91
C ARG XA 132 63.63 59.67 72.34
N SER XA 133 64.66 58.90 72.04
CA SER XA 133 65.88 59.47 71.50
C SER XA 133 65.75 59.87 70.03
N ALA XA 134 64.97 59.12 69.25
CA ALA XA 134 64.82 59.40 67.83
C ALA XA 134 63.76 60.44 67.52
N SER XA 135 63.04 60.93 68.52
CA SER XA 135 62.02 61.94 68.28
C SER XA 135 62.68 63.29 68.02
N SER XA 136 62.22 63.97 66.97
CA SER XA 136 62.69 65.32 66.68
C SER XA 136 61.81 66.40 67.30
N ASN XA 137 60.61 66.06 67.74
CA ASN XA 137 59.75 67.01 68.42
C ASN XA 137 60.30 67.31 69.82
N PRO XA 138 60.03 68.50 70.36
CA PRO XA 138 60.57 68.84 71.68
C PRO XA 138 59.97 67.98 72.79
N ALA XA 139 60.79 67.76 73.81
CA ALA XA 139 60.36 66.99 74.96
C ALA XA 139 59.63 67.89 75.94
N LEU XA 140 58.65 67.31 76.62
CA LEU XA 140 57.82 68.05 77.56
C LEU XA 140 57.99 67.49 78.96
N THR XA 141 57.71 68.32 79.95
CA THR XA 141 57.79 67.92 81.34
C THR XA 141 56.39 67.68 81.88
N LEU XA 142 56.18 66.50 82.48
CA LEU XA 142 54.89 66.20 83.09
C LEU XA 142 54.80 66.90 84.44
N PRO XA 143 53.67 67.55 84.71
CA PRO XA 143 53.51 68.28 85.96
C PRO XA 143 53.27 67.37 87.16
N GLU XA 144 53.44 67.91 88.35
CA GLU XA 144 53.21 67.11 89.56
C GLU XA 144 51.72 66.85 89.78
N ASP XA 145 50.89 67.85 89.59
CA ASP XA 145 49.45 67.71 89.79
C ASP XA 145 48.87 66.91 88.63
N PRO XA 146 48.18 65.79 88.89
CA PRO XA 146 47.53 65.04 87.80
C PRO XA 146 46.44 65.82 87.08
N ARG XA 147 45.79 66.79 87.73
CA ARG XA 147 44.79 67.61 87.07
C ARG XA 147 45.40 68.49 85.99
N GLU XA 148 46.69 68.74 86.04
CA GLU XA 148 47.41 69.46 85.00
C GLU XA 148 48.02 68.53 83.95
N ILE XA 149 47.79 67.22 84.04
CA ILE XA 149 48.29 66.32 82.99
C ILE XA 149 47.63 66.58 81.62
N PRO XA 150 46.28 66.60 81.54
CA PRO XA 150 45.69 66.79 80.21
C PRO XA 150 46.15 68.05 79.48
N ASP XA 151 46.50 69.10 80.21
CA ASP XA 151 46.98 70.33 79.58
C ASP XA 151 48.27 70.04 78.80
N VAL XA 152 49.28 69.52 79.48
CA VAL XA 152 50.57 69.24 78.84
C VAL XA 152 50.41 68.24 77.69
N ILE XA 153 49.62 67.19 77.89
CA ILE XA 153 49.34 66.24 76.82
C ILE XA 153 48.80 66.96 75.60
N SER XA 154 47.90 67.92 75.79
CA SER XA 154 47.35 68.72 74.66
C SER XA 154 48.46 69.52 73.97
N GLN XA 155 49.45 70.00 74.70
CA GLN XA 155 50.59 70.68 74.09
C GLN XA 155 51.39 69.72 73.21
N ALA XA 156 51.51 68.47 73.64
CA ALA XA 156 52.11 67.44 72.80
C ALA XA 156 51.29 67.22 71.53
N LEU XA 157 49.96 67.25 71.66
CA LEU XA 157 49.11 67.16 70.47
C LEU XA 157 49.24 68.38 69.58
N SER XA 158 49.69 69.52 70.14
CA SER XA 158 50.00 70.64 69.29
C SER XA 158 51.24 70.36 68.43
N GLU XA 159 52.23 69.69 69.01
CA GLU XA 159 53.53 69.53 68.35
C GLU XA 159 53.43 68.60 67.13
N LEU XA 160 52.73 67.47 67.29
CA LEU XA 160 52.42 66.61 66.13
C LEU XA 160 51.58 67.34 65.10
N ARG XA 161 50.78 68.32 65.53
CA ARG XA 161 50.05 69.10 64.55
C ARG XA 161 50.97 70.10 63.86
N LEU XA 162 51.96 70.62 64.59
CA LEU XA 162 52.95 71.51 63.99
C LEU XA 162 53.97 70.75 63.16
N ALA XA 163 54.09 69.43 63.38
CA ALA XA 163 54.98 68.61 62.58
C ALA XA 163 54.33 68.17 61.28
N GLY XA 164 53.06 68.50 61.04
CA GLY XA 164 52.36 68.06 59.84
C GLY XA 164 52.17 66.56 59.85
N VAL XA 165 51.36 66.04 60.76
CA VAL XA 165 51.16 64.61 60.87
C VAL XA 165 49.68 64.28 61.06
N ASP XA 166 49.18 63.28 60.33
CA ASP XA 166 47.80 62.86 60.48
C ASP XA 166 47.69 61.55 61.24
N GLY XA 167 46.51 60.93 61.22
CA GLY XA 167 46.35 59.64 61.87
C GLY XA 167 45.81 59.65 63.29
N PRO XA 168 45.33 58.48 63.77
CA PRO XA 168 44.80 58.39 65.12
C PRO XA 168 45.98 58.56 66.08
N TYR XA 169 45.95 59.54 66.97
CA TYR XA 169 47.03 59.66 67.93
C TYR XA 169 46.82 58.78 69.17
N SER XA 170 47.88 58.21 69.73
CA SER XA 170 47.62 57.39 70.93
C SER XA 170 48.54 57.81 72.07
N VAL XA 171 48.05 57.76 73.30
CA VAL XA 171 48.85 58.19 74.43
C VAL XA 171 49.20 56.96 75.25
N LEU XA 172 50.49 56.82 75.53
CA LEU XA 172 50.98 55.71 76.34
C LEU XA 172 51.51 56.32 77.62
N LEU XA 173 51.13 55.78 78.76
CA LEU XA 173 51.52 56.33 80.04
C LEU XA 173 52.32 55.31 80.82
N SER XA 174 53.27 55.81 81.61
CA SER XA 174 53.92 54.95 82.58
C SER XA 174 52.94 54.56 83.68
N ALA XA 175 53.30 53.51 84.43
CA ALA XA 175 52.42 52.97 85.46
C ALA XA 175 52.16 53.98 86.56
N ASP XA 176 53.17 54.79 86.92
CA ASP XA 176 52.98 55.87 87.87
C ASP XA 176 51.99 56.90 87.36
N VAL XA 177 52.15 57.31 86.10
CA VAL XA 177 51.30 58.33 85.51
C VAL XA 177 49.90 57.78 85.28
N TYR XA 178 49.79 56.52 84.85
CA TYR XA 178 48.50 55.87 84.65
C TYR XA 178 47.74 55.75 85.97
N THR XA 179 48.44 55.38 87.05
CA THR XA 179 47.82 55.33 88.36
C THR XA 179 47.38 56.71 88.84
N LYS XA 180 48.22 57.73 88.61
CA LYS XA 180 47.88 59.09 89.02
C LYS XA 180 46.66 59.64 88.29
N VAL XA 181 46.55 59.40 86.99
CA VAL XA 181 45.39 59.89 86.26
C VAL XA 181 44.20 58.96 86.40
N SER XA 182 44.39 57.76 86.92
CA SER XA 182 43.29 56.86 87.19
C SER XA 182 42.63 57.15 88.53
N GLU XA 183 43.42 57.47 89.55
CA GLU XA 183 42.91 57.59 90.89
C GLU XA 183 42.43 58.99 91.25
N THR XA 184 42.84 59.99 90.49
CA THR XA 184 42.36 61.35 90.68
C THR XA 184 41.13 61.54 89.81
N SER XA 185 40.10 62.15 90.36
CA SER XA 185 38.84 62.30 89.64
C SER XA 185 38.41 63.76 89.63
N ASP XA 186 37.71 64.14 88.56
CA ASP XA 186 37.15 65.48 88.43
C ASP XA 186 35.80 65.36 87.76
N HIS XA 187 34.75 65.82 88.46
CA HIS XA 187 33.37 65.87 87.97
C HIS XA 187 32.86 64.51 87.53
N GLY XA 188 33.09 63.51 88.37
CA GLY XA 188 32.54 62.19 88.15
C GLY XA 188 33.31 61.33 87.17
N TYR XA 189 34.44 61.79 86.67
CA TYR XA 189 35.29 60.98 85.81
C TYR XA 189 36.74 61.09 86.29
N PRO XA 190 37.51 60.02 86.18
CA PRO XA 190 38.95 60.14 86.40
C PRO XA 190 39.60 60.90 85.25
N ILE XA 191 40.82 61.36 85.50
CA ILE XA 191 41.56 62.15 84.52
C ILE XA 191 41.90 61.34 83.28
N ARG XA 192 41.94 60.00 83.42
CA ARG XA 192 42.13 59.11 82.28
C ARG XA 192 41.03 59.29 81.23
N GLU XA 193 39.79 59.52 81.67
CA GLU XA 193 38.71 59.81 80.74
C GLU XA 193 38.92 61.16 80.06
N HIS XA 194 39.42 62.16 80.79
CA HIS XA 194 39.77 63.44 80.20
C HIS XA 194 40.84 63.31 79.13
N LEU XA 195 41.81 62.43 79.35
CA LEU XA 195 42.78 62.12 78.31
C LEU XA 195 42.13 61.41 77.13
N ASN XA 196 41.17 60.54 77.40
CA ASN XA 196 40.47 59.81 76.35
C ASN XA 196 39.66 60.75 75.44
N ARG XA 197 39.18 61.87 75.98
CA ARG XA 197 38.44 62.82 75.16
C ARG XA 197 39.34 63.57 74.18
N LEU XA 198 40.62 63.76 74.50
CA LEU XA 198 41.57 64.53 73.64
C LEU XA 198 41.97 63.77 72.38
N VAL XA 199 41.98 62.44 72.39
CA VAL XA 199 42.50 61.69 71.21
C VAL XA 199 41.48 60.72 70.62
N ASP XA 200 41.71 60.32 69.37
CA ASP XA 200 40.81 59.37 68.69
C ASP XA 200 41.47 58.00 68.73
N GLY XA 201 42.59 57.90 69.46
CA GLY XA 201 43.29 56.62 69.59
C GLY XA 201 42.94 55.98 70.91
N ASP XA 202 43.94 55.65 71.74
CA ASP XA 202 43.63 54.91 72.99
C ASP XA 202 44.56 55.34 74.13
N ILE XA 203 44.03 55.42 75.34
CA ILE XA 203 44.95 55.63 76.49
C ILE XA 203 45.47 54.23 76.78
N ILE XA 204 46.78 54.03 76.70
CA ILE XA 204 47.38 52.71 76.79
C ILE XA 204 48.25 52.65 78.03
N TRP XA 205 48.00 51.65 78.86
CA TRP XA 205 48.83 51.39 80.03
C TRP XA 205 50.16 50.80 79.58
N ALA XA 206 51.26 51.46 79.92
CA ALA XA 206 52.60 51.05 79.52
C ALA XA 206 53.49 51.01 80.75
N PRO XA 207 53.44 49.92 81.52
CA PRO XA 207 54.16 49.86 82.79
C PRO XA 207 55.68 49.82 82.69
N ALA XA 208 56.24 49.55 81.52
CA ALA XA 208 57.70 49.46 81.43
C ALA XA 208 58.35 50.82 81.20
N ILE XA 209 57.66 51.73 80.49
CA ILE XA 209 58.25 53.00 80.08
C ILE XA 209 58.37 53.97 81.25
N ASP XA 210 59.13 55.03 81.06
CA ASP XA 210 59.12 56.19 81.92
C ASP XA 210 58.36 57.32 81.22
N GLY XA 211 57.78 58.20 82.04
CA GLY XA 211 57.06 59.34 81.50
C GLY XA 211 55.86 58.99 80.67
N ALA XA 212 55.77 59.62 79.50
CA ALA XA 212 54.62 59.38 78.64
C ALA XA 212 55.04 59.54 77.19
N PHE XA 213 54.23 59.00 76.30
CA PHE XA 213 54.54 59.12 74.86
C PHE XA 213 53.22 59.39 74.13
N VAL XA 214 53.22 60.39 73.26
CA VAL XA 214 52.02 60.61 72.41
C VAL XA 214 52.50 60.38 70.99
N LEU XA 215 51.73 59.63 70.21
CA LEU XA 215 52.25 59.32 68.87
C LEU XA 215 51.12 58.91 67.94
N THR XA 216 51.38 58.99 66.64
CA THR XA 216 50.41 58.60 65.62
C THR XA 216 50.50 57.11 65.31
N THR XA 217 49.35 56.52 65.00
CA THR XA 217 49.31 55.11 64.64
C THR XA 217 48.82 54.96 63.22
N ARG XA 218 49.19 55.93 62.37
CA ARG XA 218 48.77 55.89 60.97
C ARG XA 218 49.44 54.74 60.20
N GLY XA 219 50.58 54.27 60.68
CA GLY XA 219 51.26 53.20 60.00
C GLY XA 219 52.54 53.67 59.33
N GLY XA 220 53.48 52.75 59.18
CA GLY XA 220 54.69 53.01 58.44
C GLY XA 220 55.71 53.90 59.12
N ASP XA 221 55.54 54.22 60.39
CA ASP XA 221 56.47 55.11 61.07
C ASP XA 221 57.38 54.36 62.01
N PHE XA 222 56.87 53.30 62.64
CA PHE XA 222 57.59 52.57 63.67
C PHE XA 222 57.49 51.10 63.32
N ASP XA 223 58.63 50.39 63.29
CA ASP XA 223 58.65 49.04 62.74
C ASP XA 223 59.42 48.14 63.69
N LEU XA 224 58.74 47.14 64.23
CA LEU XA 224 59.39 46.12 65.05
C LEU XA 224 59.64 44.91 64.17
N GLN XA 225 60.90 44.52 64.01
CA GLN XA 225 61.26 43.38 63.20
C GLN XA 225 61.54 42.17 64.07
N LEU XA 226 60.81 41.11 63.81
CA LEU XA 226 60.99 39.89 64.55
C LEU XA 226 61.62 38.81 63.74
N GLY XA 227 62.68 38.19 64.25
CA GLY XA 227 63.19 37.03 63.55
C GLY XA 227 62.30 35.90 64.00
N THR XA 228 62.23 35.71 65.32
CA THR XA 228 61.32 34.70 65.90
C THR XA 228 60.53 35.34 67.04
N ASP XA 229 59.22 35.05 67.11
CA ASP XA 229 58.38 35.58 68.20
C ASP XA 229 58.69 34.86 69.51
N VAL XA 230 57.96 35.19 70.58
CA VAL XA 230 58.21 34.59 71.92
C VAL XA 230 58.02 33.08 71.92
N ALA XA 231 59.01 32.35 72.42
CA ALA XA 231 58.96 30.90 72.47
C ALA XA 231 59.47 30.44 73.83
N ILE XA 232 59.05 29.26 74.26
CA ILE XA 232 59.50 28.70 75.52
C ILE XA 232 60.42 27.53 75.22
N GLY XA 233 61.62 27.57 75.80
CA GLY XA 233 62.63 26.55 75.57
C GLY XA 233 63.11 25.90 76.86
N TYR XA 234 63.71 24.73 76.71
CA TYR XA 234 64.13 23.92 77.84
C TYR XA 234 65.65 23.98 78.00
N ALA XA 235 66.11 24.28 79.22
CA ALA XA 235 67.56 24.39 79.46
C ALA XA 235 68.07 23.11 80.12
N SER XA 236 67.64 22.85 81.37
CA SER XA 236 68.11 21.68 82.12
C SER XA 236 67.11 21.37 83.23
N HIS XA 237 67.30 20.22 83.89
CA HIS XA 237 66.34 19.78 84.96
C HIS XA 237 67.04 18.97 86.03
N ASP XA 238 66.47 18.93 87.24
CA ASP XA 238 67.00 18.07 88.33
C ASP XA 238 65.80 17.32 88.90
N THR XA 239 65.93 16.73 90.08
CA THR XA 239 64.82 15.95 90.69
C THR XA 239 63.70 16.90 91.10
N ASP XA 240 64.04 18.13 91.46
CA ASP XA 240 63.01 19.02 92.00
C ASP XA 240 62.50 20.06 91.01
N THR XA 241 63.31 20.52 90.08
CA THR XA 241 62.96 21.69 89.30
C THR XA 241 63.29 21.49 87.82
N VAL XA 242 62.62 22.27 86.98
CA VAL XA 242 62.92 22.35 85.56
C VAL XA 242 63.29 23.80 85.24
N ARG XA 243 64.47 24.00 84.68
CA ARG XA 243 64.88 25.30 84.18
C ARG XA 243 64.45 25.45 82.73
N LEU XA 244 63.66 26.49 82.47
CA LEU XA 244 63.24 26.80 81.12
C LEU XA 244 63.58 28.25 80.82
N TYR XA 245 63.20 28.75 79.66
CA TYR XA 245 63.42 30.15 79.33
C TYR XA 245 62.35 30.62 78.37
N LEU XA 246 62.14 31.94 78.37
CA LEU XA 246 61.38 32.63 77.36
C LEU XA 246 62.38 33.30 76.43
N GLN XA 247 62.10 33.29 75.13
CA GLN XA 247 63.11 33.78 74.21
C GLN XA 247 62.45 34.43 73.01
N GLU XA 248 63.00 35.57 72.60
CA GLU XA 248 62.54 36.23 71.39
C GLU XA 248 63.69 37.01 70.78
N THR XA 249 63.71 37.11 69.45
CA THR XA 249 64.77 37.84 68.78
C THR XA 249 64.17 38.91 67.87
N LEU XA 250 64.71 40.13 67.98
CA LEU XA 250 64.07 41.29 67.38
C LEU XA 250 65.08 42.43 67.18
N THR XA 251 64.65 43.40 66.38
CA THR XA 251 65.22 44.74 66.39
C THR XA 251 64.08 45.73 66.20
N PHE XA 252 64.35 47.00 66.47
CA PHE XA 252 63.35 48.03 66.29
C PHE XA 252 63.91 49.18 65.46
N LEU XA 253 63.09 49.66 64.53
CA LEU XA 253 63.45 50.75 63.64
C LEU XA 253 62.42 51.86 63.76
N CYS XA 254 62.88 53.10 63.82
CA CYS XA 254 62.01 54.26 63.75
C CYS XA 254 62.33 54.99 62.45
N TYR XA 255 61.39 54.99 61.52
CA TYR XA 255 61.60 55.64 60.23
C TYR XA 255 61.26 57.12 60.24
N THR XA 256 60.35 57.54 61.10
CA THR XA 256 59.79 58.89 61.06
C THR XA 256 60.09 59.58 62.38
N ALA XA 257 60.97 60.57 62.34
CA ALA XA 257 61.45 61.19 63.58
C ALA XA 257 60.41 62.09 64.22
N GLU XA 258 59.50 62.65 63.44
CA GLU XA 258 58.59 63.66 63.94
C GLU XA 258 57.22 63.10 64.31
N ALA XA 259 57.09 61.78 64.37
CA ALA XA 259 55.81 61.14 64.63
C ALA XA 259 55.53 60.90 66.12
N SER XA 260 56.30 61.49 67.02
CA SER XA 260 56.12 61.19 68.43
C SER XA 260 56.61 62.34 69.31
N VAL XA 261 56.02 62.44 70.50
CA VAL XA 261 56.47 63.34 71.56
C VAL XA 261 56.68 62.52 72.83
N ALA XA 262 57.86 62.68 73.44
CA ALA XA 262 58.22 62.05 74.70
C ALA XA 262 58.04 63.03 75.84
N LEU XA 263 57.59 62.50 76.97
CA LEU XA 263 57.38 63.32 78.15
C LEU XA 263 58.13 62.69 79.31
N SER XA 264 58.64 63.51 80.21
CA SER XA 264 59.41 63.02 81.35
C SER XA 264 58.97 63.75 82.60
N HIS XA 265 59.46 63.29 83.74
CA HIS XA 265 59.14 63.91 85.02
C HIS XA 265 60.16 64.95 85.41
N MET YA 1 27.80 -72.81 51.09
CA MET YA 1 28.11 -72.91 52.51
C MET YA 1 29.59 -73.05 52.78
N ASN YA 2 29.97 -73.08 54.06
CA ASN YA 2 31.38 -73.20 54.44
C ASN YA 2 31.65 -74.45 55.29
N ASN YA 3 32.78 -74.47 56.01
CA ASN YA 3 33.11 -75.63 56.82
C ASN YA 3 32.25 -75.72 58.10
N LEU YA 4 31.70 -74.63 58.59
CA LEU YA 4 30.76 -74.68 59.71
C LEU YA 4 29.49 -75.49 59.40
N TYR YA 5 29.10 -75.57 58.13
CA TYR YA 5 27.87 -76.28 57.75
C TYR YA 5 26.70 -75.87 58.62
N ARG YA 6 26.56 -74.56 58.80
CA ARG YA 6 25.67 -74.01 59.81
C ARG YA 6 24.20 -74.20 59.41
N ASP YA 7 23.89 -74.10 58.12
CA ASP YA 7 22.53 -74.27 57.65
C ASP YA 7 22.04 -75.71 57.74
N LEU YA 8 22.94 -76.67 57.92
CA LEU YA 8 22.51 -78.05 58.09
C LEU YA 8 22.07 -78.35 59.52
N ALA YA 9 22.41 -77.49 60.46
CA ALA YA 9 22.05 -77.74 61.85
C ALA YA 9 20.56 -77.49 62.08
N PRO YA 10 19.88 -78.36 62.82
CA PRO YA 10 18.46 -78.10 63.16
C PRO YA 10 18.34 -77.11 64.31
N VAL YA 11 18.75 -75.88 64.06
CA VAL YA 11 18.77 -74.80 65.03
C VAL YA 11 18.05 -73.63 64.40
N THR YA 12 17.07 -73.06 65.10
CA THR YA 12 16.34 -71.94 64.56
C THR YA 12 17.18 -70.66 64.64
N GLU YA 13 16.69 -69.62 63.97
CA GLU YA 13 17.41 -68.36 63.92
C GLU YA 13 17.49 -67.68 65.28
N ALA YA 14 16.40 -67.72 66.04
CA ALA YA 14 16.38 -67.13 67.38
C ALA YA 14 17.27 -67.90 68.33
N ALA YA 15 17.24 -69.24 68.23
CA ALA YA 15 18.13 -70.07 69.02
C ALA YA 15 19.58 -69.82 68.65
N TRP YA 16 19.86 -69.61 67.36
CA TRP YA 16 21.22 -69.29 66.93
C TRP YA 16 21.69 -67.98 67.53
N ALA YA 17 20.83 -66.96 67.54
CA ALA YA 17 21.20 -65.68 68.12
C ALA YA 17 21.48 -65.80 69.62
N GLU YA 18 20.67 -66.58 70.34
CA GLU YA 18 20.93 -66.80 71.75
C GLU YA 18 22.23 -67.56 72.00
N ILE YA 19 22.54 -68.56 71.17
CA ILE YA 19 23.77 -69.33 71.32
C ILE YA 19 24.99 -68.46 71.03
N GLU YA 20 24.93 -67.64 69.98
CA GLU YA 20 26.02 -66.72 69.65
C GLU YA 20 26.27 -65.72 70.75
N LEU YA 21 25.18 -65.16 71.31
CA LEU YA 21 25.29 -64.20 72.41
C LEU YA 21 25.92 -64.83 73.64
N GLU YA 22 25.46 -66.03 74.01
CA GLU YA 22 25.97 -66.72 75.19
C GLU YA 22 27.45 -67.07 75.04
N ALA YA 23 27.84 -67.58 73.87
CA ALA YA 23 29.22 -67.96 73.63
C ALA YA 23 30.15 -66.75 73.62
N ALA YA 24 29.73 -65.67 72.94
CA ALA YA 24 30.56 -64.46 72.87
C ALA YA 24 30.71 -63.83 74.25
N ARG YA 25 29.63 -63.77 75.02
CA ARG YA 25 29.68 -63.20 76.36
C ARG YA 25 30.61 -63.99 77.27
N THR YA 26 30.42 -65.31 77.34
CA THR YA 26 31.21 -66.12 78.26
C THR YA 26 32.69 -66.12 77.87
N PHE YA 27 32.98 -66.10 76.58
CA PHE YA 27 34.36 -66.03 76.10
C PHE YA 27 35.09 -64.74 76.50
N LYS YA 28 34.49 -63.58 76.21
CA LYS YA 28 35.12 -62.31 76.59
C LYS YA 28 35.41 -62.23 78.07
N ARG YA 29 34.46 -62.63 78.91
CA ARG YA 29 34.65 -62.59 80.33
C ARG YA 29 35.84 -63.39 80.78
N HIS YA 30 36.08 -64.49 80.11
CA HIS YA 30 37.18 -65.38 80.55
C HIS YA 30 38.47 -65.12 79.76
N ILE YA 31 38.46 -64.17 78.82
CA ILE YA 31 39.75 -63.88 78.18
C ILE YA 31 40.48 -62.77 78.90
N ALA YA 32 41.73 -63.03 79.29
CA ALA YA 32 42.62 -62.01 79.81
C ALA YA 32 43.71 -61.68 78.80
N GLY YA 33 44.05 -62.65 77.94
CA GLY YA 33 45.21 -62.51 77.07
C GLY YA 33 45.07 -61.46 76.00
N ARG YA 34 43.86 -61.35 75.42
CA ARG YA 34 43.65 -60.39 74.34
C ARG YA 34 43.63 -58.95 74.82
N ARG YA 35 43.44 -58.74 76.13
CA ARG YA 35 43.47 -57.38 76.67
C ARG YA 35 44.87 -56.80 76.73
N VAL YA 36 45.90 -57.64 76.72
CA VAL YA 36 47.27 -57.17 76.88
C VAL YA 36 48.14 -57.39 75.65
N VAL YA 37 47.82 -58.32 74.77
CA VAL YA 37 48.69 -58.62 73.64
C VAL YA 37 48.12 -57.95 72.41
N ASP YA 38 48.96 -57.78 71.40
CA ASP YA 38 48.49 -57.31 70.11
C ASP YA 38 47.79 -58.44 69.40
N VAL YA 39 46.59 -58.17 68.90
CA VAL YA 39 45.76 -59.17 68.23
C VAL YA 39 45.63 -58.75 66.77
N SER YA 40 46.06 -59.63 65.88
CA SER YA 40 46.05 -59.33 64.47
C SER YA 40 44.64 -59.45 63.91
N ASP YA 41 44.46 -58.95 62.70
CA ASP YA 41 43.24 -59.25 61.96
C ASP YA 41 43.26 -60.73 61.57
N PRO YA 42 42.09 -61.35 61.40
CA PRO YA 42 42.04 -62.72 60.90
C PRO YA 42 42.62 -62.85 59.51
N GLY YA 43 43.59 -63.74 59.36
CA GLY YA 43 44.21 -63.99 58.07
C GLY YA 43 43.25 -64.63 57.09
N GLY YA 44 42.42 -65.53 57.57
CA GLY YA 44 41.51 -66.23 56.70
C GLY YA 44 41.75 -67.71 56.79
N PRO YA 45 40.88 -68.51 56.16
CA PRO YA 45 41.01 -69.97 56.26
C PRO YA 45 42.26 -70.52 55.60
N VAL YA 46 42.81 -69.85 54.59
CA VAL YA 46 43.92 -70.42 53.85
C VAL YA 46 45.23 -70.20 54.59
N THR YA 47 45.24 -69.29 55.56
CA THR YA 47 46.46 -68.94 56.28
C THR YA 47 46.90 -70.10 57.15
N ALA YA 48 48.17 -70.49 57.01
CA ALA YA 48 48.63 -71.72 57.65
C ALA YA 48 49.84 -71.50 58.54
N ALA YA 49 50.64 -70.47 58.25
CA ALA YA 49 51.86 -70.23 58.98
C ALA YA 49 52.19 -68.75 58.99
N VAL YA 50 52.98 -68.36 59.97
CA VAL YA 50 53.46 -67.00 60.10
C VAL YA 50 54.97 -67.00 59.90
N SER YA 51 55.44 -66.16 58.98
CA SER YA 51 56.87 -66.04 58.75
C SER YA 51 57.55 -65.36 59.92
N THR YA 52 58.65 -65.94 60.37
CA THR YA 52 59.47 -65.31 61.40
C THR YA 52 60.60 -64.48 60.81
N GLY YA 53 60.91 -64.70 59.53
CA GLY YA 53 61.96 -63.90 58.86
C GLY YA 53 63.33 -64.48 59.12
N ARG YA 54 63.44 -65.61 59.80
CA ARG YA 54 64.77 -66.25 60.03
C ARG YA 54 65.09 -67.27 58.93
N LEU YA 55 66.31 -67.83 58.94
CA LEU YA 55 66.76 -68.77 57.88
C LEU YA 55 67.38 -70.02 58.53
N ILE YA 56 67.17 -71.19 57.93
CA ILE YA 56 67.71 -72.43 58.47
C ILE YA 56 68.67 -73.09 57.48
N ASP YA 57 69.91 -73.29 57.90
CA ASP YA 57 70.91 -73.92 57.03
C ASP YA 57 70.55 -75.34 56.64
N VAL YA 58 70.50 -75.62 55.34
CA VAL YA 58 70.24 -77.00 54.88
C VAL YA 58 71.38 -77.53 54.04
N LYS YA 59 71.50 -78.85 53.98
CA LYS YA 59 72.59 -79.48 53.21
C LYS YA 59 72.59 -79.01 51.76
N ALA YA 60 73.66 -78.34 51.33
CA ALA YA 60 73.77 -77.82 49.97
C ALA YA 60 73.27 -78.78 48.89
N PRO YA 61 72.35 -78.31 48.03
CA PRO YA 61 71.83 -79.15 46.94
C PRO YA 61 72.96 -79.62 46.06
N THR YA 62 73.75 -78.67 45.55
CA THR YA 62 74.91 -79.03 44.73
C THR YA 62 76.12 -78.18 45.11
N ASN YA 63 77.21 -78.36 44.39
CA ASN YA 63 78.44 -77.59 44.65
C ASN YA 63 78.22 -76.12 44.31
N GLY YA 64 78.65 -75.24 45.20
CA GLY YA 64 78.52 -73.81 44.95
C GLY YA 64 77.12 -73.25 45.16
N VAL YA 65 76.21 -74.07 45.68
CA VAL YA 65 74.87 -73.60 45.96
C VAL YA 65 74.69 -73.49 47.45
N ILE YA 66 74.15 -72.37 47.90
CA ILE YA 66 73.94 -72.17 49.30
C ILE YA 66 72.45 -72.12 49.50
N ALA YA 67 71.93 -73.02 50.31
CA ALA YA 67 70.50 -73.10 50.50
C ALA YA 67 70.07 -72.82 51.91
N HIS YA 68 68.94 -72.15 52.04
CA HIS YA 68 68.40 -71.90 53.35
C HIS YA 68 66.90 -72.04 53.36
N LEU YA 69 66.37 -72.71 54.36
CA LEU YA 69 64.95 -72.82 54.52
C LEU YA 69 64.40 -71.62 55.26
N ARG YA 70 63.27 -71.10 54.80
CA ARG YA 70 62.59 -70.05 55.55
C ARG YA 70 61.92 -70.64 56.78
N ALA YA 71 62.14 -70.01 57.92
CA ALA YA 71 61.51 -70.44 59.16
C ALA YA 71 60.10 -69.86 59.27
N SER YA 72 59.23 -70.60 59.93
CA SER YA 72 57.85 -70.15 60.12
C SER YA 72 57.28 -70.83 61.35
N LYS YA 73 56.12 -70.33 61.78
CA LYS YA 73 55.37 -70.88 62.90
C LYS YA 73 54.03 -71.38 62.41
N PRO YA 74 53.68 -72.63 62.65
CA PRO YA 74 52.37 -73.13 62.20
C PRO YA 74 51.23 -72.65 63.10
N LEU YA 75 50.08 -72.38 62.48
CA LEU YA 75 48.86 -72.18 63.24
C LEU YA 75 48.36 -73.51 63.78
N VAL YA 76 47.63 -73.45 64.90
CA VAL YA 76 46.95 -74.60 65.45
C VAL YA 76 45.46 -74.28 65.47
N ARG YA 77 44.66 -75.24 65.03
CA ARG YA 77 43.21 -75.12 65.10
C ARG YA 77 42.73 -75.84 66.36
N LEU YA 78 42.00 -75.13 67.19
CA LEU YA 78 41.52 -75.59 68.48
C LEU YA 78 40.02 -75.71 68.40
N ARG YA 79 39.50 -76.90 68.68
CA ARG YA 79 38.09 -77.20 68.55
C ARG YA 79 37.59 -77.80 69.86
N VAL YA 80 36.51 -77.23 70.38
CA VAL YA 80 35.84 -77.71 71.57
C VAL YA 80 34.42 -78.11 71.21
N PRO YA 81 34.14 -79.41 71.09
CA PRO YA 81 32.77 -79.84 70.83
C PRO YA 81 31.89 -79.70 72.06
N PHE YA 82 30.60 -79.51 71.81
CA PHE YA 82 29.61 -79.45 72.88
C PHE YA 82 28.27 -79.93 72.35
N THR YA 83 27.38 -80.27 73.25
CA THR YA 83 26.13 -80.96 72.92
C THR YA 83 24.94 -80.21 73.50
N LEU YA 84 23.97 -79.88 72.65
CA LEU YA 84 22.79 -79.14 73.08
C LEU YA 84 21.55 -80.02 72.99
N SER YA 85 20.67 -79.87 73.98
CA SER YA 85 19.35 -80.48 73.93
C SER YA 85 18.49 -79.80 72.87
N ARG YA 86 17.82 -80.60 72.05
CA ARG YA 86 16.95 -80.03 71.02
C ARG YA 86 15.67 -79.47 71.60
N ASN YA 87 15.24 -79.96 72.77
CA ASN YA 87 14.09 -79.38 73.46
C ASN YA 87 14.38 -77.94 73.89
N GLU YA 88 15.58 -77.68 74.42
CA GLU YA 88 15.97 -76.33 74.79
C GLU YA 88 16.03 -75.42 73.57
N ILE YA 89 16.47 -75.95 72.43
CA ILE YA 89 16.50 -75.18 71.19
C ILE YA 89 15.09 -74.85 70.73
N ASP YA 90 14.17 -75.83 70.80
CA ASP YA 90 12.79 -75.62 70.41
C ASP YA 90 12.06 -74.68 71.35
N ASP YA 91 12.48 -74.58 72.61
CA ASP YA 91 11.86 -73.69 73.58
C ASP YA 91 12.00 -72.21 73.20
N VAL YA 92 13.05 -71.86 72.44
CA VAL YA 92 13.39 -70.46 72.20
C VAL YA 92 12.34 -69.79 71.32
N GLU YA 93 11.84 -70.49 70.31
CA GLU YA 93 10.83 -69.86 69.41
C GLU YA 93 9.51 -69.69 70.17
N ARG YA 94 9.20 -70.61 71.08
CA ARG YA 94 8.00 -70.47 71.89
C ARG YA 94 8.09 -69.34 72.90
N GLY YA 95 9.25 -68.73 73.08
CA GLY YA 95 9.41 -67.59 73.95
C GLY YA 95 10.09 -67.86 75.27
N SER YA 96 10.69 -69.02 75.46
CA SER YA 96 11.47 -69.29 76.66
C SER YA 96 12.71 -68.41 76.69
N LYS YA 97 13.08 -67.97 77.89
CA LYS YA 97 14.27 -67.15 78.09
C LYS YA 97 15.21 -67.76 79.11
N ASP YA 98 14.97 -69.03 79.47
CA ASP YA 98 15.87 -69.72 80.40
C ASP YA 98 16.37 -71.04 79.81
N SER YA 99 16.51 -71.09 78.49
CA SER YA 99 16.99 -72.30 77.82
C SER YA 99 18.41 -72.63 78.29
N ASP YA 100 18.66 -73.92 78.48
CA ASP YA 100 19.89 -74.38 79.09
C ASP YA 100 21.06 -74.24 78.13
N TRP YA 101 21.82 -73.16 78.29
CA TRP YA 101 22.99 -72.95 77.44
C TRP YA 101 24.26 -73.23 78.23
N GLU YA 102 24.16 -74.07 79.24
CA GLU YA 102 25.34 -74.46 80.01
C GLU YA 102 26.45 -75.12 79.18
N PRO YA 103 26.10 -76.01 78.22
CA PRO YA 103 27.21 -76.58 77.44
C PRO YA 103 27.90 -75.50 76.61
N VAL YA 104 27.15 -74.55 76.05
CA VAL YA 104 27.77 -73.45 75.33
C VAL YA 104 28.71 -72.67 76.24
N LYS YA 105 28.29 -72.42 77.47
CA LYS YA 105 29.12 -71.69 78.43
C LYS YA 105 30.36 -72.49 78.82
N GLU YA 106 30.21 -73.81 79.00
CA GLU YA 106 31.36 -74.64 79.33
C GLU YA 106 32.34 -74.74 78.16
N ALA YA 107 31.82 -74.80 76.93
CA ALA YA 107 32.69 -74.83 75.77
C ALA YA 107 33.43 -73.50 75.59
N ALA YA 108 32.75 -72.38 75.82
CA ALA YA 108 33.40 -71.07 75.71
C ALA YA 108 34.43 -70.88 76.81
N LYS YA 109 34.14 -71.33 78.01
CA LYS YA 109 35.11 -71.25 79.10
C LYS YA 109 36.32 -72.14 78.82
N LYS YA 110 36.10 -73.32 78.25
CA LYS YA 110 37.22 -74.22 77.97
C LYS YA 110 38.09 -73.69 76.83
N LEU YA 111 37.44 -73.13 75.80
CA LEU YA 111 38.20 -72.54 74.66
C LEU YA 111 39.01 -71.35 75.18
N ALA YA 112 38.40 -70.48 75.98
CA ALA YA 112 39.10 -69.33 76.53
C ALA YA 112 40.28 -69.76 77.40
N PHE YA 113 40.08 -70.83 78.19
CA PHE YA 113 41.15 -71.35 79.04
C PHE YA 113 42.30 -71.88 78.21
N VAL YA 114 42.00 -72.59 77.13
CA VAL YA 114 43.05 -73.10 76.26
C VAL YA 114 43.82 -71.93 75.66
N GLU YA 115 43.11 -70.96 75.09
CA GLU YA 115 43.79 -69.84 74.44
C GLU YA 115 44.70 -69.09 75.42
N ASP YA 116 44.20 -68.81 76.63
CA ASP YA 116 45.00 -68.08 77.61
C ASP YA 116 46.19 -68.92 78.11
N ARG YA 117 45.99 -70.23 78.32
CA ARG YA 117 47.09 -71.06 78.76
C ARG YA 117 48.10 -71.27 77.65
N THR YA 118 47.67 -71.18 76.39
CA THR YA 118 48.60 -71.25 75.27
C THR YA 118 49.43 -69.98 75.18
N ILE YA 119 48.81 -68.83 75.37
CA ILE YA 119 49.55 -67.57 75.33
C ILE YA 119 50.54 -67.47 76.49
N PHE YA 120 50.12 -67.84 77.70
CA PHE YA 120 50.98 -67.58 78.85
C PHE YA 120 51.86 -68.76 79.27
N GLU YA 121 51.47 -69.99 78.99
CA GLU YA 121 52.25 -71.15 79.39
C GLU YA 121 52.77 -71.95 78.21
N GLY YA 122 52.41 -71.56 77.00
CA GLY YA 122 52.85 -72.27 75.85
C GLY YA 122 52.20 -73.60 75.50
N TYR YA 123 52.43 -74.05 74.29
CA TYR YA 123 51.89 -75.31 73.83
C TYR YA 123 53.02 -75.83 73.00
N SER YA 124 53.86 -76.65 73.59
CA SER YA 124 55.04 -77.15 72.91
C SER YA 124 54.77 -77.94 71.61
N ALA YA 125 53.73 -78.74 71.59
CA ALA YA 125 53.38 -79.52 70.41
C ALA YA 125 53.05 -78.61 69.23
N ALA YA 126 52.53 -77.42 69.49
CA ALA YA 126 52.27 -76.43 68.46
C ALA YA 126 53.43 -75.46 68.26
N SER YA 127 54.59 -75.75 68.86
CA SER YA 127 55.81 -74.93 68.80
C SER YA 127 55.57 -73.51 69.30
N ILE YA 128 54.77 -73.37 70.34
CA ILE YA 128 54.47 -72.08 70.92
C ILE YA 128 55.14 -72.03 72.29
N GLU YA 129 56.03 -71.06 72.46
CA GLU YA 129 56.64 -70.81 73.76
C GLU YA 129 55.78 -69.81 74.51
N GLY YA 130 55.50 -70.11 75.77
CA GLY YA 130 54.71 -69.21 76.57
C GLY YA 130 55.47 -67.96 76.96
N ILE YA 131 54.73 -66.98 77.48
CA ILE YA 131 55.34 -65.77 78.02
C ILE YA 131 56.20 -66.10 79.23
N ARG YA 132 55.78 -67.06 80.05
CA ARG YA 132 56.57 -67.49 81.20
C ARG YA 132 57.90 -68.10 80.77
N SER YA 133 57.90 -68.93 79.74
CA SER YA 133 59.14 -69.55 79.28
C SER YA 133 60.00 -68.58 78.50
N ALA YA 134 59.41 -67.66 77.75
CA ALA YA 134 60.17 -66.73 76.92
C ALA YA 134 60.64 -65.50 77.68
N SER YA 135 60.27 -65.34 78.94
CA SER YA 135 60.70 -64.19 79.71
C SER YA 135 62.16 -64.34 80.11
N SER YA 136 62.95 -63.29 79.90
CA SER YA 136 64.34 -63.28 80.34
C SER YA 136 64.51 -62.68 81.73
N ASN YA 137 63.51 -61.98 82.26
CA ASN YA 137 63.58 -61.46 83.61
C ASN YA 137 63.46 -62.60 84.62
N PRO YA 138 64.04 -62.46 85.81
CA PRO YA 138 63.97 -63.54 86.80
C PRO YA 138 62.56 -63.80 87.29
N ALA YA 139 62.31 -65.06 87.62
CA ALA YA 139 61.01 -65.46 88.15
C ALA YA 139 60.96 -65.22 89.64
N LEU YA 140 59.78 -64.87 90.13
CA LEU YA 140 59.58 -64.56 91.53
C LEU YA 140 58.62 -65.55 92.16
N THR YA 141 58.70 -65.68 93.47
CA THR YA 141 57.83 -66.56 94.23
C THR YA 141 56.77 -65.74 94.94
N LEU YA 142 55.50 -66.10 94.74
CA LEU YA 142 54.42 -65.41 95.44
C LEU YA 142 54.34 -65.93 96.86
N PRO YA 143 54.23 -65.03 97.84
CA PRO YA 143 54.19 -65.43 99.24
C PRO YA 143 52.85 -66.03 99.65
N GLU YA 144 52.83 -66.72 100.78
CA GLU YA 144 51.59 -67.32 101.26
C GLU YA 144 50.61 -66.26 101.76
N ASP YA 145 51.10 -65.27 102.51
CA ASP YA 145 50.26 -64.23 103.05
C ASP YA 145 49.87 -63.27 101.93
N PRO YA 146 48.57 -63.05 101.68
CA PRO YA 146 48.16 -62.07 100.67
C PRO YA 146 48.58 -60.64 100.96
N ARG YA 147 48.77 -60.27 102.24
CA ARG YA 147 49.25 -58.94 102.58
C ARG YA 147 50.68 -58.70 102.12
N GLU YA 148 51.44 -59.76 101.87
CA GLU YA 148 52.76 -59.66 101.30
C GLU YA 148 52.76 -59.77 99.78
N ILE YA 149 51.61 -59.87 99.14
CA ILE YA 149 51.58 -59.90 97.68
C ILE YA 149 52.08 -58.58 97.05
N PRO YA 150 51.52 -57.41 97.46
CA PRO YA 150 51.97 -56.18 96.80
C PRO YA 150 53.48 -55.93 96.87
N ASP YA 151 54.15 -56.42 97.91
CA ASP YA 151 55.60 -56.26 98.01
C ASP YA 151 56.29 -56.96 96.84
N VAL YA 152 56.05 -58.26 96.69
CA VAL YA 152 56.68 -59.03 95.61
C VAL YA 152 56.32 -58.47 94.24
N ILE YA 153 55.07 -58.12 94.03
CA ILE YA 153 54.65 -57.48 92.77
C ILE YA 153 55.50 -56.25 92.49
N SER YA 154 55.77 -55.44 93.52
CA SER YA 154 56.62 -54.24 93.36
C SER YA 154 58.05 -54.63 92.96
N GLN YA 155 58.55 -55.76 93.43
CA GLN YA 155 59.87 -56.25 93.01
C GLN YA 155 59.86 -56.61 91.54
N ALA YA 156 58.75 -57.18 91.05
CA ALA YA 156 58.58 -57.41 89.62
C ALA YA 156 58.58 -56.10 88.85
N LEU YA 157 57.96 -55.06 89.42
CA LEU YA 157 58.00 -53.75 88.79
C LEU YA 157 59.41 -53.16 88.82
N SER YA 158 60.26 -53.61 89.75
CA SER YA 158 61.65 -53.21 89.70
C SER YA 158 62.35 -53.82 88.49
N GLU YA 159 62.02 -55.08 88.17
CA GLU YA 159 62.77 -55.82 87.17
C GLU YA 159 62.53 -55.27 85.76
N LEU YA 160 61.26 -54.98 85.43
CA LEU YA 160 60.95 -54.26 84.19
C LEU YA 160 61.59 -52.88 84.15
N ARG YA 161 61.81 -52.28 85.32
CA ARG YA 161 62.51 -51.01 85.31
C ARG YA 161 64.00 -51.23 85.10
N LEU YA 162 64.54 -52.33 85.61
CA LEU YA 162 65.94 -52.66 85.37
C LEU YA 162 66.16 -53.20 83.97
N ALA YA 163 65.10 -53.66 83.30
CA ALA YA 163 65.20 -54.11 81.92
C ALA YA 163 65.13 -52.97 80.93
N GLY YA 164 64.91 -51.74 81.39
CA GLY YA 164 64.77 -50.60 80.49
C GLY YA 164 63.51 -50.72 79.66
N VAL YA 165 62.35 -50.63 80.30
CA VAL YA 165 61.08 -50.78 79.58
C VAL YA 165 60.08 -49.72 80.02
N ASP YA 166 59.38 -49.11 79.07
CA ASP YA 166 58.38 -48.11 79.39
C ASP YA 166 56.97 -48.67 79.20
N GLY YA 167 55.97 -47.81 79.21
CA GLY YA 167 54.60 -48.25 78.96
C GLY YA 167 53.76 -48.56 80.19
N PRO YA 168 52.42 -48.62 80.00
CA PRO YA 168 51.53 -48.93 81.11
C PRO YA 168 51.78 -50.38 81.51
N TYR YA 169 52.14 -50.66 82.75
CA TYR YA 169 52.31 -52.04 83.16
C TYR YA 169 50.99 -52.68 83.62
N SER YA 170 50.78 -53.96 83.32
CA SER YA 170 49.52 -54.53 83.78
C SER YA 170 49.77 -55.83 84.54
N VAL YA 171 48.97 -56.09 85.58
CA VAL YA 171 49.18 -57.27 86.41
C VAL YA 171 48.03 -58.23 86.14
N LEU YA 172 48.38 -59.47 85.82
CA LEU YA 172 47.38 -60.50 85.59
C LEU YA 172 47.55 -61.51 86.70
N LEU YA 173 46.45 -61.91 87.32
CA LEU YA 173 46.51 -62.81 88.47
C LEU YA 173 45.73 -64.08 88.15
N SER YA 174 46.21 -65.19 88.71
CA SER YA 174 45.41 -66.41 88.68
C SER YA 174 44.19 -66.24 89.58
N ALA YA 175 43.21 -67.13 89.37
CA ALA YA 175 41.95 -67.06 90.10
C ALA YA 175 42.15 -67.25 91.60
N ASP YA 176 43.08 -68.12 91.99
CA ASP YA 176 43.43 -68.28 93.40
C ASP YA 176 44.01 -67.01 93.97
N VAL YA 177 44.95 -66.39 93.25
CA VAL YA 177 45.61 -65.18 93.71
C VAL YA 177 44.64 -64.00 93.69
N TYR YA 178 43.81 -63.91 92.65
CA TYR YA 178 42.80 -62.86 92.57
C TYR YA 178 41.79 -62.95 93.71
N THR YA 179 41.35 -64.17 94.04
CA THR YA 179 40.46 -64.38 95.17
C THR YA 179 41.14 -64.01 96.49
N LYS YA 180 42.42 -64.39 96.65
CA LYS YA 180 43.15 -64.09 97.88
C LYS YA 180 43.34 -62.59 98.08
N VAL YA 181 43.67 -61.85 97.03
CA VAL YA 181 43.84 -60.40 97.19
C VAL YA 181 42.52 -59.67 97.13
N SER YA 182 41.44 -60.33 96.73
CA SER YA 182 40.12 -59.72 96.76
C SER YA 182 39.47 -59.84 98.13
N GLU YA 183 39.64 -60.98 98.80
CA GLU YA 183 38.92 -61.25 100.03
C GLU YA 183 39.64 -60.79 101.27
N THR YA 184 40.95 -60.55 101.18
CA THR YA 184 41.70 -60.00 102.29
C THR YA 184 41.68 -58.48 102.19
N SER YA 185 41.45 -57.81 103.31
CA SER YA 185 41.32 -56.37 103.30
C SER YA 185 42.27 -55.74 104.31
N ASP YA 186 42.70 -54.52 103.99
CA ASP YA 186 43.55 -53.75 104.89
C ASP YA 186 43.14 -52.29 104.79
N HIS YA 187 42.73 -51.71 105.92
CA HIS YA 187 42.36 -50.30 106.07
C HIS YA 187 41.25 -49.90 105.11
N GLY YA 188 40.21 -50.72 105.04
CA GLY YA 188 39.03 -50.39 104.27
C GLY YA 188 39.12 -50.66 102.79
N TYR YA 189 40.21 -51.24 102.31
CA TYR YA 189 40.33 -51.64 100.93
C TYR YA 189 40.86 -53.06 100.85
N PRO YA 190 40.42 -53.83 99.87
CA PRO YA 190 41.07 -55.11 99.61
C PRO YA 190 42.45 -54.91 99.01
N ILE YA 191 43.25 -55.97 99.05
CA ILE YA 191 44.64 -55.90 98.57
C ILE YA 191 44.68 -55.69 97.06
N ARG YA 192 43.60 -56.02 96.35
CA ARG YA 192 43.49 -55.73 94.93
C ARG YA 192 43.58 -54.24 94.64
N GLU YA 193 43.01 -53.42 95.52
CA GLU YA 193 43.15 -51.96 95.37
C GLU YA 193 44.60 -51.53 95.62
N HIS YA 194 45.28 -52.16 96.58
CA HIS YA 194 46.70 -51.89 96.80
C HIS YA 194 47.54 -52.23 95.58
N LEU YA 195 47.19 -53.30 94.88
CA LEU YA 195 47.84 -53.62 93.62
C LEU YA 195 47.50 -52.57 92.55
N ASN YA 196 46.27 -52.08 92.55
CA ASN YA 196 45.84 -51.08 91.59
C ASN YA 196 46.60 -49.76 91.76
N ARG YA 197 47.02 -49.44 92.99
CA ARG YA 197 47.80 -48.22 93.20
C ARG YA 197 49.21 -48.31 92.64
N LEU YA 198 49.78 -49.50 92.55
CA LEU YA 198 51.18 -49.68 92.06
C LEU YA 198 51.32 -49.48 90.55
N VAL YA 199 50.28 -49.73 89.77
CA VAL YA 199 50.44 -49.68 88.28
C VAL YA 199 49.49 -48.70 87.63
N ASP YA 200 49.81 -48.29 86.40
CA ASP YA 200 48.94 -47.35 85.63
C ASP YA 200 48.16 -48.18 84.63
N GLY YA 201 48.27 -49.51 84.71
CA GLY YA 201 47.53 -50.39 83.81
C GLY YA 201 46.31 -50.93 84.52
N ASP YA 202 46.14 -52.26 84.57
CA ASP YA 202 44.88 -52.80 85.15
C ASP YA 202 45.14 -54.09 85.91
N ILE YA 203 44.45 -54.29 87.03
CA ILE YA 203 44.53 -55.63 87.68
C ILE YA 203 43.55 -56.46 86.88
N ILE YA 204 44.01 -57.54 86.27
CA ILE YA 204 43.22 -58.32 85.34
C ILE YA 204 43.03 -59.71 85.91
N TRP YA 205 41.77 -60.13 86.00
CA TRP YA 205 41.45 -61.48 86.42
C TRP YA 205 41.78 -62.44 85.29
N ALA YA 206 42.63 -63.42 85.56
CA ALA YA 206 43.10 -64.39 84.57
C ALA YA 206 42.94 -65.80 85.13
N PRO YA 207 41.72 -66.35 85.06
CA PRO YA 207 41.46 -67.64 85.72
C PRO YA 207 42.15 -68.84 85.10
N ALA YA 208 42.70 -68.74 83.89
CA ALA YA 208 43.34 -69.90 83.28
C ALA YA 208 44.79 -70.06 83.71
N ILE YA 209 45.50 -68.97 83.98
CA ILE YA 209 46.93 -69.01 84.23
C ILE YA 209 47.23 -69.54 85.62
N ASP YA 210 48.49 -69.88 85.86
CA ASP YA 210 49.02 -70.11 87.19
C ASP YA 210 49.85 -68.91 87.61
N GLY YA 211 49.93 -68.71 88.92
CA GLY YA 211 50.72 -67.62 89.45
C GLY YA 211 50.28 -66.24 89.05
N ALA YA 212 51.23 -65.43 88.60
CA ALA YA 212 50.90 -64.07 88.22
C ALA YA 212 51.84 -63.61 87.12
N PHE YA 213 51.43 -62.56 86.42
CA PHE YA 213 52.28 -62.03 85.35
C PHE YA 213 52.22 -60.51 85.41
N VAL YA 214 53.37 -59.86 85.38
CA VAL YA 214 53.38 -58.37 85.31
C VAL YA 214 54.02 -58.05 83.97
N LEU YA 215 53.43 -57.14 83.22
CA LEU YA 215 53.99 -56.91 81.87
C LEU YA 215 53.57 -55.55 81.33
N THR YA 216 54.30 -55.06 80.35
CA THR YA 216 54.01 -53.79 79.70
C THR YA 216 53.01 -53.97 78.56
N THR YA 217 52.17 -52.97 78.38
CA THR YA 217 51.20 -53.00 77.28
C THR YA 217 51.49 -51.86 76.33
N ARG YA 218 52.76 -51.53 76.15
CA ARG YA 218 53.15 -50.45 75.25
C ARG YA 218 52.90 -50.80 73.79
N GLY YA 219 52.82 -52.09 73.47
CA GLY YA 219 52.59 -52.49 72.09
C GLY YA 219 53.83 -53.09 71.46
N GLY YA 220 53.60 -53.97 70.49
CA GLY YA 220 54.66 -54.52 69.69
C GLY YA 220 55.52 -55.56 70.37
N ASP YA 221 55.15 -56.04 71.56
CA ASP YA 221 55.98 -57.00 72.26
C ASP YA 221 55.39 -58.41 72.19
N PHE YA 222 54.07 -58.52 72.19
CA PHE YA 222 53.37 -59.78 72.26
C PHE YA 222 52.33 -59.78 71.15
N ASP YA 223 52.31 -60.83 70.33
CA ASP YA 223 51.50 -60.80 69.12
C ASP YA 223 50.74 -62.12 69.02
N LEU YA 224 49.41 -62.03 69.04
CA LEU YA 224 48.55 -63.18 68.81
C LEU YA 224 48.10 -63.14 67.35
N GLN YA 225 48.43 -64.17 66.59
CA GLN YA 225 48.05 -64.23 65.19
C GLN YA 225 46.86 -65.15 65.00
N LEU YA 226 45.81 -64.61 64.44
CA LEU YA 226 44.62 -65.38 64.18
C LEU YA 226 44.43 -65.67 62.74
N GLY YA 227 44.19 -66.91 62.38
CA GLY YA 227 43.81 -67.19 61.00
C GLY YA 227 42.33 -66.89 60.96
N THR YA 228 41.59 -67.58 61.83
CA THR YA 228 40.13 -67.32 61.95
C THR YA 228 39.79 -67.16 63.43
N ASP YA 229 38.94 -66.18 63.75
CA ASP YA 229 38.50 -65.95 65.15
C ASP YA 229 37.52 -67.04 65.57
N VAL YA 230 36.98 -66.94 66.79
CA VAL YA 230 36.04 -67.98 67.33
C VAL YA 230 34.78 -68.09 66.48
N ALA YA 231 34.44 -69.31 66.07
CA ALA YA 231 33.26 -69.57 65.27
C ALA YA 231 32.55 -70.79 65.80
N ILE YA 232 31.25 -70.88 65.56
CA ILE YA 232 30.47 -72.02 65.99
C ILE YA 232 30.12 -72.85 64.76
N GLY YA 233 30.43 -74.15 64.80
CA GLY YA 233 30.18 -75.03 63.68
C GLY YA 233 29.34 -76.24 64.07
N TYR YA 234 28.76 -76.87 63.07
CA TYR YA 234 27.83 -77.97 63.25
C TYR YA 234 28.49 -79.30 62.90
N ALA YA 235 28.41 -80.27 63.80
CA ALA YA 235 29.05 -81.59 63.56
C ALA YA 235 27.99 -82.59 63.10
N SER YA 236 27.06 -82.95 63.99
CA SER YA 236 26.03 -83.95 63.69
C SER YA 236 24.85 -83.77 64.64
N HIS YA 237 23.75 -84.48 64.38
CA HIS YA 237 22.52 -84.35 65.22
C HIS YA 237 21.74 -85.65 65.28
N ASP YA 238 20.93 -85.83 66.33
CA ASP YA 238 20.02 -87.00 66.42
C ASP YA 238 18.65 -86.45 66.80
N THR YA 239 17.74 -87.30 67.26
CA THR YA 239 16.37 -86.84 67.62
C THR YA 239 16.43 -85.96 68.86
N ASP YA 240 17.39 -86.21 69.75
CA ASP YA 240 17.39 -85.49 71.01
C ASP YA 240 18.39 -84.35 71.09
N THR YA 241 19.52 -84.43 70.41
CA THR YA 241 20.62 -83.52 70.66
C THR YA 241 21.24 -83.05 69.35
N VAL YA 242 21.91 -81.89 69.43
CA VAL YA 242 22.72 -81.37 68.35
C VAL YA 242 24.15 -81.24 68.85
N ARG YA 243 25.09 -81.88 68.16
CA ARG YA 243 26.51 -81.71 68.44
C ARG YA 243 27.06 -80.56 67.62
N LEU YA 244 27.63 -79.59 68.32
CA LEU YA 244 28.26 -78.45 67.66
C LEU YA 244 29.67 -78.32 68.20
N TYR YA 245 30.39 -77.29 67.78
CA TYR YA 245 31.74 -77.05 68.30
C TYR YA 245 32.04 -75.56 68.25
N LEU YA 246 32.97 -75.15 69.10
CA LEU YA 246 33.60 -73.86 69.04
C LEU YA 246 34.98 -74.06 68.42
N GLN YA 247 35.41 -73.14 67.57
CA GLN YA 247 36.64 -73.38 66.84
C GLN YA 247 37.37 -72.09 66.58
N GLU YA 248 38.68 -72.11 66.77
CA GLU YA 248 39.51 -70.96 66.45
C GLU YA 248 40.90 -71.45 66.07
N THR YA 249 41.56 -70.74 65.17
CA THR YA 249 42.90 -71.13 64.76
C THR YA 249 43.87 -69.95 64.94
N LEU YA 250 45.01 -70.24 65.57
CA LEU YA 250 45.90 -69.18 66.04
C LEU YA 250 47.31 -69.69 66.23
N THR YA 251 48.22 -68.73 66.38
CA THR YA 251 49.53 -68.97 66.98
C THR YA 251 49.86 -67.75 67.82
N PHE YA 252 50.87 -67.88 68.69
CA PHE YA 252 51.30 -66.77 69.52
C PHE YA 252 52.80 -66.58 69.41
N LEU YA 253 53.21 -65.32 69.30
CA LEU YA 253 54.61 -64.95 69.17
C LEU YA 253 54.97 -63.95 70.27
N CYS YA 254 56.11 -64.15 70.90
CA CYS YA 254 56.66 -63.17 71.83
C CYS YA 254 57.93 -62.61 71.22
N TYR YA 255 57.91 -61.33 70.85
CA TYR YA 255 59.06 -60.70 70.23
C TYR YA 255 60.06 -60.16 71.24
N THR YA 256 59.62 -59.79 72.43
CA THR YA 256 60.43 -59.05 73.39
C THR YA 256 60.53 -59.88 74.66
N ALA YA 257 61.72 -60.42 74.92
CA ALA YA 257 61.89 -61.36 76.03
C ALA YA 257 61.85 -60.67 77.39
N GLU YA 258 62.21 -59.40 77.47
CA GLU YA 258 62.38 -58.73 78.75
C GLU YA 258 61.16 -57.89 79.14
N ALA YA 259 60.04 -58.07 78.45
CA ALA YA 259 58.86 -57.26 78.69
C ALA YA 259 57.90 -57.86 79.71
N SER YA 260 58.32 -58.88 80.45
CA SER YA 260 57.39 -59.53 81.38
C SER YA 260 58.13 -60.20 82.53
N VAL YA 261 57.43 -60.33 83.65
CA VAL YA 261 57.87 -61.09 84.81
C VAL YA 261 56.78 -62.11 85.17
N ALA YA 262 57.18 -63.37 85.31
CA ALA YA 262 56.30 -64.45 85.73
C ALA YA 262 56.50 -64.74 87.22
N LEU YA 263 55.39 -65.07 87.87
CA LEU YA 263 55.43 -65.37 89.28
C LEU YA 263 54.77 -66.71 89.50
N SER YA 264 55.25 -67.48 90.46
CA SER YA 264 54.73 -68.80 90.75
C SER YA 264 54.57 -68.97 92.25
N HIS YA 265 53.93 -70.07 92.64
CA HIS YA 265 53.72 -70.38 94.04
C HIS YA 265 54.83 -71.24 94.60
N MET ZA 1 -74.18 -14.87 48.70
CA MET ZA 1 -75.40 -15.06 47.94
C MET ZA 1 -76.39 -13.92 48.11
N ASN ZA 2 -77.51 -13.97 47.40
CA ASN ZA 2 -78.53 -12.92 47.47
C ASN ZA 2 -79.89 -13.44 47.93
N ASN ZA 3 -80.95 -12.68 47.67
CA ASN ZA 3 -82.27 -13.11 48.10
C ASN ZA 3 -82.84 -14.26 47.25
N LEU ZA 4 -82.38 -14.43 46.00
CA LEU ZA 4 -82.78 -15.59 45.20
C LEU ZA 4 -82.35 -16.93 45.81
N TYR ZA 5 -81.28 -16.94 46.61
CA TYR ZA 5 -80.76 -18.17 47.22
C TYR ZA 5 -80.63 -19.27 46.16
N ARG ZA 6 -80.04 -18.89 45.02
CA ARG ZA 6 -80.07 -19.73 43.83
C ARG ZA 6 -79.18 -20.96 43.99
N ASP ZA 7 -78.05 -20.81 44.67
CA ASP ZA 7 -77.13 -21.93 44.89
C ASP ZA 7 -77.68 -22.97 45.85
N LEU ZA 8 -78.70 -22.64 46.62
CA LEU ZA 8 -79.31 -23.63 47.50
C LEU ZA 8 -80.28 -24.54 46.77
N ALA ZA 9 -80.71 -24.17 45.56
CA ALA ZA 9 -81.67 -24.98 44.83
C ALA ZA 9 -81.00 -26.23 44.26
N PRO ZA 10 -81.63 -27.39 44.37
CA PRO ZA 10 -81.07 -28.61 43.72
C PRO ZA 10 -81.36 -28.64 42.23
N VAL ZA 11 -80.76 -27.71 41.51
CA VAL ZA 11 -80.94 -27.53 40.08
C VAL ZA 11 -79.56 -27.48 39.47
N THR ZA 12 -79.32 -28.28 38.45
CA THR ZA 12 -78.02 -28.30 37.80
C THR ZA 12 -77.85 -27.08 36.91
N GLU ZA 13 -76.61 -26.87 36.46
CA GLU ZA 13 -76.29 -25.70 35.64
C GLU ZA 13 -76.99 -25.75 34.28
N ALA ZA 14 -77.03 -26.93 33.66
CA ALA ZA 14 -77.71 -27.09 32.37
C ALA ZA 14 -79.21 -26.91 32.52
N ALA ZA 15 -79.77 -27.47 33.58
CA ALA ZA 15 -81.19 -27.27 33.87
C ALA ZA 15 -81.49 -25.80 34.15
N TRP ZA 16 -80.59 -25.11 34.84
CA TRP ZA 16 -80.77 -23.67 35.07
C TRP ZA 16 -80.78 -22.90 33.77
N ALA ZA 17 -79.87 -23.22 32.85
CA ALA ZA 17 -79.84 -22.54 31.55
C ALA ZA 17 -81.12 -22.78 30.75
N GLU ZA 18 -81.63 -24.01 30.78
CA GLU ZA 18 -82.90 -24.29 30.10
C GLU ZA 18 -84.08 -23.55 30.73
N ILE ZA 19 -84.12 -23.46 32.06
CA ILE ZA 19 -85.20 -22.75 32.75
C ILE ZA 19 -85.14 -21.26 32.46
N GLU ZA 20 -83.94 -20.67 32.48
CA GLU ZA 20 -83.77 -19.25 32.16
C GLU ZA 20 -84.20 -18.95 30.73
N LEU ZA 21 -83.80 -19.80 29.80
CA LEU ZA 21 -84.17 -19.63 28.39
C LEU ZA 21 -85.68 -19.71 28.20
N GLU ZA 22 -86.32 -20.71 28.82
CA GLU ZA 22 -87.76 -20.89 28.69
C GLU ZA 22 -88.54 -19.72 29.27
N ALA ZA 23 -88.13 -19.25 30.46
CA ALA ZA 23 -88.81 -18.14 31.12
C ALA ZA 23 -88.64 -16.84 30.35
N ALA ZA 24 -87.42 -16.56 29.88
CA ALA ZA 24 -87.17 -15.33 29.13
C ALA ZA 24 -87.93 -15.33 27.81
N ARG ZA 25 -87.94 -16.46 27.12
CA ARG ZA 25 -88.65 -16.56 25.85
C ARG ZA 25 -90.15 -16.36 26.03
N THR ZA 26 -90.76 -17.09 26.96
CA THR ZA 26 -92.21 -17.01 27.13
C THR ZA 26 -92.64 -15.62 27.60
N PHE ZA 27 -91.82 -14.99 28.45
CA PHE ZA 27 -92.11 -13.63 28.91
C PHE ZA 27 -92.11 -12.59 27.79
N LYS ZA 28 -91.05 -12.53 26.99
CA LYS ZA 28 -90.98 -11.58 25.88
C LYS ZA 28 -92.16 -11.72 24.94
N ARG ZA 29 -92.51 -12.94 24.57
CA ARG ZA 29 -93.61 -13.18 23.67
C ARG ZA 29 -94.90 -12.61 24.20
N HIS ZA 30 -95.08 -12.66 25.50
CA HIS ZA 30 -96.37 -12.20 26.08
C HIS ZA 30 -96.27 -10.76 26.57
N ILE ZA 31 -95.13 -10.10 26.43
CA ILE ZA 31 -95.15 -8.69 26.82
C ILE ZA 31 -95.47 -7.81 25.62
N ALA ZA 32 -96.48 -6.95 25.78
CA ALA ZA 32 -96.77 -5.91 24.82
C ALA ZA 32 -96.40 -4.53 25.37
N GLY ZA 33 -96.42 -4.39 26.69
CA GLY ZA 33 -96.28 -3.08 27.32
C GLY ZA 33 -94.90 -2.46 27.16
N ARG ZA 34 -93.86 -3.28 27.25
CA ARG ZA 34 -92.50 -2.76 27.16
C ARG ZA 34 -92.12 -2.32 25.75
N ARG ZA 35 -92.87 -2.78 24.75
CA ARG ZA 35 -92.62 -2.35 23.37
C ARG ZA 35 -93.05 -0.92 23.11
N VAL ZA 36 -93.94 -0.37 23.93
CA VAL ZA 36 -94.48 0.96 23.68
C VAL ZA 36 -94.12 1.97 24.75
N VAL ZA 37 -93.79 1.57 25.97
CA VAL ZA 37 -93.53 2.52 27.03
C VAL ZA 37 -92.03 2.66 27.21
N ASP ZA 38 -91.63 3.75 27.84
CA ASP ZA 38 -90.23 3.91 28.21
C ASP ZA 38 -89.94 3.04 29.41
N VAL ZA 39 -88.87 2.26 29.32
CA VAL ZA 39 -88.48 1.33 30.37
C VAL ZA 39 -87.16 1.81 30.94
N SER ZA 40 -87.15 2.07 32.25
CA SER ZA 40 -85.97 2.60 32.90
C SER ZA 40 -84.95 1.49 33.11
N ASP ZA 41 -83.73 1.89 33.46
CA ASP ZA 41 -82.77 0.93 33.97
C ASP ZA 41 -83.21 0.44 35.34
N PRO ZA 42 -82.84 -0.77 35.73
CA PRO ZA 42 -83.14 -1.24 37.09
C PRO ZA 42 -82.47 -0.40 38.16
N GLY ZA 43 -83.26 0.13 39.08
CA GLY ZA 43 -82.74 0.92 40.17
C GLY ZA 43 -81.90 0.12 41.13
N GLY ZA 44 -82.30 -1.11 41.37
CA GLY ZA 44 -81.57 -1.93 42.32
C GLY ZA 44 -82.49 -2.37 43.43
N PRO ZA 45 -82.00 -3.26 44.29
CA PRO ZA 45 -82.86 -3.78 45.37
C PRO ZA 45 -83.26 -2.75 46.41
N VAL ZA 46 -82.45 -1.70 46.60
CA VAL ZA 46 -82.73 -0.75 47.68
C VAL ZA 46 -83.78 0.25 47.25
N THR ZA 47 -84.04 0.35 45.96
CA THR ZA 47 -84.97 1.34 45.43
C THR ZA 47 -86.40 0.99 45.84
N ALA ZA 48 -87.09 1.96 46.43
CA ALA ZA 48 -88.39 1.67 47.03
C ALA ZA 48 -89.50 2.55 46.50
N ALA ZA 49 -89.16 3.75 46.02
CA ALA ZA 49 -90.17 4.69 45.58
C ALA ZA 49 -89.59 5.58 44.49
N VAL ZA 50 -90.50 6.14 43.70
CA VAL ZA 50 -90.15 7.08 42.66
C VAL ZA 50 -90.72 8.43 43.03
N SER ZA 51 -89.87 9.46 43.03
CA SER ZA 51 -90.32 10.81 43.30
C SER ZA 51 -91.17 11.34 42.16
N THR ZA 52 -92.32 11.92 42.50
CA THR ZA 52 -93.14 12.60 41.50
C THR ZA 52 -92.85 14.08 41.40
N GLY ZA 53 -92.16 14.63 42.42
CA GLY ZA 53 -91.79 16.05 42.41
C GLY ZA 53 -92.93 16.93 42.90
N ARG ZA 54 -94.03 16.35 43.36
CA ARG ZA 54 -95.15 17.18 43.91
C ARG ZA 54 -95.01 17.35 45.43
N LEU ZA 55 -95.88 18.16 46.03
CA LEU ZA 55 -95.79 18.47 47.49
C LEU ZA 55 -97.18 18.30 48.13
N ILE ZA 56 -97.23 17.82 49.37
CA ILE ZA 56 -98.49 17.60 50.07
C ILE ZA 56 -98.56 18.44 51.34
N ASP ZA 57 -99.54 19.32 51.43
CA ASP ZA 57 -99.70 20.17 52.61
C ASP ZA 57 -99.96 19.39 53.88
N VAL ZA 58 -99.12 19.59 54.90
CA VAL ZA 58 -99.35 18.94 56.20
C VAL ZA 58 -99.56 19.95 57.32
N LYS ZA 59 -100.23 19.52 58.39
CA LYS ZA 59 -100.49 20.42 59.52
C LYS ZA 59 -99.21 21.02 60.07
N ALA ZA 60 -99.09 22.36 59.99
CA ALA ZA 60 -97.90 23.06 60.46
C ALA ZA 60 -97.34 22.55 61.78
N PRO ZA 61 -96.04 22.20 61.83
CA PRO ZA 61 -95.42 21.71 63.06
C PRO ZA 61 -95.56 22.76 64.15
N THR ZA 62 -95.10 23.98 63.87
CA THR ZA 62 -95.24 25.07 64.83
C THR ZA 62 -95.67 26.35 64.14
N ASN ZA 63 -95.77 27.43 64.90
CA ASN ZA 63 -96.16 28.72 64.34
C ASN ZA 63 -95.09 29.24 63.40
N GLY ZA 64 -95.50 29.72 62.24
CA GLY ZA 64 -94.55 30.27 61.27
C GLY ZA 64 -93.76 29.23 60.50
N VAL ZA 65 -94.10 27.96 60.66
CA VAL ZA 65 -93.42 26.92 59.91
C VAL ZA 65 -94.36 26.38 58.87
N ILE ZA 66 -93.89 26.25 57.65
CA ILE ZA 66 -94.69 25.74 56.58
C ILE ZA 66 -94.10 24.43 56.19
N ALA ZA 67 -94.88 23.36 56.29
CA ALA ZA 67 -94.37 22.04 56.00
C ALA ZA 67 -95.05 21.37 54.84
N HIS ZA 68 -94.27 20.64 54.08
CA HIS ZA 68 -94.84 19.90 52.98
C HIS ZA 68 -94.19 18.55 52.84
N LEU ZA 69 -95.00 17.53 52.65
CA LEU ZA 69 -94.49 16.20 52.40
C LEU ZA 69 -94.17 16.01 50.93
N ARG ZA 70 -93.04 15.38 50.64
CA ARG ZA 70 -92.73 15.02 49.27
C ARG ZA 70 -93.60 13.84 48.84
N ALA ZA 71 -94.23 13.95 47.68
CA ALA ZA 71 -95.03 12.88 47.14
C ALA ZA 71 -94.15 11.88 46.40
N SER ZA 72 -94.56 10.61 46.43
CA SER ZA 72 -93.83 9.57 45.74
C SER ZA 72 -94.78 8.43 45.40
N LYS ZA 73 -94.29 7.51 44.57
CA LYS ZA 73 -95.02 6.31 44.17
C LYS ZA 73 -94.25 5.10 44.65
N PRO ZA 74 -94.88 4.19 45.40
CA PRO ZA 74 -94.18 2.99 45.85
C PRO ZA 74 -94.04 1.96 44.75
N LEU ZA 75 -92.91 1.25 44.76
CA LEU ZA 75 -92.78 0.06 43.93
C LEU ZA 75 -93.59 -1.07 44.53
N VAL ZA 76 -94.01 -1.99 43.67
CA VAL ZA 76 -94.66 -3.23 44.10
C VAL ZA 76 -93.79 -4.38 43.61
N ARG ZA 77 -93.57 -5.36 44.50
CA ARG ZA 77 -92.88 -6.58 44.12
C ARG ZA 77 -93.91 -7.65 43.81
N LEU ZA 78 -93.80 -8.23 42.64
CA LEU ZA 78 -94.75 -9.20 42.12
C LEU ZA 78 -94.02 -10.53 42.02
N ARG ZA 79 -94.57 -11.54 42.67
CA ARG ZA 79 -93.95 -12.86 42.76
C ARG ZA 79 -94.95 -13.92 42.32
N VAL ZA 80 -94.52 -14.76 41.39
CA VAL ZA 80 -95.31 -15.88 40.90
C VAL ZA 80 -94.56 -17.16 41.22
N PRO ZA 81 -94.99 -17.90 42.24
CA PRO ZA 81 -94.35 -19.20 42.51
C PRO ZA 81 -94.75 -20.25 41.50
N PHE ZA 82 -93.86 -21.21 41.30
CA PHE ZA 82 -94.14 -22.36 40.44
C PHE ZA 82 -93.33 -23.55 40.93
N THR ZA 83 -93.74 -24.73 40.48
CA THR ZA 83 -93.23 -25.99 41.02
C THR ZA 83 -92.72 -26.87 39.89
N LEU ZA 84 -91.47 -27.34 40.01
CA LEU ZA 84 -90.85 -28.17 39.01
C LEU ZA 84 -90.62 -29.58 39.53
N SER ZA 85 -90.85 -30.56 38.66
CA SER ZA 85 -90.48 -31.94 38.95
C SER ZA 85 -88.96 -32.09 38.96
N ARG ZA 86 -88.44 -32.76 39.98
CA ARG ZA 86 -87.00 -32.98 40.06
C ARG ZA 86 -86.53 -34.03 39.06
N ASN ZA 87 -87.42 -34.94 38.64
CA ASN ZA 87 -87.08 -35.89 37.58
C ASN ZA 87 -86.81 -35.18 36.26
N GLU ZA 88 -87.65 -34.18 35.92
CA GLU ZA 88 -87.43 -33.39 34.71
C GLU ZA 88 -86.13 -32.61 34.78
N ILE ZA 89 -85.77 -32.12 35.98
CA ILE ZA 89 -84.50 -31.41 36.16
C ILE ZA 89 -83.33 -32.37 35.98
N ASP ZA 90 -83.43 -33.57 36.54
CA ASP ZA 90 -82.38 -34.58 36.40
C ASP ZA 90 -82.24 -35.09 34.97
N ASP ZA 91 -83.31 -35.05 34.19
CA ASP ZA 91 -83.27 -35.49 32.80
C ASP ZA 91 -82.34 -34.65 31.94
N VAL ZA 92 -82.12 -33.38 32.30
CA VAL ZA 92 -81.42 -32.45 31.43
C VAL ZA 92 -79.94 -32.81 31.31
N GLU ZA 93 -79.31 -33.24 32.39
CA GLU ZA 93 -77.87 -33.59 32.33
C GLU ZA 93 -77.71 -34.88 31.51
N ARG ZA 94 -78.67 -35.80 31.59
CA ARG ZA 94 -78.61 -37.01 30.79
C ARG ZA 94 -78.82 -36.75 29.31
N GLY ZA 95 -79.22 -35.55 28.91
CA GLY ZA 95 -79.36 -35.20 27.52
C GLY ZA 95 -80.78 -35.09 27.00
N SER ZA 96 -81.78 -35.11 27.87
CA SER ZA 96 -83.15 -34.90 27.45
C SER ZA 96 -83.33 -33.48 26.94
N LYS ZA 97 -84.16 -33.33 25.92
CA LYS ZA 97 -84.47 -32.02 25.36
C LYS ZA 97 -85.96 -31.74 25.35
N ASP ZA 98 -86.74 -32.57 26.05
CA ASP ZA 98 -88.19 -32.37 26.13
C ASP ZA 98 -88.64 -32.31 27.59
N SER ZA 99 -87.79 -31.83 28.48
CA SER ZA 99 -88.13 -31.72 29.89
C SER ZA 99 -89.30 -30.76 30.07
N ASP ZA 100 -90.20 -31.14 30.98
CA ASP ZA 100 -91.46 -30.44 31.15
C ASP ZA 100 -91.27 -29.09 31.82
N TRP ZA 101 -91.21 -28.03 31.01
CA TRP ZA 101 -91.05 -26.69 31.57
C TRP ZA 101 -92.37 -25.94 31.50
N GLU ZA 102 -93.47 -26.67 31.49
CA GLU ZA 102 -94.79 -26.02 31.48
C GLU ZA 102 -95.04 -25.11 32.68
N PRO ZA 103 -94.62 -25.50 33.91
CA PRO ZA 103 -94.86 -24.56 35.01
C PRO ZA 103 -94.06 -23.28 34.82
N VAL ZA 104 -92.83 -23.37 34.32
CA VAL ZA 104 -92.06 -22.16 34.02
C VAL ZA 104 -92.79 -21.29 33.01
N LYS ZA 105 -93.36 -21.91 31.98
CA LYS ZA 105 -94.08 -21.16 30.96
C LYS ZA 105 -95.35 -20.54 31.52
N GLU ZA 106 -96.07 -21.26 32.38
CA GLU ZA 106 -97.27 -20.71 33.00
C GLU ZA 106 -96.94 -19.58 33.96
N ALA ZA 107 -95.83 -19.69 34.70
CA ALA ZA 107 -95.41 -18.61 35.57
C ALA ZA 107 -94.98 -17.37 34.79
N ALA ZA 108 -94.27 -17.57 33.69
CA ALA ZA 108 -93.86 -16.44 32.86
C ALA ZA 108 -95.06 -15.77 32.19
N LYS ZA 109 -96.02 -16.57 31.73
CA LYS ZA 109 -97.22 -16.02 31.15
C LYS ZA 109 -98.05 -15.25 32.19
N LYS ZA 110 -98.11 -15.76 33.41
CA LYS ZA 110 -98.89 -15.09 34.45
C LYS ZA 110 -98.21 -13.79 34.90
N LEU ZA 111 -96.88 -13.82 35.01
CA LEU ZA 111 -96.13 -12.59 35.39
C LEU ZA 111 -96.30 -11.54 34.29
N ALA ZA 112 -96.15 -11.95 33.02
CA ALA ZA 112 -96.34 -11.02 31.91
C ALA ZA 112 -97.74 -10.45 31.87
N PHE ZA 113 -98.74 -11.28 32.16
CA PHE ZA 113 -100.12 -10.81 32.20
C PHE ZA 113 -100.34 -9.80 33.32
N VAL ZA 114 -99.76 -10.05 34.48
CA VAL ZA 114 -99.89 -9.09 35.58
C VAL ZA 114 -99.24 -7.77 35.18
N GLU ZA 115 -98.01 -7.82 34.69
CA GLU ZA 115 -97.31 -6.59 34.34
C GLU ZA 115 -98.08 -5.77 33.30
N ASP ZA 116 -98.59 -6.43 32.26
CA ASP ZA 116 -99.33 -5.73 31.21
C ASP ZA 116 -100.66 -5.19 31.72
N ARG ZA 117 -101.36 -5.97 32.56
CA ARG ZA 117 -102.63 -5.48 33.09
C ARG ZA 117 -102.41 -4.37 34.11
N THR ZA 118 -101.26 -4.36 34.76
CA THR ZA 118 -100.92 -3.27 35.66
C THR ZA 118 -100.63 -1.99 34.87
N ILE ZA 119 -99.88 -2.10 33.77
CA ILE ZA 119 -99.59 -0.93 32.95
C ILE ZA 119 -100.86 -0.37 32.32
N PHE ZA 120 -101.72 -1.23 31.78
CA PHE ZA 120 -102.84 -0.72 30.99
C PHE ZA 120 -104.14 -0.57 31.76
N GLU ZA 121 -104.37 -1.33 32.82
CA GLU ZA 121 -105.61 -1.24 33.58
C GLU ZA 121 -105.39 -0.79 35.01
N GLY ZA 122 -104.16 -0.61 35.40
CA GLY ZA 122 -103.87 -0.18 36.75
C GLY ZA 122 -103.97 -1.19 37.87
N TYR ZA 123 -103.42 -0.82 39.02
CA TYR ZA 123 -103.46 -1.68 40.17
C TYR ZA 123 -103.66 -0.68 41.28
N SER ZA 124 -104.89 -0.46 41.66
CA SER ZA 124 -105.21 0.54 42.67
C SER ZA 124 -104.53 0.36 44.03
N ALA ZA 125 -104.41 -0.86 44.49
CA ALA ZA 125 -103.76 -1.15 45.76
C ALA ZA 125 -102.31 -0.71 45.76
N ALA ZA 126 -101.66 -0.74 44.61
CA ALA ZA 126 -100.30 -0.26 44.46
C ALA ZA 126 -100.23 1.19 44.02
N SER ZA 127 -101.37 1.90 44.05
CA SER ZA 127 -101.50 3.31 43.64
C SER ZA 127 -101.04 3.54 42.22
N ILE ZA 128 -101.34 2.61 41.33
CA ILE ZA 128 -100.99 2.72 39.92
C ILE ZA 128 -102.27 2.93 39.14
N GLU ZA 129 -102.35 4.05 38.43
CA GLU ZA 129 -103.46 4.31 37.54
C GLU ZA 129 -103.10 3.76 36.16
N GLY ZA 130 -104.03 3.03 35.56
CA GLY ZA 130 -103.78 2.49 34.24
C GLY ZA 130 -103.82 3.55 33.17
N ILE ZA 131 -103.35 3.16 31.98
CA ILE ZA 131 -103.42 4.03 30.81
C ILE ZA 131 -104.89 4.30 30.44
N ARG ZA 132 -105.75 3.30 30.60
CA ARG ZA 132 -107.18 3.47 30.33
C ARG ZA 132 -107.81 4.49 31.27
N SER ZA 133 -107.47 4.43 32.55
CA SER ZA 133 -108.03 5.38 33.50
C SER ZA 133 -107.41 6.76 33.39
N ALA ZA 134 -106.12 6.84 33.07
CA ALA ZA 134 -105.43 8.12 32.99
C ALA ZA 134 -105.60 8.82 31.65
N SER ZA 135 -106.25 8.20 30.69
CA SER ZA 135 -106.45 8.83 29.39
C SER ZA 135 -107.52 9.92 29.48
N SER ZA 136 -107.22 11.08 28.93
CA SER ZA 136 -108.20 12.17 28.86
C SER ZA 136 -109.00 12.16 27.57
N ASN ZA 137 -108.55 11.43 26.55
CA ASN ZA 137 -109.31 11.32 25.32
C ASN ZA 137 -110.54 10.45 25.54
N PRO ZA 138 -111.61 10.67 24.78
CA PRO ZA 138 -112.84 9.88 24.97
C PRO ZA 138 -112.65 8.40 24.64
N ALA ZA 139 -113.38 7.57 25.35
CA ALA ZA 139 -113.34 6.14 25.13
C ALA ZA 139 -114.29 5.76 24.00
N LEU ZA 140 -113.90 4.74 23.25
CA LEU ZA 140 -114.66 4.30 22.10
C LEU ZA 140 -115.14 2.87 22.31
N THR ZA 141 -116.20 2.51 21.61
CA THR ZA 141 -116.77 1.18 21.68
C THR ZA 141 -116.37 0.40 20.44
N LEU ZA 142 -115.80 -0.79 20.63
CA LEU ZA 142 -115.44 -1.64 19.50
C LEU ZA 142 -116.70 -2.32 19.00
N PRO ZA 143 -116.90 -2.33 17.68
CA PRO ZA 143 -118.10 -2.94 17.10
C PRO ZA 143 -118.05 -4.47 17.10
N GLU ZA 144 -119.20 -5.09 16.90
CA GLU ZA 144 -119.24 -6.56 16.87
C GLU ZA 144 -118.62 -7.10 15.59
N ASP ZA 145 -118.90 -6.49 14.46
CA ASP ZA 145 -118.38 -6.94 13.18
C ASP ZA 145 -116.91 -6.55 13.09
N PRO ZA 146 -116.00 -7.51 12.87
CA PRO ZA 146 -114.58 -7.17 12.69
C PRO ZA 146 -114.30 -6.29 11.47
N ARG ZA 147 -115.13 -6.35 10.44
CA ARG ZA 147 -114.95 -5.49 9.27
C ARG ZA 147 -115.18 -4.02 9.60
N GLU ZA 148 -115.87 -3.73 10.69
CA GLU ZA 148 -116.05 -2.38 11.18
C GLU ZA 148 -115.01 -1.98 12.22
N ILE ZA 149 -114.04 -2.85 12.51
CA ILE ZA 149 -112.98 -2.45 13.45
C ILE ZA 149 -112.11 -1.30 12.89
N PRO ZA 150 -111.56 -1.41 11.66
CA PRO ZA 150 -110.69 -0.32 11.20
C PRO ZA 150 -111.35 1.06 11.21
N ASP ZA 151 -112.67 1.14 11.04
CA ASP ZA 151 -113.35 2.42 11.08
C ASP ZA 151 -113.18 3.06 12.45
N VAL ZA 152 -113.60 2.37 13.50
CA VAL ZA 152 -113.50 2.90 14.86
C VAL ZA 152 -112.06 3.22 15.24
N ILE ZA 153 -111.13 2.34 14.91
CA ILE ZA 153 -109.71 2.61 15.14
C ILE ZA 153 -109.30 3.94 14.51
N SER ZA 154 -109.77 4.20 13.29
CA SER ZA 154 -109.47 5.48 12.61
C SER ZA 154 -110.05 6.68 13.38
N GLN ZA 155 -111.21 6.49 14.02
CA GLN ZA 155 -111.77 7.55 14.87
C GLN ZA 155 -110.87 7.83 16.06
N ALA ZA 156 -110.26 6.77 16.62
CA ALA ZA 156 -109.26 6.94 17.67
C ALA ZA 156 -108.07 7.71 17.15
N LEU ZA 157 -107.65 7.44 15.91
CA LEU ZA 157 -106.57 8.21 15.29
C LEU ZA 157 -106.98 9.65 15.06
N SER ZA 158 -108.28 9.93 14.96
CA SER ZA 158 -108.71 11.31 14.90
C SER ZA 158 -108.48 12.01 16.23
N GLU ZA 159 -108.73 11.29 17.35
CA GLU ZA 159 -108.71 11.93 18.65
C GLU ZA 159 -107.31 12.35 19.07
N LEU ZA 160 -106.31 11.48 18.86
CA LEU ZA 160 -104.91 11.86 19.03
C LEU ZA 160 -104.50 12.99 18.10
N ARG ZA 161 -105.15 13.10 16.95
CA ARG ZA 161 -104.86 14.23 16.09
C ARG ZA 161 -105.53 15.49 16.63
N LEU ZA 162 -106.71 15.34 17.23
CA LEU ZA 162 -107.36 16.49 17.86
C LEU ZA 162 -106.72 16.85 19.19
N ALA ZA 163 -105.96 15.95 19.78
CA ALA ZA 163 -105.23 16.24 21.00
C ALA ZA 163 -103.91 16.94 20.75
N GLY ZA 164 -103.53 17.14 19.48
CA GLY ZA 164 -102.25 17.74 19.15
C GLY ZA 164 -101.09 16.84 19.56
N VAL ZA 165 -100.96 15.69 18.91
CA VAL ZA 165 -99.92 14.74 19.28
C VAL ZA 165 -99.22 14.19 18.03
N ASP ZA 166 -97.89 14.13 18.06
CA ASP ZA 166 -97.14 13.57 16.93
C ASP ZA 166 -96.61 12.18 17.25
N GLY ZA 167 -95.71 11.66 16.43
CA GLY ZA 167 -95.10 10.37 16.71
C GLY ZA 167 -95.73 9.17 16.05
N PRO ZA 168 -95.00 8.04 16.01
CA PRO ZA 168 -95.52 6.83 15.40
C PRO ZA 168 -96.65 6.32 16.30
N TYR ZA 169 -97.86 6.17 15.79
CA TYR ZA 169 -98.91 5.62 16.63
C TYR ZA 169 -98.93 4.08 16.62
N SER ZA 170 -99.25 3.47 17.75
CA SER ZA 170 -99.26 2.00 17.70
C SER ZA 170 -100.57 1.45 18.25
N VAL ZA 171 -101.08 0.37 17.68
CA VAL ZA 171 -102.36 -0.18 18.10
C VAL ZA 171 -102.08 -1.50 18.81
N LEU ZA 172 -102.63 -1.63 20.02
CA LEU ZA 172 -102.49 -2.84 20.80
C LEU ZA 172 -103.89 -3.43 20.90
N LEU ZA 173 -104.02 -4.72 20.64
CA LEU ZA 173 -105.30 -5.38 20.63
C LEU ZA 173 -105.34 -6.48 21.67
N SER ZA 174 -106.51 -6.69 22.24
CA SER ZA 174 -106.71 -7.87 23.07
C SER ZA 174 -106.71 -9.12 22.19
N ALA ZA 175 -106.51 -10.28 22.85
CA ALA ZA 175 -106.41 -11.54 22.13
C ALA ZA 175 -107.68 -11.89 21.38
N ASP ZA 176 -108.85 -11.56 21.94
CA ASP ZA 176 -110.11 -11.73 21.24
C ASP ZA 176 -110.17 -10.85 19.99
N VAL ZA 177 -109.79 -9.59 20.13
CA VAL ZA 177 -109.85 -8.65 19.01
C VAL ZA 177 -108.79 -8.99 17.97
N TYR ZA 178 -107.60 -9.38 18.42
CA TYR ZA 178 -106.53 -9.79 17.52
C TYR ZA 178 -106.92 -11.03 16.71
N THR ZA 179 -107.55 -12.00 17.38
CA THR ZA 179 -108.05 -13.18 16.69
C THR ZA 179 -109.14 -12.83 15.68
N LYS ZA 180 -110.07 -11.94 16.08
CA LYS ZA 180 -111.16 -11.53 15.18
C LYS ZA 180 -110.65 -10.80 13.94
N VAL ZA 181 -109.68 -9.90 14.09
CA VAL ZA 181 -109.16 -9.21 12.92
C VAL ZA 181 -108.13 -10.02 12.17
N SER ZA 182 -107.65 -11.12 12.77
CA SER ZA 182 -106.74 -12.01 12.08
C SER ZA 182 -107.47 -13.02 11.20
N GLU ZA 183 -108.60 -13.54 11.68
CA GLU ZA 183 -109.28 -14.63 11.01
C GLU ZA 183 -110.31 -14.17 9.99
N THR ZA 184 -110.74 -12.92 10.07
CA THR ZA 184 -111.64 -12.37 9.07
C THR ZA 184 -110.80 -11.72 7.98
N SER ZA 185 -111.16 -11.97 6.72
CA SER ZA 185 -110.39 -11.49 5.60
C SER ZA 185 -111.26 -10.70 4.65
N ASP ZA 186 -110.65 -9.72 3.98
CA ASP ZA 186 -111.32 -8.92 2.96
C ASP ZA 186 -110.32 -8.65 1.85
N HIS ZA 187 -110.67 -9.09 0.64
CA HIS ZA 187 -109.90 -8.87 -0.60
C HIS ZA 187 -108.47 -9.38 -0.48
N GLY ZA 188 -108.32 -10.61 0.03
CA GLY ZA 188 -107.03 -11.26 0.07
C GLY ZA 188 -106.14 -10.86 1.22
N TYR ZA 189 -106.61 -10.03 2.14
CA TYR ZA 189 -105.86 -9.69 3.33
C TYR ZA 189 -106.76 -9.80 4.53
N PRO ZA 190 -106.22 -10.21 5.67
CA PRO ZA 190 -106.97 -10.11 6.92
C PRO ZA 190 -107.10 -8.66 7.35
N ILE ZA 191 -108.05 -8.41 8.26
CA ILE ZA 191 -108.32 -7.06 8.74
C ILE ZA 191 -107.13 -6.49 9.52
N ARG ZA 192 -106.27 -7.36 10.05
CA ARG ZA 192 -105.04 -6.93 10.70
C ARG ZA 192 -104.15 -6.14 9.75
N GLU ZA 193 -104.09 -6.54 8.48
CA GLU ZA 193 -103.35 -5.78 7.48
C GLU ZA 193 -103.99 -4.43 7.23
N HIS ZA 194 -105.33 -4.37 7.22
CA HIS ZA 194 -106.04 -3.10 7.09
C HIS ZA 194 -105.72 -2.17 8.25
N LEU ZA 195 -105.58 -2.71 9.45
CA LEU ZA 195 -105.13 -1.92 10.59
C LEU ZA 195 -103.68 -1.47 10.40
N ASN ZA 196 -102.85 -2.33 9.83
CA ASN ZA 196 -101.45 -2.01 9.59
C ASN ZA 196 -101.29 -0.85 8.60
N ARG ZA 197 -102.22 -0.71 7.66
CA ARG ZA 197 -102.15 0.41 6.71
C ARG ZA 197 -102.45 1.76 7.36
N LEU ZA 198 -103.26 1.78 8.41
CA LEU ZA 198 -103.67 3.05 9.08
C LEU ZA 198 -102.53 3.69 9.89
N VAL ZA 199 -101.59 2.91 10.41
CA VAL ZA 199 -100.56 3.49 11.32
C VAL ZA 199 -99.15 3.28 10.83
N ASP ZA 200 -98.21 4.08 11.33
CA ASP ZA 200 -96.79 3.94 10.96
C ASP ZA 200 -96.08 3.21 12.10
N GLY ZA 201 -96.86 2.74 13.08
CA GLY ZA 201 -96.29 1.98 14.20
C GLY ZA 201 -96.48 0.51 13.98
N ASP ZA 202 -97.09 -0.20 14.93
CA ASP ZA 202 -97.18 -1.67 14.78
C ASP ZA 202 -98.49 -2.21 15.34
N ILE ZA 203 -99.07 -3.22 14.70
CA ILE ZA 203 -100.24 -3.88 15.31
C ILE ZA 203 -99.60 -4.85 16.30
N ILE ZA 204 -99.91 -4.72 17.58
CA ILE ZA 204 -99.24 -5.46 18.63
C ILE ZA 204 -100.25 -6.37 19.32
N TRP ZA 205 -99.93 -7.65 19.38
CA TRP ZA 205 -100.75 -8.61 20.10
C TRP ZA 205 -100.56 -8.39 21.59
N ALA ZA 206 -101.65 -8.14 22.30
CA ALA ZA 206 -101.63 -7.85 23.73
C ALA ZA 206 -102.65 -8.73 24.43
N PRO ZA 207 -102.30 -9.99 24.72
CA PRO ZA 207 -103.29 -10.94 25.24
C PRO ZA 207 -103.76 -10.66 26.66
N ALA ZA 208 -103.10 -9.80 27.41
CA ALA ZA 208 -103.54 -9.56 28.78
C ALA ZA 208 -104.62 -8.49 28.88
N ILE ZA 209 -104.60 -7.51 27.98
CA ILE ZA 209 -105.50 -6.36 28.07
C ILE ZA 209 -106.92 -6.72 27.67
N ASP ZA 210 -107.86 -5.84 27.98
CA ASP ZA 210 -109.19 -5.86 27.41
C ASP ZA 210 -109.30 -4.77 26.36
N GLY ZA 211 -110.20 -5.00 25.39
CA GLY ZA 211 -110.42 -4.02 24.35
C GLY ZA 211 -109.24 -3.72 23.48
N ALA ZA 212 -108.97 -2.43 23.28
CA ALA ZA 212 -107.86 -2.03 22.43
C ALA ZA 212 -107.29 -0.71 22.92
N PHE ZA 213 -106.07 -0.44 22.49
CA PHE ZA 213 -105.43 0.83 22.88
C PHE ZA 213 -104.70 1.39 21.68
N VAL ZA 214 -104.91 2.66 21.38
CA VAL ZA 214 -104.11 3.30 20.29
C VAL ZA 214 -103.29 4.37 20.98
N LEU ZA 215 -102.01 4.46 20.66
CA LEU ZA 215 -101.20 5.43 21.41
C LEU ZA 215 -99.93 5.78 20.65
N THR ZA 216 -99.33 6.90 21.01
CA THR ZA 216 -98.10 7.36 20.39
C THR ZA 216 -96.88 6.77 21.09
N THR ZA 217 -95.84 6.49 20.30
CA THR ZA 217 -94.60 5.96 20.86
C THR ZA 217 -93.47 6.96 20.63
N ARG ZA 218 -93.80 8.25 20.69
CA ARG ZA 218 -92.80 9.28 20.49
C ARG ZA 218 -91.79 9.35 21.63
N GLY ZA 219 -92.16 8.84 22.81
CA GLY ZA 219 -91.26 8.87 23.93
C GLY ZA 219 -91.69 9.87 24.98
N GLY ZA 220 -91.30 9.60 26.22
CA GLY ZA 220 -91.51 10.52 27.31
C GLY ZA 220 -92.94 10.63 27.82
N ASP ZA 221 -93.84 9.77 27.38
CA ASP ZA 221 -95.23 9.88 27.81
C ASP ZA 221 -95.59 8.82 28.84
N PHE ZA 222 -95.01 7.63 28.71
CA PHE ZA 222 -95.36 6.48 29.52
C PHE ZA 222 -94.06 5.90 30.05
N ASP ZA 223 -93.97 5.69 31.36
CA ASP ZA 223 -92.68 5.35 31.98
C ASP ZA 223 -92.89 4.17 32.92
N LEU ZA 224 -92.23 3.06 32.63
CA LEU ZA 224 -92.22 1.91 33.52
C LEU ZA 224 -90.92 1.96 34.33
N GLN ZA 225 -91.04 2.05 35.64
CA GLN ZA 225 -89.87 2.09 36.52
C GLN ZA 225 -89.63 0.73 37.14
N LEU ZA 226 -88.44 0.22 36.92
CA LEU ZA 226 -88.06 -1.05 37.48
C LEU ZA 226 -87.07 -0.93 38.57
N GLY ZA 227 -87.31 -1.55 39.72
CA GLY ZA 227 -86.26 -1.58 40.72
C GLY ZA 227 -85.39 -2.73 40.29
N THR ZA 228 -85.99 -3.91 40.15
CA THR ZA 228 -85.26 -5.09 39.65
C THR ZA 228 -86.07 -5.76 38.55
N ASP ZA 229 -85.42 -6.16 37.46
CA ASP ZA 229 -86.11 -6.85 36.34
C ASP ZA 229 -86.49 -8.28 36.76
N VAL ZA 230 -87.07 -9.05 35.84
CA VAL ZA 230 -87.52 -10.44 36.15
C VAL ZA 230 -86.36 -11.34 36.57
N ALA ZA 231 -86.51 -12.01 37.70
CA ALA ZA 231 -85.47 -12.90 38.21
C ALA ZA 231 -86.13 -14.18 38.71
N ILE ZA 232 -85.37 -15.27 38.72
CA ILE ZA 232 -85.87 -16.55 39.21
C ILE ZA 232 -85.22 -16.84 40.55
N GLY ZA 233 -86.04 -17.12 41.56
CA GLY ZA 233 -85.55 -17.37 42.90
C GLY ZA 233 -86.03 -18.71 43.44
N TYR ZA 234 -85.33 -19.19 44.47
CA TYR ZA 234 -85.56 -20.50 45.04
C TYR ZA 234 -86.28 -20.37 46.38
N ALA ZA 235 -87.38 -21.11 46.55
CA ALA ZA 235 -88.16 -21.04 47.81
C ALA ZA 235 -87.82 -22.23 48.70
N SER ZA 236 -88.20 -23.43 48.27
CA SER ZA 236 -87.97 -24.65 49.06
C SER ZA 236 -88.01 -25.87 48.14
N HIS ZA 237 -87.65 -27.04 48.68
CA HIS ZA 237 -87.60 -28.28 47.86
C HIS ZA 237 -87.91 -29.52 48.69
N ASP ZA 238 -88.37 -30.59 48.05
CA ASP ZA 238 -88.59 -31.88 48.74
C ASP ZA 238 -87.93 -32.95 47.87
N THR ZA 239 -88.24 -34.23 48.08
CA THR ZA 239 -87.62 -35.32 47.29
C THR ZA 239 -88.12 -35.27 45.86
N ASP ZA 240 -89.34 -34.80 45.64
CA ASP ZA 240 -89.90 -34.86 44.30
C ASP ZA 240 -89.87 -33.55 43.54
N THR ZA 241 -89.96 -32.41 44.21
CA THR ZA 241 -90.22 -31.16 43.52
C THR ZA 241 -89.33 -30.04 44.07
N VAL ZA 242 -89.15 -29.02 43.25
CA VAL ZA 242 -88.49 -27.78 43.65
C VAL ZA 242 -89.49 -26.64 43.47
N ARG ZA 243 -89.74 -25.89 44.53
CA ARG ZA 243 -90.55 -24.68 44.45
C ARG ZA 243 -89.65 -23.49 44.17
N LEU ZA 244 -89.94 -22.80 43.08
CA LEU ZA 244 -89.20 -21.60 42.73
C LEU ZA 244 -90.20 -20.48 42.51
N TYR ZA 245 -89.74 -19.31 42.09
CA TYR ZA 245 -90.63 -18.20 41.80
C TYR ZA 245 -90.01 -17.31 40.74
N LEU ZA 246 -90.88 -16.59 40.04
CA LEU ZA 246 -90.49 -15.47 39.20
C LEU ZA 246 -90.81 -14.20 39.94
N GLN ZA 247 -89.94 -13.20 39.84
CA GLN ZA 247 -90.12 -12.04 40.69
C GLN ZA 247 -89.64 -10.79 39.96
N GLU ZA 248 -90.42 -9.73 40.07
CA GLU ZA 248 -90.02 -8.44 39.52
C GLU ZA 248 -90.66 -7.34 40.35
N THR ZA 249 -89.96 -6.20 40.48
CA THR ZA 249 -90.50 -5.09 41.24
C THR ZA 249 -90.51 -3.82 40.38
N LEU ZA 250 -91.65 -3.13 40.39
CA LEU ZA 250 -91.90 -2.07 39.42
C LEU ZA 250 -92.97 -1.12 39.91
N THR ZA 251 -93.05 0.04 39.23
CA THR ZA 251 -94.22 0.89 39.25
C THR ZA 251 -94.40 1.44 37.83
N PHE ZA 252 -95.57 1.99 37.55
CA PHE ZA 252 -95.82 2.59 36.25
C PHE ZA 252 -96.37 4.00 36.41
N LEU ZA 253 -95.87 4.91 35.59
CA LEU ZA 253 -96.26 6.31 35.60
C LEU ZA 253 -96.74 6.70 34.20
N CYS ZA 254 -97.84 7.43 34.14
CA CYS ZA 254 -98.29 8.04 32.89
C CYS ZA 254 -98.18 9.56 33.05
N TYR ZA 255 -97.27 10.16 32.30
CA TYR ZA 255 -97.07 11.60 32.39
C TYR ZA 255 -98.00 12.40 31.50
N THR ZA 256 -98.47 11.82 30.41
CA THR ZA 256 -99.20 12.55 29.37
C THR ZA 256 -100.57 11.93 29.23
N ALA ZA 257 -101.60 12.65 29.65
CA ALA ZA 257 -102.95 12.10 29.70
C ALA ZA 257 -103.58 11.95 28.32
N GLU ZA 258 -103.17 12.77 27.36
CA GLU ZA 258 -103.85 12.81 26.08
C GLU ZA 258 -103.14 12.00 25.01
N ALA ZA 259 -102.19 11.16 25.39
CA ALA ZA 259 -101.39 10.40 24.45
C ALA ZA 259 -101.98 9.03 24.11
N SER ZA 260 -103.22 8.75 24.49
CA SER ZA 260 -103.77 7.43 24.27
C SER ZA 260 -105.29 7.46 24.16
N VAL ZA 261 -105.83 6.46 23.47
CA VAL ZA 261 -107.26 6.20 23.39
C VAL ZA 261 -107.50 4.74 23.76
N ALA ZA 262 -108.42 4.51 24.70
CA ALA ZA 262 -108.83 3.19 25.13
C ALA ZA 262 -110.14 2.81 24.45
N LEU ZA 263 -110.25 1.53 24.12
CA LEU ZA 263 -111.45 1.03 23.48
C LEU ZA 263 -111.95 -0.16 24.26
N SER ZA 264 -113.26 -0.34 24.32
CA SER ZA 264 -113.86 -1.43 25.07
C SER ZA 264 -114.97 -2.07 24.24
N HIS ZA 265 -115.48 -3.18 24.74
CA HIS ZA 265 -116.54 -3.89 24.05
C HIS ZA 265 -117.91 -3.46 24.54
N MET AB 1 -65.75 -48.84 -13.26
CA MET AB 1 -65.60 -49.83 -14.31
C MET AB 1 -66.28 -49.42 -15.61
N ASN AB 2 -66.13 -50.24 -16.65
CA ASN AB 2 -66.72 -49.93 -17.96
C ASN AB 2 -67.70 -51.02 -18.42
N ASN AB 3 -67.99 -51.04 -19.73
CA ASN AB 3 -68.92 -52.04 -20.25
C ASN AB 3 -68.32 -53.45 -20.31
N LEU AB 4 -67.00 -53.59 -20.37
CA LEU AB 4 -66.37 -54.91 -20.28
C LEU AB 4 -66.62 -55.62 -18.96
N TYR AB 5 -66.87 -54.87 -17.87
CA TYR AB 5 -67.08 -55.46 -16.54
C TYR AB 5 -66.00 -56.48 -16.23
N ARG AB 6 -64.76 -56.10 -16.49
CA ARG AB 6 -63.64 -57.02 -16.48
C ARG AB 6 -63.30 -57.50 -15.08
N ASP AB 7 -63.43 -56.60 -14.08
CA ASP AB 7 -63.12 -56.96 -12.71
C ASP AB 7 -64.15 -57.90 -12.09
N LEU AB 8 -65.32 -58.05 -12.70
CA LEU AB 8 -66.30 -59.00 -12.21
C LEU AB 8 -66.00 -60.42 -12.65
N ALA AB 9 -65.14 -60.61 -13.64
CA ALA AB 9 -64.85 -61.95 -14.13
C ALA AB 9 -63.95 -62.69 -13.14
N PRO AB 10 -64.23 -63.96 -12.87
CA PRO AB 10 -63.32 -64.76 -12.02
C PRO AB 10 -62.12 -65.27 -12.79
N VAL AB 11 -61.27 -64.33 -13.21
CA VAL AB 11 -60.09 -64.58 -14.01
C VAL AB 11 -58.93 -63.89 -13.30
N THR AB 12 -57.85 -64.62 -13.07
CA THR AB 12 -56.71 -64.04 -12.40
C THR AB 12 -55.93 -63.15 -13.35
N GLU AB 13 -55.00 -62.39 -12.78
CA GLU AB 13 -54.20 -61.44 -13.56
C GLU AB 13 -53.30 -62.16 -14.56
N ALA AB 14 -52.67 -63.25 -14.15
CA ALA AB 14 -51.80 -64.02 -15.03
C ALA AB 14 -52.60 -64.68 -16.14
N ALA AB 15 -53.77 -65.23 -15.80
CA ALA AB 15 -54.66 -65.78 -16.79
C ALA AB 15 -55.15 -64.72 -17.76
N TRP AB 16 -55.42 -63.51 -17.27
CA TRP AB 16 -55.82 -62.41 -18.14
C TRP AB 16 -54.72 -62.06 -19.12
N ALA AB 17 -53.47 -62.01 -18.65
CA ALA AB 17 -52.35 -61.70 -19.53
C ALA AB 17 -52.18 -62.77 -20.61
N GLU AB 18 -52.33 -64.04 -20.25
CA GLU AB 18 -52.27 -65.11 -21.25
C GLU AB 18 -53.41 -65.04 -22.26
N ILE AB 19 -54.62 -64.72 -21.81
CA ILE AB 19 -55.77 -64.61 -22.72
C ILE AB 19 -55.59 -63.43 -23.68
N GLU AB 20 -55.12 -62.28 -23.16
CA GLU AB 20 -54.88 -61.11 -24.01
C GLU AB 20 -53.80 -61.39 -25.04
N LEU AB 21 -52.73 -62.07 -24.63
CA LEU AB 21 -51.64 -62.42 -25.55
C LEU AB 21 -52.13 -63.35 -26.65
N GLU AB 22 -52.89 -64.39 -26.28
CA GLU AB 22 -53.39 -65.36 -27.23
C GLU AB 22 -54.35 -64.72 -28.23
N ALA AB 23 -55.26 -63.88 -27.75
CA ALA AB 23 -56.24 -63.23 -28.62
C ALA AB 23 -55.57 -62.25 -29.58
N ALA AB 24 -54.64 -61.43 -29.06
CA ALA AB 24 -53.94 -60.47 -29.91
C ALA AB 24 -53.09 -61.15 -30.96
N ARG AB 25 -52.40 -62.22 -30.58
CA ARG AB 25 -51.58 -62.96 -31.53
C ARG AB 25 -52.41 -63.59 -32.63
N THR AB 26 -53.45 -64.32 -32.26
CA THR AB 26 -54.25 -65.02 -33.27
C THR AB 26 -54.97 -64.04 -34.19
N PHE AB 27 -55.41 -62.92 -33.67
CA PHE AB 27 -56.05 -61.89 -34.47
C PHE AB 27 -55.13 -61.27 -35.53
N LYS AB 28 -53.95 -60.80 -35.14
CA LYS AB 28 -53.01 -60.22 -36.09
C LYS AB 28 -52.66 -61.19 -37.22
N ARG AB 29 -52.39 -62.44 -36.88
CA ARG AB 29 -52.06 -63.44 -37.87
C ARG AB 29 -53.14 -63.58 -38.91
N HIS AB 30 -54.39 -63.45 -38.49
CA HIS AB 30 -55.49 -63.67 -39.44
C HIS AB 30 -56.01 -62.36 -40.04
N ILE AB 31 -55.43 -61.23 -39.66
CA ILE AB 31 -55.88 -60.01 -40.35
C ILE AB 31 -55.02 -59.73 -41.57
N ALA AB 32 -55.67 -59.57 -42.71
CA ALA AB 32 -55.02 -59.09 -43.93
C ALA AB 32 -55.45 -57.66 -44.25
N GLY AB 33 -56.65 -57.29 -43.82
CA GLY AB 33 -57.25 -56.03 -44.25
C GLY AB 33 -56.55 -54.80 -43.70
N ARG AB 34 -56.10 -54.86 -42.44
CA ARG AB 34 -55.46 -53.70 -41.82
C ARG AB 34 -54.07 -53.43 -42.39
N ARG AB 35 -53.47 -54.42 -43.04
CA ARG AB 35 -52.16 -54.22 -43.65
C ARG AB 35 -52.22 -53.36 -44.91
N VAL AB 36 -53.39 -53.24 -45.54
CA VAL AB 36 -53.50 -52.52 -46.79
C VAL AB 36 -54.37 -51.28 -46.71
N VAL AB 37 -55.29 -51.17 -45.76
CA VAL AB 37 -56.20 -50.04 -45.72
C VAL AB 37 -55.70 -49.06 -44.67
N ASP AB 38 -56.17 -47.82 -44.77
CA ASP AB 38 -55.90 -46.84 -43.74
C ASP AB 38 -56.78 -47.14 -42.54
N VAL AB 39 -56.17 -47.19 -41.36
CA VAL AB 39 -56.87 -47.51 -40.12
C VAL AB 39 -56.83 -46.27 -39.24
N SER AB 40 -58.01 -45.79 -38.87
CA SER AB 40 -58.11 -44.57 -38.09
C SER AB 40 -57.78 -44.85 -36.63
N ASP AB 41 -57.58 -43.79 -35.88
CA ASP AB 41 -57.54 -43.92 -34.44
C ASP AB 41 -58.93 -44.27 -33.92
N PRO AB 42 -59.02 -44.96 -32.78
CA PRO AB 42 -60.34 -45.23 -32.18
C PRO AB 42 -61.06 -43.95 -31.78
N GLY AB 43 -62.28 -43.78 -32.29
CA GLY AB 43 -63.08 -42.63 -31.96
C GLY AB 43 -63.50 -42.61 -30.50
N GLY AB 44 -63.80 -43.77 -29.96
CA GLY AB 44 -64.26 -43.84 -28.59
C GLY AB 44 -65.64 -44.47 -28.55
N PRO AB 45 -66.13 -44.74 -27.34
CA PRO AB 45 -67.43 -45.42 -27.21
C PRO AB 45 -68.60 -44.58 -27.69
N VAL AB 46 -68.51 -43.26 -27.65
CA VAL AB 46 -69.67 -42.42 -27.98
C VAL AB 46 -69.83 -42.28 -29.49
N THR AB 47 -68.78 -42.62 -30.24
CA THR AB 47 -68.79 -42.44 -31.69
C THR AB 47 -69.76 -43.43 -32.33
N ALA AB 48 -70.67 -42.91 -33.15
CA ALA AB 48 -71.76 -43.74 -33.66
C ALA AB 48 -71.84 -43.75 -35.17
N ALA AB 49 -71.35 -42.71 -35.82
CA ALA AB 49 -71.47 -42.59 -37.26
C ALA AB 49 -70.32 -41.79 -37.81
N VAL AB 50 -70.05 -41.99 -39.09
CA VAL AB 50 -69.02 -41.26 -39.82
C VAL AB 50 -69.71 -40.41 -40.87
N SER AB 51 -69.41 -39.12 -40.86
CA SER AB 51 -69.96 -38.21 -41.87
C SER AB 51 -69.34 -38.50 -43.22
N THR AB 52 -70.19 -38.59 -44.25
CA THR AB 52 -69.72 -38.72 -45.62
C THR AB 52 -69.61 -37.38 -46.32
N GLY AB 53 -70.26 -36.36 -45.76
CA GLY AB 53 -70.19 -34.99 -46.34
C GLY AB 53 -71.19 -34.81 -47.47
N ARG AB 54 -72.05 -35.80 -47.72
CA ARG AB 54 -73.09 -35.64 -48.77
C ARG AB 54 -74.41 -35.11 -48.18
N LEU AB 55 -75.39 -34.81 -49.03
CA LEU AB 55 -76.68 -34.22 -48.57
C LEU AB 55 -77.85 -34.99 -49.19
N ILE AB 56 -78.95 -35.15 -48.45
CA ILE AB 56 -80.11 -35.88 -48.94
C ILE AB 56 -81.33 -34.97 -48.98
N ASP AB 57 -81.92 -34.80 -50.16
CA ASP AB 57 -83.11 -33.97 -50.30
C ASP AB 57 -84.30 -34.48 -49.51
N VAL AB 58 -84.86 -33.63 -48.64
CA VAL AB 58 -86.07 -34.01 -47.90
C VAL AB 58 -87.23 -33.08 -48.20
N LYS AB 59 -88.46 -33.57 -47.99
CA LYS AB 59 -89.65 -32.77 -48.27
C LYS AB 59 -89.62 -31.46 -47.50
N ALA AB 60 -89.59 -30.34 -48.22
CA ALA AB 60 -89.55 -29.00 -47.61
C ALA AB 60 -90.46 -28.84 -46.40
N PRO AB 61 -89.89 -28.39 -45.25
CA PRO AB 61 -90.68 -28.19 -44.05
C PRO AB 61 -91.79 -27.20 -44.32
N THR AB 62 -91.44 -26.02 -44.83
CA THR AB 62 -92.43 -25.01 -45.18
C THR AB 62 -92.10 -24.36 -46.51
N ASN AB 63 -92.91 -23.38 -46.91
CA ASN AB 63 -92.68 -22.68 -48.17
C ASN AB 63 -91.40 -21.86 -48.10
N GLY AB 64 -90.57 -21.94 -49.12
CA GLY AB 64 -89.34 -21.17 -49.16
C GLY AB 64 -88.22 -21.73 -48.30
N VAL AB 65 -88.41 -22.91 -47.73
CA VAL AB 65 -87.37 -23.53 -46.94
C VAL AB 65 -86.81 -24.69 -47.70
N ILE AB 66 -85.50 -24.79 -47.76
CA ILE AB 66 -84.87 -25.87 -48.46
C ILE AB 66 -84.15 -26.68 -47.42
N ALA AB 67 -84.51 -27.94 -47.31
CA ALA AB 67 -83.93 -28.80 -46.29
C ALA AB 67 -83.14 -29.95 -46.83
N HIS AB 68 -82.06 -30.27 -46.16
CA HIS AB 68 -81.27 -31.40 -46.56
C HIS AB 68 -80.76 -32.16 -45.37
N LEU AB 69 -80.88 -33.46 -45.41
CA LEU AB 69 -80.33 -34.31 -44.36
C LEU AB 69 -78.86 -34.59 -44.62
N ARG AB 70 -78.06 -34.52 -43.57
CA ARG AB 70 -76.66 -34.93 -43.67
C ARG AB 70 -76.58 -36.46 -43.76
N ALA AB 71 -75.83 -36.95 -44.73
CA ALA AB 71 -75.61 -38.37 -44.89
C ALA AB 71 -74.49 -38.85 -43.97
N SER AB 72 -74.60 -40.09 -43.51
CA SER AB 72 -73.59 -40.67 -42.65
C SER AB 72 -73.62 -42.18 -42.79
N LYS AB 73 -72.59 -42.82 -42.23
CA LYS AB 73 -72.46 -44.26 -42.20
C LYS AB 73 -72.47 -44.73 -40.75
N PRO AB 74 -73.35 -45.65 -40.37
CA PRO AB 74 -73.36 -46.13 -38.98
C PRO AB 74 -72.23 -47.11 -38.72
N LEU AB 75 -71.69 -47.06 -37.51
CA LEU AB 75 -70.80 -48.11 -37.03
C LEU AB 75 -71.61 -49.36 -36.71
N VAL AB 76 -70.96 -50.51 -36.80
CA VAL AB 76 -71.53 -51.77 -36.37
C VAL AB 76 -70.63 -52.32 -35.27
N ARG AB 77 -71.25 -52.80 -34.20
CA ARG AB 77 -70.53 -53.48 -33.13
C ARG AB 77 -70.62 -54.98 -33.35
N LEU AB 78 -69.48 -55.63 -33.41
CA LEU AB 78 -69.35 -57.05 -33.70
C LEU AB 78 -68.85 -57.73 -32.46
N ARG AB 79 -69.60 -58.72 -31.98
CA ARG AB 79 -69.31 -59.42 -30.74
C ARG AB 79 -69.27 -60.91 -31.00
N VAL AB 80 -68.19 -61.56 -30.57
CA VAL AB 80 -68.02 -62.99 -30.67
C VAL AB 80 -67.88 -63.55 -29.25
N PRO AB 81 -68.92 -64.17 -28.71
CA PRO AB 81 -68.79 -64.80 -27.40
C PRO AB 81 -67.99 -66.08 -27.47
N PHE AB 82 -67.34 -66.41 -26.35
CA PHE AB 82 -66.61 -67.66 -26.21
C PHE AB 82 -66.60 -68.07 -24.74
N THR AB 83 -66.29 -69.34 -24.52
CA THR AB 83 -66.45 -69.96 -23.21
C THR AB 83 -65.15 -70.62 -22.77
N LEU AB 84 -64.69 -70.28 -21.58
CA LEU AB 84 -63.45 -70.81 -21.05
C LEU AB 84 -63.71 -71.71 -19.85
N SER AB 85 -62.97 -72.81 -19.78
CA SER AB 85 -62.96 -73.66 -18.60
C SER AB 85 -62.28 -72.94 -17.43
N ARG AB 86 -62.92 -72.98 -16.26
CA ARG AB 86 -62.33 -72.34 -15.09
C ARG AB 86 -61.15 -73.13 -14.53
N ASN AB 87 -61.10 -74.43 -14.79
CA ASN AB 87 -59.94 -75.23 -14.42
C ASN AB 87 -58.69 -74.79 -15.17
N GLU AB 88 -58.83 -74.52 -16.48
CA GLU AB 88 -57.72 -74.01 -17.27
C GLU AB 88 -57.26 -72.64 -16.77
N ILE AB 89 -58.21 -71.80 -16.35
CA ILE AB 89 -57.87 -70.49 -15.79
C ILE AB 89 -57.11 -70.65 -14.48
N ASP AB 90 -57.57 -71.56 -13.61
CA ASP AB 90 -56.91 -71.81 -12.33
C ASP AB 90 -55.53 -72.44 -12.50
N ASP AB 91 -55.31 -73.16 -13.60
CA ASP AB 91 -54.02 -73.79 -13.86
C ASP AB 91 -52.89 -72.77 -14.04
N VAL AB 92 -53.22 -71.56 -14.48
CA VAL AB 92 -52.20 -70.58 -14.88
C VAL AB 92 -51.41 -70.09 -13.67
N GLU AB 93 -52.08 -69.85 -12.55
CA GLU AB 93 -51.35 -69.37 -11.35
C GLU AB 93 -50.45 -70.48 -10.80
N ARG AB 94 -50.89 -71.73 -10.90
CA ARG AB 94 -50.04 -72.83 -10.47
C ARG AB 94 -48.83 -73.05 -11.36
N GLY AB 95 -48.75 -72.39 -12.50
CA GLY AB 95 -47.58 -72.47 -13.36
C GLY AB 95 -47.76 -73.28 -14.62
N SER AB 96 -48.98 -73.67 -14.97
CA SER AB 96 -49.21 -74.35 -16.24
C SER AB 96 -48.96 -73.40 -17.41
N LYS AB 97 -48.41 -73.95 -18.49
CA LYS AB 97 -48.15 -73.19 -19.69
C LYS AB 97 -48.81 -73.80 -20.91
N ASP AB 98 -49.71 -74.75 -20.69
CA ASP AB 98 -50.44 -75.37 -21.80
C ASP AB 98 -51.95 -75.28 -21.59
N SER AB 99 -52.41 -74.23 -20.91
CA SER AB 99 -53.83 -74.04 -20.66
C SER AB 99 -54.58 -73.88 -21.97
N ASP AB 100 -55.76 -74.51 -22.02
CA ASP AB 100 -56.52 -74.60 -23.26
C ASP AB 100 -57.14 -73.27 -23.64
N TRP AB 101 -56.47 -72.55 -24.55
CA TRP AB 101 -57.00 -71.27 -25.00
C TRP AB 101 -57.57 -71.41 -26.40
N GLU AB 102 -57.99 -72.61 -26.75
CA GLU AB 102 -58.61 -72.83 -28.07
C GLU AB 102 -59.87 -71.97 -28.31
N PRO AB 103 -60.75 -71.80 -27.28
CA PRO AB 103 -61.91 -70.95 -27.58
C PRO AB 103 -61.48 -69.52 -27.85
N VAL AB 104 -60.49 -69.00 -27.12
CA VAL AB 104 -59.96 -67.67 -27.40
C VAL AB 104 -59.45 -67.58 -28.83
N LYS AB 105 -58.73 -68.61 -29.28
CA LYS AB 105 -58.19 -68.63 -30.64
C LYS AB 105 -59.30 -68.71 -31.67
N GLU AB 106 -60.34 -69.51 -31.40
CA GLU AB 106 -61.46 -69.60 -32.33
C GLU AB 106 -62.25 -68.31 -32.39
N ALA AB 107 -62.42 -67.63 -31.25
CA ALA AB 107 -63.11 -66.35 -31.24
C ALA AB 107 -62.30 -65.27 -31.98
N ALA AB 108 -60.98 -65.26 -31.80
CA ALA AB 108 -60.15 -64.29 -32.50
C ALA AB 108 -60.12 -64.56 -33.99
N LYS AB 109 -60.08 -65.83 -34.39
CA LYS AB 109 -60.13 -66.17 -35.80
C LYS AB 109 -61.47 -65.80 -36.41
N LYS AB 110 -62.57 -66.00 -35.68
CA LYS AB 110 -63.88 -65.67 -36.21
C LYS AB 110 -64.08 -64.17 -36.31
N LEU AB 111 -63.60 -63.42 -35.31
CA LEU AB 111 -63.70 -61.93 -35.36
C LEU AB 111 -62.86 -61.41 -36.54
N ALA AB 112 -61.64 -61.92 -36.69
CA ALA AB 112 -60.78 -61.51 -37.79
C ALA AB 112 -61.42 -61.83 -39.14
N PHE AB 113 -62.06 -62.99 -39.25
CA PHE AB 113 -62.73 -63.37 -40.48
C PHE AB 113 -63.91 -62.45 -40.79
N VAL AB 114 -64.68 -62.09 -39.77
CA VAL AB 114 -65.77 -61.17 -39.98
C VAL AB 114 -65.24 -59.83 -40.46
N GLU AB 115 -64.25 -59.28 -39.76
CA GLU AB 115 -63.72 -57.97 -40.13
C GLU AB 115 -63.19 -57.96 -41.57
N ASP AB 116 -62.43 -58.99 -41.95
CA ASP AB 116 -61.88 -59.04 -43.30
C ASP AB 116 -62.96 -59.25 -44.35
N ARG AB 117 -63.96 -60.09 -44.06
CA ARG AB 117 -65.04 -60.29 -45.02
C ARG AB 117 -65.93 -59.07 -45.12
N THR AB 118 -66.00 -58.27 -44.05
CA THR AB 118 -66.74 -57.02 -44.11
C THR AB 118 -66.01 -55.99 -44.96
N ILE AB 119 -64.69 -55.90 -44.81
CA ILE AB 119 -63.91 -54.96 -45.62
C ILE AB 119 -63.93 -55.34 -47.10
N PHE AB 120 -63.77 -56.63 -47.41
CA PHE AB 120 -63.60 -56.99 -48.81
C PHE AB 120 -64.87 -57.44 -49.51
N GLU AB 121 -65.86 -57.97 -48.80
CA GLU AB 121 -67.09 -58.43 -49.43
C GLU AB 121 -68.31 -57.65 -48.98
N GLY AB 122 -68.15 -56.72 -48.06
CA GLY AB 122 -69.25 -55.95 -47.57
C GLY AB 122 -70.22 -56.58 -46.60
N TYR AB 123 -71.03 -55.75 -45.97
CA TYR AB 123 -72.02 -56.22 -45.05
C TYR AB 123 -73.17 -55.30 -45.32
N SER AB 124 -74.07 -55.73 -46.18
CA SER AB 124 -75.18 -54.89 -46.60
C SER AB 124 -76.08 -54.38 -45.47
N ALA AB 125 -76.36 -55.20 -44.48
CA ALA AB 125 -77.19 -54.80 -43.35
C ALA AB 125 -76.58 -53.65 -42.58
N ALA AB 126 -75.26 -53.55 -42.57
CA ALA AB 126 -74.56 -52.44 -41.95
C ALA AB 126 -74.25 -51.32 -42.93
N SER AB 127 -74.82 -51.38 -44.14
CA SER AB 127 -74.64 -50.39 -45.22
C SER AB 127 -73.17 -50.24 -45.59
N ILE AB 128 -72.43 -51.35 -45.61
CA ILE AB 128 -71.03 -51.35 -45.98
C ILE AB 128 -70.92 -52.06 -47.32
N GLU AB 129 -70.40 -51.34 -48.31
CA GLU AB 129 -70.11 -51.94 -49.60
C GLU AB 129 -68.67 -52.47 -49.57
N GLY AB 130 -68.49 -53.69 -50.04
CA GLY AB 130 -67.16 -54.26 -50.07
C GLY AB 130 -66.29 -53.65 -51.14
N ILE AB 131 -65.00 -53.95 -51.06
CA ILE AB 131 -64.05 -53.54 -52.09
C ILE AB 131 -64.39 -54.20 -53.42
N ARG AB 132 -64.83 -55.46 -53.37
CA ARG AB 132 -65.24 -56.17 -54.59
C ARG AB 132 -66.43 -55.50 -55.26
N SER AB 133 -67.42 -55.09 -54.49
CA SER AB 133 -68.59 -54.45 -55.06
C SER AB 133 -68.32 -53.01 -55.47
N ALA AB 134 -67.47 -52.29 -54.75
CA ALA AB 134 -67.19 -50.89 -55.03
C ALA AB 134 -66.11 -50.70 -56.09
N SER AB 135 -65.49 -51.77 -56.57
CA SER AB 135 -64.46 -51.64 -57.60
C SER AB 135 -65.10 -51.34 -58.95
N SER AB 136 -64.56 -50.35 -59.65
CA SER AB 136 -65.01 -50.03 -61.00
C SER AB 136 -64.21 -50.74 -62.08
N ASN AB 137 -63.05 -51.30 -61.74
CA ASN AB 137 -62.26 -52.06 -62.70
C ASN AB 137 -62.95 -53.40 -62.97
N PRO AB 138 -62.75 -53.98 -64.16
CA PRO AB 138 -63.41 -55.25 -64.47
C PRO AB 138 -62.91 -56.39 -63.61
N ALA AB 139 -63.82 -57.33 -63.35
CA ALA AB 139 -63.50 -58.52 -62.57
C ALA AB 139 -62.88 -59.58 -63.46
N LEU AB 140 -61.96 -60.34 -62.88
CA LEU AB 140 -61.22 -61.35 -63.62
C LEU AB 140 -61.53 -62.73 -63.04
N THR AB 141 -61.34 -63.75 -63.85
CA THR AB 141 -61.54 -65.12 -63.44
C THR AB 141 -60.20 -65.79 -63.19
N LEU AB 142 -60.04 -66.38 -62.02
CA LEU AB 142 -58.82 -67.11 -61.71
C LEU AB 142 -58.85 -68.46 -62.39
N PRO AB 143 -57.76 -68.85 -63.05
CA PRO AB 143 -57.74 -70.13 -63.77
C PRO AB 143 -57.59 -71.33 -62.85
N GLU AB 144 -57.88 -72.52 -63.36
CA GLU AB 144 -57.76 -73.72 -62.56
C GLU AB 144 -56.31 -74.09 -62.29
N ASP AB 145 -55.47 -73.98 -63.31
CA ASP AB 145 -54.05 -74.31 -63.17
C ASP AB 145 -53.35 -73.21 -62.39
N PRO AB 146 -52.68 -73.52 -61.28
CA PRO AB 146 -51.93 -72.49 -60.56
C PRO AB 146 -50.77 -71.88 -61.35
N ARG AB 147 -50.20 -72.60 -62.31
CA ARG AB 147 -49.16 -72.05 -63.16
C ARG AB 147 -49.66 -70.93 -64.05
N GLU AB 148 -50.97 -70.86 -64.28
CA GLU AB 148 -51.57 -69.77 -65.00
C GLU AB 148 -52.08 -68.66 -64.09
N ILE AB 149 -51.85 -68.74 -62.78
CA ILE AB 149 -52.24 -67.64 -61.90
C ILE AB 149 -51.46 -66.34 -62.18
N PRO AB 150 -50.11 -66.40 -62.22
CA PRO AB 150 -49.38 -65.13 -62.42
C PRO AB 150 -49.79 -64.37 -63.70
N ASP AB 151 -50.22 -65.08 -64.74
CA ASP AB 151 -50.65 -64.41 -65.95
C ASP AB 151 -51.85 -63.52 -65.68
N VAL AB 152 -52.92 -64.10 -65.14
CA VAL AB 152 -54.14 -63.33 -64.85
C VAL AB 152 -53.86 -62.19 -63.86
N ILE AB 153 -53.09 -62.45 -62.82
CA ILE AB 153 -52.70 -61.40 -61.89
C ILE AB 153 -52.05 -60.24 -62.63
N SER AB 154 -51.19 -60.53 -63.60
CA SER AB 154 -50.53 -59.47 -64.41
C SER AB 154 -51.58 -58.69 -65.22
N GLN AB 155 -52.64 -59.33 -65.67
CA GLN AB 155 -53.73 -58.62 -66.35
C GLN AB 155 -54.42 -57.65 -65.41
N ALA AB 156 -54.57 -58.06 -64.14
CA ALA AB 156 -55.08 -57.15 -63.12
C ALA AB 156 -54.15 -55.97 -62.94
N LEU AB 157 -52.83 -56.21 -62.98
CA LEU AB 157 -51.88 -55.12 -62.91
C LEU AB 157 -51.94 -54.23 -64.13
N SER AB 158 -52.44 -54.75 -65.26
CA SER AB 158 -52.69 -53.89 -66.40
C SER AB 158 -53.83 -52.92 -66.11
N GLU AB 159 -54.88 -53.40 -65.42
CA GLU AB 159 -56.10 -52.61 -65.27
C GLU AB 159 -55.87 -51.40 -64.36
N LEU AB 160 -55.19 -51.61 -63.23
CA LEU AB 160 -54.75 -50.48 -62.40
C LEU AB 160 -53.83 -49.54 -63.14
N ARG AB 161 -53.08 -50.04 -64.12
CA ARG AB 161 -52.27 -49.15 -64.92
C ARG AB 161 -53.14 -48.40 -65.92
N LEU AB 162 -54.19 -49.05 -66.43
CA LEU AB 162 -55.12 -48.36 -67.32
C LEU AB 162 -56.05 -47.43 -66.55
N ALA AB 163 -56.18 -47.61 -65.24
CA ALA AB 163 -56.98 -46.73 -64.42
C ALA AB 163 -56.22 -45.47 -63.99
N GLY AB 164 -54.93 -45.37 -64.35
CA GLY AB 164 -54.12 -44.24 -63.93
C GLY AB 164 -53.91 -44.24 -62.42
N VAL AB 165 -53.19 -45.23 -61.91
CA VAL AB 165 -52.98 -45.33 -60.46
C VAL AB 165 -51.52 -45.65 -60.15
N ASP AB 166 -50.95 -44.97 -59.16
CA ASP AB 166 -49.57 -45.23 -58.76
C ASP AB 166 -49.53 -45.99 -57.43
N GLY AB 167 -48.35 -46.07 -56.82
CA GLY AB 167 -48.23 -46.71 -55.52
C GLY AB 167 -47.84 -48.18 -55.52
N PRO AB 168 -47.38 -48.68 -54.36
CA PRO AB 168 -46.99 -50.08 -54.25
C PRO AB 168 -48.24 -50.92 -54.40
N TYR AB 169 -48.32 -51.83 -55.36
CA TYR AB 169 -49.49 -52.68 -55.46
C TYR AB 169 -49.38 -53.93 -54.57
N SER AB 170 -50.49 -54.37 -53.98
CA SER AB 170 -50.34 -55.57 -53.14
C SER AB 170 -51.36 -56.62 -53.54
N VAL AB 171 -50.99 -57.90 -53.48
CA VAL AB 171 -51.89 -58.96 -53.88
C VAL AB 171 -52.32 -59.73 -52.64
N LEU AB 172 -53.63 -59.88 -52.48
CA LEU AB 172 -54.17 -60.62 -51.36
C LEU AB 172 -54.83 -61.85 -51.95
N LEU AB 173 -54.56 -63.01 -51.38
CA LEU AB 173 -55.06 -64.26 -51.92
C LEU AB 173 -55.93 -64.96 -50.88
N SER AB 174 -56.95 -65.66 -51.35
CA SER AB 174 -57.69 -66.55 -50.49
C SER AB 174 -56.81 -67.73 -50.08
N ALA AB 175 -57.22 -68.42 -49.02
CA ALA AB 175 -56.44 -69.53 -48.47
C ALA AB 175 -56.30 -70.67 -49.47
N ASP AB 176 -57.35 -70.93 -50.25
CA ASP AB 176 -57.26 -71.92 -51.33
C ASP AB 176 -56.24 -71.52 -52.38
N VAL AB 177 -56.28 -70.25 -52.81
CA VAL AB 177 -55.39 -69.76 -53.85
C VAL AB 177 -53.96 -69.66 -53.30
N TYR AB 178 -53.81 -69.22 -52.05
CA TYR AB 178 -52.50 -69.13 -51.42
C TYR AB 178 -51.86 -70.51 -51.28
N THR AB 179 -52.65 -71.52 -50.90
CA THR AB 179 -52.17 -72.89 -50.83
C THR AB 179 -51.78 -73.42 -52.22
N LYS AB 180 -52.60 -73.13 -53.23
CA LYS AB 180 -52.33 -73.59 -54.59
C LYS AB 180 -51.04 -72.98 -55.15
N VAL AB 181 -50.82 -71.69 -54.93
CA VAL AB 181 -49.59 -71.09 -55.45
C VAL AB 181 -48.40 -71.32 -54.52
N SER AB 182 -48.64 -71.81 -53.31
CA SER AB 182 -47.56 -72.18 -52.42
C SER AB 182 -47.03 -73.57 -52.69
N GLU AB 183 -47.91 -74.51 -52.99
CA GLU AB 183 -47.53 -75.91 -53.10
C GLU AB 183 -47.11 -76.32 -54.50
N THR AB 184 -47.46 -75.54 -55.51
CA THR AB 184 -47.01 -75.79 -56.86
C THR AB 184 -45.70 -75.04 -57.08
N SER AB 185 -44.74 -75.70 -57.69
CA SER AB 185 -43.42 -75.10 -57.86
C SER AB 185 -43.01 -75.16 -59.33
N ASP AB 186 -42.21 -74.16 -59.72
CA ASP AB 186 -41.66 -74.11 -61.07
C ASP AB 186 -40.25 -73.56 -60.98
N HIS AB 187 -39.28 -74.36 -61.45
CA HIS AB 187 -37.85 -74.01 -61.51
C HIS AB 187 -37.29 -73.60 -60.15
N GLY AB 188 -37.59 -74.41 -59.14
CA GLY AB 188 -37.01 -74.21 -57.83
C GLY AB 188 -37.67 -73.16 -56.98
N TYR AB 189 -38.76 -72.56 -57.43
CA TYR AB 189 -39.52 -71.61 -56.63
C TYR AB 189 -40.99 -71.95 -56.72
N PRO AB 190 -41.74 -71.75 -55.65
CA PRO AB 190 -43.19 -71.83 -55.74
C PRO AB 190 -43.74 -70.64 -56.52
N ILE AB 191 -44.99 -70.78 -56.97
CA ILE AB 191 -45.64 -69.75 -57.77
C ILE AB 191 -45.85 -68.47 -56.96
N ARG AB 192 -45.89 -68.58 -55.62
CA ARG AB 192 -45.95 -67.41 -54.75
C ARG AB 192 -44.77 -66.48 -54.96
N GLU AB 193 -43.58 -67.04 -55.19
CA GLU AB 193 -42.42 -66.22 -55.50
C GLU AB 193 -42.58 -65.54 -56.86
N HIS AB 194 -43.16 -66.24 -57.83
CA HIS AB 194 -43.46 -65.63 -59.14
C HIS AB 194 -44.42 -64.46 -59.01
N LEU AB 195 -45.40 -64.57 -58.10
CA LEU AB 195 -46.26 -63.44 -57.81
C LEU AB 195 -45.50 -62.33 -57.12
N ASN AB 196 -44.56 -62.68 -56.26
CA ASN AB 196 -43.75 -61.68 -55.55
C ASN AB 196 -42.88 -60.88 -56.51
N ARG AB 197 -42.46 -61.47 -57.62
CA ARG AB 197 -41.66 -60.73 -58.60
C ARG AB 197 -42.47 -59.68 -59.35
N LEU AB 198 -43.77 -59.88 -59.52
CA LEU AB 198 -44.64 -58.95 -60.29
C LEU AB 198 -44.92 -57.63 -59.54
N VAL AB 199 -44.91 -57.63 -58.21
CA VAL AB 199 -45.32 -56.40 -57.48
C VAL AB 199 -44.23 -55.89 -56.54
N ASP AB 200 -44.33 -54.63 -56.15
CA ASP AB 200 -43.36 -54.01 -55.20
C ASP AB 200 -44.01 -53.99 -53.84
N GLY AB 201 -45.19 -54.60 -53.71
CA GLY AB 201 -45.90 -54.65 -52.42
C GLY AB 201 -45.68 -56.00 -51.78
N ASP AB 202 -46.73 -56.71 -51.42
CA ASP AB 202 -46.54 -57.98 -50.67
C ASP AB 202 -47.57 -59.03 -51.07
N ILE AB 203 -47.17 -60.29 -51.14
CA ILE AB 203 -48.20 -61.35 -51.33
C ILE AB 203 -48.72 -61.56 -49.92
N ILE AB 204 -50.01 -61.36 -49.71
CA ILE AB 204 -50.60 -61.38 -48.38
C ILE AB 204 -51.60 -62.52 -48.29
N TRP AB 205 -51.41 -63.37 -47.28
CA TRP AB 205 -52.35 -64.44 -47.01
C TRP AB 205 -53.62 -63.85 -46.41
N ALA AB 206 -54.75 -64.11 -47.05
CA ALA AB 206 -56.04 -63.58 -46.64
C ALA AB 206 -57.05 -64.71 -46.57
N PRO AB 207 -57.06 -65.46 -45.47
CA PRO AB 207 -57.90 -66.67 -45.39
C PRO AB 207 -59.39 -66.43 -45.33
N ALA AB 208 -59.84 -65.19 -45.07
CA ALA AB 208 -61.27 -64.97 -44.98
C ALA AB 208 -61.91 -64.69 -46.33
N ILE AB 209 -61.19 -64.08 -47.26
CA ILE AB 209 -61.74 -63.62 -48.53
C ILE AB 209 -61.98 -64.79 -49.48
N ASP AB 210 -62.74 -64.54 -50.54
CA ASP AB 210 -62.81 -65.41 -51.69
C ASP AB 210 -62.00 -64.81 -52.83
N GLY AB 211 -61.52 -65.69 -53.70
CA GLY AB 211 -60.75 -65.24 -54.85
C GLY AB 211 -59.48 -64.52 -54.54
N ALA AB 212 -59.28 -63.37 -55.18
CA ALA AB 212 -58.06 -62.61 -54.97
C ALA AB 212 -58.34 -61.13 -55.14
N PHE AB 213 -57.44 -60.32 -54.62
CA PHE AB 213 -57.61 -58.86 -54.76
C PHE AB 213 -56.24 -58.26 -55.04
N VAL AB 214 -56.16 -57.41 -56.05
CA VAL AB 214 -54.89 -56.68 -56.31
C VAL AB 214 -55.23 -55.22 -56.09
N LEU AB 215 -54.38 -54.51 -55.36
CA LEU AB 215 -54.77 -53.12 -55.06
C LEU AB 215 -53.55 -52.29 -54.67
N THR AB 216 -53.69 -50.97 -54.76
CA THR AB 216 -52.62 -50.05 -54.41
C THR AB 216 -52.67 -49.71 -52.92
N THR AB 217 -51.49 -49.51 -52.34
CA THR AB 217 -51.40 -49.13 -50.94
C THR AB 217 -50.78 -47.75 -50.81
N ARG AB 218 -51.07 -46.89 -51.78
CA ARG AB 218 -50.52 -45.54 -51.77
C ARG AB 218 -51.10 -44.70 -50.63
N GLY AB 219 -52.28 -45.06 -50.13
CA GLY AB 219 -52.88 -44.30 -49.07
C GLY AB 219 -54.09 -43.52 -49.54
N GLY AB 220 -55.01 -43.27 -48.62
CA GLY AB 220 -56.15 -42.42 -48.87
C GLY AB 220 -57.23 -43.01 -49.74
N ASP AB 221 -57.19 -44.31 -50.05
CA ASP AB 221 -58.19 -44.89 -50.93
C ASP AB 221 -59.19 -45.74 -50.14
N PHE AB 222 -58.73 -46.40 -49.09
CA PHE AB 222 -59.52 -47.35 -48.34
C PHE AB 222 -59.38 -46.98 -46.87
N ASP AB 223 -60.50 -46.83 -46.16
CA ASP AB 223 -60.46 -46.28 -44.82
C ASP AB 223 -61.31 -47.14 -43.89
N LEU AB 224 -60.68 -47.72 -42.89
CA LEU AB 224 -61.38 -48.46 -41.85
C LEU AB 224 -61.53 -47.54 -40.65
N GLN AB 225 -62.77 -47.27 -40.26
CA GLN AB 225 -63.04 -46.40 -39.12
C GLN AB 225 -63.39 -47.23 -37.90
N LEU AB 226 -62.62 -47.03 -36.85
CA LEU AB 226 -62.87 -47.73 -35.62
C LEU AB 226 -63.41 -46.86 -34.55
N GLY AB 227 -64.50 -47.25 -33.90
CA GLY AB 227 -64.94 -46.48 -32.75
C GLY AB 227 -64.08 -47.01 -31.63
N THR AB 228 -64.13 -48.33 -31.42
CA THR AB 228 -63.28 -48.97 -30.40
C THR AB 228 -62.60 -50.19 -31.03
N ASP AB 229 -61.30 -50.39 -30.75
CA ASP AB 229 -60.56 -51.56 -31.28
C ASP AB 229 -61.00 -52.82 -30.54
N VAL AB 230 -60.37 -53.96 -30.86
CA VAL AB 230 -60.74 -55.27 -30.24
C VAL AB 230 -60.53 -55.25 -28.73
N ALA AB 231 -61.56 -55.65 -27.99
CA ALA AB 231 -61.50 -55.69 -26.54
C ALA AB 231 -62.14 -56.98 -26.05
N ILE AB 232 -61.74 -57.44 -24.87
CA ILE AB 232 -62.29 -58.64 -24.28
C ILE AB 232 -63.19 -58.24 -23.12
N GLY AB 233 -64.44 -58.71 -23.12
CA GLY AB 233 -65.40 -58.36 -22.10
C GLY AB 233 -66.00 -59.60 -21.44
N TYR AB 234 -66.57 -59.37 -20.26
CA TYR AB 234 -67.09 -60.44 -19.43
C TYR AB 234 -68.61 -60.47 -19.48
N ALA AB 235 -69.19 -61.64 -19.75
CA ALA AB 235 -70.66 -61.75 -19.85
C ALA AB 235 -71.22 -62.35 -18.55
N SER AB 236 -70.92 -63.61 -18.28
CA SER AB 236 -71.43 -64.30 -17.10
C SER AB 236 -70.55 -65.49 -16.78
N HIS AB 237 -70.78 -66.13 -15.62
CA HIS AB 237 -69.92 -67.27 -15.18
C HIS AB 237 -70.72 -68.27 -14.34
N ASP AB 238 -70.27 -69.52 -14.28
CA ASP AB 238 -70.89 -70.55 -13.41
C ASP AB 238 -69.73 -71.22 -12.67
N THR AB 239 -69.97 -72.37 -12.05
CA THR AB 239 -68.91 -73.06 -11.28
C THR AB 239 -67.85 -73.60 -12.24
N ASP AB 240 -68.22 -73.94 -13.46
CA ASP AB 240 -67.26 -74.58 -14.34
C ASP AB 240 -66.66 -73.67 -15.40
N THR AB 241 -67.39 -72.66 -15.87
CA THR AB 241 -66.99 -71.93 -17.05
C THR AB 241 -67.18 -70.43 -16.87
N VAL AB 242 -66.43 -69.68 -17.66
CA VAL AB 242 -66.60 -68.23 -17.77
C VAL AB 242 -66.95 -67.90 -19.21
N ARG AB 243 -68.07 -67.23 -19.41
CA ARG AB 243 -68.45 -66.71 -20.72
C ARG AB 243 -67.88 -65.31 -20.89
N LEU AB 244 -67.09 -65.14 -21.95
CA LEU AB 244 -66.54 -63.83 -22.26
C LEU AB 244 -66.87 -63.53 -23.73
N TYR AB 245 -66.39 -62.42 -24.25
CA TYR AB 245 -66.59 -62.09 -25.65
C TYR AB 245 -65.44 -61.23 -26.15
N LEU AB 246 -65.24 -61.28 -27.46
CA LEU AB 246 -64.40 -60.34 -28.17
C LEU AB 246 -65.31 -59.34 -28.86
N GLN AB 247 -64.91 -58.08 -28.86
CA GLN AB 247 -65.83 -57.06 -29.35
C GLN AB 247 -65.06 -55.94 -30.03
N GLU AB 248 -65.58 -55.49 -31.16
CA GLU AB 248 -65.01 -54.34 -31.85
C GLU AB 248 -66.11 -53.63 -32.62
N THR AB 249 -66.01 -52.32 -32.74
CA THR AB 249 -67.01 -51.56 -33.48
C THR AB 249 -66.34 -50.73 -34.57
N LEU AB 250 -66.90 -50.80 -35.78
CA LEU AB 250 -66.21 -50.27 -36.96
C LEU AB 250 -67.20 -50.00 -38.08
N THR AB 251 -66.71 -49.25 -39.07
CA THR AB 251 -67.30 -49.22 -40.41
C THR AB 251 -66.16 -49.16 -41.39
N PHE AB 252 -66.47 -49.42 -42.67
CA PHE AB 252 -65.46 -49.36 -43.72
C PHE AB 252 -65.95 -48.49 -44.86
N LEU AB 253 -65.05 -47.65 -45.37
CA LEU AB 253 -65.34 -46.73 -46.46
C LEU AB 253 -64.34 -46.97 -47.59
N CYS AB 254 -64.82 -47.00 -48.81
CA CYS AB 254 -63.95 -47.02 -49.99
C CYS AB 254 -64.16 -45.71 -50.74
N TYR AB 255 -63.13 -44.88 -50.75
CA TYR AB 255 -63.22 -43.58 -51.42
C TYR AB 255 -62.90 -43.64 -52.90
N THR AB 256 -62.09 -44.59 -53.32
CA THR AB 256 -61.53 -44.62 -54.67
C THR AB 256 -61.96 -45.92 -55.33
N ALA AB 257 -62.86 -45.81 -56.32
CA ALA AB 257 -63.45 -47.00 -56.92
C ALA AB 257 -62.48 -47.75 -57.82
N GLU AB 258 -61.51 -47.06 -58.40
CA GLU AB 258 -60.65 -47.67 -59.42
C GLU AB 258 -59.33 -48.16 -58.86
N ALA AB 259 -59.19 -48.21 -57.54
CA ALA AB 259 -57.93 -48.58 -56.92
C ALA AB 259 -57.79 -50.09 -56.65
N SER AB 260 -58.66 -50.93 -57.22
CA SER AB 260 -58.61 -52.34 -56.90
C SER AB 260 -59.18 -53.18 -58.04
N VAL AB 261 -58.71 -54.43 -58.12
CA VAL AB 261 -59.26 -55.46 -59.00
C VAL AB 261 -59.60 -56.68 -58.16
N ALA AB 262 -60.82 -57.18 -58.31
CA ALA AB 262 -61.29 -58.39 -57.66
C ALA AB 262 -61.24 -59.56 -58.62
N LEU AB 263 -60.89 -60.72 -58.08
CA LEU AB 263 -60.80 -61.92 -58.88
C LEU AB 263 -61.64 -63.00 -58.23
N SER AB 264 -62.26 -63.86 -59.02
CA SER AB 264 -63.11 -64.91 -58.51
C SER AB 264 -62.81 -66.21 -59.25
N HIS AB 265 -63.40 -67.29 -58.76
CA HIS AB 265 -63.20 -68.60 -59.37
C HIS AB 265 -64.27 -68.90 -60.39
N MET BB 1 -3.69 -83.10 -12.40
CA MET BB 1 -2.60 -84.02 -12.13
C MET BB 1 -1.77 -84.35 -13.35
N ASN BB 2 -0.70 -85.14 -13.17
CA ASN BB 2 0.17 -85.50 -14.29
C ASN BB 2 0.24 -87.02 -14.50
N ASN BB 3 1.27 -87.50 -15.20
CA ASN BB 3 1.39 -88.92 -15.46
C ASN BB 3 1.84 -89.72 -14.21
N LEU BB 4 2.50 -89.09 -13.24
CA LEU BB 4 2.80 -89.76 -11.98
C LEU BB 4 1.56 -90.18 -11.19
N TYR BB 5 0.43 -89.50 -11.39
CA TYR BB 5 -0.80 -89.80 -10.64
C TYR BB 5 -0.51 -89.94 -9.15
N ARG BB 6 0.24 -88.97 -8.63
CA ARG BB 6 0.81 -89.08 -7.29
C ARG BB 6 -0.26 -88.95 -6.21
N ASP BB 7 -1.28 -88.10 -6.45
CA ASP BB 7 -2.34 -87.91 -5.47
C ASP BB 7 -3.26 -89.12 -5.37
N LEU BB 8 -3.23 -90.03 -6.33
CA LEU BB 8 -4.04 -91.23 -6.23
C LEU BB 8 -3.39 -92.30 -5.34
N ALA BB 9 -2.11 -92.16 -5.03
CA ALA BB 9 -1.43 -93.15 -4.22
C ALA BB 9 -1.85 -93.03 -2.76
N PRO BB 10 -2.11 -94.14 -2.07
CA PRO BB 10 -2.40 -94.08 -0.62
C PRO BB 10 -1.13 -93.95 0.20
N VAL BB 11 -0.47 -92.80 0.05
CA VAL BB 11 0.80 -92.51 0.70
C VAL BB 11 0.62 -91.15 1.36
N THR BB 12 0.96 -91.06 2.64
CA THR BB 12 0.82 -89.81 3.36
C THR BB 12 1.95 -88.86 2.97
N GLU BB 13 1.78 -87.60 3.39
CA GLU BB 13 2.76 -86.56 3.05
C GLU BB 13 4.12 -86.82 3.71
N ALA BB 14 4.11 -87.25 4.96
CA ALA BB 14 5.36 -87.54 5.66
C ALA BB 14 6.04 -88.77 5.07
N ALA BB 15 5.26 -89.79 4.74
CA ALA BB 15 5.80 -90.96 4.05
C ALA BB 15 6.35 -90.60 2.68
N TRP BB 16 5.69 -89.68 1.97
CA TRP BB 16 6.20 -89.22 0.68
C TRP BB 16 7.54 -88.52 0.84
N ALA BB 17 7.67 -87.67 1.86
CA ALA BB 17 8.94 -86.99 2.09
C ALA BB 17 10.06 -87.96 2.43
N GLU BB 18 9.77 -88.99 3.23
CA GLU BB 18 10.78 -90.00 3.52
C GLU BB 18 11.17 -90.82 2.29
N ILE BB 19 10.20 -91.16 1.43
CA ILE BB 19 10.49 -91.91 0.21
C ILE BB 19 11.33 -91.08 -0.76
N GLU BB 20 10.99 -89.80 -0.92
CA GLU BB 20 11.75 -88.90 -1.80
C GLU BB 20 13.17 -88.74 -1.31
N LEU BB 21 13.36 -88.56 0.01
CA LEU BB 21 14.68 -88.42 0.60
C LEU BB 21 15.51 -89.69 0.40
N GLU BB 22 14.91 -90.86 0.65
CA GLU BB 22 15.63 -92.12 0.50
C GLU BB 22 16.05 -92.37 -0.94
N ALA BB 23 15.14 -92.13 -1.89
CA ALA BB 23 15.43 -92.35 -3.30
C ALA BB 23 16.50 -91.39 -3.81
N ALA BB 24 16.39 -90.10 -3.46
CA ALA BB 24 17.37 -89.12 -3.90
C ALA BB 24 18.75 -89.41 -3.32
N ARG BB 25 18.81 -89.76 -2.05
CA ARG BB 25 20.08 -90.09 -1.41
C ARG BB 25 20.74 -91.29 -2.05
N THR BB 26 20.01 -92.40 -2.18
CA THR BB 26 20.61 -93.62 -2.71
C THR BB 26 21.02 -93.45 -4.16
N PHE BB 27 20.28 -92.69 -4.94
CA PHE BB 27 20.63 -92.41 -6.32
C PHE BB 27 21.93 -91.63 -6.49
N LYS BB 28 22.06 -90.50 -5.79
CA LYS BB 28 23.28 -89.70 -5.87
C LYS BB 28 24.51 -90.51 -5.50
N ARG BB 29 24.44 -91.29 -4.43
CA ARG BB 29 25.56 -92.08 -4.00
C ARG BB 29 26.01 -93.04 -5.07
N HIS BB 30 25.07 -93.56 -5.84
CA HIS BB 30 25.44 -94.58 -6.85
C HIS BB 30 25.63 -93.95 -8.23
N ILE BB 31 25.46 -92.64 -8.37
CA ILE BB 31 25.78 -92.09 -9.69
C ILE BB 31 27.23 -91.62 -9.76
N ALA BB 32 27.95 -92.12 -10.76
CA ALA BB 32 29.28 -91.62 -11.09
C ALA BB 32 29.26 -90.80 -12.37
N GLY BB 33 28.32 -91.10 -13.26
CA GLY BB 33 28.33 -90.53 -14.59
C GLY BB 33 28.05 -89.04 -14.64
N ARG BB 34 27.13 -88.56 -13.80
CA ARG BB 34 26.77 -87.15 -13.80
C ARG BB 34 27.87 -86.26 -13.22
N ARG BB 35 28.81 -86.85 -12.48
CA ARG BB 35 29.91 -86.07 -11.94
C ARG BB 35 30.93 -85.68 -13.01
N VAL BB 36 30.96 -86.39 -14.13
CA VAL BB 36 31.98 -86.15 -15.14
C VAL BB 36 31.41 -85.64 -16.46
N VAL BB 37 30.15 -85.89 -16.78
CA VAL BB 37 29.61 -85.50 -18.07
C VAL BB 37 28.82 -84.21 -17.91
N ASP BB 38 28.60 -83.52 -19.01
CA ASP BB 38 27.72 -82.37 -19.01
C ASP BB 38 26.28 -82.85 -18.95
N VAL BB 39 25.51 -82.30 -18.04
CA VAL BB 39 24.12 -82.68 -17.82
C VAL BB 39 23.25 -81.49 -18.20
N SER BB 40 22.36 -81.70 -19.15
CA SER BB 40 21.52 -80.63 -19.64
C SER BB 40 20.39 -80.34 -18.66
N ASP BB 41 19.71 -79.23 -18.87
CA ASP BB 41 18.46 -79.01 -18.18
C ASP BB 41 17.42 -79.97 -18.71
N PRO BB 42 16.41 -80.33 -17.90
CA PRO BB 42 15.31 -81.15 -18.42
C PRO BB 42 14.53 -80.48 -19.53
N GLY BB 43 14.42 -81.14 -20.67
CA GLY BB 43 13.68 -80.63 -21.79
C GLY BB 43 12.19 -80.53 -21.50
N GLY BB 44 11.68 -81.52 -20.80
CA GLY BB 44 10.25 -81.54 -20.53
C GLY BB 44 9.65 -82.82 -21.08
N PRO BB 45 8.37 -83.06 -20.77
CA PRO BB 45 7.73 -84.31 -21.21
C PRO BB 45 7.57 -84.42 -22.72
N VAL BB 46 7.47 -83.30 -23.44
CA VAL BB 46 7.18 -83.37 -24.87
C VAL BB 46 8.44 -83.67 -25.67
N THR BB 47 9.60 -83.49 -25.04
CA THR BB 47 10.87 -83.68 -25.73
C THR BB 47 11.10 -85.14 -26.07
N ALA BB 48 11.38 -85.43 -27.33
CA ALA BB 48 11.41 -86.82 -27.78
C ALA BB 48 12.73 -87.20 -28.44
N ALA BB 49 13.44 -86.23 -28.99
CA ALA BB 49 14.67 -86.51 -29.71
C ALA BB 49 15.61 -85.32 -29.62
N VAL BB 50 16.88 -85.61 -29.83
CA VAL BB 50 17.92 -84.59 -29.86
C VAL BB 50 18.49 -84.54 -31.26
N SER BB 51 18.51 -83.35 -31.84
CA SER BB 51 19.09 -83.15 -33.16
C SER BB 51 20.60 -83.31 -33.11
N THR BB 52 21.14 -84.09 -34.05
CA THR BB 52 22.58 -84.21 -34.19
C THR BB 52 23.15 -83.24 -35.21
N GLY BB 53 22.27 -82.67 -36.05
CA GLY BB 53 22.71 -81.68 -37.05
C GLY BB 53 23.25 -82.35 -38.30
N ARG BB 54 23.19 -83.67 -38.41
CA ARG BB 54 23.64 -84.37 -39.64
C ARG BB 54 22.49 -84.57 -40.62
N LEU BB 55 22.77 -85.08 -41.83
CA LEU BB 55 21.74 -85.24 -42.89
C LEU BB 55 21.83 -86.65 -43.48
N ILE BB 56 20.70 -87.25 -43.85
CA ILE BB 56 20.67 -88.60 -44.41
C ILE BB 56 20.10 -88.59 -45.81
N ASP BB 57 20.87 -89.04 -46.79
CA ASP BB 57 20.40 -89.08 -48.17
C ASP BB 57 19.20 -89.99 -48.37
N VAL BB 58 18.11 -89.46 -48.92
CA VAL BB 58 16.94 -90.30 -49.22
C VAL BB 58 16.61 -90.28 -50.71
N LYS BB 59 15.92 -91.33 -51.18
CA LYS BB 59 15.58 -91.43 -52.59
C LYS BB 59 14.79 -90.21 -53.06
N ALA BB 60 15.36 -89.46 -54.00
CA ALA BB 60 14.73 -88.24 -54.53
C ALA BB 60 13.22 -88.37 -54.77
N PRO BB 61 12.43 -87.45 -54.19
CA PRO BB 61 10.97 -87.49 -54.38
C PRO BB 61 10.65 -87.39 -55.86
N THR BB 62 11.16 -86.37 -56.52
CA THR BB 62 10.95 -86.21 -57.96
C THR BB 62 12.23 -85.79 -58.65
N ASN BB 63 12.15 -85.56 -59.96
CA ASN BB 63 13.31 -85.14 -60.72
C ASN BB 63 13.75 -83.74 -60.32
N GLY BB 64 15.04 -83.56 -60.10
CA GLY BB 64 15.56 -82.24 -59.73
C GLY BB 64 15.34 -81.87 -58.29
N VAL BB 65 14.84 -82.80 -57.47
CA VAL BB 65 14.65 -82.52 -56.06
C VAL BB 65 15.67 -83.29 -55.28
N ILE BB 66 16.32 -82.63 -54.34
CA ILE BB 66 17.31 -83.28 -53.53
C ILE BB 66 16.78 -83.29 -52.13
N ALA BB 67 16.62 -84.47 -51.58
CA ALA BB 67 16.04 -84.60 -50.25
C ALA BB 67 16.97 -85.17 -49.23
N HIS BB 68 16.87 -84.67 -48.02
CA HIS BB 68 17.67 -85.21 -46.96
C HIS BB 68 16.90 -85.26 -45.67
N LEU BB 69 16.99 -86.37 -44.97
CA LEU BB 69 16.37 -86.51 -43.67
C LEU BB 69 17.28 -85.94 -42.59
N ARG BB 70 16.69 -85.21 -41.65
CA ARG BB 70 17.44 -84.76 -40.49
C ARG BB 70 17.68 -85.94 -39.55
N ALA BB 71 18.93 -86.10 -39.12
CA ALA BB 71 19.27 -87.15 -38.17
C ALA BB 71 18.99 -86.69 -36.75
N SER BB 72 18.64 -87.64 -35.88
CA SER BB 72 18.37 -87.33 -34.50
C SER BB 72 18.59 -88.58 -33.66
N LYS BB 73 18.62 -88.38 -32.34
CA LYS BB 73 18.76 -89.45 -31.36
C LYS BB 73 17.50 -89.51 -30.52
N PRO BB 74 16.84 -90.67 -30.42
CA PRO BB 74 15.65 -90.76 -29.57
C PRO BB 74 16.00 -90.83 -28.10
N LEU BB 75 15.15 -90.22 -27.27
CA LEU BB 75 15.21 -90.46 -25.84
C LEU BB 75 14.65 -91.84 -25.51
N VAL BB 76 15.13 -92.40 -24.41
CA VAL BB 76 14.58 -93.63 -23.86
C VAL BB 76 14.06 -93.33 -22.47
N ARG BB 77 12.86 -93.83 -22.18
CA ARG BB 77 12.29 -93.73 -20.85
C ARG BB 77 12.57 -95.02 -20.09
N LEU BB 78 13.17 -94.89 -18.93
CA LEU BB 78 13.61 -96.00 -18.11
C LEU BB 78 12.78 -95.99 -16.85
N ARG BB 79 12.11 -97.11 -16.59
CA ARG BB 79 11.19 -97.23 -15.46
C ARG BB 79 11.56 -98.45 -14.64
N VAL BB 80 11.70 -98.26 -13.34
CA VAL BB 80 11.98 -99.31 -12.39
C VAL BB 80 10.84 -99.37 -11.39
N PRO BB 81 9.94 -100.35 -11.51
CA PRO BB 81 8.87 -100.49 -10.52
C PRO BB 81 9.40 -101.06 -9.22
N PHE BB 82 8.72 -100.72 -8.14
CA PHE BB 82 9.02 -101.26 -6.81
C PHE BB 82 7.76 -101.28 -5.98
N THR BB 83 7.79 -102.05 -4.91
CA THR BB 83 6.60 -102.37 -4.12
C THR BB 83 6.84 -102.05 -2.66
N LEU BB 84 5.96 -101.26 -2.07
CA LEU BB 84 6.08 -100.86 -0.67
C LEU BB 84 4.97 -101.47 0.17
N SER BB 85 5.33 -101.90 1.38
CA SER BB 85 4.35 -102.32 2.36
C SER BB 85 3.55 -101.12 2.86
N ARG BB 86 2.23 -101.26 2.92
CA ARG BB 86 1.39 -100.17 3.41
C ARG BB 86 1.48 -100.01 4.92
N ASN BB 87 1.85 -101.07 5.64
CA ASN BB 87 2.10 -100.95 7.07
C ASN BB 87 3.29 -100.05 7.36
N GLU BB 88 4.37 -100.19 6.57
CA GLU BB 88 5.53 -99.31 6.73
C GLU BB 88 5.18 -97.87 6.41
N ILE BB 89 4.31 -97.65 5.42
CA ILE BB 89 3.85 -96.31 5.09
C ILE BB 89 3.03 -95.72 6.23
N ASP BB 90 2.13 -96.52 6.82
CA ASP BB 90 1.31 -96.07 7.93
C ASP BB 90 2.12 -95.82 9.19
N ASP BB 91 3.26 -96.50 9.35
CA ASP BB 91 4.12 -96.31 10.51
C ASP BB 91 4.70 -94.90 10.60
N VAL BB 92 4.85 -94.22 9.47
CA VAL BB 92 5.58 -92.95 9.42
C VAL BB 92 4.81 -91.85 10.15
N GLU BB 93 3.49 -91.81 10.00
CA GLU BB 93 2.71 -90.75 10.68
C GLU BB 93 2.71 -91.00 12.19
N ARG BB 94 2.72 -92.26 12.61
CA ARG BB 94 2.79 -92.56 14.03
C ARG BB 94 4.14 -92.24 14.64
N GLY BB 95 5.14 -91.90 13.84
CA GLY BB 95 6.44 -91.49 14.35
C GLY BB 95 7.55 -92.50 14.22
N SER BB 96 7.35 -93.58 13.47
CA SER BB 96 8.43 -94.52 13.21
C SER BB 96 9.50 -93.87 12.34
N LYS BB 97 10.76 -94.22 12.62
CA LYS BB 97 11.89 -93.72 11.86
C LYS BB 97 12.73 -94.86 11.29
N ASP BB 98 12.21 -96.07 11.33
CA ASP BB 98 12.92 -97.22 10.76
C ASP BB 98 12.06 -97.97 9.74
N SER BB 99 11.16 -97.25 9.07
CA SER BB 99 10.29 -97.85 8.07
C SER BB 99 11.10 -98.44 6.93
N ASP BB 100 10.68 -99.61 6.47
CA ASP BB 100 11.45 -100.39 5.51
C ASP BB 100 11.42 -99.77 4.13
N TRP BB 101 12.45 -99.00 3.79
CA TRP BB 101 12.52 -98.39 2.47
C TRP BB 101 13.53 -99.12 1.61
N GLU BB 102 13.75 -100.39 1.89
CA GLU BB 102 14.66 -101.20 1.07
C GLU BB 102 14.24 -101.29 -0.41
N PRO BB 103 12.93 -101.44 -0.70
CA PRO BB 103 12.60 -101.48 -2.14
C PRO BB 103 12.93 -100.16 -2.82
N VAL BB 104 12.67 -99.03 -2.15
CA VAL BB 104 13.04 -97.74 -2.71
C VAL BB 104 14.54 -97.68 -2.98
N LYS BB 105 15.34 -98.18 -2.03
CA LYS BB 105 16.79 -98.17 -2.20
C LYS BB 105 17.23 -99.09 -3.32
N GLU BB 106 16.60 -100.26 -3.46
CA GLU BB 106 16.93 -101.17 -4.54
C GLU BB 106 16.52 -100.61 -5.89
N ALA BB 107 15.38 -99.92 -5.96
CA ALA BB 107 14.96 -99.30 -7.21
C ALA BB 107 15.88 -98.15 -7.59
N ALA BB 108 16.32 -97.34 -6.62
CA ALA BB 108 17.23 -96.24 -6.90
C ALA BB 108 18.60 -96.76 -7.33
N LYS BB 109 19.07 -97.83 -6.68
CA LYS BB 109 20.34 -98.44 -7.08
C LYS BB 109 20.26 -99.03 -8.48
N LYS BB 110 19.13 -99.65 -8.81
CA LYS BB 110 18.98 -100.26 -10.13
C LYS BB 110 18.86 -99.20 -11.23
N LEU BB 111 18.13 -98.12 -10.95
CA LEU BB 111 18.01 -97.01 -11.93
C LEU BB 111 19.38 -96.37 -12.13
N ALA BB 112 20.11 -96.09 -11.04
CA ALA BB 112 21.44 -95.52 -11.15
C ALA BB 112 22.38 -96.43 -11.93
N PHE BB 113 22.29 -97.74 -11.71
CA PHE BB 113 23.12 -98.69 -12.44
C PHE BB 113 22.80 -98.70 -13.93
N VAL BB 114 21.52 -98.62 -14.27
CA VAL BB 114 21.14 -98.57 -15.67
C VAL BB 114 21.70 -97.30 -16.31
N GLU BB 115 21.47 -96.15 -15.67
CA GLU BB 115 21.94 -94.89 -16.25
C GLU BB 115 23.45 -94.88 -16.46
N ASP BB 116 24.20 -95.36 -15.46
CA ASP BB 116 25.66 -95.36 -15.59
C ASP BB 116 26.13 -96.37 -16.63
N ARG BB 117 25.50 -97.55 -16.70
CA ARG BB 117 25.89 -98.53 -17.70
C ARG BB 117 25.48 -98.08 -19.10
N THR BB 118 24.44 -97.27 -19.21
CA THR BB 118 24.05 -96.71 -20.49
C THR BB 118 25.05 -95.65 -20.94
N ILE BB 119 25.50 -94.80 -20.02
CA ILE BB 119 26.49 -93.77 -20.37
C ILE BB 119 27.83 -94.41 -20.76
N PHE BB 120 28.28 -95.41 -20.01
CA PHE BB 120 29.65 -95.90 -20.21
C PHE BB 120 29.73 -97.12 -21.11
N GLU BB 121 28.71 -97.95 -21.19
CA GLU BB 121 28.75 -99.16 -22.00
C GLU BB 121 27.74 -99.13 -23.14
N GLY BB 122 26.92 -98.11 -23.21
CA GLY BB 122 25.93 -98.03 -24.25
C GLY BB 122 24.69 -98.88 -24.15
N TYR BB 123 23.71 -98.55 -24.96
CA TYR BB 123 22.46 -99.29 -24.98
C TYR BB 123 22.13 -99.27 -26.44
N SER BB 124 22.52 -100.31 -27.15
CA SER BB 124 22.34 -100.36 -28.60
C SER BB 124 20.88 -100.23 -29.07
N ALA BB 125 19.95 -100.84 -28.36
CA ALA BB 125 18.55 -100.76 -28.73
C ALA BB 125 18.03 -99.33 -28.70
N ALA BB 126 18.60 -98.49 -27.84
CA ALA BB 126 18.27 -97.08 -27.78
C ALA BB 126 19.19 -96.22 -28.63
N SER BB 127 20.02 -96.86 -29.49
CA SER BB 127 20.98 -96.20 -30.38
C SER BB 127 21.96 -95.31 -29.61
N ILE BB 128 22.39 -95.78 -28.44
CA ILE BB 128 23.35 -95.06 -27.62
C ILE BB 128 24.65 -95.84 -27.65
N GLU BB 129 25.71 -95.19 -28.12
CA GLU BB 129 27.04 -95.77 -28.07
C GLU BB 129 27.69 -95.37 -26.75
N GLY BB 130 28.29 -96.33 -26.07
CA GLY BB 130 28.95 -96.03 -24.83
C GLY BB 130 30.25 -95.27 -25.03
N ILE BB 131 30.77 -94.75 -23.92
CA ILE BB 131 32.08 -94.10 -23.93
C ILE BB 131 33.18 -95.11 -24.29
N ARG BB 132 33.03 -96.35 -23.82
CA ARG BB 132 34.01 -97.40 -24.16
C ARG BB 132 34.02 -97.70 -25.65
N SER BB 133 32.84 -97.77 -26.27
CA SER BB 133 32.79 -98.05 -27.70
C SER BB 133 33.15 -96.84 -28.55
N ALA BB 134 32.82 -95.63 -28.09
CA ALA BB 134 33.10 -94.42 -28.86
C ALA BB 134 34.50 -93.89 -28.66
N SER BB 135 35.29 -94.48 -27.79
CA SER BB 135 36.66 -94.01 -27.56
C SER BB 135 37.55 -94.43 -28.73
N SER BB 136 38.34 -93.48 -29.23
CA SER BB 136 39.31 -93.78 -30.27
C SER BB 136 40.68 -94.11 -29.72
N ASN BB 137 40.95 -93.82 -28.45
CA ASN BB 137 42.20 -94.18 -27.83
C ASN BB 137 42.25 -95.69 -27.60
N PRO BB 138 43.45 -96.28 -27.60
CA PRO BB 138 43.54 -97.73 -27.41
C PRO BB 138 43.08 -98.18 -26.02
N ALA BB 139 42.53 -99.38 -25.98
CA ALA BB 139 42.08 -99.97 -24.73
C ALA BB 139 43.23 -100.65 -24.02
N LEU BB 140 43.20 -100.60 -22.70
CA LEU BB 140 44.25 -101.15 -21.87
C LEU BB 140 43.72 -102.28 -21.02
N THR BB 141 44.61 -103.16 -20.60
CA THR BB 141 44.26 -104.28 -19.75
C THR BB 141 44.69 -103.99 -18.32
N LEU BB 142 43.77 -104.12 -17.38
CA LEU BB 142 44.10 -103.93 -15.97
C LEU BB 142 44.79 -105.18 -15.45
N PRO BB 143 45.90 -105.00 -14.73
CA PRO BB 143 46.66 -106.15 -14.23
C PRO BB 143 46.00 -106.82 -13.03
N GLU BB 144 46.42 -108.04 -12.73
CA GLU BB 144 45.86 -108.76 -11.59
C GLU BB 144 46.30 -108.15 -10.27
N ASP BB 145 47.58 -107.81 -10.16
CA ASP BB 145 48.11 -107.24 -8.93
C ASP BB 145 47.64 -105.79 -8.80
N PRO BB 146 46.97 -105.43 -7.71
CA PRO BB 146 46.58 -104.02 -7.51
C PRO BB 146 47.75 -103.05 -7.40
N ARG BB 147 48.91 -103.50 -6.96
CA ARG BB 147 50.09 -102.64 -6.90
C ARG BB 147 50.58 -102.23 -8.28
N GLU BB 148 50.20 -102.97 -9.32
CA GLU BB 148 50.48 -102.61 -10.70
C GLU BB 148 49.35 -101.81 -11.34
N ILE BB 149 48.30 -101.48 -10.61
CA ILE BB 149 47.23 -100.65 -11.18
C ILE BB 149 47.74 -99.23 -11.55
N PRO BB 150 48.38 -98.50 -10.59
CA PRO BB 150 48.77 -97.13 -10.95
C PRO BB 150 49.67 -97.03 -12.19
N ASP BB 151 50.46 -98.06 -12.48
CA ASP BB 151 51.30 -98.04 -13.67
C ASP BB 151 50.44 -97.95 -14.92
N VAL BB 152 49.52 -98.91 -15.10
CA VAL BB 152 48.66 -98.93 -16.28
C VAL BB 152 47.83 -97.66 -16.39
N ILE BB 153 47.26 -97.21 -15.27
CA ILE BB 153 46.52 -95.94 -15.27
C ILE BB 153 47.37 -94.81 -15.82
N SER BB 154 48.65 -94.77 -15.43
CA SER BB 154 49.57 -93.72 -15.95
C SER BB 154 49.76 -93.87 -17.46
N GLN BB 155 49.75 -95.09 -18.00
CA GLN BB 155 49.82 -95.28 -19.44
C GLN BB 155 48.58 -94.71 -20.13
N ALA BB 156 47.41 -94.85 -19.49
CA ALA BB 156 46.21 -94.19 -19.97
C ALA BB 156 46.35 -92.69 -19.97
N LEU BB 157 47.00 -92.15 -18.93
CA LEU BB 157 47.28 -90.71 -18.89
C LEU BB 157 48.27 -90.31 -19.98
N SER BB 158 49.09 -91.25 -20.46
CA SER BB 158 49.93 -90.95 -21.61
C SER BB 158 49.09 -90.77 -22.86
N GLU BB 159 48.05 -91.60 -23.02
CA GLU BB 159 47.31 -91.63 -24.27
C GLU BB 159 46.49 -90.36 -24.48
N LEU BB 160 45.81 -89.88 -23.43
CA LEU BB 160 45.16 -88.57 -23.48
C LEU BB 160 46.17 -87.45 -23.71
N ARG BB 161 47.40 -87.64 -23.27
CA ARG BB 161 48.42 -86.64 -23.57
C ARG BB 161 48.85 -86.74 -25.03
N LEU BB 162 48.89 -87.96 -25.58
CA LEU BB 162 49.21 -88.15 -26.98
C LEU BB 162 48.04 -87.77 -27.88
N ALA BB 163 46.84 -87.72 -27.33
CA ALA BB 163 45.67 -87.29 -28.09
C ALA BB 163 45.53 -85.78 -28.15
N GLY BB 164 46.41 -85.03 -27.47
CA GLY BB 164 46.31 -83.58 -27.42
C GLY BB 164 45.05 -83.14 -26.68
N VAL BB 165 45.00 -83.40 -25.37
CA VAL BB 165 43.82 -83.06 -24.59
C VAL BB 165 44.21 -82.42 -23.27
N ASP BB 166 43.53 -81.34 -22.89
CA ASP BB 166 43.80 -80.67 -21.62
C ASP BB 166 42.70 -80.97 -20.61
N GLY BB 167 42.69 -80.23 -19.50
CA GLY BB 167 41.64 -80.40 -18.51
C GLY BB 167 41.93 -81.33 -17.36
N PRO BB 168 41.13 -81.23 -16.27
CA PRO BB 168 41.33 -82.08 -15.11
C PRO BB 168 40.97 -83.51 -15.53
N TYR BB 169 41.87 -84.47 -15.41
CA TYR BB 169 41.50 -85.84 -15.75
C TYR BB 169 40.86 -86.57 -14.56
N SER BB 170 39.88 -87.43 -14.82
CA SER BB 170 39.30 -88.12 -13.66
C SER BB 170 39.27 -89.63 -13.89
N VAL BB 171 39.49 -90.41 -12.84
CA VAL BB 171 39.55 -91.86 -12.98
C VAL BB 171 38.31 -92.43 -12.31
N LEU BB 172 37.59 -93.27 -13.07
CA LEU BB 172 36.41 -93.94 -12.55
C LEU BB 172 36.74 -95.41 -12.49
N LEU BB 173 36.45 -96.06 -11.38
CA LEU BB 173 36.81 -97.45 -11.18
C LEU BB 173 35.55 -98.27 -10.95
N SER BB 174 35.58 -99.52 -11.42
CA SER BB 174 34.54 -100.46 -11.04
C SER BB 174 34.68 -100.81 -9.56
N ALA BB 175 33.59 -101.37 -9.01
CA ALA BB 175 33.56 -101.68 -7.59
C ALA BB 175 34.60 -102.71 -7.19
N ASP BB 176 34.86 -103.68 -8.07
CA ASP BB 176 35.93 -104.65 -7.84
C ASP BB 176 37.29 -103.97 -7.81
N VAL BB 177 37.55 -103.09 -8.77
CA VAL BB 177 38.83 -102.40 -8.86
C VAL BB 177 38.98 -101.39 -7.73
N TYR BB 178 37.89 -100.70 -7.38
CA TYR BB 178 37.91 -99.75 -6.27
C TYR BB 178 38.18 -100.44 -4.95
N THR BB 179 37.56 -101.61 -4.74
CA THR BB 179 37.82 -102.41 -3.55
C THR BB 179 39.28 -102.90 -3.52
N LYS BB 180 39.80 -103.35 -4.67
CA LYS BB 180 41.17 -103.85 -4.74
C LYS BB 180 42.19 -102.76 -4.44
N VAL BB 181 41.99 -101.56 -4.98
CA VAL BB 181 42.95 -100.49 -4.70
C VAL BB 181 42.67 -99.80 -3.37
N SER BB 182 41.52 -100.07 -2.76
CA SER BB 182 41.24 -99.55 -1.43
C SER BB 182 41.84 -100.41 -0.34
N GLU BB 183 41.79 -101.73 -0.51
CA GLU BB 183 42.16 -102.63 0.57
C GLU BB 183 43.64 -103.02 0.54
N THR BB 184 44.31 -102.81 -0.57
CA THR BB 184 45.75 -103.05 -0.65
C THR BB 184 46.45 -101.76 -0.29
N SER BB 185 47.49 -101.85 0.54
CA SER BB 185 48.19 -100.67 1.01
C SER BB 185 49.67 -100.78 0.74
N ASP BB 186 50.30 -99.63 0.53
CA ASP BB 186 51.75 -99.56 0.34
C ASP BB 186 52.25 -98.29 1.03
N HIS BB 187 53.16 -98.48 1.99
CA HIS BB 187 53.83 -97.40 2.73
C HIS BB 187 52.83 -96.47 3.42
N GLY BB 188 51.86 -97.05 4.11
CA GLY BB 188 50.93 -96.30 4.90
C GLY BB 188 49.80 -95.65 4.15
N TYR BB 189 49.66 -95.89 2.86
CA TYR BB 189 48.54 -95.41 2.09
C TYR BB 189 47.99 -96.54 1.24
N PRO BB 190 46.68 -96.57 1.04
CA PRO BB 190 46.12 -97.50 0.04
C PRO BB 190 46.47 -97.02 -1.37
N ILE BB 191 46.32 -97.94 -2.33
CA ILE BB 191 46.67 -97.66 -3.72
C ILE BB 191 45.75 -96.61 -4.31
N ARG BB 192 44.55 -96.43 -3.73
CA ARG BB 192 43.65 -95.36 -4.14
C ARG BB 192 44.28 -93.98 -3.96
N GLU BB 193 45.07 -93.80 -2.90
CA GLU BB 193 45.79 -92.55 -2.72
C GLU BB 193 46.89 -92.39 -3.78
N HIS BB 194 47.55 -93.48 -4.16
CA HIS BB 194 48.53 -93.45 -5.24
C HIS BB 194 47.89 -93.04 -6.56
N LEU BB 195 46.66 -93.50 -6.80
CA LEU BB 195 45.91 -93.04 -7.97
C LEU BB 195 45.55 -91.56 -7.84
N ASN BB 196 45.23 -91.12 -6.63
CA ASN BB 196 44.88 -89.72 -6.40
C ASN BB 196 46.05 -88.79 -6.67
N ARG BB 197 47.29 -89.26 -6.46
CA ARG BB 197 48.45 -88.41 -6.75
C ARG BB 197 48.67 -88.20 -8.25
N LEU BB 198 48.26 -89.15 -9.09
CA LEU BB 198 48.48 -89.06 -10.55
C LEU BB 198 47.59 -88.03 -11.24
N VAL BB 199 46.41 -87.74 -10.70
CA VAL BB 199 45.47 -86.84 -11.42
C VAL BB 199 45.08 -85.61 -10.61
N ASP BB 200 44.57 -84.58 -11.29
CA ASP BB 200 44.12 -83.35 -10.61
C ASP BB 200 42.60 -83.39 -10.54
N GLY BB 201 42.02 -84.53 -10.93
CA GLY BB 201 40.56 -84.71 -10.87
C GLY BB 201 40.19 -85.50 -9.64
N ASP BB 202 39.46 -86.60 -9.80
CA ASP BB 202 38.98 -87.34 -8.60
C ASP BB 202 38.96 -88.83 -8.84
N ILE BB 203 39.30 -89.62 -7.83
CA ILE BB 203 39.11 -91.09 -7.97
C ILE BB 203 37.63 -91.26 -7.64
N ILE BB 204 36.85 -91.79 -8.56
CA ILE BB 204 35.41 -91.86 -8.44
C ILE BB 204 34.98 -93.31 -8.39
N TRP BB 205 34.23 -93.66 -7.35
CA TRP BB 205 33.66 -95.00 -7.24
C TRP BB 205 32.51 -95.13 -8.24
N ALA BB 206 32.60 -96.12 -9.11
CA ALA BB 206 31.61 -96.34 -10.17
C ALA BB 206 31.19 -97.80 -10.15
N PRO BB 207 30.27 -98.17 -9.26
CA PRO BB 207 29.93 -99.60 -9.07
C PRO BB 207 29.18 -100.23 -10.24
N ALA BB 208 28.65 -99.46 -11.18
CA ALA BB 208 27.91 -100.08 -12.27
C ALA BB 208 28.81 -100.51 -13.42
N ILE BB 209 29.91 -99.80 -13.66
CA ILE BB 209 30.76 -100.03 -14.83
C ILE BB 209 31.60 -101.30 -14.66
N ASP BB 210 32.18 -101.75 -15.77
CA ASP BB 210 33.25 -102.73 -15.75
C ASP BB 210 34.58 -102.04 -16.01
N GLY BB 211 35.64 -102.64 -15.49
CA GLY BB 211 36.97 -102.10 -15.70
C GLY BB 211 37.20 -100.72 -15.12
N ALA BB 212 37.77 -99.84 -15.94
CA ALA BB 212 38.06 -98.50 -15.46
C ALA BB 212 37.97 -97.52 -16.63
N PHE BB 213 37.84 -96.26 -16.29
CA PHE BB 213 37.77 -95.22 -17.34
C PHE BB 213 38.59 -94.03 -16.87
N VAL BB 214 39.45 -93.52 -17.74
CA VAL BB 214 40.18 -92.27 -17.40
C VAL BB 214 39.72 -91.25 -18.42
N LEU BB 215 39.38 -90.05 -17.99
CA LEU BB 215 38.82 -89.11 -18.96
C LEU BB 215 38.96 -87.67 -18.47
N THR BB 216 38.87 -86.73 -19.39
CA THR BB 216 38.95 -85.31 -19.08
C THR BB 216 37.58 -84.75 -18.72
N THR BB 217 37.57 -83.80 -17.79
CA THR BB 217 36.33 -83.15 -17.40
C THR BB 217 36.39 -81.68 -17.76
N ARG BB 218 37.05 -81.36 -18.86
CA ARG BB 218 37.17 -79.97 -19.29
C ARG BB 218 35.83 -79.39 -19.75
N GLY BB 219 34.89 -80.25 -20.14
CA GLY BB 219 33.60 -79.77 -20.59
C GLY BB 219 33.42 -79.94 -22.08
N GLY BB 220 32.17 -80.07 -22.50
CA GLY BB 220 31.83 -80.10 -23.90
C GLY BB 220 32.17 -81.37 -24.64
N ASP BB 221 32.57 -82.43 -23.94
CA ASP BB 221 32.95 -83.65 -24.64
C ASP BB 221 31.88 -84.73 -24.50
N PHE BB 222 31.20 -84.77 -23.36
CA PHE BB 222 30.25 -85.82 -23.04
C PHE BB 222 28.97 -85.13 -22.58
N ASP BB 223 27.83 -85.50 -23.15
CA ASP BB 223 26.61 -84.75 -22.92
C ASP BB 223 25.47 -85.73 -22.62
N LEU BB 224 24.91 -85.62 -21.43
CA LEU BB 224 23.74 -86.39 -21.05
C LEU BB 224 22.52 -85.48 -21.24
N GLN BB 225 21.59 -85.89 -22.10
CA GLN BB 225 20.39 -85.11 -22.35
C GLN BB 225 19.21 -85.71 -21.60
N LEU BB 226 18.60 -84.89 -20.78
CA LEU BB 226 17.45 -85.33 -20.02
C LEU BB 226 16.19 -84.71 -20.50
N GLY BB 227 15.16 -85.51 -20.76
CA GLY BB 227 13.87 -84.92 -21.06
C GLY BB 227 13.30 -84.59 -19.71
N THR BB 228 13.20 -85.62 -18.86
CA THR BB 228 12.72 -85.44 -17.46
C THR BB 228 13.68 -86.15 -16.52
N ASP BB 229 14.02 -85.50 -15.40
CA ASP BB 229 14.92 -86.12 -14.39
C ASP BB 229 14.17 -87.22 -13.62
N VAL BB 230 14.82 -87.82 -12.64
CA VAL BB 230 14.23 -88.94 -11.86
C VAL BB 230 12.96 -88.50 -11.13
N ALA BB 231 11.87 -89.24 -11.29
CA ALA BB 231 10.61 -88.93 -10.65
C ALA BB 231 10.00 -90.22 -10.11
N ILE BB 232 9.16 -90.09 -9.09
CA ILE BB 232 8.49 -91.24 -8.52
C ILE BB 232 7.02 -91.18 -8.91
N GLY BB 233 6.51 -92.27 -9.49
CA GLY BB 233 5.14 -92.33 -9.95
C GLY BB 233 4.39 -93.50 -9.35
N TYR BB 234 3.06 -93.40 -9.41
CA TYR BB 234 2.17 -94.38 -8.79
C TYR BB 234 1.54 -95.28 -9.85
N ALA BB 235 1.63 -96.59 -9.65
CA ALA BB 235 1.06 -97.54 -10.64
C ALA BB 235 -0.30 -98.05 -10.15
N SER BB 236 -0.30 -98.83 -9.06
CA SER BB 236 -1.52 -99.41 -8.53
C SER BB 236 -1.32 -99.78 -7.06
N HIS BB 237 -2.40 -100.17 -6.38
CA HIS BB 237 -2.32 -100.50 -4.92
C HIS BB 237 -3.34 -101.57 -4.53
N ASP BB 238 -3.08 -102.30 -3.44
CA ASP BB 238 -4.07 -103.26 -2.91
C ASP BB 238 -4.16 -102.99 -1.41
N THR BB 239 -4.71 -103.91 -0.63
CA THR BB 239 -4.88 -103.69 0.83
C THR BB 239 -3.50 -103.71 1.51
N ASP BB 240 -2.56 -104.45 0.96
CA ASP BB 240 -1.29 -104.61 1.66
C ASP BB 240 -0.15 -103.76 1.09
N THR BB 241 -0.14 -103.48 -0.20
CA THR BB 241 1.04 -102.93 -0.84
C THR BB 241 0.67 -101.80 -1.80
N VAL BB 242 1.65 -100.94 -2.06
CA VAL BB 242 1.55 -99.91 -3.09
C VAL BB 242 2.65 -100.16 -4.11
N ARG BB 243 2.27 -100.31 -5.37
CA ARG BB 243 3.23 -100.39 -6.47
C ARG BB 243 3.52 -99.00 -6.99
N LEU BB 244 4.80 -98.63 -6.96
CA LEU BB 244 5.22 -97.35 -7.51
C LEU BB 244 6.35 -97.61 -8.49
N TYR BB 245 6.95 -96.56 -9.04
CA TYR BB 245 8.08 -96.71 -9.94
C TYR BB 245 8.96 -95.49 -9.86
N LEU BB 246 10.22 -95.69 -10.22
CA LEU BB 246 11.16 -94.62 -10.49
C LEU BB 246 11.28 -94.48 -12.00
N GLN BB 247 11.36 -93.26 -12.49
CA GLN BB 247 11.30 -93.07 -13.93
C GLN BB 247 12.16 -91.90 -14.34
N GLU BB 248 12.90 -92.07 -15.43
CA GLU BB 248 13.67 -90.99 -16.01
C GLU BB 248 13.82 -91.22 -17.50
N THR BB 249 13.86 -90.14 -18.28
CA THR BB 249 14.01 -90.26 -19.72
C THR BB 249 15.21 -89.45 -20.20
N LEU BB 250 16.04 -90.09 -21.02
CA LEU BB 250 17.35 -89.54 -21.34
C LEU BB 250 17.90 -90.13 -22.63
N THR BB 251 18.94 -89.47 -23.14
CA THR BB 251 19.86 -90.05 -24.11
C THR BB 251 21.26 -89.56 -23.75
N PHE BB 252 22.27 -90.22 -24.31
CA PHE BB 252 23.65 -89.81 -24.08
C PHE BB 252 24.38 -89.65 -25.40
N LEU BB 253 25.17 -88.58 -25.49
CA LEU BB 253 25.94 -88.24 -26.68
C LEU BB 253 27.40 -88.10 -26.29
N CYS BB 254 28.29 -88.67 -27.09
CA CYS BB 254 29.72 -88.44 -26.95
C CYS BB 254 30.19 -87.68 -28.19
N TYR BB 255 30.60 -86.42 -27.99
CA TYR BB 255 31.04 -85.59 -29.09
C TYR BB 255 32.51 -85.77 -29.43
N THR BB 256 33.33 -86.15 -28.46
CA THR BB 256 34.78 -86.14 -28.60
C THR BB 256 35.29 -87.56 -28.38
N ALA BB 257 35.76 -88.20 -29.46
CA ALA BB 257 36.13 -89.61 -29.39
C ALA BB 257 37.42 -89.85 -28.63
N GLU BB 258 38.31 -88.86 -28.60
CA GLU BB 258 39.65 -89.07 -28.06
C GLU BB 258 39.79 -88.58 -26.62
N ALA BB 259 38.67 -88.27 -25.96
CA ALA BB 259 38.70 -87.71 -24.62
C ALA BB 259 38.66 -88.77 -23.52
N SER BB 260 38.84 -90.05 -23.84
CA SER BB 260 38.71 -91.07 -22.81
C SER BB 260 39.53 -92.32 -23.16
N VAL BB 261 39.91 -93.05 -22.13
CA VAL BB 261 40.53 -94.37 -22.24
C VAL BB 261 39.73 -95.35 -21.39
N ALA BB 262 39.36 -96.48 -21.99
CA ALA BB 262 38.68 -97.56 -21.32
C ALA BB 262 39.65 -98.68 -20.96
N LEU BB 263 39.41 -99.27 -19.80
CA LEU BB 263 40.28 -100.34 -19.34
C LEU BB 263 39.39 -101.54 -19.01
N SER BB 264 39.91 -102.74 -19.23
CA SER BB 264 39.16 -103.96 -18.98
C SER BB 264 40.05 -104.97 -18.28
N HIS BB 265 39.44 -106.06 -17.84
CA HIS BB 265 40.18 -107.12 -17.16
C HIS BB 265 40.63 -108.19 -18.12
#